data_6JII
#
_entry.id   6JII
#
_cell.length_a   1
_cell.length_b   1
_cell.length_c   1
_cell.angle_alpha   90
_cell.angle_beta   90
_cell.angle_gamma   90
#
_symmetry.space_group_name_H-M   'P 1'
#
loop_
_entity.id
_entity.type
_entity.pdbx_description
1 polymer 'Peptidyl-prolyl cis-trans isomerase FKBP1B'
2 polymer Ryr2
3 polymer Calmodulin-1
4 non-polymer 'ZINC ION'
5 non-polymer 'CALCIUM ION'
6 non-polymer CAFFEINE
7 non-polymer "ADENOSINE-5'-TRIPHOSPHATE"
#
loop_
_entity_poly.entity_id
_entity_poly.type
_entity_poly.pdbx_seq_one_letter_code
_entity_poly.pdbx_strand_id
1 'polypeptide(L)'
;MGVEIETISPGDGRTFPKKGQTCVVHYTGMLQNGKKFDSSRDRNKPFKFRIGKQEVIKGFEEGAAQMSLGQRAKLTCTPD
VAYGATGHPGVIPPNATLIFDVELLNLE
;
A,D,G,J
2 'polypeptide(L)'
;MADGGEGEDEIQFLRTDDEVVLQCTATIHKEQQKLCLAAEGFGNRLCFLESTSNSKNVPPDLSICTFVLEQSLSVRALQE
MLANTVEKSEGQVDVEKWKFMMKTAQGGGHRTLLYGHAILLRHSYSGMYLCCLSTSRSSTDKLAFDVGLQEDTTGEACWW
TIHPASKQRSEGEKVRVGDDLILVSVSSERYLHLSYGNVSLHVDAAFQQTLWSVAPISSGSEAAQGYLIGGDVLRLLHGH
MDECLTVPSGEHGEEQRRTVHYEGGAVSVHARSLWRLETLRVAWSGSHIRWGQPFRLRHVTTGKYLSLMEDKSLLLMDKE
KADVKSTAFTFRSSKEKLDVGVRKEVDGMGTSEIKYGDSVCFIQHIGTGLWLTYQSVDVKSVRMGSIQRKAIMHHEGHMD
DGLNLSRSQHEESRTARVIRSTVFLFNRFIRGLDALSKKAKASTVDLPIESVSLSLQDLIGYFHPPDEHLEHEDKQNRLR
ALKNRQNLFQEEGMINLVLECIDRLHVYSSAAHFADVAGREAGESWKSILNSLYELLAALIRGNRKNCAQFSGSLDWLIS
RLERLEASSGILEVLHCVLVESPEALNIIKEGHIKSIISLLDKHGRNHKVLDVLCSLCVCHGVAVRSNQHLICDNLLPGR
DLLLQTRLVNHVSSMRPNIFLGVSEGSAQYKKWYYELMVDHTEPFVTAEATHLRVGWASTEGYSPYPGGGEEWGGNGVGD
DLFSYGFDGLHLWSGCIARTVSSPNQHLLRTDDVISCCLDLSAPSISFRINGQPVQGMFENFNIDGLFFPVVSFSAGIKV
RFLLGGRHGEFKFLPPPGYAPCYEAVLPKEKLKVEHSREYKQERTYTRDLLGPTVSLTQAAFTPIPVDTSQIVLPPHLER
IREKLAENIHELWVMNKIELGWQYGPVRDDNKRQHPCLVEFSKLPEQERNYNLQMSLETLKTLLALGCHVGISDEHAEEK
VKKMKLPKNYQLTSGYKPAPMDLSFIKLTPSQEAMVDKLAENAHNVWARDRIRQGWTYGIQQDVKNRRNPRLVPYALLDD
RTKKSNKDSLREAVRTLLGYGYNLEAPDQDHAARAEVCSGTGERFRIFRAEKTYAVKAGRWYFEFEAVTAGDMRVGWSRP
GCQPDQELGSDERAFAFDGFKAQRWHQGNEHYGRSWQAGDVVGCMVDMTEHTMMFTLNGEILLDDSGSELAFKDFDVGDG
FIPVCSLGVAQVGRMNFGKDVSTLKYFTICGLQEGYEPFAVNTNRDITMWLSKRLPQFLQVPSSHEHIEVTRIDGTIDSS
PCLKVTQKSFGSQNSSTDIMFYRLSMPIECAEVFSKTSAGGIPGASLFGPKNDLEDYDADSDFEVLMKTAHGHLVPDRVD
KDKEATKPEFNNHKDYAQEKPSRLKQRFLLRRTKPDYSTSHSARLTEDVLADDRDDYDYLMQTSTYYYSVRIFPGQEPAN
VWVGWITSDFHQYDTAFDLDRVRTVTVTLGDEKGKVHESIKRSNCYMVCAGESMSPGQGRNNNGLEIGCVVDAASGLLTF
TANGKDLSTYYQVEPSTKLFPAVFAQATSPNVFQFELGRIKNVMPLSAGLFKSEHKNPVPQCPPRLHVQFLSHVLWSRMP
NQFLKVDVSRISERQGWLVQCLEPLQFMSLHIPEENRSVDILELTEQEELLKFHYHTLRLYSAVCALGNHRVAHALCSHV
DEPQLLYAIENKYMPGLLRAGYYDLLIDIHLSSYATARLMMNNEFIVPMTEETKSITLFPDENKKHGLPGIGLSTSLRPR
MQFSSPSFVSINNECYQYSPEFPLDILKAKTIQMLTEAVQEGSLHARDPVGGTTEFLFVPLIKLFYTLLIMGIFHNEDLK
HILQLIEPSVFKEAAGPEEESDTLEKEPCASEDSRLEGPAEEESKGGKRPKEGLLQMKLPEPVKLQMCLLLQYLCDCQVR
HRIEAIVAFSDDFVAKLQDNQRFRYNEVMQALNMSAALTARKTKEFRSPPQEQINMLLNFKDDKSECPCPEEIRDQLLDF
HEDLMTHCGIELDEDGSLDGNSDLTIRGRLLSLVEKVTYLKKKQAEKLVESDSKKSSTLQQLISETMVRWAQESVIEDPE
LVRAMFVLLHRQYDGIGGLVRALPKTYTINGVSVEDTINLLASLGQIRSLLSVRMGKEEEKLMIRGLGDIMNNKVFYQHP
NLMRALGMHETVMEVMVNVLGGGESKEITFPKMVANCCRFLCYFCRISRQNQKAMFDHLSYLLENSSVGLASPAMRGSTP
LDVAAASVMDNNELALALREPDLEKVVRYLAGCGLQSCQMLVSKGYPDIGWNPVEGERYLDFLRFAVFCNGESVEENANV
VVRLLIRRPECFGPALRGEGGNGLLAAMEEAIKIAEDPSRDGPSPTSGSSKMPDTEGEEDDTIHMGNAIMTFYAALIDLL
GRCAPEMHLIHAAKGEAIRIRSILRSLIPLGDLVGVISIAFQMPTIAKDGNVVEPDMSAGFCPDHKAAMVLFLDRVYGIE
VQDFLLHLLEVGFLPDLRAAASLDTAALSATDMALALNRYLCTAVLPLLTRCAPLFAGTEHHASLIDSLLHTVYRLSKGC
SLTKAQRDSIEVCLLSICGQLRPSMMQHLLRRLVFDVPLLNEHAKMPLKLLTNHYERCWKYYCLPGGWGNFGAASEEELH
LSRKLFWGIFDALSQKKYEQELFKLALPCLSAVAGALPPDYMESNYVSMMEKQSSMDSEGNFNPQPVDTSNITIPEKLEY
FINKYAEHSHDKWSMDKLANGWIYGEIYSDSSKVQPLMKPYKLLSEKEKEIYRWPIKESLKTMLAWGWRIERTREGDSMA
LYNRTRRISQTSQVSVDAAHGYSPRAIDMSNVTLSRDLHAMAEMMAENYHNIWAKKKKLELESKGGGNHPLLVPYDTLTA
KEKAKDREKAQDILKFLQINGYAVSRGFKDLELDTPSIEKRFAYSFLQQLIRYVDEAHQYILEFDGGSRSKGEHFPYEQE
IKFFAKVVLPLIDQYFKNHRLYFLSAASRPLCSGGHASNKEKEMVTSLFCKLGVLVRHRISLFGNDATSIVNCLHILGQT
LDARTVMKTGLESVKSALRAFLDNAAEDLEKTMENLKQGQFTHTRNQPKGVTQIINYTTVALLPMLSSLFEHIGQHQFGE
DLILEDVQVSCYRILTSLYALGTSKSIYVERQRSALGECLAAFAGAFPVAFLETHLDKHNIYSIYNTKSSRERAALNLPT
NVEDVCPNIPSLEKLMEEIVDLAESGIRYTQMPHVMEVVLPMLCSYMSRWWEHGPENNPGRAEMCCTALNSEHMNTLLGN
ILKIIYNNLGIDEGAWMKRLAVFSQPIINKVKPQLLKTHFLPLMEKLKKKAAMVVSEEDHLKSEVRGDMSEAELLILDEF
TTLARDLYAFYPLLIRFVDYNRAKWLKEPNPEAEDLFRMVAEVFIYWSKSHNFKREEQNFVVQNEINNMSFLITDTKSKM
SKAAVSDQERKKMKRKGDRYSMQTSLIVAALKRLLPIGLNICAPGDQELIALAKNRFSLKDTEDEVRDIIRSNIHLQGKL
EDPAIRWQMALYKDLPNRTEDTSDPEKTVERVLDIANVLFHLEQKSTCMRRRYYSLVEHPQRSKKAVWHKLLSKQRKRAV
VACFRMAPLYNLPRHRAVNLFLQGYEKSWIETEEHYFEDKLIEDLAKPGAVPPEEDEGTKRVDPLHQLILLFSRTALTEK
CKLEEDFLYMAYADIMAKSCHDEEDDDGEEEVKSFEEKEMEKQKLLYQQARLHDRGAAEMVLQTISASKGETGPMVAATL
KLGIAILNGGNSTVQQKMLEYLKEKKDVGFFQSLAGLMQSCSVLDLNAFERQNKAEGLGMVTEEGSGEKVLQDDEFTCDL
FRFLQLLCEGHNSDFQNYLRTQTGNNTTVNIIISTVDYLLRVQESISDFYWYYSGKDVIDEQGQRNFSKAIQVAKQVFNT
LTEYIQGPCTGNQQSLAHSRLWDAVVGFLHVFAHMQMKLSQDSSQIELLKELMDLQKDMVVMLLSMLEGNVVNGTIGKQM
VDMLVESSNNVEMILKFFDMFLKLKDLTSSDTFKEYDPDGKGVISKRDFHKAMESHKHYTQSETEFLLSCAETDENETLD
YEEFVKRFHEPAKDIGFNVAVLLTNLSEHMPNDTRLQTFLELAESVLNYFQPFLGRIEIMGSAKRIERVYFEISESSRTQ
WEKPQVKESKRQFIFDVVNEGGEKEKMELFVNFCEDTIFEMQLAAQISESDLNERSANKEESEKEKPEEQGPRMGFFSLV
TVRSALLALRYNVLTLMRMLSLKSLKKQMKKVKKMTVRDMVTAFFTSYWSVFMTLLHFAASVSRGFSRIIGGLLLGGSLV
EGAKKIKVAELLANMPDPTQDEVRGDGDEGERKVLEGTLPSEDLTDLKELTEESDLLSDIFGLDLKREGGQYKLIPHNPN
AGLSDLMSSPAPIPEVQEKFQEQKAKEEEKEEKEENKSEPEKAEGEDGEKEEKAKEDKGKQKLRQLHTHRYGEPEVPESA
FWKKIIAYQQKLLNYFARNFYNMRMLALFVAFAINFILLFYKVSTSSVVEGKELPTRSSSENANFGSLDSSSPRIIAVHY
VLEESSGYMEPTLRILAILHTVISFFCIIGYYCLKVPLVIFKREKEVARKLEFDGLYITEQPSEDDIKGQWDRLVINTQS
FPNNYWDKFVKRKVMDKYGEFYGRDRISELLGMDKAALDFSDAREKKKPKKDSSLSAVLNSIDVKYQMWKLGVVFTDNSF
LYLAWYMTMSVLGHYNNFFFAAHLLDIAMGFKTLRTILSSVTHNGKQLVLTVGLLAVVVYLYTVVAFNFFRKFYNKSEDG
DTPDMKCDDMLTCYMFHMYVGVRAGGGIGDEIEDPAGDEYEIYRIIFDITFFFFVIVILLAIIQGLIIDAFGELRDQQEQ
VKEDMETKCFICGIGNDYFDTVPHGFETHTLQEHNLANYLFFLMYLINKDETEHTGQESYVWKMYQERCWEFFPAGDCFR
KQYEDQLN
;
B,E,H,K
3 'polypeptide(L)'
;MADQLTEEQIAEFKEAFSLFDKDGDGTITTKALGTVMRSLGQNPTEAELQDMINEVDADGNGTIDFPAFLTMMARKMKDT
DSEEEIREAFRVFDKDGNGYISAAALRHVMTNLGEKLTDEEVDEMIREADIDGDGQVNYEAFVQMMTAK
;
C,F,I,L
#
loop_
_chem_comp.id
_chem_comp.type
_chem_comp.name
_chem_comp.formula
ATP non-polymer ADENOSINE-5'-TRIPHOSPHATE 'C10 H16 N5 O13 P3'
CA non-polymer 'CALCIUM ION' 'Ca 2'
CFF non-polymer CAFFEINE 'C8 H10 N4 O2'
ZN non-polymer 'ZINC ION' 'Zn 2'
#
# COMPACT_ATOMS: atom_id res chain seq x y z
N GLY A 2 97.04 -51.54 75.36
CA GLY A 2 96.08 -51.90 74.34
C GLY A 2 96.65 -51.96 72.93
N VAL A 3 97.60 -51.08 72.64
CA VAL A 3 98.20 -50.99 71.32
C VAL A 3 99.25 -52.10 71.17
N GLU A 4 99.37 -52.64 69.96
CA GLU A 4 100.24 -53.78 69.69
C GLU A 4 101.33 -53.30 68.74
N ILE A 5 102.37 -52.72 69.31
CA ILE A 5 103.37 -52.00 68.51
C ILE A 5 104.48 -52.96 68.11
N GLU A 6 104.55 -53.23 66.82
CA GLU A 6 105.69 -53.89 66.21
C GLU A 6 106.60 -52.83 65.62
N THR A 7 107.83 -52.77 66.10
CA THR A 7 108.82 -51.88 65.49
C THR A 7 109.16 -52.38 64.10
N ILE A 8 108.70 -51.64 63.10
CA ILE A 8 109.01 -51.94 61.71
C ILE A 8 110.49 -51.71 61.50
N SER A 9 110.92 -50.46 61.65
CA SER A 9 112.33 -50.10 61.61
C SER A 9 112.61 -49.22 62.81
N PRO A 10 113.63 -49.53 63.60
CA PRO A 10 113.93 -48.74 64.78
C PRO A 10 114.67 -47.45 64.41
N GLY A 11 114.71 -46.56 65.39
CA GLY A 11 115.59 -45.41 65.33
C GLY A 11 116.81 -45.77 66.14
N ASP A 12 116.86 -45.30 67.39
CA ASP A 12 117.79 -45.87 68.35
C ASP A 12 117.08 -46.70 69.41
N GLY A 13 115.75 -46.67 69.46
CA GLY A 13 114.99 -47.50 70.37
C GLY A 13 114.74 -46.87 71.73
N ARG A 14 115.72 -46.11 72.23
CA ARG A 14 115.70 -45.65 73.61
C ARG A 14 115.32 -44.18 73.76
N THR A 15 115.44 -43.37 72.70
CA THR A 15 115.19 -41.94 72.83
C THR A 15 113.71 -41.68 72.55
N PHE A 16 112.93 -42.13 73.43
CA PHE A 16 111.52 -41.84 73.31
C PHE A 16 111.24 -40.47 73.92
N PRO A 17 110.20 -39.75 73.45
CA PRO A 17 110.06 -38.34 73.84
C PRO A 17 109.61 -38.11 75.28
N LYS A 18 109.38 -36.82 75.57
CA LYS A 18 108.93 -36.35 76.85
C LYS A 18 107.77 -35.39 76.59
N LYS A 19 107.01 -35.08 77.64
CA LYS A 19 105.91 -34.14 77.52
C LYS A 19 106.42 -32.73 77.22
N GLY A 20 105.54 -31.92 76.65
CA GLY A 20 105.94 -30.59 76.25
C GLY A 20 106.76 -30.55 74.98
N GLN A 21 106.74 -31.62 74.19
CA GLN A 21 107.54 -31.74 72.99
C GLN A 21 106.65 -32.00 71.79
N THR A 22 106.91 -31.28 70.71
CA THR A 22 106.12 -31.39 69.49
C THR A 22 106.65 -32.54 68.65
N CYS A 23 105.77 -33.48 68.30
CA CYS A 23 106.18 -34.76 67.74
C CYS A 23 105.94 -34.79 66.23
N VAL A 24 107.00 -35.11 65.49
CA VAL A 24 107.02 -35.00 64.04
C VAL A 24 106.83 -36.38 63.44
N VAL A 25 105.71 -36.59 62.74
CA VAL A 25 105.37 -37.90 62.22
C VAL A 25 105.05 -37.81 60.72
N HIS A 26 105.16 -38.98 60.07
CA HIS A 26 104.62 -39.21 58.72
C HIS A 26 103.85 -40.52 58.72
N TYR A 27 102.59 -40.47 59.12
CA TYR A 27 101.76 -41.65 59.24
C TYR A 27 100.95 -41.86 57.98
N THR A 28 100.76 -43.14 57.63
CA THR A 28 99.88 -43.52 56.53
C THR A 28 98.94 -44.64 57.01
N GLY A 29 97.85 -44.24 57.64
CA GLY A 29 96.96 -45.19 58.27
C GLY A 29 95.92 -45.73 57.28
N MET A 30 95.64 -47.01 57.40
CA MET A 30 94.60 -47.66 56.62
C MET A 30 93.66 -48.40 57.57
N LEU A 31 92.68 -49.10 57.01
CA LEU A 31 91.76 -49.85 57.83
C LEU A 31 92.31 -51.23 58.16
N GLN A 32 91.48 -51.98 58.89
CA GLN A 32 91.68 -53.42 59.04
C GLN A 32 91.65 -54.11 57.69
N ASN A 33 90.76 -53.69 56.80
CA ASN A 33 90.56 -54.32 55.51
C ASN A 33 91.48 -53.78 54.43
N GLY A 34 92.58 -53.13 54.82
CA GLY A 34 93.51 -52.60 53.86
C GLY A 34 93.07 -51.34 53.15
N LYS A 35 91.89 -50.80 53.48
CA LYS A 35 91.41 -49.59 52.84
C LYS A 35 92.17 -48.40 53.39
N LYS A 36 92.96 -47.75 52.54
CA LYS A 36 93.70 -46.57 52.95
C LYS A 36 92.77 -45.36 53.03
N PHE A 37 92.91 -44.59 54.10
CA PHE A 37 92.01 -43.45 54.29
C PHE A 37 92.78 -42.17 54.54
N ASP A 38 93.92 -42.25 55.21
CA ASP A 38 94.70 -41.06 55.53
C ASP A 38 96.18 -41.38 55.39
N SER A 39 96.94 -40.37 54.97
CA SER A 39 98.37 -40.52 54.80
C SER A 39 99.02 -39.14 54.90
N SER A 40 99.63 -38.86 56.05
CA SER A 40 100.37 -37.62 56.22
C SER A 40 101.64 -37.57 55.39
N ARG A 41 102.12 -38.73 54.93
CA ARG A 41 103.08 -38.76 53.83
C ARG A 41 102.54 -38.03 52.61
N ASP A 42 101.27 -38.25 52.31
CA ASP A 42 100.81 -38.10 50.94
C ASP A 42 100.57 -36.64 50.57
N ARG A 43 100.35 -35.78 51.54
CA ARG A 43 100.28 -34.36 51.23
C ARG A 43 101.61 -33.66 51.45
N ASN A 44 102.68 -34.43 51.65
CA ASN A 44 104.05 -33.93 51.82
C ASN A 44 104.15 -32.97 53.00
N LYS A 45 103.74 -33.45 54.15
CA LYS A 45 103.64 -32.55 55.28
C LYS A 45 103.85 -33.33 56.58
N PRO A 46 104.89 -33.01 57.33
CA PRO A 46 105.07 -33.64 58.64
C PRO A 46 104.01 -33.19 59.63
N PHE A 47 103.09 -34.08 59.96
CA PHE A 47 102.09 -33.78 60.96
C PHE A 47 102.73 -33.64 62.34
N LYS A 48 102.26 -32.67 63.11
CA LYS A 48 102.85 -32.34 64.38
C LYS A 48 101.77 -32.24 65.45
N PHE A 49 102.14 -32.61 66.66
CA PHE A 49 101.18 -32.62 67.78
C PHE A 49 101.95 -32.62 69.08
N ARG A 50 101.22 -32.43 70.18
CA ARG A 50 101.80 -32.26 71.49
C ARG A 50 101.28 -33.33 72.44
N ILE A 51 102.20 -34.12 72.99
CA ILE A 51 101.86 -35.01 74.09
C ILE A 51 101.52 -34.17 75.31
N GLY A 52 100.43 -34.52 75.98
CA GLY A 52 99.97 -33.78 77.13
C GLY A 52 98.92 -32.75 76.79
N LYS A 53 99.02 -32.12 75.62
CA LYS A 53 97.90 -31.35 75.09
C LYS A 53 96.75 -32.27 74.69
N GLN A 54 97.07 -33.49 74.27
CA GLN A 54 96.13 -34.60 74.07
C GLN A 54 95.08 -34.28 73.02
N GLU A 55 95.58 -34.10 71.79
CA GLU A 55 94.71 -33.91 70.64
C GLU A 55 94.55 -35.20 69.84
N VAL A 56 95.65 -35.89 69.59
CA VAL A 56 95.63 -37.14 68.84
C VAL A 56 94.93 -38.23 69.64
N ILE A 57 94.54 -39.32 68.97
CA ILE A 57 93.83 -40.38 69.67
C ILE A 57 94.78 -41.16 70.57
N LYS A 58 94.18 -41.96 71.45
CA LYS A 58 94.87 -42.40 72.67
C LYS A 58 95.89 -43.48 72.39
N GLY A 59 95.61 -44.40 71.47
CA GLY A 59 96.59 -45.41 71.12
C GLY A 59 97.74 -44.81 70.34
N PHE A 60 97.43 -43.82 69.51
CA PHE A 60 98.46 -43.02 68.86
C PHE A 60 99.28 -42.27 69.89
N GLU A 61 98.66 -41.86 70.99
CA GLU A 61 99.37 -41.21 72.08
C GLU A 61 100.25 -42.18 72.86
N GLU A 62 99.81 -43.42 73.02
CA GLU A 62 100.65 -44.42 73.66
C GLU A 62 101.85 -44.77 72.79
N GLY A 63 101.64 -44.81 71.48
CA GLY A 63 102.77 -44.93 70.57
C GLY A 63 103.64 -43.70 70.50
N ALA A 64 103.10 -42.54 70.90
CA ALA A 64 103.87 -41.30 70.87
C ALA A 64 104.95 -41.25 71.94
N ALA A 65 104.83 -42.05 72.99
CA ALA A 65 105.87 -42.12 74.02
C ALA A 65 106.69 -43.39 73.94
N GLN A 66 106.45 -44.22 72.93
CA GLN A 66 107.14 -45.51 72.85
C GLN A 66 108.18 -45.53 71.73
N MET A 67 107.86 -44.96 70.58
CA MET A 67 108.81 -44.92 69.48
C MET A 67 109.94 -43.94 69.79
N SER A 68 111.00 -44.06 69.02
CA SER A 68 112.22 -43.31 69.28
C SER A 68 112.56 -42.40 68.10
N LEU A 69 113.74 -41.81 68.16
CA LEU A 69 114.21 -40.83 67.18
C LEU A 69 114.48 -41.54 65.85
N GLY A 70 113.53 -41.44 64.94
CA GLY A 70 113.63 -42.11 63.66
C GLY A 70 113.10 -43.53 63.64
N GLN A 71 112.12 -43.84 64.47
CA GLN A 71 111.61 -45.20 64.57
C GLN A 71 110.27 -45.32 63.85
N ARG A 72 110.13 -46.36 63.05
CA ARG A 72 108.91 -46.65 62.33
C ARG A 72 108.25 -47.88 62.94
N ALA A 73 106.95 -47.79 63.18
CA ALA A 73 106.27 -48.87 63.88
C ALA A 73 104.80 -48.90 63.50
N LYS A 74 104.17 -50.06 63.69
CA LYS A 74 102.78 -50.27 63.37
C LYS A 74 101.95 -50.19 64.65
N LEU A 75 101.07 -49.19 64.71
CA LEU A 75 100.28 -48.91 65.89
C LEU A 75 98.87 -49.47 65.70
N THR A 76 98.76 -50.78 65.86
CA THR A 76 97.46 -51.43 65.76
C THR A 76 96.64 -51.13 67.01
N CYS A 77 95.49 -50.49 66.83
CA CYS A 77 94.71 -49.99 67.95
C CYS A 77 93.34 -50.65 67.99
N THR A 78 92.75 -50.61 69.15
CA THR A 78 91.43 -51.12 69.44
C THR A 78 90.38 -50.13 68.93
N PRO A 79 89.29 -50.60 68.33
CA PRO A 79 88.19 -49.68 67.98
C PRO A 79 87.50 -49.05 69.17
N ASP A 80 87.73 -49.54 70.40
CA ASP A 80 87.37 -48.76 71.57
C ASP A 80 88.22 -47.52 71.67
N VAL A 81 89.51 -47.65 71.36
CA VAL A 81 90.45 -46.53 71.45
C VAL A 81 90.38 -45.64 70.21
N ALA A 82 89.65 -46.08 69.18
CA ALA A 82 89.40 -45.30 67.98
C ALA A 82 88.31 -44.27 68.23
N TYR A 83 87.72 -43.74 67.15
CA TYR A 83 86.63 -42.78 67.26
C TYR A 83 85.43 -43.33 68.02
N GLY A 84 85.25 -44.65 68.01
CA GLY A 84 84.33 -45.26 68.94
C GLY A 84 83.31 -46.17 68.29
N ALA A 85 82.27 -46.53 69.05
CA ALA A 85 81.22 -47.38 68.52
C ALA A 85 80.40 -46.66 67.45
N THR A 86 80.41 -45.33 67.46
CA THR A 86 79.84 -44.57 66.35
C THR A 86 80.84 -44.44 65.22
N GLY A 87 82.10 -44.19 65.57
CA GLY A 87 83.12 -43.93 64.57
C GLY A 87 83.10 -42.49 64.13
N HIS A 88 84.00 -42.17 63.21
CA HIS A 88 84.07 -40.81 62.69
C HIS A 88 82.88 -40.56 61.79
N PRO A 89 82.20 -39.44 61.94
CA PRO A 89 81.10 -39.13 61.03
C PRO A 89 81.57 -38.75 59.64
N GLY A 90 81.78 -39.76 58.80
CA GLY A 90 81.98 -39.50 57.39
C GLY A 90 83.08 -40.33 56.78
N VAL A 91 84.09 -40.67 57.58
CA VAL A 91 85.26 -41.38 57.09
C VAL A 91 85.34 -42.77 57.68
N ILE A 92 85.46 -42.87 59.00
CA ILE A 92 85.68 -44.14 59.67
C ILE A 92 84.32 -44.77 59.94
N PRO A 93 84.09 -46.01 59.50
CA PRO A 93 82.85 -46.71 59.83
C PRO A 93 82.79 -47.04 61.31
N PRO A 94 81.60 -47.40 61.84
CA PRO A 94 81.50 -47.72 63.27
C PRO A 94 82.31 -48.96 63.66
N ASN A 95 83.17 -48.78 64.65
CA ASN A 95 84.08 -49.80 65.20
C ASN A 95 84.94 -50.43 64.10
N ALA A 96 85.78 -49.58 63.52
CA ALA A 96 86.79 -50.02 62.59
C ALA A 96 88.12 -50.14 63.32
N THR A 97 88.70 -51.33 63.26
CA THR A 97 89.96 -51.59 63.94
C THR A 97 91.09 -51.03 63.12
N LEU A 98 91.86 -50.12 63.70
CA LEU A 98 92.78 -49.29 62.94
C LEU A 98 94.15 -49.92 62.86
N ILE A 99 94.79 -49.78 61.70
CA ILE A 99 96.12 -50.29 61.43
C ILE A 99 96.93 -49.17 60.79
N PHE A 100 98.02 -48.78 61.43
CA PHE A 100 98.74 -47.57 61.04
C PHE A 100 100.11 -47.91 60.47
N ASP A 101 100.86 -46.86 60.14
CA ASP A 101 102.28 -46.97 59.80
C ASP A 101 102.89 -45.62 60.14
N VAL A 102 103.44 -45.51 61.34
CA VAL A 102 103.81 -44.22 61.92
C VAL A 102 105.33 -44.16 62.03
N GLU A 103 105.90 -43.02 61.65
CA GLU A 103 107.34 -42.83 61.68
C GLU A 103 107.65 -41.52 62.42
N LEU A 104 108.06 -41.64 63.68
CA LEU A 104 108.36 -40.45 64.48
C LEU A 104 109.73 -39.92 64.12
N LEU A 105 109.82 -38.60 63.91
CA LEU A 105 111.02 -38.02 63.31
C LEU A 105 111.74 -37.04 64.22
N ASN A 106 111.09 -35.99 64.72
CA ASN A 106 111.82 -34.96 65.46
C ASN A 106 110.99 -34.43 66.62
N LEU A 107 111.66 -33.69 67.48
CA LEU A 107 111.09 -33.16 68.72
C LEU A 107 111.50 -31.71 68.88
N GLU A 108 110.80 -31.01 69.77
CA GLU A 108 111.15 -29.63 70.10
C GLU A 108 111.09 -29.39 71.60
N GLN B 12 21.67 -28.76 -1.44
CA GLN B 12 21.16 -29.15 -2.75
C GLN B 12 21.96 -30.33 -3.28
N PHE B 13 23.25 -30.11 -3.47
CA PHE B 13 24.17 -31.19 -3.77
C PHE B 13 25.21 -31.23 -2.67
N LEU B 14 26.07 -32.23 -2.73
CA LEU B 14 27.03 -32.48 -1.67
C LEU B 14 28.38 -31.96 -2.15
N ARG B 15 28.68 -30.73 -1.82
CA ARG B 15 29.93 -30.12 -2.23
C ARG B 15 31.03 -30.61 -1.31
N THR B 16 32.26 -30.53 -1.81
CA THR B 16 33.44 -30.91 -1.05
C THR B 16 33.56 -30.06 0.22
N ASP B 17 34.15 -30.66 1.25
CA ASP B 17 34.63 -29.97 2.46
C ASP B 17 33.46 -29.48 3.30
N ASP B 18 32.38 -30.24 3.30
CA ASP B 18 31.32 -30.06 4.28
C ASP B 18 31.18 -31.31 5.13
N GLU B 19 30.13 -31.33 5.94
CA GLU B 19 30.05 -32.26 7.04
C GLU B 19 28.75 -33.04 6.95
N VAL B 20 28.87 -34.35 6.78
CA VAL B 20 27.72 -35.23 6.59
C VAL B 20 27.87 -36.48 7.43
N VAL B 21 26.93 -37.41 7.27
CA VAL B 21 26.88 -38.65 8.01
C VAL B 21 26.63 -39.80 7.04
N LEU B 22 26.49 -40.99 7.61
CA LEU B 22 26.01 -42.18 6.90
C LEU B 22 24.99 -42.87 7.79
N GLN B 23 23.97 -43.47 7.18
CA GLN B 23 22.84 -43.88 8.00
C GLN B 23 22.10 -45.03 7.34
N CYS B 24 21.44 -45.85 8.18
CA CYS B 24 20.58 -46.92 7.73
C CYS B 24 19.30 -46.99 8.55
N THR B 25 18.46 -48.00 8.28
CA THR B 25 17.37 -48.39 9.15
C THR B 25 17.48 -49.88 9.40
N ALA B 26 17.50 -50.28 10.67
CA ALA B 26 17.56 -51.69 11.01
C ALA B 26 16.15 -52.23 11.21
N THR B 27 15.82 -53.29 10.49
CA THR B 27 14.48 -53.87 10.49
C THR B 27 14.56 -55.28 11.05
N ILE B 28 14.17 -55.45 12.30
CA ILE B 28 14.05 -56.76 12.94
C ILE B 28 12.69 -56.75 13.63
N HIS B 29 11.70 -57.41 13.00
CA HIS B 29 10.33 -57.54 13.50
C HIS B 29 9.68 -56.16 13.72
N LYS B 30 9.49 -55.47 12.60
CA LYS B 30 8.84 -54.15 12.53
C LYS B 30 9.62 -53.10 13.33
N GLU B 31 10.91 -53.03 13.07
CA GLU B 31 11.75 -51.97 13.61
C GLU B 31 12.12 -50.99 12.51
N GLN B 32 11.87 -49.72 12.75
CA GLN B 32 12.59 -48.67 12.04
C GLN B 32 13.73 -48.14 12.90
N GLN B 33 14.61 -49.07 13.25
CA GLN B 33 15.76 -48.74 14.08
C GLN B 33 16.77 -47.99 13.23
N LYS B 34 16.63 -46.67 13.16
CA LYS B 34 17.49 -45.82 12.34
C LYS B 34 18.84 -45.67 13.01
N LEU B 35 19.77 -46.55 12.67
CA LEU B 35 21.14 -46.42 13.14
C LEU B 35 21.93 -45.60 12.14
N CYS B 36 22.83 -44.77 12.65
CA CYS B 36 23.77 -44.04 11.82
C CYS B 36 25.17 -44.55 12.12
N LEU B 37 26.17 -43.90 11.55
CA LEU B 37 27.54 -44.34 11.69
C LEU B 37 28.29 -43.46 12.67
N ALA B 38 29.03 -44.10 13.57
CA ALA B 38 29.90 -43.40 14.49
C ALA B 38 31.18 -44.21 14.66
N ALA B 39 32.22 -43.51 15.11
CA ALA B 39 33.49 -44.14 15.41
C ALA B 39 34.21 -43.22 16.39
N GLU B 40 34.94 -43.81 17.33
CA GLU B 40 35.61 -42.98 18.31
C GLU B 40 37.06 -42.70 17.93
N GLY B 41 37.76 -43.70 17.44
CA GLY B 41 39.20 -43.57 17.48
C GLY B 41 39.63 -43.70 18.93
N PHE B 42 40.80 -43.13 19.22
CA PHE B 42 41.28 -42.86 20.58
C PHE B 42 41.35 -44.14 21.42
N GLY B 43 42.25 -45.02 21.00
CA GLY B 43 42.30 -46.32 21.63
C GLY B 43 41.15 -47.24 21.32
N ASN B 44 40.34 -46.92 20.30
CA ASN B 44 39.23 -47.76 19.88
C ASN B 44 39.08 -47.55 18.38
N ARG B 45 39.75 -48.40 17.61
CA ARG B 45 39.82 -48.18 16.18
C ARG B 45 38.57 -48.66 15.45
N LEU B 46 37.87 -49.64 15.99
CA LEU B 46 36.76 -50.23 15.26
C LEU B 46 35.53 -49.35 15.35
N CYS B 47 34.88 -49.16 14.21
CA CYS B 47 33.69 -48.32 14.15
C CYS B 47 32.51 -49.03 14.81
N PHE B 48 31.50 -48.25 15.14
CA PHE B 48 30.36 -48.82 15.87
C PHE B 48 29.10 -48.05 15.48
N LEU B 49 28.06 -48.24 16.27
CA LEU B 49 26.71 -47.83 15.90
C LEU B 49 26.24 -46.67 16.74
N GLU B 50 25.13 -46.08 16.30
CA GLU B 50 24.43 -45.04 17.04
C GLU B 50 23.02 -44.97 16.50
N SER B 51 22.04 -45.32 17.34
CA SER B 51 20.65 -45.29 16.91
C SER B 51 20.14 -43.85 16.92
N THR B 52 19.29 -43.52 15.95
CA THR B 52 18.69 -42.20 15.85
C THR B 52 17.17 -42.26 15.81
N SER B 53 16.60 -43.48 15.86
CA SER B 53 15.15 -43.62 16.03
C SER B 53 14.70 -43.12 17.38
N ASN B 54 15.52 -43.31 18.41
CA ASN B 54 15.15 -43.01 19.79
C ASN B 54 15.54 -41.59 20.17
N SER B 55 15.12 -40.64 19.34
CA SER B 55 15.63 -39.27 19.42
C SER B 55 15.06 -38.55 20.63
N LYS B 56 13.73 -38.50 20.73
CA LYS B 56 13.10 -37.96 21.93
C LYS B 56 13.36 -38.81 23.15
N ASN B 57 13.57 -40.10 22.96
CA ASN B 57 14.03 -41.00 24.01
C ASN B 57 15.40 -40.57 24.49
N VAL B 58 16.40 -40.67 23.61
CA VAL B 58 17.79 -40.37 23.95
C VAL B 58 18.32 -39.35 22.96
N PRO B 59 18.78 -38.20 23.41
CA PRO B 59 19.57 -37.32 22.55
C PRO B 59 20.85 -38.01 22.14
N PRO B 60 21.07 -38.19 20.85
CA PRO B 60 22.23 -38.99 20.40
C PRO B 60 23.52 -38.20 20.51
N ASP B 61 24.58 -38.92 20.86
CA ASP B 61 25.90 -38.32 20.97
C ASP B 61 26.43 -38.11 19.55
N LEU B 62 26.16 -36.94 18.99
CA LEU B 62 26.31 -36.71 17.56
C LEU B 62 27.66 -36.12 17.21
N SER B 63 28.47 -35.74 18.20
CA SER B 63 29.79 -35.18 17.93
C SER B 63 30.74 -36.22 17.37
N ILE B 64 30.55 -37.49 17.73
CA ILE B 64 31.45 -38.54 17.30
C ILE B 64 30.87 -39.34 16.14
N CYS B 65 29.93 -38.75 15.39
CA CYS B 65 29.30 -39.42 14.27
C CYS B 65 29.64 -38.78 12.94
N THR B 66 29.93 -37.50 12.89
CA THR B 66 30.02 -36.77 11.65
C THR B 66 31.35 -37.07 10.94
N PHE B 67 31.46 -36.61 9.71
CA PHE B 67 32.65 -36.80 8.91
C PHE B 67 32.82 -35.61 7.97
N VAL B 68 34.03 -35.46 7.46
CA VAL B 68 34.37 -34.36 6.55
C VAL B 68 35.02 -34.96 5.30
N LEU B 69 34.53 -34.57 4.14
CA LEU B 69 35.13 -34.93 2.86
C LEU B 69 36.37 -34.10 2.68
N GLU B 70 37.51 -34.75 2.42
CA GLU B 70 38.70 -33.99 2.06
C GLU B 70 38.83 -33.82 0.56
N GLN B 71 38.55 -34.87 -0.21
CA GLN B 71 39.00 -34.87 -1.59
C GLN B 71 38.19 -35.85 -2.40
N SER B 72 37.68 -35.39 -3.53
CA SER B 72 37.03 -36.23 -4.52
C SER B 72 37.81 -36.18 -5.81
N LEU B 73 38.02 -37.34 -6.42
CA LEU B 73 38.67 -37.41 -7.71
C LEU B 73 38.01 -38.52 -8.51
N SER B 74 38.41 -38.65 -9.77
CA SER B 74 37.96 -39.80 -10.51
C SER B 74 38.88 -40.98 -10.24
N VAL B 75 38.48 -42.13 -10.77
CA VAL B 75 39.22 -43.38 -10.55
C VAL B 75 40.58 -43.30 -11.22
N ARG B 76 40.63 -42.80 -12.44
CA ARG B 76 41.91 -42.60 -13.09
C ARG B 76 42.71 -41.50 -12.41
N ALA B 77 42.04 -40.52 -11.85
CA ALA B 77 42.75 -39.51 -11.06
C ALA B 77 43.28 -40.12 -9.78
N LEU B 78 42.60 -41.14 -9.25
CA LEU B 78 43.16 -41.86 -8.12
C LEU B 78 44.37 -42.66 -8.54
N GLN B 79 44.39 -43.17 -9.76
CA GLN B 79 45.61 -43.81 -10.27
C GLN B 79 46.72 -42.80 -10.45
N GLU B 80 46.35 -41.57 -10.84
CA GLU B 80 47.32 -40.49 -10.99
C GLU B 80 47.96 -40.13 -9.66
N MET B 81 47.16 -40.08 -8.60
CA MET B 81 47.73 -39.92 -7.27
C MET B 81 48.59 -41.12 -6.91
N LEU B 82 48.15 -42.32 -7.29
CA LEU B 82 48.90 -43.53 -7.03
C LEU B 82 49.99 -43.80 -8.06
N ALA B 83 50.40 -42.78 -8.82
CA ALA B 83 51.68 -42.85 -9.49
C ALA B 83 52.80 -43.02 -8.47
N ASN B 84 52.70 -42.32 -7.34
CA ASN B 84 53.59 -42.59 -6.22
C ASN B 84 53.14 -43.89 -5.56
N GLY B 109 38.51 -24.72 -4.49
CA GLY B 109 38.40 -25.91 -5.30
C GLY B 109 37.30 -26.84 -4.82
N HIS B 110 36.21 -26.26 -4.33
CA HIS B 110 35.09 -27.01 -3.78
C HIS B 110 34.29 -27.64 -4.93
N ARG B 111 34.84 -28.72 -5.48
CA ARG B 111 34.12 -29.38 -6.54
C ARG B 111 32.99 -30.23 -5.96
N THR B 112 32.08 -30.65 -6.83
CA THR B 112 30.92 -31.43 -6.44
C THR B 112 31.11 -32.86 -6.92
N LEU B 113 30.93 -33.80 -6.01
CA LEU B 113 31.15 -35.21 -6.31
C LEU B 113 30.04 -35.77 -7.21
N LEU B 114 30.40 -36.82 -7.94
CA LEU B 114 29.53 -37.49 -8.89
C LEU B 114 29.61 -38.98 -8.62
N TYR B 115 28.60 -39.72 -9.05
CA TYR B 115 28.60 -41.16 -8.91
C TYR B 115 29.70 -41.81 -9.74
N GLY B 116 30.78 -42.23 -9.11
CA GLY B 116 31.90 -42.77 -9.83
C GLY B 116 33.16 -42.04 -9.44
N HIS B 117 33.08 -41.27 -8.37
CA HIS B 117 34.26 -40.65 -7.80
C HIS B 117 34.78 -41.47 -6.64
N ALA B 118 36.08 -41.30 -6.37
CA ALA B 118 36.71 -41.84 -5.17
C ALA B 118 36.89 -40.72 -4.18
N ILE B 119 36.54 -40.97 -2.93
CA ILE B 119 36.51 -39.92 -1.91
C ILE B 119 37.36 -40.33 -0.72
N LEU B 120 37.65 -39.34 0.12
CA LEU B 120 38.14 -39.55 1.47
C LEU B 120 37.03 -39.30 2.48
N LEU B 121 37.25 -39.78 3.70
CA LEU B 121 36.35 -39.55 4.83
C LEU B 121 37.21 -39.44 6.08
N ARG B 122 37.55 -38.22 6.46
CA ARG B 122 38.17 -38.07 7.76
C ARG B 122 37.09 -38.02 8.83
N HIS B 123 37.43 -38.53 10.00
CA HIS B 123 36.53 -38.34 11.13
C HIS B 123 36.63 -36.90 11.58
N SER B 124 35.48 -36.24 11.63
CA SER B 124 35.45 -34.79 11.84
C SER B 124 35.96 -34.40 13.21
N TYR B 125 35.82 -35.29 14.19
CA TYR B 125 36.35 -35.02 15.51
C TYR B 125 37.81 -35.42 15.66
N SER B 126 38.12 -36.71 15.49
CA SER B 126 39.40 -37.24 15.90
C SER B 126 40.53 -36.91 14.95
N GLY B 127 40.21 -36.53 13.71
CA GLY B 127 41.24 -36.29 12.73
C GLY B 127 41.74 -37.52 12.03
N MET B 128 41.34 -38.71 12.47
CA MET B 128 41.74 -39.91 11.78
C MET B 128 40.91 -40.09 10.52
N TYR B 129 41.48 -40.75 9.54
CA TYR B 129 40.79 -41.02 8.29
C TYR B 129 40.17 -42.40 8.32
N LEU B 130 38.98 -42.51 7.75
CA LEU B 130 38.24 -43.76 7.78
C LEU B 130 38.71 -44.67 6.66
N CYS B 131 38.99 -45.93 7.00
CA CYS B 131 39.63 -46.83 6.06
C CYS B 131 38.98 -48.20 6.17
N CYS B 132 39.65 -49.19 5.58
CA CYS B 132 39.21 -50.58 5.60
C CYS B 132 40.33 -51.45 6.15
N LEU B 133 40.13 -51.99 7.35
CA LEU B 133 41.15 -52.84 7.94
C LEU B 133 41.20 -54.19 7.24
N SER B 134 42.35 -54.85 7.37
CA SER B 134 42.56 -56.18 6.82
C SER B 134 42.38 -57.26 7.87
N THR B 135 41.48 -57.06 8.82
CA THR B 135 41.17 -58.04 9.85
C THR B 135 39.67 -58.31 9.86
N SER B 136 39.28 -59.32 10.62
CA SER B 136 37.90 -59.78 10.63
C SER B 136 37.46 -60.05 12.06
N ARG B 137 36.16 -60.27 12.22
CA ARG B 137 35.58 -60.66 13.51
C ARG B 137 34.53 -61.76 13.32
N LYS B 142 33.54 -65.85 8.39
CA LYS B 142 33.56 -65.60 6.96
C LYS B 142 34.77 -64.76 6.58
N LEU B 143 34.63 -63.96 5.53
CA LEU B 143 35.67 -63.05 5.06
C LEU B 143 35.15 -61.63 4.96
N ALA B 144 34.47 -61.17 6.00
CA ALA B 144 34.01 -59.79 6.07
C ALA B 144 35.05 -58.96 6.80
N PHE B 145 35.64 -57.99 6.10
CA PHE B 145 36.72 -57.20 6.66
C PHE B 145 36.22 -56.07 7.53
N ASP B 146 36.99 -55.78 8.58
CA ASP B 146 36.63 -54.81 9.59
C ASP B 146 36.91 -53.39 9.08
N VAL B 147 36.25 -52.44 9.72
CA VAL B 147 36.30 -51.03 9.32
C VAL B 147 36.92 -50.24 10.46
N GLY B 148 38.05 -49.59 10.19
CA GLY B 148 38.77 -48.90 11.22
C GLY B 148 39.13 -47.48 10.80
N LEU B 149 39.68 -46.75 11.76
CA LEU B 149 40.28 -45.45 11.51
C LEU B 149 41.79 -45.59 11.43
N GLN B 150 42.42 -44.67 10.71
CA GLN B 150 43.87 -44.69 10.60
C GLN B 150 44.38 -43.28 10.36
N GLU B 151 45.69 -43.17 10.13
CA GLU B 151 46.36 -41.89 10.04
C GLU B 151 46.78 -41.53 8.62
N ASP B 152 47.54 -42.42 7.97
CA ASP B 152 48.20 -42.05 6.73
C ASP B 152 47.24 -42.16 5.56
N THR B 153 47.18 -41.12 4.75
CA THR B 153 46.31 -41.10 3.58
C THR B 153 46.87 -41.88 2.41
N THR B 154 48.06 -42.44 2.52
CA THR B 154 48.59 -43.27 1.47
C THR B 154 47.86 -44.60 1.41
N GLY B 155 47.91 -45.25 0.26
CA GLY B 155 47.33 -46.55 0.10
C GLY B 155 45.82 -46.50 -0.10
N GLU B 156 45.29 -47.56 -0.69
CA GLU B 156 43.90 -47.63 -1.10
C GLU B 156 42.95 -47.93 0.04
N ALA B 157 43.43 -47.93 1.28
CA ALA B 157 42.54 -48.19 2.40
C ALA B 157 41.60 -47.03 2.64
N CYS B 158 42.10 -45.81 2.50
CA CYS B 158 41.33 -44.63 2.86
C CYS B 158 40.26 -44.26 1.85
N TRP B 159 40.15 -44.97 0.75
CA TRP B 159 39.42 -44.47 -0.40
C TRP B 159 38.19 -45.32 -0.70
N TRP B 160 37.15 -44.66 -1.18
CA TRP B 160 35.84 -45.27 -1.35
C TRP B 160 35.23 -44.75 -2.63
N THR B 161 34.80 -45.66 -3.51
CA THR B 161 34.00 -45.26 -4.65
C THR B 161 32.55 -45.13 -4.23
N ILE B 162 31.76 -44.49 -5.09
CA ILE B 162 30.34 -44.32 -4.86
C ILE B 162 29.61 -44.97 -6.03
N HIS B 163 28.50 -45.63 -5.72
CA HIS B 163 27.71 -46.24 -6.75
C HIS B 163 26.24 -45.91 -6.55
N PRO B 164 25.49 -45.73 -7.63
CA PRO B 164 24.10 -45.29 -7.50
C PRO B 164 23.20 -46.43 -7.05
N ALA B 165 22.35 -46.12 -6.08
CA ALA B 165 21.26 -47.02 -5.73
C ALA B 165 19.98 -46.65 -6.46
N SER B 166 20.08 -46.47 -7.78
CA SER B 166 18.94 -46.08 -8.59
C SER B 166 19.11 -46.65 -9.99
N LYS B 167 18.04 -47.24 -10.52
CA LYS B 167 18.01 -47.46 -11.96
C LYS B 167 17.82 -46.16 -12.71
N GLN B 168 17.24 -45.14 -12.08
CA GLN B 168 16.98 -43.87 -12.72
C GLN B 168 18.24 -43.02 -12.76
N ARG B 169 18.74 -42.66 -11.59
CA ARG B 169 19.94 -41.85 -11.49
C ARG B 169 21.14 -42.78 -11.58
N SER B 170 22.10 -42.40 -12.40
CA SER B 170 23.16 -43.32 -12.79
C SER B 170 24.48 -42.54 -12.81
N GLU B 171 25.47 -43.13 -13.49
CA GLU B 171 26.84 -42.66 -13.46
C GLU B 171 26.96 -41.27 -14.07
N GLY B 172 27.94 -40.51 -13.59
CA GLY B 172 28.30 -39.25 -14.19
C GLY B 172 27.55 -38.05 -13.65
N GLU B 173 26.31 -38.23 -13.21
CA GLU B 173 25.54 -37.10 -12.73
C GLU B 173 25.77 -36.89 -11.24
N LYS B 174 25.14 -35.85 -10.71
CA LYS B 174 25.46 -35.37 -9.38
C LYS B 174 24.85 -36.26 -8.32
N VAL B 175 25.16 -35.96 -7.08
CA VAL B 175 24.56 -36.62 -5.94
C VAL B 175 23.79 -35.57 -5.17
N ARG B 176 22.46 -35.65 -5.23
CA ARG B 176 21.62 -34.71 -4.52
C ARG B 176 21.66 -35.01 -3.03
N VAL B 177 21.09 -34.09 -2.25
CA VAL B 177 20.97 -34.30 -0.82
C VAL B 177 20.02 -35.45 -0.56
N GLY B 178 20.47 -36.41 0.25
CA GLY B 178 19.62 -37.50 0.64
C GLY B 178 19.51 -38.62 -0.36
N ASP B 179 20.47 -38.74 -1.28
CA ASP B 179 20.43 -39.85 -2.20
C ASP B 179 20.96 -41.11 -1.53
N ASP B 180 20.24 -42.21 -1.74
CA ASP B 180 20.67 -43.52 -1.26
C ASP B 180 21.82 -43.99 -2.12
N LEU B 181 22.88 -44.49 -1.48
CA LEU B 181 24.07 -44.82 -2.23
C LEU B 181 24.82 -45.97 -1.59
N ILE B 182 25.67 -46.60 -2.39
CA ILE B 182 26.48 -47.73 -1.98
C ILE B 182 27.93 -47.29 -2.02
N LEU B 183 28.71 -47.73 -1.04
CA LEU B 183 30.11 -47.37 -0.96
C LEU B 183 30.96 -48.61 -1.08
N VAL B 184 31.96 -48.57 -1.96
CA VAL B 184 32.83 -49.70 -2.24
C VAL B 184 34.26 -49.26 -2.02
N SER B 185 35.01 -50.04 -1.26
CA SER B 185 36.43 -49.74 -1.05
C SER B 185 37.21 -49.93 -2.33
N VAL B 186 38.36 -49.28 -2.37
CA VAL B 186 39.25 -49.44 -3.50
C VAL B 186 40.10 -50.69 -3.33
N SER B 187 40.69 -50.86 -2.16
CA SER B 187 41.56 -52.02 -1.96
C SER B 187 40.76 -53.30 -1.79
N SER B 188 39.94 -53.37 -0.75
CA SER B 188 39.25 -54.61 -0.42
C SER B 188 38.10 -54.89 -1.37
N GLU B 189 37.59 -53.86 -2.04
CA GLU B 189 36.54 -53.94 -3.05
C GLU B 189 35.27 -54.58 -2.47
N ARG B 190 34.94 -54.21 -1.26
CA ARG B 190 33.80 -54.76 -0.56
C ARG B 190 32.79 -53.66 -0.27
N TYR B 191 31.55 -54.07 -0.08
CA TYR B 191 30.51 -53.09 0.18
C TYR B 191 30.55 -52.69 1.65
N LEU B 192 29.94 -51.54 1.95
CA LEU B 192 29.98 -51.01 3.31
C LEU B 192 28.82 -51.65 4.06
N HIS B 193 29.03 -52.90 4.45
CA HIS B 193 27.94 -53.79 4.80
C HIS B 193 27.50 -53.60 6.24
N LEU B 194 26.19 -53.68 6.46
CA LEU B 194 25.60 -53.69 7.78
C LEU B 194 25.23 -55.13 8.13
N SER B 195 25.96 -55.71 9.06
CA SER B 195 25.74 -57.10 9.46
C SER B 195 24.88 -57.17 10.71
N TYR B 196 24.68 -58.38 11.20
CA TYR B 196 23.75 -58.64 12.30
C TYR B 196 24.45 -59.29 13.49
N LEU B 201 24.77 -56.79 15.62
CA LEU B 201 24.76 -55.82 14.54
C LEU B 201 26.15 -55.28 14.26
N HIS B 202 26.82 -55.87 13.27
CA HIS B 202 28.15 -55.42 12.91
C HIS B 202 28.11 -54.45 11.74
N VAL B 203 29.20 -53.71 11.60
CA VAL B 203 29.46 -52.87 10.44
C VAL B 203 30.82 -53.27 9.91
N ASP B 204 30.87 -53.70 8.66
CA ASP B 204 32.08 -54.32 8.15
C ASP B 204 32.06 -54.27 6.64
N ALA B 205 33.22 -54.53 6.04
CA ALA B 205 33.36 -54.55 4.60
C ALA B 205 33.12 -55.97 4.12
N ALA B 206 32.09 -56.16 3.29
CA ALA B 206 31.69 -57.49 2.86
C ALA B 206 31.26 -57.46 1.41
N PHE B 207 31.01 -58.65 0.87
CA PHE B 207 30.62 -58.83 -0.52
C PHE B 207 29.14 -58.62 -0.75
N GLN B 208 28.37 -58.32 0.28
CA GLN B 208 26.95 -58.11 0.14
C GLN B 208 26.66 -56.62 0.26
N GLN B 209 25.79 -56.13 -0.62
CA GLN B 209 25.50 -54.71 -0.69
C GLN B 209 24.69 -54.27 0.51
N THR B 210 24.77 -52.99 0.81
CA THR B 210 23.98 -52.40 1.89
C THR B 210 23.74 -50.94 1.55
N LEU B 211 22.48 -50.52 1.56
CA LEU B 211 22.14 -49.14 1.27
C LEU B 211 22.69 -48.22 2.34
N TRP B 212 23.03 -47.00 1.92
CA TRP B 212 23.53 -45.98 2.84
C TRP B 212 23.03 -44.62 2.39
N SER B 213 22.31 -43.94 3.27
CA SER B 213 21.86 -42.60 3.03
C SER B 213 22.84 -41.60 3.60
N VAL B 214 22.83 -40.39 3.05
CA VAL B 214 23.72 -39.31 3.47
C VAL B 214 22.86 -38.10 3.81
N ALA B 215 23.06 -37.56 5.00
CA ALA B 215 22.36 -36.34 5.37
C ALA B 215 23.37 -35.25 5.72
N PRO B 216 23.08 -33.99 5.41
CA PRO B 216 24.00 -32.91 5.75
C PRO B 216 23.90 -32.53 7.21
N ILE B 217 25.01 -32.00 7.72
CA ILE B 217 25.10 -31.55 9.11
C ILE B 217 25.42 -30.06 9.18
N SER B 218 26.45 -29.63 8.47
CA SER B 218 26.90 -28.25 8.56
C SER B 218 27.69 -27.90 7.32
N SER B 219 28.08 -26.63 7.23
CA SER B 219 28.89 -26.14 6.14
C SER B 219 29.66 -24.91 6.58
N ALA B 224 29.48 -18.29 9.88
CA ALA B 224 30.51 -17.26 9.74
C ALA B 224 31.21 -17.02 11.05
N GLN B 225 32.25 -16.19 11.03
CA GLN B 225 33.10 -16.05 12.19
C GLN B 225 32.45 -15.20 13.27
N GLY B 226 32.82 -15.47 14.52
CA GLY B 226 32.32 -14.73 15.65
C GLY B 226 30.85 -14.93 15.92
N TYR B 227 30.29 -16.01 15.42
CA TYR B 227 28.84 -16.19 15.38
C TYR B 227 28.49 -17.56 15.91
N LEU B 228 27.39 -17.62 16.68
CA LEU B 228 26.95 -18.87 17.28
C LEU B 228 26.51 -19.87 16.23
N ILE B 229 27.19 -21.02 16.21
CA ILE B 229 27.01 -22.07 15.22
C ILE B 229 26.87 -23.38 15.96
N GLY B 230 25.80 -24.13 15.65
CA GLY B 230 25.37 -25.22 16.49
C GLY B 230 26.33 -26.39 16.54
N GLY B 231 26.08 -27.29 17.49
CA GLY B 231 26.98 -28.39 17.74
C GLY B 231 28.26 -28.02 18.46
N ASP B 232 28.32 -26.84 19.06
CA ASP B 232 29.56 -26.30 19.59
C ASP B 232 29.61 -26.42 21.11
N VAL B 233 30.83 -26.50 21.63
CA VAL B 233 31.12 -26.51 23.05
C VAL B 233 31.62 -25.13 23.45
N LEU B 234 31.04 -24.54 24.48
CA LEU B 234 31.46 -23.22 24.91
C LEU B 234 31.19 -23.00 26.39
N ARG B 235 31.68 -21.85 26.87
CA ARG B 235 31.51 -21.40 28.23
C ARG B 235 30.26 -20.55 28.35
N LEU B 236 29.66 -20.55 29.53
CA LEU B 236 28.45 -19.76 29.78
C LEU B 236 28.76 -18.76 30.89
N LEU B 237 29.18 -17.57 30.49
CA LEU B 237 29.61 -16.53 31.42
C LEU B 237 28.41 -15.98 32.19
N HIS B 238 28.72 -15.21 33.23
CA HIS B 238 27.70 -14.54 34.03
C HIS B 238 27.92 -13.04 34.16
N GLY B 239 29.18 -12.60 34.25
CA GLY B 239 29.48 -11.19 34.39
C GLY B 239 30.94 -10.94 34.73
N GLU B 243 32.53 -13.94 35.84
CA GLU B 243 31.88 -15.10 36.42
C GLU B 243 31.31 -15.99 35.30
N CYS B 244 31.32 -17.30 35.53
CA CYS B 244 30.84 -18.29 34.58
C CYS B 244 30.04 -19.36 35.29
N LEU B 245 29.17 -20.03 34.54
CA LEU B 245 28.45 -21.19 35.05
C LEU B 245 29.42 -22.33 35.35
N THR B 246 29.16 -23.04 36.45
CA THR B 246 30.04 -24.11 36.85
C THR B 246 29.24 -25.31 37.34
N VAL B 247 29.97 -26.40 37.51
CA VAL B 247 29.55 -27.59 38.25
C VAL B 247 30.68 -27.95 39.20
N PRO B 248 30.35 -28.30 40.45
CA PRO B 248 31.40 -28.47 41.48
C PRO B 248 32.46 -29.51 41.13
N SER B 249 33.55 -29.45 41.88
CA SER B 249 34.86 -29.93 41.43
C SER B 249 35.04 -31.43 41.49
N GLY B 250 36.30 -31.86 41.44
CA GLY B 250 36.59 -33.28 41.54
C GLY B 250 36.20 -33.81 42.91
N GLU B 251 35.91 -35.11 42.95
CA GLU B 251 35.62 -35.88 44.17
C GLU B 251 34.38 -35.36 44.89
N HIS B 252 33.25 -35.42 44.19
CA HIS B 252 31.96 -35.17 44.80
C HIS B 252 31.00 -36.31 44.51
N GLU B 255 27.82 -36.56 45.60
CA GLU B 255 26.86 -36.07 44.63
C GLU B 255 27.00 -36.83 43.33
N GLN B 256 28.24 -37.24 43.07
CA GLN B 256 28.72 -37.58 41.73
C GLN B 256 28.41 -36.46 40.74
N ARG B 257 28.65 -35.21 41.18
CA ARG B 257 28.56 -34.00 40.37
C ARG B 257 27.18 -33.81 39.74
N ARG B 258 26.17 -33.70 40.57
CA ARG B 258 24.81 -33.55 40.06
C ARG B 258 24.18 -32.23 40.45
N THR B 259 24.86 -31.45 41.27
CA THR B 259 24.36 -30.13 41.64
C THR B 259 24.93 -29.08 40.69
N VAL B 260 24.26 -27.93 40.66
CA VAL B 260 24.58 -26.84 39.75
C VAL B 260 24.97 -25.63 40.60
N HIS B 261 26.00 -24.91 40.17
CA HIS B 261 26.46 -23.74 40.90
C HIS B 261 26.88 -22.65 39.94
N TYR B 262 27.17 -21.50 40.50
CA TYR B 262 27.87 -20.43 39.82
C TYR B 262 29.20 -20.23 40.51
N GLU B 263 30.15 -19.67 39.77
CA GLU B 263 31.45 -19.38 40.37
C GLU B 263 32.14 -18.32 39.54
N GLY B 264 32.64 -17.30 40.21
CA GLY B 264 33.54 -16.37 39.58
C GLY B 264 34.97 -16.81 39.72
N GLY B 265 35.86 -16.07 39.08
CA GLY B 265 37.26 -16.39 39.16
C GLY B 265 37.63 -17.56 38.27
N ALA B 266 38.88 -17.99 38.43
CA ALA B 266 39.48 -18.98 37.53
C ALA B 266 38.92 -20.36 37.83
N VAL B 267 37.70 -20.58 37.36
CA VAL B 267 37.20 -21.92 37.09
C VAL B 267 36.59 -21.78 35.71
N SER B 268 36.48 -20.53 35.26
CA SER B 268 35.84 -20.22 33.99
C SER B 268 36.66 -20.73 32.82
N VAL B 269 37.95 -20.39 32.80
CA VAL B 269 38.88 -20.85 31.78
C VAL B 269 39.03 -22.37 31.83
N HIS B 270 38.79 -22.94 33.00
CA HIS B 270 39.11 -24.32 33.30
C HIS B 270 38.10 -25.29 32.69
N ALA B 271 38.21 -26.55 33.09
CA ALA B 271 37.60 -27.64 32.32
C ALA B 271 36.10 -27.69 32.51
N ARG B 272 35.66 -27.80 33.76
CA ARG B 272 34.28 -28.07 34.07
C ARG B 272 33.37 -26.84 33.97
N SER B 273 33.83 -25.76 33.38
CA SER B 273 32.93 -24.68 32.95
C SER B 273 32.59 -24.80 31.47
N LEU B 274 32.18 -25.97 30.99
CA LEU B 274 31.98 -26.17 29.57
C LEU B 274 30.73 -26.98 29.28
N TRP B 275 30.04 -26.60 28.20
CA TRP B 275 28.72 -27.10 27.88
C TRP B 275 28.61 -27.30 26.38
N ARG B 276 28.05 -28.43 25.97
CA ARG B 276 27.84 -28.71 24.56
C ARG B 276 26.38 -28.48 24.19
N LEU B 277 26.18 -27.77 23.09
CA LEU B 277 24.84 -27.46 22.58
C LEU B 277 24.34 -28.66 21.78
N GLU B 278 23.04 -28.93 21.88
CA GLU B 278 22.34 -29.87 21.02
C GLU B 278 21.00 -29.26 20.64
N THR B 279 20.53 -29.58 19.44
CA THR B 279 19.17 -29.19 19.07
C THR B 279 18.36 -30.45 18.78
N LEU B 280 17.15 -30.25 18.25
CA LEU B 280 16.29 -31.38 17.98
C LEU B 280 16.71 -32.11 16.71
N ARG B 281 16.99 -31.36 15.65
CA ARG B 281 17.07 -31.94 14.32
C ARG B 281 18.34 -32.75 14.14
N VAL B 282 18.19 -33.92 13.52
CA VAL B 282 19.35 -34.70 13.12
C VAL B 282 20.11 -33.98 12.01
N ALA B 283 19.43 -33.72 10.90
CA ALA B 283 20.05 -32.98 9.82
C ALA B 283 20.13 -31.51 10.17
N TRP B 284 21.17 -30.86 9.65
CA TRP B 284 21.51 -29.45 9.90
C TRP B 284 21.62 -29.14 11.38
N SER B 285 22.16 -30.09 12.14
CA SER B 285 22.47 -29.83 13.53
C SER B 285 23.61 -28.85 13.68
N GLY B 286 24.50 -28.76 12.69
CA GLY B 286 25.64 -27.88 12.79
C GLY B 286 25.40 -26.55 12.12
N SER B 287 24.14 -26.18 11.95
CA SER B 287 23.80 -24.93 11.28
C SER B 287 24.02 -23.75 12.25
N HIS B 288 23.55 -22.57 11.85
CA HIS B 288 23.68 -21.43 12.75
C HIS B 288 22.67 -21.50 13.88
N ILE B 289 22.73 -20.50 14.75
CA ILE B 289 22.01 -20.50 16.01
C ILE B 289 21.14 -19.24 16.08
N ARG B 290 19.83 -19.43 16.17
CA ARG B 290 18.89 -18.34 16.06
C ARG B 290 17.95 -18.34 17.26
N TRP B 291 17.29 -17.21 17.47
CA TRP B 291 16.44 -17.03 18.64
C TRP B 291 15.19 -17.87 18.53
N GLY B 292 14.81 -18.48 19.65
CA GLY B 292 13.57 -19.23 19.73
C GLY B 292 13.67 -20.68 19.35
N GLN B 293 14.72 -21.08 18.62
CA GLN B 293 14.82 -22.51 18.37
C GLN B 293 15.30 -23.21 19.63
N PRO B 294 14.90 -24.45 19.85
CA PRO B 294 15.22 -25.13 21.10
C PRO B 294 16.67 -25.57 21.18
N PHE B 295 17.13 -25.82 22.41
CA PHE B 295 18.48 -26.26 22.65
C PHE B 295 18.52 -27.23 23.81
N ARG B 296 19.29 -28.29 23.66
CA ARG B 296 19.68 -29.14 24.76
C ARG B 296 21.08 -28.79 25.21
N LEU B 297 21.39 -29.16 26.45
CA LEU B 297 22.65 -28.79 27.07
C LEU B 297 23.29 -30.03 27.67
N ARG B 298 24.51 -30.32 27.25
CA ARG B 298 25.29 -31.40 27.82
C ARG B 298 26.56 -30.82 28.42
N HIS B 299 26.78 -31.10 29.70
CA HIS B 299 28.05 -30.73 30.28
C HIS B 299 29.13 -31.69 29.80
N VAL B 300 30.30 -31.13 29.53
CA VAL B 300 31.28 -31.83 28.71
C VAL B 300 32.16 -32.73 29.56
N THR B 301 32.65 -32.22 30.68
CA THR B 301 33.57 -32.98 31.51
C THR B 301 32.92 -34.14 32.23
N THR B 302 31.59 -34.19 32.28
CA THR B 302 30.88 -35.34 32.80
C THR B 302 30.20 -36.14 31.71
N GLY B 303 29.40 -35.48 30.90
CA GLY B 303 28.55 -36.18 29.96
C GLY B 303 27.17 -36.38 30.54
N LYS B 304 26.63 -35.33 31.14
CA LYS B 304 25.28 -35.34 31.67
C LYS B 304 24.49 -34.19 31.07
N TYR B 305 23.18 -34.29 31.19
CA TYR B 305 22.26 -33.29 30.65
C TYR B 305 21.60 -32.51 31.78
N LEU B 306 21.56 -31.19 31.62
CA LEU B 306 20.93 -30.32 32.61
C LEU B 306 19.41 -30.45 32.46
N SER B 307 18.85 -31.38 33.21
CA SER B 307 17.42 -31.67 33.13
C SER B 307 16.68 -30.89 34.22
N LEU B 308 15.70 -30.08 33.80
CA LEU B 308 14.86 -29.35 34.75
C LEU B 308 13.84 -30.30 35.33
N MET B 309 14.15 -30.82 36.51
CA MET B 309 13.18 -31.52 37.33
C MET B 309 12.75 -30.56 38.42
N GLU B 310 11.92 -29.56 38.03
CA GLU B 310 11.44 -28.55 38.97
C GLU B 310 10.50 -29.10 40.02
N ASP B 311 10.04 -30.35 39.87
CA ASP B 311 9.49 -31.10 40.99
C ASP B 311 10.48 -31.19 42.14
N LYS B 312 11.78 -31.30 41.84
CA LYS B 312 12.81 -31.11 42.86
C LYS B 312 13.68 -29.89 42.57
N SER B 313 14.42 -29.87 41.45
CA SER B 313 15.39 -28.80 41.15
C SER B 313 15.97 -29.03 39.76
N LEU B 314 16.66 -28.01 39.26
CA LEU B 314 17.38 -28.07 37.99
C LEU B 314 18.58 -29.00 38.18
N LEU B 315 18.45 -30.24 37.74
CA LEU B 315 19.46 -31.27 37.99
C LEU B 315 20.18 -31.69 36.72
N LEU B 316 21.14 -32.60 36.92
CA LEU B 316 22.04 -33.08 35.87
C LEU B 316 21.85 -34.58 35.72
N MET B 317 21.20 -34.99 34.64
CA MET B 317 20.90 -36.40 34.44
C MET B 317 21.54 -36.90 33.14
N ASP B 318 21.39 -38.20 32.90
CA ASP B 318 22.18 -38.89 31.90
C ASP B 318 21.46 -38.91 30.56
N LYS B 319 22.03 -39.65 29.60
CA LYS B 319 21.50 -39.68 28.24
C LYS B 319 20.17 -40.41 28.16
N GLU B 320 20.08 -41.56 28.82
CA GLU B 320 18.90 -42.41 28.72
C GLU B 320 17.72 -41.78 29.44
N LYS B 321 17.99 -40.99 30.48
CA LYS B 321 16.93 -40.40 31.28
C LYS B 321 16.45 -39.08 30.69
N ALA B 322 17.32 -38.35 29.99
CA ALA B 322 16.95 -37.04 29.48
C ALA B 322 16.00 -37.17 28.31
N ASP B 323 14.96 -36.34 28.31
CA ASP B 323 13.98 -36.27 27.25
C ASP B 323 13.96 -34.83 26.73
N VAL B 324 12.97 -34.54 25.88
CA VAL B 324 12.86 -33.21 25.31
C VAL B 324 12.44 -32.20 26.37
N LYS B 325 11.25 -32.40 26.94
CA LYS B 325 10.68 -31.43 27.88
C LYS B 325 11.44 -31.36 29.20
N SER B 326 12.27 -32.37 29.49
CA SER B 326 13.04 -32.34 30.73
C SER B 326 14.16 -31.31 30.66
N THR B 327 14.69 -31.03 29.47
CA THR B 327 15.88 -30.21 29.40
C THR B 327 15.93 -29.13 28.34
N ALA B 328 15.01 -29.09 27.38
CA ALA B 328 15.16 -28.22 26.21
C ALA B 328 14.94 -26.76 26.55
N PHE B 329 15.89 -25.92 26.15
CA PHE B 329 15.89 -24.49 26.43
C PHE B 329 15.97 -23.70 25.13
N THR B 330 15.61 -22.43 25.21
CA THR B 330 15.84 -21.49 24.11
C THR B 330 16.60 -20.29 24.65
N PHE B 331 16.88 -19.34 23.76
CA PHE B 331 17.57 -18.11 24.14
C PHE B 331 16.84 -16.94 23.52
N ARG B 332 16.63 -15.90 24.31
CA ARG B 332 16.03 -14.68 23.82
C ARG B 332 16.87 -13.49 24.24
N SER B 333 16.61 -12.36 23.58
CA SER B 333 17.34 -11.13 23.85
C SER B 333 17.10 -10.62 25.26
N SER B 334 15.88 -10.78 25.76
CA SER B 334 15.52 -10.22 27.06
C SER B 334 14.71 -11.24 27.85
N LYS B 335 14.06 -10.77 28.90
CA LYS B 335 13.22 -11.61 29.75
C LYS B 335 11.79 -11.72 29.18
N GLU B 336 11.61 -11.35 27.92
CA GLU B 336 10.33 -11.31 27.25
C GLU B 336 9.97 -12.67 26.64
N LYS B 337 8.72 -12.77 26.18
CA LYS B 337 8.17 -14.05 25.73
C LYS B 337 7.33 -13.92 24.48
N LEU B 338 7.33 -12.76 23.84
CA LEU B 338 6.55 -12.56 22.63
C LEU B 338 7.33 -12.99 21.38
N ARG B 343 14.56 -19.74 12.05
CA ARG B 343 13.69 -20.38 13.03
C ARG B 343 14.09 -21.84 13.23
N LYS B 344 13.25 -22.73 12.72
CA LYS B 344 13.39 -24.16 12.91
C LYS B 344 13.51 -24.94 11.62
N GLU B 345 12.79 -24.52 10.57
CA GLU B 345 12.77 -25.23 9.30
C GLU B 345 13.48 -24.36 8.27
N VAL B 346 14.82 -24.46 8.26
CA VAL B 346 15.63 -23.90 7.19
C VAL B 346 16.56 -25.00 6.72
N ASP B 347 17.22 -24.74 5.59
CA ASP B 347 18.27 -25.61 5.11
C ASP B 347 19.52 -24.78 4.91
N GLY B 348 20.62 -25.47 4.59
CA GLY B 348 21.92 -24.84 4.65
C GLY B 348 22.34 -24.67 6.10
N MET B 349 23.47 -23.98 6.27
CA MET B 349 23.93 -23.71 7.62
C MET B 349 23.19 -22.56 8.29
N GLY B 350 22.21 -21.95 7.60
CA GLY B 350 21.37 -20.94 8.21
C GLY B 350 21.98 -19.55 8.22
N THR B 351 21.27 -18.65 8.88
CA THR B 351 21.72 -17.28 9.06
C THR B 351 22.23 -17.11 10.48
N SER B 352 23.41 -16.52 10.62
CA SER B 352 24.01 -16.27 11.92
C SER B 352 23.22 -15.18 12.62
N GLU B 353 22.49 -15.55 13.66
CA GLU B 353 21.71 -14.55 14.39
C GLU B 353 22.53 -13.92 15.51
N ILE B 354 23.24 -14.74 16.27
CA ILE B 354 23.78 -14.35 17.56
C ILE B 354 25.30 -14.40 17.51
N LYS B 355 25.94 -13.42 18.14
CA LYS B 355 27.39 -13.41 18.27
C LYS B 355 27.81 -14.22 19.49
N TYR B 356 29.12 -14.23 19.76
CA TYR B 356 29.63 -14.77 21.00
C TYR B 356 29.81 -13.68 22.04
N GLY B 357 30.62 -12.68 21.75
CA GLY B 357 30.95 -11.67 22.73
C GLY B 357 29.84 -10.67 22.97
N ASP B 358 29.13 -10.28 21.92
CA ASP B 358 28.23 -9.13 22.01
C ASP B 358 26.79 -9.63 21.86
N SER B 359 26.25 -10.10 22.98
CA SER B 359 24.86 -10.52 23.18
C SER B 359 24.71 -10.86 24.66
N VAL B 360 23.51 -10.63 25.17
CA VAL B 360 23.15 -11.03 26.52
C VAL B 360 21.91 -11.88 26.37
N CYS B 361 22.08 -13.19 26.43
CA CYS B 361 20.97 -14.11 26.23
C CYS B 361 20.36 -14.51 27.55
N PHE B 362 19.13 -15.01 27.48
CA PHE B 362 18.34 -15.38 28.65
C PHE B 362 17.64 -16.69 28.37
N ILE B 363 17.70 -17.60 29.34
CA ILE B 363 17.21 -18.96 29.15
C ILE B 363 15.73 -19.01 29.50
N GLN B 364 14.92 -19.46 28.55
CA GLN B 364 13.49 -19.62 28.75
C GLN B 364 13.12 -21.05 28.40
N HIS B 365 12.74 -21.82 29.42
CA HIS B 365 12.47 -23.23 29.20
C HIS B 365 11.13 -23.43 28.49
N ILE B 366 11.08 -24.46 27.66
CA ILE B 366 9.89 -24.75 26.87
C ILE B 366 8.77 -25.30 27.74
N GLY B 367 9.07 -26.33 28.55
CA GLY B 367 8.02 -27.07 29.22
C GLY B 367 7.35 -26.33 30.36
N THR B 368 8.09 -25.49 31.07
CA THR B 368 7.54 -24.80 32.23
C THR B 368 7.59 -23.28 32.12
N GLY B 369 8.22 -22.73 31.09
CA GLY B 369 8.32 -21.28 30.98
C GLY B 369 9.25 -20.63 31.96
N LEU B 370 10.03 -21.41 32.70
CA LEU B 370 10.86 -20.86 33.74
C LEU B 370 12.08 -20.17 33.16
N TRP B 371 12.59 -19.20 33.91
CA TRP B 371 13.79 -18.46 33.60
C TRP B 371 14.85 -18.84 34.62
N LEU B 372 16.10 -18.93 34.19
CA LEU B 372 17.15 -19.26 35.12
C LEU B 372 17.46 -18.06 36.01
N THR B 373 17.62 -18.32 37.30
CA THR B 373 17.97 -17.27 38.24
C THR B 373 19.05 -17.78 39.19
N TYR B 374 19.56 -16.86 39.98
CA TYR B 374 20.53 -17.18 41.01
C TYR B 374 19.84 -17.24 42.37
N GLN B 375 20.67 -17.39 43.40
CA GLN B 375 20.28 -17.12 44.76
C GLN B 375 21.25 -16.09 45.34
N SER B 376 20.73 -15.12 46.08
CA SER B 376 21.52 -13.98 46.52
C SER B 376 22.57 -14.34 47.56
N SER B 386 34.94 -16.53 46.83
CA SER B 386 33.99 -16.98 47.84
C SER B 386 32.55 -16.86 47.34
N ILE B 387 32.26 -17.51 46.22
CA ILE B 387 30.93 -17.49 45.63
C ILE B 387 30.57 -18.94 45.32
N GLN B 388 29.43 -19.39 45.87
CA GLN B 388 28.80 -20.65 45.52
C GLN B 388 27.32 -20.38 45.23
N ARG B 389 27.10 -19.39 44.37
CA ARG B 389 25.78 -18.83 44.10
C ARG B 389 24.89 -19.86 43.42
N LYS B 390 23.94 -20.41 44.17
CA LYS B 390 23.26 -21.63 43.75
C LYS B 390 22.21 -21.33 42.69
N ALA B 391 22.21 -22.15 41.63
CA ALA B 391 21.34 -21.91 40.49
C ALA B 391 20.03 -22.65 40.63
N ILE B 392 18.93 -21.90 40.48
CA ILE B 392 17.58 -22.46 40.45
C ILE B 392 16.82 -21.75 39.33
N MET B 393 15.76 -22.39 38.86
CA MET B 393 14.91 -21.74 37.88
C MET B 393 13.86 -20.90 38.59
N HIS B 394 13.25 -19.97 37.86
CA HIS B 394 12.27 -19.08 38.46
C HIS B 394 11.34 -18.60 37.36
N HIS B 395 10.16 -18.14 37.77
CA HIS B 395 9.23 -17.61 36.79
C HIS B 395 9.64 -16.22 36.30
N GLU B 396 10.33 -15.46 37.13
CA GLU B 396 10.79 -14.14 36.72
C GLU B 396 12.31 -14.04 36.70
N GLY B 397 12.96 -14.31 37.82
CA GLY B 397 14.37 -14.01 37.97
C GLY B 397 14.59 -12.57 38.38
N HIS B 398 15.85 -12.20 38.42
CA HIS B 398 16.26 -10.87 38.84
C HIS B 398 16.79 -10.07 37.66
N MET B 399 17.33 -8.88 37.94
CA MET B 399 18.05 -8.12 36.92
C MET B 399 19.36 -8.79 36.56
N ASP B 400 19.96 -9.54 37.49
CA ASP B 400 21.29 -10.11 37.32
C ASP B 400 21.25 -11.54 36.82
N ASP B 401 20.33 -11.86 35.91
CA ASP B 401 20.38 -13.11 35.17
C ASP B 401 20.90 -12.94 33.76
N GLY B 402 21.77 -11.94 33.54
CA GLY B 402 22.36 -11.64 32.26
C GLY B 402 23.54 -12.52 31.91
N LEU B 403 23.23 -13.73 31.46
CA LEU B 403 24.25 -14.74 31.16
C LEU B 403 24.96 -14.38 29.86
N ASN B 404 26.27 -14.16 29.93
CA ASN B 404 27.05 -13.80 28.75
C ASN B 404 27.67 -15.05 28.14
N LEU B 405 28.18 -14.91 26.92
CA LEU B 405 28.65 -16.03 26.11
C LEU B 405 30.12 -15.88 25.75
N SER B 406 30.81 -17.01 25.71
CA SER B 406 32.21 -17.06 25.27
C SER B 406 32.51 -18.47 24.80
N ARG B 407 33.20 -18.57 23.66
CA ARG B 407 33.42 -19.85 23.03
C ARG B 407 34.72 -20.49 23.48
N SER B 408 34.78 -21.81 23.37
CA SER B 408 35.94 -22.58 23.74
C SER B 408 36.96 -22.58 22.60
N GLN B 409 37.99 -23.40 22.73
CA GLN B 409 38.93 -23.65 21.65
C GLN B 409 38.95 -25.13 21.30
N HIS B 410 39.64 -25.43 20.21
CA HIS B 410 39.53 -26.75 19.61
C HIS B 410 40.26 -27.78 20.45
N GLU B 411 41.48 -27.48 20.86
CA GLU B 411 42.23 -28.41 21.69
C GLU B 411 41.61 -28.54 23.07
N GLU B 412 40.94 -27.49 23.55
CA GLU B 412 40.25 -27.56 24.83
C GLU B 412 39.10 -28.54 24.78
N SER B 413 38.29 -28.46 23.71
CA SER B 413 37.23 -29.43 23.49
C SER B 413 37.79 -30.83 23.32
N ARG B 414 38.93 -30.93 22.63
CA ARG B 414 39.61 -32.21 22.44
C ARG B 414 40.00 -32.83 23.77
N THR B 415 40.66 -32.06 24.63
CA THR B 415 41.08 -32.57 25.93
C THR B 415 39.90 -32.89 26.81
N ALA B 416 38.82 -32.12 26.72
CA ALA B 416 37.66 -32.38 27.56
C ALA B 416 36.98 -33.69 27.16
N ARG B 417 36.86 -33.94 25.86
CA ARG B 417 36.32 -35.21 25.42
C ARG B 417 37.24 -36.36 25.79
N VAL B 418 38.56 -36.10 25.79
CA VAL B 418 39.53 -37.07 26.27
C VAL B 418 39.32 -37.36 27.76
N ILE B 419 39.00 -36.33 28.54
CA ILE B 419 38.74 -36.48 29.98
C ILE B 419 37.56 -37.41 30.20
N ARG B 420 36.47 -37.17 29.48
CA ARG B 420 35.28 -37.99 29.67
C ARG B 420 35.52 -39.44 29.26
N SER B 421 36.20 -39.65 28.12
CA SER B 421 36.53 -41.00 27.70
C SER B 421 37.46 -41.69 28.69
N THR B 422 38.38 -40.94 29.28
CA THR B 422 39.38 -41.51 30.15
C THR B 422 38.78 -41.96 31.48
N VAL B 423 37.99 -41.08 32.10
CA VAL B 423 37.28 -41.42 33.33
C VAL B 423 36.34 -42.59 33.09
N PHE B 424 35.64 -42.56 31.95
CA PHE B 424 34.66 -43.58 31.65
C PHE B 424 35.31 -44.93 31.39
N LEU B 425 36.57 -44.94 30.97
CA LEU B 425 37.29 -46.21 30.89
C LEU B 425 37.78 -46.66 32.25
N PHE B 426 38.43 -45.76 33.00
CA PHE B 426 39.12 -46.20 34.20
C PHE B 426 38.18 -46.57 35.32
N ASN B 427 36.97 -46.02 35.34
CA ASN B 427 36.04 -46.49 36.37
C ASN B 427 35.53 -47.88 36.06
N ARG B 428 35.36 -48.22 34.78
CA ARG B 428 35.11 -49.60 34.38
C ARG B 428 36.24 -50.51 34.82
N PHE B 429 37.47 -50.05 34.63
CA PHE B 429 38.65 -50.84 35.00
C PHE B 429 38.72 -51.08 36.51
N ILE B 430 38.45 -50.02 37.29
CA ILE B 430 38.46 -50.13 38.74
C ILE B 430 37.36 -51.05 39.24
N ARG B 431 36.17 -50.94 38.65
CA ARG B 431 35.07 -51.83 39.05
C ARG B 431 35.35 -53.28 38.66
N GLY B 432 36.03 -53.50 37.55
CA GLY B 432 36.44 -54.86 37.22
C GLY B 432 37.44 -55.42 38.21
N LEU B 433 38.36 -54.58 38.67
CA LEU B 433 39.29 -55.03 39.69
C LEU B 433 38.61 -55.28 41.03
N ASP B 434 37.60 -54.47 41.35
CA ASP B 434 36.84 -54.71 42.57
C ASP B 434 36.01 -55.99 42.47
N ALA B 435 35.60 -56.36 41.26
CA ALA B 435 34.92 -57.64 41.08
C ALA B 435 35.88 -58.80 41.25
N LEU B 436 37.00 -58.77 40.55
CA LEU B 436 37.93 -59.91 40.59
C LEU B 436 38.91 -59.86 41.74
N SER B 437 38.76 -58.92 42.67
CA SER B 437 39.60 -58.95 43.86
C SER B 437 38.98 -59.77 44.98
N LYS B 438 37.77 -59.40 45.42
CA LYS B 438 37.20 -59.97 46.63
C LYS B 438 36.67 -61.38 46.41
N LYS B 439 35.91 -61.59 45.34
CA LYS B 439 35.33 -62.88 45.05
C LYS B 439 35.73 -63.33 43.65
N ALA B 440 35.82 -64.65 43.50
CA ALA B 440 36.30 -65.25 42.25
C ALA B 440 35.11 -65.72 41.42
N LYS B 441 34.44 -64.75 40.79
CA LYS B 441 33.38 -64.94 39.80
C LYS B 441 32.19 -65.77 40.29
N THR B 444 31.66 -65.60 32.58
CA THR B 444 32.56 -65.08 33.59
C THR B 444 32.32 -63.60 33.84
N VAL B 445 32.88 -63.09 34.93
CA VAL B 445 32.83 -61.67 35.28
C VAL B 445 34.01 -61.00 34.58
N ASP B 446 33.72 -59.98 33.77
CA ASP B 446 34.66 -59.49 32.78
C ASP B 446 35.21 -58.12 33.15
N LEU B 447 36.29 -57.76 32.46
CA LEU B 447 37.14 -56.64 32.84
C LEU B 447 37.78 -56.07 31.58
N PRO B 448 37.89 -54.76 31.44
CA PRO B 448 38.51 -54.21 30.23
C PRO B 448 40.03 -54.29 30.29
N ILE B 449 40.63 -54.85 29.24
CA ILE B 449 42.09 -55.04 29.24
C ILE B 449 42.75 -54.37 28.05
N GLU B 450 42.44 -54.84 26.85
CA GLU B 450 43.25 -54.48 25.69
C GLU B 450 42.89 -53.10 25.18
N SER B 451 41.63 -52.71 25.32
CA SER B 451 41.24 -51.34 25.05
C SER B 451 41.91 -50.39 26.03
N VAL B 452 42.10 -50.85 27.26
CA VAL B 452 42.75 -50.02 28.28
C VAL B 452 44.21 -49.82 27.94
N SER B 453 44.91 -50.89 27.58
CA SER B 453 46.32 -50.77 27.21
C SER B 453 46.49 -49.97 25.93
N LEU B 454 45.53 -50.08 25.01
CA LEU B 454 45.60 -49.32 23.78
C LEU B 454 45.40 -47.83 24.05
N SER B 455 44.38 -47.50 24.85
CA SER B 455 44.14 -46.12 25.26
C SER B 455 45.29 -45.58 26.08
N LEU B 456 45.97 -46.46 26.81
CA LEU B 456 47.07 -46.03 27.65
C LEU B 456 48.28 -45.66 26.83
N GLN B 457 48.60 -46.47 25.81
CA GLN B 457 49.64 -46.10 24.87
C GLN B 457 49.29 -44.84 24.11
N ASP B 458 48.00 -44.65 23.82
CA ASP B 458 47.55 -43.42 23.18
C ASP B 458 47.83 -42.20 24.05
N LEU B 459 47.54 -42.29 25.34
CA LEU B 459 47.78 -41.16 26.20
C LEU B 459 49.25 -40.97 26.53
N ILE B 460 50.05 -42.03 26.43
CA ILE B 460 51.50 -41.86 26.47
C ILE B 460 51.95 -41.02 25.29
N GLY B 461 51.45 -41.34 24.10
CA GLY B 461 51.78 -40.56 22.93
C GLY B 461 51.23 -39.16 22.97
N TYR B 462 50.14 -38.95 23.70
CA TYR B 462 49.46 -37.67 23.67
C TYR B 462 50.18 -36.60 24.45
N PHE B 463 50.89 -36.98 25.52
CA PHE B 463 51.71 -36.04 26.27
C PHE B 463 53.17 -36.12 25.88
N HIS B 464 53.46 -36.40 24.64
CA HIS B 464 54.83 -36.55 24.24
C HIS B 464 55.49 -35.18 24.19
N PRO B 465 56.63 -35.01 24.85
CA PRO B 465 57.32 -33.73 24.80
C PRO B 465 57.87 -33.48 23.41
N PRO B 466 57.83 -32.24 22.93
CA PRO B 466 58.27 -31.96 21.57
C PRO B 466 59.78 -32.13 21.43
N ASP B 467 60.19 -32.29 20.18
CA ASP B 467 61.48 -32.88 19.87
C ASP B 467 62.64 -31.92 20.01
N GLU B 468 63.80 -32.31 19.47
CA GLU B 468 64.94 -31.43 19.32
C GLU B 468 65.03 -30.82 17.94
N HIS B 469 64.21 -31.28 17.01
CA HIS B 469 64.16 -30.71 15.66
C HIS B 469 62.78 -30.12 15.47
N LEU B 470 62.63 -28.88 15.91
CA LEU B 470 61.46 -28.09 15.62
C LEU B 470 61.91 -26.64 15.67
N GLU B 471 61.15 -25.77 15.00
CA GLU B 471 61.39 -24.34 15.13
C GLU B 471 61.13 -23.91 16.56
N HIS B 472 62.00 -23.02 17.05
CA HIS B 472 61.97 -22.61 18.45
C HIS B 472 60.65 -21.97 18.82
N GLU B 473 60.11 -21.18 17.90
CA GLU B 473 58.77 -20.64 18.08
C GLU B 473 57.72 -21.74 18.11
N ASP B 474 57.82 -22.70 17.18
CA ASP B 474 56.85 -23.79 17.17
C ASP B 474 57.06 -24.75 18.32
N LYS B 475 58.32 -24.91 18.74
CA LYS B 475 58.63 -25.68 19.94
C LYS B 475 57.92 -25.09 21.14
N GLN B 476 57.95 -23.76 21.27
CA GLN B 476 57.31 -23.18 22.43
C GLN B 476 55.80 -23.10 22.29
N ASN B 477 55.28 -23.06 21.05
CA ASN B 477 53.84 -23.20 20.86
C ASN B 477 53.36 -24.55 21.35
N ARG B 478 54.03 -25.61 20.89
CA ARG B 478 53.61 -26.95 21.26
C ARG B 478 53.85 -27.19 22.74
N LEU B 479 54.88 -26.57 23.30
CA LEU B 479 55.15 -26.70 24.72
C LEU B 479 54.08 -26.01 25.55
N ARG B 480 53.62 -24.85 25.08
CA ARG B 480 52.51 -24.16 25.73
C ARG B 480 51.25 -25.01 25.71
N ALA B 481 50.97 -25.63 24.56
CA ALA B 481 49.82 -26.52 24.46
C ALA B 481 49.96 -27.71 25.39
N LEU B 482 51.20 -28.20 25.55
CA LEU B 482 51.46 -29.33 26.43
C LEU B 482 51.18 -28.97 27.88
N LYS B 483 51.66 -27.80 28.32
CA LYS B 483 51.41 -27.40 29.70
C LYS B 483 49.95 -27.11 29.95
N ASN B 484 49.25 -26.62 28.94
CA ASN B 484 47.83 -26.38 29.11
C ASN B 484 47.07 -27.69 29.27
N ARG B 485 47.48 -28.71 28.51
CA ARG B 485 46.90 -30.03 28.66
C ARG B 485 47.18 -30.63 30.04
N GLN B 486 48.43 -30.49 30.50
CA GLN B 486 48.80 -31.01 31.81
C GLN B 486 47.99 -30.36 32.92
N ASN B 487 47.78 -29.05 32.82
CA ASN B 487 47.06 -28.34 33.86
C ASN B 487 45.59 -28.73 33.85
N LEU B 488 45.01 -28.89 32.67
CA LEU B 488 43.62 -29.31 32.58
C LEU B 488 43.41 -30.75 33.03
N PHE B 489 44.43 -31.59 32.98
CA PHE B 489 44.22 -32.89 33.64
C PHE B 489 44.49 -32.81 35.14
N GLN B 490 45.34 -31.88 35.56
CA GLN B 490 45.65 -31.73 36.98
C GLN B 490 44.42 -31.34 37.77
N GLU B 491 43.70 -30.32 37.29
CA GLU B 491 42.57 -29.80 38.04
C GLU B 491 41.44 -30.82 38.16
N GLU B 492 41.26 -31.66 37.16
CA GLU B 492 40.23 -32.67 37.28
C GLU B 492 40.65 -33.88 38.09
N GLY B 493 41.91 -33.97 38.48
CA GLY B 493 42.32 -34.98 39.44
C GLY B 493 42.48 -36.37 38.87
N MET B 494 42.98 -36.48 37.64
CA MET B 494 43.21 -37.80 37.05
C MET B 494 44.35 -38.53 37.74
N ILE B 495 45.24 -37.79 38.39
CA ILE B 495 46.47 -38.34 38.93
C ILE B 495 46.16 -39.29 40.08
N ASN B 496 45.27 -38.86 40.97
CA ASN B 496 44.90 -39.70 42.09
C ASN B 496 44.11 -40.90 41.62
N LEU B 497 43.33 -40.74 40.55
CA LEU B 497 42.65 -41.86 39.92
C LEU B 497 43.63 -42.91 39.43
N VAL B 498 44.69 -42.46 38.73
CA VAL B 498 45.74 -43.36 38.26
C VAL B 498 46.47 -43.99 39.43
N LEU B 499 46.66 -43.23 40.51
CA LEU B 499 47.38 -43.72 41.67
C LEU B 499 46.62 -44.82 42.36
N GLU B 500 45.31 -44.66 42.51
CA GLU B 500 44.51 -45.71 43.11
C GLU B 500 44.33 -46.88 42.16
N CYS B 501 44.41 -46.63 40.85
CA CYS B 501 44.47 -47.72 39.90
C CYS B 501 45.72 -48.57 40.10
N ILE B 502 46.84 -47.91 40.41
CA ILE B 502 48.06 -48.64 40.75
C ILE B 502 47.86 -49.43 42.03
N ASP B 503 47.23 -48.80 43.03
CA ASP B 503 46.96 -49.44 44.32
C ASP B 503 46.15 -50.72 44.15
N ARG B 504 45.08 -50.66 43.37
CA ARG B 504 44.30 -51.86 43.11
C ARG B 504 45.07 -52.85 42.24
N LEU B 505 45.96 -52.38 41.38
CA LEU B 505 46.71 -53.31 40.55
C LEU B 505 47.84 -53.98 41.31
N HIS B 506 48.47 -53.28 42.22
CA HIS B 506 49.80 -53.69 42.67
C HIS B 506 49.65 -54.72 43.80
N VAL B 507 49.13 -55.88 43.45
CA VAL B 507 48.72 -56.85 44.44
C VAL B 507 49.53 -58.12 44.32
N TYR B 508 49.37 -58.83 43.22
CA TYR B 508 49.93 -60.18 43.14
C TYR B 508 51.11 -60.20 42.19
N SER B 509 51.61 -61.39 41.92
CA SER B 509 52.84 -61.54 41.16
C SER B 509 52.69 -62.57 40.04
N SER B 510 51.60 -62.44 39.28
CA SER B 510 51.26 -63.30 38.14
C SER B 510 51.16 -64.77 38.51
N VAL B 517 43.38 -64.62 41.01
CA VAL B 517 42.79 -63.28 41.02
C VAL B 517 41.91 -63.13 39.79
N ALA B 518 42.49 -63.46 38.64
CA ALA B 518 41.79 -63.42 37.37
C ALA B 518 42.30 -64.56 36.51
N GLY B 519 41.62 -64.77 35.39
CA GLY B 519 42.15 -65.67 34.39
C GLY B 519 43.37 -65.03 33.80
N ARG B 520 44.54 -65.53 34.19
CA ARG B 520 45.80 -64.85 33.93
C ARG B 520 46.25 -64.94 32.47
N GLU B 521 45.49 -65.62 31.63
CA GLU B 521 45.60 -65.37 30.19
C GLU B 521 45.23 -63.92 29.88
N ALA B 522 44.14 -63.45 30.47
CA ALA B 522 43.75 -62.05 30.28
C ALA B 522 44.64 -61.09 31.03
N GLY B 523 45.11 -61.46 32.21
CA GLY B 523 45.96 -60.58 32.99
C GLY B 523 47.43 -60.87 32.76
N GLU B 524 47.74 -61.37 31.57
CA GLU B 524 49.12 -61.71 31.24
C GLU B 524 49.96 -60.46 31.05
N SER B 525 49.37 -59.38 30.57
CA SER B 525 50.08 -58.15 30.24
C SER B 525 50.25 -57.22 31.42
N TRP B 526 50.16 -57.79 32.63
CA TRP B 526 50.17 -57.04 33.89
C TRP B 526 51.41 -56.18 34.03
N LYS B 527 52.57 -56.75 33.71
CA LYS B 527 53.84 -56.03 33.75
C LYS B 527 53.82 -54.84 32.81
N SER B 528 53.31 -55.03 31.59
CA SER B 528 53.26 -53.97 30.62
C SER B 528 52.29 -52.87 31.03
N ILE B 529 51.15 -53.26 31.62
CA ILE B 529 50.14 -52.28 32.01
C ILE B 529 50.67 -51.41 33.13
N LEU B 530 51.34 -52.01 34.12
CA LEU B 530 51.93 -51.20 35.18
C LEU B 530 53.08 -50.35 34.68
N ASN B 531 53.85 -50.86 33.73
CA ASN B 531 54.97 -50.09 33.22
C ASN B 531 54.48 -48.87 32.47
N SER B 532 53.42 -49.04 31.69
CA SER B 532 52.84 -47.92 30.97
C SER B 532 52.16 -46.95 31.92
N LEU B 533 51.60 -47.43 33.02
CA LEU B 533 50.99 -46.52 33.98
C LEU B 533 52.04 -45.67 34.67
N TYR B 534 53.17 -46.27 35.02
CA TYR B 534 54.27 -45.48 35.57
C TYR B 534 54.81 -44.49 34.56
N GLU B 535 54.83 -44.86 33.28
CA GLU B 535 55.34 -43.94 32.29
C GLU B 535 54.38 -42.79 32.04
N LEU B 536 53.07 -43.07 32.10
CA LEU B 536 52.08 -42.01 32.02
C LEU B 536 52.17 -41.09 33.22
N LEU B 537 52.41 -41.66 34.40
CA LEU B 537 52.53 -40.85 35.60
C LEU B 537 53.78 -39.98 35.51
N ALA B 538 54.82 -40.47 34.86
CA ALA B 538 55.96 -39.62 34.56
C ALA B 538 55.61 -38.53 33.56
N ALA B 539 54.65 -38.77 32.68
CA ALA B 539 54.32 -37.75 31.70
C ALA B 539 53.58 -36.57 32.32
N LEU B 540 52.69 -36.81 33.28
CA LEU B 540 51.80 -35.75 33.73
C LEU B 540 52.44 -34.77 34.70
N ILE B 541 53.75 -34.75 34.85
CA ILE B 541 54.37 -33.88 35.85
C ILE B 541 55.43 -32.96 35.25
N ARG B 542 56.24 -33.50 34.33
CA ARG B 542 57.59 -33.00 34.05
C ARG B 542 57.72 -31.53 33.69
N GLY B 543 56.63 -30.84 33.39
CA GLY B 543 56.75 -29.43 33.10
C GLY B 543 56.33 -28.56 34.26
N ASN B 544 55.24 -28.94 34.91
CA ASN B 544 54.60 -28.02 35.84
C ASN B 544 55.21 -28.11 37.23
N ARG B 545 55.72 -26.98 37.68
CA ARG B 545 56.13 -26.81 39.06
C ARG B 545 54.95 -26.99 40.01
N LYS B 546 53.82 -26.38 39.67
CA LYS B 546 52.70 -26.35 40.60
C LYS B 546 52.05 -27.71 40.74
N ASN B 547 51.99 -28.47 39.66
CA ASN B 547 51.35 -29.77 39.75
C ASN B 547 52.20 -30.76 40.53
N CYS B 548 53.52 -30.70 40.37
CA CYS B 548 54.35 -31.63 41.11
C CYS B 548 54.48 -31.23 42.58
N ALA B 549 54.51 -29.92 42.84
CA ALA B 549 54.52 -29.49 44.24
C ALA B 549 53.20 -29.82 44.93
N GLN B 550 52.09 -29.76 44.20
CA GLN B 550 50.82 -30.25 44.74
C GLN B 550 50.86 -31.76 44.94
N PHE B 551 51.46 -32.48 43.99
CA PHE B 551 51.53 -33.94 44.07
C PHE B 551 52.38 -34.40 45.23
N SER B 552 53.34 -33.58 45.66
CA SER B 552 54.39 -33.95 46.60
C SER B 552 53.96 -34.52 47.95
N GLY B 553 52.67 -34.41 48.29
CA GLY B 553 52.18 -35.03 49.50
C GLY B 553 52.26 -36.55 49.46
N SER B 554 52.05 -37.15 48.29
CA SER B 554 52.01 -38.60 48.20
C SER B 554 53.37 -39.22 47.97
N LEU B 555 54.44 -38.52 48.36
CA LEU B 555 55.79 -39.02 48.19
C LEU B 555 56.05 -40.26 49.04
N ASP B 556 55.40 -40.34 50.20
CA ASP B 556 55.64 -41.41 51.15
C ASP B 556 55.19 -42.76 50.60
N TRP B 557 54.05 -42.79 49.91
CA TRP B 557 53.57 -44.01 49.29
C TRP B 557 54.54 -44.51 48.23
N LEU B 558 55.13 -43.58 47.49
CA LEU B 558 56.07 -43.93 46.44
C LEU B 558 57.34 -44.50 47.01
N ILE B 559 57.87 -43.90 48.07
CA ILE B 559 59.08 -44.44 48.67
C ILE B 559 58.78 -45.75 49.38
N SER B 560 57.54 -45.93 49.83
CA SER B 560 57.12 -47.23 50.33
C SER B 560 57.14 -48.27 49.23
N ARG B 561 56.68 -47.91 48.04
CA ARG B 561 56.62 -48.87 46.95
C ARG B 561 57.90 -48.92 46.14
N LEU B 562 58.93 -48.20 46.59
CA LEU B 562 60.22 -48.19 45.90
C LEU B 562 60.85 -49.58 45.82
N GLU B 563 60.57 -50.45 46.79
CA GLU B 563 61.27 -51.72 46.90
C GLU B 563 60.43 -52.88 46.41
N ARG B 564 59.67 -52.69 45.35
CA ARG B 564 58.87 -53.80 44.85
C ARG B 564 59.72 -54.77 44.03
N LEU B 565 60.90 -54.33 43.59
CA LEU B 565 61.86 -55.08 42.77
C LEU B 565 61.30 -55.46 41.39
N GLU B 566 60.13 -54.97 41.02
CA GLU B 566 59.49 -55.44 39.81
C GLU B 566 59.32 -54.31 38.82
N ALA B 567 58.77 -53.19 39.30
CA ALA B 567 58.52 -52.05 38.43
C ALA B 567 59.15 -50.78 38.95
N SER B 568 60.22 -50.88 39.74
CA SER B 568 60.69 -49.77 40.54
C SER B 568 61.35 -48.67 39.70
N SER B 569 61.76 -49.00 38.48
CA SER B 569 62.40 -48.00 37.63
C SER B 569 61.42 -46.92 37.23
N GLY B 570 60.15 -47.28 37.04
CA GLY B 570 59.13 -46.29 36.73
C GLY B 570 58.91 -45.32 37.89
N ILE B 571 58.83 -45.86 39.11
CA ILE B 571 58.69 -45.02 40.30
C ILE B 571 59.91 -44.13 40.46
N LEU B 572 61.09 -44.66 40.13
CA LEU B 572 62.31 -43.88 40.27
C LEU B 572 62.35 -42.74 39.26
N GLU B 573 61.87 -42.98 38.04
CA GLU B 573 61.84 -41.91 37.05
C GLU B 573 60.84 -40.84 37.42
N VAL B 574 59.66 -41.25 37.91
CA VAL B 574 58.64 -40.31 38.35
C VAL B 574 59.17 -39.46 39.48
N LEU B 575 59.80 -40.10 40.46
CA LEU B 575 60.35 -39.42 41.61
C LEU B 575 61.45 -38.45 41.20
N HIS B 576 62.25 -38.82 40.21
CA HIS B 576 63.31 -37.93 39.76
C HIS B 576 62.73 -36.69 39.11
N CYS B 577 61.77 -36.88 38.21
CA CYS B 577 61.18 -35.74 37.51
C CYS B 577 60.36 -34.86 38.45
N VAL B 578 59.83 -35.43 39.53
CA VAL B 578 59.19 -34.60 40.53
C VAL B 578 60.23 -33.79 41.29
N LEU B 579 61.27 -34.46 41.78
CA LEU B 579 62.24 -33.79 42.64
C LEU B 579 63.13 -32.81 41.90
N VAL B 580 63.09 -32.77 40.57
CA VAL B 580 63.81 -31.70 39.88
C VAL B 580 63.13 -30.36 40.10
N GLU B 581 61.82 -30.29 39.85
CA GLU B 581 61.19 -29.00 39.62
C GLU B 581 60.41 -28.45 40.79
N SER B 582 60.56 -29.01 41.99
CA SER B 582 59.90 -28.34 43.11
C SER B 582 60.72 -28.48 44.38
N PRO B 583 61.26 -27.38 44.91
CA PRO B 583 61.95 -27.43 46.20
C PRO B 583 60.99 -27.57 47.37
N GLU B 584 59.68 -27.44 47.13
CA GLU B 584 58.72 -27.79 48.15
C GLU B 584 58.80 -29.27 48.50
N ALA B 585 59.05 -30.11 47.50
CA ALA B 585 59.15 -31.54 47.74
C ALA B 585 60.44 -31.89 48.46
N LEU B 586 61.51 -31.15 48.19
CA LEU B 586 62.81 -31.45 48.78
C LEU B 586 62.80 -31.18 50.27
N ASN B 587 62.02 -30.21 50.71
CA ASN B 587 61.92 -29.94 52.13
C ASN B 587 61.09 -30.97 52.86
N ILE B 588 60.31 -31.75 52.12
CA ILE B 588 59.45 -32.75 52.74
C ILE B 588 60.26 -33.99 53.12
N ILE B 589 61.16 -34.43 52.25
CA ILE B 589 61.71 -35.77 52.35
C ILE B 589 62.69 -35.87 53.52
N LYS B 590 62.83 -37.07 54.05
CA LYS B 590 63.42 -37.28 55.37
C LYS B 590 64.38 -38.45 55.32
N GLU B 591 64.80 -38.88 56.51
CA GLU B 591 66.00 -39.69 56.66
C GLU B 591 65.79 -41.11 56.15
N GLY B 592 64.78 -41.80 56.67
CA GLY B 592 64.52 -43.18 56.30
C GLY B 592 64.19 -43.37 54.84
N HIS B 593 63.64 -42.34 54.19
CA HIS B 593 63.46 -42.35 52.75
C HIS B 593 64.81 -42.48 52.04
N ILE B 594 65.77 -41.68 52.48
CA ILE B 594 67.09 -41.68 51.86
C ILE B 594 67.80 -42.98 52.14
N LYS B 595 67.64 -43.49 53.36
CA LYS B 595 68.20 -44.78 53.71
C LYS B 595 67.59 -45.89 52.87
N SER B 596 66.30 -45.76 52.54
CA SER B 596 65.64 -46.73 51.67
C SER B 596 66.15 -46.63 50.25
N ILE B 597 66.46 -45.43 49.79
CA ILE B 597 66.99 -45.26 48.44
C ILE B 597 68.39 -45.87 48.33
N ILE B 598 69.22 -45.63 49.34
CA ILE B 598 70.53 -46.26 49.40
C ILE B 598 70.40 -47.77 49.52
N SER B 599 69.35 -48.22 50.20
CA SER B 599 69.07 -49.65 50.29
C SER B 599 68.70 -50.24 48.94
N LEU B 600 67.93 -49.50 48.15
CA LEU B 600 67.55 -49.99 46.84
C LEU B 600 68.75 -50.05 45.91
N LEU B 601 69.67 -49.11 46.08
CA LEU B 601 70.97 -49.20 45.43
C LEU B 601 71.72 -50.43 45.90
N ASP B 602 71.59 -50.76 47.18
CA ASP B 602 72.23 -51.94 47.75
C ASP B 602 71.54 -53.23 47.36
N LYS B 603 70.39 -53.16 46.69
CA LYS B 603 69.78 -54.36 46.15
C LYS B 603 70.01 -54.51 44.66
N HIS B 604 69.79 -53.45 43.89
CA HIS B 604 69.75 -53.57 42.44
C HIS B 604 71.05 -53.14 41.77
N GLY B 605 72.16 -53.69 42.22
CA GLY B 605 73.41 -53.48 41.49
C GLY B 605 73.93 -52.06 41.61
N ARG B 606 74.24 -51.47 40.46
CA ARG B 606 74.81 -50.13 40.36
C ARG B 606 74.00 -49.35 39.34
N ASN B 607 72.99 -48.63 39.78
CA ASN B 607 72.18 -47.82 38.88
C ASN B 607 72.66 -46.38 38.88
N HIS B 608 73.00 -45.90 37.70
CA HIS B 608 73.37 -44.50 37.54
C HIS B 608 72.19 -43.57 37.78
N LYS B 609 70.96 -44.08 37.60
CA LYS B 609 69.77 -43.28 37.83
C LYS B 609 69.65 -42.89 39.29
N VAL B 610 70.01 -43.80 40.19
CA VAL B 610 69.95 -43.57 41.63
C VAL B 610 70.85 -42.43 42.02
N LEU B 611 72.03 -42.37 41.41
CA LEU B 611 72.97 -41.30 41.70
C LEU B 611 72.47 -39.96 41.17
N ASP B 612 71.74 -39.99 40.07
CA ASP B 612 71.08 -38.77 39.61
C ASP B 612 70.02 -38.32 40.59
N VAL B 613 69.33 -39.27 41.21
CA VAL B 613 68.32 -38.93 42.20
C VAL B 613 68.96 -38.29 43.42
N LEU B 614 70.07 -38.86 43.87
CA LEU B 614 70.74 -38.31 45.05
C LEU B 614 71.36 -36.96 44.76
N CYS B 615 71.86 -36.77 43.54
CA CYS B 615 72.37 -35.47 43.13
C CYS B 615 71.28 -34.43 43.07
N SER B 616 70.10 -34.83 42.59
CA SER B 616 68.97 -33.90 42.53
C SER B 616 68.50 -33.54 43.92
N LEU B 617 68.48 -34.52 44.82
CA LEU B 617 68.09 -34.27 46.19
C LEU B 617 69.13 -33.43 46.93
N CYS B 618 70.37 -33.43 46.46
CA CYS B 618 71.40 -32.66 47.11
C CYS B 618 71.21 -31.15 46.88
N VAL B 619 70.89 -30.75 45.66
CA VAL B 619 70.96 -29.35 45.26
C VAL B 619 69.62 -28.95 44.67
N CYS B 620 69.11 -27.80 45.12
CA CYS B 620 67.87 -27.23 44.59
C CYS B 620 68.10 -26.54 43.26
N HIS B 621 67.15 -25.70 42.87
CA HIS B 621 67.27 -24.94 41.62
C HIS B 621 68.50 -24.05 41.62
N GLY B 622 68.82 -23.45 42.75
CA GLY B 622 70.08 -22.74 42.83
C GLY B 622 70.84 -22.97 44.11
N VAL B 623 70.18 -23.55 45.12
CA VAL B 623 70.74 -23.60 46.45
C VAL B 623 70.86 -25.04 46.89
N ALA B 624 71.42 -25.22 48.08
CA ALA B 624 71.64 -26.54 48.63
C ALA B 624 71.02 -26.65 50.02
N VAL B 625 70.85 -27.90 50.44
CA VAL B 625 70.34 -28.24 51.76
C VAL B 625 71.42 -29.00 52.50
N ARG B 626 71.79 -28.52 53.68
CA ARG B 626 72.96 -29.06 54.33
C ARG B 626 72.68 -30.42 54.96
N SER B 627 71.53 -30.55 55.62
CA SER B 627 71.23 -31.72 56.43
C SER B 627 71.15 -32.97 55.58
N ASN B 628 70.62 -32.85 54.38
CA ASN B 628 70.56 -33.99 53.48
C ASN B 628 71.94 -34.41 53.03
N GLN B 629 72.86 -33.45 52.90
CA GLN B 629 74.21 -33.81 52.50
C GLN B 629 74.95 -34.50 53.63
N HIS B 630 74.77 -34.04 54.86
CA HIS B 630 75.38 -34.73 55.99
C HIS B 630 74.81 -36.13 56.12
N LEU B 631 73.51 -36.27 55.84
CA LEU B 631 72.85 -37.57 55.92
C LEU B 631 73.37 -38.53 54.85
N ILE B 632 73.65 -38.00 53.66
CA ILE B 632 74.26 -38.80 52.59
C ILE B 632 75.65 -39.26 53.01
N CYS B 633 76.51 -38.32 53.37
CA CYS B 633 77.89 -38.72 53.56
C CYS B 633 78.15 -39.34 54.92
N ASP B 634 77.13 -39.52 55.73
CA ASP B 634 77.28 -40.50 56.80
C ASP B 634 76.61 -41.82 56.48
N ASN B 635 75.54 -41.82 55.71
CA ASN B 635 74.77 -43.04 55.56
C ASN B 635 75.15 -43.88 54.35
N LEU B 636 75.92 -43.32 53.42
CA LEU B 636 76.33 -44.09 52.25
C LEU B 636 77.83 -44.26 52.16
N LEU B 637 78.55 -43.16 52.17
CA LEU B 637 79.98 -43.15 51.88
C LEU B 637 80.92 -43.86 52.86
N PRO B 638 80.75 -43.79 54.20
CA PRO B 638 81.74 -44.47 55.06
C PRO B 638 81.74 -46.00 54.97
N GLY B 639 80.68 -46.61 54.42
CA GLY B 639 80.71 -48.04 54.22
C GLY B 639 81.73 -48.49 53.19
N ARG B 640 81.93 -47.67 52.14
CA ARG B 640 82.93 -47.86 51.09
C ARG B 640 82.74 -49.18 50.35
N ASP B 641 81.50 -49.53 50.08
CA ASP B 641 81.21 -50.84 49.51
C ASP B 641 80.41 -50.77 48.23
N LEU B 642 79.50 -49.80 48.12
CA LEU B 642 78.60 -49.80 46.98
C LEU B 642 79.22 -49.10 45.79
N LEU B 643 79.97 -48.05 46.05
CA LEU B 643 80.68 -47.34 45.00
C LEU B 643 82.04 -47.97 44.76
N LEU B 644 82.89 -47.27 44.02
CA LEU B 644 84.18 -47.80 43.61
C LEU B 644 85.29 -47.02 44.29
N GLN B 645 86.05 -47.71 45.11
CA GLN B 645 87.10 -47.08 45.89
C GLN B 645 88.43 -47.27 45.17
N THR B 646 89.25 -46.23 45.19
CA THR B 646 90.40 -46.14 44.30
C THR B 646 91.59 -45.53 45.04
N ARG B 647 92.79 -45.76 44.48
CA ARG B 647 94.05 -45.24 44.99
C ARG B 647 95.12 -45.41 43.91
N LEU B 648 96.38 -45.20 44.27
CA LEU B 648 97.48 -45.38 43.33
C LEU B 648 98.51 -46.35 43.87
N VAL B 649 99.10 -47.12 42.95
CA VAL B 649 100.05 -48.18 43.26
C VAL B 649 101.21 -48.03 42.28
N ASN B 650 102.43 -48.27 42.74
CA ASN B 650 103.60 -48.30 41.86
C ASN B 650 103.57 -49.55 40.98
N HIS B 651 104.21 -49.47 39.82
CA HIS B 651 104.29 -50.61 38.90
C HIS B 651 105.12 -51.74 39.49
N VAL B 652 104.47 -52.88 39.73
CA VAL B 652 105.13 -54.07 40.23
C VAL B 652 105.79 -54.80 39.09
N SER B 653 107.04 -55.23 39.28
CA SER B 653 107.78 -55.97 38.26
C SER B 653 108.69 -56.98 38.93
N SER B 654 109.04 -58.02 38.17
CA SER B 654 109.90 -59.10 38.65
C SER B 654 110.79 -59.58 37.52
N MET B 655 111.88 -60.23 37.90
CA MET B 655 112.88 -60.69 36.93
C MET B 655 113.41 -62.06 37.34
N ARG B 656 113.48 -62.97 36.36
CA ARG B 656 113.91 -64.34 36.61
C ARG B 656 115.16 -64.69 35.80
N PRO B 657 116.13 -65.40 36.41
CA PRO B 657 117.43 -65.61 35.76
C PRO B 657 117.56 -66.86 34.91
N ASN B 658 116.65 -67.02 33.94
CA ASN B 658 116.79 -67.87 32.75
C ASN B 658 116.89 -69.37 33.03
N ILE B 659 116.72 -69.81 34.28
CA ILE B 659 117.01 -71.19 34.64
C ILE B 659 115.72 -71.87 35.05
N PHE B 660 115.35 -72.92 34.32
CA PHE B 660 114.28 -73.81 34.75
C PHE B 660 114.84 -74.84 35.71
N LEU B 661 114.03 -75.20 36.72
CA LEU B 661 114.44 -76.20 37.70
C LEU B 661 113.27 -77.13 37.98
N GLY B 662 113.42 -78.41 37.65
CA GLY B 662 112.40 -79.40 37.90
C GLY B 662 112.26 -79.78 39.36
N LYS B 671 118.59 -82.86 42.12
CA LYS B 671 119.19 -82.61 43.42
C LYS B 671 118.68 -81.30 44.03
N LYS B 672 119.37 -80.84 45.07
CA LYS B 672 119.02 -79.61 45.75
C LYS B 672 119.27 -78.41 44.85
N TRP B 673 118.73 -77.26 45.23
CA TRP B 673 119.02 -76.03 44.51
C TRP B 673 119.15 -74.90 45.53
N TYR B 674 119.96 -73.90 45.17
CA TYR B 674 120.34 -72.89 46.16
C TYR B 674 120.95 -71.69 45.45
N TYR B 675 120.54 -70.49 45.87
CA TYR B 675 121.19 -69.27 45.41
C TYR B 675 121.17 -68.24 46.54
N GLU B 676 121.84 -67.13 46.31
CA GLU B 676 122.03 -66.10 47.31
C GLU B 676 121.86 -64.73 46.69
N LEU B 677 121.53 -63.76 47.53
CA LEU B 677 121.24 -62.40 47.09
C LEU B 677 121.79 -61.40 48.09
N MET B 678 122.57 -60.44 47.60
CA MET B 678 123.16 -59.41 48.45
C MET B 678 122.53 -58.08 48.13
N VAL B 679 122.00 -57.42 49.15
CA VAL B 679 121.32 -56.15 48.95
C VAL B 679 122.38 -55.05 48.91
N ASP B 680 122.19 -54.09 48.01
CA ASP B 680 123.13 -53.00 47.82
C ASP B 680 122.49 -51.63 47.96
N HIS B 681 121.25 -51.48 47.50
CA HIS B 681 120.46 -50.26 47.73
C HIS B 681 119.00 -50.61 47.88
N THR B 682 118.36 -49.97 48.86
CA THR B 682 116.94 -50.14 49.09
C THR B 682 116.17 -48.88 48.73
N GLU B 683 116.49 -47.75 49.40
CA GLU B 683 116.07 -46.38 49.07
C GLU B 683 114.55 -46.28 49.02
N PRO B 684 113.87 -46.45 50.15
CA PRO B 684 112.50 -46.98 50.11
C PRO B 684 111.42 -45.97 49.74
N PHE B 685 111.67 -44.67 49.80
CA PHE B 685 110.60 -43.71 49.57
C PHE B 685 111.11 -42.50 48.80
N VAL B 686 111.06 -42.58 47.47
CA VAL B 686 110.65 -41.40 46.71
C VAL B 686 109.45 -41.90 45.95
N THR B 687 108.31 -41.95 46.64
CA THR B 687 106.97 -42.41 46.29
C THR B 687 106.20 -42.23 47.59
N ALA B 688 104.89 -42.08 47.50
CA ALA B 688 104.05 -42.13 48.69
C ALA B 688 103.44 -43.52 48.83
N GLU B 689 104.33 -44.50 49.04
CA GLU B 689 103.96 -45.90 48.98
C GLU B 689 105.07 -46.75 49.58
N ALA B 690 104.69 -47.66 50.48
CA ALA B 690 105.62 -48.64 51.02
C ALA B 690 105.99 -49.62 49.92
N THR B 691 107.22 -49.52 49.42
CA THR B 691 107.64 -50.33 48.29
C THR B 691 107.89 -51.77 48.70
N HIS B 692 107.79 -52.68 47.73
CA HIS B 692 107.78 -54.10 48.03
C HIS B 692 109.11 -54.74 47.65
N LEU B 693 109.47 -55.80 48.39
CA LEU B 693 110.70 -56.55 48.19
C LEU B 693 110.37 -58.03 48.31
N ARG B 694 110.01 -58.66 47.20
CA ARG B 694 109.56 -60.04 47.20
C ARG B 694 110.65 -60.95 46.64
N VAL B 695 111.09 -61.90 47.46
CA VAL B 695 112.13 -62.85 47.11
C VAL B 695 111.57 -64.26 47.27
N GLY B 696 111.61 -65.06 46.21
CA GLY B 696 111.13 -66.42 46.36
C GLY B 696 111.10 -67.33 45.16
N TRP B 697 110.12 -68.24 45.16
CA TRP B 697 110.01 -69.33 44.21
C TRP B 697 108.60 -69.40 43.64
N ALA B 698 108.50 -69.72 42.36
CA ALA B 698 107.21 -69.85 41.69
C ALA B 698 107.27 -70.97 40.66
N SER B 699 106.09 -71.37 40.19
CA SER B 699 105.96 -72.49 39.26
C SER B 699 105.91 -71.98 37.83
N THR B 700 106.27 -72.86 36.90
CA THR B 700 106.33 -72.53 35.48
C THR B 700 104.98 -72.70 34.79
N GLU B 701 104.36 -73.85 34.97
CA GLU B 701 103.09 -74.12 34.30
C GLU B 701 101.97 -73.35 34.98
N GLY B 702 101.00 -72.90 34.19
CA GLY B 702 100.11 -71.83 34.62
C GLY B 702 100.86 -70.54 34.47
N TYR B 703 100.83 -69.68 35.51
CA TYR B 703 101.82 -68.62 35.72
C TYR B 703 101.84 -67.60 34.57
N SER B 704 100.79 -66.76 34.56
CA SER B 704 100.75 -65.59 33.70
C SER B 704 100.89 -64.32 34.55
N PRO B 705 102.12 -63.86 34.82
CA PRO B 705 102.33 -62.67 35.68
C PRO B 705 102.40 -61.35 34.92
N TYR B 706 101.27 -60.89 34.42
CA TYR B 706 101.31 -59.63 33.70
C TYR B 706 101.38 -58.49 34.71
N PRO B 707 102.04 -57.36 34.35
CA PRO B 707 102.28 -56.30 35.35
C PRO B 707 101.00 -55.65 35.79
N GLY B 708 100.57 -55.96 37.00
CA GLY B 708 99.21 -55.67 37.41
C GLY B 708 98.22 -56.74 36.97
N GLY B 709 98.52 -57.44 35.88
CA GLY B 709 97.62 -58.43 35.32
C GLY B 709 97.98 -59.85 35.66
N GLY B 710 98.44 -60.04 36.90
CA GLY B 710 98.60 -61.37 37.45
C GLY B 710 97.42 -61.68 38.34
N GLU B 711 97.60 -61.52 39.64
CA GLU B 711 96.49 -61.60 40.60
C GLU B 711 95.89 -60.20 40.74
N GLU B 712 95.09 -59.97 41.78
CA GLU B 712 94.58 -58.63 42.06
C GLU B 712 95.73 -57.68 42.38
N TRP B 713 95.68 -56.48 41.78
CA TRP B 713 96.54 -55.32 42.05
C TRP B 713 97.98 -55.48 41.60
N GLY B 714 98.37 -56.67 41.14
CA GLY B 714 99.76 -56.92 40.80
C GLY B 714 100.62 -57.18 42.03
N GLY B 715 101.42 -58.23 41.99
CA GLY B 715 102.27 -58.51 43.13
C GLY B 715 102.97 -59.84 43.02
N ASN B 716 103.39 -60.34 44.17
CA ASN B 716 104.18 -61.56 44.28
C ASN B 716 103.95 -62.13 45.66
N GLY B 717 103.84 -63.46 45.73
CA GLY B 717 103.21 -64.06 46.88
C GLY B 717 101.72 -63.88 46.87
N VAL B 718 101.13 -63.64 45.70
CA VAL B 718 99.70 -63.42 45.59
C VAL B 718 98.99 -64.54 44.85
N GLY B 719 99.72 -65.43 44.16
CA GLY B 719 99.14 -66.60 43.56
C GLY B 719 99.68 -67.86 44.21
N ASP B 720 98.96 -68.96 43.99
CA ASP B 720 99.42 -70.25 44.48
C ASP B 720 100.60 -70.80 43.68
N ASP B 721 100.86 -70.24 42.49
CA ASP B 721 102.18 -70.37 41.91
C ASP B 721 103.23 -69.72 42.79
N LEU B 722 102.93 -68.55 43.35
CA LEU B 722 103.91 -67.64 43.91
C LEU B 722 104.18 -67.96 45.37
N PHE B 723 105.46 -67.99 45.74
CA PHE B 723 105.86 -68.15 47.15
C PHE B 723 107.06 -67.23 47.36
N SER B 724 106.82 -66.07 47.96
CA SER B 724 107.81 -65.01 48.01
C SER B 724 107.97 -64.51 49.44
N TYR B 725 108.95 -63.64 49.64
CA TYR B 725 109.37 -63.29 50.99
C TYR B 725 110.19 -62.01 50.96
N GLY B 726 110.24 -61.34 52.11
CA GLY B 726 111.02 -60.13 52.28
C GLY B 726 110.18 -58.97 52.73
N PHE B 727 110.51 -58.39 53.89
CA PHE B 727 109.76 -57.29 54.45
C PHE B 727 110.64 -56.57 55.47
N ASP B 728 110.24 -55.37 55.83
CA ASP B 728 110.91 -54.68 56.92
C ASP B 728 110.38 -55.36 58.18
N GLY B 729 111.08 -56.37 58.68
CA GLY B 729 110.36 -57.40 59.42
C GLY B 729 109.86 -58.50 58.51
N LEU B 730 110.78 -59.35 58.08
CA LEU B 730 110.89 -59.99 56.77
C LEU B 730 109.74 -60.85 56.22
N HIS B 731 108.61 -60.96 56.94
CA HIS B 731 107.63 -62.03 56.77
C HIS B 731 106.98 -62.02 55.39
N LEU B 732 106.25 -63.10 55.09
CA LEU B 732 106.01 -63.58 53.72
C LEU B 732 104.70 -63.06 53.12
N TRP B 733 104.46 -63.52 51.89
CA TRP B 733 103.15 -63.59 51.26
C TRP B 733 103.11 -64.87 50.44
N SER B 734 101.95 -65.54 50.44
CA SER B 734 101.74 -66.70 49.57
C SER B 734 100.24 -66.79 49.29
N GLY B 735 99.81 -66.26 48.15
CA GLY B 735 98.40 -66.13 47.88
C GLY B 735 97.77 -64.90 48.47
N CYS B 736 98.57 -63.83 48.60
CA CYS B 736 98.22 -62.57 49.28
C CYS B 736 97.83 -62.87 50.73
N ILE B 737 98.52 -63.82 51.33
CA ILE B 737 98.38 -64.15 52.72
C ILE B 737 99.50 -63.41 53.45
N ALA B 738 99.17 -62.33 54.12
CA ALA B 738 100.13 -61.55 54.88
C ALA B 738 100.08 -62.03 56.33
N ARG B 739 101.09 -62.81 56.72
CA ARG B 739 101.24 -63.29 58.09
C ARG B 739 102.62 -62.93 58.58
N THR B 740 102.69 -62.58 59.86
CA THR B 740 103.80 -61.79 60.39
C THR B 740 104.66 -62.58 61.35
N VAL B 741 105.02 -63.81 60.96
CA VAL B 741 105.90 -64.63 61.79
C VAL B 741 107.27 -63.99 61.88
N SER B 742 107.79 -63.90 63.10
CA SER B 742 108.93 -63.06 63.42
C SER B 742 110.24 -63.75 63.04
N SER B 743 111.34 -63.09 63.39
CA SER B 743 112.69 -63.59 63.21
C SER B 743 113.41 -63.38 64.53
N PRO B 744 114.59 -63.97 64.70
CA PRO B 744 115.45 -63.50 65.80
C PRO B 744 116.30 -62.29 65.41
N ASN B 745 115.75 -61.38 64.61
CA ASN B 745 116.39 -60.12 64.29
C ASN B 745 115.47 -58.91 64.36
N GLN B 746 114.19 -59.05 63.99
CA GLN B 746 113.27 -57.96 63.69
C GLN B 746 113.89 -56.93 62.75
N HIS B 747 114.50 -57.44 61.69
CA HIS B 747 115.38 -56.64 60.85
C HIS B 747 114.61 -56.08 59.66
N LEU B 748 115.20 -55.04 59.06
CA LEU B 748 114.72 -54.36 57.89
C LEU B 748 115.05 -55.19 56.64
N LEU B 749 114.94 -54.57 55.48
CA LEU B 749 115.88 -54.84 54.41
C LEU B 749 116.72 -53.57 54.31
N ARG B 750 117.94 -53.66 54.81
CA ARG B 750 118.89 -52.57 54.64
C ARG B 750 119.80 -52.91 53.47
N THR B 751 120.66 -51.96 53.13
CA THR B 751 121.40 -52.00 51.87
C THR B 751 122.64 -52.88 51.93
N ASP B 752 122.73 -53.82 52.87
CA ASP B 752 123.93 -54.64 53.10
C ASP B 752 123.55 -56.08 53.36
N ASP B 753 122.31 -56.46 53.07
CA ASP B 753 121.75 -57.68 53.64
C ASP B 753 121.97 -58.87 52.70
N VAL B 754 122.14 -60.04 53.30
CA VAL B 754 122.48 -61.26 52.58
C VAL B 754 121.37 -62.27 52.80
N ILE B 755 120.84 -62.81 51.70
CA ILE B 755 119.56 -63.51 51.68
C ILE B 755 119.77 -64.92 51.14
N SER B 756 119.47 -65.92 51.96
CA SER B 756 119.56 -67.31 51.54
C SER B 756 118.26 -67.76 50.90
N CYS B 757 118.37 -68.64 49.90
CA CYS B 757 117.23 -69.25 49.25
C CYS B 757 117.58 -70.70 48.92
N CYS B 758 116.98 -71.63 49.64
CA CYS B 758 117.33 -73.03 49.54
C CYS B 758 116.11 -73.88 49.22
N LEU B 759 116.34 -74.94 48.45
CA LEU B 759 115.30 -75.88 48.05
C LEU B 759 115.94 -77.20 47.61
N ASP B 760 115.43 -78.30 48.15
CA ASP B 760 115.96 -79.61 47.84
C ASP B 760 115.04 -80.32 46.86
N LEU B 761 115.58 -81.31 46.16
CA LEU B 761 114.76 -82.17 45.30
C LEU B 761 113.82 -83.01 46.15
N SER B 762 112.52 -82.87 45.90
CA SER B 762 111.43 -83.62 46.51
C SER B 762 111.35 -83.46 48.02
N ALA B 763 111.96 -82.41 48.57
CA ALA B 763 111.72 -82.03 49.95
C ALA B 763 110.85 -80.79 49.92
N PRO B 764 109.55 -80.92 50.23
CA PRO B 764 108.64 -79.77 50.13
C PRO B 764 108.91 -78.72 51.21
N SER B 765 110.01 -77.98 51.06
CA SER B 765 110.43 -77.01 52.06
C SER B 765 111.30 -75.97 51.40
N ILE B 766 110.95 -74.71 51.59
CA ILE B 766 111.71 -73.60 51.02
C ILE B 766 112.37 -72.84 52.16
N SER B 767 113.69 -72.80 52.14
CA SER B 767 114.48 -72.38 53.29
C SER B 767 115.11 -71.04 53.01
N PHE B 768 114.75 -70.04 53.83
CA PHE B 768 115.22 -68.67 53.68
C PHE B 768 115.96 -68.26 54.95
N ARG B 769 117.27 -68.08 54.84
CA ARG B 769 118.08 -67.60 55.94
C ARG B 769 118.60 -66.20 55.61
N ILE B 770 119.03 -65.49 56.64
CA ILE B 770 119.63 -64.17 56.49
C ILE B 770 120.98 -64.18 57.20
N ASN B 771 122.04 -63.89 56.44
CA ASN B 771 123.43 -63.79 56.92
C ASN B 771 123.90 -65.11 57.52
N GLY B 772 123.28 -66.22 57.12
CA GLY B 772 123.44 -67.49 57.77
C GLY B 772 122.40 -67.81 58.82
N GLN B 773 121.78 -66.79 59.41
CA GLN B 773 120.85 -67.03 60.52
C GLN B 773 119.53 -67.55 59.98
N PRO B 774 118.99 -68.63 60.53
CA PRO B 774 117.64 -69.07 60.16
C PRO B 774 116.60 -68.06 60.57
N VAL B 775 115.63 -67.84 59.69
CA VAL B 775 114.65 -66.78 59.84
C VAL B 775 113.32 -67.51 60.06
N GLN B 776 113.42 -68.65 60.74
CA GLN B 776 112.29 -69.46 61.19
C GLN B 776 111.44 -69.92 60.01
N GLY B 777 112.04 -70.80 59.19
CA GLY B 777 111.46 -71.34 57.97
C GLY B 777 110.05 -71.86 58.10
N MET B 778 109.25 -71.68 57.05
CA MET B 778 107.81 -71.79 57.19
C MET B 778 107.16 -72.63 56.09
N PHE B 779 107.83 -72.70 54.96
CA PHE B 779 107.23 -73.18 53.73
C PHE B 779 107.21 -74.70 53.71
N GLU B 780 106.02 -75.28 53.53
CA GLU B 780 105.85 -76.73 53.53
C GLU B 780 104.76 -77.16 52.56
N ASN B 781 104.93 -78.38 52.03
CA ASN B 781 103.87 -79.23 51.48
C ASN B 781 103.15 -78.58 50.30
N PHE B 782 103.90 -78.42 49.22
CA PHE B 782 103.39 -77.72 48.06
C PHE B 782 103.00 -78.70 46.97
N ASN B 783 102.44 -78.17 45.90
CA ASN B 783 102.02 -78.98 44.76
C ASN B 783 103.17 -79.03 43.78
N ILE B 784 103.93 -80.14 43.80
CA ILE B 784 105.03 -80.31 42.86
C ILE B 784 104.41 -80.65 41.52
N ASP B 785 104.26 -79.64 40.68
CA ASP B 785 103.61 -79.83 39.39
C ASP B 785 104.13 -78.72 38.48
N GLY B 786 104.99 -79.09 37.54
CA GLY B 786 105.72 -78.10 36.77
C GLY B 786 106.99 -77.66 37.48
N LEU B 787 107.83 -76.96 36.74
CA LEU B 787 109.18 -76.66 37.19
C LEU B 787 109.16 -75.43 38.10
N PHE B 788 110.32 -75.05 38.61
CA PHE B 788 110.42 -73.91 39.52
C PHE B 788 111.65 -73.09 39.17
N PHE B 789 111.76 -71.92 39.79
CA PHE B 789 112.72 -70.90 39.38
C PHE B 789 112.76 -69.79 40.42
N PRO B 790 113.88 -69.08 40.53
CA PRO B 790 113.90 -67.80 41.23
C PRO B 790 113.20 -66.70 40.43
N VAL B 791 112.61 -65.76 41.18
CA VAL B 791 111.51 -64.94 40.67
C VAL B 791 111.80 -63.44 40.82
N VAL B 792 112.68 -63.10 41.76
CA VAL B 792 112.58 -61.98 42.71
C VAL B 792 111.96 -60.68 42.18
N SER B 793 110.97 -60.17 42.92
CA SER B 793 110.22 -58.97 42.59
C SER B 793 110.75 -57.76 43.34
N PHE B 794 110.44 -56.58 42.80
CA PHE B 794 110.99 -55.32 43.27
C PHE B 794 110.24 -54.19 42.59
N SER B 795 109.96 -53.10 43.33
CA SER B 795 109.57 -51.84 42.69
C SER B 795 109.94 -50.67 43.60
N ALA B 796 111.16 -50.13 43.42
CA ALA B 796 111.64 -48.89 44.05
C ALA B 796 112.98 -48.47 43.46
N GLY B 797 113.67 -47.57 44.15
CA GLY B 797 115.07 -47.29 43.90
C GLY B 797 115.98 -48.40 44.36
N ILE B 798 115.96 -49.52 43.64
CA ILE B 798 116.53 -50.78 44.11
C ILE B 798 117.69 -51.18 43.20
N LYS B 799 118.82 -51.48 43.82
CA LYS B 799 119.85 -52.27 43.13
C LYS B 799 120.47 -53.24 44.11
N VAL B 800 120.54 -54.51 43.71
CA VAL B 800 121.06 -55.61 44.51
C VAL B 800 121.92 -56.49 43.60
N ARG B 801 122.43 -57.60 44.15
CA ARG B 801 123.20 -58.58 43.40
C ARG B 801 122.51 -59.93 43.44
N PHE B 802 122.54 -60.65 42.32
CA PHE B 802 122.50 -62.10 42.36
C PHE B 802 123.83 -62.63 42.90
N LEU B 803 123.83 -63.90 43.30
CA LEU B 803 125.05 -64.63 43.59
C LEU B 803 124.96 -65.99 42.91
N LEU B 804 125.45 -66.05 41.67
CA LEU B 804 125.53 -67.30 40.93
C LEU B 804 126.93 -67.55 40.40
N GLY B 805 127.61 -66.50 39.95
CA GLY B 805 128.93 -66.68 39.37
C GLY B 805 128.91 -67.20 37.95
N GLU B 810 131.71 -65.73 41.02
CA GLU B 810 131.26 -64.49 41.62
C GLU B 810 130.31 -64.72 42.79
N PHE B 811 130.38 -65.90 43.41
CA PHE B 811 129.74 -66.08 44.70
C PHE B 811 130.42 -65.21 45.75
N LYS B 812 129.67 -64.83 46.78
CA LYS B 812 130.21 -64.02 47.86
C LYS B 812 130.20 -64.75 49.19
N PHE B 813 129.03 -65.21 49.64
CA PHE B 813 128.89 -65.81 50.95
C PHE B 813 127.66 -66.68 50.98
N LEU B 814 127.85 -67.94 51.36
CA LEU B 814 126.76 -68.91 51.27
C LEU B 814 127.04 -70.15 52.11
N PRO B 815 126.13 -70.51 53.02
CA PRO B 815 126.06 -71.89 53.51
C PRO B 815 125.55 -72.80 52.42
N PRO B 816 125.70 -74.12 52.54
CA PRO B 816 125.29 -75.00 51.44
C PRO B 816 123.91 -75.62 51.61
N PRO B 817 123.11 -75.19 52.61
CA PRO B 817 122.42 -76.14 53.51
C PRO B 817 121.69 -77.27 52.80
N GLY B 818 121.90 -78.48 53.32
CA GLY B 818 121.87 -79.61 52.42
C GLY B 818 123.09 -79.48 51.52
N TYR B 819 122.97 -79.93 50.27
CA TYR B 819 123.96 -79.58 49.26
C TYR B 819 123.39 -79.76 47.87
N ALA B 820 123.11 -78.62 47.18
CA ALA B 820 123.47 -78.32 45.80
C ALA B 820 123.06 -76.88 45.50
N PRO B 821 123.86 -76.11 44.79
CA PRO B 821 123.47 -74.75 44.43
C PRO B 821 122.72 -74.73 43.11
N CYS B 822 122.04 -73.60 42.85
CA CYS B 822 121.31 -73.44 41.61
C CYS B 822 122.22 -73.32 40.41
N TYR B 823 123.44 -72.79 40.60
CA TYR B 823 124.39 -72.50 39.53
C TYR B 823 124.86 -73.75 38.79
N GLU B 824 124.70 -74.93 39.38
CA GLU B 824 125.03 -76.18 38.73
C GLU B 824 123.92 -76.70 37.81
N ALA B 825 122.95 -75.87 37.42
CA ALA B 825 121.92 -76.27 36.48
C ALA B 825 122.27 -75.90 35.05
N VAL B 826 123.47 -75.33 34.84
CA VAL B 826 123.87 -74.75 33.56
C VAL B 826 124.88 -75.70 32.94
N LEU B 827 124.73 -77.00 33.23
CA LEU B 827 125.74 -78.01 32.88
C LEU B 827 125.90 -78.23 31.36
N PRO B 828 124.85 -78.72 30.57
CA PRO B 828 125.16 -79.22 29.22
C PRO B 828 125.58 -78.15 28.23
N LYS B 829 124.70 -77.18 28.00
CA LYS B 829 124.93 -76.17 26.97
C LYS B 829 124.50 -74.77 27.39
N GLU B 830 123.76 -74.63 28.48
CA GLU B 830 122.96 -73.44 28.77
C GLU B 830 123.85 -72.24 29.10
N LYS B 831 123.22 -71.07 29.18
CA LYS B 831 123.90 -69.82 29.47
C LYS B 831 123.40 -69.25 30.80
N LEU B 832 123.86 -68.05 31.13
CA LEU B 832 123.52 -67.42 32.40
C LEU B 832 123.02 -66.00 32.10
N LYS B 833 121.73 -65.88 31.80
CA LYS B 833 121.10 -64.58 31.60
C LYS B 833 120.03 -64.38 32.67
N VAL B 834 119.43 -63.18 32.65
CA VAL B 834 118.27 -62.88 33.48
C VAL B 834 117.22 -62.22 32.62
N GLU B 835 116.02 -62.78 32.60
CA GLU B 835 114.90 -62.18 31.88
C GLU B 835 113.89 -61.63 32.86
N HIS B 836 112.89 -60.92 32.32
CA HIS B 836 112.01 -60.11 33.15
C HIS B 836 110.63 -60.71 33.33
N SER B 837 110.55 -62.03 33.50
CA SER B 837 109.33 -62.75 33.91
C SER B 837 108.20 -62.62 32.88
N ARG B 838 108.44 -63.30 31.76
CA ARG B 838 107.49 -63.79 30.76
C ARG B 838 106.97 -62.71 29.81
N GLU B 839 107.19 -61.43 30.07
CA GLU B 839 107.46 -60.36 29.10
C GLU B 839 106.72 -60.37 27.77
N TYR B 840 105.40 -60.18 27.78
CA TYR B 840 104.69 -60.00 26.52
C TYR B 840 105.11 -58.72 25.80
N LYS B 841 105.69 -57.76 26.52
CA LYS B 841 106.36 -56.62 25.94
C LYS B 841 107.86 -56.85 25.93
N GLN B 842 108.56 -55.94 25.27
CA GLN B 842 109.94 -55.55 25.59
C GLN B 842 110.10 -54.14 25.05
N GLU B 843 110.45 -53.19 25.91
CA GLU B 843 110.14 -51.78 25.65
C GLU B 843 110.93 -51.20 24.47
N ARG B 844 110.21 -50.61 23.52
CA ARG B 844 110.78 -50.15 22.26
C ARG B 844 109.96 -49.00 21.72
N THR B 845 110.66 -48.04 21.10
CA THR B 845 110.00 -46.94 20.39
C THR B 845 109.14 -47.46 19.25
N TYR B 846 109.63 -48.46 18.51
CA TYR B 846 108.92 -48.93 17.33
C TYR B 846 107.76 -49.81 17.71
N THR B 847 108.04 -50.96 18.30
CA THR B 847 107.01 -51.92 18.69
C THR B 847 107.59 -52.84 19.74
N ARG B 848 106.97 -52.87 20.91
CA ARG B 848 107.20 -53.95 21.84
C ARG B 848 106.65 -55.21 21.18
N ASP B 849 107.56 -56.09 20.75
CA ASP B 849 107.28 -57.04 19.67
C ASP B 849 106.26 -58.11 20.07
N LEU B 850 105.87 -58.87 19.08
CA LEU B 850 104.85 -59.90 19.23
C LEU B 850 105.47 -61.21 19.65
N LEU B 851 104.67 -62.03 20.33
CA LEU B 851 105.18 -63.24 20.97
C LEU B 851 104.07 -64.28 21.06
N GLY B 852 104.19 -65.38 20.31
CA GLY B 852 103.36 -66.53 20.52
C GLY B 852 103.71 -67.14 21.86
N PRO B 853 102.69 -67.60 22.61
CA PRO B 853 102.89 -67.86 24.05
C PRO B 853 103.88 -68.94 24.48
N THR B 854 103.61 -70.23 24.24
CA THR B 854 104.36 -71.28 24.94
C THR B 854 104.33 -72.59 24.18
N VAL B 855 105.37 -73.39 24.43
CA VAL B 855 105.30 -74.84 24.45
C VAL B 855 105.93 -75.24 25.78
N SER B 856 105.11 -75.37 26.82
CA SER B 856 105.62 -75.62 28.17
C SER B 856 104.58 -76.30 29.06
N ALA B 861 113.28 -82.36 36.44
CA ALA B 861 112.97 -82.97 35.16
C ALA B 861 114.21 -83.57 34.50
N PHE B 862 115.09 -84.16 35.32
CA PHE B 862 116.32 -84.75 34.82
C PHE B 862 116.20 -86.26 34.64
N THR B 863 114.98 -86.79 34.54
CA THR B 863 114.78 -88.21 34.33
C THR B 863 114.30 -88.44 32.90
N PRO B 864 115.16 -88.86 31.97
CA PRO B 864 114.67 -89.28 30.65
C PRO B 864 114.22 -90.72 30.68
N ILE B 865 113.31 -91.07 29.78
CA ILE B 865 112.67 -92.38 29.78
C ILE B 865 113.15 -93.15 28.56
N PRO B 866 113.79 -94.30 28.73
CA PRO B 866 114.18 -95.11 27.58
C PRO B 866 113.10 -96.11 27.19
N VAL B 867 113.21 -96.59 25.95
CA VAL B 867 112.28 -97.58 25.45
C VAL B 867 112.58 -98.92 26.10
N ASP B 868 111.57 -99.80 26.14
CA ASP B 868 111.71 -101.08 26.83
C ASP B 868 112.54 -102.06 26.00
N THR B 869 113.09 -103.05 26.69
CA THR B 869 113.99 -104.04 26.10
C THR B 869 113.48 -105.47 26.23
N SER B 870 113.11 -105.89 27.43
CA SER B 870 113.12 -107.31 27.78
C SER B 870 111.81 -108.05 27.49
N GLN B 871 110.69 -107.36 27.36
CA GLN B 871 109.42 -108.03 27.11
C GLN B 871 109.12 -108.05 25.61
N ILE B 872 110.00 -108.72 24.87
CA ILE B 872 109.92 -108.82 23.41
C ILE B 872 110.14 -110.28 23.03
N VAL B 873 109.23 -110.82 22.21
CA VAL B 873 109.26 -112.22 21.81
C VAL B 873 110.31 -112.41 20.72
N LEU B 874 111.23 -113.40 20.93
CA LEU B 874 112.28 -113.72 19.98
C LEU B 874 112.13 -115.14 19.45
N PRO B 875 112.33 -115.36 18.16
CA PRO B 875 112.30 -116.72 17.60
C PRO B 875 113.57 -117.49 17.98
N PRO B 876 113.49 -118.82 18.06
CA PRO B 876 114.67 -119.60 18.46
C PRO B 876 115.73 -119.68 17.38
N HIS B 877 115.33 -119.63 16.11
CA HIS B 877 116.30 -119.44 15.02
C HIS B 877 117.03 -118.13 15.20
N LEU B 878 116.30 -117.06 15.49
CA LEU B 878 116.94 -115.80 15.83
C LEU B 878 117.66 -115.86 17.18
N GLU B 879 117.33 -116.81 18.06
CA GLU B 879 118.16 -116.98 19.25
C GLU B 879 119.52 -117.61 18.92
N ARG B 880 119.56 -118.55 17.98
CA ARG B 880 120.83 -119.15 17.60
C ARG B 880 121.67 -118.17 16.77
N ILE B 881 121.03 -117.50 15.82
CA ILE B 881 121.61 -116.33 15.15
C ILE B 881 122.04 -115.27 16.16
N ARG B 882 121.29 -115.10 17.25
CA ARG B 882 121.64 -114.11 18.26
C ARG B 882 122.88 -114.51 19.03
N GLU B 883 123.04 -115.80 19.31
CA GLU B 883 124.22 -116.25 20.03
C GLU B 883 125.45 -116.24 19.14
N LYS B 884 125.29 -116.56 17.85
CA LYS B 884 126.40 -116.46 16.91
C LYS B 884 126.78 -115.00 16.65
N LEU B 885 125.78 -114.12 16.52
CA LEU B 885 126.03 -112.70 16.36
C LEU B 885 126.59 -112.09 17.64
N ALA B 886 126.26 -112.65 18.79
CA ALA B 886 126.84 -112.19 20.05
C ALA B 886 128.28 -112.67 20.20
N GLU B 887 128.59 -113.86 19.66
CA GLU B 887 129.98 -114.27 19.54
C GLU B 887 130.76 -113.33 18.64
N ASN B 888 130.15 -112.94 17.51
CA ASN B 888 130.77 -111.97 16.61
C ASN B 888 130.91 -110.61 17.26
N ILE B 889 129.95 -110.23 18.10
CA ILE B 889 129.99 -108.93 18.78
C ILE B 889 131.07 -108.94 19.87
N HIS B 890 131.23 -110.06 20.57
CA HIS B 890 132.27 -110.12 21.60
C HIS B 890 133.66 -110.20 20.99
N GLU B 891 133.81 -110.90 19.85
CA GLU B 891 135.14 -110.87 19.22
C GLU B 891 135.43 -109.53 18.58
N LEU B 892 134.41 -108.80 18.12
CA LEU B 892 134.69 -107.44 17.66
C LEU B 892 134.94 -106.49 18.82
N TRP B 893 134.40 -106.78 20.00
CA TRP B 893 134.76 -106.01 21.19
C TRP B 893 136.20 -106.28 21.60
N VAL B 894 136.63 -107.55 21.51
CA VAL B 894 138.03 -107.90 21.75
C VAL B 894 138.94 -107.25 20.69
N MET B 895 138.50 -107.24 19.44
CA MET B 895 139.23 -106.58 18.36
C MET B 895 139.30 -105.07 18.57
N ASN B 896 138.24 -104.48 19.14
CA ASN B 896 138.23 -103.06 19.46
C ASN B 896 139.22 -102.76 20.58
N LYS B 897 139.28 -103.63 21.58
CA LYS B 897 140.24 -103.43 22.67
C LYS B 897 141.66 -103.68 22.22
N ILE B 898 141.87 -104.57 21.23
CA ILE B 898 143.18 -104.73 20.63
C ILE B 898 143.55 -103.49 19.83
N GLU B 899 142.58 -102.90 19.13
CA GLU B 899 142.81 -101.59 18.51
C GLU B 899 142.94 -100.48 19.54
N LEU B 900 142.44 -100.69 20.77
CA LEU B 900 142.73 -99.80 21.87
C LEU B 900 144.10 -100.06 22.50
N GLY B 901 144.80 -101.09 22.06
CA GLY B 901 146.11 -101.38 22.60
C GLY B 901 146.06 -102.00 23.98
N TRP B 902 145.13 -102.93 24.18
CA TRP B 902 145.08 -103.74 25.39
C TRP B 902 145.92 -104.99 25.18
N GLN B 903 146.54 -105.44 26.27
CA GLN B 903 147.34 -106.65 26.27
C GLN B 903 146.71 -107.61 27.27
N TYR B 904 146.64 -108.89 26.92
CA TYR B 904 145.86 -109.82 27.74
C TYR B 904 146.59 -110.16 29.03
N GLY B 905 145.82 -110.17 30.12
CA GLY B 905 146.30 -110.61 31.40
C GLY B 905 145.17 -111.16 32.22
N PRO B 906 145.43 -111.48 33.48
CA PRO B 906 144.35 -111.92 34.37
C PRO B 906 143.68 -110.76 35.10
N VAL B 907 144.38 -109.63 35.20
CA VAL B 907 143.95 -108.53 36.06
C VAL B 907 143.11 -107.56 35.24
N ARG B 908 142.09 -106.98 35.88
CA ARG B 908 141.21 -106.01 35.26
C ARG B 908 141.73 -104.61 35.58
N ASP B 909 142.84 -104.26 34.94
CA ASP B 909 143.45 -102.94 35.09
C ASP B 909 142.84 -101.98 34.07
N ASP B 910 143.20 -100.71 34.22
CA ASP B 910 142.79 -99.67 33.28
C ASP B 910 143.95 -98.92 32.65
N ASN B 911 145.06 -98.76 33.36
CA ASN B 911 146.24 -98.08 32.83
C ASN B 911 147.41 -99.01 32.57
N LYS B 912 147.41 -100.20 33.17
CA LYS B 912 148.48 -101.16 32.99
C LYS B 912 148.32 -101.99 31.71
N ARG B 913 147.27 -101.71 30.93
CA ARG B 913 146.94 -102.40 29.68
C ARG B 913 146.80 -103.90 29.89
N GLN B 914 146.03 -104.26 30.92
CA GLN B 914 145.66 -105.65 31.18
C GLN B 914 144.15 -105.77 31.31
N HIS B 915 143.56 -106.66 30.54
CA HIS B 915 142.14 -106.93 30.58
C HIS B 915 141.90 -108.44 30.55
N PRO B 916 141.02 -108.95 31.41
CA PRO B 916 140.90 -110.40 31.58
C PRO B 916 139.95 -111.10 30.62
N CYS B 917 139.21 -110.37 29.78
CA CYS B 917 138.19 -110.99 28.94
C CYS B 917 138.45 -110.66 27.47
N LEU B 918 139.70 -110.82 27.07
CA LEU B 918 140.07 -110.80 25.65
C LEU B 918 140.04 -112.20 25.05
N VAL B 919 139.71 -113.21 25.84
CA VAL B 919 139.45 -114.57 25.38
C VAL B 919 137.97 -114.58 24.99
N GLU B 920 137.53 -115.64 24.30
CA GLU B 920 136.32 -115.66 23.48
C GLU B 920 134.99 -115.43 24.20
N PHE B 921 133.94 -115.39 23.38
CA PHE B 921 132.56 -115.39 23.84
C PHE B 921 132.21 -116.65 24.63
N SER B 922 132.86 -117.77 24.31
CA SER B 922 132.58 -119.04 24.95
C SER B 922 133.42 -119.27 26.20
N LYS B 923 134.64 -118.75 26.25
CA LYS B 923 135.53 -118.99 27.39
C LYS B 923 135.41 -117.93 28.47
N LEU B 924 134.35 -117.13 28.46
CA LEU B 924 133.96 -116.30 29.60
C LEU B 924 132.55 -116.66 30.02
N PRO B 925 132.29 -116.87 31.32
CA PRO B 925 130.94 -117.28 31.75
C PRO B 925 129.93 -116.14 31.70
N GLU B 926 128.72 -116.40 32.20
CA GLU B 926 127.64 -115.41 32.11
C GLU B 926 127.67 -114.42 33.27
N GLN B 927 128.85 -113.88 33.55
CA GLN B 927 129.03 -112.73 34.45
C GLN B 927 129.92 -111.66 33.85
N GLU B 928 130.84 -112.01 32.96
CA GLU B 928 131.70 -111.07 32.27
C GLU B 928 131.50 -111.07 30.76
N ARG B 929 131.03 -112.17 30.18
CA ARG B 929 130.54 -112.17 28.81
C ARG B 929 129.10 -111.72 28.72
N ASN B 930 128.40 -111.62 29.86
CA ASN B 930 127.02 -111.17 29.87
C ASN B 930 126.89 -109.70 29.50
N TYR B 931 127.96 -108.91 29.64
CA TYR B 931 127.97 -107.53 29.17
C TYR B 931 127.92 -107.44 27.65
N ASN B 932 128.32 -108.50 26.94
CA ASN B 932 128.11 -108.58 25.50
C ASN B 932 126.95 -109.48 25.13
N LEU B 933 126.73 -110.56 25.89
CA LEU B 933 125.59 -111.46 25.70
C LEU B 933 124.27 -110.71 25.77
N GLN B 934 124.02 -110.07 26.93
CA GLN B 934 122.78 -109.33 27.12
C GLN B 934 122.71 -108.12 26.22
N MET B 935 123.86 -107.53 25.85
CA MET B 935 123.88 -106.40 24.93
C MET B 935 123.33 -106.80 23.56
N SER B 936 123.86 -107.88 22.99
CA SER B 936 123.39 -108.34 21.69
C SER B 936 121.97 -108.91 21.77
N LEU B 937 121.61 -109.57 22.88
CA LEU B 937 120.27 -110.14 23.01
C LEU B 937 119.21 -109.07 23.12
N GLU B 938 119.42 -108.05 23.96
CA GLU B 938 118.45 -106.97 24.04
C GLU B 938 118.52 -106.07 22.82
N THR B 939 119.66 -106.03 22.12
CA THR B 939 119.73 -105.32 20.85
C THR B 939 118.85 -105.99 19.80
N LEU B 940 118.85 -107.33 19.76
CA LEU B 940 117.96 -108.04 18.85
C LEU B 940 116.53 -108.12 19.33
N LYS B 941 116.28 -107.92 20.61
CA LYS B 941 114.90 -107.70 21.05
C LYS B 941 114.39 -106.36 20.54
N THR B 942 115.16 -105.29 20.78
CA THR B 942 114.82 -103.97 20.27
C THR B 942 114.80 -103.92 18.75
N LEU B 943 115.50 -104.83 18.08
CA LEU B 943 115.37 -104.99 16.64
C LEU B 943 113.99 -105.48 16.24
N LEU B 944 113.27 -106.15 17.14
CA LEU B 944 111.99 -106.76 16.80
C LEU B 944 110.80 -105.85 17.07
N ALA B 945 110.97 -104.81 17.87
CA ALA B 945 109.85 -103.95 18.24
C ALA B 945 110.02 -102.48 17.84
N LEU B 946 111.16 -102.10 17.28
CA LEU B 946 111.37 -100.72 16.83
C LEU B 946 111.09 -100.54 15.35
N GLY B 947 110.14 -101.29 14.79
CA GLY B 947 109.66 -101.05 13.45
C GLY B 947 110.59 -101.39 12.32
N CYS B 948 111.70 -102.06 12.60
CA CYS B 948 112.64 -102.48 11.56
C CYS B 948 112.55 -104.00 11.44
N HIS B 949 111.90 -104.46 10.38
CA HIS B 949 111.58 -105.88 10.20
C HIS B 949 112.85 -106.64 9.83
N VAL B 950 113.52 -107.18 10.84
CA VAL B 950 114.75 -107.96 10.62
C VAL B 950 114.31 -109.41 10.49
N GLY B 951 113.88 -109.77 9.28
CA GLY B 951 113.54 -111.15 9.01
C GLY B 951 114.78 -112.00 8.76
N ILE B 952 114.59 -113.31 8.84
CA ILE B 952 115.69 -114.24 8.61
C ILE B 952 115.98 -114.29 7.12
N SER B 953 117.02 -113.57 6.70
CA SER B 953 117.37 -113.45 5.30
C SER B 953 118.61 -114.24 4.91
N ASP B 954 119.58 -114.36 5.80
CA ASP B 954 120.81 -115.10 5.49
C ASP B 954 121.27 -115.84 6.73
N GLU B 955 122.24 -116.73 6.54
CA GLU B 955 122.81 -117.51 7.63
C GLU B 955 123.72 -116.64 8.47
N HIS B 956 123.90 -117.03 9.73
CA HIS B 956 124.73 -116.26 10.64
C HIS B 956 126.21 -116.41 10.31
N ALA B 957 126.96 -115.32 10.44
CA ALA B 957 128.40 -115.32 10.24
C ALA B 957 129.13 -115.78 11.50
N TYR B 970 146.72 -106.48 9.48
CA TYR B 970 146.14 -106.85 10.77
C TYR B 970 147.10 -106.40 11.87
N GLN B 971 146.59 -106.22 13.09
CA GLN B 971 147.37 -105.65 14.17
C GLN B 971 148.08 -106.72 14.98
N LEU B 972 148.60 -106.31 16.14
CA LEU B 972 149.42 -107.15 16.99
C LEU B 972 148.63 -107.58 18.21
N THR B 973 148.28 -108.86 18.29
CA THR B 973 147.47 -109.41 19.37
C THR B 973 148.38 -110.08 20.40
N SER B 974 147.83 -110.37 21.56
CA SER B 974 148.59 -110.91 22.68
C SER B 974 147.80 -112.01 23.39
N GLY B 975 147.26 -112.94 22.62
CA GLY B 975 146.57 -114.07 23.22
C GLY B 975 145.36 -114.53 22.44
N TYR B 976 144.74 -113.61 21.69
CA TYR B 976 143.58 -113.95 20.89
C TYR B 976 143.50 -112.98 19.72
N LYS B 977 143.35 -113.52 18.51
CA LYS B 977 143.35 -112.75 17.26
C LYS B 977 142.01 -112.91 16.55
N PRO B 978 141.04 -112.04 16.81
CA PRO B 978 139.73 -112.17 16.16
C PRO B 978 139.74 -111.64 14.73
N ALA B 979 139.51 -112.56 13.77
CA ALA B 979 139.16 -112.19 12.39
C ALA B 979 138.39 -113.34 11.75
N PRO B 980 137.12 -113.56 12.17
CA PRO B 980 136.37 -114.72 11.63
C PRO B 980 135.93 -114.57 10.18
N MET B 981 135.23 -113.48 9.83
CA MET B 981 134.63 -113.31 8.51
C MET B 981 134.67 -111.82 8.16
N ASP B 982 134.14 -111.50 6.98
CA ASP B 982 133.93 -110.12 6.59
C ASP B 982 132.51 -109.70 6.94
N LEU B 983 132.39 -108.76 7.87
CA LEU B 983 131.10 -108.39 8.44
C LEU B 983 130.66 -106.99 8.05
N SER B 984 131.58 -106.10 7.71
CA SER B 984 131.25 -104.74 7.32
C SER B 984 131.02 -104.60 5.82
N PHE B 985 130.55 -105.65 5.16
CA PHE B 985 130.30 -105.60 3.72
C PHE B 985 129.08 -104.72 3.42
N ILE B 986 127.94 -105.05 4.01
CA ILE B 986 126.70 -104.34 3.73
C ILE B 986 126.71 -103.01 4.46
N LYS B 987 126.42 -101.93 3.72
CA LYS B 987 126.39 -100.60 4.30
C LYS B 987 125.24 -100.47 5.30
N LEU B 988 125.51 -99.78 6.41
CA LEU B 988 124.54 -99.63 7.47
C LEU B 988 123.55 -98.54 7.11
N THR B 989 122.26 -98.78 7.38
CA THR B 989 121.22 -97.85 7.00
C THR B 989 121.24 -96.63 7.92
N PRO B 990 120.53 -95.57 7.53
CA PRO B 990 120.36 -94.43 8.46
C PRO B 990 119.45 -94.77 9.63
N SER B 991 118.47 -95.65 9.42
CA SER B 991 117.68 -96.17 10.53
C SER B 991 118.52 -97.08 11.41
N GLN B 992 119.56 -97.71 10.85
CA GLN B 992 120.51 -98.46 11.67
C GLN B 992 121.32 -97.55 12.57
N GLU B 993 121.71 -96.37 12.05
CA GLU B 993 122.37 -95.38 12.90
C GLU B 993 121.41 -94.83 13.95
N ALA B 994 120.14 -94.68 13.56
CA ALA B 994 119.11 -94.24 14.51
C ALA B 994 118.93 -95.26 15.62
N MET B 995 118.91 -96.55 15.29
CA MET B 995 118.80 -97.57 16.32
C MET B 995 120.09 -97.77 17.09
N VAL B 996 121.24 -97.41 16.52
CA VAL B 996 122.47 -97.38 17.29
C VAL B 996 122.41 -96.27 18.34
N ASP B 997 121.83 -95.13 17.96
CA ASP B 997 121.55 -94.07 18.92
C ASP B 997 120.53 -94.52 19.95
N LYS B 998 119.57 -95.35 19.55
CA LYS B 998 118.61 -95.94 20.49
C LYS B 998 119.31 -96.86 21.48
N LEU B 999 120.29 -97.64 21.00
CA LEU B 999 121.04 -98.54 21.87
C LEU B 999 121.84 -97.76 22.90
N ALA B 1000 122.58 -96.75 22.46
CA ALA B 1000 123.35 -95.93 23.39
C ALA B 1000 122.42 -95.15 24.32
N GLU B 1001 121.27 -94.71 23.79
CA GLU B 1001 120.24 -94.03 24.56
C GLU B 1001 119.73 -94.89 25.70
N ASN B 1002 119.20 -96.06 25.36
CA ASN B 1002 118.56 -96.94 26.33
C ASN B 1002 119.57 -97.50 27.31
N ALA B 1003 120.80 -97.77 26.84
CA ALA B 1003 121.84 -98.27 27.72
C ALA B 1003 122.27 -97.21 28.74
N HIS B 1004 122.53 -95.99 28.27
CA HIS B 1004 122.92 -94.91 29.16
C HIS B 1004 121.80 -94.50 30.09
N ASN B 1005 120.55 -94.64 29.64
CA ASN B 1005 119.42 -94.25 30.47
C ASN B 1005 119.10 -95.28 31.53
N VAL B 1006 119.19 -96.57 31.21
CA VAL B 1006 119.02 -97.58 32.26
C VAL B 1006 120.21 -97.56 33.20
N TRP B 1007 121.39 -97.20 32.68
CA TRP B 1007 122.57 -96.99 33.52
C TRP B 1007 122.32 -95.91 34.58
N ALA B 1008 122.00 -94.69 34.13
CA ALA B 1008 121.70 -93.61 35.07
C ALA B 1008 120.41 -93.84 35.86
N ARG B 1009 119.52 -94.70 35.35
CA ARG B 1009 118.35 -95.15 36.08
C ARG B 1009 118.75 -96.03 37.27
N ASP B 1010 119.88 -96.71 37.18
CA ASP B 1010 120.46 -97.38 38.32
C ASP B 1010 121.68 -96.67 38.88
N ARG B 1011 122.09 -95.54 38.28
CA ARG B 1011 123.20 -94.75 38.77
C ARG B 1011 122.70 -93.34 39.01
N ILE B 1012 121.61 -93.26 39.79
CA ILE B 1012 120.80 -92.04 39.91
C ILE B 1012 121.61 -90.89 40.50
N ARG B 1013 122.54 -91.20 41.41
CA ARG B 1013 123.37 -90.17 42.02
C ARG B 1013 124.37 -89.57 41.06
N GLN B 1014 124.71 -90.26 39.97
CA GLN B 1014 125.77 -89.80 39.10
C GLN B 1014 125.29 -88.68 38.20
N ARG B 1027 128.24 -90.12 43.42
CA ARG B 1027 127.49 -89.21 44.26
C ARG B 1027 127.61 -87.78 43.73
N ARG B 1028 126.44 -87.20 43.41
CA ARG B 1028 126.20 -85.87 42.82
C ARG B 1028 127.22 -85.51 41.74
N ASN B 1029 127.53 -86.47 40.88
CA ASN B 1029 128.59 -86.34 39.90
C ASN B 1029 128.16 -85.39 38.78
N PRO B 1030 129.09 -84.99 37.90
CA PRO B 1030 128.70 -84.35 36.65
C PRO B 1030 128.11 -85.28 35.59
N ARG B 1031 127.82 -86.53 35.96
CA ARG B 1031 127.15 -87.49 35.07
C ARG B 1031 125.63 -87.40 35.15
N LEU B 1032 125.08 -86.31 35.69
CA LEU B 1032 123.65 -86.10 35.79
C LEU B 1032 123.06 -85.72 34.43
N VAL B 1033 123.20 -86.59 33.44
CA VAL B 1033 122.98 -86.20 32.06
C VAL B 1033 121.92 -87.07 31.40
N PRO B 1034 120.87 -86.47 30.85
CA PRO B 1034 120.04 -87.20 29.88
C PRO B 1034 120.80 -87.43 28.60
N TYR B 1035 120.34 -88.42 27.84
CA TYR B 1035 121.03 -88.78 26.60
C TYR B 1035 120.77 -87.76 25.51
N ALA B 1036 119.51 -87.35 25.36
CA ALA B 1036 119.13 -86.45 24.27
C ALA B 1036 119.66 -85.03 24.47
N LEU B 1037 120.01 -84.66 25.70
CA LEU B 1037 120.47 -83.30 25.95
C LEU B 1037 121.90 -83.07 25.48
N LEU B 1038 122.67 -84.13 25.26
CA LEU B 1038 124.09 -83.97 24.96
C LEU B 1038 124.41 -84.36 23.52
N ASP B 1039 125.54 -83.85 23.05
CA ASP B 1039 126.05 -84.06 21.70
C ASP B 1039 126.86 -85.35 21.63
N ASP B 1040 127.68 -85.50 20.59
CA ASP B 1040 128.42 -86.72 20.33
C ASP B 1040 129.72 -86.83 21.13
N ARG B 1041 129.81 -86.17 22.29
CA ARG B 1041 130.92 -86.46 23.19
C ARG B 1041 130.71 -87.77 23.93
N THR B 1042 129.56 -87.92 24.60
CA THR B 1042 129.20 -89.14 25.30
C THR B 1042 128.45 -90.12 24.42
N LYS B 1043 128.67 -90.08 23.11
CA LYS B 1043 128.01 -90.98 22.16
C LYS B 1043 129.01 -91.64 21.21
N LYS B 1044 130.29 -91.68 21.56
CA LYS B 1044 131.33 -92.11 20.63
C LYS B 1044 131.46 -93.63 20.59
N SER B 1045 131.89 -94.22 21.70
CA SER B 1045 132.28 -95.63 21.70
C SER B 1045 131.07 -96.55 21.63
N ASN B 1046 129.97 -96.14 22.25
CA ASN B 1046 128.75 -96.94 22.19
C ASN B 1046 128.18 -96.99 20.79
N LYS B 1047 128.18 -95.86 20.06
CA LYS B 1047 127.70 -95.86 18.69
C LYS B 1047 128.65 -96.57 17.75
N ASP B 1048 129.97 -96.49 18.00
CA ASP B 1048 130.91 -97.21 17.14
C ASP B 1048 130.78 -98.73 17.33
N SER B 1049 130.64 -99.18 18.58
CA SER B 1049 130.44 -100.60 18.83
C SER B 1049 129.05 -101.07 18.39
N LEU B 1050 128.05 -100.20 18.42
CA LEU B 1050 126.74 -100.57 17.90
C LEU B 1050 126.74 -100.63 16.38
N ARG B 1051 127.55 -99.80 15.71
CA ARG B 1051 127.72 -99.93 14.28
C ARG B 1051 128.47 -101.22 13.93
N GLU B 1052 129.44 -101.62 14.76
CA GLU B 1052 130.02 -102.95 14.55
C GLU B 1052 129.04 -104.08 14.88
N ALA B 1053 128.10 -103.85 15.79
CA ALA B 1053 127.05 -104.84 16.03
C ALA B 1053 126.10 -104.94 14.84
N VAL B 1054 125.84 -103.80 14.19
CA VAL B 1054 125.08 -103.82 12.94
C VAL B 1054 125.88 -104.49 11.84
N ARG B 1055 127.22 -104.41 11.91
CA ARG B 1055 128.06 -105.17 11.00
C ARG B 1055 127.97 -106.67 11.28
N THR B 1056 127.84 -107.05 12.56
CA THR B 1056 127.62 -108.46 12.89
C THR B 1056 126.29 -108.95 12.34
N LEU B 1057 125.28 -108.09 12.38
CA LEU B 1057 123.98 -108.44 11.82
C LEU B 1057 124.04 -108.54 10.30
N LEU B 1058 124.76 -107.62 9.65
CA LEU B 1058 124.85 -107.64 8.19
C LEU B 1058 125.71 -108.78 7.68
N GLY B 1059 126.71 -109.19 8.46
CA GLY B 1059 127.43 -110.42 8.13
C GLY B 1059 126.59 -111.65 8.38
N TYR B 1060 125.73 -111.59 9.39
CA TYR B 1060 124.71 -112.62 9.58
C TYR B 1060 123.52 -112.44 8.64
N GLY B 1061 123.47 -111.35 7.90
CA GLY B 1061 122.41 -111.12 6.93
C GLY B 1061 121.18 -110.49 7.55
N TYR B 1062 121.38 -109.40 8.28
CA TYR B 1062 120.28 -108.71 8.95
C TYR B 1062 120.51 -107.22 8.87
N ASN B 1063 119.52 -106.50 8.35
CA ASN B 1063 119.57 -105.06 8.23
C ASN B 1063 118.29 -104.47 8.78
N LEU B 1064 118.36 -103.20 9.16
CA LEU B 1064 117.25 -102.52 9.83
C LEU B 1064 116.84 -101.33 8.97
N GLU B 1065 115.80 -101.51 8.16
CA GLU B 1065 115.30 -100.49 7.26
C GLU B 1065 113.79 -100.40 7.38
N ALA B 1066 113.24 -99.31 6.85
CA ALA B 1066 111.80 -99.08 6.84
C ALA B 1066 111.40 -98.17 5.69
N ARG B 1084 97.56 -70.52 24.03
CA ARG B 1084 97.45 -70.93 22.63
C ARG B 1084 97.77 -69.78 21.67
N PHE B 1085 96.85 -68.81 21.57
CA PHE B 1085 96.99 -67.69 20.65
C PHE B 1085 96.92 -66.36 21.41
N ARG B 1086 97.62 -65.36 20.89
CA ARG B 1086 97.50 -63.98 21.37
C ARG B 1086 97.07 -63.12 20.18
N ILE B 1087 95.81 -62.70 20.19
CA ILE B 1087 95.28 -61.84 19.14
C ILE B 1087 95.44 -60.39 19.59
N PHE B 1088 96.15 -59.61 18.79
CA PHE B 1088 96.48 -58.23 19.13
C PHE B 1088 95.61 -57.29 18.30
N ARG B 1089 94.66 -56.64 18.95
CA ARG B 1089 93.81 -55.66 18.29
C ARG B 1089 94.13 -54.27 18.80
N ALA B 1090 93.94 -53.29 17.92
CA ALA B 1090 94.28 -51.92 18.21
C ALA B 1090 93.22 -51.24 19.07
N GLU B 1091 93.28 -49.93 19.14
CA GLU B 1091 92.56 -49.15 20.15
C GLU B 1091 91.26 -48.62 19.59
N LYS B 1092 90.15 -48.95 20.27
CA LYS B 1092 88.82 -48.66 19.74
C LYS B 1092 88.47 -47.20 19.77
N THR B 1093 89.19 -46.39 20.54
CA THR B 1093 89.05 -44.95 20.41
C THR B 1093 89.55 -44.49 19.06
N TYR B 1094 90.57 -45.15 18.53
CA TYR B 1094 91.10 -44.84 17.21
C TYR B 1094 90.43 -45.64 16.11
N ALA B 1095 89.16 -46.02 16.30
CA ALA B 1095 88.47 -46.85 15.33
C ALA B 1095 88.21 -46.03 14.08
N VAL B 1096 89.12 -46.14 13.11
CA VAL B 1096 89.04 -45.31 11.93
C VAL B 1096 87.90 -45.78 11.04
N LYS B 1097 87.28 -44.82 10.37
CA LYS B 1097 86.11 -45.11 9.56
C LYS B 1097 86.12 -44.38 8.23
N ALA B 1098 87.04 -43.43 8.03
CA ALA B 1098 87.07 -42.66 6.80
C ALA B 1098 88.49 -42.57 6.30
N GLY B 1099 88.65 -42.51 4.98
CA GLY B 1099 89.91 -42.16 4.37
C GLY B 1099 90.57 -43.36 3.73
N ARG B 1100 91.73 -43.12 3.15
CA ARG B 1100 92.52 -44.14 2.47
C ARG B 1100 93.78 -44.35 3.29
N TRP B 1101 93.98 -45.58 3.75
CA TRP B 1101 94.89 -45.83 4.85
C TRP B 1101 95.88 -46.93 4.51
N TYR B 1102 96.97 -46.97 5.27
CA TYR B 1102 97.89 -48.10 5.24
C TYR B 1102 98.69 -48.13 6.53
N PHE B 1103 98.93 -49.34 7.02
CA PHE B 1103 100.03 -49.62 7.93
C PHE B 1103 100.77 -50.83 7.37
N GLU B 1104 102.05 -50.92 7.66
CA GLU B 1104 102.78 -52.10 7.24
C GLU B 1104 102.80 -53.10 8.38
N PHE B 1105 102.96 -54.38 8.03
CA PHE B 1105 103.14 -55.42 9.03
C PHE B 1105 104.43 -56.17 8.75
N GLU B 1106 105.39 -56.07 9.67
CA GLU B 1106 106.61 -56.85 9.59
C GLU B 1106 106.41 -58.14 10.37
N ALA B 1107 106.23 -59.24 9.66
CA ALA B 1107 106.30 -60.54 10.30
C ALA B 1107 107.76 -60.95 10.40
N VAL B 1108 108.06 -61.79 11.38
CA VAL B 1108 109.44 -62.19 11.68
C VAL B 1108 109.65 -63.68 11.45
N THR B 1109 108.84 -64.52 12.09
CA THR B 1109 108.98 -65.97 12.01
C THR B 1109 107.75 -66.57 11.34
N ALA B 1110 107.97 -67.65 10.58
CA ALA B 1110 106.91 -68.26 9.81
C ALA B 1110 105.91 -68.99 10.72
N GLY B 1111 104.68 -69.08 10.26
CA GLY B 1111 103.64 -69.74 10.99
C GLY B 1111 102.35 -68.95 10.92
N ASP B 1112 101.53 -69.10 11.96
CA ASP B 1112 100.16 -68.61 11.99
C ASP B 1112 100.16 -67.10 12.15
N MET B 1113 100.01 -66.38 11.04
CA MET B 1113 100.10 -64.92 11.02
C MET B 1113 98.85 -64.39 10.33
N ARG B 1114 97.76 -64.24 11.07
CA ARG B 1114 96.49 -63.76 10.51
C ARG B 1114 96.42 -62.26 10.73
N VAL B 1115 96.66 -61.50 9.67
CA VAL B 1115 96.85 -60.05 9.76
C VAL B 1115 95.79 -59.37 8.91
N GLY B 1116 95.13 -58.36 9.47
CA GLY B 1116 94.19 -57.56 8.72
C GLY B 1116 93.32 -56.64 9.55
N TRP B 1117 92.02 -56.69 9.30
CA TRP B 1117 91.11 -55.66 9.78
C TRP B 1117 89.89 -56.27 10.45
N SER B 1118 89.15 -55.43 11.16
CA SER B 1118 88.07 -55.92 11.99
C SER B 1118 87.13 -54.80 12.38
N ARG B 1119 85.84 -55.06 12.22
CA ARG B 1119 84.85 -54.35 12.98
C ARG B 1119 85.05 -54.64 14.47
N PRO B 1120 84.76 -53.67 15.35
CA PRO B 1120 85.21 -53.78 16.75
C PRO B 1120 84.57 -54.90 17.56
N GLY B 1121 83.54 -55.56 17.05
CA GLY B 1121 82.89 -56.59 17.81
C GLY B 1121 83.58 -57.94 17.80
N CYS B 1122 84.86 -57.99 17.42
CA CYS B 1122 85.59 -59.25 17.34
C CYS B 1122 85.84 -59.81 18.72
N GLN B 1123 85.18 -60.91 19.01
CA GLN B 1123 85.46 -61.67 20.21
C GLN B 1123 86.84 -62.29 20.08
N PRO B 1124 87.68 -62.22 21.11
CA PRO B 1124 88.95 -62.95 21.07
C PRO B 1124 88.80 -64.44 21.25
N ASP B 1125 87.59 -64.91 21.60
CA ASP B 1125 87.36 -66.30 21.97
C ASP B 1125 87.64 -67.25 20.82
N GLN B 1126 86.96 -67.08 19.70
CA GLN B 1126 87.23 -67.91 18.54
C GLN B 1126 88.52 -67.47 17.86
N GLU B 1127 88.97 -68.28 16.92
CA GLU B 1127 90.12 -67.88 16.15
C GLU B 1127 89.71 -66.85 15.10
N LEU B 1128 90.72 -66.17 14.56
CA LEU B 1128 90.47 -65.01 13.72
C LEU B 1128 89.89 -65.41 12.38
N GLY B 1129 89.05 -64.53 11.83
CA GLY B 1129 88.76 -64.51 10.42
C GLY B 1129 87.79 -65.54 9.93
N SER B 1130 87.51 -66.58 10.70
CA SER B 1130 86.52 -67.59 10.32
C SER B 1130 85.14 -67.14 10.75
N ASP B 1131 84.75 -65.94 10.34
CA ASP B 1131 83.54 -65.27 10.78
C ASP B 1131 83.31 -64.08 9.85
N GLU B 1132 82.32 -63.28 10.21
CA GLU B 1132 81.97 -62.06 9.48
C GLU B 1132 82.55 -60.81 10.13
N ARG B 1133 83.20 -60.95 11.28
CA ARG B 1133 83.60 -59.79 12.05
C ARG B 1133 85.01 -59.31 11.75
N ALA B 1134 85.85 -60.17 11.20
CA ALA B 1134 87.17 -59.77 10.75
C ALA B 1134 87.24 -59.92 9.24
N PHE B 1135 88.12 -59.13 8.63
CA PHE B 1135 88.36 -59.20 7.20
C PHE B 1135 89.88 -59.10 7.02
N ALA B 1136 90.52 -60.26 6.85
CA ALA B 1136 91.96 -60.34 7.01
C ALA B 1136 92.51 -61.39 6.06
N PHE B 1137 93.77 -61.74 6.29
CA PHE B 1137 94.51 -62.63 5.43
C PHE B 1137 95.66 -63.26 6.20
N ASP B 1138 95.79 -64.57 6.06
CA ASP B 1138 96.90 -65.33 6.62
C ASP B 1138 97.90 -65.53 5.48
N GLY B 1139 99.05 -64.85 5.57
CA GLY B 1139 100.04 -64.95 4.52
C GLY B 1139 100.59 -66.34 4.36
N PHE B 1140 100.71 -67.06 5.47
CA PHE B 1140 101.03 -68.48 5.47
C PHE B 1140 99.92 -69.23 4.74
N LYS B 1141 100.32 -70.20 3.91
CA LYS B 1141 99.43 -70.98 3.05
C LYS B 1141 98.60 -70.16 2.05
N ALA B 1142 98.93 -68.87 1.88
CA ALA B 1142 98.42 -68.00 0.81
C ALA B 1142 96.90 -67.91 0.81
N GLN B 1143 96.30 -67.83 2.00
CA GLN B 1143 94.86 -67.94 2.08
C GLN B 1143 94.26 -66.93 3.05
N ARG B 1144 93.11 -66.36 2.68
CA ARG B 1144 92.47 -65.33 3.47
C ARG B 1144 91.23 -65.85 4.16
N TRP B 1145 90.52 -64.95 4.83
CA TRP B 1145 89.57 -65.34 5.86
C TRP B 1145 88.36 -64.42 5.85
N HIS B 1146 87.21 -64.98 5.50
CA HIS B 1146 85.90 -64.36 5.76
C HIS B 1146 84.91 -65.50 5.82
N GLN B 1147 84.41 -65.79 7.03
CA GLN B 1147 83.43 -66.86 7.29
C GLN B 1147 83.93 -68.22 6.82
N GLY B 1148 85.24 -68.42 6.83
CA GLY B 1148 85.88 -69.55 6.19
C GLY B 1148 87.12 -69.08 5.46
N ASN B 1149 87.43 -69.76 4.36
CA ASN B 1149 88.68 -69.54 3.66
C ASN B 1149 88.49 -69.26 2.19
N GLU B 1150 89.47 -68.57 1.64
CA GLU B 1150 89.73 -68.45 0.21
C GLU B 1150 91.22 -68.22 0.06
N HIS B 1151 91.83 -68.85 -0.94
CA HIS B 1151 93.23 -68.59 -1.18
C HIS B 1151 93.43 -67.17 -1.72
N TYR B 1152 94.66 -66.69 -1.56
CA TYR B 1152 95.03 -65.34 -1.95
C TYR B 1152 96.53 -65.19 -2.03
N GLY B 1153 97.04 -64.83 -3.21
CA GLY B 1153 98.42 -64.38 -3.30
C GLY B 1153 99.43 -65.48 -3.11
N ARG B 1154 100.36 -65.25 -2.19
CA ARG B 1154 101.55 -66.09 -2.02
C ARG B 1154 101.75 -66.42 -0.55
N SER B 1155 102.71 -67.31 -0.31
CA SER B 1155 103.32 -67.46 1.00
C SER B 1155 104.45 -66.45 1.11
N TRP B 1156 105.32 -66.61 2.10
CA TRP B 1156 106.17 -65.49 2.48
C TRP B 1156 107.42 -65.98 3.20
N GLN B 1157 108.55 -65.38 2.87
CA GLN B 1157 109.78 -65.61 3.60
C GLN B 1157 109.70 -64.98 4.99
N ALA B 1158 110.16 -65.71 5.99
CA ALA B 1158 110.09 -65.29 7.39
C ALA B 1158 110.98 -64.06 7.60
N GLY B 1159 110.36 -62.90 7.72
CA GLY B 1159 111.08 -61.66 7.88
C GLY B 1159 110.58 -60.55 6.99
N ASP B 1160 109.43 -60.74 6.34
CA ASP B 1160 108.96 -59.84 5.30
C ASP B 1160 107.99 -58.80 5.85
N VAL B 1161 107.55 -57.93 4.94
CA VAL B 1161 106.62 -56.84 5.22
C VAL B 1161 105.42 -57.00 4.31
N VAL B 1162 104.25 -57.23 4.90
CA VAL B 1162 103.05 -57.50 4.12
C VAL B 1162 102.18 -56.26 4.06
N GLY B 1163 101.66 -55.82 5.21
CA GLY B 1163 100.81 -54.64 5.27
C GLY B 1163 99.44 -54.74 4.61
N CYS B 1164 98.54 -53.82 4.95
CA CYS B 1164 97.18 -53.84 4.43
C CYS B 1164 96.73 -52.40 4.17
N MET B 1165 96.54 -52.04 2.91
CA MET B 1165 95.85 -50.81 2.59
C MET B 1165 94.35 -50.98 2.80
N VAL B 1166 93.68 -49.85 3.05
CA VAL B 1166 92.23 -49.82 3.22
C VAL B 1166 91.67 -48.59 2.52
N ASP B 1167 90.67 -48.80 1.69
CA ASP B 1167 89.83 -47.73 1.20
C ASP B 1167 88.58 -47.69 2.07
N MET B 1168 88.23 -46.48 2.53
CA MET B 1168 86.93 -46.32 3.18
C MET B 1168 85.93 -45.68 2.23
N THR B 1169 86.42 -44.84 1.31
CA THR B 1169 85.57 -44.22 0.31
C THR B 1169 84.96 -45.28 -0.60
N GLU B 1170 85.79 -46.23 -1.00
CA GLU B 1170 85.33 -47.40 -1.73
C GLU B 1170 85.40 -48.60 -0.80
N HIS B 1171 84.52 -49.57 -1.00
CA HIS B 1171 84.52 -50.80 -0.22
C HIS B 1171 85.53 -51.77 -0.82
N THR B 1172 86.81 -51.40 -0.72
CA THR B 1172 87.91 -52.22 -1.20
C THR B 1172 89.04 -52.17 -0.17
N MET B 1173 89.92 -53.16 -0.25
CA MET B 1173 90.98 -53.30 0.75
C MET B 1173 92.12 -54.11 0.11
N MET B 1174 93.17 -53.40 -0.30
CA MET B 1174 94.27 -53.99 -1.05
C MET B 1174 95.42 -54.37 -0.13
N PHE B 1175 96.11 -55.44 -0.49
CA PHE B 1175 97.18 -56.02 0.31
C PHE B 1175 98.47 -56.01 -0.50
N THR B 1176 99.60 -55.90 0.20
CA THR B 1176 100.91 -55.80 -0.44
C THR B 1176 101.84 -56.89 0.08
N LEU B 1177 103.05 -56.94 -0.51
CA LEU B 1177 104.15 -57.74 0.03
C LEU B 1177 105.45 -57.11 -0.48
N ASN B 1178 106.09 -56.33 0.39
CA ASN B 1178 107.40 -55.71 0.13
C ASN B 1178 107.40 -54.84 -1.13
N GLY B 1179 106.27 -54.24 -1.46
CA GLY B 1179 106.10 -53.52 -2.71
C GLY B 1179 105.30 -54.30 -3.74
N GLU B 1180 105.35 -55.63 -3.69
CA GLU B 1180 104.56 -56.45 -4.61
C GLU B 1180 103.13 -56.49 -4.10
N ILE B 1181 102.23 -55.86 -4.85
CA ILE B 1181 100.82 -55.85 -4.47
C ILE B 1181 100.24 -57.21 -4.76
N LEU B 1182 99.66 -57.83 -3.75
CA LEU B 1182 99.27 -59.24 -3.85
C LEU B 1182 98.03 -59.40 -4.71
N LEU B 1183 97.98 -60.49 -5.45
CA LEU B 1183 96.87 -60.81 -6.32
C LEU B 1183 95.88 -61.74 -5.64
N ASP B 1184 94.68 -61.81 -6.21
CA ASP B 1184 93.68 -62.79 -5.81
C ASP B 1184 94.04 -64.15 -6.39
N ASP B 1185 93.10 -65.09 -6.25
CA ASP B 1185 93.17 -66.29 -7.06
C ASP B 1185 92.80 -65.98 -8.50
N SER B 1186 91.88 -65.04 -8.70
CA SER B 1186 91.46 -64.63 -10.04
C SER B 1186 92.29 -63.49 -10.59
N GLY B 1187 93.45 -63.20 -10.01
CA GLY B 1187 94.35 -62.24 -10.57
C GLY B 1187 93.93 -60.80 -10.44
N SER B 1188 93.11 -60.48 -9.45
CA SER B 1188 92.79 -59.09 -9.13
C SER B 1188 93.39 -58.77 -7.77
N GLU B 1189 93.36 -57.50 -7.41
CA GLU B 1189 93.96 -57.05 -6.16
C GLU B 1189 92.94 -56.52 -5.17
N LEU B 1190 91.65 -56.70 -5.45
CA LEU B 1190 90.58 -56.27 -4.57
C LEU B 1190 89.98 -57.53 -3.95
N ALA B 1191 90.58 -57.99 -2.85
CA ALA B 1191 90.16 -59.24 -2.23
C ALA B 1191 88.80 -59.11 -1.58
N PHE B 1192 88.69 -58.23 -0.59
CA PHE B 1192 87.44 -57.97 0.09
C PHE B 1192 86.73 -56.83 -0.61
N LYS B 1193 85.41 -56.98 -0.81
CA LYS B 1193 84.66 -56.08 -1.66
C LYS B 1193 83.21 -56.06 -1.22
N ASP B 1194 82.60 -54.86 -1.31
CA ASP B 1194 81.25 -54.50 -0.84
C ASP B 1194 81.09 -54.59 0.67
N PHE B 1195 82.18 -54.75 1.42
CA PHE B 1195 82.08 -54.76 2.87
C PHE B 1195 81.75 -53.35 3.34
N ASP B 1196 80.73 -53.25 4.18
CA ASP B 1196 80.16 -51.96 4.51
C ASP B 1196 81.07 -51.18 5.46
N VAL B 1197 81.19 -49.88 5.20
CA VAL B 1197 81.76 -48.98 6.16
C VAL B 1197 80.72 -48.82 7.25
N GLY B 1198 80.86 -49.59 8.32
CA GLY B 1198 79.89 -49.58 9.38
C GLY B 1198 80.49 -48.93 10.61
N ASP B 1199 80.91 -49.77 11.55
CA ASP B 1199 81.40 -49.31 12.84
C ASP B 1199 82.91 -49.15 12.86
N GLY B 1200 83.50 -48.84 11.71
CA GLY B 1200 84.93 -48.67 11.63
C GLY B 1200 85.68 -49.98 11.57
N PHE B 1201 86.98 -49.88 11.29
CA PHE B 1201 87.80 -51.06 11.11
C PHE B 1201 89.12 -50.88 11.85
N ILE B 1202 89.60 -51.97 12.43
CA ILE B 1202 90.68 -51.95 13.42
C ILE B 1202 91.80 -52.90 12.98
N PRO B 1203 93.06 -52.49 13.00
CA PRO B 1203 94.14 -53.39 12.58
C PRO B 1203 94.37 -54.46 13.63
N VAL B 1204 94.26 -55.72 13.21
CA VAL B 1204 94.27 -56.87 14.12
C VAL B 1204 95.26 -57.90 13.61
N CYS B 1205 96.03 -58.49 14.53
CA CYS B 1205 96.94 -59.58 14.21
C CYS B 1205 96.72 -60.74 15.17
N SER B 1206 96.60 -61.95 14.62
CA SER B 1206 96.56 -63.17 15.40
C SER B 1206 97.85 -63.94 15.23
N LEU B 1207 98.52 -64.22 16.32
CA LEU B 1207 99.73 -65.02 16.25
C LEU B 1207 99.39 -66.50 16.35
N GLY B 1208 100.43 -67.31 16.46
CA GLY B 1208 100.25 -68.72 16.68
C GLY B 1208 100.88 -69.19 17.98
N VAL B 1209 101.78 -70.15 17.88
CA VAL B 1209 102.39 -70.79 19.05
C VAL B 1209 103.77 -70.23 19.33
N ALA B 1210 104.60 -70.09 18.30
CA ALA B 1210 105.95 -69.55 18.46
C ALA B 1210 106.22 -68.55 17.35
N GLN B 1211 105.28 -67.65 17.13
CA GLN B 1211 105.30 -66.75 15.99
C GLN B 1211 105.50 -65.32 16.45
N VAL B 1212 106.32 -64.58 15.70
CA VAL B 1212 106.73 -63.22 16.05
C VAL B 1212 106.38 -62.31 14.88
N GLY B 1213 105.73 -61.17 15.17
CA GLY B 1213 105.47 -60.14 14.18
C GLY B 1213 105.76 -58.74 14.69
N ARG B 1214 105.50 -57.73 13.87
CA ARG B 1214 105.78 -56.35 14.24
C ARG B 1214 104.93 -55.41 13.39
N MET B 1215 104.34 -54.40 14.03
CA MET B 1215 103.44 -53.43 13.42
C MET B 1215 104.02 -52.03 13.57
N ASN B 1216 103.62 -51.13 12.68
CA ASN B 1216 103.96 -49.72 12.84
C ASN B 1216 102.79 -48.83 12.42
N PHE B 1217 102.48 -47.85 13.26
CA PHE B 1217 101.30 -46.99 13.15
C PHE B 1217 101.74 -45.53 13.20
N GLY B 1218 102.04 -44.94 12.05
CA GLY B 1218 102.32 -43.52 12.02
C GLY B 1218 103.59 -43.11 12.72
N LYS B 1219 103.79 -41.78 12.78
CA LYS B 1219 104.86 -41.07 13.47
C LYS B 1219 106.24 -41.30 12.85
N ASP B 1220 106.31 -42.17 11.85
CA ASP B 1220 107.53 -42.85 11.46
C ASP B 1220 107.57 -42.98 9.95
N VAL B 1221 107.06 -41.95 9.25
CA VAL B 1221 106.61 -42.08 7.87
C VAL B 1221 107.77 -42.26 6.91
N SER B 1222 108.85 -41.51 7.11
CA SER B 1222 110.05 -41.73 6.32
C SER B 1222 110.72 -43.05 6.67
N THR B 1223 110.50 -43.56 7.87
CA THR B 1223 111.06 -44.83 8.29
C THR B 1223 110.08 -45.98 8.11
N LEU B 1224 109.24 -45.89 7.09
CA LEU B 1224 108.42 -47.02 6.66
C LEU B 1224 109.13 -47.72 5.51
N LYS B 1225 108.97 -49.04 5.44
CA LYS B 1225 109.80 -49.82 4.52
C LYS B 1225 109.28 -49.73 3.09
N TYR B 1226 107.98 -49.91 2.90
CA TYR B 1226 107.42 -49.94 1.55
C TYR B 1226 106.16 -49.12 1.38
N PHE B 1227 105.69 -48.43 2.42
CA PHE B 1227 104.73 -47.36 2.21
C PHE B 1227 105.36 -46.20 1.44
N THR B 1228 106.67 -46.04 1.57
CA THR B 1228 107.40 -45.06 0.78
C THR B 1228 107.30 -45.32 -0.71
N ILE B 1229 107.22 -46.59 -1.10
CA ILE B 1229 107.13 -46.95 -2.51
C ILE B 1229 105.67 -47.12 -2.88
N CYS B 1230 105.02 -48.12 -2.30
CA CYS B 1230 103.61 -48.38 -2.54
C CYS B 1230 102.81 -47.76 -1.39
N GLY B 1231 102.05 -46.71 -1.67
CA GLY B 1231 101.67 -45.85 -0.57
C GLY B 1231 101.61 -44.35 -0.82
N LEU B 1232 102.58 -43.61 -0.25
CA LEU B 1232 102.76 -42.16 -0.42
C LEU B 1232 102.43 -41.65 -1.82
N GLN B 1233 102.90 -42.37 -2.83
CA GLN B 1233 102.68 -42.02 -4.22
C GLN B 1233 101.24 -42.24 -4.66
N GLU B 1234 100.44 -42.95 -3.86
CA GLU B 1234 99.17 -43.48 -4.31
C GLU B 1234 97.97 -42.87 -3.62
N GLY B 1235 98.16 -42.11 -2.54
CA GLY B 1235 97.05 -41.46 -1.88
C GLY B 1235 96.60 -42.16 -0.63
N TYR B 1236 97.54 -42.57 0.22
CA TYR B 1236 97.27 -43.27 1.45
C TYR B 1236 98.04 -42.62 2.58
N GLU B 1237 97.68 -42.98 3.82
CA GLU B 1237 98.32 -42.38 4.98
C GLU B 1237 98.43 -43.40 6.10
N PRO B 1238 99.43 -43.26 6.96
CA PRO B 1238 99.46 -44.03 8.21
C PRO B 1238 98.50 -43.42 9.23
N PHE B 1239 98.40 -44.08 10.38
CA PHE B 1239 97.51 -43.61 11.43
C PHE B 1239 97.98 -42.31 12.04
N ALA B 1240 99.17 -42.33 12.62
CA ALA B 1240 99.55 -41.34 13.64
C ALA B 1240 100.30 -40.17 13.04
N VAL B 1241 99.87 -39.74 11.85
CA VAL B 1241 100.48 -38.58 11.21
C VAL B 1241 100.24 -37.32 12.04
N ASN B 1242 99.04 -37.18 12.60
CA ASN B 1242 98.71 -35.97 13.34
C ASN B 1242 99.00 -36.09 14.83
N THR B 1243 98.98 -37.29 15.37
CA THR B 1243 98.94 -37.43 16.82
C THR B 1243 100.32 -37.26 17.43
N ASN B 1244 100.34 -37.06 18.74
CA ASN B 1244 101.55 -37.04 19.54
C ASN B 1244 101.40 -38.04 20.69
N ARG B 1245 100.79 -39.17 20.41
CA ARG B 1245 100.60 -40.20 21.40
C ARG B 1245 101.13 -41.51 20.84
N ASP B 1246 101.49 -42.41 21.74
CA ASP B 1246 101.77 -43.78 21.38
C ASP B 1246 100.50 -44.59 21.58
N ILE B 1247 99.96 -45.10 20.48
CA ILE B 1247 98.67 -45.74 20.47
C ILE B 1247 98.78 -47.07 21.20
N THR B 1248 98.07 -47.20 22.30
CA THR B 1248 98.05 -48.47 23.02
C THR B 1248 97.18 -49.46 22.28
N MET B 1249 97.28 -50.73 22.67
CA MET B 1249 96.48 -51.78 22.08
C MET B 1249 95.94 -52.69 23.16
N TRP B 1250 95.01 -53.54 22.78
CA TRP B 1250 94.47 -54.54 23.66
C TRP B 1250 94.80 -55.93 23.14
N LEU B 1251 95.17 -56.81 24.06
CA LEU B 1251 95.33 -58.22 23.77
C LEU B 1251 94.52 -59.01 24.77
N SER B 1252 94.09 -60.20 24.37
CA SER B 1252 93.39 -61.08 25.28
C SER B 1252 94.40 -61.74 26.22
N LYS B 1253 94.10 -61.71 27.51
CA LYS B 1253 95.01 -62.33 28.45
C LYS B 1253 94.88 -63.84 28.42
N ARG B 1254 95.93 -64.49 28.89
CA ARG B 1254 95.87 -65.94 29.09
C ARG B 1254 94.91 -66.29 30.22
N LEU B 1255 94.85 -65.45 31.24
CA LEU B 1255 94.15 -65.77 32.48
C LEU B 1255 92.63 -65.79 32.27
N PRO B 1256 91.96 -66.90 32.51
CA PRO B 1256 90.51 -66.91 32.42
C PRO B 1256 89.93 -66.17 33.61
N GLN B 1257 88.86 -65.45 33.35
CA GLN B 1257 88.17 -64.69 34.38
C GLN B 1257 86.69 -65.05 34.34
N PHE B 1258 85.98 -64.71 35.40
CA PHE B 1258 84.55 -64.87 35.35
C PHE B 1258 83.93 -63.62 34.74
N LEU B 1259 82.61 -63.68 34.58
CA LEU B 1259 81.83 -62.76 33.79
C LEU B 1259 80.39 -63.16 34.00
N GLN B 1260 79.45 -62.25 33.72
CA GLN B 1260 78.04 -62.58 33.82
C GLN B 1260 77.61 -63.63 32.81
N VAL B 1261 76.36 -64.03 32.85
CA VAL B 1261 75.86 -64.90 31.79
C VAL B 1261 74.90 -64.10 30.93
N PRO B 1262 75.33 -63.64 29.75
CA PRO B 1262 74.37 -63.08 28.80
C PRO B 1262 73.52 -64.20 28.23
N SER B 1263 72.37 -63.80 27.68
CA SER B 1263 71.45 -64.78 27.11
C SER B 1263 71.98 -65.38 25.82
N SER B 1264 72.95 -64.74 25.18
CA SER B 1264 73.48 -65.19 23.90
C SER B 1264 74.63 -66.16 24.09
N HIS B 1265 74.37 -67.21 24.86
CA HIS B 1265 75.28 -68.35 24.91
C HIS B 1265 74.88 -69.30 23.78
N GLU B 1266 75.68 -70.35 23.57
CA GLU B 1266 75.28 -71.50 22.77
C GLU B 1266 73.97 -72.06 23.30
N HIS B 1267 74.01 -72.63 24.51
CA HIS B 1267 72.81 -72.77 25.34
C HIS B 1267 73.25 -72.93 26.80
N ILE B 1268 73.23 -71.82 27.55
CA ILE B 1268 73.19 -71.84 29.00
C ILE B 1268 72.15 -70.81 29.43
N GLU B 1269 71.12 -71.27 30.12
CA GLU B 1269 70.07 -70.39 30.61
C GLU B 1269 69.81 -70.71 32.07
N VAL B 1270 70.30 -69.87 32.95
CA VAL B 1270 69.89 -69.91 34.34
C VAL B 1270 68.54 -69.22 34.44
N THR B 1271 67.75 -69.62 35.42
CA THR B 1271 66.53 -68.91 35.75
C THR B 1271 66.67 -68.36 37.16
N ARG B 1272 65.69 -67.55 37.57
CA ARG B 1272 65.74 -66.90 38.89
C ARG B 1272 64.30 -66.88 39.40
N ILE B 1273 63.90 -67.94 40.11
CA ILE B 1273 62.50 -68.15 40.44
C ILE B 1273 62.37 -68.48 41.93
N ASP B 1274 61.42 -67.84 42.59
CA ASP B 1274 60.98 -68.28 43.91
C ASP B 1274 59.50 -68.02 44.09
N VAL B 1285 63.17 -73.27 47.17
CA VAL B 1285 63.46 -71.97 47.77
C VAL B 1285 64.56 -71.26 47.00
N THR B 1286 64.17 -70.16 46.34
CA THR B 1286 65.04 -69.22 45.63
C THR B 1286 65.88 -69.93 44.56
N GLN B 1287 65.17 -70.42 43.56
CA GLN B 1287 65.68 -71.41 42.64
C GLN B 1287 66.47 -70.79 41.51
N LYS B 1288 67.52 -71.49 41.09
CA LYS B 1288 68.23 -71.20 39.84
C LYS B 1288 68.48 -72.51 39.11
N SER B 1289 67.68 -72.80 38.10
CA SER B 1289 67.85 -73.99 37.28
C SER B 1289 68.85 -73.69 36.16
N PHE B 1290 68.98 -74.61 35.21
CA PHE B 1290 69.92 -74.45 34.11
C PHE B 1290 69.35 -75.10 32.86
N GLY B 1291 70.23 -75.28 31.88
CA GLY B 1291 69.94 -75.99 30.66
C GLY B 1291 71.19 -76.06 29.82
N SER B 1292 71.52 -77.24 29.31
CA SER B 1292 72.72 -77.46 28.51
C SER B 1292 72.42 -78.33 27.30
N GLN B 1293 71.35 -78.00 26.59
CA GLN B 1293 71.05 -78.67 25.32
C GLN B 1293 71.96 -78.16 24.22
N ASN B 1294 73.14 -78.75 24.10
CA ASN B 1294 74.16 -78.30 23.16
C ASN B 1294 74.67 -79.51 22.39
N SER B 1295 75.74 -79.30 21.63
CA SER B 1295 76.47 -80.36 20.95
C SER B 1295 77.88 -80.52 21.49
N SER B 1296 78.51 -79.44 21.94
CA SER B 1296 79.77 -79.49 22.66
C SER B 1296 79.50 -79.16 24.13
N THR B 1297 79.51 -80.17 24.99
CA THR B 1297 78.88 -80.15 26.31
C THR B 1297 79.87 -80.56 27.41
N ASP B 1298 81.04 -79.93 27.48
CA ASP B 1298 82.04 -80.51 28.37
C ASP B 1298 81.92 -80.14 29.84
N ILE B 1299 82.33 -78.92 30.22
CA ILE B 1299 82.50 -78.52 31.62
C ILE B 1299 82.34 -77.01 31.73
N MET B 1300 81.45 -76.55 32.62
CA MET B 1300 81.34 -75.14 32.96
C MET B 1300 81.49 -74.98 34.46
N PHE B 1301 81.94 -73.80 34.90
CA PHE B 1301 81.95 -73.47 36.31
C PHE B 1301 80.86 -72.44 36.58
N TYR B 1302 80.44 -72.32 37.84
CA TYR B 1302 79.42 -71.35 38.20
C TYR B 1302 79.78 -70.68 39.51
N ARG B 1303 80.15 -69.41 39.43
CA ARG B 1303 80.31 -68.56 40.61
C ARG B 1303 79.00 -67.85 40.86
N LEU B 1304 78.39 -68.13 42.00
CA LEU B 1304 77.41 -67.19 42.49
C LEU B 1304 78.18 -65.93 42.91
N SER B 1305 77.53 -64.78 42.73
CA SER B 1305 78.25 -63.52 42.53
C SER B 1305 79.07 -63.01 43.71
N MET B 1306 78.42 -62.69 44.81
CA MET B 1306 79.25 -61.88 45.70
C MET B 1306 79.84 -62.74 46.81
N PRO B 1307 81.02 -62.36 47.34
CA PRO B 1307 81.65 -63.19 48.38
C PRO B 1307 81.18 -62.88 49.79
N ILE B 1308 81.74 -63.63 50.74
CA ILE B 1308 81.42 -63.50 52.15
C ILE B 1308 82.72 -63.35 52.92
N GLU B 1309 82.75 -62.43 53.89
CA GLU B 1309 83.92 -62.14 54.69
C GLU B 1309 84.09 -63.19 55.80
N CYS B 1310 84.96 -62.89 56.76
CA CYS B 1310 85.14 -63.72 57.93
C CYS B 1310 84.95 -62.91 59.20
N THR B 1425 77.13 -68.44 59.12
CA THR B 1425 76.29 -68.96 60.19
C THR B 1425 75.21 -69.84 59.55
N TYR B 1426 74.81 -69.48 58.33
CA TYR B 1426 73.82 -70.24 57.58
C TYR B 1426 74.46 -71.12 56.53
N TYR B 1427 73.65 -72.02 55.99
CA TYR B 1427 74.08 -72.99 54.98
C TYR B 1427 73.59 -72.56 53.59
N TYR B 1428 73.80 -73.45 52.62
CA TYR B 1428 73.50 -73.14 51.22
C TYR B 1428 73.21 -74.44 50.48
N SER B 1429 71.95 -74.62 50.07
CA SER B 1429 71.48 -75.90 49.57
C SER B 1429 71.43 -75.93 48.05
N VAL B 1430 71.82 -77.08 47.49
CA VAL B 1430 71.87 -77.32 46.06
C VAL B 1430 71.14 -78.63 45.78
N ARG B 1431 70.33 -78.68 44.73
CA ARG B 1431 69.74 -79.92 44.27
C ARG B 1431 70.24 -80.28 42.87
N ILE B 1432 70.70 -81.51 42.71
CA ILE B 1432 71.24 -82.02 41.46
C ILE B 1432 70.25 -83.04 40.94
N PHE B 1433 69.78 -82.84 39.72
CA PHE B 1433 68.75 -83.73 39.17
C PHE B 1433 69.32 -85.05 38.63
N PRO B 1434 70.47 -85.07 37.89
CA PRO B 1434 70.92 -86.43 37.58
C PRO B 1434 71.93 -86.98 38.61
N ASN B 1440 81.17 -87.25 40.35
CA ASN B 1440 81.03 -86.99 38.93
C ASN B 1440 81.09 -85.50 38.61
N VAL B 1441 80.69 -84.66 39.56
CA VAL B 1441 80.66 -83.21 39.41
C VAL B 1441 81.24 -82.59 40.67
N TRP B 1442 82.31 -81.82 40.51
CA TRP B 1442 82.93 -81.19 41.67
C TRP B 1442 82.06 -80.06 42.21
N VAL B 1443 82.18 -79.81 43.52
CA VAL B 1443 81.60 -78.65 44.20
C VAL B 1443 82.65 -78.06 45.10
N GLY B 1444 82.89 -76.75 44.98
CA GLY B 1444 83.82 -76.08 45.86
C GLY B 1444 83.24 -74.80 46.42
N TRP B 1445 84.08 -74.01 47.10
CA TRP B 1445 83.71 -72.70 47.64
C TRP B 1445 84.92 -71.81 47.41
N ILE B 1446 84.84 -70.99 46.37
CA ILE B 1446 86.03 -70.42 45.75
C ILE B 1446 86.59 -69.28 46.59
N THR B 1447 87.87 -69.38 46.91
CA THR B 1447 88.62 -68.20 47.32
C THR B 1447 88.88 -67.35 46.09
N SER B 1448 88.52 -66.08 46.18
CA SER B 1448 88.27 -65.21 45.03
C SER B 1448 89.47 -65.00 44.10
N ASP B 1449 90.67 -65.44 44.48
CA ASP B 1449 91.83 -65.36 43.60
C ASP B 1449 92.00 -66.67 42.81
N PHE B 1450 90.97 -67.00 42.04
CA PHE B 1450 90.92 -68.27 41.32
C PHE B 1450 91.17 -68.02 39.86
N HIS B 1451 92.26 -68.56 39.34
CA HIS B 1451 92.57 -68.53 37.91
C HIS B 1451 93.15 -69.87 37.49
N GLN B 1452 92.56 -70.94 38.01
CA GLN B 1452 93.06 -72.29 37.79
C GLN B 1452 92.05 -73.00 36.90
N TYR B 1453 92.30 -73.00 35.59
CA TYR B 1453 91.37 -73.60 34.63
C TYR B 1453 92.04 -74.77 33.94
N ASP B 1454 91.76 -75.98 34.44
CA ASP B 1454 92.15 -77.24 33.84
C ASP B 1454 91.12 -78.30 34.25
N THR B 1455 91.09 -79.39 33.48
CA THR B 1455 90.21 -80.50 33.82
C THR B 1455 90.93 -81.54 34.67
N ALA B 1456 91.51 -81.09 35.78
CA ALA B 1456 92.25 -81.95 36.69
C ALA B 1456 91.74 -81.75 38.11
N PHE B 1457 92.47 -82.25 39.11
CA PHE B 1457 92.09 -82.02 40.50
C PHE B 1457 93.35 -81.80 41.33
N ASP B 1458 93.68 -80.54 41.58
CA ASP B 1458 94.79 -80.09 42.40
C ASP B 1458 94.41 -78.75 43.02
N LEU B 1459 95.42 -78.01 43.50
CA LEU B 1459 95.22 -76.63 43.87
C LEU B 1459 95.91 -75.72 42.86
N VAL B 1465 98.63 -76.77 49.69
CA VAL B 1465 99.41 -75.57 49.95
C VAL B 1465 99.33 -75.23 51.42
N THR B 1466 100.39 -75.49 52.16
CA THR B 1466 100.40 -75.27 53.59
C THR B 1466 101.40 -74.20 53.95
N VAL B 1467 101.07 -73.43 54.96
CA VAL B 1467 102.00 -72.55 55.64
C VAL B 1467 102.15 -73.07 57.05
N THR B 1468 103.37 -72.98 57.60
CA THR B 1468 103.62 -73.34 59.00
C THR B 1468 104.11 -72.12 59.75
N LEU B 1469 103.78 -72.04 61.03
CA LEU B 1469 104.16 -70.90 61.86
C LEU B 1469 105.61 -71.04 62.31
N GLY B 1470 105.98 -70.24 63.29
CA GLY B 1470 107.25 -70.38 63.97
C GLY B 1470 107.13 -69.91 65.41
N ASP B 1471 107.51 -70.76 66.36
CA ASP B 1471 107.50 -70.41 67.78
C ASP B 1471 108.90 -70.01 68.24
N GLU B 1472 109.63 -69.31 67.36
CA GLU B 1472 111.07 -68.98 67.36
C GLU B 1472 111.94 -70.21 67.12
N LYS B 1473 111.32 -71.39 67.06
CA LYS B 1473 111.93 -72.62 66.63
C LYS B 1473 111.01 -73.36 65.67
N GLY B 1474 109.79 -72.87 65.50
CA GLY B 1474 108.77 -73.69 64.86
C GLY B 1474 108.26 -74.70 65.84
N LYS B 1475 108.17 -75.95 65.36
CA LYS B 1475 108.15 -77.18 66.16
C LYS B 1475 106.85 -77.42 66.92
N VAL B 1476 105.93 -76.45 66.98
CA VAL B 1476 104.53 -76.79 67.19
C VAL B 1476 103.77 -76.18 66.02
N HIS B 1477 103.58 -74.85 66.05
CA HIS B 1477 103.74 -73.88 64.97
C HIS B 1477 103.57 -74.38 63.53
N GLU B 1478 102.58 -75.22 63.24
CA GLU B 1478 102.53 -75.76 61.88
C GLU B 1478 101.19 -75.62 61.18
N SER B 1479 100.10 -76.02 61.83
CA SER B 1479 98.83 -76.22 61.14
C SER B 1479 98.12 -74.88 60.98
N ILE B 1480 98.12 -74.35 59.77
CA ILE B 1480 97.47 -73.06 59.58
C ILE B 1480 96.32 -73.18 58.58
N LYS B 1481 96.65 -73.48 57.33
CA LYS B 1481 95.65 -73.36 56.27
C LYS B 1481 96.07 -74.14 55.04
N ARG B 1482 95.07 -74.54 54.26
CA ARG B 1482 95.28 -75.24 52.99
C ARG B 1482 94.34 -74.78 51.89
N SER B 1483 93.80 -73.57 51.96
CA SER B 1483 92.85 -73.11 50.96
C SER B 1483 93.57 -72.68 49.68
N ASN B 1484 92.79 -72.56 48.61
CA ASN B 1484 93.34 -72.17 47.31
C ASN B 1484 92.26 -71.58 46.40
N TYR B 1486 89.59 -74.47 45.41
CA TYR B 1486 89.64 -73.92 46.77
C TYR B 1486 89.07 -74.89 47.78
N MET B 1487 87.82 -75.32 47.58
CA MET B 1487 87.19 -76.30 48.44
C MET B 1487 86.75 -77.51 47.63
N VAL B 1488 86.48 -78.61 48.32
CA VAL B 1488 86.40 -79.92 47.69
C VAL B 1488 85.08 -80.61 48.03
N CYS B 1489 84.28 -80.90 47.01
CA CYS B 1489 83.25 -81.92 47.05
C CYS B 1489 83.18 -82.58 45.68
N ALA B 1490 82.39 -83.65 45.59
CA ALA B 1490 82.16 -84.33 44.31
C ALA B 1490 80.80 -85.02 44.31
N ASN B 1501 70.73 -91.31 43.72
CA ASN B 1501 69.83 -91.94 42.77
C ASN B 1501 68.75 -90.97 42.32
N ASN B 1502 68.42 -90.01 43.17
CA ASN B 1502 67.49 -88.95 42.80
C ASN B 1502 68.13 -87.56 42.89
N ASN B 1503 68.68 -87.23 44.06
CA ASN B 1503 69.22 -85.89 44.29
C ASN B 1503 70.43 -85.98 45.21
N GLY B 1504 71.56 -85.46 44.75
CA GLY B 1504 72.71 -85.29 45.61
C GLY B 1504 72.70 -83.92 46.23
N LEU B 1505 72.24 -83.83 47.47
CA LEU B 1505 71.92 -82.53 48.09
C LEU B 1505 73.11 -82.05 48.92
N GLU B 1506 74.20 -81.74 48.22
CA GLU B 1506 75.40 -81.26 48.89
C GLU B 1506 75.20 -79.83 49.34
N ILE B 1507 75.28 -79.61 50.66
CA ILE B 1507 74.96 -78.32 51.27
C ILE B 1507 76.18 -77.85 52.03
N GLY B 1508 76.85 -76.82 51.52
CA GLY B 1508 78.08 -76.31 52.10
C GLY B 1508 77.87 -75.33 53.25
N CYS B 1509 77.59 -75.84 54.44
CA CYS B 1509 77.26 -74.96 55.56
C CYS B 1509 78.48 -74.16 56.02
N VAL B 1510 78.19 -72.94 56.47
CA VAL B 1510 79.19 -71.89 56.69
C VAL B 1510 79.16 -71.46 58.16
N VAL B 1511 80.35 -71.34 58.76
CA VAL B 1511 80.56 -70.79 60.10
C VAL B 1511 79.80 -71.53 61.19
N GLY B 1516 85.32 -68.15 61.99
CA GLY B 1516 84.60 -68.75 60.88
C GLY B 1516 85.06 -70.17 60.58
N LEU B 1517 84.11 -71.01 60.17
CA LEU B 1517 84.39 -72.44 59.96
C LEU B 1517 83.62 -72.92 58.74
N LEU B 1518 83.81 -74.18 58.38
CA LEU B 1518 83.05 -74.82 57.31
C LEU B 1518 82.72 -76.25 57.67
N THR B 1519 81.45 -76.62 57.45
CA THR B 1519 80.99 -77.99 57.54
C THR B 1519 80.25 -78.34 56.26
N PHE B 1520 80.82 -79.27 55.49
CA PHE B 1520 80.21 -79.77 54.27
C PHE B 1520 79.19 -80.84 54.65
N THR B 1521 77.94 -80.63 54.27
CA THR B 1521 76.89 -81.61 54.49
C THR B 1521 76.35 -82.04 53.14
N ALA B 1522 75.80 -83.25 53.10
CA ALA B 1522 75.31 -83.82 51.84
C ALA B 1522 74.15 -84.75 52.12
N ASN B 1523 72.96 -84.35 51.67
CA ASN B 1523 71.70 -85.09 51.80
C ASN B 1523 71.40 -85.39 53.27
N GLY B 1524 71.72 -84.45 54.15
CA GLY B 1524 71.56 -84.66 55.57
C GLY B 1524 72.78 -85.27 56.22
N LYS B 1525 73.52 -86.09 55.49
CA LYS B 1525 74.73 -86.69 56.02
C LYS B 1525 75.86 -85.67 55.99
N ASP B 1526 76.99 -86.05 56.56
CA ASP B 1526 78.14 -85.16 56.68
C ASP B 1526 79.32 -85.81 55.96
N LEU B 1527 79.41 -85.59 54.66
CA LEU B 1527 80.63 -85.94 53.94
C LEU B 1527 81.75 -85.02 54.39
N SER B 1528 82.87 -85.62 54.77
CA SER B 1528 83.91 -84.90 55.51
C SER B 1528 84.78 -84.04 54.60
N THR B 1529 85.93 -83.61 55.16
CA THR B 1529 86.92 -82.74 54.52
C THR B 1529 86.30 -81.40 54.13
N TYR B 1530 85.91 -80.67 55.16
CA TYR B 1530 85.52 -79.27 55.05
C TYR B 1530 86.51 -78.43 55.83
N TYR B 1531 87.33 -77.66 55.12
CA TYR B 1531 88.43 -76.94 55.75
C TYR B 1531 87.91 -75.77 56.59
N GLN B 1532 87.80 -76.00 57.89
CA GLN B 1532 87.35 -74.97 58.83
C GLN B 1532 88.55 -74.16 59.34
N VAL B 1533 89.32 -73.63 58.39
CA VAL B 1533 90.50 -72.85 58.70
C VAL B 1533 90.66 -71.69 57.74
N GLU B 1534 90.32 -70.48 58.19
CA GLU B 1534 90.57 -69.23 57.48
C GLU B 1534 90.49 -68.07 58.47
N PRO B 1535 91.54 -67.27 58.61
CA PRO B 1535 91.48 -66.14 59.54
C PRO B 1535 90.52 -65.01 59.16
N SER B 1536 90.75 -64.35 58.02
CA SER B 1536 90.00 -63.15 57.67
C SER B 1536 89.73 -63.07 56.16
N THR B 1537 89.32 -64.18 55.57
CA THR B 1537 89.37 -64.30 54.13
C THR B 1537 88.05 -63.89 53.48
N LYS B 1538 87.93 -64.17 52.18
CA LYS B 1538 86.70 -63.97 51.41
C LYS B 1538 86.44 -65.19 50.54
N LEU B 1539 85.18 -65.60 50.45
CA LEU B 1539 84.82 -66.89 49.87
C LEU B 1539 83.67 -66.73 48.89
N PHE B 1540 83.89 -67.13 47.64
CA PHE B 1540 82.79 -67.20 46.69
C PHE B 1540 81.92 -68.41 46.97
N PRO B 1541 80.60 -68.25 46.98
CA PRO B 1541 79.72 -69.42 46.85
C PRO B 1541 79.82 -69.98 45.44
N ALA B 1542 80.22 -71.24 45.37
CA ALA B 1542 80.62 -71.84 44.11
C ALA B 1542 79.96 -73.19 43.92
N VAL B 1543 79.62 -73.51 42.68
CA VAL B 1543 79.26 -74.86 42.24
C VAL B 1543 79.87 -75.05 40.87
N PHE B 1544 80.55 -76.16 40.65
CA PHE B 1544 81.07 -76.44 39.33
C PHE B 1544 80.12 -77.39 38.61
N ALA B 1545 80.43 -77.70 37.34
CA ALA B 1545 79.55 -78.60 36.61
C ALA B 1545 80.27 -79.31 35.47
N GLN B 1546 79.80 -80.52 35.22
CA GLN B 1546 79.94 -81.21 33.95
C GLN B 1546 78.54 -81.39 33.40
N ALA B 1547 78.41 -81.43 32.08
CA ALA B 1547 77.10 -81.66 31.49
C ALA B 1547 76.83 -83.15 31.47
N THR B 1548 76.42 -83.69 32.61
CA THR B 1548 76.01 -85.09 32.69
C THR B 1548 74.63 -85.28 32.07
N SER B 1549 73.67 -84.48 32.48
CA SER B 1549 72.36 -84.41 31.85
C SER B 1549 72.02 -82.95 31.65
N PRO B 1550 71.19 -82.62 30.66
CA PRO B 1550 70.62 -81.28 30.61
C PRO B 1550 69.68 -81.04 31.78
N ASN B 1551 69.48 -79.75 32.09
CA ASN B 1551 68.61 -79.26 33.16
C ASN B 1551 69.04 -79.80 34.54
N VAL B 1552 70.23 -79.36 34.95
CA VAL B 1552 70.93 -80.04 36.03
C VAL B 1552 70.56 -79.51 37.41
N PHE B 1553 70.84 -78.23 37.72
CA PHE B 1553 70.85 -77.81 39.12
C PHE B 1553 69.55 -77.13 39.52
N GLN B 1554 69.42 -76.94 40.82
CA GLN B 1554 68.66 -75.87 41.43
C GLN B 1554 69.46 -75.36 42.61
N PHE B 1555 69.44 -74.04 42.80
CA PHE B 1555 70.22 -73.44 43.86
C PHE B 1555 69.31 -72.80 44.89
N GLU B 1556 69.93 -72.27 45.94
CA GLU B 1556 69.29 -71.31 46.81
C GLU B 1556 69.71 -69.90 46.42
N ALA B 1568 67.11 -74.44 61.24
CA ALA B 1568 67.66 -74.52 59.90
C ALA B 1568 67.24 -73.31 59.06
N GLY B 1569 67.54 -72.11 59.55
CA GLY B 1569 67.25 -70.90 58.82
C GLY B 1569 68.12 -70.73 57.59
N LEU B 1570 67.82 -69.71 56.81
CA LEU B 1570 68.46 -69.60 55.50
C LEU B 1570 69.33 -68.36 55.39
N PHE B 1571 69.86 -68.16 54.19
CA PHE B 1571 71.21 -67.70 53.94
C PHE B 1571 71.37 -66.20 53.69
N LYS B 1572 70.37 -65.55 53.10
CA LYS B 1572 70.54 -64.24 52.47
C LYS B 1572 70.97 -63.16 53.46
N SER B 1573 70.50 -63.27 54.71
CA SER B 1573 70.79 -62.25 55.71
C SER B 1573 72.28 -62.17 56.04
N GLU B 1574 72.95 -63.31 56.08
CA GLU B 1574 74.34 -63.41 56.48
C GLU B 1574 75.28 -63.10 55.31
N HIS B 1575 74.80 -62.36 54.31
CA HIS B 1575 75.54 -62.01 53.11
C HIS B 1575 75.41 -60.52 52.77
N LYS B 1576 74.27 -59.93 53.10
CA LYS B 1576 74.00 -58.53 52.78
C LYS B 1576 74.40 -57.65 53.95
N ASN B 1577 73.99 -56.39 53.91
CA ASN B 1577 74.07 -55.56 55.10
C ASN B 1577 72.91 -55.79 56.07
N PRO B 1578 71.59 -55.83 55.66
CA PRO B 1578 70.57 -56.08 56.68
C PRO B 1578 70.58 -57.49 57.23
N VAL B 1579 70.76 -57.62 58.54
CA VAL B 1579 70.91 -58.94 59.14
C VAL B 1579 69.93 -59.31 60.25
N PRO B 1580 68.63 -58.91 60.24
CA PRO B 1580 67.63 -59.89 60.71
C PRO B 1580 67.28 -60.92 59.65
N GLN B 1581 66.52 -60.47 58.63
CA GLN B 1581 66.27 -61.03 57.30
C GLN B 1581 66.33 -62.55 57.20
N CYS B 1582 65.72 -63.25 58.14
CA CYS B 1582 65.85 -64.70 58.21
C CYS B 1582 65.16 -65.46 57.06
N PRO B 1583 64.02 -65.02 56.51
CA PRO B 1583 63.64 -65.53 55.19
C PRO B 1583 64.59 -65.04 54.13
N PRO B 1584 65.05 -65.92 53.24
CA PRO B 1584 65.95 -65.49 52.17
C PRO B 1584 65.18 -64.76 51.09
N ARG B 1585 65.93 -64.06 50.23
CA ARG B 1585 65.32 -63.36 49.11
C ARG B 1585 66.33 -63.21 47.98
N LEU B 1586 65.91 -63.55 46.77
CA LEU B 1586 66.74 -63.32 45.59
C LEU B 1586 66.89 -61.83 45.32
N HIS B 1587 67.94 -61.49 44.60
CA HIS B 1587 68.16 -60.12 44.20
C HIS B 1587 68.75 -60.10 42.80
N VAL B 1588 68.56 -58.95 42.14
CA VAL B 1588 69.16 -58.74 40.83
C VAL B 1588 70.67 -58.75 40.93
N GLN B 1589 71.20 -58.32 42.08
CA GLN B 1589 72.64 -58.24 42.29
C GLN B 1589 73.27 -59.62 42.42
N PHE B 1590 72.49 -60.65 42.71
CA PHE B 1590 73.01 -62.01 42.58
C PHE B 1590 73.16 -62.36 41.11
N LEU B 1591 74.28 -62.98 40.78
CA LEU B 1591 74.61 -63.38 39.42
C LEU B 1591 75.12 -64.81 39.45
N SER B 1592 75.46 -65.33 38.28
CA SER B 1592 75.75 -66.74 38.08
C SER B 1592 77.03 -66.89 37.29
N HIS B 1593 78.09 -66.25 37.78
CA HIS B 1593 79.30 -66.00 37.00
C HIS B 1593 80.01 -67.28 36.58
N VAL B 1594 80.46 -67.28 35.34
CA VAL B 1594 81.11 -68.44 34.74
C VAL B 1594 82.50 -68.01 34.32
N LEU B 1595 83.49 -68.82 34.64
CA LEU B 1595 84.88 -68.59 34.24
C LEU B 1595 84.97 -68.73 32.75
N TRP B 1596 84.94 -67.61 32.03
CA TRP B 1596 85.08 -67.71 30.59
C TRP B 1596 86.54 -67.52 30.18
N SER B 1597 86.75 -67.59 28.87
CA SER B 1597 88.11 -67.77 28.35
C SER B 1597 88.90 -66.48 28.44
N ARG B 1598 88.46 -65.44 27.73
CA ARG B 1598 89.36 -64.32 27.53
C ARG B 1598 88.59 -63.06 27.16
N MET B 1599 89.22 -61.93 27.47
CA MET B 1599 88.75 -60.57 27.25
C MET B 1599 89.97 -59.73 26.95
N PRO B 1600 89.86 -58.67 26.16
CA PRO B 1600 91.04 -57.88 25.79
C PRO B 1600 91.56 -57.08 26.97
N ASN B 1601 92.87 -56.82 26.96
CA ASN B 1601 93.54 -56.18 28.08
C ASN B 1601 94.69 -55.30 27.62
N GLN B 1602 94.96 -54.25 28.39
CA GLN B 1602 95.59 -53.05 27.86
C GLN B 1602 97.10 -53.22 27.70
N PHE B 1603 97.67 -52.36 26.83
CA PHE B 1603 99.06 -52.47 26.41
C PHE B 1603 100.04 -52.15 27.53
N LEU B 1604 99.65 -51.34 28.50
CA LEU B 1604 100.53 -50.77 29.53
C LEU B 1604 101.66 -49.97 28.89
N LYS B 1605 101.26 -48.85 28.30
CA LYS B 1605 102.02 -48.00 27.38
C LYS B 1605 103.47 -47.68 27.78
N VAL B 1606 103.72 -47.44 29.07
CA VAL B 1606 105.07 -47.31 29.60
C VAL B 1606 105.16 -48.20 30.81
N ASP B 1607 106.24 -48.99 30.93
CA ASP B 1607 106.35 -49.93 32.04
C ASP B 1607 107.43 -49.56 33.05
N VAL B 1608 108.70 -49.62 32.69
CA VAL B 1608 109.80 -49.56 33.68
C VAL B 1608 111.08 -49.04 33.01
N SER B 1609 111.72 -48.04 33.62
CA SER B 1609 113.11 -47.73 33.31
C SER B 1609 113.99 -48.74 34.02
N ARG B 1610 114.83 -49.46 33.28
CA ARG B 1610 115.31 -50.76 33.70
C ARG B 1610 116.80 -50.95 33.43
N ILE B 1611 117.54 -51.39 34.44
CA ILE B 1611 118.96 -51.72 34.31
C ILE B 1611 119.18 -53.13 34.86
N SER B 1612 119.77 -54.00 34.04
CA SER B 1612 120.15 -55.35 34.45
C SER B 1612 121.56 -55.62 33.96
N GLU B 1613 122.47 -55.94 34.88
CA GLU B 1613 123.87 -56.02 34.52
C GLU B 1613 124.50 -57.35 34.92
N ARG B 1614 125.82 -57.46 34.80
CA ARG B 1614 126.50 -58.75 34.82
C ARG B 1614 127.50 -58.92 35.96
N GLN B 1615 128.45 -58.00 36.12
CA GLN B 1615 129.56 -58.20 37.05
C GLN B 1615 129.04 -58.11 38.47
N GLY B 1616 128.67 -59.27 39.03
CA GLY B 1616 127.89 -59.35 40.22
C GLY B 1616 126.39 -59.40 40.00
N TRP B 1617 125.94 -59.23 38.75
CA TRP B 1617 124.54 -59.25 38.35
C TRP B 1617 123.73 -58.19 39.12
N LEU B 1618 124.11 -56.96 38.84
CA LEU B 1618 123.49 -55.76 39.41
C LEU B 1618 122.26 -55.39 38.60
N VAL B 1619 121.14 -56.01 38.95
CA VAL B 1619 119.85 -55.48 38.53
C VAL B 1619 119.64 -54.13 39.20
N GLN B 1620 119.04 -53.18 38.49
CA GLN B 1620 118.90 -51.84 39.03
C GLN B 1620 117.69 -51.15 38.43
N CYS B 1621 116.88 -50.54 39.30
CA CYS B 1621 115.84 -49.60 38.89
C CYS B 1621 115.75 -48.50 39.93
N LEU B 1622 115.45 -47.29 39.48
CA LEU B 1622 115.47 -46.15 40.41
C LEU B 1622 114.21 -45.32 40.37
N GLU B 1623 113.59 -45.14 39.21
CA GLU B 1623 112.50 -44.17 39.19
C GLU B 1623 111.15 -44.85 39.37
N PRO B 1624 110.17 -44.17 39.97
CA PRO B 1624 108.85 -44.75 40.11
C PRO B 1624 107.93 -44.43 38.95
N LEU B 1625 107.01 -45.36 38.68
CA LEU B 1625 105.93 -45.18 37.71
C LEU B 1625 104.68 -45.82 38.29
N GLN B 1626 103.65 -45.03 38.54
CA GLN B 1626 102.53 -45.50 39.32
C GLN B 1626 101.33 -45.88 38.47
N PHE B 1627 100.48 -46.75 39.04
CA PHE B 1627 99.21 -47.11 38.44
C PHE B 1627 98.22 -45.97 38.57
N MET B 1628 96.99 -46.28 38.19
CA MET B 1628 95.82 -45.44 38.44
C MET B 1628 94.71 -46.45 38.69
N SER B 1629 94.55 -46.82 39.96
CA SER B 1629 93.96 -48.11 40.31
C SER B 1629 92.66 -47.92 41.04
N LEU B 1630 91.66 -48.71 40.69
CA LEU B 1630 90.53 -48.88 41.57
C LEU B 1630 90.35 -50.36 41.84
N HIS B 1631 89.37 -50.70 42.66
CA HIS B 1631 88.96 -52.09 42.75
C HIS B 1631 87.46 -52.08 43.00
N ILE B 1632 86.75 -52.90 42.24
CA ILE B 1632 85.34 -53.07 42.56
C ILE B 1632 85.24 -53.97 43.79
N PRO B 1633 84.64 -53.50 44.85
CA PRO B 1633 84.82 -54.19 46.12
C PRO B 1633 83.85 -55.34 46.35
N GLU B 1634 82.66 -55.26 45.77
CA GLU B 1634 81.64 -56.24 46.09
C GLU B 1634 81.78 -57.52 45.29
N GLU B 1635 82.63 -57.55 44.27
CA GLU B 1635 82.92 -58.75 43.51
C GLU B 1635 84.43 -58.84 43.29
N ASN B 1636 85.17 -58.66 44.39
CA ASN B 1636 86.54 -58.16 44.49
C ASN B 1636 87.47 -58.59 43.37
N ARG B 1637 88.12 -57.59 42.77
CA ARG B 1637 89.18 -57.65 41.77
C ARG B 1637 89.63 -56.22 41.52
N SER B 1638 90.85 -56.07 41.03
CA SER B 1638 91.44 -54.76 40.80
C SER B 1638 91.46 -54.45 39.31
N VAL B 1639 91.05 -53.23 38.98
CA VAL B 1639 91.09 -52.70 37.62
C VAL B 1639 91.87 -51.40 37.67
N ASP B 1640 92.59 -51.08 36.62
CA ASP B 1640 93.16 -49.76 36.48
C ASP B 1640 92.31 -48.92 35.54
N ILE B 1641 92.35 -47.60 35.76
CA ILE B 1641 91.39 -46.68 35.17
C ILE B 1641 91.51 -46.63 33.66
N LEU B 1642 92.74 -46.68 33.16
CA LEU B 1642 92.95 -46.54 31.72
C LEU B 1642 92.47 -47.75 30.93
N GLU B 1643 92.06 -48.82 31.59
CA GLU B 1643 91.49 -50.00 30.94
C GLU B 1643 89.98 -49.96 31.00
N LEU B 1644 89.43 -49.03 31.76
CA LEU B 1644 87.99 -48.88 31.87
C LEU B 1644 87.40 -48.17 30.66
N THR B 1645 88.22 -47.68 29.74
CA THR B 1645 87.84 -46.83 28.61
C THR B 1645 86.95 -47.50 27.61
N GLU B 1646 86.52 -48.73 27.80
CA GLU B 1646 85.50 -49.32 26.97
C GLU B 1646 84.46 -50.11 27.76
N GLN B 1647 84.62 -50.28 29.07
CA GLN B 1647 83.59 -50.92 29.87
C GLN B 1647 82.55 -49.87 30.18
N GLU B 1648 81.62 -49.72 29.25
CA GLU B 1648 80.85 -48.48 29.15
C GLU B 1648 79.81 -48.34 30.25
N GLU B 1649 79.24 -49.44 30.72
CA GLU B 1649 78.36 -49.38 31.88
C GLU B 1649 79.12 -48.90 33.10
N LEU B 1650 80.31 -49.47 33.31
CA LEU B 1650 81.12 -49.11 34.46
C LEU B 1650 81.62 -47.68 34.32
N LEU B 1651 81.96 -47.29 33.10
CA LEU B 1651 82.35 -45.92 32.79
C LEU B 1651 81.27 -44.93 33.18
N LYS B 1652 80.05 -45.16 32.71
CA LYS B 1652 78.95 -44.24 32.95
C LYS B 1652 78.63 -44.16 34.43
N PHE B 1653 78.64 -45.31 35.12
CA PHE B 1653 78.33 -45.30 36.53
C PHE B 1653 79.39 -44.56 37.33
N HIS B 1654 80.66 -44.76 36.99
CA HIS B 1654 81.68 -44.07 37.76
C HIS B 1654 81.72 -42.59 37.44
N TYR B 1655 81.33 -42.21 36.23
CA TYR B 1655 81.16 -40.81 35.90
C TYR B 1655 80.09 -40.18 36.78
N HIS B 1656 78.99 -40.89 36.99
CA HIS B 1656 77.98 -40.35 37.87
C HIS B 1656 78.42 -40.36 39.32
N THR B 1657 79.33 -41.25 39.71
CA THR B 1657 79.86 -41.17 41.06
C THR B 1657 80.68 -39.90 41.24
N LEU B 1658 81.49 -39.56 40.25
CA LEU B 1658 82.24 -38.31 40.35
C LEU B 1658 81.32 -37.11 40.31
N ARG B 1659 80.24 -37.19 39.53
CA ARG B 1659 79.24 -36.14 39.53
C ARG B 1659 78.62 -35.96 40.91
N LEU B 1660 78.36 -37.07 41.61
CA LEU B 1660 77.77 -36.96 42.94
C LEU B 1660 78.76 -36.42 43.95
N TYR B 1661 80.02 -36.86 43.89
CA TYR B 1661 81.04 -36.33 44.80
C TYR B 1661 81.22 -34.84 44.60
N SER B 1662 81.18 -34.39 43.36
CA SER B 1662 81.22 -32.96 43.09
C SER B 1662 79.97 -32.28 43.59
N ALA B 1663 78.83 -32.96 43.50
CA ALA B 1663 77.57 -32.33 43.81
C ALA B 1663 77.37 -32.14 45.30
N VAL B 1664 77.94 -33.03 46.10
CA VAL B 1664 77.69 -32.97 47.55
C VAL B 1664 78.31 -31.73 48.15
N CYS B 1665 79.62 -31.56 47.99
CA CYS B 1665 80.29 -30.42 48.58
C CYS B 1665 80.09 -29.20 47.70
N ALA B 1666 78.87 -28.69 47.74
CA ALA B 1666 78.51 -27.45 47.06
C ALA B 1666 78.38 -26.35 48.11
N LEU B 1667 79.16 -25.29 47.94
CA LEU B 1667 79.07 -24.05 48.72
C LEU B 1667 79.33 -24.29 50.20
N GLY B 1668 80.58 -24.64 50.48
CA GLY B 1668 81.14 -24.43 51.78
C GLY B 1668 80.92 -25.51 52.82
N ASN B 1669 80.59 -26.73 52.43
CA ASN B 1669 80.53 -27.83 53.39
C ASN B 1669 81.92 -28.37 53.60
N HIS B 1670 82.67 -27.69 54.46
CA HIS B 1670 84.04 -28.10 54.71
C HIS B 1670 84.06 -29.36 55.55
N ARG B 1671 83.02 -29.54 56.37
CA ARG B 1671 82.82 -30.76 57.14
C ARG B 1671 82.71 -31.99 56.26
N VAL B 1672 82.20 -31.84 55.05
CA VAL B 1672 82.06 -32.97 54.15
C VAL B 1672 83.26 -32.98 53.23
N ALA B 1673 83.85 -31.80 53.04
CA ALA B 1673 85.00 -31.70 52.14
C ALA B 1673 86.22 -32.40 52.70
N HIS B 1674 86.40 -32.38 54.02
CA HIS B 1674 87.51 -33.13 54.59
C HIS B 1674 87.29 -34.64 54.42
N ALA B 1675 86.04 -35.09 54.51
CA ALA B 1675 85.75 -36.50 54.31
C ALA B 1675 86.02 -36.91 52.87
N LEU B 1676 85.70 -36.05 51.93
CA LEU B 1676 86.06 -36.36 50.56
C LEU B 1676 87.56 -36.31 50.35
N CYS B 1677 88.26 -35.42 51.05
CA CYS B 1677 89.73 -35.40 50.98
C CYS B 1677 90.32 -36.70 51.48
N SER B 1678 89.67 -37.35 52.42
CA SER B 1678 90.03 -38.72 52.73
C SER B 1678 89.74 -39.65 51.56
N HIS B 1679 88.57 -39.49 50.93
CA HIS B 1679 88.22 -40.44 49.89
C HIS B 1679 88.92 -40.16 48.57
N VAL B 1680 89.20 -38.89 48.28
CA VAL B 1680 89.61 -38.55 46.92
C VAL B 1680 91.08 -38.78 46.67
N ASP B 1681 91.89 -38.95 47.72
CA ASP B 1681 93.32 -39.30 47.63
C ASP B 1681 94.08 -38.22 46.84
N GLU B 1682 94.33 -37.09 47.49
CA GLU B 1682 94.88 -35.84 46.98
C GLU B 1682 95.89 -35.89 45.82
N PRO B 1683 96.90 -36.76 45.77
CA PRO B 1683 97.74 -36.77 44.57
C PRO B 1683 97.13 -37.47 43.39
N GLN B 1684 96.05 -38.23 43.60
CA GLN B 1684 95.42 -38.93 42.48
C GLN B 1684 94.81 -37.93 41.52
N LEU B 1685 94.33 -36.82 42.05
CA LEU B 1685 93.80 -35.76 41.22
C LEU B 1685 94.93 -35.10 40.45
N LEU B 1686 96.08 -34.93 41.10
CA LEU B 1686 97.26 -34.39 40.44
C LEU B 1686 97.75 -35.30 39.35
N TYR B 1687 97.55 -36.60 39.53
CA TYR B 1687 97.92 -37.55 38.50
C TYR B 1687 96.91 -37.54 37.37
N ALA B 1688 95.63 -37.37 37.71
CA ALA B 1688 94.58 -37.26 36.70
C ALA B 1688 94.58 -35.92 35.98
N ILE B 1689 95.37 -34.96 36.46
CA ILE B 1689 95.68 -33.77 35.66
C ILE B 1689 96.30 -34.19 34.34
N GLU B 1690 97.30 -35.05 34.41
CA GLU B 1690 98.27 -35.20 33.34
C GLU B 1690 98.12 -36.50 32.57
N ASN B 1691 97.20 -37.35 32.96
CA ASN B 1691 97.04 -38.63 32.28
C ASN B 1691 96.42 -38.39 30.93
N LYS B 1692 97.26 -38.38 29.91
CA LYS B 1692 96.84 -38.02 28.56
C LYS B 1692 96.23 -39.18 27.81
N TYR B 1693 95.69 -40.16 28.53
CA TYR B 1693 95.02 -41.29 27.93
C TYR B 1693 93.74 -41.67 28.65
N MET B 1694 93.33 -40.92 29.67
CA MET B 1694 92.03 -41.14 30.27
C MET B 1694 90.92 -40.65 29.33
N PRO B 1695 89.69 -41.13 29.49
CA PRO B 1695 88.59 -40.54 28.73
C PRO B 1695 88.31 -39.13 29.19
N GLY B 1696 87.72 -38.35 28.29
CA GLY B 1696 87.43 -36.97 28.60
C GLY B 1696 86.36 -36.81 29.65
N LEU B 1697 85.48 -37.81 29.79
CA LEU B 1697 84.45 -37.78 30.82
C LEU B 1697 85.06 -37.70 32.20
N LEU B 1698 85.91 -38.67 32.51
CA LEU B 1698 86.56 -38.70 33.82
C LEU B 1698 87.55 -37.57 33.97
N ARG B 1699 88.11 -37.10 32.85
CA ARG B 1699 88.96 -35.92 32.86
C ARG B 1699 88.21 -34.71 33.42
N ALA B 1700 87.04 -34.43 32.86
CA ALA B 1700 86.22 -33.32 33.34
C ALA B 1700 85.75 -33.57 34.76
N GLY B 1701 85.45 -34.82 35.09
CA GLY B 1701 85.00 -35.14 36.43
C GLY B 1701 86.06 -34.85 37.49
N TYR B 1702 87.30 -35.24 37.21
CA TYR B 1702 88.32 -35.00 38.22
C TYR B 1702 88.72 -33.54 38.30
N TYR B 1703 88.67 -32.80 37.18
CA TYR B 1703 89.00 -31.37 37.33
C TYR B 1703 87.90 -30.65 38.09
N ASP B 1704 86.65 -31.09 37.91
CA ASP B 1704 85.55 -30.50 38.65
C ASP B 1704 85.63 -30.85 40.12
N LEU B 1705 86.06 -32.07 40.46
CA LEU B 1705 86.27 -32.39 41.87
C LEU B 1705 87.37 -31.57 42.49
N LEU B 1706 88.44 -31.31 41.74
CA LEU B 1706 89.52 -30.48 42.27
C LEU B 1706 89.02 -29.08 42.61
N ILE B 1707 88.27 -28.49 41.68
CA ILE B 1707 87.76 -27.13 41.90
C ILE B 1707 86.73 -27.12 43.02
N ASP B 1708 85.87 -28.13 43.07
CA ASP B 1708 84.79 -28.12 44.04
C ASP B 1708 85.27 -28.39 45.45
N ILE B 1709 86.30 -29.20 45.61
CA ILE B 1709 86.82 -29.42 46.96
C ILE B 1709 87.68 -28.25 47.38
N HIS B 1710 88.68 -27.92 46.60
CA HIS B 1710 89.72 -27.08 47.17
C HIS B 1710 89.61 -25.62 46.78
N LEU B 1711 88.70 -25.26 45.88
CA LEU B 1711 88.83 -23.93 45.32
C LEU B 1711 87.57 -23.09 45.42
N SER B 1712 86.41 -23.74 45.50
CA SER B 1712 85.15 -23.07 45.17
C SER B 1712 84.79 -21.97 46.15
N SER B 1713 85.10 -22.17 47.43
CA SER B 1713 84.65 -21.26 48.47
C SER B 1713 85.31 -19.89 48.31
N TYR B 1714 86.64 -19.87 48.23
CA TYR B 1714 87.33 -18.60 48.10
C TYR B 1714 87.15 -18.00 46.71
N ALA B 1715 86.89 -18.85 45.72
CA ALA B 1715 86.55 -18.36 44.40
C ALA B 1715 85.27 -17.54 44.45
N THR B 1716 84.23 -18.10 45.09
CA THR B 1716 83.00 -17.34 45.30
C THR B 1716 83.23 -16.12 46.18
N ALA B 1717 84.12 -16.24 47.16
CA ALA B 1717 84.37 -15.14 48.07
C ALA B 1717 85.00 -13.96 47.35
N ARG B 1718 85.80 -14.20 46.33
CA ARG B 1718 86.26 -13.04 45.58
C ARG B 1718 85.30 -12.68 44.46
N LEU B 1719 84.47 -13.63 44.02
CA LEU B 1719 83.42 -13.29 43.06
C LEU B 1719 82.42 -12.31 43.65
N MET B 1720 82.20 -12.36 44.95
CA MET B 1720 81.29 -11.38 45.52
C MET B 1720 81.97 -10.03 45.66
N MET B 1721 83.26 -10.01 45.96
CA MET B 1721 83.94 -8.76 46.22
C MET B 1721 84.69 -8.24 45.00
N ASN B 1722 84.35 -8.74 43.81
CA ASN B 1722 84.83 -8.12 42.58
C ASN B 1722 84.39 -6.67 42.45
N ASN B 1723 83.28 -6.28 43.08
CA ASN B 1723 82.63 -5.03 42.78
C ASN B 1723 82.49 -4.18 44.02
N GLU B 1724 83.55 -4.02 44.78
CA GLU B 1724 83.37 -3.17 45.96
C GLU B 1724 84.36 -2.03 46.04
N PHE B 1725 85.60 -2.23 45.58
CA PHE B 1725 86.54 -1.16 45.23
C PHE B 1725 86.96 -0.30 46.41
N ILE B 1726 86.85 -0.78 47.64
CA ILE B 1726 87.32 0.02 48.76
C ILE B 1726 88.83 -0.06 48.85
N VAL B 1727 89.45 0.98 49.37
CA VAL B 1727 90.89 1.12 49.28
C VAL B 1727 91.41 2.00 50.42
N PRO B 1728 92.51 1.63 51.06
CA PRO B 1728 93.12 2.52 52.05
C PRO B 1728 93.78 3.73 51.43
N MET B 1729 94.45 4.51 52.26
CA MET B 1729 94.86 5.84 51.84
C MET B 1729 96.33 6.12 52.11
N THR B 1730 97.15 5.07 52.23
CA THR B 1730 98.56 5.27 52.54
C THR B 1730 99.31 5.76 51.30
N GLU B 1731 100.62 5.98 51.47
CA GLU B 1731 101.44 6.37 50.34
C GLU B 1731 101.67 5.21 49.40
N GLU B 1732 101.57 3.98 49.92
CA GLU B 1732 101.52 2.80 49.08
C GLU B 1732 100.36 2.87 48.10
N THR B 1733 99.19 3.31 48.58
CA THR B 1733 98.08 3.57 47.70
C THR B 1733 98.35 4.78 46.81
N LYS B 1734 99.06 5.78 47.35
CA LYS B 1734 99.40 6.97 46.59
C LYS B 1734 100.52 6.70 45.59
N SER B 1735 101.20 5.58 45.71
CA SER B 1735 102.31 5.23 44.82
C SER B 1735 101.87 4.85 43.42
N ILE B 1736 100.58 4.84 43.13
CA ILE B 1736 100.06 4.36 41.85
C ILE B 1736 100.02 5.52 40.87
N THR B 1737 100.39 5.25 39.61
CA THR B 1737 100.64 6.30 38.63
C THR B 1737 99.87 6.16 37.33
N LEU B 1738 98.93 5.20 37.24
CA LEU B 1738 97.94 5.06 36.17
C LEU B 1738 98.52 4.62 34.83
N PHE B 1739 99.84 4.63 34.66
CA PHE B 1739 100.30 4.60 33.29
C PHE B 1739 101.75 4.15 33.26
N PRO B 1740 102.18 3.47 32.20
CA PRO B 1740 103.58 2.99 32.12
C PRO B 1740 104.58 4.05 31.66
N ASP B 1741 104.84 5.02 32.54
CA ASP B 1741 105.97 5.96 32.46
C ASP B 1741 105.94 6.83 31.20
N GLU B 1742 104.81 7.53 31.02
CA GLU B 1742 104.59 8.50 29.94
C GLU B 1742 104.73 7.86 28.56
N ASN B 1743 104.27 6.62 28.44
CA ASN B 1743 104.28 5.90 27.18
C ASN B 1743 103.12 6.31 26.29
N LYS B 1744 102.82 5.50 25.27
CA LYS B 1744 101.63 5.71 24.46
C LYS B 1744 100.77 4.45 24.41
N LYS B 1745 100.91 3.55 25.37
CA LYS B 1745 100.21 2.27 25.33
C LYS B 1745 99.51 2.04 26.66
N HIS B 1746 98.83 0.91 26.77
CA HIS B 1746 98.16 0.56 28.01
C HIS B 1746 99.14 -0.11 28.97
N GLY B 1747 98.60 -0.63 30.07
CA GLY B 1747 99.41 -1.14 31.15
C GLY B 1747 99.80 -2.60 31.07
N LEU B 1748 99.20 -3.37 30.13
CA LEU B 1748 99.32 -4.84 30.03
C LEU B 1748 98.90 -5.41 31.37
N PRO B 1749 97.58 -5.54 31.62
CA PRO B 1749 97.00 -5.36 32.97
C PRO B 1749 97.42 -6.31 34.08
N GLY B 1750 98.38 -7.19 33.83
CA GLY B 1750 99.00 -7.92 34.92
C GLY B 1750 100.00 -7.07 35.67
N ILE B 1751 99.52 -6.09 36.44
CA ILE B 1751 100.36 -5.24 37.26
C ILE B 1751 100.05 -5.54 38.71
N GLY B 1752 101.08 -5.86 39.48
CA GLY B 1752 100.87 -6.21 40.87
C GLY B 1752 100.99 -5.04 41.83
N LEU B 1753 100.23 -3.96 41.62
CA LEU B 1753 100.18 -2.92 42.65
C LEU B 1753 99.19 -3.30 43.74
N SER B 1754 97.90 -3.36 43.38
CA SER B 1754 96.83 -4.01 44.14
C SER B 1754 96.72 -3.50 45.58
N THR B 1755 96.43 -2.22 45.70
CA THR B 1755 96.29 -1.64 47.03
C THR B 1755 94.90 -1.79 47.59
N SER B 1756 93.99 -2.44 46.87
CA SER B 1756 92.64 -2.62 47.35
C SER B 1756 92.59 -3.67 48.45
N LEU B 1757 91.39 -3.91 48.96
CA LEU B 1757 91.27 -4.79 50.11
C LEU B 1757 91.37 -6.25 49.72
N ARG B 1758 90.40 -6.74 48.94
CA ARG B 1758 90.37 -8.06 48.32
C ARG B 1758 90.54 -9.18 49.34
N PRO B 1759 89.46 -9.58 50.03
CA PRO B 1759 89.58 -10.43 51.22
C PRO B 1759 90.27 -11.76 50.96
N ARG B 1760 90.82 -12.33 52.02
CA ARG B 1760 91.80 -13.39 51.90
C ARG B 1760 91.35 -14.61 52.69
N MET B 1761 92.02 -15.73 52.44
CA MET B 1761 91.60 -17.04 52.87
C MET B 1761 92.52 -17.64 53.92
N GLN B 1762 92.07 -18.75 54.47
CA GLN B 1762 92.80 -19.60 55.38
C GLN B 1762 92.62 -21.02 54.88
N PHE B 1763 93.27 -21.98 55.55
CA PHE B 1763 93.16 -23.38 55.15
C PHE B 1763 93.28 -24.29 56.37
N SER B 1764 92.54 -25.38 56.34
CA SER B 1764 92.62 -26.40 57.38
C SER B 1764 93.46 -27.57 56.90
N SER B 1765 94.06 -28.27 57.85
CA SER B 1765 94.78 -29.48 57.53
C SER B 1765 93.89 -30.68 57.76
N PRO B 1766 93.71 -31.53 56.78
CA PRO B 1766 92.75 -32.64 56.90
C PRO B 1766 93.33 -33.87 57.57
N SER B 1767 94.01 -33.69 58.69
CA SER B 1767 94.49 -34.81 59.48
C SER B 1767 93.32 -35.37 60.28
N PHE B 1768 93.37 -36.65 60.59
CA PHE B 1768 92.28 -37.29 61.30
C PHE B 1768 92.68 -37.54 62.75
N VAL B 1769 92.48 -36.48 63.54
CA VAL B 1769 92.65 -36.46 64.99
C VAL B 1769 91.40 -35.80 65.54
N SER B 1770 91.37 -35.53 66.85
CA SER B 1770 90.19 -34.92 67.48
C SER B 1770 89.93 -33.51 66.98
N ILE B 1771 88.73 -33.01 67.25
CA ILE B 1771 88.21 -31.84 66.58
C ILE B 1771 88.88 -30.58 67.12
N ASN B 1772 89.28 -29.69 66.22
CA ASN B 1772 89.70 -28.34 66.57
C ASN B 1772 88.87 -27.33 65.81
N ASN B 1773 87.56 -27.58 65.72
CA ASN B 1773 86.63 -26.95 64.77
C ASN B 1773 87.14 -27.07 63.33
N GLU B 1774 87.82 -28.18 63.03
CA GLU B 1774 88.45 -28.37 61.74
C GLU B 1774 87.44 -28.68 60.65
N CYS B 1775 86.36 -29.39 61.02
CA CYS B 1775 85.29 -29.60 60.07
C CYS B 1775 84.57 -28.29 59.76
N TYR B 1776 84.47 -27.43 60.75
CA TYR B 1776 83.89 -26.10 60.57
C TYR B 1776 84.94 -25.03 60.31
N GLN B 1777 86.14 -25.43 59.90
CA GLN B 1777 87.21 -24.48 59.67
C GLN B 1777 87.05 -23.78 58.34
N TYR B 1778 88.12 -23.13 57.88
CA TYR B 1778 88.10 -22.39 56.63
C TYR B 1778 87.79 -23.28 55.44
N SER B 1779 88.69 -24.20 55.11
CA SER B 1779 88.55 -25.10 53.97
C SER B 1779 89.70 -26.11 54.02
N PRO B 1780 89.56 -27.24 53.35
CA PRO B 1780 90.70 -28.14 53.18
C PRO B 1780 91.76 -27.52 52.29
N GLU B 1781 93.00 -27.92 52.53
CA GLU B 1781 94.13 -27.25 51.90
C GLU B 1781 94.59 -28.04 50.69
N PHE B 1782 95.51 -27.45 49.93
CA PHE B 1782 95.97 -28.01 48.67
C PHE B 1782 97.24 -27.27 48.26
N PRO B 1783 98.11 -27.88 47.48
CA PRO B 1783 99.27 -27.15 46.95
C PRO B 1783 98.88 -26.11 45.92
N LEU B 1784 99.75 -25.12 45.76
CA LEU B 1784 99.46 -23.97 44.92
C LEU B 1784 100.42 -23.82 43.76
N ASP B 1785 101.72 -23.75 44.01
CA ASP B 1785 102.66 -23.47 42.94
C ASP B 1785 102.88 -24.68 42.06
N ILE B 1786 102.67 -25.88 42.60
CA ILE B 1786 102.66 -27.09 41.79
C ILE B 1786 101.57 -27.00 40.75
N LEU B 1787 100.35 -26.64 41.19
CA LEU B 1787 99.25 -26.39 40.27
C LEU B 1787 99.57 -25.30 39.27
N LYS B 1788 100.21 -24.23 39.76
CA LYS B 1788 100.48 -23.08 38.92
C LYS B 1788 101.40 -23.43 37.77
N ALA B 1789 102.57 -23.99 38.09
CA ALA B 1789 103.53 -24.35 37.06
C ALA B 1789 103.02 -25.46 36.16
N LYS B 1790 102.33 -26.45 36.73
CA LYS B 1790 101.91 -27.54 35.87
C LYS B 1790 100.75 -27.16 34.98
N THR B 1791 99.87 -26.27 35.44
CA THR B 1791 98.83 -25.80 34.54
C THR B 1791 99.36 -24.85 33.47
N ILE B 1792 100.42 -24.11 33.77
CA ILE B 1792 101.06 -23.32 32.72
C ILE B 1792 101.67 -24.24 31.67
N GLN B 1793 102.28 -25.33 32.11
CA GLN B 1793 102.84 -26.31 31.17
C GLN B 1793 101.74 -26.99 30.37
N MET B 1794 100.62 -27.30 31.02
CA MET B 1794 99.45 -27.85 30.34
C MET B 1794 98.93 -26.88 29.28
N LEU B 1795 98.91 -25.59 29.60
CA LEU B 1795 98.43 -24.59 28.66
C LEU B 1795 99.33 -24.48 27.44
N THR B 1796 100.63 -24.29 27.66
CA THR B 1796 101.56 -24.16 26.54
C THR B 1796 101.61 -25.43 25.70
N GLU B 1797 101.50 -26.57 26.38
CA GLU B 1797 101.39 -27.86 25.73
C GLU B 1797 100.15 -27.93 24.84
N ALA B 1798 98.99 -27.63 25.40
CA ALA B 1798 97.74 -27.76 24.66
C ALA B 1798 97.65 -26.76 23.52
N VAL B 1799 98.24 -25.58 23.69
CA VAL B 1799 98.32 -24.63 22.59
C VAL B 1799 99.22 -25.17 21.49
N GLN B 1800 100.47 -25.47 21.82
CA GLN B 1800 101.44 -25.81 20.79
C GLN B 1800 101.29 -27.23 20.25
N GLU B 1801 100.28 -27.97 20.72
CA GLU B 1801 99.89 -29.23 20.11
C GLU B 1801 98.55 -29.18 19.41
N GLY B 1802 97.52 -28.63 20.06
CA GLY B 1802 96.20 -28.61 19.47
C GLY B 1802 96.04 -27.64 18.33
N SER B 1803 96.89 -26.60 18.28
CA SER B 1803 96.85 -25.66 17.17
C SER B 1803 97.30 -26.31 15.88
N LEU B 1804 98.15 -27.34 15.97
CA LEU B 1804 98.56 -28.10 14.81
C LEU B 1804 97.48 -29.04 14.30
N HIS B 1805 96.32 -29.07 14.95
CA HIS B 1805 95.17 -29.89 14.60
C HIS B 1805 95.55 -31.38 14.61
N ALA B 1806 95.83 -31.85 15.82
CA ALA B 1806 95.96 -33.28 16.01
C ALA B 1806 94.59 -33.94 15.91
N ARG B 1807 94.56 -35.11 15.29
CA ARG B 1807 93.35 -35.93 15.23
C ARG B 1807 93.18 -36.78 16.48
N ASP B 1808 94.11 -36.67 17.43
CA ASP B 1808 94.12 -37.39 18.69
C ASP B 1808 93.16 -36.91 19.77
N PRO B 1809 93.02 -35.59 20.00
CA PRO B 1809 93.23 -35.01 21.34
C PRO B 1809 92.44 -35.66 22.47
N VAL B 1810 93.05 -35.56 23.67
CA VAL B 1810 92.98 -36.47 24.80
C VAL B 1810 91.62 -37.08 25.06
N GLY B 1811 90.59 -36.26 25.09
CA GLY B 1811 89.27 -36.79 25.33
C GLY B 1811 88.46 -36.91 24.06
N GLY B 1812 89.11 -37.22 22.94
CA GLY B 1812 88.39 -37.32 21.70
C GLY B 1812 88.12 -35.94 21.15
N THR B 1813 87.17 -35.23 21.75
CA THR B 1813 86.94 -33.85 21.40
C THR B 1813 88.08 -32.98 21.91
N THR B 1814 88.30 -31.86 21.22
CA THR B 1814 89.07 -30.78 21.82
C THR B 1814 88.33 -30.15 22.98
N GLU B 1815 87.01 -30.29 23.00
CA GLU B 1815 86.19 -29.85 24.13
C GLU B 1815 86.66 -30.51 25.40
N PHE B 1816 86.76 -31.84 25.39
CA PHE B 1816 87.32 -32.55 26.54
C PHE B 1816 88.80 -32.30 26.71
N LEU B 1817 89.48 -31.73 25.72
CA LEU B 1817 90.84 -31.31 25.95
C LEU B 1817 90.90 -30.01 26.72
N PHE B 1818 90.21 -28.99 26.23
CA PHE B 1818 90.44 -27.64 26.71
C PHE B 1818 89.52 -27.22 27.84
N VAL B 1819 88.26 -27.66 27.78
CA VAL B 1819 87.22 -27.08 28.64
C VAL B 1819 87.51 -27.20 30.14
N PRO B 1820 87.85 -28.37 30.69
CA PRO B 1820 88.15 -28.37 32.13
C PRO B 1820 89.47 -27.73 32.45
N LEU B 1821 90.42 -27.73 31.51
CA LEU B 1821 91.70 -27.08 31.74
C LEU B 1821 91.54 -25.57 31.80
N ILE B 1822 90.81 -24.99 30.84
CA ILE B 1822 90.56 -23.57 30.83
C ILE B 1822 89.72 -23.17 32.05
N LYS B 1823 88.76 -24.03 32.42
CA LYS B 1823 87.94 -23.78 33.59
C LYS B 1823 88.78 -23.73 34.86
N LEU B 1824 89.74 -24.64 34.99
CA LEU B 1824 90.62 -24.66 36.14
C LEU B 1824 91.50 -23.42 36.17
N PHE B 1825 92.05 -23.05 35.01
CA PHE B 1825 92.89 -21.87 34.96
C PHE B 1825 92.11 -20.61 35.27
N TYR B 1826 90.86 -20.58 34.87
CA TYR B 1826 89.99 -19.44 35.14
C TYR B 1826 89.72 -19.29 36.62
N THR B 1827 89.39 -20.40 37.28
CA THR B 1827 89.16 -20.33 38.73
C THR B 1827 90.44 -20.03 39.47
N LEU B 1828 91.57 -20.51 38.98
CA LEU B 1828 92.79 -20.30 39.72
C LEU B 1828 93.35 -18.92 39.49
N LEU B 1829 92.99 -18.28 38.37
CA LEU B 1829 93.42 -16.93 38.11
C LEU B 1829 92.79 -15.95 39.09
N ILE B 1830 91.53 -16.17 39.43
CA ILE B 1830 90.78 -15.25 40.28
C ILE B 1830 91.33 -15.25 41.69
N MET B 1831 91.93 -16.34 42.13
CA MET B 1831 92.35 -16.51 43.51
C MET B 1831 93.69 -15.84 43.82
N GLY B 1832 94.14 -14.87 43.03
CA GLY B 1832 95.32 -14.09 43.36
C GLY B 1832 96.63 -14.73 43.00
N ILE B 1833 96.61 -15.98 42.58
CA ILE B 1833 97.78 -16.72 42.13
C ILE B 1833 97.99 -16.34 40.67
N PHE B 1834 99.09 -16.81 40.06
CA PHE B 1834 99.65 -16.36 38.79
C PHE B 1834 100.04 -14.90 38.88
N HIS B 1835 101.13 -14.63 39.60
CA HIS B 1835 101.67 -13.28 39.69
C HIS B 1835 102.38 -12.90 38.40
N ASN B 1836 103.08 -11.76 38.45
CA ASN B 1836 103.48 -11.03 37.24
C ASN B 1836 104.45 -11.82 36.39
N GLU B 1837 105.27 -12.66 37.03
CA GLU B 1837 106.29 -13.44 36.34
C GLU B 1837 105.68 -14.41 35.35
N ASP B 1838 104.54 -14.99 35.71
CA ASP B 1838 103.84 -15.89 34.83
C ASP B 1838 102.67 -15.22 34.13
N LEU B 1839 102.22 -14.08 34.65
CA LEU B 1839 101.30 -13.24 33.89
C LEU B 1839 101.91 -12.82 32.57
N LYS B 1840 103.19 -12.45 32.59
CA LYS B 1840 103.88 -12.14 31.35
C LYS B 1840 103.95 -13.34 30.42
N HIS B 1841 104.08 -14.54 30.98
CA HIS B 1841 104.19 -15.72 30.15
C HIS B 1841 102.86 -16.07 29.51
N ILE B 1842 101.78 -16.03 30.29
CA ILE B 1842 100.46 -16.36 29.77
C ILE B 1842 99.98 -15.29 28.80
N LEU B 1843 100.33 -14.03 29.05
CA LEU B 1843 99.95 -13.02 28.09
C LEU B 1843 100.87 -13.00 26.87
N GLN B 1844 102.06 -13.60 26.94
CA GLN B 1844 102.76 -13.88 25.69
C GLN B 1844 102.05 -15.00 24.95
N LEU B 1845 101.51 -15.96 25.70
CA LEU B 1845 100.80 -17.09 25.09
C LEU B 1845 99.52 -16.65 24.39
N ILE B 1846 98.82 -15.66 24.91
CA ILE B 1846 97.50 -15.30 24.42
C ILE B 1846 97.52 -13.97 23.68
N GLU B 1847 98.32 -13.01 24.15
CA GLU B 1847 98.30 -11.65 23.59
C GLU B 1847 98.87 -11.48 22.20
N PRO B 1848 99.92 -12.24 21.76
CA PRO B 1848 101.19 -11.59 21.38
C PRO B 1848 101.05 -10.22 20.76
N SER B 1849 101.62 -9.25 21.46
CA SER B 1849 101.30 -7.85 21.27
C SER B 1849 102.26 -7.01 22.10
N GLY B 1893 99.19 -17.38 18.36
CA GLY B 1893 98.63 -17.03 19.66
C GLY B 1893 97.47 -17.94 20.04
N LEU B 1894 96.92 -17.71 21.24
CA LEU B 1894 95.83 -18.56 21.72
C LEU B 1894 94.54 -18.30 20.97
N LEU B 1895 94.08 -17.06 20.98
CA LEU B 1895 92.70 -16.76 20.67
C LEU B 1895 92.38 -16.93 19.19
N GLN B 1896 93.38 -16.99 18.34
CA GLN B 1896 93.19 -17.05 16.90
C GLN B 1896 93.08 -18.47 16.38
N MET B 1897 92.83 -19.43 17.25
CA MET B 1897 92.64 -20.82 16.85
C MET B 1897 91.23 -21.00 16.28
N LYS B 1898 90.85 -22.24 16.03
CA LYS B 1898 89.48 -22.57 15.67
C LYS B 1898 88.93 -23.48 16.75
N LEU B 1899 87.72 -23.17 17.20
CA LEU B 1899 87.25 -23.65 18.50
C LEU B 1899 85.84 -24.21 18.38
N PRO B 1900 85.45 -25.04 19.32
CA PRO B 1900 84.03 -25.31 19.53
C PRO B 1900 83.39 -24.25 20.39
N GLU B 1901 82.14 -24.45 20.79
CA GLU B 1901 81.39 -23.42 21.49
C GLU B 1901 81.79 -23.19 22.95
N PRO B 1902 81.76 -24.18 23.86
CA PRO B 1902 81.97 -23.83 25.27
C PRO B 1902 83.40 -23.46 25.60
N VAL B 1903 84.33 -23.81 24.72
CA VAL B 1903 85.71 -23.36 24.85
C VAL B 1903 85.76 -21.84 24.79
N LYS B 1904 85.16 -21.26 23.76
CA LYS B 1904 85.17 -19.81 23.66
C LYS B 1904 84.23 -19.17 24.66
N LEU B 1905 83.25 -19.92 25.19
CA LEU B 1905 82.48 -19.41 26.34
C LEU B 1905 83.39 -19.18 27.54
N GLN B 1906 84.24 -20.16 27.84
CA GLN B 1906 85.20 -20.01 28.93
C GLN B 1906 86.19 -18.89 28.65
N MET B 1907 86.62 -18.80 27.38
CA MET B 1907 87.55 -17.75 26.97
C MET B 1907 86.93 -16.38 27.14
N CYS B 1908 85.63 -16.29 26.87
CA CYS B 1908 84.88 -15.06 27.09
C CYS B 1908 84.89 -14.65 28.55
N LEU B 1909 84.70 -15.62 29.45
CA LEU B 1909 84.76 -15.29 30.88
C LEU B 1909 86.14 -14.82 31.31
N LEU B 1910 87.18 -15.46 30.77
CA LEU B 1910 88.55 -15.05 31.01
C LEU B 1910 88.78 -13.59 30.60
N LEU B 1911 88.31 -13.26 29.41
CA LEU B 1911 88.54 -11.93 28.87
C LEU B 1911 87.76 -10.88 29.67
N GLN B 1912 86.58 -11.26 30.15
CA GLN B 1912 85.78 -10.34 30.96
C GLN B 1912 86.45 -10.06 32.29
N TYR B 1913 87.07 -11.09 32.88
CA TYR B 1913 87.83 -10.86 34.11
C TYR B 1913 89.03 -9.96 33.87
N LEU B 1914 89.64 -10.04 32.69
CA LEU B 1914 90.73 -9.11 32.39
C LEU B 1914 90.23 -7.67 32.30
N CYS B 1915 89.04 -7.48 31.73
CA CYS B 1915 88.43 -6.15 31.70
C CYS B 1915 88.18 -5.63 33.10
N ASP B 1916 87.75 -6.52 34.01
CA ASP B 1916 87.50 -6.08 35.37
C ASP B 1916 88.79 -5.75 36.10
N CYS B 1917 89.88 -6.44 35.77
CA CYS B 1917 91.17 -6.08 36.35
C CYS B 1917 91.63 -4.71 35.87
N GLN B 1918 91.33 -4.39 34.60
CA GLN B 1918 91.58 -3.06 34.08
C GLN B 1918 90.83 -2.01 34.88
N VAL B 1919 89.58 -2.29 35.21
CA VAL B 1919 88.77 -1.36 36.00
C VAL B 1919 89.35 -1.17 37.40
N ARG B 1920 89.79 -2.27 38.03
CA ARG B 1920 90.38 -2.20 39.38
C ARG B 1920 91.61 -1.31 39.39
N HIS B 1921 92.50 -1.52 38.42
CA HIS B 1921 93.69 -0.69 38.28
C HIS B 1921 93.33 0.78 38.07
N ARG B 1922 92.31 1.02 37.24
CA ARG B 1922 91.90 2.39 36.91
C ARG B 1922 91.43 3.13 38.15
N ILE B 1923 90.61 2.49 38.97
CA ILE B 1923 90.06 3.20 40.12
C ILE B 1923 91.10 3.37 41.22
N GLU B 1924 91.99 2.38 41.39
CA GLU B 1924 93.11 2.58 42.34
C GLU B 1924 93.97 3.76 41.93
N ALA B 1925 94.16 3.93 40.62
CA ALA B 1925 94.93 5.07 40.12
C ALA B 1925 94.22 6.39 40.37
N ILE B 1926 92.89 6.42 40.22
CA ILE B 1926 92.22 7.71 40.36
C ILE B 1926 92.14 8.11 41.83
N VAL B 1927 92.13 7.14 42.75
CA VAL B 1927 92.23 7.49 44.16
C VAL B 1927 93.64 7.98 44.48
N ALA B 1928 94.65 7.38 43.83
CA ALA B 1928 96.01 7.87 43.98
C ALA B 1928 96.18 9.30 43.47
N PHE B 1929 95.43 9.68 42.45
CA PHE B 1929 95.47 11.07 41.99
C PHE B 1929 94.77 11.99 42.97
N SER B 1930 93.59 11.58 43.45
CA SER B 1930 92.80 12.45 44.30
C SER B 1930 93.48 12.72 45.63
N ASP B 1931 94.29 11.78 46.11
CA ASP B 1931 95.04 12.01 47.35
C ASP B 1931 96.00 13.18 47.22
N ASP B 1932 96.62 13.34 46.04
CA ASP B 1932 97.42 14.51 45.78
C ASP B 1932 96.56 15.74 45.58
N PHE B 1933 95.41 15.57 44.94
CA PHE B 1933 94.69 16.75 44.46
C PHE B 1933 93.93 17.44 45.59
N VAL B 1934 93.40 16.69 46.55
CA VAL B 1934 92.42 17.23 47.48
C VAL B 1934 93.07 18.16 48.49
N ALA B 1935 94.29 17.83 48.96
CA ALA B 1935 94.98 18.64 49.95
C ALA B 1935 95.30 20.04 49.42
N LYS B 1936 95.52 20.14 48.11
CA LYS B 1936 95.67 21.44 47.46
C LYS B 1936 94.42 22.27 47.61
N LEU B 1937 93.25 21.66 47.41
CA LEU B 1937 91.98 22.38 47.53
C LEU B 1937 91.72 22.76 48.99
N GLN B 1938 92.09 21.88 49.92
CA GLN B 1938 91.96 22.13 51.34
C GLN B 1938 92.75 23.36 51.76
N ASP B 1939 94.05 23.34 51.44
CA ASP B 1939 94.92 24.48 51.73
C ASP B 1939 94.47 25.73 50.99
N ASN B 1940 93.95 25.57 49.77
CA ASN B 1940 93.49 26.69 48.98
C ASN B 1940 92.34 27.42 49.65
N GLN B 1941 91.28 26.70 50.01
CA GLN B 1941 90.14 27.44 50.53
C GLN B 1941 90.31 27.84 51.98
N ARG B 1942 91.11 27.13 52.78
CA ARG B 1942 91.43 27.66 54.10
C ARG B 1942 92.31 28.90 53.99
N PHE B 1943 93.23 28.90 53.03
CA PHE B 1943 94.07 30.05 52.75
C PHE B 1943 93.24 31.22 52.24
N ARG B 1944 92.21 30.94 51.42
CA ARG B 1944 91.34 32.00 50.90
C ARG B 1944 90.49 32.59 52.01
N TYR B 1945 90.03 31.74 52.94
CA TYR B 1945 89.33 32.25 54.11
C TYR B 1945 90.20 33.18 54.93
N ASN B 1946 91.46 32.80 55.12
CA ASN B 1946 92.32 33.66 55.93
C ASN B 1946 92.74 34.91 55.17
N GLU B 1947 92.75 34.83 53.84
CA GLU B 1947 92.89 36.04 53.01
C GLU B 1947 91.76 37.02 53.25
N VAL B 1948 90.52 36.54 53.14
CA VAL B 1948 89.36 37.43 53.29
C VAL B 1948 89.25 37.92 54.72
N MET B 1949 89.60 37.08 55.69
CA MET B 1949 89.64 37.48 57.09
C MET B 1949 90.69 38.55 57.35
N GLN B 1950 91.87 38.39 56.76
CA GLN B 1950 92.99 39.27 57.06
C GLN B 1950 92.74 40.70 56.56
N ALA B 1951 92.02 40.85 55.46
CA ALA B 1951 91.80 42.17 54.88
C ALA B 1951 90.87 43.01 55.76
N LEU B 1952 91.02 44.33 55.67
CA LEU B 1952 90.22 45.25 56.46
C LEU B 1952 89.18 46.00 55.65
N ASN B 1953 89.07 45.74 54.35
CA ASN B 1953 88.09 46.41 53.51
C ASN B 1953 86.71 45.81 53.71
N GLU B 1986 78.70 43.77 53.09
CA GLU B 1986 78.96 44.49 51.85
C GLU B 1986 79.33 43.53 50.73
N CYS B 1987 80.42 43.83 50.03
CA CYS B 1987 80.99 43.02 48.96
C CYS B 1987 81.80 41.79 49.39
N PRO B 1988 82.53 41.78 50.53
CA PRO B 1988 83.04 40.49 51.03
C PRO B 1988 81.96 39.59 51.61
N CYS B 1989 80.76 40.10 51.80
CA CYS B 1989 79.68 39.27 52.31
C CYS B 1989 79.20 38.19 51.33
N PRO B 1990 79.20 38.38 49.99
CA PRO B 1990 79.05 37.19 49.12
C PRO B 1990 80.17 36.18 49.24
N GLU B 1991 81.37 36.58 49.63
CA GLU B 1991 82.40 35.57 49.89
C GLU B 1991 82.08 34.81 51.17
N GLU B 1992 81.56 35.51 52.17
CA GLU B 1992 81.07 34.86 53.37
C GLU B 1992 79.91 33.91 53.07
N ILE B 1993 79.07 34.29 52.09
CA ILE B 1993 78.00 33.44 51.61
C ILE B 1993 78.54 32.18 50.95
N ARG B 1994 79.54 32.36 50.07
CA ARG B 1994 80.15 31.23 49.37
C ARG B 1994 80.87 30.28 50.30
N ASP B 1995 81.35 30.78 51.44
CA ASP B 1995 81.99 29.90 52.39
C ASP B 1995 80.99 29.26 53.36
N GLN B 1996 79.70 29.31 53.06
CA GLN B 1996 78.68 28.83 53.98
C GLN B 1996 77.64 27.99 53.23
N LEU B 1997 78.11 26.96 52.54
CA LEU B 1997 77.21 25.97 51.99
C LEU B 1997 76.61 25.11 53.11
N LEU B 1998 75.68 24.23 52.71
CA LEU B 1998 74.96 23.41 53.68
C LEU B 1998 75.88 22.41 54.35
N ASP B 1999 76.77 21.81 53.59
CA ASP B 1999 77.84 20.99 54.13
C ASP B 1999 79.01 21.10 53.17
N PHE B 2000 79.96 20.17 53.28
CA PHE B 2000 81.06 20.11 52.33
C PHE B 2000 80.62 19.64 50.95
N HIS B 2001 79.40 19.10 50.84
CA HIS B 2001 78.90 18.59 49.57
C HIS B 2001 78.74 19.71 48.55
N GLU B 2002 77.99 20.75 48.90
CA GLU B 2002 77.83 21.87 47.99
C GLU B 2002 79.11 22.69 47.88
N ASP B 2003 79.94 22.65 48.91
CA ASP B 2003 81.28 23.23 48.84
C ASP B 2003 82.07 22.64 47.69
N LEU B 2004 82.23 21.32 47.69
CA LEU B 2004 82.95 20.66 46.62
C LEU B 2004 82.19 20.70 45.30
N MET B 2005 80.86 20.83 45.35
CA MET B 2005 80.09 20.97 44.12
C MET B 2005 80.42 22.29 43.43
N THR B 2006 80.51 23.38 44.19
CA THR B 2006 80.95 24.64 43.62
C THR B 2006 82.41 24.57 43.20
N HIS B 2007 83.24 23.92 44.01
CA HIS B 2007 84.67 23.84 43.72
C HIS B 2007 84.97 23.04 42.46
N CYS B 2008 84.15 22.04 42.16
CA CYS B 2008 84.35 21.24 40.96
C CYS B 2008 83.62 21.82 39.75
N GLY B 2009 82.42 22.37 39.92
CA GLY B 2009 81.73 22.99 38.81
C GLY B 2009 82.35 24.30 38.39
N ILE B 2010 83.20 24.89 39.23
CA ILE B 2010 83.91 26.11 38.82
C ILE B 2010 85.00 25.78 37.82
N GLU B 2011 85.50 24.55 37.81
CA GLU B 2011 86.50 24.16 36.82
C GLU B 2011 85.87 23.71 35.52
N LEU B 2012 84.54 23.74 35.42
CA LEU B 2012 83.86 23.20 34.25
C LEU B 2012 83.91 24.16 33.08
N ASP B 2013 83.46 25.40 33.29
CA ASP B 2013 83.40 26.38 32.21
C ASP B 2013 84.79 26.92 31.89
N LEU B 2024 91.48 29.88 39.30
CA LEU B 2024 92.42 28.97 39.93
C LEU B 2024 93.18 28.17 38.88
N THR B 2025 94.51 28.16 39.00
CA THR B 2025 95.35 27.46 38.05
C THR B 2025 95.37 25.96 38.30
N ILE B 2026 94.89 25.52 39.47
CA ILE B 2026 94.89 24.12 39.83
C ILE B 2026 93.90 23.34 38.96
N ARG B 2027 92.91 24.05 38.42
CA ARG B 2027 91.86 23.44 37.60
C ARG B 2027 92.43 22.86 36.31
N GLY B 2028 93.57 23.39 35.85
CA GLY B 2028 94.26 22.82 34.71
C GLY B 2028 94.76 21.41 34.93
N ARG B 2029 95.01 21.03 36.18
CA ARG B 2029 95.45 19.66 36.43
C ARG B 2029 94.32 18.67 36.21
N LEU B 2030 93.10 19.01 36.65
CA LEU B 2030 91.95 18.18 36.30
C LEU B 2030 91.67 18.21 34.81
N LEU B 2031 91.86 19.37 34.18
CA LEU B 2031 91.72 19.48 32.73
C LEU B 2031 92.67 18.54 32.01
N SER B 2032 93.86 18.34 32.57
CA SER B 2032 94.75 17.31 32.05
C SER B 2032 94.24 15.92 32.37
N LEU B 2033 93.87 15.68 33.64
CA LEU B 2033 93.68 14.32 34.13
C LEU B 2033 92.45 13.66 33.56
N VAL B 2034 91.42 14.44 33.20
CA VAL B 2034 90.23 13.84 32.58
C VAL B 2034 90.59 13.21 31.24
N GLU B 2035 91.42 13.89 30.46
CA GLU B 2035 91.94 13.29 29.25
C GLU B 2035 93.03 12.27 29.52
N LYS B 2036 93.66 12.30 30.69
CA LYS B 2036 94.58 11.23 31.01
C LYS B 2036 93.84 9.92 31.21
N VAL B 2037 92.61 9.98 31.70
CA VAL B 2037 91.82 8.82 32.06
C VAL B 2037 90.76 8.71 30.97
N THR B 2038 91.17 9.00 29.74
CA THR B 2038 90.48 8.39 28.62
C THR B 2038 90.51 6.88 28.82
N TYR B 2039 91.70 6.31 28.84
CA TYR B 2039 91.84 4.87 28.97
C TYR B 2039 93.05 4.52 29.83
N THR B 2058 96.09 -2.10 23.27
CA THR B 2058 94.89 -2.03 22.45
C THR B 2058 94.07 -3.30 22.57
N LEU B 2059 93.90 -3.76 23.81
CA LEU B 2059 93.14 -4.98 24.03
C LEU B 2059 91.67 -4.77 23.69
N GLN B 2060 91.16 -3.57 23.96
CA GLN B 2060 89.80 -3.20 23.61
C GLN B 2060 89.52 -3.39 22.13
N GLN B 2061 90.46 -2.99 21.29
CA GLN B 2061 90.23 -3.05 19.86
C GLN B 2061 90.35 -4.46 19.32
N LEU B 2062 91.20 -5.30 19.91
CA LEU B 2062 91.23 -6.68 19.47
C LEU B 2062 89.99 -7.45 19.91
N ILE B 2063 89.45 -7.11 21.09
CA ILE B 2063 88.15 -7.65 21.48
C ILE B 2063 87.09 -7.24 20.48
N SER B 2064 87.07 -5.96 20.15
CA SER B 2064 86.10 -5.42 19.19
C SER B 2064 86.22 -6.07 17.82
N GLU B 2065 87.42 -6.51 17.47
CA GLU B 2065 87.55 -7.35 16.28
C GLU B 2065 86.94 -8.71 16.52
N THR B 2066 87.47 -9.44 17.51
CA THR B 2066 87.31 -10.89 17.51
C THR B 2066 85.92 -11.32 17.93
N MET B 2067 85.22 -10.52 18.73
CA MET B 2067 83.84 -10.86 19.04
C MET B 2067 82.98 -10.77 17.77
N VAL B 2068 83.19 -9.71 16.99
CA VAL B 2068 82.49 -9.55 15.73
C VAL B 2068 82.87 -10.66 14.76
N ARG B 2069 84.14 -11.05 14.76
CA ARG B 2069 84.61 -12.09 13.86
C ARG B 2069 84.00 -13.43 14.22
N TRP B 2070 83.92 -13.73 15.52
CA TRP B 2070 83.26 -14.95 15.97
C TRP B 2070 81.79 -14.94 15.60
N ALA B 2071 81.17 -13.78 15.66
CA ALA B 2071 79.77 -13.71 15.26
C ALA B 2071 79.62 -13.89 13.76
N GLN B 2072 80.60 -13.45 12.98
CA GLN B 2072 80.51 -13.54 11.53
C GLN B 2072 80.71 -14.96 11.05
N GLU B 2073 81.89 -15.52 11.31
CA GLU B 2073 82.32 -16.71 10.60
C GLU B 2073 81.63 -17.98 11.07
N SER B 2074 81.01 -17.95 12.24
CA SER B 2074 80.76 -19.18 12.99
C SER B 2074 79.37 -19.17 13.62
N VAL B 2075 78.33 -18.96 12.80
CA VAL B 2075 76.93 -18.66 13.17
C VAL B 2075 76.41 -19.47 14.35
N ILE B 2076 75.96 -18.77 15.39
CA ILE B 2076 76.10 -19.25 16.77
C ILE B 2076 74.74 -19.67 17.30
N GLU B 2077 74.68 -20.87 17.87
CA GLU B 2077 73.59 -21.31 18.73
C GLU B 2077 73.99 -20.97 20.17
N ASP B 2078 73.33 -21.60 21.17
CA ASP B 2078 73.65 -21.48 22.59
C ASP B 2078 73.48 -20.04 23.06
N PRO B 2079 72.25 -19.55 23.23
CA PRO B 2079 72.03 -18.11 23.46
C PRO B 2079 72.72 -17.54 24.70
N GLU B 2080 73.15 -18.39 25.63
CA GLU B 2080 74.03 -17.93 26.69
C GLU B 2080 75.35 -17.43 26.14
N LEU B 2081 75.89 -18.10 25.13
CA LEU B 2081 77.11 -17.60 24.51
C LEU B 2081 76.86 -16.31 23.77
N VAL B 2082 75.68 -16.14 23.22
CA VAL B 2082 75.35 -14.91 22.50
C VAL B 2082 75.26 -13.75 23.47
N ARG B 2083 74.64 -13.99 24.62
CA ARG B 2083 74.55 -12.99 25.66
C ARG B 2083 75.93 -12.61 26.18
N ALA B 2084 76.77 -13.62 26.46
CA ALA B 2084 78.11 -13.35 26.95
C ALA B 2084 78.97 -12.67 25.90
N MET B 2085 78.68 -12.92 24.62
CA MET B 2085 79.32 -12.19 23.54
C MET B 2085 79.00 -10.71 23.63
N PHE B 2086 77.71 -10.38 23.53
CA PHE B 2086 77.39 -8.98 23.36
C PHE B 2086 77.52 -8.17 24.63
N VAL B 2087 77.56 -8.81 25.80
CA VAL B 2087 77.82 -8.06 27.03
C VAL B 2087 79.22 -7.48 27.01
N LEU B 2088 80.21 -8.29 26.65
CA LEU B 2088 81.57 -7.79 26.52
C LEU B 2088 81.69 -6.82 25.37
N LEU B 2089 80.94 -7.05 24.30
CA LEU B 2089 81.01 -6.15 23.14
C LEU B 2089 80.53 -4.76 23.49
N HIS B 2090 79.36 -4.66 24.12
CA HIS B 2090 78.88 -3.39 24.63
C HIS B 2090 79.80 -2.80 25.69
N ARG B 2091 80.37 -3.64 26.55
CA ARG B 2091 81.16 -3.15 27.66
C ARG B 2091 82.46 -2.53 27.19
N GLN B 2092 83.01 -3.01 26.07
CA GLN B 2092 84.23 -2.40 25.54
C GLN B 2092 84.01 -0.98 25.07
N TYR B 2093 82.78 -0.62 24.70
CA TYR B 2093 82.49 0.75 24.34
C TYR B 2093 81.95 1.56 25.50
N ASP B 2094 81.30 0.90 26.44
CA ASP B 2094 80.75 1.58 27.61
C ASP B 2094 81.73 1.53 28.77
N GLY B 2095 82.98 1.92 28.51
CA GLY B 2095 83.94 2.05 29.59
C GLY B 2095 83.64 3.24 30.46
N ILE B 2096 83.15 4.31 29.84
CA ILE B 2096 82.67 5.48 30.58
C ILE B 2096 81.50 5.10 31.45
N GLY B 2097 80.51 4.41 30.87
CA GLY B 2097 79.33 4.04 31.63
C GLY B 2097 79.58 2.97 32.68
N GLY B 2098 80.51 2.04 32.40
CA GLY B 2098 80.91 1.10 33.42
C GLY B 2098 81.64 1.78 34.56
N LEU B 2099 82.42 2.82 34.23
CA LEU B 2099 83.04 3.64 35.26
C LEU B 2099 82.01 4.40 36.08
N VAL B 2100 80.94 4.84 35.41
CA VAL B 2100 79.78 5.44 36.09
C VAL B 2100 79.15 4.44 37.04
N ARG B 2101 79.03 3.19 36.60
CA ARG B 2101 78.50 2.14 37.46
C ARG B 2101 79.43 1.84 38.62
N ALA B 2102 80.72 2.06 38.43
CA ALA B 2102 81.71 1.64 39.40
C ALA B 2102 81.90 2.63 40.53
N LEU B 2103 82.08 3.92 40.21
CA LEU B 2103 82.52 4.88 41.22
C LEU B 2103 81.60 5.14 42.41
N PRO B 2104 80.26 4.98 42.33
CA PRO B 2104 79.49 4.97 43.57
C PRO B 2104 79.51 3.64 44.30
N LYS B 2105 80.67 3.00 44.35
CA LYS B 2105 80.97 1.95 45.30
C LYS B 2105 82.34 2.09 45.92
N THR B 2106 83.28 2.78 45.30
CA THR B 2106 84.60 2.91 45.88
C THR B 2106 84.60 3.88 47.04
N TYR B 2107 85.65 3.77 47.86
CA TYR B 2107 85.59 4.32 49.20
C TYR B 2107 86.99 4.34 49.79
N THR B 2108 87.30 5.38 50.54
CA THR B 2108 88.61 5.50 51.17
C THR B 2108 88.51 5.31 52.68
N ILE B 2109 89.54 4.67 53.23
CA ILE B 2109 89.58 4.25 54.63
C ILE B 2109 90.96 4.58 55.17
N ASN B 2110 91.01 5.14 56.37
CA ASN B 2110 92.29 5.40 57.02
C ASN B 2110 93.02 4.11 57.37
N GLY B 2111 94.34 4.23 57.48
CA GLY B 2111 95.20 3.09 57.72
C GLY B 2111 95.09 2.48 59.11
N VAL B 2112 94.35 3.10 60.01
CA VAL B 2112 94.21 2.56 61.35
C VAL B 2112 93.18 1.44 61.37
N SER B 2113 92.06 1.66 60.70
CA SER B 2113 90.88 0.82 60.83
C SER B 2113 90.88 -0.37 59.88
N VAL B 2114 92.05 -0.75 59.37
CA VAL B 2114 92.17 -1.72 58.28
C VAL B 2114 91.67 -3.10 58.71
N GLU B 2115 92.05 -3.54 59.91
CA GLU B 2115 91.73 -4.89 60.32
C GLU B 2115 90.25 -5.04 60.62
N ASP B 2116 89.61 -3.98 61.16
CA ASP B 2116 88.19 -4.06 61.41
C ASP B 2116 87.40 -4.10 60.11
N THR B 2117 87.87 -3.37 59.09
CA THR B 2117 87.25 -3.44 57.77
C THR B 2117 87.38 -4.84 57.19
N ILE B 2118 88.56 -5.44 57.34
CA ILE B 2118 88.77 -6.79 56.83
C ILE B 2118 87.89 -7.80 57.55
N ASN B 2119 87.81 -7.67 58.88
CA ASN B 2119 87.05 -8.61 59.68
C ASN B 2119 85.56 -8.47 59.42
N LEU B 2120 85.07 -7.24 59.36
CA LEU B 2120 83.67 -6.99 59.06
C LEU B 2120 83.31 -7.46 57.67
N LEU B 2121 84.20 -7.23 56.71
CA LEU B 2121 83.92 -7.65 55.35
C LEU B 2121 83.95 -9.17 55.23
N ALA B 2122 84.79 -9.83 56.03
CA ALA B 2122 84.82 -11.29 56.02
C ALA B 2122 83.54 -11.86 56.59
N SER B 2123 83.06 -11.28 57.69
CA SER B 2123 81.79 -11.73 58.25
C SER B 2123 80.63 -11.43 57.31
N LEU B 2124 80.72 -10.34 56.57
CA LEU B 2124 79.66 -10.00 55.66
C LEU B 2124 79.66 -10.93 54.46
N GLY B 2125 80.84 -11.33 54.01
CA GLY B 2125 80.93 -12.34 52.97
C GLY B 2125 80.42 -13.69 53.46
N GLN B 2126 80.63 -13.97 54.74
CA GLN B 2126 80.10 -15.20 55.33
C GLN B 2126 78.59 -15.23 55.31
N ILE B 2127 77.95 -14.13 55.73
CA ILE B 2127 76.50 -14.14 55.74
C ILE B 2127 75.95 -14.06 54.32
N ARG B 2128 76.68 -13.42 53.40
CA ARG B 2128 76.23 -13.41 52.02
C ARG B 2128 76.39 -14.78 51.39
N SER B 2129 77.33 -15.57 51.88
CA SER B 2129 77.39 -16.96 51.45
C SER B 2129 76.25 -17.76 52.05
N LEU B 2130 75.88 -17.45 53.28
CA LEU B 2130 74.82 -18.19 53.95
C LEU B 2130 73.44 -17.84 53.40
N LEU B 2131 73.35 -16.75 52.63
CA LEU B 2131 72.16 -16.39 51.87
C LEU B 2131 71.56 -17.53 51.04
N SER B 2132 72.35 -18.50 50.62
CA SER B 2132 71.90 -19.49 49.65
C SER B 2132 71.76 -20.87 50.26
N VAL B 2133 71.21 -20.97 51.46
CA VAL B 2133 70.86 -22.25 52.04
C VAL B 2133 69.42 -22.24 52.55
N GLU B 2138 70.07 -24.73 62.51
CA GLU B 2138 71.53 -24.73 62.46
C GLU B 2138 72.03 -23.48 61.81
N GLU B 2139 71.44 -23.19 60.65
CA GLU B 2139 71.85 -22.07 59.81
C GLU B 2139 71.62 -20.75 60.52
N GLU B 2140 70.58 -20.68 61.34
CA GLU B 2140 70.19 -19.44 61.99
C GLU B 2140 71.17 -19.08 63.09
N LYS B 2141 71.82 -20.07 63.69
CA LYS B 2141 72.80 -19.77 64.72
C LYS B 2141 74.05 -19.17 64.10
N LEU B 2142 74.41 -19.64 62.91
CA LEU B 2142 75.49 -19.02 62.15
C LEU B 2142 75.12 -17.60 61.76
N MET B 2143 73.87 -17.40 61.37
CA MET B 2143 73.38 -16.07 61.01
C MET B 2143 73.47 -15.11 62.20
N ILE B 2144 73.04 -15.56 63.37
CA ILE B 2144 73.01 -14.70 64.55
C ILE B 2144 74.42 -14.40 65.03
N ARG B 2145 75.32 -15.38 64.93
CA ARG B 2145 76.73 -15.12 65.22
C ARG B 2145 77.31 -14.06 64.29
N GLY B 2146 76.98 -14.16 62.99
CA GLY B 2146 77.46 -13.18 62.04
C GLY B 2146 76.92 -11.79 62.32
N LEU B 2147 75.64 -11.71 62.67
CA LEU B 2147 75.03 -10.41 62.97
C LEU B 2147 75.67 -9.80 64.21
N GLY B 2148 75.88 -10.61 65.24
CA GLY B 2148 76.50 -10.12 66.46
C GLY B 2148 77.93 -9.69 66.26
N ASP B 2149 78.63 -10.32 65.31
CA ASP B 2149 79.94 -9.81 64.94
C ASP B 2149 79.83 -8.47 64.23
N ILE B 2150 78.80 -8.30 63.40
CA ILE B 2150 78.62 -7.04 62.67
C ILE B 2150 78.29 -5.90 63.63
N MET B 2151 77.58 -6.21 64.72
CA MET B 2151 77.14 -5.22 65.69
C MET B 2151 78.28 -4.54 66.45
N ASN B 2152 79.52 -5.00 66.32
CA ASN B 2152 80.58 -4.61 67.23
C ASN B 2152 81.79 -4.07 66.48
N ASN B 2153 81.57 -3.12 65.58
CA ASN B 2153 82.67 -2.63 64.77
C ASN B 2153 82.72 -1.12 64.77
N LYS B 2154 83.93 -0.58 64.82
CA LYS B 2154 84.13 0.86 64.77
C LYS B 2154 83.70 1.41 63.43
N VAL B 2155 84.12 0.75 62.35
CA VAL B 2155 83.95 1.24 60.99
C VAL B 2155 82.48 1.26 60.61
N PHE B 2156 81.70 0.36 61.23
CA PHE B 2156 80.25 0.38 61.11
C PHE B 2156 79.67 1.71 61.56
N TYR B 2157 80.34 2.39 62.48
CA TYR B 2157 79.94 3.73 62.85
C TYR B 2157 80.84 4.80 62.30
N GLN B 2158 82.12 4.49 62.09
CA GLN B 2158 83.02 5.49 61.54
C GLN B 2158 82.76 5.72 60.06
N HIS B 2159 82.15 4.77 59.37
CA HIS B 2159 81.83 4.95 57.95
C HIS B 2159 80.42 4.42 57.69
N PRO B 2160 79.40 5.16 58.10
CA PRO B 2160 78.02 4.68 57.87
C PRO B 2160 77.57 4.82 56.43
N ASN B 2161 78.32 5.55 55.60
CA ASN B 2161 78.05 5.51 54.17
C ASN B 2161 78.37 4.16 53.60
N LEU B 2162 79.37 3.48 54.16
CA LEU B 2162 79.88 2.28 53.55
C LEU B 2162 78.89 1.13 53.66
N MET B 2163 78.09 1.12 54.72
CA MET B 2163 77.14 0.03 54.90
C MET B 2163 76.07 0.05 53.82
N ARG B 2164 75.44 1.20 53.60
CA ARG B 2164 74.48 1.25 52.50
C ARG B 2164 75.18 1.23 51.15
N ALA B 2165 76.48 1.54 51.11
CA ALA B 2165 77.21 1.36 49.87
C ALA B 2165 77.37 -0.11 49.54
N LEU B 2166 77.50 -0.95 50.57
CA LEU B 2166 77.55 -2.38 50.33
C LEU B 2166 76.20 -2.95 49.92
N GLY B 2167 75.11 -2.26 50.23
CA GLY B 2167 73.80 -2.81 49.99
C GLY B 2167 73.45 -3.95 50.92
N MET B 2168 74.14 -4.03 52.05
CA MET B 2168 74.01 -5.18 52.91
C MET B 2168 72.67 -5.21 53.62
N HIS B 2169 72.04 -4.06 53.77
CA HIS B 2169 70.68 -4.02 54.29
C HIS B 2169 69.71 -4.75 53.38
N GLU B 2170 69.92 -4.64 52.07
CA GLU B 2170 69.07 -5.35 51.13
C GLU B 2170 69.30 -6.86 51.22
N THR B 2171 70.54 -7.25 51.50
CA THR B 2171 70.86 -8.65 51.72
C THR B 2171 70.13 -9.19 52.95
N VAL B 2172 70.18 -8.41 54.04
CA VAL B 2172 69.51 -8.79 55.28
C VAL B 2172 68.02 -8.95 55.05
N MET B 2173 67.45 -7.99 54.33
CA MET B 2173 66.02 -8.03 54.07
C MET B 2173 65.66 -9.19 53.17
N GLU B 2174 66.54 -9.56 52.24
CA GLU B 2174 66.27 -10.71 51.39
C GLU B 2174 66.30 -11.99 52.20
N VAL B 2175 67.20 -12.07 53.18
CA VAL B 2175 67.22 -13.22 54.09
C VAL B 2175 65.90 -13.32 54.84
N MET B 2176 65.41 -12.18 55.30
CA MET B 2176 64.14 -12.15 56.03
C MET B 2176 62.97 -12.55 55.13
N VAL B 2177 63.01 -12.13 53.87
CA VAL B 2177 62.01 -12.57 52.90
C VAL B 2177 62.08 -14.08 52.73
N ASN B 2178 63.29 -14.61 52.68
CA ASN B 2178 63.48 -16.04 52.49
C ASN B 2178 62.98 -16.84 53.68
N VAL B 2179 63.01 -16.24 54.88
CA VAL B 2179 62.49 -16.95 56.04
C VAL B 2179 60.98 -17.06 55.99
N LEU B 2180 60.30 -15.94 55.78
CA LEU B 2180 58.85 -15.95 55.87
C LEU B 2180 58.23 -16.56 54.61
N GLY B 2181 56.95 -16.88 54.72
CA GLY B 2181 56.22 -17.46 53.61
C GLY B 2181 55.45 -16.40 52.85
N PRO B 2191 60.19 -18.31 64.18
CA PRO B 2191 61.55 -18.44 64.70
C PRO B 2191 62.16 -17.11 65.14
N LYS B 2192 63.23 -17.17 65.93
CA LYS B 2192 63.88 -15.98 66.45
C LYS B 2192 64.81 -15.33 65.44
N MET B 2193 64.97 -15.94 64.26
CA MET B 2193 65.81 -15.39 63.21
C MET B 2193 65.27 -14.05 62.74
N VAL B 2194 63.95 -13.97 62.53
CA VAL B 2194 63.30 -12.73 62.17
C VAL B 2194 63.46 -11.71 63.28
N ALA B 2195 63.41 -12.18 64.52
CA ALA B 2195 63.55 -11.29 65.67
C ALA B 2195 64.96 -10.71 65.74
N ASN B 2196 65.94 -11.41 65.20
CA ASN B 2196 67.25 -10.76 65.13
C ASN B 2196 67.36 -9.85 63.93
N CYS B 2197 66.73 -10.21 62.80
CA CYS B 2197 66.88 -9.42 61.59
C CYS B 2197 66.20 -8.07 61.71
N CYS B 2198 64.97 -8.05 62.23
CA CYS B 2198 64.28 -6.80 62.51
C CYS B 2198 65.06 -5.95 63.49
N ARG B 2199 65.68 -6.61 64.46
CA ARG B 2199 66.49 -5.90 65.44
C ARG B 2199 67.70 -5.25 64.78
N PHE B 2200 68.32 -5.94 63.84
CA PHE B 2200 69.46 -5.35 63.16
C PHE B 2200 69.03 -4.20 62.27
N LEU B 2201 67.89 -4.31 61.60
CA LEU B 2201 67.48 -3.21 60.74
C LEU B 2201 67.05 -1.99 61.53
N CYS B 2202 66.34 -2.18 62.64
CA CYS B 2202 65.97 -1.07 63.50
C CYS B 2202 67.20 -0.45 64.14
N TYR B 2203 68.18 -1.28 64.44
CA TYR B 2203 69.46 -0.82 64.94
C TYR B 2203 70.19 -0.03 63.87
N PHE B 2204 69.90 -0.35 62.61
CA PHE B 2204 70.60 0.21 61.48
C PHE B 2204 69.99 1.51 60.98
N CYS B 2205 68.68 1.66 61.16
CA CYS B 2205 67.95 2.77 60.55
C CYS B 2205 68.38 4.13 61.05
N ARG B 2206 68.84 4.23 62.29
CA ARG B 2206 68.99 5.51 62.93
C ARG B 2206 70.39 6.08 62.86
N ILE B 2207 71.32 5.39 62.19
CA ILE B 2207 72.72 5.75 62.31
C ILE B 2207 73.06 6.97 61.48
N SER B 2208 72.22 7.34 60.54
CA SER B 2208 72.31 8.63 59.88
C SER B 2208 70.90 9.04 59.50
N ARG B 2209 70.80 10.01 58.60
CA ARG B 2209 69.48 10.37 58.11
C ARG B 2209 69.18 9.69 56.80
N GLN B 2210 70.08 9.80 55.82
CA GLN B 2210 69.82 9.29 54.48
C GLN B 2210 69.86 7.78 54.41
N ASN B 2211 70.34 7.12 55.46
CA ASN B 2211 70.12 5.69 55.60
C ASN B 2211 68.64 5.36 55.63
N GLN B 2212 67.86 6.21 56.30
CA GLN B 2212 66.45 5.93 56.51
C GLN B 2212 65.64 6.04 55.24
N LYS B 2213 66.14 6.78 54.24
CA LYS B 2213 65.51 6.78 52.93
C LYS B 2213 65.59 5.41 52.29
N ALA B 2214 66.79 4.84 52.28
CA ALA B 2214 67.00 3.53 51.68
C ALA B 2214 66.22 2.47 52.43
N MET B 2215 66.12 2.62 53.74
CA MET B 2215 65.24 1.72 54.47
C MET B 2215 63.78 1.98 54.15
N PHE B 2216 63.44 3.21 53.82
CA PHE B 2216 62.05 3.57 53.56
C PHE B 2216 61.59 3.05 52.22
N ASP B 2217 62.51 2.79 51.33
CA ASP B 2217 62.12 2.29 50.01
C ASP B 2217 61.59 0.84 50.03
N HIS B 2218 61.28 0.22 51.16
CA HIS B 2218 60.78 -1.15 51.18
C HIS B 2218 59.50 -1.26 51.98
N LEU B 2219 58.90 -0.13 52.35
CA LEU B 2219 57.79 -0.14 53.28
C LEU B 2219 56.53 -0.70 52.66
N SER B 2220 56.44 -0.69 51.33
CA SER B 2220 55.35 -1.35 50.65
C SER B 2220 55.33 -2.84 50.96
N TYR B 2221 56.48 -3.48 50.88
CA TYR B 2221 56.60 -4.87 51.30
C TYR B 2221 56.48 -5.01 52.80
N LEU B 2222 57.06 -4.07 53.54
CA LEU B 2222 57.40 -4.31 54.92
C LEU B 2222 56.15 -4.32 55.80
N LEU B 2223 55.10 -3.63 55.40
CA LEU B 2223 53.87 -3.66 56.16
C LEU B 2223 53.11 -4.95 56.00
N GLU B 2224 53.38 -5.69 54.93
CA GLU B 2224 52.55 -6.82 54.54
C GLU B 2224 52.68 -7.99 55.49
N ASN B 2225 53.70 -7.99 56.34
CA ASN B 2225 53.96 -9.09 57.23
C ASN B 2225 53.74 -8.70 58.68
N SER B 2226 52.70 -7.89 58.91
CA SER B 2226 52.46 -7.31 60.22
C SER B 2226 52.01 -8.33 61.25
N SER B 2227 51.41 -9.43 60.81
CA SER B 2227 50.85 -10.40 61.76
C SER B 2227 51.91 -11.23 62.48
N VAL B 2228 53.18 -11.06 62.14
CA VAL B 2228 54.24 -11.70 62.90
C VAL B 2228 54.37 -11.05 64.27
N GLY B 2229 54.31 -9.72 64.31
CA GLY B 2229 54.32 -8.98 65.56
C GLY B 2229 53.09 -9.27 66.38
N LEU B 2230 53.26 -10.02 67.46
CA LEU B 2230 52.15 -10.54 68.24
C LEU B 2230 52.56 -10.45 69.71
N ALA B 2231 51.83 -11.17 70.56
CA ALA B 2231 52.07 -11.14 71.99
C ALA B 2231 53.37 -11.82 72.33
N SER B 2232 54.39 -11.00 72.60
CA SER B 2232 55.71 -11.45 73.00
C SER B 2232 56.36 -10.25 73.64
N PRO B 2233 57.06 -10.42 74.76
CA PRO B 2233 57.89 -9.32 75.26
C PRO B 2233 59.06 -9.00 74.35
N ALA B 2234 59.48 -9.96 73.51
CA ALA B 2234 60.38 -9.68 72.40
C ALA B 2234 59.57 -9.19 71.20
N MET B 2235 59.05 -7.98 71.34
CA MET B 2235 58.31 -7.33 70.27
C MET B 2235 58.87 -5.97 69.92
N ARG B 2236 59.28 -5.19 70.92
CA ARG B 2236 59.93 -3.92 70.67
C ARG B 2236 61.30 -4.18 70.06
N GLY B 2237 61.53 -3.63 68.87
CA GLY B 2237 62.74 -3.97 68.16
C GLY B 2237 62.71 -5.35 67.55
N SER B 2238 61.53 -5.90 67.31
CA SER B 2238 61.41 -7.24 66.77
C SER B 2238 60.39 -7.37 65.66
N THR B 2239 59.46 -6.49 65.55
CA THR B 2239 58.48 -6.66 64.50
C THR B 2239 59.02 -6.06 63.20
N PRO B 2240 58.60 -6.60 62.06
CA PRO B 2240 58.80 -5.85 60.81
C PRO B 2240 58.02 -4.55 60.80
N LEU B 2241 56.87 -4.55 61.47
CA LEU B 2241 56.14 -3.32 61.72
C LEU B 2241 57.00 -2.34 62.50
N ASP B 2242 57.83 -2.85 63.41
CA ASP B 2242 58.73 -1.97 64.11
C ASP B 2242 59.86 -1.48 63.23
N VAL B 2243 60.17 -2.23 62.17
CA VAL B 2243 61.16 -1.72 61.22
C VAL B 2243 60.56 -0.57 60.42
N ALA B 2244 59.28 -0.69 60.06
CA ALA B 2244 58.60 0.42 59.39
C ALA B 2244 58.49 1.62 60.31
N ALA B 2245 58.27 1.39 61.59
CA ALA B 2245 58.23 2.48 62.55
C ALA B 2245 59.60 3.11 62.74
N ALA B 2246 60.67 2.33 62.56
CA ALA B 2246 61.98 2.91 62.58
C ALA B 2246 62.26 3.73 61.33
N SER B 2247 61.48 3.54 60.29
CA SER B 2247 61.70 4.20 59.02
C SER B 2247 61.05 5.57 58.92
N VAL B 2248 60.55 6.13 60.03
CA VAL B 2248 59.79 7.36 59.93
C VAL B 2248 60.36 8.46 60.80
N MET B 2249 60.56 8.16 62.09
CA MET B 2249 60.58 9.05 63.25
C MET B 2249 61.21 10.43 63.05
N ASP B 2250 62.36 10.46 62.42
CA ASP B 2250 63.07 11.72 62.26
C ASP B 2250 62.48 12.57 61.15
N ASN B 2251 62.36 11.99 59.95
CA ASN B 2251 62.18 12.80 58.76
C ASN B 2251 60.79 13.37 58.68
N ASN B 2252 60.71 14.69 58.69
CA ASN B 2252 59.48 15.34 58.28
C ASN B 2252 59.24 15.14 56.79
N GLU B 2253 60.32 15.09 56.01
CA GLU B 2253 60.23 14.92 54.58
C GLU B 2253 59.65 13.56 54.22
N LEU B 2254 60.20 12.51 54.82
CA LEU B 2254 59.74 11.18 54.46
C LEU B 2254 58.38 10.87 55.05
N ALA B 2255 58.04 11.53 56.16
CA ALA B 2255 56.69 11.41 56.69
C ALA B 2255 55.68 11.96 55.70
N LEU B 2256 56.06 13.02 54.99
CA LEU B 2256 55.24 13.47 53.89
C LEU B 2256 55.28 12.49 52.74
N ALA B 2257 56.45 11.90 52.49
CA ALA B 2257 56.68 11.19 51.24
C ALA B 2257 55.89 9.89 51.12
N LEU B 2258 55.40 9.33 52.22
CA LEU B 2258 54.60 8.13 52.08
C LEU B 2258 53.21 8.50 51.60
N ARG B 2259 52.45 7.49 51.20
CA ARG B 2259 51.20 7.71 50.52
C ARG B 2259 50.10 6.92 51.20
N GLU B 2260 48.89 7.14 50.74
CA GLU B 2260 47.72 6.53 51.36
C GLU B 2260 47.52 5.00 51.26
N PRO B 2261 47.98 4.24 50.23
CA PRO B 2261 47.65 2.80 50.24
C PRO B 2261 48.35 2.02 51.33
N ASP B 2262 49.47 2.54 51.82
CA ASP B 2262 50.12 1.99 53.00
C ASP B 2262 49.19 2.08 54.20
N LEU B 2263 48.58 3.24 54.39
CA LEU B 2263 47.66 3.42 55.49
C LEU B 2263 46.38 2.63 55.27
N GLU B 2264 46.03 2.38 54.00
CA GLU B 2264 44.92 1.49 53.70
C GLU B 2264 45.21 0.08 54.18
N LYS B 2265 46.43 -0.40 53.92
CA LYS B 2265 46.87 -1.70 54.45
C LYS B 2265 46.82 -1.72 55.96
N VAL B 2266 47.22 -0.62 56.59
CA VAL B 2266 47.26 -0.56 58.04
C VAL B 2266 45.85 -0.64 58.61
N VAL B 2267 44.92 0.11 58.05
CA VAL B 2267 43.58 0.10 58.62
C VAL B 2267 42.81 -1.15 58.25
N ARG B 2268 43.18 -1.83 57.17
CA ARG B 2268 42.62 -3.15 56.93
C ARG B 2268 43.13 -4.15 57.95
N TYR B 2269 44.41 -4.03 58.32
CA TYR B 2269 44.94 -4.90 59.36
C TYR B 2269 44.41 -4.52 60.74
N LEU B 2270 43.95 -3.28 60.90
CA LEU B 2270 43.45 -2.83 62.19
C LEU B 2270 41.97 -3.10 62.35
N ALA B 2271 41.23 -3.18 61.25
CA ALA B 2271 39.80 -3.48 61.31
C ALA B 2271 39.54 -4.89 61.80
N GLY B 2272 40.48 -5.81 61.63
CA GLY B 2272 40.34 -7.14 62.17
C GLY B 2272 40.40 -7.20 63.68
N CYS B 2273 40.99 -6.18 64.32
CA CYS B 2273 41.00 -6.10 65.78
C CYS B 2273 39.64 -5.61 66.27
N GLY B 2274 38.67 -6.53 66.26
CA GLY B 2274 37.36 -6.25 66.80
C GLY B 2274 37.06 -7.06 68.04
N LEU B 2275 38.08 -7.25 68.90
CA LEU B 2275 37.96 -8.11 70.06
C LEU B 2275 38.37 -7.38 71.33
N PRO B 2293 41.76 -6.78 70.93
CA PRO B 2293 42.97 -7.57 71.14
C PRO B 2293 44.07 -6.76 71.77
N VAL B 2294 45.22 -7.41 71.99
CA VAL B 2294 46.43 -6.71 72.36
C VAL B 2294 47.12 -6.14 71.14
N GLU B 2295 46.96 -6.75 69.98
CA GLU B 2295 47.75 -6.42 68.81
C GLU B 2295 47.38 -5.09 68.17
N GLY B 2296 46.24 -4.50 68.55
CA GLY B 2296 45.87 -3.23 67.96
C GLY B 2296 46.75 -2.08 68.41
N GLU B 2297 47.27 -2.15 69.65
CA GLU B 2297 48.04 -1.04 70.21
C GLU B 2297 49.36 -0.86 69.48
N ARG B 2298 49.86 -1.90 68.82
CA ARG B 2298 51.08 -1.73 68.06
C ARG B 2298 50.83 -1.02 66.75
N TYR B 2299 49.70 -1.33 66.09
CA TYR B 2299 49.26 -0.56 64.93
C TYR B 2299 49.06 0.90 65.28
N LEU B 2300 48.45 1.16 66.44
CA LEU B 2300 48.21 2.54 66.82
C LEU B 2300 49.49 3.26 67.19
N ASP B 2301 50.48 2.53 67.73
CA ASP B 2301 51.79 3.11 67.96
C ASP B 2301 52.43 3.52 66.64
N PHE B 2302 52.33 2.66 65.63
CA PHE B 2302 52.89 2.98 64.32
C PHE B 2302 52.19 4.19 63.70
N LEU B 2303 50.88 4.29 63.84
CA LEU B 2303 50.19 5.44 63.26
C LEU B 2303 50.52 6.72 64.01
N ARG B 2304 50.75 6.61 65.33
CA ARG B 2304 51.20 7.75 66.12
C ARG B 2304 52.56 8.23 65.64
N PHE B 2305 53.41 7.30 65.22
CA PHE B 2305 54.60 7.74 64.50
C PHE B 2305 54.28 8.26 63.12
N ALA B 2306 53.15 7.87 62.54
CA ALA B 2306 52.88 8.25 61.16
C ALA B 2306 52.20 9.61 61.03
N VAL B 2307 51.84 10.28 62.13
CA VAL B 2307 51.13 11.55 62.00
C VAL B 2307 51.86 12.76 62.56
N PHE B 2308 52.77 12.61 63.52
CA PHE B 2308 53.11 13.73 64.38
C PHE B 2308 54.51 14.27 64.16
N CYS B 2309 55.53 13.43 64.37
CA CYS B 2309 56.80 13.44 63.66
C CYS B 2309 57.83 14.54 63.94
N ASN B 2310 57.48 15.62 64.63
CA ASN B 2310 58.51 16.55 65.07
C ASN B 2310 58.26 17.20 66.41
N GLY B 2311 57.20 16.86 67.10
CA GLY B 2311 56.66 17.73 68.10
C GLY B 2311 55.51 18.56 67.62
N GLU B 2312 55.37 18.72 66.30
CA GLU B 2312 54.22 19.38 65.71
C GLU B 2312 53.71 18.55 64.54
N SER B 2313 52.44 18.19 64.59
CA SER B 2313 51.88 17.22 63.66
C SER B 2313 51.78 17.78 62.25
N VAL B 2314 51.76 16.87 61.29
CA VAL B 2314 51.30 17.22 59.96
C VAL B 2314 49.78 17.15 59.93
N GLU B 2315 49.21 17.63 58.85
CA GLU B 2315 47.77 17.50 58.64
C GLU B 2315 47.44 16.56 57.50
N GLU B 2316 48.41 16.29 56.63
CA GLU B 2316 48.11 15.61 55.38
C GLU B 2316 47.91 14.13 55.61
N ASN B 2317 48.76 13.52 56.42
CA ASN B 2317 48.47 12.17 56.89
C ASN B 2317 47.27 12.18 57.80
N ALA B 2318 47.12 13.25 58.59
CA ALA B 2318 46.16 13.27 59.68
C ALA B 2318 44.73 13.23 59.17
N ASN B 2319 44.46 13.95 58.08
CA ASN B 2319 43.13 13.95 57.47
C ASN B 2319 42.74 12.55 57.03
N VAL B 2320 43.68 11.84 56.42
CA VAL B 2320 43.37 10.54 55.86
C VAL B 2320 43.20 9.52 56.98
N VAL B 2321 44.02 9.65 58.03
CA VAL B 2321 43.94 8.75 59.18
C VAL B 2321 42.59 8.91 59.87
N VAL B 2322 42.20 10.15 60.15
CA VAL B 2322 40.95 10.40 60.85
C VAL B 2322 39.77 10.02 59.97
N ARG B 2323 39.88 10.20 58.66
CA ARG B 2323 38.81 9.79 57.75
C ARG B 2323 38.62 8.28 57.76
N LEU B 2324 39.71 7.54 57.70
CA LEU B 2324 39.61 6.10 57.72
C LEU B 2324 39.25 5.57 59.10
N LEU B 2325 39.43 6.35 60.15
CA LEU B 2325 38.94 5.90 61.44
C LEU B 2325 37.47 6.23 61.64
N ILE B 2326 36.98 7.27 60.97
CA ILE B 2326 35.53 7.52 60.94
C ILE B 2326 34.84 6.52 60.04
N ARG B 2327 35.58 5.80 59.20
CA ARG B 2327 35.01 4.58 58.64
C ARG B 2327 34.67 3.57 59.73
N ARG B 2328 35.65 3.05 60.47
CA ARG B 2328 35.36 2.17 61.61
C ARG B 2328 36.37 2.38 62.72
N PRO B 2329 35.99 3.03 63.86
CA PRO B 2329 36.93 3.14 64.98
C PRO B 2329 37.21 1.79 65.60
N GLU B 2330 36.15 1.16 66.08
CA GLU B 2330 36.04 -0.27 66.29
C GLU B 2330 37.12 -0.91 67.17
N GLY B 2343 28.42 1.70 74.54
CA GLY B 2343 29.09 2.82 75.19
C GLY B 2343 30.57 2.61 75.38
N LEU B 2344 31.37 3.29 74.56
CA LEU B 2344 32.81 3.10 74.54
C LEU B 2344 33.55 3.92 75.59
N LEU B 2345 32.95 5.01 76.08
CA LEU B 2345 33.57 5.76 77.17
C LEU B 2345 33.46 5.02 78.49
N ALA B 2346 32.28 4.46 78.76
CA ALA B 2346 32.08 3.71 79.98
C ALA B 2346 32.73 2.34 79.93
N ALA B 2347 33.09 1.86 78.73
CA ALA B 2347 33.71 0.55 78.60
C ALA B 2347 35.10 0.54 79.22
N MET B 2348 35.87 1.60 79.01
CA MET B 2348 37.13 1.78 79.73
C MET B 2348 36.87 1.93 81.21
N GLU B 2349 35.84 2.69 81.57
CA GLU B 2349 35.51 2.93 82.95
C GLU B 2349 34.71 1.80 83.55
N GLU B 2350 34.50 0.72 82.80
CA GLU B 2350 33.96 -0.52 83.35
C GLU B 2350 35.06 -1.38 83.97
N ALA B 2351 36.01 -1.81 83.15
CA ALA B 2351 36.85 -2.97 83.46
C ALA B 2351 38.25 -2.59 83.91
N ILE B 2352 38.41 -1.54 84.72
CA ILE B 2352 39.73 -1.24 85.27
C ILE B 2352 40.19 -2.38 86.17
N LYS B 2353 39.33 -2.83 87.06
CA LYS B 2353 39.74 -3.71 88.14
C LYS B 2353 39.79 -5.18 87.76
N ILE B 2354 39.56 -5.51 86.49
CA ILE B 2354 39.73 -6.88 86.05
C ILE B 2354 41.19 -7.13 85.72
N GLY B 2386 46.44 -8.15 81.33
CA GLY B 2386 45.16 -7.53 81.61
C GLY B 2386 45.14 -6.02 81.45
N ASN B 2387 46.24 -5.48 80.93
CA ASN B 2387 46.38 -4.05 80.65
C ASN B 2387 45.96 -3.72 79.22
N ALA B 2388 45.34 -4.67 78.53
CA ALA B 2388 45.26 -4.64 77.07
C ALA B 2388 44.31 -3.56 76.57
N ILE B 2389 43.03 -3.66 76.96
CA ILE B 2389 42.02 -2.69 76.55
C ILE B 2389 42.33 -1.31 77.11
N MET B 2390 42.96 -1.28 78.29
CA MET B 2390 43.36 -0.04 78.95
C MET B 2390 44.34 0.74 78.08
N THR B 2391 45.48 0.11 77.76
CA THR B 2391 46.44 0.77 76.90
C THR B 2391 45.96 0.88 75.46
N PHE B 2392 44.99 0.05 75.05
CA PHE B 2392 44.42 0.17 73.72
C PHE B 2392 43.69 1.49 73.55
N TYR B 2393 42.76 1.78 74.45
CA TYR B 2393 42.06 3.05 74.35
C TYR B 2393 42.95 4.22 74.72
N ALA B 2394 44.03 3.99 75.49
CA ALA B 2394 45.06 5.01 75.63
C ALA B 2394 45.70 5.34 74.29
N ALA B 2395 46.02 4.32 73.50
CA ALA B 2395 46.67 4.58 72.22
C ALA B 2395 45.70 5.20 71.24
N LEU B 2396 44.43 4.77 71.27
CA LEU B 2396 43.42 5.33 70.36
C LEU B 2396 43.16 6.79 70.70
N ILE B 2397 43.25 7.15 71.98
CA ILE B 2397 43.06 8.56 72.30
C ILE B 2397 44.36 9.33 72.12
N ASP B 2398 45.50 8.65 72.05
CA ASP B 2398 46.73 9.36 71.75
C ASP B 2398 46.82 9.70 70.28
N LEU B 2399 46.29 8.81 69.43
CA LEU B 2399 46.36 9.02 67.99
C LEU B 2399 45.49 10.20 67.57
N LEU B 2400 44.24 10.23 68.03
CA LEU B 2400 43.32 11.28 67.62
C LEU B 2400 43.71 12.64 68.16
N GLY B 2401 44.52 12.68 69.21
CA GLY B 2401 45.02 13.94 69.73
C GLY B 2401 46.08 14.59 68.87
N ARG B 2402 46.47 13.98 67.76
CA ARG B 2402 47.53 14.52 66.93
C ARG B 2402 46.97 15.07 65.63
N CYS B 2403 45.83 15.72 65.70
CA CYS B 2403 45.26 16.35 64.52
C CYS B 2403 44.71 17.71 64.89
N ALA B 2404 44.40 18.51 63.86
CA ALA B 2404 43.86 19.87 63.95
C ALA B 2404 44.70 20.78 64.83
N PRO B 2405 45.85 21.29 64.35
CA PRO B 2405 46.64 22.24 65.16
C PRO B 2405 45.99 23.59 65.25
N GLU B 2406 46.67 24.57 65.84
CA GLU B 2406 46.09 25.90 65.99
C GLU B 2406 46.60 26.91 64.99
N MET B 2407 47.82 26.76 64.48
CA MET B 2407 48.44 27.78 63.63
C MET B 2407 47.71 27.91 62.31
N HIS B 2408 47.10 26.82 61.83
CA HIS B 2408 46.23 26.90 60.68
C HIS B 2408 44.76 26.91 61.06
N LEU B 2409 44.44 26.91 62.36
CA LEU B 2409 43.04 27.01 62.78
C LEU B 2409 42.78 28.25 63.63
N ILE B 2410 43.51 28.41 64.73
CA ILE B 2410 43.20 29.50 65.65
C ILE B 2410 43.64 30.82 65.07
N HIS B 2411 44.66 30.80 64.22
CA HIS B 2411 45.05 32.00 63.51
C HIS B 2411 44.03 32.36 62.44
N ALA B 2412 43.48 31.36 61.75
CA ALA B 2412 42.55 31.61 60.66
C ALA B 2412 41.76 30.34 60.41
N ALA B 2413 40.48 30.51 60.13
CA ALA B 2413 39.61 29.40 59.76
C ALA B 2413 40.06 28.87 58.40
N LYS B 2414 40.53 27.63 58.36
CA LYS B 2414 40.98 27.01 57.13
C LYS B 2414 39.99 26.02 56.55
N GLY B 2415 38.71 26.12 56.93
CA GLY B 2415 37.71 25.33 56.26
C GLY B 2415 37.57 23.93 56.82
N GLU B 2416 38.23 22.96 56.16
CA GLU B 2416 38.08 21.57 56.56
C GLU B 2416 38.74 21.25 57.89
N ALA B 2417 39.69 22.09 58.33
CA ALA B 2417 40.28 21.92 59.66
C ALA B 2417 39.21 22.05 60.73
N ILE B 2418 38.26 22.97 60.51
CA ILE B 2418 37.12 23.10 61.40
C ILE B 2418 36.28 21.83 61.39
N ARG B 2419 36.13 21.20 60.22
CA ARG B 2419 35.19 20.09 60.21
C ARG B 2419 35.81 18.83 60.77
N ILE B 2420 37.12 18.63 60.58
CA ILE B 2420 37.82 17.55 61.28
C ILE B 2420 37.82 17.79 62.78
N ARG B 2421 38.03 19.04 63.20
CA ARG B 2421 38.00 19.35 64.62
C ARG B 2421 36.61 19.18 65.20
N SER B 2422 35.58 19.37 64.38
CA SER B 2422 34.21 19.11 64.83
C SER B 2422 33.94 17.63 64.97
N ILE B 2423 34.49 16.83 64.05
CA ILE B 2423 34.44 15.38 64.17
C ILE B 2423 35.15 14.93 65.45
N LEU B 2424 36.22 15.63 65.82
CA LEU B 2424 36.89 15.34 67.07
C LEU B 2424 36.08 15.77 68.28
N ARG B 2425 35.28 16.84 68.14
CA ARG B 2425 34.31 17.18 69.17
C ARG B 2425 33.28 16.06 69.31
N SER B 2426 32.92 15.44 68.18
CA SER B 2426 31.83 14.48 68.13
C SER B 2426 32.12 13.19 68.89
N LEU B 2427 33.38 12.91 69.21
CA LEU B 2427 33.71 11.65 69.86
C LEU B 2427 34.43 11.93 71.16
N ILE B 2428 34.10 11.14 72.18
CA ILE B 2428 34.48 11.33 73.58
C ILE B 2428 34.13 12.74 74.04
N PRO B 2429 32.85 13.06 74.23
CA PRO B 2429 32.45 14.48 74.43
C PRO B 2429 32.72 14.98 75.84
N LEU B 2430 34.00 15.15 76.15
CA LEU B 2430 34.52 15.71 77.41
C LEU B 2430 34.12 14.90 78.64
N GLY B 2431 33.66 13.65 78.47
CA GLY B 2431 33.51 12.70 79.56
C GLY B 2431 34.82 12.06 79.93
N ASP B 2432 35.86 12.40 79.17
CA ASP B 2432 37.27 12.25 79.45
C ASP B 2432 37.63 12.69 80.85
N LEU B 2433 36.94 13.72 81.36
CA LEU B 2433 37.24 14.27 82.67
C LEU B 2433 36.99 13.25 83.78
N VAL B 2434 36.09 12.30 83.56
CA VAL B 2434 35.95 11.18 84.47
C VAL B 2434 37.23 10.37 84.51
N GLY B 2435 37.81 10.12 83.34
CA GLY B 2435 39.12 9.50 83.29
C GLY B 2435 40.21 10.39 83.84
N VAL B 2436 40.02 11.71 83.79
CA VAL B 2436 41.03 12.62 84.34
C VAL B 2436 41.08 12.51 85.85
N ILE B 2437 39.92 12.52 86.50
CA ILE B 2437 39.92 12.47 87.96
C ILE B 2437 40.11 11.05 88.48
N SER B 2438 39.62 10.04 87.75
CA SER B 2438 39.63 8.68 88.27
C SER B 2438 41.01 8.04 88.29
N ILE B 2439 41.88 8.40 87.34
CA ILE B 2439 43.22 7.82 87.29
C ILE B 2439 44.09 8.36 88.41
N ALA B 2440 44.04 9.67 88.64
CA ALA B 2440 45.06 10.45 89.33
C ALA B 2440 45.29 10.10 90.79
N PHE B 2441 44.49 9.20 91.34
CA PHE B 2441 44.59 8.88 92.75
C PHE B 2441 44.49 7.39 93.04
N GLN B 2442 44.92 6.53 92.11
CA GLN B 2442 44.87 5.10 92.36
C GLN B 2442 46.23 4.57 92.79
N PHE B 2461 49.04 1.91 85.32
CA PHE B 2461 47.80 2.58 84.96
C PHE B 2461 47.80 4.05 85.38
N CYS B 2462 48.38 4.33 86.54
CA CYS B 2462 48.34 5.70 87.06
C CYS B 2462 49.17 6.71 86.28
N PRO B 2463 50.47 6.49 85.97
CA PRO B 2463 51.20 7.63 85.38
C PRO B 2463 50.92 7.83 83.89
N ASP B 2464 50.58 6.77 83.17
CA ASP B 2464 50.65 6.79 81.71
C ASP B 2464 49.40 7.31 81.03
N HIS B 2465 48.23 6.69 81.29
CA HIS B 2465 47.03 6.92 80.50
C HIS B 2465 46.54 8.35 80.60
N LYS B 2466 46.75 8.95 81.76
CA LYS B 2466 46.25 10.29 82.05
C LYS B 2466 46.91 11.34 81.17
N ALA B 2467 48.19 11.16 80.84
CA ALA B 2467 48.87 12.10 79.96
C ALA B 2467 48.33 12.04 78.55
N ALA B 2468 47.93 10.85 78.09
CA ALA B 2468 47.29 10.73 76.79
C ALA B 2468 45.93 11.40 76.79
N MET B 2469 45.20 11.30 77.91
CA MET B 2469 43.94 12.01 78.02
C MET B 2469 44.14 13.52 78.02
N VAL B 2470 45.21 13.98 78.68
CA VAL B 2470 45.55 15.40 78.69
C VAL B 2470 45.84 15.89 77.29
N LEU B 2471 46.63 15.13 76.54
CA LEU B 2471 46.96 15.53 75.17
C LEU B 2471 45.75 15.50 74.25
N PHE B 2472 44.78 14.63 74.52
CA PHE B 2472 43.53 14.71 73.78
C PHE B 2472 42.77 15.98 74.13
N LEU B 2473 42.78 16.35 75.40
CA LEU B 2473 42.04 17.55 75.81
C LEU B 2473 42.78 18.81 75.38
N ASP B 2474 44.11 18.76 75.34
CA ASP B 2474 44.91 19.96 75.12
C ASP B 2474 44.77 20.48 73.69
N ARG B 2475 44.43 19.62 72.75
CA ARG B 2475 44.34 20.00 71.35
C ARG B 2475 42.92 20.35 70.94
N VAL B 2476 41.97 19.46 71.19
CA VAL B 2476 40.62 19.67 70.72
C VAL B 2476 39.90 20.72 71.57
N TYR B 2477 40.05 20.65 72.89
CA TYR B 2477 39.31 21.54 73.76
C TYR B 2477 40.17 22.66 74.34
N VAL B 2481 35.90 30.06 80.72
CA VAL B 2481 37.00 29.18 80.37
C VAL B 2481 37.76 28.77 81.62
N GLN B 2482 38.31 29.76 82.34
CA GLN B 2482 39.10 29.46 83.53
C GLN B 2482 38.25 28.91 84.66
N ASP B 2483 36.94 29.18 84.65
CA ASP B 2483 36.06 28.51 85.59
C ASP B 2483 35.94 27.02 85.27
N PHE B 2484 35.87 26.69 83.99
CA PHE B 2484 35.87 25.29 83.58
C PHE B 2484 37.25 24.67 83.78
N LEU B 2485 38.30 25.50 83.74
CA LEU B 2485 39.63 25.05 84.12
C LEU B 2485 39.68 24.64 85.59
N LEU B 2486 39.14 25.48 86.46
CA LEU B 2486 39.16 25.17 87.89
C LEU B 2486 38.12 24.12 88.26
N HIS B 2487 37.15 23.86 87.37
CA HIS B 2487 36.19 22.77 87.55
C HIS B 2487 36.86 21.41 87.64
N LEU B 2488 38.01 21.24 86.99
CA LEU B 2488 38.57 19.91 86.77
C LEU B 2488 39.07 19.29 88.06
N LEU B 2489 39.46 20.11 89.03
CA LEU B 2489 40.00 19.61 90.28
C LEU B 2489 38.89 19.17 91.22
N GLY B 2492 44.20 16.42 90.96
CA GLY B 2492 44.97 17.03 92.03
C GLY B 2492 46.33 16.39 92.22
N PHE B 2493 47.30 17.21 92.60
CA PHE B 2493 48.68 16.77 92.76
C PHE B 2493 49.00 16.32 94.17
N LEU B 2494 48.01 16.16 95.04
CA LEU B 2494 48.23 15.85 96.44
C LEU B 2494 48.75 14.42 96.61
N PRO B 2495 48.27 13.47 95.81
CA PRO B 2495 48.82 12.11 95.91
C PRO B 2495 50.23 12.01 95.41
N ASP B 2496 50.65 12.94 94.54
CA ASP B 2496 52.05 13.00 94.15
C ASP B 2496 52.92 13.45 95.31
N LEU B 2497 52.50 14.48 96.04
CA LEU B 2497 53.26 14.93 97.20
C LEU B 2497 53.15 13.95 98.37
N ARG B 2498 52.12 13.09 98.38
CA ARG B 2498 51.88 12.19 99.49
C ARG B 2498 52.88 11.04 99.54
N ALA B 2499 53.64 10.81 98.48
CA ALA B 2499 54.61 9.72 98.43
C ALA B 2499 56.03 10.25 98.21
N ALA B 2500 56.41 11.28 98.97
CA ALA B 2500 57.70 11.93 98.76
C ALA B 2500 58.88 11.06 99.17
N ALA B 2501 58.68 10.06 100.03
CA ALA B 2501 59.78 9.17 100.41
C ALA B 2501 59.41 7.70 100.45
N SER B 2502 58.13 7.33 100.36
CA SER B 2502 57.74 5.93 100.51
C SER B 2502 57.85 5.14 99.21
N LEU B 2503 58.29 5.77 98.12
CA LEU B 2503 58.39 5.08 96.84
C LEU B 2503 59.54 5.63 96.00
N THR B 2511 56.50 0.53 93.49
CA THR B 2511 56.91 1.92 93.40
C THR B 2511 56.80 2.44 91.96
N ASP B 2512 55.72 2.05 91.28
CA ASP B 2512 55.30 2.73 90.06
C ASP B 2512 54.75 4.12 90.32
N MET B 2513 54.50 4.44 91.60
CA MET B 2513 54.23 5.83 92.00
C MET B 2513 55.44 6.72 91.71
N ALA B 2514 56.65 6.16 91.72
CA ALA B 2514 57.87 6.88 91.38
C ALA B 2514 58.07 7.04 89.87
N LEU B 2515 57.03 6.83 89.07
CA LEU B 2515 57.10 7.04 87.63
C LEU B 2515 56.32 8.25 87.17
N ALA B 2516 55.33 8.69 87.96
CA ALA B 2516 54.61 9.91 87.69
C ALA B 2516 55.30 11.13 88.26
N LEU B 2517 56.52 11.00 88.79
CA LEU B 2517 57.11 12.08 89.57
C LEU B 2517 57.52 13.26 88.70
N ASN B 2518 58.47 13.04 87.78
CA ASN B 2518 58.80 14.09 86.82
C ASN B 2518 57.86 14.07 85.62
N ARG B 2519 57.04 13.03 85.51
CA ARG B 2519 56.19 12.84 84.34
C ARG B 2519 55.12 13.91 84.23
N TYR B 2520 54.60 14.35 85.37
CA TYR B 2520 53.61 15.41 85.37
C TYR B 2520 54.24 16.75 85.70
N LEU B 2521 55.57 16.80 85.74
CA LEU B 2521 56.28 18.07 85.71
C LEU B 2521 56.49 18.57 84.29
N CYS B 2522 55.98 17.83 83.30
CA CYS B 2522 55.85 18.32 81.94
C CYS B 2522 54.45 18.09 81.37
N THR B 2523 53.59 17.38 82.07
CA THR B 2523 52.22 17.12 81.65
C THR B 2523 51.23 18.09 82.27
N ALA B 2524 51.43 18.45 83.54
CA ALA B 2524 50.64 19.47 84.20
C ALA B 2524 51.16 20.89 83.95
N VAL B 2525 51.92 21.08 82.88
CA VAL B 2525 52.42 22.40 82.51
C VAL B 2525 51.65 22.94 81.31
N LEU B 2526 51.14 22.06 80.46
CA LEU B 2526 50.13 22.41 79.46
C LEU B 2526 48.89 23.13 80.00
N PRO B 2527 48.45 22.94 81.28
CA PRO B 2527 47.41 23.85 81.80
C PRO B 2527 47.89 25.20 82.28
N LEU B 2528 49.06 25.69 81.87
CA LEU B 2528 49.38 27.10 82.10
C LEU B 2528 48.41 28.03 81.39
N LEU B 2529 47.87 27.61 80.26
CA LEU B 2529 46.91 28.43 79.54
C LEU B 2529 45.60 27.69 79.35
N ALA B 2537 39.38 27.39 95.80
CA ALA B 2537 40.02 26.19 95.29
C ALA B 2537 41.32 26.50 94.57
N GLY B 2538 41.44 27.71 94.00
CA GLY B 2538 42.71 28.14 93.46
C GLY B 2538 43.76 28.30 94.54
N THR B 2539 43.36 28.81 95.71
CA THR B 2539 44.28 28.84 96.84
C THR B 2539 44.62 27.45 97.34
N GLU B 2540 43.67 26.52 97.24
CA GLU B 2540 43.96 25.13 97.59
C GLU B 2540 44.98 24.51 96.65
N HIS B 2541 44.83 24.77 95.35
CA HIS B 2541 45.82 24.29 94.38
C HIS B 2541 47.15 24.98 94.54
N HIS B 2542 47.15 26.25 94.96
CA HIS B 2542 48.40 26.95 95.24
C HIS B 2542 49.09 26.34 96.45
N ALA B 2543 48.31 25.92 97.45
CA ALA B 2543 48.86 25.22 98.60
C ALA B 2543 49.46 23.88 98.20
N SER B 2544 48.76 23.13 97.35
CA SER B 2544 49.29 21.83 96.92
C SER B 2544 50.54 22.00 96.05
N LEU B 2545 50.58 23.05 95.24
CA LEU B 2545 51.76 23.32 94.43
C LEU B 2545 52.93 23.78 95.28
N ILE B 2546 52.66 24.56 96.34
CA ILE B 2546 53.72 24.94 97.27
C ILE B 2546 54.17 23.73 98.07
N ASP B 2547 53.28 22.77 98.30
CA ASP B 2547 53.65 21.53 98.96
C ASP B 2547 54.56 20.68 98.07
N SER B 2548 54.27 20.66 96.77
CA SER B 2548 55.16 20.00 95.83
C SER B 2548 56.47 20.76 95.66
N LEU B 2549 56.43 22.09 95.82
CA LEU B 2549 57.64 22.89 95.71
C LEU B 2549 58.54 22.68 96.92
N LEU B 2550 57.95 22.59 98.11
CA LEU B 2550 58.72 22.21 99.29
C LEU B 2550 59.16 20.76 99.22
N HIS B 2551 58.39 19.92 98.52
CA HIS B 2551 58.82 18.57 98.22
C HIS B 2551 59.97 18.55 97.23
N THR B 2552 60.18 19.64 96.49
CA THR B 2552 61.32 19.78 95.59
C THR B 2552 62.23 20.93 96.02
N VAL B 2553 62.22 21.26 97.31
CA VAL B 2553 62.96 22.42 97.80
C VAL B 2553 64.46 22.16 97.86
N LYS B 2558 64.28 15.37 88.72
CA LYS B 2558 65.10 15.99 87.69
C LYS B 2558 65.16 17.49 87.88
N GLY B 2559 66.37 18.05 87.77
CA GLY B 2559 66.54 19.49 87.91
C GLY B 2559 65.87 20.24 86.79
N CYS B 2560 65.84 19.64 85.60
CA CYS B 2560 65.09 20.22 84.50
C CYS B 2560 63.59 20.16 84.78
N SER B 2561 63.11 19.04 85.32
CA SER B 2561 61.68 18.92 85.60
C SER B 2561 61.28 19.77 86.80
N LEU B 2562 62.17 19.90 87.78
CA LEU B 2562 61.92 20.79 88.90
C LEU B 2562 61.91 22.26 88.45
N THR B 2563 62.81 22.63 87.55
CA THR B 2563 62.81 23.99 87.01
C THR B 2563 61.59 24.23 86.13
N LYS B 2564 61.09 23.20 85.46
CA LYS B 2564 59.85 23.31 84.70
C LYS B 2564 58.67 23.54 85.62
N ALA B 2565 58.60 22.82 86.72
CA ALA B 2565 57.56 23.07 87.72
C ALA B 2565 57.69 24.47 88.32
N GLN B 2566 58.93 24.95 88.48
CA GLN B 2566 59.15 26.30 89.01
C GLN B 2566 58.66 27.37 88.04
N ARG B 2567 58.96 27.20 86.76
CA ARG B 2567 58.48 28.15 85.75
C ARG B 2567 56.96 28.10 85.63
N ASP B 2568 56.38 26.90 85.78
CA ASP B 2568 54.93 26.76 85.77
C ASP B 2568 54.30 27.49 86.96
N SER B 2569 54.91 27.37 88.14
CA SER B 2569 54.37 28.06 89.31
C SER B 2569 54.54 29.57 89.21
N ILE B 2570 55.64 30.03 88.62
CA ILE B 2570 55.86 31.46 88.43
C ILE B 2570 54.84 32.02 87.45
N GLU B 2571 54.53 31.27 86.39
CA GLU B 2571 53.51 31.72 85.45
C GLU B 2571 52.12 31.64 86.07
N VAL B 2572 51.88 30.70 86.99
CA VAL B 2572 50.59 30.63 87.64
C VAL B 2572 50.40 31.76 88.63
N CYS B 2573 51.49 32.18 89.27
CA CYS B 2573 51.42 33.23 90.29
C CYS B 2573 51.58 34.63 89.73
N LEU B 2574 52.08 34.77 88.50
CA LEU B 2574 52.30 36.08 87.92
C LEU B 2574 51.00 36.76 87.52
N LEU B 2575 50.27 36.15 86.58
CA LEU B 2575 49.07 36.76 86.01
C LEU B 2575 47.81 36.38 86.75
N SER B 2576 47.90 36.08 88.05
CA SER B 2576 46.73 35.78 88.85
C SER B 2576 46.77 36.60 90.14
N ARG B 2582 42.83 38.94 92.07
CA ARG B 2582 43.80 40.03 92.21
C ARG B 2582 45.00 39.52 92.99
N PRO B 2583 45.64 40.41 93.76
CA PRO B 2583 46.76 40.01 94.61
C PRO B 2583 46.35 39.41 95.95
N SER B 2584 45.08 39.08 96.13
CA SER B 2584 44.60 38.49 97.38
C SER B 2584 45.16 37.09 97.57
N MET B 2585 44.94 36.22 96.58
CA MET B 2585 45.51 34.87 96.63
C MET B 2585 47.03 34.91 96.51
N MET B 2586 47.56 35.94 95.85
CA MET B 2586 49.00 36.13 95.80
C MET B 2586 49.57 36.40 97.19
N GLN B 2587 48.84 37.19 97.99
CA GLN B 2587 49.27 37.41 99.38
C GLN B 2587 49.04 36.15 100.23
N HIS B 2588 48.00 35.38 99.90
CA HIS B 2588 47.77 34.13 100.60
C HIS B 2588 48.89 33.12 100.36
N LEU B 2589 49.44 33.12 99.15
CA LEU B 2589 50.61 32.30 98.86
C LEU B 2589 51.90 32.91 99.41
N LEU B 2590 51.97 34.24 99.46
CA LEU B 2590 53.13 34.91 100.04
C LEU B 2590 53.21 34.70 101.55
N ARG B 2591 52.07 34.40 102.18
CA ARG B 2591 52.06 33.93 103.56
C ARG B 2591 52.93 32.69 103.74
N ARG B 2592 52.62 31.63 102.98
CA ARG B 2592 53.41 30.40 103.08
C ARG B 2592 54.83 30.59 102.54
N LEU B 2593 55.00 31.49 101.58
CA LEU B 2593 56.33 31.83 101.07
C LEU B 2593 57.19 32.46 102.16
N VAL B 2594 56.62 33.34 102.97
CA VAL B 2594 57.36 33.89 104.10
C VAL B 2594 57.47 32.86 105.22
N PHE B 2595 56.55 31.90 105.28
CA PHE B 2595 56.62 30.84 106.28
C PHE B 2595 57.79 29.90 106.02
N ASP B 2596 58.15 29.71 104.75
CA ASP B 2596 59.27 28.85 104.41
C ASP B 2596 60.55 29.62 104.08
N VAL B 2597 60.45 30.91 103.79
CA VAL B 2597 61.57 31.74 103.34
C VAL B 2597 62.59 31.98 104.44
N PRO B 2598 62.22 31.85 105.72
CA PRO B 2598 63.17 32.19 106.80
C PRO B 2598 64.37 31.26 106.89
N LEU B 2599 64.34 30.11 106.23
CA LEU B 2599 65.51 29.24 106.11
C LEU B 2599 66.31 29.50 104.84
N LEU B 2600 66.34 30.75 104.38
CA LEU B 2600 67.08 31.08 103.17
C LEU B 2600 68.58 31.03 103.41
N ASN B 2601 69.01 31.16 104.65
CA ASN B 2601 70.43 31.12 104.96
C ASN B 2601 70.97 29.70 104.97
N LYS B 2605 68.35 24.49 98.96
CA LYS B 2605 67.66 25.57 99.64
C LYS B 2605 67.57 26.80 98.75
N MET B 2606 68.16 26.71 97.57
CA MET B 2606 68.09 27.76 96.55
C MET B 2606 66.66 27.86 95.99
N PRO B 2607 65.88 26.78 96.07
CA PRO B 2607 64.47 26.86 95.64
C PRO B 2607 63.64 27.79 96.49
N LEU B 2608 63.97 27.91 97.79
CA LEU B 2608 63.36 28.93 98.62
C LEU B 2608 63.75 30.33 98.14
N LYS B 2609 64.97 30.49 97.64
CA LYS B 2609 65.38 31.79 97.09
C LYS B 2609 64.67 32.09 95.79
N LEU B 2610 64.38 31.06 94.98
CA LEU B 2610 63.60 31.26 93.77
C LEU B 2610 62.15 31.63 94.09
N LEU B 2611 61.57 30.96 95.10
CA LEU B 2611 60.24 31.33 95.57
C LEU B 2611 60.22 32.72 96.17
N THR B 2612 61.33 33.14 96.79
CA THR B 2612 61.43 34.50 97.30
C THR B 2612 61.57 35.52 96.18
N ASN B 2613 62.22 35.15 95.09
CA ASN B 2613 62.27 36.03 93.92
C ASN B 2613 60.89 36.17 93.29
N HIS B 2614 60.12 35.08 93.27
CA HIS B 2614 58.74 35.15 92.78
C HIS B 2614 57.86 35.97 93.71
N TYR B 2615 58.07 35.86 95.03
CA TYR B 2615 57.31 36.68 95.98
C TYR B 2615 57.73 38.14 95.92
N GLU B 2616 58.99 38.41 95.58
CA GLU B 2616 59.42 39.79 95.37
C GLU B 2616 58.80 40.37 94.10
N ARG B 2617 58.65 39.54 93.07
CA ARG B 2617 57.93 39.97 91.87
C ARG B 2617 56.44 40.16 92.17
N CYS B 2618 55.88 39.37 93.08
CA CYS B 2618 54.48 39.54 93.48
C CYS B 2618 54.30 40.81 94.33
N TRP B 2619 55.29 41.13 95.15
CA TRP B 2619 55.28 42.40 95.87
C TRP B 2619 55.42 43.56 94.91
N LYS B 2620 56.21 43.38 93.84
CA LYS B 2620 56.25 44.34 92.74
C LYS B 2620 54.94 44.37 91.96
N TYR B 2621 54.12 43.33 92.06
CA TYR B 2621 52.78 43.33 91.52
C TYR B 2621 51.74 43.77 92.53
N TYR B 2622 52.08 43.80 93.82
CA TYR B 2622 51.17 44.22 94.88
C TYR B 2622 51.74 45.38 95.67
N CYS B 2623 52.29 46.38 95.00
CA CYS B 2623 52.90 47.52 95.67
C CYS B 2623 51.92 48.67 95.86
N LEU B 2624 51.41 49.23 94.77
CA LEU B 2624 50.49 50.35 94.85
C LEU B 2624 49.10 49.91 95.32
N PRO B 2625 48.39 49.08 94.55
CA PRO B 2625 47.02 48.74 94.92
C PRO B 2625 46.93 47.67 96.00
N GLY B 2626 47.84 46.69 95.95
CA GLY B 2626 47.85 45.63 96.94
C GLY B 2626 48.48 46.05 98.24
N GLY B 2627 49.68 46.62 98.17
CA GLY B 2627 50.35 47.12 99.34
C GLY B 2627 49.90 48.54 99.66
N ALA B 2634 45.43 43.68 109.21
CA ALA B 2634 45.34 43.05 107.90
C ALA B 2634 46.54 42.15 107.66
N SER B 2635 47.03 42.14 106.42
CA SER B 2635 48.23 41.42 106.06
C SER B 2635 49.44 42.33 105.93
N GLU B 2636 49.24 43.65 106.01
CA GLU B 2636 50.38 44.57 105.99
C GLU B 2636 51.19 44.46 107.27
N GLU B 2637 50.55 44.07 108.38
CA GLU B 2637 51.31 43.74 109.58
C GLU B 2637 52.06 42.43 109.40
N GLU B 2638 51.44 41.47 108.70
CA GLU B 2638 52.17 40.27 108.29
C GLU B 2638 53.26 40.63 107.29
N LEU B 2639 53.06 41.67 106.49
CA LEU B 2639 54.12 42.16 105.62
C LEU B 2639 55.25 42.79 106.42
N HIS B 2640 54.92 43.43 107.55
CA HIS B 2640 55.96 44.01 108.41
C HIS B 2640 56.77 42.93 109.10
N LEU B 2641 56.09 41.89 109.60
CA LEU B 2641 56.79 40.73 110.16
C LEU B 2641 57.59 39.99 109.10
N SER B 2642 57.09 39.94 107.86
CA SER B 2642 57.82 39.30 106.78
C SER B 2642 59.05 40.11 106.38
N ARG B 2643 58.94 41.44 106.40
CA ARG B 2643 60.11 42.28 106.10
C ARG B 2643 61.13 42.21 107.24
N LYS B 2644 60.66 42.04 108.47
CA LYS B 2644 61.58 41.80 109.59
C LYS B 2644 62.28 40.46 109.46
N LEU B 2645 61.56 39.43 109.00
CA LEU B 2645 62.18 38.14 108.77
C LEU B 2645 63.14 38.17 107.60
N PHE B 2646 62.86 38.99 106.58
CA PHE B 2646 63.78 39.15 105.46
C PHE B 2646 65.00 39.97 105.85
N TRP B 2647 64.86 40.85 106.84
CA TRP B 2647 66.03 41.52 107.38
C TRP B 2647 66.85 40.59 108.25
N GLY B 2648 66.19 39.69 108.98
CA GLY B 2648 66.86 38.81 109.91
C GLY B 2648 67.54 37.61 109.30
N ILE B 2649 66.87 36.92 108.38
CA ILE B 2649 67.46 35.73 107.77
C ILE B 2649 68.56 36.12 106.80
N PHE B 2650 68.41 37.25 106.10
CA PHE B 2650 69.44 37.75 105.20
C PHE B 2650 70.46 38.62 105.91
N ASP B 2651 70.58 38.51 107.22
CA ASP B 2651 71.62 39.17 107.98
C ASP B 2651 72.87 38.30 108.12
N ALA B 2652 73.10 37.39 107.19
CA ALA B 2652 74.30 36.55 107.24
C ALA B 2652 75.55 37.35 106.90
N LEU B 2653 75.47 38.21 105.88
CA LEU B 2653 76.59 39.07 105.53
C LEU B 2653 76.08 40.37 104.92
N TYR B 2658 76.51 34.62 93.76
CA TYR B 2658 75.76 33.38 93.96
C TYR B 2658 74.28 33.55 93.64
N GLU B 2659 73.50 32.49 93.86
CA GLU B 2659 72.05 32.61 93.75
C GLU B 2659 71.47 33.43 94.88
N GLN B 2660 72.16 33.46 96.02
CA GLN B 2660 71.78 34.35 97.11
C GLN B 2660 71.94 35.81 96.71
N GLU B 2661 72.88 36.12 95.80
CA GLU B 2661 72.96 37.46 95.26
C GLU B 2661 71.75 37.81 94.41
N LEU B 2662 71.20 36.84 93.69
CA LEU B 2662 69.98 37.08 92.92
C LEU B 2662 68.78 37.28 93.83
N PHE B 2663 68.66 36.48 94.89
CA PHE B 2663 67.56 36.67 95.84
C PHE B 2663 67.71 37.97 96.63
N LYS B 2664 68.95 38.41 96.89
CA LYS B 2664 69.16 39.68 97.56
C LYS B 2664 68.87 40.87 96.63
N LEU B 2665 69.15 40.70 95.33
CA LEU B 2665 68.73 41.71 94.35
C LEU B 2665 67.22 41.74 94.23
N ALA B 2666 66.56 40.61 94.44
CA ALA B 2666 65.11 40.62 94.55
C ALA B 2666 64.65 41.27 95.85
N LEU B 2667 65.45 41.15 96.91
CA LEU B 2667 65.13 41.66 98.23
C LEU B 2667 65.17 43.19 98.28
N PRO B 2668 66.00 43.84 97.47
CA PRO B 2668 65.90 45.31 97.38
C PRO B 2668 64.61 45.75 96.73
N CYS B 2669 64.15 45.02 95.71
CA CYS B 2669 62.83 45.25 95.16
C CYS B 2669 61.74 44.92 96.17
N LEU B 2670 61.99 43.92 97.03
CA LEU B 2670 61.04 43.60 98.10
C LEU B 2670 60.94 44.73 99.11
N SER B 2671 62.06 45.34 99.45
CA SER B 2671 62.06 46.45 100.41
C SER B 2671 61.46 47.72 99.79
N ALA B 2672 61.73 47.98 98.51
CA ALA B 2672 61.13 49.11 97.83
C ALA B 2672 59.62 48.91 97.64
N VAL B 2673 59.17 47.68 97.43
CA VAL B 2673 57.74 47.43 97.32
C VAL B 2673 57.08 47.45 98.70
N ALA B 2674 57.81 47.09 99.75
CA ALA B 2674 57.27 47.20 101.10
C ALA B 2674 57.19 48.67 101.53
N GLY B 2675 58.09 49.50 101.01
CA GLY B 2675 57.94 50.94 101.18
C GLY B 2675 56.89 51.57 100.28
N ALA B 2676 56.60 50.94 99.13
CA ALA B 2676 55.46 51.33 98.33
C ALA B 2676 54.16 50.88 98.98
N LEU B 2677 54.22 49.87 99.83
CA LEU B 2677 53.13 49.51 100.73
C LEU B 2677 53.08 50.55 101.84
N PRO B 2678 54.23 51.09 102.24
CA PRO B 2678 54.25 52.08 103.33
C PRO B 2678 54.16 53.49 102.80
N PRO B 2679 53.76 53.66 101.52
CA PRO B 2679 53.70 54.98 100.86
C PRO B 2679 52.62 55.89 101.43
N ASN B 2701 59.05 19.19 105.19
CA ASN B 2701 58.35 18.38 106.17
C ASN B 2701 57.98 19.20 107.40
N PHE B 2702 56.86 19.92 107.34
CA PHE B 2702 56.44 20.73 108.47
C PHE B 2702 55.89 19.85 109.58
N ASN B 2703 56.35 20.11 110.79
CA ASN B 2703 56.02 19.31 111.96
C ASN B 2703 55.61 20.33 113.03
N PRO B 2704 54.41 20.21 113.62
CA PRO B 2704 53.98 21.22 114.59
C PRO B 2704 54.81 21.20 115.87
N GLN B 2705 54.71 22.30 116.61
CA GLN B 2705 55.57 22.58 117.77
C GLN B 2705 54.72 22.59 119.04
N PRO B 2706 54.61 21.47 119.74
CA PRO B 2706 53.74 21.41 120.92
C PRO B 2706 54.39 21.99 122.15
N VAL B 2707 53.54 22.53 123.03
CA VAL B 2707 53.92 22.98 124.35
C VAL B 2707 53.24 22.05 125.35
N ASP B 2708 53.80 21.96 126.56
CA ASP B 2708 53.30 21.03 127.55
C ASP B 2708 51.97 21.51 128.12
N THR B 2709 51.05 20.57 128.32
CA THR B 2709 49.65 20.90 128.53
C THR B 2709 49.13 20.66 129.95
N SER B 2710 49.84 19.87 130.77
CA SER B 2710 49.35 19.53 132.10
C SER B 2710 50.46 19.61 133.14
N ASN B 2711 51.36 20.58 132.98
CA ASN B 2711 52.48 20.73 133.89
C ASN B 2711 52.46 22.03 134.69
N ILE B 2712 51.54 22.94 134.39
CA ILE B 2712 51.41 24.20 135.12
C ILE B 2712 49.98 24.30 135.64
N THR B 2713 49.83 24.53 136.95
CA THR B 2713 48.61 24.28 137.68
C THR B 2713 47.58 25.40 137.47
N ILE B 2714 46.50 25.33 138.24
CA ILE B 2714 45.36 26.22 138.13
C ILE B 2714 45.19 26.94 139.47
N PRO B 2715 45.05 28.27 139.47
CA PRO B 2715 44.72 28.96 140.73
C PRO B 2715 43.29 28.67 141.15
N GLU B 2716 43.06 28.77 142.47
CA GLU B 2716 41.75 28.44 143.01
C GLU B 2716 40.71 29.51 142.73
N LYS B 2717 41.13 30.72 142.37
CA LYS B 2717 40.19 31.77 141.98
C LYS B 2717 39.48 31.44 140.68
N LEU B 2718 40.09 30.60 139.84
CA LEU B 2718 39.39 30.00 138.72
C LEU B 2718 38.84 28.61 139.05
N GLU B 2719 39.21 28.01 140.18
CA GLU B 2719 38.59 26.75 140.59
C GLU B 2719 37.26 26.95 141.30
N TYR B 2720 36.96 28.17 141.75
CA TYR B 2720 35.58 28.51 142.08
C TYR B 2720 34.82 29.09 140.89
N PHE B 2721 35.36 28.97 139.69
CA PHE B 2721 34.83 29.53 138.46
C PHE B 2721 34.52 28.47 137.41
N ILE B 2722 35.38 27.46 137.28
CA ILE B 2722 35.14 26.33 136.38
C ILE B 2722 33.94 25.51 136.86
N ASN B 2723 33.69 25.49 138.19
CA ASN B 2723 32.56 24.76 138.76
C ASN B 2723 31.19 25.32 138.36
N LYS B 2724 31.13 26.52 137.79
CA LYS B 2724 29.92 27.00 137.13
C LYS B 2724 30.10 27.19 135.63
N TYR B 2725 31.35 27.36 135.17
CA TYR B 2725 31.59 27.44 133.73
C TYR B 2725 31.33 26.10 133.04
N ALA B 2726 31.48 24.99 133.77
CA ALA B 2726 31.15 23.69 133.22
C ALA B 2726 29.64 23.54 133.05
N GLU B 2727 28.87 24.04 134.01
CA GLU B 2727 27.41 24.05 133.87
C GLU B 2727 26.99 24.96 132.72
N HIS B 2728 27.67 26.09 132.54
CA HIS B 2728 27.32 27.01 131.46
C HIS B 2728 27.74 26.47 130.09
N SER B 2729 28.85 25.72 130.05
CA SER B 2729 29.24 25.05 128.81
C SER B 2729 28.28 23.92 128.48
N HIS B 2730 27.75 23.25 129.51
CA HIS B 2730 26.71 22.26 129.26
C HIS B 2730 25.41 22.92 128.83
N ASP B 2731 25.15 24.15 129.30
CA ASP B 2731 24.01 24.94 128.82
C ASP B 2731 24.13 25.21 127.32
N LYS B 2732 25.31 25.67 126.89
CA LYS B 2732 25.48 26.01 125.47
C LYS B 2732 25.52 24.77 124.59
N TRP B 2733 26.15 23.68 125.06
CA TRP B 2733 26.19 22.44 124.30
C TRP B 2733 24.81 21.78 124.22
N SER B 2734 24.00 21.93 125.28
CA SER B 2734 22.64 21.42 125.25
C SER B 2734 21.74 22.27 124.36
N MET B 2735 21.98 23.59 124.29
CA MET B 2735 21.28 24.42 123.31
C MET B 2735 21.66 24.03 121.89
N ASP B 2736 22.93 23.71 121.66
CA ASP B 2736 23.37 23.25 120.35
C ASP B 2736 22.76 21.91 119.97
N LYS B 2737 22.53 21.03 120.96
CA LYS B 2737 21.85 19.78 120.66
C LYS B 2737 20.34 19.99 120.46
N LEU B 2738 19.72 20.85 121.28
CA LEU B 2738 18.30 21.13 121.14
C LEU B 2738 17.98 22.00 119.93
N ALA B 2739 19.00 22.53 119.24
CA ALA B 2739 18.79 23.06 117.89
C ALA B 2739 18.24 21.99 116.96
N ASN B 2740 18.65 20.73 117.14
CA ASN B 2740 17.96 19.59 116.54
C ASN B 2740 16.79 19.13 117.40
N GLY B 2741 16.93 19.17 118.72
CA GLY B 2741 15.88 18.75 119.61
C GLY B 2741 16.01 17.31 120.07
N TRP B 2742 17.17 16.96 120.63
CA TRP B 2742 17.38 15.62 121.15
C TRP B 2742 16.65 15.46 122.48
N ILE B 2743 15.65 14.58 122.50
CA ILE B 2743 14.83 14.32 123.67
C ILE B 2743 15.31 13.02 124.30
N TYR B 2744 15.74 13.09 125.56
CA TYR B 2744 16.30 11.93 126.23
C TYR B 2744 15.20 10.93 126.60
N GLY B 2745 15.50 9.65 126.38
CA GLY B 2745 14.58 8.57 126.71
C GLY B 2745 15.31 7.36 127.25
N GLU B 2746 14.68 6.19 127.19
CA GLU B 2746 15.31 4.97 127.67
C GLU B 2746 16.10 4.26 126.57
N ILE B 2747 15.65 4.35 125.33
CA ILE B 2747 16.36 3.76 124.20
C ILE B 2747 17.14 4.85 123.48
N TYR B 2748 18.47 4.76 123.54
CA TYR B 2748 19.36 5.74 122.90
C TYR B 2748 19.48 5.39 121.42
N SER B 2749 18.58 5.97 120.62
CA SER B 2749 18.56 5.74 119.18
C SER B 2749 18.36 7.07 118.46
N ASP B 2750 19.12 7.29 117.38
CA ASP B 2750 19.13 8.56 116.68
C ASP B 2750 18.16 8.62 115.51
N SER B 2751 17.05 7.88 115.57
CA SER B 2751 16.02 8.00 114.55
C SER B 2751 14.88 8.92 114.97
N SER B 2752 14.35 8.74 116.18
CA SER B 2752 13.30 9.59 116.72
C SER B 2752 13.85 10.72 117.56
N LYS B 2753 15.05 11.20 117.24
CA LYS B 2753 15.72 12.34 117.89
C LYS B 2753 15.92 12.11 119.38
N VAL B 2754 16.69 11.08 119.71
CA VAL B 2754 17.01 10.72 121.09
C VAL B 2754 18.52 10.56 121.22
N GLN B 2755 19.14 11.40 122.07
CA GLN B 2755 20.51 11.19 122.51
C GLN B 2755 20.57 10.77 123.97
N PRO B 2756 21.56 9.97 124.35
CA PRO B 2756 21.89 9.80 125.77
C PRO B 2756 22.79 10.88 126.33
N LEU B 2757 22.95 12.01 125.63
CA LEU B 2757 23.80 13.10 126.07
C LEU B 2757 23.05 14.38 126.42
N MET B 2758 21.72 14.33 126.51
CA MET B 2758 20.91 15.47 126.97
C MET B 2758 20.46 15.24 128.41
N LYS B 2759 21.37 15.49 129.35
CA LYS B 2759 21.06 15.31 130.75
C LYS B 2759 21.60 16.47 131.57
N PRO B 2760 20.88 16.87 132.63
CA PRO B 2760 21.26 18.08 133.38
C PRO B 2760 22.54 17.98 134.21
N TYR B 2761 22.83 19.06 134.95
CA TYR B 2761 24.06 19.17 135.71
C TYR B 2761 24.05 18.33 136.98
N LYS B 2762 22.88 17.92 137.47
CA LYS B 2762 22.78 17.16 138.71
C LYS B 2762 22.83 15.65 138.48
N LEU B 2763 22.31 15.15 137.36
CA LEU B 2763 22.33 13.72 137.11
C LEU B 2763 23.70 13.19 136.73
N LEU B 2764 24.61 14.07 136.32
CA LEU B 2764 25.94 13.64 135.88
C LEU B 2764 26.76 13.15 137.07
N SER B 2765 27.44 12.03 136.88
CA SER B 2765 28.26 11.44 137.94
C SER B 2765 29.63 12.11 137.95
N GLU B 2766 30.58 11.50 138.67
CA GLU B 2766 31.90 12.08 138.82
C GLU B 2766 32.81 11.81 137.64
N LYS B 2767 32.37 11.01 136.66
CA LYS B 2767 33.15 10.76 135.46
C LYS B 2767 32.43 11.13 134.17
N GLU B 2768 31.11 11.34 134.20
CA GLU B 2768 30.41 11.77 133.00
C GLU B 2768 30.70 13.22 132.65
N LYS B 2769 30.90 14.07 133.67
CA LYS B 2769 31.34 15.44 133.40
C LYS B 2769 32.75 15.49 132.87
N GLU B 2770 33.65 14.66 133.44
CA GLU B 2770 35.08 14.71 133.13
C GLU B 2770 35.39 14.33 131.69
N ILE B 2771 34.48 13.63 131.01
CA ILE B 2771 34.62 13.37 129.58
C ILE B 2771 34.61 14.67 128.79
N TYR B 2772 33.60 15.51 129.04
CA TYR B 2772 33.54 16.81 128.40
C TYR B 2772 34.19 17.92 129.21
N ARG B 2773 34.54 17.67 130.48
CA ARG B 2773 35.44 18.59 131.18
C ARG B 2773 36.89 18.42 130.73
N TRP B 2774 37.24 17.27 130.17
CA TRP B 2774 38.66 16.96 129.92
C TRP B 2774 39.33 17.86 128.88
N PRO B 2775 38.78 18.10 127.66
CA PRO B 2775 39.51 19.01 126.76
C PRO B 2775 39.43 20.46 127.19
N ILE B 2776 38.35 20.88 127.86
CA ILE B 2776 38.21 22.26 128.31
C ILE B 2776 39.17 22.53 129.47
N LYS B 2777 39.28 21.58 130.42
CA LYS B 2777 40.23 21.76 131.52
C LYS B 2777 41.67 21.66 131.05
N GLU B 2778 41.96 20.75 130.11
CA GLU B 2778 43.32 20.62 129.63
C GLU B 2778 43.67 21.65 128.55
N SER B 2779 42.71 22.51 128.19
CA SER B 2779 43.02 23.77 127.51
C SER B 2779 43.12 24.95 128.46
N LEU B 2780 42.37 24.93 129.58
CA LEU B 2780 42.57 25.91 130.64
C LEU B 2780 43.95 25.78 131.27
N LYS B 2781 44.44 24.55 131.38
CA LYS B 2781 45.80 24.34 131.88
C LYS B 2781 46.86 24.82 130.90
N THR B 2782 46.52 24.95 129.61
CA THR B 2782 47.45 25.55 128.65
C THR B 2782 47.35 27.07 128.67
N MET B 2783 46.15 27.61 128.82
CA MET B 2783 45.99 29.07 128.85
C MET B 2783 46.54 29.65 130.15
N LEU B 2784 46.55 28.88 131.23
CA LEU B 2784 47.13 29.33 132.49
C LEU B 2784 48.62 29.02 132.60
N ALA B 2785 49.25 28.55 131.52
CA ALA B 2785 50.62 28.09 131.59
C ALA B 2785 51.63 29.20 131.31
N TRP B 2786 51.42 29.98 130.24
CA TRP B 2786 52.43 30.90 129.73
C TRP B 2786 52.60 32.17 130.58
N GLY B 2787 51.82 32.34 131.64
CA GLY B 2787 51.96 33.52 132.48
C GLY B 2787 50.87 34.55 132.22
N TRP B 2788 49.63 34.09 132.11
CA TRP B 2788 48.49 34.93 131.79
C TRP B 2788 47.64 35.15 133.03
N ARG B 2789 47.11 36.35 133.18
CA ARG B 2789 46.46 36.79 134.42
C ARG B 2789 45.00 37.10 134.15
N ILE B 2790 44.10 36.37 134.81
CA ILE B 2790 42.67 36.65 134.81
C ILE B 2790 42.29 36.83 136.29
N GLU B 2791 42.37 38.06 136.77
CA GLU B 2791 42.23 38.35 138.19
C GLU B 2791 40.86 38.97 138.48
N ARG B 2792 40.68 39.45 139.72
CA ARG B 2792 39.37 39.87 140.21
C ARG B 2792 38.92 41.19 139.62
N THR B 2793 37.69 41.21 139.14
CA THR B 2793 36.96 42.42 138.76
C THR B 2793 35.52 42.22 139.25
N ARG B 2794 34.61 43.02 138.69
CA ARG B 2794 33.19 42.93 139.01
C ARG B 2794 32.59 41.60 138.53
N GLU B 2795 31.43 41.28 139.10
CA GLU B 2795 30.67 40.11 138.68
C GLU B 2795 29.55 40.53 137.73
N GLY B 2796 28.79 39.55 137.25
CA GLY B 2796 27.72 39.79 136.31
C GLY B 2796 26.70 38.67 136.33
N ASP B 2797 26.23 38.28 135.15
CA ASP B 2797 25.28 37.17 135.02
C ASP B 2797 26.01 35.84 134.89
N ALA B 2818 11.01 25.51 123.20
CA ALA B 2818 11.84 24.64 124.02
C ALA B 2818 11.56 23.17 123.71
N ALA B 2819 12.12 22.27 124.51
CA ALA B 2819 11.99 20.83 124.28
C ALA B 2819 12.16 20.09 125.60
N HIS B 2820 12.34 18.77 125.51
CA HIS B 2820 12.50 17.89 126.65
C HIS B 2820 13.96 17.51 126.82
N GLY B 2821 14.34 17.19 128.06
CA GLY B 2821 15.73 16.88 128.34
C GLY B 2821 16.34 17.86 129.32
N TYR B 2822 17.23 18.71 128.82
CA TYR B 2822 17.83 19.78 129.62
C TYR B 2822 17.61 21.11 128.92
N SER B 2823 16.68 21.90 129.45
CA SER B 2823 16.33 23.22 128.93
C SER B 2823 17.09 24.28 129.73
N PRO B 2824 18.15 24.86 129.17
CA PRO B 2824 19.06 25.67 129.98
C PRO B 2824 18.58 27.10 130.15
N ARG B 2825 19.14 27.76 131.15
CA ARG B 2825 19.05 29.22 131.29
C ARG B 2825 20.29 29.88 130.68
N ALA B 2826 20.58 29.55 129.43
CA ALA B 2826 21.87 29.88 128.83
C ALA B 2826 21.93 31.33 128.38
N ILE B 2827 23.05 31.99 128.73
CA ILE B 2827 23.37 33.28 128.13
C ILE B 2827 23.74 33.03 126.67
N ASP B 2828 23.33 33.95 125.80
CA ASP B 2828 23.65 33.84 124.37
C ASP B 2828 25.14 34.05 124.19
N MET B 2829 25.86 32.96 123.99
CA MET B 2829 27.31 32.95 123.89
C MET B 2829 27.80 33.17 122.47
N SER B 2830 27.02 33.88 121.64
CA SER B 2830 27.26 33.95 120.21
C SER B 2830 27.69 35.34 119.73
N ASN B 2831 27.56 36.37 120.56
CA ASN B 2831 27.80 37.73 120.08
C ASN B 2831 28.65 38.56 121.03
N VAL B 2832 29.74 37.98 121.55
CA VAL B 2832 30.64 38.67 122.48
C VAL B 2832 32.04 38.64 121.89
N THR B 2833 32.71 39.81 121.83
CA THR B 2833 33.95 39.94 121.08
C THR B 2833 34.94 40.81 121.85
N LEU B 2834 36.19 40.34 121.92
CA LEU B 2834 37.27 41.03 122.61
C LEU B 2834 37.97 42.00 121.66
N SER B 2835 39.17 42.47 122.03
CA SER B 2835 39.97 43.43 121.30
C SER B 2835 41.19 42.75 120.67
N ARG B 2836 42.12 43.58 120.15
CA ARG B 2836 43.12 43.13 119.18
C ARG B 2836 44.12 42.14 119.78
N ASP B 2837 44.87 42.54 120.81
CA ASP B 2837 45.85 41.63 121.39
C ASP B 2837 45.20 40.48 122.16
N LEU B 2838 43.96 40.69 122.62
CA LEU B 2838 43.21 39.63 123.27
C LEU B 2838 42.85 38.53 122.26
N HIS B 2839 42.42 38.93 121.07
CA HIS B 2839 42.24 37.94 120.00
C HIS B 2839 43.58 37.45 119.45
N ALA B 2840 44.67 38.18 119.65
CA ALA B 2840 45.98 37.62 119.31
C ALA B 2840 46.33 36.47 120.23
N MET B 2841 46.03 36.62 121.52
CA MET B 2841 46.14 35.51 122.48
C MET B 2841 45.23 34.35 122.11
N ALA B 2842 43.99 34.66 121.71
CA ALA B 2842 43.06 33.62 121.30
C ALA B 2842 43.49 32.93 120.02
N GLU B 2843 44.13 33.64 119.09
CA GLU B 2843 44.61 33.05 117.86
C GLU B 2843 45.85 32.19 118.11
N MET B 2844 46.72 32.62 119.04
CA MET B 2844 47.85 31.77 119.44
C MET B 2844 47.37 30.49 120.11
N MET B 2845 46.32 30.58 120.93
CA MET B 2845 45.79 29.35 121.52
C MET B 2845 45.00 28.51 120.54
N ALA B 2846 44.42 29.13 119.49
CA ALA B 2846 43.80 28.35 118.42
C ALA B 2846 44.85 27.60 117.62
N GLU B 2847 46.02 28.22 117.41
CA GLU B 2847 47.13 27.53 116.77
C GLU B 2847 47.70 26.45 117.68
N ASN B 2848 47.65 26.66 119.01
CA ASN B 2848 48.02 25.61 119.95
C ASN B 2848 47.07 24.43 119.88
N TYR B 2849 45.76 24.70 119.82
CA TYR B 2849 44.76 23.64 119.68
C TYR B 2849 44.93 22.89 118.38
N HIS B 2850 45.19 23.62 117.28
CA HIS B 2850 45.38 22.98 115.98
C HIS B 2850 46.68 22.19 115.93
N ASN B 2851 47.73 22.64 116.61
CA ASN B 2851 48.98 21.89 116.61
C ASN B 2851 48.90 20.65 117.51
N ILE B 2852 48.14 20.72 118.61
CA ILE B 2852 47.89 19.53 119.41
C ILE B 2852 47.01 18.54 118.65
N TRP B 2853 46.01 19.05 117.92
CA TRP B 2853 45.14 18.16 117.14
C TRP B 2853 45.87 17.60 115.92
N ALA B 2854 46.82 18.35 115.38
CA ALA B 2854 47.64 17.85 114.27
C ALA B 2854 48.66 16.84 114.79
N LYS B 2855 49.20 17.05 115.99
CA LYS B 2855 50.04 16.03 116.61
C LYS B 2855 49.25 14.78 116.93
N LYS B 2856 47.99 14.94 117.35
CA LYS B 2856 47.12 13.81 117.61
C LYS B 2856 46.81 13.05 116.33
N LYS B 2857 46.54 13.77 115.24
CA LYS B 2857 46.22 13.13 113.98
C LYS B 2857 47.45 12.49 113.34
N LYS B 2858 48.63 13.11 113.50
CA LYS B 2858 49.87 12.60 112.94
C LYS B 2858 50.55 11.55 113.81
N LEU B 2859 50.10 11.38 115.05
CA LEU B 2859 50.47 10.21 115.84
C LEU B 2859 49.31 9.22 115.91
N GLU B 2860 48.18 9.56 115.30
CA GLU B 2860 47.07 8.67 115.05
C GLU B 2860 47.21 7.93 113.74
N LEU B 2861 47.80 8.56 112.73
CA LEU B 2861 47.99 7.94 111.42
C LEU B 2861 49.38 7.36 111.22
N GLU B 2862 50.30 7.59 112.14
CA GLU B 2862 51.59 6.91 112.16
C GLU B 2862 51.60 5.69 113.08
N SER B 2863 50.44 5.13 113.40
CA SER B 2863 50.34 3.94 114.23
C SER B 2863 49.97 2.69 113.43
N LYS B 2864 49.98 2.77 112.10
CA LYS B 2864 49.56 1.66 111.24
C LYS B 2864 50.69 1.10 110.39
N GLY B 2865 51.39 1.95 109.63
CA GLY B 2865 52.43 1.49 108.73
C GLY B 2865 52.18 1.83 107.28
N GLY B 2866 51.48 2.94 107.04
CA GLY B 2866 51.20 3.39 105.68
C GLY B 2866 51.72 4.78 105.40
N GLY B 2867 50.92 5.59 104.70
CA GLY B 2867 51.31 6.96 104.38
C GLY B 2867 50.77 7.98 105.36
N ASN B 2868 50.08 9.00 104.84
CA ASN B 2868 49.46 10.03 105.66
C ASN B 2868 48.16 10.46 104.97
N HIS B 2869 47.61 11.58 105.43
CA HIS B 2869 46.46 12.33 104.93
C HIS B 2869 46.94 13.69 104.41
N PRO B 2870 46.46 14.17 103.26
CA PRO B 2870 47.10 15.30 102.59
C PRO B 2870 46.79 16.68 103.16
N LEU B 2871 46.24 16.81 104.36
CA LEU B 2871 46.01 18.13 104.95
C LEU B 2871 47.17 18.61 105.80
N LEU B 2872 48.32 17.94 105.73
CA LEU B 2872 49.44 18.23 106.63
C LEU B 2872 50.36 19.28 105.99
N VAL B 2873 49.81 20.47 105.82
CA VAL B 2873 50.42 21.56 105.05
C VAL B 2873 50.85 22.66 106.02
N PRO B 2874 51.59 23.70 105.61
CA PRO B 2874 51.84 24.83 106.52
C PRO B 2874 50.58 25.52 106.99
N TYR B 2875 50.69 26.17 108.16
CA TYR B 2875 49.55 26.68 108.92
C TYR B 2875 48.82 27.82 108.23
N ASP B 2876 49.48 28.51 107.29
CA ASP B 2876 48.87 29.57 106.51
C ASP B 2876 48.40 29.09 105.13
N THR B 2877 48.09 27.79 105.00
CA THR B 2877 47.54 27.19 103.79
C THR B 2877 46.41 26.22 104.11
N LEU B 2878 45.50 26.61 105.00
CA LEU B 2878 44.43 25.74 105.49
C LEU B 2878 43.08 26.44 105.41
N THR B 2879 42.04 25.70 105.81
CA THR B 2879 40.67 26.18 105.81
C THR B 2879 40.33 26.81 107.17
N ALA B 2880 39.05 27.07 107.41
CA ALA B 2880 38.63 27.85 108.57
C ALA B 2880 37.76 27.10 109.56
N LYS B 2881 37.06 26.05 109.14
CA LYS B 2881 36.09 25.37 110.02
C LYS B 2881 36.80 24.62 111.15
N GLU B 2882 37.91 23.95 110.84
CA GLU B 2882 38.73 23.31 111.88
C GLU B 2882 39.36 24.35 112.81
N LYS B 2883 39.63 25.55 112.30
CA LYS B 2883 40.06 26.65 113.13
C LYS B 2883 38.91 27.38 113.80
N ALA B 2884 37.70 27.34 113.22
CA ALA B 2884 36.55 27.96 113.87
C ALA B 2884 36.10 27.16 115.10
N LYS B 2885 36.20 25.83 115.04
CA LYS B 2885 35.88 25.02 116.21
C LYS B 2885 36.86 25.27 117.35
N ASP B 2886 38.15 25.37 117.02
CA ASP B 2886 39.15 25.70 118.03
C ASP B 2886 39.00 27.15 118.51
N ARG B 2887 38.52 28.04 117.63
CA ARG B 2887 38.22 29.41 118.02
C ARG B 2887 37.10 29.48 119.04
N GLU B 2888 36.02 28.71 118.81
CA GLU B 2888 34.94 28.64 119.78
C GLU B 2888 35.39 28.02 121.11
N LYS B 2889 36.24 26.98 121.06
CA LYS B 2889 36.73 26.37 122.30
C LYS B 2889 37.65 27.32 123.07
N ALA B 2890 38.47 28.10 122.37
CA ALA B 2890 39.32 29.07 123.02
C ALA B 2890 38.52 30.24 123.58
N GLN B 2891 37.48 30.66 122.87
CA GLN B 2891 36.83 31.92 123.17
C GLN B 2891 35.51 31.78 123.91
N ASP B 2892 35.02 30.57 124.17
CA ASP B 2892 33.86 30.46 125.06
C ASP B 2892 34.24 30.77 126.50
N ILE B 2893 35.51 30.59 126.85
CA ILE B 2893 36.03 31.11 128.11
C ILE B 2893 36.01 32.62 128.10
N LEU B 2894 36.48 33.21 127.00
CA LEU B 2894 36.75 34.65 126.91
C LEU B 2894 35.46 35.46 126.82
N LYS B 2895 34.47 34.95 126.07
CA LYS B 2895 33.16 35.58 126.01
C LYS B 2895 32.49 35.57 127.37
N PHE B 2896 32.64 34.47 128.11
CA PHE B 2896 32.05 34.34 129.44
C PHE B 2896 32.76 35.25 130.43
N LEU B 2897 34.07 35.47 130.26
CA LEU B 2897 34.80 36.42 131.08
C LEU B 2897 34.36 37.87 130.79
N GLN B 2898 34.15 38.19 129.52
CA GLN B 2898 33.74 39.56 129.18
C GLN B 2898 32.28 39.81 129.55
N ILE B 2899 31.44 38.77 129.55
CA ILE B 2899 30.08 38.90 130.06
C ILE B 2899 30.08 39.13 131.57
N ASN B 2900 30.81 38.29 132.30
CA ASN B 2900 30.85 38.43 133.75
C ASN B 2900 31.70 39.61 134.23
N GLY B 2901 32.49 40.22 133.35
CA GLY B 2901 33.28 41.37 133.72
C GLY B 2901 34.75 41.10 133.97
N TYR B 2902 35.22 39.88 133.74
CA TYR B 2902 36.63 39.54 133.92
C TYR B 2902 37.39 39.92 132.65
N ALA B 2903 38.43 40.73 132.81
CA ALA B 2903 39.20 41.20 131.67
C ALA B 2903 40.35 40.26 131.33
N VAL B 2904 40.82 40.35 130.09
CA VAL B 2904 41.93 39.54 129.59
C VAL B 2904 43.08 40.47 129.24
N SER B 2905 44.27 40.19 129.76
CA SER B 2905 45.47 40.95 129.40
C SER B 2905 46.63 40.00 129.15
N ARG B 2906 47.82 40.56 129.06
CA ARG B 2906 49.02 39.78 128.73
C ARG B 2906 49.65 39.12 129.93
N GLY B 2907 49.67 39.77 131.08
CA GLY B 2907 50.23 39.18 132.29
C GLY B 2907 51.74 39.04 132.29
N TYR B 2982 54.42 50.03 106.71
CA TYR B 2982 54.25 50.52 108.07
C TYR B 2982 55.31 51.56 108.41
N PHE B 2983 55.50 51.80 109.71
CA PHE B 2983 56.51 52.73 110.18
C PHE B 2983 57.72 52.05 110.78
N LEU B 2984 57.65 50.72 111.01
CA LEU B 2984 58.75 50.01 111.65
C LEU B 2984 59.96 49.89 110.73
N SER B 2985 59.74 49.95 109.41
CA SER B 2985 60.85 49.92 108.46
C SER B 2985 61.69 51.17 108.57
N ALA B 2986 61.06 52.34 108.56
CA ALA B 2986 61.79 53.58 108.74
C ALA B 2986 62.30 53.75 110.17
N ALA B 2987 61.65 53.12 111.15
CA ALA B 2987 62.15 53.15 112.52
C ALA B 2987 63.43 52.33 112.67
N SER B 2988 63.48 51.14 112.08
CA SER B 2988 64.67 50.31 112.10
C SER B 2988 65.69 50.69 111.05
N ARG B 2989 65.35 51.62 110.15
CA ARG B 2989 66.34 52.14 109.20
C ARG B 2989 67.49 52.86 109.89
N PRO B 2990 67.28 53.56 111.00
CA PRO B 2990 68.45 54.05 111.76
C PRO B 2990 69.22 52.92 112.41
N LEU B 2991 68.54 51.88 112.88
CA LEU B 2991 69.21 50.72 113.44
C LEU B 2991 70.00 49.97 112.38
N CYS B 2992 69.39 49.78 111.21
CA CYS B 2992 70.10 49.16 110.09
C CYS B 2992 71.25 50.04 109.60
N SER B 2993 71.10 51.36 109.66
CA SER B 2993 72.17 52.26 109.24
C SER B 2993 73.33 52.23 110.21
N GLY B 2994 73.04 52.19 111.51
CA GLY B 2994 74.11 52.07 112.50
C GLY B 2994 74.83 50.74 112.42
N GLY B 2995 74.08 49.66 112.18
CA GLY B 2995 74.70 48.37 111.96
C GLY B 2995 75.53 48.33 110.70
N HIS B 2996 75.08 49.02 109.65
CA HIS B 2996 75.84 49.05 108.40
C HIS B 2996 77.12 49.87 108.55
N ALA B 2997 77.08 50.94 109.34
CA ALA B 2997 78.29 51.72 109.59
C ALA B 2997 79.27 50.93 110.47
N SER B 2998 78.75 50.24 111.48
CA SER B 2998 79.60 49.44 112.36
C SER B 2998 80.18 48.23 111.63
N ASN B 2999 79.49 47.73 110.60
CA ASN B 2999 80.06 46.68 109.77
C ASN B 2999 81.07 47.24 108.77
N LYS B 3000 80.77 48.40 108.18
CA LYS B 3000 81.64 49.02 107.18
C LYS B 3000 82.86 49.69 107.80
N GLU B 3001 82.97 49.75 109.12
CA GLU B 3001 84.20 50.22 109.72
C GLU B 3001 85.35 49.23 109.51
N LYS B 3002 85.05 47.93 109.58
CA LYS B 3002 86.09 46.89 109.50
C LYS B 3002 85.65 45.74 108.59
N GLU B 3003 85.18 46.07 107.39
CA GLU B 3003 84.65 45.09 106.45
C GLU B 3003 85.68 44.61 105.43
N MET B 3004 86.95 44.49 105.83
CA MET B 3004 88.03 44.20 104.89
C MET B 3004 88.36 42.72 104.83
N VAL B 3005 87.36 41.85 104.92
CA VAL B 3005 87.57 40.41 104.83
C VAL B 3005 87.21 39.90 103.44
N PHE B 3009 83.82 38.78 103.55
CA PHE B 3009 82.84 38.50 102.51
C PHE B 3009 81.53 39.23 102.80
N CYS B 3010 81.57 40.14 103.77
CA CYS B 3010 80.42 40.94 104.13
C CYS B 3010 80.29 42.22 103.32
N LYS B 3011 81.11 42.38 102.27
CA LYS B 3011 80.93 43.49 101.34
C LYS B 3011 79.69 43.30 100.48
N LEU B 3012 79.20 42.07 100.35
CA LEU B 3012 77.87 41.84 99.81
C LEU B 3012 76.80 42.46 100.70
N GLY B 3013 77.05 42.49 102.01
CA GLY B 3013 76.20 43.26 102.90
C GLY B 3013 76.28 44.76 102.65
N VAL B 3014 77.44 45.24 102.21
CA VAL B 3014 77.58 46.66 101.87
C VAL B 3014 76.81 46.98 100.59
N LEU B 3015 76.84 46.07 99.61
CA LEU B 3015 76.02 46.23 98.42
C LEU B 3015 74.54 46.12 98.75
N VAL B 3016 74.18 45.27 99.71
CA VAL B 3016 72.78 45.15 100.15
C VAL B 3016 72.34 46.41 100.88
N ARG B 3017 73.27 47.05 101.61
CA ARG B 3017 72.95 48.29 102.29
C ARG B 3017 72.79 49.44 101.30
N HIS B 3018 73.63 49.47 100.26
CA HIS B 3018 73.45 50.44 99.18
C HIS B 3018 72.13 50.24 98.46
N ARG B 3019 71.75 48.98 98.25
CA ARG B 3019 70.47 48.68 97.61
C ARG B 3019 69.29 49.03 98.50
N ILE B 3020 69.43 48.85 99.82
CA ILE B 3020 68.36 49.20 100.74
C ILE B 3020 68.23 50.71 100.85
N SER B 3021 69.34 51.44 100.76
CA SER B 3021 69.28 52.90 100.76
C SER B 3021 68.69 53.43 99.46
N LEU B 3022 68.98 52.77 98.33
CA LEU B 3022 68.33 53.15 97.08
C LEU B 3022 66.84 52.80 97.09
N PHE B 3023 66.46 51.71 97.78
CA PHE B 3023 65.06 51.36 97.90
C PHE B 3023 64.33 52.36 98.81
N GLY B 3024 64.98 52.81 99.88
CA GLY B 3024 64.41 53.87 100.69
C GLY B 3024 64.37 55.20 99.97
N ASN B 3025 65.30 55.42 99.04
CA ASN B 3025 65.21 56.56 98.15
C ASN B 3025 64.00 56.44 97.24
N ASP B 3026 63.71 55.23 96.77
CA ASP B 3026 62.48 55.01 96.02
C ASP B 3026 61.24 55.06 96.90
N ALA B 3027 61.39 55.00 98.23
CA ALA B 3027 60.25 54.99 99.14
C ALA B 3027 60.32 56.06 100.22
N THR B 3028 61.01 57.17 100.00
CA THR B 3028 61.12 58.23 101.00
C THR B 3028 59.88 59.10 101.03
N LEU B 3034 62.53 64.23 110.16
CA LEU B 3034 63.67 63.49 109.60
C LEU B 3034 64.65 63.09 110.69
N HIS B 3035 64.14 62.47 111.76
CA HIS B 3035 65.01 61.94 112.80
C HIS B 3035 65.76 60.72 112.29
N ILE B 3036 65.04 59.72 111.80
CA ILE B 3036 65.67 58.54 111.21
C ILE B 3036 66.31 58.88 109.87
N LEU B 3037 65.74 59.83 109.13
CA LEU B 3037 66.32 60.21 107.84
C LEU B 3037 67.60 61.01 108.02
N GLY B 3038 67.62 61.96 108.96
CA GLY B 3038 68.85 62.65 109.28
C GLY B 3038 69.89 61.73 109.90
N GLN B 3039 69.44 60.75 110.70
CA GLN B 3039 70.34 59.74 111.23
C GLN B 3039 70.92 58.87 110.12
N THR B 3040 70.13 58.59 109.08
CA THR B 3040 70.63 57.81 107.95
C THR B 3040 71.61 58.61 107.11
N LEU B 3041 71.39 59.93 106.97
CA LEU B 3041 72.34 60.77 106.25
C LEU B 3041 73.64 60.90 107.02
N ASP B 3042 73.56 61.03 108.35
CA ASP B 3042 74.76 61.08 109.18
C ASP B 3042 75.50 59.74 109.16
N ALA B 3043 74.75 58.64 109.13
CA ALA B 3043 75.38 57.32 109.02
C ALA B 3043 75.98 57.08 107.64
N ARG B 3044 75.40 57.69 106.61
CA ARG B 3044 76.02 57.64 105.27
C ARG B 3044 77.33 58.40 105.26
N THR B 3045 77.37 59.57 105.92
CA THR B 3045 78.62 60.30 106.05
C THR B 3045 79.65 59.54 106.88
N VAL B 3046 79.19 58.86 107.94
CA VAL B 3046 80.09 58.12 108.83
C VAL B 3046 80.64 56.88 108.13
N MET B 3047 79.83 56.24 107.29
CA MET B 3047 80.31 55.09 106.53
C MET B 3047 81.20 55.52 105.37
N LYS B 3048 80.94 56.70 104.79
CA LYS B 3048 81.83 57.25 103.77
C LYS B 3048 83.17 57.66 104.37
N THR B 3049 83.19 58.00 105.65
CA THR B 3049 84.46 58.29 106.33
C THR B 3049 85.09 57.05 106.94
N GLY B 3050 84.29 56.06 107.36
CA GLY B 3050 84.85 54.89 108.00
C GLY B 3050 85.50 53.91 107.05
N LEU B 3051 85.00 53.83 105.82
CA LEU B 3051 85.58 53.01 104.77
C LEU B 3051 86.38 53.87 103.80
N GLU B 3052 86.88 55.01 104.28
CA GLU B 3052 87.64 55.91 103.42
C GLU B 3052 89.11 55.52 103.36
N SER B 3053 89.61 54.85 104.39
CA SER B 3053 91.01 54.45 104.41
C SER B 3053 91.29 53.24 103.52
N VAL B 3054 90.31 52.36 103.33
CA VAL B 3054 90.48 51.16 102.53
C VAL B 3054 89.91 51.38 101.14
N LYS B 3055 89.65 52.64 100.79
CA LYS B 3055 89.15 52.98 99.48
C LYS B 3055 90.25 53.63 98.65
N PHE B 3061 85.53 45.70 99.87
CA PHE B 3061 86.34 44.68 99.23
C PHE B 3061 86.60 45.02 97.77
N LEU B 3062 85.99 44.27 96.86
CA LEU B 3062 86.13 44.50 95.43
C LEU B 3062 84.88 45.07 94.79
N ASP B 3063 83.71 44.46 95.02
CA ASP B 3063 82.46 45.02 94.53
C ASP B 3063 82.07 46.26 95.31
N ASN B 3064 82.57 46.40 96.55
CA ASN B 3064 82.35 47.62 97.30
C ASN B 3064 83.11 48.80 96.70
N ALA B 3065 84.24 48.53 96.03
CA ALA B 3065 85.04 49.59 95.42
C ALA B 3065 84.32 50.23 94.23
N ALA B 3066 83.39 49.52 93.61
CA ALA B 3066 82.52 50.11 92.59
C ALA B 3066 81.16 50.52 93.15
N GLU B 3067 80.71 49.87 94.23
CA GLU B 3067 79.41 50.14 94.81
C GLU B 3067 79.39 51.35 95.73
N ASP B 3068 80.56 51.82 96.18
CA ASP B 3068 80.61 53.01 97.02
C ASP B 3068 80.21 54.26 96.26
N LEU B 3069 80.57 54.34 94.97
CA LEU B 3069 80.14 55.45 94.14
C LEU B 3069 78.63 55.46 93.97
N GLU B 3070 78.03 54.29 93.75
CA GLU B 3070 76.58 54.19 93.57
C GLU B 3070 75.84 54.51 94.87
N LYS B 3071 76.38 54.04 96.01
CA LYS B 3071 75.76 54.32 97.30
C LYS B 3071 75.83 55.81 97.64
N THR B 3072 76.99 56.45 97.41
CA THR B 3072 77.13 57.86 97.72
C THR B 3072 76.29 58.72 96.77
N MET B 3073 76.18 58.30 95.50
CA MET B 3073 75.34 59.05 94.56
C MET B 3073 73.86 58.91 94.88
N GLU B 3074 73.43 57.72 95.31
CA GLU B 3074 72.04 57.52 95.71
C GLU B 3074 71.71 58.30 96.97
N ASN B 3075 72.64 58.35 97.92
CA ASN B 3075 72.41 59.14 99.13
C ASN B 3075 72.41 60.64 98.84
N LEU B 3076 73.23 61.08 97.88
CA LEU B 3076 73.25 62.49 97.50
C LEU B 3076 71.96 62.89 96.78
N LYS B 3077 71.43 61.99 95.95
CA LYS B 3077 70.15 62.28 95.28
C LYS B 3077 68.98 62.20 96.26
N GLN B 3078 69.06 61.31 97.25
CA GLN B 3078 67.98 61.17 98.22
C GLN B 3078 68.11 62.13 99.39
N GLY B 3079 69.18 62.92 99.45
CA GLY B 3079 69.34 63.87 100.54
C GLY B 3079 68.30 64.97 100.55
N GLN B 3080 67.74 65.30 99.38
CA GLN B 3080 66.67 66.27 99.28
C GLN B 3080 65.29 65.63 99.29
N PHE B 3081 65.21 64.30 99.15
CA PHE B 3081 63.93 63.61 99.19
C PHE B 3081 63.47 63.31 100.62
N THR B 3082 64.31 63.58 101.62
CA THR B 3082 63.97 63.32 103.01
C THR B 3082 63.17 64.48 103.60
N THR B 3098 71.99 70.26 111.75
CA THR B 3098 72.28 70.06 110.33
C THR B 3098 73.34 71.04 109.83
N THR B 3099 73.95 71.77 110.77
CA THR B 3099 74.98 72.75 110.45
C THR B 3099 76.38 72.25 110.81
N VAL B 3100 76.50 71.00 111.20
CA VAL B 3100 77.79 70.40 111.54
C VAL B 3100 78.37 69.64 110.35
N ALA B 3101 77.90 69.96 109.14
CA ALA B 3101 78.34 69.25 107.94
C ALA B 3101 79.79 69.58 107.55
N LEU B 3102 80.42 70.54 108.21
CA LEU B 3102 81.85 70.76 107.99
C LEU B 3102 82.68 69.61 108.56
N LEU B 3103 82.17 68.90 109.58
CA LEU B 3103 82.88 67.73 110.09
C LEU B 3103 82.86 66.58 109.09
N PRO B 3104 81.72 66.17 108.55
CA PRO B 3104 81.74 65.19 107.44
C PRO B 3104 82.35 65.74 106.16
N MET B 3105 82.40 67.07 105.99
CA MET B 3105 83.06 67.65 104.84
C MET B 3105 84.58 67.51 104.94
N LEU B 3106 85.13 67.72 106.14
CA LEU B 3106 86.54 67.45 106.36
C LEU B 3106 86.83 65.96 106.32
N SER B 3107 85.85 65.13 106.71
CA SER B 3107 85.98 63.69 106.59
C SER B 3107 86.08 63.25 105.12
N SER B 3108 85.21 63.81 104.27
CA SER B 3108 85.30 63.55 102.84
C SER B 3108 86.52 64.21 102.20
N LEU B 3109 87.03 65.29 102.80
CA LEU B 3109 88.28 65.89 102.35
C LEU B 3109 89.46 64.95 102.59
N PHE B 3110 89.52 64.35 103.78
CA PHE B 3110 90.53 63.32 104.05
C PHE B 3110 90.28 62.07 103.21
N GLU B 3111 89.03 61.76 102.89
CA GLU B 3111 88.71 60.64 102.02
C GLU B 3111 89.25 60.86 100.61
N HIS B 3112 89.04 62.06 100.05
CA HIS B 3112 89.57 62.37 98.73
C HIS B 3112 91.09 62.51 98.76
N ILE B 3113 91.65 62.88 99.91
CA ILE B 3113 93.11 62.91 100.04
C ILE B 3113 93.66 61.49 100.08
N GLY B 3114 92.90 60.54 100.63
CA GLY B 3114 93.26 59.14 100.60
C GLY B 3114 92.91 58.42 99.30
N GLN B 3115 92.10 59.05 98.46
CA GLN B 3115 91.74 58.51 97.16
C GLN B 3115 92.50 59.17 96.02
N HIS B 3116 93.18 60.29 96.27
CA HIS B 3116 93.93 60.97 95.21
C HIS B 3116 95.17 60.19 94.82
N GLN B 3117 96.08 59.97 95.77
CA GLN B 3117 97.25 59.14 95.51
C GLN B 3117 96.99 57.66 95.69
N PHE B 3118 95.75 57.28 96.00
CA PHE B 3118 95.38 55.88 96.14
C PHE B 3118 93.91 55.68 95.77
N LEU B 3124 92.32 52.99 87.07
CA LEU B 3124 93.10 54.21 86.92
C LEU B 3124 92.20 55.43 86.78
N GLU B 3125 91.05 55.39 87.43
CA GLU B 3125 90.06 56.47 87.40
C GLU B 3125 89.52 56.76 88.79
N ASP B 3126 90.40 56.80 89.79
CA ASP B 3126 89.97 57.06 91.16
C ASP B 3126 89.94 58.56 91.46
N VAL B 3127 90.78 59.34 90.80
CA VAL B 3127 90.77 60.78 91.02
C VAL B 3127 89.52 61.42 90.44
N GLN B 3128 89.08 60.93 89.28
CA GLN B 3128 87.80 61.37 88.73
C GLN B 3128 86.63 60.89 89.57
N VAL B 3129 86.77 59.74 90.24
CA VAL B 3129 85.73 59.26 91.15
C VAL B 3129 85.64 60.15 92.38
N SER B 3130 86.78 60.59 92.90
CA SER B 3130 86.78 61.54 94.02
C SER B 3130 86.23 62.90 93.59
N CYS B 3131 86.54 63.32 92.37
CA CYS B 3131 86.01 64.59 91.87
C CYS B 3131 84.49 64.53 91.67
N TYR B 3132 83.99 63.42 91.15
CA TYR B 3132 82.54 63.26 91.00
C TYR B 3132 81.84 63.06 92.34
N ARG B 3133 82.53 62.48 93.33
CA ARG B 3133 81.96 62.38 94.67
C ARG B 3133 81.88 63.76 95.33
N ILE B 3134 82.89 64.60 95.12
CA ILE B 3134 82.83 65.98 95.58
C ILE B 3134 81.75 66.76 94.84
N LEU B 3135 81.54 66.42 93.56
CA LEU B 3135 80.44 67.02 92.79
C LEU B 3135 79.08 66.62 93.35
N THR B 3136 78.93 65.35 93.72
CA THR B 3136 77.68 64.88 94.31
C THR B 3136 77.47 65.48 95.69
N SER B 3137 78.55 65.69 96.45
CA SER B 3137 78.43 66.28 97.78
C SER B 3137 78.02 67.75 97.69
N LEU B 3138 78.68 68.52 96.81
CA LEU B 3138 78.33 69.92 96.65
C LEU B 3138 76.96 70.09 95.99
N TYR B 3139 76.56 69.14 95.13
CA TYR B 3139 75.22 69.21 94.54
C TYR B 3139 74.14 68.82 95.54
N ALA B 3140 74.44 67.90 96.47
CA ALA B 3140 73.47 67.54 97.49
C ALA B 3140 73.33 68.64 98.53
N LEU B 3141 74.44 69.33 98.83
CA LEU B 3141 74.35 70.52 99.68
C LEU B 3141 73.69 71.67 98.96
N GLY B 3142 73.79 71.73 97.63
CA GLY B 3142 73.15 72.79 96.87
C GLY B 3142 71.99 72.30 96.01
N THR B 3143 71.24 71.31 96.50
CA THR B 3143 70.07 70.84 95.78
C THR B 3143 68.86 71.74 96.01
N SER B 3144 68.88 72.53 97.09
CA SER B 3144 67.79 73.47 97.39
C SER B 3144 68.32 74.69 98.15
N VAL B 3149 81.73 78.03 107.33
CA VAL B 3149 82.97 77.28 107.50
C VAL B 3149 83.46 76.79 106.14
N GLU B 3150 84.71 77.07 105.83
CA GLU B 3150 85.30 76.80 104.51
C GLU B 3150 86.60 76.03 104.66
N ARG B 3151 86.59 74.99 105.49
CA ARG B 3151 87.77 74.14 105.60
C ARG B 3151 87.84 73.12 104.46
N GLN B 3152 86.69 72.59 104.04
CA GLN B 3152 86.68 71.59 102.97
C GLN B 3152 87.00 72.19 101.62
N ARG B 3153 86.59 73.45 101.39
CA ARG B 3153 86.96 74.15 100.17
C ARG B 3153 88.46 74.39 100.12
N SER B 3154 89.06 74.71 101.27
CA SER B 3154 90.50 74.89 101.34
C SER B 3154 91.24 73.57 101.12
N ALA B 3155 90.70 72.47 101.65
CA ALA B 3155 91.35 71.17 101.48
C ALA B 3155 91.26 70.68 100.04
N LEU B 3156 90.09 70.86 99.40
CA LEU B 3156 89.94 70.45 98.00
C LEU B 3156 90.75 71.33 97.08
N GLY B 3157 90.84 72.64 97.37
CA GLY B 3157 91.71 73.50 96.60
C GLY B 3157 93.18 73.21 96.82
N GLU B 3158 93.54 72.76 98.03
CA GLU B 3158 94.92 72.36 98.31
C GLU B 3158 95.30 71.12 97.51
N CYS B 3159 94.42 70.11 97.49
CA CYS B 3159 94.68 68.93 96.67
C CYS B 3159 94.66 69.24 95.18
N LEU B 3160 93.82 70.21 94.77
CA LEU B 3160 93.75 70.57 93.35
C LEU B 3160 95.00 71.29 92.89
N ALA B 3161 95.51 72.24 93.70
CA ALA B 3161 96.75 72.91 93.36
C ALA B 3161 97.97 72.02 93.57
N ALA B 3162 97.85 70.99 94.42
CA ALA B 3162 98.96 70.05 94.60
C ALA B 3162 99.05 69.08 93.44
N PHE B 3163 97.91 68.69 92.88
CA PHE B 3163 97.91 67.71 91.80
C PHE B 3163 97.46 68.34 90.48
N ALA B 3164 97.98 69.53 90.19
CA ALA B 3164 97.68 70.23 88.95
C ALA B 3164 98.75 70.07 87.88
N GLY B 3165 100.02 70.16 88.25
CA GLY B 3165 101.09 70.00 87.28
C GLY B 3165 101.41 68.56 86.93
N ALA B 3166 101.08 67.62 87.83
CA ALA B 3166 101.35 66.20 87.59
C ALA B 3166 100.07 65.37 87.69
N ALA B 3170 91.35 61.91 84.40
CA ALA B 3170 90.92 62.18 85.76
C ALA B 3170 91.25 63.62 86.17
N PHE B 3171 92.02 64.30 85.32
CA PHE B 3171 92.37 65.70 85.55
C PHE B 3171 91.35 66.65 84.91
N LEU B 3172 91.03 66.42 83.64
CA LEU B 3172 90.05 67.25 82.95
C LEU B 3172 88.64 67.04 83.50
N GLU B 3173 88.33 65.79 83.90
CA GLU B 3173 87.05 65.53 84.56
C GLU B 3173 86.98 66.21 85.92
N THR B 3174 88.11 66.31 86.62
CA THR B 3174 88.15 67.08 87.86
C THR B 3174 87.99 68.57 87.60
N HIS B 3175 88.54 69.06 86.47
CA HIS B 3175 88.44 70.47 86.14
C HIS B 3175 87.01 70.85 85.78
N LEU B 3176 86.33 70.01 85.01
CA LEU B 3176 84.93 70.23 84.67
C LEU B 3176 83.98 69.83 85.80
N ASP B 3177 84.47 69.10 86.82
CA ASP B 3177 83.64 68.79 87.98
C ASP B 3177 83.72 69.91 89.02
N LYS B 3178 84.86 70.57 89.12
CA LYS B 3178 84.95 71.75 89.99
C LYS B 3178 84.18 72.92 89.40
N HIS B 3179 84.10 73.02 88.07
CA HIS B 3179 83.30 74.02 87.40
C HIS B 3179 81.83 73.64 87.32
N ASN B 3180 81.47 72.41 87.71
CA ASN B 3180 80.08 71.99 87.84
C ASN B 3180 79.61 71.92 89.27
N ILE B 3181 80.52 71.83 90.24
CA ILE B 3181 80.16 71.82 91.66
C ILE B 3181 80.48 73.19 92.25
N TYR B 3182 80.64 74.20 91.38
CA TYR B 3182 80.98 75.53 91.87
C TYR B 3182 79.75 76.24 92.43
N SER B 3183 78.55 75.84 92.00
CA SER B 3183 77.32 76.51 92.41
C SER B 3183 76.97 76.24 93.87
N SER B 3593 58.00 28.86 57.87
CA SER B 3593 57.49 27.72 58.61
C SER B 3593 58.49 27.24 59.64
N LYS B 3594 58.22 26.09 60.25
CA LYS B 3594 58.94 25.66 61.45
C LYS B 3594 60.32 25.09 61.13
N GLN B 3595 60.37 23.99 60.39
CA GLN B 3595 61.62 23.28 60.18
C GLN B 3595 62.61 24.04 59.32
N ARG B 3596 62.14 25.02 58.55
CA ARG B 3596 63.03 25.93 57.86
C ARG B 3596 63.86 26.74 58.82
N LYS B 3597 63.34 27.04 60.01
CA LYS B 3597 64.07 27.85 60.96
C LYS B 3597 65.23 27.07 61.55
N ARG B 3598 64.99 25.80 61.88
CA ARG B 3598 66.09 24.95 62.29
C ARG B 3598 67.02 24.64 61.13
N ALA B 3599 66.50 24.70 59.90
CA ALA B 3599 67.38 24.56 58.74
C ALA B 3599 68.32 25.74 58.61
N VAL B 3600 67.85 26.94 58.94
CA VAL B 3600 68.73 28.10 58.92
C VAL B 3600 69.75 28.01 60.05
N VAL B 3601 69.33 27.50 61.21
CA VAL B 3601 70.27 27.21 62.30
C VAL B 3601 71.33 26.23 61.86
N ALA B 3602 70.93 25.21 61.09
CA ALA B 3602 71.87 24.25 60.58
C ALA B 3602 72.79 24.85 59.52
N CYS B 3603 72.30 25.83 58.76
CA CYS B 3603 73.14 26.54 57.82
C CYS B 3603 74.21 27.36 58.54
N PHE B 3604 73.88 27.84 59.75
CA PHE B 3604 74.92 28.41 60.58
C PHE B 3604 75.78 27.36 61.27
N ARG B 3605 75.28 26.14 61.41
CA ARG B 3605 75.98 25.11 62.15
C ARG B 3605 77.14 24.52 61.38
N MET B 3606 77.12 24.58 60.04
CA MET B 3606 78.18 23.97 59.25
C MET B 3606 79.42 24.85 59.16
N ALA B 3607 79.88 25.31 60.31
CA ALA B 3607 81.16 25.96 60.54
C ALA B 3607 82.41 25.10 60.32
N PRO B 3608 82.38 23.72 60.43
CA PRO B 3608 83.53 22.99 59.91
C PRO B 3608 83.62 23.10 58.41
N LEU B 3609 84.52 23.96 57.97
CA LEU B 3609 84.66 24.22 56.55
C LEU B 3609 85.58 23.18 55.95
N TYR B 3610 86.84 23.18 56.38
CA TYR B 3610 87.84 22.24 55.89
C TYR B 3610 88.73 21.77 57.03
N ASN B 3611 88.11 21.46 58.17
CA ASN B 3611 88.79 20.67 59.17
C ASN B 3611 89.02 19.30 58.56
N LEU B 3612 87.91 18.58 58.33
CA LEU B 3612 87.68 17.52 57.34
C LEU B 3612 88.80 16.49 57.27
N PRO B 3613 88.90 15.60 58.28
CA PRO B 3613 90.20 15.19 58.84
C PRO B 3613 91.30 14.86 57.86
N ARG B 3614 91.14 13.83 57.05
CA ARG B 3614 92.00 13.71 55.87
C ARG B 3614 91.29 13.10 54.66
N HIS B 3615 90.25 12.31 54.85
CA HIS B 3615 89.72 11.46 53.79
C HIS B 3615 88.24 11.63 53.56
N ARG B 3616 87.51 12.20 54.52
CA ARG B 3616 86.11 12.56 54.29
C ARG B 3616 86.00 13.52 53.12
N ALA B 3617 86.93 14.47 53.04
CA ALA B 3617 86.97 15.39 51.92
C ALA B 3617 87.27 14.68 50.62
N VAL B 3618 88.17 13.69 50.65
CA VAL B 3618 88.52 12.96 49.44
C VAL B 3618 87.34 12.12 48.97
N ASN B 3619 86.64 11.53 49.92
CA ASN B 3619 85.44 10.76 49.62
C ASN B 3619 84.36 11.63 48.99
N LEU B 3620 84.13 12.80 49.56
CA LEU B 3620 83.10 13.68 49.01
C LEU B 3620 83.52 14.26 47.68
N PHE B 3621 84.82 14.45 47.47
CA PHE B 3621 85.33 14.85 46.17
C PHE B 3621 85.07 13.79 45.14
N LEU B 3622 85.23 12.53 45.52
CA LEU B 3622 84.93 11.42 44.64
C LEU B 3622 83.46 11.44 44.25
N GLN B 3623 82.59 11.68 45.24
CA GLN B 3623 81.15 11.79 44.99
C GLN B 3623 80.83 12.89 43.99
N GLY B 3624 81.36 14.09 44.24
CA GLY B 3624 81.06 15.21 43.37
C GLY B 3624 81.65 15.07 41.98
N TYR B 3625 82.81 14.44 41.87
CA TYR B 3625 83.42 14.25 40.57
C TYR B 3625 82.62 13.26 39.73
N GLU B 3626 82.26 12.13 40.33
CA GLU B 3626 81.39 11.17 39.66
C GLU B 3626 80.04 11.76 39.30
N LYS B 3627 79.54 12.66 40.14
CA LYS B 3627 78.23 13.23 39.88
C LYS B 3627 78.25 14.23 38.74
N SER B 3628 79.26 15.11 38.73
CA SER B 3628 79.19 16.27 37.85
C SER B 3628 80.03 16.14 36.59
N TRP B 3629 81.09 15.35 36.60
CA TRP B 3629 82.05 15.41 35.50
C TRP B 3629 81.89 14.33 34.47
N ILE B 3630 81.53 13.11 34.87
CA ILE B 3630 81.68 11.98 33.96
C ILE B 3630 80.56 11.95 32.92
N GLU B 3631 79.49 12.72 33.13
CA GLU B 3631 78.45 12.81 32.12
C GLU B 3631 78.96 13.59 30.91
N THR B 3632 79.47 12.86 29.93
CA THR B 3632 80.21 13.40 28.80
C THR B 3632 79.61 12.91 27.49
N GLU B 3633 80.35 13.13 26.42
CA GLU B 3633 79.96 12.70 25.08
C GLU B 3633 81.03 11.77 24.52
N GLU B 3634 80.65 10.52 24.31
CA GLU B 3634 81.41 9.57 23.53
C GLU B 3634 80.58 9.09 22.35
N HIS B 3635 79.37 9.62 22.21
CA HIS B 3635 78.25 8.93 21.60
C HIS B 3635 78.19 9.12 20.10
N TYR B 3636 79.34 9.29 19.46
CA TYR B 3636 79.43 9.13 18.03
C TYR B 3636 79.46 7.66 17.62
N PHE B 3637 79.77 6.77 18.56
CA PHE B 3637 80.14 5.39 18.24
C PHE B 3637 78.96 4.54 17.80
N GLU B 3638 77.74 5.05 17.88
CA GLU B 3638 76.58 4.26 17.48
C GLU B 3638 76.50 4.07 15.97
N ASP B 3639 76.77 5.14 15.21
CA ASP B 3639 76.82 5.01 13.77
C ASP B 3639 77.94 4.08 13.34
N LYS B 3640 79.11 4.22 13.97
CA LYS B 3640 80.23 3.34 13.69
C LYS B 3640 79.89 1.89 14.00
N LEU B 3641 79.20 1.67 15.11
CA LEU B 3641 78.89 0.31 15.54
C LEU B 3641 77.90 -0.34 14.59
N ILE B 3642 76.79 0.34 14.31
CA ILE B 3642 75.77 -0.31 13.51
C ILE B 3642 76.17 -0.35 12.04
N GLU B 3643 77.12 0.49 11.61
CA GLU B 3643 77.84 0.17 10.38
C GLU B 3643 78.61 -1.12 10.54
N ASP B 3644 79.33 -1.25 11.65
CA ASP B 3644 80.37 -2.24 11.75
C ASP B 3644 79.80 -3.64 11.98
N LEU B 3645 78.56 -3.75 12.42
CA LEU B 3645 77.97 -5.07 12.56
C LEU B 3645 77.49 -5.62 11.23
N ALA B 3646 77.03 -4.76 10.33
CA ALA B 3646 76.49 -5.23 9.07
C ALA B 3646 77.59 -5.40 8.03
N LYS B 3647 78.57 -6.24 8.37
CA LYS B 3647 79.72 -6.51 7.52
C LYS B 3647 79.84 -8.01 7.38
N PRO B 3648 79.11 -8.61 6.42
CA PRO B 3648 79.15 -10.07 6.26
C PRO B 3648 80.48 -10.54 5.71
N ARG B 3661 75.85 -17.63 6.02
CA ARG B 3661 76.31 -16.54 6.87
C ARG B 3661 75.20 -15.54 7.12
N VAL B 3662 74.99 -15.21 8.39
CA VAL B 3662 73.97 -14.27 8.82
C VAL B 3662 74.69 -13.16 9.59
N ASP B 3663 74.13 -11.96 9.57
CA ASP B 3663 74.76 -10.81 10.22
C ASP B 3663 74.79 -10.98 11.74
N PRO B 3664 75.84 -10.45 12.39
CA PRO B 3664 75.87 -10.45 13.87
C PRO B 3664 74.73 -9.66 14.47
N LEU B 3665 74.39 -8.55 13.83
CA LEU B 3665 73.21 -7.80 14.19
C LEU B 3665 71.96 -8.66 14.08
N HIS B 3666 71.89 -9.51 13.06
CA HIS B 3666 70.71 -10.34 12.92
C HIS B 3666 70.67 -11.43 13.97
N GLN B 3667 71.84 -11.94 14.39
CA GLN B 3667 71.89 -12.83 15.54
C GLN B 3667 71.37 -12.16 16.79
N LEU B 3668 71.74 -10.89 17.00
CA LEU B 3668 71.33 -10.19 18.21
C LEU B 3668 69.83 -9.95 18.23
N ILE B 3669 69.28 -9.48 17.11
CA ILE B 3669 67.85 -9.26 17.01
C ILE B 3669 67.09 -10.56 17.15
N LEU B 3670 67.63 -11.64 16.55
CA LEU B 3670 66.96 -12.92 16.66
C LEU B 3670 67.03 -13.46 18.08
N LEU B 3671 68.11 -13.15 18.80
CA LEU B 3671 68.22 -13.51 20.21
C LEU B 3671 67.11 -12.89 21.01
N PHE B 3672 66.90 -11.59 20.83
CA PHE B 3672 65.85 -10.95 21.61
C PHE B 3672 64.48 -11.39 21.15
N SER B 3673 64.34 -11.79 19.89
CA SER B 3673 63.06 -12.30 19.44
C SER B 3673 62.73 -13.61 20.09
N ARG B 3674 63.70 -14.51 20.21
CA ARG B 3674 63.41 -15.78 20.85
C ARG B 3674 63.23 -15.62 22.35
N THR B 3675 63.95 -14.67 22.96
CA THR B 3675 63.79 -14.44 24.39
C THR B 3675 62.41 -13.86 24.68
N ALA B 3676 61.92 -13.00 23.79
CA ALA B 3676 60.58 -12.47 23.94
C ALA B 3676 59.51 -13.54 23.75
N LEU B 3677 59.79 -14.55 22.96
CA LEU B 3677 58.79 -15.58 22.73
C LEU B 3677 58.68 -16.58 23.85
N THR B 3678 59.64 -16.60 24.78
CA THR B 3678 59.51 -17.41 25.96
C THR B 3678 58.39 -16.86 26.84
N GLU B 3679 57.82 -17.72 27.68
CA GLU B 3679 56.72 -17.34 28.54
C GLU B 3679 57.23 -17.18 29.95
N LYS B 3680 56.98 -16.02 30.53
CA LYS B 3680 57.54 -15.67 31.82
C LYS B 3680 56.53 -15.17 32.81
N CYS B 3681 55.37 -14.68 32.35
CA CYS B 3681 54.26 -14.07 33.09
C CYS B 3681 54.63 -12.72 33.71
N LYS B 3682 55.90 -12.33 33.60
CA LYS B 3682 56.42 -11.09 34.14
C LYS B 3682 57.79 -10.89 33.53
N LEU B 3683 58.05 -9.73 32.92
CA LEU B 3683 59.31 -9.56 32.23
C LEU B 3683 60.44 -9.27 33.20
N GLU B 3684 61.65 -9.44 32.71
CA GLU B 3684 62.85 -9.18 33.48
C GLU B 3684 63.30 -7.75 33.22
N GLU B 3685 64.54 -7.42 33.58
CA GLU B 3685 65.06 -6.09 33.32
C GLU B 3685 66.07 -6.07 32.18
N ASP B 3686 67.10 -6.93 32.24
CA ASP B 3686 67.91 -7.32 31.10
C ASP B 3686 68.66 -6.14 30.48
N PHE B 3687 69.63 -5.61 31.24
CA PHE B 3687 70.30 -4.39 30.81
C PHE B 3687 71.12 -4.54 29.54
N LEU B 3688 71.36 -5.78 29.09
CA LEU B 3688 71.70 -6.05 27.70
C LEU B 3688 70.70 -5.38 26.75
N TYR B 3689 69.42 -5.72 26.91
CA TYR B 3689 68.36 -5.17 26.07
C TYR B 3689 68.26 -3.68 26.24
N MET B 3690 68.37 -3.22 27.48
CA MET B 3690 68.29 -1.81 27.80
C MET B 3690 69.45 -1.03 27.24
N ALA B 3691 70.57 -1.68 26.97
CA ALA B 3691 71.66 -1.00 26.31
C ALA B 3691 71.44 -0.97 24.80
N TYR B 3692 71.13 -2.12 24.22
CA TYR B 3692 71.10 -2.18 22.77
C TYR B 3692 69.88 -1.52 22.16
N ALA B 3693 68.78 -1.40 22.90
CA ALA B 3693 67.65 -0.64 22.41
C ALA B 3693 68.02 0.82 22.23
N ASP B 3694 68.73 1.39 23.18
CA ASP B 3694 69.18 2.77 23.05
C ASP B 3694 70.27 2.90 22.00
N ILE B 3695 71.13 1.88 21.89
CA ILE B 3695 72.21 1.93 20.90
C ILE B 3695 71.64 1.94 19.49
N MET B 3696 70.63 1.13 19.22
CA MET B 3696 69.97 1.20 17.93
C MET B 3696 69.18 2.49 17.77
N ALA B 3697 68.46 2.91 18.81
CA ALA B 3697 67.57 4.06 18.67
C ALA B 3697 68.31 5.38 18.59
N LYS B 3698 69.59 5.42 18.93
CA LYS B 3698 70.36 6.63 18.67
C LYS B 3698 70.91 6.68 17.26
N SER B 3699 70.61 5.70 16.41
CA SER B 3699 71.14 5.68 15.05
C SER B 3699 70.15 6.23 14.04
N CYS B 3700 69.33 7.20 14.44
CA CYS B 3700 68.44 7.88 13.51
C CYS B 3700 68.40 9.37 13.81
N SER B 3714 66.75 24.63 2.43
CA SER B 3714 67.11 23.95 1.20
C SER B 3714 66.23 22.74 0.94
N PHE B 3715 65.60 22.71 -0.24
CA PHE B 3715 64.83 21.53 -0.64
C PHE B 3715 65.74 20.35 -0.89
N GLU B 3716 66.95 20.62 -1.39
CA GLU B 3716 67.96 19.58 -1.57
C GLU B 3716 68.33 18.93 -0.25
N GLU B 3717 68.37 19.72 0.82
CA GLU B 3717 68.70 19.15 2.11
C GLU B 3717 67.58 18.26 2.63
N LYS B 3718 66.33 18.60 2.33
CA LYS B 3718 65.25 17.71 2.71
C LYS B 3718 65.25 16.44 1.87
N GLU B 3719 65.67 16.55 0.61
CA GLU B 3719 65.90 15.36 -0.22
C GLU B 3719 66.95 14.46 0.39
N MET B 3720 68.03 15.03 0.91
CA MET B 3720 69.12 14.24 1.47
C MET B 3720 68.72 13.62 2.81
N GLU B 3721 68.08 14.40 3.66
CA GLU B 3721 67.73 13.94 4.98
C GLU B 3721 66.53 13.01 4.99
N LYS B 3722 65.73 12.99 3.93
CA LYS B 3722 64.80 11.88 3.78
C LYS B 3722 65.54 10.58 3.54
N GLN B 3723 66.52 10.62 2.64
CA GLN B 3723 67.12 9.40 2.15
C GLN B 3723 68.07 8.77 3.16
N LYS B 3724 68.82 9.59 3.90
CA LYS B 3724 69.70 9.04 4.93
C LYS B 3724 68.92 8.38 6.05
N LEU B 3725 67.81 9.01 6.46
CA LEU B 3725 66.94 8.42 7.45
C LEU B 3725 66.33 7.12 6.96
N LEU B 3726 65.89 7.09 5.70
CA LEU B 3726 65.23 5.89 5.21
C LEU B 3726 66.23 4.77 5.03
N TYR B 3727 67.47 5.09 4.68
CA TYR B 3727 68.51 4.08 4.64
C TYR B 3727 68.84 3.55 6.01
N GLN B 3728 68.83 4.41 7.02
CA GLN B 3728 69.13 3.94 8.37
C GLN B 3728 68.00 3.07 8.91
N GLN B 3729 66.77 3.32 8.52
CA GLN B 3729 65.71 2.38 8.88
C GLN B 3729 65.81 1.11 8.07
N ALA B 3730 66.33 1.20 6.85
CA ALA B 3730 66.52 0.02 6.01
C ALA B 3730 67.58 -0.89 6.58
N ARG B 3731 68.53 -0.31 7.31
CA ARG B 3731 69.55 -1.10 7.99
C ARG B 3731 68.94 -2.03 9.03
N LEU B 3732 67.79 -1.66 9.59
CA LEU B 3732 67.15 -2.46 10.63
C LEU B 3732 66.01 -3.33 10.11
N HIS B 3733 65.02 -2.77 9.43
CA HIS B 3733 63.82 -3.55 9.19
C HIS B 3733 63.94 -4.51 8.03
N ASP B 3734 65.15 -4.77 7.54
CA ASP B 3734 65.39 -6.01 6.82
C ASP B 3734 65.55 -7.16 7.78
N ARG B 3735 65.97 -6.89 9.01
CA ARG B 3735 66.45 -7.89 9.94
C ARG B 3735 65.40 -8.27 10.95
N GLY B 3736 64.12 -8.19 10.57
CA GLY B 3736 63.01 -8.54 11.44
C GLY B 3736 62.88 -7.64 12.64
N ALA B 3737 63.45 -6.44 12.54
CA ALA B 3737 63.61 -5.56 13.69
C ALA B 3737 62.28 -5.01 14.20
N ALA B 3738 61.27 -4.98 13.35
CA ALA B 3738 59.96 -4.52 13.82
C ALA B 3738 59.36 -5.51 14.80
N GLU B 3739 59.58 -6.79 14.54
CA GLU B 3739 58.85 -7.80 15.27
C GLU B 3739 59.38 -8.04 16.67
N MET B 3740 60.66 -7.75 16.93
CA MET B 3740 61.12 -7.84 18.31
C MET B 3740 60.46 -6.78 19.18
N VAL B 3741 60.33 -5.56 18.66
CA VAL B 3741 59.68 -4.49 19.40
C VAL B 3741 58.21 -4.79 19.57
N LEU B 3742 57.61 -5.31 18.50
CA LEU B 3742 56.19 -5.61 18.52
C LEU B 3742 55.87 -6.73 19.49
N GLN B 3743 56.78 -7.69 19.65
CA GLN B 3743 56.53 -8.78 20.59
C GLN B 3743 56.80 -8.34 22.02
N THR B 3744 57.92 -7.65 22.25
CA THR B 3744 58.26 -7.24 23.61
C THR B 3744 57.27 -6.25 24.18
N ILE B 3745 56.54 -5.53 23.33
CA ILE B 3745 55.37 -4.82 23.85
C ILE B 3745 54.32 -5.82 24.33
N SER B 3746 54.10 -6.88 23.57
CA SER B 3746 53.06 -7.83 23.92
C SER B 3746 53.42 -8.69 25.11
N ALA B 3747 54.69 -8.71 25.51
CA ALA B 3747 55.09 -9.56 26.62
C ALA B 3747 54.58 -9.03 27.94
N SER B 3748 54.99 -7.83 28.33
CA SER B 3748 54.49 -7.21 29.55
C SER B 3748 53.04 -6.84 29.35
N LYS B 3749 52.17 -7.31 30.23
CA LYS B 3749 50.75 -7.18 29.94
C LYS B 3749 50.23 -5.80 30.29
N GLY B 3750 50.61 -5.27 31.44
CA GLY B 3750 50.23 -3.91 31.75
C GLY B 3750 51.32 -3.25 32.54
N GLU B 3751 52.44 -3.96 32.65
CA GLU B 3751 53.52 -3.47 33.47
C GLU B 3751 54.25 -2.38 32.73
N THR B 3752 54.68 -1.38 33.47
CA THR B 3752 55.13 -0.13 32.90
C THR B 3752 56.62 0.08 33.17
N GLY B 3753 57.40 -0.98 33.04
CA GLY B 3753 58.81 -0.94 33.38
C GLY B 3753 59.62 -0.11 32.41
N PRO B 3754 60.90 0.14 32.75
CA PRO B 3754 61.76 0.88 31.83
C PRO B 3754 62.07 0.12 30.57
N MET B 3755 61.95 -1.22 30.63
CA MET B 3755 61.82 -2.10 29.48
C MET B 3755 60.93 -1.53 28.39
N VAL B 3756 59.68 -1.25 28.76
CA VAL B 3756 58.70 -0.79 27.79
C VAL B 3756 59.06 0.59 27.25
N ALA B 3757 59.69 1.42 28.07
CA ALA B 3757 60.13 2.72 27.59
C ALA B 3757 61.25 2.58 26.56
N ALA B 3758 62.17 1.64 26.78
CA ALA B 3758 63.23 1.43 25.79
C ALA B 3758 62.68 0.86 24.49
N THR B 3759 61.71 -0.05 24.60
CA THR B 3759 61.06 -0.57 23.39
C THR B 3759 60.33 0.51 22.62
N LEU B 3760 59.63 1.41 23.31
CA LEU B 3760 58.91 2.42 22.58
C LEU B 3760 59.84 3.46 22.00
N LYS B 3761 60.99 3.72 22.62
CA LYS B 3761 61.97 4.59 21.99
C LYS B 3761 62.49 3.99 20.70
N LEU B 3762 62.75 2.68 20.71
CA LEU B 3762 63.21 2.05 19.49
C LEU B 3762 62.10 1.99 18.44
N GLY B 3763 60.87 1.71 18.87
CA GLY B 3763 59.77 1.62 17.93
C GLY B 3763 59.42 2.95 17.31
N ILE B 3764 59.63 4.03 18.03
CA ILE B 3764 59.52 5.34 17.41
C ILE B 3764 60.65 5.56 16.44
N ALA B 3765 61.88 5.26 16.85
CA ALA B 3765 63.03 5.52 15.98
C ALA B 3765 63.06 4.62 14.75
N ILE B 3766 62.26 3.56 14.71
CA ILE B 3766 62.06 2.85 13.46
C ILE B 3766 61.01 3.54 12.61
N LEU B 3767 59.86 3.84 13.17
CA LEU B 3767 58.77 4.38 12.38
C LEU B 3767 58.79 5.89 12.30
N ASN B 3768 59.96 6.52 12.45
CA ASN B 3768 60.06 7.97 12.63
C ASN B 3768 59.52 8.72 11.41
N GLY B 3769 59.94 8.31 10.23
CA GLY B 3769 59.41 8.96 9.06
C GLY B 3769 58.07 8.44 8.61
N GLY B 3770 57.60 7.34 9.18
CA GLY B 3770 56.39 6.73 8.70
C GLY B 3770 56.64 5.86 7.51
N ASN B 3771 57.51 4.88 7.66
CA ASN B 3771 57.74 3.92 6.61
C ASN B 3771 56.50 3.07 6.40
N SER B 3772 56.02 3.06 5.17
CA SER B 3772 54.89 2.23 4.83
C SER B 3772 55.22 0.75 4.85
N THR B 3773 56.50 0.39 4.62
CA THR B 3773 56.85 -1.02 4.62
C THR B 3773 56.83 -1.57 6.03
N VAL B 3774 57.23 -0.78 7.01
CA VAL B 3774 57.21 -1.28 8.38
C VAL B 3774 55.78 -1.35 8.90
N GLN B 3775 54.93 -0.41 8.48
CA GLN B 3775 53.52 -0.46 8.83
C GLN B 3775 52.86 -1.69 8.24
N GLN B 3776 53.17 -2.00 6.98
CA GLN B 3776 52.67 -3.20 6.35
C GLN B 3776 53.28 -4.44 6.97
N LYS B 3777 54.53 -4.35 7.41
CA LYS B 3777 55.21 -5.46 8.07
C LYS B 3777 54.48 -5.84 9.35
N MET B 3778 54.16 -4.85 10.15
CA MET B 3778 53.45 -5.10 11.39
C MET B 3778 52.03 -5.56 11.14
N LEU B 3779 51.38 -5.07 10.08
CA LEU B 3779 50.04 -5.55 9.82
C LEU B 3779 50.05 -6.99 9.35
N GLU B 3780 51.04 -7.37 8.54
CA GLU B 3780 51.16 -8.76 8.13
C GLU B 3780 51.47 -9.65 9.31
N TYR B 3781 52.26 -9.15 10.26
CA TYR B 3781 52.57 -9.91 11.45
C TYR B 3781 51.31 -10.16 12.27
N LEU B 3782 50.57 -9.10 12.60
CA LEU B 3782 49.41 -9.27 13.44
C LEU B 3782 48.23 -9.89 12.70
N LYS B 3783 48.29 -9.99 11.39
CA LYS B 3783 47.26 -10.78 10.73
C LYS B 3783 47.63 -12.26 10.73
N GLU B 3784 48.90 -12.59 10.55
CA GLU B 3784 49.24 -14.01 10.54
C GLU B 3784 49.22 -14.58 11.95
N LYS B 3785 50.13 -14.12 12.79
CA LYS B 3785 50.29 -14.69 14.12
C LYS B 3785 49.33 -13.97 15.04
N LYS B 3786 48.06 -14.36 14.91
CA LYS B 3786 46.94 -13.61 15.47
C LYS B 3786 47.00 -13.57 17.00
N ASP B 3787 47.10 -12.35 17.54
CA ASP B 3787 47.32 -12.13 18.96
C ASP B 3787 46.37 -11.07 19.49
N VAL B 3788 45.66 -11.39 20.55
CA VAL B 3788 44.91 -10.37 21.26
C VAL B 3788 45.75 -9.79 22.37
N GLY B 3789 46.80 -10.50 22.81
CA GLY B 3789 47.62 -10.07 23.92
C GLY B 3789 48.40 -8.80 23.66
N PHE B 3790 48.65 -8.48 22.39
CA PHE B 3790 49.24 -7.20 22.07
C PHE B 3790 48.24 -6.06 22.30
N PHE B 3791 47.02 -6.22 21.79
CA PHE B 3791 46.03 -5.18 22.01
C PHE B 3791 45.57 -5.13 23.44
N GLN B 3792 45.52 -6.28 24.10
CA GLN B 3792 45.26 -6.32 25.52
C GLN B 3792 46.37 -5.61 26.28
N SER B 3793 47.60 -5.75 25.80
CA SER B 3793 48.73 -5.06 26.40
C SER B 3793 48.63 -3.56 26.20
N LEU B 3794 48.16 -3.14 25.02
CA LEU B 3794 48.01 -1.71 24.76
C LEU B 3794 46.93 -1.10 25.65
N ALA B 3795 45.82 -1.81 25.82
CA ALA B 3795 44.76 -1.32 26.69
C ALA B 3795 45.24 -1.27 28.14
N GLY B 3796 46.00 -2.28 28.56
CA GLY B 3796 46.54 -2.26 29.91
C GLY B 3796 47.55 -1.16 30.12
N LEU B 3797 48.29 -0.81 29.09
CA LEU B 3797 49.19 0.33 29.19
C LEU B 3797 48.42 1.63 29.32
N MET B 3798 47.52 1.89 28.36
CA MET B 3798 46.73 3.13 28.37
C MET B 3798 45.86 3.28 29.60
N GLN B 3799 45.58 2.20 30.32
CA GLN B 3799 44.75 2.32 31.52
C GLN B 3799 45.39 3.22 32.56
N SER B 3800 46.68 3.06 32.83
CA SER B 3800 47.21 3.98 33.81
C SER B 3800 47.90 5.18 33.20
N CYS B 3801 49.12 4.96 32.74
CA CYS B 3801 50.05 5.85 32.05
C CYS B 3801 50.43 7.14 32.79
N SER B 3802 49.46 7.81 33.42
CA SER B 3802 49.52 8.95 34.35
C SER B 3802 48.12 9.51 34.48
N VAL B 3803 47.93 10.45 35.38
CA VAL B 3803 46.98 11.54 35.17
C VAL B 3803 47.88 12.70 35.54
N LEU B 3804 47.36 13.92 35.64
CA LEU B 3804 48.26 14.96 36.13
C LEU B 3804 48.50 14.80 37.63
N ASP B 3805 47.52 15.22 38.45
CA ASP B 3805 47.66 15.34 39.90
C ASP B 3805 46.39 15.95 40.48
N LEU B 3806 46.16 15.77 41.77
CA LEU B 3806 45.47 16.78 42.56
C LEU B 3806 46.35 17.23 43.73
N ASN B 3807 46.80 16.28 44.54
CA ASN B 3807 47.33 16.58 45.86
C ASN B 3807 48.82 16.42 45.97
N ALA B 3808 49.43 15.62 45.12
CA ALA B 3808 50.87 15.44 45.16
C ALA B 3808 51.62 16.72 44.84
N PHE B 3809 50.98 17.64 44.11
CA PHE B 3809 51.58 18.96 44.00
C PHE B 3809 51.54 19.70 45.31
N GLU B 3810 50.45 19.59 46.06
CA GLU B 3810 50.31 20.29 47.32
C GLU B 3810 51.33 19.77 48.32
N ARG B 3811 51.38 18.44 48.45
CA ARG B 3811 52.36 17.79 49.30
C ARG B 3811 53.77 18.05 48.81
N GLN B 3812 53.95 18.10 47.50
CA GLN B 3812 55.25 18.34 46.91
C GLN B 3812 55.74 19.74 47.22
N ASN B 3813 54.84 20.71 47.15
CA ASN B 3813 55.19 22.10 47.40
C ASN B 3813 55.51 22.30 48.86
N LYS B 3814 54.71 21.73 49.74
CA LYS B 3814 54.96 21.95 51.16
C LYS B 3814 56.21 21.21 51.61
N ALA B 3815 56.47 20.03 51.04
CA ALA B 3815 57.71 19.33 51.31
C ALA B 3815 58.90 20.08 50.75
N GLU B 3816 58.72 20.74 49.60
CA GLU B 3816 59.76 21.53 48.99
C GLU B 3816 60.13 22.72 49.86
N GLY B 3817 59.12 23.41 50.36
CA GLY B 3817 59.36 24.53 51.26
C GLY B 3817 59.99 24.10 52.57
N LEU B 3818 59.48 23.02 53.16
CA LEU B 3818 59.92 22.63 54.50
C LEU B 3818 61.31 22.00 54.48
N GLY B 3819 61.52 21.02 53.59
CA GLY B 3819 62.74 20.24 53.65
C GLY B 3819 63.98 21.02 53.27
N MET B 3820 63.88 21.84 52.24
CA MET B 3820 64.96 22.75 51.93
C MET B 3820 64.48 24.16 52.21
N LYS B 3829 58.34 11.99 41.08
CA LYS B 3829 57.98 13.34 41.48
C LYS B 3829 56.48 13.52 41.39
N VAL B 3830 56.04 14.44 40.54
CA VAL B 3830 54.61 14.62 40.30
C VAL B 3830 54.23 13.84 39.06
N LEU B 3831 54.77 14.26 37.92
CA LEU B 3831 54.63 13.53 36.66
C LEU B 3831 55.95 12.81 36.41
N GLN B 3832 56.15 11.72 37.14
CA GLN B 3832 57.34 10.90 36.90
C GLN B 3832 57.12 9.92 35.76
N ASP B 3833 55.91 9.82 35.25
CA ASP B 3833 55.55 8.89 34.21
C ASP B 3833 54.95 9.64 33.04
N ASP B 3834 55.66 10.65 32.58
CA ASP B 3834 55.14 11.56 31.56
C ASP B 3834 55.78 11.30 30.20
N GLU B 3835 57.11 11.26 30.18
CA GLU B 3835 57.85 11.10 28.94
C GLU B 3835 57.59 9.73 28.33
N PHE B 3836 57.30 8.76 29.18
CA PHE B 3836 56.78 7.49 28.72
C PHE B 3836 55.47 7.64 27.96
N THR B 3837 54.58 8.52 28.42
CA THR B 3837 53.31 8.67 27.72
C THR B 3837 53.46 9.45 26.43
N CYS B 3838 54.33 10.47 26.44
CA CYS B 3838 54.67 11.16 25.21
C CYS B 3838 55.37 10.26 24.22
N ASP B 3839 56.05 9.22 24.68
CA ASP B 3839 56.54 8.26 23.71
C ASP B 3839 55.46 7.29 23.27
N LEU B 3840 54.56 6.89 24.15
CA LEU B 3840 53.57 5.89 23.76
C LEU B 3840 52.60 6.46 22.74
N PHE B 3841 52.15 7.69 22.96
CA PHE B 3841 51.21 8.21 22.00
C PHE B 3841 51.88 8.65 20.71
N ARG B 3842 53.12 9.13 20.77
CA ARG B 3842 53.87 9.38 19.53
C ARG B 3842 54.09 8.10 18.77
N PHE B 3843 54.26 6.98 19.48
CA PHE B 3843 54.31 5.68 18.82
C PHE B 3843 52.99 5.37 18.13
N LEU B 3844 51.88 5.58 18.81
CA LEU B 3844 50.61 5.26 18.18
C LEU B 3844 50.27 6.19 17.03
N GLN B 3845 50.74 7.42 17.11
CA GLN B 3845 50.70 8.33 15.96
C GLN B 3845 51.48 7.74 14.81
N LEU B 3846 52.65 7.22 15.09
CA LEU B 3846 53.53 6.72 14.04
C LEU B 3846 53.19 5.32 13.60
N LEU B 3847 51.97 4.87 13.87
CA LEU B 3847 51.40 3.70 13.23
C LEU B 3847 50.34 4.05 12.21
N CYS B 3848 49.85 5.28 12.21
CA CYS B 3848 48.89 5.71 11.22
C CYS B 3848 49.37 6.94 10.46
N GLU B 3849 50.66 7.24 10.49
CA GLU B 3849 51.22 8.25 9.61
C GLU B 3849 51.15 7.77 8.18
N GLY B 3850 50.54 8.57 7.31
CA GLY B 3850 50.40 8.20 5.91
C GLY B 3850 49.10 7.50 5.58
N HIS B 3851 48.17 7.44 6.53
CA HIS B 3851 46.79 7.03 6.31
C HIS B 3851 46.69 5.58 5.84
N ASN B 3852 47.22 4.68 6.66
CA ASN B 3852 47.03 3.25 6.42
C ASN B 3852 45.61 2.92 6.82
N SER B 3853 44.69 3.06 5.86
CA SER B 3853 43.26 2.98 6.17
C SER B 3853 42.86 1.58 6.61
N ASP B 3854 43.57 0.57 6.12
CA ASP B 3854 43.42 -0.77 6.68
C ASP B 3854 43.83 -0.79 8.15
N PHE B 3855 44.92 -0.13 8.47
CA PHE B 3855 45.45 -0.22 9.82
C PHE B 3855 44.72 0.74 10.74
N GLN B 3856 44.17 1.80 10.19
CA GLN B 3856 43.29 2.65 10.98
C GLN B 3856 41.97 1.95 11.27
N ASN B 3857 41.47 1.17 10.32
CA ASN B 3857 40.26 0.42 10.61
C ASN B 3857 40.54 -0.74 11.55
N TYR B 3858 41.76 -1.26 11.53
CA TYR B 3858 42.05 -2.47 12.28
C TYR B 3858 42.10 -2.21 13.77
N LEU B 3859 42.51 -1.00 14.15
CA LEU B 3859 42.54 -0.64 15.56
C LEU B 3859 41.14 -0.60 16.14
N ARG B 3860 40.18 -0.17 15.35
CA ARG B 3860 38.83 -0.01 15.86
C ARG B 3860 38.14 -1.35 16.04
N THR B 3861 38.21 -2.21 15.03
CA THR B 3861 37.29 -3.33 14.99
C THR B 3861 37.93 -4.70 15.10
N GLN B 3862 39.17 -4.89 14.62
CA GLN B 3862 40.06 -5.97 15.08
C GLN B 3862 39.46 -7.36 14.76
N THR B 3863 39.37 -7.65 13.47
CA THR B 3863 38.53 -8.77 13.05
C THR B 3863 39.23 -10.11 13.20
N GLY B 3864 40.45 -10.24 12.68
CA GLY B 3864 41.09 -11.55 12.55
C GLY B 3864 41.47 -12.20 13.86
N ASN B 3865 41.51 -11.43 14.95
CA ASN B 3865 41.73 -12.00 16.28
C ASN B 3865 40.43 -12.51 16.86
N ASN B 3866 40.44 -12.78 18.15
CA ASN B 3866 39.31 -13.44 18.80
C ASN B 3866 38.35 -12.45 19.45
N THR B 3867 38.86 -11.59 20.32
CA THR B 3867 38.04 -10.62 21.04
C THR B 3867 38.54 -9.23 20.72
N THR B 3868 37.63 -8.32 20.41
CA THR B 3868 38.09 -7.02 19.98
C THR B 3868 38.32 -6.11 21.17
N VAL B 3869 39.20 -5.12 20.96
CA VAL B 3869 39.49 -4.09 21.96
C VAL B 3869 39.48 -2.76 21.21
N ASN B 3870 38.40 -2.01 21.31
CA ASN B 3870 38.30 -0.76 20.55
C ASN B 3870 39.18 0.28 21.24
N ILE B 3871 40.41 0.38 20.75
CA ILE B 3871 41.43 1.18 21.38
C ILE B 3871 41.15 2.67 21.31
N ILE B 3872 40.29 3.09 20.38
CA ILE B 3872 40.12 4.52 20.18
C ILE B 3872 39.22 5.09 21.28
N ILE B 3873 38.26 4.31 21.76
CA ILE B 3873 37.47 4.79 22.88
C ILE B 3873 38.33 4.85 24.13
N SER B 3874 39.33 3.97 24.22
CA SER B 3874 40.24 4.00 25.35
C SER B 3874 41.10 5.26 25.33
N THR B 3875 41.59 5.65 24.15
CA THR B 3875 42.40 6.86 24.14
C THR B 3875 41.54 8.12 24.33
N VAL B 3876 40.27 8.06 23.93
CA VAL B 3876 39.33 9.11 24.30
C VAL B 3876 39.20 9.21 25.80
N ASP B 3877 39.15 8.06 26.47
CA ASP B 3877 38.97 8.07 27.92
C ASP B 3877 40.21 8.58 28.63
N TYR B 3878 41.39 8.28 28.10
CA TYR B 3878 42.60 8.84 28.69
C TYR B 3878 42.64 10.35 28.52
N LEU B 3879 42.21 10.83 27.36
CA LEU B 3879 42.13 12.27 27.15
C LEU B 3879 41.16 12.92 28.10
N LEU B 3880 40.06 12.23 28.38
CA LEU B 3880 39.06 12.74 29.31
C LEU B 3880 39.62 12.86 30.72
N ARG B 3881 40.45 11.88 31.11
CA ARG B 3881 41.15 11.94 32.38
C ARG B 3881 42.07 13.15 32.46
N VAL B 3882 42.86 13.37 31.42
CA VAL B 3882 43.82 14.47 31.46
C VAL B 3882 43.11 15.81 31.43
N GLN B 3883 42.01 15.88 30.68
CA GLN B 3883 41.12 17.04 30.67
C GLN B 3883 40.66 17.41 32.06
N GLU B 3884 40.07 16.43 32.76
CA GLU B 3884 39.55 16.66 34.09
C GLU B 3884 40.63 17.10 35.05
N SER B 3885 41.83 16.53 34.93
CA SER B 3885 42.84 16.92 35.91
C SER B 3885 43.44 18.28 35.59
N ILE B 3886 43.47 18.68 34.32
CA ILE B 3886 43.85 20.05 33.99
C ILE B 3886 42.82 21.01 34.55
N SER B 3887 41.54 20.64 34.45
CA SER B 3887 40.47 21.46 34.98
C SER B 3887 40.57 21.58 36.49
N ASP B 3888 40.96 20.51 37.17
CA ASP B 3888 41.14 20.61 38.60
C ASP B 3888 42.39 21.40 38.96
N PHE B 3889 43.39 21.42 38.09
CA PHE B 3889 44.51 22.30 38.35
C PHE B 3889 44.13 23.76 38.18
N TYR B 3890 43.16 24.03 37.31
CA TYR B 3890 42.68 25.39 37.14
C TYR B 3890 42.11 25.96 38.42
N TRP B 3891 41.24 25.19 39.10
CA TRP B 3891 40.55 25.70 40.28
C TRP B 3891 41.50 26.00 41.41
N TYR B 3892 42.61 25.25 41.49
CA TYR B 3892 43.57 25.50 42.55
C TYR B 3892 44.30 26.80 42.33
N TYR B 3893 44.52 27.18 41.08
CA TYR B 3893 45.04 28.51 40.80
C TYR B 3893 43.97 29.45 40.27
N SER B 3894 42.70 29.16 40.58
CA SER B 3894 41.66 30.06 40.10
C SER B 3894 41.59 31.37 40.87
N GLY B 3895 42.29 31.49 41.98
CA GLY B 3895 42.17 32.71 42.75
C GLY B 3895 43.46 33.44 43.07
N LYS B 3896 44.58 32.72 43.12
CA LYS B 3896 45.81 33.33 43.59
C LYS B 3896 46.56 34.07 42.50
N ASP B 3897 46.45 33.60 41.26
CA ASP B 3897 46.62 34.35 40.03
C ASP B 3897 48.06 34.76 39.73
N VAL B 3898 49.00 34.51 40.62
CA VAL B 3898 50.43 34.70 40.33
C VAL B 3898 51.08 33.35 40.53
N ILE B 3899 51.41 32.70 39.45
CA ILE B 3899 51.71 31.28 39.46
C ILE B 3899 53.20 31.07 39.68
N ASP B 3900 53.54 30.13 40.55
CA ASP B 3900 54.92 29.82 40.90
C ASP B 3900 55.67 29.22 39.72
N GLU B 3901 56.98 29.10 39.91
CA GLU B 3901 57.82 28.39 38.96
C GLU B 3901 57.42 26.92 38.86
N GLN B 3902 57.06 26.32 39.99
CA GLN B 3902 56.72 24.92 39.99
C GLN B 3902 55.40 24.66 39.27
N GLY B 3903 54.45 25.58 39.44
CA GLY B 3903 53.17 25.44 38.75
C GLY B 3903 53.32 25.55 37.24
N GLN B 3904 54.12 26.51 36.78
CA GLN B 3904 54.36 26.66 35.35
C GLN B 3904 55.11 25.46 34.80
N ARG B 3905 56.16 25.03 35.52
CA ARG B 3905 57.00 23.94 35.07
C ARG B 3905 56.22 22.63 35.00
N ASN B 3906 55.33 22.40 35.95
CA ASN B 3906 54.46 21.24 35.87
C ASN B 3906 53.42 21.42 34.78
N PHE B 3907 52.96 22.64 34.58
CA PHE B 3907 51.77 22.80 33.79
C PHE B 3907 52.07 22.70 32.31
N SER B 3908 53.16 23.30 31.84
CA SER B 3908 53.61 23.12 30.47
C SER B 3908 53.95 21.67 30.18
N LYS B 3909 54.47 20.97 31.19
CA LYS B 3909 54.78 19.56 31.09
C LYS B 3909 53.51 18.75 30.87
N ALA B 3910 52.38 19.21 31.42
CA ALA B 3910 51.12 18.58 31.07
C ALA B 3910 50.61 19.01 29.70
N ILE B 3911 50.90 20.25 29.32
CA ILE B 3911 50.43 20.81 28.06
C ILE B 3911 50.95 20.02 26.89
N GLN B 3912 52.22 19.61 26.96
CA GLN B 3912 52.79 18.82 25.87
C GLN B 3912 52.12 17.47 25.71
N VAL B 3913 51.70 16.87 26.82
CA VAL B 3913 51.04 15.59 26.75
C VAL B 3913 49.66 15.73 26.13
N ALA B 3914 48.97 16.81 26.47
CA ALA B 3914 47.66 17.03 25.86
C ALA B 3914 47.77 17.35 24.38
N LYS B 3915 48.83 18.07 24.01
CA LYS B 3915 49.16 18.31 22.61
C LYS B 3915 49.39 17.01 21.88
N GLN B 3916 50.08 16.07 22.52
CA GLN B 3916 50.42 14.82 21.86
C GLN B 3916 49.21 13.94 21.67
N VAL B 3917 48.33 13.88 22.67
CA VAL B 3917 47.15 13.05 22.50
C VAL B 3917 46.20 13.67 21.49
N PHE B 3918 46.19 14.99 21.34
CA PHE B 3918 45.39 15.52 20.25
C PHE B 3918 46.02 15.29 18.89
N ASN B 3919 47.34 15.23 18.79
CA ASN B 3919 47.93 14.83 17.52
C ASN B 3919 47.58 13.39 17.16
N THR B 3920 47.51 12.52 18.16
CA THR B 3920 47.06 11.17 17.85
C THR B 3920 45.59 11.15 17.46
N LEU B 3921 44.78 11.99 18.07
CA LEU B 3921 43.38 11.98 17.67
C LEU B 3921 43.18 12.63 16.32
N THR B 3922 44.08 13.51 15.89
CA THR B 3922 44.07 13.85 14.48
C THR B 3922 44.38 12.62 13.66
N GLU B 3923 45.58 12.08 13.81
CA GLU B 3923 46.06 11.15 12.82
C GLU B 3923 45.48 9.75 12.99
N TYR B 3924 44.52 9.56 13.89
CA TYR B 3924 43.58 8.46 13.74
C TYR B 3924 42.53 8.79 12.71
N ILE B 3925 41.94 9.98 12.80
CA ILE B 3925 40.74 10.30 12.05
C ILE B 3925 41.04 11.15 10.83
N GLN B 3926 42.31 11.45 10.57
CA GLN B 3926 42.64 12.46 9.57
C GLN B 3926 42.38 11.96 8.18
N GLY B 3927 42.67 10.70 7.92
CA GLY B 3927 42.12 10.03 6.77
C GLY B 3927 40.64 9.89 7.01
N PRO B 3928 39.84 10.11 5.98
CA PRO B 3928 38.39 10.14 6.19
C PRO B 3928 37.76 8.75 6.24
N CYS B 3929 38.37 7.82 6.98
CA CYS B 3929 37.78 6.49 7.17
C CYS B 3929 36.55 6.62 8.05
N THR B 3930 35.39 6.48 7.43
CA THR B 3930 34.17 7.03 8.02
C THR B 3930 33.74 6.28 9.28
N GLY B 3931 34.12 5.01 9.41
CA GLY B 3931 33.75 4.26 10.60
C GLY B 3931 34.46 4.76 11.83
N ASN B 3932 35.67 5.27 11.66
CA ASN B 3932 36.39 5.93 12.74
C ASN B 3932 35.63 7.16 13.20
N GLN B 3933 35.14 7.95 12.26
CA GLN B 3933 34.36 9.13 12.56
C GLN B 3933 33.07 8.78 13.28
N GLN B 3934 32.39 7.73 12.82
CA GLN B 3934 31.13 7.33 13.41
C GLN B 3934 31.33 6.80 14.83
N SER B 3935 32.33 5.95 15.01
CA SER B 3935 32.55 5.34 16.32
C SER B 3935 33.03 6.35 17.33
N LEU B 3936 33.84 7.31 16.92
CA LEU B 3936 34.25 8.31 17.89
C LEU B 3936 33.18 9.37 18.08
N ALA B 3937 32.25 9.49 17.15
CA ALA B 3937 31.23 10.52 17.25
C ALA B 3937 30.29 10.30 18.43
N HIS B 3938 30.05 9.04 18.79
CA HIS B 3938 29.13 8.71 19.86
C HIS B 3938 29.84 8.44 21.17
N SER B 3939 31.09 8.85 21.30
CA SER B 3939 31.78 8.72 22.56
C SER B 3939 31.72 10.03 23.32
N ARG B 3940 32.37 10.08 24.46
CA ARG B 3940 32.27 11.27 25.30
C ARG B 3940 33.39 12.25 24.99
N LEU B 3941 33.58 12.53 23.70
CA LEU B 3941 34.60 13.49 23.33
C LEU B 3941 34.13 14.91 23.60
N TRP B 3942 32.84 15.16 23.32
CA TRP B 3942 32.29 16.50 23.28
C TRP B 3942 32.38 17.17 24.64
N ASP B 3943 32.20 16.38 25.70
CA ASP B 3943 32.30 16.90 27.05
C ASP B 3943 33.74 17.28 27.38
N ALA B 3944 34.69 16.50 26.90
CA ALA B 3944 36.09 16.83 27.09
C ALA B 3944 36.45 18.12 26.36
N VAL B 3945 35.89 18.30 25.18
CA VAL B 3945 36.14 19.52 24.42
C VAL B 3945 35.53 20.73 25.13
N VAL B 3946 34.33 20.55 25.68
CA VAL B 3946 33.66 21.62 26.43
C VAL B 3946 34.49 22.02 27.64
N GLY B 3947 35.00 21.03 28.37
CA GLY B 3947 35.86 21.32 29.50
C GLY B 3947 37.14 22.01 29.11
N PHE B 3948 37.71 21.65 27.95
CA PHE B 3948 38.90 22.36 27.49
C PHE B 3948 38.60 23.81 27.17
N LEU B 3949 37.46 24.08 26.55
CA LEU B 3949 37.10 25.46 26.24
C LEU B 3949 36.89 26.27 27.52
N HIS B 3950 36.31 25.62 28.54
CA HIS B 3950 36.11 26.29 29.82
C HIS B 3950 37.42 26.56 30.52
N VAL B 3951 38.42 25.70 30.29
CA VAL B 3951 39.77 26.07 30.69
C VAL B 3951 40.24 27.26 29.89
N PHE B 3952 39.97 27.23 28.59
CA PHE B 3952 40.63 28.08 27.62
C PHE B 3952 40.31 29.54 27.84
N ALA B 3953 39.04 29.84 28.03
CA ALA B 3953 38.60 31.24 28.12
C ALA B 3953 39.20 31.93 29.33
N HIS B 3954 38.89 31.43 30.52
CA HIS B 3954 39.37 32.03 31.76
C HIS B 3954 40.87 31.94 31.87
N MET B 3955 41.46 30.92 31.26
CA MET B 3955 42.89 30.72 31.38
C MET B 3955 43.63 31.75 30.56
N GLN B 3956 43.19 31.95 29.32
CA GLN B 3956 43.76 33.02 28.50
C GLN B 3956 43.49 34.39 29.07
N MET B 3957 42.36 34.56 29.77
CA MET B 3957 42.11 35.86 30.39
C MET B 3957 43.12 36.15 31.49
N LYS B 3958 43.18 35.29 32.49
CA LYS B 3958 44.02 35.62 33.64
C LYS B 3958 45.50 35.41 33.37
N LEU B 3959 45.85 34.59 32.38
CA LEU B 3959 47.26 34.44 32.04
C LEU B 3959 47.78 35.68 31.35
N SER B 3960 47.00 36.25 30.44
CA SER B 3960 47.47 37.36 29.62
C SER B 3960 47.37 38.67 30.38
N GLN B 3961 48.07 38.73 31.51
CA GLN B 3961 48.02 39.95 32.29
C GLN B 3961 49.36 40.23 32.97
N ASP B 3962 50.39 39.43 32.70
CA ASP B 3962 51.69 39.63 33.33
C ASP B 3962 52.76 39.69 32.26
N SER B 3963 53.98 39.98 32.70
CA SER B 3963 55.13 39.87 31.81
C SER B 3963 55.78 38.50 31.90
N SER B 3964 55.66 37.83 33.04
CA SER B 3964 56.30 36.54 33.19
C SER B 3964 55.50 35.40 32.55
N GLN B 3965 54.21 35.61 32.32
CA GLN B 3965 53.35 34.56 31.82
C GLN B 3965 53.32 34.49 30.30
N ILE B 3966 54.39 34.95 29.65
CA ILE B 3966 54.42 34.93 28.20
C ILE B 3966 54.59 33.51 27.67
N GLU B 3967 55.36 32.70 28.39
CA GLU B 3967 55.82 31.44 27.85
C GLU B 3967 54.73 30.39 27.92
N LEU B 3968 54.07 30.32 29.07
CA LEU B 3968 52.97 29.38 29.23
C LEU B 3968 51.80 29.78 28.33
N LEU B 3969 51.66 31.07 28.06
CA LEU B 3969 50.61 31.51 27.16
C LEU B 3969 50.91 31.13 25.73
N LYS B 3970 52.19 31.23 25.32
CA LYS B 3970 52.65 30.65 24.07
C LYS B 3970 52.25 29.19 23.94
N GLU B 3971 52.54 28.42 24.99
CA GLU B 3971 52.26 26.99 24.95
C GLU B 3971 50.78 26.71 24.89
N LEU B 3972 49.96 27.50 25.59
CA LEU B 3972 48.54 27.22 25.58
C LEU B 3972 47.91 27.64 24.25
N MET B 3973 48.42 28.69 23.62
CA MET B 3973 47.92 29.01 22.30
C MET B 3973 48.31 27.95 21.29
N ASP B 3974 49.49 27.36 21.48
CA ASP B 3974 49.91 26.25 20.63
C ASP B 3974 48.96 25.07 20.77
N LEU B 3975 48.61 24.74 22.01
CA LEU B 3975 47.68 23.65 22.26
C LEU B 3975 46.30 23.97 21.71
N GLN B 3976 45.90 25.23 21.81
CA GLN B 3976 44.66 25.70 21.23
C GLN B 3976 44.63 25.44 19.74
N LYS B 3977 45.76 25.70 19.08
CA LYS B 3977 45.85 25.52 17.64
C LYS B 3977 45.72 24.07 17.26
N ASP B 3978 46.43 23.17 17.95
CA ASP B 3978 46.33 21.77 17.56
C ASP B 3978 44.99 21.16 17.97
N MET B 3979 44.35 21.69 18.99
CA MET B 3979 43.04 21.22 19.38
C MET B 3979 41.97 21.57 18.34
N VAL B 3980 42.00 22.81 17.83
CA VAL B 3980 41.03 23.13 16.79
C VAL B 3980 41.40 22.46 15.48
N VAL B 3981 42.69 22.18 15.27
CA VAL B 3981 43.10 21.34 14.13
C VAL B 3981 42.42 19.99 14.20
N MET B 3982 42.40 19.38 15.39
CA MET B 3982 41.77 18.08 15.56
C MET B 3982 40.28 18.16 15.31
N LEU B 3983 39.61 19.17 15.87
CA LEU B 3983 38.16 19.21 15.78
C LEU B 3983 37.72 19.50 14.35
N LEU B 3984 38.41 20.42 13.70
CA LEU B 3984 38.12 20.77 12.31
C LEU B 3984 38.43 19.60 11.39
N SER B 3985 39.52 18.89 11.66
CA SER B 3985 39.87 17.75 10.82
C SER B 3985 38.89 16.62 11.01
N MET B 3986 38.28 16.53 12.19
CA MET B 3986 37.19 15.59 12.36
C MET B 3986 36.02 15.97 11.46
N LEU B 3987 35.58 17.22 11.55
CA LEU B 3987 34.44 17.64 10.76
C LEU B 3987 34.89 17.88 9.32
N GLU B 3988 34.87 16.81 8.52
CA GLU B 3988 35.05 16.98 7.08
C GLU B 3988 34.11 16.14 6.23
N GLY B 3989 33.54 15.05 6.73
CA GLY B 3989 32.68 14.23 5.92
C GLY B 3989 31.23 14.63 5.99
N ASN B 3990 30.98 15.93 6.03
CA ASN B 3990 29.65 16.47 6.17
C ASN B 3990 28.92 16.40 4.84
N VAL B 3991 27.61 16.63 4.88
CA VAL B 3991 26.94 16.80 3.60
C VAL B 3991 26.41 18.22 3.52
N VAL B 3992 25.30 18.51 4.20
CA VAL B 3992 24.90 19.87 4.47
C VAL B 3992 24.57 19.95 5.95
N ASN B 3993 23.48 19.29 6.30
CA ASN B 3993 23.06 19.19 7.69
C ASN B 3993 23.44 17.81 8.23
N GLY B 3994 24.75 17.59 8.27
CA GLY B 3994 25.26 16.31 8.72
C GLY B 3994 25.06 16.12 10.20
N THR B 3995 25.15 14.84 10.62
CA THR B 3995 24.98 14.51 12.02
C THR B 3995 26.11 15.11 12.86
N ILE B 3996 27.34 14.94 12.39
CA ILE B 3996 28.51 15.44 13.10
C ILE B 3996 28.50 16.97 13.18
N GLY B 3997 28.04 17.61 12.10
CA GLY B 3997 27.87 19.05 12.14
C GLY B 3997 26.84 19.48 13.15
N LYS B 3998 25.77 18.69 13.28
CA LYS B 3998 24.75 18.96 14.27
C LYS B 3998 25.29 18.79 15.68
N GLN B 3999 26.17 17.80 15.87
CA GLN B 3999 26.80 17.60 17.17
C GLN B 3999 27.68 18.78 17.53
N MET B 4000 28.40 19.31 16.55
CA MET B 4000 29.32 20.39 16.87
C MET B 4000 28.59 21.70 17.04
N VAL B 4001 27.48 21.89 16.32
CA VAL B 4001 26.56 22.97 16.63
C VAL B 4001 26.08 22.87 18.07
N ASP B 4002 25.72 21.65 18.49
CA ASP B 4002 25.15 21.49 19.82
C ASP B 4002 26.16 21.73 20.93
N MET B 4003 27.41 21.33 20.73
CA MET B 4003 28.41 21.67 21.74
C MET B 4003 28.78 23.14 21.71
N LEU B 4004 28.60 23.84 20.59
CA LEU B 4004 28.74 25.28 20.66
C LEU B 4004 27.57 25.92 21.38
N VAL B 4005 26.39 25.32 21.27
CA VAL B 4005 25.21 25.84 21.95
C VAL B 4005 25.38 25.71 23.46
N GLU B 4006 25.78 24.53 23.92
CA GLU B 4006 25.81 24.25 25.35
C GLU B 4006 26.91 25.00 26.09
N SER B 4007 27.89 25.53 25.39
CA SER B 4007 28.96 26.30 26.02
C SER B 4007 29.25 27.54 25.20
N SER B 4008 28.22 28.32 24.92
CA SER B 4008 28.40 29.53 24.11
C SER B 4008 29.22 30.59 24.85
N ASN B 4009 29.14 30.58 26.17
CA ASN B 4009 29.57 31.70 27.00
C ASN B 4009 31.07 31.94 26.90
N ASN B 4010 31.85 30.95 27.27
CA ASN B 4010 33.30 31.04 27.26
C ASN B 4010 33.86 31.21 25.85
N VAL B 4011 33.16 30.73 24.83
CA VAL B 4011 33.66 30.95 23.49
C VAL B 4011 33.44 32.39 23.07
N GLU B 4012 32.43 33.05 23.64
CA GLU B 4012 32.34 34.49 23.45
C GLU B 4012 33.53 35.22 24.06
N MET B 4013 34.03 34.74 25.20
CA MET B 4013 35.22 35.31 25.78
C MET B 4013 36.44 35.12 24.89
N ILE B 4014 36.55 33.96 24.25
CA ILE B 4014 37.76 33.78 23.45
C ILE B 4014 37.69 34.59 22.16
N LEU B 4015 36.48 34.81 21.62
CA LEU B 4015 36.36 35.64 20.43
C LEU B 4015 36.67 37.10 20.74
N LYS B 4016 36.21 37.57 21.90
CA LYS B 4016 36.55 38.92 22.32
C LYS B 4016 38.03 39.05 22.62
N PHE B 4017 38.66 37.98 23.14
CA PHE B 4017 40.09 38.00 23.37
C PHE B 4017 40.86 38.12 22.08
N PHE B 4018 40.36 37.50 21.02
CA PHE B 4018 40.97 37.70 19.71
C PHE B 4018 40.76 39.11 19.21
N ASP B 4019 39.57 39.68 19.46
CA ASP B 4019 39.27 41.03 19.01
C ASP B 4019 40.20 42.05 19.64
N MET B 4020 40.46 41.92 20.93
CA MET B 4020 41.22 42.92 21.65
C MET B 4020 42.71 42.86 21.39
N PHE B 4021 43.16 42.04 20.47
CA PHE B 4021 44.54 42.12 20.02
C PHE B 4021 44.65 42.04 18.50
N LEU B 4022 43.54 41.90 17.80
CA LEU B 4022 43.52 42.06 16.36
C LEU B 4022 43.24 43.52 15.99
N LYS B 4023 42.18 44.08 16.59
CA LYS B 4023 41.89 45.48 16.41
C LYS B 4023 42.94 46.37 17.04
N LEU B 4024 43.75 45.83 17.96
CA LEU B 4024 44.89 46.56 18.51
C LEU B 4024 45.87 46.89 17.39
N LYS B 4025 46.24 45.89 16.59
CA LYS B 4025 47.19 46.14 15.54
C LYS B 4025 46.58 46.98 14.43
N ASP B 4026 45.26 46.86 14.25
CA ASP B 4026 44.58 47.76 13.30
C ASP B 4026 44.68 49.22 13.72
N LEU B 4027 44.24 49.54 14.95
CA LEU B 4027 44.25 50.93 15.41
C LEU B 4027 45.65 51.42 15.71
N THR B 4028 46.60 50.52 15.89
CA THR B 4028 48.00 50.90 16.00
C THR B 4028 48.55 51.31 14.66
N SER B 4029 48.25 50.54 13.62
CA SER B 4029 48.92 50.69 12.33
C SER B 4029 48.55 51.98 11.62
N SER B 4030 47.41 52.59 11.95
CA SER B 4030 47.12 53.92 11.41
C SER B 4030 47.96 54.98 12.12
N ASP B 4031 48.32 56.00 11.37
CA ASP B 4031 49.11 57.12 11.89
C ASP B 4031 48.22 58.27 12.35
N THR B 4032 47.19 57.94 13.13
CA THR B 4032 46.40 58.94 13.82
C THR B 4032 46.91 59.20 15.23
N PHE B 4033 47.64 58.26 15.81
CA PHE B 4033 48.41 58.49 17.03
C PHE B 4033 49.83 57.96 16.94
N LYS B 4034 50.10 57.00 16.06
CA LYS B 4034 51.46 56.54 15.79
C LYS B 4034 52.27 57.62 15.07
N GLU B 4035 51.59 58.60 14.50
CA GLU B 4035 52.27 59.78 14.00
C GLU B 4035 52.30 60.90 15.04
N TYR B 4036 51.43 60.83 16.05
CA TYR B 4036 51.38 61.89 17.06
C TYR B 4036 52.56 61.89 18.00
N ASP B 4037 53.18 60.74 18.24
CA ASP B 4037 54.50 60.95 18.81
C ASP B 4037 55.46 61.39 17.71
N PRO B 4038 56.34 62.34 17.99
CA PRO B 4038 57.29 62.79 16.97
C PRO B 4038 58.31 61.73 16.60
N ASP B 4039 58.61 60.81 17.51
CA ASP B 4039 59.67 59.83 17.30
C ASP B 4039 59.15 58.61 16.56
N GLY B 4040 58.18 57.91 17.15
CA GLY B 4040 57.73 56.65 16.59
C GLY B 4040 58.71 55.51 16.81
N LYS B 4041 59.41 55.50 17.94
CA LYS B 4041 60.46 54.52 18.19
C LYS B 4041 60.06 53.70 19.41
N GLY B 4042 58.81 53.22 19.40
CA GLY B 4042 58.30 52.47 20.52
C GLY B 4042 58.12 53.28 21.78
N VAL B 4043 57.91 54.59 21.64
CA VAL B 4043 57.77 55.48 22.79
C VAL B 4043 56.40 56.13 22.67
N ILE B 4044 55.45 55.60 23.42
CA ILE B 4044 54.13 56.19 23.52
C ILE B 4044 53.68 56.08 24.97
N SER B 4045 53.47 57.24 25.60
CA SER B 4045 53.21 57.28 27.02
C SER B 4045 51.84 56.71 27.36
N LYS B 4046 51.67 56.37 28.64
CA LYS B 4046 50.47 55.66 29.07
C LYS B 4046 49.25 56.57 29.00
N ARG B 4047 49.43 57.85 29.28
CA ARG B 4047 48.34 58.78 29.00
C ARG B 4047 48.22 59.04 27.50
N ASP B 4048 49.35 59.03 26.78
CA ASP B 4048 49.31 59.17 25.33
C ASP B 4048 48.62 57.97 24.70
N PHE B 4049 48.95 56.78 25.18
CA PHE B 4049 48.28 55.60 24.64
C PHE B 4049 46.84 55.52 25.12
N HIS B 4050 46.52 56.11 26.27
CA HIS B 4050 45.13 56.11 26.70
C HIS B 4050 44.28 57.02 25.84
N LYS B 4051 44.75 58.24 25.60
CA LYS B 4051 44.01 59.13 24.72
C LYS B 4051 44.09 58.67 23.27
N ALA B 4052 45.06 57.81 22.95
CA ALA B 4052 45.06 57.13 21.66
C ALA B 4052 43.92 56.14 21.57
N MET B 4053 43.92 55.15 22.45
CA MET B 4053 43.09 53.97 22.25
C MET B 4053 41.63 54.22 22.56
N GLU B 4054 41.32 55.26 23.32
CA GLU B 4054 39.92 55.57 23.55
C GLU B 4054 39.36 56.34 22.37
N SER B 4055 40.17 57.19 21.76
CA SER B 4055 39.74 58.02 20.65
C SER B 4055 39.91 57.35 19.29
N HIS B 4056 40.40 56.11 19.26
CA HIS B 4056 40.20 55.31 18.06
C HIS B 4056 38.77 54.84 17.92
N LYS B 4057 38.06 54.72 19.06
CA LYS B 4057 36.63 54.48 19.16
C LYS B 4057 36.25 53.13 18.53
N HIS B 4058 36.83 52.10 19.10
CA HIS B 4058 36.37 50.73 18.88
C HIS B 4058 36.32 49.95 20.18
N TYR B 4059 36.53 50.60 21.31
CA TYR B 4059 36.83 49.94 22.57
C TYR B 4059 35.87 50.40 23.63
N THR B 4060 35.23 49.44 24.29
CA THR B 4060 34.59 49.77 25.56
C THR B 4060 35.69 50.05 26.57
N GLN B 4061 35.42 51.02 27.44
CA GLN B 4061 36.47 51.56 28.30
C GLN B 4061 36.91 50.57 29.37
N SER B 4062 36.05 49.59 29.70
CA SER B 4062 36.48 48.46 30.51
C SER B 4062 37.59 47.69 29.82
N GLU B 4063 37.50 47.55 28.51
CA GLU B 4063 38.53 46.82 27.81
C GLU B 4063 39.75 47.69 27.53
N THR B 4064 39.59 49.01 27.53
CA THR B 4064 40.77 49.86 27.57
C THR B 4064 41.51 49.67 28.88
N GLU B 4065 40.76 49.56 29.98
CA GLU B 4065 41.36 49.24 31.26
C GLU B 4065 42.01 47.87 31.26
N PHE B 4066 41.40 46.92 30.53
CA PHE B 4066 41.99 45.60 30.39
C PHE B 4066 43.33 45.66 29.66
N LEU B 4067 43.38 46.41 28.57
CA LEU B 4067 44.63 46.50 27.82
C LEU B 4067 45.69 47.29 28.58
N LEU B 4068 45.29 48.35 29.27
CA LEU B 4068 46.24 49.15 30.02
C LEU B 4068 46.74 48.39 31.24
N SER B 4069 45.88 47.57 31.85
CA SER B 4069 46.31 46.67 32.91
C SER B 4069 47.18 45.57 32.36
N CYS B 4070 47.04 45.26 31.07
CA CYS B 4070 47.83 44.19 30.50
C CYS B 4070 49.20 44.67 30.06
N ALA B 4071 49.30 45.90 29.53
CA ALA B 4071 50.24 46.18 28.45
C ALA B 4071 51.73 46.04 28.75
N GLU B 4072 52.36 47.03 29.36
CA GLU B 4072 53.74 46.83 29.82
C GLU B 4072 54.00 47.44 31.18
N THR B 4073 53.45 48.64 31.40
CA THR B 4073 53.89 49.60 32.42
C THR B 4073 55.42 49.78 32.38
N ASP B 4074 55.91 50.24 31.22
CA ASP B 4074 57.33 50.19 30.87
C ASP B 4074 58.07 51.39 31.44
N GLU B 4075 58.33 51.32 32.74
CA GLU B 4075 59.37 52.01 33.50
C GLU B 4075 59.21 53.51 33.67
N ASN B 4076 58.48 54.19 32.78
CA ASN B 4076 58.04 55.53 33.12
C ASN B 4076 56.55 55.66 32.89
N GLU B 4077 56.15 55.71 31.61
CA GLU B 4077 54.80 55.41 31.16
C GLU B 4077 54.75 54.77 29.78
N THR B 4078 55.89 54.50 29.14
CA THR B 4078 55.87 54.22 27.71
C THR B 4078 55.48 52.77 27.45
N LEU B 4079 55.54 52.37 26.18
CA LEU B 4079 55.28 51.01 25.71
C LEU B 4079 55.76 50.92 24.26
N ASP B 4080 56.37 49.81 23.89
CA ASP B 4080 56.85 49.67 22.52
C ASP B 4080 55.71 49.41 21.56
N TYR B 4081 55.96 49.72 20.29
CA TYR B 4081 55.08 49.25 19.23
C TYR B 4081 55.47 47.85 18.80
N GLU B 4082 56.75 47.67 18.47
CA GLU B 4082 57.24 46.40 17.94
C GLU B 4082 57.17 45.30 18.98
N GLU B 4083 57.55 45.61 20.21
CA GLU B 4083 57.66 44.58 21.23
C GLU B 4083 56.51 44.63 22.22
N PHE B 4084 55.39 45.23 21.84
CA PHE B 4084 54.14 44.93 22.50
C PHE B 4084 53.15 44.24 21.58
N VAL B 4085 52.77 44.86 20.48
CA VAL B 4085 51.71 44.27 19.65
C VAL B 4085 52.30 43.38 18.56
N LYS B 4086 53.35 43.83 17.84
CA LYS B 4086 53.98 42.96 16.85
C LYS B 4086 54.70 41.80 17.51
N ARG B 4087 55.09 41.97 18.77
CA ARG B 4087 55.34 40.85 19.67
C ARG B 4087 54.13 39.93 19.70
N PHE B 4088 52.96 40.49 19.99
CA PHE B 4088 51.81 39.69 20.36
C PHE B 4088 50.93 39.31 19.19
N HIS B 4089 51.00 40.04 18.06
CA HIS B 4089 49.95 39.89 17.06
C HIS B 4089 50.10 38.62 16.23
N GLU B 4090 51.22 37.91 16.35
CA GLU B 4090 51.38 36.71 15.53
C GLU B 4090 50.50 35.54 15.97
N PRO B 4091 50.48 35.11 17.26
CA PRO B 4091 49.67 33.92 17.57
C PRO B 4091 48.18 34.16 17.50
N ALA B 4092 47.73 35.36 17.88
CA ALA B 4092 46.32 35.68 17.77
C ALA B 4092 45.86 35.71 16.32
N LYS B 4093 46.77 36.00 15.39
CA LYS B 4093 46.49 35.79 13.98
C LYS B 4093 46.40 34.30 13.66
N ASP B 4094 47.39 33.52 14.11
CA ASP B 4094 47.55 32.15 13.62
C ASP B 4094 46.43 31.24 14.08
N ILE B 4095 46.13 31.26 15.38
CA ILE B 4095 45.07 30.41 15.92
C ILE B 4095 43.71 30.90 15.45
N GLY B 4096 43.50 32.20 15.52
CA GLY B 4096 42.27 32.83 15.08
C GLY B 4096 41.94 32.58 13.64
N PHE B 4097 42.95 32.35 12.80
CA PHE B 4097 42.72 31.86 11.46
C PHE B 4097 41.94 30.56 11.46
N ASN B 4098 42.40 29.60 12.26
CA ASN B 4098 41.76 28.29 12.29
C ASN B 4098 40.37 28.39 12.89
N VAL B 4099 40.23 29.29 13.87
CA VAL B 4099 38.92 29.50 14.49
C VAL B 4099 37.95 30.05 13.48
N ALA B 4100 38.41 31.00 12.67
CA ALA B 4100 37.58 31.58 11.63
C ALA B 4100 37.24 30.56 10.57
N VAL B 4101 38.18 29.67 10.26
CA VAL B 4101 37.92 28.61 9.29
C VAL B 4101 36.85 27.67 9.79
N LEU B 4102 36.89 27.34 11.08
CA LEU B 4102 35.92 26.40 11.62
C LEU B 4102 34.53 27.01 11.68
N LEU B 4103 34.44 28.26 12.14
CA LEU B 4103 33.15 28.94 12.10
C LEU B 4103 32.66 29.13 10.68
N THR B 4104 33.59 29.42 9.77
CA THR B 4104 33.27 29.51 8.36
C THR B 4104 32.76 28.18 7.84
N ASN B 4105 33.38 27.09 8.27
CA ASN B 4105 33.01 25.79 7.74
C ASN B 4105 31.64 25.37 8.25
N LEU B 4106 31.34 25.69 9.50
CA LEU B 4106 30.02 25.41 10.04
C LEU B 4106 28.95 26.26 9.37
N SER B 4107 29.32 27.51 9.05
CA SER B 4107 28.36 28.38 8.37
C SER B 4107 28.06 27.89 6.98
N GLU B 4108 29.11 27.63 6.20
CA GLU B 4108 28.93 27.28 4.79
C GLU B 4108 28.28 25.92 4.66
N HIS B 4109 28.80 24.93 5.37
CA HIS B 4109 28.26 23.59 5.25
C HIS B 4109 26.87 23.50 5.84
N MET B 4110 26.64 24.16 6.96
CA MET B 4110 25.37 24.00 7.68
C MET B 4110 24.74 25.37 7.82
N PRO B 4111 23.99 25.84 6.81
CA PRO B 4111 23.30 27.12 6.94
C PRO B 4111 21.96 26.96 7.64
N ASN B 4112 21.19 28.04 7.70
CA ASN B 4112 19.79 28.11 8.09
C ASN B 4112 19.54 27.85 9.57
N ASP B 4113 20.60 27.76 10.38
CA ASP B 4113 20.47 27.46 11.79
C ASP B 4113 20.74 28.72 12.61
N THR B 4114 19.75 29.10 13.42
CA THR B 4114 19.72 30.41 14.03
C THR B 4114 20.74 30.53 15.15
N ARG B 4115 21.09 29.42 15.78
CA ARG B 4115 21.95 29.48 16.95
C ARG B 4115 23.39 29.82 16.57
N LEU B 4116 23.93 29.04 15.63
CA LEU B 4116 25.19 29.36 14.98
C LEU B 4116 25.13 30.74 14.32
N GLN B 4117 23.96 31.11 13.80
CA GLN B 4117 23.80 32.40 13.14
C GLN B 4117 24.00 33.53 14.13
N THR B 4118 23.34 33.43 15.28
CA THR B 4118 23.49 34.41 16.35
C THR B 4118 24.93 34.45 16.84
N PHE B 4119 25.54 33.28 16.96
CA PHE B 4119 26.89 33.20 17.47
C PHE B 4119 27.88 33.84 16.51
N LEU B 4120 27.67 33.63 15.21
CA LEU B 4120 28.51 34.22 14.20
C LEU B 4120 28.31 35.72 14.15
N GLU B 4121 27.09 36.18 14.42
CA GLU B 4121 26.84 37.61 14.55
C GLU B 4121 27.58 38.18 15.74
N LEU B 4122 27.74 37.39 16.80
CA LEU B 4122 28.62 37.78 17.89
C LEU B 4122 30.08 37.48 17.60
N ALA B 4123 30.37 36.85 16.46
CA ALA B 4123 31.74 36.54 16.05
C ALA B 4123 32.14 37.28 14.79
N GLU B 4124 31.64 38.49 14.59
CA GLU B 4124 31.73 39.08 13.27
C GLU B 4124 33.09 39.71 13.03
N SER B 4125 33.73 40.23 14.08
CA SER B 4125 34.89 41.10 13.89
C SER B 4125 36.14 40.34 13.46
N VAL B 4126 36.16 39.02 13.61
CA VAL B 4126 37.38 38.29 13.30
C VAL B 4126 37.40 37.87 11.84
N LEU B 4127 36.25 37.42 11.33
CA LEU B 4127 36.13 37.00 9.94
C LEU B 4127 36.45 38.14 8.99
N ASN B 4128 36.05 39.35 9.36
CA ASN B 4128 36.25 40.51 8.52
C ASN B 4128 37.72 40.86 8.41
N TYR B 4129 38.51 40.48 9.40
CA TYR B 4129 39.95 40.56 9.24
C TYR B 4129 40.45 39.48 8.32
N PHE B 4130 39.97 38.26 8.50
CA PHE B 4130 40.57 37.12 7.84
C PHE B 4130 39.88 36.69 6.56
N GLN B 4131 38.80 37.36 6.16
CA GLN B 4131 38.22 37.08 4.86
C GLN B 4131 39.16 37.27 3.68
N PRO B 4132 40.11 38.21 3.65
CA PRO B 4132 41.09 38.18 2.56
C PRO B 4132 42.06 37.02 2.64
N PHE B 4133 42.16 36.32 3.74
CA PHE B 4133 43.32 35.47 3.94
C PHE B 4133 43.00 34.00 3.77
N LEU B 4134 41.73 33.63 3.85
CA LEU B 4134 41.33 32.25 3.63
C LEU B 4134 40.77 32.15 2.22
N GLY B 4135 40.98 31.03 1.58
CA GLY B 4135 40.45 30.79 0.26
C GLY B 4135 39.62 29.52 0.32
N ARG B 4136 38.77 29.34 -0.67
CA ARG B 4136 37.90 28.17 -0.66
C ARG B 4136 37.54 27.78 -2.08
N ILE B 4137 37.86 26.54 -2.43
CA ILE B 4137 37.76 26.03 -3.78
C ILE B 4137 36.84 24.82 -3.77
N GLU B 4138 36.69 24.19 -4.93
CA GLU B 4138 35.89 22.99 -5.04
C GLU B 4138 36.68 21.89 -5.69
N ILE B 4139 36.49 20.67 -5.18
CA ILE B 4139 37.07 19.45 -5.75
C ILE B 4139 36.07 18.31 -5.66
N MET B 4140 36.49 17.12 -6.04
CA MET B 4140 35.80 15.88 -5.72
C MET B 4140 36.81 14.93 -5.08
N GLY B 4141 36.74 14.78 -3.77
CA GLY B 4141 37.74 14.03 -3.04
C GLY B 4141 37.43 12.57 -2.87
N SER B 4142 37.36 11.82 -3.98
CA SER B 4142 37.19 10.37 -4.08
C SER B 4142 35.83 9.87 -3.61
N ALA B 4143 35.01 10.76 -3.07
CA ALA B 4143 33.71 10.38 -2.54
C ALA B 4143 32.64 10.39 -3.60
N LYS B 4144 33.01 10.67 -4.85
CA LYS B 4144 32.12 10.84 -5.99
C LYS B 4144 31.06 11.90 -5.76
N ARG B 4145 31.35 12.91 -4.97
CA ARG B 4145 30.54 14.11 -4.87
C ARG B 4145 31.45 15.28 -4.56
N ILE B 4146 30.84 16.44 -4.36
CA ILE B 4146 31.57 17.70 -4.30
C ILE B 4146 31.93 17.95 -2.85
N GLU B 4147 33.21 18.12 -2.60
CA GLU B 4147 33.68 18.51 -1.29
C GLU B 4147 34.15 19.95 -1.39
N ARG B 4148 34.38 20.57 -0.26
CA ARG B 4148 34.89 21.93 -0.24
C ARG B 4148 36.12 21.99 0.65
N VAL B 4149 37.13 22.72 0.21
CA VAL B 4149 38.38 22.85 0.92
C VAL B 4149 38.46 24.28 1.43
N TYR B 4150 39.13 24.48 2.56
CA TYR B 4150 39.55 25.79 2.99
C TYR B 4150 41.04 25.77 3.20
N PHE B 4151 41.68 26.91 3.07
CA PHE B 4151 43.12 26.95 3.17
C PHE B 4151 43.56 28.37 3.49
N GLU B 4152 44.85 28.60 3.43
CA GLU B 4152 45.45 29.85 3.87
C GLU B 4152 46.20 30.49 2.72
N ILE B 4153 46.07 31.81 2.59
CA ILE B 4153 46.80 32.59 1.60
C ILE B 4153 47.87 33.39 2.31
N SER B 4154 49.13 33.16 1.94
CA SER B 4154 50.23 33.96 2.45
C SER B 4154 50.12 35.37 1.90
N GLU B 4155 50.50 36.35 2.72
CA GLU B 4155 50.30 37.75 2.36
C GLU B 4155 51.19 38.17 1.20
N SER B 4156 52.49 37.90 1.35
CA SER B 4156 53.48 38.37 0.39
C SER B 4156 53.30 37.70 -0.96
N SER B 4157 52.86 36.44 -0.95
CA SER B 4157 52.60 35.72 -2.19
C SER B 4157 51.49 36.38 -2.99
N ARG B 4158 50.39 36.72 -2.34
CA ARG B 4158 49.27 37.36 -3.03
C ARG B 4158 49.63 38.76 -3.49
N THR B 4159 50.15 39.56 -2.58
CA THR B 4159 50.44 40.96 -2.84
C THR B 4159 51.67 41.19 -3.68
N GLN B 4160 52.41 40.13 -4.04
CA GLN B 4160 53.38 40.26 -5.10
C GLN B 4160 52.99 39.43 -6.32
N TRP B 4161 51.95 38.60 -6.21
CA TRP B 4161 51.34 38.03 -7.41
C TRP B 4161 50.69 39.10 -8.26
N GLU B 4162 49.78 39.87 -7.66
CA GLU B 4162 48.80 40.54 -8.48
C GLU B 4162 49.34 41.74 -9.24
N LYS B 4163 50.47 42.30 -8.84
CA LYS B 4163 50.88 43.49 -9.57
C LYS B 4163 51.68 43.31 -10.87
N PRO B 4164 52.93 42.79 -10.85
CA PRO B 4164 53.91 43.27 -11.85
C PRO B 4164 53.77 42.86 -13.31
N GLN B 4165 53.83 41.56 -13.61
CA GLN B 4165 54.13 41.03 -14.94
C GLN B 4165 53.18 39.88 -15.18
N VAL B 4166 52.72 39.36 -14.05
CA VAL B 4166 51.96 38.12 -14.02
C VAL B 4166 50.58 38.37 -14.58
N LYS B 4167 50.13 39.62 -14.55
CA LYS B 4167 48.89 40.00 -15.22
C LYS B 4167 49.00 39.78 -16.72
N GLU B 4168 50.15 40.11 -17.29
CA GLU B 4168 50.32 39.91 -18.72
C GLU B 4168 50.52 38.43 -19.05
N SER B 4169 51.21 37.70 -18.17
CA SER B 4169 51.32 36.25 -18.36
C SER B 4169 49.95 35.59 -18.29
N LYS B 4170 49.11 36.06 -17.37
CA LYS B 4170 47.74 35.63 -17.24
C LYS B 4170 46.95 35.86 -18.53
N ARG B 4171 47.05 37.08 -19.05
CA ARG B 4171 46.34 37.44 -20.27
C ARG B 4171 46.73 36.46 -21.37
N GLN B 4172 48.04 36.37 -21.60
CA GLN B 4172 48.57 35.46 -22.61
C GLN B 4172 47.97 34.07 -22.47
N PHE B 4173 47.94 33.56 -21.24
CA PHE B 4173 47.44 32.22 -21.01
C PHE B 4173 45.95 32.09 -21.33
N ILE B 4174 45.16 33.04 -20.82
CA ILE B 4174 43.72 33.01 -21.02
C ILE B 4174 43.39 33.12 -22.49
N PHE B 4175 44.14 33.96 -23.20
CA PHE B 4175 43.97 34.14 -24.63
C PHE B 4175 44.21 32.83 -25.37
N ASP B 4176 45.34 32.19 -25.08
CA ASP B 4176 45.74 31.00 -25.79
C ASP B 4176 44.79 29.84 -25.50
N VAL B 4177 44.23 29.79 -24.30
CA VAL B 4177 43.43 28.62 -23.97
C VAL B 4177 42.00 28.79 -24.45
N VAL B 4178 41.41 29.96 -24.23
CA VAL B 4178 40.02 30.14 -24.64
C VAL B 4178 39.91 30.19 -26.17
N ASN B 4179 40.96 30.63 -26.86
CA ASN B 4179 40.90 30.65 -28.32
C ASN B 4179 40.91 29.24 -28.90
N GLU B 4180 41.71 28.34 -28.34
CA GLU B 4180 41.85 27.02 -28.92
C GLU B 4180 42.37 26.04 -27.87
N GLY B 4181 42.06 24.77 -28.09
CA GLY B 4181 42.49 23.70 -27.19
C GLY B 4181 41.52 22.54 -27.14
N GLY B 4182 42.03 21.32 -27.03
CA GLY B 4182 41.20 20.16 -26.84
C GLY B 4182 40.52 20.19 -25.49
N GLU B 4183 39.30 19.63 -25.45
CA GLU B 4183 38.36 19.88 -24.36
C GLU B 4183 38.82 19.30 -23.03
N LYS B 4184 39.62 18.25 -23.07
CA LYS B 4184 40.07 17.59 -21.85
C LYS B 4184 41.49 17.98 -21.47
N GLU B 4185 42.31 18.36 -22.45
CA GLU B 4185 43.67 18.77 -22.14
C GLU B 4185 43.78 20.19 -21.63
N LYS B 4186 42.67 20.93 -21.53
CA LYS B 4186 42.74 22.31 -21.08
C LYS B 4186 43.21 22.41 -19.64
N MET B 4187 42.78 21.47 -18.81
CA MET B 4187 43.10 21.55 -17.39
C MET B 4187 44.57 21.24 -17.15
N GLU B 4188 45.13 20.33 -17.96
CA GLU B 4188 46.55 20.06 -17.85
C GLU B 4188 47.38 21.24 -18.30
N LEU B 4189 46.87 21.98 -19.29
CA LEU B 4189 47.49 23.24 -19.65
C LEU B 4189 47.39 24.23 -18.52
N PHE B 4190 46.28 24.19 -17.77
CA PHE B 4190 46.16 25.08 -16.62
C PHE B 4190 47.15 24.72 -15.54
N VAL B 4191 47.38 23.44 -15.32
CA VAL B 4191 48.32 23.06 -14.27
C VAL B 4191 49.75 23.36 -14.71
N ASN B 4192 50.03 23.24 -16.01
CA ASN B 4192 51.32 23.66 -16.53
C ASN B 4192 51.53 25.16 -16.33
N PHE B 4193 50.48 25.94 -16.60
CA PHE B 4193 50.50 27.37 -16.29
C PHE B 4193 50.68 27.64 -14.81
N CYS B 4194 50.01 26.86 -13.99
CA CYS B 4194 50.06 27.09 -12.55
C CYS B 4194 51.45 26.81 -12.03
N GLU B 4195 52.09 25.79 -12.59
CA GLU B 4195 53.42 25.39 -12.16
C GLU B 4195 54.44 26.46 -12.50
N ASP B 4196 54.50 26.86 -13.78
CA ASP B 4196 55.53 27.84 -14.09
C ASP B 4196 55.15 29.24 -13.62
N THR B 4197 53.88 29.49 -13.34
CA THR B 4197 53.52 30.74 -12.70
C THR B 4197 54.00 30.78 -11.26
N ILE B 4198 53.98 29.63 -10.58
CA ILE B 4198 54.57 29.54 -9.24
C ILE B 4198 56.07 29.79 -9.30
N PHE B 4199 56.73 29.22 -10.30
CA PHE B 4199 58.16 29.46 -10.46
C PHE B 4199 58.45 30.92 -10.72
N GLU B 4200 57.69 31.53 -11.61
CA GLU B 4200 57.81 32.95 -11.90
C GLU B 4200 57.48 33.79 -10.67
N MET B 4201 56.55 33.32 -9.85
CA MET B 4201 56.16 34.04 -8.66
C MET B 4201 57.28 34.07 -7.66
N GLN B 4202 57.97 32.95 -7.49
CA GLN B 4202 59.14 32.93 -6.63
C GLN B 4202 60.25 33.78 -7.21
N LEU B 4203 60.37 33.78 -8.54
CA LEU B 4203 61.43 34.56 -9.15
C LEU B 4203 61.17 36.05 -9.02
N ALA B 4204 59.91 36.45 -9.09
CA ALA B 4204 59.56 37.85 -8.88
C ALA B 4204 59.70 38.21 -7.43
N ALA B 4205 59.54 37.24 -6.53
CA ALA B 4205 59.87 37.49 -5.14
C ALA B 4205 61.37 37.68 -4.96
N GLN B 4206 62.17 37.02 -5.80
CA GLN B 4206 63.61 37.00 -5.63
C GLN B 4206 64.25 38.35 -5.91
N ILE B 4207 63.54 39.26 -6.55
CA ILE B 4207 64.08 40.57 -6.90
C ILE B 4207 64.30 41.45 -5.66
N ILE B 4486 81.40 40.70 -6.77
CA ILE B 4486 80.70 41.88 -6.30
C ILE B 4486 79.20 41.65 -6.32
N ALA B 4487 78.58 41.69 -5.13
CA ALA B 4487 77.14 41.56 -5.03
C ALA B 4487 76.41 42.87 -5.32
N TYR B 4488 77.13 43.99 -5.31
CA TYR B 4488 76.57 45.26 -5.77
C TYR B 4488 76.25 45.22 -7.25
N GLN B 4489 77.00 44.40 -8.01
CA GLN B 4489 76.63 44.08 -9.38
C GLN B 4489 75.25 43.45 -9.44
N GLN B 4490 74.97 42.52 -8.55
CA GLN B 4490 73.67 41.88 -8.51
C GLN B 4490 72.59 42.86 -8.06
N LYS B 4491 72.95 43.78 -7.15
CA LYS B 4491 72.01 44.79 -6.70
C LYS B 4491 71.64 45.73 -7.84
N LEU B 4492 72.63 46.10 -8.64
CA LEU B 4492 72.36 46.87 -9.86
C LEU B 4492 71.59 46.04 -10.87
N LEU B 4493 71.77 44.73 -10.85
CA LEU B 4493 71.01 43.85 -11.73
C LEU B 4493 69.55 43.78 -11.34
N ASN B 4494 69.23 43.99 -10.06
CA ASN B 4494 67.84 44.05 -9.65
C ASN B 4494 67.15 45.30 -10.20
N TYR B 4495 67.91 46.36 -10.45
CA TYR B 4495 67.34 47.62 -10.89
C TYR B 4495 66.78 47.54 -12.30
N PHE B 4496 67.40 46.72 -13.14
CA PHE B 4496 66.96 46.49 -14.53
C PHE B 4496 65.57 45.89 -14.60
N ALA B 4497 65.47 44.64 -14.17
CA ALA B 4497 64.29 43.84 -14.45
C ALA B 4497 63.11 44.28 -13.63
N ARG B 4498 63.35 45.02 -12.56
CA ARG B 4498 62.29 45.72 -11.87
C ARG B 4498 61.68 46.79 -12.77
N ASN B 4499 62.46 47.34 -13.69
CA ASN B 4499 62.03 48.52 -14.43
C ASN B 4499 62.15 48.29 -15.94
N PHE B 4500 61.61 47.18 -16.44
CA PHE B 4500 61.86 46.83 -17.83
C PHE B 4500 60.95 47.58 -18.79
N TYR B 4501 59.64 47.50 -18.55
CA TYR B 4501 58.66 47.96 -19.54
C TYR B 4501 58.73 49.46 -19.73
N ASN B 4502 58.95 50.20 -18.65
CA ASN B 4502 59.05 51.64 -18.75
C ASN B 4502 60.31 52.05 -19.50
N MET B 4503 61.39 51.28 -19.32
CA MET B 4503 62.61 51.51 -20.08
C MET B 4503 62.40 51.29 -21.58
N ARG B 4504 61.69 50.23 -21.94
CA ARG B 4504 61.40 49.97 -23.35
C ARG B 4504 60.53 51.07 -23.97
N MET B 4505 59.51 51.52 -23.22
CA MET B 4505 58.64 52.59 -23.69
C MET B 4505 59.40 53.90 -23.84
N LEU B 4506 60.34 54.15 -22.94
CA LEU B 4506 61.17 55.35 -23.03
C LEU B 4506 62.12 55.28 -24.22
N ALA B 4507 62.57 54.07 -24.58
CA ALA B 4507 63.40 53.93 -25.78
C ALA B 4507 62.60 54.25 -27.03
N LEU B 4508 61.32 53.85 -27.05
CA LEU B 4508 60.43 54.29 -28.14
C LEU B 4508 60.30 55.80 -28.19
N PHE B 4509 60.22 56.44 -27.02
CA PHE B 4509 60.12 57.90 -26.96
C PHE B 4509 61.37 58.58 -27.52
N VAL B 4510 62.55 58.01 -27.21
CA VAL B 4510 63.80 58.54 -27.76
C VAL B 4510 63.84 58.39 -29.28
N ALA B 4511 63.33 57.27 -29.80
CA ALA B 4511 63.34 57.06 -31.25
C ALA B 4511 62.41 58.05 -31.96
N PHE B 4512 61.25 58.34 -31.35
CA PHE B 4512 60.40 59.41 -31.85
C PHE B 4512 61.13 60.74 -31.90
N ALA B 4513 61.85 61.08 -30.82
CA ALA B 4513 62.54 62.37 -30.79
C ALA B 4513 63.64 62.45 -31.83
N ILE B 4514 64.36 61.36 -32.05
CA ILE B 4514 65.48 61.40 -33.00
C ILE B 4514 64.97 61.49 -34.43
N ASN B 4515 63.89 60.79 -34.76
CA ASN B 4515 63.42 60.94 -36.13
C ASN B 4515 62.64 62.23 -36.36
N PHE B 4516 62.09 62.80 -35.28
CA PHE B 4516 61.62 64.18 -35.32
C PHE B 4516 62.73 65.15 -35.70
N ILE B 4517 63.91 64.98 -35.11
CA ILE B 4517 65.05 65.82 -35.48
C ILE B 4517 65.48 65.54 -36.91
N LEU B 4518 65.50 64.27 -37.30
CA LEU B 4518 65.99 63.87 -38.61
C LEU B 4518 65.01 64.18 -39.72
N LEU B 4519 63.83 64.72 -39.38
CA LEU B 4519 62.94 65.30 -40.38
C LEU B 4519 63.62 66.41 -41.17
N PHE B 4520 64.53 67.15 -40.54
CA PHE B 4520 65.20 68.30 -41.19
C PHE B 4520 66.48 67.83 -41.87
N TYR B 4521 66.37 67.52 -43.15
CA TYR B 4521 67.54 67.30 -43.99
C TYR B 4521 67.43 68.05 -45.30
N LYS B 4522 68.58 68.14 -45.98
CA LYS B 4522 68.74 69.03 -47.10
C LYS B 4522 69.93 68.62 -47.96
N VAL B 4523 69.75 68.59 -49.26
CA VAL B 4523 70.84 68.30 -50.18
C VAL B 4523 71.75 69.50 -50.28
N SER B 4524 73.06 69.25 -50.19
CA SER B 4524 74.04 70.32 -50.41
C SER B 4524 75.32 69.75 -51.00
N VAL B 4558 76.24 66.03 -50.02
CA VAL B 4558 76.40 66.12 -48.58
C VAL B 4558 75.14 66.73 -47.96
N HIS B 4559 74.75 66.24 -46.78
CA HIS B 4559 73.51 66.63 -46.13
C HIS B 4559 73.82 67.43 -44.87
N TYR B 4560 73.01 68.44 -44.58
CA TYR B 4560 73.19 69.19 -43.34
C TYR B 4560 71.88 69.85 -42.93
N VAL B 4561 71.75 70.05 -41.61
CA VAL B 4561 70.51 70.44 -40.96
C VAL B 4561 70.55 71.93 -40.63
N LEU B 4562 69.45 72.63 -40.89
CA LEU B 4562 69.29 73.99 -40.40
C LEU B 4562 68.77 73.94 -38.96
N GLU B 4563 68.34 75.07 -38.41
CA GLU B 4563 67.75 75.02 -37.08
C GLU B 4563 66.60 76.02 -36.95
N GLU B 4564 65.39 75.49 -36.87
CA GLU B 4564 64.25 76.21 -36.29
C GLU B 4564 64.12 75.81 -34.83
N SER B 4565 65.22 75.88 -34.11
CA SER B 4565 65.33 75.30 -32.77
C SER B 4565 66.50 75.97 -32.06
N SER B 4566 66.98 75.36 -30.98
CA SER B 4566 68.17 75.84 -30.29
C SER B 4566 69.40 75.66 -31.17
N GLY B 4567 70.49 76.33 -30.77
CA GLY B 4567 71.70 76.30 -31.55
C GLY B 4567 72.42 74.98 -31.57
N TYR B 4568 72.20 74.14 -30.55
CA TYR B 4568 73.00 72.94 -30.35
C TYR B 4568 72.20 71.68 -30.62
N MET B 4569 71.37 71.69 -31.66
CA MET B 4569 70.54 70.52 -31.95
C MET B 4569 71.36 69.37 -32.51
N GLU B 4570 72.40 69.65 -33.28
CA GLU B 4570 73.28 68.60 -33.78
C GLU B 4570 74.13 67.95 -32.68
N PRO B 4571 74.67 68.68 -31.69
CA PRO B 4571 75.22 67.98 -30.53
C PRO B 4571 74.20 67.18 -29.75
N THR B 4572 72.93 67.61 -29.69
CA THR B 4572 71.95 66.77 -29.00
C THR B 4572 71.63 65.52 -29.80
N LEU B 4573 71.71 65.57 -31.12
CA LEU B 4573 71.60 64.35 -31.91
C LEU B 4573 72.76 63.41 -31.59
N ARG B 4574 73.97 63.97 -31.50
CA ARG B 4574 75.12 63.19 -31.06
C ARG B 4574 74.94 62.64 -29.65
N ILE B 4575 74.23 63.36 -28.79
CA ILE B 4575 73.91 62.83 -27.47
C ILE B 4575 72.96 61.66 -27.60
N LEU B 4576 71.83 61.87 -28.27
CA LEU B 4576 70.72 60.94 -28.20
C LEU B 4576 70.97 59.66 -28.96
N ALA B 4577 71.87 59.66 -29.96
CA ALA B 4577 72.25 58.40 -30.59
C ALA B 4577 72.92 57.47 -29.58
N ILE B 4578 73.92 58.00 -28.87
CA ILE B 4578 74.61 57.23 -27.84
C ILE B 4578 73.64 56.86 -26.73
N LEU B 4579 72.77 57.79 -26.36
CA LEU B 4579 71.78 57.55 -25.31
C LEU B 4579 70.84 56.41 -25.67
N HIS B 4580 70.40 56.39 -26.93
CA HIS B 4580 69.47 55.35 -27.35
C HIS B 4580 70.15 53.99 -27.41
N THR B 4581 71.41 53.96 -27.88
CA THR B 4581 72.13 52.69 -27.91
C THR B 4581 72.41 52.18 -26.51
N VAL B 4582 72.66 53.10 -25.57
CA VAL B 4582 72.77 52.75 -24.16
C VAL B 4582 71.49 52.12 -23.65
N ILE B 4583 70.34 52.70 -24.00
CA ILE B 4583 69.08 52.16 -23.50
C ILE B 4583 68.76 50.80 -24.12
N SER B 4584 69.17 50.58 -25.38
CA SER B 4584 68.92 49.27 -25.99
C SER B 4584 69.79 48.18 -25.35
N PHE B 4585 71.06 48.49 -25.09
CA PHE B 4585 71.91 47.53 -24.39
C PHE B 4585 71.44 47.30 -22.96
N PHE B 4586 70.96 48.35 -22.32
CA PHE B 4586 70.43 48.30 -20.98
C PHE B 4586 69.24 47.35 -20.92
N CYS B 4587 68.32 47.50 -21.87
CA CYS B 4587 67.14 46.65 -21.82
C CYS B 4587 67.41 45.23 -22.27
N ILE B 4588 68.44 44.97 -23.09
CA ILE B 4588 68.66 43.56 -23.37
C ILE B 4588 69.30 42.85 -22.18
N ILE B 4589 70.09 43.59 -21.38
CA ILE B 4589 70.57 42.99 -20.12
C ILE B 4589 69.41 42.71 -19.18
N GLY B 4590 68.47 43.65 -19.08
CA GLY B 4590 67.31 43.45 -18.23
C GLY B 4590 66.42 42.30 -18.67
N TYR B 4591 66.28 42.11 -19.97
CA TYR B 4591 65.47 41.01 -20.45
C TYR B 4591 66.17 39.68 -20.29
N TYR B 4592 67.49 39.66 -20.48
CA TYR B 4592 68.25 38.43 -20.29
C TYR B 4592 68.19 37.96 -18.85
N CYS B 4593 68.18 38.89 -17.92
CA CYS B 4593 68.04 38.48 -16.54
C CYS B 4593 66.62 38.61 -16.02
N LEU B 4594 65.63 38.74 -16.89
CA LEU B 4594 64.25 38.70 -16.44
C LEU B 4594 63.51 37.46 -16.88
N LYS B 4595 63.40 37.20 -18.18
CA LYS B 4595 62.46 36.19 -18.65
C LYS B 4595 63.13 34.94 -19.19
N VAL B 4596 64.37 35.04 -19.62
CA VAL B 4596 65.23 33.92 -19.99
C VAL B 4596 65.26 32.81 -18.93
N PRO B 4597 65.29 33.09 -17.60
CA PRO B 4597 65.11 31.96 -16.67
C PRO B 4597 63.77 31.26 -16.78
N LEU B 4598 62.69 31.98 -17.09
CA LEU B 4598 61.41 31.32 -17.26
C LEU B 4598 61.38 30.45 -18.49
N VAL B 4599 62.00 30.92 -19.58
CA VAL B 4599 61.97 30.14 -20.81
C VAL B 4599 62.84 28.92 -20.68
N ILE B 4600 64.01 29.08 -20.05
CA ILE B 4600 64.90 27.95 -19.84
C ILE B 4600 64.26 26.98 -18.84
N PHE B 4601 63.41 27.49 -17.96
CA PHE B 4601 62.66 26.64 -17.04
C PHE B 4601 61.65 25.79 -17.78
N LYS B 4602 60.87 26.39 -18.66
CA LYS B 4602 59.87 25.64 -19.41
C LYS B 4602 60.51 24.61 -20.32
N ARG B 4603 61.65 24.95 -20.90
CA ARG B 4603 62.37 24.01 -21.73
C ARG B 4603 62.92 22.84 -20.90
N GLU B 4604 63.51 23.13 -19.74
CA GLU B 4604 64.05 22.07 -18.89
C GLU B 4604 62.95 21.17 -18.38
N LYS B 4605 61.79 21.73 -18.06
CA LYS B 4605 60.69 20.94 -17.54
C LYS B 4605 60.16 20.01 -18.60
N GLU B 4606 59.98 20.53 -19.82
CA GLU B 4606 59.48 19.70 -20.91
C GLU B 4606 60.44 18.56 -21.23
N VAL B 4607 61.74 18.86 -21.25
CA VAL B 4607 62.73 17.82 -21.54
C VAL B 4607 62.81 16.80 -20.41
N ALA B 4608 62.71 17.26 -19.16
CA ALA B 4608 62.81 16.34 -18.03
C ALA B 4608 61.59 15.44 -17.94
N ARG B 4609 60.41 15.95 -18.30
CA ARG B 4609 59.26 15.08 -18.32
C ARG B 4609 59.37 14.09 -19.47
N LYS B 4610 59.93 14.50 -20.59
CA LYS B 4610 60.05 13.57 -21.69
C LYS B 4610 61.19 12.57 -21.52
N LEU B 4611 62.11 12.79 -20.58
CA LEU B 4611 63.02 11.71 -20.22
C LEU B 4611 62.32 10.66 -19.38
N GLU B 4612 61.51 11.11 -18.42
CA GLU B 4612 60.88 10.20 -17.48
C GLU B 4612 59.75 9.43 -18.13
N PHE B 4613 58.72 10.14 -18.57
CA PHE B 4613 57.50 9.48 -18.99
C PHE B 4613 57.59 8.93 -20.40
N ASP B 4614 58.65 9.23 -21.12
CA ASP B 4614 58.80 8.76 -22.48
C ASP B 4614 60.09 8.00 -22.73
N GLY B 4615 61.20 8.48 -22.18
CA GLY B 4615 62.50 7.93 -22.51
C GLY B 4615 62.85 8.11 -23.97
N LEU B 4616 62.65 9.32 -24.50
CA LEU B 4616 62.80 9.54 -25.93
C LEU B 4616 64.25 9.48 -26.38
N TYR B 4617 65.19 9.77 -25.51
CA TYR B 4617 66.57 9.52 -25.85
C TYR B 4617 66.99 8.11 -25.51
N ILE B 4618 66.09 7.36 -24.87
CA ILE B 4618 66.40 6.02 -24.40
C ILE B 4618 65.67 4.97 -25.22
N THR B 4619 64.41 5.22 -25.57
CA THR B 4619 63.61 4.29 -26.33
C THR B 4619 63.08 4.86 -27.63
N GLU B 4620 62.50 6.07 -27.60
CA GLU B 4620 61.62 6.50 -28.67
C GLU B 4620 62.37 7.09 -29.86
N GLN B 4621 63.53 7.74 -29.63
CA GLN B 4621 64.46 8.23 -30.64
C GLN B 4621 63.83 9.15 -31.68
N PRO B 4622 63.60 10.42 -31.35
CA PRO B 4622 62.99 11.36 -32.31
C PRO B 4622 63.85 11.53 -33.55
N SER B 4623 63.18 11.68 -34.69
CA SER B 4623 63.83 11.57 -35.98
C SER B 4623 64.64 12.83 -36.29
N GLU B 4624 65.16 12.88 -37.52
CA GLU B 4624 65.87 14.06 -37.99
C GLU B 4624 64.94 15.24 -38.22
N ASP B 4625 63.64 15.00 -38.31
CA ASP B 4625 62.65 16.05 -38.27
C ASP B 4625 62.63 16.71 -36.89
N ASP B 4626 62.12 17.95 -36.85
CA ASP B 4626 61.90 18.74 -35.64
C ASP B 4626 63.21 18.97 -34.87
N ILE B 4627 64.08 19.76 -35.51
CA ILE B 4627 65.39 20.10 -34.95
C ILE B 4627 65.23 20.89 -33.66
N LYS B 4628 64.15 21.65 -33.53
CA LYS B 4628 63.83 22.29 -32.26
C LYS B 4628 63.55 21.29 -31.14
N GLY B 4629 63.09 20.09 -31.47
CA GLY B 4629 63.01 19.02 -30.49
C GLY B 4629 64.21 18.12 -30.45
N GLN B 4630 65.17 18.34 -31.32
CA GLN B 4630 66.35 17.49 -31.48
C GLN B 4630 67.61 18.20 -31.02
N TRP B 4631 67.48 19.47 -30.65
CA TRP B 4631 68.61 20.24 -30.16
C TRP B 4631 69.13 19.72 -28.84
N ASP B 4632 68.26 19.10 -28.06
CA ASP B 4632 68.54 18.82 -26.66
C ASP B 4632 69.22 17.48 -26.43
N ARG B 4633 69.81 16.89 -27.47
CA ARG B 4633 70.46 15.60 -27.29
C ARG B 4633 71.80 15.76 -26.60
N LEU B 4634 72.41 16.93 -26.70
CA LEU B 4634 73.72 17.16 -26.12
C LEU B 4634 73.61 17.96 -24.81
N VAL B 4635 72.53 17.78 -24.08
CA VAL B 4635 72.38 18.37 -22.76
C VAL B 4635 71.96 17.33 -21.72
N ILE B 4636 71.92 16.06 -22.10
CA ILE B 4636 71.57 14.99 -21.18
C ILE B 4636 72.62 14.84 -20.09
N ASN B 4637 73.88 14.69 -20.49
CA ASN B 4637 74.91 14.42 -19.51
C ASN B 4637 75.44 15.68 -18.85
N THR B 4638 74.85 16.83 -19.17
CA THR B 4638 75.18 18.05 -18.44
C THR B 4638 74.72 17.95 -16.99
N GLN B 4639 75.55 18.46 -16.10
CA GLN B 4639 75.38 18.27 -14.67
C GLN B 4639 74.38 19.22 -14.06
N SER B 4640 74.02 20.30 -14.75
CA SER B 4640 73.02 21.23 -14.24
C SER B 4640 71.77 21.22 -15.10
N PHE B 4641 71.46 20.05 -15.69
CA PHE B 4641 70.15 19.87 -16.30
C PHE B 4641 68.99 20.11 -15.35
N PRO B 4642 69.06 19.79 -14.06
CA PRO B 4642 68.07 20.43 -13.17
C PRO B 4642 68.61 21.73 -12.57
N ASN B 4643 68.76 22.76 -13.40
CA ASN B 4643 69.00 24.08 -12.83
C ASN B 4643 67.70 24.60 -12.27
N ASN B 4644 66.72 24.80 -13.14
CA ASN B 4644 65.39 25.25 -12.74
C ASN B 4644 64.45 24.09 -13.03
N TYR B 4645 64.37 23.15 -12.10
CA TYR B 4645 63.32 22.14 -12.19
C TYR B 4645 62.81 21.69 -10.83
N TRP B 4646 63.30 22.26 -9.72
CA TRP B 4646 63.04 21.87 -8.32
C TRP B 4646 63.21 20.38 -8.05
N ASP B 4647 63.91 19.65 -8.91
CA ASP B 4647 64.03 18.19 -8.76
C ASP B 4647 65.40 17.83 -9.31
N LYS B 4648 66.36 17.72 -8.42
CA LYS B 4648 67.74 17.47 -8.83
C LYS B 4648 68.05 15.99 -8.86
N PHE B 4649 67.06 15.14 -8.66
CA PHE B 4649 67.22 13.70 -8.61
C PHE B 4649 66.46 13.02 -9.74
N VAL B 4650 66.42 13.66 -10.90
CA VAL B 4650 65.79 13.05 -12.05
C VAL B 4650 66.66 11.92 -12.57
N LYS B 4651 67.97 12.08 -12.42
CA LYS B 4651 69.00 11.18 -12.94
C LYS B 4651 68.80 9.76 -12.47
N ARG B 4652 68.98 9.57 -11.16
CA ARG B 4652 68.84 8.25 -10.55
C ARG B 4652 67.41 7.74 -10.63
N LYS B 4653 66.44 8.64 -10.72
CA LYS B 4653 65.04 8.25 -10.86
C LYS B 4653 64.80 7.51 -12.17
N VAL B 4654 65.25 8.09 -13.27
CA VAL B 4654 65.04 7.40 -14.54
C VAL B 4654 66.02 6.23 -14.70
N MET B 4655 67.19 6.31 -14.04
CA MET B 4655 68.10 5.16 -13.94
C MET B 4655 67.40 3.96 -13.33
N ASP B 4656 66.82 4.13 -12.16
CA ASP B 4656 66.20 3.03 -11.45
C ASP B 4656 64.83 2.68 -12.01
N LYS B 4657 64.26 3.55 -12.84
CA LYS B 4657 63.02 3.18 -13.48
C LYS B 4657 63.28 2.42 -14.79
N TYR B 4658 64.46 2.61 -15.39
CA TYR B 4658 64.70 1.99 -16.70
C TYR B 4658 66.01 1.25 -16.84
N GLY B 4659 67.06 1.62 -16.12
CA GLY B 4659 68.38 1.07 -16.37
C GLY B 4659 68.59 -0.39 -16.02
N GLU B 4660 67.54 -1.01 -15.46
CA GLU B 4660 67.45 -2.46 -15.40
C GLU B 4660 67.64 -3.07 -16.78
N PHE B 4661 66.91 -2.56 -17.76
CA PHE B 4661 66.77 -3.22 -19.05
C PHE B 4661 67.86 -2.83 -20.03
N TYR B 4662 68.08 -1.53 -20.22
CA TYR B 4662 69.00 -1.04 -21.25
C TYR B 4662 70.40 -0.85 -20.72
N GLY B 4663 70.79 -1.65 -19.73
CA GLY B 4663 72.11 -1.57 -19.17
C GLY B 4663 72.16 -0.54 -18.07
N ARG B 4664 72.56 -0.94 -16.88
CA ARG B 4664 72.75 0.04 -15.82
C ARG B 4664 73.91 0.96 -16.16
N ASP B 4665 74.98 0.38 -16.70
CA ASP B 4665 76.21 1.13 -16.93
C ASP B 4665 76.06 2.14 -18.04
N ARG B 4666 75.42 1.74 -19.15
CA ARG B 4666 75.32 2.64 -20.30
C ARG B 4666 74.37 3.79 -20.02
N ILE B 4667 73.21 3.49 -19.43
CA ILE B 4667 72.23 4.52 -19.11
C ILE B 4667 72.76 5.46 -18.05
N SER B 4668 73.32 4.91 -16.97
CA SER B 4668 73.82 5.75 -15.90
C SER B 4668 75.05 6.55 -16.32
N GLU B 4669 75.85 6.01 -17.26
CA GLU B 4669 76.93 6.79 -17.83
C GLU B 4669 76.38 7.90 -18.72
N LEU B 4670 75.31 7.62 -19.45
CA LEU B 4670 74.68 8.63 -20.30
C LEU B 4670 74.12 9.76 -19.46
N LEU B 4671 73.73 9.47 -18.23
CA LEU B 4671 73.42 10.54 -17.29
C LEU B 4671 74.64 10.94 -16.47
N GLY B 4672 75.67 10.10 -16.43
CA GLY B 4672 76.90 10.47 -15.75
C GLY B 4672 77.46 9.48 -14.74
N SER B 4696 90.15 32.27 -11.82
CA SER B 4696 89.85 31.21 -12.77
C SER B 4696 89.00 30.13 -12.13
N ALA B 4697 88.82 30.24 -10.81
CA ALA B 4697 88.05 29.23 -10.08
C ALA B 4697 86.57 29.29 -10.44
N VAL B 4698 86.03 30.51 -10.59
CA VAL B 4698 84.66 30.66 -11.06
C VAL B 4698 84.56 30.23 -12.53
N LEU B 4699 85.62 30.46 -13.30
CA LEU B 4699 85.71 29.89 -14.64
C LEU B 4699 85.79 28.38 -14.57
N ASN B 4700 86.39 27.83 -13.53
CA ASN B 4700 86.48 26.39 -13.34
C ASN B 4700 85.31 25.82 -12.55
N SER B 4701 84.21 26.57 -12.42
CA SER B 4701 83.05 26.07 -11.70
C SER B 4701 81.75 26.40 -12.42
N ILE B 4702 81.76 26.35 -13.75
CA ILE B 4702 80.56 26.57 -14.55
C ILE B 4702 80.45 25.49 -15.61
N ASP B 4703 79.22 25.02 -15.84
CA ASP B 4703 78.97 23.98 -16.82
C ASP B 4703 78.97 24.60 -18.21
N VAL B 4704 80.02 24.32 -18.96
CA VAL B 4704 80.28 25.03 -20.20
C VAL B 4704 79.33 24.54 -21.29
N LYS B 4705 79.21 23.22 -21.42
CA LYS B 4705 78.36 22.62 -22.45
C LYS B 4705 76.90 22.97 -22.20
N TYR B 4706 76.49 22.97 -20.93
CA TYR B 4706 75.16 23.44 -20.56
C TYR B 4706 74.97 24.89 -20.91
N GLN B 4707 76.01 25.70 -20.74
CA GLN B 4707 75.90 27.12 -21.09
C GLN B 4707 75.74 27.30 -22.59
N MET B 4708 76.43 26.45 -23.36
CA MET B 4708 76.28 26.46 -24.81
C MET B 4708 74.86 26.08 -25.22
N TRP B 4709 74.33 25.04 -24.58
CA TRP B 4709 72.95 24.64 -24.84
C TRP B 4709 71.97 25.73 -24.43
N LYS B 4710 72.30 26.43 -23.35
CA LYS B 4710 71.45 27.49 -22.85
C LYS B 4710 71.36 28.63 -23.85
N LEU B 4711 72.50 29.02 -24.42
CA LEU B 4711 72.48 30.01 -25.49
C LEU B 4711 71.77 29.50 -26.73
N GLY B 4712 71.88 28.19 -27.00
CA GLY B 4712 71.18 27.62 -28.14
C GLY B 4712 69.67 27.66 -27.99
N VAL B 4713 69.18 27.62 -26.76
CA VAL B 4713 67.75 27.76 -26.55
C VAL B 4713 67.37 29.24 -26.41
N VAL B 4714 68.30 30.09 -25.98
CA VAL B 4714 68.07 31.54 -25.95
C VAL B 4714 67.85 32.08 -27.36
N PHE B 4715 68.69 31.64 -28.29
CA PHE B 4715 68.71 32.28 -29.61
C PHE B 4715 67.48 31.95 -30.43
N THR B 4716 66.85 30.80 -30.20
CA THR B 4716 65.70 30.43 -30.99
C THR B 4716 64.45 31.23 -30.63
N ASP B 4717 64.48 31.99 -29.53
CA ASP B 4717 63.29 32.67 -29.06
C ASP B 4717 62.97 33.87 -29.95
N ASN B 4718 61.68 34.19 -30.02
CA ASN B 4718 61.21 35.29 -30.85
C ASN B 4718 61.59 36.64 -30.25
N SER B 4719 61.20 36.86 -29.00
CA SER B 4719 61.40 38.18 -28.38
C SER B 4719 62.87 38.51 -28.18
N PHE B 4720 63.69 37.51 -27.89
CA PHE B 4720 65.12 37.75 -27.77
C PHE B 4720 65.73 38.13 -29.11
N LEU B 4721 65.29 37.45 -30.17
CA LEU B 4721 65.76 37.78 -31.51
C LEU B 4721 65.33 39.18 -31.89
N TYR B 4722 64.13 39.58 -31.46
CA TYR B 4722 63.63 40.92 -31.74
C TYR B 4722 64.50 41.97 -31.05
N LEU B 4723 64.78 41.77 -29.78
CA LEU B 4723 65.54 42.79 -29.05
C LEU B 4723 66.99 42.83 -29.50
N ALA B 4724 67.54 41.70 -29.92
CA ALA B 4724 68.90 41.71 -30.46
C ALA B 4724 68.96 42.43 -31.80
N TRP B 4725 67.95 42.23 -32.64
CA TRP B 4725 67.81 42.99 -33.88
C TRP B 4725 67.71 44.48 -33.60
N TYR B 4726 66.95 44.85 -32.58
CA TYR B 4726 66.76 46.25 -32.23
C TYR B 4726 68.05 46.88 -31.73
N MET B 4727 68.83 46.13 -30.96
CA MET B 4727 70.14 46.61 -30.51
C MET B 4727 71.08 46.81 -31.68
N THR B 4728 71.13 45.84 -32.60
CA THR B 4728 72.03 45.97 -33.74
C THR B 4728 71.60 47.10 -34.67
N MET B 4729 70.30 47.40 -34.75
CA MET B 4729 69.90 48.54 -35.55
C MET B 4729 70.23 49.85 -34.87
N SER B 4730 70.18 49.90 -33.54
CA SER B 4730 70.66 51.13 -32.90
C SER B 4730 72.17 51.31 -33.06
N VAL B 4731 72.92 50.20 -33.10
CA VAL B 4731 74.35 50.28 -33.35
C VAL B 4731 74.64 50.76 -34.78
N LEU B 4732 73.95 50.18 -35.75
CA LEU B 4732 74.21 50.56 -37.12
C LEU B 4732 73.46 51.82 -37.54
N GLY B 4733 72.75 52.44 -36.62
CA GLY B 4733 72.35 53.82 -36.80
C GLY B 4733 73.30 54.75 -36.09
N HIS B 4734 73.98 54.24 -35.06
CA HIS B 4734 75.07 54.99 -34.46
C HIS B 4734 76.22 55.14 -35.43
N TYR B 4735 76.41 54.17 -36.32
CA TYR B 4735 77.38 54.32 -37.40
C TYR B 4735 76.89 55.32 -38.45
N ASN B 4736 75.79 54.98 -39.12
CA ASN B 4736 75.16 55.83 -40.13
C ASN B 4736 73.74 56.10 -39.65
N ASN B 4737 73.47 57.35 -39.30
CA ASN B 4737 72.15 57.68 -38.81
C ASN B 4737 71.12 57.88 -39.91
N PHE B 4738 71.43 57.54 -41.15
CA PHE B 4738 70.41 57.54 -42.20
C PHE B 4738 69.32 56.53 -41.88
N PHE B 4739 69.66 55.25 -41.86
CA PHE B 4739 68.69 54.23 -41.48
C PHE B 4739 68.75 53.92 -39.98
N PHE B 4740 68.76 54.97 -39.18
CA PHE B 4740 68.43 54.82 -37.78
C PHE B 4740 66.93 54.95 -37.55
N ALA B 4741 66.18 55.33 -38.59
CA ALA B 4741 64.74 55.47 -38.50
C ALA B 4741 63.99 54.15 -38.51
N ALA B 4742 64.68 53.02 -38.56
CA ALA B 4742 63.97 51.75 -38.60
C ALA B 4742 63.36 51.36 -37.27
N HIS B 4743 63.55 52.14 -36.21
CA HIS B 4743 62.96 51.86 -34.91
C HIS B 4743 61.53 52.35 -34.80
N LEU B 4744 60.90 52.73 -35.90
CA LEU B 4744 59.49 53.04 -35.87
C LEU B 4744 58.62 51.80 -35.86
N LEU B 4745 59.23 50.62 -36.03
CA LEU B 4745 58.50 49.37 -36.05
C LEU B 4745 57.91 49.04 -34.69
N ASP B 4746 58.45 49.61 -33.60
CA ASP B 4746 57.99 49.31 -32.26
C ASP B 4746 56.61 49.84 -31.96
N ILE B 4747 56.04 50.68 -32.81
CA ILE B 4747 54.67 51.12 -32.59
C ILE B 4747 53.73 49.94 -32.80
N ALA B 4748 54.05 49.07 -33.74
CA ALA B 4748 53.36 47.80 -33.89
C ALA B 4748 53.57 46.95 -32.65
N MET B 4749 54.81 46.55 -32.41
CA MET B 4749 55.15 45.66 -31.30
C MET B 4749 55.09 46.46 -30.01
N GLY B 4750 53.88 46.67 -29.50
CA GLY B 4750 53.79 47.46 -28.30
C GLY B 4750 52.60 48.37 -28.12
N PHE B 4751 51.66 48.40 -29.04
CA PHE B 4751 50.44 49.15 -28.78
C PHE B 4751 49.20 48.26 -28.80
N LYS B 4752 49.35 46.98 -29.16
CA LYS B 4752 48.44 45.88 -28.85
C LYS B 4752 47.12 45.91 -29.59
N THR B 4753 46.92 46.87 -30.49
CA THR B 4753 45.93 46.75 -31.55
C THR B 4753 46.55 46.78 -32.92
N LEU B 4754 47.59 47.59 -33.09
CA LEU B 4754 48.45 47.49 -34.26
C LEU B 4754 49.15 46.15 -34.31
N ARG B 4755 49.37 45.51 -33.14
CA ARG B 4755 49.89 44.16 -33.12
C ARG B 4755 48.92 43.20 -33.80
N THR B 4756 47.63 43.41 -33.61
CA THR B 4756 46.64 42.62 -34.33
C THR B 4756 46.65 42.95 -35.79
N ILE B 4757 46.92 44.22 -36.12
CA ILE B 4757 47.00 44.63 -37.52
C ILE B 4757 48.15 43.94 -38.22
N LEU B 4758 49.29 43.88 -37.56
CA LEU B 4758 50.47 43.24 -38.14
C LEU B 4758 50.43 41.73 -38.05
N SER B 4759 49.61 41.17 -37.16
CA SER B 4759 49.37 39.74 -37.25
C SER B 4759 48.44 39.43 -38.39
N SER B 4760 47.62 40.40 -38.78
CA SER B 4760 46.69 40.17 -39.87
C SER B 4760 47.34 40.24 -41.25
N VAL B 4761 48.64 40.50 -41.34
CA VAL B 4761 49.31 40.41 -42.63
C VAL B 4761 49.84 39.01 -42.87
N THR B 4762 49.94 38.18 -41.84
CA THR B 4762 50.54 36.86 -41.97
C THR B 4762 49.62 35.74 -41.53
N HIS B 4763 48.36 36.05 -41.21
CA HIS B 4763 47.40 35.02 -40.85
C HIS B 4763 47.12 34.11 -42.04
N ASN B 4764 46.76 34.68 -43.17
CA ASN B 4764 46.44 33.92 -44.36
C ASN B 4764 47.62 33.84 -45.32
N GLY B 4765 48.69 33.17 -44.90
CA GLY B 4765 49.92 33.20 -45.69
C GLY B 4765 49.82 32.42 -46.99
N LYS B 4766 49.46 31.13 -46.88
CA LYS B 4766 49.49 30.27 -48.05
C LYS B 4766 48.40 30.64 -49.05
N GLN B 4767 47.30 31.23 -48.56
CA GLN B 4767 46.27 31.69 -49.48
C GLN B 4767 46.75 32.90 -50.26
N LEU B 4768 47.38 33.86 -49.57
CA LEU B 4768 47.76 35.11 -50.22
C LEU B 4768 48.90 34.89 -51.19
N VAL B 4769 49.86 34.04 -50.83
CA VAL B 4769 50.98 33.77 -51.72
C VAL B 4769 50.52 33.04 -52.96
N LEU B 4770 49.62 32.07 -52.80
CA LEU B 4770 49.09 31.37 -53.96
C LEU B 4770 48.24 32.27 -54.83
N THR B 4771 47.54 33.24 -54.24
CA THR B 4771 46.71 34.12 -55.06
C THR B 4771 47.58 35.10 -55.85
N VAL B 4772 48.64 35.60 -55.22
CA VAL B 4772 49.55 36.50 -55.92
C VAL B 4772 50.28 35.75 -57.03
N GLY B 4773 50.63 34.49 -56.80
CA GLY B 4773 51.18 33.67 -57.88
C GLY B 4773 50.20 33.46 -59.01
N LEU B 4774 48.91 33.30 -58.67
CA LEU B 4774 47.88 33.19 -59.69
C LEU B 4774 47.78 34.45 -60.53
N LEU B 4775 47.89 35.61 -59.88
CA LEU B 4775 47.84 36.87 -60.61
C LEU B 4775 49.03 37.00 -61.53
N ALA B 4776 50.20 36.56 -61.08
CA ALA B 4776 51.38 36.59 -61.92
C ALA B 4776 51.22 35.69 -63.13
N VAL B 4777 50.53 34.56 -62.95
CA VAL B 4777 50.29 33.66 -64.08
C VAL B 4777 49.36 34.31 -65.10
N VAL B 4778 48.31 35.00 -64.63
CA VAL B 4778 47.39 35.65 -65.56
C VAL B 4778 48.09 36.77 -66.32
N VAL B 4779 48.93 37.53 -65.62
CA VAL B 4779 49.68 38.61 -66.26
C VAL B 4779 50.66 38.05 -67.28
N TYR B 4780 51.31 36.95 -66.96
CA TYR B 4780 52.23 36.30 -67.88
C TYR B 4780 51.52 35.79 -69.12
N LEU B 4781 50.32 35.25 -68.96
CA LEU B 4781 49.60 34.75 -70.13
C LEU B 4781 49.16 35.89 -71.03
N TYR B 4782 48.73 37.00 -70.44
CA TYR B 4782 48.43 38.14 -71.30
C TYR B 4782 49.68 38.74 -71.90
N THR B 4783 50.83 38.58 -71.25
CA THR B 4783 52.09 38.98 -71.85
C THR B 4783 52.38 38.14 -73.08
N VAL B 4784 52.05 36.85 -73.02
CA VAL B 4784 52.21 35.97 -74.17
C VAL B 4784 51.34 36.44 -75.33
N VAL B 4785 50.09 36.80 -75.04
CA VAL B 4785 49.19 37.24 -76.12
C VAL B 4785 49.66 38.56 -76.71
N ALA B 4786 50.00 39.52 -75.84
CA ALA B 4786 50.44 40.83 -76.31
C ALA B 4786 51.74 40.76 -77.07
N PHE B 4787 52.64 39.85 -76.69
CA PHE B 4787 53.84 39.59 -77.47
C PHE B 4787 53.51 39.05 -78.83
N ASN B 4788 52.64 38.06 -78.90
CA ASN B 4788 52.49 37.34 -80.15
C ASN B 4788 51.54 38.03 -81.11
N PHE B 4789 50.80 39.04 -80.67
CA PHE B 4789 49.84 39.65 -81.59
C PHE B 4789 49.74 41.16 -81.58
N PHE B 4790 50.31 41.87 -80.62
CA PHE B 4790 49.96 43.29 -80.51
C PHE B 4790 51.11 44.22 -80.18
N ARG B 4791 52.32 43.86 -80.58
CA ARG B 4791 53.51 44.66 -80.28
C ARG B 4791 53.62 46.01 -81.00
N LYS B 4792 52.70 46.28 -81.92
CA LYS B 4792 52.71 47.53 -82.67
C LYS B 4792 51.95 48.64 -81.97
N PHE B 4793 51.78 48.54 -80.65
CA PHE B 4793 51.08 49.55 -79.87
C PHE B 4793 51.93 50.07 -78.74
N TYR B 4794 53.24 49.92 -78.83
CA TYR B 4794 54.15 50.17 -77.72
C TYR B 4794 55.10 51.30 -78.10
N ASN B 4795 54.75 52.52 -77.72
CA ASN B 4795 55.64 53.67 -77.88
C ASN B 4795 55.46 54.58 -76.67
N LYS B 4796 56.43 54.52 -75.76
CA LYS B 4796 56.48 55.50 -74.68
C LYS B 4796 56.83 56.87 -75.21
N SER B 4797 57.54 56.93 -76.33
CA SER B 4797 58.05 58.17 -76.88
C SER B 4797 56.90 59.03 -77.40
N GLU B 4798 57.22 60.30 -77.62
CA GLU B 4798 56.26 61.24 -78.17
C GLU B 4798 56.35 61.20 -79.68
N ASP B 4799 55.25 60.78 -80.32
CA ASP B 4799 54.99 60.82 -81.77
C ASP B 4799 55.81 59.78 -82.54
N GLY B 4800 56.75 59.08 -81.89
CA GLY B 4800 57.47 58.01 -82.52
C GLY B 4800 58.59 58.40 -83.45
N ASP B 4801 58.58 59.62 -84.00
CA ASP B 4801 59.72 60.10 -84.77
C ASP B 4801 60.89 60.45 -83.87
N THR B 4802 60.58 60.96 -82.68
CA THR B 4802 61.48 60.93 -81.55
C THR B 4802 61.86 59.48 -81.26
N PRO B 4803 63.08 59.20 -80.66
CA PRO B 4803 63.65 57.84 -80.72
C PRO B 4803 62.84 56.79 -79.99
N ASP B 4804 61.86 56.26 -80.74
CA ASP B 4804 60.77 55.45 -80.20
C ASP B 4804 61.24 54.18 -79.51
N MET B 4805 60.59 53.87 -78.39
CA MET B 4805 60.91 52.72 -77.57
C MET B 4805 59.71 51.79 -77.53
N LYS B 4806 59.96 50.50 -77.71
CA LYS B 4806 58.89 49.53 -77.64
C LYS B 4806 59.03 48.70 -76.37
N CYS B 4807 58.08 47.79 -76.17
CA CYS B 4807 58.09 46.91 -75.01
C CYS B 4807 57.28 45.64 -75.28
N ASP B 4808 57.54 45.01 -76.42
CA ASP B 4808 56.85 43.79 -76.80
C ASP B 4808 57.65 42.52 -76.46
N ASP B 4809 58.84 42.71 -75.92
CA ASP B 4809 59.70 41.58 -75.55
C ASP B 4809 59.10 40.80 -74.38
N MET B 4810 59.42 39.50 -74.32
CA MET B 4810 58.92 38.64 -73.25
C MET B 4810 59.53 39.02 -71.90
N LEU B 4811 60.78 39.47 -71.93
CA LEU B 4811 61.48 39.87 -70.71
C LEU B 4811 61.28 41.35 -70.37
N THR B 4812 60.47 42.04 -71.16
CA THR B 4812 60.20 43.46 -70.94
C THR B 4812 58.71 43.72 -70.78
N CYS B 4813 57.93 43.27 -71.76
CA CYS B 4813 56.49 43.47 -71.74
C CYS B 4813 55.90 43.01 -70.41
N TYR B 4814 56.50 41.97 -69.83
CA TYR B 4814 56.06 41.43 -68.55
C TYR B 4814 56.23 42.45 -67.44
N MET B 4815 57.43 43.03 -67.32
CA MET B 4815 57.64 44.02 -66.29
C MET B 4815 56.89 45.30 -66.59
N PHE B 4816 56.58 45.55 -67.86
CA PHE B 4816 55.70 46.66 -68.21
C PHE B 4816 54.29 46.48 -67.66
N HIS B 4817 53.70 45.31 -67.85
CA HIS B 4817 52.34 45.09 -67.35
C HIS B 4817 52.32 45.05 -65.84
N MET B 4818 53.41 44.57 -65.23
CA MET B 4818 53.51 44.60 -63.77
C MET B 4818 53.52 46.02 -63.23
N TYR B 4819 54.49 46.82 -63.66
CA TYR B 4819 54.61 48.16 -63.09
C TYR B 4819 53.45 49.05 -63.51
N VAL B 4820 52.97 48.90 -64.72
CA VAL B 4820 52.03 49.86 -65.26
C VAL B 4820 50.62 49.33 -65.13
N GLY B 4821 50.39 48.13 -65.67
CA GLY B 4821 49.02 47.66 -65.82
C GLY B 4821 48.35 47.25 -64.52
N VAL B 4822 49.15 46.77 -63.56
CA VAL B 4822 48.59 46.29 -62.30
C VAL B 4822 48.06 47.45 -61.47
N ARG B 4823 48.91 48.43 -61.20
CA ARG B 4823 48.48 49.58 -60.41
C ARG B 4823 47.80 50.65 -61.26
N ALA B 4824 47.28 50.30 -62.43
CA ALA B 4824 46.76 51.31 -63.34
C ALA B 4824 45.44 51.88 -62.86
N GLY B 4825 44.44 51.02 -62.68
CA GLY B 4825 43.09 51.45 -62.36
C GLY B 4825 42.21 51.51 -63.58
N GLY B 4826 42.75 51.93 -64.71
CA GLY B 4826 42.01 51.91 -65.94
C GLY B 4826 42.28 50.64 -66.72
N GLY B 4827 42.81 49.62 -66.05
CA GLY B 4827 43.14 48.39 -66.73
C GLY B 4827 44.45 48.49 -67.48
N ILE B 4828 44.36 48.56 -68.80
CA ILE B 4828 45.53 48.87 -69.63
C ILE B 4828 45.26 49.95 -70.65
N GLY B 4829 44.00 50.26 -70.96
CA GLY B 4829 43.64 51.13 -72.07
C GLY B 4829 44.00 52.59 -71.88
N ASP B 4830 44.42 52.99 -70.69
CA ASP B 4830 44.98 54.32 -70.53
C ASP B 4830 46.37 54.40 -71.14
N GLU B 4831 47.31 53.61 -70.61
CA GLU B 4831 48.73 53.81 -70.88
C GLU B 4831 49.19 52.98 -72.07
N ILE B 4832 48.45 53.09 -73.19
CA ILE B 4832 48.71 52.27 -74.36
C ILE B 4832 48.00 52.92 -75.53
N GLU B 4833 48.37 52.54 -76.75
CA GLU B 4833 47.70 53.03 -77.93
C GLU B 4833 46.29 52.50 -78.01
N ASP B 4834 45.38 53.31 -78.52
CA ASP B 4834 44.02 52.87 -78.72
C ASP B 4834 43.72 52.64 -80.19
N PRO B 4835 42.85 51.68 -80.51
CA PRO B 4835 42.48 51.49 -81.91
C PRO B 4835 41.53 52.57 -82.37
N ALA B 4836 41.68 52.97 -83.63
CA ALA B 4836 40.88 54.02 -84.24
C ALA B 4836 40.46 53.61 -85.64
N GLY B 4837 40.14 52.34 -85.83
CA GLY B 4837 39.74 51.83 -87.13
C GLY B 4837 40.75 50.88 -87.75
N ASP B 4838 41.41 50.11 -86.91
CA ASP B 4838 42.41 49.14 -87.34
C ASP B 4838 41.71 47.86 -87.79
N GLU B 4839 42.47 46.88 -88.28
CA GLU B 4839 41.92 45.54 -88.48
C GLU B 4839 41.55 44.91 -87.14
N TYR B 4840 42.46 44.94 -86.19
CA TYR B 4840 42.34 44.20 -84.94
C TYR B 4840 41.64 44.98 -83.85
N GLU B 4841 40.74 45.89 -84.22
CA GLU B 4841 40.08 46.78 -83.27
C GLU B 4841 39.20 46.01 -82.30
N ILE B 4842 38.41 45.07 -82.81
CA ILE B 4842 37.45 44.35 -81.98
C ILE B 4842 38.18 43.40 -81.05
N TYR B 4843 39.21 42.72 -81.55
CA TYR B 4843 40.06 41.88 -80.72
C TYR B 4843 40.77 42.70 -79.67
N ARG B 4844 41.12 43.94 -80.03
CA ARG B 4844 41.77 44.84 -79.08
C ARG B 4844 40.83 45.20 -77.93
N ILE B 4845 39.58 45.51 -78.24
CA ILE B 4845 38.66 45.91 -77.18
C ILE B 4845 38.30 44.71 -76.32
N ILE B 4846 38.23 43.52 -76.91
CA ILE B 4846 38.03 42.30 -76.12
C ILE B 4846 39.20 42.08 -75.18
N PHE B 4847 40.42 42.28 -75.67
CA PHE B 4847 41.61 42.13 -74.83
C PHE B 4847 41.61 43.14 -73.69
N ASP B 4848 41.19 44.37 -73.99
CA ASP B 4848 41.15 45.42 -72.99
C ASP B 4848 40.14 45.13 -71.90
N ILE B 4849 38.92 44.74 -72.28
CA ILE B 4849 37.86 44.49 -71.31
C ILE B 4849 38.17 43.26 -70.47
N THR B 4850 38.73 42.21 -71.08
CA THR B 4850 39.06 41.04 -70.30
C THR B 4850 40.22 41.30 -69.34
N PHE B 4851 41.17 42.15 -69.74
CA PHE B 4851 42.20 42.54 -68.79
C PHE B 4851 41.61 43.31 -67.62
N PHE B 4852 40.69 44.24 -67.92
CA PHE B 4852 40.04 45.04 -66.90
C PHE B 4852 39.30 44.20 -65.89
N PHE B 4853 38.45 43.30 -66.38
CA PHE B 4853 37.71 42.40 -65.52
C PHE B 4853 38.64 41.46 -64.74
N PHE B 4854 39.39 40.63 -65.45
CA PHE B 4854 40.13 39.61 -64.73
C PHE B 4854 41.37 40.14 -64.02
N VAL B 4855 41.62 41.45 -63.97
CA VAL B 4855 42.61 41.91 -63.02
C VAL B 4855 42.02 42.91 -62.05
N ILE B 4856 41.53 44.05 -62.55
CA ILE B 4856 41.24 45.14 -61.65
C ILE B 4856 39.92 44.93 -60.94
N VAL B 4857 38.95 44.32 -61.61
CA VAL B 4857 37.67 44.08 -60.98
C VAL B 4857 37.78 42.98 -59.93
N ILE B 4858 38.35 41.84 -60.31
CA ILE B 4858 38.28 40.68 -59.44
C ILE B 4858 39.46 40.59 -58.49
N LEU B 4859 40.69 40.53 -59.03
CA LEU B 4859 41.80 40.00 -58.23
C LEU B 4859 42.27 40.99 -57.16
N LEU B 4860 42.23 42.28 -57.45
CA LEU B 4860 42.53 43.26 -56.41
C LEU B 4860 41.50 43.20 -55.30
N ALA B 4861 40.24 42.96 -55.67
CA ALA B 4861 39.22 42.80 -54.65
C ALA B 4861 39.42 41.51 -53.88
N ILE B 4862 40.00 40.49 -54.50
CA ILE B 4862 40.29 39.24 -53.79
C ILE B 4862 41.33 39.49 -52.72
N ILE B 4863 42.39 40.23 -53.06
CA ILE B 4863 43.44 40.50 -52.09
C ILE B 4863 42.91 41.37 -50.96
N GLN B 4864 42.14 42.41 -51.30
CA GLN B 4864 41.53 43.27 -50.29
C GLN B 4864 40.61 42.48 -49.38
N GLY B 4865 39.78 41.62 -49.96
CA GLY B 4865 38.83 40.86 -49.16
C GLY B 4865 39.51 39.84 -48.29
N LEU B 4866 40.64 39.30 -48.74
CA LEU B 4866 41.39 38.37 -47.91
C LEU B 4866 41.97 39.07 -46.70
N ILE B 4867 42.48 40.28 -46.87
CA ILE B 4867 43.03 40.99 -45.72
C ILE B 4867 41.94 41.44 -44.76
N ILE B 4868 40.82 41.94 -45.28
CA ILE B 4868 39.77 42.39 -44.39
C ILE B 4868 39.04 41.20 -43.75
N ASP B 4869 39.06 40.04 -44.39
CA ASP B 4869 38.58 38.81 -43.77
C ASP B 4869 39.46 38.42 -42.60
N ALA B 4870 40.78 38.57 -42.75
CA ALA B 4870 41.69 38.28 -41.64
C ALA B 4870 41.45 39.22 -40.47
N PHE B 4871 41.18 40.50 -40.75
CA PHE B 4871 40.84 41.42 -39.67
C PHE B 4871 39.53 41.08 -38.97
N GLY B 4872 38.50 40.74 -39.74
CA GLY B 4872 37.24 40.35 -39.13
C GLY B 4872 37.39 39.16 -38.21
N GLU B 4873 38.16 38.15 -38.64
CA GLU B 4873 38.32 36.97 -37.80
C GLU B 4873 39.17 37.26 -36.57
N LEU B 4874 40.18 38.12 -36.70
CA LEU B 4874 40.98 38.45 -35.52
C LEU B 4874 40.19 39.22 -34.48
N ARG B 4875 39.42 40.22 -34.91
CA ARG B 4875 38.60 40.95 -33.95
C ARG B 4875 37.50 40.07 -33.39
N ASP B 4876 37.02 39.09 -34.16
CA ASP B 4876 36.03 38.16 -33.64
C ASP B 4876 36.64 37.26 -32.57
N GLN B 4877 37.91 36.88 -32.74
CA GLN B 4877 38.54 36.06 -31.71
C GLN B 4877 38.78 36.86 -30.44
N GLN B 4878 39.18 38.14 -30.58
CA GLN B 4878 39.33 39.00 -29.40
C GLN B 4878 38.01 39.13 -28.65
N GLU B 4879 36.94 39.38 -29.39
CA GLU B 4879 35.63 39.54 -28.77
C GLU B 4879 35.11 38.23 -28.21
N GLN B 4880 35.48 37.09 -28.79
CA GLN B 4880 34.99 35.83 -28.24
C GLN B 4880 35.70 35.47 -26.95
N VAL B 4881 37.00 35.82 -26.86
CA VAL B 4881 37.72 35.72 -25.59
C VAL B 4881 37.04 36.57 -24.53
N LYS B 4882 36.77 37.84 -24.86
CA LYS B 4882 36.16 38.70 -23.86
C LYS B 4882 34.67 38.43 -23.67
N GLU B 4883 34.07 37.56 -24.48
CA GLU B 4883 32.72 37.11 -24.21
C GLU B 4883 32.71 35.94 -23.25
N ASP B 4884 33.39 34.85 -23.61
CA ASP B 4884 33.38 33.68 -22.76
C ASP B 4884 34.30 33.80 -21.57
N MET B 4885 34.95 34.94 -21.38
CA MET B 4885 35.42 35.31 -20.07
C MET B 4885 34.36 35.99 -19.22
N GLU B 4886 33.11 36.09 -19.69
CA GLU B 4886 32.08 36.72 -18.86
C GLU B 4886 30.74 36.02 -18.84
N THR B 4887 30.57 34.91 -19.56
CA THR B 4887 29.34 34.14 -19.44
C THR B 4887 29.60 32.70 -19.02
N LYS B 4888 30.84 32.37 -18.69
CA LYS B 4888 31.17 31.04 -18.21
C LYS B 4888 32.19 31.14 -17.09
N CYS B 4889 32.16 30.16 -16.21
CA CYS B 4889 33.37 29.89 -15.45
C CYS B 4889 34.37 29.19 -16.34
N PHE B 4890 35.64 29.45 -16.10
CA PHE B 4890 36.67 28.77 -16.85
C PHE B 4890 36.78 27.31 -16.46
N ILE B 4891 36.36 26.95 -15.25
CA ILE B 4891 36.60 25.62 -14.70
C ILE B 4891 35.34 24.77 -14.71
N CYS B 4892 34.32 25.18 -13.97
CA CYS B 4892 33.11 24.37 -13.97
C CYS B 4892 32.29 24.56 -15.23
N GLY B 4893 32.58 25.62 -15.99
CA GLY B 4893 32.15 25.74 -17.37
C GLY B 4893 30.66 25.76 -17.59
N ILE B 4894 29.90 26.22 -16.61
CA ILE B 4894 28.46 26.01 -16.62
C ILE B 4894 27.77 27.08 -17.45
N GLY B 4895 27.89 28.34 -17.04
CA GLY B 4895 27.13 29.38 -17.69
C GLY B 4895 26.93 30.54 -16.75
N ASN B 4896 26.36 31.59 -17.29
CA ASN B 4896 26.06 32.77 -16.49
C ASN B 4896 24.68 32.68 -15.87
N ASP B 4897 23.72 32.17 -16.64
CA ASP B 4897 22.31 32.24 -16.27
C ASP B 4897 22.00 31.41 -15.03
N TYR B 4898 22.67 30.28 -14.86
CA TYR B 4898 22.41 29.43 -13.72
C TYR B 4898 22.87 30.07 -12.43
N PHE B 4899 23.87 30.94 -12.50
CA PHE B 4899 24.35 31.65 -11.33
C PHE B 4899 23.73 33.02 -11.23
N ASP B 4900 22.54 33.19 -11.76
CA ASP B 4900 21.85 34.46 -11.69
C ASP B 4900 20.43 34.35 -11.18
N THR B 4901 19.98 33.14 -10.82
CA THR B 4901 18.77 33.02 -10.01
C THR B 4901 18.95 33.76 -8.69
N VAL B 4902 20.05 33.48 -8.02
CA VAL B 4902 20.51 34.37 -6.95
C VAL B 4902 21.04 35.65 -7.59
N PRO B 4903 20.64 36.82 -7.10
CA PRO B 4903 21.19 38.07 -7.63
C PRO B 4903 22.68 38.19 -7.34
N HIS B 4904 23.39 38.76 -8.32
CA HIS B 4904 24.83 39.09 -8.23
C HIS B 4904 25.69 37.82 -8.10
N GLY B 4905 25.10 36.68 -8.47
CA GLY B 4905 25.63 35.39 -8.05
C GLY B 4905 26.85 34.92 -8.82
N PHE B 4906 26.85 35.16 -10.13
CA PHE B 4906 27.98 34.73 -10.96
C PHE B 4906 29.24 35.46 -10.58
N GLU B 4907 29.12 36.72 -10.20
CA GLU B 4907 30.29 37.46 -9.75
C GLU B 4907 30.79 36.92 -8.42
N THR B 4908 29.87 36.50 -7.55
CA THR B 4908 30.31 35.76 -6.37
C THR B 4908 30.77 34.37 -6.73
N HIS B 4909 30.23 33.78 -7.80
CA HIS B 4909 30.70 32.48 -8.24
C HIS B 4909 32.10 32.57 -8.84
N THR B 4910 32.58 33.76 -9.16
CA THR B 4910 34.02 33.93 -9.34
C THR B 4910 34.54 35.12 -8.54
N LEU B 4911 34.15 35.21 -7.29
CA LEU B 4911 34.93 35.92 -6.27
C LEU B 4911 35.20 35.03 -5.08
N GLN B 4912 34.41 33.98 -4.91
CA GLN B 4912 34.55 33.03 -3.83
C GLN B 4912 34.77 31.61 -4.31
N GLU B 4913 34.02 31.17 -5.32
CA GLU B 4913 33.91 29.74 -5.58
C GLU B 4913 35.14 29.19 -6.28
N HIS B 4914 35.44 29.66 -7.49
CA HIS B 4914 36.55 29.09 -8.23
C HIS B 4914 37.75 30.00 -8.33
N ASN B 4915 37.55 31.25 -8.79
CA ASN B 4915 38.41 32.44 -8.73
C ASN B 4915 39.90 32.15 -8.90
N LEU B 4916 40.26 31.74 -10.12
CA LEU B 4916 41.39 30.94 -10.55
C LEU B 4916 42.71 31.17 -9.84
N ALA B 4917 42.91 32.38 -9.31
CA ALA B 4917 44.06 32.68 -8.47
C ALA B 4917 44.15 31.77 -7.24
N ASN B 4918 43.02 31.31 -6.72
CA ASN B 4918 43.10 30.54 -5.50
C ASN B 4918 43.62 29.13 -5.74
N TYR B 4919 43.40 28.54 -6.92
CA TYR B 4919 44.03 27.26 -7.20
C TYR B 4919 45.53 27.41 -7.27
N LEU B 4920 46.01 28.52 -7.83
CA LEU B 4920 47.43 28.85 -7.83
C LEU B 4920 47.96 28.97 -6.41
N PHE B 4921 47.24 29.70 -5.57
CA PHE B 4921 47.65 29.91 -4.19
C PHE B 4921 47.66 28.61 -3.40
N PHE B 4922 46.59 27.84 -3.53
CA PHE B 4922 46.47 26.57 -2.83
C PHE B 4922 47.50 25.57 -3.29
N LEU B 4923 47.89 25.63 -4.55
CA LEU B 4923 48.94 24.74 -4.98
C LEU B 4923 50.29 25.15 -4.39
N MET B 4924 50.50 26.47 -4.27
CA MET B 4924 51.68 26.95 -3.55
C MET B 4924 51.68 26.49 -2.10
N TYR B 4925 50.51 26.54 -1.48
CA TYR B 4925 50.30 26.09 -0.11
C TYR B 4925 50.63 24.62 0.06
N LEU B 4926 50.27 23.80 -0.92
CA LEU B 4926 50.58 22.38 -0.84
C LEU B 4926 52.07 22.13 -1.02
N ILE B 4927 52.70 22.88 -1.92
CA ILE B 4927 54.14 22.69 -2.14
C ILE B 4927 54.91 23.08 -0.89
N ASN B 4928 54.50 24.15 -0.25
CA ASN B 4928 55.35 24.75 0.77
C ASN B 4928 55.23 24.06 2.12
N LYS B 4929 54.09 23.46 2.42
CA LYS B 4929 53.97 22.71 3.66
C LYS B 4929 54.78 21.42 3.60
N ASP B 4930 55.00 20.85 4.78
CA ASP B 4930 55.62 19.55 4.87
C ASP B 4930 54.66 18.47 4.41
N GLU B 4931 55.20 17.28 4.19
CA GLU B 4931 54.36 16.20 3.71
C GLU B 4931 53.48 15.65 4.81
N THR B 4932 54.00 15.59 6.03
CA THR B 4932 53.43 14.78 7.09
C THR B 4932 52.16 15.35 7.70
N GLU B 4933 51.77 16.56 7.33
CA GLU B 4933 50.63 17.21 7.97
C GLU B 4933 49.49 17.44 7.00
N HIS B 4934 49.43 16.64 5.94
CA HIS B 4934 48.34 16.76 5.01
C HIS B 4934 47.10 16.13 5.63
N THR B 4935 45.94 16.68 5.30
CA THR B 4935 44.69 16.04 5.70
C THR B 4935 44.39 14.93 4.71
N GLY B 4936 43.16 14.41 4.76
CA GLY B 4936 42.76 13.43 3.78
C GLY B 4936 42.67 14.04 2.39
N GLN B 4937 42.06 15.22 2.29
CA GLN B 4937 41.90 15.85 1.00
C GLN B 4937 43.22 16.38 0.48
N GLU B 4938 44.07 16.86 1.37
CA GLU B 4938 45.33 17.42 0.95
C GLU B 4938 46.27 16.34 0.45
N SER B 4939 46.31 15.21 1.15
CA SER B 4939 47.07 14.07 0.64
C SER B 4939 46.44 13.51 -0.62
N TYR B 4940 45.11 13.59 -0.73
CA TYR B 4940 44.43 13.09 -1.90
C TYR B 4940 44.79 13.89 -3.14
N VAL B 4941 44.70 15.21 -3.03
CA VAL B 4941 45.04 16.09 -4.14
C VAL B 4941 46.52 16.00 -4.47
N TRP B 4942 47.37 15.92 -3.45
CA TRP B 4942 48.80 15.73 -3.70
C TRP B 4942 49.07 14.43 -4.41
N LYS B 4943 48.32 13.38 -4.06
CA LYS B 4943 48.49 12.10 -4.71
C LYS B 4943 48.05 12.14 -6.16
N MET B 4944 46.91 12.77 -6.43
CA MET B 4944 46.41 12.90 -7.80
C MET B 4944 47.38 13.70 -8.64
N TYR B 4945 47.93 14.76 -8.07
CA TYR B 4945 48.88 15.60 -8.77
C TYR B 4945 50.19 14.89 -9.01
N GLN B 4946 50.61 14.04 -8.10
CA GLN B 4946 51.77 13.21 -8.42
C GLN B 4946 51.41 12.13 -9.43
N GLU B 4947 50.13 11.80 -9.54
CA GLU B 4947 49.69 10.80 -10.48
C GLU B 4947 49.44 11.37 -11.87
N ARG B 4948 49.10 12.66 -11.94
CA ARG B 4948 48.78 13.37 -13.19
C ARG B 4948 47.59 12.72 -13.89
N CYS B 4949 46.43 12.77 -13.24
CA CYS B 4949 45.25 12.12 -13.81
C CYS B 4949 43.97 12.96 -13.81
N TRP B 4950 43.87 13.99 -12.98
CA TRP B 4950 43.04 15.18 -13.22
C TRP B 4950 41.55 14.88 -13.30
N GLU B 4951 41.02 14.37 -12.22
CA GLU B 4951 39.60 14.15 -12.14
C GLU B 4951 38.97 14.97 -11.02
N PHE B 4952 39.78 15.55 -10.15
CA PHE B 4952 39.26 16.36 -9.06
C PHE B 4952 38.84 17.75 -9.48
N PHE B 4953 39.25 18.22 -10.65
CA PHE B 4953 38.68 19.45 -11.15
C PHE B 4953 37.24 19.18 -11.56
N PRO B 4954 36.28 20.00 -11.13
CA PRO B 4954 34.87 19.69 -11.41
C PRO B 4954 34.54 19.96 -12.86
N ALA B 4955 33.94 18.97 -13.52
CA ALA B 4955 33.62 19.13 -14.92
C ALA B 4955 32.39 20.01 -15.11
N GLY B 4956 31.25 19.56 -14.57
CA GLY B 4956 30.02 20.31 -14.66
C GLY B 4956 29.25 20.29 -13.35
N ASP B 4957 29.98 20.32 -12.24
CA ASP B 4957 29.45 19.95 -10.91
C ASP B 4957 29.86 20.99 -9.87
N CYS B 4958 29.41 22.22 -10.04
CA CYS B 4958 29.54 23.17 -8.94
C CYS B 4958 28.71 22.72 -7.73
N PHE B 4959 29.06 23.29 -6.59
CA PHE B 4959 28.49 22.93 -5.29
C PHE B 4959 26.98 23.15 -5.24
N ARG B 4960 26.53 24.30 -5.76
CA ARG B 4960 25.13 24.67 -5.68
C ARG B 4960 24.26 23.74 -6.49
N LYS B 4961 24.81 23.14 -7.55
CA LYS B 4961 24.09 22.16 -8.34
C LYS B 4961 23.81 20.90 -7.55
N GLN B 4962 24.70 20.57 -6.61
CA GLN B 4962 24.56 19.32 -5.89
C GLN B 4962 23.34 19.32 -4.97
N TYR B 4963 22.91 20.49 -4.53
CA TYR B 4963 21.93 20.56 -3.46
C TYR B 4963 20.69 21.32 -3.93
N GLU B 4964 19.68 21.31 -3.08
CA GLU B 4964 18.46 22.06 -3.32
C GLU B 4964 18.21 22.94 -2.09
N LEU C 5 80.20 15.32 63.47
CA LEU C 5 80.75 14.23 64.27
C LEU C 5 82.16 13.87 63.81
N THR C 6 83.04 13.60 64.77
CA THR C 6 84.43 13.26 64.47
C THR C 6 84.69 11.81 64.81
N GLU C 7 85.75 11.28 64.20
CA GLU C 7 85.92 9.85 64.07
C GLU C 7 86.46 9.23 65.35
N GLU C 8 87.55 9.78 65.87
CA GLU C 8 88.18 9.20 67.05
C GLU C 8 87.37 9.41 68.30
N GLN C 9 86.47 10.40 68.32
CA GLN C 9 85.53 10.49 69.42
C GLN C 9 84.59 9.29 69.42
N ILE C 10 84.11 8.90 68.24
CA ILE C 10 83.29 7.69 68.10
C ILE C 10 84.07 6.46 68.51
N ALA C 11 85.36 6.42 68.12
CA ALA C 11 86.22 5.30 68.48
C ALA C 11 86.41 5.21 69.98
N GLU C 12 86.65 6.34 70.63
CA GLU C 12 86.84 6.37 72.08
C GLU C 12 85.57 5.99 72.82
N PHE C 13 84.41 6.45 72.33
CA PHE C 13 83.14 6.14 73.00
C PHE C 13 82.82 4.66 72.89
N LYS C 14 83.07 4.09 71.70
CA LYS C 14 82.89 2.66 71.49
C LYS C 14 83.84 1.86 72.37
N GLU C 15 85.10 2.27 72.45
CA GLU C 15 86.08 1.54 73.24
C GLU C 15 85.79 1.65 74.73
N ALA C 16 85.26 2.77 75.19
CA ALA C 16 84.92 2.90 76.60
C ALA C 16 83.69 2.08 76.95
N PHE C 17 82.68 2.10 76.08
CA PHE C 17 81.47 1.32 76.33
C PHE C 17 81.77 -0.17 76.33
N SER C 18 82.58 -0.63 75.38
CA SER C 18 82.94 -2.04 75.35
C SER C 18 83.93 -2.40 76.45
N LEU C 19 84.74 -1.42 76.88
CA LEU C 19 85.69 -1.64 77.96
C LEU C 19 84.97 -1.90 79.27
N PHE C 20 83.91 -1.14 79.53
CA PHE C 20 83.12 -1.41 80.72
C PHE C 20 81.97 -2.37 80.43
N ASP C 21 81.94 -2.94 79.23
CA ASP C 21 81.09 -4.08 78.96
C ASP C 21 81.92 -5.34 79.16
N LYS C 22 81.25 -6.45 79.45
CA LYS C 22 81.92 -7.72 79.63
C LYS C 22 81.50 -8.77 78.61
N ASP C 23 80.20 -8.98 78.45
CA ASP C 23 79.72 -10.02 77.55
C ASP C 23 79.75 -9.57 76.09
N GLY C 24 79.44 -8.31 75.83
CA GLY C 24 79.65 -7.72 74.53
C GLY C 24 78.44 -7.58 73.63
N ASP C 25 77.23 -7.79 74.15
CA ASP C 25 76.01 -7.64 73.37
C ASP C 25 75.24 -6.37 73.70
N GLY C 26 75.95 -5.26 73.96
CA GLY C 26 75.29 -4.02 74.29
C GLY C 26 74.61 -4.02 75.63
N THR C 27 75.12 -4.76 76.60
CA THR C 27 74.46 -4.97 77.89
C THR C 27 75.45 -4.64 78.99
N ILE C 28 75.43 -3.39 79.45
CA ILE C 28 76.11 -3.01 80.68
C ILE C 28 75.04 -2.67 81.71
N THR C 29 75.46 -2.44 82.96
CA THR C 29 74.52 -2.11 84.02
C THR C 29 74.16 -0.62 83.97
N THR C 30 73.10 -0.25 84.70
CA THR C 30 72.66 1.14 84.73
C THR C 30 73.59 2.01 85.56
N LYS C 31 74.07 1.48 86.69
CA LYS C 31 74.93 2.25 87.56
C LYS C 31 76.31 2.48 86.97
N ALA C 32 76.72 1.69 85.98
CA ALA C 32 78.01 1.91 85.35
C ALA C 32 77.96 3.02 84.32
N LEU C 33 76.79 3.64 84.13
CA LEU C 33 76.69 4.80 83.27
C LEU C 33 77.51 5.96 83.84
N GLY C 34 77.41 6.20 85.13
CA GLY C 34 78.23 7.23 85.76
C GLY C 34 79.71 6.92 85.68
N THR C 35 80.06 5.64 85.81
CA THR C 35 81.46 5.23 85.72
C THR C 35 82.00 5.41 84.31
N VAL C 36 81.20 5.04 83.30
CA VAL C 36 81.68 5.14 81.93
C VAL C 36 81.67 6.58 81.47
N MET C 37 80.80 7.42 82.04
CA MET C 37 80.82 8.83 81.68
C MET C 37 81.98 9.56 82.35
N ARG C 38 82.28 9.22 83.60
CA ARG C 38 83.43 9.82 84.24
C ARG C 38 84.75 9.25 83.73
N SER C 39 84.73 8.08 83.10
CA SER C 39 85.88 7.66 82.32
C SER C 39 86.00 8.47 81.05
N LEU C 40 84.88 8.93 80.51
CA LEU C 40 84.84 9.83 79.36
C LEU C 40 84.87 11.29 79.77
N GLY C 41 85.14 11.59 81.04
CA GLY C 41 85.22 12.96 81.52
C GLY C 41 83.89 13.63 81.76
N GLN C 42 82.78 12.92 81.64
CA GLN C 42 81.44 13.49 81.82
C GLN C 42 80.98 13.24 83.24
N ASN C 43 80.51 14.27 83.91
CA ASN C 43 79.99 14.15 85.28
C ASN C 43 78.87 15.14 85.50
N PRO C 44 77.65 14.78 85.15
CA PRO C 44 76.48 15.58 85.54
C PRO C 44 76.04 15.17 86.95
N THR C 45 74.91 15.72 87.38
CA THR C 45 74.43 15.41 88.71
C THR C 45 73.73 14.04 88.72
N GLU C 46 73.22 13.67 89.89
CA GLU C 46 72.62 12.35 90.06
C GLU C 46 71.27 12.25 89.38
N ALA C 47 70.44 13.29 89.52
CA ALA C 47 69.11 13.28 88.89
C ALA C 47 69.21 13.37 87.38
N GLU C 48 70.26 14.01 86.86
CA GLU C 48 70.44 14.07 85.41
C GLU C 48 70.91 12.72 84.86
N LEU C 49 71.76 12.02 85.61
CA LEU C 49 72.10 10.63 85.30
C LEU C 49 70.86 9.75 85.31
N GLN C 50 69.98 9.96 86.29
CA GLN C 50 68.75 9.17 86.37
C GLN C 50 67.79 9.50 85.22
N ASP C 51 67.71 10.78 84.84
CA ASP C 51 66.87 11.17 83.71
C ASP C 51 67.40 10.62 82.40
N MET C 52 68.71 10.52 82.26
CA MET C 52 69.27 9.94 81.04
C MET C 52 69.14 8.43 81.03
N ILE C 53 69.17 7.77 82.19
CA ILE C 53 68.85 6.33 82.25
C ILE C 53 67.38 6.11 81.91
N ASN C 54 66.49 6.95 82.43
CA ASN C 54 65.07 6.86 82.12
C ASN C 54 64.77 7.28 80.69
N GLU C 55 65.70 8.01 80.05
CA GLU C 55 65.59 8.25 78.62
C GLU C 55 65.84 6.97 77.83
N VAL C 56 66.69 6.10 78.35
CA VAL C 56 66.98 4.82 77.70
C VAL C 56 65.88 3.80 78.00
N ASN C 61 65.42 -0.22 81.25
CA ASN C 61 65.62 -1.53 80.63
C ASN C 61 66.67 -2.37 81.37
N GLY C 62 67.65 -1.68 81.93
CA GLY C 62 68.74 -2.36 82.61
C GLY C 62 70.00 -2.53 81.80
N THR C 63 69.91 -2.61 80.47
CA THR C 63 71.06 -2.75 79.60
C THR C 63 71.10 -1.54 78.67
N ILE C 64 72.11 -0.70 78.86
CA ILE C 64 72.25 0.51 78.05
C ILE C 64 72.69 0.12 76.65
N ASP C 65 71.93 0.55 75.64
CA ASP C 65 72.24 0.18 74.27
C ASP C 65 73.22 1.19 73.68
N PHE C 66 73.77 0.84 72.53
CA PHE C 66 74.86 1.60 71.97
C PHE C 66 74.46 2.90 71.24
N PRO C 67 73.51 2.90 70.26
CA PRO C 67 73.35 4.13 69.44
C PRO C 67 72.73 5.31 70.16
N ALA C 68 71.75 5.05 71.02
CA ALA C 68 71.14 6.14 71.79
C ALA C 68 72.11 6.75 72.78
N PHE C 69 73.04 5.94 73.30
CA PHE C 69 74.17 6.48 74.06
C PHE C 69 74.98 7.45 73.22
N LEU C 70 75.24 7.08 71.97
CA LEU C 70 75.93 7.97 71.05
C LEU C 70 75.12 9.22 70.77
N THR C 71 73.79 9.10 70.74
CA THR C 71 72.93 10.22 70.42
C THR C 71 72.89 11.23 71.58
N MET C 72 72.79 10.74 72.80
CA MET C 72 72.80 11.62 73.97
C MET C 72 74.16 12.28 74.13
N MET C 73 75.24 11.52 73.92
CA MET C 73 76.57 12.09 73.95
C MET C 73 76.76 13.11 72.83
N ALA C 74 76.12 12.88 71.68
CA ALA C 74 76.12 13.86 70.61
C ALA C 74 75.39 15.13 71.00
N ARG C 75 74.30 15.01 71.76
CA ARG C 75 73.60 16.19 72.26
C ARG C 75 74.50 17.02 73.18
N LYS C 76 75.14 16.34 74.15
CA LYS C 76 75.99 17.02 75.11
C LYS C 76 77.21 17.64 74.45
N MET C 77 77.72 17.02 73.38
CA MET C 77 78.86 17.58 72.68
C MET C 77 78.46 18.74 71.79
N LYS C 78 77.40 18.56 70.99
CA LYS C 78 76.97 19.59 70.06
C LYS C 78 76.34 20.79 70.74
N ASP C 79 76.02 20.69 72.03
CA ASP C 79 75.67 21.89 72.80
C ASP C 79 76.82 22.90 72.80
N THR C 80 77.97 22.50 73.36
CA THR C 80 79.13 23.37 73.44
C THR C 80 79.68 23.67 72.05
N ASP C 81 79.58 22.70 71.15
CA ASP C 81 80.00 22.93 69.78
C ASP C 81 79.11 23.96 69.09
N SER C 82 77.82 23.98 69.38
CA SER C 82 76.92 24.96 68.80
C SER C 82 77.21 26.36 69.33
N GLU C 83 77.59 26.45 70.61
CA GLU C 83 78.00 27.75 71.15
C GLU C 83 79.28 28.25 70.49
N GLU C 84 80.28 27.37 70.34
CA GLU C 84 81.52 27.81 69.70
C GLU C 84 81.33 28.06 68.20
N GLU C 85 80.38 27.38 67.56
CA GLU C 85 80.13 27.60 66.15
C GLU C 85 79.37 28.90 65.92
N ILE C 86 78.45 29.25 66.81
CA ILE C 86 77.81 30.56 66.67
C ILE C 86 78.77 31.66 67.10
N ARG C 87 79.80 31.32 67.85
CA ARG C 87 80.89 32.26 68.07
C ARG C 87 81.68 32.48 66.78
N GLU C 88 82.20 31.40 66.21
CA GLU C 88 83.12 31.50 65.07
C GLU C 88 82.40 31.94 63.80
N ALA C 89 81.10 31.70 63.69
CA ALA C 89 80.37 32.08 62.48
C ALA C 89 80.21 33.57 62.38
N PHE C 90 80.09 34.25 63.51
CA PHE C 90 80.04 35.70 63.51
C PHE C 90 81.35 36.33 63.94
N ARG C 91 82.38 35.51 64.17
CA ARG C 91 83.74 36.03 64.11
C ARG C 91 84.27 36.05 62.69
N VAL C 92 83.51 35.51 61.72
CA VAL C 92 83.83 35.72 60.31
C VAL C 92 83.66 37.18 59.97
N PHE C 93 82.50 37.73 60.29
CA PHE C 93 82.24 39.15 60.16
C PHE C 93 82.64 39.82 61.47
N ASP C 94 82.52 41.15 61.52
CA ASP C 94 82.48 41.95 62.74
C ASP C 94 83.77 41.87 63.55
N LYS C 95 84.87 42.32 62.96
CA LYS C 95 86.24 42.09 63.47
C LYS C 95 86.55 42.84 64.77
N ASP C 96 85.66 43.73 65.23
CA ASP C 96 85.96 44.55 66.40
C ASP C 96 85.88 43.77 67.71
N GLY C 97 84.85 42.93 67.87
CA GLY C 97 84.68 42.19 69.10
C GLY C 97 83.50 42.61 69.96
N ASN C 98 82.38 42.96 69.32
CA ASN C 98 81.17 43.29 70.04
C ASN C 98 79.96 42.44 69.67
N GLY C 99 80.07 41.60 68.64
CA GLY C 99 78.96 40.74 68.25
C GLY C 99 77.78 41.47 67.65
N TYR C 100 78.02 42.63 67.06
CA TYR C 100 76.95 43.53 66.66
C TYR C 100 76.86 43.58 65.14
N ILE C 101 75.65 43.41 64.62
CA ILE C 101 75.45 43.18 63.19
C ILE C 101 74.61 44.31 62.62
N SER C 102 75.13 44.97 61.59
CA SER C 102 74.37 46.00 60.90
C SER C 102 73.34 45.36 59.97
N ALA C 103 72.20 46.05 59.83
CA ALA C 103 71.06 45.46 59.14
C ALA C 103 71.26 45.39 57.62
N ALA C 104 72.05 46.30 57.05
CA ALA C 104 72.41 46.16 55.64
C ALA C 104 73.29 44.95 55.42
N ALA C 105 74.22 44.70 56.35
CA ALA C 105 74.96 43.44 56.32
C ALA C 105 74.07 42.25 56.62
N LEU C 106 72.97 42.44 57.34
CA LEU C 106 72.01 41.36 57.51
C LEU C 106 71.30 41.05 56.19
N ARG C 107 70.94 42.08 55.43
CA ARG C 107 70.43 41.89 54.07
C ARG C 107 71.45 41.21 53.17
N HIS C 108 72.74 41.51 53.37
CA HIS C 108 73.78 40.82 52.62
C HIS C 108 73.88 39.35 53.01
N VAL C 109 74.20 39.06 54.28
CA VAL C 109 74.60 37.72 54.67
C VAL C 109 73.43 36.81 55.00
N MET C 110 72.21 37.32 55.07
CA MET C 110 71.08 36.45 55.32
C MET C 110 70.73 35.63 54.09
N THR C 111 70.98 36.17 52.90
CA THR C 111 70.83 35.40 51.66
C THR C 111 72.08 34.57 51.39
N ASN C 112 72.44 33.72 52.36
CA ASN C 112 73.62 32.89 52.21
C ASN C 112 73.23 31.50 51.71
N LEU C 113 74.26 30.73 51.35
CA LEU C 113 74.04 29.42 50.78
C LEU C 113 73.51 28.46 51.83
N GLY C 114 73.00 27.33 51.38
CA GLY C 114 72.08 26.59 52.20
C GLY C 114 70.64 26.91 51.81
N GLU C 115 70.00 27.84 52.51
CA GLU C 115 68.60 28.12 52.21
C GLU C 115 68.44 29.00 50.99
N LYS C 116 68.99 30.23 51.06
CA LYS C 116 68.92 31.31 50.07
C LYS C 116 67.60 31.49 49.33
N LEU C 117 66.49 31.54 50.05
CA LEU C 117 65.19 31.83 49.43
C LEU C 117 64.99 33.33 49.28
N THR C 118 63.75 33.72 49.00
CA THR C 118 63.44 35.03 48.45
C THR C 118 63.43 36.15 49.48
N ASP C 119 62.87 37.29 49.11
CA ASP C 119 62.84 38.47 49.98
C ASP C 119 61.92 38.29 51.20
N GLU C 120 61.08 37.25 51.20
CA GLU C 120 60.21 36.96 52.34
C GLU C 120 61.02 36.75 53.61
N GLU C 121 62.10 35.98 53.51
CA GLU C 121 62.87 35.64 54.71
C GLU C 121 63.68 36.83 55.22
N VAL C 122 64.21 37.65 54.32
CA VAL C 122 65.01 38.78 54.80
C VAL C 122 64.11 39.89 55.32
N ASP C 123 62.89 40.03 54.78
CA ASP C 123 61.91 40.92 55.38
C ASP C 123 61.47 40.38 56.74
N GLU C 124 61.38 39.05 56.85
CA GLU C 124 61.03 38.42 58.12
C GLU C 124 62.10 38.65 59.18
N MET C 125 63.36 38.76 58.77
CA MET C 125 64.39 39.10 59.76
C MET C 125 64.33 40.57 60.11
N ILE C 126 64.17 41.44 59.09
CA ILE C 126 64.28 42.88 59.31
C ILE C 126 63.08 43.45 60.05
N ARG C 127 61.90 42.82 59.94
CA ARG C 127 60.71 43.32 60.67
C ARG C 127 60.90 43.22 62.18
N GLU C 128 61.69 42.26 62.65
CA GLU C 128 61.94 42.10 64.08
C GLU C 128 63.36 41.56 64.22
N ALA C 129 64.24 42.45 64.67
CA ALA C 129 65.65 42.15 64.93
C ALA C 129 66.17 42.94 66.14
N ASP C 130 65.44 44.01 66.51
CA ASP C 130 65.94 45.21 67.22
C ASP C 130 67.10 45.93 66.52
N ILE C 131 66.88 47.17 66.07
CA ILE C 131 67.96 47.80 65.33
C ILE C 131 68.22 49.16 65.98
N ASP C 132 69.40 49.35 66.53
CA ASP C 132 69.72 50.60 67.24
C ASP C 132 69.93 51.76 66.26
N GLY C 135 72.63 49.63 61.36
CA GLY C 135 72.25 49.55 62.76
C GLY C 135 72.69 48.26 63.43
N GLN C 136 73.53 48.39 64.45
CA GLN C 136 74.26 47.26 65.02
C GLN C 136 73.36 46.43 65.94
N VAL C 137 73.12 45.18 65.56
CA VAL C 137 72.18 44.31 66.26
C VAL C 137 72.97 43.20 66.94
N ASN C 138 72.67 42.97 68.22
CA ASN C 138 73.28 41.84 68.93
C ASN C 138 72.71 40.54 68.40
N TYR C 139 73.60 39.55 68.23
CA TYR C 139 73.25 38.31 67.56
C TYR C 139 72.43 37.38 68.45
N GLU C 140 72.48 37.58 69.76
CA GLU C 140 71.76 36.67 70.64
C GLU C 140 70.26 36.86 70.54
N ALA C 141 69.80 38.06 70.16
CA ALA C 141 68.40 38.26 69.82
C ALA C 141 68.03 37.44 68.58
N PHE C 142 68.96 37.35 67.62
CA PHE C 142 68.73 36.51 66.45
C PHE C 142 68.68 35.04 66.82
N VAL C 143 69.51 34.62 67.77
CA VAL C 143 69.51 33.24 68.22
C VAL C 143 68.21 32.91 68.94
N GLN C 144 67.76 33.80 69.81
CA GLN C 144 66.50 33.60 70.51
C GLN C 144 65.31 33.66 69.56
N MET C 145 65.44 34.43 68.47
CA MET C 145 64.37 34.53 67.50
C MET C 145 64.23 33.24 66.70
N MET C 146 65.35 32.75 66.15
CA MET C 146 65.28 31.64 65.21
C MET C 146 65.01 30.31 65.91
N THR C 147 65.54 30.13 67.11
CA THR C 147 65.48 28.85 67.82
C THR C 147 64.23 28.71 68.68
N ALA C 148 63.15 29.39 68.32
CA ALA C 148 61.87 29.44 69.05
C ALA C 148 62.02 29.85 70.51
N GLY D 2 -4.62 -120.06 -57.58
CA GLY D 2 -5.46 -118.95 -57.17
C GLY D 2 -5.84 -118.01 -58.29
N VAL D 3 -4.93 -117.80 -59.23
CA VAL D 3 -5.15 -116.88 -60.33
C VAL D 3 -6.01 -117.57 -61.39
N GLU D 4 -6.87 -116.80 -62.05
CA GLU D 4 -7.84 -117.31 -63.01
C GLU D 4 -7.48 -116.75 -64.38
N ILE D 5 -6.55 -117.41 -65.04
CA ILE D 5 -5.94 -116.86 -66.24
C ILE D 5 -6.73 -117.30 -67.47
N GLU D 6 -7.38 -116.34 -68.10
CA GLU D 6 -7.95 -116.51 -69.43
C GLU D 6 -6.98 -115.96 -70.45
N THR D 7 -6.52 -116.82 -71.35
CA THR D 7 -5.68 -116.35 -72.45
C THR D 7 -6.53 -115.49 -73.39
N ILE D 8 -6.25 -114.19 -73.37
CA ILE D 8 -6.90 -113.25 -74.26
C ILE D 8 -6.46 -113.57 -75.67
N SER D 9 -5.17 -113.38 -75.94
CA SER D 9 -4.57 -113.75 -77.20
C SER D 9 -3.32 -114.55 -76.90
N PRO D 10 -3.16 -115.73 -77.50
CA PRO D 10 -1.98 -116.54 -77.23
C PRO D 10 -0.76 -116.04 -77.98
N GLY D 11 0.39 -116.55 -77.56
CA GLY D 11 1.61 -116.41 -78.32
C GLY D 11 1.78 -117.70 -79.10
N ASP D 12 2.61 -118.60 -78.59
CA ASP D 12 2.57 -119.98 -79.03
C ASP D 12 2.00 -120.92 -77.97
N GLY D 13 1.78 -120.43 -76.76
CA GLY D 13 1.15 -121.22 -75.72
C GLY D 13 2.11 -122.05 -74.88
N ARG D 14 3.17 -122.56 -75.51
CA ARG D 14 4.03 -123.54 -74.88
C ARG D 14 5.36 -122.98 -74.41
N THR D 15 5.80 -121.83 -74.92
CA THR D 15 7.12 -121.32 -74.58
C THR D 15 6.98 -120.42 -73.35
N PHE D 16 6.68 -121.03 -72.29
CA PHE D 16 6.63 -120.28 -71.06
C PHE D 16 8.05 -120.18 -70.47
N PRO D 17 8.35 -119.11 -69.71
CA PRO D 17 9.75 -118.87 -69.34
C PRO D 17 10.34 -119.82 -68.31
N LYS D 18 11.57 -119.50 -67.92
CA LYS D 18 12.32 -120.25 -66.93
C LYS D 18 12.90 -119.23 -65.95
N LYS D 19 13.37 -119.71 -64.81
CA LYS D 19 13.98 -118.84 -63.82
C LYS D 19 15.29 -118.26 -64.35
N GLY D 20 15.69 -117.13 -63.75
CA GLY D 20 16.88 -116.45 -64.23
C GLY D 20 16.68 -115.67 -65.51
N GLN D 21 15.44 -115.41 -65.88
CA GLN D 21 15.10 -114.74 -67.13
C GLN D 21 14.31 -113.48 -66.84
N THR D 22 14.68 -112.39 -67.51
CA THR D 22 14.04 -111.10 -67.33
C THR D 22 12.81 -111.02 -68.23
N CYS D 23 11.66 -110.74 -67.63
CA CYS D 23 10.37 -110.90 -68.29
C CYS D 23 9.82 -109.54 -68.73
N VAL D 24 9.50 -109.44 -70.02
CA VAL D 24 9.15 -108.17 -70.65
C VAL D 24 7.64 -108.11 -70.80
N VAL D 25 7.00 -107.17 -70.10
CA VAL D 25 5.55 -107.08 -70.08
C VAL D 25 5.09 -105.67 -70.44
N HIS D 26 3.83 -105.57 -70.87
CA HIS D 26 3.09 -104.31 -70.97
C HIS D 26 1.72 -104.50 -70.34
N TYR D 27 1.64 -104.34 -69.03
CA TYR D 27 0.41 -104.57 -68.30
C TYR D 27 -0.35 -103.27 -68.12
N THR D 28 -1.67 -103.36 -68.15
CA THR D 28 -2.56 -102.24 -67.85
C THR D 28 -3.63 -102.70 -66.85
N GLY D 29 -3.27 -102.67 -65.57
CA GLY D 29 -4.14 -103.21 -64.55
C GLY D 29 -5.15 -102.19 -64.05
N MET D 30 -6.36 -102.65 -63.82
CA MET D 30 -7.43 -101.84 -63.24
C MET D 30 -8.00 -102.55 -62.03
N LEU D 31 -9.01 -101.96 -61.43
CA LEU D 31 -9.63 -102.58 -60.27
C LEU D 31 -10.70 -103.57 -60.69
N GLN D 32 -11.33 -104.16 -59.67
CA GLN D 32 -12.58 -104.88 -59.85
C GLN D 32 -13.65 -103.99 -60.44
N ASN D 33 -13.72 -102.74 -59.99
CA ASN D 33 -14.76 -101.82 -60.40
C ASN D 33 -14.41 -101.05 -61.66
N GLY D 34 -13.47 -101.56 -62.46
CA GLY D 34 -13.09 -100.91 -63.69
C GLY D 34 -12.24 -99.67 -63.53
N LYS D 35 -11.87 -99.30 -62.31
CA LYS D 35 -11.04 -98.13 -62.08
C LYS D 35 -9.61 -98.44 -62.48
N LYS D 36 -9.12 -97.78 -63.51
CA LYS D 36 -7.75 -97.98 -63.95
C LYS D 36 -6.79 -97.24 -63.04
N PHE D 37 -5.70 -97.91 -62.66
CA PHE D 37 -4.77 -97.31 -61.72
C PHE D 37 -3.35 -97.33 -62.24
N ASP D 38 -2.98 -98.37 -62.99
CA ASP D 38 -1.63 -98.50 -63.50
C ASP D 38 -1.67 -99.07 -64.90
N SER D 39 -0.71 -98.63 -65.72
CA SER D 39 -0.62 -99.09 -67.10
C SER D 39 0.82 -98.91 -67.56
N SER D 40 1.56 -100.01 -67.61
CA SER D 40 2.91 -99.98 -68.14
C SER D 40 2.95 -99.75 -69.64
N ARG D 41 1.83 -99.97 -70.33
CA ARG D 41 1.64 -99.43 -71.67
C ARG D 41 1.82 -97.93 -71.67
N ASP D 42 1.27 -97.25 -70.66
CA ASP D 42 0.89 -95.86 -70.83
C ASP D 42 2.08 -94.92 -70.72
N ARG D 43 3.14 -95.33 -70.05
CA ARG D 43 4.35 -94.51 -70.05
C ARG D 43 5.33 -94.95 -71.12
N ASN D 44 4.90 -95.82 -72.04
CA ASN D 44 5.68 -96.31 -73.17
C ASN D 44 6.97 -96.98 -72.71
N LYS D 45 6.81 -97.97 -71.87
CA LYS D 45 7.98 -98.57 -71.26
C LYS D 45 7.71 -100.02 -70.92
N PRO D 46 8.44 -100.95 -71.52
CA PRO D 46 8.31 -102.35 -71.15
C PRO D 46 8.83 -102.62 -69.76
N PHE D 47 7.92 -102.87 -68.83
CA PHE D 47 8.32 -103.22 -67.46
C PHE D 47 9.02 -104.58 -67.46
N LYS D 48 10.06 -104.69 -66.65
CA LYS D 48 10.90 -105.88 -66.62
C LYS D 48 11.10 -106.33 -65.19
N PHE D 49 11.22 -107.64 -65.00
CA PHE D 49 11.37 -108.21 -63.67
C PHE D 49 11.94 -109.61 -63.81
N ARG D 50 12.32 -110.19 -62.67
CA ARG D 50 13.00 -111.46 -62.62
C ARG D 50 12.20 -112.46 -61.79
N ILE D 51 11.83 -113.57 -62.42
CA ILE D 51 11.29 -114.70 -61.69
C ILE D 51 12.39 -115.29 -60.81
N GLY D 52 12.05 -115.58 -59.56
CA GLY D 52 13.01 -116.09 -58.61
C GLY D 52 13.64 -115.01 -57.76
N LYS D 53 13.88 -113.83 -58.32
CA LYS D 53 14.20 -112.68 -57.50
C LYS D 53 12.99 -112.24 -56.68
N GLN D 54 11.79 -112.45 -57.21
CA GLN D 54 10.51 -112.35 -56.51
C GLN D 54 10.27 -110.92 -55.99
N GLU D 55 10.15 -110.01 -56.96
CA GLU D 55 9.79 -108.63 -56.67
C GLU D 55 8.31 -108.38 -56.93
N VAL D 56 7.81 -108.84 -58.06
CA VAL D 56 6.40 -108.67 -58.42
C VAL D 56 5.51 -109.48 -57.49
N ILE D 57 4.21 -109.17 -57.50
CA ILE D 57 3.30 -109.88 -56.61
C ILE D 57 3.05 -111.29 -57.10
N LYS D 58 2.47 -112.11 -56.23
CA LYS D 58 2.59 -113.55 -56.35
C LYS D 58 1.69 -114.12 -57.43
N GLY D 59 0.50 -113.56 -57.62
CA GLY D 59 -0.34 -114.02 -58.70
C GLY D 59 0.19 -113.59 -60.04
N PHE D 60 0.79 -112.39 -60.07
CA PHE D 60 1.52 -111.94 -61.24
C PHE D 60 2.71 -112.85 -61.51
N GLU D 61 3.31 -113.40 -60.45
CA GLU D 61 4.41 -114.34 -60.59
C GLU D 61 3.93 -115.70 -61.10
N GLU D 62 2.73 -116.13 -60.69
CA GLU D 62 2.18 -117.37 -61.22
C GLU D 62 1.82 -117.22 -62.69
N GLY D 63 1.33 -116.04 -63.08
CA GLY D 63 1.15 -115.75 -64.49
C GLY D 63 2.45 -115.57 -65.24
N ALA D 64 3.54 -115.26 -64.53
CA ALA D 64 4.83 -115.07 -65.18
C ALA D 64 5.44 -116.38 -65.69
N ALA D 65 5.00 -117.52 -65.17
CA ALA D 65 5.47 -118.81 -65.67
C ALA D 65 4.43 -119.53 -66.50
N GLN D 66 3.29 -118.90 -66.76
CA GLN D 66 2.21 -119.56 -67.48
C GLN D 66 2.04 -119.03 -68.89
N MET D 67 2.14 -117.72 -69.07
CA MET D 67 2.02 -117.15 -70.39
C MET D 67 3.25 -117.47 -71.24
N SER D 68 3.11 -117.28 -72.54
CA SER D 68 4.14 -117.69 -73.48
C SER D 68 4.67 -116.48 -74.25
N LEU D 69 5.47 -116.77 -75.26
CA LEU D 69 6.16 -115.76 -76.07
C LEU D 69 5.14 -115.00 -76.90
N GLY D 70 4.76 -113.81 -76.45
CA GLY D 70 3.75 -113.03 -77.11
C GLY D 70 2.32 -113.33 -76.71
N GLN D 71 2.10 -113.77 -75.48
CA GLN D 71 0.77 -114.17 -75.04
C GLN D 71 0.17 -113.09 -74.15
N ARG D 72 -1.09 -112.74 -74.42
CA ARG D 72 -1.82 -111.77 -73.65
C ARG D 72 -2.90 -112.49 -72.86
N ALA D 73 -3.01 -112.17 -71.57
CA ALA D 73 -3.93 -112.90 -70.70
C ALA D 73 -4.36 -112.02 -69.54
N LYS D 74 -5.49 -112.37 -68.96
CA LYS D 74 -6.08 -111.65 -67.84
C LYS D 74 -5.76 -112.37 -66.55
N LEU D 75 -4.99 -111.72 -65.68
CA LEU D 75 -4.52 -112.32 -64.43
C LEU D 75 -5.38 -111.83 -63.28
N THR D 76 -6.56 -112.40 -63.18
CA THR D 76 -7.46 -112.06 -62.08
C THR D 76 -6.95 -112.69 -60.79
N CYS D 77 -6.64 -111.85 -59.80
CA CYS D 77 -5.98 -112.32 -58.58
C CYS D 77 -6.85 -112.07 -57.36
N THR D 78 -6.56 -112.83 -56.34
CA THR D 78 -7.21 -112.74 -55.04
C THR D 78 -6.65 -111.55 -54.27
N PRO D 79 -7.51 -110.79 -53.56
CA PRO D 79 -6.98 -109.73 -52.68
C PRO D 79 -6.16 -110.24 -51.51
N ASP D 80 -6.18 -111.54 -51.22
CA ASP D 80 -5.16 -112.11 -50.35
C ASP D 80 -3.80 -112.06 -51.02
N VAL D 81 -3.77 -112.34 -52.33
CA VAL D 81 -2.51 -112.36 -53.08
C VAL D 81 -2.10 -110.96 -53.51
N ALA D 82 -2.98 -109.98 -53.31
CA ALA D 82 -2.68 -108.57 -53.56
C ALA D 82 -1.85 -107.98 -52.43
N TYR D 83 -1.83 -106.65 -52.33
CA TYR D 83 -1.12 -105.97 -51.26
C TYR D 83 -1.64 -106.36 -49.87
N GLY D 84 -2.90 -106.77 -49.77
CA GLY D 84 -3.35 -107.43 -48.57
C GLY D 84 -4.61 -106.83 -47.99
N ALA D 85 -4.90 -107.19 -46.74
CA ALA D 85 -6.07 -106.66 -46.06
C ALA D 85 -5.91 -105.18 -45.73
N THR D 86 -4.67 -104.69 -45.67
CA THR D 86 -4.43 -103.26 -45.60
C THR D 86 -4.46 -102.63 -46.99
N GLY D 87 -3.87 -103.32 -47.96
CA GLY D 87 -3.74 -102.77 -49.30
C GLY D 87 -2.54 -101.85 -49.40
N HIS D 88 -2.36 -101.30 -50.59
CA HIS D 88 -1.25 -100.39 -50.82
C HIS D 88 -1.54 -99.08 -50.12
N PRO D 89 -0.59 -98.53 -49.39
CA PRO D 89 -0.81 -97.23 -48.77
C PRO D 89 -0.80 -96.08 -49.78
N GLY D 90 -1.96 -95.83 -50.38
CA GLY D 90 -2.12 -94.62 -51.15
C GLY D 90 -2.87 -94.83 -52.44
N VAL D 91 -2.73 -96.01 -53.02
CA VAL D 91 -3.30 -96.31 -54.32
C VAL D 91 -4.40 -97.36 -54.20
N ILE D 92 -4.05 -98.56 -53.75
CA ILE D 92 -4.98 -99.69 -53.73
C ILE D 92 -5.75 -99.64 -52.41
N PRO D 93 -7.08 -99.63 -52.45
CA PRO D 93 -7.88 -99.69 -51.23
C PRO D 93 -7.72 -101.04 -50.54
N PRO D 94 -8.13 -101.17 -49.28
CA PRO D 94 -7.99 -102.46 -48.58
C PRO D 94 -8.85 -103.55 -49.20
N ASN D 95 -8.20 -104.66 -49.55
CA ASN D 95 -8.80 -105.84 -50.18
C ASN D 95 -9.55 -105.47 -51.45
N ALA D 96 -8.78 -105.01 -52.42
CA ALA D 96 -9.28 -104.75 -53.76
C ALA D 96 -8.90 -105.94 -54.64
N THR D 97 -9.90 -106.55 -55.26
CA THR D 97 -9.68 -107.70 -56.10
C THR D 97 -9.19 -107.23 -57.46
N LEU D 98 -8.01 -107.68 -57.85
CA LEU D 98 -7.30 -107.09 -58.97
C LEU D 98 -7.65 -107.78 -60.28
N ILE D 99 -7.74 -106.98 -61.33
CA ILE D 99 -8.03 -107.47 -62.68
C ILE D 99 -7.04 -106.81 -63.62
N PHE D 100 -6.25 -107.62 -64.32
CA PHE D 100 -5.12 -107.12 -65.07
C PHE D 100 -5.33 -107.30 -66.57
N ASP D 101 -4.31 -106.91 -67.34
CA ASP D 101 -4.25 -107.21 -68.76
C ASP D 101 -2.76 -107.23 -69.11
N VAL D 102 -2.16 -108.42 -69.09
CA VAL D 102 -0.72 -108.57 -69.11
C VAL D 102 -0.32 -109.23 -70.42
N GLU D 103 0.72 -108.71 -71.05
CA GLU D 103 1.21 -109.21 -72.33
C GLU D 103 2.71 -109.46 -72.23
N LEU D 104 3.09 -110.72 -72.06
CA LEU D 104 4.49 -111.09 -71.93
C LEU D 104 5.15 -111.11 -73.30
N LEU D 105 6.33 -110.48 -73.41
CA LEU D 105 6.91 -110.21 -74.71
C LEU D 105 8.25 -110.90 -74.93
N ASN D 106 9.25 -110.68 -74.09
CA ASN D 106 10.59 -111.20 -74.36
C ASN D 106 11.28 -111.66 -73.10
N LEU D 107 12.38 -112.38 -73.30
CA LEU D 107 13.14 -113.01 -72.24
C LEU D 107 14.62 -112.76 -72.46
N GLU D 108 15.41 -113.00 -71.41
CA GLU D 108 16.87 -112.90 -71.51
C GLU D 108 17.56 -114.04 -70.81
N GLN E 12 -22.80 -17.73 -21.53
CA GLN E 12 -23.68 -16.58 -21.65
C GLN E 12 -24.79 -16.88 -22.65
N PHE E 13 -24.37 -17.13 -23.89
CA PHE E 13 -25.28 -17.63 -24.90
C PHE E 13 -24.77 -18.99 -25.36
N LEU E 14 -25.55 -19.63 -26.20
CA LEU E 14 -25.25 -20.99 -26.64
C LEU E 14 -24.66 -20.91 -28.03
N ARG E 15 -23.35 -20.85 -28.10
CA ARG E 15 -22.66 -20.75 -29.37
C ARG E 15 -22.60 -22.13 -30.00
N THR E 16 -22.44 -22.16 -31.33
CA THR E 16 -22.32 -23.39 -32.07
C THR E 16 -21.11 -24.20 -31.59
N ASP E 17 -21.22 -25.52 -31.73
CA ASP E 17 -20.10 -26.46 -31.59
C ASP E 17 -19.61 -26.54 -30.16
N ASP E 18 -20.54 -26.42 -29.21
CA ASP E 18 -20.27 -26.77 -27.83
C ASP E 18 -21.19 -27.90 -27.40
N GLU E 19 -21.16 -28.19 -26.11
CA GLU E 19 -21.69 -29.43 -25.60
C GLU E 19 -22.70 -29.14 -24.51
N VAL E 20 -23.96 -29.53 -24.76
CA VAL E 20 -25.05 -29.26 -23.85
C VAL E 20 -25.92 -30.49 -23.66
N VAL E 21 -27.02 -30.33 -22.94
CA VAL E 21 -27.94 -31.41 -22.63
C VAL E 21 -29.37 -30.92 -22.89
N LEU E 22 -30.33 -31.77 -22.57
CA LEU E 22 -31.74 -31.44 -22.49
C LEU E 22 -32.31 -32.06 -21.24
N GLN E 23 -33.26 -31.38 -20.60
CA GLN E 23 -33.61 -31.79 -19.25
C GLN E 23 -35.03 -31.37 -18.91
N CYS E 24 -35.65 -32.13 -18.01
CA CYS E 24 -36.96 -31.81 -17.47
C CYS E 24 -37.02 -32.04 -15.96
N THR E 25 -38.21 -31.87 -15.38
CA THR E 25 -38.51 -32.33 -14.03
C THR E 25 -39.80 -33.15 -14.10
N ALA E 26 -39.77 -34.37 -13.59
CA ALA E 26 -40.96 -35.21 -13.57
C ALA E 26 -41.66 -35.03 -12.23
N THR E 27 -42.95 -34.69 -12.30
CA THR E 27 -43.76 -34.39 -11.13
C THR E 27 -44.87 -35.41 -11.02
N ILE E 28 -44.71 -36.40 -10.13
CA ILE E 28 -45.74 -37.37 -9.81
C ILE E 28 -45.80 -37.44 -8.29
N HIS E 29 -46.79 -36.76 -7.69
CA HIS E 29 -47.03 -36.70 -6.25
C HIS E 29 -45.81 -36.14 -5.50
N LYS E 30 -45.57 -34.85 -5.78
CA LYS E 30 -44.49 -34.06 -5.17
C LYS E 30 -43.11 -34.64 -5.47
N GLU E 31 -42.87 -34.90 -6.76
CA GLU E 31 -41.55 -35.28 -7.23
C GLU E 31 -40.92 -34.12 -7.98
N GLN E 32 -39.71 -33.77 -7.59
CA GLN E 32 -38.81 -33.05 -8.49
C GLN E 32 -37.83 -34.02 -9.13
N GLN E 33 -38.40 -35.00 -9.82
CA GLN E 33 -37.61 -36.02 -10.48
C GLN E 33 -36.97 -35.41 -11.72
N LYS E 34 -35.79 -34.80 -11.56
CA LYS E 34 -35.10 -34.13 -12.66
C LYS E 34 -34.47 -35.15 -13.58
N LEU E 35 -35.22 -35.55 -14.59
CA LEU E 35 -34.67 -36.42 -15.62
C LEU E 35 -34.07 -35.57 -16.73
N CYS E 36 -32.96 -36.04 -17.28
CA CYS E 36 -32.36 -35.44 -18.45
C CYS E 36 -32.47 -36.42 -19.62
N LEU E 37 -31.83 -36.07 -20.73
CA LEU E 37 -31.92 -36.88 -21.93
C LEU E 37 -30.64 -37.67 -22.14
N ALA E 38 -30.81 -38.95 -22.45
CA ALA E 38 -29.70 -39.81 -22.81
C ALA E 38 -30.14 -40.73 -23.92
N ALA E 39 -29.14 -41.26 -24.63
CA ALA E 39 -29.37 -42.24 -25.67
C ALA E 39 -28.07 -43.00 -25.87
N GLU E 40 -28.17 -44.30 -26.15
CA GLU E 40 -26.96 -45.07 -26.29
C GLU E 40 -26.53 -45.19 -27.74
N GLY E 41 -27.48 -45.43 -28.64
CA GLY E 41 -27.05 -45.96 -29.91
C GLY E 41 -26.63 -47.40 -29.68
N PHE E 42 -25.78 -47.89 -30.59
CA PHE E 42 -25.00 -49.12 -30.42
C PHE E 42 -25.91 -50.32 -30.18
N GLY E 43 -26.68 -50.64 -31.22
CA GLY E 43 -27.68 -51.69 -31.07
C GLY E 43 -28.85 -51.31 -30.19
N ASN E 44 -29.04 -50.03 -29.89
CA ASN E 44 -30.18 -49.56 -29.10
C ASN E 44 -30.48 -48.15 -29.61
N ARG E 45 -31.38 -48.07 -30.59
CA ARG E 45 -31.62 -46.81 -31.25
C ARG E 45 -32.54 -45.89 -30.46
N LEU E 46 -33.42 -46.44 -29.63
CA LEU E 46 -34.42 -45.62 -28.97
C LEU E 46 -33.82 -44.89 -27.79
N CYS E 47 -34.13 -43.62 -27.68
CA CYS E 47 -33.61 -42.79 -26.60
C CYS E 47 -34.30 -43.17 -25.30
N PHE E 48 -33.68 -42.77 -24.19
CA PHE E 48 -34.20 -43.15 -22.88
C PHE E 48 -33.86 -42.07 -21.88
N LEU E 49 -34.00 -42.40 -20.60
CA LEU E 49 -34.00 -41.42 -19.53
C LEU E 49 -32.75 -41.51 -18.69
N GLU E 50 -32.57 -40.50 -17.85
CA GLU E 50 -31.50 -40.47 -16.86
C GLU E 50 -31.89 -39.45 -15.80
N SER E 51 -32.15 -39.91 -14.59
CA SER E 51 -32.53 -39.00 -13.51
C SER E 51 -31.30 -38.29 -12.97
N THR E 52 -31.48 -37.01 -12.61
CA THR E 52 -30.39 -36.22 -12.05
C THR E 52 -30.78 -35.62 -10.70
N SER E 53 -31.99 -35.90 -10.22
CA SER E 53 -32.36 -35.53 -8.86
C SER E 53 -31.56 -36.32 -7.84
N ASN E 54 -31.24 -37.57 -8.15
CA ASN E 54 -30.61 -38.49 -7.21
C ASN E 54 -29.09 -38.43 -7.33
N SER E 55 -28.55 -37.21 -7.26
CA SER E 55 -27.16 -36.98 -7.62
C SER E 55 -26.22 -37.51 -6.55
N LYS E 56 -26.41 -37.08 -5.31
CA LYS E 56 -25.65 -37.63 -4.20
C LYS E 56 -26.00 -39.09 -3.94
N ASN E 57 -27.24 -39.49 -4.28
CA ASN E 57 -27.63 -40.88 -4.28
C ASN E 57 -26.81 -41.66 -5.31
N VAL E 58 -26.98 -41.33 -6.59
CA VAL E 58 -26.32 -42.05 -7.67
C VAL E 58 -25.58 -41.03 -8.52
N PRO E 59 -24.27 -41.16 -8.70
CA PRO E 59 -23.58 -40.41 -9.73
C PRO E 59 -24.09 -40.80 -11.10
N PRO E 60 -24.62 -39.86 -11.86
CA PRO E 60 -25.27 -40.23 -13.13
C PRO E 60 -24.25 -40.53 -14.21
N ASP E 61 -24.59 -41.49 -15.05
CA ASP E 61 -23.74 -41.87 -16.17
C ASP E 61 -23.89 -40.80 -17.24
N LEU E 62 -23.04 -39.79 -17.19
CA LEU E 62 -23.25 -38.56 -17.92
C LEU E 62 -22.53 -38.55 -19.28
N SER E 63 -21.71 -39.56 -19.54
CA SER E 63 -21.01 -39.63 -20.83
C SER E 63 -21.96 -39.91 -21.98
N ILE E 64 -23.06 -40.60 -21.72
CA ILE E 64 -23.99 -40.97 -22.76
C ILE E 64 -25.22 -40.06 -22.77
N CYS E 65 -25.10 -38.86 -22.23
CA CYS E 65 -26.19 -37.91 -22.17
C CYS E 65 -25.96 -36.67 -23.01
N THR E 66 -24.72 -36.28 -23.22
CA THR E 66 -24.42 -35.00 -23.82
C THR E 66 -24.67 -35.02 -25.33
N PHE E 67 -24.60 -33.84 -25.94
CA PHE E 67 -24.80 -33.69 -27.38
C PHE E 67 -23.95 -32.53 -27.86
N VAL E 68 -23.73 -32.49 -29.17
CA VAL E 68 -22.94 -31.45 -29.82
C VAL E 68 -23.75 -30.87 -30.97
N LEU E 69 -23.85 -29.54 -31.00
CA LEU E 69 -24.48 -28.84 -32.10
C LEU E 69 -23.51 -28.85 -33.28
N GLU E 70 -23.97 -29.30 -34.44
CA GLU E 70 -23.15 -29.18 -35.63
C GLU E 70 -23.43 -27.89 -36.38
N GLN E 71 -24.70 -27.52 -36.51
CA GLN E 71 -25.05 -26.53 -37.51
C GLN E 71 -26.38 -25.90 -37.18
N SER E 72 -26.41 -24.57 -37.17
CA SER E 72 -27.63 -23.81 -37.05
C SER E 72 -27.84 -22.99 -38.31
N LEU E 73 -29.07 -22.98 -38.82
CA LEU E 73 -29.40 -22.16 -39.97
C LEU E 73 -30.82 -21.66 -39.77
N SER E 74 -31.25 -20.79 -40.67
CA SER E 74 -32.65 -20.41 -40.64
C SER E 74 -33.47 -21.43 -41.42
N VAL E 75 -34.80 -21.26 -41.34
CA VAL E 75 -35.73 -22.18 -41.96
C VAL E 75 -35.60 -22.13 -43.48
N ARG E 76 -35.52 -20.92 -44.03
CA ARG E 76 -35.28 -20.78 -45.45
C ARG E 76 -33.89 -21.26 -45.83
N ALA E 77 -32.92 -21.11 -44.92
CA ALA E 77 -31.60 -21.68 -45.18
C ALA E 77 -31.65 -23.19 -45.14
N LEU E 78 -32.56 -23.75 -44.35
CA LEU E 78 -32.77 -25.19 -44.39
C LEU E 78 -33.40 -25.60 -45.72
N GLN E 79 -34.26 -24.76 -46.28
CA GLN E 79 -34.77 -25.03 -47.62
C GLN E 79 -33.66 -24.93 -48.66
N GLU E 80 -32.72 -24.01 -48.44
CA GLU E 80 -31.58 -23.85 -49.32
C GLU E 80 -30.70 -25.10 -49.31
N MET E 81 -30.47 -25.66 -48.13
CA MET E 81 -29.78 -26.94 -48.07
C MET E 81 -30.62 -28.03 -48.73
N LEU E 82 -31.94 -27.98 -48.57
CA LEU E 82 -32.83 -28.94 -49.19
C LEU E 82 -33.19 -28.58 -50.62
N ALA E 83 -32.40 -27.72 -51.26
CA ALA E 83 -32.42 -27.67 -52.72
C ALA E 83 -32.03 -29.03 -53.29
N ASN E 84 -31.04 -29.69 -52.70
CA ASN E 84 -30.77 -31.07 -53.02
C ASN E 84 -31.85 -31.94 -52.39
N GLY E 109 -16.65 -20.13 -37.82
CA GLY E 109 -18.03 -19.83 -38.14
C GLY E 109 -18.97 -20.16 -36.99
N HIS E 110 -18.49 -19.95 -35.76
CA HIS E 110 -19.24 -20.26 -34.55
C HIS E 110 -20.34 -19.22 -34.37
N ARG E 111 -21.41 -19.37 -35.13
CA ARG E 111 -22.50 -18.44 -34.98
C ARG E 111 -23.33 -18.81 -33.75
N THR E 112 -24.17 -17.88 -33.32
CA THR E 112 -25.01 -18.06 -32.15
C THR E 112 -26.44 -18.25 -32.59
N LEU E 113 -27.07 -19.30 -32.09
CA LEU E 113 -28.42 -19.65 -32.47
C LEU E 113 -29.45 -18.67 -31.89
N LEU E 114 -30.58 -18.58 -32.58
CA LEU E 114 -31.67 -17.69 -32.23
C LEU E 114 -32.96 -18.51 -32.27
N TYR E 115 -33.99 -18.02 -31.57
CA TYR E 115 -35.28 -18.69 -31.59
C TYR E 115 -35.92 -18.64 -32.96
N GLY E 116 -35.89 -19.74 -33.67
CA GLY E 116 -36.40 -19.76 -35.03
C GLY E 116 -35.35 -20.31 -35.96
N HIS E 117 -34.31 -20.90 -35.39
CA HIS E 117 -33.32 -21.60 -36.18
C HIS E 117 -33.61 -23.10 -36.20
N ALA E 118 -33.11 -23.74 -37.23
CA ALA E 118 -33.11 -25.20 -37.32
C ALA E 118 -31.72 -25.70 -37.00
N ILE E 119 -31.63 -26.73 -36.16
CA ILE E 119 -30.33 -27.18 -35.65
C ILE E 119 -30.16 -28.66 -35.92
N LEU E 120 -28.92 -29.12 -35.76
CA LEU E 120 -28.59 -30.52 -35.64
C LEU E 120 -28.27 -30.86 -34.19
N LEU E 121 -28.30 -32.15 -33.89
CA LEU E 121 -27.89 -32.67 -32.59
C LEU E 121 -27.23 -34.03 -32.81
N ARG E 122 -25.91 -34.03 -32.90
CA ARG E 122 -25.23 -35.31 -32.90
C ARG E 122 -25.07 -35.78 -31.47
N HIS E 123 -25.09 -37.09 -31.28
CA HIS E 123 -24.74 -37.63 -29.99
C HIS E 123 -23.25 -37.51 -29.82
N SER E 124 -22.84 -36.86 -28.72
CA SER E 124 -21.44 -36.50 -28.54
C SER E 124 -20.55 -37.71 -28.38
N TYR E 125 -21.10 -38.82 -27.89
CA TYR E 125 -20.32 -40.04 -27.78
C TYR E 125 -20.35 -40.86 -29.06
N SER E 126 -21.53 -41.32 -29.46
CA SER E 126 -21.65 -42.36 -30.46
C SER E 126 -21.41 -41.85 -31.88
N GLY E 127 -21.52 -40.56 -32.11
CA GLY E 127 -21.40 -40.03 -33.44
C GLY E 127 -22.66 -40.08 -34.26
N MET E 128 -23.70 -40.74 -33.76
CA MET E 128 -24.96 -40.75 -34.48
C MET E 128 -25.69 -39.45 -34.27
N TYR E 129 -26.50 -39.07 -35.25
CA TYR E 129 -27.28 -37.85 -35.18
C TYR E 129 -28.67 -38.16 -34.66
N LEU E 130 -29.19 -37.26 -33.85
CA LEU E 130 -30.49 -37.46 -33.22
C LEU E 130 -31.60 -37.04 -34.17
N CYS E 131 -32.60 -37.89 -34.33
CA CYS E 131 -33.61 -37.68 -35.36
C CYS E 131 -34.97 -38.04 -34.80
N CYS E 132 -35.94 -38.15 -35.69
CA CYS E 132 -37.30 -38.52 -35.36
C CYS E 132 -37.72 -39.73 -36.17
N LEU E 133 -37.88 -40.87 -35.51
CA LEU E 133 -38.28 -42.07 -36.21
C LEU E 133 -39.74 -42.01 -36.62
N SER E 134 -40.08 -42.80 -37.63
CA SER E 134 -41.45 -42.92 -38.12
C SER E 134 -42.16 -44.13 -37.57
N THR E 135 -41.85 -44.52 -36.34
CA THR E 135 -42.49 -45.63 -35.66
C THR E 135 -43.04 -45.16 -34.32
N SER E 136 -43.82 -46.03 -33.68
CA SER E 136 -44.52 -45.68 -32.46
C SER E 136 -44.40 -46.82 -31.46
N ARG E 137 -44.81 -46.54 -30.22
CA ARG E 137 -44.88 -47.55 -29.17
C ARG E 137 -46.17 -47.40 -28.37
N LYS E 142 -51.72 -44.37 -29.77
CA LYS E 142 -51.94 -43.07 -30.40
C LYS E 142 -51.04 -42.90 -31.61
N LEU E 143 -50.66 -41.66 -31.89
CA LEU E 143 -49.75 -41.33 -33.00
C LEU E 143 -48.58 -40.52 -32.49
N ALA E 144 -47.95 -40.96 -31.41
CA ALA E 144 -46.74 -40.34 -30.91
C ALA E 144 -45.53 -41.04 -31.50
N PHE E 145 -44.74 -40.31 -32.28
CA PHE E 145 -43.61 -40.91 -32.98
C PHE E 145 -42.38 -41.04 -32.10
N ASP E 146 -41.65 -42.12 -32.32
CA ASP E 146 -40.49 -42.47 -31.53
C ASP E 146 -39.29 -41.62 -31.92
N VAL E 147 -38.33 -41.55 -31.01
CA VAL E 147 -37.14 -40.72 -31.17
C VAL E 147 -35.92 -41.62 -31.19
N GLY E 148 -35.18 -41.59 -32.29
CA GLY E 148 -34.06 -42.48 -32.47
C GLY E 148 -32.81 -41.74 -32.91
N LEU E 149 -31.72 -42.49 -32.95
CA LEU E 149 -30.47 -42.02 -33.54
C LEU E 149 -30.32 -42.59 -34.94
N GLN E 150 -29.57 -41.89 -35.78
CA GLN E 150 -29.33 -42.36 -37.14
C GLN E 150 -28.00 -41.81 -37.63
N GLU E 151 -27.71 -42.08 -38.90
CA GLU E 151 -26.41 -41.80 -39.49
C GLU E 151 -26.45 -40.63 -40.46
N ASP E 152 -27.32 -40.68 -41.46
CA ASP E 152 -27.25 -39.76 -42.57
C ASP E 152 -27.92 -38.44 -42.22
N THR E 153 -27.21 -37.35 -42.46
CA THR E 153 -27.73 -36.02 -42.18
C THR E 153 -28.72 -35.53 -43.22
N THR E 154 -28.97 -36.30 -44.27
CA THR E 154 -29.97 -35.91 -45.25
C THR E 154 -31.36 -36.08 -44.67
N GLY E 155 -32.31 -35.36 -45.26
CA GLY E 155 -33.69 -35.48 -44.84
C GLY E 155 -34.00 -34.71 -43.58
N GLU E 156 -35.29 -34.41 -43.41
CA GLU E 156 -35.75 -33.56 -42.33
C GLU E 156 -35.86 -34.27 -41.00
N ALA E 157 -35.37 -35.50 -40.89
CA ALA E 157 -35.44 -36.21 -39.62
C ALA E 157 -34.47 -35.62 -38.62
N CYS E 158 -33.28 -35.23 -39.07
CA CYS E 158 -32.23 -34.81 -38.17
C CYS E 158 -32.42 -33.40 -37.62
N TRP E 159 -33.45 -32.69 -38.03
CA TRP E 159 -33.50 -31.25 -37.84
C TRP E 159 -34.63 -30.86 -36.90
N TRP E 160 -34.37 -29.81 -36.13
CA TRP E 160 -35.25 -29.38 -35.06
C TRP E 160 -35.30 -27.86 -35.03
N THR E 161 -36.51 -27.31 -35.06
CA THR E 161 -36.65 -25.88 -34.81
C THR E 161 -36.69 -25.63 -33.31
N ILE E 162 -36.53 -24.37 -32.94
CA ILE E 162 -36.58 -23.94 -31.56
C ILE E 162 -37.70 -22.93 -31.43
N HIS E 163 -38.43 -23.01 -30.33
CA HIS E 163 -39.49 -22.05 -30.09
C HIS E 163 -39.41 -21.53 -28.67
N PRO E 164 -39.73 -20.27 -28.45
CA PRO E 164 -39.56 -19.68 -27.12
C PRO E 164 -40.65 -20.14 -26.17
N ALA E 165 -40.23 -20.52 -24.96
CA ALA E 165 -41.18 -20.73 -23.87
C ALA E 165 -41.31 -19.48 -23.01
N SER E 166 -41.54 -18.34 -23.66
CA SER E 166 -41.67 -17.07 -22.97
C SER E 166 -42.61 -16.17 -23.75
N LYS E 167 -43.53 -15.53 -23.05
CA LYS E 167 -44.20 -14.38 -23.63
C LYS E 167 -43.27 -13.18 -23.73
N GLN E 168 -42.24 -13.12 -22.88
CA GLN E 168 -41.31 -12.00 -22.87
C GLN E 168 -40.29 -12.15 -23.99
N ARG E 169 -39.48 -13.19 -23.90
CA ARG E 169 -38.47 -13.44 -24.91
C ARG E 169 -39.12 -14.17 -26.07
N SER E 170 -38.83 -13.70 -27.27
CA SER E 170 -39.59 -14.11 -28.44
C SER E 170 -38.62 -14.33 -29.60
N GLU E 171 -39.17 -14.34 -30.81
CA GLU E 171 -38.45 -14.71 -32.01
C GLU E 171 -37.34 -13.73 -32.32
N GLY E 172 -36.28 -14.23 -32.97
CA GLY E 172 -35.23 -13.39 -33.47
C GLY E 172 -34.11 -13.12 -32.51
N GLU E 173 -34.37 -13.08 -31.23
CA GLU E 173 -33.33 -12.77 -30.27
C GLU E 173 -32.62 -14.05 -29.81
N LYS E 174 -31.61 -13.86 -28.98
CA LYS E 174 -30.68 -14.93 -28.67
C LYS E 174 -31.29 -15.92 -27.71
N VAL E 175 -30.55 -16.99 -27.44
CA VAL E 175 -30.94 -17.96 -26.43
C VAL E 175 -29.87 -17.93 -25.36
N ARG E 176 -30.23 -17.40 -24.21
CA ARG E 176 -29.30 -17.32 -23.09
C ARG E 176 -29.10 -18.71 -22.50
N VAL E 177 -28.11 -18.81 -21.62
CA VAL E 177 -27.87 -20.06 -20.91
C VAL E 177 -29.05 -20.34 -19.98
N GLY E 178 -29.59 -21.55 -20.09
CA GLY E 178 -30.66 -21.96 -19.20
C GLY E 178 -32.03 -21.49 -19.60
N ASP E 179 -32.24 -21.13 -20.85
CA ASP E 179 -33.57 -20.74 -21.27
C ASP E 179 -34.43 -21.97 -21.52
N ASP E 180 -35.65 -21.94 -21.01
CA ASP E 180 -36.63 -22.99 -21.25
C ASP E 180 -37.11 -22.88 -22.69
N LEU E 181 -37.16 -24.01 -23.38
CA LEU E 181 -37.47 -23.96 -24.81
C LEU E 181 -38.19 -25.22 -25.25
N ILE E 182 -38.85 -25.09 -26.39
CA ILE E 182 -39.61 -26.16 -27.00
C ILE E 182 -38.91 -26.52 -28.30
N LEU E 183 -38.86 -27.81 -28.60
CA LEU E 183 -38.22 -28.29 -29.82
C LEU E 183 -39.24 -28.98 -30.70
N VAL E 184 -39.28 -28.60 -31.97
CA VAL E 184 -40.24 -29.11 -32.93
C VAL E 184 -39.48 -29.68 -34.10
N SER E 185 -39.82 -30.90 -34.50
CA SER E 185 -39.19 -31.51 -35.67
C SER E 185 -39.61 -30.79 -36.94
N VAL E 186 -38.79 -30.97 -37.96
CA VAL E 186 -39.12 -30.41 -39.26
C VAL E 186 -40.06 -31.34 -40.01
N SER E 187 -39.73 -32.63 -40.04
CA SER E 187 -40.56 -33.57 -40.79
C SER E 187 -41.85 -33.87 -40.06
N SER E 188 -41.76 -34.47 -38.87
CA SER E 188 -42.94 -34.93 -38.17
C SER E 188 -43.73 -33.79 -37.56
N GLU E 189 -43.08 -32.65 -37.34
CA GLU E 189 -43.70 -31.43 -36.83
C GLU E 189 -44.36 -31.66 -35.48
N ARG E 190 -43.69 -32.43 -34.63
CA ARG E 190 -44.21 -32.78 -33.33
C ARG E 190 -43.30 -32.23 -32.25
N TYR E 191 -43.86 -32.07 -31.06
CA TYR E 191 -43.08 -31.53 -29.96
C TYR E 191 -42.24 -32.63 -29.35
N LEU E 192 -41.21 -32.23 -28.62
CA LEU E 192 -40.28 -33.20 -28.05
C LEU E 192 -40.86 -33.63 -26.71
N HIS E 193 -41.86 -34.50 -26.80
CA HIS E 193 -42.78 -34.71 -25.70
C HIS E 193 -42.24 -35.69 -24.67
N LEU E 194 -42.51 -35.40 -23.41
CA LEU E 194 -42.22 -36.30 -22.31
C LEU E 194 -43.51 -36.98 -21.88
N SER E 195 -43.62 -38.27 -22.16
CA SER E 195 -44.82 -39.03 -21.87
C SER E 195 -44.66 -39.78 -20.55
N TYR E 196 -45.67 -40.57 -20.22
CA TYR E 196 -45.76 -41.24 -18.93
C TYR E 196 -45.84 -42.76 -19.07
N LEU E 201 -42.78 -43.77 -18.34
CA LEU E 201 -42.23 -42.49 -18.74
C LEU E 201 -41.54 -42.58 -20.09
N HIS E 202 -42.26 -42.22 -21.14
CA HIS E 202 -41.69 -42.25 -22.48
C HIS E 202 -41.17 -40.89 -22.88
N VAL E 203 -40.31 -40.91 -23.90
CA VAL E 203 -39.85 -39.73 -24.59
C VAL E 203 -40.11 -39.94 -26.07
N ASP E 204 -40.90 -39.07 -26.68
CA ASP E 204 -41.39 -39.32 -28.01
C ASP E 204 -41.83 -38.02 -28.64
N ALA E 205 -42.04 -38.06 -29.95
CA ALA E 205 -42.48 -36.90 -30.70
C ALA E 205 -43.99 -36.92 -30.76
N ALA E 206 -44.63 -35.90 -30.20
CA ALA E 206 -46.09 -35.89 -30.09
C ALA E 206 -46.60 -34.47 -30.32
N PHE E 207 -47.92 -34.36 -30.38
CA PHE E 207 -48.61 -33.11 -30.63
C PHE E 207 -48.78 -32.26 -29.39
N GLN E 208 -48.33 -32.73 -28.24
CA GLN E 208 -48.46 -31.98 -27.01
C GLN E 208 -47.11 -31.41 -26.62
N GLN E 209 -47.10 -30.17 -26.20
CA GLN E 209 -45.87 -29.48 -25.90
C GLN E 209 -45.24 -30.02 -24.62
N THR E 210 -43.94 -29.83 -24.50
CA THR E 210 -43.21 -30.22 -23.31
C THR E 210 -42.01 -29.29 -23.17
N LEU E 211 -41.88 -28.67 -22.00
CA LEU E 211 -40.76 -27.77 -21.76
C LEU E 211 -39.45 -28.55 -21.76
N TRP E 212 -38.38 -27.88 -22.18
CA TRP E 212 -37.04 -28.46 -22.19
C TRP E 212 -36.04 -27.38 -21.86
N SER E 213 -35.26 -27.61 -20.81
CA SER E 213 -34.18 -26.72 -20.44
C SER E 213 -32.88 -27.23 -21.03
N VAL E 214 -31.93 -26.30 -21.20
CA VAL E 214 -30.63 -26.60 -21.76
C VAL E 214 -29.56 -26.10 -20.79
N ALA E 215 -28.64 -26.99 -20.43
CA ALA E 215 -27.53 -26.58 -19.59
C ALA E 215 -26.22 -26.87 -20.29
N PRO E 216 -25.21 -26.02 -20.10
CA PRO E 216 -23.91 -26.26 -20.74
C PRO E 216 -23.11 -27.31 -20.00
N ILE E 217 -22.24 -27.98 -20.76
CA ILE E 217 -21.36 -29.02 -20.23
C ILE E 217 -19.90 -28.66 -20.42
N SER E 218 -19.52 -28.28 -21.63
CA SER E 218 -18.12 -28.02 -21.91
C SER E 218 -18.02 -27.14 -23.15
N SER E 219 -16.80 -26.75 -23.48
CA SER E 219 -16.53 -25.95 -24.66
C SER E 219 -15.09 -26.16 -25.11
N ALA E 224 -7.95 -26.43 -23.21
CA ALA E 224 -6.84 -26.32 -24.15
C ALA E 224 -6.06 -27.62 -24.20
N GLN E 225 -5.09 -27.70 -25.10
CA GLN E 225 -4.41 -28.95 -25.38
C GLN E 225 -3.42 -29.30 -24.28
N GLY E 226 -3.21 -30.61 -24.10
CA GLY E 226 -2.26 -31.09 -23.12
C GLY E 226 -2.66 -30.83 -21.69
N TYR E 227 -3.92 -30.59 -21.44
CA TYR E 227 -4.39 -30.07 -20.17
C TYR E 227 -5.57 -30.89 -19.68
N LEU E 228 -5.60 -31.14 -18.37
CA LEU E 228 -6.65 -31.93 -17.77
C LEU E 228 -8.01 -31.25 -17.89
N ILE E 229 -8.93 -31.92 -18.56
CA ILE E 229 -10.26 -31.40 -18.87
C ILE E 229 -11.28 -32.47 -18.48
N GLY E 230 -12.27 -32.07 -17.69
CA GLY E 230 -13.11 -33.03 -16.99
C GLY E 230 -13.98 -33.86 -17.89
N GLY E 231 -14.56 -34.90 -17.31
CA GLY E 231 -15.33 -35.87 -18.06
C GLY E 231 -14.51 -36.83 -18.89
N ASP E 232 -13.21 -36.93 -18.63
CA ASP E 232 -12.29 -37.65 -19.50
C ASP E 232 -11.91 -39.00 -18.89
N VAL E 233 -11.58 -39.93 -19.77
CA VAL E 233 -11.09 -41.25 -19.42
C VAL E 233 -9.58 -41.27 -19.64
N LEU E 234 -8.83 -41.70 -18.63
CA LEU E 234 -7.38 -41.73 -18.77
C LEU E 234 -6.76 -42.80 -17.88
N ARG E 235 -5.45 -42.98 -18.06
CA ARG E 235 -4.63 -43.89 -17.30
C ARG E 235 -4.05 -43.19 -16.08
N LEU E 236 -3.80 -43.97 -15.03
CA LEU E 236 -3.23 -43.42 -13.81
C LEU E 236 -1.89 -44.11 -13.55
N LEU E 237 -0.83 -43.49 -14.06
CA LEU E 237 0.51 -44.05 -13.98
C LEU E 237 1.03 -44.05 -12.55
N HIS E 238 2.13 -44.75 -12.34
CA HIS E 238 2.81 -44.78 -11.05
C HIS E 238 4.29 -44.43 -11.13
N GLY E 239 4.97 -44.83 -12.19
CA GLY E 239 6.38 -44.54 -12.33
C GLY E 239 7.01 -45.28 -13.50
N GLU E 243 4.89 -47.94 -14.60
CA GLU E 243 3.87 -48.62 -13.82
C GLU E 243 2.58 -47.79 -13.83
N CYS E 244 1.44 -48.48 -13.79
CA CYS E 244 0.14 -47.85 -13.82
C CYS E 244 -0.80 -48.55 -12.84
N LEU E 245 -1.83 -47.82 -12.42
CA LEU E 245 -2.89 -48.41 -11.60
C LEU E 245 -3.66 -49.46 -12.39
N THR E 246 -4.02 -50.54 -11.73
CA THR E 246 -4.71 -51.62 -12.39
C THR E 246 -5.82 -52.17 -11.52
N VAL E 247 -6.64 -53.00 -12.15
CA VAL E 247 -7.60 -53.90 -11.52
C VAL E 247 -7.40 -55.27 -12.15
N PRO E 248 -7.40 -56.34 -11.34
CA PRO E 248 -7.03 -57.68 -11.85
C PRO E 248 -7.89 -58.17 -13.00
N SER E 249 -7.37 -59.20 -13.66
CA SER E 249 -7.70 -59.49 -15.06
C SER E 249 -9.04 -60.18 -15.27
N GLY E 250 -9.20 -60.77 -16.45
CA GLY E 250 -10.42 -61.51 -16.73
C GLY E 250 -10.56 -62.71 -15.82
N GLU E 251 -11.82 -63.12 -15.60
CA GLU E 251 -12.20 -64.32 -14.86
C GLU E 251 -11.74 -64.26 -13.39
N HIS E 252 -12.24 -63.25 -12.68
CA HIS E 252 -12.07 -63.19 -11.23
C HIS E 252 -13.42 -62.99 -10.56
N GLU E 255 -13.94 -62.79 -7.22
CA GLU E 255 -13.98 -61.42 -6.76
C GLU E 255 -15.06 -60.65 -7.48
N GLN E 256 -15.28 -61.06 -8.73
CA GLN E 256 -15.92 -60.23 -9.76
C GLN E 256 -15.26 -58.86 -9.85
N ARG E 257 -13.93 -58.87 -9.81
CA ARG E 257 -13.07 -57.70 -10.03
C ARG E 257 -13.37 -56.57 -9.05
N ARG E 258 -13.21 -56.84 -7.76
CA ARG E 258 -13.49 -55.83 -6.76
C ARG E 258 -12.27 -55.43 -5.96
N THR E 259 -11.15 -56.09 -6.18
CA THR E 259 -9.91 -55.72 -5.52
C THR E 259 -9.13 -54.75 -6.38
N VAL E 260 -8.20 -54.04 -5.73
CA VAL E 260 -7.42 -53.00 -6.36
C VAL E 260 -5.96 -53.41 -6.28
N HIS E 261 -5.21 -53.18 -7.36
CA HIS E 261 -3.81 -53.54 -7.41
C HIS E 261 -3.02 -52.48 -8.15
N TYR E 262 -1.71 -52.64 -8.12
CA TYR E 262 -0.79 -51.94 -8.99
C TYR E 262 -0.13 -52.95 -9.89
N GLU E 263 0.35 -52.48 -11.04
CA GLU E 263 1.07 -53.38 -11.93
C GLU E 263 1.92 -52.55 -12.87
N GLY E 264 3.19 -52.93 -12.97
CA GLY E 264 4.03 -52.40 -14.02
C GLY E 264 3.96 -53.23 -15.27
N GLY E 265 4.61 -52.75 -16.31
CA GLY E 265 4.62 -53.48 -17.55
C GLY E 265 3.33 -53.30 -18.33
N ALA E 266 3.23 -54.08 -19.41
CA ALA E 266 2.14 -53.91 -20.38
C ALA E 266 0.85 -54.47 -19.82
N VAL E 267 0.26 -53.68 -18.93
CA VAL E 267 -1.18 -53.76 -18.65
C VAL E 267 -1.61 -52.30 -18.68
N SER E 268 -0.61 -51.42 -18.72
CA SER E 268 -0.85 -49.98 -18.67
C SER E 268 -1.52 -49.49 -19.94
N VAL E 269 -0.97 -49.85 -21.10
CA VAL E 269 -1.53 -49.51 -22.40
C VAL E 269 -2.88 -50.17 -22.59
N HIS E 270 -3.10 -51.28 -21.89
CA HIS E 270 -4.22 -52.18 -22.11
C HIS E 270 -5.51 -51.63 -21.51
N ALA E 271 -6.54 -52.47 -21.50
CA ALA E 271 -7.90 -51.99 -21.34
C ALA E 271 -8.20 -51.61 -19.90
N ARG E 272 -7.99 -52.53 -18.98
CA ARG E 272 -8.41 -52.36 -17.60
C ARG E 272 -7.49 -51.48 -16.77
N SER E 273 -6.58 -50.74 -17.39
CA SER E 273 -5.90 -49.65 -16.71
C SER E 273 -6.54 -48.30 -17.04
N LEU E 274 -7.86 -48.18 -16.93
CA LEU E 274 -8.54 -46.97 -17.39
C LEU E 274 -9.63 -46.55 -16.42
N TRP E 275 -9.76 -45.24 -16.25
CA TRP E 275 -10.59 -44.64 -15.21
C TRP E 275 -11.26 -43.39 -15.76
N ARG E 276 -12.55 -43.26 -15.48
CA ARG E 276 -13.31 -42.09 -15.91
C ARG E 276 -13.50 -41.12 -14.75
N LEU E 277 -13.22 -39.85 -15.01
CA LEU E 277 -13.37 -38.80 -14.01
C LEU E 277 -14.83 -38.37 -13.95
N GLU E 278 -15.31 -38.06 -12.75
CA GLU E 278 -16.59 -37.41 -12.54
C GLU E 278 -16.41 -36.35 -11.47
N THR E 279 -17.18 -35.27 -11.56
CA THR E 279 -17.22 -34.29 -10.49
C THR E 279 -18.63 -34.21 -9.94
N LEU E 280 -18.86 -33.22 -9.08
CA LEU E 280 -20.16 -33.08 -8.46
C LEU E 280 -21.16 -32.44 -9.41
N ARG E 281 -20.75 -31.37 -10.08
CA ARG E 281 -21.68 -30.49 -10.76
C ARG E 281 -22.24 -31.13 -12.02
N VAL E 282 -23.55 -30.98 -12.22
CA VAL E 282 -24.17 -31.38 -13.47
C VAL E 282 -23.70 -30.46 -14.59
N ALA E 283 -23.95 -29.17 -14.44
CA ALA E 283 -23.47 -28.21 -15.43
C ALA E 283 -21.98 -28.00 -15.28
N TRP E 284 -21.34 -27.72 -16.42
CA TRP E 284 -19.88 -27.54 -16.55
C TRP E 284 -19.10 -28.72 -16.00
N SER E 285 -19.64 -29.92 -16.20
CA SER E 285 -18.90 -31.11 -15.87
C SER E 285 -17.71 -31.32 -16.79
N GLY E 286 -17.77 -30.78 -18.00
CA GLY E 286 -16.69 -30.97 -18.95
C GLY E 286 -15.72 -29.82 -18.96
N SER E 287 -15.68 -29.06 -17.88
CA SER E 287 -14.80 -27.91 -17.79
C SER E 287 -13.37 -28.36 -17.53
N HIS E 288 -12.48 -27.42 -17.21
CA HIS E 288 -11.11 -27.80 -16.90
C HIS E 288 -11.02 -28.40 -15.50
N ILE E 289 -9.81 -28.79 -15.13
CA ILE E 289 -9.55 -29.58 -13.93
C ILE E 289 -8.54 -28.84 -13.07
N ARG E 290 -8.95 -28.48 -11.86
CA ARG E 290 -8.15 -27.61 -11.00
C ARG E 290 -7.97 -28.27 -9.64
N TRP E 291 -6.98 -27.79 -8.90
CA TRP E 291 -6.62 -28.39 -7.63
C TRP E 291 -7.68 -28.12 -6.59
N GLY E 292 -7.97 -29.14 -5.78
CA GLY E 292 -8.89 -29.01 -4.68
C GLY E 292 -10.34 -29.27 -5.01
N GLN E 293 -10.72 -29.21 -6.27
CA GLN E 293 -12.10 -29.56 -6.55
C GLN E 293 -12.26 -31.07 -6.48
N PRO E 294 -13.43 -31.56 -6.07
CA PRO E 294 -13.59 -32.99 -5.85
C PRO E 294 -13.70 -33.79 -7.15
N PHE E 295 -13.44 -35.09 -7.04
CA PHE E 295 -13.50 -35.97 -8.18
C PHE E 295 -14.02 -37.33 -7.76
N ARG E 296 -14.90 -37.89 -8.58
CA ARG E 296 -15.27 -39.29 -8.49
C ARG E 296 -14.52 -40.07 -9.54
N LEU E 297 -14.41 -41.37 -9.31
CA LEU E 297 -13.62 -42.24 -10.17
C LEU E 297 -14.45 -43.46 -10.54
N ARG E 298 -14.61 -43.68 -11.84
CA ARG E 298 -15.28 -44.87 -12.34
C ARG E 298 -14.30 -45.64 -13.20
N HIS E 299 -14.11 -46.91 -12.87
CA HIS E 299 -13.33 -47.75 -13.74
C HIS E 299 -14.15 -48.12 -14.96
N VAL E 300 -13.49 -48.13 -16.11
CA VAL E 300 -14.20 -48.07 -17.38
C VAL E 300 -14.59 -49.46 -17.85
N THR E 301 -13.66 -50.41 -17.79
CA THR E 301 -13.92 -51.74 -18.31
C THR E 301 -14.90 -52.54 -17.46
N THR E 302 -15.20 -52.08 -16.25
CA THR E 302 -16.25 -52.69 -15.43
C THR E 302 -17.47 -51.80 -15.32
N GLY E 303 -17.27 -50.55 -14.92
CA GLY E 303 -18.38 -49.71 -14.59
C GLY E 303 -18.66 -49.73 -13.11
N LYS E 304 -17.60 -49.65 -12.32
CA LYS E 304 -17.72 -49.58 -10.87
C LYS E 304 -16.99 -48.34 -10.36
N TYR E 305 -17.31 -47.97 -9.13
CA TYR E 305 -16.73 -46.80 -8.49
C TYR E 305 -15.80 -47.20 -7.38
N LEU E 306 -14.63 -46.57 -7.33
CA LEU E 306 -13.63 -46.84 -6.30
C LEU E 306 -14.10 -46.19 -5.02
N SER E 307 -14.84 -46.95 -4.21
CA SER E 307 -15.42 -46.44 -2.97
C SER E 307 -14.50 -46.78 -1.81
N LEU E 308 -14.08 -45.76 -1.06
CA LEU E 308 -13.27 -45.95 0.13
C LEU E 308 -14.18 -46.41 1.27
N MET E 309 -14.23 -47.73 1.45
CA MET E 309 -14.81 -48.31 2.66
C MET E 309 -13.65 -48.71 3.55
N GLU E 310 -13.03 -47.70 4.18
CA GLU E 310 -11.88 -47.92 5.06
C GLU E 310 -12.24 -48.66 6.34
N ASP E 311 -13.54 -48.81 6.63
CA ASP E 311 -13.99 -49.83 7.57
C ASP E 311 -13.51 -51.22 7.17
N LYS E 312 -13.46 -51.50 5.86
CA LYS E 312 -12.75 -52.69 5.37
C LYS E 312 -11.53 -52.32 4.53
N SER E 313 -11.72 -51.67 3.38
CA SER E 313 -10.63 -51.38 2.44
C SER E 313 -11.17 -50.51 1.31
N LEU E 314 -10.24 -49.97 0.52
CA LEU E 314 -10.55 -49.20 -0.69
C LEU E 314 -11.11 -50.16 -1.73
N LEU E 315 -12.44 -50.19 -1.87
CA LEU E 315 -13.10 -51.17 -2.71
C LEU E 315 -13.75 -50.54 -3.94
N LEU E 316 -14.35 -51.40 -4.75
CA LEU E 316 -14.93 -51.05 -6.03
C LEU E 316 -16.42 -51.40 -6.00
N MET E 317 -17.26 -50.39 -5.90
CA MET E 317 -18.70 -50.63 -5.78
C MET E 317 -19.44 -49.96 -6.93
N ASP E 318 -20.75 -50.18 -6.97
CA ASP E 318 -21.57 -49.90 -8.14
C ASP E 318 -22.16 -48.50 -8.08
N LYS E 319 -23.02 -48.19 -9.04
CA LYS E 319 -23.57 -46.83 -9.15
C LYS E 319 -24.55 -46.54 -8.01
N GLU E 320 -25.43 -47.49 -7.71
CA GLU E 320 -26.47 -47.26 -6.72
C GLU E 320 -25.90 -47.18 -5.32
N LYS E 321 -24.79 -47.87 -5.08
CA LYS E 321 -24.20 -47.92 -3.75
C LYS E 321 -23.25 -46.75 -3.51
N ALA E 322 -22.63 -46.22 -4.56
CA ALA E 322 -21.64 -45.16 -4.38
C ALA E 322 -22.32 -43.85 -4.04
N ASP E 323 -21.76 -43.16 -3.06
CA ASP E 323 -22.23 -41.85 -2.62
C ASP E 323 -21.07 -40.87 -2.76
N VAL E 324 -21.27 -39.67 -2.21
CA VAL E 324 -20.23 -38.64 -2.31
C VAL E 324 -19.04 -39.00 -1.42
N LYS E 325 -19.28 -39.11 -0.11
CA LYS E 325 -18.20 -39.33 0.86
C LYS E 325 -17.58 -40.71 0.74
N SER E 326 -18.25 -41.64 0.07
CA SER E 326 -17.67 -42.97 -0.09
C SER E 326 -16.52 -42.97 -1.09
N THR E 327 -16.54 -42.05 -2.06
CA THR E 327 -15.55 -42.16 -3.12
C THR E 327 -14.88 -40.87 -3.58
N ALA E 328 -15.32 -39.69 -3.15
CA ALA E 328 -14.87 -38.44 -3.76
C ALA E 328 -13.44 -38.09 -3.34
N PHE E 329 -12.60 -37.81 -4.33
CA PHE E 329 -11.18 -37.52 -4.15
C PHE E 329 -10.84 -36.16 -4.74
N THR E 330 -9.71 -35.61 -4.32
CA THR E 330 -9.14 -34.43 -4.95
C THR E 330 -7.71 -34.74 -5.34
N PHE E 331 -7.05 -33.74 -5.94
CA PHE E 331 -5.65 -33.87 -6.34
C PHE E 331 -4.91 -32.63 -5.88
N ARG E 332 -3.73 -32.83 -5.31
CA ARG E 332 -2.87 -31.72 -4.92
C ARG E 332 -1.47 -31.97 -5.44
N SER E 333 -0.69 -30.89 -5.42
CA SER E 333 0.68 -30.94 -5.91
C SER E 333 1.56 -31.85 -5.07
N SER E 334 1.33 -31.87 -3.76
CA SER E 334 2.18 -32.62 -2.85
C SER E 334 1.32 -33.36 -1.83
N LYS E 335 1.95 -33.83 -0.76
CA LYS E 335 1.28 -34.52 0.31
C LYS E 335 0.72 -33.55 1.34
N GLU E 336 0.63 -32.27 0.99
CA GLU E 336 0.19 -31.20 1.86
C GLU E 336 -1.33 -31.05 1.86
N LYS E 337 -1.82 -30.23 2.78
CA LYS E 337 -3.26 -30.11 3.01
C LYS E 337 -3.71 -28.67 3.23
N LEU E 338 -2.83 -27.70 3.03
CA LEU E 338 -3.19 -26.29 3.22
C LEU E 338 -3.82 -25.70 1.96
N ARG E 343 -11.59 -23.09 -8.88
CA ARG E 343 -12.04 -23.83 -7.72
C ARG E 343 -13.25 -24.69 -8.07
N LYS E 344 -14.41 -24.27 -7.57
CA LYS E 344 -15.65 -25.01 -7.69
C LYS E 344 -16.76 -24.25 -8.37
N GLU E 345 -16.84 -22.93 -8.15
CA GLU E 345 -17.90 -22.11 -8.72
C GLU E 345 -17.28 -21.19 -9.76
N VAL E 346 -17.11 -21.73 -10.97
CA VAL E 346 -16.77 -20.93 -12.14
C VAL E 346 -17.75 -21.30 -13.25
N ASP E 347 -17.74 -20.50 -14.30
CA ASP E 347 -18.48 -20.82 -15.50
C ASP E 347 -17.53 -20.81 -16.68
N GLY E 348 -18.04 -21.22 -17.83
CA GLY E 348 -17.19 -21.54 -18.94
C GLY E 348 -16.48 -22.86 -18.70
N MET E 349 -15.57 -23.19 -19.61
CA MET E 349 -14.80 -24.40 -19.43
C MET E 349 -13.66 -24.26 -18.43
N GLY E 350 -13.51 -23.07 -17.81
CA GLY E 350 -12.56 -22.89 -16.73
C GLY E 350 -11.15 -22.63 -17.22
N THR E 351 -10.23 -22.57 -16.25
CA THR E 351 -8.82 -22.39 -16.52
C THR E 351 -8.11 -23.73 -16.35
N SER E 352 -7.28 -24.08 -17.33
CA SER E 352 -6.52 -25.31 -17.30
C SER E 352 -5.45 -25.20 -16.23
N GLU E 353 -5.61 -25.94 -15.14
CA GLU E 353 -4.61 -25.88 -14.09
C GLU E 353 -3.51 -26.91 -14.31
N ILE E 354 -3.89 -28.14 -14.67
CA ILE E 354 -3.00 -29.28 -14.58
C ILE E 354 -2.77 -29.85 -15.97
N LYS E 355 -1.53 -30.26 -16.23
CA LYS E 355 -1.19 -30.92 -17.48
C LYS E 355 -1.47 -32.41 -17.38
N TYR E 356 -1.14 -33.14 -18.45
CA TYR E 356 -1.14 -34.60 -18.40
C TYR E 356 0.23 -35.15 -18.05
N GLY E 357 1.23 -34.82 -18.87
CA GLY E 357 2.54 -35.41 -18.69
C GLY E 357 3.33 -34.82 -17.55
N ASP E 358 3.22 -33.51 -17.34
CA ASP E 358 4.12 -32.81 -16.43
C ASP E 358 3.34 -32.33 -15.23
N SER E 359 3.13 -33.24 -14.28
CA SER E 359 2.54 -33.03 -12.96
C SER E 359 2.66 -34.34 -12.20
N VAL E 360 2.80 -34.24 -10.89
CA VAL E 360 2.79 -35.39 -10.00
C VAL E 360 1.69 -35.10 -8.99
N CYS E 361 0.53 -35.71 -9.17
CA CYS E 361 -0.60 -35.45 -8.31
C CYS E 361 -0.69 -36.49 -7.20
N PHE E 362 -1.41 -36.14 -6.15
CA PHE E 362 -1.54 -36.96 -4.96
C PHE E 362 -2.99 -36.96 -4.51
N ILE E 363 -3.51 -38.13 -4.19
CA ILE E 363 -4.93 -38.28 -3.90
C ILE E 363 -5.17 -38.03 -2.42
N GLN E 364 -6.04 -37.07 -2.11
CA GLN E 364 -6.42 -36.75 -0.75
C GLN E 364 -7.93 -36.86 -0.63
N HIS E 365 -8.40 -37.85 0.11
CA HIS E 365 -9.83 -38.09 0.20
C HIS E 365 -10.50 -37.04 1.08
N ILE E 366 -11.73 -36.71 0.73
CA ILE E 366 -12.49 -35.70 1.45
C ILE E 366 -12.95 -36.20 2.81
N GLY E 367 -13.58 -37.38 2.83
CA GLY E 367 -14.27 -37.82 4.03
C GLY E 367 -13.35 -38.25 5.17
N THR E 368 -12.20 -38.83 4.84
CA THR E 368 -11.30 -39.34 5.86
C THR E 368 -9.92 -38.70 5.85
N GLY E 369 -9.60 -37.86 4.87
CA GLY E 369 -8.29 -37.28 4.79
C GLY E 369 -7.18 -38.22 4.40
N LEU E 370 -7.51 -39.43 3.98
CA LEU E 370 -6.50 -40.43 3.71
C LEU E 370 -5.81 -40.15 2.38
N TRP E 371 -4.57 -40.62 2.30
CA TRP E 371 -3.75 -40.55 1.11
C TRP E 371 -3.56 -41.96 0.59
N LEU E 372 -3.53 -42.10 -0.72
CA LEU E 372 -3.33 -43.42 -1.30
C LEU E 372 -1.88 -43.84 -1.13
N THR E 373 -1.68 -45.10 -0.73
CA THR E 373 -0.34 -45.64 -0.60
C THR E 373 -0.30 -47.03 -1.18
N TYR E 374 0.91 -47.56 -1.27
CA TYR E 374 1.13 -48.92 -1.71
C TYR E 374 1.37 -49.84 -0.51
N GLN E 375 1.72 -51.07 -0.82
CA GLN E 375 2.32 -51.99 0.13
C GLN E 375 3.66 -52.45 -0.44
N SER E 376 4.68 -52.53 0.39
CA SER E 376 6.04 -52.77 -0.08
C SER E 376 6.23 -54.19 -0.59
N SER E 386 6.45 -59.14 -12.16
CA SER E 386 6.16 -59.79 -10.90
C SER E 386 5.83 -58.78 -9.82
N ILE E 387 4.82 -57.95 -10.07
CA ILE E 387 4.37 -56.94 -9.12
C ILE E 387 2.86 -57.07 -8.98
N GLN E 388 2.40 -57.27 -7.76
CA GLN E 388 0.98 -57.20 -7.39
C GLN E 388 0.84 -56.29 -6.17
N ARG E 389 1.45 -55.11 -6.29
CA ARG E 389 1.63 -54.16 -5.20
C ARG E 389 0.27 -53.63 -4.73
N LYS E 390 -0.19 -54.11 -3.58
CA LYS E 390 -1.58 -53.94 -3.21
C LYS E 390 -1.85 -52.53 -2.70
N ALA E 391 -2.94 -51.93 -3.19
CA ALA E 391 -3.26 -50.55 -2.90
C ALA E 391 -4.16 -50.44 -1.68
N ILE E 392 -3.74 -49.62 -0.71
CA ILE E 392 -4.52 -49.27 0.46
C ILE E 392 -4.39 -47.78 0.71
N MET E 393 -5.33 -47.20 1.42
CA MET E 393 -5.22 -45.81 1.80
C MET E 393 -4.42 -45.71 3.10
N HIS E 394 -3.90 -44.50 3.36
CA HIS E 394 -3.09 -44.30 4.55
C HIS E 394 -3.17 -42.84 4.95
N HIS E 395 -2.86 -42.56 6.20
CA HIS E 395 -2.86 -41.17 6.65
C HIS E 395 -1.65 -40.41 6.13
N GLU E 396 -0.53 -41.09 5.90
CA GLU E 396 0.65 -40.43 5.38
C GLU E 396 1.04 -40.96 4.01
N GLY E 397 1.28 -42.26 3.88
CA GLY E 397 1.87 -42.81 2.69
C GLY E 397 3.39 -42.72 2.74
N HIS E 398 4.00 -43.10 1.63
CA HIS E 398 5.45 -43.12 1.51
C HIS E 398 5.92 -42.01 0.56
N MET E 399 7.22 -42.03 0.26
CA MET E 399 7.75 -41.16 -0.79
C MET E 399 7.27 -41.60 -2.17
N ASP E 400 6.98 -42.89 -2.34
CA ASP E 400 6.68 -43.47 -3.65
C ASP E 400 5.18 -43.56 -3.90
N ASP E 401 4.42 -42.56 -3.47
CA ASP E 401 3.03 -42.42 -3.89
C ASP E 401 2.85 -41.35 -4.96
N GLY E 402 3.88 -41.14 -5.78
CA GLY E 402 3.87 -40.16 -6.85
C GLY E 402 3.17 -40.65 -8.10
N LEU E 403 1.85 -40.61 -8.09
CA LEU E 403 1.03 -41.11 -9.18
C LEU E 403 1.08 -40.15 -10.36
N ASN E 404 1.58 -40.63 -11.50
CA ASN E 404 1.70 -39.80 -12.70
C ASN E 404 0.46 -39.99 -13.57
N LEU E 405 0.31 -39.09 -14.55
CA LEU E 405 -0.89 -39.00 -15.37
C LEU E 405 -0.57 -39.21 -16.85
N SER E 406 -1.49 -39.87 -17.56
CA SER E 406 -1.40 -40.04 -18.99
C SER E 406 -2.79 -40.28 -19.54
N ARG E 407 -3.11 -39.62 -20.65
CA ARG E 407 -4.45 -39.65 -21.19
C ARG E 407 -4.65 -40.77 -22.20
N SER E 408 -5.89 -41.18 -22.36
CA SER E 408 -6.27 -42.22 -23.29
C SER E 408 -6.41 -41.65 -24.70
N GLN E 409 -6.93 -42.46 -25.61
CA GLN E 409 -7.31 -42.00 -26.92
C GLN E 409 -8.79 -42.26 -27.16
N HIS E 410 -9.27 -41.71 -28.27
CA HIS E 410 -10.71 -41.66 -28.50
C HIS E 410 -11.27 -43.03 -28.83
N GLU E 411 -10.60 -43.73 -29.75
CA GLU E 411 -11.06 -45.07 -30.10
C GLU E 411 -10.86 -46.04 -28.96
N GLU E 412 -9.88 -45.80 -28.11
CA GLU E 412 -9.67 -46.64 -26.94
C GLU E 412 -10.83 -46.52 -25.97
N SER E 413 -11.25 -45.28 -25.70
CA SER E 413 -12.44 -45.04 -24.88
C SER E 413 -13.67 -45.64 -25.53
N ARG E 414 -13.75 -45.53 -26.85
CA ARG E 414 -14.86 -46.10 -27.61
C ARG E 414 -14.94 -47.61 -27.41
N THR E 415 -13.83 -48.31 -27.61
CA THR E 415 -13.81 -49.75 -27.46
C THR E 415 -14.06 -50.17 -26.02
N ALA E 416 -13.59 -49.38 -25.06
CA ALA E 416 -13.80 -49.75 -23.67
C ALA E 416 -15.27 -49.64 -23.29
N ARG E 417 -15.94 -48.58 -23.75
CA ARG E 417 -17.36 -48.47 -23.50
C ARG E 417 -18.13 -49.57 -24.23
N VAL E 418 -17.63 -49.98 -25.40
CA VAL E 418 -18.18 -51.12 -26.11
C VAL E 418 -18.02 -52.41 -25.31
N ILE E 419 -16.88 -52.56 -24.64
CA ILE E 419 -16.62 -53.73 -23.79
C ILE E 419 -17.64 -53.81 -22.68
N ARG E 420 -17.88 -52.69 -21.99
CA ARG E 420 -18.81 -52.70 -20.87
C ARG E 420 -20.23 -52.98 -21.34
N SER E 421 -20.65 -52.36 -22.44
CA SER E 421 -21.97 -52.62 -23.00
C SER E 421 -22.12 -54.09 -23.43
N THR E 422 -21.05 -54.65 -23.98
CA THR E 422 -21.11 -56.00 -24.54
C THR E 422 -21.23 -57.04 -23.44
N VAL E 423 -20.37 -56.94 -22.42
CA VAL E 423 -20.44 -57.84 -21.28
C VAL E 423 -21.78 -57.71 -20.57
N PHE E 424 -22.25 -56.46 -20.44
CA PHE E 424 -23.49 -56.21 -19.73
C PHE E 424 -24.70 -56.74 -20.49
N LEU E 425 -24.59 -56.88 -21.81
CA LEU E 425 -25.65 -57.55 -22.55
C LEU E 425 -25.54 -59.06 -22.43
N PHE E 426 -24.34 -59.61 -22.65
CA PHE E 426 -24.23 -61.05 -22.78
C PHE E 426 -24.41 -61.78 -21.46
N ASN E 427 -24.13 -61.13 -20.33
CA ASN E 427 -24.43 -61.82 -19.08
C ASN E 427 -25.92 -61.87 -18.83
N ARG E 428 -26.67 -60.85 -19.24
CA ARG E 428 -28.13 -60.92 -19.25
C ARG E 428 -28.60 -62.07 -20.12
N PHE E 429 -27.99 -62.21 -21.30
CA PHE E 429 -28.37 -63.26 -22.23
C PHE E 429 -28.10 -64.65 -21.66
N ILE E 430 -26.93 -64.83 -21.03
CA ILE E 430 -26.57 -66.11 -20.42
C ILE E 430 -27.49 -66.43 -19.27
N ARG E 431 -27.81 -65.44 -18.43
CA ARG E 431 -28.72 -65.69 -17.32
C ARG E 431 -30.13 -66.00 -17.80
N GLY E 432 -30.56 -65.40 -18.91
CA GLY E 432 -31.84 -65.78 -19.48
C GLY E 432 -31.85 -67.21 -19.98
N LEU E 433 -30.73 -67.65 -20.57
CA LEU E 433 -30.65 -69.04 -21.00
C LEU E 433 -30.58 -69.99 -19.82
N ASP E 434 -29.94 -69.59 -18.72
CA ASP E 434 -29.94 -70.42 -17.53
C ASP E 434 -31.31 -70.48 -16.89
N ALA E 435 -32.12 -69.45 -17.06
CA ALA E 435 -33.49 -69.50 -16.58
C ALA E 435 -34.34 -70.45 -17.42
N LEU E 436 -34.30 -70.27 -18.74
CA LEU E 436 -35.16 -71.07 -19.62
C LEU E 436 -34.55 -72.42 -20.00
N SER E 437 -33.42 -72.79 -19.42
CA SER E 437 -32.90 -74.13 -19.67
C SER E 437 -33.43 -75.14 -18.67
N LYS E 438 -33.19 -74.91 -17.37
CA LYS E 438 -33.45 -75.93 -16.36
C LYS E 438 -34.93 -76.07 -16.05
N LYS E 439 -35.62 -74.95 -15.83
CA LYS E 439 -37.03 -74.95 -15.50
C LYS E 439 -37.81 -74.11 -16.48
N ALA E 440 -39.07 -74.49 -16.69
CA ALA E 440 -39.91 -73.84 -17.68
C ALA E 440 -40.85 -72.87 -16.99
N LYS E 441 -40.28 -71.72 -16.62
CA LYS E 441 -40.99 -70.54 -16.09
C LYS E 441 -41.83 -70.80 -14.85
N THR E 444 -44.22 -64.01 -17.67
CA THR E 444 -43.24 -65.02 -18.03
C THR E 444 -41.83 -64.59 -17.64
N VAL E 445 -40.91 -65.54 -17.64
CA VAL E 445 -39.50 -65.28 -17.38
C VAL E 445 -38.85 -64.91 -18.71
N ASP E 446 -38.22 -63.74 -18.75
CA ASP E 446 -37.89 -63.06 -20.00
C ASP E 446 -36.39 -63.08 -20.28
N LEU E 447 -36.06 -62.78 -21.54
CA LEU E 447 -34.73 -63.01 -22.07
C LEU E 447 -34.48 -61.99 -23.16
N PRO E 448 -33.28 -61.41 -23.27
CA PRO E 448 -33.03 -60.42 -24.32
C PRO E 448 -32.78 -61.08 -25.67
N ILE E 449 -33.51 -60.64 -26.69
CA ILE E 449 -33.40 -61.27 -28.00
C ILE E 449 -33.03 -60.27 -29.09
N GLU E 450 -33.90 -59.31 -29.34
CA GLU E 450 -33.77 -58.50 -30.55
C GLU E 450 -32.72 -57.42 -30.38
N SER E 451 -32.57 -56.91 -29.17
CA SER E 451 -31.46 -56.02 -28.87
C SER E 451 -30.13 -56.76 -29.00
N VAL E 452 -30.13 -58.05 -28.68
CA VAL E 452 -28.92 -58.85 -28.78
C VAL E 452 -28.54 -59.05 -30.24
N SER E 453 -29.51 -59.41 -31.07
CA SER E 453 -29.24 -59.59 -32.49
C SER E 453 -28.86 -58.27 -33.15
N LEU E 454 -29.45 -57.18 -32.69
CA LEU E 454 -29.12 -55.87 -33.25
C LEU E 454 -27.69 -55.47 -32.88
N SER E 455 -27.33 -55.64 -31.60
CA SER E 455 -25.98 -55.39 -31.15
C SER E 455 -24.98 -56.33 -31.81
N LEU E 456 -25.43 -57.52 -32.15
CA LEU E 456 -24.54 -58.49 -32.75
C LEU E 456 -24.23 -58.12 -34.19
N GLN E 457 -25.24 -57.69 -34.94
CA GLN E 457 -24.98 -57.15 -36.28
C GLN E 457 -24.12 -55.92 -36.22
N ASP E 458 -24.29 -55.11 -35.17
CA ASP E 458 -23.45 -53.93 -34.98
C ASP E 458 -21.99 -54.32 -34.81
N LEU E 459 -21.73 -55.34 -33.98
CA LEU E 459 -20.35 -55.74 -33.79
C LEU E 459 -19.78 -56.51 -34.96
N ILE E 460 -20.63 -57.12 -35.78
CA ILE E 460 -20.17 -57.65 -37.06
C ILE E 460 -19.68 -56.51 -37.94
N GLY E 461 -20.45 -55.43 -38.00
CA GLY E 461 -20.03 -54.29 -38.78
C GLY E 461 -18.82 -53.59 -38.19
N TYR E 462 -18.62 -53.72 -36.89
CA TYR E 462 -17.58 -52.95 -36.22
C TYR E 462 -16.19 -53.49 -36.49
N PHE E 463 -16.07 -54.79 -36.69
CA PHE E 463 -14.80 -55.40 -37.06
C PHE E 463 -14.70 -55.66 -38.54
N HIS E 464 -15.30 -54.83 -39.34
CA HIS E 464 -15.28 -55.06 -40.77
C HIS E 464 -13.90 -54.77 -41.32
N PRO E 465 -13.30 -55.70 -42.05
CA PRO E 465 -12.00 -55.45 -42.64
C PRO E 465 -12.09 -54.40 -43.72
N PRO E 466 -11.11 -53.52 -43.83
CA PRO E 466 -11.19 -52.43 -44.80
C PRO E 466 -11.09 -52.95 -46.23
N ASP E 467 -11.55 -52.11 -47.15
CA ASP E 467 -11.94 -52.56 -48.46
C ASP E 467 -10.77 -52.77 -49.41
N GLU E 468 -11.07 -52.91 -50.70
CA GLU E 468 -10.07 -52.89 -51.75
C GLU E 468 -9.92 -51.53 -52.40
N HIS E 469 -10.80 -50.60 -52.08
CA HIS E 469 -10.72 -49.23 -52.59
C HIS E 469 -10.51 -48.31 -51.40
N LEU E 470 -9.25 -48.18 -51.01
CA LEU E 470 -8.84 -47.18 -50.05
C LEU E 470 -7.39 -46.87 -50.35
N GLU E 471 -6.95 -45.69 -49.93
CA GLU E 471 -5.54 -45.36 -50.02
C GLU E 471 -4.73 -46.31 -49.15
N HIS E 472 -3.58 -46.72 -49.68
CA HIS E 472 -2.77 -47.75 -49.04
C HIS E 472 -2.31 -47.31 -47.65
N GLU E 473 -1.99 -46.04 -47.51
CA GLU E 473 -1.69 -45.47 -46.21
C GLU E 473 -2.91 -45.51 -45.31
N ASP E 474 -4.08 -45.12 -45.83
CA ASP E 474 -5.28 -45.13 -45.02
C ASP E 474 -5.76 -46.54 -44.76
N LYS E 475 -5.53 -47.44 -45.73
CA LYS E 475 -5.80 -48.86 -45.52
C LYS E 475 -5.02 -49.38 -44.34
N GLN E 476 -3.74 -49.02 -44.25
CA GLN E 476 -2.96 -49.53 -43.14
C GLN E 476 -3.23 -48.80 -41.84
N ASN E 477 -3.69 -47.55 -41.90
CA ASN E 477 -4.17 -46.88 -40.69
C ASN E 477 -5.36 -47.61 -40.11
N ARG E 478 -6.36 -47.87 -40.96
CA ARG E 478 -7.56 -48.52 -40.49
C ARG E 478 -7.28 -49.96 -40.09
N LEU E 479 -6.32 -50.60 -40.74
CA LEU E 479 -5.94 -51.95 -40.37
C LEU E 479 -5.25 -51.98 -39.02
N ARG E 480 -4.41 -50.99 -38.75
CA ARG E 480 -3.79 -50.84 -37.44
C ARG E 480 -4.83 -50.67 -36.37
N ALA E 481 -5.83 -49.82 -36.62
CA ALA E 481 -6.91 -49.61 -35.67
C ALA E 481 -7.70 -50.91 -35.47
N LEU E 482 -7.85 -51.70 -36.53
CA LEU E 482 -8.58 -52.96 -36.44
C LEU E 482 -7.84 -53.94 -35.55
N LYS E 483 -6.52 -54.06 -35.74
CA LYS E 483 -5.75 -54.99 -34.90
C LYS E 483 -5.70 -54.54 -33.46
N ASN E 484 -5.71 -53.23 -33.24
CA ASN E 484 -5.71 -52.74 -31.87
C ASN E 484 -7.03 -53.07 -31.19
N ARG E 485 -8.14 -52.96 -31.93
CA ARG E 485 -9.43 -53.36 -31.40
C ARG E 485 -9.49 -54.85 -31.09
N GLN E 486 -8.97 -55.67 -32.01
CA GLN E 486 -8.96 -57.12 -31.81
C GLN E 486 -8.17 -57.49 -30.58
N ASN E 487 -7.03 -56.85 -30.38
CA ASN E 487 -6.18 -57.18 -29.24
C ASN E 487 -6.84 -56.75 -27.94
N LEU E 488 -7.49 -55.59 -27.93
CA LEU E 488 -8.19 -55.14 -26.73
C LEU E 488 -9.41 -55.98 -26.42
N PHE E 489 -10.01 -56.65 -27.40
CA PHE E 489 -11.03 -57.59 -26.99
C PHE E 489 -10.44 -58.93 -26.58
N GLN E 490 -9.27 -59.27 -27.12
CA GLN E 490 -8.62 -60.53 -26.78
C GLN E 490 -8.26 -60.59 -25.32
N GLU E 491 -7.61 -59.54 -24.83
CA GLU E 491 -7.11 -59.55 -23.45
C GLU E 491 -8.25 -59.60 -22.44
N GLU E 492 -9.38 -59.00 -22.75
CA GLU E 492 -10.49 -59.07 -21.81
C GLU E 492 -11.27 -60.37 -21.90
N GLY E 493 -10.97 -61.21 -22.88
CA GLY E 493 -11.52 -62.55 -22.88
C GLY E 493 -12.96 -62.64 -23.34
N MET E 494 -13.36 -61.83 -24.32
CA MET E 494 -14.71 -61.92 -24.85
C MET E 494 -14.95 -63.21 -25.62
N ILE E 495 -13.88 -63.83 -26.10
CA ILE E 495 -13.98 -64.97 -27.01
C ILE E 495 -14.56 -66.16 -26.28
N ASN E 496 -14.06 -66.41 -25.07
CA ASN E 496 -14.55 -67.53 -24.29
C ASN E 496 -15.97 -67.28 -23.83
N LEU E 497 -16.31 -66.02 -23.59
CA LEU E 497 -17.69 -65.64 -23.29
C LEU E 497 -18.63 -65.98 -24.46
N VAL E 498 -18.21 -65.64 -25.67
CA VAL E 498 -18.99 -65.97 -26.87
C VAL E 498 -19.06 -67.48 -27.06
N LEU E 499 -17.98 -68.17 -26.73
CA LEU E 499 -17.91 -69.61 -26.90
C LEU E 499 -18.87 -70.32 -25.96
N GLU E 500 -18.94 -69.89 -24.72
CA GLU E 500 -19.89 -70.47 -23.79
C GLU E 500 -21.30 -70.03 -24.09
N CYS E 501 -21.47 -68.87 -24.72
CA CYS E 501 -22.77 -68.48 -25.23
C CYS E 501 -23.24 -69.45 -26.31
N ILE E 502 -22.31 -69.90 -27.15
CA ILE E 502 -22.63 -70.92 -28.15
C ILE E 502 -23.01 -72.23 -27.45
N ASP E 503 -22.22 -72.59 -26.43
CA ASP E 503 -22.47 -73.82 -25.66
C ASP E 503 -23.87 -73.85 -25.06
N ARG E 504 -24.27 -72.75 -24.42
CA ARG E 504 -25.63 -72.68 -23.91
C ARG E 504 -26.67 -72.60 -25.00
N LEU E 505 -26.32 -72.03 -26.16
CA LEU E 505 -27.30 -71.97 -27.23
C LEU E 505 -27.45 -73.29 -27.96
N HIS E 506 -26.39 -74.04 -28.10
CA HIS E 506 -26.36 -75.09 -29.12
C HIS E 506 -26.99 -76.37 -28.57
N VAL E 507 -28.28 -76.30 -28.30
CA VAL E 507 -28.95 -77.34 -27.54
C VAL E 507 -30.01 -78.02 -28.38
N TYR E 508 -31.04 -77.29 -28.76
CA TYR E 508 -32.21 -77.93 -29.35
C TYR E 508 -32.29 -77.59 -30.83
N SER E 509 -33.40 -78.00 -31.44
CA SER E 509 -33.52 -77.89 -32.90
C SER E 509 -34.85 -77.26 -33.28
N SER E 510 -35.19 -76.15 -32.63
CA SER E 510 -36.41 -75.38 -32.85
C SER E 510 -37.69 -76.20 -32.66
N VAL E 517 -38.30 -75.27 -24.58
CA VAL E 517 -37.18 -74.55 -23.97
C VAL E 517 -37.61 -73.12 -23.71
N ALA E 518 -38.16 -72.50 -24.74
CA ALA E 518 -38.67 -71.15 -24.64
C ALA E 518 -39.90 -71.03 -25.53
N GLY E 519 -40.58 -69.90 -25.41
CA GLY E 519 -41.62 -69.59 -26.35
C GLY E 519 -40.97 -69.32 -27.69
N ARG E 520 -41.08 -70.28 -28.59
CA ARG E 520 -40.27 -70.30 -29.81
C ARG E 520 -40.73 -69.28 -30.84
N GLU E 521 -41.78 -68.51 -30.56
CA GLU E 521 -41.98 -67.25 -31.26
C GLU E 521 -40.81 -66.31 -31.00
N ALA E 522 -40.39 -66.21 -29.73
CA ALA E 522 -39.24 -65.39 -29.39
C ALA E 522 -37.93 -66.00 -29.83
N GLY E 523 -37.81 -67.32 -29.76
CA GLY E 523 -36.58 -67.98 -30.15
C GLY E 523 -36.63 -68.45 -31.59
N GLU E 524 -37.41 -67.75 -32.41
CA GLU E 524 -37.55 -68.13 -33.81
C GLU E 524 -36.28 -67.83 -34.60
N SER E 525 -35.55 -66.79 -34.21
CA SER E 525 -34.37 -66.33 -34.93
C SER E 525 -33.11 -67.06 -34.53
N TRP E 526 -33.27 -68.25 -33.96
CA TRP E 526 -32.17 -69.05 -33.40
C TRP E 526 -31.08 -69.33 -34.41
N LYS E 527 -31.48 -69.71 -35.63
CA LYS E 527 -30.55 -69.95 -36.71
C LYS E 527 -29.74 -68.71 -37.04
N SER E 528 -30.41 -67.56 -37.11
CA SER E 528 -29.74 -66.31 -37.44
C SER E 528 -28.78 -65.89 -36.34
N ILE E 529 -29.19 -66.09 -35.07
CA ILE E 529 -28.36 -65.69 -33.95
C ILE E 529 -27.09 -66.51 -33.91
N LEU E 530 -27.20 -67.82 -34.12
CA LEU E 530 -26.00 -68.65 -34.15
C LEU E 530 -25.14 -68.35 -35.35
N ASN E 531 -25.76 -68.03 -36.49
CA ASN E 531 -24.98 -67.75 -37.68
C ASN E 531 -24.18 -66.47 -37.50
N SER E 532 -24.80 -65.46 -36.89
CA SER E 532 -24.10 -64.22 -36.62
C SER E 532 -23.04 -64.40 -35.56
N LEU E 533 -23.25 -65.30 -34.59
CA LEU E 533 -22.22 -65.53 -33.60
C LEU E 533 -21.01 -66.21 -34.20
N TYR E 534 -21.23 -67.15 -35.10
CA TYR E 534 -20.11 -67.75 -35.82
C TYR E 534 -19.40 -66.74 -36.71
N GLU E 535 -20.14 -65.81 -37.28
CA GLU E 535 -19.50 -64.82 -38.13
C GLU E 535 -18.70 -63.81 -37.30
N LEU E 536 -19.20 -63.46 -36.12
CA LEU E 536 -18.44 -62.62 -35.20
C LEU E 536 -17.19 -63.33 -34.72
N LEU E 537 -17.30 -64.63 -34.46
CA LEU E 537 -16.14 -65.39 -34.03
C LEU E 537 -15.11 -65.47 -35.14
N ALA E 538 -15.57 -65.50 -36.38
CA ALA E 538 -14.65 -65.37 -37.49
C ALA E 538 -14.02 -64.00 -37.56
N ALA E 539 -14.72 -62.97 -37.08
CA ALA E 539 -14.14 -61.63 -37.16
C ALA E 539 -13.00 -61.43 -36.17
N LEU E 540 -13.10 -62.00 -34.97
CA LEU E 540 -12.15 -61.64 -33.93
C LEU E 540 -10.81 -62.34 -34.03
N ILE E 541 -10.48 -62.96 -35.15
CA ILE E 541 -9.25 -63.72 -35.23
C ILE E 541 -8.37 -63.29 -36.40
N ARG E 542 -8.99 -63.02 -37.55
CA ARG E 542 -8.36 -63.10 -38.88
C ARG E 542 -7.07 -62.32 -39.07
N GLY E 543 -6.74 -61.39 -38.18
CA GLY E 543 -5.50 -60.67 -38.36
C GLY E 543 -4.41 -61.16 -37.43
N ASN E 544 -4.77 -61.43 -36.19
CA ASN E 544 -3.76 -61.64 -35.17
C ASN E 544 -3.28 -63.07 -35.13
N ARG E 545 -1.98 -63.23 -35.34
CA ARG E 545 -1.31 -64.50 -35.10
C ARG E 545 -1.41 -64.92 -33.65
N LYS E 546 -1.18 -63.97 -32.74
CA LYS E 546 -1.08 -64.31 -31.33
C LYS E 546 -2.42 -64.68 -30.75
N ASN E 547 -3.49 -64.03 -31.19
CA ASN E 547 -4.80 -64.35 -30.64
C ASN E 547 -5.29 -65.70 -31.12
N CYS E 548 -5.02 -66.04 -32.38
CA CYS E 548 -5.49 -67.34 -32.85
C CYS E 548 -4.62 -68.47 -32.32
N ALA E 549 -3.33 -68.23 -32.16
CA ALA E 549 -2.48 -69.25 -31.55
C ALA E 549 -2.83 -69.46 -30.09
N GLN E 550 -3.23 -68.39 -29.39
CA GLN E 550 -3.77 -68.55 -28.05
C GLN E 550 -5.10 -69.29 -28.06
N PHE E 551 -5.95 -68.98 -29.04
CA PHE E 551 -7.25 -69.61 -29.15
C PHE E 551 -7.15 -71.10 -29.43
N SER E 552 -6.07 -71.52 -30.07
CA SER E 552 -5.90 -72.85 -30.63
C SER E 552 -6.09 -74.04 -29.70
N GLY E 553 -6.14 -73.79 -28.39
CA GLY E 553 -6.43 -74.86 -27.46
C GLY E 553 -7.83 -75.43 -27.62
N SER E 554 -8.80 -74.58 -27.95
CA SER E 554 -10.18 -75.02 -28.02
C SER E 554 -10.56 -75.59 -29.38
N LEU E 555 -9.57 -76.06 -30.14
CA LEU E 555 -9.82 -76.62 -31.46
C LEU E 555 -10.65 -77.89 -31.39
N ASP E 556 -10.48 -78.65 -30.31
CA ASP E 556 -11.13 -79.95 -30.17
C ASP E 556 -12.65 -79.82 -30.06
N TRP E 557 -13.12 -78.80 -29.33
CA TRP E 557 -14.55 -78.55 -29.22
C TRP E 557 -15.15 -78.20 -30.57
N LEU E 558 -14.39 -77.46 -31.38
CA LEU E 558 -14.86 -77.05 -32.70
C LEU E 558 -14.97 -78.25 -33.64
N ILE E 559 -13.96 -79.13 -33.62
CA ILE E 559 -14.03 -80.29 -34.47
C ILE E 559 -15.09 -81.27 -33.96
N SER E 560 -15.36 -81.23 -32.66
CA SER E 560 -16.49 -81.98 -32.12
C SER E 560 -17.81 -81.45 -32.67
N ARG E 561 -17.94 -80.13 -32.74
CA ARG E 561 -19.18 -79.53 -33.21
C ARG E 561 -19.23 -79.37 -34.71
N LEU E 562 -18.21 -79.86 -35.42
CA LEU E 562 -18.16 -79.78 -36.87
C LEU E 562 -19.35 -80.47 -37.54
N GLU E 563 -19.90 -81.50 -36.92
CA GLU E 563 -20.91 -82.34 -37.56
C GLU E 563 -22.31 -82.04 -37.07
N ARG E 564 -22.62 -80.77 -36.83
CA ARG E 564 -23.97 -80.45 -36.38
C ARG E 564 -24.96 -80.44 -37.54
N LEU E 565 -24.45 -80.35 -38.77
CA LEU E 565 -25.22 -80.31 -40.02
C LEU E 565 -26.11 -79.08 -40.14
N GLU E 566 -26.01 -78.13 -39.22
CA GLU E 566 -26.96 -77.04 -39.17
C GLU E 566 -26.25 -75.71 -39.39
N ALA E 567 -25.17 -75.48 -38.65
CA ALA E 567 -24.44 -74.23 -38.73
C ALA E 567 -22.97 -74.45 -39.01
N SER E 568 -22.61 -75.56 -39.65
CA SER E 568 -21.22 -76.01 -39.67
C SER E 568 -20.35 -75.15 -40.57
N SER E 569 -20.95 -74.38 -41.49
CA SER E 569 -20.17 -73.55 -42.38
C SER E 569 -19.48 -72.43 -41.62
N GLY E 570 -20.13 -71.91 -40.58
CA GLY E 570 -19.51 -70.90 -39.75
C GLY E 570 -18.30 -71.43 -39.00
N ILE E 571 -18.42 -72.63 -38.43
CA ILE E 571 -17.29 -73.27 -37.75
C ILE E 571 -16.18 -73.55 -38.74
N LEU E 572 -16.54 -73.93 -39.97
CA LEU E 572 -15.52 -74.22 -40.97
C LEU E 572 -14.77 -72.95 -41.39
N GLU E 573 -15.49 -71.83 -41.50
CA GLU E 573 -14.81 -70.59 -41.84
C GLU E 573 -13.90 -70.11 -40.73
N VAL E 574 -14.37 -70.23 -39.47
CA VAL E 574 -13.55 -69.86 -38.32
C VAL E 574 -12.31 -70.71 -38.26
N LEU E 575 -12.47 -72.02 -38.44
CA LEU E 575 -11.35 -72.94 -38.42
C LEU E 575 -10.37 -72.67 -39.53
N HIS E 576 -10.86 -72.27 -40.71
CA HIS E 576 -9.97 -71.96 -41.81
C HIS E 576 -9.14 -70.73 -41.51
N CYS E 577 -9.79 -69.66 -41.04
CA CYS E 577 -9.06 -68.43 -40.75
C CYS E 577 -8.13 -68.59 -39.57
N VAL E 578 -8.41 -69.50 -38.65
CA VAL E 578 -7.46 -69.81 -37.60
C VAL E 578 -6.26 -70.54 -38.17
N LEU E 579 -6.52 -71.60 -38.95
CA LEU E 579 -5.43 -72.45 -39.41
C LEU E 579 -4.58 -71.80 -40.49
N VAL E 580 -4.97 -70.65 -41.02
CA VAL E 580 -4.06 -69.94 -41.92
C VAL E 580 -2.88 -69.37 -41.14
N GLU E 581 -3.15 -68.64 -40.07
CA GLU E 581 -2.16 -67.72 -39.53
C GLU E 581 -1.43 -68.22 -38.30
N SER E 582 -1.54 -69.49 -37.94
CA SER E 582 -0.69 -69.94 -36.85
C SER E 582 -0.25 -71.37 -37.04
N PRO E 583 1.04 -71.62 -37.25
CA PRO E 583 1.53 -73.00 -37.31
C PRO E 583 1.59 -73.66 -35.96
N GLU E 584 1.36 -72.92 -34.88
CA GLU E 584 1.17 -73.54 -33.58
C GLU E 584 -0.08 -74.41 -33.58
N ALA E 585 -1.13 -73.97 -34.27
CA ALA E 585 -2.36 -74.76 -34.32
C ALA E 585 -2.19 -75.98 -35.20
N LEU E 586 -1.38 -75.89 -36.25
CA LEU E 586 -1.20 -77.00 -37.17
C LEU E 586 -0.50 -78.15 -36.52
N ASN E 587 0.40 -77.87 -35.58
CA ASN E 587 1.08 -78.93 -34.86
C ASN E 587 0.18 -79.60 -33.85
N ILE E 588 -0.94 -78.97 -33.50
CA ILE E 588 -1.83 -79.54 -32.51
C ILE E 588 -2.70 -80.63 -33.12
N ILE E 589 -3.20 -80.40 -34.34
CA ILE E 589 -4.31 -81.20 -34.86
C ILE E 589 -3.83 -82.60 -35.24
N LYS E 590 -4.76 -83.55 -35.19
CA LYS E 590 -4.42 -84.97 -35.16
C LYS E 590 -5.32 -85.73 -36.12
N GLU E 591 -5.26 -87.06 -36.01
CA GLU E 591 -5.73 -87.95 -37.06
C GLU E 591 -7.25 -87.97 -37.16
N GLY E 592 -7.92 -88.27 -36.05
CA GLY E 592 -9.37 -88.36 -36.04
C GLY E 592 -10.07 -87.07 -36.39
N HIS E 593 -9.43 -85.93 -36.12
CA HIS E 593 -9.94 -84.65 -36.59
C HIS E 593 -10.01 -84.62 -38.09
N ILE E 594 -8.94 -85.05 -38.75
CA ILE E 594 -8.87 -85.04 -40.20
C ILE E 594 -9.84 -86.03 -40.79
N LYS E 595 -9.96 -87.18 -40.14
CA LYS E 595 -10.94 -88.18 -40.55
C LYS E 595 -12.35 -87.64 -40.41
N SER E 596 -12.60 -86.84 -39.39
CA SER E 596 -13.90 -86.19 -39.21
C SER E 596 -14.16 -85.15 -40.29
N ILE E 597 -13.13 -84.43 -40.70
CA ILE E 597 -13.29 -83.43 -41.76
C ILE E 597 -13.61 -84.10 -43.08
N ILE E 598 -12.90 -85.19 -43.39
CA ILE E 598 -13.20 -85.97 -44.58
C ILE E 598 -14.59 -86.58 -44.48
N SER E 599 -15.01 -86.92 -43.26
CA SER E 599 -16.36 -87.43 -43.04
C SER E 599 -17.41 -86.36 -43.32
N LEU E 600 -17.13 -85.12 -42.93
CA LEU E 600 -18.08 -84.04 -43.17
C LEU E 600 -18.18 -83.75 -44.65
N LEU E 601 -17.07 -83.89 -45.36
CA LEU E 601 -17.10 -83.88 -46.82
C LEU E 601 -17.95 -85.02 -47.35
N ASP E 602 -17.88 -86.18 -46.69
CA ASP E 602 -18.66 -87.34 -47.10
C ASP E 602 -20.12 -87.22 -46.70
N LYS E 603 -20.49 -86.19 -45.94
CA LYS E 603 -21.89 -85.94 -45.68
C LYS E 603 -22.46 -84.82 -46.54
N HIS E 604 -21.76 -83.70 -46.61
CA HIS E 604 -22.35 -82.50 -47.21
C HIS E 604 -21.90 -82.27 -48.64
N GLY E 605 -22.04 -83.28 -49.49
CA GLY E 605 -21.83 -83.06 -50.92
C GLY E 605 -20.37 -82.84 -51.27
N ARG E 606 -20.12 -81.77 -52.01
CA ARG E 606 -18.80 -81.41 -52.50
C ARG E 606 -18.56 -79.94 -52.18
N ASN E 607 -17.95 -79.66 -51.03
CA ASN E 607 -17.65 -78.29 -50.65
C ASN E 607 -16.23 -77.94 -51.02
N HIS E 608 -16.07 -76.88 -51.81
CA HIS E 608 -14.75 -76.37 -52.15
C HIS E 608 -14.06 -75.78 -50.93
N LYS E 609 -14.83 -75.35 -49.94
CA LYS E 609 -14.25 -74.79 -48.72
C LYS E 609 -13.45 -75.84 -47.96
N VAL E 610 -13.94 -77.07 -47.95
CA VAL E 610 -13.28 -78.17 -47.26
C VAL E 610 -11.92 -78.44 -47.86
N LEU E 611 -11.83 -78.35 -49.18
CA LEU E 611 -10.56 -78.56 -49.85
C LEU E 611 -9.59 -77.43 -49.56
N ASP E 612 -10.10 -76.22 -49.37
CA ASP E 612 -9.25 -75.13 -48.93
C ASP E 612 -8.72 -75.39 -47.53
N VAL E 613 -9.55 -75.99 -46.68
CA VAL E 613 -9.12 -76.33 -45.32
C VAL E 613 -8.02 -77.35 -45.35
N LEU E 614 -8.18 -78.38 -46.18
CA LEU E 614 -7.17 -79.43 -46.25
C LEU E 614 -5.89 -78.92 -46.88
N CYS E 615 -6.00 -78.01 -47.84
CA CYS E 615 -4.82 -77.39 -48.42
C CYS E 615 -4.09 -76.53 -47.40
N SER E 616 -4.85 -75.81 -46.57
CA SER E 616 -4.22 -74.98 -45.54
C SER E 616 -3.55 -75.85 -44.49
N LEU E 617 -4.17 -76.96 -44.14
CA LEU E 617 -3.59 -77.88 -43.19
C LEU E 617 -2.37 -78.59 -43.76
N CYS E 618 -2.27 -78.67 -45.08
CA CYS E 618 -1.13 -79.33 -45.70
C CYS E 618 0.14 -78.52 -45.56
N VAL E 619 0.07 -77.21 -45.78
CA VAL E 619 1.25 -76.37 -45.94
C VAL E 619 1.18 -75.21 -44.96
N CYS E 620 2.27 -74.95 -44.26
CA CYS E 620 2.39 -73.83 -43.34
C CYS E 620 2.66 -72.54 -44.08
N HIS E 621 3.13 -71.52 -43.36
CA HIS E 621 3.45 -70.25 -43.96
C HIS E 621 4.52 -70.39 -45.03
N GLY E 622 5.51 -71.23 -44.80
CA GLY E 622 6.44 -71.52 -45.87
C GLY E 622 6.78 -72.99 -46.01
N VAL E 623 6.44 -73.79 -45.02
CA VAL E 623 6.92 -75.15 -44.95
C VAL E 623 5.75 -76.12 -44.95
N ALA E 624 6.07 -77.40 -44.93
CA ALA E 624 5.06 -78.44 -44.97
C ALA E 624 5.27 -79.41 -43.82
N VAL E 625 4.22 -80.17 -43.55
CA VAL E 625 4.22 -81.21 -42.53
C VAL E 625 3.95 -82.54 -43.22
N ARG E 626 4.85 -83.50 -43.03
CA ARG E 626 4.78 -84.71 -43.83
C ARG E 626 3.67 -85.63 -43.37
N SER E 627 3.53 -85.79 -42.06
CA SER E 627 2.64 -86.81 -41.50
C SER E 627 1.19 -86.52 -41.84
N ASN E 628 0.82 -85.24 -41.88
CA ASN E 628 -0.53 -84.89 -42.26
C ASN E 628 -0.79 -85.19 -43.73
N GLN E 629 0.24 -85.08 -44.55
CA GLN E 629 0.06 -85.39 -45.97
C GLN E 629 -0.09 -86.89 -46.18
N HIS E 630 0.70 -87.69 -45.47
CA HIS E 630 0.53 -89.14 -45.56
C HIS E 630 -0.84 -89.54 -45.06
N LEU E 631 -1.32 -88.87 -44.02
CA LEU E 631 -2.62 -89.15 -43.45
C LEU E 631 -3.74 -88.81 -44.43
N ILE E 632 -3.58 -87.71 -45.17
CA ILE E 632 -4.53 -87.34 -46.21
C ILE E 632 -4.56 -88.40 -47.30
N CYS E 633 -3.40 -88.68 -47.88
CA CYS E 633 -3.43 -89.52 -49.06
C CYS E 633 -3.52 -90.99 -48.75
N ASP E 634 -3.64 -91.36 -47.48
CA ASP E 634 -4.18 -92.69 -47.20
C ASP E 634 -5.64 -92.66 -46.81
N ASN E 635 -6.10 -91.59 -46.16
CA ASN E 635 -7.43 -91.62 -45.60
C ASN E 635 -8.51 -91.04 -46.51
N LEU E 636 -8.13 -90.34 -47.57
CA LEU E 636 -9.14 -89.81 -48.47
C LEU E 636 -9.02 -90.36 -49.88
N LEU E 637 -7.86 -90.25 -50.47
CA LEU E 637 -7.66 -90.54 -51.88
C LEU E 637 -7.82 -91.99 -52.34
N PRO E 638 -7.36 -93.04 -51.62
CA PRO E 638 -7.53 -94.40 -52.16
C PRO E 638 -8.96 -94.88 -52.27
N GLY E 639 -9.92 -94.25 -51.59
CA GLY E 639 -11.31 -94.62 -51.77
C GLY E 639 -11.84 -94.30 -53.16
N ARG E 640 -11.37 -93.18 -53.74
CA ARG E 640 -11.68 -92.75 -55.11
C ARG E 640 -13.18 -92.54 -55.31
N ASP E 641 -13.84 -91.97 -54.33
CA ASP E 641 -15.29 -91.86 -54.39
C ASP E 641 -15.79 -90.45 -54.19
N LEU E 642 -15.10 -89.64 -53.39
CA LEU E 642 -15.65 -88.34 -53.06
C LEU E 642 -15.25 -87.30 -54.09
N LEU E 643 -14.04 -87.42 -54.62
CA LEU E 643 -13.57 -86.55 -55.67
C LEU E 643 -13.96 -87.11 -57.03
N LEU E 644 -13.38 -86.54 -58.07
CA LEU E 644 -13.74 -86.88 -59.44
C LEU E 644 -12.58 -87.59 -60.12
N GLN E 645 -12.81 -88.84 -60.48
CA GLN E 645 -11.76 -89.66 -61.07
C GLN E 645 -11.90 -89.63 -62.58
N THR E 646 -10.77 -89.58 -63.27
CA THR E 646 -10.73 -89.24 -64.68
C THR E 646 -9.71 -90.09 -65.41
N ARG E 647 -9.86 -90.16 -66.73
CA ARG E 647 -8.96 -90.89 -67.63
C ARG E 647 -9.25 -90.45 -69.07
N LEU E 648 -8.69 -91.17 -70.04
CA LEU E 648 -8.93 -90.84 -71.44
C LEU E 648 -9.46 -92.06 -72.18
N VAL E 649 -10.35 -91.80 -73.14
CA VAL E 649 -11.04 -92.81 -73.92
C VAL E 649 -10.98 -92.38 -75.38
N ASN E 650 -10.81 -93.33 -76.30
CA ASN E 650 -10.88 -93.03 -77.72
C ASN E 650 -12.33 -92.74 -78.14
N HIS E 651 -12.49 -91.97 -79.22
CA HIS E 651 -13.83 -91.66 -79.73
C HIS E 651 -14.52 -92.89 -80.28
N VAL E 652 -15.63 -93.26 -79.65
CA VAL E 652 -16.44 -94.38 -80.08
C VAL E 652 -17.35 -93.94 -81.21
N SER E 653 -17.44 -94.74 -82.27
CA SER E 653 -18.29 -94.44 -83.41
C SER E 653 -18.84 -95.72 -84.00
N SER E 654 -19.98 -95.60 -84.69
CA SER E 654 -20.65 -96.73 -85.30
C SER E 654 -21.28 -96.30 -86.61
N MET E 655 -21.54 -97.28 -87.47
CA MET E 655 -22.08 -97.02 -88.81
C MET E 655 -23.11 -98.07 -89.18
N ARG E 656 -24.26 -97.61 -89.70
CA ARG E 656 -25.36 -98.50 -90.05
C ARG E 656 -25.69 -98.42 -91.54
N PRO E 657 -25.97 -99.56 -92.19
CA PRO E 657 -26.10 -99.59 -93.64
C PRO E 657 -27.51 -99.39 -94.19
N ASN E 658 -28.15 -98.29 -93.79
CA ASN E 658 -29.27 -97.64 -94.48
C ASN E 658 -30.56 -98.47 -94.51
N ILE E 659 -30.61 -99.62 -93.85
CA ILE E 659 -31.71 -100.55 -94.02
C ILE E 659 -32.48 -100.66 -92.71
N PHE E 660 -33.76 -100.30 -92.75
CA PHE E 660 -34.66 -100.58 -91.64
C PHE E 660 -35.20 -101.99 -91.77
N LEU E 661 -35.38 -102.66 -90.63
CA LEU E 661 -35.91 -104.02 -90.62
C LEU E 661 -36.91 -104.14 -89.49
N GLY E 662 -38.17 -104.40 -89.84
CA GLY E 662 -39.21 -104.59 -88.85
C GLY E 662 -39.14 -105.92 -88.13
N LYS E 671 -39.87 -111.83 -92.78
CA LYS E 671 -39.10 -113.05 -92.75
C LYS E 671 -37.80 -112.89 -91.97
N LYS E 672 -36.91 -113.86 -92.13
CA LYS E 672 -35.62 -113.84 -91.45
C LYS E 672 -34.73 -112.73 -92.01
N TRP E 673 -33.65 -112.41 -91.31
CA TRP E 673 -32.68 -111.46 -91.82
C TRP E 673 -31.29 -111.96 -91.45
N TYR E 674 -30.31 -111.61 -92.27
CA TYR E 674 -28.99 -112.20 -92.16
C TYR E 674 -27.98 -111.39 -92.95
N TYR E 675 -26.81 -111.14 -92.34
CA TYR E 675 -25.70 -110.55 -93.07
C TYR E 675 -24.40 -111.13 -92.52
N GLU E 676 -23.29 -110.77 -93.17
CA GLU E 676 -21.99 -111.33 -92.86
C GLU E 676 -20.95 -110.21 -92.90
N LEU E 677 -19.84 -110.43 -92.20
CA LEU E 677 -18.78 -109.45 -92.07
C LEU E 677 -17.43 -110.14 -92.08
N MET E 678 -16.54 -109.67 -92.96
CA MET E 678 -15.21 -110.24 -93.07
C MET E 678 -14.20 -109.22 -92.57
N VAL E 679 -13.37 -109.63 -91.63
CA VAL E 679 -12.38 -108.75 -91.05
C VAL E 679 -11.16 -108.70 -91.96
N ASP E 680 -10.60 -107.50 -92.13
CA ASP E 680 -9.45 -107.30 -93.01
C ASP E 680 -8.28 -106.67 -92.29
N HIS E 681 -8.52 -105.76 -91.37
CA HIS E 681 -7.49 -105.20 -90.51
C HIS E 681 -8.05 -104.89 -89.14
N THR E 682 -7.28 -105.23 -88.11
CA THR E 682 -7.64 -104.95 -86.74
C THR E 682 -6.73 -103.89 -86.14
N GLU E 683 -5.42 -104.15 -86.09
CA GLU E 683 -4.34 -103.21 -85.78
C GLU E 683 -4.55 -102.54 -84.44
N PRO E 684 -4.50 -103.30 -83.34
CA PRO E 684 -5.27 -102.94 -82.14
C PRO E 684 -4.67 -101.83 -81.28
N PHE E 685 -3.38 -101.50 -81.42
CA PHE E 685 -2.79 -100.53 -80.51
C PHE E 685 -1.80 -99.63 -81.24
N VAL E 686 -2.31 -98.51 -81.78
CA VAL E 686 -1.54 -97.29 -81.68
C VAL E 686 -2.49 -96.37 -80.95
N THR E 687 -2.54 -96.53 -79.62
CA THR E 687 -3.34 -95.89 -78.59
C THR E 687 -2.92 -96.63 -77.33
N ALA E 688 -3.06 -95.99 -76.17
CA ALA E 688 -2.91 -96.69 -74.91
C ALA E 688 -4.28 -97.10 -74.36
N GLU E 689 -4.94 -97.97 -75.13
CA GLU E 689 -6.34 -98.31 -74.89
C GLU E 689 -6.71 -99.55 -75.67
N ALA E 690 -7.34 -100.50 -74.99
CA ALA E 690 -7.90 -101.68 -75.64
C ALA E 690 -9.09 -101.25 -76.49
N THR E 691 -8.90 -101.27 -77.81
CA THR E 691 -9.92 -100.77 -78.71
C THR E 691 -11.09 -101.75 -78.82
N HIS E 692 -12.25 -101.23 -79.19
CA HIS E 692 -13.48 -102.01 -79.13
C HIS E 692 -13.92 -102.43 -80.52
N LEU E 693 -14.60 -103.58 -80.58
CA LEU E 693 -15.12 -104.17 -81.81
C LEU E 693 -16.52 -104.70 -81.52
N ARG E 694 -17.52 -103.85 -81.71
CA ARG E 694 -18.90 -104.19 -81.37
C ARG E 694 -19.69 -104.48 -82.64
N VAL E 695 -20.23 -105.69 -82.73
CA VAL E 695 -21.02 -106.14 -83.87
C VAL E 695 -22.38 -106.58 -83.35
N GLY E 696 -23.45 -106.00 -83.89
CA GLY E 696 -24.76 -106.45 -83.46
C GLY E 696 -26.00 -105.75 -83.98
N TRP E 697 -27.03 -105.72 -83.14
CA TRP E 697 -28.37 -105.27 -83.51
C TRP E 697 -28.89 -104.28 -82.48
N ALA E 698 -29.61 -103.27 -82.96
CA ALA E 698 -30.21 -102.27 -82.09
C ALA E 698 -31.55 -101.84 -82.64
N SER E 699 -32.31 -101.14 -81.81
CA SER E 699 -33.66 -100.71 -82.13
C SER E 699 -33.65 -99.29 -82.69
N THR E 700 -34.70 -98.97 -83.44
CA THR E 700 -34.82 -97.68 -84.09
C THR E 700 -35.47 -96.64 -83.19
N GLU E 701 -36.61 -96.97 -82.59
CA GLU E 701 -37.32 -96.02 -81.75
C GLU E 701 -36.62 -95.88 -80.41
N GLY E 702 -36.63 -94.67 -79.86
CA GLY E 702 -35.70 -94.30 -78.82
C GLY E 702 -34.39 -93.98 -79.50
N TYR E 703 -33.27 -94.52 -78.99
CA TYR E 703 -32.02 -94.69 -79.73
C TYR E 703 -31.44 -93.35 -80.19
N SER E 704 -30.88 -92.63 -79.22
CA SER E 704 -30.06 -91.44 -79.49
C SER E 704 -28.59 -91.74 -79.20
N PRO E 705 -27.83 -92.29 -80.17
CA PRO E 705 -26.41 -92.65 -79.93
C PRO E 705 -25.41 -91.55 -80.27
N TYR E 706 -25.38 -90.52 -79.42
CA TYR E 706 -24.43 -89.46 -79.72
C TYR E 706 -23.04 -89.91 -79.29
N PRO E 707 -21.97 -89.44 -79.97
CA PRO E 707 -20.62 -89.99 -79.72
C PRO E 707 -20.13 -89.62 -78.34
N GLY E 708 -20.12 -90.60 -77.45
CA GLY E 708 -20.00 -90.32 -76.04
C GLY E 708 -21.33 -89.96 -75.39
N GLY E 709 -22.27 -89.41 -76.15
CA GLY E 709 -23.54 -88.96 -75.64
C GLY E 709 -24.68 -89.93 -75.88
N GLY E 710 -24.37 -91.21 -75.77
CA GLY E 710 -25.39 -92.23 -75.74
C GLY E 710 -25.64 -92.65 -74.31
N GLU E 711 -25.05 -93.76 -73.90
CA GLU E 711 -25.03 -94.18 -72.50
C GLU E 711 -23.81 -93.54 -71.83
N GLU E 712 -23.44 -94.03 -70.64
CA GLU E 712 -22.20 -93.58 -70.00
C GLU E 712 -20.99 -93.93 -70.86
N TRP E 713 -20.08 -92.97 -71.01
CA TRP E 713 -18.74 -93.09 -71.61
C TRP E 713 -18.75 -93.32 -73.13
N GLY E 714 -19.92 -93.53 -73.72
CA GLY E 714 -19.98 -93.86 -75.14
C GLY E 714 -19.66 -95.32 -75.40
N GLY E 715 -20.50 -96.00 -76.18
CA GLY E 715 -20.21 -97.38 -76.48
C GLY E 715 -21.35 -98.05 -77.21
N ASN E 716 -21.36 -99.38 -77.13
CA ASN E 716 -22.30 -100.21 -77.85
C ASN E 716 -22.44 -101.51 -77.07
N GLY E 717 -23.67 -102.02 -77.01
CA GLY E 717 -23.99 -102.97 -75.98
C GLY E 717 -24.13 -102.32 -74.62
N VAL E 718 -24.38 -101.02 -74.59
CA VAL E 718 -24.51 -100.30 -73.33
C VAL E 718 -25.92 -99.82 -73.07
N GLY E 719 -26.82 -99.85 -74.06
CA GLY E 719 -28.21 -99.54 -73.85
C GLY E 719 -29.06 -100.77 -74.13
N ASP E 720 -30.30 -100.72 -73.62
CA ASP E 720 -31.26 -101.79 -73.89
C ASP E 720 -31.78 -101.76 -75.31
N ASP E 721 -31.58 -100.66 -76.03
CA ASP E 721 -31.62 -100.72 -77.48
C ASP E 721 -30.53 -101.61 -78.03
N LEU E 722 -29.33 -101.55 -77.45
CA LEU E 722 -28.11 -102.06 -78.06
C LEU E 722 -27.89 -103.51 -77.69
N PHE E 723 -27.53 -104.33 -78.68
CA PHE E 723 -27.17 -105.73 -78.45
C PHE E 723 -26.02 -106.04 -79.38
N SER E 724 -24.79 -106.01 -78.86
CA SER E 724 -23.60 -106.04 -79.68
C SER E 724 -22.65 -107.13 -79.19
N TYR E 725 -21.59 -107.35 -79.95
CA TYR E 725 -20.75 -108.52 -79.73
C TYR E 725 -19.41 -108.34 -80.42
N GLY E 726 -18.41 -109.08 -79.93
CA GLY E 726 -17.08 -109.08 -80.51
C GLY E 726 -16.02 -108.71 -79.50
N PHE E 727 -15.07 -109.61 -79.28
CA PHE E 727 -14.00 -109.38 -78.30
C PHE E 727 -12.85 -110.31 -78.63
N ASP E 728 -11.70 -110.02 -78.05
CA ASP E 728 -10.58 -110.95 -78.15
C ASP E 728 -10.92 -112.05 -77.17
N GLY E 729 -11.55 -113.14 -77.64
CA GLY E 729 -12.42 -113.85 -76.72
C GLY E 729 -13.83 -113.30 -76.71
N LEU E 730 -14.57 -113.60 -77.78
CA LEU E 730 -15.56 -112.78 -78.45
C LEU E 730 -16.76 -112.19 -77.70
N HIS E 731 -16.86 -112.41 -76.39
CA HIS E 731 -18.10 -112.28 -75.62
C HIS E 731 -18.66 -110.85 -75.62
N LEU E 732 -19.90 -110.72 -75.14
CA LEU E 732 -20.81 -109.66 -75.54
C LEU E 732 -20.80 -108.45 -74.59
N TRP E 733 -21.66 -107.49 -74.92
CA TRP E 733 -22.18 -106.47 -74.02
C TRP E 733 -23.64 -106.24 -74.39
N SER E 734 -24.49 -106.05 -73.38
CA SER E 734 -25.88 -105.66 -73.62
C SER E 734 -26.35 -104.88 -72.39
N GLY E 735 -26.31 -103.56 -72.47
CA GLY E 735 -26.56 -102.75 -71.30
C GLY E 735 -25.35 -102.54 -70.43
N CYS E 736 -24.15 -102.57 -71.04
CA CYS E 736 -22.85 -102.54 -70.38
C CYS E 736 -22.74 -103.72 -69.41
N ILE E 737 -23.29 -104.85 -69.83
CA ILE E 737 -23.19 -106.09 -69.12
C ILE E 737 -22.05 -106.87 -69.78
N ALA E 738 -20.90 -106.91 -69.13
CA ALA E 738 -19.75 -107.62 -69.65
C ALA E 738 -19.74 -109.01 -69.00
N ARG E 739 -20.15 -110.02 -69.77
CA ARG E 739 -20.13 -111.41 -69.34
C ARG E 739 -19.36 -112.22 -70.36
N THR E 740 -18.62 -113.20 -69.86
CA THR E 740 -17.50 -113.78 -70.59
C THR E 740 -17.76 -115.23 -70.99
N VAL E 741 -18.94 -115.49 -71.55
CA VAL E 741 -19.28 -116.83 -72.01
C VAL E 741 -18.37 -117.19 -73.19
N SER E 742 -17.81 -118.39 -73.12
CA SER E 742 -16.69 -118.79 -73.98
C SER E 742 -17.19 -119.22 -75.36
N SER E 743 -16.25 -119.69 -76.17
CA SER E 743 -16.50 -120.25 -77.49
C SER E 743 -15.75 -121.56 -77.55
N PRO E 744 -16.00 -122.38 -78.59
CA PRO E 744 -15.05 -123.47 -78.86
C PRO E 744 -13.89 -123.02 -79.74
N ASN E 745 -13.40 -121.79 -79.54
CA ASN E 745 -12.20 -121.29 -80.20
C ASN E 745 -11.24 -120.55 -79.28
N GLN E 746 -11.75 -119.80 -78.29
CA GLN E 746 -11.02 -118.79 -77.53
C GLN E 746 -10.23 -117.85 -78.45
N HIS E 747 -10.91 -117.37 -79.48
CA HIS E 747 -10.27 -116.70 -80.60
C HIS E 747 -10.27 -115.19 -80.39
N LEU E 748 -9.38 -114.54 -81.12
CA LEU E 748 -9.21 -113.10 -81.16
C LEU E 748 -10.31 -112.48 -82.03
N LEU E 749 -10.13 -111.22 -82.40
CA LEU E 749 -10.53 -110.78 -83.73
C LEU E 749 -9.22 -110.56 -84.46
N ARG E 750 -8.89 -111.47 -85.37
CA ARG E 750 -7.75 -111.29 -86.23
C ARG E 750 -8.24 -110.78 -87.57
N THR E 751 -7.31 -110.46 -88.45
CA THR E 751 -7.59 -109.70 -89.65
C THR E 751 -8.14 -110.55 -90.80
N ASP E 752 -8.70 -111.73 -90.52
CA ASP E 752 -9.15 -112.68 -91.53
C ASP E 752 -10.49 -113.30 -91.15
N ASP E 753 -11.17 -112.72 -90.18
CA ASP E 753 -12.24 -113.43 -89.48
C ASP E 753 -13.59 -113.16 -90.15
N VAL E 754 -14.45 -114.16 -90.10
CA VAL E 754 -15.75 -114.15 -90.78
C VAL E 754 -16.84 -114.28 -89.73
N ILE E 755 -17.79 -113.35 -89.74
CA ILE E 755 -18.70 -113.11 -88.63
C ILE E 755 -20.13 -113.25 -89.12
N SER E 756 -20.86 -114.19 -88.54
CA SER E 756 -22.27 -114.39 -88.88
C SER E 756 -23.15 -113.52 -88.00
N CYS E 757 -24.25 -113.05 -88.57
CA CYS E 757 -25.26 -112.27 -87.85
C CYS E 757 -26.63 -112.67 -88.37
N CYS E 758 -27.39 -113.40 -87.56
CA CYS E 758 -28.65 -113.97 -88.00
C CYS E 758 -29.79 -113.54 -87.08
N LEU E 759 -30.97 -113.38 -87.66
CA LEU E 759 -32.17 -112.98 -86.94
C LEU E 759 -33.39 -113.34 -87.77
N ASP E 760 -34.35 -114.01 -87.13
CA ASP E 760 -35.56 -114.44 -87.79
C ASP E 760 -36.72 -113.52 -87.42
N LEU E 761 -37.75 -113.50 -88.26
CA LEU E 761 -38.98 -112.79 -87.93
C LEU E 761 -39.68 -113.45 -86.77
N SER E 762 -39.89 -112.68 -85.69
CA SER E 762 -40.61 -113.07 -84.48
C SER E 762 -40.00 -114.25 -83.75
N ALA E 763 -38.73 -114.57 -84.01
CA ALA E 763 -37.98 -115.51 -83.20
C ALA E 763 -37.03 -114.68 -82.35
N PRO E 764 -37.31 -114.50 -81.05
CA PRO E 764 -36.45 -113.63 -80.23
C PRO E 764 -35.09 -114.26 -79.95
N SER E 765 -34.23 -114.28 -80.97
CA SER E 765 -32.93 -114.93 -80.87
C SER E 765 -32.00 -114.31 -81.90
N ILE E 766 -30.83 -113.87 -81.45
CA ILE E 766 -29.84 -113.27 -82.32
C ILE E 766 -28.64 -114.22 -82.39
N SER E 767 -28.35 -114.69 -83.59
CA SER E 767 -27.43 -115.81 -83.78
C SER E 767 -26.14 -115.31 -84.40
N PHE E 768 -25.04 -115.49 -83.68
CA PHE E 768 -23.72 -115.05 -84.11
C PHE E 768 -22.78 -116.24 -84.21
N ARG E 769 -22.40 -116.59 -85.42
CA ARG E 769 -21.43 -117.65 -85.66
C ARG E 769 -20.15 -117.05 -86.20
N ILE E 770 -19.07 -117.82 -86.12
CA ILE E 770 -17.77 -117.44 -86.67
C ILE E 770 -17.29 -118.56 -87.57
N ASN E 771 -17.05 -118.22 -88.85
CA ASN E 771 -16.54 -119.13 -89.87
C ASN E 771 -17.47 -120.30 -90.12
N GLY E 772 -18.75 -120.13 -89.78
CA GLY E 772 -19.69 -121.21 -89.70
C GLY E 772 -19.86 -121.82 -88.33
N GLN E 773 -18.85 -121.71 -87.46
CA GLN E 773 -18.91 -122.38 -86.17
C GLN E 773 -19.82 -121.61 -85.22
N PRO E 774 -20.77 -122.28 -84.56
CA PRO E 774 -21.56 -121.60 -83.53
C PRO E 774 -20.70 -121.18 -82.35
N VAL E 775 -20.97 -119.98 -81.86
CA VAL E 775 -20.13 -119.33 -80.85
C VAL E 775 -21.00 -119.28 -79.61
N GLN E 776 -21.82 -120.32 -79.44
CA GLN E 776 -22.66 -120.56 -78.26
C GLN E 776 -23.64 -119.40 -78.04
N GLY E 777 -24.58 -119.28 -78.96
CA GLY E 777 -25.60 -118.23 -79.00
C GLY E 777 -26.32 -117.99 -77.69
N MET E 778 -26.64 -116.72 -77.42
CA MET E 778 -26.98 -116.32 -76.06
C MET E 778 -28.24 -115.46 -76.00
N PHE E 779 -28.53 -114.78 -77.08
CA PHE E 779 -29.48 -113.69 -77.09
C PHE E 779 -30.91 -114.23 -77.15
N GLU E 780 -31.74 -113.84 -76.18
CA GLU E 780 -33.12 -114.31 -76.10
C GLU E 780 -34.04 -113.23 -75.56
N ASN E 781 -35.30 -113.30 -76.00
CA ASN E 781 -36.48 -112.74 -75.31
C ASN E 781 -36.39 -111.22 -75.14
N PHE E 782 -36.43 -110.54 -76.27
CA PHE E 782 -36.25 -109.10 -76.28
C PHE E 782 -37.59 -108.40 -76.44
N ASN E 783 -37.54 -107.08 -76.38
CA ASN E 783 -38.74 -106.25 -76.52
C ASN E 783 -38.86 -105.88 -77.99
N ILE E 784 -39.73 -106.60 -78.71
CA ILE E 784 -39.97 -106.30 -80.11
C ILE E 784 -40.83 -105.05 -80.15
N ASP E 785 -40.19 -103.90 -80.32
CA ASP E 785 -40.90 -102.63 -80.31
C ASP E 785 -40.06 -101.66 -81.12
N GLY E 786 -40.52 -101.32 -82.31
CA GLY E 786 -39.71 -100.59 -83.26
C GLY E 786 -38.82 -101.51 -84.08
N LEU E 787 -38.23 -100.94 -85.12
CA LEU E 787 -37.55 -101.74 -86.12
C LEU E 787 -36.13 -102.04 -85.66
N PHE E 788 -35.38 -102.78 -86.48
CA PHE E 788 -34.01 -103.16 -86.11
C PHE E 788 -33.11 -103.03 -87.33
N PHE E 789 -31.81 -103.17 -87.11
CA PHE E 789 -30.80 -102.81 -88.10
C PHE E 789 -29.43 -103.31 -87.63
N PRO E 790 -28.52 -103.55 -88.57
CA PRO E 790 -27.11 -103.68 -88.23
C PRO E 790 -26.48 -102.33 -87.88
N VAL E 791 -25.50 -102.38 -86.97
CA VAL E 791 -25.11 -101.23 -86.17
C VAL E 791 -23.62 -100.92 -86.30
N VAL E 792 -22.82 -101.92 -86.67
CA VAL E 792 -21.51 -102.27 -86.11
C VAL E 792 -20.59 -101.11 -85.72
N SER E 793 -20.09 -101.16 -84.50
CA SER E 793 -19.23 -100.14 -83.89
C SER E 793 -17.76 -100.54 -84.00
N PHE E 794 -16.90 -99.53 -83.89
CA PHE E 794 -15.47 -99.66 -84.12
C PHE E 794 -14.79 -98.38 -83.68
N SER E 795 -13.60 -98.50 -83.06
CA SER E 795 -12.71 -97.33 -82.93
C SER E 795 -11.26 -97.82 -82.81
N ALA E 796 -10.58 -97.93 -83.97
CA ALA E 796 -9.14 -98.19 -84.07
C ALA E 796 -8.66 -98.04 -85.52
N GLY E 797 -7.48 -98.57 -85.79
CA GLY E 797 -7.01 -98.78 -87.15
C GLY E 797 -7.72 -99.94 -87.82
N ILE E 798 -8.97 -99.74 -88.17
CA ILE E 798 -9.89 -100.81 -88.54
C ILE E 798 -10.31 -100.64 -89.99
N LYS E 799 -10.18 -101.70 -90.77
CA LYS E 799 -10.91 -101.81 -92.03
C LYS E 799 -11.39 -103.24 -92.20
N VAL E 800 -12.68 -103.40 -92.51
CA VAL E 800 -13.34 -104.68 -92.69
C VAL E 800 -14.27 -104.57 -93.90
N ARG E 801 -15.02 -105.64 -94.17
CA ARG E 801 -16.02 -105.66 -95.23
C ARG E 801 -17.40 -105.93 -94.65
N PHE E 802 -18.41 -105.26 -95.21
CA PHE E 802 -19.76 -105.84 -95.22
C PHE E 802 -19.81 -106.99 -96.21
N LEU E 803 -20.86 -107.80 -96.09
CA LEU E 803 -21.20 -108.79 -97.11
C LEU E 803 -22.70 -108.67 -97.38
N LEU E 804 -23.03 -107.84 -98.37
CA LEU E 804 -24.42 -107.70 -98.81
C LEU E 804 -24.54 -107.88 -100.32
N GLY E 805 -23.58 -107.37 -101.07
CA GLY E 805 -23.66 -107.46 -102.51
C GLY E 805 -24.60 -106.44 -103.13
N GLU E 810 -21.70 -109.56 -104.28
CA GLU E 810 -20.45 -109.43 -103.55
C GLU E 810 -20.49 -110.15 -102.19
N PHE E 811 -21.37 -111.14 -102.05
CA PHE E 811 -21.26 -112.06 -100.93
C PHE E 811 -19.98 -112.88 -101.07
N LYS E 812 -19.46 -113.33 -99.92
CA LYS E 812 -18.26 -114.14 -99.90
C LYS E 812 -18.51 -115.53 -99.35
N PHE E 813 -19.03 -115.63 -98.14
CA PHE E 813 -19.19 -116.91 -97.47
C PHE E 813 -20.25 -116.79 -96.38
N LEU E 814 -21.26 -117.64 -96.45
CA LEU E 814 -22.39 -117.52 -95.56
C LEU E 814 -23.22 -118.80 -95.52
N PRO E 815 -23.46 -119.34 -94.32
CA PRO E 815 -24.60 -120.25 -94.10
C PRO E 815 -25.89 -119.46 -94.16
N PRO E 816 -27.04 -120.11 -94.30
CA PRO E 816 -28.29 -119.35 -94.46
C PRO E 816 -29.08 -119.20 -93.16
N PRO E 817 -28.53 -119.58 -92.00
CA PRO E 817 -29.27 -120.42 -91.03
C PRO E 817 -30.68 -119.97 -90.72
N GLY E 818 -31.60 -120.93 -90.76
CA GLY E 818 -32.94 -120.58 -91.17
C GLY E 818 -32.86 -120.23 -92.64
N TYR E 819 -33.70 -119.31 -93.09
CA TYR E 819 -33.49 -118.69 -94.41
C TYR E 819 -34.21 -117.36 -94.49
N ALA E 820 -33.43 -116.27 -94.49
CA ALA E 820 -33.51 -115.11 -95.39
C ALA E 820 -32.35 -114.18 -95.07
N PRO E 821 -31.70 -113.60 -96.08
CA PRO E 821 -30.63 -112.63 -95.81
C PRO E 821 -31.18 -111.22 -95.70
N CYS E 822 -30.35 -110.33 -95.13
CA CYS E 822 -30.74 -108.94 -95.00
C CYS E 822 -30.83 -108.22 -96.35
N TYR E 823 -30.03 -108.65 -97.33
CA TYR E 823 -29.92 -108.00 -98.64
C TYR E 823 -31.22 -108.02 -99.43
N GLU E 824 -32.15 -108.90 -99.09
CA GLU E 824 -33.45 -108.93 -99.73
C GLU E 824 -34.44 -107.93 -99.15
N ALA E 825 -33.99 -106.92 -98.41
CA ALA E 825 -34.87 -105.88 -97.90
C ALA E 825 -34.91 -104.67 -98.82
N VAL E 826 -34.21 -104.74 -99.95
CA VAL E 826 -33.99 -103.59 -100.83
C VAL E 826 -34.87 -103.80 -102.06
N LEU E 827 -36.01 -104.48 -101.86
CA LEU E 827 -36.86 -104.93 -102.97
C LEU E 827 -37.50 -103.80 -103.78
N PRO E 828 -38.42 -102.93 -103.20
CA PRO E 828 -39.25 -102.08 -104.08
C PRO E 828 -38.49 -101.00 -104.84
N LYS E 829 -37.84 -100.10 -104.09
CA LYS E 829 -37.18 -98.94 -104.69
C LYS E 829 -35.83 -98.62 -104.07
N GLU E 830 -35.51 -99.20 -102.91
CA GLU E 830 -34.48 -98.71 -102.01
C GLU E 830 -33.08 -98.88 -102.62
N LYS E 831 -32.10 -98.28 -101.95
CA LYS E 831 -30.71 -98.31 -102.39
C LYS E 831 -29.86 -99.03 -101.34
N LEU E 832 -28.54 -99.05 -101.56
CA LEU E 832 -27.62 -99.76 -100.67
C LEU E 832 -26.51 -98.79 -100.29
N LYS E 833 -26.74 -98.00 -99.24
CA LYS E 833 -25.73 -97.10 -98.70
C LYS E 833 -25.42 -97.51 -97.27
N VAL E 834 -24.44 -96.83 -96.67
CA VAL E 834 -24.12 -96.99 -95.25
C VAL E 834 -23.99 -95.59 -94.65
N GLU E 835 -24.76 -95.33 -93.60
CA GLU E 835 -24.66 -94.07 -92.88
C GLU E 835 -24.03 -94.30 -91.51
N HIS E 836 -23.74 -93.20 -90.81
CA HIS E 836 -22.90 -93.28 -89.62
C HIS E 836 -23.69 -93.12 -88.33
N SER E 837 -24.87 -93.73 -88.24
CA SER E 837 -25.65 -93.86 -87.00
C SER E 837 -26.09 -92.51 -86.43
N ARG E 838 -27.02 -91.91 -87.15
CA ARG E 838 -27.98 -90.88 -86.75
C ARG E 838 -27.39 -89.48 -86.64
N GLU E 839 -26.06 -89.32 -86.66
CA GLU E 839 -25.33 -88.20 -87.27
C GLU E 839 -25.90 -86.79 -87.18
N TYR E 840 -25.99 -86.22 -85.98
CA TYR E 840 -26.36 -84.81 -85.87
C TYR E 840 -25.32 -83.89 -86.49
N LYS E 841 -24.09 -84.37 -86.66
CA LYS E 841 -23.08 -83.71 -87.46
C LYS E 841 -23.00 -84.37 -88.82
N GLN E 842 -22.22 -83.73 -89.70
CA GLN E 842 -21.48 -84.39 -90.79
C GLN E 842 -20.32 -83.47 -91.09
N GLU E 843 -19.09 -83.97 -90.99
CA GLU E 843 -17.93 -83.11 -90.76
C GLU E 843 -17.60 -82.21 -91.96
N ARG E 844 -17.50 -80.90 -91.68
CA ARG E 844 -17.36 -79.90 -92.73
C ARG E 844 -16.62 -78.70 -92.16
N THR E 845 -15.80 -78.08 -93.01
CA THR E 845 -15.14 -76.82 -92.66
C THR E 845 -16.15 -75.72 -92.40
N TYR E 846 -17.20 -75.66 -93.21
CA TYR E 846 -18.16 -74.56 -93.10
C TYR E 846 -19.09 -74.76 -91.92
N THR E 847 -19.91 -75.80 -91.99
CA THR E 847 -20.88 -76.08 -90.94
C THR E 847 -21.28 -77.53 -91.05
N ARG E 848 -21.06 -78.29 -89.99
CA ARG E 848 -21.73 -79.57 -89.85
C ARG E 848 -23.22 -79.29 -89.70
N ASP E 849 -23.99 -79.59 -90.74
CA ASP E 849 -25.27 -78.92 -91.00
C ASP E 849 -26.32 -79.27 -89.97
N LEU E 850 -27.44 -78.56 -90.07
CA LEU E 850 -28.54 -78.67 -89.14
C LEU E 850 -29.51 -79.75 -89.58
N LEU E 851 -30.21 -80.32 -88.60
CA LEU E 851 -31.03 -81.50 -88.84
C LEU E 851 -32.18 -81.54 -87.85
N GLY E 852 -33.41 -81.36 -88.34
CA GLY E 852 -34.59 -81.65 -87.56
C GLY E 852 -34.65 -83.15 -87.32
N PRO E 853 -35.05 -83.56 -86.11
CA PRO E 853 -34.79 -84.95 -85.68
C PRO E 853 -35.46 -86.09 -86.43
N THR E 854 -36.79 -86.26 -86.36
CA THR E 854 -37.39 -87.53 -86.78
C THR E 854 -38.85 -87.36 -87.15
N VAL E 855 -39.30 -88.27 -88.01
CA VAL E 855 -40.66 -88.80 -88.02
C VAL E 855 -40.49 -90.31 -88.03
N SER E 856 -40.43 -90.93 -86.85
CA SER E 856 -40.15 -92.36 -86.75
C SER E 856 -40.70 -92.97 -85.46
N ALA E 861 -42.26 -104.80 -90.42
CA ALA E 861 -43.28 -103.81 -90.71
C ALA E 861 -43.80 -103.96 -92.14
N PHE E 862 -43.91 -105.19 -92.61
CA PHE E 862 -44.38 -105.48 -93.96
C PHE E 862 -45.86 -105.84 -94.00
N THR E 863 -46.62 -105.48 -92.97
CA THR E 863 -48.05 -105.74 -92.95
C THR E 863 -48.81 -104.44 -93.14
N PRO E 864 -49.32 -104.14 -94.33
CA PRO E 864 -50.22 -102.99 -94.48
C PRO E 864 -51.65 -103.39 -94.14
N ILE E 865 -52.43 -102.39 -93.72
CA ILE E 865 -53.77 -102.63 -93.20
C ILE E 865 -54.78 -102.07 -94.19
N PRO E 866 -55.66 -102.89 -94.76
CA PRO E 866 -56.70 -102.38 -95.65
C PRO E 866 -57.96 -101.99 -94.88
N VAL E 867 -58.78 -101.16 -95.54
CA VAL E 867 -60.04 -100.74 -94.96
C VAL E 867 -61.03 -101.92 -95.02
N ASP E 868 -62.03 -101.89 -94.13
CA ASP E 868 -62.96 -103.00 -94.02
C ASP E 868 -63.97 -102.97 -95.18
N THR E 869 -64.57 -104.15 -95.42
CA THR E 869 -65.48 -104.36 -96.53
C THR E 869 -66.88 -104.79 -96.08
N SER E 870 -66.97 -105.83 -95.25
CA SER E 870 -68.16 -106.66 -95.17
C SER E 870 -69.20 -106.18 -94.17
N GLN E 871 -68.83 -105.38 -93.17
CA GLN E 871 -69.79 -104.93 -92.17
C GLN E 871 -70.34 -103.56 -92.54
N ILE E 872 -71.02 -103.52 -93.69
CA ILE E 872 -71.58 -102.30 -94.25
C ILE E 872 -73.01 -102.58 -94.68
N VAL E 873 -73.95 -101.74 -94.23
CA VAL E 873 -75.37 -101.94 -94.49
C VAL E 873 -75.68 -101.50 -95.93
N LEU E 874 -76.35 -102.38 -96.71
CA LEU E 874 -76.74 -102.10 -98.08
C LEU E 874 -78.26 -102.13 -98.23
N PRO E 875 -78.82 -101.19 -98.99
CA PRO E 875 -80.27 -101.22 -99.27
C PRO E 875 -80.61 -102.30 -100.28
N PRO E 876 -81.84 -102.85 -100.24
CA PRO E 876 -82.20 -103.92 -101.18
C PRO E 876 -82.40 -103.44 -102.60
N HIS E 877 -82.84 -102.19 -102.78
CA HIS E 877 -82.82 -101.58 -104.10
C HIS E 877 -81.40 -101.52 -104.63
N LEU E 878 -80.45 -101.09 -103.79
CA LEU E 878 -79.05 -101.17 -104.15
C LEU E 878 -78.54 -102.59 -104.23
N GLU E 879 -79.21 -103.57 -103.61
CA GLU E 879 -78.81 -104.96 -103.86
C GLU E 879 -79.24 -105.42 -105.25
N ARG E 880 -80.40 -105.00 -105.74
CA ARG E 880 -80.83 -105.39 -107.08
C ARG E 880 -80.01 -104.65 -108.14
N ILE E 881 -79.81 -103.34 -107.93
CA ILE E 881 -78.83 -102.57 -108.70
C ILE E 881 -77.44 -103.19 -108.60
N ARG E 882 -77.09 -103.76 -107.44
CA ARG E 882 -75.78 -104.39 -107.27
C ARG E 882 -75.66 -105.66 -108.08
N GLU E 883 -76.74 -106.44 -108.16
CA GLU E 883 -76.70 -107.67 -108.95
C GLU E 883 -76.72 -107.38 -110.44
N LYS E 884 -77.45 -106.34 -110.86
CA LYS E 884 -77.43 -105.94 -112.26
C LYS E 884 -76.09 -105.32 -112.65
N LEU E 885 -75.52 -104.51 -111.77
CA LEU E 885 -74.20 -103.95 -111.98
C LEU E 885 -73.11 -105.01 -111.92
N ALA E 886 -73.33 -106.07 -111.15
CA ALA E 886 -72.39 -107.18 -111.11
C ALA E 886 -72.51 -108.04 -112.36
N GLU E 887 -73.71 -108.14 -112.93
CA GLU E 887 -73.86 -108.73 -114.26
C GLU E 887 -73.11 -107.91 -115.30
N ASN E 888 -73.24 -106.59 -115.22
CA ASN E 888 -72.50 -105.70 -116.12
C ASN E 888 -70.99 -105.79 -115.90
N ILE E 889 -70.56 -106.00 -114.65
CA ILE E 889 -69.15 -106.12 -114.35
C ILE E 889 -68.59 -107.45 -114.84
N HIS E 890 -69.38 -108.52 -114.74
CA HIS E 890 -68.90 -109.81 -115.23
C HIS E 890 -68.89 -109.85 -116.76
N GLU E 891 -69.86 -109.21 -117.42
CA GLU E 891 -69.78 -109.18 -118.87
C GLU E 891 -68.67 -108.25 -119.36
N LEU E 892 -68.34 -107.19 -118.60
CA LEU E 892 -67.18 -106.41 -118.98
C LEU E 892 -65.88 -107.13 -118.66
N TRP E 893 -65.88 -108.04 -117.68
CA TRP E 893 -64.72 -108.89 -117.46
C TRP E 893 -64.55 -109.90 -118.60
N VAL E 894 -65.66 -110.45 -119.08
CA VAL E 894 -65.63 -111.32 -120.26
C VAL E 894 -65.18 -110.53 -121.50
N MET E 895 -65.67 -109.29 -121.64
CA MET E 895 -65.24 -108.42 -122.74
C MET E 895 -63.77 -108.06 -122.63
N ASN E 896 -63.26 -107.92 -121.41
CA ASN E 896 -61.84 -107.67 -121.19
C ASN E 896 -61.01 -108.88 -121.59
N LYS E 897 -61.49 -110.08 -121.26
CA LYS E 897 -60.77 -111.28 -121.64
C LYS E 897 -60.86 -111.55 -123.14
N ILE E 898 -61.94 -111.12 -123.78
CA ILE E 898 -62.03 -111.17 -125.24
C ILE E 898 -61.06 -110.18 -125.87
N GLU E 899 -60.93 -109.00 -125.26
CA GLU E 899 -59.87 -108.08 -125.66
C GLU E 899 -58.49 -108.59 -125.27
N LEU E 900 -58.39 -109.51 -124.31
CA LEU E 900 -57.15 -110.23 -124.06
C LEU E 900 -56.92 -111.37 -125.04
N GLY E 901 -57.88 -111.66 -125.91
CA GLY E 901 -57.72 -112.73 -126.87
C GLY E 901 -57.87 -114.10 -126.26
N TRP E 902 -58.84 -114.25 -125.38
CA TRP E 902 -59.23 -115.57 -124.86
C TRP E 902 -60.28 -116.18 -125.77
N GLN E 903 -60.24 -117.49 -125.88
CA GLN E 903 -61.21 -118.26 -126.65
C GLN E 903 -61.90 -119.21 -125.69
N TYR E 904 -63.21 -119.36 -125.85
CA TYR E 904 -63.97 -120.10 -124.84
C TYR E 904 -63.73 -121.60 -124.96
N GLY E 905 -63.55 -122.23 -123.81
CA GLY E 905 -63.46 -123.67 -123.71
C GLY E 905 -63.94 -124.13 -122.35
N PRO E 906 -63.78 -125.41 -122.06
CA PRO E 906 -64.12 -125.90 -120.73
C PRO E 906 -62.95 -125.83 -119.76
N VAL E 907 -61.74 -125.78 -120.29
CA VAL E 907 -60.52 -125.92 -119.49
C VAL E 907 -60.05 -124.55 -119.03
N ARG E 908 -59.51 -124.50 -117.81
CA ARG E 908 -58.98 -123.27 -117.23
C ARG E 908 -57.48 -123.21 -117.50
N ASP E 909 -57.14 -122.98 -118.76
CA ASP E 909 -55.75 -122.84 -119.17
C ASP E 909 -55.30 -121.39 -119.02
N ASP E 910 -54.00 -121.19 -119.22
CA ASP E 910 -53.42 -119.84 -119.20
C ASP E 910 -52.69 -119.49 -120.48
N ASN E 911 -52.08 -120.45 -121.17
CA ASN E 911 -51.39 -120.20 -122.43
C ASN E 911 -52.11 -120.77 -123.64
N LYS E 912 -53.02 -121.73 -123.45
CA LYS E 912 -53.77 -122.35 -124.54
C LYS E 912 -54.96 -121.50 -124.98
N ARG E 913 -55.15 -120.33 -124.36
CA ARG E 913 -56.26 -119.40 -124.63
C ARG E 913 -57.60 -120.09 -124.48
N GLN E 914 -57.78 -120.79 -123.36
CA GLN E 914 -59.06 -121.39 -122.98
C GLN E 914 -59.42 -120.96 -121.57
N HIS E 915 -60.61 -120.42 -121.42
CA HIS E 915 -61.13 -120.01 -120.13
C HIS E 915 -62.58 -120.46 -120.00
N PRO E 916 -62.97 -121.03 -118.86
CA PRO E 916 -64.29 -121.66 -118.75
C PRO E 916 -65.43 -120.75 -118.33
N CYS E 917 -65.17 -119.49 -117.99
CA CYS E 917 -66.21 -118.61 -117.47
C CYS E 917 -66.31 -117.34 -118.32
N LEU E 918 -66.34 -117.55 -119.63
CA LEU E 918 -66.70 -116.49 -120.57
C LEU E 918 -68.19 -116.47 -120.86
N VAL E 919 -68.94 -117.40 -120.27
CA VAL E 919 -70.40 -117.41 -120.30
C VAL E 919 -70.83 -116.52 -119.14
N GLU E 920 -72.11 -116.15 -119.08
CA GLU E 920 -72.62 -115.01 -118.34
C GLU E 920 -72.46 -115.03 -116.83
N PHE E 921 -72.89 -113.91 -116.23
CA PHE E 921 -73.02 -113.77 -114.78
C PHE E 921 -74.01 -114.77 -114.19
N SER E 922 -75.02 -115.16 -114.97
CA SER E 922 -76.06 -116.07 -114.50
C SER E 922 -75.70 -117.53 -114.73
N LYS E 923 -74.95 -117.85 -115.78
CA LYS E 923 -74.64 -119.24 -116.11
C LYS E 923 -73.35 -119.73 -115.48
N LEU E 924 -72.82 -119.01 -114.49
CA LEU E 924 -71.76 -119.51 -113.62
C LEU E 924 -72.25 -119.46 -112.18
N PRO E 925 -72.07 -120.54 -111.40
CA PRO E 925 -72.60 -120.54 -110.02
C PRO E 925 -71.76 -119.69 -109.08
N GLU E 926 -72.08 -119.74 -107.78
CA GLU E 926 -71.40 -118.89 -106.80
C GLU E 926 -70.11 -119.52 -106.28
N GLN E 927 -69.29 -120.00 -107.20
CA GLN E 927 -67.91 -120.40 -106.93
C GLN E 927 -66.92 -119.84 -107.93
N GLU E 928 -67.35 -119.57 -109.16
CA GLU E 928 -66.52 -118.97 -110.18
C GLU E 928 -67.04 -117.61 -110.65
N ARG E 929 -68.34 -117.36 -110.54
CA ARG E 929 -68.87 -116.01 -110.68
C ARG E 929 -68.76 -115.21 -109.39
N ASN E 930 -68.46 -115.87 -108.28
CA ASN E 930 -68.30 -115.18 -107.00
C ASN E 930 -67.09 -114.27 -106.97
N TYR E 931 -66.10 -114.52 -107.84
CA TYR E 931 -64.96 -113.60 -107.98
C TYR E 931 -65.37 -112.27 -108.58
N ASN E 932 -66.49 -112.22 -109.29
CA ASN E 932 -67.06 -110.94 -109.73
C ASN E 932 -68.25 -110.51 -108.90
N LEU E 933 -69.06 -111.48 -108.42
CA LEU E 933 -70.18 -111.21 -107.52
C LEU E 933 -69.71 -110.50 -106.26
N GLN E 934 -68.82 -111.14 -105.50
CA GLN E 934 -68.32 -110.54 -104.27
C GLN E 934 -67.49 -109.30 -104.54
N MET E 935 -66.83 -109.22 -105.71
CA MET E 935 -66.07 -108.03 -106.06
C MET E 935 -66.98 -106.81 -106.18
N SER E 936 -68.06 -106.94 -106.96
CA SER E 936 -69.00 -105.82 -107.10
C SER E 936 -69.78 -105.55 -105.82
N LEU E 937 -70.12 -106.60 -105.05
CA LEU E 937 -70.87 -106.41 -103.81
C LEU E 937 -70.05 -105.69 -102.76
N GLU E 938 -68.80 -106.11 -102.55
CA GLU E 938 -67.97 -105.41 -101.58
C GLU E 938 -67.50 -104.07 -102.12
N THR E 939 -67.46 -103.90 -103.45
CA THR E 939 -67.18 -102.58 -104.02
C THR E 939 -68.32 -101.61 -103.73
N LEU E 940 -69.57 -102.08 -103.80
CA LEU E 940 -70.70 -101.22 -103.43
C LEU E 940 -70.91 -101.11 -101.92
N LYS E 941 -70.36 -102.02 -101.13
CA LYS E 941 -70.30 -101.78 -99.70
C LYS E 941 -69.32 -100.67 -99.39
N THR E 942 -68.09 -100.77 -99.93
CA THR E 942 -67.09 -99.71 -99.78
C THR E 942 -67.53 -98.40 -100.41
N LEU E 943 -68.46 -98.45 -101.38
CA LEU E 943 -69.07 -97.23 -101.88
C LEU E 943 -69.93 -96.54 -100.83
N LEU E 944 -70.43 -97.29 -99.84
CA LEU E 944 -71.35 -96.72 -98.86
C LEU E 944 -70.66 -96.17 -97.62
N ALA E 945 -69.40 -96.51 -97.37
CA ALA E 945 -68.71 -96.08 -96.17
C ALA E 945 -67.45 -95.27 -96.42
N LEU E 946 -67.04 -95.09 -97.68
CA LEU E 946 -65.87 -94.29 -97.99
C LEU E 946 -66.22 -92.85 -98.36
N GLY E 947 -67.28 -92.30 -97.78
CA GLY E 947 -67.57 -90.88 -97.91
C GLY E 947 -68.06 -90.41 -99.26
N CYS E 948 -68.37 -91.31 -100.18
CA CYS E 948 -68.91 -90.95 -101.49
C CYS E 948 -70.36 -91.39 -101.54
N HIS E 949 -71.26 -90.41 -101.43
CA HIS E 949 -72.70 -90.66 -101.28
C HIS E 949 -73.27 -91.11 -102.61
N VAL E 950 -73.32 -92.43 -102.81
CA VAL E 950 -73.86 -93.00 -104.05
C VAL E 950 -75.34 -93.26 -103.79
N GLY E 951 -76.14 -92.21 -103.94
CA GLY E 951 -77.57 -92.36 -103.81
C GLY E 951 -78.18 -92.94 -105.06
N ILE E 952 -79.43 -93.42 -104.92
CA ILE E 952 -80.14 -94.00 -106.07
C ILE E 952 -80.59 -92.87 -106.97
N SER E 953 -79.85 -92.64 -108.06
CA SER E 953 -80.11 -91.54 -108.97
C SER E 953 -80.72 -91.97 -110.29
N ASP E 954 -80.36 -93.16 -110.79
CA ASP E 954 -80.90 -93.63 -112.06
C ASP E 954 -81.10 -95.14 -111.98
N GLU E 955 -81.79 -95.68 -112.98
CA GLU E 955 -82.06 -97.10 -113.05
C GLU E 955 -80.81 -97.85 -113.49
N HIS E 956 -80.74 -99.13 -113.12
CA HIS E 956 -79.56 -99.94 -113.44
C HIS E 956 -79.52 -100.28 -114.92
N ALA E 957 -78.30 -100.26 -115.49
CA ALA E 957 -78.10 -100.65 -116.88
C ALA E 957 -77.97 -102.16 -117.02
N TYR E 970 -66.47 -103.76 -133.29
CA TYR E 970 -66.52 -104.76 -132.25
C TYR E 970 -65.55 -105.89 -132.61
N GLN E 971 -65.11 -106.65 -131.62
CA GLN E 971 -64.09 -107.66 -131.84
C GLN E 971 -64.68 -109.01 -132.18
N LEU E 972 -63.83 -110.03 -132.12
CA LEU E 972 -64.18 -111.38 -132.54
C LEU E 972 -64.34 -112.28 -131.32
N THR E 973 -65.58 -112.67 -131.04
CA THR E 973 -65.91 -113.49 -129.87
C THR E 973 -66.03 -114.96 -130.29
N SER E 974 -66.04 -115.83 -129.29
CA SER E 974 -66.03 -117.27 -129.53
C SER E 974 -66.98 -117.99 -128.57
N GLY E 975 -68.20 -117.46 -128.45
CA GLY E 975 -69.20 -118.12 -127.63
C GLY E 975 -70.11 -117.17 -126.89
N TYR E 976 -69.62 -115.97 -126.61
CA TYR E 976 -70.42 -114.96 -125.93
C TYR E 976 -69.90 -113.58 -126.31
N LYS E 977 -70.82 -112.70 -126.72
CA LYS E 977 -70.50 -111.36 -127.22
C LYS E 977 -71.15 -110.32 -126.33
N PRO E 978 -70.44 -109.83 -125.30
CA PRO E 978 -71.03 -108.83 -124.40
C PRO E 978 -70.99 -107.42 -125.00
N ALA E 979 -72.19 -106.87 -125.25
CA ALA E 979 -72.35 -105.44 -125.51
C ALA E 979 -73.78 -105.02 -125.15
N PRO E 980 -74.10 -104.97 -123.83
CA PRO E 980 -75.49 -104.65 -123.44
C PRO E 980 -75.91 -103.20 -123.66
N MET E 981 -75.14 -102.24 -123.13
CA MET E 981 -75.53 -100.83 -123.14
C MET E 981 -74.25 -99.99 -123.26
N ASP E 982 -74.43 -98.67 -123.27
CA ASP E 982 -73.30 -97.76 -123.19
C ASP E 982 -73.10 -97.34 -121.74
N LEU E 983 -71.96 -97.74 -121.18
CA LEU E 983 -71.68 -97.60 -119.76
C LEU E 983 -70.60 -96.57 -119.45
N SER E 984 -69.70 -96.30 -120.39
CA SER E 984 -68.62 -95.34 -120.20
C SER E 984 -69.02 -93.93 -120.64
N PHE E 985 -70.30 -93.59 -120.54
CA PHE E 985 -70.74 -92.25 -120.92
C PHE E 985 -70.27 -91.21 -119.93
N ILE E 986 -70.63 -91.39 -118.65
CA ILE E 986 -70.30 -90.41 -117.62
C ILE E 986 -68.83 -90.54 -117.24
N LYS E 987 -68.12 -89.41 -117.26
CA LYS E 987 -66.71 -89.40 -116.91
C LYS E 987 -66.50 -89.74 -115.44
N LEU E 988 -65.47 -90.54 -115.17
CA LEU E 988 -65.19 -91.01 -113.83
C LEU E 988 -64.48 -89.91 -113.05
N THR E 989 -64.88 -89.74 -111.78
CA THR E 989 -64.34 -88.68 -110.95
C THR E 989 -62.91 -89.00 -110.52
N PRO E 990 -62.19 -88.01 -110.00
CA PRO E 990 -60.88 -88.31 -109.40
C PRO E 990 -61.01 -89.08 -108.10
N SER E 991 -62.08 -88.84 -107.34
CA SER E 991 -62.37 -89.68 -106.18
C SER E 991 -62.77 -91.08 -106.60
N GLN E 992 -63.32 -91.25 -107.81
CA GLN E 992 -63.58 -92.58 -108.34
C GLN E 992 -62.27 -93.31 -108.64
N GLU E 993 -61.28 -92.59 -109.16
CA GLU E 993 -59.96 -93.20 -109.35
C GLU E 993 -59.31 -93.51 -108.01
N ALA E 994 -59.54 -92.64 -107.01
CA ALA E 994 -59.04 -92.88 -105.67
C ALA E 994 -59.66 -94.14 -105.07
N MET E 995 -60.97 -94.32 -105.26
CA MET E 995 -61.62 -95.53 -104.75
C MET E 995 -61.30 -96.74 -105.60
N VAL E 996 -60.92 -96.58 -106.87
CA VAL E 996 -60.39 -97.69 -107.64
C VAL E 996 -59.05 -98.13 -107.08
N ASP E 997 -58.23 -97.16 -106.67
CA ASP E 997 -57.00 -97.48 -105.96
C ASP E 997 -57.29 -98.13 -104.62
N LYS E 998 -58.39 -97.73 -103.97
CA LYS E 998 -58.82 -98.38 -102.73
C LYS E 998 -59.23 -99.82 -102.97
N LEU E 999 -59.89 -100.08 -104.10
CA LEU E 999 -60.31 -101.43 -104.45
C LEU E 999 -59.11 -102.33 -104.68
N ALA E 1000 -58.16 -101.86 -105.50
CA ALA E 1000 -56.94 -102.64 -105.74
C ALA E 1000 -56.11 -102.78 -104.47
N GLU E 1001 -56.10 -101.73 -103.64
CA GLU E 1001 -55.44 -101.74 -102.34
C GLU E 1001 -55.98 -102.83 -101.44
N ASN E 1002 -57.28 -102.77 -101.17
CA ASN E 1002 -57.91 -103.66 -100.22
C ASN E 1002 -57.92 -105.10 -100.74
N ALA E 1003 -58.08 -105.27 -102.05
CA ALA E 1003 -58.06 -106.61 -102.64
C ALA E 1003 -56.67 -107.22 -102.54
N HIS E 1004 -55.63 -106.47 -102.92
CA HIS E 1004 -54.26 -106.99 -102.84
C HIS E 1004 -53.82 -107.19 -101.40
N ASN E 1005 -54.34 -106.37 -100.48
CA ASN E 1005 -53.94 -106.49 -99.08
C ASN E 1005 -54.63 -107.66 -98.39
N VAL E 1006 -55.91 -107.90 -98.67
CA VAL E 1006 -56.55 -109.09 -98.10
C VAL E 1006 -55.99 -110.35 -98.78
N TRP E 1007 -55.59 -110.23 -100.05
CA TRP E 1007 -54.89 -111.30 -100.75
C TRP E 1007 -53.60 -111.70 -100.02
N ALA E 1008 -52.68 -110.75 -99.85
CA ALA E 1008 -51.44 -111.03 -99.12
C ALA E 1008 -51.67 -111.29 -97.64
N ARG E 1009 -52.79 -110.83 -97.10
CA ARG E 1009 -53.22 -111.17 -95.76
C ARG E 1009 -53.57 -112.65 -95.64
N ASP E 1010 -54.01 -113.26 -96.74
CA ASP E 1010 -54.17 -114.71 -96.80
C ASP E 1010 -53.08 -115.38 -97.63
N ARG E 1011 -52.15 -114.62 -98.19
CA ARG E 1011 -51.02 -115.16 -98.95
C ARG E 1011 -49.74 -114.64 -98.32
N ILE E 1012 -49.64 -114.85 -97.01
CA ILE E 1012 -48.63 -114.20 -96.17
C ILE E 1012 -47.21 -114.59 -96.59
N ARG E 1013 -47.04 -115.83 -97.06
CA ARG E 1013 -45.72 -116.27 -97.49
C ARG E 1013 -45.26 -115.62 -98.78
N GLN E 1014 -46.18 -115.09 -99.58
CA GLN E 1014 -45.81 -114.58 -100.89
C GLN E 1014 -45.17 -113.23 -100.79
N ARG E 1027 -44.25 -119.31 -101.28
CA ARG E 1027 -43.29 -119.39 -100.19
C ARG E 1027 -42.12 -118.46 -100.46
N ARG E 1028 -41.91 -117.54 -99.51
CA ARG E 1028 -40.92 -116.45 -99.49
C ARG E 1028 -40.71 -115.79 -100.85
N ASN E 1029 -41.81 -115.53 -101.55
CA ASN E 1029 -41.80 -115.05 -102.93
C ASN E 1029 -41.35 -113.60 -102.98
N PRO E 1030 -41.08 -113.06 -104.17
CA PRO E 1030 -40.95 -111.61 -104.32
C PRO E 1030 -42.28 -110.85 -104.29
N ARG E 1031 -43.37 -111.50 -103.93
CA ARG E 1031 -44.66 -110.85 -103.75
C ARG E 1031 -44.86 -110.31 -102.35
N LEU E 1032 -43.79 -110.15 -101.57
CA LEU E 1032 -43.86 -109.60 -100.21
C LEU E 1032 -44.05 -108.09 -100.25
N VAL E 1033 -45.15 -107.63 -100.84
CA VAL E 1033 -45.26 -106.22 -101.23
C VAL E 1033 -46.49 -105.58 -100.59
N PRO E 1034 -46.32 -104.49 -99.85
CA PRO E 1034 -47.46 -103.62 -99.56
C PRO E 1034 -47.93 -102.93 -100.82
N TYR E 1035 -49.19 -102.47 -100.78
CA TYR E 1035 -49.77 -101.83 -101.95
C TYR E 1035 -49.22 -100.42 -102.13
N ALA E 1036 -49.14 -99.65 -101.04
CA ALA E 1036 -48.73 -98.26 -101.12
C ALA E 1036 -47.24 -98.09 -101.44
N LEU E 1037 -46.43 -99.13 -101.21
CA LEU E 1037 -45.01 -99.02 -101.45
C LEU E 1037 -44.65 -99.08 -102.93
N LEU E 1038 -45.54 -99.58 -103.77
CA LEU E 1038 -45.22 -99.82 -105.18
C LEU E 1038 -45.97 -98.87 -106.09
N ASP E 1039 -45.41 -98.71 -107.30
CA ASP E 1039 -45.94 -97.85 -108.35
C ASP E 1039 -47.00 -98.57 -109.16
N ASP E 1040 -47.29 -98.07 -110.36
CA ASP E 1040 -48.37 -98.58 -111.21
C ASP E 1040 -47.96 -99.80 -112.03
N ARG E 1041 -46.97 -100.58 -111.59
CA ARG E 1041 -46.72 -101.87 -112.22
C ARG E 1041 -47.74 -102.91 -111.76
N THR E 1042 -47.90 -103.07 -110.45
CA THR E 1042 -48.89 -103.99 -109.88
C THR E 1042 -50.22 -103.32 -109.62
N LYS E 1043 -50.56 -102.27 -110.38
CA LYS E 1043 -51.82 -101.56 -110.25
C LYS E 1043 -52.53 -101.38 -111.58
N LYS E 1044 -52.19 -102.18 -112.59
CA LYS E 1044 -52.69 -101.94 -113.95
C LYS E 1044 -54.09 -102.53 -114.16
N SER E 1045 -54.20 -103.85 -114.09
CA SER E 1045 -55.43 -104.53 -114.52
C SER E 1045 -56.54 -104.34 -113.51
N ASN E 1046 -56.19 -104.29 -112.21
CA ASN E 1046 -57.19 -104.07 -111.18
C ASN E 1046 -57.80 -102.68 -111.28
N LYS E 1047 -56.97 -101.66 -111.53
CA LYS E 1047 -57.51 -100.31 -111.68
C LYS E 1047 -58.27 -100.14 -112.99
N ASP E 1048 -57.86 -100.82 -114.06
CA ASP E 1048 -58.61 -100.73 -115.31
C ASP E 1048 -59.98 -101.40 -115.19
N SER E 1049 -60.03 -102.57 -114.55
CA SER E 1049 -61.31 -103.24 -114.33
C SER E 1049 -62.16 -102.51 -113.28
N LEU E 1050 -61.54 -101.82 -112.33
CA LEU E 1050 -62.31 -101.02 -111.39
C LEU E 1050 -62.85 -99.75 -112.04
N ARG E 1051 -62.12 -99.20 -113.02
CA ARG E 1051 -62.67 -98.10 -113.81
C ARG E 1051 -63.82 -98.56 -114.69
N GLU E 1052 -63.75 -99.79 -115.21
CA GLU E 1052 -64.93 -100.32 -115.90
C GLU E 1052 -66.06 -100.65 -114.93
N ALA E 1053 -65.75 -100.97 -113.67
CA ALA E 1053 -66.80 -101.13 -112.67
C ALA E 1053 -67.46 -99.80 -112.33
N VAL E 1054 -66.67 -98.73 -112.31
CA VAL E 1054 -67.23 -97.39 -112.17
C VAL E 1054 -68.03 -97.02 -113.41
N ARG E 1055 -67.67 -97.55 -114.57
CA ARG E 1055 -68.50 -97.39 -115.76
C ARG E 1055 -69.82 -98.15 -115.63
N THR E 1056 -69.80 -99.33 -114.98
CA THR E 1056 -71.05 -100.05 -114.72
C THR E 1056 -71.94 -99.26 -113.77
N LEU E 1057 -71.33 -98.58 -112.80
CA LEU E 1057 -72.09 -97.73 -111.89
C LEU E 1057 -72.65 -96.50 -112.60
N LEU E 1058 -71.86 -95.89 -113.49
CA LEU E 1058 -72.32 -94.70 -114.19
C LEU E 1058 -73.37 -95.02 -115.25
N GLY E 1059 -73.31 -96.22 -115.83
CA GLY E 1059 -74.39 -96.68 -116.68
C GLY E 1059 -75.63 -97.02 -115.87
N TYR E 1060 -75.43 -97.52 -114.65
CA TYR E 1060 -76.53 -97.67 -113.71
C TYR E 1060 -76.89 -96.35 -113.03
N GLY E 1061 -76.11 -95.30 -113.25
CA GLY E 1061 -76.43 -94.00 -112.71
C GLY E 1061 -75.90 -93.81 -111.30
N TYR E 1062 -74.62 -94.10 -111.10
CA TYR E 1062 -73.99 -94.00 -109.80
C TYR E 1062 -72.58 -93.46 -109.96
N ASN E 1063 -72.28 -92.37 -109.27
CA ASN E 1063 -70.97 -91.76 -109.30
C ASN E 1063 -70.50 -91.50 -107.87
N LEU E 1064 -69.19 -91.38 -107.70
CA LEU E 1064 -68.57 -91.28 -106.40
C LEU E 1064 -67.82 -89.95 -106.34
N GLU E 1065 -68.45 -88.93 -105.75
CA GLU E 1065 -67.88 -87.60 -105.64
C GLU E 1065 -68.06 -87.10 -104.22
N ALA E 1066 -67.33 -86.03 -103.91
CA ALA E 1066 -67.42 -85.39 -102.59
C ALA E 1066 -67.00 -83.92 -102.69
N ARG E 1084 -38.33 -83.87 -81.01
CA ARG E 1084 -39.18 -82.80 -81.52
C ARG E 1084 -38.35 -81.69 -82.17
N PHE E 1085 -37.67 -80.89 -81.34
CA PHE E 1085 -36.89 -79.74 -81.81
C PHE E 1085 -35.43 -79.88 -81.36
N ARG E 1086 -34.53 -79.32 -82.16
CA ARG E 1086 -33.12 -79.17 -81.78
C ARG E 1086 -32.78 -77.69 -81.86
N ILE E 1087 -32.64 -77.05 -80.71
CA ILE E 1087 -32.28 -75.64 -80.64
C ILE E 1087 -30.77 -75.55 -80.53
N PHE E 1088 -30.15 -74.85 -81.47
CA PHE E 1088 -28.70 -74.76 -81.56
C PHE E 1088 -28.26 -73.38 -81.09
N ARG E 1089 -27.65 -73.32 -79.90
CA ARG E 1089 -27.11 -72.07 -79.38
C ARG E 1089 -25.59 -72.11 -79.38
N ALA E 1090 -25.01 -70.93 -79.54
CA ALA E 1090 -23.57 -70.80 -79.66
C ALA E 1090 -22.89 -70.87 -78.31
N GLU E 1091 -21.62 -70.46 -78.27
CA GLU E 1091 -20.73 -70.76 -77.16
C GLU E 1091 -20.68 -69.58 -76.19
N LYS E 1092 -20.99 -69.85 -74.92
CA LYS E 1092 -21.16 -68.80 -73.93
C LYS E 1092 -19.86 -68.13 -73.52
N THR E 1093 -18.73 -68.77 -73.81
CA THR E 1093 -17.46 -68.08 -73.67
C THR E 1093 -17.36 -66.94 -74.68
N TYR E 1094 -17.94 -67.13 -75.85
CA TYR E 1094 -17.96 -66.12 -76.89
C TYR E 1094 -19.17 -65.22 -76.79
N ALA E 1095 -19.73 -65.04 -75.60
CA ALA E 1095 -20.94 -64.25 -75.42
C ALA E 1095 -20.63 -62.79 -75.68
N VAL E 1096 -20.85 -62.36 -76.93
CA VAL E 1096 -20.46 -61.02 -77.32
C VAL E 1096 -21.41 -60.00 -76.70
N LYS E 1097 -20.86 -58.84 -76.38
CA LYS E 1097 -21.63 -57.82 -75.68
C LYS E 1097 -21.36 -56.43 -76.23
N ALA E 1098 -20.37 -56.27 -77.10
CA ALA E 1098 -20.04 -54.95 -77.61
C ALA E 1098 -19.82 -55.03 -79.12
N GLY E 1099 -20.15 -53.96 -79.82
CA GLY E 1099 -19.77 -53.79 -81.21
C GLY E 1099 -20.96 -53.94 -82.13
N ARG E 1100 -20.68 -53.81 -83.42
CA ARG E 1100 -21.69 -53.93 -84.46
C ARG E 1100 -21.37 -55.18 -85.25
N TRP E 1101 -22.31 -56.10 -85.30
CA TRP E 1101 -22.03 -57.48 -85.66
C TRP E 1101 -22.96 -57.96 -86.75
N TYR E 1102 -22.54 -59.05 -87.40
CA TYR E 1102 -23.42 -59.80 -88.30
C TYR E 1102 -22.86 -61.20 -88.48
N PHE E 1103 -23.78 -62.16 -88.54
CA PHE E 1103 -23.54 -63.45 -89.16
C PHE E 1103 -24.69 -63.72 -90.11
N GLU E 1104 -24.44 -64.48 -91.15
CA GLU E 1104 -25.52 -64.84 -92.05
C GLU E 1104 -26.08 -66.19 -91.63
N PHE E 1105 -27.34 -66.42 -91.99
CA PHE E 1105 -27.95 -67.72 -91.76
C PHE E 1105 -28.48 -68.26 -93.08
N GLU E 1106 -27.91 -69.36 -93.55
CA GLU E 1106 -28.41 -70.06 -94.73
C GLU E 1106 -29.40 -71.12 -94.26
N ALA E 1107 -30.69 -70.86 -94.45
CA ALA E 1107 -31.67 -71.91 -94.31
C ALA E 1107 -31.73 -72.70 -95.61
N VAL E 1108 -32.14 -73.96 -95.50
CA VAL E 1108 -32.14 -74.89 -96.63
C VAL E 1108 -33.55 -75.34 -96.98
N THR E 1109 -34.29 -75.88 -96.02
CA THR E 1109 -35.63 -76.39 -96.25
C THR E 1109 -36.65 -75.59 -95.46
N ALA E 1110 -37.83 -75.43 -96.03
CA ALA E 1110 -38.87 -74.60 -95.43
C ALA E 1110 -39.45 -75.25 -94.19
N GLY E 1111 -39.93 -74.42 -93.27
CA GLY E 1111 -40.52 -74.88 -92.05
C GLY E 1111 -40.06 -74.04 -90.88
N ASP E 1112 -40.04 -74.66 -89.70
CA ASP E 1112 -39.85 -73.98 -88.43
C ASP E 1112 -38.40 -73.55 -88.29
N MET E 1113 -38.11 -72.29 -88.60
CA MET E 1113 -36.74 -71.77 -88.62
C MET E 1113 -36.72 -70.50 -87.77
N ARG E 1114 -36.56 -70.66 -86.46
CA ARG E 1114 -36.56 -69.53 -85.53
C ARG E 1114 -35.10 -69.13 -85.30
N VAL E 1115 -34.67 -68.04 -85.93
CA VAL E 1115 -33.28 -67.65 -86.00
C VAL E 1115 -33.12 -66.28 -85.37
N GLY E 1116 -32.14 -66.13 -84.49
CA GLY E 1116 -31.82 -64.83 -83.93
C GLY E 1116 -30.88 -64.85 -82.75
N TRP E 1117 -31.25 -64.17 -81.68
CA TRP E 1117 -30.34 -63.84 -80.60
C TRP E 1117 -30.94 -64.16 -79.25
N SER E 1118 -30.08 -64.17 -78.23
CA SER E 1118 -30.49 -64.64 -76.93
C SER E 1118 -29.51 -64.19 -75.86
N ARG E 1119 -30.07 -63.66 -74.78
CA ARG E 1119 -29.36 -63.66 -73.51
C ARG E 1119 -29.12 -65.10 -73.08
N PRO E 1120 -28.01 -65.38 -72.39
CA PRO E 1120 -27.57 -66.77 -72.20
C PRO E 1120 -28.48 -67.62 -71.33
N GLY E 1121 -29.45 -67.04 -70.65
CA GLY E 1121 -30.31 -67.83 -69.78
C GLY E 1121 -31.43 -68.58 -70.47
N CYS E 1122 -31.33 -68.76 -71.80
CA CYS E 1122 -32.38 -69.45 -72.55
C CYS E 1122 -32.41 -70.93 -72.21
N GLN E 1123 -33.48 -71.32 -71.53
CA GLN E 1123 -33.74 -72.72 -71.32
C GLN E 1123 -34.09 -73.37 -72.65
N PRO E 1124 -33.53 -74.54 -72.95
CA PRO E 1124 -33.96 -75.26 -74.16
C PRO E 1124 -35.31 -75.91 -74.01
N ASP E 1125 -35.88 -75.91 -72.80
CA ASP E 1125 -37.10 -76.65 -72.49
C ASP E 1125 -38.30 -76.15 -73.29
N GLN E 1126 -38.62 -74.87 -73.15
CA GLN E 1126 -39.70 -74.30 -73.92
C GLN E 1126 -39.25 -74.06 -75.36
N GLU E 1127 -40.22 -73.74 -76.21
CA GLU E 1127 -39.86 -73.38 -77.57
C GLU E 1127 -39.32 -71.96 -77.60
N LEU E 1128 -38.66 -71.62 -78.70
CA LEU E 1128 -37.89 -70.39 -78.78
C LEU E 1128 -38.81 -69.18 -78.86
N GLY E 1129 -38.33 -68.07 -78.29
CA GLY E 1129 -38.81 -66.76 -78.64
C GLY E 1129 -40.12 -66.35 -78.02
N SER E 1130 -40.90 -67.29 -77.49
CA SER E 1130 -42.15 -66.96 -76.81
C SER E 1130 -41.87 -66.63 -75.35
N ASP E 1131 -40.97 -65.68 -75.12
CA ASP E 1131 -40.44 -65.34 -73.81
C ASP E 1131 -39.68 -64.03 -73.95
N GLU E 1132 -39.02 -63.65 -72.86
CA GLU E 1132 -38.20 -62.46 -72.80
C GLU E 1132 -36.72 -62.76 -72.98
N ARG E 1133 -36.35 -64.03 -73.08
CA ARG E 1133 -34.95 -64.42 -73.05
C ARG E 1133 -34.32 -64.51 -74.43
N ALA E 1134 -35.11 -64.70 -75.47
CA ALA E 1134 -34.63 -64.67 -76.84
C ALA E 1134 -35.23 -63.47 -77.55
N PHE E 1135 -34.52 -63.01 -78.57
CA PHE E 1135 -34.99 -61.92 -79.41
C PHE E 1135 -34.65 -62.30 -80.84
N ALA E 1136 -35.65 -62.84 -81.55
CA ALA E 1136 -35.39 -63.55 -82.78
C ALA E 1136 -36.55 -63.35 -83.74
N PHE E 1137 -36.55 -64.17 -84.79
CA PHE E 1137 -37.50 -64.04 -85.88
C PHE E 1137 -37.61 -65.37 -86.61
N ASP E 1138 -38.84 -65.79 -86.85
CA ASP E 1138 -39.15 -66.97 -87.65
C ASP E 1138 -39.50 -66.46 -89.05
N GLY E 1139 -38.62 -66.73 -90.01
CA GLY E 1139 -38.84 -66.25 -91.36
C GLY E 1139 -40.07 -66.85 -91.99
N PHE E 1140 -40.36 -68.11 -91.66
CA PHE E 1140 -41.61 -68.75 -92.02
C PHE E 1140 -42.76 -67.99 -91.36
N LYS E 1141 -43.84 -67.79 -92.13
CA LYS E 1141 -45.02 -67.01 -91.74
C LYS E 1141 -44.74 -65.55 -91.37
N ALA E 1142 -43.53 -65.05 -91.69
CA ALA E 1142 -43.16 -63.64 -91.64
C ALA E 1142 -43.38 -63.01 -90.26
N GLN E 1143 -43.04 -63.75 -89.21
CA GLN E 1143 -43.41 -63.31 -87.88
C GLN E 1143 -42.28 -63.54 -86.87
N ARG E 1144 -42.11 -62.57 -85.98
CA ARG E 1144 -41.03 -62.60 -85.01
C ARG E 1144 -41.55 -62.90 -83.62
N TRP E 1145 -40.64 -62.88 -82.65
CA TRP E 1145 -40.86 -63.51 -81.37
C TRP E 1145 -40.25 -62.70 -80.23
N HIS E 1146 -41.11 -62.18 -79.37
CA HIS E 1146 -40.72 -61.67 -78.06
C HIS E 1146 -41.96 -61.75 -77.18
N GLN E 1147 -41.94 -62.69 -76.23
CA GLN E 1147 -43.04 -62.94 -75.28
C GLN E 1147 -44.36 -63.23 -76.00
N GLY E 1148 -44.27 -63.82 -77.19
CA GLY E 1148 -45.39 -63.94 -78.09
C GLY E 1148 -44.95 -63.63 -79.50
N ASN E 1149 -45.87 -63.06 -80.29
CA ASN E 1149 -45.63 -62.88 -81.71
C ASN E 1149 -45.88 -61.45 -82.15
N GLU E 1150 -45.21 -61.12 -83.25
CA GLU E 1150 -45.50 -59.96 -84.07
C GLU E 1150 -45.05 -60.32 -85.47
N HIS E 1151 -45.82 -59.94 -86.49
CA HIS E 1151 -45.37 -60.16 -87.84
C HIS E 1151 -44.19 -59.27 -88.19
N TYR E 1152 -43.45 -59.70 -89.21
CA TYR E 1152 -42.23 -59.01 -89.63
C TYR E 1152 -41.82 -59.46 -91.02
N GLY E 1153 -41.77 -58.53 -91.97
CA GLY E 1153 -41.09 -58.81 -93.23
C GLY E 1153 -41.85 -59.77 -94.11
N ARG E 1154 -41.16 -60.83 -94.55
CA ARG E 1154 -41.66 -61.72 -95.58
C ARG E 1154 -41.46 -63.16 -95.15
N SER E 1155 -42.01 -64.07 -95.95
CA SER E 1155 -41.63 -65.47 -95.94
C SER E 1155 -40.42 -65.62 -96.87
N TRP E 1156 -40.08 -66.86 -97.24
CA TRP E 1156 -38.76 -67.09 -97.78
C TRP E 1156 -38.74 -68.36 -98.63
N GLN E 1157 -38.06 -68.28 -99.76
CA GLN E 1157 -37.79 -69.46 -100.57
C GLN E 1157 -36.79 -70.36 -99.87
N ALA E 1158 -37.07 -71.67 -99.89
CA ALA E 1158 -36.23 -72.67 -99.21
C ALA E 1158 -34.86 -72.73 -99.86
N GLY E 1159 -33.86 -72.16 -99.19
CA GLY E 1159 -32.52 -72.11 -99.71
C GLY E 1159 -31.87 -70.75 -99.59
N ASP E 1160 -32.49 -69.84 -98.84
CA ASP E 1160 -32.07 -68.45 -98.82
C ASP E 1160 -31.13 -68.14 -97.66
N VAL E 1161 -30.70 -66.88 -97.62
CA VAL E 1161 -29.78 -66.37 -96.62
C VAL E 1161 -30.45 -65.19 -95.92
N VAL E 1162 -30.72 -65.34 -94.63
CA VAL E 1162 -31.45 -64.31 -93.89
C VAL E 1162 -30.48 -63.46 -93.07
N GLY E 1163 -29.83 -64.07 -92.09
CA GLY E 1163 -28.88 -63.36 -91.24
C GLY E 1163 -29.46 -62.31 -90.30
N CYS E 1164 -28.68 -61.92 -89.29
CA CYS E 1164 -29.13 -60.95 -88.29
C CYS E 1164 -27.97 -60.04 -87.92
N MET E 1165 -28.08 -58.77 -88.29
CA MET E 1165 -27.17 -57.77 -87.74
C MET E 1165 -27.55 -57.44 -86.31
N VAL E 1166 -26.57 -56.99 -85.53
CA VAL E 1166 -26.77 -56.56 -84.15
C VAL E 1166 -25.97 -55.30 -83.89
N ASP E 1167 -26.63 -54.29 -83.36
CA ASP E 1167 -25.95 -53.14 -82.76
C ASP E 1167 -25.89 -53.38 -81.26
N MET E 1168 -24.70 -53.20 -80.68
CA MET E 1168 -24.59 -53.18 -79.23
C MET E 1168 -24.51 -51.77 -78.71
N THR E 1169 -23.92 -50.87 -79.51
CA THR E 1169 -23.83 -49.46 -79.14
C THR E 1169 -25.22 -48.86 -79.03
N GLU E 1170 -26.06 -49.18 -79.99
CA GLU E 1170 -27.47 -48.82 -79.94
C GLU E 1170 -28.27 -50.08 -79.67
N HIS E 1171 -29.41 -49.93 -79.00
CA HIS E 1171 -30.30 -51.05 -78.73
C HIS E 1171 -31.20 -51.29 -79.95
N THR E 1172 -30.57 -51.72 -81.03
CA THR E 1172 -31.25 -52.05 -82.27
C THR E 1172 -30.66 -53.33 -82.84
N MET E 1173 -31.43 -53.97 -83.72
CA MET E 1173 -31.03 -55.27 -84.25
C MET E 1173 -31.75 -55.47 -85.59
N MET E 1174 -31.01 -55.26 -86.68
CA MET E 1174 -31.58 -55.27 -88.03
C MET E 1174 -31.40 -56.63 -88.69
N PHE E 1175 -32.38 -56.99 -89.53
CA PHE E 1175 -32.45 -58.29 -90.17
C PHE E 1175 -32.44 -58.10 -91.68
N THR E 1176 -31.90 -59.08 -92.39
CA THR E 1176 -31.75 -59.00 -93.84
C THR E 1176 -32.40 -60.20 -94.51
N LEU E 1177 -32.39 -60.19 -95.84
CA LEU E 1177 -32.74 -61.35 -96.65
C LEU E 1177 -32.07 -61.20 -98.00
N ASN E 1178 -30.93 -61.88 -98.18
CA ASN E 1178 -30.18 -61.93 -99.44
C ASN E 1178 -29.78 -60.56 -99.95
N GLY E 1179 -29.55 -59.61 -99.03
CA GLY E 1179 -29.31 -58.23 -99.38
C GLY E 1179 -30.51 -57.34 -99.15
N GLU E 1180 -31.72 -57.88 -99.23
CA GLU E 1180 -32.93 -57.12 -98.96
C GLU E 1180 -33.09 -57.01 -97.45
N ILE E 1181 -32.94 -55.81 -96.93
CA ILE E 1181 -33.07 -55.58 -95.50
C ILE E 1181 -34.55 -55.62 -95.16
N LEU E 1182 -34.92 -56.48 -94.24
CA LEU E 1182 -36.33 -56.76 -93.99
C LEU E 1182 -37.01 -55.62 -93.24
N LEU E 1183 -38.26 -55.38 -93.59
CA LEU E 1183 -39.05 -54.33 -92.96
C LEU E 1183 -39.90 -54.88 -91.82
N ASP E 1184 -40.38 -53.96 -90.99
CA ASP E 1184 -41.37 -54.28 -89.96
C ASP E 1184 -42.74 -54.43 -90.59
N ASP E 1185 -43.76 -54.54 -89.74
CA ASP E 1185 -45.11 -54.32 -90.20
C ASP E 1185 -45.35 -52.85 -90.47
N SER E 1186 -44.73 -51.97 -89.68
CA SER E 1186 -44.86 -50.54 -89.86
C SER E 1186 -43.81 -49.96 -90.79
N GLY E 1187 -43.13 -50.80 -91.58
CA GLY E 1187 -42.23 -50.30 -92.59
C GLY E 1187 -40.94 -49.71 -92.08
N SER E 1188 -40.48 -50.12 -90.90
CA SER E 1188 -39.17 -49.77 -90.41
C SER E 1188 -38.32 -51.02 -90.35
N GLU E 1189 -37.03 -50.85 -90.11
CA GLU E 1189 -36.10 -51.97 -90.10
C GLU E 1189 -35.49 -52.21 -88.72
N LEU E 1190 -36.01 -51.55 -87.69
CA LEU E 1190 -35.55 -51.73 -86.31
C LEU E 1190 -36.64 -52.49 -85.58
N ALA E 1191 -36.59 -53.81 -85.66
CA ALA E 1191 -37.65 -54.65 -85.08
C ALA E 1191 -37.59 -54.62 -83.56
N PHE E 1192 -36.48 -55.09 -83.01
CA PHE E 1192 -36.28 -55.09 -81.57
C PHE E 1192 -35.58 -53.79 -81.17
N LYS E 1193 -36.06 -53.19 -80.08
CA LYS E 1193 -35.63 -51.84 -79.73
C LYS E 1193 -35.76 -51.65 -78.22
N ASP E 1194 -34.81 -50.90 -77.65
CA ASP E 1194 -34.59 -50.64 -76.22
C ASP E 1194 -34.23 -51.90 -75.44
N PHE E 1195 -33.93 -53.00 -76.10
CA PHE E 1195 -33.49 -54.19 -75.39
C PHE E 1195 -32.10 -53.95 -74.83
N ASP E 1196 -31.95 -54.22 -73.54
CA ASP E 1196 -30.75 -53.81 -72.82
C ASP E 1196 -29.56 -54.67 -73.20
N VAL E 1197 -28.41 -54.02 -73.34
CA VAL E 1197 -27.15 -54.72 -73.42
C VAL E 1197 -26.87 -55.18 -71.99
N GLY E 1198 -27.22 -56.42 -71.71
CA GLY E 1198 -27.06 -56.94 -70.37
C GLY E 1198 -25.96 -57.98 -70.34
N ASP E 1199 -26.35 -59.24 -70.36
CA ASP E 1199 -25.42 -60.35 -70.23
C ASP E 1199 -24.97 -60.88 -71.58
N GLY E 1200 -24.92 -60.03 -72.59
CA GLY E 1200 -24.50 -60.44 -73.91
C GLY E 1200 -25.59 -61.17 -74.67
N PHE E 1201 -25.32 -61.38 -75.95
CA PHE E 1201 -26.31 -61.98 -76.83
C PHE E 1201 -25.65 -63.05 -77.69
N ILE E 1202 -26.38 -64.14 -77.94
CA ILE E 1202 -25.84 -65.38 -78.48
C ILE E 1202 -26.63 -65.78 -79.71
N PRO E 1203 -25.98 -66.13 -80.83
CA PRO E 1203 -26.75 -66.53 -82.02
C PRO E 1203 -27.36 -67.90 -81.83
N VAL E 1204 -28.69 -67.97 -81.97
CA VAL E 1204 -29.46 -69.17 -81.64
C VAL E 1204 -30.38 -69.50 -82.82
N CYS E 1205 -30.48 -70.79 -83.14
CA CYS E 1205 -31.41 -71.27 -84.15
C CYS E 1205 -32.23 -72.43 -83.60
N SER E 1206 -33.55 -72.36 -83.78
CA SER E 1206 -34.44 -73.46 -83.46
C SER E 1206 -34.95 -74.09 -84.74
N LEU E 1207 -34.74 -75.39 -84.89
CA LEU E 1207 -35.25 -76.08 -86.05
C LEU E 1207 -36.66 -76.58 -85.76
N GLY E 1208 -37.17 -77.37 -86.69
CA GLY E 1208 -38.45 -78.02 -86.52
C GLY E 1208 -38.34 -79.53 -86.53
N VAL E 1209 -39.09 -80.15 -87.44
CA VAL E 1209 -39.19 -81.60 -87.51
C VAL E 1209 -38.29 -82.17 -88.61
N ALA E 1210 -38.34 -81.58 -89.79
CA ALA E 1210 -37.51 -82.02 -90.92
C ALA E 1210 -36.89 -80.81 -91.60
N GLN E 1211 -36.31 -79.94 -90.79
CA GLN E 1211 -35.84 -78.65 -91.27
C GLN E 1211 -34.32 -78.57 -91.17
N VAL E 1212 -33.71 -77.98 -92.21
CA VAL E 1212 -32.26 -77.93 -92.35
C VAL E 1212 -31.85 -76.47 -92.51
N GLY E 1213 -30.83 -76.05 -91.75
CA GLY E 1213 -30.23 -74.73 -91.87
C GLY E 1213 -28.72 -74.76 -91.85
N ARG E 1214 -28.09 -73.58 -91.93
CA ARG E 1214 -26.64 -73.48 -91.95
C ARG E 1214 -26.21 -72.10 -91.50
N MET E 1215 -25.18 -72.04 -90.65
CA MET E 1215 -24.66 -70.82 -90.07
C MET E 1215 -23.20 -70.65 -90.46
N ASN E 1216 -22.72 -69.41 -90.42
CA ASN E 1216 -21.29 -69.15 -90.60
C ASN E 1216 -20.85 -68.03 -89.68
N PHE E 1217 -19.73 -68.25 -88.99
CA PHE E 1217 -19.20 -67.38 -87.93
C PHE E 1217 -17.74 -67.05 -88.23
N GLY E 1218 -17.49 -65.98 -88.97
CA GLY E 1218 -16.13 -65.52 -89.17
C GLY E 1218 -15.28 -66.46 -90.01
N LYS E 1219 -13.99 -66.09 -90.08
CA LYS E 1219 -12.89 -66.82 -90.73
C LYS E 1219 -13.03 -66.90 -92.24
N ASP E 1220 -14.15 -66.43 -92.78
CA ASP E 1220 -14.65 -66.81 -94.08
C ASP E 1220 -15.23 -65.59 -94.77
N VAL E 1221 -14.60 -64.43 -94.57
CA VAL E 1221 -15.25 -63.14 -94.75
C VAL E 1221 -15.49 -62.83 -96.22
N SER E 1222 -14.51 -63.13 -97.07
CA SER E 1222 -14.73 -63.01 -98.51
C SER E 1222 -15.71 -64.05 -99.03
N THR E 1223 -15.85 -65.18 -98.33
CA THR E 1223 -16.78 -66.22 -98.71
C THR E 1223 -18.11 -66.11 -97.98
N LEU E 1224 -18.51 -64.89 -97.65
CA LEU E 1224 -19.86 -64.63 -97.15
C LEU E 1224 -20.73 -64.19 -98.31
N LYS E 1225 -22.00 -64.56 -98.26
CA LYS E 1225 -22.84 -64.39 -99.43
C LYS E 1225 -23.33 -62.96 -99.58
N TYR E 1226 -23.81 -62.35 -98.50
CA TYR E 1226 -24.38 -61.02 -98.58
C TYR E 1226 -23.93 -60.08 -97.47
N PHE E 1227 -23.04 -60.53 -96.58
CA PHE E 1227 -22.31 -59.57 -95.74
C PHE E 1227 -21.36 -58.73 -96.59
N THR E 1228 -20.91 -59.29 -97.71
CA THR E 1228 -20.09 -58.54 -98.66
C THR E 1228 -20.84 -57.34 -99.21
N ILE E 1229 -22.15 -57.45 -99.38
CA ILE E 1229 -22.94 -56.36 -99.91
C ILE E 1229 -23.51 -55.54 -98.77
N CYS E 1230 -24.37 -56.16 -97.97
CA CYS E 1230 -24.98 -55.51 -96.82
C CYS E 1230 -24.21 -55.95 -95.59
N GLY E 1231 -23.48 -55.03 -94.95
CA GLY E 1231 -22.40 -55.49 -94.11
C GLY E 1231 -21.11 -54.71 -94.10
N LEU E 1232 -20.04 -55.29 -94.69
CA LEU E 1232 -18.71 -54.67 -94.85
C LEU E 1232 -18.75 -53.17 -95.13
N GLN E 1233 -19.64 -52.77 -96.02
CA GLN E 1233 -19.80 -51.37 -96.41
C GLN E 1233 -20.44 -50.53 -95.31
N GLU E 1234 -20.99 -51.16 -94.27
CA GLU E 1234 -21.89 -50.50 -93.34
C GLU E 1234 -21.34 -50.39 -91.94
N GLY E 1235 -20.26 -51.10 -91.62
CA GLY E 1235 -19.66 -50.99 -90.30
C GLY E 1235 -20.00 -52.14 -89.37
N TYR E 1236 -19.93 -53.36 -89.89
CA TYR E 1236 -20.26 -54.56 -89.14
C TYR E 1236 -19.14 -55.58 -89.32
N GLU E 1237 -19.15 -56.62 -88.49
CA GLU E 1237 -18.10 -57.62 -88.53
C GLU E 1237 -18.67 -58.99 -88.20
N PRO E 1238 -18.07 -60.05 -88.74
CA PRO E 1238 -18.37 -61.40 -88.26
C PRO E 1238 -17.69 -61.66 -86.92
N PHE E 1239 -17.96 -62.85 -86.38
CA PHE E 1239 -17.37 -63.21 -85.09
C PHE E 1239 -15.87 -63.43 -85.19
N ALA E 1240 -15.46 -64.40 -86.02
CA ALA E 1240 -14.16 -65.03 -85.87
C ALA E 1240 -13.11 -64.38 -86.75
N VAL E 1241 -13.17 -63.05 -86.87
CA VAL E 1241 -12.18 -62.31 -87.62
C VAL E 1241 -10.79 -62.46 -87.00
N ASN E 1242 -10.73 -62.42 -85.66
CA ASN E 1242 -9.43 -62.46 -84.99
C ASN E 1242 -9.02 -63.87 -84.62
N THR E 1243 -9.97 -64.78 -84.42
CA THR E 1243 -9.63 -66.03 -83.77
C THR E 1243 -9.02 -67.02 -84.75
N ASN E 1244 -8.41 -68.06 -84.19
CA ASN E 1244 -7.91 -69.20 -84.93
C ASN E 1244 -8.49 -70.48 -84.35
N ARG E 1245 -9.75 -70.42 -83.98
CA ARG E 1245 -10.44 -71.57 -83.43
C ARG E 1245 -11.71 -71.79 -84.21
N ASP E 1246 -12.20 -73.02 -84.18
CA ASP E 1246 -13.52 -73.33 -84.67
C ASP E 1246 -14.46 -73.32 -83.48
N ILE E 1247 -15.39 -72.36 -83.49
CA ILE E 1247 -16.25 -72.10 -82.35
C ILE E 1247 -17.23 -73.25 -82.21
N THR E 1248 -17.15 -73.96 -81.09
CA THR E 1248 -18.10 -75.03 -80.84
C THR E 1248 -19.43 -74.44 -80.41
N MET E 1249 -20.46 -75.29 -80.40
CA MET E 1249 -21.78 -74.86 -79.98
C MET E 1249 -22.39 -75.90 -79.07
N TRP E 1250 -23.48 -75.54 -78.43
CA TRP E 1250 -24.25 -76.46 -77.61
C TRP E 1250 -25.63 -76.66 -78.19
N LEU E 1251 -26.08 -77.91 -78.19
CA LEU E 1251 -27.45 -78.24 -78.52
C LEU E 1251 -28.03 -79.07 -77.39
N SER E 1252 -29.34 -79.00 -77.24
CA SER E 1252 -30.02 -79.84 -76.27
C SER E 1252 -30.13 -81.26 -76.79
N LYS E 1253 -29.75 -82.22 -75.97
CA LYS E 1253 -29.84 -83.60 -76.42
C LYS E 1253 -31.28 -84.09 -76.37
N ARG E 1254 -31.54 -85.14 -77.16
CA ARG E 1254 -32.82 -85.80 -77.08
C ARG E 1254 -32.98 -86.52 -75.75
N LEU E 1255 -31.89 -87.06 -75.23
CA LEU E 1255 -31.94 -87.95 -74.07
C LEU E 1255 -32.33 -87.20 -72.81
N PRO E 1256 -33.41 -87.56 -72.14
CA PRO E 1256 -33.74 -86.93 -70.87
C PRO E 1256 -32.79 -87.44 -69.81
N GLN E 1257 -32.42 -86.55 -68.91
CA GLN E 1257 -31.53 -86.87 -67.81
C GLN E 1257 -32.17 -86.40 -66.53
N PHE E 1258 -31.66 -86.90 -65.41
CA PHE E 1258 -32.11 -86.37 -64.14
C PHE E 1258 -31.27 -85.15 -63.78
N LEU E 1259 -31.64 -84.54 -62.67
CA LEU E 1259 -31.19 -83.22 -62.26
C LEU E 1259 -31.79 -83.01 -60.88
N GLN E 1260 -31.22 -82.07 -60.12
CA GLN E 1260 -31.78 -81.74 -58.82
C GLN E 1260 -33.15 -81.09 -58.92
N VAL E 1261 -33.76 -80.79 -57.79
CA VAL E 1261 -35.00 -80.03 -57.84
C VAL E 1261 -34.72 -78.63 -57.31
N PRO E 1262 -34.57 -77.64 -58.17
CA PRO E 1262 -34.56 -76.27 -57.69
C PRO E 1262 -35.94 -75.86 -57.22
N SER E 1263 -35.98 -74.81 -56.41
CA SER E 1263 -37.25 -74.34 -55.86
C SER E 1263 -38.11 -73.68 -56.93
N SER E 1264 -37.52 -73.27 -58.05
CA SER E 1264 -38.23 -72.55 -59.09
C SER E 1264 -38.85 -73.52 -60.11
N HIS E 1265 -39.62 -74.46 -59.58
CA HIS E 1265 -40.49 -75.27 -60.42
C HIS E 1265 -41.80 -74.51 -60.61
N GLU E 1266 -42.69 -75.03 -61.46
CA GLU E 1266 -44.08 -74.62 -61.51
C GLU E 1266 -44.70 -74.78 -60.12
N HIS E 1267 -44.84 -76.03 -59.66
CA HIS E 1267 -44.95 -76.33 -58.23
C HIS E 1267 -44.54 -77.79 -58.01
N ILE E 1268 -43.29 -78.00 -57.62
CA ILE E 1268 -42.85 -79.23 -56.96
C ILE E 1268 -41.97 -78.81 -55.80
N GLU E 1269 -42.38 -79.16 -54.59
CA GLU E 1269 -41.61 -78.84 -53.39
C GLU E 1269 -41.51 -80.11 -52.54
N VAL E 1270 -40.35 -80.72 -52.57
CA VAL E 1270 -40.03 -81.75 -51.59
C VAL E 1270 -39.62 -81.07 -50.30
N THR E 1271 -39.85 -81.74 -49.19
CA THR E 1271 -39.33 -81.29 -47.91
C THR E 1271 -38.34 -82.34 -47.40
N ARG E 1272 -37.66 -82.01 -46.31
CA ARG E 1272 -36.63 -82.90 -45.75
C ARG E 1272 -36.74 -82.78 -44.24
N ILE E 1273 -37.57 -83.61 -43.63
CA ILE E 1273 -37.95 -83.43 -42.23
C ILE E 1273 -37.80 -84.76 -41.49
N ASP E 1274 -37.19 -84.72 -40.32
CA ASP E 1274 -37.27 -85.84 -39.38
C ASP E 1274 -37.28 -85.32 -37.95
N VAL E 1285 -40.43 -91.28 -40.18
CA VAL E 1285 -38.98 -91.42 -40.13
C VAL E 1285 -38.35 -90.92 -41.42
N THR E 1286 -37.61 -89.81 -41.30
CA THR E 1286 -36.79 -89.19 -42.35
C THR E 1286 -37.61 -88.88 -43.60
N GLN E 1287 -38.53 -87.94 -43.40
CA GLN E 1287 -39.64 -87.73 -44.31
C GLN E 1287 -39.26 -86.84 -45.48
N LYS E 1288 -39.84 -87.15 -46.65
CA LYS E 1288 -39.82 -86.25 -47.80
C LYS E 1288 -41.22 -86.23 -48.40
N SER E 1289 -41.97 -85.17 -48.12
CA SER E 1289 -43.29 -84.98 -48.69
C SER E 1289 -43.17 -84.30 -50.06
N PHE E 1290 -44.29 -83.89 -50.62
CA PHE E 1290 -44.31 -83.26 -51.94
C PHE E 1290 -45.42 -82.22 -52.00
N GLY E 1291 -45.72 -81.79 -53.22
CA GLY E 1291 -46.82 -80.92 -53.51
C GLY E 1291 -46.91 -80.71 -55.01
N SER E 1292 -48.10 -80.85 -55.57
CA SER E 1292 -48.31 -80.71 -57.01
C SER E 1292 -49.56 -79.89 -57.30
N GLN E 1293 -49.70 -78.75 -56.63
CA GLN E 1293 -50.78 -77.83 -56.93
C GLN E 1293 -50.46 -77.04 -58.21
N ASN E 1294 -50.82 -77.62 -59.35
CA ASN E 1294 -50.50 -77.05 -60.64
C ASN E 1294 -51.76 -77.06 -61.50
N SER E 1295 -51.59 -76.73 -62.78
CA SER E 1295 -52.64 -76.82 -63.78
C SER E 1295 -52.35 -77.90 -64.83
N SER E 1296 -51.07 -78.10 -65.15
CA SER E 1296 -50.64 -79.23 -65.98
C SER E 1296 -49.92 -80.23 -65.09
N THR E 1297 -50.59 -81.34 -64.79
CA THR E 1297 -50.27 -82.20 -63.65
C THR E 1297 -50.10 -83.66 -64.08
N ASP E 1298 -49.26 -83.94 -65.08
CA ASP E 1298 -49.32 -85.29 -65.63
C ASP E 1298 -48.54 -86.36 -64.86
N ILE E 1299 -47.21 -86.38 -65.01
CA ILE E 1299 -46.36 -87.49 -64.54
C ILE E 1299 -44.95 -86.95 -64.28
N MET E 1300 -44.42 -87.20 -63.08
CA MET E 1300 -43.03 -86.92 -62.77
C MET E 1300 -42.37 -88.19 -62.25
N PHE E 1301 -41.06 -88.29 -62.40
CA PHE E 1301 -40.30 -89.37 -61.79
C PHE E 1301 -39.48 -88.80 -60.65
N TYR E 1302 -39.06 -89.67 -59.72
CA TYR E 1302 -38.25 -89.20 -58.60
C TYR E 1302 -37.14 -90.21 -58.33
N ARG E 1303 -35.91 -89.81 -58.64
CA ARG E 1303 -34.73 -90.56 -58.24
C ARG E 1303 -34.24 -90.00 -56.91
N LEU E 1304 -34.26 -90.83 -55.89
CA LEU E 1304 -33.43 -90.54 -54.75
C LEU E 1304 -31.98 -90.71 -55.20
N SER E 1305 -31.09 -89.88 -54.64
CA SER E 1305 -29.85 -89.53 -55.31
C SER E 1305 -28.84 -90.65 -55.52
N MET E 1306 -28.32 -91.21 -54.46
CA MET E 1306 -27.13 -91.99 -54.76
C MET E 1306 -27.45 -93.47 -54.88
N PRO E 1307 -26.70 -94.22 -55.68
CA PRO E 1307 -27.01 -95.64 -55.85
C PRO E 1307 -26.38 -96.54 -54.81
N ILE E 1308 -26.65 -97.85 -54.94
CA ILE E 1308 -26.15 -98.87 -54.04
C ILE E 1308 -25.51 -99.96 -54.87
N GLU E 1309 -24.35 -100.44 -54.44
CA GLU E 1309 -23.60 -101.48 -55.13
C GLU E 1309 -24.18 -102.86 -54.86
N CYS E 1310 -23.42 -103.89 -55.23
CA CYS E 1310 -23.79 -105.27 -54.92
C CYS E 1310 -22.68 -105.97 -54.16
N THR E 1425 -29.39 -104.96 -47.41
CA THR E 1425 -29.70 -105.73 -46.21
C THR E 1425 -30.94 -105.09 -45.56
N TYR E 1426 -31.07 -103.78 -45.72
CA TYR E 1426 -32.21 -103.05 -45.17
C TYR E 1426 -33.23 -102.73 -46.25
N TYR E 1427 -34.39 -102.29 -45.79
CA TYR E 1427 -35.52 -101.96 -46.65
C TYR E 1427 -35.67 -100.45 -46.80
N TYR E 1428 -36.76 -100.04 -47.44
CA TYR E 1428 -36.97 -98.62 -47.75
C TYR E 1428 -38.46 -98.35 -47.87
N SER E 1429 -39.02 -97.60 -46.93
CA SER E 1429 -40.46 -97.48 -46.78
C SER E 1429 -40.98 -96.18 -47.38
N VAL E 1430 -42.14 -96.28 -48.02
CA VAL E 1430 -42.81 -95.17 -48.70
C VAL E 1430 -44.26 -95.16 -48.23
N ARG E 1431 -44.79 -93.97 -47.96
CA ARG E 1431 -46.21 -93.81 -47.67
C ARG E 1431 -46.88 -92.95 -48.74
N ILE E 1432 -47.98 -93.46 -49.29
CA ILE E 1432 -48.74 -92.79 -50.33
C ILE E 1432 -50.06 -92.35 -49.70
N PHE E 1433 -50.35 -91.06 -49.81
CA PHE E 1433 -51.55 -90.53 -49.16
C PHE E 1433 -52.83 -90.77 -49.96
N PRO E 1434 -52.86 -90.61 -51.31
CA PRO E 1434 -54.13 -91.03 -51.92
C PRO E 1434 -54.11 -92.48 -52.42
N ASN E 1440 -51.97 -97.60 -60.01
CA ASN E 1440 -52.20 -96.24 -60.48
C ASN E 1440 -50.90 -95.44 -60.61
N VAL E 1441 -49.91 -95.80 -59.80
CA VAL E 1441 -48.62 -95.11 -59.76
C VAL E 1441 -47.53 -96.17 -59.72
N TRP E 1442 -46.65 -96.16 -60.71
CA TRP E 1442 -45.57 -97.14 -60.74
C TRP E 1442 -44.53 -96.84 -59.66
N VAL E 1443 -43.86 -97.91 -59.22
CA VAL E 1443 -42.70 -97.82 -58.34
C VAL E 1443 -41.64 -98.78 -58.87
N GLY E 1444 -40.42 -98.28 -59.08
CA GLY E 1444 -39.33 -99.12 -59.50
C GLY E 1444 -38.08 -98.91 -58.68
N TRP E 1445 -36.97 -99.51 -59.11
CA TRP E 1445 -35.66 -99.34 -58.47
C TRP E 1445 -34.66 -99.28 -59.63
N ILE E 1446 -34.25 -98.07 -59.96
CA ILE E 1446 -33.67 -97.79 -61.27
C ILE E 1446 -32.24 -98.29 -61.36
N THR E 1447 -31.98 -99.08 -62.39
CA THR E 1447 -30.61 -99.29 -62.82
C THR E 1447 -30.15 -98.04 -63.56
N SER E 1448 -29.01 -97.49 -63.13
CA SER E 1448 -28.62 -96.10 -63.36
C SER E 1448 -28.48 -95.71 -64.83
N ASP E 1449 -28.53 -96.64 -65.76
CA ASP E 1449 -28.51 -96.32 -67.19
C ASP E 1449 -29.93 -96.20 -67.75
N PHE E 1450 -30.69 -95.28 -67.16
CA PHE E 1450 -32.10 -95.13 -67.48
C PHE E 1450 -32.29 -93.88 -68.32
N HIS E 1451 -32.73 -94.07 -69.56
CA HIS E 1451 -33.10 -92.97 -70.44
C HIS E 1451 -34.35 -93.33 -71.22
N GLN E 1452 -35.30 -93.94 -70.52
CA GLN E 1452 -36.53 -94.44 -71.12
C GLN E 1452 -37.67 -93.57 -70.62
N TYR E 1453 -38.03 -92.56 -71.41
CA TYR E 1453 -39.07 -91.61 -71.02
C TYR E 1453 -40.25 -91.71 -71.98
N ASP E 1454 -41.26 -92.48 -71.56
CA ASP E 1454 -42.55 -92.59 -72.23
C ASP E 1454 -43.60 -92.93 -71.19
N THR E 1455 -44.86 -92.67 -71.53
CA THR E 1455 -45.96 -93.04 -70.65
C THR E 1455 -46.52 -94.42 -70.98
N ALA E 1456 -45.63 -95.42 -71.00
CA ALA E 1456 -45.99 -96.79 -71.32
C ALA E 1456 -45.46 -97.72 -70.24
N PHE E 1457 -45.47 -99.03 -70.51
CA PHE E 1457 -44.88 -99.97 -69.55
C PHE E 1457 -44.17 -101.08 -70.31
N ASP E 1458 -42.85 -100.94 -70.44
CA ASP E 1458 -41.96 -101.91 -71.08
C ASP E 1458 -40.59 -101.78 -70.41
N LEU E 1459 -39.56 -102.30 -71.06
CA LEU E 1459 -38.19 -102.03 -70.66
C LEU E 1459 -37.54 -101.09 -71.67
N VAL E 1465 -35.81 -108.30 -71.24
CA VAL E 1465 -34.46 -108.38 -71.78
C VAL E 1465 -33.69 -109.46 -71.06
N THR E 1466 -33.49 -110.59 -71.71
CA THR E 1466 -32.83 -111.74 -71.09
C THR E 1466 -31.51 -112.02 -71.79
N VAL E 1467 -30.56 -112.47 -71.01
CA VAL E 1467 -29.33 -113.07 -71.53
C VAL E 1467 -29.35 -114.52 -71.09
N THR E 1468 -28.85 -115.41 -71.93
CA THR E 1468 -28.69 -116.82 -71.58
C THR E 1468 -27.22 -117.18 -71.64
N LEU E 1469 -26.81 -118.11 -70.79
CA LEU E 1469 -25.41 -118.54 -70.72
C LEU E 1469 -25.11 -119.54 -71.84
N GLY E 1470 -23.98 -120.21 -71.72
CA GLY E 1470 -23.64 -121.32 -72.57
C GLY E 1470 -22.78 -122.32 -71.82
N ASP E 1471 -23.19 -123.58 -71.80
CA ASP E 1471 -22.42 -124.66 -71.18
C ASP E 1471 -21.63 -125.43 -72.21
N GLU E 1472 -21.10 -124.70 -73.22
CA GLU E 1472 -20.52 -125.14 -74.49
C GLU E 1472 -21.56 -125.73 -75.45
N LYS E 1473 -22.79 -125.87 -74.96
CA LYS E 1473 -23.95 -126.20 -75.77
C LYS E 1473 -25.12 -125.32 -75.39
N GLY E 1474 -24.97 -124.52 -74.33
CA GLY E 1474 -26.12 -123.88 -73.72
C GLY E 1474 -26.86 -124.90 -72.89
N LYS E 1475 -28.18 -124.92 -73.07
CA LYS E 1475 -29.08 -126.04 -72.77
C LYS E 1475 -29.32 -126.27 -71.28
N VAL E 1476 -28.59 -125.62 -70.38
CA VAL E 1476 -29.11 -125.37 -69.05
C VAL E 1476 -29.07 -123.87 -68.83
N HIS E 1477 -27.87 -123.33 -68.59
CA HIS E 1477 -27.28 -122.12 -69.14
C HIS E 1477 -28.23 -121.02 -69.64
N GLU E 1478 -29.30 -120.71 -68.91
CA GLU E 1478 -30.24 -119.74 -69.48
C GLU E 1478 -30.59 -118.57 -68.56
N SER E 1479 -30.98 -118.86 -67.32
CA SER E 1479 -31.64 -117.86 -66.48
C SER E 1479 -30.59 -116.97 -65.84
N ILE E 1480 -30.47 -115.74 -66.34
CA ILE E 1480 -29.48 -114.85 -65.77
C ILE E 1480 -30.13 -113.61 -65.17
N LYS E 1481 -30.73 -112.78 -66.02
CA LYS E 1481 -31.16 -111.47 -65.57
C LYS E 1481 -32.19 -110.88 -66.52
N ARG E 1482 -33.01 -109.99 -65.96
CA ARG E 1482 -34.01 -109.25 -66.74
C ARG E 1482 -34.12 -107.78 -66.34
N SER E 1483 -33.08 -107.19 -65.77
CA SER E 1483 -33.17 -105.81 -65.31
C SER E 1483 -33.03 -104.84 -66.49
N ASN E 1484 -33.41 -103.59 -66.25
CA ASN E 1484 -33.35 -102.56 -67.27
C ASN E 1484 -33.29 -101.16 -66.67
N TYR E 1486 -36.83 -100.37 -64.82
CA TYR E 1486 -35.88 -101.32 -64.26
C TYR E 1486 -36.58 -102.33 -63.35
N MET E 1487 -37.29 -101.83 -62.34
CA MET E 1487 -38.05 -102.69 -61.44
C MET E 1487 -39.51 -102.27 -61.45
N VAL E 1488 -40.37 -103.17 -60.96
CA VAL E 1488 -41.80 -103.09 -61.23
C VAL E 1488 -42.60 -103.14 -59.93
N CYS E 1489 -43.35 -102.07 -59.65
CA CYS E 1489 -44.49 -102.09 -58.74
C CYS E 1489 -45.55 -101.15 -59.31
N ALA E 1490 -46.72 -101.15 -58.69
CA ALA E 1490 -47.80 -100.25 -59.06
C ALA E 1490 -48.72 -99.98 -57.88
N ASN E 1501 -56.74 -97.95 -49.35
CA ASN E 1501 -57.81 -97.03 -48.97
C ASN E 1501 -57.27 -95.87 -48.15
N ASN E 1502 -56.18 -96.11 -47.43
CA ASN E 1502 -55.49 -95.05 -46.70
C ASN E 1502 -54.05 -94.86 -47.18
N ASN E 1503 -53.26 -95.94 -47.17
CA ASN E 1503 -51.84 -95.85 -47.48
C ASN E 1503 -51.39 -97.12 -48.18
N GLY E 1504 -50.84 -96.98 -49.38
CA GLY E 1504 -50.17 -98.08 -50.04
C GLY E 1504 -48.70 -98.08 -49.70
N LEU E 1505 -48.32 -98.92 -48.74
CA LEU E 1505 -46.99 -98.85 -48.13
C LEU E 1505 -46.04 -99.83 -48.81
N GLU E 1506 -45.76 -99.54 -50.09
CA GLU E 1506 -44.85 -100.38 -50.86
C GLU E 1506 -43.42 -100.16 -50.41
N ILE E 1507 -42.79 -101.22 -49.91
CA ILE E 1507 -41.47 -101.14 -49.30
C ILE E 1507 -40.55 -102.08 -50.05
N GLY E 1508 -39.62 -101.52 -50.82
CA GLY E 1508 -38.71 -102.29 -51.66
C GLY E 1508 -37.49 -102.82 -50.93
N CYS E 1509 -37.64 -103.91 -50.19
CA CYS E 1509 -36.54 -104.41 -49.38
C CYS E 1509 -35.40 -104.96 -50.23
N VAL E 1510 -34.17 -104.79 -49.72
CA VAL E 1510 -32.95 -104.96 -50.48
C VAL E 1510 -32.10 -106.03 -49.80
N VAL E 1511 -31.55 -106.95 -50.61
CA VAL E 1511 -30.57 -107.96 -50.20
C VAL E 1511 -31.07 -108.87 -49.08
N GLY E 1516 -26.58 -110.41 -53.55
CA GLY E 1516 -27.63 -109.42 -53.39
C GLY E 1516 -28.95 -109.86 -54.01
N LEU E 1517 -30.06 -109.48 -53.38
CA LEU E 1517 -31.38 -109.92 -53.79
C LEU E 1517 -32.37 -108.77 -53.64
N LEU E 1518 -33.62 -109.02 -54.02
CA LEU E 1518 -34.70 -108.05 -53.84
C LEU E 1518 -35.98 -108.76 -53.45
N THR E 1519 -36.64 -108.23 -52.41
CA THR E 1519 -37.98 -108.65 -52.02
C THR E 1519 -38.86 -107.40 -51.94
N PHE E 1520 -39.85 -107.32 -52.80
CA PHE E 1520 -40.82 -106.23 -52.80
C PHE E 1520 -41.89 -106.55 -51.78
N THR E 1521 -42.06 -105.67 -50.81
CA THR E 1521 -43.11 -105.82 -49.81
C THR E 1521 -44.06 -104.63 -49.92
N ALA E 1522 -45.30 -104.84 -49.49
CA ALA E 1522 -46.32 -103.80 -49.63
C ALA E 1522 -47.33 -103.94 -48.51
N ASN E 1523 -47.33 -102.94 -47.60
CA ASN E 1523 -48.23 -102.86 -46.46
C ASN E 1523 -48.11 -104.09 -45.56
N GLY E 1524 -46.89 -104.60 -45.43
CA GLY E 1524 -46.67 -105.83 -44.68
C GLY E 1524 -46.79 -107.08 -45.53
N LYS E 1525 -47.63 -107.04 -46.55
CA LYS E 1525 -47.77 -108.17 -47.45
C LYS E 1525 -46.61 -108.20 -48.43
N ASP E 1526 -46.56 -109.27 -49.23
CA ASP E 1526 -45.47 -109.47 -50.17
C ASP E 1526 -46.06 -109.56 -51.57
N LEU E 1527 -46.25 -108.40 -52.20
CA LEU E 1527 -46.56 -108.41 -53.62
C LEU E 1527 -45.35 -108.87 -54.40
N SER E 1528 -45.55 -109.85 -55.28
CA SER E 1528 -44.45 -110.60 -55.86
C SER E 1528 -43.76 -109.85 -56.99
N THR E 1529 -42.97 -110.60 -57.76
CA THR E 1529 -42.15 -110.11 -58.90
C THR E 1529 -41.15 -109.05 -58.45
N TYR E 1530 -40.23 -109.50 -57.61
CA TYR E 1530 -39.05 -108.74 -57.24
C TYR E 1530 -37.82 -109.48 -57.76
N TYR E 1531 -37.17 -108.90 -58.77
CA TYR E 1531 -36.08 -109.58 -59.45
C TYR E 1531 -34.84 -109.66 -58.57
N GLN E 1532 -34.66 -110.81 -57.92
CA GLN E 1532 -33.50 -111.05 -57.07
C GLN E 1532 -32.35 -111.63 -57.88
N VAL E 1533 -32.00 -110.93 -58.96
CA VAL E 1533 -30.94 -111.36 -59.86
C VAL E 1533 -30.14 -110.17 -60.36
N GLU E 1534 -28.94 -109.98 -59.79
CA GLU E 1534 -27.96 -109.02 -60.27
C GLU E 1534 -26.59 -109.39 -59.72
N PRO E 1535 -25.60 -109.61 -60.57
CA PRO E 1535 -24.27 -109.96 -60.05
C PRO E 1535 -23.53 -108.85 -59.30
N SER E 1536 -23.23 -107.73 -59.96
CA SER E 1536 -22.37 -106.70 -59.39
C SER E 1536 -22.84 -105.29 -59.78
N THR E 1537 -24.13 -105.04 -59.72
CA THR E 1537 -24.69 -103.89 -60.39
C THR E 1537 -24.77 -102.68 -59.46
N LYS E 1538 -25.47 -101.64 -59.92
CA LYS E 1538 -25.77 -100.44 -59.14
C LYS E 1538 -27.24 -100.07 -59.34
N LEU E 1539 -27.89 -99.66 -58.26
CA LEU E 1539 -29.35 -99.51 -58.24
C LEU E 1539 -29.73 -98.17 -57.62
N PHE E 1540 -30.45 -97.35 -58.38
CA PHE E 1540 -31.04 -96.15 -57.80
C PHE E 1540 -32.25 -96.49 -56.95
N PRO E 1541 -32.36 -95.95 -55.74
CA PRO E 1541 -33.66 -95.93 -55.06
C PRO E 1541 -34.60 -94.99 -55.79
N ALA E 1542 -35.72 -95.54 -56.23
CA ALA E 1542 -36.59 -94.85 -57.17
C ALA E 1542 -38.03 -94.94 -56.72
N VAL E 1543 -38.79 -93.88 -56.96
CA VAL E 1543 -40.26 -93.87 -56.88
C VAL E 1543 -40.74 -93.01 -58.03
N PHE E 1544 -41.71 -93.50 -58.80
CA PHE E 1544 -42.29 -92.68 -59.85
C PHE E 1544 -43.58 -92.06 -59.35
N ALA E 1545 -44.20 -91.22 -60.18
CA ALA E 1545 -45.44 -90.61 -59.75
C ALA E 1545 -46.32 -90.18 -60.92
N GLN E 1546 -47.62 -90.24 -60.67
CA GLN E 1546 -48.63 -89.48 -61.36
C GLN E 1546 -49.25 -88.54 -60.35
N ALA E 1547 -49.72 -87.39 -60.81
CA ALA E 1547 -50.38 -86.47 -59.89
C ALA E 1547 -51.83 -86.90 -59.72
N THR E 1548 -52.05 -87.91 -58.89
CA THR E 1548 -53.41 -88.33 -58.55
C THR E 1548 -54.06 -87.35 -57.58
N SER E 1549 -53.38 -87.03 -56.50
CA SER E 1549 -53.77 -85.97 -55.59
C SER E 1549 -52.55 -85.14 -55.31
N PRO E 1550 -52.73 -83.86 -54.96
CA PRO E 1550 -51.61 -83.10 -54.40
C PRO E 1550 -51.20 -83.64 -53.04
N ASN E 1551 -49.95 -83.35 -52.67
CA ASN E 1551 -49.33 -83.74 -51.38
C ASN E 1551 -49.31 -85.27 -51.22
N VAL E 1552 -48.53 -85.90 -52.09
CA VAL E 1552 -48.69 -87.35 -52.30
C VAL E 1552 -47.83 -88.17 -51.34
N PHE E 1553 -46.49 -88.07 -51.39
CA PHE E 1553 -45.65 -89.10 -50.79
C PHE E 1553 -45.16 -88.68 -49.42
N GLN E 1554 -44.60 -89.68 -48.73
CA GLN E 1554 -43.57 -89.50 -47.72
C GLN E 1554 -42.54 -90.61 -47.91
N PHE E 1555 -41.28 -90.28 -47.75
CA PHE E 1555 -40.23 -91.24 -47.97
C PHE E 1555 -39.49 -91.53 -46.67
N GLU E 1556 -38.55 -92.46 -46.75
CA GLU E 1556 -37.50 -92.59 -45.77
C GLU E 1556 -36.25 -91.90 -46.25
N ALA E 1568 -36.28 -105.12 -37.74
CA ALA E 1568 -36.67 -104.23 -38.83
C ALA E 1568 -35.90 -102.91 -38.75
N GLY E 1569 -34.58 -103.00 -38.76
CA GLY E 1569 -33.74 -101.82 -38.74
C GLY E 1569 -33.80 -101.06 -40.05
N LEU E 1570 -33.16 -99.90 -40.08
CA LEU E 1570 -33.34 -99.00 -41.19
C LEU E 1570 -32.05 -98.77 -41.98
N PHE E 1571 -32.14 -97.88 -42.96
CA PHE E 1571 -31.52 -98.02 -44.26
C PHE E 1571 -30.18 -97.32 -44.45
N LYS E 1572 -29.96 -96.19 -43.76
CA LYS E 1572 -28.91 -95.24 -44.13
C LYS E 1572 -27.51 -95.84 -44.04
N SER E 1573 -27.30 -96.77 -43.09
CA SER E 1573 -25.99 -97.34 -42.86
C SER E 1573 -25.51 -98.15 -44.06
N GLU E 1574 -26.43 -98.87 -44.69
CA GLU E 1574 -26.12 -99.78 -45.78
C GLU E 1574 -26.01 -99.03 -47.12
N HIS E 1575 -25.73 -97.73 -47.08
CA HIS E 1575 -25.64 -96.88 -48.25
C HIS E 1575 -24.40 -96.00 -48.21
N LYS E 1576 -23.97 -95.60 -47.01
CA LYS E 1576 -22.83 -94.72 -46.84
C LYS E 1576 -21.56 -95.53 -46.66
N ASN E 1577 -20.49 -94.87 -46.25
CA ASN E 1577 -19.33 -95.60 -45.77
C ASN E 1577 -19.46 -96.07 -44.31
N PRO E 1578 -19.90 -95.22 -43.30
CA PRO E 1578 -20.00 -95.78 -41.95
C PRO E 1578 -21.14 -96.78 -41.79
N VAL E 1579 -20.82 -98.01 -41.39
CA VAL E 1579 -21.81 -99.06 -41.34
C VAL E 1579 -22.01 -99.76 -39.99
N PRO E 1580 -21.89 -99.11 -38.80
CA PRO E 1580 -22.85 -99.48 -37.75
C PRO E 1580 -24.21 -98.83 -37.94
N GLN E 1581 -24.28 -97.52 -37.67
CA GLN E 1581 -25.26 -96.50 -38.05
C GLN E 1581 -26.69 -96.99 -38.22
N CYS E 1582 -27.17 -97.82 -37.29
CA CYS E 1582 -28.46 -98.47 -37.44
C CYS E 1582 -29.66 -97.51 -37.36
N PRO E 1583 -29.66 -96.45 -36.55
CA PRO E 1583 -30.63 -95.37 -36.79
C PRO E 1583 -30.32 -94.65 -38.09
N PRO E 1584 -31.33 -94.41 -38.91
CA PRO E 1584 -31.08 -93.69 -40.17
C PRO E 1584 -30.89 -92.21 -39.91
N ARG E 1585 -30.37 -91.51 -40.92
CA ARG E 1585 -30.19 -90.07 -40.82
C ARG E 1585 -30.22 -89.45 -42.20
N LEU E 1586 -31.01 -88.39 -42.37
CA LEU E 1586 -30.99 -87.63 -43.60
C LEU E 1586 -29.67 -86.91 -43.78
N HIS E 1587 -29.37 -86.57 -45.03
CA HIS E 1587 -28.18 -85.81 -45.34
C HIS E 1587 -28.49 -84.84 -46.46
N VAL E 1588 -27.67 -83.79 -46.53
CA VAL E 1588 -27.76 -82.82 -47.62
C VAL E 1588 -27.44 -83.50 -48.94
N GLN E 1589 -26.58 -84.51 -48.91
CA GLN E 1589 -26.15 -85.22 -50.09
C GLN E 1589 -27.26 -86.07 -50.69
N PHE E 1590 -28.29 -86.41 -49.90
CA PHE E 1590 -29.48 -86.99 -50.49
C PHE E 1590 -30.23 -85.94 -51.28
N LEU E 1591 -30.69 -86.32 -52.46
CA LEU E 1591 -31.43 -85.45 -53.35
C LEU E 1591 -32.64 -86.20 -53.88
N SER E 1592 -33.42 -85.52 -54.71
CA SER E 1592 -34.73 -85.99 -55.12
C SER E 1592 -34.87 -85.88 -56.63
N HIS E 1593 -33.90 -86.45 -57.34
CA HIS E 1593 -33.68 -86.16 -58.75
C HIS E 1593 -34.86 -86.56 -59.63
N VAL E 1594 -35.17 -85.68 -60.58
CA VAL E 1594 -36.30 -85.85 -61.47
C VAL E 1594 -35.75 -85.87 -62.89
N LEU E 1595 -36.22 -86.84 -63.68
CA LEU E 1595 -35.85 -86.94 -65.08
C LEU E 1595 -36.43 -85.75 -65.82
N TRP E 1596 -35.62 -84.72 -66.06
CA TRP E 1596 -36.14 -83.60 -66.81
C TRP E 1596 -35.80 -83.74 -68.28
N SER E 1597 -36.24 -82.74 -69.05
CA SER E 1597 -36.30 -82.89 -70.49
C SER E 1597 -34.91 -82.79 -71.11
N ARG E 1598 -34.27 -81.63 -70.97
CA ARG E 1598 -33.11 -81.38 -71.81
C ARG E 1598 -32.21 -80.31 -71.21
N MET E 1599 -30.94 -80.39 -71.59
CA MET E 1599 -29.84 -79.52 -71.20
C MET E 1599 -28.91 -79.43 -72.40
N PRO E 1600 -28.20 -78.32 -72.58
CA PRO E 1600 -27.35 -78.18 -73.76
C PRO E 1600 -26.13 -79.07 -73.70
N ASN E 1601 -25.63 -79.47 -74.87
CA ASN E 1601 -24.55 -80.45 -74.95
C ASN E 1601 -23.66 -80.17 -76.16
N GLN E 1602 -22.38 -80.54 -76.03
CA GLN E 1602 -21.30 -79.89 -76.75
C GLN E 1602 -21.21 -80.38 -78.20
N PHE E 1603 -20.59 -79.56 -79.03
CA PHE E 1603 -20.54 -79.77 -80.47
C PHE E 1603 -19.69 -80.98 -80.88
N LEU E 1604 -18.71 -81.34 -80.05
CA LEU E 1604 -17.68 -82.35 -80.38
C LEU E 1604 -16.92 -81.93 -81.64
N LYS E 1605 -16.14 -80.87 -81.48
CA LYS E 1605 -15.49 -80.07 -82.52
C LYS E 1605 -14.78 -80.84 -83.63
N VAL E 1606 -14.10 -81.94 -83.29
CA VAL E 1606 -13.54 -82.85 -84.28
C VAL E 1606 -13.97 -84.26 -83.88
N ASP E 1607 -14.45 -85.06 -84.84
CA ASP E 1607 -14.95 -86.39 -84.51
C ASP E 1607 -14.07 -87.51 -85.03
N VAL E 1608 -13.97 -87.72 -86.34
CA VAL E 1608 -13.40 -88.95 -86.89
C VAL E 1608 -12.87 -88.69 -88.31
N SER E 1609 -11.63 -89.08 -88.58
CA SER E 1609 -11.16 -89.23 -89.95
C SER E 1609 -11.68 -90.56 -90.49
N ARG E 1610 -12.42 -90.51 -91.61
CA ARG E 1610 -13.40 -91.54 -91.92
C ARG E 1610 -13.37 -91.94 -93.38
N ILE E 1611 -13.31 -93.25 -93.64
CA ILE E 1611 -13.37 -93.81 -94.99
C ILE E 1611 -14.45 -94.88 -95.02
N SER E 1612 -15.41 -94.73 -95.95
CA SER E 1612 -16.45 -95.72 -96.17
C SER E 1612 -16.58 -95.95 -97.68
N GLU E 1613 -16.41 -97.20 -98.11
CA GLU E 1613 -16.31 -97.46 -99.54
C GLU E 1613 -17.30 -98.53 -100.00
N ARG E 1614 -17.16 -98.99 -101.25
CA ARG E 1614 -18.23 -99.74 -101.90
C ARG E 1614 -17.82 -101.14 -102.32
N GLN E 1615 -16.72 -101.30 -103.07
CA GLN E 1615 -16.41 -102.59 -103.67
C GLN E 1615 -15.98 -103.56 -102.59
N GLY E 1616 -16.94 -104.31 -102.08
CA GLY E 1616 -16.79 -105.06 -100.87
C GLY E 1616 -17.22 -104.33 -99.62
N TRP E 1617 -17.55 -103.04 -99.74
CA TRP E 1617 -17.97 -102.15 -98.64
C TRP E 1617 -16.91 -102.10 -97.53
N LEU E 1618 -15.77 -101.55 -97.94
CA LEU E 1618 -14.60 -101.36 -97.08
C LEU E 1618 -14.77 -100.05 -96.30
N VAL E 1619 -15.45 -100.15 -95.16
CA VAL E 1619 -15.36 -99.11 -94.15
C VAL E 1619 -13.93 -99.10 -93.61
N GLN E 1620 -13.40 -97.91 -93.34
CA GLN E 1620 -12.01 -97.82 -92.91
C GLN E 1620 -11.78 -96.60 -92.05
N CYS E 1621 -11.12 -96.78 -90.92
CA CYS E 1621 -10.59 -95.70 -90.11
C CYS E 1621 -9.26 -96.14 -89.53
N LEU E 1622 -8.34 -95.20 -89.39
CA LEU E 1622 -6.99 -95.57 -88.96
C LEU E 1622 -6.46 -94.74 -87.79
N GLU E 1623 -6.79 -93.45 -87.73
CA GLU E 1623 -6.11 -92.65 -86.71
C GLU E 1623 -6.96 -92.54 -85.45
N PRO E 1624 -6.34 -92.42 -84.28
CA PRO E 1624 -7.10 -92.26 -83.04
C PRO E 1624 -7.34 -90.80 -82.70
N LEU E 1625 -8.47 -90.57 -82.04
CA LEU E 1625 -8.83 -89.26 -81.46
C LEU E 1625 -9.50 -89.51 -80.12
N GLN E 1626 -8.89 -89.03 -79.05
CA GLN E 1626 -9.31 -89.44 -77.72
C GLN E 1626 -10.17 -88.40 -77.02
N PHE E 1627 -10.95 -88.87 -76.06
CA PHE E 1627 -11.72 -88.01 -75.19
C PHE E 1627 -10.83 -87.32 -74.18
N MET E 1628 -11.48 -86.65 -73.25
CA MET E 1628 -10.86 -86.09 -72.05
C MET E 1628 -11.94 -86.26 -70.99
N SER E 1629 -11.92 -87.40 -70.32
CA SER E 1629 -13.11 -87.95 -69.70
C SER E 1629 -12.97 -88.00 -68.20
N LEU E 1630 -14.02 -87.62 -67.49
CA LEU E 1630 -14.13 -87.99 -66.09
C LEU E 1630 -15.45 -88.70 -65.89
N HIS E 1631 -15.69 -89.14 -64.67
CA HIS E 1631 -17.03 -89.57 -64.33
C HIS E 1631 -17.25 -89.21 -62.87
N ILE E 1632 -18.39 -88.60 -62.60
CA ILE E 1632 -18.73 -88.39 -61.19
C ILE E 1632 -19.19 -89.72 -60.62
N PRO E 1633 -18.55 -90.22 -59.59
CA PRO E 1633 -18.75 -91.63 -59.25
C PRO E 1633 -19.93 -91.86 -58.33
N GLU E 1634 -20.28 -90.89 -57.50
CA GLU E 1634 -21.30 -91.15 -56.49
C GLU E 1634 -22.71 -90.98 -57.02
N GLU E 1635 -22.87 -90.46 -58.23
CA GLU E 1635 -24.18 -90.38 -58.88
C GLU E 1635 -24.03 -90.79 -60.33
N ASN E 1636 -23.38 -91.95 -60.52
CA ASN E 1636 -22.61 -92.37 -61.70
C ASN E 1636 -23.17 -91.94 -63.03
N ARG E 1637 -22.31 -91.31 -63.83
CA ARG E 1637 -22.46 -90.90 -65.22
C ARG E 1637 -21.13 -90.34 -65.66
N SER E 1638 -20.89 -90.32 -66.97
CA SER E 1638 -19.64 -89.87 -67.53
C SER E 1638 -19.81 -88.51 -68.17
N VAL E 1639 -18.87 -87.61 -67.89
CA VAL E 1639 -18.81 -86.28 -68.48
C VAL E 1639 -17.43 -86.14 -69.10
N ASP E 1640 -17.32 -85.42 -70.20
CA ASP E 1640 -16.02 -85.02 -70.70
C ASP E 1640 -15.71 -83.59 -70.30
N ILE E 1641 -14.40 -83.30 -70.18
CA ILE E 1641 -13.93 -82.09 -69.52
C ILE E 1641 -14.33 -80.84 -70.28
N LEU E 1642 -14.29 -80.90 -71.60
CA LEU E 1642 -14.57 -79.72 -72.40
C LEU E 1642 -16.04 -79.32 -72.38
N GLU E 1643 -16.92 -80.12 -71.78
CA GLU E 1643 -18.32 -79.78 -71.60
C GLU E 1643 -18.58 -79.25 -70.20
N LEU E 1644 -17.58 -79.33 -69.33
CA LEU E 1644 -17.69 -78.82 -67.98
C LEU E 1644 -17.54 -77.30 -67.93
N THR E 1645 -17.21 -76.65 -69.05
CA THR E 1645 -16.84 -75.24 -69.14
C THR E 1645 -17.96 -74.30 -68.81
N GLU E 1646 -19.13 -74.75 -68.39
CA GLU E 1646 -20.14 -73.87 -67.85
C GLU E 1646 -20.84 -74.44 -66.62
N GLN E 1647 -20.55 -75.66 -66.21
CA GLN E 1647 -21.10 -76.20 -64.97
C GLN E 1647 -20.23 -75.66 -63.84
N GLU E 1648 -20.57 -74.46 -63.39
CA GLU E 1648 -19.61 -73.63 -62.69
C GLU E 1648 -19.33 -74.11 -61.27
N GLU E 1649 -20.32 -74.69 -60.60
CA GLU E 1649 -20.07 -75.31 -59.31
C GLU E 1649 -19.09 -76.46 -59.45
N LEU E 1650 -19.32 -77.30 -60.46
CA LEU E 1650 -18.46 -78.45 -60.68
C LEU E 1650 -17.08 -78.01 -61.13
N LEU E 1651 -17.03 -76.96 -61.94
CA LEU E 1651 -15.78 -76.33 -62.35
C LEU E 1651 -14.95 -75.87 -61.17
N LYS E 1652 -15.56 -75.09 -60.28
CA LYS E 1652 -14.86 -74.54 -59.14
C LYS E 1652 -14.38 -75.64 -58.20
N PHE E 1653 -15.22 -76.65 -57.98
CA PHE E 1653 -14.83 -77.73 -57.09
C PHE E 1653 -13.68 -78.53 -57.67
N HIS E 1654 -13.72 -78.80 -58.97
CA HIS E 1654 -12.63 -79.60 -59.52
C HIS E 1654 -11.35 -78.79 -59.64
N TYR E 1655 -11.46 -77.47 -59.79
CA TYR E 1655 -10.30 -76.61 -59.70
C TYR E 1655 -9.65 -76.71 -58.33
N HIS E 1656 -10.47 -76.73 -57.27
CA HIS E 1656 -9.88 -76.88 -55.96
C HIS E 1656 -9.35 -78.29 -55.74
N THR E 1657 -9.87 -79.29 -56.43
CA THR E 1657 -9.26 -80.62 -56.34
C THR E 1657 -7.86 -80.62 -56.93
N LEU E 1658 -7.70 -79.95 -58.07
CA LEU E 1658 -6.35 -79.86 -58.64
C LEU E 1658 -5.44 -79.03 -57.77
N ARG E 1659 -5.98 -77.99 -57.14
CA ARG E 1659 -5.20 -77.21 -56.19
C ARG E 1659 -4.72 -78.07 -55.03
N LEU E 1660 -5.58 -78.97 -54.55
CA LEU E 1660 -5.18 -79.83 -53.44
C LEU E 1660 -4.16 -80.88 -53.87
N TYR E 1661 -4.34 -81.48 -55.05
CA TYR E 1661 -3.36 -82.44 -55.55
C TYR E 1661 -2.00 -81.79 -55.73
N SER E 1662 -1.98 -80.55 -56.21
CA SER E 1662 -0.74 -79.81 -56.30
C SER E 1662 -0.19 -79.50 -54.92
N ALA E 1663 -1.08 -79.23 -53.96
CA ALA E 1663 -0.65 -78.77 -52.66
C ALA E 1663 -0.04 -79.89 -51.84
N VAL E 1664 -0.50 -81.13 -52.04
CA VAL E 1664 -0.04 -82.23 -51.19
C VAL E 1664 1.43 -82.52 -51.45
N CYS E 1665 1.79 -82.82 -52.68
CA CYS E 1665 3.17 -83.16 -52.98
C CYS E 1665 3.99 -81.88 -53.11
N ALA E 1666 4.23 -81.24 -51.97
CA ALA E 1666 5.10 -80.08 -51.88
C ALA E 1666 6.42 -80.51 -51.26
N LEU E 1667 7.50 -80.27 -51.99
CA LEU E 1667 8.88 -80.43 -51.51
C LEU E 1667 9.17 -81.89 -51.13
N GLY E 1668 9.19 -82.73 -52.15
CA GLY E 1668 9.91 -83.97 -52.08
C GLY E 1668 9.19 -85.16 -51.49
N ASN E 1669 7.87 -85.15 -51.41
CA ASN E 1669 7.16 -86.35 -51.00
C ASN E 1669 6.99 -87.27 -52.19
N HIS E 1670 8.04 -88.02 -52.47
CA HIS E 1670 8.00 -88.91 -53.61
C HIS E 1670 7.11 -90.10 -53.32
N ARG E 1671 6.99 -90.46 -52.04
CA ARG E 1671 6.07 -91.49 -51.59
C ARG E 1671 4.63 -91.15 -51.93
N VAL E 1672 4.28 -89.89 -51.98
CA VAL E 1672 2.92 -89.49 -52.29
C VAL E 1672 2.86 -89.17 -53.78
N ALA E 1673 4.02 -88.79 -54.34
CA ALA E 1673 4.06 -88.44 -55.75
C ALA E 1673 3.83 -89.64 -56.65
N HIS E 1674 4.29 -90.83 -56.24
CA HIS E 1674 3.99 -92.01 -57.02
C HIS E 1674 2.51 -92.35 -56.99
N ALA E 1675 1.87 -92.11 -55.83
CA ALA E 1675 0.44 -92.35 -55.72
C ALA E 1675 -0.35 -91.39 -56.60
N LEU E 1676 0.10 -90.14 -56.68
CA LEU E 1676 -0.56 -89.25 -57.61
C LEU E 1676 -0.28 -89.62 -59.04
N CYS E 1677 0.92 -90.15 -59.34
CA CYS E 1677 1.20 -90.65 -60.68
C CYS E 1677 0.27 -91.77 -61.08
N SER E 1678 -0.17 -92.57 -60.10
CA SER E 1678 -1.27 -93.47 -60.37
C SER E 1678 -2.56 -92.71 -60.65
N HIS E 1679 -2.85 -91.68 -59.86
CA HIS E 1679 -4.13 -91.01 -60.03
C HIS E 1679 -4.14 -90.06 -61.22
N VAL E 1680 -3.00 -89.45 -61.55
CA VAL E 1680 -3.04 -88.34 -62.47
C VAL E 1680 -3.03 -88.78 -63.94
N ASP E 1681 -2.70 -90.05 -64.21
CA ASP E 1681 -2.75 -90.63 -65.56
C ASP E 1681 -1.86 -89.86 -66.54
N GLU E 1682 -0.56 -90.09 -66.42
CA GLU E 1682 0.56 -89.39 -67.08
C GLU E 1682 0.34 -88.82 -68.49
N PRO E 1683 -0.28 -89.49 -69.46
CA PRO E 1683 -0.50 -88.80 -70.74
C PRO E 1683 -1.65 -87.84 -70.72
N GLN E 1684 -2.50 -87.88 -69.71
CA GLN E 1684 -3.63 -86.95 -69.66
C GLN E 1684 -3.13 -85.53 -69.45
N LEU E 1685 -2.03 -85.39 -68.74
CA LEU E 1685 -1.41 -84.09 -68.58
C LEU E 1685 -0.81 -83.62 -69.90
N LEU E 1686 -0.22 -84.55 -70.65
CA LEU E 1686 0.31 -84.24 -71.97
C LEU E 1686 -0.79 -83.85 -72.91
N TYR E 1687 -1.97 -84.40 -72.72
CA TYR E 1687 -3.10 -84.03 -73.54
C TYR E 1687 -3.65 -82.68 -73.11
N ALA E 1688 -3.64 -82.41 -71.81
CA ALA E 1688 -4.08 -81.12 -71.29
C ALA E 1688 -3.06 -80.01 -71.54
N ILE E 1689 -1.85 -80.37 -72.00
CA ILE E 1689 -0.95 -79.37 -72.55
C ILE E 1689 -1.63 -78.64 -73.71
N GLU E 1690 -2.19 -79.41 -74.63
CA GLU E 1690 -2.48 -78.93 -75.97
C GLU E 1690 -3.95 -78.70 -76.22
N ASN E 1691 -4.82 -78.99 -75.26
CA ASN E 1691 -6.25 -78.83 -75.47
C ASN E 1691 -6.57 -77.36 -75.48
N LYS E 1692 -6.73 -76.81 -76.68
CA LYS E 1692 -6.91 -75.39 -76.87
C LYS E 1692 -8.33 -74.95 -76.68
N TYR E 1693 -9.12 -75.71 -75.95
CA TYR E 1693 -10.49 -75.35 -75.65
C TYR E 1693 -10.88 -75.61 -74.20
N MET E 1694 -9.94 -76.04 -73.35
CA MET E 1694 -10.21 -76.14 -71.93
C MET E 1694 -10.28 -74.73 -71.32
N PRO E 1695 -10.91 -74.59 -70.17
CA PRO E 1695 -10.83 -73.30 -69.47
C PRO E 1695 -9.43 -73.05 -68.96
N GLY E 1696 -9.11 -71.77 -68.77
CA GLY E 1696 -7.79 -71.41 -68.31
C GLY E 1696 -7.52 -71.83 -66.88
N LEU E 1697 -8.58 -71.99 -66.09
CA LEU E 1697 -8.44 -72.45 -64.71
C LEU E 1697 -7.80 -73.82 -64.66
N LEU E 1698 -8.43 -74.78 -65.33
CA LEU E 1698 -7.92 -76.13 -65.36
C LEU E 1698 -6.62 -76.22 -66.14
N ARG E 1699 -6.43 -75.32 -67.10
CA ARG E 1699 -5.17 -75.21 -67.81
C ARG E 1699 -4.02 -74.95 -66.84
N ALA E 1700 -4.17 -73.93 -66.00
CA ALA E 1700 -3.15 -73.61 -65.01
C ALA E 1700 -3.02 -74.72 -63.99
N GLY E 1701 -4.14 -75.35 -63.63
CA GLY E 1701 -4.10 -76.44 -62.67
C GLY E 1701 -3.29 -77.63 -63.15
N TYR E 1702 -3.48 -78.02 -64.40
CA TYR E 1702 -2.74 -79.17 -64.90
C TYR E 1702 -1.29 -78.84 -65.14
N TYR E 1703 -0.97 -77.60 -65.54
CA TYR E 1703 0.47 -77.34 -65.71
C TYR E 1703 1.16 -77.28 -64.35
N ASP E 1704 0.45 -76.81 -63.34
CA ASP E 1704 1.01 -76.79 -61.99
C ASP E 1704 1.17 -78.20 -61.44
N LEU E 1705 0.23 -79.11 -61.74
CA LEU E 1705 0.41 -80.50 -61.34
C LEU E 1705 1.60 -81.14 -62.03
N LEU E 1706 1.82 -80.83 -63.30
CA LEU E 1706 2.97 -81.38 -64.01
C LEU E 1706 4.26 -80.95 -63.35
N ILE E 1707 4.38 -79.66 -63.04
CA ILE E 1707 5.60 -79.15 -62.42
C ILE E 1707 5.77 -79.70 -61.02
N ASP E 1708 4.67 -79.79 -60.27
CA ASP E 1708 4.77 -80.18 -58.87
C ASP E 1708 5.06 -81.66 -58.71
N ILE E 1709 4.56 -82.50 -59.61
CA ILE E 1709 4.89 -83.91 -59.50
C ILE E 1709 6.28 -84.16 -60.04
N HIS E 1710 6.54 -83.76 -61.27
CA HIS E 1710 7.70 -84.34 -61.92
C HIS E 1710 8.91 -83.43 -61.92
N LEU E 1711 8.78 -82.19 -61.48
CA LEU E 1711 9.87 -81.26 -61.76
C LEU E 1711 10.43 -80.55 -60.55
N SER E 1712 9.62 -80.41 -59.50
CA SER E 1712 9.88 -79.41 -58.47
C SER E 1712 11.14 -79.69 -57.67
N SER E 1713 11.42 -80.97 -57.42
CA SER E 1713 12.51 -81.32 -56.52
C SER E 1713 13.86 -80.95 -57.11
N TYR E 1714 14.11 -81.38 -58.34
CA TYR E 1714 15.39 -81.06 -58.97
C TYR E 1714 15.47 -79.61 -59.37
N ALA E 1715 14.32 -78.97 -59.61
CA ALA E 1715 14.29 -77.54 -59.83
C ALA E 1715 14.80 -76.79 -58.62
N THR E 1716 14.29 -77.13 -57.44
CA THR E 1716 14.81 -76.56 -56.20
C THR E 1716 16.26 -76.95 -55.97
N ALA E 1717 16.63 -78.16 -56.35
CA ALA E 1717 18.00 -78.62 -56.15
C ALA E 1717 18.99 -77.81 -56.96
N ARG E 1718 18.60 -77.34 -58.14
CA ARG E 1718 19.54 -76.46 -58.82
C ARG E 1718 19.32 -75.01 -58.42
N LEU E 1719 18.14 -74.66 -57.90
CA LEU E 1719 17.94 -73.33 -57.35
C LEU E 1719 18.83 -73.08 -56.14
N MET E 1720 19.16 -74.12 -55.39
CA MET E 1720 20.06 -73.89 -54.28
C MET E 1720 21.50 -73.76 -54.77
N MET E 1721 21.87 -74.50 -55.80
CA MET E 1721 23.25 -74.52 -56.25
C MET E 1721 23.49 -73.59 -57.42
N ASN E 1722 22.58 -72.64 -57.65
CA ASN E 1722 22.87 -71.55 -58.58
C ASN E 1722 24.08 -70.73 -58.17
N ASN E 1723 24.42 -70.69 -56.89
CA ASN E 1723 25.36 -69.72 -56.37
C ASN E 1723 26.51 -70.41 -55.66
N GLU E 1724 27.11 -71.41 -56.29
CA GLU E 1724 28.23 -72.01 -55.58
C GLU E 1724 29.52 -72.04 -56.38
N PHE E 1725 29.44 -72.21 -57.70
CA PHE E 1725 30.49 -71.87 -58.65
C PHE E 1725 31.76 -72.71 -58.48
N ILE E 1726 31.68 -73.88 -57.89
CA ILE E 1726 32.87 -74.71 -57.79
C ILE E 1726 33.12 -75.40 -59.11
N VAL E 1727 34.38 -75.69 -59.40
CA VAL E 1727 34.76 -76.11 -60.73
C VAL E 1727 36.04 -76.94 -60.67
N PRO E 1728 36.12 -78.05 -61.40
CA PRO E 1728 37.38 -78.80 -61.47
C PRO E 1728 38.44 -78.08 -62.28
N MET E 1729 39.57 -78.74 -62.50
CA MET E 1729 40.75 -78.05 -62.99
C MET E 1729 41.38 -78.74 -64.19
N THR E 1730 40.61 -79.54 -64.92
CA THR E 1730 41.17 -80.27 -66.05
C THR E 1730 41.38 -79.34 -67.23
N GLU E 1731 41.90 -79.90 -68.32
CA GLU E 1731 42.08 -79.11 -69.53
C GLU E 1731 40.75 -78.83 -70.21
N GLU E 1732 39.76 -79.68 -69.95
CA GLU E 1732 38.39 -79.39 -70.33
C GLU E 1732 37.90 -78.10 -69.68
N THR E 1733 38.24 -77.90 -68.40
CA THR E 1733 37.97 -76.62 -67.78
C THR E 1733 38.87 -75.54 -68.34
N LYS E 1734 40.10 -75.89 -68.70
CA LYS E 1734 41.04 -74.93 -69.28
C LYS E 1734 40.70 -74.61 -70.73
N SER E 1735 39.83 -75.39 -71.35
CA SER E 1735 39.45 -75.20 -72.74
C SER E 1735 38.56 -73.98 -72.98
N ILE E 1736 38.20 -73.25 -71.93
CA ILE E 1736 37.25 -72.14 -72.03
C ILE E 1736 38.01 -70.87 -72.36
N THR E 1737 37.44 -70.05 -73.25
CA THR E 1737 38.15 -68.93 -73.84
C THR E 1737 37.45 -67.59 -73.71
N LEU E 1738 36.36 -67.51 -72.95
CA LEU E 1738 35.68 -66.26 -72.53
C LEU E 1738 34.96 -65.52 -73.64
N PHE E 1739 35.19 -65.87 -74.91
CA PHE E 1739 34.82 -64.90 -75.92
C PHE E 1739 34.68 -65.60 -77.25
N PRO E 1740 33.80 -65.12 -78.14
CA PRO E 1740 33.61 -65.77 -79.46
C PRO E 1740 34.65 -65.37 -80.51
N ASP E 1741 35.88 -65.86 -80.32
CA ASP E 1741 36.95 -65.87 -81.33
C ASP E 1741 37.35 -64.47 -81.79
N GLU E 1742 37.72 -63.63 -80.82
CA GLU E 1742 38.23 -62.27 -81.03
C GLU E 1742 37.24 -61.40 -81.80
N ASN E 1743 35.95 -61.58 -81.48
CA ASN E 1743 34.89 -60.78 -82.08
C ASN E 1743 34.76 -59.43 -81.39
N LYS E 1744 33.63 -58.77 -81.60
CA LYS E 1744 33.33 -57.55 -80.85
C LYS E 1744 31.97 -57.62 -80.17
N LYS E 1745 31.46 -58.82 -79.92
CA LYS E 1745 30.12 -59.01 -79.37
C LYS E 1745 30.19 -59.95 -78.17
N HIS E 1746 29.04 -60.19 -77.57
CA HIS E 1746 28.97 -61.12 -76.44
C HIS E 1746 28.85 -62.56 -76.95
N GLY E 1747 28.61 -63.46 -76.02
CA GLY E 1747 28.64 -64.88 -76.31
C GLY E 1747 27.34 -65.50 -76.76
N LEU E 1748 26.21 -64.77 -76.67
CA LEU E 1748 24.85 -65.27 -76.89
C LEU E 1748 24.65 -66.47 -75.95
N PRO E 1749 24.35 -66.21 -74.67
CA PRO E 1749 24.81 -67.07 -73.56
C PRO E 1749 24.37 -68.52 -73.52
N GLY E 1750 23.67 -69.01 -74.52
CA GLY E 1750 23.46 -70.43 -74.63
C GLY E 1750 24.68 -71.14 -75.18
N ILE E 1751 25.73 -71.24 -74.37
CA ILE E 1751 26.95 -71.94 -74.73
C ILE E 1751 27.07 -73.17 -73.84
N GLY E 1752 27.22 -74.32 -74.46
CA GLY E 1752 27.30 -75.54 -73.69
C GLY E 1752 28.71 -75.97 -73.33
N LEU E 1753 29.49 -75.10 -72.68
CA LEU E 1753 30.77 -75.57 -72.15
C LEU E 1753 30.58 -76.25 -70.81
N SER E 1754 30.14 -75.48 -69.80
CA SER E 1754 29.56 -75.95 -68.53
C SER E 1754 30.47 -76.93 -67.79
N THR E 1755 31.64 -76.45 -67.42
CA THR E 1755 32.57 -77.30 -66.70
C THR E 1755 32.33 -77.30 -65.21
N SER E 1756 31.32 -76.58 -64.73
CA SER E 1756 31.04 -76.53 -63.31
C SER E 1756 30.40 -77.83 -62.85
N LEU E 1757 30.09 -77.90 -61.55
CA LEU E 1757 29.63 -79.16 -60.99
C LEU E 1757 28.17 -79.41 -61.32
N ARG E 1758 27.27 -78.54 -60.81
CA ARG E 1758 25.84 -78.50 -61.11
C ARG E 1758 25.16 -79.85 -60.88
N PRO E 1759 24.79 -80.16 -59.63
CA PRO E 1759 24.39 -81.53 -59.26
C PRO E 1759 23.22 -82.07 -60.06
N ARG E 1760 23.15 -83.39 -60.13
CA ARG E 1760 22.31 -84.07 -61.11
C ARG E 1760 21.35 -85.00 -60.42
N MET E 1761 20.36 -85.46 -61.20
CA MET E 1761 19.20 -86.16 -60.69
C MET E 1761 19.17 -87.62 -61.10
N GLN E 1762 18.21 -88.32 -60.50
CA GLN E 1762 17.85 -89.69 -60.81
C GLN E 1762 16.34 -89.73 -60.93
N PHE E 1763 15.80 -90.89 -61.29
CA PHE E 1763 14.36 -91.04 -61.41
C PHE E 1763 13.92 -92.45 -61.05
N SER E 1764 12.74 -92.55 -60.44
CA SER E 1764 12.15 -93.83 -60.12
C SER E 1764 11.07 -94.19 -61.13
N SER E 1765 10.85 -95.47 -61.30
CA SER E 1765 9.76 -95.93 -62.15
C SER E 1765 8.55 -96.22 -61.31
N PRO E 1766 7.41 -95.64 -61.60
CA PRO E 1766 6.23 -95.79 -60.74
C PRO E 1766 5.41 -97.05 -61.04
N SER E 1767 6.08 -98.18 -61.16
CA SER E 1767 5.38 -99.44 -61.30
C SER E 1767 4.88 -99.87 -59.94
N PHE E 1768 3.80 -100.64 -59.91
CA PHE E 1768 3.21 -101.06 -58.64
C PHE E 1768 3.53 -102.53 -58.40
N VAL E 1769 4.71 -102.74 -57.83
CA VAL E 1769 5.23 -104.01 -57.37
C VAL E 1769 5.76 -103.75 -55.96
N SER E 1770 6.42 -104.74 -55.36
CA SER E 1770 6.95 -104.61 -54.00
C SER E 1770 8.05 -103.56 -53.91
N ILE E 1771 8.35 -103.15 -52.68
CA ILE E 1771 9.13 -101.93 -52.45
C ILE E 1771 10.59 -102.19 -52.77
N ASN E 1772 11.22 -101.24 -53.47
CA ASN E 1772 12.67 -101.20 -53.64
C ASN E 1772 13.20 -99.87 -53.16
N ASN E 1773 12.67 -99.39 -52.02
CA ASN E 1773 12.77 -97.98 -51.57
C ASN E 1773 12.31 -97.01 -52.66
N GLU E 1774 11.32 -97.43 -53.45
CA GLU E 1774 10.86 -96.64 -54.58
C GLU E 1774 10.03 -95.46 -54.14
N CYS E 1775 9.27 -95.62 -53.07
CA CYS E 1775 8.55 -94.48 -52.52
C CYS E 1775 9.53 -93.47 -51.94
N TYR E 1776 10.63 -93.93 -51.37
CA TYR E 1776 11.68 -93.07 -50.86
C TYR E 1776 12.80 -92.87 -51.87
N GLN E 1777 12.54 -93.11 -53.15
CA GLN E 1777 13.56 -92.99 -54.17
C GLN E 1777 13.76 -91.54 -54.56
N TYR E 1778 14.44 -91.31 -55.69
CA TYR E 1778 14.73 -89.97 -56.17
C TYR E 1778 13.46 -89.19 -56.45
N SER E 1779 12.69 -89.59 -57.45
CA SER E 1779 11.47 -88.90 -57.86
C SER E 1779 10.77 -89.76 -58.92
N PRO E 1780 9.47 -89.56 -59.13
CA PRO E 1780 8.82 -90.19 -60.28
C PRO E 1780 9.33 -89.61 -61.58
N GLU E 1781 9.28 -90.44 -62.62
CA GLU E 1781 9.92 -90.09 -63.87
C GLU E 1781 8.91 -89.53 -64.84
N PHE E 1782 9.39 -89.03 -65.97
CA PHE E 1782 8.57 -88.34 -66.96
C PHE E 1782 9.38 -88.21 -68.24
N PRO E 1783 8.74 -88.12 -69.39
CA PRO E 1783 9.49 -87.84 -70.63
C PRO E 1783 10.04 -86.43 -70.68
N LEU E 1784 11.08 -86.26 -71.49
CA LEU E 1784 11.83 -85.01 -71.52
C LEU E 1784 11.79 -84.34 -72.88
N ASP E 1785 12.19 -85.03 -73.94
CA ASP E 1785 12.30 -84.39 -75.25
C ASP E 1785 10.94 -84.17 -75.88
N ILE E 1786 9.96 -84.99 -75.50
CA ILE E 1786 8.58 -84.75 -75.91
C ILE E 1786 8.11 -83.41 -75.36
N LEU E 1787 8.35 -83.19 -74.06
CA LEU E 1787 8.06 -81.90 -73.45
C LEU E 1787 8.83 -80.78 -74.11
N LYS E 1788 10.10 -81.03 -74.43
CA LYS E 1788 10.96 -80.00 -74.98
C LYS E 1788 10.45 -79.51 -76.32
N ALA E 1789 10.26 -80.44 -77.26
CA ALA E 1789 9.81 -80.07 -78.59
C ALA E 1789 8.39 -79.52 -78.57
N LYS E 1790 7.51 -80.10 -77.75
CA LYS E 1790 6.14 -79.62 -77.80
C LYS E 1790 5.99 -78.28 -77.11
N THR E 1791 6.78 -78.00 -76.09
CA THR E 1791 6.72 -76.67 -75.50
C THR E 1791 7.37 -75.62 -76.39
N ILE E 1792 8.37 -76.00 -77.19
CA ILE E 1792 8.89 -75.07 -78.18
C ILE E 1792 7.82 -74.75 -79.22
N GLN E 1793 7.07 -75.77 -79.64
CA GLN E 1793 5.99 -75.55 -80.59
C GLN E 1793 4.89 -74.70 -79.97
N MET E 1794 4.57 -74.94 -78.70
CA MET E 1794 3.62 -74.12 -77.97
C MET E 1794 4.08 -72.66 -77.91
N LEU E 1795 5.37 -72.45 -77.70
CA LEU E 1795 5.91 -71.09 -77.61
C LEU E 1795 5.80 -70.37 -78.94
N THR E 1796 6.31 -70.98 -80.01
CA THR E 1796 6.26 -70.34 -81.33
C THR E 1796 4.84 -70.13 -81.78
N GLU E 1797 3.96 -71.07 -81.45
CA GLU E 1797 2.53 -70.96 -81.70
C GLU E 1797 1.94 -69.76 -80.98
N ALA E 1798 2.17 -69.67 -79.66
CA ALA E 1798 1.57 -68.62 -78.86
C ALA E 1798 2.11 -67.26 -79.22
N VAL E 1799 3.37 -67.19 -79.63
CA VAL E 1799 3.93 -65.94 -80.11
C VAL E 1799 3.25 -65.55 -81.43
N GLN E 1800 3.33 -66.41 -82.43
CA GLN E 1800 2.88 -66.04 -83.77
C GLN E 1800 1.37 -66.06 -83.92
N GLU E 1801 0.63 -66.34 -82.85
CA GLU E 1801 -0.82 -66.15 -82.83
C GLU E 1801 -1.26 -65.02 -81.91
N GLY E 1802 -0.75 -64.98 -80.68
CA GLY E 1802 -1.17 -63.96 -79.73
C GLY E 1802 -0.66 -62.57 -80.05
N SER E 1803 0.46 -62.47 -80.78
CA SER E 1803 0.97 -61.16 -81.17
C SER E 1803 0.05 -60.49 -82.18
N LEU E 1804 -0.71 -61.26 -82.94
CA LEU E 1804 -1.70 -60.73 -83.86
C LEU E 1804 -2.95 -60.24 -83.15
N HIS E 1805 -3.00 -60.35 -81.81
CA HIS E 1805 -4.11 -59.93 -80.96
C HIS E 1805 -5.40 -60.62 -81.37
N ALA E 1806 -5.41 -61.93 -81.13
CA ALA E 1806 -6.65 -62.67 -81.23
C ALA E 1806 -7.56 -62.30 -80.08
N ARG E 1807 -8.85 -62.20 -80.37
CA ARG E 1807 -9.87 -61.99 -79.35
C ARG E 1807 -10.30 -63.31 -78.70
N ASP E 1808 -9.71 -64.41 -79.11
CA ASP E 1808 -9.97 -65.75 -78.62
C ASP E 1808 -9.38 -66.14 -77.27
N PRO E 1809 -8.12 -65.77 -76.98
CA PRO E 1809 -7.11 -66.77 -76.57
C PRO E 1809 -7.52 -67.67 -75.41
N VAL E 1810 -6.92 -68.87 -75.43
CA VAL E 1810 -7.42 -70.15 -74.93
C VAL E 1810 -8.18 -70.07 -73.62
N GLY E 1811 -7.61 -69.40 -72.64
CA GLY E 1811 -8.29 -69.29 -71.37
C GLY E 1811 -8.96 -67.95 -71.19
N GLY E 1812 -9.47 -67.38 -72.26
CA GLY E 1812 -10.11 -66.08 -72.16
C GLY E 1812 -9.06 -65.00 -72.08
N THR E 1813 -8.39 -64.88 -70.93
CA THR E 1813 -7.27 -63.98 -70.82
C THR E 1813 -6.08 -64.54 -71.58
N THR E 1814 -5.21 -63.63 -72.01
CA THR E 1814 -3.87 -64.01 -72.41
C THR E 1814 -3.06 -64.47 -71.21
N GLU E 1815 -3.45 -64.04 -70.01
CA GLU E 1815 -2.85 -64.52 -68.77
C GLU E 1815 -2.97 -66.03 -68.68
N PHE E 1816 -4.19 -66.55 -68.84
CA PHE E 1816 -4.36 -67.99 -68.88
C PHE E 1816 -3.78 -68.61 -70.14
N LEU E 1817 -3.43 -67.83 -71.14
CA LEU E 1817 -2.70 -68.39 -72.26
C LEU E 1817 -1.24 -68.57 -71.92
N PHE E 1818 -0.59 -67.51 -71.45
CA PHE E 1818 0.86 -67.51 -71.39
C PHE E 1818 1.43 -67.96 -70.06
N VAL E 1819 0.75 -67.59 -68.97
CA VAL E 1819 1.35 -67.70 -67.62
C VAL E 1819 1.78 -69.12 -67.25
N PRO E 1820 0.93 -70.16 -67.39
CA PRO E 1820 1.44 -71.49 -67.03
C PRO E 1820 2.41 -72.03 -68.06
N LEU E 1821 2.30 -71.60 -69.31
CA LEU E 1821 3.23 -72.04 -70.34
C LEU E 1821 4.62 -71.47 -70.10
N ILE E 1822 4.70 -70.18 -69.82
CA ILE E 1822 5.98 -69.54 -69.52
C ILE E 1822 6.55 -70.09 -68.24
N LYS E 1823 5.68 -70.36 -67.25
CA LYS E 1823 6.12 -70.95 -65.99
C LYS E 1823 6.75 -72.32 -66.20
N LEU E 1824 6.12 -73.14 -67.05
CA LEU E 1824 6.65 -74.45 -67.36
C LEU E 1824 7.98 -74.36 -68.07
N PHE E 1825 8.06 -73.45 -69.05
CA PHE E 1825 9.31 -73.30 -69.78
C PHE E 1825 10.43 -72.80 -68.89
N TYR E 1826 10.07 -71.96 -67.92
CA TYR E 1826 11.05 -71.43 -66.97
C TYR E 1826 11.60 -72.53 -66.08
N THR E 1827 10.71 -73.36 -65.56
CA THR E 1827 11.18 -74.47 -64.72
C THR E 1827 11.96 -75.49 -65.54
N LEU E 1828 11.58 -75.68 -66.79
CA LEU E 1828 12.26 -76.69 -67.57
C LEU E 1828 13.58 -76.20 -68.12
N LEU E 1829 13.74 -74.89 -68.24
CA LEU E 1829 15.00 -74.32 -68.67
C LEU E 1829 16.09 -74.55 -67.63
N ILE E 1830 15.73 -74.44 -66.35
CA ILE E 1830 16.71 -74.53 -65.28
C ILE E 1830 17.27 -75.93 -65.17
N MET E 1831 16.51 -76.93 -65.57
CA MET E 1831 16.88 -78.32 -65.37
C MET E 1831 17.87 -78.86 -66.40
N GLY E 1832 18.61 -78.00 -67.11
CA GLY E 1832 19.67 -78.44 -67.98
C GLY E 1832 19.22 -78.88 -69.35
N ILE E 1833 17.92 -78.98 -69.58
CA ILE E 1833 17.34 -79.32 -70.86
C ILE E 1833 17.27 -78.03 -71.66
N PHE E 1834 16.86 -78.11 -72.93
CA PHE E 1834 16.98 -77.08 -73.96
C PHE E 1834 18.44 -76.77 -74.21
N HIS E 1835 19.14 -77.69 -74.87
CA HIS E 1835 20.53 -77.47 -75.26
C HIS E 1835 20.61 -76.52 -76.44
N ASN E 1836 21.83 -76.40 -76.99
CA ASN E 1836 22.20 -75.26 -77.83
C ASN E 1836 21.39 -75.21 -79.11
N GLU E 1837 20.98 -76.38 -79.61
CA GLU E 1837 20.24 -76.47 -80.87
C GLU E 1837 18.91 -75.76 -80.78
N ASP E 1838 18.25 -75.85 -79.63
CA ASP E 1838 17.00 -75.16 -79.42
C ASP E 1838 17.17 -73.87 -78.64
N LEU E 1839 18.30 -73.72 -77.95
CA LEU E 1839 18.66 -72.41 -77.41
C LEU E 1839 18.75 -71.38 -78.51
N LYS E 1840 19.35 -71.75 -79.64
CA LYS E 1840 19.40 -70.85 -80.78
C LYS E 1840 18.00 -70.53 -81.30
N HIS E 1841 17.10 -71.50 -81.23
CA HIS E 1841 15.75 -71.28 -81.74
C HIS E 1841 14.96 -70.35 -80.84
N ILE E 1842 15.03 -70.58 -79.53
CA ILE E 1842 14.30 -69.76 -78.58
C ILE E 1842 14.89 -68.36 -78.51
N LEU E 1843 16.20 -68.24 -78.66
CA LEU E 1843 16.76 -66.90 -78.68
C LEU E 1843 16.57 -66.23 -80.03
N GLN E 1844 16.29 -66.96 -81.10
CA GLN E 1844 15.76 -66.28 -82.28
C GLN E 1844 14.35 -65.78 -82.02
N LEU E 1845 13.59 -66.57 -81.25
CA LEU E 1845 12.21 -66.21 -80.92
C LEU E 1845 12.13 -64.96 -80.06
N ILE E 1846 13.08 -64.77 -79.15
CA ILE E 1846 13.01 -63.71 -78.15
C ILE E 1846 14.00 -62.59 -78.42
N GLU E 1847 15.20 -62.94 -78.90
CA GLU E 1847 16.27 -61.97 -79.05
C GLU E 1847 16.11 -60.94 -80.17
N PRO E 1848 15.47 -61.25 -81.33
CA PRO E 1848 16.21 -61.18 -82.61
C PRO E 1848 17.26 -60.09 -82.69
N SER E 1849 18.50 -60.54 -82.85
CA SER E 1849 19.67 -59.73 -82.58
C SER E 1849 20.91 -60.49 -83.05
N GLY E 1893 9.49 -60.01 -82.38
CA GLY E 1893 10.11 -60.76 -81.29
C GLY E 1893 9.15 -60.98 -80.14
N LEU E 1894 9.64 -61.69 -79.11
CA LEU E 1894 8.79 -62.00 -77.96
C LEU E 1894 8.53 -60.77 -77.10
N LEU E 1895 9.59 -60.14 -76.63
CA LEU E 1895 9.50 -59.23 -75.51
C LEU E 1895 8.81 -57.92 -75.85
N GLN E 1896 8.68 -57.60 -77.14
CA GLN E 1896 8.14 -56.34 -77.59
C GLN E 1896 6.63 -56.38 -77.78
N MET E 1897 5.96 -57.39 -77.22
CA MET E 1897 4.51 -57.49 -77.28
C MET E 1897 3.89 -56.53 -76.27
N LYS E 1898 2.58 -56.64 -76.10
CA LYS E 1898 1.89 -55.92 -75.03
C LYS E 1898 1.28 -56.96 -74.11
N LEU E 1899 1.46 -56.77 -72.81
CA LEU E 1899 1.34 -57.86 -71.85
C LEU E 1899 0.49 -57.44 -70.66
N PRO E 1900 -0.06 -58.39 -69.94
CA PRO E 1900 -0.52 -58.11 -68.58
C PRO E 1900 0.61 -58.20 -67.59
N GLU E 1901 0.30 -58.14 -66.31
CA GLU E 1901 1.32 -58.05 -65.27
C GLU E 1901 2.08 -59.36 -65.00
N PRO E 1902 1.44 -60.50 -64.63
CA PRO E 1902 2.25 -61.64 -64.19
C PRO E 1902 2.98 -62.32 -65.31
N VAL E 1903 2.57 -62.07 -66.56
CA VAL E 1903 3.30 -62.54 -67.72
C VAL E 1903 4.71 -61.94 -67.72
N LYS E 1904 4.80 -60.62 -67.59
CA LYS E 1904 6.11 -60.02 -67.57
C LYS E 1904 6.83 -60.26 -66.26
N LEU E 1905 6.11 -60.60 -65.19
CA LEU E 1905 6.79 -61.09 -63.98
C LEU E 1905 7.57 -62.37 -64.28
N GLN E 1906 6.93 -63.32 -64.95
CA GLN E 1906 7.60 -64.55 -65.35
C GLN E 1906 8.75 -64.28 -66.31
N MET E 1907 8.52 -63.34 -67.23
CA MET E 1907 9.54 -62.96 -68.20
C MET E 1907 10.75 -62.35 -67.51
N CYS E 1908 10.50 -61.60 -66.44
CA CYS E 1908 11.54 -61.04 -65.61
C CYS E 1908 12.39 -62.13 -64.98
N LEU E 1909 11.74 -63.17 -64.47
CA LEU E 1909 12.50 -64.28 -63.88
C LEU E 1909 13.35 -65.00 -64.92
N LEU E 1910 12.79 -65.18 -66.12
CA LEU E 1910 13.53 -65.75 -67.24
C LEU E 1910 14.79 -64.97 -67.55
N LEU E 1911 14.63 -63.65 -67.64
CA LEU E 1911 15.74 -62.79 -67.99
C LEU E 1911 16.81 -62.78 -66.90
N GLN E 1912 16.37 -62.88 -65.64
CA GLN E 1912 17.32 -62.91 -64.54
C GLN E 1912 18.13 -64.19 -64.55
N TYR E 1913 17.49 -65.30 -64.91
CA TYR E 1913 18.24 -66.55 -65.06
C TYR E 1913 19.24 -66.47 -66.20
N LEU E 1914 18.92 -65.74 -67.26
CA LEU E 1914 19.90 -65.55 -68.33
C LEU E 1914 21.11 -64.76 -67.84
N CYS E 1915 20.87 -63.74 -67.01
CA CYS E 1915 21.97 -63.00 -66.41
C CYS E 1915 22.85 -63.90 -65.55
N ASP E 1916 22.23 -64.82 -64.83
CA ASP E 1916 23.01 -65.72 -63.99
C ASP E 1916 23.81 -66.70 -64.83
N CYS E 1917 23.29 -67.11 -65.98
CA CYS E 1917 24.07 -67.96 -66.87
C CYS E 1917 25.27 -67.21 -67.44
N GLN E 1918 25.10 -65.92 -67.69
CA GLN E 1918 26.22 -65.07 -68.08
C GLN E 1918 27.30 -65.07 -67.01
N VAL E 1919 26.89 -64.98 -65.75
CA VAL E 1919 27.86 -64.99 -64.64
C VAL E 1919 28.58 -66.32 -64.55
N ARG E 1920 27.85 -67.44 -64.73
CA ARG E 1920 28.45 -68.77 -64.68
C ARG E 1920 29.53 -68.93 -65.74
N HIS E 1921 29.21 -68.52 -66.97
CA HIS E 1921 30.17 -68.55 -68.07
C HIS E 1921 31.39 -67.69 -67.76
N ARG E 1922 31.15 -66.51 -67.18
CA ARG E 1922 32.24 -65.58 -66.90
C ARG E 1922 33.23 -66.16 -65.90
N ILE E 1923 32.72 -66.78 -64.84
CA ILE E 1923 33.63 -67.27 -63.82
C ILE E 1923 34.34 -68.55 -64.27
N GLU E 1924 33.67 -69.41 -65.05
CA GLU E 1924 34.36 -70.55 -65.64
C GLU E 1924 35.50 -70.10 -66.54
N ALA E 1925 35.28 -69.00 -67.26
CA ALA E 1925 36.33 -68.45 -68.11
C ALA E 1925 37.50 -67.90 -67.30
N ILE E 1926 37.21 -67.26 -66.17
CA ILE E 1926 38.32 -66.64 -65.45
C ILE E 1926 39.15 -67.71 -64.72
N VAL E 1927 38.53 -68.83 -64.37
CA VAL E 1927 39.32 -69.94 -63.84
C VAL E 1927 40.16 -70.56 -64.94
N ALA E 1928 39.60 -70.62 -66.16
CA ALA E 1928 40.37 -71.09 -67.30
C ALA E 1928 41.57 -70.20 -67.60
N PHE E 1929 41.45 -68.90 -67.35
CA PHE E 1929 42.60 -68.01 -67.52
C PHE E 1929 43.63 -68.23 -66.42
N SER E 1930 43.17 -68.34 -65.17
CA SER E 1930 44.09 -68.43 -64.05
C SER E 1930 44.89 -69.72 -64.08
N ASP E 1931 44.34 -70.79 -64.65
CA ASP E 1931 45.09 -72.03 -64.78
C ASP E 1931 46.32 -71.85 -65.65
N ASP E 1932 46.21 -71.04 -66.70
CA ASP E 1932 47.38 -70.69 -67.49
C ASP E 1932 48.29 -69.73 -66.73
N PHE E 1933 47.70 -68.82 -65.98
CA PHE E 1933 48.49 -67.71 -65.48
C PHE E 1933 49.34 -68.11 -64.28
N VAL E 1934 48.84 -69.00 -63.42
CA VAL E 1934 49.44 -69.21 -62.11
C VAL E 1934 50.75 -69.98 -62.23
N ALA E 1935 50.83 -70.95 -63.13
CA ALA E 1935 52.04 -71.75 -63.30
C ALA E 1935 53.23 -70.91 -63.74
N LYS E 1936 52.96 -69.84 -64.50
CA LYS E 1936 53.99 -68.88 -64.85
C LYS E 1936 54.56 -68.21 -63.61
N LEU E 1937 53.70 -67.82 -62.68
CA LEU E 1937 54.14 -67.18 -61.45
C LEU E 1937 54.91 -68.16 -60.57
N GLN E 1938 54.46 -69.41 -60.55
CA GLN E 1938 55.12 -70.47 -59.81
C GLN E 1938 56.55 -70.67 -60.28
N ASP E 1939 56.70 -70.92 -61.58
CA ASP E 1939 58.01 -71.06 -62.20
C ASP E 1939 58.84 -69.81 -62.05
N ASN E 1940 58.20 -68.64 -62.11
CA ASN E 1940 58.90 -67.37 -61.99
C ASN E 1940 59.56 -67.23 -60.62
N GLN E 1941 58.79 -67.40 -59.54
CA GLN E 1941 59.42 -67.12 -58.26
C GLN E 1941 60.30 -68.28 -57.76
N ARG E 1942 60.03 -69.52 -58.18
CA ARG E 1942 61.01 -70.56 -57.88
C ARG E 1942 62.30 -70.34 -58.66
N PHE E 1943 62.18 -69.89 -59.91
CA PHE E 1943 63.33 -69.54 -60.72
C PHE E 1943 64.09 -68.35 -60.14
N ARG E 1944 63.37 -67.37 -59.58
CA ARG E 1944 64.00 -66.21 -58.96
C ARG E 1944 64.73 -66.60 -57.69
N TYR E 1945 64.16 -67.53 -56.92
CA TYR E 1945 64.85 -68.06 -55.76
C TYR E 1945 66.14 -68.74 -56.15
N ASN E 1946 66.10 -69.53 -57.22
CA ASN E 1946 67.33 -70.23 -57.60
C ASN E 1946 68.33 -69.28 -58.25
N GLU E 1947 67.85 -68.18 -58.84
CA GLU E 1947 68.72 -67.10 -59.27
C GLU E 1947 69.49 -66.49 -58.09
N VAL E 1948 68.76 -66.10 -57.05
CA VAL E 1948 69.40 -65.45 -55.90
C VAL E 1948 70.30 -66.44 -55.16
N MET E 1949 69.88 -67.71 -55.09
CA MET E 1949 70.70 -68.75 -54.51
C MET E 1949 71.99 -68.99 -55.29
N GLN E 1950 71.89 -69.00 -56.62
CA GLN E 1950 73.02 -69.35 -57.47
C GLN E 1950 74.14 -68.32 -57.39
N ALA E 1951 73.79 -67.04 -57.20
CA ALA E 1951 74.79 -65.99 -57.18
C ALA E 1951 75.65 -66.06 -55.93
N LEU E 1952 76.88 -65.55 -56.04
CA LEU E 1952 77.83 -65.56 -54.94
C LEU E 1952 78.06 -64.20 -54.31
N ASN E 1953 77.38 -63.17 -54.78
CA ASN E 1953 77.54 -61.84 -54.23
C ASN E 1953 76.78 -61.69 -52.92
N GLU E 1986 73.10 -58.84 -46.07
CA GLU E 1986 73.42 -57.63 -46.80
C GLU E 1986 72.24 -57.18 -47.66
N CYS E 1987 72.52 -56.90 -48.93
CA CYS E 1987 71.54 -56.52 -49.94
C CYS E 1987 70.71 -57.65 -50.54
N PRO E 1988 71.20 -58.89 -50.72
CA PRO E 1988 70.26 -59.99 -51.02
C PRO E 1988 69.40 -60.40 -49.84
N CYS E 1989 69.69 -59.91 -48.65
CA CYS E 1989 68.87 -60.23 -47.51
C CYS E 1989 67.47 -59.62 -47.55
N PRO E 1990 67.22 -58.41 -48.11
CA PRO E 1990 65.81 -58.06 -48.40
C PRO E 1990 65.12 -58.97 -49.40
N GLU E 1991 65.86 -59.61 -50.30
CA GLU E 1991 65.21 -60.59 -51.16
C GLU E 1991 64.85 -61.84 -50.37
N GLU E 1992 65.71 -62.23 -49.43
CA GLU E 1992 65.39 -63.30 -48.50
C GLU E 1992 64.19 -62.94 -47.64
N ILE E 1993 64.06 -61.66 -47.28
CA ILE E 1993 62.90 -61.16 -46.56
C ILE E 1993 61.63 -61.27 -47.40
N ARG E 1994 61.72 -60.85 -48.66
CA ARG E 1994 60.58 -60.90 -49.58
C ARG E 1994 60.13 -62.32 -49.86
N ASP E 1995 61.04 -63.29 -49.78
CA ASP E 1995 60.66 -64.67 -50.00
C ASP E 1995 60.18 -65.33 -48.71
N GLN E 1996 59.87 -64.56 -47.67
CA GLN E 1996 59.52 -65.13 -46.37
C GLN E 1996 58.29 -64.42 -45.80
N LEU E 1997 57.21 -64.40 -46.57
CA LEU E 1997 55.93 -63.95 -46.04
C LEU E 1997 55.37 -64.98 -45.06
N LEU E 1998 54.25 -64.62 -44.44
CA LEU E 1998 53.65 -65.47 -43.40
C LEU E 1998 53.11 -66.76 -44.00
N ASP E 1999 52.50 -66.67 -45.17
CA ASP E 1999 52.12 -67.85 -45.93
C ASP E 1999 52.16 -67.44 -47.40
N PHE E 2000 51.53 -68.25 -48.24
CA PHE E 2000 51.38 -67.89 -49.64
C PHE E 2000 50.42 -66.73 -49.86
N HIS E 2001 49.64 -66.37 -48.83
CA HIS E 2001 48.67 -65.28 -48.96
C HIS E 2001 49.36 -63.94 -49.20
N GLU E 2002 50.28 -63.57 -48.32
CA GLU E 2002 50.99 -62.32 -48.51
C GLU E 2002 51.97 -62.41 -49.67
N ASP E 2003 52.44 -63.62 -49.99
CA ASP E 2003 53.22 -63.85 -51.20
C ASP E 2003 52.47 -63.40 -52.44
N LEU E 2004 51.27 -63.96 -52.64
CA LEU E 2004 50.46 -63.57 -53.78
C LEU E 2004 49.92 -62.16 -53.66
N MET E 2005 49.80 -61.63 -52.44
CA MET E 2005 49.39 -60.24 -52.27
C MET E 2005 50.46 -59.30 -52.80
N THR E 2006 51.73 -59.57 -52.49
CA THR E 2006 52.81 -58.79 -53.07
C THR E 2006 52.90 -59.03 -54.58
N HIS E 2007 52.71 -60.27 -55.01
CA HIS E 2007 52.84 -60.61 -56.42
C HIS E 2007 51.76 -59.95 -57.28
N CYS E 2008 50.57 -59.75 -56.71
CA CYS E 2008 49.49 -59.11 -57.44
C CYS E 2008 49.50 -57.59 -57.28
N GLY E 2009 49.82 -57.08 -56.10
CA GLY E 2009 49.92 -55.64 -55.93
C GLY E 2009 51.12 -55.02 -56.60
N ILE E 2010 52.10 -55.85 -56.98
CA ILE E 2010 53.24 -55.33 -57.73
C ILE E 2010 52.84 -55.01 -59.17
N GLU E 2011 51.80 -55.65 -59.68
CA GLU E 2011 51.32 -55.35 -61.02
C GLU E 2011 50.36 -54.17 -61.04
N LEU E 2012 50.09 -53.57 -59.87
CA LEU E 2012 49.10 -52.52 -59.79
C LEU E 2012 49.63 -51.19 -60.30
N ASP E 2013 50.75 -50.74 -59.74
CA ASP E 2013 51.30 -49.44 -60.10
C ASP E 2013 51.98 -49.50 -61.46
N LEU E 2024 58.40 -57.23 -64.17
CA LEU E 2024 57.94 -58.46 -64.80
C LEU E 2024 57.02 -58.16 -65.98
N THR E 2025 57.32 -58.79 -67.11
CA THR E 2025 56.53 -58.56 -68.32
C THR E 2025 55.23 -59.34 -68.31
N ILE E 2026 55.10 -60.30 -67.39
CA ILE E 2026 53.90 -61.13 -67.29
C ILE E 2026 52.72 -60.30 -66.82
N ARG E 2027 53.00 -59.20 -66.11
CA ARG E 2027 51.97 -58.33 -65.56
C ARG E 2027 51.14 -57.67 -66.65
N GLY E 2028 51.71 -57.53 -67.85
CA GLY E 2028 50.96 -57.03 -68.99
C GLY E 2028 49.82 -57.94 -69.41
N ARG E 2029 49.91 -59.23 -69.12
CA ARG E 2029 48.81 -60.12 -69.48
C ARG E 2029 47.60 -59.88 -68.59
N LEU E 2030 47.80 -59.64 -67.30
CA LEU E 2030 46.70 -59.21 -66.45
C LEU E 2030 46.19 -57.84 -66.83
N LEU E 2031 47.11 -56.95 -67.22
CA LEU E 2031 46.73 -55.63 -67.71
C LEU E 2031 45.82 -55.73 -68.92
N SER E 2032 46.05 -56.73 -69.76
CA SER E 2032 45.12 -57.03 -70.84
C SER E 2032 43.82 -57.61 -70.30
N LEU E 2033 43.92 -58.62 -69.44
CA LEU E 2033 42.79 -59.48 -69.12
C LEU E 2033 41.74 -58.77 -68.29
N VAL E 2034 42.14 -57.77 -67.49
CA VAL E 2034 41.16 -57.01 -66.71
C VAL E 2034 40.22 -56.26 -67.63
N GLU E 2035 40.76 -55.67 -68.68
CA GLU E 2035 39.93 -55.06 -69.70
C GLU E 2035 39.29 -56.08 -70.62
N LYS E 2036 39.81 -57.30 -70.68
CA LYS E 2036 39.11 -58.33 -71.42
C LYS E 2036 37.80 -58.71 -70.74
N VAL E 2037 37.77 -58.61 -69.41
CA VAL E 2037 36.64 -59.05 -68.60
C VAL E 2037 35.99 -57.77 -68.12
N THR E 2038 35.95 -56.77 -69.00
CA THR E 2038 34.89 -55.79 -68.88
C THR E 2038 33.56 -56.53 -68.90
N TYR E 2039 33.28 -57.21 -70.00
CA TYR E 2039 32.01 -57.92 -70.14
C TYR E 2039 32.20 -59.23 -70.87
N THR E 2058 24.59 -57.30 -76.74
CA THR E 2058 24.16 -56.11 -76.02
C THR E 2058 22.86 -56.37 -75.28
N LEU E 2059 22.79 -57.53 -74.62
CA LEU E 2059 21.58 -57.88 -73.89
C LEU E 2059 21.37 -56.95 -72.71
N GLN E 2060 22.47 -56.54 -72.08
CA GLN E 2060 22.43 -55.58 -70.98
C GLN E 2060 21.73 -54.30 -71.37
N GLN E 2061 22.01 -53.81 -72.57
CA GLN E 2061 21.48 -52.53 -72.96
C GLN E 2061 20.01 -52.63 -73.38
N LEU E 2062 19.59 -53.78 -73.93
CA LEU E 2062 18.17 -53.93 -74.21
C LEU E 2062 17.36 -54.11 -72.94
N ILE E 2063 17.93 -54.77 -71.94
CA ILE E 2063 17.30 -54.80 -70.62
C ILE E 2063 17.15 -53.40 -70.07
N SER E 2064 18.23 -52.62 -70.14
CA SER E 2064 18.23 -51.25 -69.64
C SER E 2064 17.23 -50.39 -70.37
N GLU E 2065 16.95 -50.70 -71.64
CA GLU E 2065 15.82 -50.07 -72.30
C GLU E 2065 14.50 -50.54 -71.71
N THR E 2066 14.24 -51.84 -71.80
CA THR E 2066 12.87 -52.32 -71.72
C THR E 2066 12.32 -52.30 -70.31
N MET E 2067 13.18 -52.41 -69.29
CA MET E 2067 12.69 -52.27 -67.94
C MET E 2067 12.21 -50.85 -67.70
N VAL E 2068 12.98 -49.86 -68.18
CA VAL E 2068 12.58 -48.46 -68.08
C VAL E 2068 11.32 -48.21 -68.88
N ARG E 2069 11.22 -48.84 -70.06
CA ARG E 2069 10.06 -48.65 -70.91
C ARG E 2069 8.81 -49.21 -70.27
N TRP E 2070 8.93 -50.39 -69.66
CA TRP E 2070 7.81 -50.97 -68.93
C TRP E 2070 7.40 -50.10 -67.77
N ALA E 2071 8.38 -49.47 -67.12
CA ALA E 2071 8.03 -48.57 -66.03
C ALA E 2071 7.36 -47.31 -66.54
N GLN E 2072 7.72 -46.87 -67.75
CA GLN E 2072 7.16 -45.64 -68.28
C GLN E 2072 5.73 -45.84 -68.74
N GLU E 2073 5.53 -46.72 -69.72
CA GLU E 2073 4.29 -46.72 -70.47
C GLU E 2073 3.12 -47.34 -69.71
N SER E 2074 3.39 -48.06 -68.64
CA SER E 2074 2.45 -49.05 -68.15
C SER E 2074 2.37 -49.06 -66.64
N VAL E 2075 2.10 -47.89 -66.03
CA VAL E 2075 2.22 -47.55 -64.61
C VAL E 2075 1.74 -48.65 -63.66
N ILE E 2076 2.62 -49.10 -62.77
CA ILE E 2076 2.64 -50.49 -62.33
C ILE E 2076 2.15 -50.58 -60.90
N GLU E 2077 1.20 -51.48 -60.66
CA GLU E 2077 0.86 -51.96 -59.33
C GLU E 2077 1.70 -53.20 -59.05
N ASP E 2078 1.30 -54.02 -58.06
CA ASP E 2078 1.93 -55.30 -57.72
C ASP E 2078 3.38 -55.10 -57.31
N PRO E 2079 3.64 -54.59 -56.10
CA PRO E 2079 5.00 -54.18 -55.73
C PRO E 2079 6.06 -55.27 -55.79
N GLU E 2080 5.65 -56.54 -55.82
CA GLU E 2080 6.59 -57.61 -56.15
C GLU E 2080 7.15 -57.45 -57.54
N LEU E 2081 6.31 -57.06 -58.49
CA LEU E 2081 6.82 -56.83 -59.84
C LEU E 2081 7.75 -55.62 -59.87
N VAL E 2082 7.48 -54.64 -59.03
CA VAL E 2082 8.33 -53.45 -58.98
C VAL E 2082 9.70 -53.80 -58.43
N ARG E 2083 9.71 -54.62 -57.39
CA ARG E 2083 10.95 -55.11 -56.81
C ARG E 2083 11.74 -55.93 -57.82
N ALA E 2084 11.06 -56.85 -58.51
CA ALA E 2084 11.74 -57.68 -59.49
C ALA E 2084 12.20 -56.88 -60.68
N MET E 2085 11.51 -55.78 -60.98
CA MET E 2085 11.98 -54.85 -61.98
C MET E 2085 13.32 -54.24 -61.59
N PHE E 2086 13.33 -53.55 -60.47
CA PHE E 2086 14.52 -52.76 -60.18
C PHE E 2086 15.69 -53.58 -59.71
N VAL E 2087 15.47 -54.82 -59.27
CA VAL E 2087 16.61 -55.68 -58.94
C VAL E 2087 17.42 -55.98 -60.19
N LEU E 2088 16.74 -56.37 -61.26
CA LEU E 2088 17.45 -56.60 -62.52
C LEU E 2088 18.01 -55.30 -63.09
N LEU E 2089 17.30 -54.20 -62.88
CA LEU E 2089 17.78 -52.92 -63.40
C LEU E 2089 19.10 -52.50 -62.75
N HIS E 2090 19.15 -52.55 -61.42
CA HIS E 2090 20.39 -52.33 -60.70
C HIS E 2090 21.46 -53.36 -61.05
N ARG E 2091 21.06 -54.62 -61.24
CA ARG E 2091 22.03 -55.68 -61.45
C ARG E 2091 22.71 -55.55 -62.80
N GLN E 2092 22.02 -55.00 -63.79
CA GLN E 2092 22.67 -54.79 -65.08
C GLN E 2092 23.79 -53.77 -65.03
N TYR E 2093 23.76 -52.86 -64.06
CA TYR E 2093 24.87 -51.93 -63.89
C TYR E 2093 25.87 -52.41 -62.86
N ASP E 2094 25.42 -53.20 -61.90
CA ASP E 2094 26.32 -53.72 -60.87
C ASP E 2094 26.84 -55.10 -61.26
N GLY E 2095 27.37 -55.21 -62.48
CA GLY E 2095 28.02 -56.45 -62.88
C GLY E 2095 29.34 -56.62 -62.18
N ILE E 2096 30.05 -55.52 -61.95
CA ILE E 2096 31.26 -55.53 -61.15
C ILE E 2096 30.94 -55.96 -59.72
N GLY E 2097 29.92 -55.35 -59.12
CA GLY E 2097 29.58 -55.68 -57.74
C GLY E 2097 28.97 -57.06 -57.58
N GLY E 2098 28.22 -57.51 -58.58
CA GLY E 2098 27.74 -58.88 -58.54
C GLY E 2098 28.89 -59.87 -58.68
N LEU E 2099 29.89 -59.51 -59.47
CA LEU E 2099 31.10 -60.31 -59.56
C LEU E 2099 31.86 -60.32 -58.23
N VAL E 2100 31.84 -59.19 -57.53
CA VAL E 2100 32.38 -59.09 -56.17
C VAL E 2100 31.63 -60.02 -55.25
N ARG E 2101 30.31 -60.07 -55.38
CA ARG E 2101 29.50 -60.98 -54.59
C ARG E 2101 29.77 -62.44 -54.94
N ALA E 2102 30.17 -62.69 -56.18
CA ALA E 2102 30.29 -64.05 -56.66
C ALA E 2102 31.61 -64.71 -56.31
N LEU E 2103 32.73 -64.03 -56.54
CA LEU E 2103 34.03 -64.70 -56.46
C LEU E 2103 34.47 -65.25 -55.10
N PRO E 2104 34.03 -64.72 -53.95
CA PRO E 2104 34.26 -65.49 -52.72
C PRO E 2104 33.26 -66.60 -52.49
N LYS E 2105 32.91 -67.32 -53.55
CA LYS E 2105 32.30 -68.64 -53.44
C LYS E 2105 32.89 -69.64 -54.42
N THR E 2106 33.53 -69.21 -55.49
CA THR E 2106 34.09 -70.16 -56.43
C THR E 2106 35.35 -70.79 -55.89
N TYR E 2107 35.73 -71.92 -56.49
CA TYR E 2107 36.64 -72.82 -55.83
C TYR E 2107 37.13 -73.86 -56.84
N THR E 2108 38.40 -74.24 -56.75
CA THR E 2108 38.98 -75.22 -57.64
C THR E 2108 39.25 -76.53 -56.92
N ILE E 2109 39.03 -77.63 -57.64
CA ILE E 2109 39.10 -78.97 -57.10
C ILE E 2109 39.85 -79.83 -58.10
N ASN E 2110 40.76 -80.66 -57.60
CA ASN E 2110 41.46 -81.60 -58.46
C ASN E 2110 40.52 -82.66 -59.03
N GLY E 2111 40.93 -83.22 -60.17
CA GLY E 2111 40.11 -84.18 -60.89
C GLY E 2111 39.97 -85.53 -60.23
N VAL E 2112 40.68 -85.78 -59.14
CA VAL E 2112 40.57 -87.06 -58.47
C VAL E 2112 39.34 -87.10 -57.58
N SER E 2113 39.11 -86.02 -56.84
CA SER E 2113 38.13 -86.00 -55.77
C SER E 2113 36.73 -85.63 -56.24
N VAL E 2114 36.45 -85.80 -57.54
CA VAL E 2114 35.23 -85.27 -58.14
C VAL E 2114 33.99 -85.95 -57.57
N GLU E 2115 34.04 -87.27 -57.44
CA GLU E 2115 32.84 -88.00 -57.03
C GLU E 2115 32.51 -87.74 -55.57
N ASP E 2116 33.53 -87.57 -54.73
CA ASP E 2116 33.25 -87.26 -53.32
C ASP E 2116 32.65 -85.87 -53.19
N THR E 2117 33.10 -84.91 -54.01
CA THR E 2117 32.49 -83.60 -54.01
C THR E 2117 31.04 -83.67 -54.45
N ILE E 2118 30.76 -84.47 -55.48
CA ILE E 2118 29.39 -84.61 -55.96
C ILE E 2118 28.51 -85.27 -54.89
N ASN E 2119 29.03 -86.31 -54.25
CA ASN E 2119 28.26 -87.05 -53.27
C ASN E 2119 27.99 -86.21 -52.03
N LEU E 2120 29.03 -85.52 -51.54
CA LEU E 2120 28.91 -84.62 -50.40
C LEU E 2120 27.94 -83.49 -50.71
N LEU E 2121 28.03 -82.93 -51.90
CA LEU E 2121 27.15 -81.83 -52.26
C LEU E 2121 25.72 -82.31 -52.41
N ALA E 2122 25.52 -83.54 -52.85
CA ALA E 2122 24.18 -84.08 -52.96
C ALA E 2122 23.57 -84.30 -51.58
N SER E 2123 24.35 -84.83 -50.64
CA SER E 2123 23.86 -84.98 -49.28
C SER E 2123 23.61 -83.63 -48.62
N LEU E 2124 24.42 -82.64 -48.97
CA LEU E 2124 24.23 -81.32 -48.39
C LEU E 2124 22.98 -80.67 -48.95
N GLY E 2125 22.70 -80.89 -50.23
CA GLY E 2125 21.46 -80.40 -50.80
C GLY E 2125 20.26 -81.12 -50.20
N GLN E 2126 20.45 -82.40 -49.84
CA GLN E 2126 19.39 -83.15 -49.17
C GLN E 2126 19.05 -82.56 -47.82
N ILE E 2127 20.07 -82.26 -47.02
CA ILE E 2127 19.77 -81.71 -45.70
C ILE E 2127 19.30 -80.27 -45.81
N ARG E 2128 19.75 -79.54 -46.83
CA ARG E 2128 19.23 -78.20 -47.03
C ARG E 2128 17.79 -78.23 -47.51
N SER E 2129 17.40 -79.30 -48.19
CA SER E 2129 15.99 -79.47 -48.49
C SER E 2129 15.20 -79.85 -47.24
N LEU E 2130 15.81 -80.63 -46.36
CA LEU E 2130 15.12 -81.07 -45.14
C LEU E 2130 15.00 -79.95 -44.13
N LEU E 2131 15.75 -78.85 -44.32
CA LEU E 2131 15.60 -77.62 -43.55
C LEU E 2131 14.16 -77.11 -43.42
N SER E 2132 13.29 -77.42 -44.36
CA SER E 2132 11.97 -76.79 -44.43
C SER E 2132 10.86 -77.77 -44.11
N VAL E 2133 11.04 -78.60 -43.10
CA VAL E 2133 9.95 -79.43 -42.59
C VAL E 2133 9.85 -79.31 -41.07
N GLU E 2138 10.81 -88.91 -37.50
CA GLU E 2138 11.08 -89.42 -38.83
C GLU E 2138 12.15 -88.59 -39.52
N GLU E 2139 11.92 -87.28 -39.46
CA GLU E 2139 12.78 -86.32 -40.13
C GLU E 2139 14.19 -86.34 -39.57
N GLU E 2140 14.30 -86.61 -38.27
CA GLU E 2140 15.58 -86.55 -37.58
C GLU E 2140 16.45 -87.73 -37.97
N LYS E 2141 15.86 -88.85 -38.35
CA LYS E 2141 16.66 -89.98 -38.78
C LYS E 2141 17.27 -89.71 -40.15
N LEU E 2142 16.52 -89.03 -41.01
CA LEU E 2142 17.08 -88.56 -42.28
C LEU E 2142 18.20 -87.57 -42.04
N MET E 2143 18.01 -86.68 -41.07
CA MET E 2143 19.03 -85.69 -40.72
C MET E 2143 20.31 -86.37 -40.25
N ILE E 2144 20.18 -87.37 -39.37
CA ILE E 2144 21.34 -88.04 -38.80
C ILE E 2144 22.06 -88.87 -39.85
N ARG E 2145 21.30 -89.50 -40.75
CA ARG E 2145 21.91 -90.18 -41.89
C ARG E 2145 22.71 -89.22 -42.76
N GLY E 2146 22.14 -88.05 -43.01
CA GLY E 2146 22.85 -87.06 -43.81
C GLY E 2146 24.12 -86.57 -43.15
N LEU E 2147 24.05 -86.34 -41.83
CA LEU E 2147 25.23 -85.89 -41.11
C LEU E 2147 26.31 -86.95 -41.11
N GLY E 2148 25.93 -88.21 -40.89
CA GLY E 2148 26.89 -89.30 -40.91
C GLY E 2148 27.51 -89.51 -42.27
N ASP E 2149 26.78 -89.21 -43.33
CA ASP E 2149 27.39 -89.21 -44.64
C ASP E 2149 28.39 -88.07 -44.79
N ILE E 2150 28.08 -86.91 -44.22
CA ILE E 2150 28.98 -85.76 -44.29
C ILE E 2150 30.27 -86.03 -43.53
N MET E 2151 30.19 -86.78 -42.44
CA MET E 2151 31.32 -87.07 -41.59
C MET E 2151 32.42 -87.90 -42.25
N ASN E 2152 32.20 -88.44 -43.45
CA ASN E 2152 33.07 -89.47 -44.00
C ASN E 2152 33.56 -89.10 -45.38
N ASN E 2153 34.11 -87.91 -45.53
CA ASN E 2153 34.54 -87.45 -46.84
C ASN E 2153 35.95 -86.91 -46.81
N LYS E 2154 36.70 -87.22 -47.86
CA LYS E 2154 38.07 -86.72 -47.99
C LYS E 2154 38.07 -85.21 -48.15
N VAL E 2155 37.20 -84.71 -49.03
CA VAL E 2155 37.19 -83.31 -49.44
C VAL E 2155 36.80 -82.43 -48.28
N PHE E 2156 36.00 -82.98 -47.35
CA PHE E 2156 35.69 -82.32 -46.09
C PHE E 2156 36.95 -81.97 -45.31
N TYR E 2157 38.01 -82.76 -45.48
CA TYR E 2157 39.29 -82.43 -44.89
C TYR E 2157 40.29 -81.92 -45.90
N GLN E 2158 40.18 -82.34 -47.16
CA GLN E 2158 41.12 -81.84 -48.15
C GLN E 2158 40.82 -80.41 -48.54
N HIS E 2159 39.60 -79.95 -48.35
CA HIS E 2159 39.25 -78.56 -48.65
C HIS E 2159 38.39 -77.99 -47.52
N PRO E 2160 39.00 -77.67 -46.38
CA PRO E 2160 38.21 -77.13 -45.27
C PRO E 2160 37.80 -75.68 -45.47
N ASN E 2161 38.36 -75.00 -46.46
CA ASN E 2161 37.82 -73.70 -46.83
C ASN E 2161 36.45 -73.84 -47.44
N LEU E 2162 36.20 -74.95 -48.13
CA LEU E 2162 34.99 -75.08 -48.91
C LEU E 2162 33.77 -75.22 -48.02
N MET E 2163 33.93 -75.81 -46.85
CA MET E 2163 32.78 -75.99 -45.97
C MET E 2163 32.24 -74.67 -45.46
N ARG E 2164 33.12 -73.81 -44.94
CA ARG E 2164 32.63 -72.50 -44.55
C ARG E 2164 32.34 -71.63 -45.75
N ALA E 2165 32.86 -71.98 -46.93
CA ALA E 2165 32.46 -71.28 -48.13
C ALA E 2165 31.01 -71.61 -48.48
N LEU E 2166 30.57 -72.84 -48.19
CA LEU E 2166 29.18 -73.18 -48.42
C LEU E 2166 28.26 -72.53 -47.40
N GLY E 2167 28.79 -72.12 -46.25
CA GLY E 2167 27.93 -71.62 -45.20
C GLY E 2167 27.10 -72.69 -44.54
N MET E 2168 27.51 -73.94 -44.68
CA MET E 2168 26.70 -75.06 -44.24
C MET E 2168 26.63 -75.15 -42.73
N HIS E 2169 27.62 -74.60 -42.05
CA HIS E 2169 27.55 -74.50 -40.60
C HIS E 2169 26.39 -73.63 -40.15
N GLU E 2170 26.12 -72.56 -40.90
CA GLU E 2170 24.99 -71.72 -40.56
C GLU E 2170 23.67 -72.43 -40.81
N THR E 2171 23.64 -73.29 -41.82
CA THR E 2171 22.47 -74.12 -42.08
C THR E 2171 22.22 -75.08 -40.93
N VAL E 2172 23.29 -75.73 -40.46
CA VAL E 2172 23.20 -76.66 -39.34
C VAL E 2172 22.69 -75.95 -38.11
N MET E 2173 23.22 -74.77 -37.85
CA MET E 2173 22.83 -74.01 -36.68
C MET E 2173 21.39 -73.55 -36.80
N GLU E 2174 20.94 -73.24 -38.01
CA GLU E 2174 19.55 -72.85 -38.18
C GLU E 2174 18.61 -74.01 -37.92
N VAL E 2175 19.03 -75.23 -38.32
CA VAL E 2175 18.26 -76.42 -38.00
C VAL E 2175 18.14 -76.59 -36.50
N MET E 2176 19.24 -76.37 -35.79
CA MET E 2176 19.25 -76.49 -34.34
C MET E 2176 18.37 -75.43 -33.68
N VAL E 2177 18.36 -74.22 -34.24
CA VAL E 2177 17.44 -73.18 -33.78
C VAL E 2177 16.01 -73.62 -33.99
N ASN E 2178 15.73 -74.25 -35.13
CA ASN E 2178 14.39 -74.68 -35.45
C ASN E 2178 13.93 -75.80 -34.53
N VAL E 2179 14.86 -76.59 -34.01
CA VAL E 2179 14.47 -77.65 -33.07
C VAL E 2179 14.04 -77.05 -31.74
N LEU E 2180 14.88 -76.21 -31.15
CA LEU E 2180 14.62 -75.73 -29.82
C LEU E 2180 13.53 -74.66 -29.84
N GLY E 2181 13.01 -74.37 -28.65
CA GLY E 2181 11.97 -73.37 -28.49
C GLY E 2181 12.56 -72.04 -28.07
N PRO E 2191 15.33 -84.15 -27.57
CA PRO E 2191 15.63 -85.17 -28.57
C PRO E 2191 17.13 -85.27 -28.89
N LYS E 2192 17.54 -86.38 -29.50
CA LYS E 2192 18.95 -86.62 -29.81
C LYS E 2192 19.41 -85.89 -31.06
N MET E 2193 18.50 -85.18 -31.73
CA MET E 2193 18.85 -84.40 -32.91
C MET E 2193 19.84 -83.29 -32.57
N VAL E 2194 19.57 -82.60 -31.47
CA VAL E 2194 20.49 -81.57 -30.97
C VAL E 2194 21.81 -82.19 -30.59
N ALA E 2195 21.77 -83.40 -30.03
CA ALA E 2195 22.97 -84.10 -29.63
C ALA E 2195 23.82 -84.48 -30.84
N ASN E 2196 23.19 -84.66 -32.00
CA ASN E 2196 24.03 -84.87 -33.16
C ASN E 2196 24.52 -83.55 -33.74
N CYS E 2197 23.70 -82.49 -33.67
CA CYS E 2197 24.08 -81.23 -34.29
C CYS E 2197 25.24 -80.56 -33.56
N CYS E 2198 25.17 -80.53 -32.23
CA CYS E 2198 26.29 -80.03 -31.43
C CYS E 2198 27.53 -80.85 -31.66
N ARG E 2199 27.36 -82.15 -31.85
CA ARG E 2199 28.49 -83.03 -32.12
C ARG E 2199 29.12 -82.70 -33.45
N PHE E 2200 28.31 -82.40 -34.45
CA PHE E 2200 28.87 -82.03 -35.74
C PHE E 2200 29.58 -80.69 -35.69
N LEU E 2201 29.03 -79.73 -34.94
CA LEU E 2201 29.70 -78.44 -34.90
C LEU E 2201 30.99 -78.49 -34.12
N CYS E 2202 31.02 -79.23 -33.00
CA CYS E 2202 32.26 -79.39 -32.26
C CYS E 2202 33.27 -80.18 -33.06
N TYR E 2203 32.79 -81.13 -33.85
CA TYR E 2203 33.64 -81.85 -34.77
C TYR E 2203 34.18 -80.94 -35.85
N PHE E 2204 33.43 -79.88 -36.14
CA PHE E 2204 33.72 -79.00 -37.24
C PHE E 2204 34.65 -77.87 -36.84
N CYS E 2205 34.59 -77.45 -35.58
CA CYS E 2205 35.28 -76.24 -35.13
C CYS E 2205 36.78 -76.33 -35.22
N ARG E 2206 37.36 -77.51 -35.11
CA ARG E 2206 38.78 -77.64 -34.91
C ARG E 2206 39.56 -77.90 -36.18
N ILE E 2207 38.89 -77.95 -37.32
CA ILE E 2207 39.55 -78.46 -38.52
C ILE E 2207 40.49 -77.43 -39.13
N SER E 2208 40.37 -76.17 -38.76
CA SER E 2208 41.37 -75.16 -39.07
C SER E 2208 41.35 -74.16 -37.94
N ARG E 2209 41.94 -73.00 -38.18
CA ARG E 2209 41.86 -71.95 -37.19
C ARG E 2209 40.75 -70.97 -37.51
N GLN E 2210 40.73 -70.45 -38.74
CA GLN E 2210 39.78 -69.41 -39.10
C GLN E 2210 38.37 -69.92 -39.24
N ASN E 2211 38.18 -71.23 -39.26
CA ASN E 2211 36.85 -71.81 -39.07
C ASN E 2211 36.26 -71.38 -37.73
N GLN E 2212 37.10 -71.33 -36.70
CA GLN E 2212 36.63 -71.08 -35.35
C GLN E 2212 36.17 -69.65 -35.17
N LYS E 2213 36.64 -68.72 -36.01
CA LYS E 2213 36.10 -67.36 -36.01
C LYS E 2213 34.65 -67.36 -36.42
N ALA E 2214 34.35 -68.04 -37.53
CA ALA E 2214 32.99 -68.09 -38.04
C ALA E 2214 32.09 -68.81 -37.07
N MET E 2215 32.61 -69.84 -36.40
CA MET E 2215 31.83 -70.46 -35.34
C MET E 2215 31.68 -69.52 -34.15
N PHE E 2216 32.66 -68.66 -33.92
CA PHE E 2216 32.63 -67.77 -32.76
C PHE E 2216 31.64 -66.65 -32.96
N ASP E 2217 31.30 -66.35 -34.17
CA ASP E 2217 30.34 -65.27 -34.41
C ASP E 2217 28.89 -65.61 -34.00
N HIS E 2218 28.61 -66.68 -33.26
CA HIS E 2218 27.25 -67.01 -32.87
C HIS E 2218 27.14 -67.25 -31.38
N LEU E 2219 28.19 -66.90 -30.63
CA LEU E 2219 28.25 -67.27 -29.22
C LEU E 2219 27.29 -66.47 -28.38
N SER E 2220 26.86 -65.32 -28.88
CA SER E 2220 25.80 -64.56 -28.22
C SER E 2220 24.52 -65.37 -28.12
N TYR E 2221 24.14 -65.99 -29.24
CA TYR E 2221 23.00 -66.89 -29.22
C TYR E 2221 23.32 -68.17 -28.47
N LEU E 2222 24.55 -68.66 -28.65
CA LEU E 2222 24.82 -70.06 -28.36
C LEU E 2222 24.84 -70.34 -26.86
N LEU E 2223 25.15 -69.33 -26.05
CA LEU E 2223 25.12 -69.51 -24.61
C LEU E 2223 23.72 -69.55 -24.06
N GLU E 2224 22.75 -69.04 -24.81
CA GLU E 2224 21.41 -68.81 -24.27
C GLU E 2224 20.65 -70.10 -24.03
N ASN E 2225 21.12 -71.20 -24.59
CA ASN E 2225 20.43 -72.47 -24.49
C ASN E 2225 21.21 -73.46 -23.65
N SER E 2226 21.82 -72.96 -22.58
CA SER E 2226 22.74 -73.75 -21.78
C SER E 2226 22.02 -74.83 -20.98
N SER E 2227 20.74 -74.65 -20.68
CA SER E 2227 20.03 -75.58 -19.82
C SER E 2227 19.71 -76.90 -20.50
N VAL E 2228 20.00 -77.04 -21.79
CA VAL E 2228 19.86 -78.34 -22.44
C VAL E 2228 20.92 -79.30 -21.94
N GLY E 2229 22.16 -78.81 -21.81
CA GLY E 2229 23.24 -79.60 -21.24
C GLY E 2229 22.98 -79.93 -19.79
N LEU E 2230 22.66 -81.19 -19.52
CA LEU E 2230 22.21 -81.62 -18.21
C LEU E 2230 22.84 -82.98 -17.94
N ALA E 2231 22.29 -83.69 -16.95
CA ALA E 2231 22.82 -84.98 -16.55
C ALA E 2231 22.56 -86.03 -17.62
N SER E 2232 23.60 -86.34 -18.37
CA SER E 2232 23.58 -87.34 -19.41
C SER E 2232 25.02 -87.70 -19.66
N PRO E 2233 25.36 -88.97 -19.83
CA PRO E 2233 26.70 -89.31 -20.31
C PRO E 2233 26.95 -88.87 -21.74
N ALA E 2234 25.88 -88.68 -22.52
CA ALA E 2234 25.97 -87.98 -23.79
C ALA E 2234 25.88 -86.47 -23.56
N MET E 2235 26.94 -85.94 -22.97
CA MET E 2235 27.05 -84.51 -22.74
C MET E 2235 28.32 -83.92 -23.33
N ARG E 2236 29.44 -84.64 -23.22
CA ARG E 2236 30.67 -84.21 -23.86
C ARG E 2236 30.50 -84.31 -25.36
N GLY E 2237 30.69 -83.19 -26.06
CA GLY E 2237 30.39 -83.18 -27.47
C GLY E 2237 28.91 -83.16 -27.78
N SER E 2238 28.09 -82.71 -26.84
CA SER E 2238 26.66 -82.70 -27.03
C SER E 2238 25.98 -81.42 -26.60
N THR E 2239 26.57 -80.65 -25.75
CA THR E 2239 25.88 -79.45 -25.33
C THR E 2239 26.14 -78.34 -26.34
N PRO E 2240 25.20 -77.40 -26.50
CA PRO E 2240 25.54 -76.14 -27.17
C PRO E 2240 26.59 -75.36 -26.41
N LEU E 2241 26.57 -75.48 -25.09
CA LEU E 2241 27.64 -74.96 -24.26
C LEU E 2241 28.97 -75.59 -24.65
N ASP E 2242 28.95 -76.86 -25.04
CA ASP E 2242 30.17 -77.49 -25.51
C ASP E 2242 30.56 -76.98 -26.88
N VAL E 2243 29.61 -76.48 -27.65
CA VAL E 2243 29.97 -75.86 -28.92
C VAL E 2243 30.66 -74.54 -28.67
N ALA E 2244 30.18 -73.78 -27.69
CA ALA E 2244 30.85 -72.55 -27.31
C ALA E 2244 32.24 -72.83 -26.75
N ALA E 2245 32.39 -73.92 -26.01
CA ALA E 2245 33.70 -74.30 -25.51
C ALA E 2245 34.60 -74.76 -26.64
N ALA E 2246 34.04 -75.31 -27.71
CA ALA E 2246 34.86 -75.62 -28.87
C ALA E 2246 35.27 -74.36 -29.61
N SER E 2247 34.61 -73.25 -29.36
CA SER E 2247 34.88 -72.01 -30.07
C SER E 2247 35.98 -71.18 -29.46
N VAL E 2248 36.74 -71.72 -28.53
CA VAL E 2248 37.71 -70.89 -27.81
C VAL E 2248 39.13 -71.44 -27.89
N MET E 2249 39.29 -72.71 -27.53
CA MET E 2249 40.48 -73.38 -27.02
C MET E 2249 41.82 -72.93 -27.60
N ASP E 2250 41.89 -72.82 -28.92
CA ASP E 2250 43.14 -72.50 -29.56
C ASP E 2250 43.46 -71.02 -29.47
N ASN E 2251 42.53 -70.18 -29.90
CA ASN E 2251 42.87 -68.79 -30.21
C ASN E 2251 43.08 -67.98 -28.96
N ASN E 2252 44.30 -67.46 -28.82
CA ASN E 2252 44.52 -66.41 -27.86
C ASN E 2252 43.82 -65.14 -28.29
N GLU E 2253 43.75 -64.91 -29.60
CA GLU E 2253 43.11 -63.72 -30.14
C GLU E 2253 41.62 -63.71 -29.84
N LEU E 2254 40.95 -64.81 -30.12
CA LEU E 2254 39.51 -64.83 -29.93
C LEU E 2254 39.14 -64.91 -28.46
N ALA E 2255 40.04 -65.47 -27.65
CA ALA E 2255 39.82 -65.45 -26.21
C ALA E 2255 39.82 -64.03 -25.69
N LEU E 2256 40.65 -63.18 -26.30
CA LEU E 2256 40.55 -61.77 -26.01
C LEU E 2256 39.29 -61.17 -26.59
N ALA E 2257 38.89 -61.63 -27.77
CA ALA E 2257 37.89 -60.93 -28.55
C ALA E 2257 36.50 -60.99 -27.96
N LEU E 2258 36.23 -61.95 -27.08
CA LEU E 2258 34.91 -61.97 -26.47
C LEU E 2258 34.83 -60.88 -25.40
N ARG E 2259 33.61 -60.63 -24.94
CA ARG E 2259 33.35 -59.50 -24.08
C ARG E 2259 32.61 -59.94 -22.85
N GLU E 2260 32.42 -59.01 -21.94
CA GLU E 2260 31.82 -59.32 -20.66
C GLU E 2260 30.33 -59.72 -20.59
N PRO E 2261 29.39 -59.31 -21.47
CA PRO E 2261 28.00 -59.72 -21.25
C PRO E 2261 27.76 -61.20 -21.45
N ASP E 2262 28.62 -61.85 -22.22
CA ASP E 2262 28.61 -63.30 -22.32
C ASP E 2262 28.88 -63.93 -20.97
N LEU E 2263 29.90 -63.42 -20.29
CA LEU E 2263 30.23 -63.94 -18.97
C LEU E 2263 29.17 -63.55 -17.96
N GLU E 2264 28.47 -62.44 -18.19
CA GLU E 2264 27.33 -62.09 -17.36
C GLU E 2264 26.23 -63.13 -17.48
N LYS E 2265 25.95 -63.56 -18.72
CA LYS E 2265 25.00 -64.65 -18.95
C LYS E 2265 25.44 -65.92 -18.25
N VAL E 2266 26.74 -66.21 -18.30
CA VAL E 2266 27.27 -67.43 -17.69
C VAL E 2266 27.10 -67.40 -16.18
N VAL E 2267 27.43 -66.27 -15.55
CA VAL E 2267 27.33 -66.26 -14.10
C VAL E 2267 25.89 -66.11 -13.63
N ARG E 2268 24.99 -65.59 -14.46
CA ARG E 2268 23.58 -65.66 -14.11
C ARG E 2268 23.08 -67.09 -14.18
N TYR E 2269 23.56 -67.85 -15.17
CA TYR E 2269 23.20 -69.26 -15.25
C TYR E 2269 23.87 -70.07 -14.15
N LEU E 2270 24.98 -69.59 -13.62
CA LEU E 2270 25.71 -70.30 -12.59
C LEU E 2270 25.21 -69.97 -11.20
N ALA E 2271 24.65 -68.79 -11.01
CA ALA E 2271 24.11 -68.40 -9.71
C ALA E 2271 22.89 -69.24 -9.32
N GLY E 2272 22.18 -69.79 -10.30
CA GLY E 2272 21.08 -70.70 -10.00
C GLY E 2272 21.52 -72.02 -9.40
N CYS E 2273 22.78 -72.41 -9.61
CA CYS E 2273 23.32 -73.62 -8.99
C CYS E 2273 23.66 -73.33 -7.53
N GLY E 2274 22.61 -73.30 -6.71
CA GLY E 2274 22.78 -73.15 -5.28
C GLY E 2274 22.35 -74.39 -4.52
N LEU E 2275 22.65 -75.55 -5.08
CA LEU E 2275 22.21 -76.82 -4.51
C LEU E 2275 23.36 -77.77 -4.29
N PRO E 2293 24.47 -78.51 -7.50
CA PRO E 2293 24.05 -79.45 -8.54
C PRO E 2293 25.22 -80.11 -9.24
N VAL E 2294 24.92 -80.96 -10.20
CA VAL E 2294 25.93 -81.49 -11.09
C VAL E 2294 26.21 -80.51 -12.22
N GLU E 2295 25.22 -79.70 -12.59
CA GLU E 2295 25.33 -78.89 -13.80
C GLU E 2295 26.29 -77.72 -13.67
N GLY E 2296 26.73 -77.38 -12.47
CA GLY E 2296 27.65 -76.26 -12.31
C GLY E 2296 29.03 -76.56 -12.85
N GLU E 2297 29.46 -77.83 -12.79
CA GLU E 2297 30.81 -78.20 -13.20
C GLU E 2297 31.02 -78.01 -14.69
N ARG E 2298 29.95 -78.03 -15.48
CA ARG E 2298 30.10 -77.80 -16.90
C ARG E 2298 30.31 -76.32 -17.20
N TYR E 2299 29.58 -75.45 -16.47
CA TYR E 2299 29.84 -74.01 -16.55
C TYR E 2299 31.27 -73.70 -16.14
N LEU E 2300 31.75 -74.34 -15.08
CA LEU E 2300 33.11 -74.06 -14.64
C LEU E 2300 34.14 -74.60 -15.60
N ASP E 2301 33.83 -75.70 -16.30
CA ASP E 2301 34.71 -76.18 -17.35
C ASP E 2301 34.80 -75.16 -18.48
N PHE E 2302 33.65 -74.59 -18.86
CA PHE E 2302 33.66 -73.58 -19.91
C PHE E 2302 34.44 -72.34 -19.49
N LEU E 2303 34.31 -71.91 -18.24
CA LEU E 2303 35.06 -70.74 -17.81
C LEU E 2303 36.55 -71.02 -17.73
N ARG E 2304 36.92 -72.25 -17.37
CA ARG E 2304 38.32 -72.68 -17.39
C ARG E 2304 38.87 -72.61 -18.80
N PHE E 2305 38.06 -72.93 -19.79
CA PHE E 2305 38.47 -72.62 -21.14
C PHE E 2305 38.46 -71.13 -21.43
N ALA E 2306 37.68 -70.36 -20.68
CA ALA E 2306 37.55 -68.95 -21.00
C ALA E 2306 38.63 -68.07 -20.39
N VAL E 2307 39.52 -68.61 -19.55
CA VAL E 2307 40.52 -67.75 -18.91
C VAL E 2307 41.97 -68.06 -19.28
N PHE E 2308 42.31 -69.28 -19.68
CA PHE E 2308 43.69 -69.73 -19.56
C PHE E 2308 44.40 -69.87 -20.91
N CYS E 2309 43.89 -70.75 -21.77
CA CYS E 2309 43.93 -70.64 -23.22
C CYS E 2309 45.24 -70.86 -23.97
N ASN E 2310 46.39 -70.91 -23.31
CA ASN E 2310 47.60 -71.34 -24.01
C ASN E 2310 48.58 -72.13 -23.18
N GLY E 2311 48.27 -72.43 -21.95
CA GLY E 2311 49.28 -72.76 -20.98
C GLY E 2311 49.67 -71.59 -20.11
N GLU E 2312 49.38 -70.36 -20.55
CA GLU E 2312 49.57 -69.18 -19.73
C GLU E 2312 48.33 -68.31 -19.83
N SER E 2313 47.77 -67.99 -18.67
CA SER E 2313 46.46 -67.35 -18.62
C SER E 2313 46.51 -65.92 -19.09
N VAL E 2314 45.35 -65.43 -19.53
CA VAL E 2314 45.16 -63.99 -19.67
C VAL E 2314 44.79 -63.42 -18.31
N GLU E 2315 44.78 -62.11 -18.24
CA GLU E 2315 44.30 -61.44 -17.04
C GLU E 2315 43.01 -60.68 -17.28
N GLU E 2316 42.68 -60.41 -18.54
CA GLU E 2316 41.59 -59.50 -18.83
C GLU E 2316 40.25 -60.16 -18.63
N ASN E 2317 40.11 -61.40 -19.08
CA ASN E 2317 38.96 -62.19 -18.68
C ASN E 2317 39.01 -62.50 -17.21
N ALA E 2318 40.22 -62.70 -16.68
CA ALA E 2318 40.40 -63.25 -15.35
C ALA E 2318 39.91 -62.28 -14.28
N ASN E 2319 40.18 -60.99 -14.47
CA ASN E 2319 39.72 -59.97 -13.53
C ASN E 2319 38.20 -59.96 -13.44
N VAL E 2320 37.54 -60.07 -14.58
CA VAL E 2320 36.09 -59.98 -14.61
C VAL E 2320 35.47 -61.23 -14.02
N VAL E 2321 36.08 -62.39 -14.30
CA VAL E 2321 35.60 -63.65 -13.77
C VAL E 2321 35.69 -63.67 -12.25
N VAL E 2322 36.86 -63.29 -11.73
CA VAL E 2322 37.06 -63.31 -10.28
C VAL E 2322 36.19 -62.26 -9.60
N ARG E 2323 35.97 -61.12 -10.26
CA ARG E 2323 35.09 -60.10 -9.71
C ARG E 2323 33.65 -60.59 -9.61
N LEU E 2324 33.17 -61.22 -10.66
CA LEU E 2324 31.81 -61.74 -10.62
C LEU E 2324 31.68 -62.97 -9.72
N LEU E 2325 32.78 -63.64 -9.41
CA LEU E 2325 32.67 -64.71 -8.43
C LEU E 2325 32.75 -64.19 -7.00
N ILE E 2326 33.40 -63.05 -6.79
CA ILE E 2326 33.33 -62.39 -5.50
C ILE E 2326 31.98 -61.72 -5.30
N ARG E 2327 31.20 -61.56 -6.37
CA ARG E 2327 29.78 -61.32 -6.16
C ARG E 2327 29.12 -62.48 -5.42
N ARG E 2328 29.07 -63.68 -6.02
CA ARG E 2328 28.55 -64.86 -5.31
C ARG E 2328 29.30 -66.12 -5.73
N PRO E 2329 30.18 -66.68 -4.87
CA PRO E 2329 30.83 -67.95 -5.23
C PRO E 2329 29.83 -69.09 -5.29
N GLU E 2330 29.18 -69.32 -4.14
CA GLU E 2330 27.90 -69.99 -4.02
C GLU E 2330 27.80 -71.38 -4.65
N GLY E 2343 30.82 -73.30 6.48
CA GLY E 2343 32.19 -73.71 6.22
C GLY E 2343 32.35 -74.52 4.95
N LEU E 2344 32.88 -73.88 3.91
CA LEU E 2344 32.99 -74.48 2.60
C LEU E 2344 34.23 -75.35 2.42
N LEU E 2345 35.28 -75.13 3.21
CA LEU E 2345 36.44 -76.01 3.17
C LEU E 2345 36.13 -77.35 3.80
N ALA E 2346 35.48 -77.34 4.95
CA ALA E 2346 35.13 -78.58 5.62
C ALA E 2346 33.96 -79.28 4.95
N ALA E 2347 33.21 -78.59 4.09
CA ALA E 2347 32.09 -79.20 3.41
C ALA E 2347 32.55 -80.26 2.42
N MET E 2348 33.63 -79.98 1.68
CA MET E 2348 34.27 -81.01 0.87
C MET E 2348 34.82 -82.11 1.74
N GLU E 2349 35.43 -81.73 2.85
CA GLU E 2349 36.03 -82.68 3.76
C GLU E 2349 35.01 -83.31 4.69
N GLU E 2350 33.73 -82.99 4.50
CA GLU E 2350 32.64 -83.70 5.16
C GLU E 2350 32.27 -84.97 4.40
N ALA E 2351 31.80 -84.81 3.17
CA ALA E 2351 30.99 -85.82 2.50
C ALA E 2351 31.77 -86.59 1.44
N ILE E 2352 33.02 -86.96 1.70
CA ILE E 2352 33.73 -87.82 0.76
C ILE E 2352 33.06 -89.17 0.67
N LYS E 2353 32.75 -89.77 1.80
CA LYS E 2353 32.35 -91.17 1.86
C LYS E 2353 30.88 -91.40 1.58
N ILE E 2354 30.13 -90.37 1.23
CA ILE E 2354 28.75 -90.57 0.82
C ILE E 2354 28.71 -90.93 -0.65
N GLY E 2386 27.42 -89.62 -7.32
CA GLY E 2386 27.83 -89.13 -6.00
C GLY E 2386 29.18 -88.42 -6.00
N ASN E 2387 29.73 -88.21 -7.18
CA ASN E 2387 30.99 -87.50 -7.37
C ASN E 2387 30.77 -86.00 -7.59
N ALA E 2388 29.54 -85.53 -7.36
CA ALA E 2388 29.09 -84.26 -7.91
C ALA E 2388 29.74 -83.08 -7.22
N ILE E 2389 29.52 -82.95 -5.91
CA ILE E 2389 30.09 -81.85 -5.13
C ILE E 2389 31.61 -81.94 -5.09
N MET E 2390 32.14 -83.16 -5.16
CA MET E 2390 33.58 -83.42 -5.18
C MET E 2390 34.22 -82.77 -6.40
N THR E 2391 33.76 -83.17 -7.59
CA THR E 2391 34.30 -82.56 -8.79
C THR E 2391 33.85 -81.12 -8.97
N PHE E 2392 32.75 -80.71 -8.33
CA PHE E 2392 32.33 -79.32 -8.36
C PHE E 2392 33.35 -78.41 -7.72
N TYR E 2393 33.72 -78.71 -6.47
CA TYR E 2393 34.73 -77.88 -5.83
C TYR E 2393 36.11 -78.10 -6.42
N ALA E 2394 36.36 -79.26 -7.07
CA ALA E 2394 37.55 -79.38 -7.89
C ALA E 2394 37.56 -78.37 -9.02
N ALA E 2395 36.43 -78.21 -9.71
CA ALA E 2395 36.39 -77.28 -10.82
C ALA E 2395 36.46 -75.84 -10.35
N LEU E 2396 35.82 -75.54 -9.21
CA LEU E 2396 35.86 -74.18 -8.67
C LEU E 2396 37.26 -73.83 -8.21
N ILE E 2397 38.02 -74.81 -7.72
CA ILE E 2397 39.39 -74.49 -7.35
C ILE E 2397 40.31 -74.54 -8.57
N ASP E 2398 39.88 -75.18 -9.65
CA ASP E 2398 40.70 -75.14 -10.86
C ASP E 2398 40.56 -73.80 -11.55
N LEU E 2399 39.37 -73.20 -11.49
CA LEU E 2399 39.12 -71.94 -12.15
C LEU E 2399 39.91 -70.81 -11.50
N LEU E 2400 39.84 -70.71 -10.18
CA LEU E 2400 40.49 -69.62 -9.47
C LEU E 2400 41.99 -69.72 -9.53
N GLY E 2401 42.53 -70.91 -9.80
CA GLY E 2401 43.96 -71.07 -9.97
C GLY E 2401 44.51 -70.51 -11.26
N ARG E 2402 43.67 -69.95 -12.11
CA ARG E 2402 44.11 -69.45 -13.41
C ARG E 2402 44.11 -67.93 -13.44
N CYS E 2403 44.49 -67.30 -12.34
CA CYS E 2403 44.60 -65.85 -12.31
C CYS E 2403 45.88 -65.47 -11.58
N ALA E 2404 46.22 -64.18 -11.70
CA ALA E 2404 47.40 -63.54 -11.12
C ALA E 2404 48.70 -64.27 -11.46
N PRO E 2405 49.24 -64.11 -12.67
CA PRO E 2405 50.53 -64.75 -12.99
C PRO E 2405 51.69 -64.06 -12.31
N GLU E 2406 52.92 -64.47 -12.62
CA GLU E 2406 54.08 -63.89 -11.97
C GLU E 2406 54.81 -62.86 -12.82
N MET E 2407 54.75 -62.96 -14.14
CA MET E 2407 55.55 -62.09 -15.01
C MET E 2407 55.10 -60.63 -14.92
N HIS E 2408 53.83 -60.41 -14.63
CA HIS E 2408 53.36 -59.07 -14.33
C HIS E 2408 53.19 -58.83 -12.84
N LEU E 2409 53.55 -59.80 -11.99
CA LEU E 2409 53.49 -59.58 -10.55
C LEU E 2409 54.85 -59.75 -9.89
N ILE E 2410 55.50 -60.90 -10.06
CA ILE E 2410 56.74 -61.16 -9.33
C ILE E 2410 57.87 -60.34 -9.92
N HIS E 2411 57.78 -60.02 -11.21
CA HIS E 2411 58.75 -59.13 -11.81
C HIS E 2411 58.54 -57.70 -11.34
N ALA E 2412 57.29 -57.27 -11.18
CA ALA E 2412 56.99 -55.90 -10.80
C ALA E 2412 55.58 -55.85 -10.26
N ALA E 2413 55.39 -55.06 -9.21
CA ALA E 2413 54.07 -54.83 -8.64
C ALA E 2413 53.23 -54.04 -9.66
N LYS E 2414 52.17 -54.66 -10.15
CA LYS E 2414 51.30 -54.02 -11.12
C LYS E 2414 49.99 -53.51 -10.52
N GLY E 2415 49.95 -53.31 -9.21
CA GLY E 2415 48.81 -52.66 -8.62
C GLY E 2415 47.66 -53.60 -8.33
N GLU E 2416 46.68 -53.65 -9.24
CA GLU E 2416 45.48 -54.44 -9.01
C GLU E 2416 45.75 -55.93 -9.05
N ALA E 2417 46.86 -56.36 -9.67
CA ALA E 2417 47.22 -57.77 -9.64
C ALA E 2417 47.48 -58.22 -8.21
N ILE E 2418 48.07 -57.33 -7.40
CA ILE E 2418 48.24 -57.60 -5.99
C ILE E 2418 46.90 -57.74 -5.31
N ARG E 2419 45.92 -56.92 -5.69
CA ARG E 2419 44.69 -56.96 -4.90
C ARG E 2419 43.82 -58.14 -5.28
N ILE E 2420 43.84 -58.56 -6.55
CA ILE E 2420 43.20 -59.82 -6.93
C ILE E 2420 43.90 -61.01 -6.27
N ARG E 2421 45.24 -60.97 -6.23
CA ARG E 2421 45.97 -62.05 -5.58
C ARG E 2421 45.70 -62.07 -4.07
N SER E 2422 45.42 -60.91 -3.49
CA SER E 2422 45.05 -60.87 -2.08
C SER E 2422 43.67 -61.43 -1.85
N ILE E 2423 42.75 -61.16 -2.77
CA ILE E 2423 41.42 -61.79 -2.75
C ILE E 2423 41.55 -63.30 -2.86
N LEU E 2424 42.54 -63.76 -3.63
CA LEU E 2424 42.79 -65.19 -3.71
C LEU E 2424 43.42 -65.73 -2.44
N ARG E 2425 44.21 -64.91 -1.73
CA ARG E 2425 44.65 -65.29 -0.39
C ARG E 2425 43.46 -65.42 0.54
N SER E 2426 42.45 -64.56 0.35
CA SER E 2426 41.32 -64.47 1.27
C SER E 2426 40.42 -65.69 1.26
N LEU E 2427 40.51 -66.55 0.26
CA LEU E 2427 39.61 -67.68 0.17
C LEU E 2427 40.44 -68.96 0.10
N ILE E 2428 39.96 -69.99 0.80
CA ILE E 2428 40.65 -71.25 1.06
C ILE E 2428 42.03 -71.00 1.64
N PRO E 2429 42.14 -70.53 2.89
CA PRO E 2429 43.43 -70.03 3.42
C PRO E 2429 44.40 -71.14 3.80
N LEU E 2430 44.91 -71.83 2.78
CA LEU E 2430 45.93 -72.89 2.89
C LEU E 2430 45.48 -74.08 3.74
N GLY E 2431 44.19 -74.22 4.02
CA GLY E 2431 43.62 -75.42 4.57
C GLY E 2431 43.40 -76.48 3.53
N ASP E 2432 43.69 -76.12 2.28
CA ASP E 2432 43.92 -76.94 1.11
C ASP E 2432 44.84 -78.11 1.42
N LEU E 2433 45.82 -77.89 2.30
CA LEU E 2433 46.80 -78.91 2.63
C LEU E 2433 46.17 -80.13 3.28
N VAL E 2434 45.03 -79.95 3.94
CA VAL E 2434 44.24 -81.09 4.42
C VAL E 2434 43.75 -81.91 3.23
N GLY E 2435 43.28 -81.23 2.20
CA GLY E 2435 42.95 -81.92 0.97
C GLY E 2435 44.17 -82.48 0.27
N VAL E 2436 45.33 -81.87 0.48
CA VAL E 2436 46.55 -82.38 -0.16
C VAL E 2436 46.94 -83.73 0.45
N ILE E 2437 46.92 -83.83 1.77
CA ILE E 2437 47.35 -85.08 2.39
C ILE E 2437 46.23 -86.12 2.38
N SER E 2438 44.96 -85.70 2.46
CA SER E 2438 43.87 -86.63 2.61
C SER E 2438 43.55 -87.42 1.34
N ILE E 2439 43.77 -86.81 0.17
CA ILE E 2439 43.47 -87.51 -1.09
C ILE E 2439 44.50 -88.59 -1.36
N ALA E 2440 45.79 -88.26 -1.16
CA ALA E 2440 46.93 -88.95 -1.76
C ALA E 2440 47.11 -90.40 -1.35
N PHE E 2441 46.29 -90.90 -0.43
CA PHE E 2441 46.46 -92.25 0.07
C PHE E 2441 45.15 -93.01 0.20
N GLN E 2442 44.14 -92.72 -0.61
CA GLN E 2442 42.88 -93.44 -0.52
C GLN E 2442 42.80 -94.52 -1.60
N PHE E 2461 38.53 -90.27 -7.47
CA PHE E 2461 38.80 -89.23 -6.47
C PHE E 2461 40.29 -89.04 -6.21
N CYS E 2462 41.03 -90.14 -6.24
CA CYS E 2462 42.45 -90.07 -5.91
C CYS E 2462 43.31 -89.34 -6.95
N PRO E 2463 43.28 -89.66 -8.26
CA PRO E 2463 44.28 -89.02 -9.11
C PRO E 2463 43.95 -87.58 -9.49
N ASP E 2464 42.67 -87.22 -9.55
CA ASP E 2464 42.24 -86.02 -10.24
C ASP E 2464 42.26 -84.76 -9.38
N HIS E 2465 41.53 -84.77 -8.25
CA HIS E 2465 41.25 -83.56 -7.48
C HIS E 2465 42.52 -82.92 -6.93
N LYS E 2466 43.48 -83.76 -6.59
CA LYS E 2466 44.71 -83.32 -5.96
C LYS E 2466 45.54 -82.44 -6.88
N ALA E 2467 45.52 -82.72 -8.18
CA ALA E 2467 46.26 -81.89 -9.12
C ALA E 2467 45.64 -80.51 -9.25
N ALA E 2468 44.31 -80.41 -9.16
CA ALA E 2468 43.66 -79.11 -9.14
C ALA E 2468 44.02 -78.33 -7.88
N MET E 2469 44.13 -79.03 -6.75
CA MET E 2469 44.57 -78.38 -5.52
C MET E 2469 46.01 -77.90 -5.63
N VAL E 2470 46.87 -78.70 -6.29
CA VAL E 2470 48.25 -78.32 -6.52
C VAL E 2470 48.32 -77.05 -7.37
N LEU E 2471 47.54 -77.00 -8.44
CA LEU E 2471 47.54 -75.82 -9.30
C LEU E 2471 46.98 -74.60 -8.61
N PHE E 2472 46.07 -74.78 -7.65
CA PHE E 2472 45.66 -73.63 -6.85
C PHE E 2472 46.79 -73.18 -5.95
N LEU E 2473 47.54 -74.11 -5.39
CA LEU E 2473 48.64 -73.73 -4.50
C LEU E 2473 49.81 -73.19 -5.29
N ASP E 2474 50.02 -73.68 -6.51
CA ASP E 2474 51.22 -73.35 -7.27
C ASP E 2474 51.23 -71.91 -7.72
N ARG E 2475 50.06 -71.29 -7.87
CA ARG E 2475 49.96 -69.93 -8.37
C ARG E 2475 49.87 -68.91 -7.25
N VAL E 2476 48.93 -69.10 -6.33
CA VAL E 2476 48.71 -68.10 -5.30
C VAL E 2476 49.80 -68.16 -4.24
N TYR E 2477 50.20 -69.35 -3.81
CA TYR E 2477 51.14 -69.47 -2.72
C TYR E 2477 52.53 -69.87 -3.19
N VAL E 2481 60.57 -70.89 3.75
CA VAL E 2481 59.86 -71.34 2.56
C VAL E 2481 60.03 -72.85 2.39
N GLN E 2482 61.28 -73.29 2.25
CA GLN E 2482 61.53 -74.72 2.04
C GLN E 2482 61.21 -75.56 3.27
N ASP E 2483 61.19 -74.95 4.45
CA ASP E 2483 60.70 -75.66 5.62
C ASP E 2483 59.20 -75.88 5.52
N PHE E 2484 58.46 -74.89 5.01
CA PHE E 2484 57.04 -75.07 4.77
C PHE E 2484 56.80 -75.99 3.58
N LEU E 2485 57.76 -76.06 2.67
CA LEU E 2485 57.74 -77.06 1.60
C LEU E 2485 57.83 -78.47 2.17
N LEU E 2486 58.78 -78.69 3.08
CA LEU E 2486 58.95 -80.02 3.66
C LEU E 2486 57.88 -80.32 4.71
N HIS E 2487 57.17 -79.29 5.18
CA HIS E 2487 56.03 -79.48 6.07
C HIS E 2487 54.92 -80.32 5.45
N LEU E 2488 54.79 -80.27 4.12
CA LEU E 2488 53.59 -80.80 3.46
C LEU E 2488 53.53 -82.31 3.53
N LEU E 2489 54.67 -82.98 3.64
CA LEU E 2489 54.72 -84.43 3.66
C LEU E 2489 54.38 -84.96 5.04
N GLY E 2492 52.81 -87.79 0.01
CA GLY E 2492 53.86 -88.77 -0.20
C GLY E 2492 53.60 -89.70 -1.37
N PHE E 2493 54.67 -90.08 -2.04
CA PHE E 2493 54.60 -90.90 -3.24
C PHE E 2493 54.68 -92.39 -2.94
N LEU E 2494 54.61 -92.80 -1.68
CA LEU E 2494 54.82 -94.19 -1.30
C LEU E 2494 53.65 -95.06 -1.75
N PRO E 2495 52.41 -94.55 -1.71
CA PRO E 2495 51.29 -95.35 -2.23
C PRO E 2495 51.33 -95.50 -3.73
N ASP E 2496 52.00 -94.60 -4.43
CA ASP E 2496 52.22 -94.77 -5.86
C ASP E 2496 53.16 -95.92 -6.12
N LEU E 2497 54.27 -95.99 -5.38
CA LEU E 2497 55.19 -97.10 -5.54
C LEU E 2497 54.65 -98.41 -5.00
N ARG E 2498 53.65 -98.34 -4.10
CA ARG E 2498 53.11 -99.53 -3.45
C ARG E 2498 52.26 -100.38 -4.38
N ALA E 2499 51.87 -99.86 -5.53
CA ALA E 2499 51.04 -100.59 -6.49
C ALA E 2499 51.74 -100.75 -7.83
N ALA E 2500 53.00 -101.16 -7.80
CA ALA E 2500 53.80 -101.23 -9.02
C ALA E 2500 53.37 -102.36 -9.96
N ALA E 2501 52.67 -103.38 -9.45
CA ALA E 2501 52.19 -104.44 -10.32
C ALA E 2501 50.75 -104.89 -10.04
N SER E 2502 50.13 -104.46 -8.95
CA SER E 2502 48.80 -104.95 -8.60
C SER E 2502 47.68 -104.19 -9.29
N LEU E 2503 48.00 -103.20 -10.12
CA LEU E 2503 46.99 -102.41 -10.80
C LEU E 2503 47.46 -101.94 -12.17
N THR E 2511 41.32 -100.54 -10.74
CA THR E 2511 42.67 -100.10 -11.09
C THR E 2511 42.67 -98.65 -11.59
N ASP E 2512 41.88 -97.82 -10.91
CA ASP E 2512 42.04 -96.36 -11.03
C ASP E 2512 43.30 -95.86 -10.36
N MET E 2513 43.96 -96.72 -9.58
CA MET E 2513 45.32 -96.44 -9.10
C MET E 2513 46.29 -96.34 -10.26
N ALA E 2514 46.01 -97.01 -11.38
CA ALA E 2514 46.82 -96.92 -12.59
C ALA E 2514 46.53 -95.67 -13.40
N LEU E 2515 45.87 -94.67 -12.83
CA LEU E 2515 45.62 -93.41 -13.50
C LEU E 2515 46.45 -92.27 -12.93
N ALA E 2516 46.90 -92.39 -11.68
CA ALA E 2516 47.81 -91.43 -11.10
C ALA E 2516 49.27 -91.72 -11.41
N LEU E 2517 49.55 -92.69 -12.29
CA LEU E 2517 50.92 -93.18 -12.43
C LEU E 2517 51.82 -92.16 -13.14
N ASN E 2518 51.52 -91.83 -14.38
CA ASN E 2518 52.25 -90.76 -15.04
C ASN E 2518 51.67 -89.39 -14.72
N ARG E 2519 50.51 -89.36 -14.07
CA ARG E 2519 49.79 -88.13 -13.81
C ARG E 2519 50.53 -87.22 -12.84
N TYR E 2520 51.19 -87.81 -11.87
CA TYR E 2520 51.98 -87.05 -10.92
C TYR E 2520 53.45 -87.08 -11.29
N LEU E 2521 53.78 -87.59 -12.47
CA LEU E 2521 55.08 -87.38 -13.07
C LEU E 2521 55.14 -86.07 -13.83
N CYS E 2522 54.04 -85.31 -13.83
CA CYS E 2522 54.04 -83.93 -14.27
C CYS E 2522 53.38 -82.99 -13.28
N THR E 2523 52.76 -83.52 -12.22
CA THR E 2523 52.11 -82.73 -11.19
C THR E 2523 53.02 -82.52 -9.98
N ALA E 2524 53.80 -83.53 -9.60
CA ALA E 2524 54.79 -83.41 -8.55
C ALA E 2524 56.12 -82.88 -9.06
N VAL E 2525 56.12 -82.20 -10.20
CA VAL E 2525 57.32 -81.59 -10.75
C VAL E 2525 57.29 -80.07 -10.53
N LEU E 2526 56.10 -79.48 -10.50
CA LEU E 2526 55.91 -78.12 -9.98
C LEU E 2526 56.51 -77.83 -8.61
N PRO E 2527 56.65 -78.82 -7.67
CA PRO E 2527 57.44 -78.53 -6.47
C PRO E 2527 58.95 -78.61 -6.63
N LEU E 2528 59.49 -78.53 -7.84
CA LEU E 2528 60.94 -78.32 -7.96
C LEU E 2528 61.39 -77.01 -7.34
N LEU E 2529 60.53 -76.00 -7.36
CA LEU E 2529 60.88 -74.71 -6.77
C LEU E 2529 59.87 -74.33 -5.70
N ALA E 2537 63.55 -85.97 6.97
CA ALA E 2537 62.40 -86.24 6.10
C ALA E 2537 62.73 -86.01 4.64
N GLY E 2538 63.68 -85.13 4.35
CA GLY E 2538 64.17 -85.00 2.99
C GLY E 2538 64.88 -86.24 2.51
N THR E 2539 65.62 -86.90 3.40
CA THR E 2539 66.21 -88.19 3.06
C THR E 2539 65.13 -89.26 2.90
N GLU E 2540 64.05 -89.17 3.67
CA GLU E 2540 62.93 -90.09 3.50
C GLU E 2540 62.27 -89.90 2.14
N HIS E 2541 62.07 -88.65 1.72
CA HIS E 2541 61.51 -88.39 0.40
C HIS E 2541 62.47 -88.79 -0.70
N HIS E 2542 63.78 -88.66 -0.45
CA HIS E 2542 64.77 -89.13 -1.43
C HIS E 2542 64.73 -90.63 -1.56
N ALA E 2543 64.49 -91.33 -0.45
CA ALA E 2543 64.31 -92.78 -0.48
C ALA E 2543 63.07 -93.17 -1.26
N SER E 2544 61.96 -92.47 -1.03
CA SER E 2544 60.73 -92.78 -1.76
C SER E 2544 60.85 -92.46 -3.25
N LEU E 2545 61.59 -91.40 -3.59
CA LEU E 2545 61.81 -91.08 -4.99
C LEU E 2545 62.74 -92.07 -5.65
N ILE E 2546 63.75 -92.57 -4.92
CA ILE E 2546 64.60 -93.63 -5.45
C ILE E 2546 63.82 -94.93 -5.57
N ASP E 2547 62.83 -95.13 -4.72
CA ASP E 2547 61.95 -96.29 -4.83
C ASP E 2547 61.07 -96.20 -6.07
N SER E 2548 60.59 -94.99 -6.37
CA SER E 2548 59.85 -94.80 -7.62
C SER E 2548 60.77 -94.88 -8.83
N LEU E 2549 62.04 -94.49 -8.67
CA LEU E 2549 62.99 -94.57 -9.76
C LEU E 2549 63.36 -96.01 -10.07
N LEU E 2550 63.53 -96.83 -9.03
CA LEU E 2550 63.71 -98.26 -9.22
C LEU E 2550 62.42 -98.91 -9.72
N HIS E 2551 61.27 -98.32 -9.37
CA HIS E 2551 60.01 -98.75 -9.95
C HIS E 2551 59.91 -98.35 -11.42
N THR E 2552 60.73 -97.40 -11.87
CA THR E 2552 60.80 -97.03 -13.27
C THR E 2552 62.17 -97.32 -13.86
N VAL E 2553 62.90 -98.28 -13.28
CA VAL E 2553 64.27 -98.55 -13.68
C VAL E 2553 64.35 -99.27 -15.02
N LYS E 2558 55.14 -93.98 -19.11
CA LYS E 2558 55.55 -93.20 -20.27
C LYS E 2558 57.01 -92.84 -20.16
N GLY E 2559 57.73 -93.00 -21.27
CA GLY E 2559 59.15 -92.65 -21.29
C GLY E 2559 59.36 -91.16 -21.14
N CYS E 2560 58.42 -90.36 -21.65
CA CYS E 2560 58.46 -88.93 -21.42
C CYS E 2560 58.20 -88.61 -19.95
N SER E 2561 57.24 -89.30 -19.34
CA SER E 2561 56.92 -89.03 -17.94
C SER E 2561 58.01 -89.58 -17.02
N LEU E 2562 58.62 -90.71 -17.39
CA LEU E 2562 59.75 -91.23 -16.64
C LEU E 2562 60.96 -90.30 -16.76
N THR E 2563 61.21 -89.73 -17.94
CA THR E 2563 62.29 -88.78 -18.10
C THR E 2563 62.00 -87.48 -17.38
N LYS E 2564 60.72 -87.11 -17.25
CA LYS E 2564 60.34 -85.94 -16.47
C LYS E 2564 60.61 -86.18 -14.99
N ALA E 2565 60.27 -87.36 -14.48
CA ALA E 2565 60.62 -87.72 -13.11
C ALA E 2565 62.13 -87.76 -12.90
N GLN E 2566 62.88 -88.18 -13.93
CA GLN E 2566 64.34 -88.22 -13.83
C GLN E 2566 64.93 -86.81 -13.76
N ARG E 2567 64.42 -85.90 -14.59
CA ARG E 2567 64.89 -84.52 -14.54
C ARG E 2567 64.50 -83.85 -13.22
N ASP E 2568 63.32 -84.20 -12.70
CA ASP E 2568 62.90 -83.68 -11.40
C ASP E 2568 63.83 -84.18 -10.28
N SER E 2569 64.22 -85.45 -10.33
CA SER E 2569 65.11 -85.99 -9.31
C SER E 2569 66.51 -85.40 -9.43
N ILE E 2570 66.96 -85.15 -10.66
CA ILE E 2570 68.28 -84.55 -10.87
C ILE E 2570 68.29 -83.12 -10.35
N GLU E 2571 67.20 -82.39 -10.56
CA GLU E 2571 67.11 -81.03 -10.01
C GLU E 2571 66.97 -81.04 -8.51
N VAL E 2572 66.34 -82.08 -7.94
CA VAL E 2572 66.21 -82.17 -6.49
C VAL E 2572 67.54 -82.51 -5.85
N CYS E 2573 68.35 -83.32 -6.53
CA CYS E 2573 69.63 -83.76 -5.99
C CYS E 2573 70.78 -82.83 -6.31
N LEU E 2574 70.62 -81.93 -7.27
CA LEU E 2574 71.70 -81.04 -7.67
C LEU E 2574 71.94 -79.95 -6.63
N LEU E 2575 70.94 -79.10 -6.40
CA LEU E 2575 71.08 -77.93 -5.54
C LEU E 2575 70.71 -78.22 -4.09
N SER E 2576 70.86 -79.46 -3.64
CA SER E 2576 70.60 -79.81 -2.25
C SER E 2576 71.78 -80.61 -1.70
N ARG E 2582 73.78 -79.85 2.79
CA ARG E 2582 75.02 -79.95 2.04
C ARG E 2582 75.03 -81.26 1.26
N PRO E 2583 76.23 -81.82 1.06
CA PRO E 2583 76.35 -83.12 0.40
C PRO E 2583 76.14 -84.32 1.31
N SER E 2584 75.62 -84.10 2.52
CA SER E 2584 75.38 -85.20 3.46
C SER E 2584 74.26 -86.08 2.97
N MET E 2585 73.10 -85.49 2.71
CA MET E 2585 71.98 -86.26 2.15
C MET E 2585 72.27 -86.71 0.72
N MET E 2586 73.13 -85.99 0.02
CA MET E 2586 73.58 -86.42 -1.30
C MET E 2586 74.38 -87.72 -1.20
N GLN E 2587 75.22 -87.83 -0.16
CA GLN E 2587 75.93 -89.08 0.06
C GLN E 2587 75.01 -90.17 0.57
N HIS E 2588 73.97 -89.79 1.33
CA HIS E 2588 72.98 -90.75 1.78
C HIS E 2588 72.20 -91.35 0.61
N LEU E 2589 71.93 -90.54 -0.41
CA LEU E 2589 71.31 -91.04 -1.62
C LEU E 2589 72.31 -91.78 -2.51
N LEU E 2590 73.58 -91.35 -2.50
CA LEU E 2590 74.61 -92.05 -3.25
C LEU E 2590 74.90 -93.43 -2.69
N ARG E 2591 74.60 -93.64 -1.40
CA ARG E 2591 74.60 -94.98 -0.82
C ARG E 2591 73.68 -95.92 -1.59
N ARG E 2592 72.39 -95.56 -1.69
CA ARG E 2592 71.44 -96.40 -2.43
C ARG E 2592 71.73 -96.41 -3.92
N LEU E 2593 72.30 -95.32 -4.45
CA LEU E 2593 72.71 -95.29 -5.84
C LEU E 2593 73.81 -96.30 -6.13
N VAL E 2594 74.78 -96.44 -5.22
CA VAL E 2594 75.79 -97.48 -5.37
C VAL E 2594 75.21 -98.85 -5.05
N PHE E 2595 74.15 -98.90 -4.24
CA PHE E 2595 73.51 -100.17 -3.92
C PHE E 2595 72.78 -100.75 -5.13
N ASP E 2596 72.27 -99.88 -6.00
CA ASP E 2596 71.59 -100.35 -7.20
C ASP E 2596 72.46 -100.27 -8.46
N VAL E 2597 73.54 -99.51 -8.44
CA VAL E 2597 74.39 -99.25 -9.60
C VAL E 2597 75.17 -100.48 -10.04
N PRO E 2598 75.37 -101.46 -9.16
CA PRO E 2598 76.22 -102.62 -9.53
C PRO E 2598 75.63 -103.51 -10.62
N LEU E 2599 74.34 -103.35 -10.94
CA LEU E 2599 73.73 -104.04 -12.08
C LEU E 2599 73.73 -103.16 -13.33
N LEU E 2600 74.76 -102.32 -13.50
CA LEU E 2600 74.83 -101.46 -14.68
C LEU E 2600 75.16 -102.25 -15.94
N ASN E 2601 75.76 -103.43 -15.78
CA ASN E 2601 76.11 -104.25 -16.93
C ASN E 2601 74.90 -104.98 -17.48
N LYS E 2605 67.64 -100.83 -17.95
CA LYS E 2605 68.72 -100.74 -16.97
C LYS E 2605 69.56 -99.50 -17.21
N MET E 2606 69.23 -98.75 -18.27
CA MET E 2606 69.86 -97.48 -18.58
C MET E 2606 69.49 -96.42 -17.53
N PRO E 2607 68.36 -96.59 -16.84
CA PRO E 2607 68.02 -95.65 -15.76
C PRO E 2607 68.98 -95.71 -14.59
N LEU E 2608 69.56 -96.90 -14.34
CA LEU E 2608 70.66 -96.98 -13.38
C LEU E 2608 71.88 -96.21 -13.86
N LYS E 2609 72.12 -96.19 -15.18
CA LYS E 2609 73.22 -95.40 -15.72
C LYS E 2609 72.94 -93.92 -15.63
N LEU E 2610 71.68 -93.51 -15.76
CA LEU E 2610 71.33 -92.11 -15.56
C LEU E 2610 71.49 -91.69 -14.10
N LEU E 2611 71.07 -92.56 -13.18
CA LEU E 2611 71.29 -92.32 -11.76
C LEU E 2611 72.77 -92.30 -11.42
N THR E 2612 73.57 -93.09 -12.13
CA THR E 2612 75.02 -93.06 -11.94
C THR E 2612 75.64 -91.79 -12.49
N ASN E 2613 75.08 -91.24 -13.58
CA ASN E 2613 75.54 -89.96 -14.07
C ASN E 2613 75.20 -88.84 -13.08
N HIS E 2614 74.02 -88.93 -12.46
CA HIS E 2614 73.65 -87.97 -11.42
C HIS E 2614 74.54 -88.11 -10.19
N TYR E 2615 74.90 -89.35 -9.82
CA TYR E 2615 75.80 -89.56 -8.69
C TYR E 2615 77.21 -89.12 -9.03
N GLU E 2616 77.62 -89.21 -10.30
CA GLU E 2616 78.92 -88.69 -10.71
C GLU E 2616 78.93 -87.17 -10.66
N ARG E 2617 77.80 -86.54 -11.02
CA ARG E 2617 77.68 -85.10 -10.85
C ARG E 2617 77.65 -84.71 -9.37
N CYS E 2618 77.10 -85.56 -8.52
CA CYS E 2618 77.10 -85.30 -7.07
C CYS E 2618 78.50 -85.46 -6.49
N TRP E 2619 79.27 -86.42 -7.01
CA TRP E 2619 80.67 -86.56 -6.63
C TRP E 2619 81.47 -85.37 -7.12
N LYS E 2620 81.11 -84.84 -8.29
CA LYS E 2620 81.66 -83.57 -8.76
C LYS E 2620 81.20 -82.40 -7.91
N TYR E 2621 80.09 -82.56 -7.18
CA TYR E 2621 79.65 -81.58 -6.20
C TYR E 2621 80.18 -81.88 -4.81
N TYR E 2622 80.68 -83.08 -4.56
CA TYR E 2622 81.22 -83.47 -3.27
C TYR E 2622 82.66 -83.94 -3.38
N CYS E 2623 83.49 -83.20 -4.12
CA CYS E 2623 84.88 -83.59 -4.32
C CYS E 2623 85.81 -82.95 -3.30
N LEU E 2624 85.88 -81.62 -3.29
CA LEU E 2624 86.76 -80.91 -2.37
C LEU E 2624 86.23 -80.94 -0.94
N PRO E 2625 85.07 -80.33 -0.67
CA PRO E 2625 84.59 -80.24 0.71
C PRO E 2625 83.93 -81.51 1.20
N GLY E 2626 83.19 -82.19 0.31
CA GLY E 2626 82.52 -83.42 0.68
C GLY E 2626 83.44 -84.61 0.70
N GLY E 2627 84.18 -84.80 -0.40
CA GLY E 2627 85.16 -85.86 -0.46
C GLY E 2627 86.49 -85.43 0.15
N ALA E 2634 84.10 -93.60 8.04
CA ALA E 2634 83.09 -92.69 7.53
C ALA E 2634 82.42 -93.28 6.30
N SER E 2635 82.11 -92.42 5.33
CA SER E 2635 81.57 -92.85 4.06
C SER E 2635 82.62 -92.86 2.96
N GLU E 2636 83.82 -92.37 3.24
CA GLU E 2636 84.89 -92.45 2.25
C GLU E 2636 85.37 -93.88 2.06
N GLU E 2637 85.23 -94.71 3.09
CA GLU E 2637 85.45 -96.14 2.90
C GLU E 2637 84.32 -96.76 2.09
N GLU E 2638 83.09 -96.29 2.30
CA GLU E 2638 82.00 -96.66 1.41
C GLU E 2638 82.23 -96.11 0.01
N LEU E 2639 82.91 -94.96 -0.10
CA LEU E 2639 83.30 -94.46 -1.41
C LEU E 2639 84.36 -95.33 -2.05
N HIS E 2640 85.25 -95.92 -1.24
CA HIS E 2640 86.25 -96.83 -1.78
C HIS E 2640 85.62 -98.12 -2.26
N LEU E 2641 84.69 -98.67 -1.48
CA LEU E 2641 83.94 -99.85 -1.93
C LEU E 2641 83.07 -99.53 -3.14
N SER E 2642 82.54 -98.31 -3.23
CA SER E 2642 81.75 -97.91 -4.38
C SER E 2642 82.62 -97.75 -5.62
N ARG E 2643 83.83 -97.23 -5.45
CA ARG E 2643 84.75 -97.12 -6.59
C ARG E 2643 85.24 -98.49 -7.03
N LYS E 2644 85.39 -99.43 -6.08
CA LYS E 2644 85.71 -100.81 -6.45
C LYS E 2644 84.56 -101.46 -7.20
N LEU E 2645 83.31 -101.18 -6.79
CA LEU E 2645 82.17 -101.71 -7.52
C LEU E 2645 82.02 -101.06 -8.89
N PHE E 2646 82.40 -99.79 -9.02
CA PHE E 2646 82.37 -99.14 -10.33
C PHE E 2646 83.51 -99.63 -11.22
N TRP E 2647 84.61 -100.09 -10.63
CA TRP E 2647 85.64 -100.74 -11.42
C TRP E 2647 85.20 -102.15 -11.83
N GLY E 2648 84.47 -102.84 -10.96
CA GLY E 2648 84.09 -104.21 -11.21
C GLY E 2648 82.91 -104.41 -12.14
N ILE E 2649 81.86 -103.62 -11.97
CA ILE E 2649 80.68 -103.78 -12.82
C ILE E 2649 80.95 -103.23 -14.21
N PHE E 2650 81.74 -102.16 -14.32
CA PHE E 2650 82.13 -101.61 -15.61
C PHE E 2650 83.37 -102.27 -16.19
N ASP E 2651 83.70 -103.48 -15.73
CA ASP E 2651 84.76 -104.28 -16.31
C ASP E 2651 84.25 -105.19 -17.42
N ALA E 2652 83.15 -104.82 -18.08
CA ALA E 2652 82.63 -105.65 -19.17
C ALA E 2652 83.52 -105.53 -20.41
N LEU E 2653 83.98 -104.33 -20.74
CA LEU E 2653 84.88 -104.13 -21.86
C LEU E 2653 85.79 -102.96 -21.60
N TYR E 2658 77.02 -95.80 -27.05
CA TYR E 2658 75.79 -96.15 -26.35
C TYR E 2658 75.55 -95.24 -25.15
N GLU E 2659 74.48 -95.53 -24.39
CA GLU E 2659 74.27 -94.82 -23.13
C GLU E 2659 75.27 -95.25 -22.08
N GLN E 2660 75.79 -96.48 -22.21
CA GLN E 2660 76.89 -96.92 -21.36
C GLN E 2660 78.15 -96.10 -21.60
N GLU E 2661 78.33 -95.58 -22.83
CA GLU E 2661 79.43 -94.66 -23.08
C GLU E 2661 79.23 -93.34 -22.33
N LEU E 2662 77.99 -92.89 -22.18
CA LEU E 2662 77.73 -91.68 -21.41
C LEU E 2662 77.96 -91.91 -19.92
N PHE E 2663 77.53 -93.07 -19.40
CA PHE E 2663 77.79 -93.37 -17.99
C PHE E 2663 79.28 -93.62 -17.73
N LYS E 2664 80.02 -94.15 -18.71
CA LYS E 2664 81.46 -94.32 -18.56
C LYS E 2664 82.19 -92.99 -18.63
N LEU E 2665 81.69 -92.05 -19.45
CA LEU E 2665 82.23 -90.70 -19.45
C LEU E 2665 81.92 -90.00 -18.13
N ALA E 2666 80.81 -90.34 -17.50
CA ALA E 2666 80.57 -89.87 -16.15
C ALA E 2666 81.49 -90.56 -15.15
N LEU E 2667 81.87 -91.80 -15.42
CA LEU E 2667 82.69 -92.62 -14.53
C LEU E 2667 84.13 -92.11 -14.47
N PRO E 2668 84.65 -91.49 -15.54
CA PRO E 2668 85.96 -90.84 -15.42
C PRO E 2668 85.91 -89.63 -14.52
N CYS E 2669 84.81 -88.86 -14.58
CA CYS E 2669 84.59 -87.80 -13.61
C CYS E 2669 84.38 -88.36 -12.21
N LEU E 2670 83.78 -89.56 -12.11
CA LEU E 2670 83.64 -90.21 -10.81
C LEU E 2670 84.98 -90.62 -10.23
N SER E 2671 85.88 -91.11 -11.07
CA SER E 2671 87.22 -91.50 -10.61
C SER E 2671 88.07 -90.28 -10.27
N ALA E 2672 87.96 -89.21 -11.06
CA ALA E 2672 88.68 -87.98 -10.74
C ALA E 2672 88.14 -87.31 -9.48
N VAL E 2673 86.83 -87.42 -9.22
CA VAL E 2673 86.28 -86.87 -7.98
C VAL E 2673 86.60 -87.77 -6.80
N ALA E 2674 86.75 -89.08 -7.02
CA ALA E 2674 87.18 -89.96 -5.94
C ALA E 2674 88.65 -89.76 -5.62
N GLY E 2675 89.44 -89.35 -6.62
CA GLY E 2675 90.80 -88.91 -6.34
C GLY E 2675 90.88 -87.51 -5.75
N ALA E 2676 89.88 -86.67 -6.02
CA ALA E 2676 89.76 -85.40 -5.30
C ALA E 2676 89.29 -85.61 -3.88
N LEU E 2677 88.63 -86.74 -3.61
CA LEU E 2677 88.37 -87.21 -2.26
C LEU E 2677 89.67 -87.75 -1.69
N PRO E 2678 90.53 -88.33 -2.53
CA PRO E 2678 91.79 -88.89 -2.04
C PRO E 2678 92.92 -87.88 -2.11
N PRO E 2679 92.59 -86.59 -2.29
CA PRO E 2679 93.59 -85.52 -2.46
C PRO E 2679 94.41 -85.25 -1.20
N ASN E 2701 62.84 -104.50 -7.14
CA ASN E 2701 62.26 -105.36 -6.11
C ASN E 2701 63.34 -105.95 -5.22
N PHE E 2702 63.76 -105.21 -4.20
CA PHE E 2702 64.78 -105.70 -3.30
C PHE E 2702 64.21 -106.75 -2.37
N ASN E 2703 64.92 -107.86 -2.24
CA ASN E 2703 64.48 -109.03 -1.49
C ASN E 2703 65.68 -109.39 -0.61
N PRO E 2704 65.53 -109.47 0.71
CA PRO E 2704 66.68 -109.76 1.58
C PRO E 2704 67.22 -111.16 1.38
N GLN E 2705 68.47 -111.35 1.84
CA GLN E 2705 69.27 -112.55 1.57
C GLN E 2705 69.50 -113.29 2.88
N PRO E 2706 68.66 -114.26 3.23
CA PRO E 2706 68.80 -114.93 4.51
C PRO E 2706 69.87 -116.02 4.49
N VAL E 2707 70.47 -116.23 5.66
CA VAL E 2707 71.39 -117.34 5.91
C VAL E 2707 70.70 -118.26 6.90
N ASP E 2708 71.12 -119.53 6.91
CA ASP E 2708 70.46 -120.53 7.74
C ASP E 2708 70.83 -120.33 9.21
N THR E 2709 69.83 -120.48 10.08
CA THR E 2709 69.92 -120.01 11.46
C THR E 2709 70.05 -121.10 12.52
N SER E 2710 69.71 -122.35 12.21
CA SER E 2710 69.72 -123.42 13.20
C SER E 2710 70.35 -124.69 12.65
N ASN E 2711 71.38 -124.54 11.81
CA ASN E 2711 72.03 -125.68 11.19
C ASN E 2711 73.47 -125.87 11.62
N ILE E 2712 74.05 -124.92 12.36
CA ILE E 2712 75.42 -125.03 12.86
C ILE E 2712 75.39 -124.88 14.38
N THR E 2713 75.99 -125.85 15.08
CA THR E 2713 75.74 -126.09 16.49
C THR E 2713 76.50 -125.10 17.37
N ILE E 2714 76.47 -125.37 18.67
CA ILE E 2714 77.03 -124.51 19.71
C ILE E 2714 78.09 -125.30 20.46
N PRO E 2715 79.29 -124.76 20.66
CA PRO E 2715 80.27 -125.45 21.53
C PRO E 2715 79.85 -125.36 22.98
N GLU E 2716 80.30 -126.35 23.76
CA GLU E 2716 79.91 -126.43 25.16
C GLU E 2716 80.61 -125.39 26.04
N LYS E 2717 81.71 -124.80 25.55
CA LYS E 2717 82.37 -123.73 26.28
C LYS E 2717 81.51 -122.47 26.34
N LEU E 2718 80.59 -122.31 25.40
CA LEU E 2718 79.53 -121.32 25.52
C LEU E 2718 78.24 -121.89 26.09
N GLU E 2719 78.12 -123.22 26.22
CA GLU E 2719 76.96 -123.79 26.89
C GLU E 2719 77.10 -123.82 28.40
N TYR E 2720 78.31 -123.63 28.92
CA TYR E 2720 78.46 -123.25 30.33
C TYR E 2720 78.47 -121.74 30.53
N PHE E 2721 78.09 -120.96 29.51
CA PHE E 2721 78.11 -119.51 29.49
C PHE E 2721 76.73 -118.91 29.28
N ILE E 2722 75.93 -119.50 28.39
CA ILE E 2722 74.54 -119.07 28.18
C ILE E 2722 73.70 -119.32 29.42
N ASN E 2723 74.05 -120.34 30.22
CA ASN E 2723 73.32 -120.67 31.45
C ASN E 2723 73.44 -119.61 32.54
N LYS E 2724 74.36 -118.65 32.40
CA LYS E 2724 74.36 -117.45 33.23
C LYS E 2724 74.10 -116.18 32.43
N TYR E 2725 74.36 -116.19 31.11
CA TYR E 2725 74.03 -115.05 30.28
C TYR E 2725 72.52 -114.87 30.16
N ALA E 2726 71.75 -115.96 30.29
CA ALA E 2726 70.30 -115.85 30.29
C ALA E 2726 69.80 -115.18 31.56
N GLU E 2727 70.42 -115.50 32.71
CA GLU E 2727 70.09 -114.81 33.94
C GLU E 2727 70.49 -113.34 33.89
N HIS E 2728 71.62 -113.04 33.24
CA HIS E 2728 72.05 -111.65 33.14
C HIS E 2728 71.21 -110.86 32.15
N SER E 2729 70.72 -111.51 31.09
CA SER E 2729 69.79 -110.88 30.18
C SER E 2729 68.44 -110.64 30.85
N HIS E 2730 68.04 -111.56 31.73
CA HIS E 2730 66.84 -111.32 32.52
C HIS E 2730 67.05 -110.21 33.54
N ASP E 2731 68.29 -110.06 34.03
CA ASP E 2731 68.64 -108.92 34.89
C ASP E 2731 68.45 -107.60 34.15
N LYS E 2732 68.97 -107.51 32.93
CA LYS E 2732 68.87 -106.25 32.17
C LYS E 2732 67.44 -105.98 31.70
N TRP E 2733 66.72 -107.03 31.29
CA TRP E 2733 65.33 -106.86 30.87
C TRP E 2733 64.42 -106.51 32.05
N SER E 2734 64.73 -107.04 33.23
CA SER E 2734 63.98 -106.68 34.42
C SER E 2734 64.30 -105.27 34.90
N MET E 2735 65.55 -104.80 34.70
CA MET E 2735 65.87 -103.41 34.97
C MET E 2735 65.15 -102.48 33.99
N ASP E 2736 65.02 -102.91 32.73
CA ASP E 2736 64.27 -102.13 31.75
C ASP E 2736 62.78 -102.08 32.08
N LYS E 2737 62.24 -103.15 32.67
CA LYS E 2737 60.84 -103.10 33.09
C LYS E 2737 60.67 -102.29 34.37
N LEU E 2738 61.61 -102.41 35.32
CA LEU E 2738 61.54 -101.64 36.56
C LEU E 2738 61.91 -100.17 36.37
N ALA E 2739 62.38 -99.79 35.18
CA ALA E 2739 62.41 -98.37 34.81
C ALA E 2739 61.00 -97.77 34.86
N ASN E 2740 59.98 -98.54 34.51
CA ASN E 2740 58.60 -98.19 34.82
C ASN E 2740 58.20 -98.65 36.22
N GLY E 2741 58.68 -99.80 36.66
CA GLY E 2741 58.36 -100.31 37.97
C GLY E 2741 57.21 -101.28 37.99
N TRP E 2742 57.29 -102.33 37.17
CA TRP E 2742 56.25 -103.34 37.13
C TRP E 2742 56.38 -104.25 38.35
N ILE E 2743 55.37 -104.20 39.21
CA ILE E 2743 55.33 -104.97 40.45
C ILE E 2743 54.43 -106.18 40.23
N TYR E 2744 54.97 -107.38 40.38
CA TYR E 2744 54.22 -108.60 40.11
C TYR E 2744 53.19 -108.86 41.21
N GLY E 2745 51.99 -109.27 40.80
CA GLY E 2745 50.91 -109.59 41.71
C GLY E 2745 50.11 -110.77 41.22
N GLU E 2746 48.87 -110.92 41.71
CA GLU E 2746 48.01 -112.01 41.29
C GLU E 2746 47.18 -111.65 40.07
N ILE E 2747 46.78 -110.39 39.95
CA ILE E 2747 46.02 -109.93 38.79
C ILE E 2747 46.96 -109.22 37.83
N TYR E 2748 47.15 -109.81 36.66
CA TYR E 2748 48.03 -109.24 35.63
C TYR E 2748 47.27 -108.16 34.86
N SER E 2749 47.37 -106.93 35.36
CA SER E 2749 46.70 -105.79 34.74
C SER E 2749 47.66 -104.62 34.69
N ASP E 2750 47.67 -103.91 33.55
CA ASP E 2750 48.64 -102.86 33.30
C ASP E 2750 48.13 -101.47 33.66
N SER E 2751 47.25 -101.36 34.65
CA SER E 2751 46.82 -100.06 35.16
C SER E 2751 47.58 -99.64 36.41
N SER E 2752 47.69 -100.54 37.40
CA SER E 2752 48.44 -100.27 38.62
C SER E 2752 49.87 -100.76 38.54
N LYS E 2753 50.45 -100.79 37.33
CA LYS E 2753 51.85 -101.16 37.06
C LYS E 2753 52.15 -102.59 37.52
N VAL E 2754 51.44 -103.54 36.91
CA VAL E 2754 51.62 -104.96 37.20
C VAL E 2754 51.81 -105.72 35.89
N GLN E 2755 52.98 -106.36 35.74
CA GLN E 2755 53.21 -107.34 34.68
C GLN E 2755 53.28 -108.75 35.24
N PRO E 2756 52.86 -109.75 34.47
CA PRO E 2756 53.21 -111.14 34.77
C PRO E 2756 54.58 -111.56 34.25
N LEU E 2757 55.44 -110.61 33.86
CA LEU E 2757 56.76 -110.90 33.33
C LEU E 2757 57.90 -110.43 34.22
N MET E 2758 57.62 -110.02 35.46
CA MET E 2758 58.66 -109.68 36.44
C MET E 2758 58.80 -110.81 37.46
N LYS E 2759 59.52 -111.85 37.04
CA LYS E 2759 59.73 -112.99 37.91
C LYS E 2759 61.17 -113.47 37.84
N PRO E 2760 61.74 -113.93 38.97
CA PRO E 2760 63.17 -114.27 39.01
C PRO E 2760 63.60 -115.50 38.21
N TYR E 2761 64.89 -115.83 38.31
CA TYR E 2761 65.48 -116.91 37.54
C TYR E 2761 65.09 -118.29 38.05
N LYS E 2762 64.64 -118.40 39.29
CA LYS E 2762 64.30 -119.69 39.87
C LYS E 2762 62.85 -120.09 39.67
N LEU E 2763 61.93 -119.12 39.63
CA LEU E 2763 60.52 -119.45 39.44
C LEU E 2763 60.19 -119.85 38.01
N LEU E 2764 61.05 -119.52 37.06
CA LEU E 2764 60.78 -119.82 35.65
C LEU E 2764 60.87 -121.32 35.40
N SER E 2765 59.91 -121.84 34.65
CA SER E 2765 59.85 -123.27 34.33
C SER E 2765 60.75 -123.56 33.14
N GLU E 2766 60.60 -124.76 32.56
CA GLU E 2766 61.46 -125.17 31.45
C GLU E 2766 61.01 -124.61 30.11
N LYS E 2767 59.88 -123.91 30.06
CA LYS E 2767 59.41 -123.30 28.83
C LYS E 2767 59.20 -121.79 28.94
N GLU E 2768 59.14 -121.24 30.15
CA GLU E 2768 59.01 -119.79 30.28
C GLU E 2768 60.32 -119.08 29.95
N LYS E 2769 61.46 -119.69 30.24
CA LYS E 2769 62.74 -119.13 29.80
C LYS E 2769 62.90 -119.21 28.30
N GLU E 2770 62.50 -120.34 27.70
CA GLU E 2770 62.73 -120.60 26.28
C GLU E 2770 61.98 -119.65 25.36
N ILE E 2771 60.93 -118.97 25.87
CA ILE E 2771 60.27 -117.93 25.10
C ILE E 2771 61.23 -116.77 24.83
N TYR E 2772 61.88 -116.28 25.89
CA TYR E 2772 62.88 -115.23 25.73
C TYR E 2772 64.29 -115.76 25.54
N ARG E 2773 64.52 -117.05 25.76
CA ARG E 2773 65.78 -117.65 25.30
C ARG E 2773 65.78 -117.88 23.79
N TRP E 2774 64.60 -117.98 23.17
CA TRP E 2774 64.51 -118.43 21.78
C TRP E 2774 65.16 -117.46 20.77
N PRO E 2775 64.88 -116.14 20.75
CA PRO E 2775 65.59 -115.32 19.75
C PRO E 2775 67.06 -115.12 20.07
N ILE E 2776 67.43 -115.11 21.36
CA ILE E 2776 68.82 -114.93 21.74
C ILE E 2776 69.64 -116.18 21.38
N LYS E 2777 69.09 -117.36 21.64
CA LYS E 2777 69.79 -118.59 21.27
C LYS E 2777 69.83 -118.78 19.77
N GLU E 2778 68.75 -118.45 19.06
CA GLU E 2778 68.75 -118.61 17.62
C GLU E 2778 69.43 -117.45 16.89
N SER E 2779 69.93 -116.45 17.64
CA SER E 2779 70.93 -115.53 17.13
C SER E 2779 72.36 -115.94 17.50
N LEU E 2780 72.54 -116.60 18.65
CA LEU E 2780 73.83 -117.21 18.98
C LEU E 2780 74.18 -118.32 18.00
N LYS E 2781 73.17 -119.07 17.55
CA LYS E 2781 73.41 -120.09 16.52
C LYS E 2781 73.75 -119.49 15.18
N THR E 2782 73.40 -118.22 14.94
CA THR E 2782 73.83 -117.54 13.71
C THR E 2782 75.23 -116.95 13.87
N MET E 2783 75.53 -116.41 15.05
CA MET E 2783 76.87 -115.85 15.28
C MET E 2783 77.93 -116.94 15.37
N LEU E 2784 77.56 -118.14 15.79
CA LEU E 2784 78.48 -119.26 15.83
C LEU E 2784 78.53 -120.04 14.52
N ALA E 2785 77.88 -119.54 13.47
CA ALA E 2785 77.76 -120.29 12.23
C ALA E 2785 78.90 -120.03 11.26
N TRP E 2786 79.24 -118.76 11.03
CA TRP E 2786 80.14 -118.38 9.94
C TRP E 2786 81.61 -118.69 10.21
N GLY E 2787 81.95 -119.23 11.38
CA GLY E 2787 83.34 -119.54 11.67
C GLY E 2787 83.99 -118.53 12.59
N TRP E 2788 83.28 -118.13 13.64
CA TRP E 2788 83.74 -117.12 14.57
C TRP E 2788 84.16 -117.77 15.87
N ARG E 2789 85.22 -117.23 16.48
CA ARG E 2789 85.88 -117.86 17.62
C ARG E 2789 85.80 -116.97 18.84
N ILE E 2790 85.15 -117.44 19.89
CA ILE E 2790 85.12 -116.80 21.20
C ILE E 2790 85.68 -117.83 22.18
N GLU E 2791 86.99 -117.82 22.38
CA GLU E 2791 87.68 -118.86 23.13
C GLU E 2791 88.07 -118.35 24.52
N ARG E 2792 88.87 -119.15 25.23
CA ARG E 2792 89.16 -118.91 26.64
C ARG E 2792 90.11 -117.74 26.85
N THR E 2793 89.72 -116.85 27.76
CA THR E 2793 90.59 -115.81 28.33
C THR E 2793 90.26 -115.74 29.82
N ARG E 2794 90.64 -114.63 30.43
CA ARG E 2794 90.38 -114.38 31.85
C ARG E 2794 88.88 -114.25 32.12
N GLU E 2795 88.53 -114.40 33.39
CA GLU E 2795 87.16 -114.19 33.84
C GLU E 2795 87.02 -112.80 34.48
N GLY E 2796 85.81 -112.47 34.91
CA GLY E 2796 85.52 -111.16 35.46
C GLY E 2796 84.29 -111.21 36.35
N ASP E 2797 83.45 -110.17 36.24
CA ASP E 2797 82.20 -110.12 36.99
C ASP E 2797 81.06 -110.77 36.22
N ALA E 2818 64.79 -98.97 44.22
CA ALA E 2818 64.42 -100.31 43.80
C ALA E 2818 62.90 -100.48 43.84
N ALA E 2819 62.43 -101.70 43.64
CA ALA E 2819 61.00 -101.99 43.58
C ALA E 2819 60.77 -103.45 43.96
N HIS E 2820 59.55 -103.93 43.70
CA HIS E 2820 59.11 -105.28 44.01
C HIS E 2820 59.11 -106.12 42.74
N GLY E 2821 59.29 -107.44 42.91
CA GLY E 2821 59.36 -108.33 41.77
C GLY E 2821 60.70 -109.02 41.68
N TYR E 2822 61.52 -108.63 40.70
CA TYR E 2822 62.87 -109.13 40.55
C TYR E 2822 63.84 -107.97 40.52
N SER E 2823 64.56 -107.77 41.63
CA SER E 2823 65.55 -106.71 41.78
C SER E 2823 66.93 -107.28 41.49
N PRO E 2824 67.51 -107.00 40.32
CA PRO E 2824 68.70 -107.73 39.89
C PRO E 2824 69.98 -107.16 40.46
N ARG E 2825 71.03 -107.98 40.42
CA ARG E 2825 72.40 -107.51 40.62
C ARG E 2825 73.07 -107.23 39.28
N ALA E 2826 72.42 -106.41 38.46
CA ALA E 2826 72.79 -106.28 37.06
C ALA E 2826 74.01 -105.38 36.88
N ILE E 2827 74.95 -105.85 36.06
CA ILE E 2827 76.02 -104.99 35.57
C ILE E 2827 75.42 -104.00 34.60
N ASP E 2828 75.91 -102.76 34.63
CA ASP E 2828 75.42 -101.72 33.73
C ASP E 2828 75.86 -102.06 32.32
N MET E 2829 74.93 -102.58 31.53
CA MET E 2829 75.18 -103.04 30.17
C MET E 2829 75.03 -101.95 29.14
N SER E 2830 75.26 -100.69 29.52
CA SER E 2830 74.93 -99.55 28.69
C SER E 2830 76.15 -98.79 28.17
N ASN E 2831 77.35 -99.06 28.69
CA ASN E 2831 78.50 -98.23 28.32
C ASN E 2831 79.74 -99.06 28.01
N VAL E 2832 79.59 -100.12 27.21
CA VAL E 2832 80.70 -101.01 26.84
C VAL E 2832 80.77 -101.05 25.32
N THR E 2833 81.96 -100.83 24.76
CA THR E 2833 82.10 -100.62 23.32
C THR E 2833 83.34 -101.34 22.80
N LEU E 2834 83.18 -102.04 21.67
CA LEU E 2834 84.25 -102.79 21.03
C LEU E 2834 84.99 -101.89 20.04
N SER E 2835 85.78 -102.50 19.14
CA SER E 2835 86.61 -101.82 18.15
C SER E 2835 86.02 -102.00 16.74
N ARG E 2836 86.81 -101.62 15.73
CA ARG E 2836 86.29 -101.35 14.38
C ARG E 2836 85.75 -102.60 13.70
N ASP E 2837 86.60 -103.62 13.48
CA ASP E 2837 86.14 -104.83 12.80
C ASP E 2837 85.19 -105.65 13.66
N LEU E 2838 85.28 -105.49 14.99
CA LEU E 2838 84.35 -106.13 15.90
C LEU E 2838 82.94 -105.55 15.73
N HIS E 2839 82.83 -104.23 15.63
CA HIS E 2839 81.55 -103.63 15.28
C HIS E 2839 81.19 -103.84 13.82
N ALA E 2840 82.15 -104.18 12.95
CA ALA E 2840 81.78 -104.60 11.60
C ALA E 2840 81.08 -105.94 11.62
N MET E 2841 81.57 -106.86 12.46
CA MET E 2841 80.87 -108.12 12.71
C MET E 2841 79.49 -107.88 13.31
N ALA E 2842 79.40 -106.97 14.27
CA ALA E 2842 78.12 -106.65 14.90
C ALA E 2842 77.15 -105.98 13.93
N GLU E 2843 77.66 -105.17 12.98
CA GLU E 2843 76.82 -104.54 11.99
C GLU E 2843 76.34 -105.55 10.94
N MET E 2844 77.21 -106.50 10.57
CA MET E 2844 76.77 -107.59 9.69
C MET E 2844 75.70 -108.45 10.35
N MET E 2845 75.83 -108.72 11.65
CA MET E 2845 74.78 -109.46 12.33
C MET E 2845 73.53 -108.64 12.58
N ALA E 2846 73.65 -107.30 12.68
CA ALA E 2846 72.47 -106.45 12.74
C ALA E 2846 71.74 -106.45 11.41
N GLU E 2847 72.48 -106.48 10.30
CA GLU E 2847 71.85 -106.64 8.99
C GLU E 2847 71.25 -108.03 8.82
N ASN E 2848 71.86 -109.04 9.44
CA ASN E 2848 71.26 -110.38 9.46
C ASN E 2848 69.94 -110.39 10.23
N TYR E 2849 69.92 -109.73 11.40
CA TYR E 2849 68.69 -109.63 12.20
C TYR E 2849 67.61 -108.87 11.43
N HIS E 2850 68.00 -107.77 10.77
CA HIS E 2850 67.04 -106.98 10.01
C HIS E 2850 66.54 -107.73 8.78
N ASN E 2851 67.39 -108.53 8.14
CA ASN E 2851 66.94 -109.30 6.98
C ASN E 2851 66.07 -110.48 7.38
N ILE E 2852 66.33 -111.10 8.55
CA ILE E 2852 65.42 -112.12 9.06
C ILE E 2852 64.09 -111.51 9.47
N TRP E 2853 64.12 -110.32 10.09
CA TRP E 2853 62.88 -109.65 10.50
C TRP E 2853 62.12 -109.12 9.29
N ALA E 2854 62.84 -108.73 8.23
CA ALA E 2854 62.18 -108.31 7.00
C ALA E 2854 61.61 -109.50 6.24
N LYS E 2855 62.30 -110.65 6.29
CA LYS E 2855 61.72 -111.87 5.74
C LYS E 2855 60.50 -112.31 6.54
N LYS E 2856 60.53 -112.12 7.87
CA LYS E 2856 59.39 -112.43 8.71
C LYS E 2856 58.22 -111.51 8.41
N LYS E 2857 58.49 -110.21 8.21
CA LYS E 2857 57.44 -109.26 7.92
C LYS E 2857 56.89 -109.42 6.50
N LYS E 2858 57.75 -109.78 5.54
CA LYS E 2858 57.34 -109.97 4.15
C LYS E 2858 56.77 -111.36 3.87
N LEU E 2859 56.92 -112.30 4.80
CA LEU E 2859 56.16 -113.54 4.76
C LEU E 2859 55.04 -113.53 5.78
N GLU E 2860 54.93 -112.45 6.55
CA GLU E 2860 53.80 -112.15 7.41
C GLU E 2860 52.72 -111.36 6.68
N LEU E 2861 53.12 -110.50 5.74
CA LEU E 2861 52.17 -109.70 4.98
C LEU E 2861 51.84 -110.28 3.62
N GLU E 2862 52.53 -111.33 3.20
CA GLU E 2862 52.16 -112.09 2.00
C GLU E 2862 51.33 -113.32 2.33
N SER E 2863 50.68 -113.35 3.49
CA SER E 2863 49.81 -114.46 3.88
C SER E 2863 48.33 -114.10 3.81
N LYS E 2864 47.98 -112.95 3.23
CA LYS E 2864 46.60 -112.47 3.19
C LYS E 2864 46.03 -112.40 1.77
N GLY E 2865 46.72 -111.71 0.86
CA GLY E 2865 46.22 -111.52 -0.48
C GLY E 2865 46.03 -110.07 -0.87
N GLY E 2866 46.84 -109.18 -0.29
CA GLY E 2866 46.77 -107.76 -0.60
C GLY E 2866 48.08 -107.20 -1.13
N GLY E 2867 48.45 -106.01 -0.66
CA GLY E 2867 49.69 -105.38 -1.09
C GLY E 2867 50.84 -105.61 -0.14
N ASN E 2868 51.48 -104.54 0.32
CA ASN E 2868 52.57 -104.61 1.28
C ASN E 2868 52.50 -103.38 2.18
N HIS E 2869 53.57 -103.13 2.93
CA HIS E 2869 53.88 -102.00 3.78
C HIS E 2869 55.07 -101.23 3.20
N PRO E 2870 55.06 -99.90 3.16
CA PRO E 2870 56.03 -99.16 2.34
C PRO E 2870 57.42 -99.01 2.93
N LEU E 2871 57.81 -99.77 3.96
CA LEU E 2871 59.18 -99.69 4.48
C LEU E 2871 60.12 -100.68 3.82
N LEU E 2872 59.71 -101.31 2.72
CA LEU E 2872 60.48 -102.39 2.11
C LEU E 2872 61.43 -101.80 1.05
N VAL E 2873 62.38 -101.01 1.53
CA VAL E 2873 63.26 -100.19 0.70
C VAL E 2873 64.68 -100.78 0.79
N PRO E 2874 65.66 -100.32 -0.01
CA PRO E 2874 67.05 -100.77 0.21
C PRO E 2874 67.59 -100.43 1.59
N TYR E 2875 68.58 -101.22 2.01
CA TYR E 2875 69.07 -101.24 3.39
C TYR E 2875 69.77 -99.95 3.81
N ASP E 2876 70.23 -99.15 2.85
CA ASP E 2876 70.85 -97.86 3.11
C ASP E 2876 69.88 -96.70 2.92
N THR E 2877 68.57 -96.94 3.08
CA THR E 2877 67.51 -95.94 3.02
C THR E 2877 66.49 -96.13 4.14
N LEU E 2878 66.95 -96.39 5.36
CA LEU E 2878 66.09 -96.72 6.48
C LEU E 2878 66.44 -95.87 7.71
N THR E 2879 65.67 -96.09 8.78
CA THR E 2879 65.85 -95.38 10.04
C THR E 2879 66.79 -96.17 10.96
N ALA E 2880 66.86 -95.78 12.23
CA ALA E 2880 67.86 -96.32 13.15
C ALA E 2880 67.31 -97.10 14.33
N LYS E 2881 66.05 -96.87 14.73
CA LYS E 2881 65.51 -97.49 15.94
C LYS E 2881 65.32 -99.00 15.76
N GLU E 2882 64.82 -99.41 14.58
CA GLU E 2882 64.72 -100.83 14.26
C GLU E 2882 66.10 -101.47 14.14
N LYS E 2883 67.10 -100.70 13.74
CA LYS E 2883 68.47 -101.18 13.75
C LYS E 2883 69.14 -101.02 15.11
N ALA E 2884 68.68 -100.08 15.95
CA ALA E 2884 69.23 -99.97 17.30
C ALA E 2884 68.79 -101.12 18.19
N LYS E 2885 67.55 -101.61 18.02
CA LYS E 2885 67.09 -102.77 18.77
C LYS E 2885 67.89 -104.02 18.39
N ASP E 2886 68.14 -104.21 17.09
CA ASP E 2886 68.97 -105.31 16.63
C ASP E 2886 70.43 -105.13 17.05
N ARG E 2887 70.88 -103.87 17.15
CA ARG E 2887 72.22 -103.57 17.64
C ARG E 2887 72.37 -103.98 19.11
N GLU E 2888 71.37 -103.66 19.94
CA GLU E 2888 71.41 -104.09 21.33
C GLU E 2888 71.32 -105.61 21.46
N LYS E 2889 70.52 -106.28 20.62
CA LYS E 2889 70.45 -107.75 20.69
C LYS E 2889 71.76 -108.40 20.24
N ALA E 2890 72.41 -107.82 19.23
CA ALA E 2890 73.70 -108.35 18.79
C ALA E 2890 74.80 -108.08 19.80
N GLN E 2891 74.76 -106.93 20.47
CA GLN E 2891 75.89 -106.47 21.24
C GLN E 2891 75.74 -106.64 22.74
N ASP E 2892 74.59 -107.12 23.24
CA ASP E 2892 74.55 -107.47 24.66
C ASP E 2892 75.36 -108.72 24.95
N ILE E 2893 75.56 -109.57 23.95
CA ILE E 2893 76.54 -110.64 24.04
C ILE E 2893 77.94 -110.06 24.13
N LEU E 2894 78.24 -109.09 23.25
CA LEU E 2894 79.59 -108.59 23.05
C LEU E 2894 80.05 -107.72 24.21
N LYS E 2895 79.16 -106.89 24.75
CA LYS E 2895 79.45 -106.10 25.94
C LYS E 2895 79.74 -107.01 27.13
N PHE E 2896 78.98 -108.09 27.26
CA PHE E 2896 79.17 -109.03 28.36
C PHE E 2896 80.47 -109.82 28.19
N LEU E 2897 80.87 -110.09 26.94
CA LEU E 2897 82.17 -110.71 26.67
C LEU E 2897 83.31 -109.76 27.02
N GLN E 2898 83.18 -108.48 26.68
CA GLN E 2898 84.26 -107.54 26.97
C GLN E 2898 84.33 -107.19 28.46
N ILE E 2899 83.19 -107.26 29.16
CA ILE E 2899 83.20 -107.11 30.61
C ILE E 2899 83.88 -108.31 31.27
N ASN E 2900 83.49 -109.52 30.89
CA ASN E 2900 84.08 -110.71 31.49
C ASN E 2900 85.49 -111.00 30.99
N GLY E 2901 85.94 -110.34 29.92
CA GLY E 2901 87.27 -110.53 29.42
C GLY E 2901 87.41 -111.40 28.19
N TYR E 2902 86.30 -111.84 27.60
CA TYR E 2902 86.32 -112.66 26.40
C TYR E 2902 86.42 -111.74 25.18
N ALA E 2903 87.43 -111.97 24.35
CA ALA E 2903 87.66 -111.12 23.18
C ALA E 2903 86.91 -111.63 21.97
N VAL E 2904 86.69 -110.73 21.01
CA VAL E 2904 86.00 -111.03 19.76
C VAL E 2904 86.99 -110.83 18.62
N SER E 2905 87.12 -111.82 17.75
CA SER E 2905 87.96 -111.71 16.56
C SER E 2905 87.23 -112.29 15.36
N ARG E 2906 87.97 -112.46 14.26
CA ARG E 2906 87.37 -112.92 13.02
C ARG E 2906 87.26 -114.43 12.92
N GLY E 2907 88.24 -115.17 13.42
CA GLY E 2907 88.19 -116.62 13.42
C GLY E 2907 88.36 -117.26 12.05
N TYR E 2982 91.00 -92.57 -0.84
CA TYR E 2982 91.85 -93.48 -0.08
C TYR E 2982 93.13 -93.78 -0.83
N PHE E 2983 93.80 -94.87 -0.43
CA PHE E 2983 95.02 -95.30 -1.11
C PHE E 2983 94.81 -96.54 -1.97
N LEU E 2984 93.64 -97.19 -1.86
CA LEU E 2984 93.40 -98.42 -2.62
C LEU E 2984 93.24 -98.15 -4.11
N SER E 2985 92.83 -96.93 -4.47
CA SER E 2985 92.73 -96.56 -5.88
C SER E 2985 94.10 -96.52 -6.54
N ALA E 2986 95.05 -95.83 -5.92
CA ALA E 2986 96.41 -95.80 -6.45
C ALA E 2986 97.11 -97.15 -6.27
N ALA E 2987 96.70 -97.96 -5.29
CA ALA E 2987 97.27 -99.30 -5.16
C ALA E 2987 96.82 -100.21 -6.30
N SER E 2988 95.53 -100.18 -6.64
CA SER E 2988 95.01 -100.97 -7.75
C SER E 2988 95.23 -100.33 -9.10
N ARG E 2989 95.74 -99.09 -9.13
CA ARG E 2989 96.12 -98.47 -10.41
C ARG E 2989 97.24 -99.22 -11.12
N PRO E 2990 98.20 -99.83 -10.42
CA PRO E 2990 99.12 -100.73 -11.11
C PRO E 2990 98.44 -102.00 -11.59
N LEU E 2991 97.48 -102.53 -10.82
CA LEU E 2991 96.72 -103.70 -11.25
C LEU E 2991 95.85 -103.36 -12.45
N CYS E 2992 95.17 -102.22 -12.41
CA CYS E 2992 94.39 -101.77 -13.56
C CYS E 2992 95.27 -101.47 -14.76
N SER E 2993 96.49 -100.98 -14.54
CA SER E 2993 97.40 -100.70 -15.64
C SER E 2993 97.92 -101.98 -16.28
N GLY E 2994 98.23 -102.98 -15.46
CA GLY E 2994 98.65 -104.26 -16.00
C GLY E 2994 97.54 -104.97 -16.74
N GLY E 2995 96.31 -104.88 -16.22
CA GLY E 2995 95.16 -105.41 -16.94
C GLY E 2995 94.90 -104.67 -18.24
N HIS E 2996 95.12 -103.35 -18.25
CA HIS E 2996 94.90 -102.58 -19.47
C HIS E 2996 95.96 -102.90 -20.52
N ALA E 2997 97.20 -103.15 -20.09
CA ALA E 2997 98.23 -103.54 -21.04
C ALA E 2997 97.98 -104.95 -21.58
N SER E 2998 97.55 -105.87 -20.71
CA SER E 2998 97.26 -107.23 -21.14
C SER E 2998 96.02 -107.28 -22.03
N ASN E 2999 95.10 -106.33 -21.88
CA ASN E 2999 93.97 -106.23 -22.81
C ASN E 2999 94.38 -105.58 -24.11
N LYS E 3000 95.21 -104.53 -24.04
CA LYS E 3000 95.64 -103.79 -25.22
C LYS E 3000 96.71 -104.52 -26.03
N GLU E 3001 97.20 -105.66 -25.55
CA GLU E 3001 98.07 -106.47 -26.38
C GLU E 3001 97.31 -107.09 -27.56
N LYS E 3002 96.07 -107.52 -27.33
CA LYS E 3002 95.29 -108.25 -28.34
C LYS E 3002 93.85 -107.73 -28.39
N GLU E 3003 93.68 -106.42 -28.47
CA GLU E 3003 92.37 -105.78 -28.44
C GLU E 3003 91.81 -105.49 -29.83
N MET E 3004 92.08 -106.35 -30.81
CA MET E 3004 91.73 -106.08 -32.20
C MET E 3004 90.40 -106.70 -32.60
N VAL E 3005 89.42 -106.73 -31.69
CA VAL E 3005 88.09 -107.26 -31.99
C VAL E 3005 87.11 -106.14 -32.29
N PHE E 3009 85.43 -105.35 -29.24
CA PHE E 3009 84.65 -104.20 -28.81
C PHE E 3009 85.15 -103.67 -27.47
N CYS E 3010 86.31 -104.17 -27.05
CA CYS E 3010 86.94 -103.74 -25.81
C CYS E 3010 87.85 -102.52 -26.00
N LYS E 3011 87.83 -101.89 -27.17
CA LYS E 3011 88.52 -100.63 -27.35
C LYS E 3011 87.83 -99.49 -26.62
N LEU E 3012 86.54 -99.64 -26.29
CA LEU E 3012 85.90 -98.76 -25.34
C LEU E 3012 86.55 -98.88 -23.96
N GLY E 3013 87.03 -100.08 -23.61
CA GLY E 3013 87.86 -100.21 -22.43
C GLY E 3013 89.19 -99.48 -22.54
N VAL E 3014 89.73 -99.37 -23.76
CA VAL E 3014 90.96 -98.61 -23.95
C VAL E 3014 90.70 -97.11 -23.79
N LEU E 3015 89.55 -96.64 -24.29
CA LEU E 3015 89.16 -95.26 -24.05
C LEU E 3015 88.87 -95.00 -22.57
N VAL E 3016 88.31 -96.00 -21.88
CA VAL E 3016 88.06 -95.87 -20.44
C VAL E 3016 89.38 -95.85 -19.68
N ARG E 3017 90.38 -96.60 -20.16
CA ARG E 3017 91.69 -96.58 -19.51
C ARG E 3017 92.42 -95.27 -19.75
N HIS E 3018 92.27 -94.70 -20.95
CA HIS E 3018 92.79 -93.36 -21.21
C HIS E 3018 92.12 -92.31 -20.34
N ARG E 3019 90.81 -92.46 -20.14
CA ARG E 3019 90.07 -91.53 -19.28
C ARG E 3019 90.44 -91.71 -17.82
N ILE E 3020 90.72 -92.94 -17.39
CA ILE E 3020 91.12 -93.18 -16.01
C ILE E 3020 92.53 -92.66 -15.77
N SER E 3021 93.41 -92.74 -16.79
CA SER E 3021 94.74 -92.18 -16.65
C SER E 3021 94.71 -90.65 -16.65
N LEU E 3022 93.80 -90.05 -17.43
CA LEU E 3022 93.62 -88.61 -17.36
C LEU E 3022 93.00 -88.18 -16.03
N PHE E 3023 92.14 -89.01 -15.46
CA PHE E 3023 91.58 -88.72 -14.14
C PHE E 3023 92.64 -88.82 -13.06
N GLY E 3024 93.52 -89.82 -13.16
CA GLY E 3024 94.65 -89.90 -12.25
C GLY E 3024 95.64 -88.78 -12.45
N ASN E 3025 95.74 -88.26 -13.68
CA ASN E 3025 96.51 -87.05 -13.92
C ASN E 3025 95.87 -85.85 -13.24
N ASP E 3026 94.54 -85.80 -13.23
CA ASP E 3026 93.84 -84.78 -12.46
C ASP E 3026 93.93 -85.02 -10.96
N ALA E 3027 94.32 -86.23 -10.53
CA ALA E 3027 94.37 -86.57 -9.11
C ALA E 3027 95.72 -87.12 -8.65
N THR E 3028 96.82 -86.78 -9.32
CA THR E 3028 98.13 -87.28 -8.94
C THR E 3028 98.71 -86.50 -7.77
N LEU E 3034 106.88 -93.34 -6.00
CA LEU E 3034 106.24 -93.57 -7.29
C LEU E 3034 106.41 -95.02 -7.73
N HIS E 3035 106.08 -95.96 -6.84
CA HIS E 3035 106.09 -97.37 -7.21
C HIS E 3035 104.94 -97.68 -8.16
N ILE E 3036 103.71 -97.36 -7.76
CA ILE E 3036 102.56 -97.54 -8.63
C ILE E 3036 102.57 -96.53 -9.77
N LEU E 3037 103.11 -95.32 -9.54
CA LEU E 3037 103.17 -94.32 -10.59
C LEU E 3037 104.23 -94.66 -11.64
N GLY E 3038 105.41 -95.11 -11.20
CA GLY E 3038 106.40 -95.60 -12.15
C GLY E 3038 105.95 -96.87 -12.85
N GLN E 3039 105.20 -97.73 -12.15
CA GLN E 3039 104.61 -98.90 -12.79
C GLN E 3039 103.57 -98.51 -13.83
N THR E 3040 102.82 -97.43 -13.57
CA THR E 3040 101.84 -96.95 -14.55
C THR E 3040 102.52 -96.32 -15.75
N LEU E 3041 103.65 -95.64 -15.55
CA LEU E 3041 104.39 -95.08 -16.68
C LEU E 3041 105.02 -96.18 -17.52
N ASP E 3042 105.54 -97.22 -16.86
CA ASP E 3042 106.09 -98.37 -17.59
C ASP E 3042 104.99 -99.13 -18.32
N ALA E 3043 103.80 -99.23 -17.72
CA ALA E 3043 102.67 -99.87 -18.39
C ALA E 3043 102.14 -99.02 -19.54
N ARG E 3044 102.26 -97.69 -19.44
CA ARG E 3044 101.91 -96.82 -20.56
C ARG E 3044 102.88 -97.03 -21.71
N THR E 3045 104.17 -97.17 -21.41
CA THR E 3045 105.15 -97.49 -22.45
C THR E 3045 104.91 -98.87 -23.05
N VAL E 3046 104.52 -99.84 -22.22
CA VAL E 3046 104.30 -101.20 -22.69
C VAL E 3046 103.04 -101.28 -23.55
N MET E 3047 102.01 -100.50 -23.20
CA MET E 3047 100.80 -100.48 -24.02
C MET E 3047 101.01 -99.68 -25.30
N LYS E 3048 101.87 -98.65 -25.25
CA LYS E 3048 102.23 -97.93 -26.47
C LYS E 3048 103.07 -98.79 -27.41
N THR E 3049 103.81 -99.76 -26.85
CA THR E 3049 104.53 -100.71 -27.69
C THR E 3049 103.70 -101.93 -28.06
N GLY E 3050 102.76 -102.34 -27.20
CA GLY E 3050 101.99 -103.54 -27.48
C GLY E 3050 100.90 -103.34 -28.53
N LEU E 3051 100.35 -102.14 -28.61
CA LEU E 3051 99.37 -101.78 -29.62
C LEU E 3051 100.02 -100.94 -30.72
N GLU E 3052 101.32 -101.12 -30.91
CA GLU E 3052 102.04 -100.35 -31.92
C GLU E 3052 101.96 -101.00 -33.29
N SER E 3053 101.75 -102.32 -33.33
CA SER E 3053 101.67 -103.01 -34.61
C SER E 3053 100.33 -102.83 -35.30
N VAL E 3054 99.26 -102.62 -34.53
CA VAL E 3054 97.92 -102.45 -35.09
C VAL E 3054 97.58 -100.97 -35.17
N LYS E 3055 98.58 -100.11 -35.02
CA LYS E 3055 98.39 -98.67 -35.12
C LYS E 3055 98.95 -98.15 -36.44
N PHE E 3061 91.03 -100.32 -32.03
CA PHE E 3061 90.04 -100.48 -33.09
C PHE E 3061 89.95 -99.22 -33.93
N LEU E 3062 88.85 -98.49 -33.81
CA LEU E 3062 88.63 -97.24 -34.54
C LEU E 3062 88.71 -96.00 -33.65
N ASP E 3063 87.98 -95.99 -32.53
CA ASP E 3063 88.10 -94.89 -31.59
C ASP E 3063 89.42 -94.94 -30.84
N ASN E 3064 90.03 -96.12 -30.75
CA ASN E 3064 91.36 -96.22 -30.17
C ASN E 3064 92.42 -95.57 -31.06
N ALA E 3065 92.18 -95.54 -32.38
CA ALA E 3065 93.14 -94.92 -33.31
C ALA E 3065 93.21 -93.41 -33.14
N ALA E 3066 92.16 -92.79 -32.61
CA ALA E 3066 92.22 -91.38 -32.24
C ALA E 3066 92.51 -91.18 -30.75
N GLU E 3067 92.15 -92.15 -29.91
CA GLU E 3067 92.33 -92.05 -28.48
C GLU E 3067 93.74 -92.38 -28.01
N ASP E 3068 94.55 -93.03 -28.85
CA ASP E 3068 95.93 -93.32 -28.47
C ASP E 3068 96.77 -92.05 -28.38
N LEU E 3069 96.51 -91.07 -29.25
CA LEU E 3069 97.19 -89.80 -29.17
C LEU E 3069 96.84 -89.07 -27.88
N GLU E 3070 95.57 -89.08 -27.49
CA GLU E 3070 95.13 -88.42 -26.26
C GLU E 3070 95.69 -89.11 -25.03
N LYS E 3071 95.72 -90.45 -25.05
CA LYS E 3071 96.27 -91.21 -23.92
C LYS E 3071 97.77 -90.97 -23.77
N THR E 3072 98.51 -90.98 -24.87
CA THR E 3072 99.95 -90.77 -24.81
C THR E 3072 100.28 -89.34 -24.41
N MET E 3073 99.47 -88.37 -24.87
CA MET E 3073 99.70 -86.98 -24.49
C MET E 3073 99.38 -86.73 -23.02
N GLU E 3074 98.32 -87.37 -22.51
CA GLU E 3074 97.99 -87.24 -21.10
C GLU E 3074 99.05 -87.90 -20.22
N ASN E 3075 99.58 -89.04 -20.65
CA ASN E 3075 100.64 -89.68 -19.88
C ASN E 3075 101.95 -88.88 -19.94
N LEU E 3076 102.21 -88.22 -21.07
CA LEU E 3076 103.41 -87.39 -21.17
C LEU E 3076 103.29 -86.13 -20.30
N LYS E 3077 102.09 -85.55 -20.23
CA LYS E 3077 101.89 -84.40 -19.35
C LYS E 3077 101.90 -84.80 -17.88
N GLN E 3078 101.40 -86.00 -17.56
CA GLN E 3078 101.35 -86.47 -16.18
C GLN E 3078 102.64 -87.15 -15.74
N GLY E 3079 103.61 -87.31 -16.65
CA GLY E 3079 104.86 -87.95 -16.28
C GLY E 3079 105.68 -87.14 -15.28
N GLN E 3080 105.51 -85.82 -15.28
CA GLN E 3080 106.16 -84.96 -14.30
C GLN E 3080 105.30 -84.68 -13.08
N PHE E 3081 104.00 -85.02 -13.14
CA PHE E 3081 103.12 -84.83 -11.99
C PHE E 3081 103.20 -85.97 -10.98
N THR E 3082 103.92 -87.04 -11.30
CA THR E 3082 104.06 -88.18 -10.40
C THR E 3082 105.16 -87.95 -9.37
N THR E 3098 114.85 -96.06 -13.56
CA THR E 3098 114.28 -95.05 -14.43
C THR E 3098 115.25 -94.69 -15.55
N THR E 3099 116.34 -95.44 -15.67
CA THR E 3099 117.36 -95.20 -16.68
C THR E 3099 117.29 -96.22 -17.81
N VAL E 3100 116.27 -97.07 -17.81
CA VAL E 3100 116.09 -98.07 -18.86
C VAL E 3100 115.12 -97.57 -19.93
N ALA E 3101 114.94 -96.25 -20.02
CA ALA E 3101 113.99 -95.66 -20.97
C ALA E 3101 114.45 -95.76 -22.41
N LEU E 3102 115.68 -96.21 -22.66
CA LEU E 3102 116.11 -96.49 -24.02
C LEU E 3102 115.39 -97.71 -24.59
N LEU E 3103 114.95 -98.65 -23.72
CA LEU E 3103 114.16 -99.79 -24.20
C LEU E 3103 112.78 -99.36 -24.67
N PRO E 3104 112.00 -98.61 -23.90
CA PRO E 3104 110.75 -98.05 -24.44
C PRO E 3104 110.97 -97.00 -25.51
N MET E 3105 112.16 -96.37 -25.55
CA MET E 3105 112.47 -95.44 -26.63
C MET E 3105 112.67 -96.16 -27.95
N LEU E 3106 113.36 -97.31 -27.93
CA LEU E 3106 113.45 -98.14 -29.12
C LEU E 3106 112.12 -98.77 -29.47
N SER E 3107 111.28 -99.03 -28.45
CA SER E 3107 109.92 -99.51 -28.69
C SER E 3107 109.08 -98.47 -29.43
N SER E 3108 109.15 -97.21 -28.99
CA SER E 3108 108.48 -96.13 -29.70
C SER E 3108 109.13 -95.81 -31.04
N LEU E 3109 110.42 -96.12 -31.19
CA LEU E 3109 111.08 -95.99 -32.49
C LEU E 3109 110.52 -97.00 -33.49
N PHE E 3110 110.36 -98.25 -33.05
CA PHE E 3110 109.69 -99.24 -33.90
C PHE E 3110 108.21 -98.91 -34.10
N GLU E 3111 107.59 -98.26 -33.12
CA GLU E 3111 106.20 -97.82 -33.26
C GLU E 3111 106.07 -96.75 -34.34
N HIS E 3112 106.96 -95.76 -34.34
CA HIS E 3112 106.94 -94.73 -35.36
C HIS E 3112 107.38 -95.28 -36.71
N ILE E 3113 108.20 -96.34 -36.72
CA ILE E 3113 108.56 -97.00 -37.97
C ILE E 3113 107.36 -97.77 -38.52
N GLY E 3114 106.51 -98.29 -37.64
CA GLY E 3114 105.26 -98.92 -38.05
C GLY E 3114 104.13 -97.96 -38.31
N GLN E 3115 104.28 -96.70 -37.92
CA GLN E 3115 103.30 -95.66 -38.19
C GLN E 3115 103.70 -94.73 -39.33
N HIS E 3116 104.95 -94.80 -39.79
CA HIS E 3116 105.39 -93.95 -40.88
C HIS E 3116 104.79 -94.38 -42.20
N GLN E 3117 105.07 -95.62 -42.63
CA GLN E 3117 104.46 -96.14 -43.84
C GLN E 3117 103.09 -96.75 -43.58
N PHE E 3118 102.59 -96.68 -42.35
CA PHE E 3118 101.25 -97.17 -42.03
C PHE E 3118 100.66 -96.37 -40.88
N LEU E 3124 95.10 -89.40 -43.30
CA LEU E 3124 96.34 -89.11 -44.02
C LEU E 3124 97.26 -88.21 -43.21
N GLU E 3125 97.19 -88.33 -41.89
CA GLU E 3125 97.99 -87.51 -40.97
C GLU E 3125 98.58 -88.38 -39.86
N ASP E 3126 99.11 -89.55 -40.23
CA ASP E 3126 99.70 -90.44 -39.23
C ASP E 3126 101.17 -90.13 -39.01
N VAL E 3127 101.87 -89.60 -40.02
CA VAL E 3127 103.28 -89.26 -39.86
C VAL E 3127 103.43 -88.05 -38.93
N GLN E 3128 102.51 -87.08 -39.06
CA GLN E 3128 102.50 -85.96 -38.12
C GLN E 3128 102.08 -86.40 -36.72
N VAL E 3129 101.26 -87.45 -36.62
CA VAL E 3129 100.89 -87.99 -35.32
C VAL E 3129 102.09 -88.67 -34.66
N SER E 3130 102.89 -89.39 -35.45
CA SER E 3130 104.12 -89.98 -34.92
C SER E 3130 105.15 -88.91 -34.55
N CYS E 3131 105.21 -87.82 -35.32
CA CYS E 3131 106.12 -86.73 -35.00
C CYS E 3131 105.70 -86.01 -33.72
N TYR E 3132 104.40 -85.79 -33.54
CA TYR E 3132 103.92 -85.17 -32.31
C TYR E 3132 104.01 -86.11 -31.12
N ARG E 3133 103.92 -87.43 -31.34
CA ARG E 3133 104.15 -88.37 -30.25
C ARG E 3133 105.61 -88.39 -29.83
N ILE E 3134 106.53 -88.29 -30.80
CA ILE E 3134 107.94 -88.14 -30.47
C ILE E 3134 108.21 -86.81 -29.78
N LEU E 3135 107.46 -85.77 -30.16
CA LEU E 3135 107.56 -84.47 -29.47
C LEU E 3135 107.09 -84.58 -28.03
N THR E 3136 105.99 -85.31 -27.79
CA THR E 3136 105.50 -85.50 -26.43
C THR E 3136 106.45 -86.37 -25.61
N SER E 3137 107.09 -87.35 -26.25
CA SER E 3137 108.04 -88.20 -25.54
C SER E 3137 109.30 -87.43 -25.14
N LEU E 3138 109.86 -86.65 -26.08
CA LEU E 3138 111.04 -85.86 -25.76
C LEU E 3138 110.72 -84.71 -24.82
N TYR E 3139 109.48 -84.19 -24.86
CA TYR E 3139 109.10 -83.15 -23.91
C TYR E 3139 108.84 -83.73 -22.52
N ALA E 3140 108.33 -84.96 -22.44
CA ALA E 3140 108.13 -85.59 -21.14
C ALA E 3140 109.45 -86.01 -20.51
N LEU E 3141 110.40 -86.44 -21.35
CA LEU E 3141 111.76 -86.68 -20.85
C LEU E 3141 112.47 -85.39 -20.50
N GLY E 3142 112.12 -84.28 -21.16
CA GLY E 3142 112.73 -82.99 -20.86
C GLY E 3142 111.78 -82.00 -20.22
N THR E 3143 110.87 -82.50 -19.37
CA THR E 3143 109.98 -81.61 -18.65
C THR E 3143 110.64 -81.02 -17.42
N SER E 3144 111.71 -81.64 -16.93
CA SER E 3144 112.46 -81.13 -15.78
C SER E 3144 113.93 -81.52 -15.87
N VAL E 3149 122.62 -93.19 -23.86
CA VAL E 3149 122.22 -94.08 -24.94
C VAL E 3149 121.43 -93.31 -25.98
N GLU E 3150 121.85 -93.43 -27.24
CA GLU E 3150 121.30 -92.63 -28.34
C GLU E 3150 120.89 -93.53 -29.50
N ARG E 3151 120.18 -94.62 -29.18
CA ARG E 3151 119.66 -95.49 -30.23
C ARG E 3151 118.37 -94.92 -30.83
N GLN E 3152 117.52 -94.32 -30.00
CA GLN E 3152 116.25 -93.79 -30.50
C GLN E 3152 116.46 -92.55 -31.35
N ARG E 3153 117.45 -91.72 -31.00
CA ARG E 3153 117.79 -90.58 -31.83
C ARG E 3153 118.30 -91.03 -33.20
N SER E 3154 119.09 -92.10 -33.23
CA SER E 3154 119.56 -92.65 -34.49
C SER E 3154 118.42 -93.24 -35.31
N ALA E 3155 117.45 -93.89 -34.65
CA ALA E 3155 116.32 -94.47 -35.38
C ALA E 3155 115.39 -93.40 -35.93
N LEU E 3156 115.12 -92.35 -35.14
CA LEU E 3156 114.27 -91.25 -35.62
C LEU E 3156 114.97 -90.46 -36.72
N GLY E 3157 116.28 -90.26 -36.60
CA GLY E 3157 117.02 -89.62 -37.69
C GLY E 3157 117.11 -90.48 -38.93
N GLU E 3158 117.14 -91.81 -38.75
CA GLU E 3158 117.14 -92.72 -39.90
C GLU E 3158 115.81 -92.65 -40.64
N CYS E 3159 114.70 -92.67 -39.91
CA CYS E 3159 113.39 -92.52 -40.55
C CYS E 3159 113.21 -91.13 -41.15
N LEU E 3160 113.81 -90.09 -40.53
CA LEU E 3160 113.68 -88.74 -41.06
C LEU E 3160 114.45 -88.57 -42.35
N ALA E 3161 115.68 -89.09 -42.42
CA ALA E 3161 116.45 -89.03 -43.65
C ALA E 3161 115.94 -90.01 -44.70
N ALA E 3162 115.22 -91.06 -44.28
CA ALA E 3162 114.63 -91.99 -45.24
C ALA E 3162 113.38 -91.40 -45.87
N PHE E 3163 112.62 -90.63 -45.10
CA PHE E 3163 111.36 -90.09 -45.61
C PHE E 3163 111.45 -88.57 -45.74
N ALA E 3164 112.57 -88.08 -46.28
CA ALA E 3164 112.76 -86.65 -46.51
C ALA E 3164 112.48 -86.22 -47.94
N GLY E 3165 112.95 -86.99 -48.93
CA GLY E 3165 112.69 -86.63 -50.31
C GLY E 3165 111.32 -87.00 -50.82
N ALA E 3166 110.66 -87.97 -50.18
CA ALA E 3166 109.33 -88.40 -50.60
C ALA E 3166 108.33 -88.30 -49.45
N ALA E 3170 102.34 -83.46 -43.15
CA ALA E 3170 102.94 -84.35 -42.16
C ALA E 3170 104.46 -84.28 -42.22
N PHE E 3171 104.97 -83.61 -43.25
CA PHE E 3171 106.41 -83.42 -43.40
C PHE E 3171 106.89 -82.14 -42.71
N LEU E 3172 106.21 -81.03 -42.98
CA LEU E 3172 106.58 -79.76 -42.35
C LEU E 3172 106.27 -79.75 -40.86
N GLU E 3173 105.18 -80.43 -40.46
CA GLU E 3173 104.89 -80.61 -39.03
C GLU E 3173 105.94 -81.47 -38.36
N THR E 3174 106.48 -82.47 -39.07
CA THR E 3174 107.58 -83.24 -38.53
C THR E 3174 108.86 -82.41 -38.43
N HIS E 3175 109.07 -81.49 -39.39
CA HIS E 3175 110.25 -80.64 -39.38
C HIS E 3175 110.20 -79.64 -38.22
N LEU E 3176 109.03 -79.05 -37.98
CA LEU E 3176 108.87 -78.15 -36.85
C LEU E 3176 108.65 -78.89 -35.53
N ASP E 3177 108.40 -80.20 -35.57
CA ASP E 3177 108.31 -80.98 -34.34
C ASP E 3177 109.69 -81.48 -33.90
N LYS E 3178 110.58 -81.76 -34.86
CA LYS E 3178 111.95 -82.08 -34.51
C LYS E 3178 112.70 -80.86 -34.01
N HIS E 3179 112.35 -79.67 -34.51
CA HIS E 3179 112.91 -78.42 -34.04
C HIS E 3179 112.24 -77.93 -32.76
N ASN E 3180 111.15 -78.57 -32.33
CA ASN E 3180 110.52 -78.30 -31.04
C ASN E 3180 110.82 -79.36 -29.99
N ILE E 3181 111.22 -80.57 -30.40
CA ILE E 3181 111.59 -81.62 -29.46
C ILE E 3181 113.11 -81.75 -29.44
N TYR E 3182 113.80 -80.71 -29.91
CA TYR E 3182 115.25 -80.75 -29.94
C TYR E 3182 115.85 -80.49 -28.56
N SER E 3183 115.10 -79.82 -27.68
CA SER E 3183 115.61 -79.45 -26.36
C SER E 3183 115.75 -80.64 -25.44
N SER E 3593 56.64 -60.49 -26.06
CA SER E 3593 55.72 -61.34 -25.33
C SER E 3593 55.80 -62.77 -25.82
N LYS E 3594 54.87 -63.61 -25.36
CA LYS E 3594 54.99 -65.06 -25.52
C LYS E 3594 54.64 -65.53 -26.92
N GLN E 3595 53.40 -65.33 -27.35
CA GLN E 3595 52.91 -65.90 -28.59
C GLN E 3595 53.55 -65.27 -29.81
N ARG E 3596 54.12 -64.07 -29.67
CA ARG E 3596 54.93 -63.49 -30.73
C ARG E 3596 56.15 -64.32 -31.04
N LYS E 3597 56.69 -65.01 -30.04
CA LYS E 3597 57.89 -65.80 -30.25
C LYS E 3597 57.58 -67.04 -31.08
N ARG E 3598 56.46 -67.69 -30.78
CA ARG E 3598 56.02 -68.78 -31.64
C ARG E 3598 55.56 -68.26 -32.99
N ALA E 3599 55.12 -67.00 -33.05
CA ALA E 3599 54.80 -66.41 -34.34
C ALA E 3599 56.04 -66.23 -35.19
N VAL E 3600 57.16 -65.88 -34.57
CA VAL E 3600 58.40 -65.77 -35.32
C VAL E 3600 58.89 -67.15 -35.76
N VAL E 3601 58.70 -68.16 -34.90
CA VAL E 3601 58.98 -69.54 -35.29
C VAL E 3601 58.12 -69.94 -36.49
N ALA E 3602 56.86 -69.52 -36.50
CA ALA E 3602 55.99 -69.81 -37.63
C ALA E 3602 56.39 -69.03 -38.88
N CYS E 3603 56.97 -67.84 -38.71
CA CYS E 3603 57.50 -67.11 -39.84
C CYS E 3603 58.69 -67.83 -40.45
N PHE E 3604 59.46 -68.53 -39.62
CA PHE E 3604 60.46 -69.43 -40.17
C PHE E 3604 59.88 -70.73 -40.71
N ARG E 3605 58.69 -71.11 -40.25
CA ARG E 3605 58.10 -72.39 -40.61
C ARG E 3605 57.55 -72.39 -42.02
N MET E 3606 57.18 -71.24 -42.56
CA MET E 3606 56.57 -71.21 -43.89
C MET E 3606 57.60 -71.28 -45.01
N ALA E 3607 58.49 -72.25 -44.91
CA ALA E 3607 59.43 -72.70 -45.94
C ALA E 3607 58.80 -73.31 -47.19
N PRO E 3608 57.55 -73.90 -47.19
CA PRO E 3608 56.94 -74.18 -48.49
C PRO E 3608 56.59 -72.90 -49.20
N LEU E 3609 57.43 -72.55 -50.17
CA LEU E 3609 57.24 -71.31 -50.88
C LEU E 3609 56.27 -71.53 -52.02
N TYR E 3610 56.66 -72.38 -52.98
CA TYR E 3610 55.83 -72.71 -54.13
C TYR E 3610 55.94 -74.19 -54.46
N ASN E 3611 55.89 -75.02 -53.44
CA ASN E 3611 55.61 -76.42 -53.65
C ASN E 3611 54.18 -76.51 -54.19
N LEU E 3612 53.23 -76.15 -53.32
CA LEU E 3612 51.89 -75.62 -53.59
C LEU E 3612 51.13 -76.36 -54.68
N PRO E 3613 50.64 -77.59 -54.37
CA PRO E 3613 50.69 -78.72 -55.32
C PRO E 3613 50.30 -78.43 -56.76
N ARG E 3614 49.06 -78.07 -57.01
CA ARG E 3614 48.74 -77.45 -58.29
C ARG E 3614 47.67 -76.38 -58.21
N HIS E 3615 46.78 -76.43 -57.22
CA HIS E 3615 45.56 -75.65 -57.24
C HIS E 3615 45.34 -74.82 -55.99
N ARG E 3616 46.01 -75.14 -54.90
CA ARG E 3616 46.00 -74.27 -53.72
C ARG E 3616 46.50 -72.88 -54.08
N ALA E 3617 47.54 -72.83 -54.91
CA ALA E 3617 48.06 -71.55 -55.38
C ALA E 3617 47.04 -70.83 -56.24
N VAL E 3618 46.31 -71.57 -57.08
CA VAL E 3618 45.33 -70.94 -57.96
C VAL E 3618 44.17 -70.41 -57.14
N ASN E 3619 43.77 -71.17 -56.12
CA ASN E 3619 42.72 -70.74 -55.20
C ASN E 3619 43.11 -69.47 -54.46
N LEU E 3620 44.34 -69.43 -53.95
CA LEU E 3620 44.77 -68.24 -53.22
C LEU E 3620 44.98 -67.06 -54.15
N PHE E 3621 45.35 -67.32 -55.41
CA PHE E 3621 45.40 -66.26 -56.39
C PHE E 3621 44.04 -65.68 -56.66
N LEU E 3622 43.02 -66.54 -56.69
CA LEU E 3622 41.66 -66.08 -56.86
C LEU E 3622 41.26 -65.19 -55.69
N GLN E 3623 41.62 -65.60 -54.47
CA GLN E 3623 41.35 -64.79 -53.28
C GLN E 3623 42.00 -63.42 -53.38
N GLY E 3624 43.29 -63.38 -53.69
CA GLY E 3624 44.00 -62.12 -53.74
C GLY E 3624 43.55 -61.23 -54.86
N TYR E 3625 43.17 -61.82 -55.99
CA TYR E 3625 42.70 -61.02 -57.11
C TYR E 3625 41.36 -60.36 -56.80
N GLU E 3626 40.42 -61.15 -56.27
CA GLU E 3626 39.14 -60.61 -55.81
C GLU E 3626 39.31 -59.58 -54.73
N LYS E 3627 40.31 -59.75 -53.86
CA LYS E 3627 40.50 -58.82 -52.77
C LYS E 3627 41.07 -57.49 -53.25
N SER E 3628 42.09 -57.54 -54.11
CA SER E 3628 42.87 -56.34 -54.37
C SER E 3628 42.52 -55.64 -55.67
N TRP E 3629 42.00 -56.36 -56.66
CA TRP E 3629 41.90 -55.77 -58.00
C TRP E 3629 40.53 -55.23 -58.35
N ILE E 3630 39.46 -55.88 -57.92
CA ILE E 3630 38.16 -55.59 -58.49
C ILE E 3630 37.57 -54.30 -57.92
N GLU E 3631 38.15 -53.78 -56.85
CA GLU E 3631 37.70 -52.50 -56.33
C GLU E 3631 38.14 -51.38 -57.26
N THR E 3632 37.26 -51.02 -58.18
CA THR E 3632 37.55 -50.14 -59.30
C THR E 3632 36.56 -48.99 -59.35
N GLU E 3633 36.58 -48.27 -60.47
CA GLU E 3633 35.67 -47.16 -60.72
C GLU E 3633 34.85 -47.43 -61.97
N GLU E 3634 33.55 -47.58 -61.77
CA GLU E 3634 32.56 -47.57 -62.84
C GLU E 3634 31.59 -46.42 -62.63
N HIS E 3635 31.79 -45.66 -61.56
CA HIS E 3635 30.73 -44.96 -60.85
C HIS E 3635 30.43 -43.59 -61.43
N TYR E 3636 30.61 -43.43 -62.73
CA TYR E 3636 30.03 -42.31 -63.44
C TYR E 3636 28.55 -42.52 -63.72
N PHE E 3637 28.08 -43.77 -63.64
CA PHE E 3637 26.77 -44.16 -64.16
C PHE E 3637 25.60 -43.64 -63.33
N GLU E 3638 25.86 -43.05 -62.18
CA GLU E 3638 24.77 -42.56 -61.34
C GLU E 3638 24.11 -41.33 -61.92
N ASP E 3639 24.91 -40.40 -62.43
CA ASP E 3639 24.34 -39.23 -63.11
C ASP E 3639 23.57 -39.65 -64.35
N LYS E 3640 24.12 -40.58 -65.13
CA LYS E 3640 23.44 -41.10 -66.31
C LYS E 3640 22.14 -41.77 -65.94
N LEU E 3641 22.14 -42.52 -64.83
CA LEU E 3641 20.96 -43.27 -64.44
C LEU E 3641 19.85 -42.34 -63.98
N ILE E 3642 20.18 -41.41 -63.08
CA ILE E 3642 19.12 -40.58 -62.53
C ILE E 3642 18.70 -39.51 -63.52
N GLU E 3643 19.53 -39.21 -64.53
CA GLU E 3643 18.98 -38.56 -65.72
C GLU E 3643 17.99 -39.47 -66.40
N ASP E 3644 18.38 -40.73 -66.59
CA ASP E 3644 17.68 -41.59 -67.52
C ASP E 3644 16.35 -42.07 -66.99
N LEU E 3645 16.14 -42.02 -65.67
CA LEU E 3645 14.84 -42.39 -65.15
C LEU E 3645 13.81 -41.29 -65.32
N ALA E 3646 14.24 -40.03 -65.25
CA ALA E 3646 13.29 -38.93 -65.32
C ALA E 3646 13.03 -38.53 -66.78
N LYS E 3647 12.54 -39.51 -67.55
CA LYS E 3647 12.27 -39.33 -68.97
C LYS E 3647 10.84 -39.82 -69.20
N PRO E 3648 9.84 -38.96 -68.99
CA PRO E 3648 8.45 -39.37 -69.16
C PRO E 3648 8.10 -39.58 -70.62
N ARG E 3661 0.69 -40.71 -66.65
CA ARG E 3661 2.07 -41.19 -66.64
C ARG E 3661 2.86 -40.61 -65.49
N VAL E 3662 3.52 -41.48 -64.75
CA VAL E 3662 4.33 -41.11 -63.59
C VAL E 3662 5.74 -41.63 -63.86
N ASP E 3663 6.75 -40.95 -63.31
CA ASP E 3663 8.13 -41.32 -63.54
C ASP E 3663 8.47 -42.67 -62.92
N PRO E 3664 9.36 -43.43 -63.55
CA PRO E 3664 9.85 -44.68 -62.95
C PRO E 3664 10.53 -44.47 -61.63
N LEU E 3665 11.30 -43.39 -61.55
CA LEU E 3665 11.87 -42.95 -60.29
C LEU E 3665 10.79 -42.71 -59.24
N HIS E 3666 9.66 -42.14 -59.66
CA HIS E 3666 8.61 -41.87 -58.70
C HIS E 3666 7.93 -43.16 -58.26
N GLN E 3667 7.82 -44.14 -59.16
CA GLN E 3667 7.36 -45.47 -58.75
C GLN E 3667 8.29 -46.07 -57.72
N LEU E 3668 9.60 -45.92 -57.91
CA LEU E 3668 10.55 -46.52 -56.98
C LEU E 3668 10.47 -45.88 -55.60
N ILE E 3669 10.45 -44.56 -55.57
CA ILE E 3669 10.34 -43.83 -54.32
C ILE E 3669 9.02 -44.14 -53.63
N LEU E 3670 7.94 -44.24 -54.41
CA LEU E 3670 6.66 -44.55 -53.83
C LEU E 3670 6.62 -45.98 -53.31
N LEU E 3671 7.35 -46.89 -53.96
CA LEU E 3671 7.48 -48.26 -53.48
C LEU E 3671 8.09 -48.27 -52.10
N PHE E 3672 9.20 -47.56 -51.93
CA PHE E 3672 9.82 -47.59 -50.61
C PHE E 3672 9.00 -46.84 -49.59
N SER E 3673 8.20 -45.87 -50.03
CA SER E 3673 7.33 -45.17 -49.10
C SER E 3673 6.25 -46.09 -48.57
N ARG E 3674 5.66 -46.89 -49.44
CA ARG E 3674 4.62 -47.80 -48.97
C ARG E 3674 5.21 -48.93 -48.15
N THR E 3675 6.42 -49.37 -48.50
CA THR E 3675 7.05 -50.43 -47.73
C THR E 3675 7.41 -49.94 -46.33
N ALA E 3676 7.83 -48.68 -46.23
CA ALA E 3676 8.10 -48.10 -44.93
C ALA E 3676 6.83 -47.93 -44.10
N LEU E 3677 5.70 -47.73 -44.75
CA LEU E 3677 4.48 -47.53 -43.99
C LEU E 3677 3.88 -48.81 -43.46
N THR E 3678 4.35 -49.97 -43.92
CA THR E 3678 3.94 -51.23 -43.33
C THR E 3678 4.50 -51.34 -41.92
N GLU E 3679 3.86 -52.15 -41.10
CA GLU E 3679 4.27 -52.31 -39.70
C GLU E 3679 4.97 -53.65 -39.56
N LYS E 3680 6.17 -53.61 -39.02
CA LYS E 3680 7.01 -54.79 -38.96
C LYS E 3680 7.59 -55.05 -37.59
N CYS E 3681 7.67 -54.02 -36.73
CA CYS E 3681 8.24 -54.01 -35.38
C CYS E 3681 9.77 -54.17 -35.39
N LYS E 3682 10.35 -54.42 -36.55
CA LYS E 3682 11.78 -54.62 -36.74
C LYS E 3682 12.04 -54.55 -38.24
N LEU E 3683 12.97 -53.70 -38.66
CA LEU E 3683 13.17 -53.55 -40.09
C LEU E 3683 13.97 -54.69 -40.68
N GLU E 3684 13.89 -54.80 -41.98
CA GLU E 3684 14.62 -55.82 -42.72
C GLU E 3684 15.95 -55.25 -43.17
N GLU E 3685 16.62 -55.89 -44.11
CA GLU E 3685 17.87 -55.39 -44.64
C GLU E 3685 17.74 -54.80 -46.04
N ASP E 3686 17.16 -55.56 -46.98
CA ASP E 3686 16.60 -55.06 -48.23
C ASP E 3686 17.65 -54.38 -49.11
N PHE E 3687 18.57 -55.20 -49.62
CA PHE E 3687 19.71 -54.64 -50.36
C PHE E 3687 19.32 -53.94 -51.65
N LEU E 3688 18.08 -54.11 -52.12
CA LEU E 3688 17.46 -53.15 -53.04
C LEU E 3688 17.59 -51.73 -52.52
N TYR E 3689 17.07 -51.49 -51.31
CA TYR E 3689 17.10 -50.17 -50.69
C TYR E 3689 18.51 -49.73 -50.44
N MET E 3690 19.35 -50.65 -49.99
CA MET E 3690 20.74 -50.37 -49.71
C MET E 3690 21.53 -50.04 -50.97
N ALA E 3691 21.06 -50.49 -52.12
CA ALA E 3691 21.70 -50.09 -53.36
C ALA E 3691 21.21 -48.72 -53.81
N TYR E 3692 19.90 -48.53 -53.83
CA TYR E 3692 19.38 -47.32 -54.43
C TYR E 3692 19.55 -46.09 -53.56
N ALA E 3693 19.67 -46.25 -52.24
CA ALA E 3693 20.00 -45.12 -51.39
C ALA E 3693 21.37 -44.57 -51.74
N ASP E 3694 22.34 -45.45 -51.94
CA ASP E 3694 23.66 -44.99 -52.34
C ASP E 3694 23.67 -44.48 -53.77
N ILE E 3695 22.87 -45.08 -54.64
CA ILE E 3695 22.81 -44.65 -56.03
C ILE E 3695 22.28 -43.23 -56.13
N MET E 3696 21.23 -42.92 -55.37
CA MET E 3696 20.75 -41.55 -55.33
C MET E 3696 21.74 -40.63 -54.63
N ALA E 3697 22.32 -41.07 -53.51
CA ALA E 3697 23.16 -40.19 -52.71
C ALA E 3697 24.51 -39.92 -53.35
N LYS E 3698 24.91 -40.68 -54.35
CA LYS E 3698 26.10 -40.30 -55.10
C LYS E 3698 25.81 -39.31 -56.21
N SER E 3699 24.57 -38.84 -56.35
CA SER E 3699 24.24 -37.89 -57.41
C SER E 3699 24.22 -36.46 -56.91
N CYS E 3700 25.09 -36.12 -55.97
CA CYS E 3700 25.25 -34.74 -55.53
C CYS E 3700 26.72 -34.43 -55.29
N SER E 3714 36.95 -18.51 -57.97
CA SER E 3714 35.99 -17.86 -58.85
C SER E 3714 34.62 -17.75 -58.23
N PHE E 3715 34.09 -16.52 -58.17
CA PHE E 3715 32.72 -16.33 -57.71
C PHE E 3715 31.72 -16.90 -58.70
N GLU E 3716 32.05 -16.84 -59.99
CA GLU E 3716 31.24 -17.46 -61.03
C GLU E 3716 31.12 -18.97 -60.81
N GLU E 3717 32.20 -19.59 -60.35
CA GLU E 3717 32.15 -21.03 -60.13
C GLU E 3717 31.27 -21.36 -58.94
N LYS E 3718 31.23 -20.50 -57.92
CA LYS E 3718 30.31 -20.74 -56.82
C LYS E 3718 28.87 -20.51 -57.25
N GLU E 3719 28.66 -19.55 -58.16
CA GLU E 3719 27.34 -19.38 -58.79
C GLU E 3719 26.90 -20.65 -59.51
N MET E 3720 27.82 -21.28 -60.22
CA MET E 3720 27.47 -22.46 -61.01
C MET E 3720 27.25 -23.67 -60.11
N GLU E 3721 28.11 -23.85 -59.13
CA GLU E 3721 28.03 -25.01 -58.27
C GLU E 3721 26.94 -24.90 -57.23
N LYS E 3722 26.42 -23.71 -56.96
CA LYS E 3722 25.16 -23.63 -56.24
C LYS E 3722 24.02 -24.19 -57.08
N GLN E 3723 23.98 -23.81 -58.34
CA GLN E 3723 22.80 -24.07 -59.14
C GLN E 3723 22.73 -25.52 -59.59
N LYS E 3724 23.87 -26.13 -59.92
CA LYS E 3724 23.86 -27.54 -60.30
C LYS E 3724 23.45 -28.43 -59.14
N LEU E 3725 23.94 -28.11 -57.94
CA LEU E 3725 23.53 -28.85 -56.75
C LEU E 3725 22.04 -28.68 -56.48
N LEU E 3726 21.54 -27.45 -56.63
CA LEU E 3726 20.15 -27.22 -56.30
C LEU E 3726 19.23 -27.87 -57.33
N TYR E 3727 19.68 -27.94 -58.58
CA TYR E 3727 18.93 -28.67 -59.60
C TYR E 3727 18.94 -30.16 -59.32
N GLN E 3728 20.06 -30.69 -58.85
CA GLN E 3728 20.10 -32.11 -58.55
C GLN E 3728 19.25 -32.47 -57.34
N GLN E 3729 19.10 -31.56 -56.39
CA GLN E 3729 18.14 -31.81 -55.32
C GLN E 3729 16.72 -31.65 -55.83
N ALA E 3730 16.53 -30.77 -56.81
CA ALA E 3730 15.21 -30.58 -57.39
C ALA E 3730 14.75 -31.80 -58.14
N ARG E 3731 15.71 -32.57 -58.67
CA ARG E 3731 15.40 -33.83 -59.33
C ARG E 3731 14.73 -34.82 -58.38
N LEU E 3732 15.03 -34.72 -57.08
CA LEU E 3732 14.49 -35.65 -56.09
C LEU E 3732 13.29 -35.09 -55.34
N HIS E 3733 13.40 -33.92 -54.71
CA HIS E 3733 12.36 -33.55 -53.77
C HIS E 3733 11.12 -32.99 -54.42
N ASP E 3734 10.98 -33.11 -55.74
CA ASP E 3734 9.64 -33.07 -56.33
C ASP E 3734 8.91 -34.37 -56.11
N ARG E 3735 9.65 -35.46 -55.94
CA ARG E 3735 9.09 -36.80 -56.02
C ARG E 3735 8.85 -37.40 -54.65
N GLY E 3736 8.56 -36.55 -53.67
CA GLY E 3736 8.28 -36.99 -52.31
C GLY E 3736 9.47 -37.62 -51.63
N ALA E 3737 10.67 -37.32 -52.13
CA ALA E 3737 11.88 -38.03 -51.74
C ALA E 3737 12.28 -37.74 -50.30
N ALA E 3738 11.84 -36.62 -49.74
CA ALA E 3738 12.16 -36.35 -48.34
C ALA E 3738 11.42 -37.31 -47.43
N GLU E 3739 10.20 -37.66 -47.80
CA GLU E 3739 9.35 -38.36 -46.87
C GLU E 3739 9.68 -39.84 -46.76
N MET E 3740 10.28 -40.45 -47.79
CA MET E 3740 10.72 -41.83 -47.62
C MET E 3740 11.85 -41.91 -46.61
N VAL E 3741 12.79 -40.97 -46.65
CA VAL E 3741 13.89 -40.95 -45.70
C VAL E 3741 13.37 -40.64 -44.31
N LEU E 3742 12.44 -39.70 -44.25
CA LEU E 3742 11.88 -39.28 -42.97
C LEU E 3742 11.07 -40.40 -42.32
N GLN E 3743 10.42 -41.23 -43.13
CA GLN E 3743 9.66 -42.33 -42.54
C GLN E 3743 10.57 -43.49 -42.15
N THR E 3744 11.50 -43.86 -43.03
CA THR E 3744 12.38 -44.99 -42.73
C THR E 3744 13.28 -44.72 -41.55
N ILE E 3745 13.54 -43.46 -41.22
CA ILE E 3745 14.12 -43.18 -39.91
C ILE E 3745 13.15 -43.57 -38.81
N SER E 3746 11.87 -43.22 -38.98
CA SER E 3746 10.89 -43.48 -37.93
C SER E 3746 10.54 -44.94 -37.79
N ALA E 3747 10.91 -45.77 -38.77
CA ALA E 3747 10.55 -47.17 -38.70
C ALA E 3747 11.36 -47.90 -37.63
N SER E 3748 12.68 -47.94 -37.79
CA SER E 3748 13.53 -48.56 -36.78
C SER E 3748 13.53 -47.68 -35.54
N LYS E 3749 13.20 -48.27 -34.41
CA LYS E 3749 12.94 -47.44 -33.24
C LYS E 3749 14.23 -47.03 -32.55
N GLY E 3750 15.16 -47.94 -32.37
CA GLY E 3750 16.44 -47.55 -31.84
C GLY E 3750 17.52 -48.40 -32.45
N GLU E 3751 17.12 -49.19 -33.44
CA GLU E 3751 18.05 -50.12 -34.03
C GLU E 3751 18.98 -49.37 -34.96
N THR E 3752 20.22 -49.78 -34.99
CA THR E 3752 21.30 -49.01 -35.58
C THR E 3752 21.87 -49.73 -36.79
N GLY E 3753 21.00 -50.31 -37.61
CA GLY E 3753 21.43 -51.12 -38.73
C GLY E 3753 22.05 -50.31 -39.84
N PRO E 3754 22.64 -50.99 -40.83
CA PRO E 3754 23.21 -50.27 -41.97
C PRO E 3754 22.17 -49.61 -42.83
N MET E 3755 20.92 -50.10 -42.76
CA MET E 3755 19.72 -49.42 -43.18
C MET E 3755 19.72 -47.94 -42.81
N VAL E 3756 19.86 -47.66 -41.52
CA VAL E 3756 19.77 -46.30 -41.02
C VAL E 3756 20.95 -45.48 -41.51
N ALA E 3757 22.11 -46.10 -41.69
CA ALA E 3757 23.25 -45.38 -42.24
C ALA E 3757 23.02 -44.99 -43.68
N ALA E 3758 22.41 -45.87 -44.48
CA ALA E 3758 22.11 -45.53 -45.86
C ALA E 3758 21.06 -44.42 -45.95
N THR E 3759 20.06 -44.47 -45.07
CA THR E 3759 19.05 -43.41 -45.03
C THR E 3759 19.67 -42.07 -44.66
N LEU E 3760 20.58 -42.06 -43.70
CA LEU E 3760 21.15 -40.78 -43.31
C LEU E 3760 22.12 -40.26 -44.35
N LYS E 3761 22.78 -41.14 -45.09
CA LYS E 3761 23.59 -40.65 -46.21
C LYS E 3761 22.72 -40.00 -47.27
N LEU E 3762 21.56 -40.58 -47.55
CA LEU E 3762 20.69 -39.95 -48.53
C LEU E 3762 20.07 -38.68 -47.98
N GLY E 3763 19.72 -38.67 -46.70
CA GLY E 3763 19.11 -37.48 -46.11
C GLY E 3763 20.07 -36.33 -46.00
N ILE E 3764 21.35 -36.62 -45.82
CA ILE E 3764 22.34 -35.57 -45.92
C ILE E 3764 22.47 -35.09 -47.36
N ALA E 3765 22.57 -36.03 -48.31
CA ALA E 3765 22.76 -35.63 -49.70
C ALA E 3765 21.54 -34.93 -50.30
N ILE E 3766 20.39 -34.99 -49.65
CA ILE E 3766 19.29 -34.12 -50.03
C ILE E 3766 19.45 -32.74 -49.43
N LEU E 3767 19.68 -32.67 -48.13
CA LEU E 3767 19.72 -31.38 -47.47
C LEU E 3767 21.09 -30.75 -47.44
N ASN E 3768 21.96 -31.10 -48.40
CA ASN E 3768 23.38 -30.74 -48.35
C ASN E 3768 23.58 -29.24 -48.36
N GLY E 3769 22.91 -28.54 -49.26
CA GLY E 3769 23.04 -27.11 -49.25
C GLY E 3769 22.15 -26.42 -48.25
N GLY E 3770 21.21 -27.13 -47.64
CA GLY E 3770 20.26 -26.48 -46.78
C GLY E 3770 19.12 -25.89 -47.56
N ASN E 3771 18.43 -26.72 -48.33
CA ASN E 3771 17.26 -26.28 -49.04
C ASN E 3771 16.15 -25.94 -48.04
N SER E 3772 15.66 -24.71 -48.14
CA SER E 3772 14.55 -24.30 -47.31
C SER E 3772 13.26 -24.99 -47.68
N THR E 3773 13.11 -25.42 -48.94
CA THR E 3773 11.87 -26.08 -49.32
C THR E 3773 11.79 -27.47 -48.72
N VAL E 3774 12.92 -28.16 -48.62
CA VAL E 3774 12.90 -29.49 -48.04
C VAL E 3774 12.70 -29.41 -46.54
N GLN E 3775 13.27 -28.39 -45.91
CA GLN E 3775 13.05 -28.16 -44.49
C GLN E 3775 11.58 -27.86 -44.20
N GLN E 3776 10.98 -27.02 -45.04
CA GLN E 3776 9.56 -26.75 -44.91
C GLN E 3776 8.72 -27.97 -45.25
N LYS E 3777 9.20 -28.79 -46.19
CA LYS E 3777 8.52 -30.01 -46.58
C LYS E 3777 8.42 -30.95 -45.39
N MET E 3778 9.53 -31.14 -44.70
CA MET E 3778 9.55 -32.02 -43.53
C MET E 3778 8.75 -31.43 -42.39
N LEU E 3779 8.75 -30.10 -42.24
CA LEU E 3779 7.96 -29.55 -41.16
C LEU E 3779 6.47 -29.68 -41.44
N GLU E 3780 6.06 -29.52 -42.70
CA GLU E 3780 4.66 -29.74 -43.07
C GLU E 3780 4.27 -31.19 -42.87
N TYR E 3781 5.20 -32.10 -43.16
CA TYR E 3781 4.93 -33.51 -42.95
C TYR E 3781 4.71 -33.81 -41.48
N LEU E 3782 5.64 -33.42 -40.63
CA LEU E 3782 5.52 -33.75 -39.22
C LEU E 3782 4.47 -32.90 -38.51
N LYS E 3783 3.98 -31.84 -39.13
CA LYS E 3783 2.83 -31.20 -38.52
C LYS E 3783 1.54 -31.87 -38.92
N GLU E 3784 1.43 -32.33 -40.16
CA GLU E 3784 0.18 -32.99 -40.54
C GLU E 3784 0.09 -34.38 -39.94
N LYS E 3785 0.96 -35.27 -40.38
CA LYS E 3785 0.89 -36.67 -39.98
C LYS E 3785 1.65 -36.81 -38.68
N LYS E 3786 1.00 -36.36 -37.61
CA LYS E 3786 1.65 -36.13 -36.34
C LYS E 3786 2.17 -37.42 -35.72
N ASP E 3787 3.50 -37.47 -35.51
CA ASP E 3787 4.20 -38.67 -35.10
C ASP E 3787 5.16 -38.36 -33.97
N VAL E 3788 5.05 -39.11 -32.89
CA VAL E 3788 6.07 -39.04 -31.86
C VAL E 3788 7.13 -40.09 -32.10
N GLY E 3789 6.82 -41.12 -32.90
CA GLY E 3789 7.74 -42.21 -33.14
C GLY E 3789 8.99 -41.82 -33.90
N PHE E 3790 8.92 -40.73 -34.65
CA PHE E 3790 10.14 -40.21 -35.26
C PHE E 3790 11.06 -39.60 -34.21
N PHE E 3791 10.51 -38.77 -33.32
CA PHE E 3791 11.35 -38.18 -32.29
C PHE E 3791 11.75 -39.20 -31.26
N GLN E 3792 10.88 -40.16 -31.00
CA GLN E 3792 11.24 -41.28 -30.14
C GLN E 3792 12.37 -42.08 -30.79
N SER E 3793 12.33 -42.20 -32.10
CA SER E 3793 13.38 -42.89 -32.83
C SER E 3793 14.69 -42.12 -32.77
N LEU E 3794 14.62 -40.79 -32.82
CA LEU E 3794 15.83 -39.98 -32.72
C LEU E 3794 16.47 -40.08 -31.35
N ALA E 3795 15.63 -40.08 -30.31
CA ALA E 3795 16.15 -40.23 -28.96
C ALA E 3795 16.76 -41.61 -28.77
N GLY E 3796 16.11 -42.63 -29.32
CA GLY E 3796 16.65 -43.98 -29.22
C GLY E 3796 17.94 -44.14 -29.98
N LEU E 3797 18.09 -43.41 -31.09
CA LEU E 3797 19.36 -43.42 -31.80
C LEU E 3797 20.44 -42.76 -30.98
N MET E 3798 20.21 -41.50 -30.57
CA MET E 3798 21.20 -40.75 -29.79
C MET E 3798 21.56 -41.39 -28.48
N GLN E 3799 20.73 -42.30 -27.96
CA GLN E 3799 21.06 -42.95 -26.70
C GLN E 3799 22.35 -43.75 -26.78
N SER E 3800 22.54 -44.52 -27.84
CA SER E 3800 23.81 -45.23 -27.86
C SER E 3800 24.86 -44.52 -28.68
N CYS E 3801 24.76 -44.68 -29.99
CA CYS E 3801 25.56 -44.12 -31.08
C CYS E 3801 27.06 -44.41 -31.05
N SER E 3802 27.69 -44.33 -29.87
CA SER E 3802 29.05 -44.72 -29.47
C SER E 3802 29.32 -44.09 -28.12
N VAL E 3803 30.45 -44.42 -27.52
CA VAL E 3803 31.20 -43.48 -26.69
C VAL E 3803 32.58 -43.70 -27.30
N LEU E 3804 33.64 -43.15 -26.73
CA LEU E 3804 34.94 -43.51 -27.28
C LEU E 3804 35.31 -44.93 -26.86
N ASP E 3805 35.76 -45.10 -25.61
CA ASP E 3805 36.36 -46.33 -25.10
C ASP E 3805 36.86 -46.11 -23.68
N LEU E 3806 37.04 -47.18 -22.92
CA LEU E 3806 38.10 -47.21 -21.91
C LEU E 3806 39.06 -48.37 -22.18
N ASN E 3807 38.53 -49.58 -22.29
CA ASN E 3807 39.32 -50.79 -22.17
C ASN E 3807 39.51 -51.51 -23.48
N ALA E 3808 38.62 -51.32 -24.44
CA ALA E 3808 38.75 -51.98 -25.73
C ALA E 3808 39.99 -51.51 -26.48
N PHE E 3809 40.49 -50.32 -26.18
CA PHE E 3809 41.79 -49.95 -26.70
C PHE E 3809 42.89 -50.78 -26.06
N GLU E 3810 42.79 -51.02 -24.77
CA GLU E 3810 43.82 -51.80 -24.07
C GLU E 3810 43.86 -53.22 -24.57
N ARG E 3811 42.69 -53.84 -24.64
CA ARG E 3811 42.54 -55.17 -25.18
C ARG E 3811 42.91 -55.20 -26.65
N GLN E 3812 42.58 -54.14 -27.37
CA GLN E 3812 42.87 -54.06 -28.79
C GLN E 3812 44.37 -53.99 -29.03
N ASN E 3813 45.06 -53.22 -28.21
CA ASN E 3813 46.50 -53.06 -28.34
C ASN E 3813 47.22 -54.34 -28.00
N LYS E 3814 46.80 -54.99 -26.91
CA LYS E 3814 47.50 -56.21 -26.53
C LYS E 3814 47.21 -57.34 -27.49
N ALA E 3815 45.99 -57.39 -28.03
CA ALA E 3815 45.67 -58.36 -29.08
C ALA E 3815 46.44 -58.06 -30.35
N GLU E 3816 46.64 -56.78 -30.64
CA GLU E 3816 47.39 -56.36 -31.81
C GLU E 3816 48.84 -56.81 -31.71
N GLY E 3817 49.44 -56.59 -30.55
CA GLY E 3817 50.80 -57.03 -30.33
C GLY E 3817 50.94 -58.53 -30.35
N LEU E 3818 50.03 -59.23 -29.69
CA LEU E 3818 50.18 -60.67 -29.54
C LEU E 3818 49.87 -61.43 -30.82
N GLY E 3819 48.73 -61.12 -31.44
CA GLY E 3819 48.26 -61.93 -32.55
C GLY E 3819 49.11 -61.80 -33.80
N MET E 3820 49.52 -60.58 -34.11
CA MET E 3820 50.49 -60.39 -35.18
C MET E 3820 51.79 -59.92 -34.55
N LYS E 3829 35.76 -52.67 -34.39
CA LYS E 3829 37.07 -52.37 -33.82
C LYS E 3829 36.90 -51.65 -32.49
N VAL E 3830 37.40 -50.42 -32.42
CA VAL E 3830 37.21 -49.61 -31.23
C VAL E 3830 36.01 -48.70 -31.45
N LEU E 3831 36.15 -47.78 -32.41
CA LEU E 3831 35.04 -46.94 -32.86
C LEU E 3831 34.56 -47.49 -34.19
N GLN E 3832 33.82 -48.60 -34.12
CA GLN E 3832 33.23 -49.15 -35.33
C GLN E 3832 31.91 -48.47 -35.67
N ASP E 3833 31.42 -47.60 -34.80
CA ASP E 3833 30.15 -46.93 -34.97
C ASP E 3833 30.36 -45.44 -34.89
N ASP E 3834 31.30 -44.94 -35.68
CA ASP E 3834 31.71 -43.55 -35.61
C ASP E 3834 31.17 -42.74 -36.77
N GLU E 3835 31.39 -43.24 -37.99
CA GLU E 3835 31.00 -42.54 -39.20
C GLU E 3835 29.48 -42.44 -39.29
N PHE E 3836 28.79 -43.40 -38.70
CA PHE E 3836 27.36 -43.28 -38.50
C PHE E 3836 27.01 -42.08 -37.64
N THR E 3837 27.78 -41.81 -36.60
CA THR E 3837 27.45 -40.67 -35.75
C THR E 3837 27.80 -39.35 -36.41
N CYS E 3838 28.92 -39.31 -37.12
CA CYS E 3838 29.24 -38.14 -37.92
C CYS E 3838 28.23 -37.90 -39.03
N ASP E 3839 27.55 -38.94 -39.50
CA ASP E 3839 26.45 -38.67 -40.40
C ASP E 3839 25.20 -38.24 -39.67
N LEU E 3840 24.92 -38.79 -38.49
CA LEU E 3840 23.67 -38.44 -37.82
C LEU E 3840 23.69 -37.00 -37.35
N PHE E 3841 24.81 -36.56 -36.79
CA PHE E 3841 24.79 -35.19 -36.33
C PHE E 3841 24.94 -34.19 -37.47
N ARG E 3842 25.65 -34.55 -38.55
CA ARG E 3842 25.64 -33.69 -39.73
C ARG E 3842 24.25 -33.60 -40.33
N PHE E 3843 23.47 -34.68 -40.22
CA PHE E 3843 22.07 -34.62 -40.61
C PHE E 3843 21.29 -33.66 -39.74
N LEU E 3844 21.49 -33.73 -38.42
CA LEU E 3844 20.73 -32.83 -37.57
C LEU E 3844 21.17 -31.38 -37.72
N GLN E 3845 22.43 -31.16 -38.05
CA GLN E 3845 22.90 -29.85 -38.46
C GLN E 3845 22.15 -29.39 -39.69
N LEU E 3846 21.99 -30.27 -40.65
CA LEU E 3846 21.37 -29.90 -41.92
C LEU E 3846 19.85 -29.92 -41.85
N LEU E 3847 19.28 -29.85 -40.66
CA LEU E 3847 17.88 -29.52 -40.49
C LEU E 3847 17.67 -28.12 -39.95
N CYS E 3848 18.71 -27.49 -39.46
CA CYS E 3848 18.61 -26.11 -38.99
C CYS E 3848 19.61 -25.19 -39.69
N GLU E 3849 20.15 -25.60 -40.83
CA GLU E 3849 20.92 -24.70 -41.66
C GLU E 3849 20.01 -23.64 -42.24
N GLY E 3850 20.36 -22.38 -42.02
CA GLY E 3850 19.54 -21.28 -42.51
C GLY E 3850 18.53 -20.76 -41.52
N HIS E 3851 18.58 -21.24 -40.28
CA HIS E 3851 17.86 -20.67 -39.14
C HIS E 3851 16.34 -20.77 -39.32
N ASN E 3852 15.88 -22.00 -39.50
CA ASN E 3852 14.44 -22.25 -39.49
C ASN E 3852 13.98 -22.17 -38.05
N SER E 3853 13.62 -20.96 -37.63
CA SER E 3853 13.36 -20.69 -36.22
C SER E 3853 12.12 -21.43 -35.74
N ASP E 3854 11.16 -21.67 -36.62
CA ASP E 3854 10.07 -22.58 -36.32
C ASP E 3854 10.60 -23.98 -36.06
N PHE E 3855 11.53 -24.43 -36.87
CA PHE E 3855 11.98 -25.81 -36.78
C PHE E 3855 13.02 -25.95 -35.67
N GLN E 3856 13.71 -24.88 -35.36
CA GLN E 3856 14.58 -24.90 -34.19
C GLN E 3856 13.75 -24.89 -32.91
N ASN E 3857 12.63 -24.18 -32.90
CA ASN E 3857 11.79 -24.25 -31.72
C ASN E 3857 11.06 -25.58 -31.62
N TYR E 3858 10.81 -26.22 -32.76
CA TYR E 3858 9.99 -27.42 -32.76
C TYR E 3858 10.71 -28.60 -32.15
N LEU E 3859 12.04 -28.63 -32.30
CA LEU E 3859 12.83 -29.70 -31.70
C LEU E 3859 12.76 -29.65 -30.19
N ARG E 3860 12.72 -28.45 -29.64
CA ARG E 3860 12.77 -28.30 -28.20
C ARG E 3860 11.44 -28.68 -27.56
N THR E 3861 10.34 -28.17 -28.10
CA THR E 3861 9.10 -28.21 -27.33
C THR E 3861 7.98 -29.05 -27.93
N GLN E 3862 7.91 -29.20 -29.27
CA GLN E 3862 7.23 -30.32 -29.93
C GLN E 3862 5.72 -30.33 -29.59
N THR E 3863 5.03 -29.31 -30.08
CA THR E 3863 3.69 -29.05 -29.56
C THR E 3863 2.64 -29.95 -30.18
N GLY E 3864 2.59 -30.03 -31.51
CA GLY E 3864 1.47 -30.64 -32.20
C GLY E 3864 1.35 -32.14 -32.01
N ASN E 3865 2.42 -32.80 -31.56
CA ASN E 3865 2.35 -34.21 -31.21
C ASN E 3865 1.80 -34.39 -29.80
N ASN E 3866 1.96 -35.59 -29.26
CA ASN E 3866 1.33 -35.95 -28.01
C ASN E 3866 2.26 -35.77 -26.81
N THR E 3867 3.43 -36.38 -26.85
CA THR E 3867 4.40 -36.32 -25.76
C THR E 3867 5.69 -35.72 -26.29
N THR E 3868 6.25 -34.77 -25.56
CA THR E 3868 7.42 -34.11 -26.10
C THR E 3868 8.69 -34.86 -25.75
N VAL E 3869 9.71 -34.66 -26.58
CA VAL E 3869 11.04 -35.22 -26.36
C VAL E 3869 12.03 -34.11 -26.62
N ASN E 3870 12.55 -33.49 -25.56
CA ASN E 3870 13.44 -32.35 -25.74
C ASN E 3870 14.79 -32.87 -26.19
N ILE E 3871 14.99 -32.89 -27.50
CA ILE E 3871 16.13 -33.53 -28.11
C ILE E 3871 17.43 -32.81 -27.82
N ILE E 3872 17.36 -31.53 -27.43
CA ILE E 3872 18.59 -30.78 -27.28
C ILE E 3872 19.28 -31.14 -25.98
N ILE E 3873 18.52 -31.47 -24.95
CA ILE E 3873 19.16 -31.94 -23.73
C ILE E 3873 19.78 -33.31 -23.97
N SER E 3874 19.19 -34.09 -24.86
CA SER E 3874 19.77 -35.38 -25.20
C SER E 3874 21.10 -35.22 -25.93
N THR E 3875 21.19 -34.27 -26.86
CA THR E 3875 22.46 -34.12 -27.53
C THR E 3875 23.51 -33.50 -26.62
N VAL E 3876 23.08 -32.69 -25.64
CA VAL E 3876 23.99 -32.24 -24.59
C VAL E 3876 24.52 -33.44 -23.81
N ASP E 3877 23.67 -34.41 -23.54
CA ASP E 3877 24.10 -35.56 -22.75
C ASP E 3877 25.04 -36.45 -23.54
N TYR E 3878 24.83 -36.56 -24.86
CA TYR E 3878 25.78 -37.32 -25.66
C TYR E 3878 27.13 -36.63 -25.70
N LEU E 3879 27.12 -35.31 -25.78
CA LEU E 3879 28.38 -34.56 -25.74
C LEU E 3879 29.09 -34.76 -24.42
N LEU E 3880 28.31 -34.83 -23.33
CA LEU E 3880 28.89 -35.03 -22.02
C LEU E 3880 29.55 -36.40 -21.92
N ARG E 3881 28.94 -37.41 -22.54
CA ARG E 3881 29.53 -38.73 -22.62
C ARG E 3881 30.86 -38.71 -23.35
N VAL E 3882 30.90 -38.04 -24.51
CA VAL E 3882 32.11 -38.05 -25.30
C VAL E 3882 33.21 -37.24 -24.62
N GLN E 3883 32.82 -36.17 -23.93
CA GLN E 3883 33.71 -35.39 -23.09
C GLN E 3883 34.40 -36.25 -22.05
N GLU E 3884 33.60 -36.97 -21.28
CA GLU E 3884 34.13 -37.81 -20.22
C GLU E 3884 35.06 -38.88 -20.77
N SER E 3885 34.73 -39.45 -21.92
CA SER E 3885 35.60 -40.52 -22.39
C SER E 3885 36.88 -39.98 -23.00
N ILE E 3886 36.85 -38.78 -23.56
CA ILE E 3886 38.10 -38.13 -23.98
C ILE E 3886 38.96 -37.85 -22.76
N SER E 3887 38.33 -37.40 -21.67
CA SER E 3887 39.05 -37.15 -20.43
C SER E 3887 39.66 -38.42 -19.86
N ASP E 3888 38.95 -39.53 -19.99
CA ASP E 3888 39.54 -40.78 -19.53
C ASP E 3888 40.63 -41.28 -20.46
N PHE E 3889 40.57 -40.90 -21.74
CA PHE E 3889 41.70 -41.24 -22.59
C PHE E 3889 42.92 -40.40 -22.26
N TYR E 3890 42.70 -39.19 -21.74
CA TYR E 3890 43.82 -38.35 -21.32
C TYR E 3890 44.64 -39.02 -20.22
N TRP E 3891 43.96 -39.54 -19.19
CA TRP E 3891 44.67 -40.09 -18.03
C TRP E 3891 45.49 -41.31 -18.39
N TYR E 3892 45.05 -42.07 -19.38
CA TYR E 3892 45.80 -43.24 -19.79
C TYR E 3892 47.09 -42.85 -20.49
N TYR E 3893 47.09 -41.73 -21.20
CA TYR E 3893 48.33 -41.21 -21.72
C TYR E 3893 48.82 -40.00 -20.94
N SER E 3894 48.42 -39.88 -19.68
CA SER E 3894 48.88 -38.74 -18.90
C SER E 3894 50.32 -38.88 -18.45
N GLY E 3895 50.93 -40.05 -18.59
CA GLY E 3895 52.28 -40.19 -18.10
C GLY E 3895 53.31 -40.69 -19.10
N LYS E 3896 52.89 -41.43 -20.11
CA LYS E 3896 53.84 -42.07 -20.99
C LYS E 3896 54.33 -41.16 -22.10
N ASP E 3897 53.48 -40.25 -22.55
CA ASP E 3897 53.83 -38.99 -23.20
C ASP E 3897 54.40 -39.13 -24.61
N VAL E 3898 54.63 -40.35 -25.09
CA VAL E 3898 55.00 -40.58 -26.48
C VAL E 3898 53.95 -41.50 -27.05
N ILE E 3899 53.06 -40.96 -27.84
CA ILE E 3899 51.81 -41.61 -28.18
C ILE E 3899 51.99 -42.43 -29.44
N ASP E 3900 51.46 -43.66 -29.41
CA ASP E 3900 51.56 -44.59 -30.53
C ASP E 3900 50.77 -44.11 -31.73
N GLU E 3901 50.99 -44.82 -32.84
CA GLU E 3901 50.20 -44.59 -34.04
C GLU E 3901 48.73 -44.90 -33.80
N GLN E 3902 48.46 -45.94 -33.01
CA GLN E 3902 47.08 -46.33 -32.77
C GLN E 3902 46.35 -45.32 -31.90
N GLY E 3903 47.07 -44.75 -30.93
CA GLY E 3903 46.46 -43.72 -30.08
C GLY E 3903 46.12 -42.47 -30.85
N GLN E 3904 47.02 -42.03 -31.73
CA GLN E 3904 46.76 -40.86 -32.56
C GLN E 3904 45.62 -41.12 -33.54
N ARG E 3905 45.66 -42.29 -34.17
CA ARG E 3905 44.67 -42.64 -35.18
C ARG E 3905 43.28 -42.76 -34.58
N ASN E 3906 43.19 -43.30 -33.38
CA ASN E 3906 41.92 -43.34 -32.68
C ASN E 3906 41.53 -41.96 -32.20
N PHE E 3907 42.51 -41.16 -31.82
CA PHE E 3907 42.17 -39.96 -31.07
C PHE E 3907 41.67 -38.87 -31.99
N SER E 3908 42.29 -38.68 -33.15
CA SER E 3908 41.78 -37.75 -34.14
C SER E 3908 40.41 -38.18 -34.65
N LYS E 3909 40.19 -39.49 -34.71
CA LYS E 3909 38.91 -40.04 -35.10
C LYS E 3909 37.84 -39.67 -34.08
N ALA E 3910 38.21 -39.53 -32.82
CA ALA E 3910 37.26 -38.99 -31.85
C ALA E 3910 37.13 -37.48 -31.96
N ILE E 3911 38.22 -36.81 -32.34
CA ILE E 3911 38.25 -35.35 -32.42
C ILE E 3911 37.25 -34.86 -33.44
N GLN E 3912 37.14 -35.56 -34.56
CA GLN E 3912 36.18 -35.14 -35.59
C GLN E 3912 34.74 -35.25 -35.11
N VAL E 3913 34.45 -36.25 -34.29
CA VAL E 3913 33.10 -36.41 -33.78
C VAL E 3913 32.77 -35.30 -32.80
N ALA E 3914 33.74 -34.92 -31.98
CA ALA E 3914 33.48 -33.83 -31.04
C ALA E 3914 33.34 -32.50 -31.78
N LYS E 3915 34.11 -32.33 -32.85
CA LYS E 3915 33.94 -31.19 -33.73
C LYS E 3915 32.56 -31.14 -34.32
N GLN E 3916 32.03 -32.29 -34.72
CA GLN E 3916 30.73 -32.32 -35.37
C GLN E 3916 29.61 -32.03 -34.39
N VAL E 3917 29.69 -32.55 -33.17
CA VAL E 3917 28.64 -32.27 -32.22
C VAL E 3917 28.69 -30.82 -31.77
N PHE E 3918 29.88 -30.20 -31.76
CA PHE E 3918 29.86 -28.77 -31.48
C PHE E 3918 29.34 -27.95 -32.64
N ASN E 3919 29.52 -28.40 -33.89
CA ASN E 3919 28.87 -27.69 -34.98
C ASN E 3919 27.36 -27.78 -34.89
N THR E 3920 26.84 -28.93 -34.44
CA THR E 3920 25.40 -29.00 -34.22
C THR E 3920 24.96 -28.12 -33.08
N LEU E 3921 25.77 -28.01 -32.03
CA LEU E 3921 25.37 -27.13 -30.96
C LEU E 3921 25.51 -25.67 -31.32
N THR E 3922 26.36 -25.33 -32.27
CA THR E 3922 26.23 -24.00 -32.86
C THR E 3922 24.89 -23.88 -33.55
N GLU E 3923 24.68 -24.67 -34.59
CA GLU E 3923 23.59 -24.37 -35.48
C GLU E 3923 22.23 -24.80 -34.96
N TYR E 3924 22.16 -25.27 -33.72
CA TYR E 3924 20.90 -25.19 -32.98
C TYR E 3924 20.66 -23.80 -32.46
N ILE E 3925 21.68 -23.20 -31.85
CA ILE E 3925 21.50 -21.98 -31.07
C ILE E 3925 21.96 -20.75 -31.82
N GLN E 3926 22.41 -20.91 -33.06
CA GLN E 3926 23.11 -19.82 -33.75
C GLN E 3926 22.14 -18.72 -34.13
N GLY E 3927 20.95 -19.09 -34.57
CA GLY E 3927 19.86 -18.16 -34.59
C GLY E 3927 19.51 -17.84 -33.16
N PRO E 3928 19.23 -16.59 -32.87
CA PRO E 3928 19.01 -16.19 -31.48
C PRO E 3928 17.63 -16.51 -30.94
N CYS E 3929 17.12 -17.71 -31.21
CA CYS E 3929 15.84 -18.14 -30.67
C CYS E 3929 16.00 -18.36 -29.18
N THR E 3930 15.43 -17.45 -28.40
CA THR E 3930 15.88 -17.28 -27.02
C THR E 3930 15.50 -18.44 -26.13
N GLY E 3931 14.45 -19.18 -26.48
CA GLY E 3931 14.04 -20.31 -25.68
C GLY E 3931 15.04 -21.45 -25.76
N ASN E 3932 15.71 -21.57 -26.90
CA ASN E 3932 16.79 -22.53 -27.05
C ASN E 3932 17.94 -22.17 -26.12
N GLN E 3933 18.27 -20.88 -26.04
CA GLN E 3933 19.31 -20.40 -25.15
C GLN E 3933 18.95 -20.65 -23.69
N GLN E 3934 17.69 -20.40 -23.33
CA GLN E 3934 17.25 -20.56 -21.95
C GLN E 3934 17.25 -22.03 -21.55
N SER E 3935 16.72 -22.89 -22.41
CA SER E 3935 16.61 -24.29 -22.09
C SER E 3935 17.97 -24.96 -22.03
N LEU E 3936 18.89 -24.57 -22.89
CA LEU E 3936 20.20 -25.18 -22.80
C LEU E 3936 21.04 -24.54 -21.71
N ALA E 3937 20.66 -23.35 -21.25
CA ALA E 3937 21.45 -22.66 -20.24
C ALA E 3937 21.43 -23.37 -18.91
N HIS E 3938 20.33 -24.05 -18.60
CA HIS E 3938 20.18 -24.73 -17.32
C HIS E 3938 20.48 -26.21 -17.41
N SER E 3939 21.15 -26.65 -18.46
CA SER E 3939 21.57 -28.03 -18.54
C SER E 3939 23.02 -28.15 -18.10
N ARG E 3940 23.55 -29.36 -18.19
CA ARG E 3940 24.90 -29.59 -17.70
C ARG E 3940 25.92 -29.40 -18.79
N LEU E 3941 25.82 -28.27 -19.50
CA LEU E 3941 26.80 -27.99 -20.54
C LEU E 3941 28.10 -27.51 -19.92
N TRP E 3942 27.99 -26.70 -18.86
CA TRP E 3942 29.11 -25.95 -18.32
C TRP E 3942 30.18 -26.89 -17.79
N ASP E 3943 29.75 -28.00 -17.21
CA ASP E 3943 30.68 -29.00 -16.70
C ASP E 3943 31.42 -29.68 -17.83
N ALA E 3944 30.74 -29.93 -18.95
CA ALA E 3944 31.38 -30.51 -20.11
C ALA E 3944 32.42 -29.55 -20.67
N VAL E 3945 32.11 -28.26 -20.67
CA VAL E 3945 33.04 -27.27 -21.16
C VAL E 3945 34.26 -27.19 -20.25
N VAL E 3946 34.04 -27.26 -18.94
CA VAL E 3946 35.13 -27.25 -17.96
C VAL E 3946 36.05 -28.43 -18.17
N GLY E 3947 35.47 -29.61 -18.37
CA GLY E 3947 36.26 -30.78 -18.64
C GLY E 3947 37.04 -30.69 -19.93
N PHE E 3948 36.45 -30.07 -20.96
CA PHE E 3948 37.20 -29.87 -22.19
C PHE E 3948 38.39 -28.94 -22.00
N LEU E 3949 38.21 -27.89 -21.21
CA LEU E 3949 39.32 -26.98 -20.96
C LEU E 3949 40.43 -27.68 -20.18
N HIS E 3950 40.04 -28.55 -19.26
CA HIS E 3950 41.03 -29.31 -18.49
C HIS E 3950 41.75 -30.32 -19.37
N VAL E 3951 41.09 -30.82 -20.40
CA VAL E 3951 41.82 -31.54 -21.43
C VAL E 3951 42.77 -30.60 -22.13
N PHE E 3952 42.27 -29.40 -22.46
CA PHE E 3952 42.89 -28.53 -23.44
C PHE E 3952 44.25 -28.05 -22.98
N ALA E 3953 44.34 -27.61 -21.72
CA ALA E 3953 45.57 -27.01 -21.24
C ALA E 3953 46.72 -27.99 -21.22
N HIS E 3954 46.57 -29.07 -20.45
CA HIS E 3954 47.61 -30.08 -20.32
C HIS E 3954 47.87 -30.78 -21.63
N MET E 3955 46.84 -30.88 -22.48
CA MET E 3955 46.97 -31.60 -23.72
C MET E 3955 47.82 -30.80 -24.69
N GLN E 3956 47.54 -29.51 -24.82
CA GLN E 3956 48.37 -28.65 -25.65
C GLN E 3956 49.78 -28.50 -25.08
N MET E 3957 49.93 -28.61 -23.77
CA MET E 3957 51.28 -28.54 -23.20
C MET E 3957 52.09 -29.76 -23.62
N LYS E 3958 51.63 -30.95 -23.29
CA LYS E 3958 52.46 -32.12 -23.54
C LYS E 3958 52.48 -32.53 -25.00
N LEU E 3959 51.47 -32.13 -25.78
CA LEU E 3959 51.51 -32.45 -27.20
C LEU E 3959 52.54 -31.60 -27.91
N SER E 3960 52.63 -30.33 -27.56
CA SER E 3960 53.50 -29.40 -28.29
C SER E 3960 54.94 -29.52 -27.82
N GLN E 3961 55.49 -30.71 -27.96
CA GLN E 3961 56.85 -30.91 -27.52
C GLN E 3961 57.59 -31.89 -28.43
N ASP E 3962 56.98 -32.36 -29.51
CA ASP E 3962 57.61 -33.32 -30.40
C ASP E 3962 57.55 -32.79 -31.83
N SER E 3963 58.20 -33.52 -32.72
CA SER E 3963 58.05 -33.26 -34.13
C SER E 3963 56.93 -34.09 -34.75
N SER E 3964 56.64 -35.26 -34.19
CA SER E 3964 55.62 -36.11 -34.76
C SER E 3964 54.21 -35.69 -34.37
N GLN E 3965 54.07 -34.92 -33.29
CA GLN E 3965 52.76 -34.56 -32.78
C GLN E 3965 52.22 -33.28 -33.41
N ILE E 3966 52.65 -32.97 -34.63
CA ILE E 3966 52.18 -31.76 -35.29
C ILE E 3966 50.73 -31.91 -35.73
N GLU E 3967 50.36 -33.11 -36.17
CA GLU E 3967 49.11 -33.29 -36.87
C GLU E 3967 47.94 -33.33 -35.90
N LEU E 3968 48.11 -34.07 -34.82
CA LEU E 3968 47.08 -34.13 -33.80
C LEU E 3968 46.92 -32.78 -33.11
N LEU E 3969 48.01 -32.02 -33.05
CA LEU E 3969 47.92 -30.69 -32.46
C LEU E 3969 47.17 -29.74 -33.36
N LYS E 3970 47.39 -29.84 -34.69
CA LYS E 3970 46.55 -29.17 -35.67
C LYS E 3970 45.08 -29.46 -35.43
N GLU E 3971 44.75 -30.74 -35.27
CA GLU E 3971 43.36 -31.13 -35.12
C GLU E 3971 42.77 -30.61 -33.82
N LEU E 3972 43.57 -30.60 -32.76
CA LEU E 3972 43.03 -30.14 -31.48
C LEU E 3972 42.87 -28.64 -31.46
N MET E 3973 43.74 -27.91 -32.14
CA MET E 3973 43.53 -26.47 -32.25
C MET E 3973 42.30 -26.17 -33.08
N ASP E 3974 42.04 -27.01 -34.09
CA ASP E 3974 40.84 -26.85 -34.89
C ASP E 3974 39.59 -27.05 -34.03
N LEU E 3975 39.61 -28.08 -33.19
CA LEU E 3975 38.50 -28.33 -32.30
C LEU E 3975 38.34 -27.22 -31.28
N GLN E 3976 39.47 -26.69 -30.81
CA GLN E 3976 39.48 -25.54 -29.92
C GLN E 3976 38.75 -24.37 -30.55
N LYS E 3977 39.00 -24.15 -31.83
CA LYS E 3977 38.41 -23.03 -32.55
C LYS E 3977 36.91 -23.20 -32.67
N ASP E 3978 36.44 -24.39 -33.04
CA ASP E 3978 35.00 -24.54 -33.19
C ASP E 3978 34.29 -24.59 -31.84
N MET E 3979 34.98 -25.01 -30.80
CA MET E 3979 34.41 -25.02 -29.46
C MET E 3979 34.19 -23.60 -28.94
N VAL E 3980 35.18 -22.72 -29.12
CA VAL E 3980 34.95 -21.35 -28.67
C VAL E 3980 34.00 -20.63 -29.60
N VAL E 3981 33.92 -21.06 -30.87
CA VAL E 3981 32.87 -20.56 -31.77
C VAL E 3981 31.50 -20.86 -31.19
N MET E 3982 31.32 -22.08 -30.70
CA MET E 3982 30.04 -22.46 -30.12
C MET E 3982 29.73 -21.65 -28.88
N LEU E 3983 30.71 -21.50 -28.00
CA LEU E 3983 30.43 -20.85 -26.72
C LEU E 3983 30.16 -19.36 -26.91
N LEU E 3984 30.95 -18.73 -27.78
CA LEU E 3984 30.77 -17.33 -28.09
C LEU E 3984 29.46 -17.09 -28.82
N SER E 3985 29.10 -18.00 -29.72
CA SER E 3985 27.85 -17.85 -30.45
C SER E 3985 26.66 -18.06 -29.54
N MET E 3986 26.84 -18.85 -28.49
CA MET E 3986 25.80 -18.92 -27.48
C MET E 3986 25.64 -17.58 -26.79
N LEU E 3987 26.73 -17.02 -26.30
CA LEU E 3987 26.65 -15.75 -25.59
C LEU E 3987 26.50 -14.62 -26.60
N GLU E 3988 25.25 -14.35 -26.99
CA GLU E 3988 24.99 -13.13 -27.74
C GLU E 3988 23.75 -12.36 -27.31
N GLY E 3989 22.79 -12.97 -26.62
CA GLY E 3989 21.59 -12.26 -26.25
C GLY E 3989 21.71 -11.61 -24.89
N ASN E 3990 22.87 -11.06 -24.59
CA ASN E 3990 23.15 -10.47 -23.30
C ASN E 3990 22.52 -9.10 -23.21
N VAL E 3991 22.49 -8.54 -22.01
CA VAL E 3991 22.11 -7.14 -21.94
C VAL E 3991 23.29 -6.33 -21.43
N VAL E 3992 23.55 -6.39 -20.13
CA VAL E 3992 24.83 -5.95 -19.58
C VAL E 3992 25.30 -7.05 -18.65
N ASN E 3993 24.58 -7.19 -17.55
CA ASN E 3993 24.83 -8.23 -16.57
C ASN E 3993 23.81 -9.33 -16.76
N GLY E 3994 23.88 -9.96 -17.92
CA GLY E 3994 22.94 -11.00 -18.26
C GLY E 3994 23.18 -12.26 -17.45
N THR E 3995 22.15 -13.11 -17.41
CA THR E 3995 22.26 -14.36 -16.67
C THR E 3995 23.30 -15.28 -17.29
N ILE E 3996 23.24 -15.42 -18.61
CA ILE E 3996 24.16 -16.28 -19.34
C ILE E 3996 25.60 -15.77 -19.22
N GLY E 3997 25.76 -14.45 -19.23
CA GLY E 3997 27.08 -13.88 -19.01
C GLY E 3997 27.59 -14.18 -17.61
N LYS E 3998 26.68 -14.18 -16.64
CA LYS E 3998 27.05 -14.52 -15.28
C LYS E 3998 27.45 -15.98 -15.17
N GLN E 3999 26.76 -16.86 -15.92
CA GLN E 3999 27.11 -18.27 -15.94
C GLN E 3999 28.49 -18.47 -16.53
N MET E 4000 28.82 -17.72 -17.57
CA MET E 4000 30.10 -17.95 -18.21
C MET E 4000 31.23 -17.33 -17.43
N VAL E 4001 30.95 -16.23 -16.73
CA VAL E 4001 31.87 -15.73 -15.70
C VAL E 4001 32.13 -16.80 -14.66
N ASP E 4002 31.07 -17.47 -14.21
CA ASP E 4002 31.22 -18.45 -13.14
C ASP E 4002 31.99 -19.67 -13.57
N MET E 4003 31.81 -20.13 -14.79
CA MET E 4003 32.65 -21.24 -15.23
C MET E 4003 34.08 -20.81 -15.52
N LEU E 4004 34.33 -19.54 -15.80
CA LEU E 4004 35.72 -19.12 -15.84
C LEU E 4004 36.32 -19.04 -14.44
N VAL E 4005 35.48 -18.71 -13.45
CA VAL E 4005 35.94 -18.65 -12.06
C VAL E 4005 36.34 -20.03 -11.58
N GLU E 4006 35.46 -21.02 -11.80
CA GLU E 4006 35.66 -22.34 -11.22
C GLU E 4006 36.81 -23.11 -11.86
N SER E 4007 37.28 -22.70 -13.03
CA SER E 4007 38.40 -23.36 -13.68
C SER E 4007 39.35 -22.32 -14.24
N SER E 4008 39.79 -21.39 -13.39
CA SER E 4008 40.69 -20.34 -13.84
C SER E 4008 42.07 -20.87 -14.21
N ASN E 4009 42.46 -21.97 -13.57
CA ASN E 4009 43.85 -22.42 -13.55
C ASN E 4009 44.33 -22.81 -14.94
N ASN E 4010 43.68 -23.80 -15.52
CA ASN E 4010 44.06 -24.31 -16.83
C ASN E 4010 43.89 -23.27 -17.94
N VAL E 4011 42.98 -22.32 -17.77
CA VAL E 4011 42.85 -21.31 -18.79
C VAL E 4011 44.02 -20.32 -18.70
N GLU E 4012 44.61 -20.18 -17.50
CA GLU E 4012 45.86 -19.44 -17.44
C GLU E 4012 46.97 -20.14 -18.22
N MET E 4013 46.99 -21.48 -18.19
CA MET E 4013 47.94 -22.21 -19.00
C MET E 4013 47.72 -21.99 -20.49
N ILE E 4014 46.47 -21.93 -20.92
CA ILE E 4014 46.29 -21.78 -22.36
C ILE E 4014 46.61 -20.37 -22.81
N LEU E 4015 46.41 -19.36 -21.94
CA LEU E 4015 46.78 -18.00 -22.32
C LEU E 4015 48.29 -17.85 -22.38
N LYS E 4016 49.00 -18.48 -21.44
CA LYS E 4016 50.46 -18.46 -21.50
C LYS E 4016 50.96 -19.24 -22.71
N PHE E 4017 50.26 -20.31 -23.10
CA PHE E 4017 50.64 -21.04 -24.29
C PHE E 4017 50.50 -20.20 -25.54
N PHE E 4018 49.47 -19.35 -25.57
CA PHE E 4018 49.38 -18.39 -26.67
C PHE E 4018 50.49 -17.36 -26.64
N ASP E 4019 50.86 -16.92 -25.43
CA ASP E 4019 51.91 -15.91 -25.28
C ASP E 4019 53.24 -16.43 -25.80
N MET E 4020 53.57 -17.68 -25.49
CA MET E 4020 54.89 -18.20 -25.81
C MET E 4020 55.05 -18.57 -27.28
N PHE E 4021 54.09 -18.27 -28.13
CA PHE E 4021 54.29 -18.38 -29.56
C PHE E 4021 53.76 -17.19 -30.31
N LEU E 4022 53.18 -16.21 -29.61
CA LEU E 4022 52.88 -14.92 -30.21
C LEU E 4022 54.06 -13.97 -30.04
N LYS E 4023 54.55 -13.86 -28.81
CA LYS E 4023 55.74 -13.07 -28.55
C LYS E 4023 56.97 -13.68 -29.19
N LEU E 4024 56.92 -14.97 -29.54
CA LEU E 4024 58.01 -15.59 -30.30
C LEU E 4024 58.15 -14.91 -31.65
N LYS E 4025 57.04 -14.74 -32.37
CA LYS E 4025 57.14 -14.12 -33.68
C LYS E 4025 57.44 -12.65 -33.55
N ASP E 4026 57.01 -12.02 -32.46
CA ASP E 4026 57.41 -10.63 -32.21
C ASP E 4026 58.92 -10.48 -32.04
N LEU E 4027 59.52 -11.23 -31.11
CA LEU E 4027 60.94 -11.11 -30.85
C LEU E 4027 61.79 -11.72 -31.96
N THR E 4028 61.18 -12.57 -32.78
CA THR E 4028 61.85 -13.07 -33.97
C THR E 4028 61.93 -11.99 -35.04
N SER E 4029 60.81 -11.28 -35.25
CA SER E 4029 60.68 -10.38 -36.39
C SER E 4029 61.58 -9.16 -36.31
N SER E 4030 62.03 -8.78 -35.12
CA SER E 4030 63.03 -7.72 -35.01
C SER E 4030 64.40 -8.25 -35.41
N ASP E 4031 65.18 -7.38 -36.01
CA ASP E 4031 66.54 -7.71 -36.45
C ASP E 4031 67.58 -7.33 -35.39
N THR E 4032 67.31 -7.72 -34.15
CA THR E 4032 68.30 -7.62 -33.09
C THR E 4032 69.09 -8.91 -32.93
N PHE E 4033 68.55 -10.03 -33.39
CA PHE E 4033 69.30 -11.27 -33.55
C PHE E 4033 69.07 -11.94 -34.89
N LYS E 4034 67.95 -11.65 -35.56
CA LYS E 4034 67.71 -12.11 -36.92
C LYS E 4034 68.64 -11.42 -37.90
N GLU E 4035 69.24 -10.31 -37.50
CA GLU E 4035 70.31 -9.73 -38.27
C GLU E 4035 71.68 -10.20 -37.79
N TYR E 4036 71.77 -10.73 -36.58
CA TYR E 4036 73.06 -11.18 -36.04
C TYR E 4036 73.59 -12.43 -36.70
N ASP E 4037 72.73 -13.30 -37.22
CA ASP E 4037 73.36 -14.20 -38.16
C ASP E 4037 73.61 -13.48 -39.47
N PRO E 4038 74.76 -13.71 -40.10
CA PRO E 4038 75.04 -13.04 -41.37
C PRO E 4038 74.15 -13.50 -42.50
N ASP E 4039 73.64 -14.73 -42.43
CA ASP E 4039 72.88 -15.33 -43.51
C ASP E 4039 71.41 -14.96 -43.42
N GLY E 4040 70.75 -15.34 -42.33
CA GLY E 4040 69.32 -15.15 -42.23
C GLY E 4040 68.53 -16.14 -43.07
N LYS E 4041 69.01 -17.37 -43.22
CA LYS E 4041 68.40 -18.34 -44.10
C LYS E 4041 67.94 -19.53 -43.25
N GLY E 4042 67.24 -19.22 -42.16
CA GLY E 4042 66.80 -20.25 -41.25
C GLY E 4042 67.91 -20.94 -40.50
N VAL E 4043 69.04 -20.27 -40.31
CA VAL E 4043 70.20 -20.85 -39.66
C VAL E 4043 70.49 -19.99 -38.44
N ILE E 4044 70.04 -20.45 -37.28
CA ILE E 4044 70.36 -19.82 -36.02
C ILE E 4044 70.63 -20.91 -35.00
N SER E 4045 71.85 -20.93 -34.48
CA SER E 4045 72.29 -22.03 -33.64
C SER E 4045 71.60 -21.99 -32.29
N LYS E 4046 71.65 -23.13 -31.60
CA LYS E 4046 70.89 -23.29 -30.37
C LYS E 4046 71.47 -22.43 -29.25
N ARG E 4047 72.79 -22.27 -29.22
CA ARG E 4047 73.34 -21.27 -28.33
C ARG E 4047 73.09 -19.86 -28.84
N ASP E 4048 73.08 -19.68 -30.18
CA ASP E 4048 72.73 -18.39 -30.76
C ASP E 4048 71.29 -18.03 -30.46
N PHE E 4049 70.40 -19.01 -30.62
CA PHE E 4049 69.00 -18.74 -30.29
C PHE E 4049 68.79 -18.62 -28.79
N HIS E 4050 69.64 -19.26 -27.98
CA HIS E 4050 69.49 -19.08 -26.54
C HIS E 4050 69.89 -17.69 -26.10
N LYS E 4051 71.05 -17.22 -26.57
CA LYS E 4051 71.45 -15.85 -26.25
C LYS E 4051 70.57 -14.83 -26.95
N ALA E 4052 69.87 -15.26 -28.01
CA ALA E 4052 68.84 -14.41 -28.60
C ALA E 4052 67.66 -14.27 -27.65
N MET E 4053 67.02 -15.38 -27.33
CA MET E 4053 65.69 -15.33 -26.72
C MET E 4053 65.74 -14.93 -25.26
N GLU E 4054 66.88 -15.08 -24.60
CA GLU E 4054 66.96 -14.62 -23.23
C GLU E 4054 67.19 -13.11 -23.19
N SER E 4055 67.95 -12.60 -24.15
CA SER E 4055 68.28 -11.19 -24.19
C SER E 4055 67.26 -10.36 -24.97
N HIS E 4056 66.20 -10.98 -25.47
CA HIS E 4056 65.04 -10.18 -25.86
C HIS E 4056 64.27 -9.68 -24.64
N LYS E 4057 64.38 -10.42 -23.52
CA LYS E 4057 63.90 -10.05 -22.19
C LYS E 4057 62.38 -9.87 -22.19
N HIS E 4058 61.72 -10.96 -22.51
CA HIS E 4058 60.29 -11.10 -22.28
C HIS E 4058 59.96 -12.46 -21.69
N TYR E 4059 60.97 -13.26 -21.38
CA TYR E 4059 60.82 -14.68 -21.14
C TYR E 4059 61.38 -15.05 -19.78
N THR E 4060 60.57 -15.72 -18.97
CA THR E 4060 61.15 -16.42 -17.84
C THR E 4060 61.95 -17.60 -18.38
N GLN E 4061 63.08 -17.87 -17.72
CA GLN E 4061 64.05 -18.81 -18.26
C GLN E 4061 63.56 -20.25 -18.24
N SER E 4062 62.59 -20.56 -17.38
CA SER E 4062 61.88 -21.83 -17.47
C SER E 4062 61.17 -21.95 -18.81
N GLU E 4063 60.61 -20.85 -19.29
CA GLU E 4063 59.92 -20.93 -20.57
C GLU E 4063 60.88 -20.84 -21.74
N THR E 4064 62.07 -20.28 -21.54
CA THR E 4064 63.11 -20.46 -22.54
C THR E 4064 63.49 -21.93 -22.65
N GLU E 4065 63.58 -22.61 -21.51
CA GLU E 4065 63.82 -24.05 -21.51
C GLU E 4065 62.67 -24.79 -22.17
N PHE E 4066 61.44 -24.30 -21.98
CA PHE E 4066 60.28 -24.90 -22.63
C PHE E 4066 60.38 -24.77 -24.14
N LEU E 4067 60.74 -23.60 -24.63
CA LEU E 4067 60.84 -23.39 -26.07
C LEU E 4067 62.02 -24.15 -26.66
N LEU E 4068 63.15 -24.19 -25.95
CA LEU E 4068 64.31 -24.90 -26.45
C LEU E 4068 64.09 -26.41 -26.41
N SER E 4069 63.35 -26.89 -25.41
CA SER E 4069 62.94 -28.28 -25.39
C SER E 4069 61.92 -28.56 -26.48
N CYS E 4070 61.19 -27.54 -26.90
CA CYS E 4070 60.18 -27.74 -27.91
C CYS E 4070 60.76 -27.73 -29.31
N ALA E 4071 61.75 -26.86 -29.57
CA ALA E 4071 61.86 -26.21 -30.87
C ALA E 4071 62.12 -27.09 -32.10
N GLU E 4072 63.36 -27.47 -32.36
CA GLU E 4072 63.59 -28.46 -33.41
C GLU E 4072 64.64 -29.49 -33.03
N THR E 4073 65.72 -29.01 -32.39
CA THR E 4073 67.02 -29.69 -32.30
C THR E 4073 67.48 -30.18 -33.69
N ASP E 4074 67.63 -29.21 -34.60
CA ASP E 4074 67.75 -29.48 -36.03
C ASP E 4074 69.20 -29.80 -36.40
N GLU E 4075 69.60 -31.03 -36.07
CA GLU E 4075 70.68 -31.82 -36.66
C GLU E 4075 72.10 -31.34 -36.37
N ASN E 4076 72.30 -30.06 -36.06
CA ASN E 4076 73.57 -29.67 -35.46
C ASN E 4076 73.31 -28.86 -34.20
N GLU E 4077 72.87 -27.61 -34.39
CA GLU E 4077 72.19 -26.83 -33.38
C GLU E 4077 71.15 -25.87 -33.97
N THR E 4078 70.92 -25.87 -35.27
CA THR E 4078 70.21 -24.76 -35.89
C THR E 4078 68.70 -24.93 -35.72
N LEU E 4079 67.94 -24.02 -36.33
CA LEU E 4079 66.48 -24.02 -36.37
C LEU E 4079 66.04 -23.02 -37.42
N ASP E 4080 65.01 -23.35 -38.19
CA ASP E 4080 64.54 -22.43 -39.21
C ASP E 4080 63.77 -21.27 -38.61
N TYR E 4081 63.71 -20.18 -39.36
CA TYR E 4081 62.75 -19.13 -39.05
C TYR E 4081 61.40 -19.43 -39.66
N GLU E 4082 61.38 -19.70 -40.96
CA GLU E 4082 60.14 -19.91 -41.70
C GLU E 4082 59.43 -21.18 -41.24
N GLU E 4083 60.18 -22.25 -41.03
CA GLU E 4083 59.58 -23.53 -40.75
C GLU E 4083 59.71 -23.91 -39.28
N PHE E 4084 59.92 -22.95 -38.41
CA PHE E 4084 59.60 -23.13 -37.01
C PHE E 4084 58.47 -22.23 -36.54
N VAL E 4085 58.62 -20.92 -36.64
CA VAL E 4085 57.60 -20.04 -36.08
C VAL E 4085 56.56 -19.66 -37.12
N LYS E 4086 56.95 -19.30 -38.35
CA LYS E 4086 55.95 -19.03 -39.38
C LYS E 4086 55.23 -20.28 -39.80
N ARG E 4087 55.86 -21.44 -39.61
CA ARG E 4087 55.15 -22.70 -39.50
C ARG E 4087 54.07 -22.61 -38.44
N PHE E 4088 54.46 -22.20 -37.23
CA PHE E 4088 53.60 -22.37 -36.08
C PHE E 4088 52.70 -21.17 -35.81
N HIS E 4089 53.03 -19.99 -36.32
CA HIS E 4089 52.37 -18.78 -35.81
C HIS E 4089 50.96 -18.61 -36.36
N GLU E 4090 50.56 -19.40 -37.35
CA GLU E 4090 49.22 -19.22 -37.91
C GLU E 4090 48.10 -19.69 -36.97
N PRO E 4091 48.10 -20.93 -36.43
CA PRO E 4091 46.93 -21.32 -35.62
C PRO E 4091 46.84 -20.60 -34.30
N ALA E 4092 47.98 -20.30 -33.67
CA ALA E 4092 47.97 -19.55 -32.43
C ALA E 4092 47.43 -18.14 -32.65
N LYS E 4093 47.60 -17.60 -33.85
CA LYS E 4093 46.90 -16.38 -34.20
C LYS E 4093 45.40 -16.63 -34.34
N ASP E 4094 45.02 -17.67 -35.07
CA ASP E 4094 43.63 -17.82 -35.49
C ASP E 4094 42.70 -18.13 -34.32
N ILE E 4095 43.07 -19.09 -33.50
CA ILE E 4095 42.24 -19.47 -32.35
C ILE E 4095 42.27 -18.37 -31.30
N GLY E 4096 43.46 -17.86 -31.02
CA GLY E 4096 43.66 -16.79 -30.07
C GLY E 4096 42.90 -15.53 -30.40
N PHE E 4097 42.64 -15.29 -31.68
CA PHE E 4097 41.71 -14.25 -32.08
C PHE E 4097 40.35 -14.45 -31.44
N ASN E 4098 39.80 -15.65 -31.55
CA ASN E 4098 38.47 -15.92 -31.02
C ASN E 4098 38.47 -15.85 -29.51
N VAL E 4099 39.59 -16.28 -28.92
CA VAL E 4099 39.72 -16.24 -27.46
C VAL E 4099 39.71 -14.80 -26.99
N ALA E 4100 40.43 -13.95 -27.71
CA ALA E 4100 40.47 -12.54 -27.38
C ALA E 4100 39.13 -11.88 -27.58
N VAL E 4101 38.38 -12.33 -28.61
CA VAL E 4101 37.06 -11.78 -28.84
C VAL E 4101 36.12 -12.15 -27.70
N LEU E 4102 36.24 -13.37 -27.20
CA LEU E 4102 35.33 -13.80 -26.14
C LEU E 4102 35.64 -13.10 -24.84
N LEU E 4103 36.93 -12.99 -24.49
CA LEU E 4103 37.29 -12.21 -23.30
C LEU E 4103 36.92 -10.75 -23.47
N THR E 4104 37.09 -10.23 -24.68
CA THR E 4104 36.66 -8.88 -25.00
C THR E 4104 35.17 -8.73 -24.82
N ASN E 4105 34.41 -9.74 -25.25
CA ASN E 4105 32.96 -9.64 -25.20
C ASN E 4105 32.46 -9.70 -23.78
N LEU E 4106 33.09 -10.52 -22.95
CA LEU E 4106 32.74 -10.58 -21.54
C LEU E 4106 33.11 -9.29 -20.84
N SER E 4107 34.23 -8.69 -21.23
CA SER E 4107 34.64 -7.43 -20.63
C SER E 4107 33.69 -6.31 -20.97
N GLU E 4108 33.41 -6.15 -22.26
CA GLU E 4108 32.60 -5.02 -22.72
C GLU E 4108 31.17 -5.16 -22.27
N HIS E 4109 30.58 -6.34 -22.48
CA HIS E 4109 29.19 -6.52 -22.10
C HIS E 4109 29.02 -6.52 -20.60
N MET E 4110 29.93 -7.14 -19.87
CA MET E 4110 29.76 -7.31 -18.43
C MET E 4110 30.95 -6.68 -17.74
N PRO E 4111 30.91 -5.38 -17.47
CA PRO E 4111 32.01 -4.74 -16.73
C PRO E 4111 31.81 -4.89 -15.24
N ASN E 4112 32.68 -4.23 -14.47
CA ASN E 4112 32.58 -4.00 -13.02
C ASN E 4112 32.76 -5.26 -12.19
N ASP E 4113 33.15 -6.38 -12.79
CA ASP E 4113 33.29 -7.63 -12.08
C ASP E 4113 34.77 -7.96 -11.91
N THR E 4114 35.17 -8.13 -10.65
CA THR E 4114 36.59 -8.14 -10.31
C THR E 4114 37.25 -9.44 -10.73
N ARG E 4115 36.50 -10.52 -10.84
CA ARG E 4115 37.09 -11.83 -11.11
C ARG E 4115 37.56 -11.92 -12.54
N LEU E 4116 36.66 -11.63 -13.47
CA LEU E 4116 37.00 -11.43 -14.87
C LEU E 4116 38.05 -10.35 -15.04
N GLN E 4117 38.01 -9.32 -14.19
CA GLN E 4117 38.96 -8.23 -14.27
C GLN E 4117 40.37 -8.71 -13.97
N THR E 4118 40.51 -9.47 -12.88
CA THR E 4118 41.78 -10.07 -12.52
C THR E 4118 42.26 -11.02 -13.60
N PHE E 4119 41.33 -11.80 -14.15
CA PHE E 4119 41.68 -12.79 -15.16
C PHE E 4119 42.18 -12.10 -16.43
N LEU E 4120 41.53 -11.00 -16.80
CA LEU E 4120 41.93 -10.25 -17.98
C LEU E 4120 43.26 -9.56 -17.75
N GLU E 4121 43.53 -9.16 -16.50
CA GLU E 4121 44.84 -8.64 -16.16
C GLU E 4121 45.90 -9.73 -16.28
N LEU E 4122 45.53 -10.97 -16.01
CA LEU E 4122 46.42 -12.09 -16.31
C LEU E 4122 46.34 -12.51 -17.77
N ALA E 4123 45.46 -11.90 -18.55
CA ALA E 4123 45.31 -12.20 -19.97
C ALA E 4123 45.68 -11.01 -20.84
N GLU E 4124 46.62 -10.20 -20.42
CA GLU E 4124 46.78 -8.90 -21.04
C GLU E 4124 47.57 -8.98 -22.35
N SER E 4125 48.51 -9.92 -22.45
CA SER E 4125 49.47 -9.87 -23.54
C SER E 4125 48.89 -10.27 -24.88
N VAL E 4126 47.72 -10.91 -24.90
CA VAL E 4126 47.19 -11.38 -26.17
C VAL E 4126 46.34 -10.31 -26.83
N LEU E 4127 45.53 -9.60 -26.03
CA LEU E 4127 44.68 -8.53 -26.55
C LEU E 4127 45.50 -7.44 -27.18
N ASN E 4128 46.66 -7.15 -26.60
CA ASN E 4128 47.51 -6.08 -27.10
C ASN E 4128 48.09 -6.42 -28.45
N TYR E 4129 48.21 -7.70 -28.75
CA TYR E 4129 48.52 -8.10 -30.11
C TYR E 4129 47.33 -7.90 -31.02
N PHE E 4130 46.16 -8.32 -30.56
CA PHE E 4130 45.01 -8.43 -31.44
C PHE E 4130 44.07 -7.24 -31.39
N GLN E 4131 44.35 -6.24 -30.56
CA GLN E 4131 43.56 -5.01 -30.60
C GLN E 4131 43.55 -4.30 -31.96
N PRO E 4132 44.61 -4.29 -32.78
CA PRO E 4132 44.43 -3.77 -34.14
C PRO E 4132 43.58 -4.63 -35.04
N PHE E 4133 43.29 -5.86 -34.67
CA PHE E 4133 42.80 -6.79 -35.67
C PHE E 4133 41.32 -7.06 -35.53
N LEU E 4134 40.74 -6.79 -34.38
CA LEU E 4134 39.32 -6.95 -34.17
C LEU E 4134 38.67 -5.58 -34.27
N GLY E 4135 37.46 -5.53 -34.79
CA GLY E 4135 36.72 -4.31 -34.88
C GLY E 4135 35.40 -4.51 -34.19
N ARG E 4136 34.74 -3.41 -33.84
CA ARG E 4136 33.50 -3.52 -33.11
C ARG E 4136 32.61 -2.33 -33.42
N ILE E 4137 31.41 -2.61 -33.91
CA ILE E 4137 30.49 -1.62 -34.44
C ILE E 4137 29.19 -1.72 -33.66
N GLU E 4138 28.21 -0.92 -34.05
CA GLU E 4138 26.90 -0.97 -33.42
C GLU E 4138 25.83 -1.14 -34.48
N ILE E 4139 24.82 -1.95 -34.15
CA ILE E 4139 23.63 -2.12 -34.97
C ILE E 4139 22.41 -2.24 -34.08
N MET E 4140 21.26 -2.53 -34.68
CA MET E 4140 20.08 -3.00 -33.98
C MET E 4140 19.59 -4.27 -34.65
N GLY E 4141 19.86 -5.41 -34.03
CA GLY E 4141 19.59 -6.69 -34.67
C GLY E 4141 18.23 -7.27 -34.39
N SER E 4142 17.17 -6.56 -34.83
CA SER E 4142 15.76 -6.95 -34.79
C SER E 4142 15.17 -7.02 -33.38
N ALA E 4143 16.01 -6.83 -32.37
CA ALA E 4143 15.56 -6.92 -30.99
C ALA E 4143 15.02 -5.61 -30.48
N LYS E 4144 14.96 -4.59 -31.34
CA LYS E 4144 14.58 -3.22 -31.02
C LYS E 4144 15.42 -2.61 -29.91
N ARG E 4145 16.67 -3.02 -29.80
CA ARG E 4145 17.64 -2.35 -28.95
C ARG E 4145 19.01 -2.53 -29.58
N ILE E 4146 20.04 -2.04 -28.90
CA ILE E 4146 21.36 -1.90 -29.46
C ILE E 4146 22.14 -3.16 -29.16
N GLU E 4147 22.62 -3.81 -30.19
CA GLU E 4147 23.49 -4.96 -30.04
C GLU E 4147 24.89 -4.51 -30.44
N ARG E 4148 25.87 -5.33 -30.13
CA ARG E 4148 27.24 -5.04 -30.52
C ARG E 4148 27.82 -6.24 -31.24
N VAL E 4149 28.55 -5.99 -32.31
CA VAL E 4149 29.16 -7.02 -33.12
C VAL E 4149 30.65 -6.96 -32.90
N TYR E 4150 31.33 -8.09 -33.02
CA TYR E 4150 32.77 -8.12 -33.15
C TYR E 4150 33.11 -8.88 -34.40
N PHE E 4151 34.26 -8.59 -34.98
CA PHE E 4151 34.62 -9.22 -36.24
C PHE E 4151 36.12 -9.14 -36.42
N GLU E 4152 36.58 -9.48 -37.61
CA GLU E 4152 37.99 -9.62 -37.90
C GLU E 4152 38.37 -8.70 -39.04
N ILE E 4153 39.53 -8.05 -38.92
CA ILE E 4153 40.08 -7.21 -39.96
C ILE E 4153 41.26 -7.92 -40.59
N SER E 4154 41.18 -8.19 -41.88
CA SER E 4154 42.30 -8.73 -42.61
C SER E 4154 43.42 -7.70 -42.69
N GLU E 4155 44.66 -8.17 -42.64
CA GLU E 4155 45.81 -7.28 -42.54
C GLU E 4155 46.00 -6.49 -43.82
N SER E 4156 46.06 -7.21 -44.94
CA SER E 4156 46.39 -6.61 -46.23
C SER E 4156 45.31 -5.64 -46.68
N SER E 4157 44.06 -5.95 -46.34
CA SER E 4157 42.94 -5.07 -46.67
C SER E 4157 43.09 -3.72 -45.98
N ARG E 4158 43.38 -3.72 -44.68
CA ARG E 4158 43.53 -2.47 -43.94
C ARG E 4158 44.76 -1.70 -44.40
N THR E 4159 45.90 -2.38 -44.44
CA THR E 4159 47.17 -1.75 -44.74
C THR E 4159 47.36 -1.43 -46.22
N GLN E 4160 46.41 -1.80 -47.07
CA GLN E 4160 46.39 -1.22 -48.40
C GLN E 4160 45.16 -0.34 -48.62
N TRP E 4161 44.22 -0.34 -47.67
CA TRP E 4161 43.19 0.69 -47.66
C TRP E 4161 43.77 2.04 -47.39
N GLU E 4162 44.50 2.17 -46.27
CA GLU E 4162 44.67 3.50 -45.71
C GLU E 4162 45.65 4.38 -46.48
N LYS E 4163 46.52 3.81 -47.29
CA LYS E 4163 47.47 4.72 -47.91
C LYS E 4163 47.05 5.44 -49.20
N PRO E 4164 46.83 4.76 -50.35
CA PRO E 4164 47.16 5.40 -51.64
C PRO E 4164 46.28 6.54 -52.16
N GLN E 4165 45.00 6.28 -52.40
CA GLN E 4165 44.15 7.10 -53.27
C GLN E 4165 42.82 7.24 -52.57
N VAL E 4166 42.60 6.27 -51.70
CA VAL E 4166 41.31 6.08 -51.06
C VAL E 4166 41.09 7.17 -50.04
N LYS E 4167 42.17 7.78 -49.56
CA LYS E 4167 42.06 8.96 -48.71
C LYS E 4167 41.40 10.11 -49.47
N GLU E 4168 41.76 10.28 -50.75
CA GLU E 4168 41.15 11.35 -51.51
C GLU E 4168 39.72 11.00 -51.90
N SER E 4169 39.45 9.72 -52.18
CA SER E 4169 38.06 9.30 -52.43
C SER E 4169 37.20 9.51 -51.21
N LYS E 4170 37.77 9.24 -50.03
CA LYS E 4170 37.13 9.50 -48.75
C LYS E 4170 36.79 10.97 -48.58
N ARG E 4171 37.75 11.85 -48.88
CA ARG E 4171 37.52 13.27 -48.65
C ARG E 4171 36.48 13.82 -49.62
N GLN E 4172 36.51 13.35 -50.86
CA GLN E 4172 35.45 13.65 -51.82
C GLN E 4172 34.08 13.26 -51.29
N PHE E 4173 33.99 12.03 -50.75
CA PHE E 4173 32.71 11.53 -50.27
C PHE E 4173 32.20 12.33 -49.07
N ILE E 4174 33.08 12.54 -48.09
CA ILE E 4174 32.71 13.26 -46.88
C ILE E 4174 32.27 14.66 -47.22
N PHE E 4175 32.99 15.30 -48.15
CA PHE E 4175 32.66 16.64 -48.60
C PHE E 4175 31.27 16.69 -49.20
N ASP E 4176 31.00 15.77 -50.12
CA ASP E 4176 29.74 15.77 -50.84
C ASP E 4176 28.57 15.47 -49.92
N VAL E 4177 28.79 14.64 -48.91
CA VAL E 4177 27.65 14.24 -48.09
C VAL E 4177 27.36 15.26 -47.01
N VAL E 4178 28.40 15.73 -46.32
CA VAL E 4178 28.17 16.69 -45.24
C VAL E 4178 27.71 18.03 -45.78
N ASN E 4179 28.11 18.38 -47.01
CA ASN E 4179 27.65 19.64 -47.60
C ASN E 4179 26.16 19.61 -47.90
N GLU E 4180 25.67 18.49 -48.43
CA GLU E 4180 24.28 18.44 -48.88
C GLU E 4180 23.81 16.99 -48.93
N GLY E 4181 22.50 16.82 -48.81
CA GLY E 4181 21.88 15.51 -48.86
C GLY E 4181 20.63 15.41 -48.02
N GLY E 4182 19.63 14.65 -48.50
CA GLY E 4182 18.44 14.38 -47.72
C GLY E 4182 18.77 13.51 -46.52
N GLU E 4183 18.01 13.74 -45.44
CA GLU E 4183 18.41 13.28 -44.11
C GLU E 4183 18.38 11.76 -43.98
N LYS E 4184 17.56 11.10 -44.77
CA LYS E 4184 17.41 9.65 -44.69
C LYS E 4184 18.18 8.93 -45.78
N GLU E 4185 18.38 9.57 -46.92
CA GLU E 4185 19.14 8.95 -48.01
C GLU E 4185 20.64 9.01 -47.81
N LYS E 4186 21.13 9.62 -46.72
CA LYS E 4186 22.57 9.73 -46.53
C LYS E 4186 23.21 8.37 -46.33
N MET E 4187 22.52 7.47 -45.64
CA MET E 4187 23.10 6.18 -45.31
C MET E 4187 23.18 5.30 -46.54
N GLU E 4188 22.19 5.43 -47.44
CA GLU E 4188 22.26 4.69 -48.69
C GLU E 4188 23.38 5.20 -49.57
N LEU E 4189 23.66 6.50 -49.50
CA LEU E 4189 24.83 7.04 -50.16
C LEU E 4189 26.10 6.48 -49.53
N PHE E 4190 26.07 6.26 -48.22
CA PHE E 4190 27.23 5.67 -47.57
C PHE E 4190 27.44 4.24 -48.01
N VAL E 4191 26.36 3.48 -48.19
CA VAL E 4191 26.53 2.10 -48.62
C VAL E 4191 26.96 2.04 -50.07
N ASN E 4192 26.49 2.98 -50.88
CA ASN E 4192 26.97 3.08 -52.25
C ASN E 4192 28.47 3.39 -52.28
N PHE E 4193 28.91 4.30 -51.41
CA PHE E 4193 30.33 4.57 -51.23
C PHE E 4193 31.08 3.35 -50.74
N CYS E 4194 30.48 2.62 -49.82
CA CYS E 4194 31.16 1.48 -49.24
C CYS E 4194 31.34 0.39 -50.28
N GLU E 4195 30.35 0.24 -51.14
CA GLU E 4195 30.37 -0.78 -52.18
C GLU E 4195 31.46 -0.48 -53.20
N ASP E 4196 31.44 0.72 -53.78
CA ASP E 4196 32.46 0.96 -54.80
C ASP E 4196 33.83 1.22 -54.20
N THR E 4197 33.91 1.56 -52.90
CA THR E 4197 35.19 1.63 -52.25
C THR E 4197 35.77 0.24 -52.06
N ILE E 4198 34.92 -0.76 -51.80
CA ILE E 4198 35.38 -2.14 -51.77
C ILE E 4198 35.90 -2.58 -53.13
N PHE E 4199 35.17 -2.21 -54.19
CA PHE E 4199 35.63 -2.53 -55.53
C PHE E 4199 36.96 -1.87 -55.84
N GLU E 4200 37.10 -0.60 -55.50
CA GLU E 4200 38.35 0.12 -55.67
C GLU E 4200 39.44 -0.48 -54.80
N MET E 4201 39.08 -1.00 -53.63
CA MET E 4201 40.06 -1.57 -52.74
C MET E 4201 40.64 -2.85 -53.31
N GLN E 4202 39.77 -3.67 -53.91
CA GLN E 4202 40.26 -4.85 -54.60
C GLN E 4202 41.09 -4.47 -55.82
N LEU E 4203 40.70 -3.40 -56.50
CA LEU E 4203 41.43 -2.99 -57.68
C LEU E 4203 42.80 -2.45 -57.32
N ALA E 4204 42.90 -1.76 -56.19
CA ALA E 4204 44.19 -1.28 -55.72
C ALA E 4204 45.02 -2.44 -55.19
N ALA E 4205 44.38 -3.49 -54.72
CA ALA E 4205 45.11 -4.70 -54.41
C ALA E 4205 45.64 -5.35 -55.67
N GLN E 4206 44.92 -5.20 -56.79
CA GLN E 4206 45.25 -5.92 -58.01
C GLN E 4206 46.54 -5.41 -58.65
N ILE E 4207 47.04 -4.26 -58.24
CA ILE E 4207 48.25 -3.69 -58.81
C ILE E 4207 49.49 -4.49 -58.43
N ILE E 4486 51.87 -10.39 -74.37
CA ILE E 4486 52.97 -10.07 -73.48
C ILE E 4486 52.45 -9.58 -72.14
N ALA E 4487 52.74 -10.32 -71.08
CA ALA E 4487 52.37 -9.91 -69.74
C ALA E 4487 53.34 -8.90 -69.14
N TYR E 4488 54.53 -8.77 -69.74
CA TYR E 4488 55.45 -7.69 -69.36
C TYR E 4488 54.87 -6.33 -69.71
N GLN E 4489 54.03 -6.28 -70.75
CA GLN E 4489 53.23 -5.09 -71.03
C GLN E 4489 52.35 -4.74 -69.84
N GLN E 4490 51.71 -5.76 -69.25
CA GLN E 4490 50.87 -5.50 -68.09
C GLN E 4490 51.72 -5.12 -66.88
N LYS E 4491 52.91 -5.68 -66.77
CA LYS E 4491 53.81 -5.33 -65.68
C LYS E 4491 54.24 -3.88 -65.79
N LEU E 4492 54.54 -3.44 -67.01
CA LEU E 4492 54.81 -2.02 -67.25
C LEU E 4492 53.56 -1.18 -67.02
N LEU E 4493 52.39 -1.76 -67.24
CA LEU E 4493 51.14 -1.04 -66.99
C LEU E 4493 50.91 -0.84 -65.50
N ASN E 4494 51.45 -1.73 -64.66
CA ASN E 4494 51.36 -1.51 -63.22
C ASN E 4494 52.20 -0.32 -62.77
N TYR E 4495 53.26 -0.01 -63.51
CA TYR E 4495 54.18 1.05 -63.12
C TYR E 4495 53.56 2.43 -63.24
N PHE E 4496 52.65 2.61 -64.19
CA PHE E 4496 51.91 3.85 -64.40
C PHE E 4496 51.05 4.23 -63.21
N ALA E 4497 50.00 3.43 -62.99
CA ALA E 4497 48.94 3.82 -62.09
C ALA E 4497 49.36 3.75 -60.64
N ARG E 4498 50.44 3.03 -60.37
CA ARG E 4498 51.09 3.12 -59.09
C ARG E 4498 51.69 4.50 -58.86
N ASN E 4499 52.06 5.19 -59.94
CA ASN E 4499 52.83 6.42 -59.83
C ASN E 4499 52.16 7.56 -60.58
N PHE E 4500 50.87 7.78 -60.37
CA PHE E 4500 50.16 8.73 -61.21
C PHE E 4500 50.37 10.17 -60.76
N TYR E 4501 50.10 10.44 -59.49
CA TYR E 4501 50.02 11.82 -59.00
C TYR E 4501 51.37 12.52 -59.08
N ASN E 4502 52.44 11.79 -58.78
CA ASN E 4502 53.77 12.37 -58.83
C ASN E 4502 54.16 12.67 -60.27
N MET E 4503 53.72 11.83 -61.21
CA MET E 4503 53.93 12.09 -62.63
C MET E 4503 53.22 13.35 -63.10
N ARG E 4504 51.98 13.54 -62.66
CA ARG E 4504 51.24 14.75 -63.02
C ARG E 4504 51.88 16.01 -62.44
N MET E 4505 52.33 15.92 -61.18
CA MET E 4505 53.00 17.06 -60.55
C MET E 4505 54.33 17.38 -61.24
N LEU E 4506 55.03 16.35 -61.69
CA LEU E 4506 56.28 16.56 -62.42
C LEU E 4506 56.02 17.17 -63.79
N ALA E 4507 54.88 16.85 -64.40
CA ALA E 4507 54.53 17.49 -65.67
C ALA E 4507 54.27 18.98 -65.47
N LEU E 4508 53.65 19.34 -64.35
CA LEU E 4508 53.53 20.75 -63.99
C LEU E 4508 54.89 21.42 -63.82
N PHE E 4509 55.83 20.69 -63.21
CA PHE E 4509 57.19 21.22 -63.03
C PHE E 4509 57.88 21.47 -64.37
N VAL E 4510 57.70 20.56 -65.33
CA VAL E 4510 58.26 20.73 -66.67
C VAL E 4510 57.65 21.94 -67.36
N ALA E 4511 56.34 22.15 -67.18
CA ALA E 4511 55.70 23.31 -67.82
C ALA E 4511 56.21 24.63 -67.24
N PHE E 4512 56.44 24.66 -65.93
CA PHE E 4512 57.11 25.81 -65.30
C PHE E 4512 58.47 26.07 -65.93
N ALA E 4513 59.26 25.01 -66.11
CA ALA E 4513 60.61 25.19 -66.64
C ALA E 4513 60.58 25.69 -68.09
N ILE E 4514 59.63 25.19 -68.89
CA ILE E 4514 59.60 25.58 -70.29
C ILE E 4514 59.13 27.02 -70.45
N ASN E 4515 58.16 27.45 -69.65
CA ASN E 4515 57.77 28.85 -69.81
C ASN E 4515 58.74 29.81 -69.13
N PHE E 4516 59.50 29.33 -68.16
CA PHE E 4516 60.68 30.05 -67.68
C PHE E 4516 61.67 30.30 -68.80
N ILE E 4517 61.95 29.29 -69.62
CA ILE E 4517 62.83 29.48 -70.77
C ILE E 4517 62.20 30.42 -71.78
N LEU E 4518 60.91 30.27 -72.02
CA LEU E 4518 60.22 31.04 -73.05
C LEU E 4518 59.97 32.47 -72.62
N LEU E 4519 60.33 32.83 -71.39
CA LEU E 4519 60.37 34.23 -70.98
C LEU E 4519 61.29 35.06 -71.89
N PHE E 4520 62.36 34.46 -72.41
CA PHE E 4520 63.35 35.17 -73.23
C PHE E 4520 62.97 35.08 -74.70
N TYR E 4521 62.24 36.09 -75.17
CA TYR E 4521 62.01 36.27 -76.59
C TYR E 4521 62.27 37.70 -77.03
N LYS E 4522 62.37 37.86 -78.34
CA LYS E 4522 62.87 39.09 -78.93
C LYS E 4522 62.45 39.20 -80.38
N VAL E 4523 61.98 40.36 -80.79
CA VAL E 4523 61.63 40.61 -82.18
C VAL E 4523 62.90 40.79 -82.99
N SER E 4524 62.96 40.13 -84.14
CA SER E 4524 64.07 40.33 -85.06
C SER E 4524 63.62 40.11 -86.50
N VAL E 4558 60.66 37.57 -87.08
CA VAL E 4558 61.23 36.32 -86.61
C VAL E 4558 61.74 36.50 -85.17
N HIS E 4559 61.59 35.47 -84.35
CA HIS E 4559 61.90 35.54 -82.92
C HIS E 4559 63.10 34.66 -82.63
N TYR E 4560 63.97 35.09 -81.72
CA TYR E 4560 65.09 34.25 -81.33
C TYR E 4560 65.57 34.65 -79.93
N VAL E 4561 66.15 33.67 -79.23
CA VAL E 4561 66.47 33.73 -77.81
C VAL E 4561 67.96 33.99 -77.64
N LEU E 4562 68.31 34.90 -76.74
CA LEU E 4562 69.70 35.05 -76.31
C LEU E 4562 70.01 34.01 -75.23
N GLU E 4563 71.14 34.13 -74.55
CA GLU E 4563 71.40 33.20 -73.44
C GLU E 4563 72.13 33.92 -72.31
N GLU E 4564 71.42 34.12 -71.20
CA GLU E 4564 72.05 34.33 -69.90
C GLU E 4564 72.11 32.99 -69.16
N SER E 4565 72.63 31.98 -69.85
CA SER E 4565 72.54 30.60 -69.40
C SER E 4565 73.62 29.79 -70.12
N SER E 4566 73.49 28.46 -70.11
CA SER E 4566 74.39 27.61 -70.86
C SER E 4566 74.18 27.81 -72.36
N GLY E 4567 75.14 27.31 -73.13
CA GLY E 4567 75.12 27.50 -74.57
C GLY E 4567 74.03 26.74 -75.29
N TYR E 4568 73.54 25.65 -74.70
CA TYR E 4568 72.64 24.73 -75.39
C TYR E 4568 71.22 24.79 -74.83
N MET E 4569 70.74 26.00 -74.54
CA MET E 4569 69.40 26.13 -73.96
C MET E 4569 68.31 25.85 -75.00
N GLU E 4570 68.54 26.21 -76.26
CA GLU E 4570 67.59 25.92 -77.33
C GLU E 4570 67.50 24.42 -77.64
N PRO E 4571 68.60 23.64 -77.67
CA PRO E 4571 68.42 22.19 -77.71
C PRO E 4571 67.73 21.62 -76.48
N THR E 4572 67.88 22.22 -75.29
CA THR E 4572 67.13 21.71 -74.15
C THR E 4572 65.66 22.03 -74.26
N LEU E 4573 65.31 23.15 -74.91
CA LEU E 4573 63.90 23.40 -75.21
C LEU E 4573 63.36 22.35 -76.16
N ARG E 4574 64.15 22.01 -77.18
CA ARG E 4574 63.81 20.90 -78.07
C ARG E 4574 63.69 19.58 -77.33
N ILE E 4575 64.49 19.38 -76.29
CA ILE E 4575 64.35 18.20 -75.45
C ILE E 4575 63.03 18.23 -74.70
N LEU E 4576 62.79 19.32 -73.96
CA LEU E 4576 61.74 19.34 -72.98
C LEU E 4576 60.36 19.41 -73.60
N ALA E 4577 60.23 19.90 -74.83
CA ALA E 4577 58.94 19.83 -75.51
C ALA E 4577 58.52 18.38 -75.73
N ILE E 4578 59.43 17.58 -76.29
CA ILE E 4578 59.18 16.16 -76.51
C ILE E 4578 59.00 15.45 -75.18
N LEU E 4579 59.80 15.83 -74.19
CA LEU E 4579 59.73 15.22 -72.87
C LEU E 4579 58.36 15.48 -72.22
N HIS E 4580 57.85 16.69 -72.36
CA HIS E 4580 56.57 17.03 -71.76
C HIS E 4580 55.43 16.32 -72.46
N THR E 4581 55.50 16.21 -73.79
CA THR E 4581 54.46 15.50 -74.52
C THR E 4581 54.48 14.01 -74.19
N VAL E 4582 55.67 13.46 -73.97
CA VAL E 4582 55.82 12.10 -73.49
C VAL E 4582 55.15 11.93 -72.14
N ILE E 4583 55.34 12.88 -71.23
CA ILE E 4583 54.75 12.73 -69.90
C ILE E 4583 53.23 12.88 -69.95
N SER E 4584 52.71 13.70 -70.86
CA SER E 4584 51.26 13.83 -70.96
C SER E 4584 50.61 12.55 -71.52
N PHE E 4585 51.24 11.95 -72.54
CA PHE E 4585 50.75 10.69 -73.06
C PHE E 4585 50.87 9.57 -72.02
N PHE E 4586 51.97 9.62 -71.27
CA PHE E 4586 52.23 8.65 -70.21
C PHE E 4586 51.14 8.71 -69.17
N CYS E 4587 50.79 9.92 -68.74
CA CYS E 4587 49.78 10.01 -67.69
C CYS E 4587 48.37 9.76 -68.21
N ILE E 4588 48.08 9.97 -69.49
CA ILE E 4588 46.72 9.59 -69.88
C ILE E 4588 46.58 8.08 -69.99
N ILE E 4589 47.67 7.36 -70.31
CA ILE E 4589 47.61 5.90 -70.22
C ILE E 4589 47.42 5.45 -68.78
N GLY E 4590 48.14 6.08 -67.85
CA GLY E 4590 48.00 5.73 -66.45
C GLY E 4590 46.60 6.00 -65.90
N TYR E 4591 45.99 7.11 -66.34
CA TYR E 4591 44.65 7.42 -65.87
C TYR E 4591 43.60 6.51 -66.50
N TYR E 4592 43.80 6.15 -67.77
CA TYR E 4592 42.86 5.25 -68.42
C TYR E 4592 42.88 3.88 -67.78
N CYS E 4593 44.03 3.44 -67.33
CA CYS E 4593 44.06 2.17 -66.63
C CYS E 4593 44.05 2.33 -65.11
N LEU E 4594 43.71 3.50 -64.59
CA LEU E 4594 43.54 3.63 -63.15
C LEU E 4594 42.09 3.82 -62.73
N LYS E 4595 41.42 4.87 -63.20
CA LYS E 4595 40.15 5.24 -62.61
C LYS E 4595 38.95 4.98 -63.49
N VAL E 4596 39.16 4.91 -64.81
CA VAL E 4596 38.17 4.48 -65.79
C VAL E 4596 37.48 3.16 -65.41
N PRO E 4597 38.17 2.13 -64.85
CA PRO E 4597 37.39 0.99 -64.35
C PRO E 4597 36.43 1.34 -63.22
N LEU E 4598 36.78 2.29 -62.35
CA LEU E 4598 35.86 2.67 -61.29
C LEU E 4598 34.66 3.40 -61.84
N VAL E 4599 34.87 4.25 -62.84
CA VAL E 4599 33.75 5.03 -63.38
C VAL E 4599 32.84 4.13 -64.17
N ILE E 4600 33.42 3.21 -64.95
CA ILE E 4600 32.61 2.27 -65.71
C ILE E 4600 31.90 1.31 -64.76
N PHE E 4601 32.48 1.07 -63.57
CA PHE E 4601 31.84 0.27 -62.55
C PHE E 4601 30.61 0.96 -61.99
N LYS E 4602 30.74 2.24 -61.64
CA LYS E 4602 29.61 2.97 -61.09
C LYS E 4602 28.49 3.11 -62.11
N ARG E 4603 28.86 3.30 -63.38
CA ARG E 4603 27.85 3.37 -64.44
C ARG E 4603 27.14 2.04 -64.62
N GLU E 4604 27.90 0.93 -64.65
CA GLU E 4604 27.29 -0.39 -64.81
C GLU E 4604 26.40 -0.73 -63.65
N LYS E 4605 26.81 -0.36 -62.44
CA LYS E 4605 26.00 -0.67 -61.27
C LYS E 4605 24.70 0.09 -61.28
N GLU E 4606 24.76 1.38 -61.63
CA GLU E 4606 23.55 2.19 -61.68
C GLU E 4606 22.58 1.67 -62.73
N VAL E 4607 23.11 1.29 -63.90
CA VAL E 4607 22.25 0.78 -64.97
C VAL E 4607 21.67 -0.59 -64.60
N ALA E 4608 22.48 -1.43 -63.96
CA ALA E 4608 22.02 -2.77 -63.60
C ALA E 4608 20.96 -2.71 -62.51
N ARG E 4609 21.08 -1.77 -61.58
CA ARG E 4609 20.03 -1.62 -60.59
C ARG E 4609 18.77 -1.06 -61.22
N LYS E 4610 18.92 -0.17 -62.20
CA LYS E 4610 17.72 0.36 -62.82
C LYS E 4610 17.08 -0.59 -63.82
N LEU E 4611 17.78 -1.66 -64.24
CA LEU E 4611 17.06 -2.71 -64.95
C LEU E 4611 16.21 -3.55 -64.01
N GLU E 4612 16.77 -3.87 -62.85
CA GLU E 4612 16.09 -4.77 -61.92
C GLU E 4612 14.94 -4.07 -61.21
N PHE E 4613 15.26 -3.05 -60.44
CA PHE E 4613 14.28 -2.46 -59.55
C PHE E 4613 13.34 -1.52 -60.26
N ASP E 4614 13.60 -1.19 -61.52
CA ASP E 4614 12.76 -0.27 -62.26
C ASP E 4614 12.24 -0.85 -63.57
N GLY E 4615 13.08 -1.55 -64.31
CA GLY E 4615 12.73 -1.98 -65.65
C GLY E 4615 12.51 -0.81 -66.58
N LEU E 4616 13.42 0.17 -66.57
CA LEU E 4616 13.19 1.39 -67.31
C LEU E 4616 13.28 1.20 -68.81
N TYR E 4617 14.03 0.21 -69.28
CA TYR E 4617 13.95 -0.12 -70.68
C TYR E 4617 12.83 -1.10 -70.97
N ILE E 4618 12.16 -1.58 -69.94
CA ILE E 4618 11.13 -2.58 -70.06
C ILE E 4618 9.75 -1.99 -69.81
N THR E 4619 9.63 -1.13 -68.82
CA THR E 4619 8.36 -0.52 -68.47
C THR E 4619 8.38 1.00 -68.52
N GLU E 4620 9.39 1.63 -67.92
CA GLU E 4620 9.28 3.04 -67.57
C GLU E 4620 9.61 3.97 -68.72
N GLN E 4621 10.50 3.57 -69.65
CA GLN E 4621 10.83 4.26 -70.90
C GLN E 4621 11.22 5.72 -70.72
N PRO E 4622 12.46 6.01 -70.32
CA PRO E 4622 12.90 7.39 -70.14
C PRO E 4622 12.84 8.18 -71.45
N SER E 4623 12.48 9.45 -71.31
CA SER E 4623 12.11 10.26 -72.47
C SER E 4623 13.34 10.67 -73.27
N GLU E 4624 13.10 11.53 -74.27
CA GLU E 4624 14.19 12.10 -75.06
C GLU E 4624 15.03 13.08 -74.25
N ASP E 4625 14.51 13.57 -73.12
CA ASP E 4625 15.31 14.31 -72.17
C ASP E 4625 16.35 13.39 -71.53
N ASP E 4626 17.41 14.02 -70.99
CA ASP E 4626 18.49 13.36 -70.23
C ASP E 4626 19.20 12.29 -71.08
N ILE E 4627 19.90 12.79 -72.09
CA ILE E 4627 20.65 11.95 -73.02
C ILE E 4627 21.76 11.21 -72.28
N LYS E 4628 22.29 11.79 -71.21
CA LYS E 4628 23.23 11.08 -70.36
C LYS E 4628 22.60 9.88 -69.66
N GLY E 4629 21.29 9.88 -69.46
CA GLY E 4629 20.59 8.69 -69.01
C GLY E 4629 20.00 7.86 -70.11
N GLN E 4630 20.13 8.31 -71.36
CA GLN E 4630 19.53 7.67 -72.51
C GLN E 4630 20.58 7.07 -73.42
N TRP E 4631 21.85 7.28 -73.09
CA TRP E 4631 22.95 6.72 -73.86
C TRP E 4631 22.98 5.20 -73.78
N ASP E 4632 22.48 4.63 -72.70
CA ASP E 4632 22.73 3.25 -72.36
C ASP E 4632 21.70 2.30 -72.94
N ARG E 4633 20.93 2.74 -73.95
CA ARG E 4633 19.92 1.85 -74.51
C ARG E 4633 20.55 0.81 -75.41
N LEU E 4634 21.73 1.10 -75.97
CA LEU E 4634 22.40 0.19 -76.88
C LEU E 4634 23.52 -0.58 -76.19
N VAL E 4635 23.37 -0.85 -74.89
CA VAL E 4635 24.30 -1.69 -74.16
C VAL E 4635 23.59 -2.80 -73.40
N ILE E 4636 22.27 -2.91 -73.58
CA ILE E 4636 21.50 -3.96 -72.92
C ILE E 4636 21.92 -5.34 -73.40
N ASN E 4637 21.90 -5.54 -74.72
CA ASN E 4637 22.16 -6.86 -75.25
C ASN E 4637 23.65 -7.16 -75.37
N THR E 4638 24.50 -6.24 -74.92
CA THR E 4638 25.92 -6.53 -74.85
C THR E 4638 26.20 -7.62 -73.81
N GLN E 4639 27.13 -8.49 -74.16
CA GLN E 4639 27.37 -9.71 -73.40
C GLN E 4639 28.25 -9.50 -72.19
N SER E 4640 28.94 -8.38 -72.11
CA SER E 4640 29.77 -8.07 -70.95
C SER E 4640 29.24 -6.88 -70.18
N PHE E 4641 27.91 -6.69 -70.22
CA PHE E 4641 27.29 -5.73 -69.32
C PHE E 4641 27.58 -6.00 -67.84
N PRO E 4642 27.71 -7.24 -67.37
CA PRO E 4642 28.38 -7.38 -66.08
C PRO E 4642 29.88 -7.61 -66.23
N ASN E 4643 30.61 -6.58 -66.67
CA ASN E 4643 32.06 -6.67 -66.58
C ASN E 4643 32.47 -6.45 -65.14
N ASN E 4644 32.17 -5.26 -64.62
CA ASN E 4644 32.45 -4.93 -63.24
C ASN E 4644 31.10 -4.76 -62.57
N TYR E 4645 30.50 -5.85 -62.14
CA TYR E 4645 29.33 -5.75 -61.28
C TYR E 4645 29.24 -6.88 -60.25
N TRP E 4646 30.21 -7.79 -60.19
CA TRP E 4646 30.25 -9.01 -59.37
C TRP E 4646 28.98 -9.87 -59.48
N ASP E 4647 28.17 -9.68 -60.52
CA ASP E 4647 26.90 -10.39 -60.63
C ASP E 4647 26.65 -10.58 -62.12
N LYS E 4648 27.03 -11.74 -62.61
CA LYS E 4648 26.94 -12.02 -64.03
C LYS E 4648 25.62 -12.67 -64.41
N PHE E 4649 24.70 -12.76 -63.47
CA PHE E 4649 23.41 -13.41 -63.65
C PHE E 4649 22.28 -12.42 -63.49
N VAL E 4650 22.49 -11.17 -63.92
CA VAL E 4650 21.43 -10.18 -63.88
C VAL E 4650 20.40 -10.50 -64.94
N LYS E 4651 20.85 -11.08 -66.05
CA LYS E 4651 20.06 -11.36 -67.24
C LYS E 4651 18.85 -12.21 -66.93
N ARG E 4652 19.12 -13.46 -66.53
CA ARG E 4652 18.06 -14.40 -66.21
C ARG E 4652 17.28 -13.98 -64.98
N LYS E 4653 17.90 -13.20 -64.10
CA LYS E 4653 17.21 -12.70 -62.92
C LYS E 4653 16.06 -11.76 -63.30
N VAL E 4654 16.33 -10.79 -64.15
CA VAL E 4654 15.26 -9.89 -64.54
C VAL E 4654 14.33 -10.57 -65.55
N MET E 4655 14.84 -11.54 -66.31
CA MET E 4655 13.98 -12.40 -67.14
C MET E 4655 12.92 -13.09 -66.31
N ASP E 4656 13.33 -13.81 -65.28
CA ASP E 4656 12.41 -14.57 -64.47
C ASP E 4656 11.64 -13.70 -63.49
N LYS E 4657 12.06 -12.46 -63.29
CA LYS E 4657 11.27 -11.57 -62.47
C LYS E 4657 10.21 -10.85 -63.31
N TYR E 4658 10.43 -10.73 -64.61
CA TYR E 4658 9.49 -9.94 -65.41
C TYR E 4658 9.01 -10.60 -66.69
N GLY E 4659 9.81 -11.47 -67.32
CA GLY E 4659 9.48 -11.97 -68.65
C GLY E 4659 8.28 -12.88 -68.75
N GLU E 4660 7.67 -13.19 -67.60
CA GLU E 4660 6.32 -13.74 -67.55
C GLU E 4660 5.35 -12.88 -68.34
N PHE E 4661 5.37 -11.57 -68.09
CA PHE E 4661 4.33 -10.67 -68.55
C PHE E 4661 4.59 -10.12 -69.93
N TYR E 4662 5.78 -9.58 -70.15
CA TYR E 4662 6.10 -8.87 -71.39
C TYR E 4662 6.73 -9.78 -72.42
N GLY E 4663 6.38 -11.06 -72.39
CA GLY E 4663 6.88 -12.02 -73.34
C GLY E 4663 8.20 -12.57 -72.85
N ARG E 4664 8.29 -13.89 -72.72
CA ARG E 4664 9.57 -14.48 -72.39
C ARG E 4664 10.55 -14.32 -73.54
N ASP E 4665 10.05 -14.48 -74.77
CA ASP E 4665 10.91 -14.48 -75.93
C ASP E 4665 11.47 -13.11 -76.22
N ARG E 4666 10.62 -12.07 -76.15
CA ARG E 4666 11.08 -10.73 -76.52
C ARG E 4666 12.04 -10.17 -75.48
N ILE E 4667 11.72 -10.34 -74.20
CA ILE E 4667 12.58 -9.84 -73.12
C ILE E 4667 13.89 -10.60 -73.11
N SER E 4668 13.83 -11.93 -73.17
CA SER E 4668 15.05 -12.72 -73.11
C SER E 4668 15.90 -12.54 -74.37
N GLU E 4669 15.28 -12.25 -75.52
CA GLU E 4669 16.03 -11.88 -76.71
C GLU E 4669 16.67 -10.52 -76.53
N LEU E 4670 15.96 -9.59 -75.89
CA LEU E 4670 16.50 -8.27 -75.65
C LEU E 4670 17.70 -8.33 -74.72
N LEU E 4671 17.74 -9.33 -73.86
CA LEU E 4671 18.98 -9.61 -73.13
C LEU E 4671 19.85 -10.63 -73.87
N GLY E 4672 19.28 -11.37 -74.81
CA GLY E 4672 20.09 -12.29 -75.61
C GLY E 4672 19.61 -13.71 -75.72
N SER E 4696 44.20 -12.59 -84.82
CA SER E 4696 42.85 -12.07 -85.02
C SER E 4696 41.89 -12.69 -84.02
N ALA E 4697 42.36 -13.70 -83.29
CA ALA E 4697 41.50 -14.39 -82.33
C ALA E 4697 41.16 -13.50 -81.15
N VAL E 4698 42.13 -12.71 -80.67
CA VAL E 4698 41.85 -11.73 -79.63
C VAL E 4698 40.97 -10.61 -80.18
N LEU E 4699 41.15 -10.28 -81.47
CA LEU E 4699 40.21 -9.39 -82.14
C LEU E 4699 38.84 -10.03 -82.26
N ASN E 4700 38.78 -11.36 -82.38
CA ASN E 4700 37.53 -12.08 -82.46
C ASN E 4700 37.02 -12.51 -81.08
N SER E 4701 37.54 -11.94 -80.01
CA SER E 4701 37.07 -12.28 -78.67
C SER E 4701 36.88 -11.05 -77.79
N ILE E 4702 36.42 -9.94 -78.37
CA ILE E 4702 36.13 -8.73 -77.62
C ILE E 4702 34.77 -8.18 -78.03
N ASP E 4703 34.01 -7.70 -77.04
CA ASP E 4703 32.69 -7.16 -77.29
C ASP E 4703 32.83 -5.75 -77.85
N VAL E 4704 32.56 -5.63 -79.15
CA VAL E 4704 32.86 -4.41 -79.88
C VAL E 4704 31.87 -3.31 -79.52
N LYS E 4705 30.58 -3.64 -79.52
CA LYS E 4705 29.53 -2.67 -79.22
C LYS E 4705 29.65 -2.19 -77.78
N TYR E 4706 29.97 -3.11 -76.86
CA TYR E 4706 30.25 -2.74 -75.48
C TYR E 4706 31.45 -1.82 -75.40
N GLN E 4707 32.47 -2.06 -76.23
CA GLN E 4707 33.65 -1.20 -76.21
C GLN E 4707 33.30 0.19 -76.70
N MET E 4708 32.42 0.28 -77.69
CA MET E 4708 31.93 1.55 -78.18
C MET E 4708 31.18 2.30 -77.09
N TRP E 4709 30.30 1.59 -76.39
CA TRP E 4709 29.58 2.17 -75.28
C TRP E 4709 30.52 2.61 -74.18
N LYS E 4710 31.57 1.84 -73.96
CA LYS E 4710 32.55 2.13 -72.93
C LYS E 4710 33.27 3.44 -73.23
N LEU E 4711 33.68 3.62 -74.49
CA LEU E 4711 34.26 4.91 -74.88
C LEU E 4711 33.24 6.03 -74.79
N GLY E 4712 31.97 5.74 -75.07
CA GLY E 4712 30.95 6.76 -74.96
C GLY E 4712 30.72 7.22 -73.54
N VAL E 4713 30.97 6.35 -72.56
CA VAL E 4713 30.89 6.78 -71.18
C VAL E 4713 32.23 7.36 -70.70
N VAL E 4714 33.34 6.95 -71.31
CA VAL E 4714 34.65 7.54 -71.02
C VAL E 4714 34.66 9.01 -71.40
N PHE E 4715 34.13 9.33 -72.58
CA PHE E 4715 34.30 10.67 -73.13
C PHE E 4715 33.50 11.72 -72.40
N THR E 4716 32.37 11.33 -71.79
CA THR E 4716 31.56 12.32 -71.11
C THR E 4716 32.15 12.77 -69.79
N ASP E 4717 33.21 12.12 -69.31
CA ASP E 4717 33.76 12.43 -68.00
C ASP E 4717 34.52 13.76 -68.04
N ASN E 4718 34.54 14.43 -66.88
CA ASN E 4718 35.21 15.71 -66.76
C ASN E 4718 36.72 15.56 -66.78
N SER E 4719 37.26 14.73 -65.89
CA SER E 4719 38.70 14.62 -65.73
C SER E 4719 39.37 14.02 -66.96
N PHE E 4720 38.69 13.08 -67.62
CA PHE E 4720 39.25 12.52 -68.85
C PHE E 4720 39.29 13.56 -69.95
N LEU E 4721 38.24 14.37 -70.06
CA LEU E 4721 38.22 15.45 -71.03
C LEU E 4721 39.31 16.46 -70.74
N TYR E 4722 39.58 16.71 -69.46
CA TYR E 4722 40.63 17.63 -69.07
C TYR E 4722 42.00 17.11 -69.50
N LEU E 4723 42.28 15.84 -69.21
CA LEU E 4723 43.60 15.32 -69.54
C LEU E 4723 43.78 15.16 -71.04
N ALA E 4724 42.71 14.88 -71.77
CA ALA E 4724 42.81 14.81 -73.23
C ALA E 4724 43.08 16.19 -73.82
N TRP E 4725 42.42 17.22 -73.28
CA TRP E 4725 42.71 18.60 -73.65
C TRP E 4725 44.16 18.95 -73.38
N TYR E 4726 44.67 18.52 -72.22
CA TYR E 4726 46.04 18.82 -71.84
C TYR E 4726 47.05 18.14 -72.76
N MET E 4727 46.74 16.90 -73.17
CA MET E 4727 47.60 16.21 -74.13
C MET E 4727 47.60 16.91 -75.48
N THR E 4728 46.42 17.30 -75.96
CA THR E 4728 46.36 17.98 -77.25
C THR E 4728 47.03 19.34 -77.21
N MET E 4729 47.02 20.01 -76.06
CA MET E 4729 47.74 21.27 -75.98
C MET E 4729 49.24 21.05 -75.93
N SER E 4730 49.71 19.97 -75.32
CA SER E 4730 51.14 19.69 -75.41
C SER E 4730 51.55 19.32 -76.83
N VAL E 4731 50.66 18.66 -77.58
CA VAL E 4731 50.95 18.35 -78.98
C VAL E 4731 50.99 19.63 -79.83
N LEU E 4732 50.01 20.49 -79.66
CA LEU E 4732 49.99 21.69 -80.47
C LEU E 4732 50.87 22.80 -79.91
N GLY E 4733 51.60 22.53 -78.83
CA GLY E 4733 52.74 23.34 -78.48
C GLY E 4733 54.02 22.73 -79.00
N HIS E 4734 54.01 21.41 -79.18
CA HIS E 4734 55.10 20.75 -79.87
C HIS E 4734 55.16 21.18 -81.33
N TYR E 4735 54.02 21.52 -81.92
CA TYR E 4735 54.02 22.11 -83.25
C TYR E 4735 54.51 23.55 -83.21
N ASN E 4736 53.77 24.42 -82.53
CA ASN E 4736 54.10 25.83 -82.35
C ASN E 4736 54.23 26.07 -80.86
N ASN E 4737 55.45 26.34 -80.41
CA ASN E 4737 55.65 26.56 -78.98
C ASN E 4737 55.28 27.96 -78.52
N PHE E 4738 54.63 28.77 -79.35
CA PHE E 4738 54.10 30.04 -78.88
C PHE E 4738 53.04 29.82 -77.81
N PHE E 4739 51.93 29.19 -78.16
CA PHE E 4739 50.91 28.85 -77.17
C PHE E 4739 51.11 27.46 -76.60
N PHE E 4740 52.33 27.17 -76.21
CA PHE E 4740 52.58 26.05 -75.33
C PHE E 4740 52.47 26.49 -73.87
N ALA E 4741 52.34 27.78 -73.62
CA ALA E 4741 52.21 28.32 -72.27
C ALA E 4741 50.83 28.12 -71.66
N ALA E 4742 49.91 27.48 -72.36
CA ALA E 4742 48.57 27.31 -71.81
C ALA E 4742 48.51 26.28 -70.69
N HIS E 4743 49.61 25.60 -70.38
CA HIS E 4743 49.64 24.63 -69.30
C HIS E 4743 49.84 25.26 -67.93
N LEU E 4744 49.73 26.57 -67.82
CA LEU E 4744 49.74 27.21 -66.52
C LEU E 4744 48.42 27.06 -65.80
N LEU E 4745 47.40 26.55 -66.48
CA LEU E 4745 46.08 26.37 -65.88
C LEU E 4745 46.10 25.32 -64.78
N ASP E 4746 47.07 24.42 -64.78
CA ASP E 4746 47.12 23.34 -63.79
C ASP E 4746 47.43 23.80 -62.40
N ILE E 4747 47.84 25.07 -62.21
CA ILE E 4747 48.03 25.56 -60.87
C ILE E 4747 46.69 25.67 -60.16
N ALA E 4748 45.64 26.01 -60.90
CA ALA E 4748 44.30 25.93 -60.39
C ALA E 4748 43.93 24.49 -60.09
N MET E 4749 43.88 23.67 -61.13
CA MET E 4749 43.48 22.27 -61.00
C MET E 4749 44.62 21.49 -60.35
N GLY E 4750 44.72 21.60 -59.03
CA GLY E 4750 45.81 20.91 -58.39
C GLY E 4750 46.49 21.56 -57.21
N PHE E 4751 46.03 22.72 -56.75
CA PHE E 4751 46.57 23.23 -55.49
C PHE E 4751 45.49 23.40 -54.43
N LYS E 4752 44.23 23.16 -54.78
CA LYS E 4752 43.12 22.84 -53.88
C LYS E 4752 42.65 24.00 -53.01
N THR E 4753 43.21 25.18 -53.16
CA THR E 4753 42.56 26.41 -52.74
C THR E 4753 42.29 27.36 -53.89
N LEU E 4754 43.18 27.38 -54.86
CA LEU E 4754 42.90 28.01 -56.13
C LEU E 4754 41.78 27.29 -56.85
N ARG E 4755 41.61 25.99 -56.59
CA ARG E 4755 40.45 25.27 -57.11
C ARG E 4755 39.16 25.85 -56.58
N THR E 4756 39.16 26.26 -55.31
CA THR E 4756 37.99 26.96 -54.77
C THR E 4756 37.85 28.33 -55.40
N ILE E 4757 38.97 28.96 -55.72
CA ILE E 4757 38.93 30.26 -56.37
C ILE E 4757 38.29 30.16 -57.75
N LEU E 4758 38.67 29.14 -58.50
CA LEU E 4758 38.14 28.95 -59.83
C LEU E 4758 36.76 28.32 -59.84
N SER E 4759 36.35 27.67 -58.75
CA SER E 4759 34.94 27.31 -58.62
C SER E 4759 34.12 28.52 -58.30
N SER E 4760 34.73 29.54 -57.68
CA SER E 4760 33.99 30.73 -57.32
C SER E 4760 33.74 31.66 -58.48
N VAL E 4761 34.21 31.34 -59.68
CA VAL E 4761 33.86 32.14 -60.85
C VAL E 4761 32.59 31.62 -61.51
N THR E 4762 32.17 30.41 -61.19
CA THR E 4762 31.02 29.79 -61.84
C THR E 4762 29.93 29.36 -60.88
N HIS E 4763 30.07 29.69 -59.60
CA HIS E 4763 29.04 29.37 -58.63
C HIS E 4763 27.76 30.13 -58.93
N ASN E 4764 27.88 31.45 -59.06
CA ASN E 4764 26.72 32.30 -59.32
C ASN E 4764 26.58 32.64 -60.80
N GLY E 4765 26.30 31.62 -61.62
CA GLY E 4765 26.33 31.83 -63.06
C GLY E 4765 25.17 32.66 -63.56
N LYS E 4766 23.94 32.24 -63.27
CA LYS E 4766 22.77 32.90 -63.83
C LYS E 4766 22.58 34.29 -63.24
N GLN E 4767 23.06 34.53 -62.03
CA GLN E 4767 23.00 35.87 -61.47
C GLN E 4767 23.97 36.79 -62.19
N LEU E 4768 25.20 36.32 -62.40
CA LEU E 4768 26.23 37.19 -62.96
C LEU E 4768 25.95 37.50 -64.42
N VAL E 4769 25.47 36.50 -65.17
CA VAL E 4769 25.16 36.73 -66.58
C VAL E 4769 24.00 37.68 -66.73
N LEU E 4770 22.97 37.54 -65.89
CA LEU E 4770 21.85 38.46 -65.95
C LEU E 4770 22.24 39.86 -65.52
N THR E 4771 23.18 39.98 -64.58
CA THR E 4771 23.58 41.32 -64.15
C THR E 4771 24.41 42.02 -65.22
N VAL E 4772 25.29 41.27 -65.89
CA VAL E 4772 26.08 41.84 -66.97
C VAL E 4772 25.18 42.23 -68.14
N GLY E 4773 24.15 41.43 -68.41
CA GLY E 4773 23.18 41.82 -69.41
C GLY E 4773 22.41 43.07 -69.02
N LEU E 4774 22.12 43.22 -67.72
CA LEU E 4774 21.48 44.44 -67.23
C LEU E 4774 22.38 45.66 -67.45
N LEU E 4775 23.67 45.50 -67.21
CA LEU E 4775 24.60 46.59 -67.41
C LEU E 4775 24.68 46.97 -68.88
N ALA E 4776 24.64 45.97 -69.76
CA ALA E 4776 24.63 46.26 -71.19
C ALA E 4776 23.38 47.00 -71.60
N VAL E 4777 22.26 46.70 -70.97
CA VAL E 4777 21.02 47.41 -71.28
C VAL E 4777 21.11 48.87 -70.83
N VAL E 4778 21.69 49.12 -69.67
CA VAL E 4778 21.82 50.51 -69.20
C VAL E 4778 22.75 51.30 -70.11
N VAL E 4779 23.86 50.67 -70.52
CA VAL E 4779 24.80 51.32 -71.43
C VAL E 4779 24.15 51.61 -72.77
N TYR E 4780 23.35 50.67 -73.28
CA TYR E 4780 22.65 50.86 -74.54
C TYR E 4780 21.64 51.99 -74.46
N LEU E 4781 20.96 52.12 -73.32
CA LEU E 4781 19.98 53.19 -73.19
C LEU E 4781 20.67 54.54 -73.14
N TYR E 4782 21.79 54.63 -72.45
CA TYR E 4782 22.52 55.88 -72.48
C TYR E 4782 23.14 56.14 -73.85
N THR E 4783 23.42 55.09 -74.60
CA THR E 4783 23.86 55.27 -75.98
C THR E 4783 22.74 55.87 -76.82
N VAL E 4784 21.51 55.48 -76.55
CA VAL E 4784 20.35 56.07 -77.23
C VAL E 4784 20.25 57.56 -76.93
N VAL E 4785 20.42 57.93 -75.66
CA VAL E 4785 20.31 59.34 -75.28
C VAL E 4785 21.45 60.15 -75.90
N ALA E 4786 22.68 59.64 -75.80
CA ALA E 4786 23.83 60.35 -76.32
C ALA E 4786 23.79 60.48 -77.83
N PHE E 4787 23.24 59.47 -78.51
CA PHE E 4787 22.99 59.57 -79.95
C PHE E 4787 22.00 60.65 -80.26
N ASN E 4788 20.88 60.67 -79.55
CA ASN E 4788 19.79 61.51 -79.97
C ASN E 4788 19.93 62.95 -79.51
N PHE E 4789 20.87 63.24 -78.61
CA PHE E 4789 20.94 64.61 -78.11
C PHE E 4789 22.33 65.20 -77.93
N PHE E 4790 23.41 64.43 -78.01
CA PHE E 4790 24.68 65.00 -77.57
C PHE E 4790 25.89 64.63 -78.43
N ARG E 4791 25.71 64.39 -79.72
CA ARG E 4791 26.83 63.91 -80.51
C ARG E 4791 27.80 65.02 -80.91
N LYS E 4792 27.56 66.26 -80.51
CA LYS E 4792 28.48 67.34 -80.78
C LYS E 4792 29.59 67.45 -79.75
N PHE E 4793 29.88 66.37 -79.03
CA PHE E 4793 30.91 66.35 -78.01
C PHE E 4793 31.93 65.25 -78.27
N TYR E 4794 32.03 64.78 -79.50
CA TYR E 4794 32.79 63.59 -79.83
C TYR E 4794 33.90 63.97 -80.80
N ASN E 4795 35.09 64.23 -80.26
CA ASN E 4795 36.28 64.45 -81.07
C ASN E 4795 37.47 63.84 -80.35
N LYS E 4796 37.89 62.66 -80.83
CA LYS E 4796 39.15 62.09 -80.36
C LYS E 4796 40.34 62.91 -80.84
N SER E 4797 40.17 63.60 -81.97
CA SER E 4797 41.26 64.34 -82.59
C SER E 4797 41.66 65.55 -81.75
N GLU E 4798 42.82 66.07 -82.06
CA GLU E 4798 43.34 67.26 -81.39
C GLU E 4798 42.83 68.49 -82.13
N ASP E 4799 42.03 69.30 -81.44
CA ASP E 4799 41.55 70.64 -81.82
C ASP E 4799 40.51 70.59 -82.94
N GLY E 4800 40.25 69.43 -83.54
CA GLY E 4800 39.20 69.27 -84.51
C GLY E 4800 39.50 69.78 -85.91
N ASP E 4801 40.45 70.69 -86.08
CA ASP E 4801 40.88 71.09 -87.41
C ASP E 4801 41.73 70.02 -88.06
N THR E 4802 42.51 69.32 -87.24
CA THR E 4802 43.02 68.00 -87.58
C THR E 4802 41.84 67.07 -87.86
N PRO E 4803 42.02 66.00 -88.71
CA PRO E 4803 40.85 65.33 -89.32
C PRO E 4803 39.94 64.63 -88.32
N ASP E 4804 39.02 65.43 -87.79
CA ASP E 4804 38.23 65.11 -86.61
C ASP E 4804 37.37 63.86 -86.80
N MET E 4805 37.30 63.06 -85.75
CA MET E 4805 36.55 61.82 -85.73
C MET E 4805 35.46 61.90 -84.68
N LYS E 4806 34.26 61.48 -85.05
CA LYS E 4806 33.17 61.47 -84.09
C LYS E 4806 32.82 60.02 -83.72
N CYS E 4807 31.85 59.90 -82.81
CA CYS E 4807 31.34 58.61 -82.41
C CYS E 4807 29.83 58.68 -82.33
N ASP E 4808 29.20 59.14 -83.41
CA ASP E 4808 27.75 59.29 -83.46
C ASP E 4808 26.95 58.04 -83.79
N ASP E 4809 27.48 57.21 -84.68
CA ASP E 4809 26.79 55.98 -85.08
C ASP E 4809 26.39 55.13 -83.88
N MET E 4810 25.17 54.61 -83.91
CA MET E 4810 24.65 53.77 -82.83
C MET E 4810 25.60 52.64 -82.43
N LEU E 4811 26.10 51.92 -83.43
CA LEU E 4811 27.02 50.82 -83.19
C LEU E 4811 28.38 51.31 -82.67
N THR E 4812 28.78 52.51 -83.09
CA THR E 4812 30.05 53.09 -82.68
C THR E 4812 30.00 53.66 -81.27
N CYS E 4813 29.03 54.54 -81.01
CA CYS E 4813 28.93 55.14 -79.68
C CYS E 4813 28.81 54.08 -78.61
N TYR E 4814 28.15 52.97 -78.94
CA TYR E 4814 27.96 51.86 -78.03
C TYR E 4814 29.29 51.22 -77.65
N MET E 4815 30.10 50.88 -78.66
CA MET E 4815 31.40 50.29 -78.36
C MET E 4815 32.34 51.32 -77.75
N PHE E 4816 32.10 52.61 -78.01
CA PHE E 4816 32.85 53.65 -77.31
C PHE E 4816 32.59 53.65 -75.81
N HIS E 4817 31.30 53.61 -75.41
CA HIS E 4817 31.00 53.62 -73.99
C HIS E 4817 31.42 52.34 -73.32
N MET E 4818 31.39 51.22 -74.06
CA MET E 4818 31.90 49.96 -73.52
C MET E 4818 33.39 50.04 -73.23
N TYR E 4819 34.20 50.33 -74.26
CA TYR E 4819 35.64 50.29 -74.05
C TYR E 4819 36.11 51.41 -73.15
N VAL E 4820 35.48 52.57 -73.25
CA VAL E 4820 36.02 53.74 -72.59
C VAL E 4820 35.28 53.97 -71.28
N GLY E 4821 33.95 54.08 -71.35
CA GLY E 4821 33.20 54.55 -70.20
C GLY E 4821 33.10 53.56 -69.08
N VAL E 4822 33.11 52.26 -69.39
CA VAL E 4822 32.95 51.24 -68.37
C VAL E 4822 34.19 51.17 -67.48
N ARG E 4823 35.35 50.98 -68.09
CA ARG E 4823 36.57 50.90 -67.30
C ARG E 4823 37.17 52.27 -67.01
N ALA E 4824 36.37 53.34 -67.07
CA ALA E 4824 36.91 54.69 -66.94
C ALA E 4824 37.33 54.99 -65.50
N GLY E 4825 36.39 54.91 -64.57
CA GLY E 4825 36.63 55.31 -63.20
C GLY E 4825 36.11 56.69 -62.92
N GLY E 4826 36.26 57.60 -63.89
CA GLY E 4826 35.69 58.91 -63.74
C GLY E 4826 34.33 59.01 -64.38
N GLY E 4827 33.70 57.86 -64.61
CA GLY E 4827 32.42 57.84 -65.27
C GLY E 4827 32.54 58.02 -66.76
N ILE E 4828 32.16 59.20 -67.25
CA ILE E 4828 32.41 59.56 -68.64
C ILE E 4828 33.04 60.94 -68.79
N GLY E 4829 32.98 61.80 -67.77
CA GLY E 4829 33.36 63.19 -67.88
C GLY E 4829 34.85 63.43 -68.06
N ASP E 4830 35.68 62.41 -67.91
CA ASP E 4830 37.08 62.57 -68.28
C ASP E 4830 37.23 62.57 -69.79
N GLU E 4831 36.86 61.47 -70.44
CA GLU E 4831 37.24 61.23 -71.83
C GLU E 4831 36.19 61.75 -72.80
N ILE E 4832 35.80 63.01 -72.61
CA ILE E 4832 34.71 63.60 -73.37
C ILE E 4832 34.81 65.12 -73.21
N GLU E 4833 34.13 65.85 -74.08
CA GLU E 4833 34.08 67.30 -73.97
C GLU E 4833 33.28 67.70 -72.75
N ASP E 4834 33.69 68.79 -72.12
CA ASP E 4834 32.95 69.31 -70.99
C ASP E 4834 32.21 70.59 -71.36
N PRO E 4835 31.05 70.84 -70.77
CA PRO E 4835 30.36 72.10 -71.04
C PRO E 4835 31.02 73.26 -70.33
N ALA E 4836 31.04 74.40 -71.00
CA ALA E 4836 31.65 75.62 -70.47
C ALA E 4836 30.74 76.82 -70.73
N GLY E 4837 29.44 76.62 -70.58
CA GLY E 4837 28.48 77.68 -70.81
C GLY E 4837 27.61 77.47 -72.02
N ASP E 4838 27.28 76.21 -72.30
CA ASP E 4838 26.45 75.84 -73.43
C ASP E 4838 24.97 76.02 -73.04
N GLU E 4839 24.07 75.78 -73.99
CA GLU E 4839 22.65 75.65 -73.65
C GLU E 4839 22.41 74.44 -72.76
N TYR E 4840 22.93 73.29 -73.17
CA TYR E 4840 22.61 72.00 -72.56
C TYR E 4840 23.54 71.64 -71.42
N GLU E 4841 24.08 72.65 -70.73
CA GLU E 4841 25.08 72.42 -69.70
C GLU E 4841 24.50 71.66 -68.51
N ILE E 4842 23.31 72.04 -68.07
CA ILE E 4842 22.71 71.44 -66.88
C ILE E 4842 22.27 70.02 -67.18
N TYR E 4843 21.69 69.80 -68.36
CA TYR E 4843 21.34 68.46 -68.80
C TYR E 4843 22.58 67.60 -68.95
N ARG E 4844 23.68 68.22 -69.37
CA ARG E 4844 24.94 67.51 -69.50
C ARG E 4844 25.44 67.02 -68.15
N ILE E 4845 25.40 67.89 -67.13
CA ILE E 4845 25.91 67.49 -65.83
C ILE E 4845 25.00 66.45 -65.20
N ILE E 4846 23.69 66.54 -65.44
CA ILE E 4846 22.78 65.50 -64.99
C ILE E 4846 23.11 64.17 -65.64
N PHE E 4847 23.38 64.20 -66.95
CA PHE E 4847 23.74 62.97 -67.67
C PHE E 4847 25.04 62.38 -67.14
N ASP E 4848 25.99 63.24 -66.81
CA ASP E 4848 27.29 62.82 -66.30
C ASP E 4848 27.15 62.16 -64.92
N ILE E 4849 26.43 62.81 -64.02
CA ILE E 4849 26.29 62.31 -62.65
C ILE E 4849 25.48 61.03 -62.63
N THR E 4850 24.43 60.94 -63.45
CA THR E 4850 23.66 59.71 -63.47
C THR E 4850 24.42 58.56 -64.09
N PHE E 4851 25.28 58.83 -65.07
CA PHE E 4851 26.15 57.78 -65.59
C PHE E 4851 27.11 57.31 -64.50
N PHE E 4852 27.69 58.26 -63.77
CA PHE E 4852 28.64 57.94 -62.70
C PHE E 4852 28.02 57.06 -61.64
N PHE E 4853 26.86 57.47 -61.12
CA PHE E 4853 26.15 56.68 -60.13
C PHE E 4853 25.72 55.33 -60.68
N PHE E 4854 24.87 55.33 -61.70
CA PHE E 4854 24.30 54.06 -62.11
C PHE E 4854 25.26 53.18 -62.90
N VAL E 4855 26.54 53.53 -63.03
CA VAL E 4855 27.47 52.52 -63.51
C VAL E 4855 28.58 52.29 -62.50
N ILE E 4856 29.38 53.32 -62.23
CA ILE E 4856 30.63 53.07 -61.52
C ILE E 4856 30.40 52.90 -60.04
N VAL E 4857 29.41 53.61 -59.48
CA VAL E 4857 29.14 53.49 -58.06
C VAL E 4857 28.47 52.15 -57.76
N ILE E 4858 27.42 51.83 -58.49
CA ILE E 4858 26.59 50.69 -58.11
C ILE E 4858 27.06 49.40 -58.78
N LEU E 4859 27.06 49.35 -60.12
CA LEU E 4859 27.05 48.07 -60.80
C LEU E 4859 28.39 47.34 -60.72
N LEU E 4860 29.49 48.08 -60.74
CA LEU E 4860 30.79 47.45 -60.53
C LEU E 4860 30.88 46.89 -59.11
N ALA E 4861 30.30 47.60 -58.15
CA ALA E 4861 30.26 47.06 -56.80
C ALA E 4861 29.35 45.86 -56.71
N ILE E 4862 28.31 45.78 -57.55
CA ILE E 4862 27.45 44.61 -57.57
C ILE E 4862 28.23 43.39 -58.04
N ILE E 4863 29.02 43.56 -59.10
CA ILE E 4863 29.78 42.44 -59.62
C ILE E 4863 30.84 42.00 -58.62
N GLN E 4864 31.54 42.97 -58.02
CA GLN E 4864 32.54 42.67 -57.00
C GLN E 4864 31.91 41.96 -55.81
N GLY E 4865 30.76 42.44 -55.35
CA GLY E 4865 30.12 41.85 -54.20
C GLY E 4865 29.58 40.48 -54.47
N LEU E 4866 29.18 40.22 -55.72
CA LEU E 4866 28.71 38.89 -56.08
C LEU E 4866 29.85 37.89 -56.04
N ILE E 4867 31.04 38.30 -56.52
CA ILE E 4867 32.17 37.39 -56.49
C ILE E 4867 32.68 37.15 -55.07
N ILE E 4868 32.74 38.21 -54.27
CA ILE E 4868 33.23 38.02 -52.90
C ILE E 4868 32.19 37.32 -52.03
N ASP E 4869 30.92 37.42 -52.39
CA ASP E 4869 29.89 36.63 -51.74
C ASP E 4869 30.06 35.15 -52.05
N ALA E 4870 30.41 34.83 -53.31
CA ALA E 4870 30.67 33.44 -53.66
C ALA E 4870 31.87 32.89 -52.90
N PHE E 4871 32.91 33.70 -52.70
CA PHE E 4871 34.04 33.26 -51.88
C PHE E 4871 33.69 33.04 -50.43
N GLY E 4872 32.91 33.95 -49.85
CA GLY E 4872 32.50 33.79 -48.47
C GLY E 4872 31.71 32.51 -48.26
N GLU E 4873 30.80 32.20 -49.19
CA GLU E 4873 30.00 30.99 -49.03
C GLU E 4873 30.83 29.74 -49.26
N LEU E 4874 31.80 29.77 -50.19
CA LEU E 4874 32.63 28.59 -50.38
C LEU E 4874 33.51 28.31 -49.18
N ARG E 4875 34.15 29.34 -48.62
CA ARG E 4875 34.96 29.10 -47.44
C ARG E 4875 34.11 28.73 -46.25
N ASP E 4876 32.86 29.20 -46.20
CA ASP E 4876 31.96 28.80 -45.13
C ASP E 4876 31.58 27.33 -45.26
N GLN E 4877 31.43 26.84 -46.49
CA GLN E 4877 31.13 25.42 -46.65
C GLN E 4877 32.32 24.54 -46.29
N GLN E 4878 33.53 24.99 -46.64
CA GLN E 4878 34.74 24.25 -46.24
C GLN E 4878 34.83 24.17 -44.72
N GLU E 4879 34.62 25.31 -44.06
CA GLU E 4879 34.70 25.35 -42.61
C GLU E 4879 33.56 24.58 -41.95
N GLN E 4880 32.39 24.50 -42.58
CA GLN E 4880 31.30 23.77 -41.97
C GLN E 4880 31.53 22.27 -42.08
N VAL E 4881 32.12 21.82 -43.19
CA VAL E 4881 32.58 20.44 -43.31
C VAL E 4881 33.57 20.11 -42.20
N LYS E 4882 34.59 20.96 -42.03
CA LYS E 4882 35.57 20.66 -41.01
C LYS E 4882 35.09 20.98 -39.59
N GLU E 4883 33.91 21.57 -39.46
CA GLU E 4883 33.31 21.70 -38.13
C GLU E 4883 32.51 20.45 -37.77
N ASP E 4884 31.54 20.11 -38.59
CA ASP E 4884 30.71 18.94 -38.26
C ASP E 4884 31.39 17.63 -38.59
N MET E 4885 32.64 17.66 -39.03
CA MET E 4885 33.49 16.50 -38.87
C MET E 4885 34.17 16.44 -37.52
N GLU E 4886 33.87 17.34 -36.59
CA GLU E 4886 34.51 17.27 -35.29
C GLU E 4886 33.60 17.51 -34.10
N THR E 4887 32.31 17.77 -34.30
CA THR E 4887 31.38 17.85 -33.18
C THR E 4887 30.24 16.87 -33.31
N LYS E 4888 30.28 15.99 -34.29
CA LYS E 4888 29.26 14.97 -34.44
C LYS E 4888 29.91 13.67 -34.89
N CYS E 4889 29.28 12.57 -34.52
CA CYS E 4889 29.51 11.37 -35.30
C CYS E 4889 28.78 11.48 -36.62
N PHE E 4890 29.34 10.87 -37.64
CA PHE E 4890 28.69 10.87 -38.93
C PHE E 4890 27.47 9.95 -38.94
N ILE E 4891 27.44 8.96 -38.05
CA ILE E 4891 26.43 7.90 -38.09
C ILE E 4891 25.39 8.09 -37.01
N CYS E 4892 25.80 8.00 -35.74
CA CYS E 4892 24.80 8.16 -34.69
C CYS E 4892 24.42 9.61 -34.50
N GLY E 4893 25.22 10.54 -35.03
CA GLY E 4893 24.81 11.92 -35.23
C GLY E 4893 24.46 12.69 -33.98
N ILE E 4894 25.04 12.31 -32.85
CA ILE E 4894 24.57 12.80 -31.56
C ILE E 4894 25.15 14.17 -31.25
N GLY E 4895 26.47 14.23 -31.12
CA GLY E 4895 27.08 15.46 -30.66
C GLY E 4895 28.41 15.16 -30.02
N ASN E 4896 29.11 16.25 -29.69
CA ASN E 4896 30.39 16.12 -29.01
C ASN E 4896 30.23 16.09 -27.51
N ASP E 4897 29.32 16.91 -27.00
CA ASP E 4897 29.22 17.17 -25.57
C ASP E 4897 28.79 15.94 -24.79
N TYR E 4898 27.92 15.12 -25.38
CA TYR E 4898 27.44 13.93 -24.69
C TYR E 4898 28.54 12.90 -24.52
N PHE E 4899 29.51 12.89 -25.42
CA PHE E 4899 30.64 11.99 -25.31
C PHE E 4899 31.82 12.65 -24.65
N ASP E 4900 31.57 13.62 -23.78
CA ASP E 4900 32.63 14.30 -23.08
C ASP E 4900 32.41 14.36 -21.58
N THR E 4901 31.32 13.79 -21.09
CA THR E 4901 31.22 13.53 -19.65
C THR E 4901 32.35 12.61 -19.22
N VAL E 4902 32.53 11.52 -19.93
CA VAL E 4902 33.78 10.76 -19.83
C VAL E 4902 34.87 11.57 -20.52
N PRO E 4903 36.03 11.75 -19.90
CA PRO E 4903 37.13 12.45 -20.57
C PRO E 4903 37.64 11.68 -21.78
N HIS E 4904 38.00 12.44 -22.83
CA HIS E 4904 38.61 11.94 -24.07
C HIS E 4904 37.65 11.03 -24.84
N GLY E 4905 36.36 11.14 -24.52
CA GLY E 4905 35.41 10.11 -24.88
C GLY E 4905 34.97 10.11 -26.33
N PHE E 4906 34.78 11.31 -26.90
CA PHE E 4906 34.33 11.42 -28.27
C PHE E 4906 35.39 10.89 -29.23
N GLU E 4907 36.66 11.09 -28.89
CA GLU E 4907 37.72 10.53 -29.71
C GLU E 4907 37.72 9.01 -29.62
N THR E 4908 37.43 8.47 -28.43
CA THR E 4908 37.21 7.03 -28.35
C THR E 4908 35.90 6.65 -29.00
N HIS E 4909 34.91 7.54 -29.00
CA HIS E 4909 33.66 7.25 -29.68
C HIS E 4909 33.82 7.25 -31.18
N THR E 4910 34.93 7.77 -31.70
CA THR E 4910 35.31 7.44 -33.06
C THR E 4910 36.78 7.02 -33.14
N LEU E 4911 37.19 6.13 -32.25
CA LEU E 4911 38.31 5.24 -32.47
C LEU E 4911 37.91 3.79 -32.25
N GLN E 4912 36.85 3.57 -31.52
CA GLN E 4912 36.33 2.24 -31.21
C GLN E 4912 34.91 2.04 -31.69
N GLU E 4913 34.03 3.02 -31.48
CA GLU E 4913 32.60 2.75 -31.55
C GLU E 4913 32.11 2.67 -32.99
N HIS E 4914 32.22 3.75 -33.76
CA HIS E 4914 31.68 3.74 -35.10
C HIS E 4914 32.74 3.71 -36.19
N ASN E 4915 33.71 4.64 -36.14
CA ASN E 4915 35.00 4.69 -36.84
C ASN E 4915 34.98 4.16 -38.27
N LEU E 4916 34.29 4.90 -39.13
CA LEU E 4916 33.63 4.53 -40.38
C LEU E 4916 34.33 3.50 -41.26
N ALA E 4917 35.66 3.43 -41.15
CA ALA E 4917 36.43 2.39 -41.81
C ALA E 4917 36.00 0.98 -41.41
N ASN E 4918 35.51 0.80 -40.18
CA ASN E 4918 35.19 -0.55 -39.77
C ASN E 4918 33.92 -1.07 -40.40
N TYR E 4919 32.96 -0.20 -40.74
CA TYR E 4919 31.81 -0.68 -41.50
C TYR E 4919 32.22 -1.15 -42.88
N LEU E 4920 33.17 -0.44 -43.49
CA LEU E 4920 33.76 -0.86 -44.76
C LEU E 4920 34.42 -2.24 -44.62
N PHE E 4921 35.22 -2.39 -43.58
CA PHE E 4921 35.94 -3.63 -43.34
C PHE E 4921 34.98 -4.79 -43.07
N PHE E 4922 34.01 -4.55 -42.20
CA PHE E 4922 33.03 -5.57 -41.85
C PHE E 4922 32.18 -5.95 -43.02
N LEU E 4923 31.90 -5.01 -43.92
CA LEU E 4923 31.15 -5.38 -45.10
C LEU E 4923 31.99 -6.23 -46.03
N MET E 4924 33.28 -5.94 -46.11
CA MET E 4924 34.20 -6.81 -46.84
C MET E 4924 34.23 -8.21 -46.24
N TYR E 4925 34.24 -8.27 -44.91
CA TYR E 4925 34.21 -9.52 -44.17
C TYR E 4925 32.97 -10.33 -44.45
N LEU E 4926 31.82 -9.66 -44.58
CA LEU E 4926 30.60 -10.38 -44.90
C LEU E 4926 30.61 -10.89 -46.33
N ILE E 4927 31.13 -10.10 -47.25
CA ILE E 4927 31.18 -10.53 -48.65
C ILE E 4927 32.09 -11.74 -48.79
N ASN E 4928 33.21 -11.72 -48.10
CA ASN E 4928 34.25 -12.69 -48.40
C ASN E 4928 34.02 -14.04 -47.74
N LYS E 4929 33.33 -14.08 -46.61
CA LYS E 4929 33.00 -15.37 -46.02
C LYS E 4929 31.95 -16.11 -46.82
N ASP E 4930 31.83 -17.39 -46.54
CA ASP E 4930 30.78 -18.20 -47.12
C ASP E 4930 29.44 -17.83 -46.51
N GLU E 4931 28.37 -18.30 -47.14
CA GLU E 4931 27.05 -17.97 -46.66
C GLU E 4931 26.72 -18.77 -45.42
N THR E 4932 27.16 -20.02 -45.36
CA THR E 4932 26.62 -21.00 -44.42
C THR E 4932 27.09 -20.82 -43.00
N GLU E 4933 28.02 -19.90 -42.74
CA GLU E 4933 28.59 -19.77 -41.41
C GLU E 4933 28.28 -18.42 -40.79
N HIS E 4934 27.19 -17.80 -41.22
CA HIS E 4934 26.78 -16.55 -40.63
C HIS E 4934 26.15 -16.84 -39.28
N THR E 4935 26.32 -15.91 -38.35
CA THR E 4935 25.61 -16.00 -37.08
C THR E 4935 24.20 -15.46 -37.29
N GLY E 4936 23.50 -15.23 -36.19
CA GLY E 4936 22.20 -14.60 -36.29
C GLY E 4936 22.30 -13.17 -36.77
N GLN E 4937 23.24 -12.42 -36.21
CA GLN E 4937 23.39 -11.02 -36.59
C GLN E 4937 23.98 -10.90 -37.98
N GLU E 4938 24.87 -11.80 -38.34
CA GLU E 4938 25.51 -11.72 -39.64
C GLU E 4938 24.53 -12.06 -40.74
N SER E 4939 23.72 -13.08 -40.54
CA SER E 4939 22.66 -13.37 -41.50
C SER E 4939 21.61 -12.28 -41.49
N TYR E 4940 21.39 -11.63 -40.34
CA TYR E 4940 20.42 -10.56 -40.25
C TYR E 4940 20.84 -9.37 -41.07
N VAL E 4941 22.08 -8.93 -40.89
CA VAL E 4941 22.61 -7.79 -41.62
C VAL E 4941 22.72 -8.12 -43.10
N TRP E 4942 23.13 -9.34 -43.43
CA TRP E 4942 23.17 -9.74 -44.83
C TRP E 4942 21.79 -9.73 -45.44
N LYS E 4943 20.78 -10.12 -44.68
CA LYS E 4943 19.42 -10.12 -45.18
C LYS E 4943 18.91 -8.70 -45.39
N MET E 4944 19.18 -7.81 -44.44
CA MET E 4944 18.77 -6.41 -44.58
C MET E 4944 19.44 -5.77 -45.78
N TYR E 4945 20.71 -6.07 -45.98
CA TYR E 4945 21.46 -5.53 -47.10
C TYR E 4945 20.99 -6.09 -48.42
N GLN E 4946 20.56 -7.35 -48.45
CA GLN E 4946 19.93 -7.82 -49.67
C GLN E 4946 18.54 -7.24 -49.83
N GLU E 4947 17.95 -6.77 -48.75
CA GLU E 4947 16.63 -6.17 -48.80
C GLU E 4947 16.67 -4.69 -49.13
N ARG E 4948 17.78 -4.02 -48.81
CA ARG E 4948 17.98 -2.58 -49.01
C ARG E 4948 16.91 -1.79 -48.27
N CYS E 4949 16.93 -1.87 -46.94
CA CYS E 4949 15.91 -1.17 -46.15
C CYS E 4949 16.44 -0.37 -44.97
N TRP E 4950 17.64 -0.64 -44.47
CA TRP E 4950 18.50 0.31 -43.76
C TRP E 4950 17.90 0.84 -42.47
N GLU E 4951 17.66 -0.06 -41.55
CA GLU E 4951 17.20 0.34 -40.24
C GLU E 4951 18.19 -0.06 -39.17
N PHE E 4952 19.16 -0.90 -39.49
CA PHE E 4952 20.15 -1.33 -38.51
C PHE E 4952 21.23 -0.29 -38.26
N PHE E 4953 21.37 0.72 -39.09
CA PHE E 4953 22.24 1.83 -38.73
C PHE E 4953 21.58 2.63 -37.63
N PRO E 4954 22.28 2.93 -36.54
CA PRO E 4954 21.63 3.59 -35.41
C PRO E 4954 21.35 5.04 -35.72
N ALA E 4955 20.11 5.46 -35.51
CA ALA E 4955 19.74 6.84 -35.81
C ALA E 4955 20.25 7.78 -34.74
N GLY E 4956 19.78 7.61 -33.51
CA GLY E 4956 20.21 8.43 -32.40
C GLY E 4956 20.45 7.61 -31.14
N ASP E 4957 20.97 6.39 -31.32
CA ASP E 4957 20.94 5.35 -30.29
C ASP E 4957 22.31 4.69 -30.16
N CYS E 4958 23.31 5.46 -29.76
CA CYS E 4958 24.56 4.83 -29.36
C CYS E 4958 24.36 3.97 -28.12
N PHE E 4959 25.33 3.07 -27.92
CA PHE E 4959 25.28 2.06 -26.86
C PHE E 4959 25.21 2.68 -25.48
N ARG E 4960 26.02 3.71 -25.24
CA ARG E 4960 26.11 4.32 -23.92
C ARG E 4960 24.81 5.00 -23.52
N LYS E 4961 24.04 5.46 -24.51
CA LYS E 4961 22.74 6.05 -24.25
C LYS E 4961 21.76 5.01 -23.73
N GLN E 4962 21.93 3.76 -24.13
CA GLN E 4962 20.97 2.73 -23.76
C GLN E 4962 21.02 2.43 -22.27
N TYR E 4963 22.15 2.64 -21.63
CA TYR E 4963 22.37 2.15 -20.28
C TYR E 4963 22.67 3.30 -19.33
N GLU E 4964 22.72 2.96 -18.05
CA GLU E 4964 23.11 3.92 -17.02
C GLU E 4964 24.25 3.30 -16.22
N LEU F 5 50.28 -78.76 -44.32
CA LEU F 5 49.63 -80.05 -44.53
C LEU F 5 49.43 -80.33 -46.00
N THR F 6 49.67 -81.58 -46.40
CA THR F 6 49.54 -81.99 -47.79
C THR F 6 48.34 -82.91 -47.96
N GLU F 7 47.88 -82.99 -49.20
CA GLU F 7 46.54 -83.49 -49.47
C GLU F 7 46.48 -85.00 -49.44
N GLU F 8 47.38 -85.65 -50.18
CA GLU F 8 47.33 -87.10 -50.27
C GLU F 8 47.76 -87.78 -48.98
N GLN F 9 48.52 -87.09 -48.12
CA GLN F 9 48.75 -87.62 -46.79
C GLN F 9 47.45 -87.71 -46.00
N ILE F 10 46.61 -86.67 -46.10
CA ILE F 10 45.30 -86.69 -45.47
C ILE F 10 44.43 -87.78 -46.07
N ALA F 11 44.53 -87.96 -47.39
CA ALA F 11 43.78 -89.01 -48.08
C ALA F 11 44.21 -90.39 -47.60
N GLU F 12 45.51 -90.61 -47.48
CA GLU F 12 46.03 -91.90 -47.03
C GLU F 12 45.65 -92.18 -45.58
N PHE F 13 45.70 -91.15 -44.73
CA PHE F 13 45.37 -91.34 -43.31
C PHE F 13 43.90 -91.68 -43.15
N LYS F 14 43.04 -90.99 -43.90
CA LYS F 14 41.61 -91.26 -43.90
C LYS F 14 41.34 -92.67 -44.41
N GLU F 15 42.00 -93.07 -45.49
CA GLU F 15 41.76 -94.38 -46.07
C GLU F 15 42.27 -95.50 -45.17
N ALA F 16 43.36 -95.26 -44.45
CA ALA F 16 43.86 -96.27 -43.52
C ALA F 16 42.96 -96.42 -42.31
N PHE F 17 42.50 -95.28 -41.76
CA PHE F 17 41.62 -95.32 -40.60
C PHE F 17 40.30 -95.98 -40.93
N SER F 18 39.73 -95.66 -42.11
CA SER F 18 38.49 -96.29 -42.51
C SER F 18 38.70 -97.73 -42.95
N LEU F 19 39.90 -98.05 -43.45
CA LEU F 19 40.23 -99.40 -43.84
C LEU F 19 40.26 -100.33 -42.65
N PHE F 20 40.84 -99.87 -41.54
CA PHE F 20 40.80 -100.67 -40.33
C PHE F 20 39.59 -100.35 -39.47
N ASP F 21 38.68 -99.52 -39.98
CA ASP F 21 37.36 -99.39 -39.39
C ASP F 21 36.43 -100.34 -40.11
N LYS F 22 35.35 -100.73 -39.43
CA LYS F 22 34.36 -101.62 -40.02
C LYS F 22 33.00 -100.99 -40.13
N ASP F 23 32.48 -100.44 -39.03
CA ASP F 23 31.13 -99.88 -39.04
C ASP F 23 31.10 -98.49 -39.68
N GLY F 24 32.13 -97.67 -39.45
CA GLY F 24 32.30 -96.43 -40.17
C GLY F 24 31.90 -95.17 -39.45
N ASP F 25 31.64 -95.22 -38.15
CA ASP F 25 31.28 -94.03 -37.38
C ASP F 25 32.41 -93.55 -36.48
N GLY F 26 33.66 -93.63 -36.95
CA GLY F 26 34.79 -93.19 -36.17
C GLY F 26 35.07 -94.06 -34.97
N THR F 27 34.80 -95.35 -35.05
CA THR F 27 34.88 -96.27 -33.91
C THR F 27 35.73 -97.46 -34.31
N ILE F 28 37.02 -97.38 -34.04
CA ILE F 28 37.91 -98.53 -34.11
C ILE F 28 38.33 -98.89 -32.68
N THR F 29 39.03 -100.00 -32.51
CA THR F 29 39.48 -100.41 -31.20
C THR F 29 40.77 -99.69 -30.82
N THR F 30 41.14 -99.76 -29.54
CA THR F 30 42.35 -99.10 -29.06
C THR F 30 43.60 -99.84 -29.49
N LYS F 31 43.56 -101.17 -29.47
CA LYS F 31 44.73 -101.95 -29.84
C LYS F 31 45.03 -101.90 -31.33
N ALA F 32 44.06 -101.52 -32.15
CA ALA F 32 44.32 -101.40 -33.58
C ALA F 32 45.01 -100.10 -33.92
N LEU F 33 45.30 -99.25 -32.91
CA LEU F 33 46.09 -98.05 -33.15
C LEU F 33 47.51 -98.42 -33.59
N GLY F 34 48.11 -99.39 -32.92
CA GLY F 34 49.44 -99.85 -33.35
C GLY F 34 49.41 -100.46 -34.73
N THR F 35 48.34 -101.18 -35.06
CA THR F 35 48.22 -101.80 -36.37
C THR F 35 48.04 -100.75 -37.45
N VAL F 36 47.22 -99.73 -37.18
CA VAL F 36 46.97 -98.72 -38.20
C VAL F 36 48.16 -97.78 -38.33
N MET F 37 48.95 -97.61 -37.26
CA MET F 37 50.15 -96.80 -37.36
C MET F 37 51.26 -97.54 -38.08
N ARG F 38 51.41 -98.84 -37.83
CA ARG F 38 52.40 -99.60 -38.57
C ARG F 38 51.97 -99.89 -40.00
N SER F 39 50.67 -99.78 -40.31
CA SER F 39 50.27 -99.72 -41.70
C SER F 39 50.65 -98.38 -42.33
N LEU F 40 50.68 -97.34 -41.51
CA LEU F 40 51.14 -96.02 -41.93
C LEU F 40 52.63 -95.82 -41.72
N GLY F 41 53.36 -96.89 -41.39
CA GLY F 41 54.79 -96.81 -41.20
C GLY F 41 55.24 -96.26 -39.86
N GLN F 42 54.32 -96.00 -38.94
CA GLN F 42 54.63 -95.43 -37.63
C GLN F 42 54.75 -96.56 -36.63
N ASN F 43 55.83 -96.55 -35.85
CA ASN F 43 56.05 -97.56 -34.81
C ASN F 43 56.82 -96.94 -33.66
N PRO F 44 56.13 -96.31 -32.73
CA PRO F 44 56.75 -95.90 -31.46
C PRO F 44 56.74 -97.07 -30.49
N THR F 45 57.16 -96.81 -29.25
CA THR F 45 57.19 -97.86 -28.26
C THR F 45 55.78 -98.10 -27.70
N GLU F 46 55.71 -99.04 -26.74
CA GLU F 46 54.42 -99.44 -26.20
C GLU F 46 53.85 -98.38 -25.28
N ALA F 47 54.68 -97.80 -24.42
CA ALA F 47 54.22 -96.77 -23.50
C ALA F 47 53.84 -95.48 -24.23
N GLU F 48 54.47 -95.21 -25.36
CA GLU F 48 54.11 -94.03 -26.15
C GLU F 48 52.77 -94.25 -26.86
N LEU F 49 52.54 -95.48 -27.36
CA LEU F 49 51.22 -95.85 -27.86
C LEU F 49 50.15 -95.71 -26.77
N GLN F 50 50.48 -96.13 -25.55
CA GLN F 50 49.54 -96.01 -24.44
C GLN F 50 49.28 -94.56 -24.06
N ASP F 51 50.33 -93.72 -24.08
CA ASP F 51 50.18 -92.30 -23.80
C ASP F 51 49.36 -91.60 -24.87
N MET F 52 49.48 -92.02 -26.12
CA MET F 52 48.67 -91.42 -27.16
C MET F 52 47.23 -91.92 -27.12
N ILE F 53 46.99 -93.16 -26.68
CA ILE F 53 45.62 -93.61 -26.44
C ILE F 53 45.01 -92.85 -25.28
N ASN F 54 45.79 -92.64 -24.21
CA ASN F 54 45.31 -91.86 -23.06
C ASN F 54 45.19 -90.38 -23.39
N GLU F 55 45.84 -89.93 -24.46
CA GLU F 55 45.61 -88.58 -24.97
C GLU F 55 44.21 -88.49 -25.59
N VAL F 56 43.72 -89.58 -26.17
CA VAL F 56 42.40 -89.62 -26.78
C VAL F 56 41.33 -89.84 -25.71
N ASN F 61 38.54 -93.88 -24.09
CA ASN F 61 37.17 -93.92 -24.59
C ASN F 61 36.84 -95.26 -25.26
N GLY F 62 37.84 -95.86 -25.89
CA GLY F 62 37.65 -97.10 -26.60
C GLY F 62 37.49 -96.97 -28.09
N THR F 63 36.98 -95.84 -28.58
CA THR F 63 36.79 -95.59 -30.00
C THR F 63 37.63 -94.38 -30.38
N ILE F 64 38.68 -94.61 -31.18
CA ILE F 64 39.57 -93.54 -31.58
C ILE F 64 38.85 -92.66 -32.60
N ASP F 65 38.78 -91.36 -32.32
CA ASP F 65 38.07 -90.45 -33.22
C ASP F 65 39.02 -89.94 -34.31
N PHE F 66 38.44 -89.32 -35.31
CA PHE F 66 39.19 -88.98 -36.50
C PHE F 66 40.07 -87.74 -36.40
N PRO F 67 39.58 -86.53 -35.96
CA PRO F 67 40.42 -85.33 -36.12
C PRO F 67 41.62 -85.26 -35.18
N ALA F 68 41.46 -85.71 -33.94
CA ALA F 68 42.59 -85.72 -33.01
C ALA F 68 43.66 -86.70 -33.43
N PHE F 69 43.27 -87.80 -34.08
CA PHE F 69 44.22 -88.68 -34.75
C PHE F 69 45.02 -87.91 -35.79
N LEU F 70 44.34 -87.10 -36.58
CA LEU F 70 45.01 -86.25 -37.56
C LEU F 70 45.92 -85.24 -36.89
N THR F 71 45.53 -84.76 -35.71
CA THR F 71 46.32 -83.74 -35.01
C THR F 71 47.60 -84.32 -34.44
N MET F 72 47.50 -85.50 -33.83
CA MET F 72 48.69 -86.17 -33.30
C MET F 72 49.62 -86.59 -34.43
N MET F 73 49.06 -87.10 -35.53
CA MET F 73 49.89 -87.42 -36.69
C MET F 73 50.51 -86.18 -37.31
N ALA F 74 49.80 -85.04 -37.22
CA ALA F 74 50.37 -83.77 -37.64
C ALA F 74 51.53 -83.35 -36.75
N ARG F 75 51.43 -83.62 -35.44
CA ARG F 75 52.56 -83.33 -34.55
C ARG F 75 53.79 -84.15 -34.92
N LYS F 76 53.59 -85.47 -35.11
CA LYS F 76 54.71 -86.36 -35.43
C LYS F 76 55.31 -86.04 -36.79
N MET F 77 54.50 -85.56 -37.73
CA MET F 77 55.02 -85.20 -39.04
C MET F 77 55.74 -83.85 -39.01
N LYS F 78 55.10 -82.84 -38.40
CA LYS F 78 55.68 -81.51 -38.37
C LYS F 78 56.88 -81.39 -37.45
N ASP F 79 57.14 -82.40 -36.61
CA ASP F 79 58.42 -82.47 -35.91
C ASP F 79 59.59 -82.54 -36.89
N THR F 80 59.62 -83.61 -37.71
CA THR F 80 60.69 -83.79 -38.69
C THR F 80 60.63 -82.71 -39.76
N ASP F 81 59.42 -82.28 -40.11
CA ASP F 81 59.30 -81.19 -41.06
C ASP F 81 59.86 -79.88 -40.51
N SER F 82 59.70 -79.63 -39.21
CA SER F 82 60.26 -78.42 -38.60
C SER F 82 61.78 -78.47 -38.58
N GLU F 83 62.34 -79.67 -38.36
CA GLU F 83 63.80 -79.79 -38.44
C GLU F 83 64.31 -79.55 -39.86
N GLU F 84 63.65 -80.13 -40.86
CA GLU F 84 64.10 -79.90 -42.23
C GLU F 84 63.82 -78.47 -42.69
N GLU F 85 62.80 -77.82 -42.14
CA GLU F 85 62.51 -76.44 -42.51
C GLU F 85 63.49 -75.48 -41.86
N ILE F 86 63.91 -75.74 -40.63
CA ILE F 86 64.95 -74.90 -40.05
C ILE F 86 66.30 -75.21 -40.69
N ARG F 87 66.43 -76.38 -41.31
CA ARG F 87 67.59 -76.62 -42.16
C ARG F 87 67.54 -75.76 -43.40
N GLU F 88 66.47 -75.87 -44.18
CA GLU F 88 66.38 -75.22 -45.49
C GLU F 88 66.25 -73.71 -45.37
N ALA F 89 65.72 -73.21 -44.25
CA ALA F 89 65.54 -71.78 -44.10
C ALA F 89 66.87 -71.07 -43.92
N PHE F 90 67.83 -71.73 -43.29
CA PHE F 90 69.18 -71.18 -43.18
C PHE F 90 70.15 -71.80 -44.16
N ARG F 91 69.66 -72.70 -45.02
CA ARG F 91 70.40 -72.97 -46.25
C ARG F 91 70.08 -71.96 -47.34
N VAL F 92 69.12 -71.06 -47.09
CA VAL F 92 68.93 -69.91 -47.97
C VAL F 92 70.14 -69.01 -47.90
N PHE F 93 70.52 -68.64 -46.68
CA PHE F 93 71.74 -67.90 -46.44
C PHE F 93 72.86 -68.91 -46.21
N ASP F 94 74.09 -68.42 -46.02
CA ASP F 94 75.20 -69.14 -45.41
C ASP F 94 75.64 -70.35 -46.23
N LYS F 95 76.10 -70.10 -47.46
CA LYS F 95 76.33 -71.13 -48.48
C LYS F 95 77.49 -72.09 -48.16
N ASP F 96 78.28 -71.81 -47.12
CA ASP F 96 79.48 -72.60 -46.86
C ASP F 96 79.14 -73.96 -46.26
N GLY F 97 78.22 -74.03 -45.30
CA GLY F 97 77.88 -75.27 -44.66
C GLY F 97 78.30 -75.39 -43.20
N ASN F 98 78.20 -74.29 -42.45
CA ASN F 98 78.50 -74.32 -41.03
C ASN F 98 77.35 -73.86 -40.14
N GLY F 99 76.27 -73.34 -40.71
CA GLY F 99 75.12 -72.90 -39.93
C GLY F 99 75.37 -71.67 -39.09
N TYR F 100 76.31 -70.83 -39.50
CA TYR F 100 76.81 -69.74 -38.67
C TYR F 100 76.36 -68.40 -39.24
N ILE F 101 75.79 -67.56 -38.39
CA ILE F 101 75.08 -66.37 -38.82
C ILE F 101 75.78 -65.14 -38.25
N SER F 102 76.18 -64.23 -39.13
CA SER F 102 76.76 -62.96 -38.69
C SER F 102 75.67 -62.02 -38.20
N ALA F 103 76.03 -61.21 -37.20
CA ALA F 103 75.05 -60.40 -36.50
C ALA F 103 74.54 -59.23 -37.33
N ALA F 104 75.37 -58.71 -38.25
CA ALA F 104 74.86 -57.70 -39.18
C ALA F 104 73.84 -58.31 -40.13
N ALA F 105 74.09 -59.55 -40.57
CA ALA F 105 73.06 -60.27 -41.32
C ALA F 105 71.88 -60.63 -40.44
N LEU F 106 72.06 -60.74 -39.13
CA LEU F 106 70.92 -60.91 -38.25
C LEU F 106 70.07 -59.65 -38.19
N ARG F 107 70.72 -58.48 -38.14
CA ARG F 107 70.00 -57.21 -38.27
C ARG F 107 69.29 -57.09 -39.62
N HIS F 108 69.89 -57.64 -40.67
CA HIS F 108 69.23 -57.66 -41.97
C HIS F 108 68.00 -58.58 -41.96
N VAL F 109 68.20 -59.87 -41.72
CA VAL F 109 67.16 -60.86 -41.98
C VAL F 109 66.19 -61.02 -40.83
N MET F 110 66.44 -60.43 -39.68
CA MET F 110 65.48 -60.53 -38.58
C MET F 110 64.26 -59.67 -38.84
N THR F 111 64.44 -58.55 -39.54
CA THR F 111 63.31 -57.73 -39.98
C THR F 111 62.70 -58.29 -41.26
N ASN F 112 62.29 -59.56 -41.21
CA ASN F 112 61.71 -60.19 -42.38
C ASN F 112 60.19 -60.13 -42.32
N LEU F 113 59.56 -60.50 -43.43
CA LEU F 113 58.12 -60.42 -43.54
C LEU F 113 57.46 -61.48 -42.66
N GLY F 114 56.16 -61.31 -42.45
CA GLY F 114 55.55 -61.93 -41.29
C GLY F 114 55.44 -60.92 -40.16
N GLU F 115 56.40 -60.93 -39.23
CA GLU F 115 56.28 -60.04 -38.08
C GLU F 115 56.69 -58.61 -38.43
N LYS F 116 57.95 -58.43 -38.82
CA LYS F 116 58.64 -57.16 -39.14
C LYS F 116 58.30 -55.96 -38.26
N LEU F 117 58.35 -56.14 -36.94
CA LEU F 117 58.16 -55.01 -36.04
C LEU F 117 59.47 -54.24 -35.83
N THR F 118 59.50 -53.38 -34.83
CA THR F 118 60.47 -52.31 -34.71
C THR F 118 61.83 -52.77 -34.21
N ASP F 119 62.67 -51.81 -33.81
CA ASP F 119 64.03 -52.11 -33.35
C ASP F 119 64.06 -52.85 -32.01
N GLU F 120 62.93 -52.92 -31.30
CA GLU F 120 62.84 -53.66 -30.04
C GLU F 120 63.21 -55.12 -30.23
N GLU F 121 62.69 -55.73 -31.29
CA GLU F 121 62.90 -57.17 -31.48
C GLU F 121 64.32 -57.47 -31.93
N VAL F 122 64.91 -56.62 -32.77
CA VAL F 122 66.27 -56.90 -33.22
C VAL F 122 67.28 -56.58 -32.13
N ASP F 123 67.00 -55.60 -31.26
CA ASP F 123 67.82 -55.41 -30.08
C ASP F 123 67.66 -56.58 -29.12
N GLU F 124 66.44 -57.15 -29.06
CA GLU F 124 66.19 -58.31 -28.22
C GLU F 124 66.96 -59.53 -28.72
N MET F 125 67.18 -59.63 -30.03
CA MET F 125 68.01 -60.73 -30.51
C MET F 125 69.48 -60.46 -30.25
N ILE F 126 69.93 -59.22 -30.50
CA ILE F 126 71.36 -58.91 -30.43
C ILE F 126 71.88 -58.87 -29.00
N ARG F 127 71.02 -58.56 -28.01
CA ARG F 127 71.47 -58.54 -26.62
C ARG F 127 71.90 -59.92 -26.13
N GLU F 128 71.31 -60.98 -26.69
CA GLU F 128 71.68 -62.34 -26.31
C GLU F 128 71.50 -63.21 -27.55
N ALA F 129 72.64 -63.60 -28.11
CA ALA F 129 72.72 -64.46 -29.28
C ALA F 129 73.94 -65.39 -29.20
N ASP F 130 74.91 -65.03 -28.33
CA ASP F 130 76.35 -65.37 -28.42
C ASP F 130 77.03 -64.96 -29.73
N ILE F 131 77.99 -64.04 -29.67
CA ILE F 131 78.56 -63.59 -30.93
C ILE F 131 80.07 -63.73 -30.82
N ASP F 132 80.66 -64.59 -31.64
CA ASP F 132 82.11 -64.84 -31.57
C ASP F 132 82.92 -63.67 -32.11
N GLY F 135 79.93 -61.35 -36.75
CA GLY F 135 80.23 -62.42 -35.82
C GLY F 135 79.32 -63.63 -35.99
N GLN F 136 79.94 -64.76 -36.30
CA GLN F 136 79.21 -65.95 -36.77
C GLN F 136 78.56 -66.68 -35.61
N VAL F 137 77.23 -66.73 -35.60
CA VAL F 137 76.46 -67.29 -34.51
C VAL F 137 75.80 -68.58 -34.98
N ASN F 138 75.93 -69.63 -34.17
CA ASN F 138 75.24 -70.88 -34.47
C ASN F 138 73.73 -70.70 -34.24
N TYR F 139 72.95 -71.26 -35.17
CA TYR F 139 71.51 -71.02 -35.19
C TYR F 139 70.77 -71.81 -34.11
N GLU F 140 71.38 -72.86 -33.58
CA GLU F 140 70.67 -73.67 -32.60
C GLU F 140 70.51 -72.94 -31.28
N ALA F 141 71.42 -72.00 -30.97
CA ALA F 141 71.21 -71.10 -29.85
C ALA F 141 69.99 -70.21 -30.09
N PHE F 142 69.78 -69.79 -31.34
CA PHE F 142 68.60 -69.01 -31.69
C PHE F 142 67.33 -69.86 -31.55
N VAL F 143 67.41 -71.13 -31.90
CA VAL F 143 66.27 -72.03 -31.78
C VAL F 143 65.92 -72.26 -30.32
N GLN F 144 66.94 -72.50 -29.49
CA GLN F 144 66.73 -72.68 -28.06
C GLN F 144 66.25 -71.39 -27.40
N MET F 145 66.64 -70.24 -27.94
CA MET F 145 66.21 -68.97 -27.39
C MET F 145 64.73 -68.72 -27.67
N MET F 146 64.33 -68.86 -28.94
CA MET F 146 62.99 -68.45 -29.33
C MET F 146 61.93 -69.43 -28.85
N THR F 147 62.24 -70.73 -28.83
CA THR F 147 61.27 -71.77 -28.52
C THR F 147 61.16 -72.08 -27.04
N ALA F 148 61.47 -71.10 -26.19
CA ALA F 148 61.48 -71.20 -24.72
C ALA F 148 62.36 -72.35 -24.21
N GLY G 2 -130.49 5.96 -26.29
CA GLY G 2 -129.50 6.34 -25.30
C GLY G 2 -129.06 7.79 -25.39
N VAL G 3 -128.98 8.31 -26.61
CA VAL G 3 -128.52 9.67 -26.83
C VAL G 3 -129.66 10.64 -26.55
N GLU G 4 -129.33 11.80 -26.02
CA GLU G 4 -130.31 12.80 -25.58
C GLU G 4 -130.15 14.03 -26.47
N ILE G 5 -130.79 13.99 -27.63
CA ILE G 5 -130.53 14.98 -28.67
C ILE G 5 -131.48 16.16 -28.50
N GLU G 6 -130.92 17.30 -28.15
CA GLU G 6 -131.60 18.57 -28.20
C GLU G 6 -131.23 19.27 -29.49
N THR G 7 -132.22 19.53 -30.33
CA THR G 7 -131.98 20.32 -31.54
C THR G 7 -131.63 21.75 -31.14
N ILE G 8 -130.37 22.12 -31.32
CA ILE G 8 -129.91 23.47 -31.07
C ILE G 8 -130.55 24.38 -32.09
N SER G 9 -130.21 24.17 -33.35
CA SER G 9 -130.83 24.88 -34.46
C SER G 9 -131.24 23.84 -35.50
N PRO G 10 -132.48 23.84 -35.95
CA PRO G 10 -132.92 22.86 -36.95
C PRO G 10 -132.44 23.22 -38.34
N GLY G 11 -132.55 22.23 -39.22
CA GLY G 11 -132.42 22.47 -40.63
C GLY G 11 -133.82 22.58 -41.18
N ASP G 12 -134.33 21.49 -41.76
CA ASP G 12 -135.77 21.37 -41.98
C ASP G 12 -136.42 20.35 -41.06
N GLY G 13 -135.62 19.58 -40.31
CA GLY G 13 -136.15 18.66 -39.33
C GLY G 13 -136.46 17.27 -39.88
N ARG G 14 -136.93 17.21 -41.13
CA ARG G 14 -137.47 15.98 -41.68
C ARG G 14 -136.53 15.28 -42.65
N THR G 15 -135.54 15.99 -43.22
CA THR G 15 -134.69 15.37 -44.23
C THR G 15 -133.49 14.72 -43.53
N PHE G 16 -133.79 13.71 -42.84
CA PHE G 16 -132.71 12.95 -42.24
C PHE G 16 -132.16 11.96 -43.25
N PRO G 17 -130.87 11.60 -43.15
CA PRO G 17 -130.24 10.84 -44.23
C PRO G 17 -130.68 9.39 -44.37
N LYS G 18 -130.02 8.70 -45.30
CA LYS G 18 -130.24 7.30 -45.58
C LYS G 18 -128.87 6.64 -45.64
N LYS G 19 -128.86 5.31 -45.59
CA LYS G 19 -127.62 4.56 -45.68
C LYS G 19 -126.98 4.71 -47.06
N GLY G 20 -125.68 4.47 -47.11
CA GLY G 20 -124.95 4.67 -48.35
C GLY G 20 -124.68 6.12 -48.69
N GLN G 21 -124.80 7.01 -47.71
CA GLN G 21 -124.64 8.44 -47.92
C GLN G 21 -123.54 8.97 -47.01
N THR G 22 -122.68 9.80 -47.59
CA THR G 22 -121.54 10.37 -46.87
C THR G 22 -121.99 11.63 -46.14
N CYS G 23 -121.78 11.67 -44.83
CA CYS G 23 -122.39 12.67 -43.97
C CYS G 23 -121.38 13.75 -43.61
N VAL G 24 -121.76 15.01 -43.86
CA VAL G 24 -120.86 16.14 -43.76
C VAL G 24 -121.14 16.87 -42.45
N VAL G 25 -120.18 16.88 -41.53
CA VAL G 25 -120.37 17.45 -40.21
C VAL G 25 -119.27 18.44 -39.89
N HIS G 26 -119.58 19.33 -38.93
CA HIS G 26 -118.59 20.17 -38.24
C HIS G 26 -118.83 20.10 -36.74
N TYR G 27 -118.29 19.07 -36.10
CA TYR G 27 -118.50 18.84 -34.69
C TYR G 27 -117.39 19.46 -33.86
N THR G 28 -117.76 19.96 -32.68
CA THR G 28 -116.81 20.46 -31.71
C THR G 28 -117.13 19.86 -30.34
N GLY G 29 -116.62 18.65 -30.10
CA GLY G 29 -116.98 17.92 -28.91
C GLY G 29 -116.06 18.27 -27.74
N MET G 30 -116.67 18.36 -26.56
CA MET G 30 -115.94 18.58 -25.32
C MET G 30 -116.33 17.51 -24.31
N LEU G 31 -115.80 17.61 -23.11
CA LEU G 31 -116.14 16.64 -22.09
C LEU G 31 -117.41 17.04 -21.35
N GLN G 32 -117.74 16.20 -20.38
CA GLN G 32 -118.73 16.55 -19.36
C GLN G 32 -118.30 17.80 -18.60
N ASN G 33 -117.00 17.90 -18.29
CA ASN G 33 -116.48 18.99 -17.48
C ASN G 33 -116.11 20.22 -18.31
N GLY G 34 -116.65 20.34 -19.52
CA GLY G 34 -116.35 21.47 -20.35
C GLY G 34 -114.98 21.47 -21.00
N LYS G 35 -114.18 20.43 -20.79
CA LYS G 35 -112.86 20.36 -21.38
C LYS G 35 -112.99 20.04 -22.86
N LYS G 36 -112.60 20.97 -23.71
CA LYS G 36 -112.65 20.74 -25.15
C LYS G 36 -111.49 19.86 -25.58
N PHE G 37 -111.77 18.88 -26.43
CA PHE G 37 -110.73 17.95 -26.84
C PHE G 37 -110.64 17.84 -28.36
N ASP G 38 -111.76 17.94 -29.05
CA ASP G 38 -111.77 17.81 -30.49
C ASP G 38 -112.75 18.80 -31.09
N SER G 39 -112.41 19.29 -32.28
CA SER G 39 -113.26 20.24 -32.98
C SER G 39 -112.96 20.16 -34.47
N SER G 40 -113.84 19.50 -35.21
CA SER G 40 -113.70 19.44 -36.67
C SER G 40 -113.96 20.78 -37.33
N ARG G 41 -114.60 21.72 -36.62
CA ARG G 41 -114.56 23.12 -37.01
C ARG G 41 -113.13 23.62 -37.10
N ASP G 42 -112.30 23.23 -36.13
CA ASP G 42 -111.14 24.03 -35.79
C ASP G 42 -109.99 23.82 -36.77
N ARG G 43 -109.94 22.70 -37.48
CA ARG G 43 -108.95 22.53 -38.51
C ARG G 43 -109.49 22.90 -39.88
N ASN G 44 -110.68 23.53 -39.92
CA ASN G 44 -111.34 24.01 -41.15
C ASN G 44 -111.56 22.87 -42.13
N LYS G 45 -112.25 21.85 -41.68
CA LYS G 45 -112.37 20.66 -42.50
C LYS G 45 -113.67 19.94 -42.18
N PRO G 46 -114.57 19.83 -43.14
CA PRO G 46 -115.79 19.04 -42.93
C PRO G 46 -115.48 17.56 -42.82
N PHE G 47 -115.60 17.02 -41.61
CA PHE G 47 -115.42 15.60 -41.41
C PHE G 47 -116.54 14.82 -42.08
N LYS G 48 -116.17 13.69 -42.69
CA LYS G 48 -117.11 12.92 -43.48
C LYS G 48 -117.02 11.45 -43.07
N PHE G 49 -118.16 10.76 -43.16
CA PHE G 49 -118.25 9.38 -42.76
C PHE G 49 -119.47 8.75 -43.39
N ARG G 50 -119.57 7.43 -43.27
CA ARG G 50 -120.60 6.65 -43.93
C ARG G 50 -121.42 5.89 -42.91
N ILE G 51 -122.73 6.15 -42.89
CA ILE G 51 -123.65 5.32 -42.14
C ILE G 51 -123.70 3.94 -42.78
N GLY G 52 -123.64 2.89 -41.96
CA GLY G 52 -123.62 1.54 -42.44
C GLY G 52 -122.22 0.97 -42.60
N LYS G 53 -121.26 1.80 -43.00
CA LYS G 53 -119.87 1.42 -42.88
C LYS G 53 -119.44 1.35 -41.41
N GLN G 54 -120.05 2.18 -40.56
CA GLN G 54 -119.98 2.11 -39.10
C GLN G 54 -118.55 2.29 -38.60
N GLU G 55 -118.04 3.49 -38.86
CA GLU G 55 -116.73 3.90 -38.34
C GLU G 55 -116.87 4.78 -37.10
N VAL G 56 -117.76 5.76 -37.16
CA VAL G 56 -117.99 6.68 -36.04
C VAL G 56 -118.63 5.93 -34.87
N ILE G 57 -118.60 6.54 -33.69
CA ILE G 57 -119.16 5.87 -32.52
C ILE G 57 -120.68 5.86 -32.59
N LYS G 58 -121.27 5.04 -31.73
CA LYS G 58 -122.63 4.56 -31.94
C LYS G 58 -123.68 5.62 -31.64
N GLY G 59 -123.45 6.44 -30.61
CA GLY G 59 -124.40 7.51 -30.33
C GLY G 59 -124.30 8.60 -31.37
N PHE G 60 -123.10 8.84 -31.87
CA PHE G 60 -122.90 9.71 -33.01
C PHE G 60 -123.59 9.14 -34.24
N GLU G 61 -123.64 7.82 -34.36
CA GLU G 61 -124.35 7.17 -35.45
C GLU G 61 -125.85 7.27 -35.29
N GLU G 62 -126.37 7.23 -34.06
CA GLU G 62 -127.80 7.43 -33.85
C GLU G 62 -128.19 8.87 -34.15
N GLY G 63 -127.31 9.81 -33.83
CA GLY G 63 -127.53 11.19 -34.25
C GLY G 63 -127.35 11.39 -35.74
N ALA G 64 -126.62 10.49 -36.40
CA ALA G 64 -126.39 10.61 -37.83
C ALA G 64 -127.63 10.32 -38.66
N ALA G 65 -128.62 9.62 -38.11
CA ALA G 65 -129.88 9.40 -38.80
C ALA G 65 -131.02 10.23 -38.25
N GLN G 66 -130.75 11.12 -37.30
CA GLN G 66 -131.80 11.90 -36.67
C GLN G 66 -131.79 13.35 -37.10
N MET G 67 -130.61 13.96 -37.21
CA MET G 67 -130.52 15.33 -37.64
C MET G 67 -130.83 15.46 -39.13
N SER G 68 -131.10 16.68 -39.55
CA SER G 68 -131.58 16.93 -40.90
C SER G 68 -130.59 17.82 -41.65
N LEU G 69 -131.02 18.27 -42.83
CA LEU G 69 -130.20 19.05 -43.74
C LEU G 69 -129.96 20.45 -43.15
N GLY G 70 -128.80 20.64 -42.55
CA GLY G 70 -128.48 21.89 -41.89
C GLY G 70 -128.91 21.97 -40.44
N GLN G 71 -128.99 20.85 -39.73
CA GLN G 71 -129.48 20.85 -38.36
C GLN G 71 -128.32 20.72 -37.39
N ARG G 72 -128.33 21.57 -36.36
CA ARG G 72 -127.33 21.56 -35.31
C ARG G 72 -127.96 21.03 -34.03
N ALA G 73 -127.27 20.10 -33.37
CA ALA G 73 -127.86 19.45 -32.21
C ALA G 73 -126.76 18.95 -31.28
N LYS G 74 -127.13 18.77 -30.02
CA LYS G 74 -126.22 18.32 -28.98
C LYS G 74 -126.43 16.83 -28.75
N LEU G 75 -125.40 16.04 -29.03
CA LEU G 75 -125.47 14.58 -28.96
C LEU G 75 -124.81 14.12 -27.66
N THR G 76 -125.54 14.28 -26.57
CA THR G 76 -125.05 13.82 -25.28
C THR G 76 -125.13 12.30 -25.22
N CYS G 77 -123.99 11.65 -25.02
CA CYS G 77 -123.90 10.20 -25.11
C CYS G 77 -123.46 9.59 -23.79
N THR G 78 -123.77 8.34 -23.66
CA THR G 78 -123.42 7.51 -22.52
C THR G 78 -121.95 7.09 -22.62
N PRO G 79 -121.20 7.11 -21.52
CA PRO G 79 -119.84 6.56 -21.56
C PRO G 79 -119.77 5.06 -21.82
N ASP G 80 -120.89 4.33 -21.74
CA ASP G 80 -120.94 2.99 -22.31
C ASP G 80 -120.84 3.07 -23.82
N VAL G 81 -121.50 4.05 -24.43
CA VAL G 81 -121.52 4.20 -25.89
C VAL G 81 -120.26 4.92 -26.37
N ALA G 82 -119.46 5.45 -25.46
CA ALA G 82 -118.18 6.07 -25.76
C ALA G 82 -117.11 5.01 -25.99
N TYR G 83 -115.84 5.42 -25.90
CA TYR G 83 -114.72 4.49 -26.05
C TYR G 83 -114.75 3.38 -25.02
N GLY G 84 -115.36 3.63 -23.85
CA GLY G 84 -115.68 2.54 -22.96
C GLY G 84 -115.18 2.75 -21.54
N ALA G 85 -115.20 1.67 -20.76
CA ALA G 85 -114.71 1.73 -19.39
C ALA G 85 -113.21 1.96 -19.33
N THR G 86 -112.49 1.61 -20.40
CA THR G 86 -111.09 1.99 -20.51
C THR G 86 -110.96 3.40 -21.05
N GLY G 87 -111.78 3.75 -22.03
CA GLY G 87 -111.66 5.02 -22.69
C GLY G 87 -110.61 4.99 -23.79
N HIS G 88 -110.44 6.13 -24.43
CA HIS G 88 -109.45 6.24 -25.48
C HIS G 88 -108.05 6.25 -24.86
N PRO G 89 -107.13 5.47 -25.37
CA PRO G 89 -105.76 5.52 -24.85
C PRO G 89 -105.03 6.78 -25.24
N GLY G 90 -105.22 7.83 -24.43
CA GLY G 90 -104.37 8.99 -24.56
C GLY G 90 -105.12 10.30 -24.45
N VAL G 91 -106.37 10.29 -24.89
CA VAL G 91 -107.18 11.50 -24.94
C VAL G 91 -108.33 11.43 -23.96
N ILE G 92 -109.22 10.47 -24.13
CA ILE G 92 -110.45 10.39 -23.33
C ILE G 92 -110.14 9.59 -22.08
N PRO G 93 -110.42 10.13 -20.90
CA PRO G 93 -110.25 9.37 -19.65
C PRO G 93 -111.25 8.25 -19.56
N PRO G 94 -111.04 7.28 -18.66
CA PRO G 94 -111.99 6.16 -18.55
C PRO G 94 -113.37 6.61 -18.08
N ASN G 95 -114.39 6.24 -18.88
CA ASN G 95 -115.80 6.57 -18.66
C ASN G 95 -116.01 8.07 -18.50
N ALA G 96 -115.72 8.76 -19.61
CA ALA G 96 -116.02 10.19 -19.72
C ALA G 96 -117.32 10.35 -20.50
N THR G 97 -118.28 11.02 -19.88
CA THR G 97 -119.58 11.24 -20.50
C THR G 97 -119.47 12.36 -21.50
N LEU G 98 -119.78 12.08 -22.75
CA LEU G 98 -119.44 12.97 -23.84
C LEU G 98 -120.55 13.95 -24.14
N ILE G 99 -120.18 15.18 -24.46
CA ILE G 99 -121.10 16.24 -24.81
C ILE G 99 -120.60 16.91 -26.07
N PHE G 100 -121.42 16.90 -27.11
CA PHE G 100 -120.95 17.28 -28.44
C PHE G 100 -121.63 18.57 -28.90
N ASP G 101 -121.32 18.97 -30.13
CA ASP G 101 -122.04 20.05 -30.82
C ASP G 101 -121.87 19.76 -32.30
N VAL G 102 -122.85 19.07 -32.89
CA VAL G 102 -122.70 18.48 -34.21
C VAL G 102 -123.65 19.19 -35.16
N GLU G 103 -123.15 19.51 -36.35
CA GLU G 103 -123.93 20.22 -37.36
C GLU G 103 -123.83 19.47 -38.68
N LEU G 104 -124.87 18.71 -39.01
CA LEU G 104 -124.89 17.93 -40.24
C LEU G 104 -125.21 18.82 -41.42
N LEU G 105 -124.42 18.70 -42.50
CA LEU G 105 -124.46 19.68 -43.57
C LEU G 105 -124.91 19.09 -44.91
N ASN G 106 -124.24 18.08 -45.44
CA ASN G 106 -124.54 17.61 -46.79
C ASN G 106 -124.43 16.10 -46.89
N LEU G 107 -124.95 15.58 -48.00
CA LEU G 107 -125.04 14.15 -48.26
C LEU G 107 -124.58 13.87 -49.68
N GLU G 108 -124.32 12.59 -49.96
CA GLU G 108 -123.97 12.16 -51.31
C GLU G 108 -124.67 10.88 -51.68
N GLN H 12 -27.81 20.37 10.47
CA GLN H 12 -26.96 21.24 11.27
C GLN H 12 -27.78 22.41 11.80
N PHE H 13 -28.32 23.20 10.90
CA PHE H 13 -29.28 24.21 11.26
C PHE H 13 -30.58 23.92 10.53
N LEU H 14 -31.60 24.69 10.85
CA LEU H 14 -32.93 24.43 10.32
C LEU H 14 -33.19 25.41 9.20
N ARG H 15 -32.89 24.99 7.98
CA ARG H 15 -33.07 25.84 6.83
C ARG H 15 -34.53 25.84 6.44
N THR H 16 -34.94 26.88 5.72
CA THR H 16 -36.31 27.01 5.23
C THR H 16 -36.66 25.85 4.31
N ASP H 17 -37.94 25.50 4.29
CA ASP H 17 -38.56 24.62 3.30
C ASP H 17 -38.07 23.19 3.47
N ASP H 18 -37.85 22.79 4.70
CA ASP H 18 -37.69 21.38 5.04
C ASP H 18 -38.78 20.96 6.01
N GLU H 19 -38.63 19.75 6.52
CA GLU H 19 -39.74 19.05 7.16
C GLU H 19 -39.33 18.63 8.56
N VAL H 20 -40.01 19.17 9.56
CA VAL H 20 -39.68 18.92 10.95
C VAL H 20 -40.94 18.64 11.75
N VAL H 21 -40.79 18.51 13.06
CA VAL H 21 -41.88 18.21 13.98
C VAL H 21 -41.79 19.16 15.18
N LEU H 22 -42.68 18.93 16.14
CA LEU H 22 -42.62 19.54 17.47
C LEU H 22 -42.91 18.46 18.48
N GLN H 23 -42.26 18.54 19.65
CA GLN H 23 -42.29 17.37 20.52
C GLN H 23 -42.08 17.80 21.96
N CYS H 24 -42.62 16.99 22.88
CA CYS H 24 -42.42 17.15 24.32
C CYS H 24 -42.17 15.82 25.00
N THR H 25 -42.06 15.84 26.33
CA THR H 25 -42.12 14.65 27.16
C THR H 25 -43.15 14.90 28.25
N ALA H 26 -44.12 14.00 28.39
CA ALA H 26 -45.12 14.13 29.42
C ALA H 26 -44.68 13.33 30.65
N THR H 27 -44.65 14.01 31.79
CA THR H 27 -44.16 13.43 33.04
C THR H 27 -45.30 13.40 34.04
N ILE H 28 -45.90 12.22 34.22
CA ILE H 28 -46.90 11.98 35.25
C ILE H 28 -46.49 10.69 35.95
N HIS H 29 -45.88 10.82 37.14
CA HIS H 29 -45.41 9.71 37.98
C HIS H 29 -44.42 8.83 37.22
N LYS H 30 -43.25 9.44 36.95
CA LYS H 30 -42.12 8.80 36.28
C LYS H 30 -42.47 8.31 34.88
N GLU H 31 -43.07 9.21 34.09
CA GLU H 31 -43.31 8.96 32.68
C GLU H 31 -42.34 9.79 31.85
N GLN H 32 -41.66 9.13 30.93
CA GLN H 32 -41.09 9.81 29.78
C GLN H 32 -42.00 9.60 28.57
N GLN H 33 -43.24 10.05 28.74
CA GLN H 33 -44.24 9.93 27.70
C GLN H 33 -43.93 10.96 26.62
N LYS H 34 -43.10 10.60 25.65
CA LYS H 34 -42.67 11.51 24.59
C LYS H 34 -43.79 11.66 23.57
N LEU H 35 -44.63 12.66 23.79
CA LEU H 35 -45.65 13.00 22.82
C LEU H 35 -45.10 14.03 21.84
N CYS H 36 -45.48 13.89 20.59
CA CYS H 36 -45.18 14.88 19.56
C CYS H 36 -46.47 15.54 19.11
N LEU H 37 -46.37 16.36 18.08
CA LEU H 37 -47.52 17.11 17.61
C LEU H 37 -48.07 16.51 16.32
N ALA H 38 -49.39 16.36 16.28
CA ALA H 38 -50.07 15.92 15.09
C ALA H 38 -51.37 16.68 14.95
N ALA H 39 -51.88 16.71 13.73
CA ALA H 39 -53.17 17.31 13.44
C ALA H 39 -53.67 16.70 12.16
N GLU H 40 -54.98 16.50 12.06
CA GLU H 40 -55.51 15.86 10.86
C GLU H 40 -56.00 16.88 9.85
N GLY H 41 -56.69 17.91 10.30
CA GLY H 41 -57.49 18.63 9.36
C GLY H 41 -58.67 17.74 9.00
N PHE H 42 -59.24 18.01 7.83
CA PHE H 42 -60.17 17.11 7.14
C PHE H 42 -61.41 16.81 8.00
N GLY H 43 -62.19 17.85 8.24
CA GLY H 43 -63.29 17.72 9.15
C GLY H 43 -62.91 17.58 10.60
N ASN H 44 -61.66 17.87 10.96
CA ASN H 44 -61.20 17.81 12.35
C ASN H 44 -60.11 18.87 12.48
N ARG H 45 -60.53 20.07 12.86
CA ARG H 45 -59.61 21.20 12.86
C ARG H 45 -58.71 21.23 14.07
N LEU H 46 -59.13 20.67 15.20
CA LEU H 46 -58.36 20.79 16.42
C LEU H 46 -57.19 19.83 16.41
N CYS H 47 -56.02 20.33 16.80
CA CYS H 47 -54.82 19.52 16.84
C CYS H 47 -54.89 18.53 18.00
N PHE H 48 -54.05 17.52 17.94
CA PHE H 48 -54.09 16.46 18.95
C PHE H 48 -52.70 15.88 19.13
N LEU H 49 -52.63 14.73 19.79
CA LEU H 49 -51.39 14.21 20.30
C LEU H 49 -50.95 12.97 19.53
N GLU H 50 -49.72 12.57 19.78
CA GLU H 50 -49.16 11.33 19.24
C GLU H 50 -47.96 10.97 20.09
N SER H 51 -48.06 9.86 20.82
CA SER H 51 -46.96 9.44 21.67
C SER H 51 -45.87 8.79 20.83
N THR H 52 -44.61 9.01 21.20
CA THR H 52 -43.47 8.42 20.50
C THR H 52 -42.57 7.64 21.46
N SER H 53 -42.92 7.60 22.74
CA SER H 53 -42.23 6.72 23.68
C SER H 53 -42.47 5.25 23.36
N ASN H 54 -43.67 4.94 22.89
CA ASN H 54 -44.10 3.56 22.67
C ASN H 54 -43.78 3.10 21.26
N SER H 55 -42.53 3.30 20.86
CA SER H 55 -42.14 3.15 19.46
C SER H 55 -42.11 1.69 19.04
N LYS H 56 -41.35 0.87 19.77
CA LYS H 56 -41.37 -0.57 19.54
C LYS H 56 -42.71 -1.18 19.89
N ASN H 57 -43.43 -0.58 20.84
CA ASN H 57 -44.80 -0.95 21.13
C ASN H 57 -45.68 -0.68 19.91
N VAL H 58 -45.81 0.58 19.53
CA VAL H 58 -46.69 0.99 18.44
C VAL H 58 -45.86 1.81 17.45
N PRO H 59 -45.78 1.40 16.19
CA PRO H 59 -45.27 2.28 15.16
C PRO H 59 -46.18 3.49 15.01
N PRO H 60 -45.65 4.70 15.21
CA PRO H 60 -46.52 5.87 15.22
C PRO H 60 -46.93 6.29 13.83
N ASP H 61 -48.17 6.77 13.73
CA ASP H 61 -48.70 7.26 12.46
C ASP H 61 -48.07 8.62 12.20
N LEU H 62 -46.95 8.62 11.50
CA LEU H 62 -46.08 9.77 11.42
C LEU H 62 -46.35 10.65 10.21
N SER H 63 -47.21 10.18 9.30
CA SER H 63 -47.54 10.98 8.11
C SER H 63 -48.36 12.21 8.45
N ILE H 64 -49.13 12.15 9.52
CA ILE H 64 -50.00 13.26 9.90
C ILE H 64 -49.41 14.07 11.06
N CYS H 65 -48.09 14.01 11.23
CA CYS H 65 -47.42 14.73 12.28
C CYS H 65 -46.49 15.82 11.78
N THR H 66 -45.94 15.67 10.58
CA THR H 66 -44.87 16.54 10.12
C THR H 66 -45.42 17.89 9.69
N PHE H 67 -44.51 18.83 9.43
CA PHE H 67 -44.86 20.17 8.99
C PHE H 67 -43.77 20.69 8.08
N VAL H 68 -44.11 21.72 7.31
CA VAL H 68 -43.19 22.35 6.38
C VAL H 68 -43.17 23.85 6.64
N LEU H 69 -41.97 24.41 6.79
CA LEU H 69 -41.80 25.84 6.90
C LEU H 69 -41.98 26.47 5.53
N GLU H 70 -42.86 27.46 5.42
CA GLU H 70 -42.96 28.20 4.17
C GLU H 70 -42.06 29.42 4.17
N GLN H 71 -42.01 30.14 5.28
CA GLN H 71 -41.48 31.49 5.20
C GLN H 71 -41.04 31.96 6.58
N SER H 72 -39.83 32.46 6.67
CA SER H 72 -39.32 33.11 7.87
C SER H 72 -39.00 34.56 7.55
N LEU H 73 -39.39 35.45 8.44
CA LEU H 73 -39.07 36.87 8.29
C LEU H 73 -38.82 37.43 9.68
N SER H 74 -38.39 38.68 9.72
CA SER H 74 -38.31 39.33 11.01
C SER H 74 -39.65 39.92 11.37
N VAL H 75 -39.74 40.42 12.61
CA VAL H 75 -40.98 40.96 13.13
C VAL H 75 -41.38 42.21 12.37
N ARG H 76 -40.42 43.10 12.11
CA ARG H 76 -40.69 44.26 11.30
C ARG H 76 -40.98 43.87 9.86
N ALA H 77 -40.36 42.79 9.38
CA ALA H 77 -40.71 42.30 8.06
C ALA H 77 -42.12 41.71 8.05
N LEU H 78 -42.57 41.19 9.18
CA LEU H 78 -43.95 40.77 9.29
C LEU H 78 -44.87 41.98 9.25
N GLN H 79 -44.45 43.10 9.83
CA GLN H 79 -45.22 44.34 9.70
C GLN H 79 -45.23 44.81 8.26
N GLU H 80 -44.12 44.60 7.55
CA GLU H 80 -44.02 44.97 6.15
C GLU H 80 -45.00 44.17 5.30
N MET H 81 -45.10 42.88 5.58
CA MET H 81 -46.14 42.09 4.93
C MET H 81 -47.53 42.56 5.33
N LEU H 82 -47.69 42.95 6.59
CA LEU H 82 -48.95 43.46 7.09
C LEU H 82 -49.15 44.95 6.82
N ALA H 83 -48.39 45.51 5.88
CA ALA H 83 -48.82 46.76 5.26
C ALA H 83 -50.18 46.59 4.60
N ASN H 84 -50.40 45.47 3.94
CA ASN H 84 -51.73 45.11 3.48
C ASN H 84 -52.55 44.69 4.69
N GLY H 109 -33.96 30.91 -2.19
CA GLY H 109 -34.06 31.82 -1.07
C GLY H 109 -34.19 31.08 0.25
N HIS H 110 -33.51 29.93 0.35
CA HIS H 110 -33.56 29.09 1.54
C HIS H 110 -32.76 29.74 2.66
N ARG H 111 -33.36 30.74 3.29
CA ARG H 111 -32.66 31.38 4.39
C ARG H 111 -32.78 30.52 5.65
N THR H 112 -31.95 30.82 6.63
CA THR H 112 -31.92 30.08 7.87
C THR H 112 -32.52 30.94 8.98
N LEU H 113 -33.46 30.36 9.71
CA LEU H 113 -34.18 31.08 10.74
C LEU H 113 -33.30 31.34 11.96
N LEU H 114 -33.65 32.39 12.70
CA LEU H 114 -32.94 32.85 13.87
C LEU H 114 -33.96 33.06 14.97
N TYR H 115 -33.49 33.05 16.22
CA TYR H 115 -34.37 33.31 17.35
C TYR H 115 -34.88 34.73 17.34
N GLY H 116 -36.13 34.92 16.96
CA GLY H 116 -36.68 36.25 16.83
C GLY H 116 -37.27 36.44 15.46
N HIS H 117 -37.43 35.35 14.74
CA HIS H 117 -38.13 35.36 13.47
C HIS H 117 -39.58 34.93 13.66
N ALA H 118 -40.42 35.38 12.72
CA ALA H 118 -41.79 34.92 12.62
C ALA H 118 -41.88 33.92 11.47
N ILE H 119 -42.53 32.80 11.70
CA ILE H 119 -42.54 31.70 10.75
C ILE H 119 -43.97 31.31 10.40
N LEU H 120 -44.09 30.54 9.34
CA LEU H 120 -45.30 29.79 9.01
C LEU H 120 -45.09 28.32 9.33
N LEU H 121 -46.19 27.59 9.42
CA LEU H 121 -46.18 26.14 9.59
C LEU H 121 -47.38 25.58 8.84
N ARG H 122 -47.14 25.14 7.60
CA ARG H 122 -48.20 24.41 6.93
C ARG H 122 -48.15 22.96 7.37
N HIS H 123 -49.32 22.33 7.43
CA HIS H 123 -49.33 20.90 7.64
C HIS H 123 -48.87 20.23 6.37
N SER H 124 -47.85 19.38 6.50
CA SER H 124 -47.17 18.83 5.34
C SER H 124 -48.06 17.90 4.54
N TYR H 125 -49.04 17.28 5.20
CA TYR H 125 -49.98 16.44 4.47
C TYR H 125 -51.16 17.23 3.92
N SER H 126 -51.94 17.86 4.79
CA SER H 126 -53.26 18.36 4.41
C SER H 126 -53.18 19.65 3.61
N GLY H 127 -52.07 20.36 3.67
CA GLY H 127 -51.98 21.65 3.02
C GLY H 127 -52.55 22.80 3.80
N MET H 128 -53.21 22.54 4.93
CA MET H 128 -53.69 23.62 5.75
C MET H 128 -52.55 24.21 6.57
N TYR H 129 -52.68 25.49 6.89
CA TYR H 129 -51.68 26.18 7.69
C TYR H 129 -52.08 26.16 9.15
N LEU H 130 -51.09 26.00 10.01
CA LEU H 130 -51.34 25.90 11.44
C LEU H 130 -51.47 27.29 12.06
N CYS H 131 -52.52 27.49 12.84
CA CYS H 131 -52.84 28.82 13.32
C CYS H 131 -53.27 28.74 14.78
N CYS H 132 -53.86 29.82 15.26
CA CYS H 132 -54.35 29.93 16.62
C CYS H 132 -55.82 30.32 16.58
N LEU H 133 -56.71 29.40 16.95
CA LEU H 133 -58.12 29.70 16.95
C LEU H 133 -58.48 30.63 18.11
N SER H 134 -59.61 31.33 17.94
CA SER H 134 -60.14 32.23 18.95
C SER H 134 -61.24 31.57 19.78
N THR H 135 -61.14 30.27 20.00
CA THR H 135 -62.09 29.54 20.83
C THR H 135 -61.33 28.78 21.92
N SER H 136 -62.10 28.23 22.85
CA SER H 136 -61.53 27.58 24.03
C SER H 136 -62.25 26.28 24.29
N ARG H 137 -61.68 25.49 25.20
CA ARG H 137 -62.29 24.25 25.68
C ARG H 137 -62.15 24.12 27.19
N LYS H 142 -60.90 28.57 31.73
CA LYS H 142 -59.93 29.66 31.73
C LYS H 142 -59.98 30.40 30.40
N LEU H 143 -58.84 30.95 30.00
CA LEU H 143 -58.70 31.66 28.72
C LEU H 143 -57.55 31.09 27.92
N ALA H 144 -57.50 29.77 27.80
CA ALA H 144 -56.53 29.10 26.95
C ALA H 144 -57.13 28.88 25.57
N PHE H 145 -56.53 29.51 24.56
CA PHE H 145 -57.09 29.44 23.20
C PHE H 145 -56.68 28.18 22.47
N ASP H 146 -57.61 27.69 21.66
CA ASP H 146 -57.45 26.44 20.94
C ASP H 146 -56.56 26.63 19.72
N VAL H 147 -56.00 25.51 19.26
CA VAL H 147 -55.04 25.50 18.16
C VAL H 147 -55.65 24.73 17.01
N GLY H 148 -55.82 25.39 15.87
CA GLY H 148 -56.48 24.78 14.74
C GLY H 148 -55.68 24.94 13.46
N LEU H 149 -56.17 24.29 12.42
CA LEU H 149 -55.67 24.47 11.07
C LEU H 149 -56.61 25.39 10.30
N GLN H 150 -56.07 26.07 9.29
CA GLN H 150 -56.89 26.95 8.48
C GLN H 150 -56.28 27.06 7.09
N GLU H 151 -56.87 27.93 6.27
CA GLU H 151 -56.53 28.04 4.87
C GLU H 151 -55.76 29.30 4.54
N ASP H 152 -56.30 30.45 4.89
CA ASP H 152 -55.78 31.72 4.39
C ASP H 152 -54.59 32.15 5.21
N THR H 153 -53.51 32.50 4.51
CA THR H 153 -52.29 32.95 5.17
C THR H 153 -52.36 34.40 5.64
N THR H 154 -53.45 35.09 5.37
CA THR H 154 -53.60 36.45 5.88
C THR H 154 -53.85 36.43 7.38
N GLY H 155 -53.56 37.55 8.01
CA GLY H 155 -53.82 37.70 9.42
C GLY H 155 -52.77 37.02 10.30
N GLU H 156 -52.69 37.48 11.53
CA GLU H 156 -51.65 37.07 12.46
C GLU H 156 -51.91 35.72 13.10
N ALA H 157 -52.93 34.99 12.65
CA ALA H 157 -53.20 33.67 13.21
C ALA H 157 -52.13 32.67 12.80
N CYS H 158 -51.68 32.74 11.55
CA CYS H 158 -50.79 31.74 11.01
C CYS H 158 -49.36 31.87 11.48
N TRP H 159 -49.03 32.87 12.27
CA TRP H 159 -47.65 33.27 12.47
C TRP H 159 -47.20 33.04 13.90
N TRP H 160 -45.93 32.69 14.05
CA TRP H 160 -45.37 32.28 15.33
C TRP H 160 -43.97 32.84 15.46
N THR H 161 -43.70 33.53 16.56
CA THR H 161 -42.33 33.90 16.86
C THR H 161 -41.64 32.74 17.56
N ILE H 162 -40.31 32.83 17.61
CA ILE H 162 -39.50 31.84 18.29
C ILE H 162 -38.74 32.53 19.40
N HIS H 163 -38.61 31.86 20.53
CA HIS H 163 -37.86 32.41 21.62
C HIS H 163 -36.91 31.37 22.20
N PRO H 164 -35.73 31.78 22.64
CA PRO H 164 -34.73 30.81 23.09
C PRO H 164 -35.08 30.25 24.46
N ALA H 165 -34.96 28.93 24.58
CA ALA H 165 -35.01 28.29 25.88
C ALA H 165 -33.61 28.08 26.44
N SER H 166 -32.79 29.13 26.41
CA SER H 166 -31.42 29.07 26.90
C SER H 166 -31.01 30.43 27.44
N LYS H 167 -30.38 30.42 28.61
CA LYS H 167 -29.64 31.60 29.02
C LYS H 167 -28.38 31.77 28.20
N GLN H 168 -27.85 30.69 27.63
CA GLN H 168 -26.61 30.73 26.86
C GLN H 168 -26.90 31.23 25.45
N ARG H 169 -27.68 30.47 24.70
CA ARG H 169 -28.02 30.84 23.35
C ARG H 169 -29.19 31.80 23.39
N SER H 170 -29.09 32.89 22.64
CA SER H 170 -30.00 34.01 22.81
C SER H 170 -30.36 34.53 21.43
N GLU H 171 -30.86 35.77 21.41
CA GLU H 171 -31.46 36.36 20.22
C GLU H 171 -30.41 36.55 19.12
N GLY H 172 -30.87 36.51 17.88
CA GLY H 172 -30.05 36.87 16.75
C GLY H 172 -29.26 35.72 16.16
N GLU H 173 -28.87 34.74 16.96
CA GLU H 173 -28.08 33.65 16.45
C GLU H 173 -28.97 32.52 15.94
N LYS H 174 -28.33 31.49 15.39
CA LYS H 174 -29.05 30.48 14.64
C LYS H 174 -29.79 29.54 15.56
N VAL H 175 -30.54 28.63 14.96
CA VAL H 175 -31.20 27.56 15.69
C VAL H 175 -30.63 26.25 15.18
N ARG H 176 -29.84 25.61 16.03
CA ARG H 176 -29.22 24.34 15.68
C ARG H 176 -30.29 23.25 15.68
N VAL H 177 -29.90 22.09 15.17
CA VAL H 177 -30.79 20.93 15.20
C VAL H 177 -30.99 20.50 16.64
N GLY H 178 -32.26 20.34 17.03
CA GLY H 178 -32.57 19.86 18.35
C GLY H 178 -32.53 20.89 19.45
N ASP H 179 -32.62 22.17 19.11
CA ASP H 179 -32.67 23.18 20.15
C ASP H 179 -34.06 23.25 20.75
N ASP H 180 -34.12 23.31 22.08
CA ASP H 180 -35.36 23.50 22.81
C ASP H 180 -35.81 24.93 22.63
N LEU H 181 -37.08 25.13 22.32
CA LEU H 181 -37.55 26.47 21.99
C LEU H 181 -39.00 26.65 22.39
N ILE H 182 -39.38 27.91 22.50
CA ILE H 182 -40.72 28.33 22.87
C ILE H 182 -41.32 29.02 21.66
N LEU H 183 -42.61 28.78 21.42
CA LEU H 183 -43.31 29.39 20.31
C LEU H 183 -44.42 30.27 20.82
N VAL H 184 -44.48 31.50 20.33
CA VAL H 184 -45.45 32.48 20.76
C VAL H 184 -46.21 32.97 19.53
N SER H 185 -47.53 32.99 19.61
CA SER H 185 -48.33 33.51 18.52
C SER H 185 -48.16 35.01 18.39
N VAL H 186 -48.48 35.50 17.19
CA VAL H 186 -48.43 36.93 16.97
C VAL H 186 -49.72 37.58 17.44
N SER H 187 -50.86 37.00 17.08
CA SER H 187 -52.13 37.60 17.45
C SER H 187 -52.44 37.37 18.92
N SER H 188 -52.61 36.11 19.31
CA SER H 188 -53.05 35.80 20.66
C SER H 188 -51.96 36.01 21.69
N GLU H 189 -50.69 35.99 21.25
CA GLU H 189 -49.52 36.25 22.09
C GLU H 189 -49.44 35.27 23.25
N ARG H 190 -49.75 34.01 22.97
CA ARG H 190 -49.77 32.98 23.99
C ARG H 190 -48.74 31.92 23.66
N TYR H 191 -48.32 31.20 24.68
CA TYR H 191 -47.32 30.17 24.48
C TYR H 191 -47.98 28.92 23.93
N LEU H 192 -47.18 28.05 23.32
CA LEU H 192 -47.71 26.85 22.68
C LEU H 192 -47.80 25.79 23.77
N HIS H 193 -48.83 25.92 24.59
CA HIS H 193 -48.87 25.27 25.88
C HIS H 193 -49.34 23.82 25.79
N LEU H 194 -48.73 22.97 26.59
CA LEU H 194 -49.16 21.59 26.75
C LEU H 194 -49.92 21.49 28.08
N SER H 195 -51.23 21.29 27.99
CA SER H 195 -52.07 21.21 29.17
C SER H 195 -52.32 19.75 29.54
N TYR H 196 -53.14 19.57 30.57
CA TYR H 196 -53.38 18.27 31.16
C TYR H 196 -54.84 17.84 31.10
N LEU H 201 -54.94 15.68 28.62
CA LEU H 201 -53.77 16.29 28.01
C LEU H 201 -54.15 17.13 26.79
N HIS H 202 -54.28 18.43 27.01
CA HIS H 202 -54.64 19.33 25.93
C HIS H 202 -53.39 19.98 25.34
N VAL H 203 -53.56 20.51 24.14
CA VAL H 203 -52.58 21.35 23.48
C VAL H 203 -53.30 22.62 23.07
N ASP H 204 -52.84 23.76 23.56
CA ASP H 204 -53.60 24.99 23.42
C ASP H 204 -52.68 26.17 23.61
N ALA H 205 -53.18 27.34 23.21
CA ALA H 205 -52.42 28.57 23.36
C ALA H 205 -52.76 29.19 24.70
N ALA H 206 -51.76 29.35 25.57
CA ALA H 206 -52.00 29.81 26.92
C ALA H 206 -50.87 30.73 27.35
N PHE H 207 -51.05 31.33 28.52
CA PHE H 207 -50.10 32.27 29.10
C PHE H 207 -48.96 31.60 29.83
N GLN H 208 -48.95 30.28 29.90
CA GLN H 208 -47.88 29.56 30.58
C GLN H 208 -46.97 28.93 29.54
N GLN H 209 -45.67 29.04 29.78
CA GLN H 209 -44.69 28.57 28.84
C GLN H 209 -44.66 27.05 28.79
N THR H 210 -44.19 26.52 27.67
CA THR H 210 -44.03 25.07 27.51
C THR H 210 -42.89 24.85 26.53
N LEU H 211 -41.92 24.04 26.94
CA LEU H 211 -40.78 23.73 26.08
C LEU H 211 -41.24 22.94 24.86
N TRP H 212 -40.54 23.13 23.75
CA TRP H 212 -40.82 22.42 22.52
C TRP H 212 -39.52 22.16 21.79
N SER H 213 -39.24 20.89 21.54
CA SER H 213 -38.08 20.48 20.77
C SER H 213 -38.47 20.29 19.32
N VAL H 214 -37.49 20.43 18.44
CA VAL H 214 -37.68 20.30 17.00
C VAL H 214 -36.70 19.25 16.49
N ALA H 215 -37.22 18.26 15.77
CA ALA H 215 -36.36 17.27 15.14
C ALA H 215 -36.58 17.25 13.64
N PRO H 216 -35.53 17.02 12.85
CA PRO H 216 -35.70 16.98 11.40
C PRO H 216 -36.29 15.65 10.95
N ILE H 217 -36.97 15.71 9.80
CA ILE H 217 -37.59 14.54 9.19
C ILE H 217 -37.01 14.27 7.81
N SER H 218 -36.98 15.29 6.96
CA SER H 218 -36.55 15.10 5.59
C SER H 218 -36.11 16.43 5.02
N SER H 219 -35.59 16.38 3.79
CA SER H 219 -35.17 17.56 3.08
C SER H 219 -35.23 17.32 1.57
N ALA H 224 -33.46 12.87 -4.07
CA ALA H 224 -33.42 13.28 -5.46
C ALA H 224 -34.49 12.55 -6.25
N GLN H 225 -34.65 12.91 -7.51
CA GLN H 225 -35.77 12.43 -8.30
C GLN H 225 -35.55 10.99 -8.75
N GLY H 226 -36.65 10.26 -8.91
CA GLY H 226 -36.60 8.89 -9.37
C GLY H 226 -36.00 7.93 -8.40
N TYR H 227 -35.94 8.29 -7.13
CA TYR H 227 -35.15 7.60 -6.14
C TYR H 227 -35.99 7.32 -4.91
N LEU H 228 -35.82 6.14 -4.34
CA LEU H 228 -36.58 5.75 -3.16
C LEU H 228 -36.25 6.61 -1.95
N ILE H 229 -37.27 7.28 -1.44
CA ILE H 229 -37.15 8.24 -0.35
C ILE H 229 -38.22 7.92 0.68
N GLY H 230 -37.80 7.78 1.94
CA GLY H 230 -38.63 7.14 2.95
C GLY H 230 -39.87 7.94 3.31
N GLY H 231 -40.77 7.28 4.03
CA GLY H 231 -42.05 7.85 4.36
C GLY H 231 -43.03 7.88 3.22
N ASP H 232 -42.78 7.13 2.15
CA ASP H 232 -43.54 7.24 0.92
C ASP H 232 -44.53 6.09 0.77
N VAL H 233 -45.61 6.36 0.04
CA VAL H 233 -46.62 5.37 -0.31
C VAL H 233 -46.41 4.98 -1.76
N LEU H 234 -46.34 3.67 -2.03
CA LEU H 234 -46.12 3.23 -3.40
C LEU H 234 -46.72 1.84 -3.63
N ARG H 235 -46.67 1.43 -4.89
CA ARG H 235 -47.12 0.13 -5.35
C ARG H 235 -45.96 -0.87 -5.32
N LEU H 236 -46.30 -2.13 -5.12
CA LEU H 236 -45.30 -3.19 -5.09
C LEU H 236 -45.59 -4.16 -6.22
N LEU H 237 -44.96 -3.92 -7.37
CA LEU H 237 -45.19 -4.71 -8.56
C LEU H 237 -44.62 -6.11 -8.41
N HIS H 238 -44.99 -6.98 -9.36
CA HIS H 238 -44.48 -8.35 -9.41
C HIS H 238 -43.88 -8.71 -10.76
N GLY H 239 -44.46 -8.22 -11.86
CA GLY H 239 -43.95 -8.53 -13.17
C GLY H 239 -44.89 -8.06 -14.28
N GLU H 243 -48.12 -7.30 -12.97
CA GLU H 243 -48.70 -7.82 -11.74
C GLU H 243 -48.20 -7.02 -10.55
N CYS H 244 -49.05 -6.86 -9.53
CA CYS H 244 -48.73 -6.10 -8.33
C CYS H 244 -49.27 -6.84 -7.11
N LEU H 245 -48.67 -6.53 -5.95
CA LEU H 245 -49.15 -7.02 -4.68
C LEU H 245 -50.53 -6.45 -4.38
N THR H 246 -51.40 -7.28 -3.82
CA THR H 246 -52.75 -6.84 -3.54
C THR H 246 -53.20 -7.36 -2.18
N VAL H 247 -54.34 -6.82 -1.75
CA VAL H 247 -55.17 -7.33 -0.67
C VAL H 247 -56.59 -7.38 -1.18
N PRO H 248 -57.33 -8.46 -0.88
CA PRO H 248 -58.66 -8.67 -1.50
C PRO H 248 -59.65 -7.55 -1.24
N SER H 249 -60.72 -7.56 -2.04
CA SER H 249 -61.49 -6.37 -2.36
C SER H 249 -62.46 -5.94 -1.27
N GLY H 250 -63.41 -5.09 -1.66
CA GLY H 250 -64.42 -4.66 -0.71
C GLY H 250 -65.29 -5.82 -0.25
N GLU H 251 -65.84 -5.68 0.95
CA GLU H 251 -66.80 -6.60 1.56
C GLU H 251 -66.20 -7.99 1.77
N HIS H 252 -65.13 -8.03 2.57
CA HIS H 252 -64.59 -9.30 3.05
C HIS H 252 -64.46 -9.27 4.56
N GLU H 255 -63.32 -11.83 6.47
CA GLU H 255 -61.91 -11.69 6.78
C GLU H 255 -61.63 -10.39 7.48
N GLN H 256 -62.45 -9.40 7.13
CA GLN H 256 -62.14 -7.98 7.31
C GLN H 256 -60.77 -7.64 6.73
N ARG H 257 -60.50 -8.19 5.53
CA ARG H 257 -59.30 -7.91 4.72
C ARG H 257 -58.00 -8.19 5.48
N ARG H 258 -57.83 -9.45 5.87
CA ARG H 258 -56.63 -9.81 6.60
C ARG H 258 -55.76 -10.80 5.86
N THR H 259 -56.21 -11.30 4.73
CA THR H 259 -55.42 -12.20 3.92
C THR H 259 -54.63 -11.42 2.88
N VAL H 260 -53.59 -12.04 2.36
CA VAL H 260 -52.66 -11.43 1.43
C VAL H 260 -52.73 -12.20 0.13
N HIS H 261 -52.71 -11.49 -1.00
CA HIS H 261 -52.77 -12.12 -2.30
C HIS H 261 -51.87 -11.41 -3.28
N TYR H 262 -51.75 -12.00 -4.46
CA TYR H 262 -51.18 -11.35 -5.62
C TYR H 262 -52.27 -11.23 -6.66
N GLU H 263 -52.12 -10.26 -7.56
CA GLU H 263 -53.08 -10.11 -8.63
C GLU H 263 -52.45 -9.34 -9.77
N GLY H 264 -52.57 -9.88 -10.96
CA GLY H 264 -52.23 -9.13 -12.16
C GLY H 264 -53.43 -8.34 -12.65
N GLY H 265 -53.18 -7.54 -13.68
CA GLY H 265 -54.24 -6.75 -14.25
C GLY H 265 -54.59 -5.55 -13.41
N ALA H 266 -55.66 -4.87 -13.82
CA ALA H 266 -56.02 -3.57 -13.26
C ALA H 266 -56.62 -3.76 -11.87
N VAL H 267 -55.74 -4.00 -10.91
CA VAL H 267 -56.01 -3.71 -9.52
C VAL H 267 -54.75 -2.98 -9.06
N SER H 268 -53.75 -3.00 -9.94
CA SER H 268 -52.44 -2.41 -9.63
C SER H 268 -52.53 -0.89 -9.55
N VAL H 269 -53.11 -0.27 -10.57
CA VAL H 269 -53.33 1.17 -10.60
C VAL H 269 -54.27 1.61 -9.49
N HIS H 270 -55.12 0.70 -9.06
CA HIS H 270 -56.24 0.97 -8.18
C HIS H 270 -55.80 1.16 -6.74
N ALA H 271 -56.79 1.24 -5.84
CA ALA H 271 -56.56 1.80 -4.51
C ALA H 271 -55.81 0.84 -3.62
N ARG H 272 -56.33 -0.36 -3.45
CA ARG H 272 -55.82 -1.30 -2.46
C ARG H 272 -54.56 -2.03 -2.91
N SER H 273 -53.89 -1.59 -3.96
CA SER H 273 -52.52 -2.01 -4.22
C SER H 273 -51.51 -0.98 -3.73
N LEU H 274 -51.61 -0.53 -2.47
CA LEU H 274 -50.78 0.57 -2.01
C LEU H 274 -50.30 0.32 -0.58
N TRP H 275 -49.05 0.70 -0.34
CA TRP H 275 -48.34 0.37 0.89
C TRP H 275 -47.49 1.55 1.32
N ARG H 276 -47.53 1.86 2.62
CA ARG H 276 -46.73 2.95 3.16
C ARG H 276 -45.52 2.40 3.88
N LEU H 277 -44.36 2.97 3.58
CA LEU H 277 -43.10 2.59 4.19
C LEU H 277 -42.97 3.26 5.56
N GLU H 278 -42.40 2.54 6.51
CA GLU H 278 -41.99 3.09 7.79
C GLU H 278 -40.63 2.51 8.15
N THR H 279 -39.81 3.28 8.84
CA THR H 279 -38.57 2.76 9.38
C THR H 279 -38.59 2.86 10.90
N LEU H 280 -37.46 2.58 11.52
CA LEU H 280 -37.39 2.62 12.97
C LEU H 280 -37.31 4.04 13.49
N ARG H 281 -36.44 4.85 12.88
CA ARG H 281 -36.03 6.11 13.47
C ARG H 281 -37.13 7.15 13.41
N VAL H 282 -37.30 7.87 14.51
CA VAL H 282 -38.20 9.02 14.51
C VAL H 282 -37.61 10.13 13.66
N ALA H 283 -36.42 10.58 14.00
CA ALA H 283 -35.75 11.59 13.20
C ALA H 283 -35.19 10.97 11.92
N TRP H 284 -35.17 11.79 10.87
CA TRP H 284 -34.75 11.41 9.51
C TRP H 284 -35.51 10.21 8.99
N SER H 285 -36.80 10.13 9.33
CA SER H 285 -37.66 9.13 8.74
C SER H 285 -37.90 9.38 7.27
N GLY H 286 -37.81 10.63 6.83
CA GLY H 286 -38.07 10.94 5.43
C GLY H 286 -36.81 11.00 4.60
N SER H 287 -35.75 10.36 5.06
CA SER H 287 -34.48 10.37 4.37
C SER H 287 -34.53 9.42 3.17
N HIS H 288 -33.38 9.17 2.55
CA HIS H 288 -33.35 8.24 1.44
C HIS H 288 -33.45 6.81 1.93
N ILE H 289 -33.46 5.88 0.97
CA ILE H 289 -33.76 4.48 1.21
C ILE H 289 -32.59 3.64 0.71
N ARG H 290 -31.96 2.90 1.61
CA ARG H 290 -30.73 2.19 1.31
C ARG H 290 -30.88 0.73 1.70
N TRP H 291 -29.99 -0.09 1.15
CA TRP H 291 -30.07 -1.54 1.34
C TRP H 291 -29.71 -1.91 2.75
N GLY H 292 -30.46 -2.85 3.31
CA GLY H 292 -30.17 -3.39 4.62
C GLY H 292 -30.80 -2.66 5.77
N GLN H 293 -31.23 -1.41 5.59
CA GLN H 293 -31.91 -0.78 6.70
C GLN H 293 -33.33 -1.35 6.79
N PRO H 294 -33.89 -1.42 7.99
CA PRO H 294 -35.18 -2.08 8.16
C PRO H 294 -36.34 -1.23 7.67
N PHE H 295 -37.46 -1.91 7.43
CA PHE H 295 -38.66 -1.24 6.95
C PHE H 295 -39.90 -1.91 7.53
N ARG H 296 -40.84 -1.08 7.95
CA ARG H 296 -42.18 -1.54 8.26
C ARG H 296 -43.10 -1.22 7.08
N LEU H 297 -44.21 -1.95 7.02
CA LEU H 297 -45.13 -1.85 5.90
C LEU H 297 -46.53 -1.66 6.43
N ARG H 298 -47.18 -0.58 6.01
CA ARG H 298 -48.57 -0.34 6.34
C ARG H 298 -49.38 -0.27 5.05
N HIS H 299 -50.40 -1.10 4.96
CA HIS H 299 -51.32 -0.98 3.83
C HIS H 299 -52.20 0.24 4.04
N VAL H 300 -52.45 0.95 2.94
CA VAL H 300 -52.92 2.32 3.05
C VAL H 300 -54.45 2.35 3.13
N THR H 301 -55.12 1.59 2.27
CA THR H 301 -56.57 1.64 2.23
C THR H 301 -57.23 1.00 3.44
N THR H 302 -56.49 0.26 4.25
CA THR H 302 -57.00 -0.26 5.51
C THR H 302 -56.39 0.45 6.71
N GLY H 303 -55.07 0.50 6.76
CA GLY H 303 -54.40 0.96 7.94
C GLY H 303 -54.01 -0.19 8.83
N LYS H 304 -53.47 -1.24 8.22
CA LYS H 304 -52.97 -2.39 8.95
C LYS H 304 -51.52 -2.64 8.57
N TYR H 305 -50.84 -3.43 9.41
CA TYR H 305 -49.45 -3.75 9.22
C TYR H 305 -49.28 -5.21 8.82
N LEU H 306 -48.44 -5.46 7.82
CA LEU H 306 -48.18 -6.81 7.36
C LEU H 306 -47.25 -7.48 8.36
N SER H 307 -47.85 -8.16 9.33
CA SER H 307 -47.10 -8.80 10.41
C SER H 307 -46.87 -10.26 10.07
N LEU H 308 -45.60 -10.67 10.06
CA LEU H 308 -45.25 -12.06 9.83
C LEU H 308 -45.49 -12.85 11.11
N MET H 309 -46.66 -13.48 11.18
CA MET H 309 -46.94 -14.48 12.19
C MET H 309 -46.79 -15.84 11.51
N GLU H 310 -45.53 -16.24 11.27
CA GLU H 310 -45.23 -17.50 10.60
C GLU H 310 -45.59 -18.71 11.45
N ASP H 311 -45.89 -18.52 12.73
CA ASP H 311 -46.63 -19.52 13.50
C ASP H 311 -47.95 -19.88 12.83
N LYS H 312 -48.62 -18.90 12.20
CA LYS H 312 -49.73 -19.20 11.30
C LYS H 312 -49.41 -18.81 9.86
N SER H 313 -49.20 -17.53 9.57
CA SER H 313 -49.01 -17.04 8.19
C SER H 313 -48.67 -15.55 8.23
N LEU H 314 -48.25 -15.04 7.08
CA LEU H 314 -47.97 -13.62 6.88
C LEU H 314 -49.30 -12.88 6.89
N LEU H 315 -49.64 -12.27 8.02
CA LEU H 315 -50.95 -11.66 8.21
C LEU H 315 -50.87 -10.15 8.30
N LEU H 316 -52.05 -9.55 8.45
CA LEU H 316 -52.25 -8.10 8.45
C LEU H 316 -52.86 -7.70 9.77
N MET H 317 -52.06 -7.07 10.63
CA MET H 317 -52.54 -6.72 11.96
C MET H 317 -52.42 -5.21 12.17
N ASP H 318 -52.90 -4.76 13.32
CA ASP H 318 -53.18 -3.35 13.57
C ASP H 318 -51.96 -2.66 14.19
N LYS H 319 -52.16 -1.40 14.59
CA LYS H 319 -51.04 -0.59 15.10
C LYS H 319 -50.60 -1.08 16.48
N GLU H 320 -51.57 -1.35 17.36
CA GLU H 320 -51.25 -1.69 18.74
C GLU H 320 -50.62 -3.07 18.83
N LYS H 321 -50.96 -3.95 17.90
CA LYS H 321 -50.47 -5.31 17.93
C LYS H 321 -49.12 -5.45 17.24
N ALA H 322 -48.84 -4.61 16.25
CA ALA H 322 -47.61 -4.74 15.48
C ALA H 322 -46.41 -4.29 16.30
N ASP H 323 -45.35 -5.08 16.25
CA ASP H 323 -44.09 -4.78 16.92
C ASP H 323 -42.99 -4.74 15.87
N VAL H 324 -41.75 -4.67 16.33
CA VAL H 324 -40.62 -4.62 15.41
C VAL H 324 -40.44 -5.96 14.71
N LYS H 325 -40.16 -7.02 15.47
CA LYS H 325 -39.85 -8.32 14.91
C LYS H 325 -41.04 -8.99 14.23
N SER H 326 -42.26 -8.50 14.49
CA SER H 326 -43.42 -9.08 13.85
C SER H 326 -43.51 -8.68 12.39
N THR H 327 -42.96 -7.51 12.02
CA THR H 327 -43.21 -7.03 10.67
C THR H 327 -42.02 -6.42 9.93
N ALA H 328 -40.87 -6.18 10.58
CA ALA H 328 -39.82 -5.38 9.96
C ALA H 328 -39.08 -6.16 8.87
N PHE H 329 -38.96 -5.54 7.70
CA PHE H 329 -38.35 -6.13 6.51
C PHE H 329 -37.21 -5.24 6.02
N THR H 330 -36.35 -5.84 5.20
CA THR H 330 -35.33 -5.09 4.47
C THR H 330 -35.46 -5.41 3.00
N PHE H 331 -34.59 -4.79 2.20
CA PHE H 331 -34.55 -5.03 0.77
C PHE H 331 -33.12 -5.24 0.34
N ARG H 332 -32.89 -6.25 -0.48
CA ARG H 332 -31.57 -6.49 -1.03
C ARG H 332 -31.67 -6.69 -2.53
N SER H 333 -30.53 -6.61 -3.19
CA SER H 333 -30.44 -6.74 -4.63
C SER H 333 -30.85 -8.12 -5.10
N SER H 334 -30.50 -9.15 -4.34
CA SER H 334 -30.74 -10.52 -4.74
C SER H 334 -31.27 -11.32 -3.57
N LYS H 335 -31.23 -12.64 -3.70
CA LYS H 335 -31.68 -13.56 -2.66
C LYS H 335 -30.56 -13.85 -1.66
N GLU H 336 -29.51 -13.04 -1.67
CA GLU H 336 -28.31 -13.21 -0.86
C GLU H 336 -28.49 -12.58 0.51
N LYS H 337 -27.53 -12.86 1.40
CA LYS H 337 -27.63 -12.47 2.80
C LYS H 337 -26.32 -11.95 3.37
N LEU H 338 -25.31 -11.75 2.54
CA LEU H 338 -24.03 -11.25 3.00
C LEU H 338 -23.99 -9.73 3.06
N ARG H 343 -26.55 3.40 5.54
CA ARG H 343 -26.95 2.31 6.41
C ARG H 343 -28.10 2.74 7.30
N LYS H 344 -27.78 2.93 8.59
CA LYS H 344 -28.76 3.22 9.62
C LYS H 344 -28.50 4.52 10.35
N GLU H 345 -27.23 4.85 10.59
CA GLU H 345 -26.84 6.03 11.34
C GLU H 345 -26.21 7.02 10.38
N VAL H 346 -27.05 7.78 9.69
CA VAL H 346 -26.61 8.94 8.91
C VAL H 346 -27.49 10.11 9.30
N ASP H 347 -27.08 11.29 8.88
CA ASP H 347 -27.91 12.48 9.02
C ASP H 347 -28.08 13.10 7.65
N GLY H 348 -28.93 14.12 7.60
CA GLY H 348 -29.42 14.63 6.33
C GLY H 348 -30.42 13.66 5.74
N MET H 349 -30.83 13.96 4.52
CA MET H 349 -31.75 13.06 3.84
C MET H 349 -31.06 11.83 3.25
N GLY H 350 -29.75 11.68 3.43
CA GLY H 350 -29.04 10.48 3.04
C GLY H 350 -28.67 10.44 1.57
N THR H 351 -28.13 9.30 1.17
CA THR H 351 -27.76 9.05 -0.22
C THR H 351 -28.81 8.15 -0.85
N SER H 352 -29.28 8.52 -2.02
CA SER H 352 -30.26 7.74 -2.77
C SER H 352 -29.60 6.48 -3.26
N GLU H 353 -29.98 5.34 -2.68
CA GLU H 353 -29.40 4.08 -3.13
C GLU H 353 -30.20 3.47 -4.26
N ILE H 354 -31.52 3.46 -4.14
CA ILE H 354 -32.38 2.62 -4.96
C ILE H 354 -33.29 3.50 -5.80
N LYS H 355 -33.52 3.10 -7.04
CA LYS H 355 -34.46 3.78 -7.91
C LYS H 355 -35.86 3.25 -7.69
N TYR H 356 -36.81 3.75 -8.48
CA TYR H 356 -38.15 3.18 -8.52
C TYR H 356 -38.27 2.14 -9.64
N GLY H 357 -38.04 2.57 -10.88
CA GLY H 357 -38.26 1.70 -12.01
C GLY H 357 -37.19 0.65 -12.20
N ASP H 358 -35.94 1.00 -11.95
CA ASP H 358 -34.82 0.15 -12.34
C ASP H 358 -34.15 -0.39 -11.09
N SER H 359 -34.73 -1.46 -10.54
CA SER H 359 -34.24 -2.26 -9.43
C SER H 359 -35.20 -3.43 -9.28
N VAL H 360 -34.65 -4.56 -8.84
CA VAL H 360 -35.45 -5.73 -8.50
C VAL H 360 -35.08 -6.07 -7.07
N CYS H 361 -35.94 -5.69 -6.12
CA CYS H 361 -35.64 -5.88 -4.72
C CYS H 361 -36.28 -7.18 -4.22
N PHE H 362 -35.77 -7.65 -3.09
CA PHE H 362 -36.17 -8.92 -2.50
C PHE H 362 -36.31 -8.74 -0.99
N ILE H 363 -37.40 -9.24 -0.45
CA ILE H 363 -37.73 -9.01 0.95
C ILE H 363 -37.08 -10.08 1.82
N GLN H 364 -36.27 -9.65 2.77
CA GLN H 364 -35.61 -10.54 3.72
C GLN H 364 -35.98 -10.09 5.12
N HIS H 365 -36.76 -10.92 5.82
CA HIS H 365 -37.23 -10.52 7.13
C HIS H 365 -36.12 -10.64 8.16
N ILE H 366 -36.17 -9.73 9.14
CA ILE H 366 -35.15 -9.67 10.18
C ILE H 366 -35.29 -10.83 11.15
N GLY H 367 -36.50 -11.06 11.68
CA GLY H 367 -36.67 -11.96 12.80
C GLY H 367 -36.52 -13.44 12.44
N THR H 368 -36.93 -13.82 11.23
CA THR H 368 -36.91 -15.22 10.83
C THR H 368 -36.04 -15.50 9.62
N GLY H 369 -35.51 -14.47 8.95
CA GLY H 369 -34.72 -14.70 7.75
C GLY H 369 -35.50 -15.14 6.55
N LEU H 370 -36.83 -15.11 6.61
CA LEU H 370 -37.64 -15.64 5.53
C LEU H 370 -37.66 -14.68 4.35
N TRP H 371 -37.87 -15.26 3.18
CA TRP H 371 -38.01 -14.55 1.93
C TRP H 371 -39.46 -14.70 1.46
N LEU H 372 -40.00 -13.65 0.87
CA LEU H 372 -41.36 -13.73 0.38
C LEU H 372 -41.41 -14.59 -0.88
N THR H 373 -42.41 -15.46 -0.95
CA THR H 373 -42.59 -16.28 -2.12
C THR H 373 -44.07 -16.33 -2.48
N TYR H 374 -44.35 -16.92 -3.63
CA TYR H 374 -45.71 -17.13 -4.09
C TYR H 374 -46.12 -18.57 -3.83
N GLN H 375 -47.31 -18.90 -4.33
CA GLN H 375 -47.72 -20.29 -4.51
C GLN H 375 -48.08 -20.48 -5.98
N SER H 376 -47.68 -21.61 -6.55
CA SER H 376 -47.78 -21.82 -7.99
C SER H 376 -49.23 -21.99 -8.46
N SER H 386 -57.41 -14.12 -13.85
CA SER H 386 -57.69 -15.31 -13.08
C SER H 386 -56.46 -15.72 -12.27
N ILE H 387 -55.98 -14.83 -11.43
CA ILE H 387 -54.84 -15.08 -10.57
C ILE H 387 -55.21 -14.66 -9.15
N GLN H 388 -55.10 -15.59 -8.22
CA GLN H 388 -55.20 -15.33 -6.80
C GLN H 388 -54.00 -15.98 -6.10
N ARG H 389 -52.82 -15.67 -6.63
CA ARG H 389 -51.57 -16.31 -6.28
C ARG H 389 -51.20 -15.99 -4.83
N LYS H 390 -51.37 -16.96 -3.94
CA LYS H 390 -51.37 -16.67 -2.52
C LYS H 390 -49.96 -16.48 -1.99
N ALA H 391 -49.78 -15.43 -1.20
CA ALA H 391 -48.46 -15.04 -0.71
C ALA H 391 -48.16 -15.70 0.63
N ILE H 392 -47.01 -16.36 0.70
CA ILE H 392 -46.47 -16.93 1.93
C ILE H 392 -44.99 -16.63 1.98
N MET H 393 -44.41 -16.66 3.17
CA MET H 393 -42.98 -16.51 3.29
C MET H 393 -42.30 -17.87 3.14
N HIS H 394 -41.01 -17.85 2.85
CA HIS H 394 -40.28 -19.10 2.63
C HIS H 394 -38.82 -18.86 2.94
N HIS H 395 -38.09 -19.94 3.21
CA HIS H 395 -36.67 -19.80 3.47
C HIS H 395 -35.89 -19.55 2.20
N GLU H 396 -36.37 -20.03 1.05
CA GLU H 396 -35.68 -19.79 -0.21
C GLU H 396 -36.53 -18.98 -1.16
N GLY H 397 -37.72 -19.45 -1.49
CA GLY H 397 -38.49 -18.88 -2.57
C GLY H 397 -38.09 -19.45 -3.92
N HIS H 398 -38.67 -18.90 -4.96
CA HIS H 398 -38.44 -19.36 -6.31
C HIS H 398 -37.61 -18.33 -7.09
N MET H 399 -37.47 -18.57 -8.40
CA MET H 399 -36.90 -17.57 -9.29
C MET H 399 -37.84 -16.38 -9.47
N ASP H 400 -39.14 -16.61 -9.35
CA ASP H 400 -40.15 -15.60 -9.66
C ASP H 400 -40.62 -14.84 -8.42
N ASP H 401 -39.70 -14.54 -7.50
CA ASP H 401 -39.99 -13.60 -6.42
C ASP H 401 -39.38 -12.23 -6.68
N GLY H 402 -39.22 -11.86 -7.94
CA GLY H 402 -38.65 -10.58 -8.34
C GLY H 402 -39.64 -9.44 -8.27
N LEU H 403 -39.86 -8.92 -7.07
CA LEU H 403 -40.85 -7.87 -6.83
C LEU H 403 -40.31 -6.54 -7.35
N ASN H 404 -41.02 -5.94 -8.30
CA ASN H 404 -40.60 -4.68 -8.88
C ASN H 404 -41.30 -3.53 -8.15
N LEU H 405 -40.81 -2.31 -8.40
CA LEU H 405 -41.23 -1.12 -7.66
C LEU H 405 -41.82 -0.07 -8.59
N SER H 406 -42.83 0.64 -8.09
CA SER H 406 -43.44 1.76 -8.81
C SER H 406 -44.11 2.67 -7.80
N ARG H 407 -43.92 3.96 -7.96
CA ARG H 407 -44.37 4.93 -6.97
C ARG H 407 -45.77 5.44 -7.29
N SER H 408 -46.45 5.90 -6.25
CA SER H 408 -47.79 6.44 -6.37
C SER H 408 -47.72 7.90 -6.82
N GLN H 409 -48.87 8.57 -6.77
CA GLN H 409 -48.95 10.00 -6.98
C GLN H 409 -49.55 10.67 -5.76
N HIS H 410 -49.48 12.00 -5.76
CA HIS H 410 -49.80 12.77 -4.56
C HIS H 410 -51.29 12.75 -4.28
N GLU H 411 -52.10 13.02 -5.30
CA GLU H 411 -53.54 12.99 -5.10
C GLU H 411 -54.04 11.59 -4.84
N GLU H 412 -53.34 10.58 -5.35
CA GLU H 412 -53.72 9.20 -5.08
C GLU H 412 -53.53 8.87 -3.61
N SER H 413 -52.39 9.26 -3.06
CA SER H 413 -52.14 9.11 -1.62
C SER H 413 -53.14 9.91 -0.81
N ARG H 414 -53.48 11.10 -1.30
CA ARG H 414 -54.47 11.95 -0.66
C ARG H 414 -55.81 11.27 -0.57
N THR H 415 -56.30 10.74 -1.69
CA THR H 415 -57.59 10.07 -1.72
C THR H 415 -57.57 8.80 -0.89
N ALA H 416 -56.45 8.10 -0.86
CA ALA H 416 -56.39 6.86 -0.09
C ALA H 416 -56.46 7.15 1.41
N ARG H 417 -55.76 8.18 1.85
CA ARG H 417 -55.87 8.56 3.26
C ARG H 417 -57.27 9.07 3.58
N VAL H 418 -57.91 9.72 2.60
CA VAL H 418 -59.32 10.11 2.75
C VAL H 418 -60.21 8.88 2.88
N ILE H 419 -59.91 7.81 2.13
CA ILE H 419 -60.69 6.58 2.21
C ILE H 419 -60.61 5.99 3.60
N ARG H 420 -59.40 5.91 4.16
CA ARG H 420 -59.25 5.33 5.49
C ARG H 420 -59.94 6.16 6.55
N SER H 421 -59.79 7.48 6.48
CA SER H 421 -60.48 8.37 7.43
C SER H 421 -62.00 8.25 7.31
N THR H 422 -62.48 8.09 6.08
CA THR H 422 -63.92 8.08 5.82
C THR H 422 -64.56 6.81 6.35
N VAL H 423 -63.99 5.66 6.02
CA VAL H 423 -64.46 4.38 6.54
C VAL H 423 -64.39 4.35 8.05
N PHE H 424 -63.29 4.88 8.60
CA PHE H 424 -63.08 4.86 10.03
C PHE H 424 -64.05 5.76 10.76
N LEU H 425 -64.57 6.79 10.10
CA LEU H 425 -65.64 7.57 10.70
C LEU H 425 -66.99 6.86 10.58
N PHE H 426 -67.31 6.39 9.38
CA PHE H 426 -68.68 5.93 9.15
C PHE H 426 -68.96 4.61 9.85
N ASN H 427 -67.95 3.79 10.12
CA ASN H 427 -68.25 2.59 10.89
C ASN H 427 -68.52 2.92 12.34
N ARG H 428 -67.85 3.93 12.89
CA ARG H 428 -68.22 4.46 14.19
C ARG H 428 -69.65 4.97 14.20
N PHE H 429 -70.03 5.68 13.13
CA PHE H 429 -71.38 6.23 13.02
C PHE H 429 -72.43 5.12 12.96
N ILE H 430 -72.17 4.08 12.17
CA ILE H 430 -73.08 2.95 12.04
C ILE H 430 -73.20 2.20 13.35
N ARG H 431 -72.08 1.99 14.05
CA ARG H 431 -72.14 1.31 15.33
C ARG H 431 -72.87 2.13 16.38
N GLY H 432 -72.76 3.46 16.32
CA GLY H 432 -73.53 4.29 17.21
C GLY H 432 -75.02 4.18 16.94
N LEU H 433 -75.39 4.11 15.66
CA LEU H 433 -76.80 3.92 15.33
C LEU H 433 -77.30 2.54 15.74
N ASP H 434 -76.45 1.52 15.65
CA ASP H 434 -76.84 0.19 16.11
C ASP H 434 -76.98 0.16 17.62
N ALA H 435 -76.23 1.00 18.33
CA ALA H 435 -76.39 1.10 19.77
C ALA H 435 -77.71 1.78 20.12
N LEU H 436 -77.95 2.95 19.54
CA LEU H 436 -79.15 3.72 19.89
C LEU H 436 -80.40 3.31 19.12
N SER H 437 -80.34 2.25 18.33
CA SER H 437 -81.55 1.76 17.69
C SER H 437 -82.29 0.75 18.55
N LYS H 438 -81.61 -0.35 18.90
CA LYS H 438 -82.30 -1.49 19.51
C LYS H 438 -82.61 -1.23 20.99
N LYS H 439 -81.64 -0.74 21.75
CA LYS H 439 -81.82 -0.49 23.16
C LYS H 439 -81.50 0.96 23.49
N ALA H 440 -82.17 1.47 24.51
CA ALA H 440 -82.06 2.88 24.88
C ALA H 440 -81.12 3.01 26.07
N LYS H 441 -79.82 2.90 25.77
CA LYS H 441 -78.70 3.17 26.69
C LYS H 441 -78.72 2.35 27.97
N THR H 444 -73.79 8.17 29.24
CA THR H 444 -74.65 7.72 28.15
C THR H 444 -73.85 7.01 27.07
N VAL H 445 -74.55 6.30 26.18
CA VAL H 445 -73.94 5.64 25.04
C VAL H 445 -73.88 6.66 23.91
N ASP H 446 -72.68 6.88 23.37
CA ASP H 446 -72.39 8.07 22.57
C ASP H 446 -72.19 7.72 21.10
N LEU H 447 -72.25 8.76 20.27
CA LEU H 447 -72.37 8.63 18.83
C LEU H 447 -71.71 9.83 18.19
N PRO H 448 -70.97 9.67 17.10
CA PRO H 448 -70.34 10.83 16.46
C PRO H 448 -71.33 11.63 15.62
N ILE H 449 -71.39 12.94 15.87
CA ILE H 449 -72.36 13.77 15.17
C ILE H 449 -71.70 14.92 14.41
N GLU H 450 -71.07 15.83 15.14
CA GLU H 450 -70.67 17.10 14.55
C GLU H 450 -69.41 16.96 13.72
N SER H 451 -68.52 16.04 14.13
CA SER H 451 -67.38 15.71 13.30
C SER H 451 -67.84 15.04 12.01
N VAL H 452 -68.93 14.28 12.09
CA VAL H 452 -69.46 13.61 10.91
C VAL H 452 -70.03 14.62 9.93
N SER H 453 -70.83 15.57 10.43
CA SER H 453 -71.40 16.60 9.57
C SER H 453 -70.31 17.51 9.01
N LEU H 454 -69.25 17.74 9.79
CA LEU H 454 -68.15 18.57 9.31
C LEU H 454 -67.38 17.86 8.20
N SER H 455 -67.06 16.58 8.43
CA SER H 455 -66.41 15.77 7.41
C SER H 455 -67.29 15.60 6.18
N LEU H 456 -68.60 15.62 6.38
CA LEU H 456 -69.52 15.42 5.29
C LEU H 456 -69.56 16.65 4.40
N GLN H 457 -69.60 17.83 5.00
CA GLN H 457 -69.47 19.07 4.22
C GLN H 457 -68.13 19.14 3.53
N ASP H 458 -67.09 18.62 4.17
CA ASP H 458 -65.77 18.59 3.55
C ASP H 458 -65.78 17.73 2.29
N LEU H 459 -66.42 16.56 2.36
CA LEU H 459 -66.45 15.71 1.18
C LEU H 459 -67.42 16.21 0.13
N ILE H 460 -68.42 16.99 0.52
CA ILE H 460 -69.22 17.71 -0.47
C ILE H 460 -68.35 18.68 -1.25
N GLY H 461 -67.53 19.43 -0.52
CA GLY H 461 -66.62 20.35 -1.18
C GLY H 461 -65.54 19.65 -1.98
N TYR H 462 -65.21 18.42 -1.62
CA TYR H 462 -64.08 17.75 -2.22
C TYR H 462 -64.39 17.24 -3.62
N PHE H 463 -65.64 16.87 -3.88
CA PHE H 463 -66.07 16.48 -5.22
C PHE H 463 -66.77 17.60 -5.95
N HIS H 464 -66.35 18.82 -5.71
CA HIS H 464 -67.01 19.93 -6.35
C HIS H 464 -66.65 19.98 -7.82
N PRO H 465 -67.62 20.02 -8.72
CA PRO H 465 -67.33 20.11 -10.15
C PRO H 465 -66.70 21.44 -10.46
N PRO H 466 -65.72 21.49 -11.36
CA PRO H 466 -65.04 22.75 -11.65
C PRO H 466 -65.94 23.72 -12.38
N ASP H 467 -65.55 24.98 -12.33
CA ASP H 467 -66.47 26.09 -12.56
C ASP H 467 -66.72 26.36 -14.03
N GLU H 468 -67.32 27.51 -14.31
CA GLU H 468 -67.44 28.01 -15.67
C GLU H 468 -66.35 29.02 -16.02
N HIS H 469 -65.56 29.44 -15.05
CA HIS H 469 -64.44 30.33 -15.27
C HIS H 469 -63.18 29.58 -14.91
N LEU H 470 -62.67 28.83 -15.87
CA LEU H 470 -61.36 28.22 -15.77
C LEU H 470 -60.88 28.05 -17.20
N GLU H 471 -59.55 27.95 -17.36
CA GLU H 471 -58.99 27.61 -18.66
C GLU H 471 -59.44 26.22 -19.05
N HIS H 472 -59.77 26.08 -20.34
CA HIS H 472 -60.35 24.84 -20.84
C HIS H 472 -59.42 23.66 -20.64
N GLU H 473 -58.12 23.87 -20.82
CA GLU H 473 -57.13 22.87 -20.50
C GLU H 473 -57.12 22.57 -19.00
N ASP H 474 -57.16 23.60 -18.16
CA ASP H 474 -57.17 23.36 -16.72
C ASP H 474 -58.49 22.82 -16.25
N LYS H 475 -59.57 23.21 -16.92
CA LYS H 475 -60.87 22.61 -16.65
C LYS H 475 -60.84 21.12 -16.87
N GLN H 476 -60.21 20.69 -17.97
CA GLN H 476 -60.19 19.25 -18.22
C GLN H 476 -59.15 18.53 -17.38
N ASN H 477 -58.10 19.22 -16.94
CA ASN H 477 -57.20 18.63 -15.95
C ASN H 477 -57.92 18.33 -14.66
N ARG H 478 -58.63 19.33 -14.15
CA ARG H 478 -59.33 19.15 -12.89
C ARG H 478 -60.48 18.17 -13.03
N LEU H 479 -61.08 18.13 -14.22
CA LEU H 479 -62.14 17.16 -14.46
C LEU H 479 -61.62 15.74 -14.51
N ARG H 480 -60.44 15.56 -15.11
CA ARG H 480 -59.75 14.27 -15.09
C ARG H 480 -59.46 13.83 -13.67
N ALA H 481 -58.96 14.75 -12.85
CA ALA H 481 -58.70 14.42 -11.45
C ALA H 481 -59.98 14.07 -10.71
N LEU H 482 -61.08 14.74 -11.07
CA LEU H 482 -62.36 14.47 -10.45
C LEU H 482 -62.85 13.07 -10.78
N LYS H 483 -62.76 12.68 -12.05
CA LYS H 483 -63.20 11.34 -12.42
C LYS H 483 -62.31 10.27 -11.83
N ASN H 484 -61.03 10.56 -11.67
CA ASN H 484 -60.15 9.59 -11.06
C ASN H 484 -60.49 9.40 -9.58
N ARG H 485 -60.85 10.48 -8.91
CA ARG H 485 -61.31 10.39 -7.52
C ARG H 485 -62.61 9.60 -7.42
N GLN H 486 -63.55 9.86 -8.32
CA GLN H 486 -64.83 9.16 -8.30
C GLN H 486 -64.64 7.67 -8.51
N ASN H 487 -63.74 7.31 -9.42
CA ASN H 487 -63.53 5.90 -9.70
C ASN H 487 -62.86 5.20 -8.53
N LEU H 488 -61.90 5.88 -7.90
CA LEU H 488 -61.25 5.30 -6.73
C LEU H 488 -62.16 5.19 -5.53
N PHE H 489 -63.21 6.01 -5.44
CA PHE H 489 -64.17 5.71 -4.39
C PHE H 489 -65.16 4.64 -4.81
N GLN H 490 -65.42 4.53 -6.11
CA GLN H 490 -66.35 3.52 -6.61
C GLN H 490 -65.87 2.11 -6.31
N GLU H 491 -64.60 1.84 -6.65
CA GLU H 491 -64.08 0.49 -6.49
C GLU H 491 -64.02 0.04 -5.04
N GLU H 492 -63.79 0.96 -4.12
CA GLU H 492 -63.78 0.57 -2.72
C GLU H 492 -65.17 0.46 -2.12
N GLY H 493 -66.20 0.86 -2.85
CA GLY H 493 -67.55 0.58 -2.42
C GLY H 493 -68.07 1.48 -1.32
N MET H 494 -67.71 2.76 -1.35
CA MET H 494 -68.23 3.70 -0.36
C MET H 494 -69.72 3.96 -0.53
N ILE H 495 -70.24 3.72 -1.74
CA ILE H 495 -71.60 4.11 -2.09
C ILE H 495 -72.58 3.27 -1.31
N ASN H 496 -72.34 1.97 -1.26
CA ASN H 496 -73.23 1.07 -0.53
C ASN H 496 -73.14 1.33 0.96
N LEU H 497 -71.96 1.73 1.44
CA LEU H 497 -71.78 2.15 2.82
C LEU H 497 -72.66 3.36 3.14
N VAL H 498 -72.64 4.36 2.27
CA VAL H 498 -73.48 5.55 2.44
C VAL H 498 -74.96 5.18 2.35
N LEU H 499 -75.27 4.22 1.48
CA LEU H 499 -76.66 3.82 1.28
C LEU H 499 -77.22 3.13 2.52
N GLU H 500 -76.42 2.25 3.12
CA GLU H 500 -76.86 1.61 4.35
C GLU H 500 -76.84 2.57 5.53
N CYS H 501 -75.99 3.60 5.46
CA CYS H 501 -76.06 4.67 6.44
C CYS H 501 -77.38 5.41 6.35
N ILE H 502 -77.88 5.61 5.13
CA ILE H 502 -79.20 6.18 4.95
C ILE H 502 -80.27 5.26 5.52
N ASP H 503 -80.14 3.95 5.23
CA ASP H 503 -81.07 2.95 5.72
C ASP H 503 -81.19 2.96 7.24
N ARG H 504 -80.06 3.00 7.93
CA ARG H 504 -80.09 3.09 9.39
C ARG H 504 -80.57 4.46 9.86
N LEU H 505 -80.34 5.50 9.06
CA LEU H 505 -80.83 6.81 9.49
C LEU H 505 -82.31 7.00 9.26
N HIS H 506 -82.84 6.44 8.20
CA HIS H 506 -84.13 6.90 7.69
C HIS H 506 -85.26 6.19 8.42
N VAL H 507 -85.37 6.50 9.72
CA VAL H 507 -86.23 5.72 10.59
C VAL H 507 -87.35 6.59 11.15
N TYR H 508 -86.99 7.56 11.97
CA TYR H 508 -88.00 8.27 12.73
C TYR H 508 -88.17 9.68 12.18
N SER H 509 -88.97 10.48 12.88
CA SER H 509 -89.34 11.80 12.38
C SER H 509 -89.16 12.86 13.45
N SER H 510 -87.99 12.86 14.09
CA SER H 510 -87.58 13.79 15.14
C SER H 510 -88.53 13.83 16.32
N VAL H 517 -85.24 7.57 20.40
CA VAL H 517 -84.16 6.89 19.68
C VAL H 517 -82.83 7.36 20.24
N ALA H 518 -82.69 8.68 20.34
CA ALA H 518 -81.50 9.29 20.90
C ALA H 518 -81.93 10.55 21.63
N GLY H 519 -80.97 11.13 22.35
CA GLY H 519 -81.20 12.45 22.90
C GLY H 519 -81.24 13.42 21.76
N ARG H 520 -82.44 13.88 21.41
CA ARG H 520 -82.67 14.59 20.16
C ARG H 520 -82.15 16.03 20.18
N GLU H 521 -81.55 16.46 21.29
CA GLU H 521 -80.65 17.60 21.23
C GLU H 521 -79.46 17.28 20.33
N ALA H 522 -78.88 16.09 20.50
CA ALA H 522 -77.79 15.66 19.65
C ALA H 522 -78.23 15.31 18.25
N GLY H 523 -79.41 14.71 18.10
CA GLY H 523 -79.90 14.32 16.80
C GLY H 523 -80.79 15.39 16.20
N GLU H 524 -80.57 16.64 16.59
CA GLU H 524 -81.38 17.73 16.10
C GLU H 524 -81.10 18.03 14.63
N SER H 525 -79.86 17.80 14.18
CA SER H 525 -79.43 18.14 12.83
C SER H 525 -79.74 17.05 11.82
N TRP H 526 -80.69 16.17 12.16
CA TRP H 526 -81.03 14.98 11.38
C TRP H 526 -81.39 15.32 9.95
N LYS H 527 -82.21 16.36 9.76
CA LYS H 527 -82.60 16.83 8.45
C LYS H 527 -81.38 17.26 7.63
N SER H 528 -80.48 18.00 8.27
CA SER H 528 -79.29 18.48 7.58
C SER H 528 -78.36 17.33 7.22
N ILE H 529 -78.23 16.36 8.11
CA ILE H 529 -77.33 15.23 7.86
C ILE H 529 -77.82 14.41 6.69
N LEU H 530 -79.14 14.14 6.65
CA LEU H 530 -79.67 13.40 5.51
C LEU H 530 -79.61 14.20 4.22
N ASN H 531 -79.79 15.51 4.30
CA ASN H 531 -79.75 16.33 3.11
C ASN H 531 -78.34 16.35 2.53
N SER H 532 -77.34 16.45 3.40
CA SER H 532 -75.97 16.41 2.94
C SER H 532 -75.58 15.04 2.43
N LEU H 533 -76.15 13.96 3.00
CA LEU H 533 -75.85 12.63 2.48
C LEU H 533 -76.42 12.43 1.10
N TYR H 534 -77.64 12.94 0.86
CA TYR H 534 -78.19 12.88 -0.48
C TYR H 534 -77.39 13.73 -1.45
N GLU H 535 -76.85 14.85 -0.98
CA GLU H 535 -76.07 15.69 -1.89
C GLU H 535 -74.73 15.06 -2.20
N LEU H 536 -74.13 14.38 -1.22
CA LEU H 536 -72.90 13.63 -1.47
C LEU H 536 -73.17 12.48 -2.43
N LEU H 537 -74.31 11.81 -2.28
CA LEU H 537 -74.64 10.73 -3.17
C LEU H 537 -74.85 11.24 -4.58
N ALA H 538 -75.38 12.46 -4.71
CA ALA H 538 -75.43 13.09 -6.02
C ALA H 538 -74.04 13.42 -6.54
N ALA H 539 -73.07 13.65 -5.65
CA ALA H 539 -71.74 14.00 -6.14
C ALA H 539 -71.02 12.80 -6.73
N LEU H 540 -71.18 11.61 -6.16
CA LEU H 540 -70.34 10.50 -6.56
C LEU H 540 -70.76 9.81 -7.83
N ILE H 541 -71.61 10.41 -8.65
CA ILE H 541 -72.10 9.72 -9.84
C ILE H 541 -71.88 10.52 -11.11
N ARG H 542 -72.14 11.84 -11.04
CA ARG H 542 -72.50 12.69 -12.18
C ARG H 542 -71.57 12.65 -13.38
N GLY H 543 -70.37 12.12 -13.25
CA GLY H 543 -69.50 12.06 -14.40
C GLY H 543 -69.46 10.68 -15.02
N ASN H 544 -69.38 9.66 -14.17
CA ASN H 544 -69.05 8.33 -14.65
C ASN H 544 -70.28 7.59 -15.14
N ARG H 545 -70.23 7.20 -16.41
CA ARG H 545 -71.19 6.27 -16.97
C ARG H 545 -71.14 4.93 -16.27
N LYS H 546 -69.94 4.42 -16.05
CA LYS H 546 -69.79 3.07 -15.55
C LYS H 546 -70.21 2.95 -14.10
N ASN H 547 -69.96 3.98 -13.30
CA ASN H 547 -70.34 3.90 -11.90
C ASN H 547 -71.84 3.98 -11.73
N CYS H 548 -72.51 4.82 -12.52
CA CYS H 548 -73.95 4.93 -12.37
C CYS H 548 -74.65 3.72 -12.97
N ALA H 549 -74.13 3.18 -14.07
CA ALA H 549 -74.72 1.96 -14.62
C ALA H 549 -74.51 0.78 -13.67
N GLN H 550 -73.38 0.74 -12.97
CA GLN H 550 -73.21 -0.25 -11.91
C GLN H 550 -74.17 0.00 -10.77
N PHE H 551 -74.36 1.26 -10.40
CA PHE H 551 -75.24 1.64 -9.30
C PHE H 551 -76.68 1.28 -9.58
N SER H 552 -77.06 1.25 -10.85
CA SER H 552 -78.45 1.16 -11.31
C SER H 552 -79.29 0.00 -10.80
N GLY H 553 -78.65 -1.00 -10.18
CA GLY H 553 -79.41 -2.07 -9.56
C GLY H 553 -80.26 -1.61 -8.39
N SER H 554 -79.78 -0.64 -7.63
CA SER H 554 -80.49 -0.21 -6.43
C SER H 554 -81.52 0.87 -6.71
N LEU H 555 -82.00 0.96 -7.94
CA LEU H 555 -82.98 1.97 -8.31
C LEU H 555 -84.31 1.75 -7.59
N ASP H 556 -84.63 0.49 -7.31
CA ASP H 556 -85.92 0.14 -6.72
C ASP H 556 -86.07 0.69 -5.31
N TRP H 557 -84.99 0.62 -4.52
CA TRP H 557 -85.01 1.17 -3.17
C TRP H 557 -85.24 2.67 -3.21
N LEU H 558 -84.65 3.34 -4.18
CA LEU H 558 -84.78 4.78 -4.31
C LEU H 558 -86.21 5.17 -4.67
N ILE H 559 -86.81 4.45 -5.62
CA ILE H 559 -88.19 4.77 -5.98
C ILE H 559 -89.13 4.38 -4.85
N SER H 560 -88.75 3.40 -4.04
CA SER H 560 -89.49 3.10 -2.83
C SER H 560 -89.44 4.26 -1.86
N ARG H 561 -88.26 4.86 -1.70
CA ARG H 561 -88.11 5.95 -0.76
C ARG H 561 -88.44 7.31 -1.35
N LEU H 562 -88.91 7.32 -2.59
CA LEU H 562 -89.29 8.57 -3.26
C LEU H 562 -90.38 9.34 -2.52
N GLU H 563 -91.24 8.64 -1.80
CA GLU H 563 -92.42 9.26 -1.20
C GLU H 563 -92.27 9.49 0.29
N ARG H 564 -91.08 9.87 0.74
CA ARG H 564 -90.91 10.12 2.15
C ARG H 564 -91.47 11.49 2.54
N LEU H 565 -91.69 12.38 1.57
CA LEU H 565 -92.18 13.75 1.73
C LEU H 565 -91.26 14.65 2.54
N GLU H 566 -90.07 14.17 2.89
CA GLU H 566 -89.23 14.92 3.81
C GLU H 566 -87.93 15.31 3.13
N ALA H 567 -87.26 14.35 2.50
CA ALA H 567 -85.99 14.61 1.87
C ALA H 567 -85.98 14.20 0.41
N SER H 568 -87.14 14.19 -0.24
CA SER H 568 -87.29 13.52 -1.53
C SER H 568 -86.60 14.26 -2.66
N SER H 569 -86.30 15.54 -2.47
CA SER H 569 -85.64 16.31 -3.52
C SER H 569 -84.23 15.81 -3.76
N GLY H 570 -83.55 15.38 -2.70
CA GLY H 570 -82.23 14.81 -2.86
C GLY H 570 -82.25 13.52 -3.66
N ILE H 571 -83.21 12.64 -3.35
CA ILE H 571 -83.35 11.39 -4.11
C ILE H 571 -83.71 11.70 -5.57
N LEU H 572 -84.51 12.74 -5.78
CA LEU H 572 -84.90 13.09 -7.13
C LEU H 572 -83.71 13.62 -7.92
N GLU H 573 -82.84 14.39 -7.28
CA GLU H 573 -81.66 14.90 -7.98
C GLU H 573 -80.69 13.78 -8.29
N VAL H 574 -80.50 12.86 -7.35
CA VAL H 574 -79.63 11.71 -7.57
C VAL H 574 -80.15 10.87 -8.71
N LEU H 575 -81.46 10.60 -8.70
CA LEU H 575 -82.09 9.80 -9.73
C LEU H 575 -81.97 10.47 -11.09
N HIS H 576 -82.08 11.80 -11.13
CA HIS H 576 -81.97 12.50 -12.39
C HIS H 576 -80.56 12.39 -12.96
N CYS H 577 -79.56 12.63 -12.11
CA CYS H 577 -78.18 12.57 -12.59
C CYS H 577 -77.76 11.15 -12.94
N VAL H 578 -78.38 10.15 -12.33
CA VAL H 578 -78.13 8.78 -12.75
C VAL H 578 -78.76 8.54 -14.12
N LEU H 579 -80.03 8.89 -14.27
CA LEU H 579 -80.75 8.56 -15.48
C LEU H 579 -80.32 9.37 -16.68
N VAL H 580 -79.50 10.40 -16.50
CA VAL H 580 -78.95 11.07 -17.68
C VAL H 580 -77.93 10.18 -18.38
N GLU H 581 -76.97 9.65 -17.63
CA GLU H 581 -75.74 9.16 -18.26
C GLU H 581 -75.67 7.64 -18.42
N SER H 582 -76.76 6.92 -18.21
CA SER H 582 -76.67 5.49 -18.53
C SER H 582 -77.98 4.96 -19.08
N PRO H 583 -78.01 4.56 -20.35
CA PRO H 583 -79.21 3.90 -20.89
C PRO H 583 -79.39 2.49 -20.38
N GLU H 584 -78.40 1.93 -19.69
CA GLU H 584 -78.61 0.69 -18.98
C GLU H 584 -79.66 0.84 -17.90
N ALA H 585 -79.69 1.99 -17.23
CA ALA H 585 -80.67 2.22 -16.18
C ALA H 585 -82.06 2.44 -16.76
N LEU H 586 -82.13 3.05 -17.94
CA LEU H 586 -83.41 3.35 -18.55
C LEU H 586 -84.15 2.09 -18.96
N ASN H 587 -83.40 1.07 -19.35
CA ASN H 587 -84.03 -0.19 -19.72
C ASN H 587 -84.51 -0.95 -18.49
N ILE H 588 -84.04 -0.59 -17.30
CA ILE H 588 -84.44 -1.29 -16.10
C ILE H 588 -85.81 -0.84 -15.63
N ILE H 589 -86.08 0.46 -15.69
CA ILE H 589 -87.20 1.03 -14.96
C ILE H 589 -88.52 0.65 -15.62
N LYS H 590 -89.58 0.61 -14.80
CA LYS H 590 -90.82 -0.07 -15.17
C LYS H 590 -92.01 0.81 -14.80
N GLU H 591 -93.18 0.20 -14.87
CA GLU H 591 -94.44 0.93 -14.94
C GLU H 591 -94.79 1.59 -13.62
N GLY H 592 -94.85 0.80 -12.55
CA GLY H 592 -95.23 1.30 -11.24
C GLY H 592 -94.29 2.35 -10.70
N HIS H 593 -93.02 2.30 -11.11
CA HIS H 593 -92.07 3.37 -10.79
C HIS H 593 -92.54 4.69 -11.37
N ILE H 594 -92.94 4.66 -12.64
CA ILE H 594 -93.36 5.87 -13.32
C ILE H 594 -94.67 6.37 -12.74
N LYS H 595 -95.56 5.44 -12.41
CA LYS H 595 -96.80 5.79 -11.76
C LYS H 595 -96.55 6.43 -10.40
N SER H 596 -95.51 5.95 -9.69
CA SER H 596 -95.12 6.54 -8.41
C SER H 596 -94.55 7.93 -8.59
N ILE H 597 -93.80 8.15 -9.67
CA ILE H 597 -93.24 9.47 -9.93
C ILE H 597 -94.35 10.47 -10.24
N ILE H 598 -95.31 10.06 -11.06
CA ILE H 598 -96.49 10.89 -11.34
C ILE H 598 -97.29 11.11 -10.07
N SER H 599 -97.31 10.12 -9.18
CA SER H 599 -97.98 10.26 -7.91
C SER H 599 -97.28 11.29 -7.02
N LEU H 600 -95.95 11.32 -7.06
CA LEU H 600 -95.22 12.28 -6.24
C LEU H 600 -95.43 13.68 -6.77
N LEU H 601 -95.56 13.80 -8.09
CA LEU H 601 -96.01 15.06 -8.68
C LEU H 601 -97.42 15.41 -8.20
N ASP H 602 -98.27 14.40 -8.04
CA ASP H 602 -99.63 14.59 -7.57
C ASP H 602 -99.68 14.87 -6.07
N LYS H 603 -98.57 14.75 -5.37
CA LYS H 603 -98.53 15.16 -3.97
C LYS H 603 -97.87 16.53 -3.78
N HIS H 604 -96.72 16.74 -4.38
CA HIS H 604 -95.91 17.91 -4.06
C HIS H 604 -96.06 19.04 -5.07
N GLY H 605 -97.29 19.44 -5.35
CA GLY H 605 -97.51 20.64 -6.14
C GLY H 605 -97.12 20.46 -7.59
N ARG H 606 -96.31 21.40 -8.09
CA ARG H 606 -95.87 21.44 -9.48
C ARG H 606 -94.36 21.61 -9.48
N ASN H 607 -93.61 20.52 -9.53
CA ASN H 607 -92.16 20.59 -9.57
C ASN H 607 -91.67 20.47 -11.00
N HIS H 608 -90.91 21.49 -11.43
CA HIS H 608 -90.28 21.45 -12.74
C HIS H 608 -89.21 20.37 -12.81
N LYS H 609 -88.65 19.97 -11.67
CA LYS H 609 -87.63 18.93 -11.64
C LYS H 609 -88.20 17.60 -12.08
N VAL H 610 -89.44 17.32 -11.70
CA VAL H 610 -90.11 16.08 -12.04
C VAL H 610 -90.28 15.96 -13.54
N LEU H 611 -90.59 17.09 -14.19
CA LEU H 611 -90.73 17.08 -15.64
C LEU H 611 -89.40 16.89 -16.33
N ASP H 612 -88.32 17.37 -15.73
CA ASP H 612 -87.00 17.08 -16.26
C ASP H 612 -86.70 15.59 -16.14
N VAL H 613 -87.16 14.97 -15.06
CA VAL H 613 -86.96 13.54 -14.88
C VAL H 613 -87.70 12.75 -15.93
N LEU H 614 -88.95 13.14 -16.19
CA LEU H 614 -89.74 12.42 -17.19
C LEU H 614 -89.20 12.64 -18.60
N CYS H 615 -88.69 13.84 -18.86
CA CYS H 615 -88.05 14.11 -20.14
C CYS H 615 -86.79 13.29 -20.32
N SER H 616 -86.01 13.13 -19.25
CA SER H 616 -84.80 12.34 -19.33
C SER H 616 -85.14 10.88 -19.53
N LEU H 617 -86.18 10.40 -18.86
CA LEU H 617 -86.62 9.02 -19.03
C LEU H 617 -87.20 8.79 -20.41
N CYS H 618 -87.69 9.83 -21.06
CA CYS H 618 -88.26 9.67 -22.38
C CYS H 618 -87.20 9.37 -23.43
N VAL H 619 -86.07 10.07 -23.40
CA VAL H 619 -85.12 10.06 -24.50
C VAL H 619 -83.75 9.70 -23.96
N CYS H 620 -83.07 8.76 -24.63
CA CYS H 620 -81.71 8.37 -24.28
C CYS H 620 -80.70 9.37 -24.79
N HIS H 621 -79.43 8.95 -24.84
CA HIS H 621 -78.37 9.81 -25.35
C HIS H 621 -78.63 10.26 -26.78
N GLY H 622 -79.14 9.36 -27.61
CA GLY H 622 -79.57 9.80 -28.92
C GLY H 622 -80.90 9.26 -29.36
N VAL H 623 -81.40 8.25 -28.65
CA VAL H 623 -82.55 7.49 -29.13
C VAL H 623 -83.67 7.58 -28.12
N ALA H 624 -84.79 6.98 -28.46
CA ALA H 624 -85.97 7.01 -27.62
C ALA H 624 -86.47 5.60 -27.36
N VAL H 625 -87.30 5.49 -26.32
CA VAL H 625 -87.94 4.24 -25.95
C VAL H 625 -89.44 4.43 -26.07
N ARG H 626 -90.09 3.57 -26.83
CA ARG H 626 -91.48 3.83 -27.17
C ARG H 626 -92.42 3.53 -26.02
N SER H 627 -92.17 2.40 -25.33
CA SER H 627 -93.11 1.90 -24.35
C SER H 627 -93.25 2.86 -23.17
N ASN H 628 -92.15 3.50 -22.79
CA ASN H 628 -92.21 4.48 -21.72
C ASN H 628 -93.01 5.70 -22.13
N GLN H 629 -92.96 6.05 -23.41
CA GLN H 629 -93.73 7.19 -23.87
C GLN H 629 -95.22 6.89 -23.90
N HIS H 630 -95.58 5.67 -24.33
CA HIS H 630 -96.98 5.28 -24.29
C HIS H 630 -97.48 5.24 -22.86
N LEU H 631 -96.61 4.79 -21.95
CA LEU H 631 -96.96 4.70 -20.54
C LEU H 631 -97.18 6.08 -19.94
N ILE H 632 -96.36 7.05 -20.36
CA ILE H 632 -96.54 8.44 -19.93
C ILE H 632 -97.86 8.98 -20.42
N CYS H 633 -98.07 8.92 -21.72
CA CYS H 633 -99.24 9.63 -22.24
C CYS H 633 -100.53 8.84 -22.10
N ASP H 634 -100.49 7.69 -21.47
CA ASP H 634 -101.74 7.17 -20.92
C ASP H 634 -101.87 7.40 -19.44
N ASN H 635 -100.77 7.43 -18.70
CA ASN H 635 -100.89 7.44 -17.25
C ASN H 635 -100.86 8.84 -16.65
N LEU H 636 -100.47 9.85 -17.40
CA LEU H 636 -100.45 11.20 -16.86
C LEU H 636 -101.39 12.14 -17.59
N LEU H 637 -101.24 12.24 -18.89
CA LEU H 637 -101.92 13.25 -19.70
C LEU H 637 -103.45 13.15 -19.82
N PRO H 638 -104.10 11.98 -19.96
CA PRO H 638 -105.57 12.01 -20.12
C PRO H 638 -106.33 12.47 -18.89
N GLY H 639 -105.71 12.50 -17.71
CA GLY H 639 -106.40 13.05 -16.55
C GLY H 639 -106.64 14.53 -16.65
N ARG H 640 -105.71 15.26 -17.27
CA ARG H 640 -105.80 16.70 -17.55
C ARG H 640 -105.97 17.53 -16.28
N ASP H 641 -105.25 17.16 -15.24
CA ASP H 641 -105.46 17.80 -13.95
C ASP H 641 -104.18 18.36 -13.35
N LEU H 642 -103.05 17.71 -13.58
CA LEU H 642 -101.84 18.13 -12.89
C LEU H 642 -101.13 19.24 -13.65
N LEU H 643 -101.17 19.17 -14.96
CA LEU H 643 -100.59 20.21 -15.80
C LEU H 643 -101.62 21.30 -16.06
N LEU H 644 -101.31 22.17 -17.00
CA LEU H 644 -102.13 23.33 -17.28
C LEU H 644 -102.77 23.20 -18.65
N GLN H 645 -104.08 23.13 -18.66
CA GLN H 645 -104.82 22.92 -19.89
C GLN H 645 -105.30 24.26 -20.41
N THR H 646 -105.25 24.43 -21.73
CA THR H 646 -105.37 25.73 -22.36
C THR H 646 -106.18 25.64 -23.64
N ARG H 647 -106.70 26.80 -24.07
CA ARG H 647 -107.48 26.94 -25.31
C ARG H 647 -107.57 28.43 -25.64
N LEU H 648 -108.44 28.77 -26.59
CA LEU H 648 -108.64 30.17 -26.96
C LEU H 648 -110.11 30.55 -26.87
N VAL H 649 -110.33 31.80 -26.46
CA VAL H 649 -111.67 32.35 -26.22
C VAL H 649 -111.71 33.72 -26.89
N ASN H 650 -112.85 34.07 -27.48
CA ASN H 650 -113.04 35.42 -28.01
C ASN H 650 -113.19 36.42 -26.86
N HIS H 651 -112.85 37.69 -27.15
CA HIS H 651 -112.99 38.76 -26.15
C HIS H 651 -114.44 39.03 -25.82
N VAL H 652 -114.81 38.79 -24.57
CA VAL H 652 -116.15 39.04 -24.08
C VAL H 652 -116.28 40.52 -23.71
N SER H 653 -117.38 41.15 -24.13
CA SER H 653 -117.62 42.55 -23.84
C SER H 653 -119.11 42.78 -23.65
N SER H 654 -119.44 43.85 -22.92
CA SER H 654 -120.82 44.20 -22.62
C SER H 654 -120.96 45.72 -22.61
N MET H 655 -122.20 46.18 -22.78
CA MET H 655 -122.48 47.60 -22.87
C MET H 655 -123.77 47.93 -22.14
N ARG H 656 -123.74 48.99 -21.31
CA ARG H 656 -124.89 49.37 -20.51
C ARG H 656 -125.36 50.79 -20.85
N PRO H 657 -126.68 51.02 -20.93
CA PRO H 657 -127.20 52.29 -21.43
C PRO H 657 -127.46 53.37 -20.39
N ASN H 658 -126.43 53.69 -19.59
CA ASN H 658 -126.29 54.93 -18.84
C ASN H 658 -127.32 55.16 -17.74
N ILE H 659 -128.19 54.18 -17.46
CA ILE H 659 -129.33 54.40 -16.58
C ILE H 659 -129.16 53.55 -15.34
N PHE H 660 -129.09 54.21 -14.18
CA PHE H 660 -129.18 53.51 -12.91
C PHE H 660 -130.64 53.30 -12.54
N LEU H 661 -130.94 52.16 -11.92
CA LEU H 661 -132.30 51.85 -11.49
C LEU H 661 -132.26 51.23 -10.11
N GLY H 662 -132.86 51.92 -9.14
CA GLY H 662 -132.93 51.41 -7.79
C GLY H 662 -133.92 50.27 -7.61
N LYS H 671 -141.02 52.30 -9.23
CA LYS H 671 -141.99 51.53 -9.97
C LYS H 671 -141.33 50.43 -10.80
N LYS H 672 -142.10 49.86 -11.72
CA LYS H 672 -141.62 48.80 -12.60
C LYS H 672 -140.59 49.35 -13.58
N TRP H 673 -139.86 48.46 -14.23
CA TRP H 673 -138.94 48.86 -15.28
C TRP H 673 -139.00 47.83 -16.40
N TYR H 674 -138.74 48.29 -17.63
CA TYR H 674 -138.99 47.46 -18.79
C TYR H 674 -138.29 48.05 -20.00
N TYR H 675 -137.64 47.18 -20.78
CA TYR H 675 -137.09 47.59 -22.07
C TYR H 675 -137.20 46.40 -23.03
N GLU H 676 -136.85 46.66 -24.29
CA GLU H 676 -137.01 45.69 -25.36
C GLU H 676 -135.79 45.76 -26.27
N LEU H 677 -135.54 44.65 -26.97
CA LEU H 677 -134.38 44.49 -27.83
C LEU H 677 -134.76 43.73 -29.08
N MET H 678 -134.42 44.31 -30.24
CA MET H 678 -134.71 43.68 -31.52
C MET H 678 -133.41 43.25 -32.16
N VAL H 679 -133.33 41.98 -32.53
CA VAL H 679 -132.12 41.43 -33.13
C VAL H 679 -132.13 41.76 -34.61
N ASP H 680 -130.97 42.13 -35.14
CA ASP H 680 -130.83 42.51 -36.54
C ASP H 680 -129.79 41.69 -37.26
N HIS H 681 -128.69 41.34 -36.61
CA HIS H 681 -127.69 40.43 -37.14
C HIS H 681 -127.08 39.59 -36.03
N THR H 682 -126.93 38.31 -36.30
CA THR H 682 -126.30 37.39 -35.37
C THR H 682 -124.94 36.92 -35.88
N GLU H 683 -124.90 36.28 -37.06
CA GLU H 683 -123.72 35.96 -37.86
C GLU H 683 -122.72 35.15 -37.05
N PRO H 684 -123.06 33.92 -36.66
CA PRO H 684 -122.51 33.34 -35.44
C PRO H 684 -121.09 32.79 -35.56
N PHE H 685 -120.58 32.53 -36.76
CA PHE H 685 -119.27 31.89 -36.87
C PHE H 685 -118.47 32.47 -38.02
N VAL H 686 -117.70 33.52 -37.74
CA VAL H 686 -116.37 33.60 -38.33
C VAL H 686 -115.47 33.69 -37.11
N THR H 687 -115.23 32.53 -36.52
CA THR H 687 -114.47 32.20 -35.31
C THR H 687 -114.67 30.70 -35.19
N ALA H 688 -113.74 30.01 -34.53
CA ALA H 688 -113.95 28.62 -34.16
C ALA H 688 -114.44 28.54 -32.71
N GLU H 689 -115.61 29.11 -32.48
CA GLU H 689 -116.13 29.32 -31.14
C GLU H 689 -117.61 29.66 -31.19
N ALA H 690 -118.40 28.98 -30.37
CA ALA H 690 -119.81 29.30 -30.21
C ALA H 690 -119.92 30.64 -29.49
N THR H 691 -120.32 31.68 -30.22
CA THR H 691 -120.34 33.02 -29.66
C THR H 691 -121.52 33.19 -28.71
N HIS H 692 -121.39 34.14 -27.80
CA HIS H 692 -122.34 34.28 -26.70
C HIS H 692 -123.25 35.47 -26.91
N LEU H 693 -124.47 35.35 -26.38
CA LEU H 693 -125.51 36.38 -26.47
C LEU H 693 -126.18 36.47 -25.11
N ARG H 694 -125.66 37.33 -24.25
CA ARG H 694 -126.15 37.44 -22.88
C ARG H 694 -126.96 38.71 -22.72
N VAL H 695 -128.23 38.55 -22.33
CA VAL H 695 -129.16 39.64 -22.12
C VAL H 695 -129.68 39.56 -20.69
N GLY H 696 -129.52 40.64 -19.93
CA GLY H 696 -130.07 40.62 -18.59
C GLY H 696 -129.84 41.80 -17.67
N TRP H 697 -129.74 41.49 -16.38
CA TRP H 697 -129.71 42.48 -15.30
C TRP H 697 -128.57 42.18 -14.35
N ALA H 698 -127.94 43.23 -13.85
CA ALA H 698 -126.84 43.10 -12.89
C ALA H 698 -126.88 44.23 -11.90
N SER H 699 -126.12 44.08 -10.82
CA SER H 699 -126.10 45.03 -9.72
C SER H 699 -124.96 46.03 -9.90
N THR H 700 -125.11 47.19 -9.27
CA THR H 700 -124.13 48.26 -9.38
C THR H 700 -123.02 48.13 -8.34
N GLU H 701 -123.36 47.95 -7.09
CA GLU H 701 -122.35 47.86 -6.04
C GLU H 701 -121.67 46.50 -6.10
N GLY H 702 -120.37 46.49 -5.78
CA GLY H 702 -119.51 45.39 -6.16
C GLY H 702 -119.17 45.57 -7.62
N TYR H 703 -119.29 44.51 -8.43
CA TYR H 703 -119.43 44.61 -9.89
C TYR H 703 -118.21 45.27 -10.55
N SER H 704 -117.13 44.50 -10.60
CA SER H 704 -115.96 44.86 -11.39
C SER H 704 -115.85 43.94 -12.61
N PRO H 705 -116.50 44.27 -13.73
CA PRO H 705 -116.49 43.38 -14.92
C PRO H 705 -115.37 43.69 -15.92
N TYR H 706 -114.15 43.35 -15.56
CA TYR H 706 -113.05 43.63 -16.48
C TYR H 706 -113.07 42.56 -17.57
N PRO H 707 -112.64 42.91 -18.81
CA PRO H 707 -112.80 41.97 -19.93
C PRO H 707 -111.92 40.75 -19.77
N GLY H 708 -112.55 39.64 -19.44
CA GLY H 708 -111.82 38.50 -18.93
C GLY H 708 -111.54 38.58 -17.44
N GLY H 709 -111.46 39.81 -16.90
CA GLY H 709 -111.12 40.02 -15.50
C GLY H 709 -112.33 40.30 -14.63
N GLY H 710 -113.42 39.61 -14.92
CA GLY H 710 -114.57 39.60 -14.03
C GLY H 710 -114.55 38.34 -13.21
N GLU H 711 -115.34 37.35 -13.63
CA GLU H 711 -115.28 36.00 -13.05
C GLU H 711 -114.24 35.20 -13.84
N GLU H 712 -114.23 33.87 -13.69
CA GLU H 712 -113.36 33.03 -14.51
C GLU H 712 -113.73 33.16 -15.98
N TRP H 713 -112.69 33.29 -16.83
CA TRP H 713 -112.73 33.25 -18.30
C TRP H 713 -113.43 34.44 -18.95
N GLY H 714 -114.04 35.33 -18.16
CA GLY H 714 -114.81 36.41 -18.73
C GLY H 714 -116.19 35.97 -19.19
N GLY H 715 -117.22 36.71 -18.82
CA GLY H 715 -118.54 36.33 -19.26
C GLY H 715 -119.62 37.15 -18.59
N ASN H 716 -120.83 36.58 -18.60
CA ASN H 716 -122.02 37.24 -18.10
C ASN H 716 -123.00 36.15 -17.70
N GLY H 717 -123.71 36.38 -16.60
CA GLY H 717 -124.33 35.28 -15.91
C GLY H 717 -123.33 34.43 -15.18
N VAL H 718 -122.16 34.98 -14.86
CA VAL H 718 -121.11 34.24 -14.18
C VAL H 718 -120.86 34.73 -12.76
N GLY H 719 -121.38 35.90 -12.39
CA GLY H 719 -121.31 36.37 -11.02
C GLY H 719 -122.71 36.48 -10.43
N ASP H 720 -122.75 36.54 -9.09
CA ASP H 720 -124.01 36.74 -8.40
C ASP H 720 -124.55 38.16 -8.55
N ASP H 721 -123.71 39.10 -8.98
CA ASP H 721 -124.22 40.32 -9.57
C ASP H 721 -125.02 40.03 -10.83
N LEU H 722 -124.53 39.11 -11.66
CA LEU H 722 -124.96 38.96 -13.04
C LEU H 722 -126.15 38.03 -13.15
N PHE H 723 -127.14 38.42 -13.94
CA PHE H 723 -128.29 37.57 -14.23
C PHE H 723 -128.65 37.81 -15.70
N SER H 724 -128.21 36.90 -16.56
CA SER H 724 -128.27 37.13 -18.00
C SER H 724 -128.93 35.94 -18.69
N TYR H 725 -129.17 36.10 -19.99
CA TYR H 725 -130.02 35.16 -20.71
C TYR H 725 -129.80 35.29 -22.21
N GLY H 726 -130.13 34.23 -22.93
CA GLY H 726 -130.05 34.21 -24.38
C GLY H 726 -129.17 33.08 -24.88
N PHE H 727 -129.74 32.20 -25.69
CA PHE H 727 -129.01 31.04 -26.21
C PHE H 727 -129.75 30.54 -27.44
N ASP H 728 -129.07 29.71 -28.23
CA ASP H 728 -129.74 29.02 -29.32
C ASP H 728 -130.52 27.91 -28.65
N GLY H 729 -131.79 28.15 -28.32
CA GLY H 729 -132.34 27.44 -27.18
C GLY H 729 -132.11 28.18 -25.88
N LEU H 730 -132.87 29.25 -25.68
CA LEU H 730 -132.52 30.50 -25.03
C LEU H 730 -131.98 30.56 -23.61
N HIS H 731 -131.78 29.39 -22.96
CA HIS H 731 -131.67 29.27 -21.51
C HIS H 731 -130.46 30.02 -20.94
N LEU H 732 -130.44 30.14 -19.60
CA LEU H 732 -129.75 31.21 -18.90
C LEU H 732 -128.34 30.85 -18.46
N TRP H 733 -127.72 31.82 -17.77
CA TRP H 733 -126.60 31.64 -16.86
C TRP H 733 -126.78 32.59 -15.69
N SER H 734 -126.45 32.13 -14.49
CA SER H 734 -126.45 33.01 -13.31
C SER H 734 -125.44 32.45 -12.33
N GLY H 735 -124.22 32.99 -12.34
CA GLY H 735 -123.14 32.40 -11.57
C GLY H 735 -122.45 31.27 -12.28
N CYS H 736 -122.42 31.32 -13.62
CA CYS H 736 -121.93 30.27 -14.51
C CYS H 736 -122.69 28.97 -14.25
N ILE H 737 -123.98 29.12 -13.98
CA ILE H 737 -124.90 28.02 -13.83
C ILE H 737 -125.59 27.85 -15.18
N ALA H 738 -125.19 26.85 -15.94
CA ALA H 738 -125.80 26.58 -17.23
C ALA H 738 -126.88 25.52 -17.03
N ARG H 739 -128.13 25.95 -17.04
CA ARG H 739 -129.28 25.06 -16.94
C ARG H 739 -130.21 25.32 -18.10
N THR H 740 -130.81 24.26 -18.61
CA THR H 740 -131.36 24.23 -19.96
C THR H 740 -132.87 24.14 -19.97
N VAL H 741 -133.52 24.96 -19.15
CA VAL H 741 -134.98 24.99 -19.12
C VAL H 741 -135.52 25.49 -20.46
N SER H 742 -136.50 24.78 -20.99
CA SER H 742 -136.91 24.93 -22.38
C SER H 742 -137.84 26.13 -22.54
N SER H 743 -138.35 26.28 -23.76
CA SER H 743 -139.33 27.28 -24.14
C SER H 743 -140.43 26.56 -24.89
N PRO H 744 -141.55 27.23 -25.16
CA PRO H 744 -142.45 26.69 -26.19
C PRO H 744 -142.09 27.15 -27.59
N ASN H 745 -140.79 27.26 -27.88
CA ASN H 745 -140.30 27.54 -29.23
C ASN H 745 -139.13 26.67 -29.66
N GLN H 746 -138.22 26.31 -28.74
CA GLN H 746 -136.89 25.76 -29.03
C GLN H 746 -136.15 26.58 -30.08
N HIS H 747 -136.18 27.89 -29.89
CA HIS H 747 -135.78 28.84 -30.92
C HIS H 747 -134.32 29.23 -30.76
N LEU H 748 -133.77 29.75 -31.85
CA LEU H 748 -132.41 30.25 -31.94
C LEU H 748 -132.33 31.64 -31.30
N LEU H 749 -131.25 32.34 -31.56
CA LEU H 749 -131.33 33.78 -31.75
C LEU H 749 -131.10 33.99 -33.24
N ARG H 750 -132.16 34.28 -33.96
CA ARG H 750 -132.04 34.65 -35.35
C ARG H 750 -132.08 36.15 -35.46
N THR H 751 -131.89 36.67 -36.66
CA THR H 751 -131.62 38.07 -36.89
C THR H 751 -132.88 38.93 -36.93
N ASP H 752 -134.00 38.47 -36.36
CA ASP H 752 -135.28 39.15 -36.44
C ASP H 752 -136.01 39.12 -35.09
N ASP H 753 -135.30 38.77 -34.03
CA ASP H 753 -135.95 38.33 -32.81
C ASP H 753 -136.18 39.50 -31.86
N VAL H 754 -137.27 39.42 -31.11
CA VAL H 754 -137.72 40.50 -30.23
C VAL H 754 -137.73 39.98 -28.80
N ILE H 755 -137.07 40.70 -27.90
CA ILE H 755 -136.67 40.19 -26.60
C ILE H 755 -137.23 41.11 -25.52
N SER H 756 -138.08 40.55 -24.66
CA SER H 756 -138.65 41.30 -23.54
C SER H 756 -137.74 41.22 -22.33
N CYS H 757 -137.70 42.29 -21.56
CA CYS H 757 -136.96 42.36 -20.31
C CYS H 757 -137.77 43.19 -19.31
N CYS H 758 -138.34 42.52 -18.31
CA CYS H 758 -139.25 43.16 -17.39
C CYS H 758 -138.79 42.97 -15.95
N LEU H 759 -139.05 43.98 -15.13
CA LEU H 759 -138.71 43.98 -13.72
C LEU H 759 -139.55 45.01 -12.99
N ASP H 760 -140.15 44.60 -11.88
CA ASP H 760 -141.01 45.47 -11.10
C ASP H 760 -140.26 45.94 -9.85
N LEU H 761 -140.73 47.05 -9.28
CA LEU H 761 -140.20 47.50 -7.99
C LEU H 761 -140.58 46.54 -6.89
N SER H 762 -139.58 45.99 -6.21
CA SER H 762 -139.69 45.11 -5.05
C SER H 762 -140.45 43.81 -5.35
N ALA H 763 -140.56 43.43 -6.62
CA ALA H 763 -141.02 42.10 -6.99
C ALA H 763 -139.79 41.33 -7.45
N PRO H 764 -139.27 40.41 -6.63
CA PRO H 764 -138.04 39.70 -7.01
C PRO H 764 -138.26 38.72 -8.15
N SER H 765 -138.43 39.24 -9.35
CA SER H 765 -138.74 38.42 -10.52
C SER H 765 -138.31 39.16 -11.77
N ILE H 766 -137.52 38.49 -12.60
CA ILE H 766 -137.04 39.07 -13.85
C ILE H 766 -137.71 38.32 -15.00
N SER H 767 -138.47 39.05 -15.81
CA SER H 767 -139.38 38.44 -16.77
C SER H 767 -138.86 38.66 -18.18
N PHE H 768 -138.59 37.56 -18.87
CA PHE H 768 -138.04 37.58 -20.22
C PHE H 768 -138.99 36.86 -21.16
N ARG H 769 -139.62 37.61 -22.05
CA ARG H 769 -140.49 37.05 -23.07
C ARG H 769 -139.85 37.24 -24.44
N ILE H 770 -140.33 36.47 -25.40
CA ILE H 770 -139.88 36.57 -26.79
C ILE H 770 -141.10 36.74 -27.67
N ASN H 771 -141.15 37.85 -28.41
CA ASN H 771 -142.21 38.19 -29.37
C ASN H 771 -143.57 38.32 -28.69
N GLY H 772 -143.56 38.58 -27.38
CA GLY H 772 -144.73 38.49 -26.55
C GLY H 772 -144.89 37.16 -25.83
N GLN H 773 -144.31 36.08 -26.36
CA GLN H 773 -144.53 34.76 -25.79
C GLN H 773 -143.70 34.60 -24.53
N PRO H 774 -144.30 34.15 -23.42
CA PRO H 774 -143.51 33.83 -22.23
C PRO H 774 -142.57 32.66 -22.48
N VAL H 775 -141.35 32.79 -21.97
CA VAL H 775 -140.27 31.87 -22.26
C VAL H 775 -140.00 31.16 -20.93
N GLN H 776 -141.08 30.95 -20.18
CA GLN H 776 -141.09 30.18 -18.93
C GLN H 776 -140.15 30.79 -17.90
N GLY H 777 -140.51 32.00 -17.44
CA GLY H 777 -139.75 32.80 -16.49
C GLY H 777 -139.25 32.06 -15.27
N MET H 778 -138.06 32.42 -14.79
CA MET H 778 -137.32 31.55 -13.88
C MET H 778 -136.76 32.30 -12.68
N PHE H 779 -136.53 33.58 -12.85
CA PHE H 779 -135.71 34.35 -11.94
C PHE H 779 -136.51 34.75 -10.71
N GLU H 780 -136.01 34.40 -9.53
CA GLU H 780 -136.70 34.69 -8.28
C GLU H 780 -135.72 34.98 -7.16
N ASN H 781 -136.17 35.81 -6.21
CA ASN H 781 -135.67 35.89 -4.83
C ASN H 781 -134.18 36.27 -4.76
N PHE H 782 -133.92 37.50 -5.18
CA PHE H 782 -132.56 37.97 -5.27
C PHE H 782 -132.22 38.88 -4.11
N ASN H 783 -130.97 39.30 -4.06
CA ASN H 783 -130.48 40.18 -3.00
C ASN H 783 -130.64 41.61 -3.50
N ILE H 784 -131.69 42.28 -3.06
CA ILE H 784 -131.90 43.68 -3.43
C ILE H 784 -130.94 44.50 -2.61
N ASP H 785 -129.80 44.83 -3.21
CA ASP H 785 -128.76 45.56 -2.50
C ASP H 785 -127.94 46.28 -3.56
N GLY H 786 -128.11 47.59 -3.64
CA GLY H 786 -127.56 48.35 -4.75
C GLY H 786 -128.49 48.36 -5.94
N LEU H 787 -128.17 49.22 -6.89
CA LEU H 787 -129.09 49.52 -7.98
C LEU H 787 -128.94 48.47 -9.08
N PHE H 788 -129.73 48.60 -10.14
CA PHE H 788 -129.70 47.63 -11.23
C PHE H 788 -129.79 48.36 -12.56
N PHE H 789 -129.59 47.63 -13.65
CA PHE H 789 -129.37 48.21 -14.96
C PHE H 789 -129.40 47.10 -16.02
N PRO H 790 -129.75 47.45 -17.26
CA PRO H 790 -129.47 46.57 -18.39
C PRO H 790 -128.00 46.54 -18.75
N VAL H 791 -127.55 45.38 -19.25
CA VAL H 791 -126.15 44.97 -19.19
C VAL H 791 -125.60 44.64 -20.58
N VAL H 792 -126.50 44.27 -21.50
CA VAL H 792 -126.38 43.18 -22.47
C VAL H 792 -125.00 42.92 -23.08
N SER H 793 -124.55 41.66 -23.00
CA SER H 793 -123.25 41.20 -23.47
C SER H 793 -123.35 40.58 -24.85
N PHE H 794 -122.21 40.54 -25.54
CA PHE H 794 -122.13 40.13 -26.94
C PHE H 794 -120.67 39.97 -27.31
N SER H 795 -120.35 38.95 -28.11
CA SER H 795 -119.05 38.93 -28.79
C SER H 795 -119.16 38.10 -30.08
N ALA H 796 -119.49 38.77 -31.19
CA ALA H 796 -119.49 38.21 -32.55
C ALA H 796 -119.71 39.30 -33.59
N GLY H 797 -120.04 38.89 -34.81
CA GLY H 797 -120.58 39.77 -35.82
C GLY H 797 -122.01 40.19 -35.53
N ILE H 798 -122.19 41.04 -34.53
CA ILE H 798 -123.48 41.31 -33.92
C ILE H 798 -123.87 42.76 -34.15
N LYS H 799 -125.08 42.97 -34.66
CA LYS H 799 -125.71 44.28 -34.54
C LYS H 799 -127.19 44.08 -34.25
N VAL H 800 -127.68 44.77 -33.23
CA VAL H 800 -129.07 44.70 -32.77
C VAL H 800 -129.53 46.12 -32.45
N ARG H 801 -130.77 46.24 -31.95
CA ARG H 801 -131.30 47.52 -31.50
C ARG H 801 -131.67 47.46 -30.01
N PHE H 802 -131.42 48.56 -29.31
CA PHE H 802 -132.22 48.87 -28.13
C PHE H 802 -133.61 49.31 -28.56
N LEU H 803 -134.53 49.31 -27.60
CA LEU H 803 -135.84 49.93 -27.78
C LEU H 803 -136.12 50.78 -26.54
N LEU H 804 -135.72 52.05 -26.62
CA LEU H 804 -136.01 53.01 -25.56
C LEU H 804 -136.68 54.26 -26.11
N GLY H 805 -136.26 54.72 -27.27
CA GLY H 805 -136.80 55.94 -27.82
C GLY H 805 -136.25 57.20 -27.19
N GLU H 810 -138.92 55.90 -30.44
CA GLU H 810 -138.32 54.85 -31.25
C GLU H 810 -138.56 53.45 -30.67
N PHE H 811 -139.61 53.30 -29.86
CA PHE H 811 -140.10 51.98 -29.52
C PHE H 811 -140.64 51.29 -30.77
N LYS H 812 -140.59 49.96 -30.77
CA LYS H 812 -141.11 49.18 -31.89
C LYS H 812 -142.27 48.30 -31.49
N PHE H 813 -142.08 47.43 -30.50
CA PHE H 813 -143.09 46.45 -30.13
C PHE H 813 -142.85 45.98 -28.71
N LEU H 814 -143.86 46.12 -27.87
CA LEU H 814 -143.69 45.84 -26.45
C LEU H 814 -145.02 45.65 -25.74
N PRO H 815 -145.20 44.52 -25.05
CA PRO H 815 -146.20 44.44 -23.97
C PRO H 815 -145.75 45.28 -22.79
N PRO H 816 -146.62 45.59 -21.84
CA PRO H 816 -146.21 46.49 -20.75
C PRO H 816 -145.83 45.76 -19.47
N PRO H 817 -145.69 44.42 -19.48
CA PRO H 817 -146.33 43.57 -18.45
C PRO H 817 -146.09 44.02 -17.02
N GLY H 818 -147.17 44.04 -16.25
CA GLY H 818 -147.24 45.03 -15.20
C GLY H 818 -147.37 46.38 -15.89
N TYR H 819 -146.83 47.43 -15.28
CA TYR H 819 -146.63 48.69 -16.00
C TYR H 819 -145.56 49.53 -15.33
N ALA H 820 -144.39 49.63 -15.98
CA ALA H 820 -143.62 50.86 -16.24
C ALA H 820 -142.43 50.49 -17.11
N PRO H 821 -142.07 51.30 -18.09
CA PRO H 821 -140.88 51.02 -18.90
C PRO H 821 -139.64 51.66 -18.28
N CYS H 822 -138.48 51.20 -18.76
CA CYS H 822 -137.21 51.75 -18.28
C CYS H 822 -136.99 53.19 -18.74
N TYR H 823 -137.55 53.56 -19.90
CA TYR H 823 -137.33 54.86 -20.53
C TYR H 823 -137.87 56.02 -19.71
N GLU H 824 -138.76 55.77 -18.76
CA GLU H 824 -139.26 56.79 -17.87
C GLU H 824 -138.34 57.05 -16.67
N ALA H 825 -137.07 56.63 -16.71
CA ALA H 825 -136.12 56.92 -15.65
C ALA H 825 -135.29 58.16 -15.96
N VAL H 826 -135.58 58.83 -17.08
CA VAL H 826 -134.75 59.90 -17.61
C VAL H 826 -135.51 61.21 -17.34
N LEU H 827 -136.31 61.23 -16.26
CA LEU H 827 -137.24 62.32 -15.99
C LEU H 827 -136.57 63.67 -15.70
N PRO H 828 -135.76 63.86 -14.59
CA PRO H 828 -135.43 65.24 -14.18
C PRO H 828 -134.51 65.98 -15.14
N LYS H 829 -133.31 65.43 -15.37
CA LYS H 829 -132.30 66.13 -16.16
C LYS H 829 -131.53 65.20 -17.09
N GLU H 830 -131.64 63.88 -16.92
CA GLU H 830 -130.70 62.91 -17.44
C GLU H 830 -130.76 62.82 -18.97
N LYS H 831 -129.80 62.11 -19.54
CA LYS H 831 -129.69 61.93 -20.98
C LYS H 831 -129.87 60.45 -21.32
N LEU H 832 -129.68 60.12 -22.60
CA LEU H 832 -129.88 58.76 -23.09
C LEU H 832 -128.63 58.37 -23.88
N LYS H 833 -127.62 57.86 -23.19
CA LYS H 833 -126.41 57.35 -23.82
C LYS H 833 -126.28 55.87 -23.51
N VAL H 834 -125.26 55.24 -24.10
CA VAL H 834 -124.90 53.86 -23.79
C VAL H 834 -123.39 53.81 -23.58
N GLU H 835 -122.96 53.32 -22.42
CA GLU H 835 -121.54 53.14 -22.14
C GLU H 835 -121.21 51.65 -22.13
N HIS H 836 -119.91 51.35 -22.04
CA HIS H 836 -119.43 50.00 -22.29
C HIS H 836 -119.02 49.27 -21.02
N SER H 837 -119.79 49.42 -19.94
CA SER H 837 -119.69 48.62 -18.71
C SER H 837 -118.34 48.80 -18.01
N ARG H 838 -118.20 50.00 -17.45
CA ARG H 838 -117.31 50.41 -16.36
C ARG H 838 -115.85 50.61 -16.78
N GLU H 839 -115.45 50.18 -17.98
CA GLU H 839 -114.46 50.83 -18.84
C GLU H 839 -113.24 51.49 -18.22
N TYR H 840 -112.34 50.71 -17.60
CA TYR H 840 -111.08 51.29 -17.15
C TYR H 840 -110.21 51.75 -18.32
N LYS H 841 -110.46 51.26 -19.52
CA LYS H 841 -109.91 51.79 -20.74
C LYS H 841 -110.94 52.67 -21.43
N GLN H 842 -110.47 53.35 -22.48
CA GLN H 842 -111.27 53.73 -23.65
C GLN H 842 -110.28 53.90 -24.79
N GLU H 843 -110.48 53.15 -25.88
CA GLU H 843 -109.37 52.83 -26.78
C GLU H 843 -108.85 54.05 -27.54
N ARG H 844 -107.53 54.25 -27.46
CA ARG H 844 -106.89 55.46 -27.98
C ARG H 844 -105.46 55.15 -28.35
N THR H 845 -104.98 55.78 -29.43
CA THR H 845 -103.58 55.69 -29.82
C THR H 845 -102.67 56.28 -28.74
N TYR H 846 -103.08 57.38 -28.14
CA TYR H 846 -102.23 58.06 -27.18
C TYR H 846 -102.22 57.36 -25.85
N THR H 847 -103.37 57.34 -25.18
CA THR H 847 -103.49 56.72 -23.86
C THR H 847 -104.96 56.42 -23.62
N ARG H 848 -105.29 55.16 -23.40
CA ARG H 848 -106.56 54.83 -22.79
C ARG H 848 -106.54 55.38 -21.38
N ASP H 849 -107.30 56.45 -21.14
CA ASP H 849 -107.02 57.40 -20.07
C ASP H 849 -107.22 56.80 -18.68
N LEU H 850 -106.83 57.58 -17.70
CA LEU H 850 -106.85 57.16 -16.30
C LEU H 850 -108.19 57.51 -15.67
N LEU H 851 -108.55 56.74 -14.65
CA LEU H 851 -109.89 56.82 -14.07
C LEU H 851 -109.84 56.41 -12.60
N GLY H 852 -110.07 57.36 -11.71
CA GLY H 852 -110.33 57.04 -10.32
C GLY H 852 -111.64 56.32 -10.23
N PRO H 853 -111.73 55.29 -9.36
CA PRO H 853 -112.82 54.31 -9.49
C PRO H 853 -114.26 54.79 -9.26
N THR H 854 -114.66 55.17 -8.04
CA THR H 854 -116.09 55.29 -7.73
C THR H 854 -116.34 56.22 -6.56
N VAL H 855 -117.55 56.79 -6.57
CA VAL H 855 -118.31 57.11 -5.37
C VAL H 855 -119.68 56.50 -5.61
N SER H 856 -119.88 55.25 -5.17
CA SER H 856 -121.11 54.52 -5.45
C SER H 856 -121.38 53.42 -4.44
N ALA H 861 -134.23 53.82 -5.72
CA ALA H 861 -133.61 54.83 -4.88
C ALA H 861 -134.30 56.18 -5.04
N PHE H 862 -135.62 56.17 -5.20
CA PHE H 862 -136.40 57.38 -5.36
C PHE H 862 -137.05 57.86 -4.07
N THR H 863 -136.54 57.41 -2.93
CA THR H 863 -137.07 57.84 -1.64
C THR H 863 -136.06 58.77 -0.97
N PRO H 864 -136.27 60.09 -1.02
CA PRO H 864 -135.43 60.99 -0.21
C PRO H 864 -135.97 61.10 1.21
N ILE H 865 -135.08 61.41 2.15
CA ILE H 865 -135.39 61.39 3.57
C ILE H 865 -135.39 62.84 4.07
N PRO H 866 -136.50 63.34 4.59
CA PRO H 866 -136.51 64.68 5.17
C PRO H 866 -136.17 64.66 6.65
N VAL H 867 -135.78 65.84 7.15
CA VAL H 867 -135.46 65.99 8.55
C VAL H 867 -136.75 65.98 9.36
N ASP H 868 -136.65 65.63 10.64
CA ASP H 868 -137.83 65.48 11.48
C ASP H 868 -138.37 66.85 11.90
N THR H 869 -139.65 66.86 12.27
CA THR H 869 -140.39 68.06 12.61
C THR H 869 -140.93 68.06 14.04
N SER H 870 -141.64 67.00 14.43
CA SER H 870 -142.63 67.09 15.50
C SER H 870 -142.07 66.81 16.89
N GLN H 871 -140.94 66.12 17.02
CA GLN H 871 -140.39 65.81 18.34
C GLN H 871 -139.35 66.85 18.74
N ILE H 872 -139.81 68.10 18.86
CA ILE H 872 -138.97 69.24 19.19
C ILE H 872 -139.66 70.04 20.29
N VAL H 873 -138.92 70.33 21.36
CA VAL H 873 -139.47 71.03 22.52
C VAL H 873 -139.58 72.53 22.21
N LEU H 874 -140.78 73.11 22.43
CA LEU H 874 -141.03 74.53 22.21
C LEU H 874 -141.40 75.23 23.51
N PRO H 875 -140.89 76.43 23.74
CA PRO H 875 -141.29 77.22 24.92
C PRO H 875 -142.68 77.80 24.74
N PRO H 876 -143.42 78.03 25.84
CA PRO H 876 -144.79 78.56 25.71
C PRO H 876 -144.83 80.03 25.30
N HIS H 877 -143.82 80.81 25.68
CA HIS H 877 -143.66 82.15 25.12
C HIS H 877 -143.50 82.07 23.62
N LEU H 878 -142.64 81.16 23.15
CA LEU H 878 -142.54 80.90 21.71
C LEU H 878 -143.79 80.24 21.16
N GLU H 879 -144.63 79.61 21.98
CA GLU H 879 -145.92 79.15 21.46
C GLU H 879 -146.88 80.32 21.22
N ARG H 880 -146.87 81.33 22.08
CA ARG H 880 -147.73 82.49 21.87
C ARG H 880 -147.22 83.35 20.72
N ILE H 881 -145.91 83.58 20.69
CA ILE H 881 -145.24 84.13 19.51
C ILE H 881 -145.51 83.29 18.27
N ARG H 882 -145.60 81.97 18.41
CA ARG H 882 -145.86 81.09 17.27
C ARG H 882 -147.29 81.25 16.76
N GLU H 883 -148.24 81.45 17.66
CA GLU H 883 -149.62 81.64 17.23
C GLU H 883 -149.82 83.02 16.62
N LYS H 884 -149.14 84.04 17.15
CA LYS H 884 -149.21 85.37 16.56
C LYS H 884 -148.49 85.40 15.20
N LEU H 885 -147.35 84.74 15.11
CA LEU H 885 -146.63 84.63 13.85
C LEU H 885 -147.38 83.77 12.85
N ALA H 886 -148.16 82.80 13.33
CA ALA H 886 -148.99 82.00 12.45
C ALA H 886 -150.20 82.79 11.97
N GLU H 887 -150.73 83.69 12.81
CA GLU H 887 -151.71 84.65 12.34
C GLU H 887 -151.14 85.55 11.26
N ASN H 888 -149.90 86.03 11.46
CA ASN H 888 -149.22 86.82 10.46
C ASN H 888 -148.95 86.03 9.19
N ILE H 889 -148.65 84.73 9.33
CA ILE H 889 -148.38 83.88 8.18
C ILE H 889 -149.66 83.60 7.40
N HIS H 890 -150.78 83.42 8.10
CA HIS H 890 -152.03 83.17 7.40
C HIS H 890 -152.56 84.45 6.74
N GLU H 891 -152.37 85.61 7.35
CA GLU H 891 -152.78 86.83 6.65
C GLU H 891 -151.85 87.15 5.49
N LEU H 892 -150.56 86.77 5.57
CA LEU H 892 -149.73 86.95 4.40
C LEU H 892 -150.04 85.91 3.33
N TRP H 893 -150.56 84.74 3.71
CA TRP H 893 -151.06 83.80 2.71
C TRP H 893 -152.31 84.32 2.03
N VAL H 894 -153.21 84.95 2.80
CA VAL H 894 -154.37 85.62 2.23
C VAL H 894 -153.95 86.78 1.32
N MET H 895 -152.95 87.55 1.76
CA MET H 895 -152.39 88.63 0.94
C MET H 895 -151.73 88.11 -0.32
N ASN H 896 -151.11 86.93 -0.25
CA ASN H 896 -150.52 86.29 -1.43
C ASN H 896 -151.62 85.87 -2.40
N LYS H 897 -152.71 85.33 -1.89
CA LYS H 897 -153.81 84.93 -2.76
C LYS H 897 -154.54 86.14 -3.33
N ILE H 898 -154.57 87.26 -2.61
CA ILE H 898 -155.09 88.50 -3.16
C ILE H 898 -154.17 89.02 -4.26
N GLU H 899 -152.86 88.89 -4.06
CA GLU H 899 -151.92 89.17 -5.15
C GLU H 899 -152.01 88.13 -6.25
N LEU H 900 -152.53 86.94 -5.97
CA LEU H 900 -152.87 85.98 -7.00
C LEU H 900 -154.20 86.30 -7.69
N GLY H 901 -154.93 87.30 -7.21
CA GLY H 901 -156.19 87.65 -7.82
C GLY H 901 -157.30 86.69 -7.49
N TRP H 902 -157.36 86.25 -6.24
CA TRP H 902 -158.48 85.48 -5.73
C TRP H 902 -159.55 86.42 -5.19
N GLN H 903 -160.80 86.01 -5.35
CA GLN H 903 -161.94 86.75 -4.85
C GLN H 903 -162.67 85.86 -3.86
N TYR H 904 -163.12 86.43 -2.75
CA TYR H 904 -163.63 85.59 -1.67
C TYR H 904 -165.02 85.05 -2.01
N GLY H 905 -165.20 83.77 -1.70
CA GLY H 905 -166.48 83.12 -1.81
C GLY H 905 -166.58 81.98 -0.81
N PRO H 906 -167.65 81.21 -0.90
CA PRO H 906 -167.75 80.02 -0.04
C PRO H 906 -167.14 78.78 -0.67
N VAL H 907 -167.02 78.78 -1.99
CA VAL H 907 -166.65 77.58 -2.75
C VAL H 907 -165.14 77.52 -2.92
N ARG H 908 -164.60 76.31 -2.87
CA ARG H 908 -163.18 76.07 -3.05
C ARG H 908 -162.90 75.74 -4.51
N ASP H 909 -163.02 76.76 -5.35
CA ASP H 909 -162.75 76.63 -6.77
C ASP H 909 -161.27 76.87 -7.05
N ASP H 910 -160.87 76.62 -8.29
CA ASP H 910 -159.52 76.87 -8.74
C ASP H 910 -159.44 77.82 -9.94
N ASN H 911 -160.44 77.81 -10.83
CA ASN H 911 -160.46 78.69 -11.98
C ASN H 911 -161.52 79.79 -11.88
N LYS H 912 -162.52 79.62 -11.02
CA LYS H 912 -163.58 80.59 -10.84
C LYS H 912 -163.18 81.74 -9.92
N ARG H 913 -161.93 81.72 -9.42
CA ARG H 913 -161.38 82.72 -8.50
C ARG H 913 -162.24 82.85 -7.24
N GLN H 914 -162.58 81.71 -6.65
CA GLN H 914 -163.26 81.66 -5.36
C GLN H 914 -162.50 80.77 -4.40
N HIS H 915 -162.18 81.30 -3.24
CA HIS H 915 -161.50 80.55 -2.19
C HIS H 915 -162.16 80.84 -0.86
N PRO H 916 -162.41 79.81 -0.05
CA PRO H 916 -163.22 79.98 1.17
C PRO H 916 -162.47 80.40 2.42
N CYS H 917 -161.14 80.48 2.39
CA CYS H 917 -160.37 80.77 3.59
C CYS H 917 -159.48 81.99 3.39
N LEU H 918 -160.09 83.04 2.83
CA LEU H 918 -159.48 84.37 2.80
C LEU H 918 -159.86 85.19 4.02
N VAL H 919 -160.68 84.63 4.91
CA VAL H 919 -160.99 85.22 6.21
C VAL H 919 -159.88 84.73 7.14
N GLU H 920 -159.78 85.31 8.34
CA GLU H 920 -158.58 85.30 9.17
C GLU H 920 -158.09 83.96 9.68
N PHE H 921 -156.95 84.03 10.37
CA PHE H 921 -156.39 82.90 11.12
C PHE H 921 -157.32 82.41 12.22
N SER H 922 -158.13 83.31 12.78
CA SER H 922 -159.04 82.97 13.87
C SER H 922 -160.41 82.50 13.38
N LYS H 923 -160.88 82.98 12.24
CA LYS H 923 -162.20 82.62 11.75
C LYS H 923 -162.20 81.42 10.83
N LEU H 924 -161.13 80.64 10.81
CA LEU H 924 -161.10 79.31 10.21
C LEU H 924 -160.70 78.30 11.27
N PRO H 925 -161.41 77.17 11.40
CA PRO H 925 -161.08 76.21 12.46
C PRO H 925 -159.83 75.40 12.16
N GLU H 926 -159.53 74.40 12.99
CA GLU H 926 -158.30 73.64 12.85
C GLU H 926 -158.45 72.46 11.88
N GLN H 927 -159.02 72.75 10.72
CA GLN H 927 -159.04 71.84 9.57
C GLN H 927 -158.64 72.52 8.28
N GLU H 928 -158.87 73.83 8.15
CA GLU H 928 -158.46 74.59 6.99
C GLU H 928 -157.45 75.69 7.32
N ARG H 929 -157.44 76.19 8.55
CA ARG H 929 -156.34 77.01 9.03
C ARG H 929 -155.17 76.18 9.53
N ASN H 930 -155.37 74.87 9.70
CA ASN H 930 -154.29 73.99 10.15
C ASN H 930 -153.21 73.84 9.10
N TYR H 931 -153.51 74.10 7.82
CA TYR H 931 -152.48 74.13 6.78
C TYR H 931 -151.51 75.28 6.96
N ASN H 932 -151.91 76.34 7.67
CA ASN H 932 -150.98 77.39 8.05
C ASN H 932 -150.56 77.31 9.50
N LEU H 933 -151.47 76.85 10.39
CA LEU H 933 -151.16 76.63 11.79
C LEU H 933 -150.00 75.64 11.96
N GLN H 934 -150.17 74.42 11.44
CA GLN H 934 -149.14 73.41 11.55
C GLN H 934 -147.90 73.77 10.75
N MET H 935 -148.07 74.53 9.65
CA MET H 935 -146.92 74.99 8.87
C MET H 935 -146.01 75.89 9.70
N SER H 936 -146.59 76.91 10.34
CA SER H 936 -145.78 77.81 11.17
C SER H 936 -145.28 77.12 12.44
N LEU H 937 -146.08 76.21 13.02
CA LEU H 937 -145.66 75.53 14.24
C LEU H 937 -144.50 74.59 13.99
N GLU H 938 -144.58 73.77 12.94
CA GLU H 938 -143.46 72.90 12.63
C GLU H 938 -142.29 73.67 12.04
N THR H 939 -142.54 74.85 11.44
CA THR H 939 -141.45 75.71 11.01
C THR H 939 -140.68 76.25 12.21
N LEU H 940 -141.38 76.63 13.29
CA LEU H 940 -140.70 77.06 14.50
C LEU H 940 -140.17 75.91 15.34
N LYS H 941 -140.66 74.70 15.14
CA LYS H 941 -139.96 73.54 15.72
C LYS H 941 -138.63 73.32 15.02
N THR H 942 -138.65 73.27 13.67
CA THR H 942 -137.43 73.15 12.89
C THR H 942 -136.50 74.35 13.08
N LEU H 943 -137.02 75.50 13.49
CA LEU H 943 -136.19 76.61 13.88
C LEU H 943 -135.38 76.30 15.15
N LEU H 944 -135.86 75.38 15.98
CA LEU H 944 -135.22 75.11 17.27
C LEU H 944 -134.17 74.01 17.21
N ALA H 945 -134.16 73.19 16.15
CA ALA H 945 -133.24 72.07 16.07
C ALA H 945 -132.32 72.10 14.86
N LEU H 946 -132.45 73.07 13.96
CA LEU H 946 -131.58 73.19 12.80
C LEU H 946 -130.43 74.16 13.04
N GLY H 947 -129.96 74.29 14.27
CA GLY H 947 -128.74 75.03 14.54
C GLY H 947 -128.84 76.53 14.43
N CYS H 948 -130.03 77.09 14.27
CA CYS H 948 -130.20 78.54 14.21
C CYS H 948 -130.91 78.98 15.48
N HIS H 949 -130.15 79.59 16.39
CA HIS H 949 -130.63 79.92 17.73
C HIS H 949 -131.58 81.10 17.66
N VAL H 950 -132.87 80.80 17.55
CA VAL H 950 -133.90 81.85 17.48
C VAL H 950 -134.35 82.09 18.91
N GLY H 951 -133.58 82.92 19.61
CA GLY H 951 -133.98 83.31 20.95
C GLY H 951 -135.03 84.38 20.95
N ILE H 952 -135.67 84.57 22.10
CA ILE H 952 -136.72 85.59 22.23
C ILE H 952 -136.04 86.95 22.29
N SER H 953 -136.03 87.67 21.18
CA SER H 953 -135.35 88.95 21.07
C SER H 953 -136.30 90.14 21.03
N ASP H 954 -137.48 89.99 20.44
CA ASP H 954 -138.42 91.09 20.35
C ASP H 954 -139.84 90.55 20.49
N GLU H 955 -140.78 91.46 20.66
CA GLU H 955 -142.18 91.09 20.80
C GLU H 955 -142.77 90.69 19.46
N HIS H 956 -143.82 89.89 19.49
CA HIS H 956 -144.44 89.41 18.25
C HIS H 956 -145.21 90.52 17.55
N ALA H 957 -145.14 90.53 16.23
CA ALA H 957 -145.89 91.49 15.41
C ALA H 957 -147.32 91.00 15.17
N TYR H 970 -151.65 99.76 -2.26
CA TYR H 970 -152.26 98.52 -1.81
C TYR H 970 -153.22 98.04 -2.90
N GLN H 971 -153.53 96.75 -2.91
CA GLN H 971 -154.33 96.17 -3.97
C GLN H 971 -155.82 96.18 -3.64
N LEU H 972 -156.58 95.43 -4.44
CA LEU H 972 -158.02 95.42 -4.37
C LEU H 972 -158.51 94.12 -3.74
N THR H 973 -159.02 94.20 -2.52
CA THR H 973 -159.48 93.04 -1.76
C THR H 973 -161.00 92.90 -1.91
N SER H 974 -161.50 91.74 -1.51
CA SER H 974 -162.90 91.39 -1.69
C SER H 974 -163.45 90.69 -0.44
N GLY H 975 -163.18 91.25 0.72
CA GLY H 975 -163.73 90.69 1.95
C GLY H 975 -162.79 90.77 3.13
N TYR H 976 -161.49 90.79 2.87
CA TYR H 976 -160.49 90.89 3.93
C TYR H 976 -159.23 91.53 3.37
N LYS H 977 -158.73 92.55 4.06
CA LYS H 977 -157.58 93.35 3.62
C LYS H 977 -156.46 93.23 4.64
N PRO H 978 -155.55 92.27 4.46
CA PRO H 978 -154.45 92.11 5.43
C PRO H 978 -153.33 93.12 5.21
N ALA H 979 -153.13 94.00 6.20
CA ALA H 979 -151.91 94.81 6.31
C ALA H 979 -151.70 95.21 7.77
N PRO H 980 -151.30 94.23 8.63
CA PRO H 980 -151.16 94.55 10.06
C PRO H 980 -149.96 95.44 10.41
N MET H 981 -148.76 95.05 10.00
CA MET H 981 -147.53 95.73 10.41
C MET H 981 -146.53 95.65 9.24
N ASP H 982 -145.35 96.23 9.45
CA ASP H 982 -144.25 96.06 8.53
C ASP H 982 -143.37 94.91 8.98
N LEU H 983 -143.33 93.85 8.17
CA LEU H 983 -142.70 92.59 8.55
C LEU H 983 -141.43 92.30 7.75
N SER H 984 -141.30 92.85 6.55
CA SER H 984 -140.13 92.63 5.70
C SER H 984 -139.04 93.67 5.94
N PHE H 985 -138.95 94.22 7.15
CA PHE H 985 -137.93 95.21 7.45
C PHE H 985 -136.54 94.56 7.51
N ILE H 986 -136.37 93.56 8.37
CA ILE H 986 -135.08 92.92 8.56
C ILE H 986 -134.78 91.99 7.39
N LYS H 987 -133.60 92.15 6.80
CA LYS H 987 -133.19 91.32 5.67
C LYS H 987 -133.01 89.87 6.11
N LEU H 988 -133.45 88.96 5.24
CA LEU H 988 -133.42 87.53 5.54
C LEU H 988 -132.01 87.00 5.30
N THR H 989 -131.53 86.16 6.21
CA THR H 989 -130.18 85.65 6.13
C THR H 989 -130.06 84.61 5.01
N PRO H 990 -128.83 84.25 4.63
CA PRO H 990 -128.66 83.13 3.70
C PRO H 990 -128.98 81.79 4.34
N SER H 991 -128.74 81.65 5.64
CA SER H 991 -129.20 80.47 6.36
C SER H 991 -130.72 80.46 6.48
N GLN H 992 -131.36 81.63 6.44
CA GLN H 992 -132.82 81.70 6.38
C GLN H 992 -133.33 81.17 5.04
N GLU H 993 -132.63 81.51 3.95
CA GLU H 993 -132.98 80.93 2.65
C GLU H 993 -132.72 79.43 2.63
N ALA H 994 -131.64 79.00 3.31
CA ALA H 994 -131.35 77.57 3.43
C ALA H 994 -132.44 76.84 4.19
N MET H 995 -132.94 77.44 5.27
CA MET H 995 -134.02 76.80 6.00
C MET H 995 -135.36 76.96 5.31
N VAL H 996 -135.52 77.95 4.43
CA VAL H 996 -136.70 77.99 3.56
C VAL H 996 -136.67 76.83 2.57
N ASP H 997 -135.48 76.53 2.06
CA ASP H 997 -135.30 75.34 1.24
C ASP H 997 -135.54 74.07 2.05
N LYS H 998 -135.17 74.09 3.34
CA LYS H 998 -135.47 72.97 4.23
C LYS H 998 -136.96 72.80 4.42
N LEU H 999 -137.70 73.91 4.53
CA LEU H 999 -139.15 73.87 4.69
C LEU H 999 -139.81 73.27 3.46
N ALA H 1000 -139.44 73.77 2.28
CA ALA H 1000 -140.00 73.22 1.03
C ALA H 1000 -139.57 71.77 0.83
N GLU H 1001 -138.33 71.46 1.23
CA GLU H 1001 -137.79 70.11 1.18
C GLU H 1001 -138.63 69.14 2.00
N ASN H 1002 -138.74 69.44 3.30
CA ASN H 1002 -139.39 68.53 4.24
C ASN H 1002 -140.89 68.45 3.95
N ALA H 1003 -141.50 69.57 3.52
CA ALA H 1003 -142.92 69.55 3.18
C ALA H 1003 -143.19 68.71 1.95
N HIS H 1004 -142.40 68.90 0.89
CA HIS H 1004 -142.58 68.13 -0.34
C HIS H 1004 -142.23 66.67 -0.13
N ASN H 1005 -141.28 66.38 0.77
CA ASN H 1005 -140.88 65.01 1.00
C ASN H 1005 -141.87 64.25 1.87
N VAL H 1006 -142.44 64.89 2.89
CA VAL H 1006 -143.49 64.22 3.65
C VAL H 1006 -144.76 64.11 2.80
N TRP H 1007 -144.97 65.08 1.90
CA TRP H 1007 -146.04 64.99 0.92
C TRP H 1007 -145.93 63.73 0.06
N ALA H 1008 -144.81 63.59 -0.67
CA ALA H 1008 -144.60 62.40 -1.48
C ALA H 1008 -144.41 61.14 -0.65
N ARG H 1009 -144.04 61.28 0.62
CA ARG H 1009 -144.01 60.18 1.56
C ARG H 1009 -145.42 59.67 1.86
N ASP H 1010 -146.42 60.54 1.76
CA ASP H 1010 -147.81 60.12 1.79
C ASP H 1010 -148.48 60.15 0.43
N ARG H 1011 -147.76 60.56 -0.62
CA ARG H 1011 -148.29 60.56 -1.98
C ARG H 1011 -147.35 59.73 -2.85
N ILE H 1012 -147.11 58.50 -2.38
CA ILE H 1012 -146.03 57.65 -2.89
C ILE H 1012 -146.25 57.31 -4.37
N ARG H 1013 -147.51 57.18 -4.79
CA ARG H 1013 -147.80 56.88 -6.19
C ARG H 1013 -147.50 58.03 -7.12
N GLN H 1014 -147.45 59.26 -6.61
CA GLN H 1014 -147.33 60.42 -7.48
C GLN H 1014 -145.90 60.59 -7.96
N ARG H 1027 -151.52 58.39 -9.28
CA ARG H 1027 -151.05 57.08 -9.68
C ARG H 1027 -150.05 57.20 -10.81
N ARG H 1028 -148.84 56.66 -10.56
CA ARG H 1028 -147.63 56.67 -11.39
C ARG H 1028 -147.42 57.98 -12.13
N ASN H 1029 -147.62 59.09 -11.42
CA ASN H 1029 -147.60 60.42 -12.00
C ASN H 1029 -146.18 60.84 -12.36
N PRO H 1030 -146.00 61.94 -13.09
CA PRO H 1030 -144.68 62.56 -13.20
C PRO H 1030 -144.23 63.32 -11.96
N ARG H 1031 -144.93 63.20 -10.84
CA ARG H 1031 -144.55 63.78 -9.58
C ARG H 1031 -143.63 62.87 -8.76
N LEU H 1032 -143.02 61.86 -9.39
CA LEU H 1032 -142.09 60.95 -8.72
C LEU H 1032 -140.75 61.62 -8.50
N VAL H 1033 -140.73 62.71 -7.74
CA VAL H 1033 -139.57 63.59 -7.73
C VAL H 1033 -139.02 63.76 -6.32
N PRO H 1034 -137.74 63.48 -6.10
CA PRO H 1034 -137.07 63.98 -4.90
C PRO H 1034 -136.91 65.49 -4.98
N TYR H 1035 -136.73 66.10 -3.82
CA TYR H 1035 -136.61 67.56 -3.76
C TYR H 1035 -135.26 68.02 -4.27
N ALA H 1036 -134.18 67.35 -3.84
CA ALA H 1036 -132.83 67.78 -4.18
C ALA H 1036 -132.50 67.55 -5.65
N LEU H 1037 -133.21 66.65 -6.32
CA LEU H 1037 -132.91 66.35 -7.71
C LEU H 1037 -133.37 67.44 -8.67
N LEU H 1038 -134.27 68.31 -8.25
CA LEU H 1038 -134.87 69.29 -9.15
C LEU H 1038 -134.43 70.71 -8.83
N ASP H 1039 -134.54 71.57 -9.84
CA ASP H 1039 -134.19 72.98 -9.78
C ASP H 1039 -135.33 73.81 -9.21
N ASP H 1040 -135.30 75.12 -9.43
CA ASP H 1040 -136.25 76.06 -8.85
C ASP H 1040 -137.57 76.15 -9.63
N ARG H 1041 -137.94 75.10 -10.38
CA ARG H 1041 -139.29 75.06 -10.92
C ARG H 1041 -140.31 74.69 -9.86
N THR H 1042 -140.09 73.57 -9.16
CA THR H 1042 -140.95 73.14 -8.08
C THR H 1042 -140.50 73.67 -6.73
N LYS H 1043 -139.86 74.84 -6.70
CA LYS H 1043 -139.39 75.47 -5.47
C LYS H 1043 -139.80 76.94 -5.40
N LYS H 1044 -140.80 77.36 -6.17
CA LYS H 1044 -141.11 78.79 -6.29
C LYS H 1044 -141.99 79.29 -5.15
N SER H 1045 -143.23 78.78 -5.09
CA SER H 1045 -144.22 79.36 -4.19
C SER H 1045 -143.95 79.00 -2.74
N ASN H 1046 -143.43 77.79 -2.50
CA ASN H 1046 -143.09 77.38 -1.14
C ASN H 1046 -141.96 78.21 -0.57
N LYS H 1047 -140.93 78.49 -1.38
CA LYS H 1047 -139.83 79.32 -0.89
C LYS H 1047 -140.24 80.78 -0.76
N ASP H 1048 -141.12 81.28 -1.63
CA ASP H 1048 -141.59 82.66 -1.48
C ASP H 1048 -142.45 82.83 -0.23
N SER H 1049 -143.34 81.87 0.04
CA SER H 1049 -144.14 81.93 1.26
C SER H 1049 -143.31 81.65 2.51
N LEU H 1050 -142.24 80.85 2.39
CA LEU H 1050 -141.35 80.66 3.53
C LEU H 1050 -140.49 81.88 3.79
N ARG H 1051 -140.14 82.63 2.74
CA ARG H 1051 -139.48 83.92 2.96
C ARG H 1051 -140.42 84.93 3.59
N GLU H 1052 -141.70 84.90 3.23
CA GLU H 1052 -142.65 85.73 3.98
C GLU H 1052 -142.87 85.22 5.41
N ALA H 1053 -142.71 83.93 5.65
CA ALA H 1053 -142.77 83.42 7.02
C ALA H 1053 -141.56 83.88 7.82
N VAL H 1054 -140.40 83.96 7.16
CA VAL H 1054 -139.22 84.54 7.80
C VAL H 1054 -139.42 86.04 8.01
N ARG H 1055 -140.22 86.69 7.16
CA ARG H 1055 -140.61 88.07 7.40
C ARG H 1055 -141.54 88.18 8.61
N THR H 1056 -142.41 87.19 8.82
CA THR H 1056 -143.25 87.18 10.02
C THR H 1056 -142.39 87.02 11.26
N LEU H 1057 -141.34 86.21 11.17
CA LEU H 1057 -140.41 86.04 12.29
C LEU H 1057 -139.61 87.31 12.55
N LEU H 1058 -139.17 87.99 11.48
CA LEU H 1058 -138.37 89.20 11.65
C LEU H 1058 -139.21 90.38 12.13
N GLY H 1059 -140.50 90.41 11.76
CA GLY H 1059 -141.41 91.37 12.35
C GLY H 1059 -141.72 91.04 13.79
N TYR H 1060 -141.75 89.74 14.12
CA TYR H 1060 -141.81 89.31 15.51
C TYR H 1060 -140.46 89.37 16.19
N GLY H 1061 -139.39 89.63 15.45
CA GLY H 1061 -138.07 89.78 16.03
C GLY H 1061 -137.35 88.46 16.16
N TYR H 1062 -137.30 87.70 15.08
CA TYR H 1062 -136.66 86.39 15.08
C TYR H 1062 -135.95 86.19 13.76
N ASN H 1063 -134.65 85.88 13.84
CA ASN H 1063 -133.82 85.64 12.67
C ASN H 1063 -133.05 84.34 12.87
N LEU H 1064 -132.63 83.75 11.77
CA LEU H 1064 -131.99 82.44 11.77
C LEU H 1064 -130.59 82.60 11.19
N GLU H 1065 -129.60 82.72 12.06
CA GLU H 1065 -128.21 82.90 11.66
C GLU H 1065 -127.32 81.96 12.46
N ALA H 1066 -126.09 81.81 11.98
CA ALA H 1066 -125.10 80.98 12.65
C ALA H 1066 -123.69 81.43 12.31
N ARG H 1084 -111.06 52.12 -4.24
CA ARG H 1084 -110.40 53.27 -3.64
C ARG H 1084 -109.41 53.92 -4.61
N PHE H 1085 -108.27 53.26 -4.83
CA PHE H 1085 -107.20 53.77 -5.69
C PHE H 1085 -106.89 52.79 -6.80
N ARG H 1086 -106.44 53.32 -7.94
CA ARG H 1086 -105.91 52.52 -9.04
C ARG H 1086 -104.49 53.01 -9.31
N ILE H 1087 -103.51 52.21 -8.90
CA ILE H 1087 -102.11 52.54 -9.14
C ILE H 1087 -101.68 51.89 -10.44
N PHE H 1088 -101.22 52.71 -11.38
CA PHE H 1088 -100.86 52.26 -12.71
C PHE H 1088 -99.34 52.21 -12.84
N ARG H 1089 -98.80 51.01 -12.89
CA ARG H 1089 -97.37 50.82 -13.10
C ARG H 1089 -97.10 50.22 -14.46
N ALA H 1090 -95.94 50.57 -15.01
CA ALA H 1090 -95.57 50.17 -16.35
C ALA H 1090 -95.06 48.73 -16.37
N GLU H 1091 -94.43 48.36 -17.48
CA GLU H 1091 -94.17 46.97 -17.81
C GLU H 1091 -92.76 46.57 -17.40
N LYS H 1092 -92.67 45.51 -16.59
CA LYS H 1092 -91.41 45.14 -15.95
C LYS H 1092 -90.42 44.54 -16.92
N THR H 1093 -90.86 44.11 -18.09
CA THR H 1093 -89.92 43.77 -19.14
C THR H 1093 -89.18 44.99 -19.62
N TYR H 1094 -89.84 46.15 -19.61
CA TYR H 1094 -89.22 47.40 -19.99
C TYR H 1094 -88.60 48.12 -18.81
N ALA H 1095 -88.17 47.39 -17.78
CA ALA H 1095 -87.63 48.00 -16.58
C ALA H 1095 -86.29 48.65 -16.90
N VAL H 1096 -86.33 49.94 -17.21
CA VAL H 1096 -85.13 50.62 -17.67
C VAL H 1096 -84.19 50.84 -16.51
N LYS H 1097 -82.89 50.78 -16.80
CA LYS H 1097 -81.89 50.87 -15.77
C LYS H 1097 -80.72 51.75 -16.18
N ALA H 1098 -80.63 52.16 -17.43
CA ALA H 1098 -79.51 52.96 -17.90
C ALA H 1098 -80.02 54.13 -18.74
N GLY H 1099 -79.31 55.24 -18.69
CA GLY H 1099 -79.51 56.33 -19.62
C GLY H 1099 -80.18 57.50 -18.96
N ARG H 1100 -80.41 58.54 -19.75
CA ARG H 1100 -81.06 59.77 -19.30
C ARG H 1100 -82.41 59.85 -19.98
N TRP H 1101 -83.47 59.91 -19.19
CA TRP H 1101 -84.79 59.59 -19.67
C TRP H 1101 -85.78 60.69 -19.33
N TYR H 1102 -86.91 60.68 -20.04
CA TYR H 1102 -88.06 61.49 -19.67
C TYR H 1102 -89.30 60.91 -20.30
N PHE H 1103 -90.40 60.97 -19.56
CA PHE H 1103 -91.74 60.91 -20.09
C PHE H 1103 -92.52 62.06 -19.48
N GLU H 1104 -93.51 62.56 -20.19
CA GLU H 1104 -94.34 63.60 -19.62
C GLU H 1104 -95.57 62.97 -19.00
N PHE H 1105 -96.15 63.66 -18.02
CA PHE H 1105 -97.42 63.22 -17.44
C PHE H 1105 -98.44 64.34 -17.55
N GLU H 1106 -99.48 64.11 -18.33
CA GLU H 1106 -100.61 65.03 -18.41
C GLU H 1106 -101.65 64.63 -17.37
N ALA H 1107 -101.71 65.39 -16.28
CA ALA H 1107 -102.84 65.25 -15.37
C ALA H 1107 -104.01 66.07 -15.93
N VAL H 1108 -105.22 65.67 -15.57
CA VAL H 1108 -106.43 66.28 -16.09
C VAL H 1108 -107.24 66.97 -15.00
N THR H 1109 -107.59 66.24 -13.94
CA THR H 1109 -108.41 66.75 -12.86
C THR H 1109 -107.61 66.77 -11.56
N ALA H 1110 -107.88 67.77 -10.73
CA ALA H 1110 -107.13 67.97 -9.50
C ALA H 1110 -107.46 66.89 -8.47
N GLY H 1111 -106.48 66.61 -7.61
CA GLY H 1111 -106.65 65.63 -6.58
C GLY H 1111 -105.41 64.78 -6.45
N ASP H 1112 -105.61 63.55 -5.99
CA ASP H 1112 -104.52 62.65 -5.58
C ASP H 1112 -103.81 62.14 -6.82
N MET H 1113 -102.68 62.75 -7.14
CA MET H 1113 -101.93 62.43 -8.36
C MET H 1113 -100.48 62.18 -7.95
N ARG H 1114 -100.18 60.95 -7.54
CA ARG H 1114 -98.83 60.59 -7.09
C ARG H 1114 -98.10 59.98 -8.29
N VAL H 1115 -97.21 60.76 -8.89
CA VAL H 1115 -96.58 60.41 -10.16
C VAL H 1115 -95.08 60.34 -9.96
N GLY H 1116 -94.47 59.27 -10.47
CA GLY H 1116 -93.03 59.15 -10.45
C GLY H 1116 -92.48 57.79 -10.80
N TRP H 1117 -91.58 57.27 -9.96
CA TRP H 1117 -90.76 56.14 -10.32
C TRP H 1117 -90.74 55.11 -9.20
N SER H 1118 -90.27 53.92 -9.54
CA SER H 1118 -90.37 52.79 -8.62
C SER H 1118 -89.42 51.68 -9.03
N ARG H 1119 -88.69 51.18 -8.05
CA ARG H 1119 -88.15 49.84 -8.14
C ARG H 1119 -89.31 48.84 -8.23
N PRO H 1120 -89.12 47.73 -8.96
CA PRO H 1120 -90.28 46.88 -9.33
C PRO H 1120 -90.96 46.17 -8.18
N GLY H 1121 -90.40 46.19 -6.97
CA GLY H 1121 -91.03 45.50 -5.88
C GLY H 1121 -92.17 46.24 -5.20
N CYS H 1122 -92.74 47.25 -5.86
CA CYS H 1122 -93.82 48.03 -5.27
C CYS H 1122 -95.09 47.20 -5.17
N GLN H 1123 -95.46 46.91 -3.94
CA GLN H 1123 -96.73 46.30 -3.67
C GLN H 1123 -97.84 47.32 -3.96
N PRO H 1124 -98.90 46.92 -4.65
CA PRO H 1124 -100.03 47.85 -4.82
C PRO H 1124 -100.86 47.99 -3.56
N ASP H 1125 -100.60 47.19 -2.53
CA ASP H 1125 -101.43 47.12 -1.33
C ASP H 1125 -101.45 48.45 -0.58
N GLN H 1126 -100.29 48.92 -0.16
CA GLN H 1126 -100.21 50.20 0.52
C GLN H 1126 -100.36 51.33 -0.50
N GLU H 1127 -100.51 52.54 0.01
CA GLU H 1127 -100.55 53.68 -0.88
C GLU H 1127 -99.13 54.03 -1.31
N LEU H 1128 -99.04 54.83 -2.36
CA LEU H 1128 -97.77 55.07 -3.03
C LEU H 1128 -96.85 55.93 -2.17
N GLY H 1129 -95.55 55.67 -2.31
CA GLY H 1129 -94.53 56.63 -1.96
C GLY H 1129 -94.21 56.77 -0.50
N SER H 1130 -95.07 56.28 0.39
CA SER H 1130 -94.81 56.30 1.82
C SER H 1130 -93.98 55.09 2.21
N ASP H 1131 -92.85 54.90 1.54
CA ASP H 1131 -92.02 53.72 1.65
C ASP H 1131 -90.69 54.02 0.97
N GLU H 1132 -89.86 52.99 0.86
CA GLU H 1132 -88.57 53.07 0.19
C GLU H 1132 -88.61 52.54 -1.23
N ARG H 1133 -89.76 52.02 -1.67
CA ARG H 1133 -89.83 51.31 -2.94
C ARG H 1133 -90.23 52.20 -4.10
N ALA H 1134 -90.89 53.31 -3.83
CA ALA H 1134 -91.19 54.29 -4.85
C ALA H 1134 -90.44 55.57 -4.56
N PHE H 1135 -90.18 56.32 -5.63
CA PHE H 1135 -89.52 57.63 -5.51
C PHE H 1135 -90.27 58.57 -6.44
N ALA H 1136 -91.19 59.35 -5.87
CA ALA H 1136 -92.19 60.03 -6.67
C ALA H 1136 -92.54 61.36 -6.03
N PHE H 1137 -93.62 61.95 -6.52
CA PHE H 1137 -94.04 63.27 -6.13
C PHE H 1137 -95.53 63.43 -6.41
N ASP H 1138 -96.24 63.96 -5.42
CA ASP H 1138 -97.64 64.32 -5.55
C ASP H 1138 -97.68 65.81 -5.80
N GLY H 1139 -98.07 66.20 -7.03
CA GLY H 1139 -98.09 67.61 -7.39
C GLY H 1139 -99.09 68.39 -6.57
N PHE H 1140 -100.21 67.75 -6.23
CA PHE H 1140 -101.16 68.30 -5.28
C PHE H 1140 -100.49 68.46 -3.93
N LYS H 1141 -100.76 69.59 -3.28
CA LYS H 1141 -100.14 70.00 -2.01
C LYS H 1141 -98.62 70.14 -2.04
N ALA H 1142 -98.02 70.13 -3.23
CA ALA H 1142 -96.61 70.46 -3.48
C ALA H 1142 -95.65 69.62 -2.65
N GLN H 1143 -95.94 68.33 -2.55
CA GLN H 1143 -95.17 67.50 -1.61
C GLN H 1143 -94.84 66.14 -2.22
N ARG H 1144 -93.63 65.67 -1.94
CA ARG H 1144 -93.14 64.43 -2.51
C ARG H 1144 -93.08 63.33 -1.45
N TRP H 1145 -92.56 62.18 -1.86
CA TRP H 1145 -92.80 60.94 -1.13
C TRP H 1145 -91.57 60.05 -1.16
N HIS H 1146 -90.98 59.85 0.01
CA HIS H 1146 -90.01 58.77 0.26
C HIS H 1146 -90.06 58.47 1.74
N GLN H 1147 -90.63 57.31 2.09
CA GLN H 1147 -90.78 56.85 3.47
C GLN H 1147 -91.54 57.85 4.34
N GLY H 1148 -92.44 58.60 3.73
CA GLY H 1148 -93.06 59.74 4.34
C GLY H 1148 -93.12 60.89 3.35
N ASN H 1149 -93.04 62.11 3.86
CA ASN H 1149 -93.26 63.29 3.04
C ASN H 1149 -92.13 64.30 3.15
N GLU H 1150 -92.03 65.08 2.09
CA GLU H 1150 -91.29 66.33 2.06
C GLU H 1150 -91.97 67.21 1.03
N HIS H 1151 -92.09 68.50 1.31
CA HIS H 1151 -92.63 69.39 0.30
C HIS H 1151 -91.68 69.56 -0.86
N TYR H 1152 -92.25 69.99 -1.99
CA TYR H 1152 -91.51 70.13 -3.23
C TYR H 1152 -92.28 70.98 -4.22
N GLY H 1153 -91.70 72.10 -4.64
CA GLY H 1153 -92.22 72.81 -5.80
C GLY H 1153 -93.55 73.50 -5.54
N ARG H 1154 -94.53 73.20 -6.40
CA ARG H 1154 -95.78 73.94 -6.43
C ARG H 1154 -96.95 72.96 -6.49
N SER H 1155 -98.15 73.52 -6.40
CA SER H 1155 -99.37 72.83 -6.80
C SER H 1155 -99.57 73.11 -8.29
N TRP H 1156 -100.76 72.83 -8.81
CA TRP H 1156 -100.89 72.70 -10.26
C TRP H 1156 -102.32 72.93 -10.70
N GLN H 1157 -102.47 73.66 -11.79
CA GLN H 1157 -103.77 73.81 -12.44
C GLN H 1157 -104.19 72.49 -13.08
N ALA H 1158 -105.46 72.13 -12.90
CA ALA H 1158 -106.00 70.87 -13.41
C ALA H 1158 -105.99 70.87 -14.93
N GLY H 1159 -105.06 70.13 -15.51
CA GLY H 1159 -104.91 70.08 -16.95
C GLY H 1159 -103.47 70.23 -17.42
N ASP H 1160 -102.52 70.17 -16.49
CA ASP H 1160 -101.14 70.51 -16.80
C ASP H 1160 -100.31 69.28 -17.13
N VAL H 1161 -99.04 69.54 -17.44
CA VAL H 1161 -98.05 68.52 -17.82
C VAL H 1161 -96.88 68.65 -16.85
N VAL H 1162 -96.65 67.60 -16.06
CA VAL H 1162 -95.62 67.63 -15.03
C VAL H 1162 -94.38 66.88 -15.51
N GLY H 1163 -94.50 65.57 -15.71
CA GLY H 1163 -93.39 64.76 -16.17
C GLY H 1163 -92.24 64.57 -15.19
N CYS H 1164 -91.40 63.56 -15.45
CA CYS H 1164 -90.27 63.25 -14.58
C CYS H 1164 -89.07 62.84 -15.41
N MET H 1165 -88.02 63.66 -15.41
CA MET H 1165 -86.75 63.22 -15.94
C MET H 1165 -86.07 62.27 -14.97
N VAL H 1166 -85.20 61.41 -15.50
CA VAL H 1166 -84.42 60.47 -14.71
C VAL H 1166 -83.00 60.41 -15.26
N ASP H 1167 -82.02 60.59 -14.38
CA ASP H 1167 -80.65 60.25 -14.68
C ASP H 1167 -80.38 58.87 -14.12
N MET H 1168 -79.79 57.99 -14.93
CA MET H 1168 -79.30 56.73 -14.39
C MET H 1168 -77.79 56.78 -14.19
N THR H 1169 -77.09 57.56 -15.01
CA THR H 1169 -75.66 57.74 -14.86
C THR H 1169 -75.34 58.40 -13.54
N GLU H 1170 -76.11 59.43 -13.21
CA GLU H 1170 -76.05 60.05 -11.91
C GLU H 1170 -77.29 59.66 -11.12
N HIS H 1171 -77.16 59.58 -9.80
CA HIS H 1171 -78.30 59.28 -8.93
C HIS H 1171 -79.08 60.57 -8.66
N THR H 1172 -79.70 61.08 -9.72
CA THR H 1172 -80.54 62.27 -9.64
C THR H 1172 -81.79 62.05 -10.48
N MET H 1173 -82.81 62.85 -10.21
CA MET H 1173 -84.11 62.68 -10.85
C MET H 1173 -84.85 64.01 -10.79
N MET H 1174 -84.86 64.73 -11.91
CA MET H 1174 -85.40 66.07 -11.98
C MET H 1174 -86.84 66.07 -12.48
N PHE H 1175 -87.62 67.02 -11.97
CA PHE H 1175 -89.05 67.10 -12.26
C PHE H 1175 -89.35 68.44 -12.89
N THR H 1176 -90.38 68.48 -13.75
CA THR H 1176 -90.74 69.67 -14.49
C THR H 1176 -92.19 70.04 -14.25
N LEU H 1177 -92.60 71.18 -14.84
CA LEU H 1177 -94.00 71.55 -14.92
C LEU H 1177 -94.16 72.50 -16.10
N ASN H 1178 -94.62 71.96 -17.23
CA ASN H 1178 -94.92 72.72 -18.45
C ASN H 1178 -93.71 73.51 -18.97
N GLY H 1179 -92.51 73.00 -18.74
CA GLY H 1179 -91.29 73.71 -19.03
C GLY H 1179 -90.62 74.31 -17.81
N GLU H 1180 -91.40 74.64 -16.78
CA GLU H 1180 -90.84 75.15 -15.54
C GLU H 1180 -90.30 73.98 -14.74
N ILE H 1181 -88.98 73.91 -14.61
CA ILE H 1181 -88.36 72.85 -13.85
C ILE H 1181 -88.58 73.12 -12.37
N LEU H 1182 -89.16 72.15 -11.68
CA LEU H 1182 -89.62 72.39 -10.33
C LEU H 1182 -88.47 72.44 -9.34
N LEU H 1183 -88.59 73.30 -8.34
CA LEU H 1183 -87.58 73.46 -7.31
C LEU H 1183 -87.90 72.62 -6.09
N ASP H 1184 -86.88 72.45 -5.25
CA ASP H 1184 -87.05 71.83 -3.94
C ASP H 1184 -87.67 72.84 -2.96
N ASP H 1185 -87.70 72.45 -1.69
CA ASP H 1185 -87.92 73.45 -0.66
C ASP H 1185 -86.67 74.32 -0.49
N SER H 1186 -85.49 73.74 -0.67
CA SER H 1186 -84.24 74.47 -0.56
C SER H 1186 -83.80 75.07 -1.88
N GLY H 1187 -84.68 75.16 -2.87
CA GLY H 1187 -84.36 75.86 -4.10
C GLY H 1187 -83.41 75.14 -5.01
N SER H 1188 -83.32 73.82 -4.93
CA SER H 1188 -82.56 73.04 -5.89
C SER H 1188 -83.54 72.19 -6.69
N GLU H 1189 -83.04 71.56 -7.74
CA GLU H 1189 -83.89 70.78 -8.62
C GLU H 1189 -83.57 69.29 -8.59
N LEU H 1190 -82.73 68.86 -7.65
CA LEU H 1190 -82.37 67.47 -7.49
C LEU H 1190 -83.06 66.98 -6.23
N ALA H 1191 -84.31 66.53 -6.37
CA ALA H 1191 -85.10 66.14 -5.20
C ALA H 1191 -84.59 64.84 -4.60
N PHE H 1192 -84.63 63.77 -5.38
CA PHE H 1192 -84.13 62.48 -4.95
C PHE H 1192 -82.67 62.35 -5.34
N LYS H 1193 -81.85 61.84 -4.42
CA LYS H 1193 -80.41 61.88 -4.59
C LYS H 1193 -79.78 60.72 -3.82
N ASP H 1194 -78.72 60.16 -4.40
CA ASP H 1194 -77.99 58.96 -3.97
C ASP H 1194 -78.82 57.69 -4.00
N PHE H 1195 -79.99 57.72 -4.63
CA PHE H 1195 -80.78 56.52 -4.77
C PHE H 1195 -80.11 55.60 -5.77
N ASP H 1196 -79.93 54.34 -5.37
CA ASP H 1196 -79.08 53.43 -6.12
C ASP H 1196 -79.76 52.97 -7.39
N VAL H 1197 -78.97 52.90 -8.46
CA VAL H 1197 -79.39 52.21 -9.66
C VAL H 1197 -79.31 50.74 -9.33
N GLY H 1198 -80.44 50.17 -8.94
CA GLY H 1198 -80.47 48.78 -8.54
C GLY H 1198 -81.21 47.96 -9.57
N ASP H 1199 -82.46 47.66 -9.29
CA ASP H 1199 -83.26 46.78 -10.13
C ASP H 1199 -84.08 47.55 -11.14
N GLY H 1200 -83.60 48.70 -11.57
CA GLY H 1200 -84.33 49.51 -12.53
C GLY H 1200 -85.45 50.30 -11.91
N PHE H 1201 -86.02 51.19 -12.71
CA PHE H 1201 -87.05 52.09 -12.23
C PHE H 1201 -88.17 52.17 -13.24
N ILE H 1202 -89.40 52.25 -12.74
CA ILE H 1202 -90.62 52.05 -13.53
C ILE H 1202 -91.53 53.25 -13.36
N PRO H 1203 -92.09 53.82 -14.44
CA PRO H 1203 -92.99 54.97 -14.30
C PRO H 1203 -94.32 54.53 -13.71
N VAL H 1204 -94.70 55.13 -12.59
CA VAL H 1204 -95.85 54.71 -11.80
C VAL H 1204 -96.71 55.93 -11.49
N CYS H 1205 -98.04 55.76 -11.60
CA CYS H 1205 -98.99 56.80 -11.22
C CYS H 1205 -100.05 56.22 -10.30
N SER H 1206 -100.31 56.89 -9.18
CA SER H 1206 -101.40 56.55 -8.29
C SER H 1206 -102.50 57.61 -8.42
N LEU H 1207 -103.70 57.17 -8.74
CA LEU H 1207 -104.81 58.09 -8.79
C LEU H 1207 -105.47 58.21 -7.43
N GLY H 1208 -106.61 58.89 -7.41
CA GLY H 1208 -107.40 58.99 -6.21
C GLY H 1208 -108.79 58.41 -6.39
N VAL H 1209 -109.80 59.23 -6.13
CA VAL H 1209 -111.18 58.79 -6.14
C VAL H 1209 -111.87 59.16 -7.45
N ALA H 1210 -111.71 60.41 -7.89
CA ALA H 1210 -112.32 60.88 -9.13
C ALA H 1210 -111.28 61.66 -9.93
N GLN H 1211 -110.10 61.08 -10.07
CA GLN H 1211 -108.96 61.77 -10.63
C GLN H 1211 -108.56 61.15 -11.97
N VAL H 1212 -108.21 62.00 -12.92
CA VAL H 1212 -107.93 61.59 -14.30
C VAL H 1212 -106.53 62.11 -14.67
N GLY H 1213 -105.70 61.22 -15.24
CA GLY H 1213 -104.41 61.60 -15.77
C GLY H 1213 -104.11 60.99 -17.12
N ARG H 1214 -102.92 61.25 -17.66
CA ARG H 1214 -102.55 60.75 -18.98
C ARG H 1214 -101.04 60.72 -19.11
N MET H 1215 -100.51 59.62 -19.66
CA MET H 1215 -99.09 59.37 -19.82
C MET H 1215 -98.76 59.20 -21.30
N ASN H 1216 -97.51 59.45 -21.66
CA ASN H 1216 -97.04 59.15 -23.01
C ASN H 1216 -95.61 58.62 -22.97
N PHE H 1217 -95.38 57.53 -23.69
CA PHE H 1217 -94.14 56.75 -23.68
C PHE H 1217 -93.64 56.57 -25.10
N GLY H 1218 -92.83 57.50 -25.59
CA GLY H 1218 -92.19 57.31 -26.87
C GLY H 1218 -93.15 57.34 -28.05
N LYS H 1219 -92.59 57.06 -29.23
CA LYS H 1219 -93.24 56.91 -30.54
C LYS H 1219 -93.83 58.21 -31.07
N ASP H 1220 -93.77 59.26 -30.27
CA ASP H 1220 -94.64 60.42 -30.38
C ASP H 1220 -93.84 61.69 -30.10
N VAL H 1221 -92.58 61.69 -30.53
CA VAL H 1221 -91.57 62.58 -29.96
C VAL H 1221 -91.80 64.03 -30.36
N SER H 1222 -92.16 64.26 -31.62
CA SER H 1222 -92.53 65.61 -32.04
C SER H 1222 -93.86 66.03 -31.43
N THR H 1223 -94.70 65.08 -31.06
CA THR H 1223 -95.99 65.38 -30.44
C THR H 1223 -95.91 65.30 -28.92
N LEU H 1224 -94.76 65.63 -28.34
CA LEU H 1224 -94.63 65.81 -26.91
C LEU H 1224 -94.76 67.31 -26.60
N LYS H 1225 -95.35 67.62 -25.45
CA LYS H 1225 -95.73 68.99 -25.18
C LYS H 1225 -94.53 69.84 -24.74
N TYR H 1226 -93.73 69.33 -23.81
CA TYR H 1226 -92.63 70.11 -23.27
C TYR H 1226 -91.33 69.34 -23.16
N PHE H 1227 -91.27 68.08 -23.60
CA PHE H 1227 -89.99 67.45 -23.84
C PHE H 1227 -89.29 68.11 -25.03
N THR H 1228 -90.07 68.67 -25.95
CA THR H 1228 -89.51 69.45 -27.05
C THR H 1228 -88.72 70.65 -26.56
N ILE H 1229 -89.13 71.25 -25.46
CA ILE H 1229 -88.45 72.42 -24.92
C ILE H 1229 -87.44 71.96 -23.87
N CYS H 1230 -87.94 71.39 -22.78
CA CYS H 1230 -87.09 70.90 -21.72
C CYS H 1230 -86.95 69.39 -21.89
N GLY H 1231 -85.75 68.92 -22.25
CA GLY H 1231 -85.71 67.61 -22.87
C GLY H 1231 -84.71 67.39 -24.00
N LEU H 1232 -85.23 67.28 -25.24
CA LEU H 1232 -84.44 67.14 -26.47
C LEU H 1232 -83.14 67.94 -26.51
N GLN H 1233 -83.23 69.19 -26.06
CA GLN H 1233 -82.09 70.10 -26.01
C GLN H 1233 -81.09 69.71 -24.93
N GLU H 1234 -81.46 68.82 -24.01
CA GLU H 1234 -80.73 68.63 -22.77
C GLU H 1234 -80.07 67.26 -22.65
N GLY H 1235 -80.41 66.31 -23.51
CA GLY H 1235 -79.77 65.01 -23.49
C GLY H 1235 -80.62 63.94 -22.84
N TYR H 1236 -81.89 63.89 -23.18
CA TYR H 1236 -82.84 62.94 -22.63
C TYR H 1236 -83.62 62.29 -23.76
N GLU H 1237 -84.31 61.20 -23.45
CA GLU H 1237 -85.06 60.46 -24.46
C GLU H 1237 -86.33 59.90 -23.87
N PRO H 1238 -87.36 59.72 -24.68
CA PRO H 1238 -88.53 58.93 -24.27
C PRO H 1238 -88.21 57.45 -24.33
N PHE H 1239 -89.19 56.64 -23.90
CA PHE H 1239 -89.01 55.20 -23.90
C PHE H 1239 -88.95 54.62 -25.31
N ALA H 1240 -90.01 54.81 -26.08
CA ALA H 1240 -90.30 53.96 -27.22
C ALA H 1240 -89.76 54.54 -28.52
N VAL H 1241 -88.58 55.14 -28.44
CA VAL H 1241 -87.92 55.68 -29.63
C VAL H 1241 -87.59 54.56 -30.61
N ASN H 1242 -87.13 53.43 -30.10
CA ASN H 1242 -86.70 52.35 -30.98
C ASN H 1242 -87.81 51.35 -31.26
N THR H 1243 -88.77 51.21 -30.36
CA THR H 1243 -89.66 50.07 -30.45
C THR H 1243 -90.76 50.30 -31.47
N ASN H 1244 -91.43 49.20 -31.83
CA ASN H 1244 -92.62 49.21 -32.66
C ASN H 1244 -93.74 48.47 -31.95
N ARG H 1245 -93.82 48.66 -30.64
CA ARG H 1245 -94.86 48.04 -29.84
C ARG H 1245 -95.56 49.10 -29.03
N ASP H 1246 -96.78 48.81 -28.64
CA ASP H 1246 -97.50 49.61 -27.67
C ASP H 1246 -97.28 48.97 -26.32
N ILE H 1247 -96.60 49.69 -25.44
CA ILE H 1247 -96.16 49.16 -24.16
C ILE H 1247 -97.38 48.99 -23.27
N THR H 1248 -97.67 47.74 -22.90
CA THR H 1248 -98.77 47.49 -21.98
C THR H 1248 -98.36 47.87 -20.57
N MET H 1249 -99.33 47.94 -19.67
CA MET H 1249 -99.07 48.24 -18.28
C MET H 1249 -99.89 47.31 -17.39
N TRP H 1250 -99.55 47.34 -16.12
CA TRP H 1250 -100.30 46.60 -15.12
C TRP H 1250 -100.95 47.55 -14.13
N LEU H 1251 -102.19 47.25 -13.78
CA LEU H 1251 -102.89 47.93 -12.70
C LEU H 1251 -103.41 46.89 -11.74
N SER H 1252 -103.56 47.29 -10.48
CA SER H 1252 -104.16 46.41 -9.49
C SER H 1252 -105.66 46.38 -9.69
N LYS H 1253 -106.23 45.18 -9.73
CA LYS H 1253 -107.67 45.08 -9.90
C LYS H 1253 -108.39 45.42 -8.61
N ARG H 1254 -109.65 45.79 -8.76
CA ARG H 1254 -110.52 45.98 -7.61
C ARG H 1254 -110.79 44.64 -6.92
N LEU H 1255 -110.90 43.58 -7.70
CA LEU H 1255 -111.37 42.29 -7.21
C LEU H 1255 -110.35 41.65 -6.28
N PRO H 1256 -110.71 41.37 -5.03
CA PRO H 1256 -109.77 40.65 -4.16
C PRO H 1256 -109.72 39.20 -4.57
N GLN H 1257 -108.53 38.62 -4.49
CA GLN H 1257 -108.31 37.24 -4.84
C GLN H 1257 -107.59 36.57 -3.69
N PHE H 1258 -107.61 35.24 -3.68
CA PHE H 1258 -106.80 34.54 -2.72
C PHE H 1258 -105.39 34.37 -3.26
N LEU H 1259 -104.54 33.79 -2.42
CA LEU H 1259 -103.10 33.76 -2.59
C LEU H 1259 -102.59 32.91 -1.45
N GLN H 1260 -101.37 32.39 -1.59
CA GLN H 1260 -100.75 31.63 -0.50
C GLN H 1260 -100.47 32.48 0.71
N VAL H 1261 -99.96 31.86 1.76
CA VAL H 1261 -99.51 32.66 2.89
C VAL H 1261 -98.00 32.62 2.94
N PRO H 1262 -97.31 33.67 2.49
CA PRO H 1262 -95.88 33.77 2.75
C PRO H 1262 -95.64 34.06 4.21
N SER H 1263 -94.41 33.77 4.65
CA SER H 1263 -94.05 33.97 6.05
C SER H 1263 -93.95 35.45 6.40
N SER H 1264 -93.81 36.31 5.40
CA SER H 1264 -93.61 37.74 5.63
C SER H 1264 -94.95 38.48 5.71
N HIS H 1265 -95.82 37.99 6.58
CA HIS H 1265 -97.00 38.73 6.97
C HIS H 1265 -96.62 39.66 8.11
N GLU H 1266 -97.55 40.54 8.52
CA GLU H 1266 -97.47 41.26 9.78
C GLU H 1266 -97.30 40.27 10.92
N HIS H 1267 -98.35 39.47 11.18
CA HIS H 1267 -98.19 38.19 11.87
C HIS H 1267 -99.39 37.30 11.54
N ILE H 1268 -99.20 36.41 10.57
CA ILE H 1268 -100.05 35.24 10.39
C ILE H 1268 -99.12 34.07 10.12
N GLU H 1269 -99.15 33.07 11.00
CA GLU H 1269 -98.33 31.88 10.84
C GLU H 1269 -99.20 30.65 11.05
N VAL H 1270 -99.55 30.01 9.96
CA VAL H 1270 -100.14 28.68 10.04
C VAL H 1270 -99.02 27.68 10.27
N THR H 1271 -99.33 26.57 10.92
CA THR H 1271 -98.41 25.45 11.01
C THR H 1271 -99.02 24.26 10.28
N ARG H 1272 -98.23 23.21 10.16
CA ARG H 1272 -98.68 22.02 9.43
C ARG H 1272 -98.10 20.82 10.18
N ILE H 1273 -98.85 20.31 11.16
CA ILE H 1273 -98.32 19.33 12.11
C ILE H 1273 -99.29 18.17 12.23
N ASP H 1274 -98.75 16.95 12.18
CA ASP H 1274 -99.51 15.78 12.60
C ASP H 1274 -98.58 14.75 13.25
N VAL H 1285 -105.45 15.64 14.84
CA VAL H 1285 -105.27 14.99 13.56
C VAL H 1285 -105.09 16.03 12.46
N THR H 1286 -103.87 16.05 11.90
CA THR H 1286 -103.47 16.85 10.73
C THR H 1286 -103.74 18.34 10.96
N GLN H 1287 -102.99 18.88 11.91
CA GLN H 1287 -103.29 20.15 12.53
C GLN H 1287 -102.76 21.33 11.73
N LYS H 1288 -103.53 22.42 11.73
CA LYS H 1288 -103.07 23.72 11.26
C LYS H 1288 -103.52 24.78 12.27
N SER H 1289 -102.59 25.22 13.12
CA SER H 1289 -102.87 26.27 14.07
C SER H 1289 -102.65 27.63 13.41
N PHE H 1290 -102.66 28.70 14.20
CA PHE H 1290 -102.50 30.05 13.68
C PHE H 1290 -101.78 30.92 14.70
N GLY H 1291 -101.83 32.21 14.46
CA GLY H 1291 -101.32 33.21 15.38
C GLY H 1291 -101.62 34.58 14.83
N SER H 1292 -102.17 35.47 15.65
CA SER H 1292 -102.53 36.81 15.22
C SER H 1292 -102.12 37.85 16.26
N GLN H 1293 -100.88 37.76 16.73
CA GLN H 1293 -100.32 38.77 17.62
C GLN H 1293 -99.94 40.01 16.84
N ASN H 1294 -100.91 40.91 16.63
CA ASN H 1294 -100.73 42.10 15.81
C ASN H 1294 -101.25 43.30 16.59
N SER H 1295 -101.32 44.43 15.90
CA SER H 1295 -101.93 45.65 16.41
C SER H 1295 -103.20 46.02 15.64
N SER H 1296 -103.25 45.73 14.35
CA SER H 1296 -104.46 45.85 13.54
C SER H 1296 -104.97 44.45 13.23
N THR H 1297 -106.03 44.03 13.92
CA THR H 1297 -106.42 42.63 14.08
C THR H 1297 -107.86 42.39 13.67
N ASP H 1298 -108.27 42.81 12.47
CA ASP H 1298 -109.72 42.80 12.23
C ASP H 1298 -110.30 41.46 11.79
N ILE H 1299 -110.11 41.06 10.53
CA ILE H 1299 -110.81 39.93 9.92
C ILE H 1299 -109.95 39.36 8.79
N MET H 1300 -109.69 38.05 8.81
CA MET H 1300 -109.06 37.36 7.69
C MET H 1300 -109.95 36.20 7.27
N PHE H 1301 -109.83 35.80 6.01
CA PHE H 1301 -110.48 34.58 5.54
C PHE H 1301 -109.43 33.51 5.32
N TYR H 1302 -109.85 32.25 5.30
CA TYR H 1302 -108.91 31.15 5.08
C TYR H 1302 -109.52 30.13 4.13
N ARG H 1303 -109.02 30.06 2.91
CA ARG H 1303 -109.34 29.00 1.98
C ARG H 1303 -108.32 27.90 2.14
N LEU H 1304 -108.77 26.73 2.57
CA LEU H 1304 -107.96 25.56 2.32
C LEU H 1304 -107.98 25.32 0.81
N SER H 1305 -106.86 24.81 0.29
CA SER H 1305 -106.49 25.04 -1.11
C SER H 1305 -107.40 24.41 -2.16
N MET H 1306 -107.47 23.10 -2.19
CA MET H 1306 -108.06 22.62 -3.44
C MET H 1306 -109.53 22.28 -3.27
N PRO H 1307 -110.34 22.40 -4.34
CA PRO H 1307 -111.77 22.14 -4.19
C PRO H 1307 -112.15 20.68 -4.36
N ILE H 1308 -113.44 20.41 -4.23
CA ILE H 1308 -114.01 19.07 -4.34
C ILE H 1308 -115.17 19.13 -5.32
N GLU H 1309 -115.24 18.13 -6.21
CA GLU H 1309 -116.27 18.06 -7.24
C GLU H 1309 -117.58 17.53 -6.66
N CYS H 1310 -118.50 17.17 -7.55
CA CYS H 1310 -119.75 16.55 -7.16
C CYS H 1310 -119.94 15.21 -7.86
N THR H 1425 -118.21 12.45 1.14
CA THR H 1425 -118.60 11.28 1.90
C THR H 1425 -118.06 11.44 3.32
N TYR H 1426 -116.92 12.10 3.44
CA TYR H 1426 -116.30 12.35 4.73
C TYR H 1426 -116.55 13.77 5.20
N TYR H 1427 -116.24 13.99 6.48
CA TYR H 1427 -116.42 15.27 7.14
C TYR H 1427 -115.09 16.01 7.28
N TYR H 1428 -115.12 17.13 8.00
CA TYR H 1428 -113.96 18.00 8.13
C TYR H 1428 -114.04 18.77 9.44
N SER H 1429 -113.16 18.47 10.38
CA SER H 1429 -113.28 18.94 11.74
C SER H 1429 -112.38 20.13 12.02
N VAL H 1430 -112.90 21.08 12.79
CA VAL H 1430 -112.22 22.31 13.16
C VAL H 1430 -112.35 22.48 14.66
N ARG H 1431 -111.27 22.90 15.31
CA ARG H 1431 -111.31 23.25 16.73
C ARG H 1431 -110.99 24.73 16.92
N ILE H 1432 -111.85 25.43 17.64
CA ILE H 1432 -111.71 26.85 17.92
C ILE H 1432 -111.36 27.00 19.39
N PHE H 1433 -110.27 27.67 19.68
CA PHE H 1433 -109.80 27.78 21.05
C PHE H 1433 -110.54 28.85 21.86
N PRO H 1434 -110.81 30.08 21.31
CA PRO H 1434 -111.65 30.92 22.17
C PRO H 1434 -113.15 30.80 21.87
N ASN H 1440 -119.87 34.50 16.44
CA ASN H 1440 -118.81 35.49 16.51
C ASN H 1440 -117.86 35.40 15.32
N VAL H 1441 -117.72 34.20 14.76
CA VAL H 1441 -116.82 33.93 13.64
C VAL H 1441 -117.57 33.09 12.62
N TRP H 1442 -117.71 33.59 11.39
CA TRP H 1442 -118.40 32.84 10.38
C TRP H 1442 -117.58 31.63 9.90
N VAL H 1443 -118.30 30.60 9.46
CA VAL H 1443 -117.71 29.44 8.78
C VAL H 1443 -118.55 29.14 7.55
N GLY H 1444 -117.91 29.03 6.39
CA GLY H 1444 -118.61 28.65 5.19
C GLY H 1444 -117.90 27.56 4.41
N TRP H 1445 -118.37 27.27 3.21
CA TRP H 1445 -117.75 26.30 2.31
C TRP H 1445 -117.86 26.91 0.92
N ILE H 1446 -116.76 27.49 0.45
CA ILE H 1446 -116.80 28.48 -0.61
C ILE H 1446 -117.02 27.82 -1.96
N THR H 1447 -118.02 28.29 -2.68
CA THR H 1447 -118.07 28.06 -4.12
C THR H 1447 -117.05 28.97 -4.78
N SER H 1448 -116.19 28.38 -5.60
CA SER H 1448 -114.90 28.93 -5.98
C SER H 1448 -114.96 30.27 -6.72
N ASP H 1449 -116.14 30.73 -7.12
CA ASP H 1449 -116.28 32.05 -7.74
C ASP H 1449 -116.63 33.11 -6.69
N PHE H 1450 -115.74 33.25 -5.72
CA PHE H 1450 -115.97 34.11 -4.57
C PHE H 1450 -115.13 35.37 -4.71
N HIS H 1451 -115.78 36.51 -4.84
CA HIS H 1451 -115.11 37.80 -4.84
C HIS H 1451 -115.95 38.81 -4.06
N GLN H 1452 -116.48 38.35 -2.93
CA GLN H 1452 -117.38 39.14 -2.11
C GLN H 1452 -116.64 39.49 -0.83
N TYR H 1453 -116.03 40.67 -0.79
CA TYR H 1453 -115.23 41.07 0.36
C TYR H 1453 -115.87 42.31 1.01
N ASP H 1454 -116.65 42.06 2.06
CA ASP H 1454 -117.21 43.08 2.93
C ASP H 1454 -117.41 42.48 4.30
N THR H 1455 -117.53 43.34 5.32
CA THR H 1455 -117.81 42.88 6.67
C THR H 1455 -119.32 42.87 6.96
N ALA H 1456 -120.06 42.18 6.10
CA ALA H 1456 -121.50 42.08 6.22
C ALA H 1456 -121.93 40.61 6.17
N PHE H 1457 -123.22 40.35 6.00
CA PHE H 1457 -123.68 38.97 5.84
C PHE H 1457 -124.80 38.93 4.81
N ASP H 1458 -124.45 38.59 3.57
CA ASP H 1458 -125.37 38.42 2.45
C ASP H 1458 -124.77 37.38 1.51
N LEU H 1459 -125.26 37.35 0.27
CA LEU H 1459 -124.61 36.59 -0.78
C LEU H 1459 -123.92 37.54 -1.76
N VAL H 1465 -130.13 33.83 -3.47
CA VAL H 1465 -130.11 33.74 -4.92
C VAL H 1465 -130.72 32.43 -5.36
N THR H 1466 -131.94 32.49 -5.87
CA THR H 1466 -132.67 31.29 -6.26
C THR H 1466 -132.90 31.26 -7.75
N VAL H 1467 -132.88 30.08 -8.31
CA VAL H 1467 -133.35 29.83 -9.66
C VAL H 1467 -134.56 28.92 -9.52
N THR H 1468 -135.56 29.11 -10.38
CA THR H 1468 -136.71 28.23 -10.44
C THR H 1468 -136.79 27.58 -11.81
N LEU H 1469 -137.29 26.36 -11.86
CA LEU H 1469 -137.39 25.60 -13.11
C LEU H 1469 -138.60 26.07 -13.91
N GLY H 1470 -138.96 25.28 -14.91
CA GLY H 1470 -140.19 25.46 -15.63
C GLY H 1470 -140.72 24.14 -16.14
N ASP H 1471 -141.96 23.79 -15.82
CA ASP H 1471 -142.61 22.58 -16.29
C ASP H 1471 -143.49 22.86 -17.49
N GLU H 1472 -143.03 23.78 -18.36
CA GLU H 1472 -143.71 24.48 -19.46
C GLU H 1472 -144.78 25.46 -18.95
N LYS H 1473 -145.01 25.48 -17.64
CA LYS H 1473 -145.79 26.48 -16.96
C LYS H 1473 -145.08 26.94 -15.70
N GLY H 1474 -143.99 26.28 -15.34
CA GLY H 1474 -143.43 26.44 -14.01
C GLY H 1474 -144.26 25.64 -13.03
N LYS H 1475 -144.61 26.30 -11.93
CA LYS H 1475 -145.72 25.97 -11.04
C LYS H 1475 -145.52 24.72 -10.19
N VAL H 1476 -144.48 23.92 -10.44
CA VAL H 1476 -143.93 23.08 -9.38
C VAL H 1476 -142.46 23.43 -9.25
N HIS H 1477 -141.65 22.98 -10.21
CA HIS H 1477 -140.58 23.66 -10.91
C HIS H 1477 -139.90 24.85 -10.22
N GLU H 1478 -139.60 24.76 -8.93
CA GLU H 1478 -139.07 25.96 -8.28
C GLU H 1478 -137.76 25.76 -7.51
N SER H 1479 -137.72 24.75 -6.64
CA SER H 1479 -136.66 24.66 -5.64
C SER H 1479 -135.42 24.05 -6.27
N ILE H 1480 -134.42 24.88 -6.53
CA ILE H 1480 -133.21 24.34 -7.14
C ILE H 1480 -132.01 24.56 -6.24
N LYS H 1481 -131.62 25.81 -6.02
CA LYS H 1481 -130.34 26.07 -5.38
C LYS H 1481 -130.31 27.49 -4.83
N ARG H 1482 -129.46 27.67 -3.81
CA ARG H 1482 -129.23 28.98 -3.20
C ARG H 1482 -127.76 29.23 -2.86
N SER H 1483 -126.82 28.57 -3.52
CA SER H 1483 -125.41 28.73 -3.19
C SER H 1483 -124.87 30.03 -3.78
N ASN H 1484 -123.71 30.43 -3.27
CA ASN H 1484 -123.05 31.66 -3.71
C ASN H 1484 -121.56 31.64 -3.43
N TYR H 1486 -120.94 31.73 0.58
CA TYR H 1486 -121.46 30.53 -0.07
C TYR H 1486 -122.25 29.67 0.89
N MET H 1487 -121.62 29.27 1.99
CA MET H 1487 -122.27 28.48 3.02
C MET H 1487 -122.19 29.20 4.36
N VAL H 1488 -123.03 28.79 5.31
CA VAL H 1488 -123.33 29.59 6.49
C VAL H 1488 -123.12 28.78 7.76
N CYS H 1489 -122.19 29.23 8.61
CA CYS H 1489 -122.15 28.90 10.02
C CYS H 1489 -121.67 30.13 10.78
N ALA H 1490 -121.72 30.05 12.10
CA ALA H 1490 -121.20 31.12 12.96
C ALA H 1490 -120.76 30.56 14.31
N ASN H 1501 -117.79 27.18 25.31
CA ASN H 1501 -117.03 27.60 26.48
C ASN H 1501 -115.58 27.14 26.39
N ASN H 1502 -115.36 26.02 25.71
CA ASN H 1502 -114.01 25.53 25.46
C ASN H 1502 -113.69 25.45 23.96
N ASN H 1503 -114.53 24.75 23.20
CA ASN H 1503 -114.26 24.50 21.79
C ASN H 1503 -115.57 24.45 21.02
N GLY H 1504 -115.71 25.30 20.01
CA GLY H 1504 -116.81 25.20 19.08
C GLY H 1504 -116.41 24.34 17.90
N LEU H 1505 -116.81 23.07 17.92
CA LEU H 1505 -116.29 22.07 16.99
C LEU H 1505 -117.22 21.93 15.80
N GLU H 1506 -117.30 23.00 15.01
CA GLU H 1506 -118.14 22.99 13.82
C GLU H 1506 -117.52 22.14 12.73
N ILE H 1507 -118.21 21.09 12.33
CA ILE H 1507 -117.67 20.10 11.40
C ILE H 1507 -118.61 20.02 10.20
N GLY H 1508 -118.16 20.54 9.07
CA GLY H 1508 -118.95 20.60 7.85
C GLY H 1508 -118.96 19.32 7.04
N CYS H 1509 -119.77 18.35 7.43
CA CYS H 1509 -119.75 17.06 6.77
C CYS H 1509 -120.30 17.14 5.35
N VAL H 1510 -119.75 16.30 4.47
CA VAL H 1510 -119.90 16.41 3.03
C VAL H 1510 -120.50 15.12 2.49
N VAL H 1511 -121.50 15.24 1.62
CA VAL H 1511 -122.13 14.15 0.87
C VAL H 1511 -122.71 13.06 1.76
N GLY H 1516 -124.65 14.54 -4.29
CA GLY H 1516 -123.90 15.19 -3.24
C GLY H 1516 -124.76 16.04 -2.33
N LEU H 1517 -124.43 16.08 -1.04
CA LEU H 1517 -125.23 16.76 -0.04
C LEU H 1517 -124.31 17.44 0.97
N LEU H 1518 -124.91 18.16 1.92
CA LEU H 1518 -124.18 18.78 3.02
C LEU H 1518 -124.96 18.67 4.31
N THR H 1519 -124.27 18.26 5.37
CA THR H 1519 -124.80 18.28 6.73
C THR H 1519 -123.80 19.00 7.62
N PHE H 1520 -124.20 20.16 8.13
CA PHE H 1520 -123.38 20.92 9.07
C PHE H 1520 -123.58 20.35 10.46
N THR H 1521 -122.48 19.92 11.08
CA THR H 1521 -122.51 19.43 12.44
C THR H 1521 -121.63 20.32 13.30
N ALA H 1522 -121.93 20.36 14.60
CA ALA H 1522 -121.23 21.25 15.51
C ALA H 1522 -121.20 20.64 16.89
N ASN H 1523 -119.99 20.25 17.33
CA ASN H 1523 -119.72 19.65 18.64
C ASN H 1523 -120.56 18.39 18.85
N GLY H 1524 -120.75 17.61 17.79
CA GLY H 1524 -121.60 16.45 17.85
C GLY H 1524 -123.05 16.75 17.53
N LYS H 1525 -123.51 17.95 17.86
CA LYS H 1525 -124.87 18.35 17.55
C LYS H 1525 -124.98 18.71 16.07
N ASP H 1526 -126.21 18.98 15.64
CA ASP H 1526 -126.48 19.28 14.24
C ASP H 1526 -127.13 20.66 14.17
N LEU H 1527 -126.29 21.70 14.12
CA LEU H 1527 -126.80 23.02 13.79
C LEU H 1527 -127.23 23.04 12.34
N SER H 1528 -128.46 23.50 12.10
CA SER H 1528 -129.12 23.28 10.82
C SER H 1528 -128.65 24.26 9.75
N THR H 1529 -129.42 24.32 8.65
CA THR H 1529 -129.18 25.15 7.47
C THR H 1529 -127.85 24.78 6.81
N TYR H 1530 -127.81 23.55 6.32
CA TYR H 1530 -126.76 23.08 5.44
C TYR H 1530 -127.36 22.77 4.08
N TYR H 1531 -127.01 23.58 3.09
CA TYR H 1531 -127.64 23.48 1.78
C TYR H 1531 -127.20 22.24 1.03
N GLN H 1532 -128.01 21.20 1.10
CA GLN H 1532 -127.74 19.94 0.41
C GLN H 1532 -128.31 19.97 -1.01
N VAL H 1533 -127.92 21.01 -1.75
CA VAL H 1533 -128.40 21.20 -3.12
C VAL H 1533 -127.29 21.76 -3.99
N GLU H 1534 -126.70 20.90 -4.83
CA GLU H 1534 -125.75 21.28 -5.87
C GLU H 1534 -125.65 20.15 -6.88
N PRO H 1535 -125.93 20.40 -8.15
CA PRO H 1535 -125.82 19.32 -9.16
C PRO H 1535 -124.41 18.82 -9.44
N SER H 1536 -123.52 19.68 -9.94
CA SER H 1536 -122.21 19.24 -10.41
C SER H 1536 -121.13 20.28 -10.10
N THR H 1537 -121.14 20.82 -8.91
CA THR H 1537 -120.38 22.03 -8.63
C THR H 1537 -118.98 21.72 -8.10
N LYS H 1538 -118.30 22.76 -7.61
CA LYS H 1538 -117.01 22.66 -6.95
C LYS H 1538 -117.02 23.53 -5.70
N LEU H 1539 -116.42 23.02 -4.62
CA LEU H 1539 -116.57 23.62 -3.30
C LEU H 1539 -115.22 23.74 -2.62
N PHE H 1540 -114.84 24.96 -2.25
CA PHE H 1540 -113.65 25.13 -1.41
C PHE H 1540 -113.94 24.76 0.02
N PRO H 1541 -113.08 23.98 0.67
CA PRO H 1541 -113.11 23.91 2.13
C PRO H 1541 -112.65 25.24 2.72
N ALA H 1542 -113.53 25.84 3.50
CA ALA H 1542 -113.35 27.22 3.92
C ALA H 1542 -113.59 27.34 5.41
N VAL H 1543 -112.83 28.24 6.05
CA VAL H 1543 -113.09 28.74 7.40
C VAL H 1543 -112.76 30.22 7.38
N PHE H 1544 -113.64 31.05 7.90
CA PHE H 1544 -113.33 32.47 8.00
C PHE H 1544 -112.85 32.78 9.42
N ALA H 1545 -112.47 34.03 9.66
CA ALA H 1545 -112.01 34.37 11.00
C ALA H 1545 -112.16 35.86 11.30
N GLN H 1546 -112.39 36.11 12.57
CA GLN H 1546 -112.11 37.38 13.22
C GLN H 1546 -111.03 37.11 14.27
N ALA H 1547 -110.21 38.10 14.55
CA ALA H 1547 -109.19 37.92 15.59
C ALA H 1547 -109.83 38.17 16.95
N THR H 1548 -110.56 37.17 17.46
CA THR H 1548 -111.10 37.26 18.80
C THR H 1548 -110.03 37.05 19.85
N SER H 1549 -109.24 35.99 19.72
CA SER H 1549 -108.06 35.77 20.51
C SER H 1549 -106.94 35.36 19.57
N PRO H 1550 -105.69 35.61 19.95
CA PRO H 1550 -104.58 34.99 19.22
C PRO H 1550 -104.57 33.48 19.41
N ASN H 1551 -103.94 32.79 18.45
CA ASN H 1551 -103.77 31.34 18.42
C ASN H 1551 -105.13 30.62 18.40
N VAL H 1552 -105.85 30.82 17.30
CA VAL H 1552 -107.27 30.52 17.28
C VAL H 1552 -107.56 29.07 16.87
N PHE H 1553 -107.23 28.64 15.65
CA PHE H 1553 -107.82 27.43 15.11
C PHE H 1553 -106.90 26.23 15.28
N GLN H 1554 -107.49 25.07 15.01
CA GLN H 1554 -106.81 23.89 14.53
C GLN H 1554 -107.69 23.24 13.47
N PHE H 1555 -107.08 22.75 12.41
CA PHE H 1555 -107.84 22.17 11.32
C PHE H 1555 -107.54 20.68 11.20
N GLU H 1556 -108.25 20.05 10.27
CA GLU H 1556 -107.84 18.76 9.76
C GLU H 1556 -107.11 18.94 8.44
N ALA H 1568 -116.68 6.86 11.50
CA ALA H 1568 -116.27 8.26 11.42
C ALA H 1568 -114.88 8.38 10.84
N GLY H 1569 -114.69 7.86 9.62
CA GLY H 1569 -113.42 7.95 8.93
C GLY H 1569 -113.15 9.37 8.46
N LEU H 1570 -111.96 9.57 7.93
CA LEU H 1570 -111.50 10.92 7.66
C LEU H 1570 -111.29 11.16 6.16
N PHE H 1571 -110.79 12.36 5.86
CA PHE H 1571 -111.22 13.19 4.74
C PHE H 1571 -110.35 13.08 3.49
N LYS H 1572 -109.04 12.83 3.64
CA LYS H 1572 -108.08 13.10 2.58
C LYS H 1572 -108.32 12.26 1.33
N SER H 1573 -108.83 11.03 1.51
CA SER H 1573 -109.04 10.13 0.39
C SER H 1573 -110.07 10.65 -0.59
N GLU H 1574 -111.11 11.28 -0.08
CA GLU H 1574 -112.24 11.74 -0.87
C GLU H 1574 -111.96 13.11 -1.50
N HIS H 1575 -110.68 13.45 -1.67
CA HIS H 1575 -110.24 14.72 -2.21
C HIS H 1575 -109.15 14.54 -3.28
N LYS H 1576 -108.33 13.50 -3.13
CA LYS H 1576 -107.22 13.25 -4.04
C LYS H 1576 -107.67 12.31 -5.15
N ASN H 1577 -106.71 11.80 -5.91
CA ASN H 1577 -107.01 10.67 -6.78
C ASN H 1577 -107.00 9.32 -6.05
N PRO H 1578 -105.99 8.95 -5.19
CA PRO H 1578 -106.11 7.63 -4.54
C PRO H 1578 -107.21 7.57 -3.50
N VAL H 1579 -108.15 6.65 -3.68
CA VAL H 1579 -109.32 6.60 -2.80
C VAL H 1579 -109.57 5.28 -2.08
N PRO H 1580 -108.57 4.47 -1.65
CA PRO H 1580 -108.77 3.80 -0.34
C PRO H 1580 -108.50 4.72 0.83
N GLN H 1581 -107.21 5.02 1.07
CA GLN H 1581 -106.58 6.08 1.84
C GLN H 1581 -107.39 6.60 3.03
N CYS H 1582 -107.95 5.70 3.82
CA CYS H 1582 -108.86 6.07 4.89
C CYS H 1582 -108.19 6.82 6.06
N PRO H 1583 -106.95 6.52 6.46
CA PRO H 1583 -106.21 7.50 7.28
C PRO H 1583 -105.90 8.75 6.47
N PRO H 1584 -106.13 9.92 7.04
CA PRO H 1584 -105.82 11.16 6.32
C PRO H 1584 -104.32 11.42 6.33
N ARG H 1585 -103.89 12.33 5.46
CA ARG H 1585 -102.48 12.70 5.40
C ARG H 1585 -102.35 14.12 4.86
N LEU H 1586 -101.58 14.94 5.54
CA LEU H 1586 -101.26 16.28 5.04
C LEU H 1586 -100.38 16.19 3.81
N HIS H 1587 -100.41 17.25 3.02
CA HIS H 1587 -99.56 17.34 1.85
C HIS H 1587 -99.07 18.76 1.69
N VAL H 1588 -97.96 18.90 0.98
CA VAL H 1588 -97.43 20.22 0.63
C VAL H 1588 -98.40 20.96 -0.26
N GLN H 1589 -99.16 20.22 -1.06
CA GLN H 1589 -100.10 20.80 -2.00
C GLN H 1589 -101.31 21.41 -1.28
N PHE H 1590 -101.58 21.02 -0.05
CA PHE H 1590 -102.54 21.75 0.75
C PHE H 1590 -101.96 23.10 1.15
N LEU H 1591 -102.79 24.13 1.03
CA LEU H 1591 -102.40 25.50 1.36
C LEU H 1591 -103.51 26.12 2.19
N SER H 1592 -103.30 27.38 2.57
CA SER H 1592 -104.13 28.05 3.55
C SER H 1592 -104.53 29.42 3.04
N HIS H 1593 -105.09 29.45 1.82
CA HIS H 1593 -105.23 30.66 1.04
C HIS H 1593 -106.10 31.71 1.69
N VAL H 1594 -105.65 32.95 1.61
CA VAL H 1594 -106.31 34.09 2.23
C VAL H 1594 -106.68 35.06 1.14
N LEU H 1595 -107.91 35.55 1.17
CA LEU H 1595 -108.37 36.56 0.23
C LEU H 1595 -107.62 37.85 0.49
N TRP H 1596 -106.58 38.12 -0.28
CA TRP H 1596 -105.88 39.37 -0.10
C TRP H 1596 -106.41 40.43 -1.03
N SER H 1597 -105.82 41.62 -0.92
CA SER H 1597 -106.42 42.80 -1.50
C SER H 1597 -106.24 42.84 -3.01
N ARG H 1598 -105.01 42.90 -3.47
CA ARG H 1598 -104.81 43.26 -4.87
C ARG H 1598 -103.45 42.80 -5.38
N MET H 1599 -103.39 42.62 -6.69
CA MET H 1599 -102.24 42.19 -7.47
C MET H 1599 -102.35 42.87 -8.81
N PRO H 1600 -101.23 43.16 -9.47
CA PRO H 1600 -101.29 43.89 -10.75
C PRO H 1600 -101.86 43.03 -11.86
N ASN H 1601 -102.51 43.69 -12.83
CA ASN H 1601 -103.22 42.98 -13.90
C ASN H 1601 -103.17 43.76 -15.20
N GLN H 1602 -103.21 43.02 -16.31
CA GLN H 1602 -102.62 43.47 -17.57
C GLN H 1602 -103.52 44.46 -18.29
N PHE H 1603 -102.90 45.25 -19.18
CA PHE H 1603 -103.54 46.37 -19.85
C PHE H 1603 -104.61 45.93 -20.84
N LEU H 1604 -104.50 44.72 -21.40
CA LEU H 1604 -105.32 44.24 -22.51
C LEU H 1604 -105.20 45.17 -23.71
N LYS H 1605 -104.00 45.12 -24.30
CA LYS H 1605 -103.45 46.04 -25.29
C LYS H 1605 -104.37 46.43 -26.45
N VAL H 1606 -105.15 45.49 -26.97
CA VAL H 1606 -106.21 45.76 -27.94
C VAL H 1606 -107.46 45.07 -27.45
N ASP H 1607 -108.60 45.77 -27.47
CA ASP H 1607 -109.83 45.19 -26.94
C ASP H 1607 -110.87 44.87 -28.01
N VAL H 1608 -111.46 45.86 -28.67
CA VAL H 1608 -112.66 45.66 -29.49
C VAL H 1608 -112.75 46.75 -30.55
N SER H 1609 -112.95 46.35 -31.82
CA SER H 1609 -113.44 47.28 -32.83
C SER H 1609 -114.95 47.45 -32.65
N ARG H 1610 -115.40 48.69 -32.46
CA ARG H 1610 -116.64 48.94 -31.76
C ARG H 1610 -117.47 50.02 -32.44
N ILE H 1611 -118.76 49.73 -32.67
CA ILE H 1611 -119.71 50.69 -33.22
C ILE H 1611 -120.94 50.73 -32.30
N SER H 1612 -121.29 51.94 -31.83
CA SER H 1612 -122.49 52.16 -31.04
C SER H 1612 -123.20 53.40 -31.59
N GLU H 1613 -124.46 53.23 -31.99
CA GLU H 1613 -125.13 54.31 -32.69
C GLU H 1613 -126.46 54.68 -32.05
N ARG H 1614 -127.25 55.52 -32.73
CA ARG H 1614 -128.37 56.20 -32.08
C ARG H 1614 -129.73 55.88 -32.70
N GLN H 1615 -129.89 56.03 -34.02
CA GLN H 1615 -131.22 55.95 -34.62
C GLN H 1615 -131.68 54.50 -34.59
N GLY H 1616 -132.42 54.17 -33.54
CA GLY H 1616 -132.69 52.81 -33.19
C GLY H 1616 -131.70 52.18 -32.23
N TRP H 1617 -130.60 52.88 -31.92
CA TRP H 1617 -129.52 52.45 -31.04
C TRP H 1617 -128.92 51.13 -31.52
N LEU H 1618 -128.31 51.23 -32.69
CA LEU H 1618 -127.62 50.13 -33.36
C LEU H 1618 -126.21 50.02 -32.82
N VAL H 1619 -126.07 49.28 -31.72
CA VAL H 1619 -124.77 48.78 -31.33
C VAL H 1619 -124.31 47.78 -32.37
N GLN H 1620 -123.01 47.78 -32.68
CA GLN H 1620 -122.51 46.93 -33.75
C GLN H 1620 -121.06 46.56 -33.52
N CYS H 1621 -120.74 45.28 -33.64
CA CYS H 1621 -119.37 44.80 -33.73
C CYS H 1621 -119.33 43.63 -34.69
N LEU H 1622 -118.22 43.52 -35.42
CA LEU H 1622 -118.16 42.49 -36.47
C LEU H 1622 -116.93 41.61 -36.40
N GLU H 1623 -115.78 42.16 -36.01
CA GLU H 1623 -114.58 41.33 -36.15
C GLU H 1623 -114.24 40.63 -34.83
N PRO H 1624 -113.65 39.45 -34.89
CA PRO H 1624 -113.24 38.76 -33.67
C PRO H 1624 -111.83 39.10 -33.23
N LEU H 1625 -111.63 39.06 -31.91
CA LEU H 1625 -110.32 39.20 -31.28
C LEU H 1625 -110.26 38.23 -30.12
N GLN H 1626 -109.35 37.26 -30.18
CA GLN H 1626 -109.40 36.14 -29.26
C GLN H 1626 -108.39 36.28 -28.13
N PHE H 1627 -108.68 35.58 -27.03
CA PHE H 1627 -107.76 35.46 -25.92
C PHE H 1627 -106.62 34.52 -26.26
N MET H 1628 -105.83 34.23 -25.24
CA MET H 1628 -104.81 33.19 -25.25
C MET H 1628 -104.85 32.64 -23.83
N SER H 1629 -105.69 31.64 -23.62
CA SER H 1629 -106.25 31.37 -22.30
C SER H 1629 -105.78 30.03 -21.79
N LEU H 1630 -105.42 29.97 -20.52
CA LEU H 1630 -105.34 28.70 -19.85
C LEU H 1630 -106.20 28.77 -18.60
N HIS H 1631 -106.27 27.67 -17.87
CA HIS H 1631 -106.82 27.73 -16.54
C HIS H 1631 -106.07 26.72 -15.70
N ILE H 1632 -105.65 27.14 -14.52
CA ILE H 1632 -105.08 26.17 -13.60
C ILE H 1632 -106.23 25.36 -13.01
N PRO H 1633 -106.23 24.07 -13.17
CA PRO H 1633 -107.46 23.33 -12.91
C PRO H 1633 -107.64 22.92 -11.46
N GLU H 1634 -106.53 22.71 -10.74
CA GLU H 1634 -106.65 22.16 -9.40
C GLU H 1634 -106.95 23.20 -8.35
N GLU H 1635 -106.90 24.48 -8.69
CA GLU H 1635 -107.28 25.56 -7.80
C GLU H 1635 -108.09 26.58 -8.57
N ASN H 1636 -109.09 26.06 -9.30
CA ASN H 1636 -109.70 26.60 -10.51
C ASN H 1636 -109.83 28.11 -10.56
N ARG H 1637 -109.33 28.68 -11.65
CA ARG H 1637 -109.42 30.08 -12.09
C ARG H 1637 -108.77 30.15 -13.46
N SER H 1638 -109.13 31.17 -14.22
CA SER H 1638 -108.64 31.33 -15.58
C SER H 1638 -107.60 32.44 -15.64
N VAL H 1639 -106.51 32.18 -16.32
CA VAL H 1639 -105.43 33.14 -16.57
C VAL H 1639 -105.23 33.19 -18.08
N ASP H 1640 -104.88 34.34 -18.60
CA ASP H 1640 -104.42 34.41 -19.98
C ASP H 1640 -102.90 34.49 -20.01
N ILE H 1641 -102.34 34.00 -21.12
CA ILE H 1641 -100.90 33.70 -21.21
C ILE H 1641 -100.08 34.96 -21.11
N LEU H 1642 -100.53 36.05 -21.72
CA LEU H 1642 -99.75 37.27 -21.75
C LEU H 1642 -99.66 37.96 -20.40
N GLU H 1643 -100.39 37.49 -19.39
CA GLU H 1643 -100.30 37.99 -18.04
C GLU H 1643 -99.41 37.11 -17.18
N LEU H 1644 -99.02 35.97 -17.70
CA LEU H 1644 -98.13 35.06 -17.00
C LEU H 1644 -96.68 35.51 -17.05
N THR H 1645 -96.37 36.57 -17.79
CA THR H 1645 -95.02 37.05 -18.09
C THR H 1645 -94.26 37.54 -16.90
N GLU H 1646 -94.79 37.48 -15.69
CA GLU H 1646 -94.00 37.72 -14.50
C GLU H 1646 -94.28 36.74 -13.37
N GLN H 1647 -95.23 35.83 -13.51
CA GLN H 1647 -95.43 34.79 -12.51
C GLN H 1647 -94.41 33.71 -12.79
N GLU H 1648 -93.21 33.90 -12.23
CA GLU H 1648 -92.03 33.24 -12.76
C GLU H 1648 -91.98 31.76 -12.42
N GLU H 1649 -92.50 31.36 -11.26
CA GLU H 1649 -92.63 29.94 -10.96
C GLU H 1649 -93.54 29.26 -11.96
N LEU H 1650 -94.67 29.88 -12.23
CA LEU H 1650 -95.64 29.31 -13.16
C LEU H 1650 -95.09 29.33 -14.57
N LEU H 1651 -94.36 30.39 -14.92
CA LEU H 1651 -93.67 30.49 -16.20
C LEU H 1651 -92.71 29.34 -16.42
N LYS H 1652 -91.83 29.11 -15.43
CA LYS H 1652 -90.81 28.08 -15.56
C LYS H 1652 -91.43 26.70 -15.64
N PHE H 1653 -92.48 26.46 -14.83
CA PHE H 1653 -93.12 25.16 -14.86
C PHE H 1653 -93.81 24.91 -16.18
N HIS H 1654 -94.48 25.91 -16.72
CA HIS H 1654 -95.17 25.68 -17.97
C HIS H 1654 -94.21 25.57 -19.13
N TYR H 1655 -93.05 26.23 -19.03
CA TYR H 1655 -92.00 26.03 -20.01
C TYR H 1655 -91.52 24.60 -20.01
N HIS H 1656 -91.38 24.01 -18.82
CA HIS H 1656 -90.99 22.62 -18.79
C HIS H 1656 -92.11 21.70 -19.24
N THR H 1657 -93.37 22.12 -19.12
CA THR H 1657 -94.44 21.31 -19.69
C THR H 1657 -94.34 21.28 -21.20
N LEU H 1658 -94.07 22.42 -21.82
CA LEU H 1658 -93.89 22.43 -23.27
C LEU H 1658 -92.66 21.64 -23.68
N ARG H 1659 -91.61 21.70 -22.86
CA ARG H 1659 -90.42 20.89 -23.13
C ARG H 1659 -90.77 19.41 -23.10
N LEU H 1660 -91.62 19.00 -22.17
CA LEU H 1660 -91.99 17.59 -22.08
C LEU H 1660 -92.89 17.17 -23.25
N TYR H 1661 -93.85 18.02 -23.62
CA TYR H 1661 -94.70 17.71 -24.76
C TYR H 1661 -93.88 17.58 -26.04
N SER H 1662 -92.88 18.44 -26.19
CA SER H 1662 -91.98 18.31 -27.32
C SER H 1662 -91.14 17.05 -27.20
N ALA H 1663 -90.78 16.68 -25.99
CA ALA H 1663 -89.86 15.58 -25.79
C ALA H 1663 -90.51 14.24 -26.03
N VAL H 1664 -91.81 14.13 -25.77
CA VAL H 1664 -92.46 12.83 -25.87
C VAL H 1664 -92.52 12.37 -27.32
N CYS H 1665 -93.13 13.16 -28.19
CA CYS H 1665 -93.25 12.76 -29.58
C CYS H 1665 -91.95 13.04 -30.31
N ALA H 1666 -90.95 12.21 -30.00
CA ALA H 1666 -89.68 12.24 -30.70
C ALA H 1666 -89.62 11.05 -31.64
N LEU H 1667 -89.40 11.33 -32.92
CA LEU H 1667 -89.13 10.35 -33.97
C LEU H 1667 -90.29 9.37 -34.13
N GLY H 1668 -91.39 9.91 -34.62
CA GLY H 1668 -92.38 9.12 -35.31
C GLY H 1668 -93.44 8.46 -34.47
N ASN H 1669 -93.68 8.90 -33.24
CA ASN H 1669 -94.80 8.37 -32.47
C ASN H 1669 -96.05 9.11 -32.88
N HIS H 1670 -96.64 8.66 -33.97
CA HIS H 1670 -97.83 9.31 -34.48
C HIS H 1670 -99.02 8.97 -33.61
N ARG H 1671 -98.97 7.80 -32.97
CA ARG H 1671 -99.96 7.38 -31.99
C ARG H 1671 -100.06 8.35 -30.83
N VAL H 1672 -98.95 9.00 -30.47
CA VAL H 1672 -98.97 9.93 -29.36
C VAL H 1672 -99.15 11.32 -29.93
N ALA H 1673 -98.75 11.50 -31.19
CA ALA H 1673 -98.86 12.81 -31.81
C ALA H 1673 -100.30 13.20 -32.05
N HIS H 1674 -101.17 12.24 -32.36
CA HIS H 1674 -102.59 12.59 -32.48
C HIS H 1674 -103.18 13.00 -31.13
N ALA H 1675 -102.72 12.36 -30.06
CA ALA H 1675 -103.19 12.73 -28.73
C ALA H 1675 -102.74 14.13 -28.35
N LEU H 1676 -101.52 14.48 -28.72
CA LEU H 1676 -101.10 15.85 -28.49
C LEU H 1676 -101.86 16.83 -29.38
N CYS H 1677 -102.20 16.41 -30.61
CA CYS H 1677 -103.03 17.27 -31.47
C CYS H 1677 -104.39 17.53 -30.85
N SER H 1678 -104.91 16.58 -30.08
CA SER H 1678 -106.05 16.89 -29.23
C SER H 1678 -105.69 17.91 -28.16
N HIS H 1679 -104.54 17.74 -27.52
CA HIS H 1679 -104.23 18.62 -26.40
C HIS H 1679 -103.72 19.97 -26.85
N VAL H 1680 -103.04 20.03 -28.00
CA VAL H 1680 -102.30 21.26 -28.31
C VAL H 1680 -103.17 22.32 -28.95
N ASP H 1681 -104.36 21.96 -29.44
CA ASP H 1681 -105.35 22.90 -29.99
C ASP H 1681 -104.76 23.67 -31.17
N GLU H 1682 -104.68 22.98 -32.32
CA GLU H 1682 -104.03 23.38 -33.57
C GLU H 1682 -103.97 24.86 -33.96
N PRO H 1683 -105.03 25.68 -33.84
CA PRO H 1683 -104.84 27.10 -34.17
C PRO H 1683 -104.17 27.89 -33.08
N GLN H 1684 -104.05 27.33 -31.87
CA GLN H 1684 -103.40 28.07 -30.79
C GLN H 1684 -101.93 28.24 -31.08
N LEU H 1685 -101.35 27.26 -31.77
CA LEU H 1685 -99.96 27.38 -32.20
C LEU H 1685 -99.84 28.43 -33.27
N LEU H 1686 -100.81 28.49 -34.17
CA LEU H 1686 -100.84 29.52 -35.20
C LEU H 1686 -100.99 30.89 -34.61
N TYR H 1687 -101.68 30.98 -33.48
CA TYR H 1687 -101.82 32.24 -32.79
C TYR H 1687 -100.54 32.59 -32.06
N ALA H 1688 -99.88 31.58 -31.48
CA ALA H 1688 -98.60 31.79 -30.81
C ALA H 1688 -97.46 32.01 -31.79
N ILE H 1689 -97.68 31.81 -33.09
CA ILE H 1689 -96.75 32.31 -34.09
C ILE H 1689 -96.58 33.81 -33.94
N GLU H 1690 -97.69 34.52 -33.86
CA GLU H 1690 -97.73 35.94 -34.16
C GLU H 1690 -97.89 36.80 -32.92
N ASN H 1691 -98.03 36.22 -31.74
CA ASN H 1691 -98.24 37.01 -30.54
C ASN H 1691 -96.94 37.69 -30.18
N LYS H 1692 -96.83 38.95 -30.53
CA LYS H 1692 -95.61 39.71 -30.39
C LYS H 1692 -95.43 40.27 -29.00
N TYR H 1693 -96.06 39.66 -28.01
CA TYR H 1693 -95.92 40.07 -26.62
C TYR H 1693 -95.77 38.88 -25.67
N MET H 1694 -95.71 37.66 -26.17
CA MET H 1694 -95.40 36.53 -25.32
C MET H 1694 -93.93 36.56 -24.93
N PRO H 1695 -93.55 35.88 -23.85
CA PRO H 1695 -92.12 35.74 -23.57
C PRO H 1695 -91.45 34.86 -24.60
N GLY H 1696 -90.14 35.06 -24.75
CA GLY H 1696 -89.40 34.29 -25.72
C GLY H 1696 -89.28 32.82 -25.37
N LEU H 1697 -89.39 32.49 -24.08
CA LEU H 1697 -89.35 31.11 -23.64
C LEU H 1697 -90.49 30.31 -24.25
N LEU H 1698 -91.71 30.78 -24.02
CA LEU H 1698 -92.86 30.10 -24.56
C LEU H 1698 -92.94 30.23 -26.07
N ARG H 1699 -92.37 31.29 -26.62
CA ARG H 1699 -92.23 31.45 -28.06
C ARG H 1699 -91.46 30.29 -28.66
N ALA H 1700 -90.28 30.02 -28.11
CA ALA H 1700 -89.46 28.90 -28.58
C ALA H 1700 -90.15 27.58 -28.32
N GLY H 1701 -90.84 27.48 -27.19
CA GLY H 1701 -91.54 26.24 -26.86
C GLY H 1701 -92.63 25.90 -27.86
N TYR H 1702 -93.43 26.89 -28.25
CA TYR H 1702 -94.50 26.58 -29.17
C TYR H 1702 -93.99 26.36 -30.58
N TYR H 1703 -92.90 27.03 -30.99
CA TYR H 1703 -92.42 26.72 -32.33
C TYR H 1703 -91.79 25.33 -32.37
N ASP H 1704 -91.18 24.91 -31.26
CA ASP H 1704 -90.64 23.57 -31.19
C ASP H 1704 -91.74 22.53 -31.17
N LEU H 1705 -92.86 22.81 -30.50
CA LEU H 1705 -93.98 21.87 -30.56
C LEU H 1705 -94.57 21.76 -31.95
N LEU H 1706 -94.63 22.88 -32.68
CA LEU H 1706 -95.14 22.83 -34.05
C LEU H 1706 -94.27 21.93 -34.92
N ILE H 1707 -92.95 22.11 -34.82
CA ILE H 1707 -92.04 21.31 -35.63
C ILE H 1707 -92.07 19.84 -35.21
N ASP H 1708 -92.13 19.60 -33.90
CA ASP H 1708 -92.04 18.24 -33.41
C ASP H 1708 -93.30 17.45 -33.68
N ILE H 1709 -94.46 18.08 -33.65
CA ILE H 1709 -95.67 17.35 -33.97
C ILE H 1709 -95.80 17.16 -35.47
N HIS H 1710 -95.77 18.25 -36.22
CA HIS H 1710 -96.27 18.15 -37.56
C HIS H 1710 -95.18 18.02 -38.61
N LEU H 1711 -93.92 18.15 -38.25
CA LEU H 1711 -92.94 18.33 -39.29
C LEU H 1711 -91.78 17.35 -39.25
N SER H 1712 -91.48 16.82 -38.06
CA SER H 1712 -90.17 16.23 -37.81
C SER H 1712 -89.94 14.96 -38.61
N SER H 1713 -90.98 14.16 -38.81
CA SER H 1713 -90.81 12.85 -39.44
C SER H 1713 -90.38 12.98 -40.89
N TYR H 1714 -91.12 13.77 -41.67
CA TYR H 1714 -90.76 13.91 -43.07
C TYR H 1714 -89.52 14.77 -43.25
N ALA H 1715 -89.25 15.65 -42.28
CA ALA H 1715 -87.99 16.38 -42.28
C ALA H 1715 -86.81 15.43 -42.19
N THR H 1716 -86.86 14.50 -41.22
CA THR H 1716 -85.84 13.46 -41.14
C THR H 1716 -85.83 12.58 -42.37
N ALA H 1717 -87.01 12.31 -42.93
CA ALA H 1717 -87.09 11.44 -44.10
C ALA H 1717 -86.40 12.05 -45.30
N ARG H 1718 -86.42 13.36 -45.43
CA ARG H 1718 -85.63 13.91 -46.52
C ARG H 1718 -84.19 14.20 -46.10
N LEU H 1719 -83.95 14.33 -44.78
CA LEU H 1719 -82.58 14.43 -44.31
C LEU H 1719 -81.79 13.18 -44.58
N MET H 1720 -82.45 12.03 -44.60
CA MET H 1720 -81.71 10.82 -44.93
C MET H 1720 -81.45 10.73 -46.42
N MET H 1721 -82.39 11.19 -47.24
CA MET H 1721 -82.28 11.03 -48.67
C MET H 1721 -81.73 12.28 -49.35
N ASN H 1722 -81.11 13.18 -48.59
CA ASN H 1722 -80.33 14.25 -49.19
C ASN H 1722 -79.20 13.75 -50.07
N ASN H 1723 -78.70 12.55 -49.82
CA ASN H 1723 -77.44 12.11 -50.41
C ASN H 1723 -77.62 10.81 -51.17
N GLU H 1724 -78.63 10.74 -52.03
CA GLU H 1724 -78.74 9.48 -52.76
C GLU H 1724 -78.76 9.66 -54.27
N PHE H 1725 -79.35 10.75 -54.77
CA PHE H 1725 -79.13 11.27 -56.12
C PHE H 1725 -79.60 10.33 -57.22
N ILE H 1726 -80.52 9.42 -56.95
CA ILE H 1726 -81.02 8.57 -58.02
C ILE H 1726 -82.03 9.34 -58.85
N VAL H 1727 -82.13 8.99 -60.12
CA VAL H 1727 -82.87 9.81 -61.06
C VAL H 1727 -83.37 8.96 -62.23
N PRO H 1728 -84.61 9.13 -62.67
CA PRO H 1728 -85.07 8.45 -63.87
C PRO H 1728 -84.45 9.00 -65.14
N MET H 1729 -84.91 8.49 -66.27
CA MET H 1729 -84.19 8.71 -67.51
C MET H 1729 -85.08 9.23 -68.63
N THR H 1730 -86.21 9.84 -68.30
CA THR H 1730 -87.13 10.32 -69.32
C THR H 1730 -86.59 11.59 -69.98
N GLU H 1731 -87.36 12.10 -70.94
CA GLU H 1731 -86.97 13.35 -71.58
C GLU H 1731 -87.19 14.53 -70.66
N GLU H 1732 -88.10 14.37 -69.70
CA GLU H 1732 -88.22 15.33 -68.60
C GLU H 1732 -86.91 15.45 -67.84
N THR H 1733 -86.26 14.32 -67.58
CA THR H 1733 -84.93 14.36 -67.00
C THR H 1733 -83.93 14.89 -68.01
N LYS H 1734 -84.12 14.59 -69.29
CA LYS H 1734 -83.23 15.08 -70.33
C LYS H 1734 -83.46 16.56 -70.64
N SER H 1735 -84.55 17.12 -70.16
CA SER H 1735 -84.89 18.52 -70.41
C SER H 1735 -84.00 19.51 -69.64
N ILE H 1736 -83.06 19.04 -68.84
CA ILE H 1736 -82.26 19.90 -67.97
C ILE H 1736 -81.03 20.36 -68.73
N THR H 1737 -80.67 21.64 -68.56
CA THR H 1737 -79.68 22.27 -69.42
C THR H 1737 -78.53 22.93 -68.67
N LEU H 1738 -78.43 22.74 -67.34
CA LEU H 1738 -77.29 23.09 -66.50
C LEU H 1738 -77.09 24.60 -66.29
N PHE H 1739 -77.77 25.44 -67.05
CA PHE H 1739 -77.26 26.80 -67.11
C PHE H 1739 -78.36 27.72 -67.59
N PRO H 1740 -78.37 28.98 -67.15
CA PRO H 1740 -79.43 29.93 -67.58
C PRO H 1740 -79.18 30.57 -68.94
N ASP H 1741 -79.33 29.76 -69.99
CA ASP H 1741 -79.46 30.20 -71.39
C ASP H 1741 -78.22 30.95 -71.89
N GLU H 1742 -77.06 30.30 -71.77
CA GLU H 1742 -75.76 30.79 -72.26
C GLU H 1742 -75.39 32.14 -71.64
N ASN H 1743 -75.71 32.31 -70.36
CA ASN H 1743 -75.37 33.51 -69.61
C ASN H 1743 -73.93 33.48 -69.14
N LYS H 1744 -73.60 34.34 -68.18
CA LYS H 1744 -72.29 34.28 -67.53
C LYS H 1744 -72.43 34.18 -66.02
N LYS H 1745 -73.57 33.72 -65.51
CA LYS H 1745 -73.82 33.71 -64.08
C LYS H 1745 -74.30 32.32 -63.67
N HIS H 1746 -74.57 32.15 -62.38
CA HIS H 1746 -75.08 30.89 -61.88
C HIS H 1746 -76.60 30.83 -62.06
N GLY H 1747 -77.20 29.80 -61.47
CA GLY H 1747 -78.60 29.51 -61.69
C GLY H 1747 -79.58 30.15 -60.75
N LEU H 1748 -79.09 30.79 -59.65
CA LEU H 1748 -79.90 31.30 -58.54
C LEU H 1748 -80.75 30.15 -58.02
N PRO H 1749 -80.17 29.27 -57.18
CA PRO H 1749 -80.51 27.84 -57.17
C PRO H 1749 -81.94 27.42 -56.82
N GLY H 1750 -82.85 28.37 -56.64
CA GLY H 1750 -84.25 28.02 -56.57
C GLY H 1750 -84.83 27.75 -57.94
N ILE H 1751 -84.46 26.63 -58.55
CA ILE H 1751 -84.98 26.20 -59.85
C ILE H 1751 -85.82 24.96 -59.62
N GLY H 1752 -87.05 24.98 -60.07
CA GLY H 1752 -87.93 23.85 -59.88
C GLY H 1752 -87.93 22.85 -61.02
N LEU H 1753 -86.76 22.32 -61.39
CA LEU H 1753 -86.77 21.21 -62.34
C LEU H 1753 -87.02 19.89 -61.62
N SER H 1754 -86.07 19.49 -60.77
CA SER H 1754 -86.22 18.48 -59.72
C SER H 1754 -86.72 17.13 -60.27
N THR H 1755 -85.92 16.55 -61.14
CA THR H 1755 -86.30 15.27 -61.70
C THR H 1755 -85.87 14.10 -60.85
N SER H 1756 -85.26 14.35 -59.70
CA SER H 1756 -84.81 13.26 -58.83
C SER H 1756 -86.00 12.64 -58.11
N LEU H 1757 -85.72 11.65 -57.29
CA LEU H 1757 -86.80 10.88 -56.69
C LEU H 1757 -87.43 11.63 -55.52
N ARG H 1758 -86.65 11.85 -54.45
CA ARG H 1758 -86.99 12.67 -53.30
C ARG H 1758 -88.30 12.24 -52.65
N PRO H 1759 -88.27 11.21 -51.79
CA PRO H 1759 -89.49 10.54 -51.34
C PRO H 1759 -90.49 11.46 -50.65
N ARG H 1760 -91.75 11.07 -50.68
CA ARG H 1760 -92.85 11.97 -50.37
C ARG H 1760 -93.70 11.41 -49.25
N MET H 1761 -94.57 12.26 -48.72
CA MET H 1761 -95.28 12.03 -47.49
C MET H 1761 -96.78 11.85 -47.70
N GLN H 1762 -97.42 11.45 -46.62
CA GLN H 1762 -98.86 11.34 -46.49
C GLN H 1762 -99.24 12.01 -45.18
N PHE H 1763 -100.55 12.07 -44.91
CA PHE H 1763 -101.01 12.68 -43.66
C PHE H 1763 -102.28 12.02 -43.17
N SER H 1764 -102.42 11.92 -41.86
CA SER H 1764 -103.63 11.41 -41.25
C SER H 1764 -104.48 12.54 -40.73
N SER H 1765 -105.78 12.28 -40.66
CA SER H 1765 -106.69 13.25 -40.08
C SER H 1765 -106.94 12.90 -38.63
N PRO H 1766 -106.71 13.79 -37.70
CA PRO H 1766 -106.82 13.48 -36.27
C PRO H 1766 -108.23 13.57 -35.72
N SER H 1767 -109.20 13.00 -36.43
CA SER H 1767 -110.56 12.92 -35.92
C SER H 1767 -110.61 11.79 -34.90
N PHE H 1768 -111.53 11.91 -33.95
CA PHE H 1768 -111.65 10.91 -32.90
C PHE H 1768 -112.87 10.03 -33.14
N VAL H 1769 -112.64 9.02 -33.98
CA VAL H 1769 -113.57 7.95 -34.30
C VAL H 1769 -112.78 6.65 -34.16
N SER H 1770 -113.39 5.53 -34.55
CA SER H 1770 -112.72 4.22 -34.44
C SER H 1770 -111.50 4.11 -35.34
N ILE H 1771 -110.67 3.12 -35.08
CA ILE H 1771 -109.31 3.07 -35.61
C ILE H 1771 -109.36 2.68 -37.09
N ASN H 1772 -108.59 3.39 -37.91
CA ASN H 1772 -108.31 2.99 -39.28
C ASN H 1772 -106.81 2.87 -39.49
N ASN H 1773 -106.11 2.30 -38.51
CA ASN H 1773 -104.65 2.39 -38.34
C ASN H 1773 -104.19 3.85 -38.34
N GLU H 1774 -105.02 4.74 -37.80
CA GLU H 1774 -104.74 6.17 -37.84
C GLU H 1774 -103.67 6.56 -36.85
N CYS H 1775 -103.62 5.87 -35.71
CA CYS H 1775 -102.54 6.10 -34.77
C CYS H 1775 -101.22 5.62 -35.35
N TYR H 1776 -101.26 4.54 -36.13
CA TYR H 1776 -100.09 4.04 -36.82
C TYR H 1776 -99.98 4.54 -38.25
N GLN H 1777 -100.68 5.62 -38.57
CA GLN H 1777 -100.68 6.13 -39.94
C GLN H 1777 -99.42 6.93 -40.22
N TYR H 1778 -99.44 7.71 -41.30
CA TYR H 1778 -98.29 8.50 -41.70
C TYR H 1778 -97.89 9.52 -40.63
N SER H 1779 -98.74 10.51 -40.38
CA SER H 1779 -98.48 11.58 -39.42
C SER H 1779 -99.74 12.42 -39.29
N PRO H 1780 -99.88 13.17 -38.20
CA PRO H 1780 -100.96 14.16 -38.14
C PRO H 1780 -100.73 15.29 -39.13
N GLU H 1781 -101.83 15.87 -39.57
CA GLU H 1781 -101.79 16.81 -40.68
C GLU H 1781 -101.78 18.24 -40.15
N PHE H 1782 -101.56 19.19 -41.05
CA PHE H 1782 -101.42 20.60 -40.69
C PHE H 1782 -101.53 21.41 -41.98
N PRO H 1783 -101.94 22.68 -41.89
CA PRO H 1783 -101.92 23.53 -43.07
C PRO H 1783 -100.51 23.88 -43.53
N LEU H 1784 -100.41 24.23 -44.81
CA LEU H 1784 -99.11 24.44 -45.44
C LEU H 1784 -98.93 25.86 -45.96
N ASP H 1785 -99.82 26.34 -46.81
CA ASP H 1785 -99.61 27.63 -47.43
C ASP H 1785 -99.88 28.77 -46.47
N ILE H 1786 -100.72 28.53 -45.46
CA ILE H 1786 -100.90 29.48 -44.39
C ILE H 1786 -99.59 29.70 -43.67
N LEU H 1787 -98.92 28.60 -43.30
CA LEU H 1787 -97.59 28.67 -42.72
C LEU H 1787 -96.60 29.35 -43.65
N LYS H 1788 -96.68 29.04 -44.94
CA LYS H 1788 -95.73 29.55 -45.91
C LYS H 1788 -95.80 31.06 -46.00
N ALA H 1789 -97.00 31.59 -46.28
CA ALA H 1789 -97.16 33.03 -46.43
C ALA H 1789 -96.93 33.76 -45.10
N LYS H 1790 -97.39 33.18 -43.98
CA LYS H 1790 -97.23 33.93 -42.75
C LYS H 1790 -95.80 33.90 -42.25
N THR H 1791 -95.05 32.84 -42.51
CA THR H 1791 -93.65 32.86 -42.15
C THR H 1791 -92.83 33.75 -43.06
N ILE H 1792 -93.24 33.90 -44.33
CA ILE H 1792 -92.58 34.89 -45.18
C ILE H 1792 -92.82 36.30 -44.65
N GLN H 1793 -94.05 36.56 -44.21
CA GLN H 1793 -94.36 37.85 -43.62
C GLN H 1793 -93.60 38.08 -42.32
N MET H 1794 -93.48 37.03 -41.50
CA MET H 1794 -92.68 37.09 -40.29
C MET H 1794 -91.23 37.39 -40.61
N LEU H 1795 -90.70 36.79 -41.67
CA LEU H 1795 -89.31 37.02 -42.06
C LEU H 1795 -89.08 38.46 -42.50
N THR H 1796 -89.89 38.94 -43.44
CA THR H 1796 -89.71 40.30 -43.94
C THR H 1796 -89.95 41.32 -42.84
N GLU H 1797 -90.89 41.02 -41.95
CA GLU H 1797 -91.15 41.81 -40.76
C GLU H 1797 -89.92 41.88 -39.86
N ALA H 1798 -89.39 40.72 -39.50
CA ALA H 1798 -88.28 40.65 -38.56
C ALA H 1798 -87.01 41.26 -39.14
N VAL H 1799 -86.83 41.15 -40.45
CA VAL H 1799 -85.71 41.81 -41.10
C VAL H 1799 -85.90 43.32 -41.05
N GLN H 1800 -87.01 43.82 -41.58
CA GLN H 1800 -87.18 45.26 -41.74
C GLN H 1800 -87.54 45.97 -40.43
N GLU H 1801 -87.61 45.24 -39.32
CA GLU H 1801 -87.71 45.84 -38.00
C GLU H 1801 -86.47 45.66 -37.15
N GLY H 1802 -85.93 44.44 -37.08
CA GLY H 1802 -84.77 44.18 -36.25
C GLY H 1802 -83.48 44.75 -36.77
N SER H 1803 -83.40 44.98 -38.09
CA SER H 1803 -82.21 45.61 -38.66
C SER H 1803 -82.08 47.06 -38.23
N LEU H 1804 -83.20 47.70 -37.91
CA LEU H 1804 -83.18 49.07 -37.38
C LEU H 1804 -82.76 49.13 -35.92
N HIS H 1805 -82.45 47.98 -35.32
CA HIS H 1805 -82.00 47.83 -33.94
C HIS H 1805 -83.04 48.42 -32.97
N ALA H 1806 -84.18 47.74 -32.93
CA ALA H 1806 -85.15 48.03 -31.89
C ALA H 1806 -84.63 47.53 -30.54
N ARG H 1807 -84.88 48.31 -29.50
CA ARG H 1807 -84.57 47.91 -28.14
C ARG H 1807 -85.66 47.05 -27.53
N ASP H 1808 -86.70 46.75 -28.30
CA ASP H 1808 -87.85 45.94 -27.92
C ASP H 1808 -87.64 44.43 -27.89
N PRO H 1809 -86.98 43.84 -28.88
CA PRO H 1809 -87.57 42.73 -29.66
C PRO H 1809 -88.11 41.57 -28.83
N VAL H 1810 -89.12 40.92 -29.44
CA VAL H 1810 -90.24 40.21 -28.83
C VAL H 1810 -89.90 39.43 -27.58
N GLY H 1811 -88.86 38.62 -27.64
CA GLY H 1811 -88.49 37.85 -26.48
C GLY H 1811 -87.33 38.45 -25.74
N GLY H 1812 -87.24 39.77 -25.71
CA GLY H 1812 -86.13 40.41 -25.03
C GLY H 1812 -84.89 40.35 -25.90
N THR H 1813 -84.29 39.16 -25.99
CA THR H 1813 -83.19 38.96 -26.92
C THR H 1813 -83.70 38.94 -28.34
N THR H 1814 -82.82 39.32 -29.27
CA THR H 1814 -83.05 38.99 -30.67
C THR H 1814 -82.94 37.50 -30.91
N GLU H 1815 -82.23 36.80 -30.02
CA GLU H 1815 -82.17 35.35 -30.04
C GLU H 1815 -83.55 34.75 -29.97
N PHE H 1816 -84.33 35.16 -28.98
CA PHE H 1816 -85.72 34.74 -28.90
C PHE H 1816 -86.58 35.33 -29.98
N LEU H 1817 -86.10 36.34 -30.70
CA LEU H 1817 -86.83 36.79 -31.86
C LEU H 1817 -86.59 35.88 -33.05
N PHE H 1818 -85.34 35.63 -33.38
CA PHE H 1818 -85.02 35.01 -34.66
C PHE H 1818 -84.91 33.51 -34.61
N VAL H 1819 -84.35 32.97 -33.52
CA VAL H 1819 -83.92 31.58 -33.50
C VAL H 1819 -85.04 30.57 -33.78
N PRO H 1820 -86.20 30.61 -33.13
CA PRO H 1820 -87.22 29.63 -33.50
C PRO H 1820 -87.86 29.94 -34.83
N LEU H 1821 -87.88 31.20 -35.26
CA LEU H 1821 -88.42 31.55 -36.57
C LEU H 1821 -87.55 31.02 -37.68
N ILE H 1822 -86.23 31.24 -37.57
CA ILE H 1822 -85.30 30.73 -38.57
C ILE H 1822 -85.29 29.22 -38.55
N LYS H 1823 -85.40 28.62 -37.37
CA LYS H 1823 -85.46 27.16 -37.25
C LYS H 1823 -86.67 26.60 -37.97
N LEU H 1824 -87.82 27.26 -37.81
CA LEU H 1824 -89.04 26.81 -38.48
C LEU H 1824 -88.91 26.96 -39.98
N PHE H 1825 -88.36 28.08 -40.44
CA PHE H 1825 -88.20 28.27 -41.87
C PHE H 1825 -87.22 27.28 -42.46
N TYR H 1826 -86.21 26.90 -41.69
CA TYR H 1826 -85.23 25.93 -42.14
C TYR H 1826 -85.86 24.56 -42.30
N THR H 1827 -86.64 24.13 -41.32
CA THR H 1827 -87.32 22.84 -41.43
C THR H 1827 -88.35 22.86 -42.54
N LEU H 1828 -89.01 23.99 -42.74
CA LEU H 1828 -90.07 24.02 -43.73
C LEU H 1828 -89.52 24.15 -45.14
N LEU H 1829 -88.30 24.68 -45.26
CA LEU H 1829 -87.67 24.77 -46.56
C LEU H 1829 -87.34 23.40 -47.11
N ILE H 1830 -86.89 22.50 -46.24
CA ILE H 1830 -86.44 21.17 -46.66
C ILE H 1830 -87.60 20.34 -47.19
N MET H 1831 -88.81 20.61 -46.72
CA MET H 1831 -89.95 19.78 -47.04
C MET H 1831 -90.58 20.08 -48.39
N GLY H 1832 -89.86 20.71 -49.33
CA GLY H 1832 -90.34 20.88 -50.68
C GLY H 1832 -91.27 22.04 -50.89
N ILE H 1833 -91.68 22.70 -49.82
CA ILE H 1833 -92.53 23.88 -49.85
C ILE H 1833 -91.59 25.06 -50.08
N PHE H 1834 -92.16 26.26 -50.26
CA PHE H 1834 -91.50 27.48 -50.76
C PHE H 1834 -91.00 27.23 -52.18
N HIS H 1835 -91.92 27.19 -53.12
CA HIS H 1835 -91.57 27.05 -54.53
C HIS H 1835 -91.03 28.38 -55.07
N ASN H 1836 -90.86 28.42 -56.39
CA ASN H 1836 -89.99 29.42 -57.04
C ASN H 1836 -90.51 30.82 -56.86
N GLU H 1837 -91.83 30.98 -56.75
CA GLU H 1837 -92.47 32.28 -56.64
C GLU H 1837 -92.05 32.99 -55.36
N ASP H 1838 -91.89 32.23 -54.29
CA ASP H 1838 -91.44 32.79 -53.03
C ASP H 1838 -89.97 32.54 -52.78
N LEU H 1839 -89.38 31.59 -53.50
CA LEU H 1839 -87.92 31.48 -53.53
C LEU H 1839 -87.29 32.76 -54.04
N LYS H 1840 -87.88 33.34 -55.08
CA LYS H 1840 -87.39 34.62 -55.57
C LYS H 1840 -87.54 35.70 -54.52
N HIS H 1841 -88.60 35.64 -53.71
CA HIS H 1841 -88.82 36.67 -52.72
C HIS H 1841 -87.84 36.56 -51.56
N ILE H 1842 -87.62 35.34 -51.08
CA ILE H 1842 -86.71 35.11 -49.97
C ILE H 1842 -85.27 35.34 -50.41
N LEU H 1843 -84.94 35.02 -51.64
CA LEU H 1843 -83.59 35.32 -52.10
C LEU H 1843 -83.42 36.79 -52.48
N GLN H 1844 -84.51 37.53 -52.71
CA GLN H 1844 -84.35 38.98 -52.72
C GLN H 1844 -84.10 39.47 -51.31
N LEU H 1845 -84.73 38.83 -50.32
CA LEU H 1845 -84.56 39.22 -48.93
C LEU H 1845 -83.14 38.98 -48.42
N ILE H 1846 -82.49 37.91 -48.89
CA ILE H 1846 -81.22 37.49 -48.33
C ILE H 1846 -80.07 37.75 -49.31
N GLU H 1847 -80.30 37.58 -50.59
CA GLU H 1847 -79.23 37.65 -51.60
C GLU H 1847 -78.66 39.04 -51.87
N PRO H 1848 -79.44 40.15 -51.81
CA PRO H 1848 -79.63 40.98 -53.02
C PRO H 1848 -78.44 41.04 -53.95
N SER H 1849 -78.67 40.53 -55.15
CA SER H 1849 -77.60 40.16 -56.05
C SER H 1849 -78.21 39.80 -57.41
N GLY H 1893 -79.81 43.79 -46.81
CA GLY H 1893 -80.04 42.36 -46.93
C GLY H 1893 -80.08 41.66 -45.59
N LEU H 1894 -80.31 40.35 -45.61
CA LEU H 1894 -80.41 39.58 -44.38
C LEU H 1894 -79.05 39.42 -43.71
N LEU H 1895 -78.10 38.84 -44.44
CA LEU H 1895 -76.92 38.25 -43.83
C LEU H 1895 -75.96 39.30 -43.30
N GLN H 1896 -76.10 40.56 -43.71
CA GLN H 1896 -75.16 41.61 -43.35
C GLN H 1896 -75.57 42.35 -42.08
N MET H 1897 -76.45 41.75 -41.28
CA MET H 1897 -76.86 42.32 -40.01
C MET H 1897 -75.78 42.06 -38.96
N LYS H 1898 -76.08 42.38 -37.71
CA LYS H 1898 -75.23 42.01 -36.59
C LYS H 1898 -76.02 41.07 -35.70
N LEU H 1899 -75.40 39.98 -35.30
CA LEU H 1899 -76.12 38.82 -34.83
C LEU H 1899 -75.52 38.29 -33.54
N PRO H 1900 -76.29 37.54 -32.77
CA PRO H 1900 -75.70 36.66 -31.75
C PRO H 1900 -75.23 35.35 -32.36
N GLU H 1901 -74.83 34.41 -31.51
CA GLU H 1901 -74.23 33.18 -32.01
C GLU H 1901 -75.21 32.17 -32.63
N PRO H 1902 -76.26 31.68 -31.94
CA PRO H 1902 -77.02 30.57 -32.54
C PRO H 1902 -77.87 31.00 -33.72
N VAL H 1903 -78.11 32.30 -33.86
CA VAL H 1903 -78.76 32.83 -35.05
C VAL H 1903 -77.94 32.51 -36.29
N LYS H 1904 -76.66 32.86 -36.24
CA LYS H 1904 -75.82 32.56 -37.40
C LYS H 1904 -75.49 31.09 -37.50
N LEU H 1905 -75.61 30.32 -36.41
CA LEU H 1905 -75.55 28.87 -36.52
C LEU H 1905 -76.67 28.33 -37.41
N GLN H 1906 -77.90 28.81 -37.16
CA GLN H 1906 -79.03 28.42 -38.00
C GLN H 1906 -78.85 28.90 -39.43
N MET H 1907 -78.32 30.12 -39.59
CA MET H 1907 -78.07 30.69 -40.90
C MET H 1907 -77.04 29.86 -41.67
N CYS H 1908 -76.06 29.34 -40.94
CA CYS H 1908 -75.05 28.44 -41.50
C CYS H 1908 -75.70 27.17 -42.03
N LEU H 1909 -76.65 26.60 -41.28
CA LEU H 1909 -77.33 25.41 -41.78
C LEU H 1909 -78.16 25.70 -43.02
N LEU H 1910 -78.82 26.86 -43.04
CA LEU H 1910 -79.56 27.30 -44.22
C LEU H 1910 -78.67 27.38 -45.45
N LEU H 1911 -77.51 27.99 -45.28
CA LEU H 1911 -76.60 28.20 -46.39
C LEU H 1911 -76.03 26.87 -46.89
N GLN H 1912 -75.82 25.93 -45.96
CA GLN H 1912 -75.31 24.63 -46.34
C GLN H 1912 -76.34 23.84 -47.14
N TYR H 1913 -77.61 23.98 -46.77
CA TYR H 1913 -78.66 23.37 -47.57
C TYR H 1913 -78.76 23.96 -48.96
N LEU H 1914 -78.48 25.26 -49.09
CA LEU H 1914 -78.45 25.85 -50.42
C LEU H 1914 -77.31 25.28 -51.27
N CYS H 1915 -76.16 25.04 -50.64
CA CYS H 1915 -75.05 24.39 -51.35
C CYS H 1915 -75.44 23.00 -51.80
N ASP H 1916 -76.20 22.28 -50.97
CA ASP H 1916 -76.60 20.94 -51.37
C ASP H 1916 -77.63 20.97 -52.49
N CYS H 1917 -78.47 22.00 -52.54
CA CYS H 1917 -79.38 22.14 -53.67
C CYS H 1917 -78.63 22.44 -54.96
N GLN H 1918 -77.54 23.20 -54.85
CA GLN H 1918 -76.66 23.41 -55.99
C GLN H 1918 -76.10 22.08 -56.51
N VAL H 1919 -75.70 21.21 -55.60
CA VAL H 1919 -75.17 19.91 -55.99
C VAL H 1919 -76.23 19.05 -56.67
N ARG H 1920 -77.47 19.07 -56.13
CA ARG H 1920 -78.57 18.30 -56.71
C ARG H 1920 -78.84 18.72 -58.15
N HIS H 1921 -78.91 20.04 -58.37
CA HIS H 1921 -79.09 20.58 -59.71
C HIS H 1921 -77.96 20.18 -60.63
N ARG H 1922 -76.73 20.22 -60.13
CA ARG H 1922 -75.55 19.91 -60.93
C ARG H 1922 -75.58 18.46 -61.42
N ILE H 1923 -75.92 17.54 -60.54
CA ILE H 1923 -75.88 16.13 -60.95
C ILE H 1923 -77.05 15.79 -61.85
N GLU H 1924 -78.23 16.38 -61.61
CA GLU H 1924 -79.34 16.19 -62.54
C GLU H 1924 -78.98 16.68 -63.93
N ALA H 1925 -78.23 17.78 -64.00
CA ALA H 1925 -77.79 18.30 -65.29
C ALA H 1925 -76.78 17.38 -65.96
N ILE H 1926 -75.88 16.77 -65.18
CA ILE H 1926 -74.87 15.95 -65.85
C ILE H 1926 -75.46 14.63 -66.33
N VAL H 1927 -76.52 14.14 -65.67
CA VAL H 1927 -77.22 12.98 -66.21
C VAL H 1927 -77.98 13.37 -67.47
N ALA H 1928 -78.54 14.59 -67.50
CA ALA H 1928 -79.17 15.09 -68.70
C ALA H 1928 -78.20 15.21 -69.87
N PHE H 1929 -76.94 15.53 -69.59
CA PHE H 1929 -75.94 15.56 -70.65
C PHE H 1929 -75.59 14.15 -71.12
N SER H 1930 -75.39 13.23 -70.18
CA SER H 1930 -74.94 11.90 -70.53
C SER H 1930 -75.98 11.13 -71.33
N ASP H 1931 -77.26 11.44 -71.12
CA ASP H 1931 -78.31 10.79 -71.92
C ASP H 1931 -78.17 11.12 -73.40
N ASP H 1932 -77.77 12.36 -73.71
CA ASP H 1932 -77.46 12.71 -75.08
C ASP H 1932 -76.16 12.08 -75.53
N PHE H 1933 -75.18 12.00 -74.63
CA PHE H 1933 -73.84 11.68 -75.08
C PHE H 1933 -73.66 10.19 -75.35
N VAL H 1934 -74.31 9.34 -74.57
CA VAL H 1934 -73.98 7.92 -74.57
C VAL H 1934 -74.45 7.22 -75.84
N ALA H 1935 -75.63 7.60 -76.34
CA ALA H 1935 -76.19 6.98 -77.54
C ALA H 1935 -75.31 7.21 -78.76
N LYS H 1936 -74.61 8.35 -78.79
CA LYS H 1936 -73.62 8.61 -79.83
C LYS H 1936 -72.50 7.59 -79.78
N LEU H 1937 -72.02 7.28 -78.58
CA LEU H 1937 -70.94 6.30 -78.43
C LEU H 1937 -71.42 4.91 -78.78
N GLN H 1938 -72.67 4.60 -78.42
CA GLN H 1938 -73.29 3.32 -78.75
C GLN H 1938 -73.34 3.10 -80.25
N ASP H 1939 -73.94 4.06 -80.96
CA ASP H 1939 -74.02 4.02 -82.41
C ASP H 1939 -72.64 4.04 -83.04
N ASN H 1940 -71.70 4.77 -82.43
CA ASN H 1940 -70.34 4.86 -82.95
C ASN H 1940 -69.65 3.52 -82.95
N GLN H 1941 -69.62 2.83 -81.82
CA GLN H 1941 -68.83 1.60 -81.81
C GLN H 1941 -69.57 0.43 -82.44
N ARG H 1942 -70.90 0.42 -82.44
CA ARG H 1942 -71.59 -0.60 -83.24
C ARG H 1942 -71.37 -0.36 -84.73
N PHE H 1943 -71.36 0.91 -85.13
CA PHE H 1943 -71.07 1.29 -86.50
C PHE H 1943 -69.63 0.95 -86.89
N ARG H 1944 -68.69 1.12 -85.95
CA ARG H 1944 -67.29 0.78 -86.21
C ARG H 1944 -67.11 -0.72 -86.32
N TYR H 1945 -67.84 -1.49 -85.52
CA TYR H 1945 -67.82 -2.94 -85.67
C TYR H 1945 -68.32 -3.35 -87.04
N ASN H 1946 -69.40 -2.73 -87.51
CA ASN H 1946 -69.92 -3.13 -88.80
C ASN H 1946 -69.04 -2.61 -89.94
N GLU H 1947 -68.31 -1.53 -89.70
CA GLU H 1947 -67.27 -1.09 -90.63
C GLU H 1947 -66.19 -2.16 -90.78
N VAL H 1948 -65.64 -2.62 -89.66
CA VAL H 1948 -64.54 -3.61 -89.72
C VAL H 1948 -65.05 -4.94 -90.25
N MET H 1949 -66.28 -5.30 -89.91
CA MET H 1949 -66.91 -6.50 -90.45
C MET H 1949 -67.11 -6.41 -91.95
N GLN H 1950 -67.57 -5.26 -92.44
CA GLN H 1950 -67.93 -5.11 -93.84
C GLN H 1950 -66.73 -5.22 -94.76
N ALA H 1951 -65.55 -4.78 -94.31
CA ALA H 1951 -64.37 -4.78 -95.16
C ALA H 1951 -63.87 -6.19 -95.39
N LEU H 1952 -63.18 -6.38 -96.52
CA LEU H 1952 -62.67 -7.69 -96.91
C LEU H 1952 -61.16 -7.80 -96.79
N ASN H 1953 -60.48 -6.75 -96.32
CA ASN H 1953 -59.03 -6.79 -96.16
C ASN H 1953 -58.64 -7.55 -94.90
N GLU H 1986 -54.57 -10.89 -88.51
CA GLU H 1986 -53.61 -9.94 -89.05
C GLU H 1986 -53.70 -8.59 -88.34
N CYS H 1987 -53.78 -7.52 -89.12
CA CYS H 1987 -53.94 -6.14 -88.66
C CYS H 1987 -55.35 -5.74 -88.22
N PRO H 1988 -56.46 -6.24 -88.80
CA PRO H 1988 -57.76 -6.03 -88.14
C PRO H 1988 -57.94 -6.85 -86.87
N CYS H 1989 -57.06 -7.78 -86.60
CA CYS H 1989 -57.15 -8.57 -85.38
C CYS H 1989 -56.88 -7.77 -84.10
N PRO H 1990 -56.00 -6.74 -84.06
CA PRO H 1990 -56.04 -5.83 -82.90
C PRO H 1990 -57.33 -5.05 -82.76
N GLU H 1991 -58.07 -4.80 -83.84
CA GLU H 1991 -59.39 -4.19 -83.67
C GLU H 1991 -60.36 -5.19 -83.06
N GLU H 1992 -60.25 -6.46 -83.46
CA GLU H 1992 -61.01 -7.52 -82.82
C GLU H 1992 -60.65 -7.66 -81.34
N ILE H 1993 -59.38 -7.44 -81.01
CA ILE H 1993 -58.91 -7.42 -79.64
C ILE H 1993 -59.54 -6.27 -78.86
N ARG H 1994 -59.52 -5.07 -79.46
CA ARG H 1994 -60.09 -3.89 -78.83
C ARG H 1994 -61.58 -4.00 -78.62
N ASP H 1995 -62.27 -4.77 -79.45
CA ASP H 1995 -63.70 -4.95 -79.27
C ASP H 1995 -64.00 -6.10 -78.31
N GLN H 1996 -63.01 -6.58 -77.55
CA GLN H 1996 -63.21 -7.75 -76.69
C GLN H 1996 -62.60 -7.49 -75.30
N LEU H 1997 -63.05 -6.42 -74.66
CA LEU H 1997 -62.72 -6.21 -73.26
C LEU H 1997 -63.48 -7.21 -72.38
N LEU H 1998 -63.17 -7.17 -71.08
CA LEU H 1998 -63.75 -8.13 -70.14
C LEU H 1998 -65.24 -7.90 -69.97
N ASP H 1999 -65.65 -6.65 -69.93
CA ASP H 1999 -67.06 -6.29 -69.96
C ASP H 1999 -67.15 -4.92 -70.61
N PHE H 2000 -68.29 -4.26 -70.43
CA PHE H 2000 -68.42 -2.88 -70.89
C PHE H 2000 -67.60 -1.90 -70.07
N HIS H 2001 -67.10 -2.33 -68.91
CA HIS H 2001 -66.33 -1.46 -68.03
C HIS H 2001 -65.03 -1.03 -68.69
N GLU H 2002 -64.22 -1.98 -69.13
CA GLU H 2002 -62.98 -1.63 -69.80
C GLU H 2002 -63.22 -1.05 -71.17
N ASP H 2003 -64.37 -1.41 -71.78
CA ASP H 2003 -64.81 -0.78 -73.03
C ASP H 2003 -64.93 0.73 -72.85
N LEU H 2004 -65.75 1.15 -71.89
CA LEU H 2004 -65.91 2.57 -71.63
C LEU H 2004 -64.67 3.20 -71.03
N MET H 2005 -63.82 2.40 -70.37
CA MET H 2005 -62.56 2.93 -69.86
C MET H 2005 -61.64 3.32 -71.00
N THR H 2006 -61.54 2.48 -72.03
CA THR H 2006 -60.79 2.84 -73.23
C THR H 2006 -61.46 3.99 -73.97
N HIS H 2007 -62.79 3.97 -74.03
CA HIS H 2007 -63.52 4.99 -74.78
C HIS H 2007 -63.40 6.37 -74.13
N CYS H 2008 -63.27 6.41 -72.81
CA CYS H 2008 -63.12 7.69 -72.13
C CYS H 2008 -61.66 8.12 -71.98
N GLY H 2009 -60.74 7.19 -71.74
CA GLY H 2009 -59.34 7.54 -71.68
C GLY H 2009 -58.74 7.87 -73.04
N ILE H 2010 -59.43 7.51 -74.12
CA ILE H 2010 -58.96 7.91 -75.44
C ILE H 2010 -59.20 9.38 -75.69
N GLU H 2011 -60.17 9.99 -75.01
CA GLU H 2011 -60.40 11.41 -75.13
C GLU H 2011 -59.50 12.23 -74.22
N LEU H 2012 -58.63 11.57 -73.45
CA LEU H 2012 -57.83 12.27 -72.45
C LEU H 2012 -56.65 12.99 -73.10
N ASP H 2013 -55.83 12.26 -73.84
CA ASP H 2013 -54.63 12.83 -74.44
C ASP H 2013 -54.98 13.70 -75.64
N LEU H 2024 -61.73 10.67 -82.96
CA LEU H 2024 -63.16 10.91 -82.87
C LEU H 2024 -63.44 12.37 -82.54
N THR H 2025 -64.31 13.00 -83.32
CA THR H 2025 -64.64 14.40 -83.11
C THR H 2025 -65.62 14.60 -81.96
N ILE H 2026 -66.25 13.52 -81.51
CA ILE H 2026 -67.23 13.58 -80.43
C ILE H 2026 -66.55 13.94 -79.12
N ARG H 2027 -65.25 13.66 -79.01
CA ARG H 2027 -64.47 13.90 -77.80
C ARG H 2027 -64.37 15.39 -77.49
N GLY H 2028 -64.50 16.23 -78.52
CA GLY H 2028 -64.55 17.66 -78.31
C GLY H 2028 -65.75 18.13 -77.50
N ARG H 2029 -66.84 17.37 -77.52
CA ARG H 2029 -68.00 17.77 -76.72
C ARG H 2029 -67.74 17.56 -75.23
N LEU H 2030 -67.06 16.48 -74.87
CA LEU H 2030 -66.63 16.34 -73.48
C LEU H 2030 -65.57 17.37 -73.13
N LEU H 2031 -64.69 17.67 -74.07
CA LEU H 2031 -63.69 18.73 -73.88
C LEU H 2031 -64.35 20.06 -73.58
N SER H 2032 -65.50 20.32 -74.19
CA SER H 2032 -66.29 21.48 -73.83
C SER H 2032 -66.93 21.31 -72.46
N LEU H 2033 -67.58 20.16 -72.23
CA LEU H 2033 -68.49 20.01 -71.11
C LEU H 2033 -67.78 19.97 -69.78
N VAL H 2034 -66.53 19.50 -69.74
CA VAL H 2034 -65.77 19.50 -68.49
C VAL H 2034 -65.55 20.92 -68.00
N GLU H 2035 -65.23 21.82 -68.93
CA GLU H 2035 -65.15 23.23 -68.57
C GLU H 2035 -66.52 23.88 -68.43
N LYS H 2036 -67.57 23.27 -68.99
CA LYS H 2036 -68.90 23.79 -68.73
C LYS H 2036 -69.29 23.57 -67.28
N VAL H 2037 -68.79 22.49 -66.67
CA VAL H 2037 -69.16 22.07 -65.33
C VAL H 2037 -67.95 22.41 -64.47
N THR H 2038 -67.31 23.53 -64.77
CA THR H 2038 -66.57 24.20 -63.72
C THR H 2038 -67.53 24.45 -62.56
N TYR H 2039 -68.56 25.23 -62.80
CA TYR H 2039 -69.52 25.58 -61.75
C TYR H 2039 -70.93 25.64 -62.30
N THR H 2058 -72.51 34.24 -57.87
CA THR H 2058 -71.27 34.23 -57.11
C THR H 2058 -71.54 34.00 -55.64
N LEU H 2059 -72.41 33.04 -55.35
CA LEU H 2059 -72.75 32.76 -53.96
C LEU H 2059 -71.56 32.19 -53.22
N GLN H 2060 -70.75 31.38 -53.91
CA GLN H 2060 -69.53 30.83 -53.36
C GLN H 2060 -68.60 31.91 -52.84
N GLN H 2061 -68.46 32.98 -53.59
CA GLN H 2061 -67.51 34.01 -53.21
C GLN H 2061 -68.03 34.88 -52.09
N LEU H 2062 -69.35 35.08 -51.99
CA LEU H 2062 -69.87 35.81 -50.84
C LEU H 2062 -69.79 34.98 -49.57
N ILE H 2063 -69.97 33.67 -49.68
CA ILE H 2063 -69.72 32.77 -48.55
C ILE H 2063 -68.27 32.89 -48.12
N SER H 2064 -67.36 32.81 -49.08
CA SER H 2064 -65.93 32.91 -48.81
C SER H 2064 -65.55 34.24 -48.17
N GLU H 2065 -66.30 35.30 -48.47
CA GLU H 2065 -66.15 36.53 -47.71
C GLU H 2065 -66.66 36.36 -46.29
N THR H 2066 -67.95 36.05 -46.16
CA THR H 2066 -68.65 36.32 -44.91
C THR H 2066 -68.29 35.36 -43.81
N MET H 2067 -67.90 34.13 -44.15
CA MET H 2067 -67.44 33.22 -43.11
C MET H 2067 -66.13 33.73 -42.51
N VAL H 2068 -65.23 34.20 -43.36
CA VAL H 2068 -63.98 34.79 -42.90
C VAL H 2068 -64.24 36.05 -42.10
N ARG H 2069 -65.22 36.85 -42.55
CA ARG H 2069 -65.54 38.08 -41.86
C ARG H 2069 -66.11 37.81 -40.47
N TRP H 2070 -66.99 36.81 -40.37
CA TRP H 2070 -67.52 36.40 -39.08
C TRP H 2070 -66.42 35.90 -38.17
N ALA H 2071 -65.45 35.22 -38.74
CA ALA H 2071 -64.34 34.76 -37.92
C ALA H 2071 -63.46 35.92 -37.48
N GLN H 2072 -63.36 36.96 -38.30
CA GLN H 2072 -62.50 38.09 -37.97
C GLN H 2072 -63.12 38.95 -36.89
N GLU H 2073 -64.28 39.53 -37.17
CA GLU H 2073 -64.77 40.63 -36.37
C GLU H 2073 -65.32 40.21 -35.02
N SER H 2074 -65.62 38.93 -34.84
CA SER H 2074 -66.57 38.51 -33.83
C SER H 2074 -66.10 37.26 -33.09
N VAL H 2075 -64.88 37.29 -32.54
CA VAL H 2075 -64.09 36.16 -32.03
C VAL H 2075 -64.91 35.15 -31.24
N ILE H 2076 -64.88 33.89 -31.67
CA ILE H 2076 -66.02 32.99 -31.56
C ILE H 2076 -65.74 31.93 -30.50
N GLU H 2077 -66.70 31.76 -29.59
CA GLU H 2077 -66.79 30.59 -28.74
C GLU H 2077 -67.69 29.56 -29.44
N ASP H 2078 -68.22 28.58 -28.70
CA ASP H 2078 -69.17 27.58 -29.18
C ASP H 2078 -68.56 26.75 -30.29
N PRO H 2079 -67.66 25.81 -29.99
CA PRO H 2079 -66.88 25.14 -31.03
C PRO H 2079 -67.70 24.38 -32.06
N GLU H 2080 -68.98 24.09 -31.77
CA GLU H 2080 -69.88 23.59 -32.80
C GLU H 2080 -70.07 24.62 -33.90
N LEU H 2081 -70.17 25.90 -33.54
CA LEU H 2081 -70.27 26.93 -34.56
C LEU H 2081 -68.99 27.04 -35.35
N VAL H 2082 -67.85 26.80 -34.70
CA VAL H 2082 -66.58 26.88 -35.39
C VAL H 2082 -66.45 25.75 -36.40
N ARG H 2083 -66.89 24.56 -36.01
CA ARG H 2083 -66.90 23.42 -36.91
C ARG H 2083 -67.83 23.67 -38.09
N ALA H 2084 -69.04 24.16 -37.82
CA ALA H 2084 -69.98 24.43 -38.90
C ALA H 2084 -69.52 25.56 -39.78
N MET H 2085 -68.73 26.48 -39.24
CA MET H 2085 -68.09 27.51 -40.04
C MET H 2085 -67.14 26.88 -41.04
N PHE H 2086 -66.13 26.17 -40.55
CA PHE H 2086 -65.08 25.77 -41.45
C PHE H 2086 -65.45 24.61 -42.35
N VAL H 2087 -66.51 23.87 -42.04
CA VAL H 2087 -66.97 22.85 -42.95
C VAL H 2087 -67.49 23.47 -44.23
N LEU H 2088 -68.32 24.50 -44.10
CA LEU H 2088 -68.79 25.21 -45.29
C LEU H 2088 -67.66 25.95 -45.97
N LEU H 2089 -66.71 26.45 -45.21
CA LEU H 2089 -65.59 27.19 -45.79
C LEU H 2089 -64.74 26.29 -46.67
N HIS H 2090 -64.35 25.12 -46.16
CA HIS H 2090 -63.67 24.12 -46.97
C HIS H 2090 -64.53 23.62 -48.12
N ARG H 2091 -65.82 23.47 -47.89
CA ARG H 2091 -66.68 22.89 -48.91
C ARG H 2091 -66.85 23.81 -50.11
N GLN H 2092 -66.80 25.13 -49.88
CA GLN H 2092 -66.88 26.04 -51.02
C GLN H 2092 -65.69 25.94 -51.95
N TYR H 2093 -64.55 25.47 -51.47
CA TYR H 2093 -63.42 25.24 -52.34
C TYR H 2093 -63.33 23.82 -52.83
N ASP H 2094 -63.85 22.88 -52.06
CA ASP H 2094 -63.84 21.47 -52.44
C ASP H 2094 -65.13 21.10 -53.15
N GLY H 2095 -65.51 21.88 -54.16
CA GLY H 2095 -66.66 21.52 -54.96
C GLY H 2095 -66.34 20.34 -55.86
N ILE H 2096 -65.10 20.29 -56.34
CA ILE H 2096 -64.61 19.15 -57.10
C ILE H 2096 -64.62 17.90 -56.23
N GLY H 2097 -64.07 18.01 -55.02
CA GLY H 2097 -64.00 16.85 -54.14
C GLY H 2097 -65.35 16.44 -53.58
N GLY H 2098 -66.25 17.40 -53.34
CA GLY H 2098 -67.60 17.04 -52.97
C GLY H 2098 -68.33 16.36 -54.10
N LEU H 2099 -68.05 16.77 -55.34
CA LEU H 2099 -68.57 16.08 -56.51
C LEU H 2099 -68.02 14.67 -56.61
N VAL H 2100 -66.74 14.51 -56.25
CA VAL H 2100 -66.12 13.19 -56.15
C VAL H 2100 -66.84 12.34 -55.11
N ARG H 2101 -67.19 12.95 -53.99
CA ARG H 2101 -67.95 12.24 -52.96
C ARG H 2101 -69.35 11.90 -53.43
N ALA H 2102 -69.89 12.71 -54.33
CA ALA H 2102 -71.28 12.57 -54.71
C ALA H 2102 -71.53 11.52 -55.78
N LEU H 2103 -70.75 11.54 -56.86
CA LEU H 2103 -71.08 10.72 -58.02
C LEU H 2103 -71.07 9.20 -57.86
N PRO H 2104 -70.31 8.58 -56.94
CA PRO H 2104 -70.59 7.18 -56.65
C PRO H 2104 -71.74 6.95 -55.71
N LYS H 2105 -72.82 7.71 -55.89
CA LYS H 2105 -74.13 7.37 -55.36
C LYS H 2105 -75.24 7.59 -56.36
N THR H 2106 -75.06 8.42 -57.38
CA THR H 2106 -76.13 8.65 -58.32
C THR H 2106 -76.28 7.47 -59.27
N TYR H 2107 -77.45 7.41 -59.90
CA TYR H 2107 -77.90 6.16 -60.50
C TYR H 2107 -79.07 6.45 -61.41
N THR H 2108 -79.15 5.75 -62.54
CA THR H 2108 -80.22 5.93 -63.49
C THR H 2108 -81.16 4.73 -63.49
N ILE H 2109 -82.44 5.01 -63.66
CA ILE H 2109 -83.51 4.03 -63.54
C ILE H 2109 -84.48 4.26 -64.70
N ASN H 2110 -84.91 3.17 -65.34
CA ASN H 2110 -85.91 3.29 -66.39
C ASN H 2110 -87.26 3.74 -65.84
N GLY H 2111 -88.06 4.34 -66.72
CA GLY H 2111 -89.34 4.91 -66.35
C GLY H 2111 -90.41 3.90 -65.98
N VAL H 2112 -90.16 2.62 -66.18
CA VAL H 2112 -91.15 1.62 -65.85
C VAL H 2112 -91.15 1.33 -64.35
N SER H 2113 -89.96 1.19 -63.77
CA SER H 2113 -89.79 0.66 -62.44
C SER H 2113 -89.88 1.73 -61.36
N VAL H 2114 -90.50 2.88 -61.67
CA VAL H 2114 -90.46 4.05 -60.81
C VAL H 2114 -91.16 3.80 -59.48
N GLU H 2115 -92.33 3.17 -59.52
CA GLU H 2115 -93.11 3.02 -58.30
C GLU H 2115 -92.47 2.01 -57.38
N ASP H 2116 -91.84 0.96 -57.91
CA ASP H 2116 -91.17 0.00 -57.05
C ASP H 2116 -89.95 0.62 -56.38
N THR H 2117 -89.24 1.50 -57.09
CA THR H 2117 -88.14 2.24 -56.48
C THR H 2117 -88.64 3.13 -55.36
N ILE H 2118 -89.76 3.81 -55.59
CA ILE H 2118 -90.31 4.68 -54.56
C ILE H 2118 -90.77 3.88 -53.36
N ASN H 2119 -91.42 2.75 -53.59
CA ASN H 2119 -91.95 1.94 -52.50
C ASN H 2119 -90.82 1.30 -51.70
N LEU H 2120 -89.83 0.76 -52.40
CA LEU H 2120 -88.67 0.17 -51.74
C LEU H 2120 -87.90 1.21 -50.95
N LEU H 2121 -87.74 2.41 -51.52
CA LEU H 2121 -87.01 3.45 -50.83
C LEU H 2121 -87.79 3.94 -49.62
N ALA H 2122 -89.11 3.94 -49.70
CA ALA H 2122 -89.92 4.34 -48.55
C ALA H 2122 -89.80 3.34 -47.42
N SER H 2123 -89.83 2.05 -47.76
CA SER H 2123 -89.65 1.03 -46.73
C SER H 2123 -88.24 1.07 -46.16
N LEU H 2124 -87.27 1.42 -46.99
CA LEU H 2124 -85.91 1.49 -46.50
C LEU H 2124 -85.72 2.69 -45.59
N GLY H 2125 -86.38 3.80 -45.90
CA GLY H 2125 -86.37 4.93 -44.99
C GLY H 2125 -87.08 4.61 -43.70
N GLN H 2126 -88.11 3.78 -43.77
CA GLN H 2126 -88.81 3.33 -42.58
C GLN H 2126 -87.90 2.54 -41.65
N ILE H 2127 -87.17 1.57 -42.22
CA ILE H 2127 -86.31 0.77 -41.35
C ILE H 2127 -85.10 1.59 -40.91
N ARG H 2128 -84.65 2.55 -41.71
CA ARG H 2128 -83.57 3.41 -41.27
C ARG H 2128 -84.04 4.35 -40.17
N SER H 2129 -85.33 4.68 -40.16
CA SER H 2129 -85.86 5.41 -39.03
C SER H 2129 -85.97 4.52 -37.80
N LEU H 2130 -86.29 3.24 -38.01
CA LEU H 2130 -86.46 2.33 -36.89
C LEU H 2130 -85.12 1.93 -36.29
N LEU H 2131 -84.02 2.22 -37.00
CA LEU H 2131 -82.66 2.09 -36.47
C LEU H 2131 -82.44 2.71 -35.09
N SER H 2132 -83.19 3.73 -34.73
CA SER H 2132 -82.89 4.52 -33.54
C SER H 2132 -83.92 4.31 -32.44
N VAL H 2133 -84.34 3.07 -32.22
CA VAL H 2133 -85.17 2.76 -31.05
C VAL H 2133 -84.60 1.55 -30.31
N GLU H 2138 -92.17 -5.40 -30.10
CA GLU H 2138 -93.02 -4.56 -30.94
C GLU H 2138 -92.26 -4.08 -32.14
N GLU H 2139 -91.07 -3.56 -31.86
CA GLU H 2139 -90.21 -2.96 -32.88
C GLU H 2139 -89.77 -3.99 -33.91
N GLU H 2140 -89.59 -5.22 -33.46
CA GLU H 2140 -89.06 -6.27 -34.32
C GLU H 2140 -90.10 -6.72 -35.33
N LYS H 2141 -91.38 -6.59 -35.00
CA LYS H 2141 -92.41 -6.95 -35.96
C LYS H 2141 -92.47 -5.94 -37.09
N LEU H 2142 -92.25 -4.66 -36.76
CA LEU H 2142 -92.11 -3.64 -37.78
C LEU H 2142 -90.89 -3.89 -38.65
N MET H 2143 -89.79 -4.31 -38.01
CA MET H 2143 -88.58 -4.64 -38.74
C MET H 2143 -88.80 -5.78 -39.72
N ILE H 2144 -89.47 -6.83 -39.27
CA ILE H 2144 -89.68 -8.01 -40.10
C ILE H 2144 -90.64 -7.71 -41.24
N ARG H 2145 -91.66 -6.88 -40.97
CA ARG H 2145 -92.53 -6.42 -42.05
C ARG H 2145 -91.76 -5.63 -43.09
N GLY H 2146 -90.85 -4.76 -42.64
CA GLY H 2146 -90.05 -3.98 -43.58
C GLY H 2146 -89.14 -4.85 -44.41
N LEU H 2147 -88.52 -5.85 -43.78
CA LEU H 2147 -87.64 -6.76 -44.50
C LEU H 2147 -88.41 -7.56 -45.52
N GLY H 2148 -89.58 -8.06 -45.15
CA GLY H 2148 -90.39 -8.82 -46.08
C GLY H 2148 -90.91 -7.99 -47.23
N ASP H 2149 -91.11 -6.70 -47.00
CA ASP H 2149 -91.41 -5.82 -48.13
C ASP H 2149 -90.20 -5.66 -49.03
N ILE H 2150 -89.00 -5.60 -48.45
CA ILE H 2150 -87.78 -5.45 -49.25
C ILE H 2150 -87.52 -6.68 -50.10
N MET H 2151 -87.90 -7.85 -49.58
CA MET H 2151 -87.67 -9.13 -50.26
C MET H 2151 -88.43 -9.29 -51.58
N ASN H 2152 -89.35 -8.39 -51.91
CA ASN H 2152 -90.31 -8.64 -52.97
C ASN H 2152 -90.30 -7.52 -54.00
N ASN H 2153 -89.13 -7.16 -54.50
CA ASN H 2153 -89.04 -6.05 -55.43
C ASN H 2153 -88.24 -6.43 -56.67
N LYS H 2154 -88.72 -5.93 -57.81
CA LYS H 2154 -88.02 -6.15 -59.07
C LYS H 2154 -86.68 -5.47 -59.07
N VAL H 2155 -86.66 -4.20 -58.64
CA VAL H 2155 -85.49 -3.34 -58.74
C VAL H 2155 -84.38 -3.84 -57.84
N PHE H 2156 -84.76 -4.52 -56.76
CA PHE H 2156 -83.81 -5.23 -55.90
C PHE H 2156 -83.00 -6.25 -56.69
N TYR H 2157 -83.56 -6.80 -57.76
CA TYR H 2157 -82.82 -7.66 -58.65
C TYR H 2157 -82.46 -7.00 -59.95
N GLN H 2158 -83.27 -6.05 -60.42
CA GLN H 2158 -82.94 -5.38 -61.66
C GLN H 2158 -81.80 -4.41 -61.49
N HIS H 2159 -81.54 -3.93 -60.28
CA HIS H 2159 -80.42 -3.03 -60.03
C HIS H 2159 -79.71 -3.44 -58.74
N PRO H 2160 -78.94 -4.52 -58.79
CA PRO H 2160 -78.23 -4.96 -57.57
C PRO H 2160 -77.05 -4.10 -57.22
N ASN H 2161 -76.61 -3.22 -58.13
CA ASN H 2161 -75.64 -2.22 -57.74
C ASN H 2161 -76.22 -1.22 -56.76
N LEU H 2162 -77.53 -0.97 -56.89
CA LEU H 2162 -78.12 0.12 -56.14
C LEU H 2162 -78.22 -0.21 -54.67
N MET H 2163 -78.36 -1.49 -54.33
CA MET H 2163 -78.49 -1.87 -52.92
C MET H 2163 -77.21 -1.59 -52.16
N ARG H 2164 -76.07 -2.05 -52.68
CA ARG H 2164 -74.83 -1.72 -52.02
C ARG H 2164 -74.47 -0.27 -52.22
N ALA H 2165 -75.05 0.39 -53.22
CA ALA H 2165 -74.87 1.84 -53.33
C ALA H 2165 -75.57 2.56 -52.21
N LEU H 2166 -76.71 2.04 -51.74
CA LEU H 2166 -77.37 2.63 -50.60
C LEU H 2166 -76.64 2.36 -49.30
N GLY H 2167 -75.79 1.34 -49.26
CA GLY H 2167 -75.15 0.97 -48.01
C GLY H 2167 -76.11 0.33 -47.03
N MET H 2168 -77.23 -0.17 -47.53
CA MET H 2168 -78.29 -0.64 -46.66
C MET H 2168 -77.91 -1.92 -45.95
N HIS H 2169 -76.99 -2.69 -46.52
CA HIS H 2169 -76.46 -3.85 -45.83
C HIS H 2169 -75.73 -3.45 -44.55
N GLU H 2170 -75.04 -2.33 -44.57
CA GLU H 2170 -74.36 -1.86 -43.37
C GLU H 2170 -75.37 -1.42 -42.33
N THR H 2171 -76.49 -0.86 -42.77
CA THR H 2171 -77.58 -0.50 -41.87
C THR H 2171 -78.15 -1.74 -41.20
N VAL H 2172 -78.40 -2.79 -41.99
CA VAL H 2172 -78.93 -4.04 -41.47
C VAL H 2172 -77.99 -4.63 -40.44
N MET H 2173 -76.69 -4.61 -40.76
CA MET H 2173 -75.70 -5.17 -39.87
C MET H 2173 -75.59 -4.35 -38.60
N GLU H 2174 -75.79 -3.04 -38.69
CA GLU H 2174 -75.75 -2.20 -37.50
C GLU H 2174 -76.94 -2.50 -36.60
N VAL H 2175 -78.10 -2.78 -37.20
CA VAL H 2175 -79.26 -3.20 -36.42
C VAL H 2175 -78.96 -4.49 -35.68
N MET H 2176 -78.32 -5.43 -36.37
CA MET H 2176 -77.97 -6.70 -35.76
C MET H 2176 -76.96 -6.52 -34.63
N VAL H 2177 -76.01 -5.60 -34.81
CA VAL H 2177 -75.08 -5.25 -33.73
C VAL H 2177 -75.85 -4.69 -32.54
N ASN H 2178 -76.85 -3.85 -32.82
CA ASN H 2178 -77.62 -3.23 -31.77
C ASN H 2178 -78.45 -4.25 -31.00
N VAL H 2179 -78.84 -5.33 -31.65
CA VAL H 2179 -79.60 -6.36 -30.96
C VAL H 2179 -78.72 -7.11 -29.97
N LEU H 2180 -77.58 -7.61 -30.43
CA LEU H 2180 -76.75 -8.46 -29.60
C LEU H 2180 -75.99 -7.64 -28.57
N GLY H 2181 -75.46 -8.33 -27.57
CA GLY H 2181 -74.69 -7.70 -26.54
C GLY H 2181 -73.20 -7.78 -26.82
N PRO H 2191 -83.71 -13.75 -29.67
CA PRO H 2191 -84.92 -13.40 -30.43
C PRO H 2191 -84.82 -13.76 -31.91
N LYS H 2192 -85.95 -13.80 -32.60
CA LYS H 2192 -86.00 -14.16 -34.01
C LYS H 2192 -85.62 -13.02 -34.93
N MET H 2193 -85.36 -11.83 -34.37
CA MET H 2193 -84.94 -10.68 -35.15
C MET H 2193 -83.61 -10.95 -35.84
N VAL H 2194 -82.66 -11.52 -35.10
CA VAL H 2194 -81.37 -11.91 -35.65
C VAL H 2194 -81.57 -12.97 -36.73
N ALA H 2195 -82.52 -13.87 -36.49
CA ALA H 2195 -82.80 -14.93 -37.45
C ALA H 2195 -83.37 -14.37 -38.74
N ASN H 2196 -84.02 -13.23 -38.69
CA ASN H 2196 -84.41 -12.63 -39.95
C ASN H 2196 -83.28 -11.84 -40.58
N CYS H 2197 -82.44 -11.19 -39.76
CA CYS H 2197 -81.38 -10.35 -40.31
C CYS H 2197 -80.31 -11.17 -41.02
N CYS H 2198 -79.88 -12.25 -40.39
CA CYS H 2198 -78.94 -13.17 -41.01
C CYS H 2198 -79.52 -13.75 -42.28
N ARG H 2199 -80.82 -14.02 -42.26
CA ARG H 2199 -81.50 -14.55 -43.44
C ARG H 2199 -81.47 -13.53 -44.57
N PHE H 2200 -81.68 -12.26 -44.25
CA PHE H 2200 -81.64 -11.25 -45.29
C PHE H 2200 -80.24 -11.08 -45.85
N LEU H 2201 -79.22 -11.13 -44.99
CA LEU H 2201 -77.88 -10.95 -45.50
C LEU H 2201 -77.42 -12.13 -46.33
N CYS H 2202 -77.74 -13.35 -45.92
CA CYS H 2202 -77.40 -14.52 -46.73
C CYS H 2202 -78.19 -14.53 -48.02
N TYR H 2203 -79.41 -14.02 -47.97
CA TYR H 2203 -80.22 -13.84 -49.16
C TYR H 2203 -79.59 -12.80 -50.07
N PHE H 2204 -78.87 -11.87 -49.48
CA PHE H 2204 -78.32 -10.73 -50.18
C PHE H 2204 -76.96 -11.00 -50.78
N CYS H 2205 -76.19 -11.90 -50.16
CA CYS H 2205 -74.79 -12.09 -50.53
C CYS H 2205 -74.60 -12.61 -51.94
N ARG H 2206 -75.56 -13.37 -52.45
CA ARG H 2206 -75.32 -14.14 -53.66
C ARG H 2206 -75.81 -13.45 -54.92
N ILE H 2207 -76.35 -12.24 -54.82
CA ILE H 2207 -77.06 -11.67 -55.94
C ILE H 2207 -76.12 -11.14 -57.01
N SER H 2208 -74.85 -10.94 -56.67
CA SER H 2208 -73.83 -10.69 -57.66
C SER H 2208 -72.54 -11.26 -57.11
N ARG H 2209 -71.42 -10.85 -57.70
CA ARG H 2209 -70.14 -11.28 -57.15
C ARG H 2209 -69.57 -10.21 -56.24
N GLN H 2210 -69.48 -8.98 -56.73
CA GLN H 2210 -68.82 -7.92 -55.98
C GLN H 2210 -69.62 -7.44 -54.78
N ASN H 2211 -70.88 -7.85 -54.68
CA ASN H 2211 -71.61 -7.71 -53.43
C ASN H 2211 -70.90 -8.45 -52.31
N GLN H 2212 -70.37 -9.63 -52.62
CA GLN H 2212 -69.81 -10.50 -51.61
C GLN H 2212 -68.51 -9.94 -51.04
N LYS H 2213 -67.83 -9.07 -51.78
CA LYS H 2213 -66.68 -8.37 -51.24
C LYS H 2213 -67.10 -7.46 -50.10
N ALA H 2214 -68.13 -6.65 -50.34
CA ALA H 2214 -68.61 -5.72 -49.33
C ALA H 2214 -69.16 -6.46 -48.13
N MET H 2215 -69.78 -7.61 -48.37
CA MET H 2215 -70.17 -8.44 -47.24
C MET H 2215 -68.97 -9.04 -46.55
N PHE H 2216 -67.90 -9.29 -47.29
CA PHE H 2216 -66.72 -9.92 -46.72
C PHE H 2216 -65.93 -8.97 -45.86
N ASP H 2217 -66.11 -7.70 -46.06
CA ASP H 2217 -65.38 -6.73 -45.26
C ASP H 2217 -65.85 -6.65 -43.79
N HIS H 2218 -66.67 -7.56 -43.26
CA HIS H 2218 -67.12 -7.49 -41.89
C HIS H 2218 -66.88 -8.81 -41.16
N LEU H 2219 -66.12 -9.71 -41.77
CA LEU H 2219 -66.01 -11.06 -41.24
C LEU H 2219 -65.19 -11.10 -39.96
N SER H 2220 -64.36 -10.09 -39.73
CA SER H 2220 -63.66 -9.97 -38.46
C SER H 2220 -64.65 -9.86 -37.32
N TYR H 2221 -65.64 -8.99 -37.46
CA TYR H 2221 -66.71 -8.91 -36.48
C TYR H 2221 -67.59 -10.14 -36.52
N LEU H 2222 -67.86 -10.64 -37.70
CA LEU H 2222 -69.01 -11.51 -37.91
C LEU H 2222 -68.78 -12.89 -37.29
N LEU H 2223 -67.53 -13.31 -37.17
CA LEU H 2223 -67.26 -14.59 -36.54
C LEU H 2223 -67.41 -14.53 -35.03
N GLU H 2224 -67.35 -13.34 -34.45
CA GLU H 2224 -67.24 -13.19 -33.01
C GLU H 2224 -68.50 -13.59 -32.28
N ASN H 2225 -69.61 -13.70 -33.00
CA ASN H 2225 -70.90 -13.98 -32.40
C ASN H 2225 -71.39 -15.38 -32.79
N SER H 2226 -70.46 -16.32 -32.85
CA SER H 2226 -70.78 -17.65 -33.37
C SER H 2226 -71.65 -18.45 -32.44
N SER H 2227 -71.65 -18.14 -31.14
CA SER H 2227 -72.39 -18.95 -30.18
C SER H 2227 -73.89 -18.74 -30.24
N VAL H 2228 -74.37 -17.80 -31.06
CA VAL H 2228 -75.80 -17.68 -31.27
C VAL H 2228 -76.32 -18.88 -32.07
N GLY H 2229 -75.59 -19.28 -33.10
CA GLY H 2229 -75.93 -20.46 -33.86
C GLY H 2229 -75.82 -21.72 -33.03
N LEU H 2230 -76.97 -22.28 -32.69
CA LEU H 2230 -77.04 -23.38 -31.73
C LEU H 2230 -78.10 -24.35 -32.25
N ALA H 2231 -78.54 -25.25 -31.36
CA ALA H 2231 -79.51 -26.27 -31.72
C ALA H 2231 -80.87 -25.64 -32.01
N SER H 2232 -81.19 -25.52 -33.29
CA SER H 2232 -82.45 -25.01 -33.75
C SER H 2232 -82.58 -25.48 -35.19
N PRO H 2233 -83.75 -25.94 -35.62
CA PRO H 2233 -83.93 -26.18 -37.06
C PRO H 2233 -83.94 -24.90 -37.86
N ALA H 2234 -84.22 -23.76 -37.24
CA ALA H 2234 -83.96 -22.45 -37.83
C ALA H 2234 -82.51 -22.06 -37.57
N MET H 2235 -81.61 -22.77 -38.25
CA MET H 2235 -80.19 -22.47 -38.19
C MET H 2235 -79.57 -22.25 -39.55
N ARG H 2236 -79.97 -23.03 -40.55
CA ARG H 2236 -79.54 -22.80 -41.92
C ARG H 2236 -80.14 -21.50 -42.41
N GLY H 2237 -79.28 -20.57 -42.83
CA GLY H 2237 -79.78 -19.25 -43.16
C GLY H 2237 -80.16 -18.44 -41.96
N SER H 2238 -79.60 -18.74 -40.79
CA SER H 2238 -79.95 -18.03 -39.58
C SER H 2238 -78.76 -17.65 -38.73
N THR H 2239 -77.66 -18.31 -38.87
CA THR H 2239 -76.55 -17.96 -38.02
C THR H 2239 -75.78 -16.79 -38.62
N PRO H 2240 -75.15 -15.95 -37.79
CA PRO H 2240 -74.13 -15.04 -38.33
C PRO H 2240 -72.96 -15.79 -38.91
N LEU H 2241 -72.65 -16.96 -38.32
CA LEU H 2241 -71.70 -17.87 -38.92
C LEU H 2241 -72.14 -18.28 -40.31
N ASP H 2242 -73.44 -18.43 -40.52
CA ASP H 2242 -73.92 -18.73 -41.85
C ASP H 2242 -73.82 -17.53 -42.77
N VAL H 2243 -73.77 -16.32 -42.22
CA VAL H 2243 -73.55 -15.16 -43.06
C VAL H 2243 -72.09 -15.14 -43.51
N ALA H 2244 -71.18 -15.52 -42.61
CA ALA H 2244 -69.78 -15.64 -43.01
C ALA H 2244 -69.59 -16.74 -44.05
N ALA H 2245 -70.34 -17.83 -43.90
CA ALA H 2245 -70.28 -18.89 -44.88
C ALA H 2245 -70.87 -18.46 -46.21
N ALA H 2246 -71.82 -17.54 -46.19
CA ALA H 2246 -72.31 -16.99 -47.43
C ALA H 2246 -71.31 -16.06 -48.07
N SER H 2247 -70.32 -15.60 -47.31
CA SER H 2247 -69.36 -14.64 -47.79
C SER H 2247 -68.17 -15.27 -48.49
N VAL H 2248 -68.22 -16.56 -48.80
CA VAL H 2248 -67.03 -17.22 -49.32
C VAL H 2248 -67.28 -17.90 -50.66
N MET H 2249 -68.32 -18.73 -50.72
CA MET H 2249 -68.53 -19.87 -51.60
C MET H 2249 -68.03 -19.74 -53.04
N ASP H 2250 -68.34 -18.61 -53.65
CA ASP H 2250 -67.99 -18.43 -55.06
C ASP H 2250 -66.53 -18.08 -55.23
N ASN H 2251 -66.07 -17.04 -54.54
CA ASN H 2251 -64.82 -16.39 -54.90
C ASN H 2251 -63.62 -17.23 -54.53
N ASN H 2252 -62.87 -17.63 -55.54
CA ASN H 2252 -61.53 -18.13 -55.29
C ASN H 2252 -60.63 -17.02 -54.77
N GLU H 2253 -60.85 -15.81 -55.27
CA GLU H 2253 -60.04 -14.66 -54.86
C GLU H 2253 -60.23 -14.34 -53.39
N LEU H 2254 -61.48 -14.25 -52.95
CA LEU H 2254 -61.72 -13.87 -51.57
C LEU H 2254 -61.41 -15.00 -50.62
N ALA H 2255 -61.50 -16.24 -51.09
CA ALA H 2255 -61.06 -17.37 -50.29
C ALA H 2255 -59.58 -17.28 -50.00
N LEU H 2256 -58.81 -16.77 -50.96
CA LEU H 2256 -57.42 -16.45 -50.68
C LEU H 2256 -57.31 -15.25 -49.76
N ALA H 2257 -58.19 -14.27 -49.94
CA ALA H 2257 -57.99 -12.96 -49.33
C ALA H 2257 -58.14 -12.96 -47.82
N LEU H 2258 -58.80 -13.95 -47.25
CA LEU H 2258 -58.89 -13.97 -45.80
C LEU H 2258 -57.57 -14.44 -45.21
N ARG H 2259 -57.43 -14.27 -43.91
CA ARG H 2259 -56.16 -14.48 -43.26
C ARG H 2259 -56.33 -15.40 -42.07
N GLU H 2260 -55.20 -15.76 -41.47
CA GLU H 2260 -55.21 -16.73 -40.39
C GLU H 2260 -55.86 -16.36 -39.05
N PRO H 2261 -55.95 -15.10 -38.56
CA PRO H 2261 -56.53 -14.91 -37.21
C PRO H 2261 -58.02 -15.20 -37.16
N ASP H 2262 -58.70 -15.11 -38.29
CA ASP H 2262 -60.07 -15.56 -38.40
C ASP H 2262 -60.18 -17.04 -38.09
N LEU H 2263 -59.29 -17.83 -38.69
CA LEU H 2263 -59.28 -19.25 -38.45
C LEU H 2263 -58.81 -19.57 -37.05
N GLU H 2264 -57.99 -18.69 -36.47
CA GLU H 2264 -57.63 -18.81 -35.06
C GLU H 2264 -58.86 -18.68 -34.17
N LYS H 2265 -59.70 -17.69 -34.46
CA LYS H 2265 -60.97 -17.53 -33.76
C LYS H 2265 -61.84 -18.77 -33.92
N VAL H 2266 -61.86 -19.33 -35.13
CA VAL H 2266 -62.70 -20.49 -35.40
C VAL H 2266 -62.24 -21.69 -34.60
N VAL H 2267 -60.93 -21.93 -34.57
CA VAL H 2267 -60.47 -23.12 -33.85
C VAL H 2267 -60.48 -22.91 -32.35
N ARG H 2268 -60.43 -21.67 -31.87
CA ARG H 2268 -60.66 -21.45 -30.45
C ARG H 2268 -62.12 -21.73 -30.10
N TYR H 2269 -63.04 -21.36 -31.00
CA TYR H 2269 -64.44 -21.68 -30.77
C TYR H 2269 -64.72 -23.16 -30.94
N LEU H 2270 -63.87 -23.86 -31.69
CA LEU H 2270 -64.07 -25.28 -31.95
C LEU H 2270 -63.43 -26.14 -30.88
N ALA H 2271 -62.37 -25.64 -30.23
CA ALA H 2271 -61.72 -26.39 -29.17
C ALA H 2271 -62.61 -26.58 -27.95
N GLY H 2272 -63.58 -25.67 -27.74
CA GLY H 2272 -64.54 -25.85 -26.68
C GLY H 2272 -65.50 -27.00 -26.88
N CYS H 2273 -65.66 -27.46 -28.12
CA CYS H 2273 -66.49 -28.63 -28.39
C CYS H 2273 -65.69 -29.89 -28.06
N GLY H 2274 -65.61 -30.18 -26.76
CA GLY H 2274 -64.98 -31.40 -26.29
C GLY H 2274 -65.97 -32.33 -25.64
N LEU H 2275 -67.18 -32.41 -26.21
CA LEU H 2275 -68.27 -33.18 -25.61
C LEU H 2275 -68.84 -34.17 -26.61
N PRO H 2293 -70.32 -32.16 -29.02
CA PRO H 2293 -71.60 -31.46 -29.14
C PRO H 2293 -72.20 -31.57 -30.52
N VAL H 2294 -73.37 -30.95 -30.70
CA VAL H 2294 -73.93 -30.78 -32.02
C VAL H 2294 -73.31 -29.58 -32.71
N GLU H 2295 -72.87 -28.58 -31.95
CA GLU H 2295 -72.50 -27.30 -32.52
C GLU H 2295 -71.18 -27.34 -33.29
N GLY H 2296 -70.38 -28.39 -33.14
CA GLY H 2296 -69.13 -28.48 -33.85
C GLY H 2296 -69.29 -28.66 -35.35
N GLU H 2297 -70.37 -29.33 -35.77
CA GLU H 2297 -70.56 -29.64 -37.18
C GLU H 2297 -70.83 -28.39 -38.00
N ARG H 2298 -71.30 -27.32 -37.37
CA ARG H 2298 -71.51 -26.09 -38.11
C ARG H 2298 -70.18 -25.37 -38.35
N TYR H 2299 -69.30 -25.38 -37.35
CA TYR H 2299 -67.94 -24.90 -37.54
C TYR H 2299 -67.23 -25.66 -38.64
N LEU H 2300 -67.39 -26.98 -38.65
CA LEU H 2300 -66.72 -27.78 -39.66
C LEU H 2300 -67.32 -27.55 -41.04
N ASP H 2301 -68.62 -27.27 -41.11
CA ASP H 2301 -69.23 -26.88 -42.38
C ASP H 2301 -68.63 -25.59 -42.90
N PHE H 2302 -68.44 -24.61 -42.00
CA PHE H 2302 -67.84 -23.35 -42.40
C PHE H 2302 -66.40 -23.54 -42.87
N LEU H 2303 -65.64 -24.39 -42.20
CA LEU H 2303 -64.26 -24.61 -42.64
C LEU H 2303 -64.20 -25.36 -43.97
N ARG H 2304 -65.16 -26.25 -44.19
CA ARG H 2304 -65.28 -26.93 -45.48
C ARG H 2304 -65.55 -25.94 -46.58
N PHE H 2305 -66.32 -24.90 -46.28
CA PHE H 2305 -66.37 -23.79 -47.23
C PHE H 2305 -65.09 -22.99 -47.27
N ALA H 2306 -64.29 -23.04 -46.21
CA ALA H 2306 -63.11 -22.20 -46.16
C ALA H 2306 -61.90 -22.81 -46.84
N VAL H 2307 -61.94 -24.06 -47.30
CA VAL H 2307 -60.75 -24.66 -47.89
C VAL H 2307 -60.86 -25.02 -49.37
N PHE H 2308 -62.05 -25.26 -49.91
CA PHE H 2308 -62.16 -26.06 -51.12
C PHE H 2308 -62.57 -25.26 -52.35
N CYS H 2309 -63.76 -24.66 -52.31
CA CYS H 2309 -64.11 -23.39 -52.95
C CYS H 2309 -64.29 -23.35 -54.47
N ASN H 2310 -63.90 -24.37 -55.23
CA ASN H 2310 -64.27 -24.39 -56.63
C ASN H 2310 -64.55 -25.77 -57.20
N GLY H 2311 -64.49 -26.80 -56.40
CA GLY H 2311 -64.30 -28.13 -56.92
C GLY H 2311 -62.85 -28.58 -56.84
N GLU H 2312 -61.92 -27.64 -56.71
CA GLU H 2312 -60.53 -27.97 -56.47
C GLU H 2312 -59.99 -27.10 -55.35
N SER H 2313 -59.45 -27.73 -54.33
CA SER H 2313 -59.10 -27.05 -53.09
C SER H 2313 -57.91 -26.13 -53.28
N VAL H 2314 -57.82 -25.14 -52.41
CA VAL H 2314 -56.58 -24.41 -52.23
C VAL H 2314 -55.69 -25.20 -51.27
N GLU H 2315 -54.44 -24.77 -51.17
CA GLU H 2315 -53.54 -25.35 -50.19
C GLU H 2315 -53.18 -24.38 -49.09
N GLU H 2316 -53.39 -23.08 -49.33
CA GLU H 2316 -52.86 -22.08 -48.43
C GLU H 2316 -53.68 -21.99 -47.16
N ASN H 2317 -54.99 -22.01 -47.29
CA ASN H 2317 -55.83 -22.20 -46.11
C ASN H 2317 -55.63 -23.58 -45.54
N ALA H 2318 -55.41 -24.56 -46.42
CA ALA H 2318 -55.47 -25.96 -46.04
C ALA H 2318 -54.34 -26.33 -45.09
N ASN H 2319 -53.15 -25.79 -45.35
CA ASN H 2319 -51.99 -26.03 -44.49
C ASN H 2319 -52.26 -25.52 -43.08
N VAL H 2320 -52.85 -24.33 -42.98
CA VAL H 2320 -53.05 -23.72 -41.67
C VAL H 2320 -54.16 -24.45 -40.93
N VAL H 2321 -55.19 -24.87 -41.65
CA VAL H 2321 -56.31 -25.61 -41.04
C VAL H 2321 -55.82 -26.94 -40.48
N VAL H 2322 -55.06 -27.68 -41.29
CA VAL H 2322 -54.59 -28.99 -40.85
C VAL H 2322 -53.57 -28.85 -39.73
N ARG H 2323 -52.78 -27.77 -39.75
CA ARG H 2323 -51.82 -27.52 -38.67
C ARG H 2323 -52.53 -27.25 -37.35
N LEU H 2324 -53.55 -26.40 -37.40
CA LEU H 2324 -54.29 -26.11 -36.19
C LEU H 2324 -55.17 -27.27 -35.74
N LEU H 2325 -55.48 -28.21 -36.64
CA LEU H 2325 -56.18 -29.39 -36.16
C LEU H 2325 -55.23 -30.44 -35.60
N ILE H 2326 -53.98 -30.43 -36.04
CA ILE H 2326 -52.96 -31.26 -35.38
C ILE H 2326 -52.56 -30.66 -34.05
N ARG H 2327 -52.90 -29.41 -33.80
CA ARG H 2327 -52.89 -28.94 -32.42
C ARG H 2327 -53.87 -29.75 -31.56
N ARG H 2328 -55.18 -29.66 -31.83
CA ARG H 2328 -56.15 -30.50 -31.11
C ARG H 2328 -57.30 -30.91 -32.03
N PRO H 2329 -57.38 -32.17 -32.48
CA PRO H 2329 -58.54 -32.61 -33.28
C PRO H 2329 -59.82 -32.59 -32.45
N GLU H 2330 -59.79 -33.39 -31.39
CA GLU H 2330 -60.63 -33.24 -30.21
C GLU H 2330 -62.14 -33.20 -30.47
N GLY H 2343 -59.81 -44.48 -28.50
CA GLY H 2343 -59.99 -44.93 -29.87
C GLY H 2343 -61.11 -44.22 -30.59
N LEU H 2344 -60.73 -43.31 -31.49
CA LEU H 2344 -61.70 -42.46 -32.18
C LEU H 2344 -62.30 -43.11 -33.41
N LEU H 2345 -61.63 -44.10 -34.01
CA LEU H 2345 -62.23 -44.83 -35.12
C LEU H 2345 -63.35 -45.75 -34.64
N ALA H 2346 -63.10 -46.47 -33.55
CA ALA H 2346 -64.11 -47.35 -33.00
C ALA H 2346 -65.21 -46.60 -32.28
N ALA H 2347 -64.98 -45.34 -31.93
CA ALA H 2347 -66.00 -44.55 -31.24
C ALA H 2347 -67.20 -44.29 -32.14
N MET H 2348 -66.97 -43.98 -33.41
CA MET H 2348 -68.05 -43.92 -34.39
C MET H 2348 -68.67 -45.28 -34.56
N GLU H 2349 -67.84 -46.31 -34.62
CA GLU H 2349 -68.32 -47.66 -34.81
C GLU H 2349 -68.82 -48.28 -33.52
N GLU H 2350 -68.84 -47.51 -32.43
CA GLU H 2350 -69.51 -47.92 -31.20
C GLU H 2350 -71.00 -47.60 -31.26
N ALA H 2351 -71.33 -46.32 -31.35
CA ALA H 2351 -72.65 -45.82 -30.96
C ALA H 2351 -73.53 -45.51 -32.14
N ILE H 2352 -73.55 -46.35 -33.19
CA ILE H 2352 -74.50 -46.15 -34.28
C ILE H 2352 -75.92 -46.31 -33.77
N LYS H 2353 -76.17 -47.37 -33.02
CA LYS H 2353 -77.53 -47.79 -32.72
C LYS H 2353 -78.12 -47.07 -31.52
N ILE H 2354 -77.43 -46.10 -30.94
CA ILE H 2354 -78.02 -45.31 -29.89
C ILE H 2354 -78.83 -44.18 -30.49
N GLY H 2386 -79.97 -37.55 -32.13
CA GLY H 2386 -79.04 -38.65 -31.93
C GLY H 2386 -78.11 -38.90 -33.09
N ASN H 2387 -78.16 -38.04 -34.10
CA ASN H 2387 -77.31 -38.11 -35.27
C ASN H 2387 -76.04 -37.27 -35.09
N ALA H 2388 -75.77 -36.81 -33.87
CA ALA H 2388 -74.86 -35.70 -33.64
C ALA H 2388 -73.41 -36.10 -33.88
N ILE H 2389 -72.92 -37.08 -33.11
CA ILE H 2389 -71.55 -37.55 -33.23
C ILE H 2389 -71.31 -38.20 -34.59
N MET H 2390 -72.37 -38.80 -35.15
CA MET H 2390 -72.32 -39.43 -36.47
C MET H 2390 -71.98 -38.40 -37.54
N THR H 2391 -72.81 -37.38 -37.67
CA THR H 2391 -72.53 -36.32 -38.63
C THR H 2391 -71.33 -35.47 -38.23
N PHE H 2392 -70.97 -35.45 -36.95
CA PHE H 2392 -69.78 -34.73 -36.52
C PHE H 2392 -68.52 -35.34 -37.12
N TYR H 2393 -68.33 -36.64 -36.94
CA TYR H 2393 -67.16 -37.26 -37.53
C TYR H 2393 -67.28 -37.37 -39.04
N ALA H 2394 -68.50 -37.35 -39.59
CA ALA H 2394 -68.65 -37.16 -41.03
C ALA H 2394 -68.07 -35.83 -41.49
N ALA H 2395 -68.36 -34.76 -40.75
CA ALA H 2395 -67.86 -33.45 -41.14
C ALA H 2395 -66.35 -33.35 -40.93
N LEU H 2396 -65.84 -33.95 -39.86
CA LEU H 2396 -64.41 -33.93 -39.60
C LEU H 2396 -63.66 -34.72 -40.65
N ILE H 2397 -64.26 -35.79 -41.17
CA ILE H 2397 -63.58 -36.51 -42.23
C ILE H 2397 -63.82 -35.85 -43.58
N ASP H 2398 -64.84 -35.01 -43.69
CA ASP H 2398 -65.02 -34.28 -44.94
C ASP H 2398 -64.01 -33.15 -45.05
N LEU H 2399 -63.70 -32.53 -43.92
CA LEU H 2399 -62.78 -31.40 -43.92
C LEU H 2399 -61.36 -31.83 -44.30
N LEU H 2400 -60.87 -32.88 -43.65
CA LEU H 2400 -59.50 -33.33 -43.89
C LEU H 2400 -59.31 -33.89 -45.29
N GLY H 2401 -60.40 -34.31 -45.94
CA GLY H 2401 -60.31 -34.78 -47.30
C GLY H 2401 -60.10 -33.69 -48.33
N ARG H 2402 -60.01 -32.44 -47.91
CA ARG H 2402 -59.87 -31.32 -48.84
C ARG H 2402 -58.47 -30.73 -48.78
N CYS H 2403 -57.47 -31.58 -48.63
CA CYS H 2403 -56.09 -31.11 -48.63
C CYS H 2403 -55.24 -32.07 -49.46
N ALA H 2404 -54.02 -31.62 -49.77
CA ALA H 2404 -53.01 -32.33 -50.55
C ALA H 2404 -53.53 -32.81 -51.89
N PRO H 2405 -53.66 -31.93 -52.90
CA PRO H 2405 -54.09 -32.39 -54.23
C PRO H 2405 -53.01 -33.17 -54.96
N GLU H 2406 -53.24 -33.52 -56.21
CA GLU H 2406 -52.27 -34.30 -56.96
C GLU H 2406 -51.42 -33.49 -57.93
N MET H 2407 -51.95 -32.38 -58.44
CA MET H 2407 -51.26 -31.63 -59.49
C MET H 2407 -49.98 -31.00 -58.98
N HIS H 2408 -49.93 -30.67 -57.71
CA HIS H 2408 -48.69 -30.24 -57.08
C HIS H 2408 -48.03 -31.36 -56.29
N LEU H 2409 -48.58 -32.56 -56.29
CA LEU H 2409 -47.94 -33.69 -55.60
C LEU H 2409 -47.61 -34.82 -56.55
N ILE H 2410 -48.61 -35.35 -57.27
CA ILE H 2410 -48.37 -36.54 -58.09
C ILE H 2410 -47.57 -36.18 -59.32
N HIS H 2411 -47.70 -34.93 -59.78
CA HIS H 2411 -46.86 -34.46 -60.86
C HIS H 2411 -45.42 -34.25 -60.41
N ALA H 2412 -45.24 -33.74 -59.18
CA ALA H 2412 -43.91 -33.45 -58.69
C ALA H 2412 -43.97 -33.35 -57.19
N ALA H 2413 -42.95 -33.87 -56.52
CA ALA H 2413 -42.81 -33.75 -55.08
C ALA H 2413 -42.58 -32.29 -54.72
N LYS H 2414 -43.51 -31.69 -54.01
CA LYS H 2414 -43.40 -30.29 -53.61
C LYS H 2414 -43.00 -30.12 -52.15
N GLY H 2415 -42.40 -31.14 -51.54
CA GLY H 2415 -41.83 -30.95 -50.22
C GLY H 2415 -42.84 -31.10 -49.10
N GLU H 2416 -43.37 -29.98 -48.62
CA GLU H 2416 -44.27 -30.01 -47.48
C GLU H 2416 -45.62 -30.63 -47.81
N ALA H 2417 -46.00 -30.68 -49.09
CA ALA H 2417 -47.23 -31.38 -49.48
C ALA H 2417 -47.14 -32.85 -49.12
N ILE H 2418 -45.94 -33.43 -49.25
CA ILE H 2418 -45.71 -34.79 -48.82
C ILE H 2418 -45.88 -34.90 -47.32
N ARG H 2419 -45.45 -33.90 -46.56
CA ARG H 2419 -45.48 -34.12 -45.13
C ARG H 2419 -46.88 -33.90 -44.55
N ILE H 2420 -47.66 -32.99 -45.13
CA ILE H 2420 -49.07 -32.89 -44.78
C ILE H 2420 -49.82 -34.15 -45.19
N ARG H 2421 -49.51 -34.68 -46.37
CA ARG H 2421 -50.16 -35.92 -46.80
C ARG H 2421 -49.75 -37.10 -45.92
N SER H 2422 -48.55 -37.05 -45.35
CA SER H 2422 -48.13 -38.09 -44.41
C SER H 2422 -48.86 -37.96 -43.09
N ILE H 2423 -49.09 -36.72 -42.65
CA ILE H 2423 -49.92 -36.48 -41.48
C ILE H 2423 -51.34 -36.99 -41.72
N LEU H 2424 -51.81 -36.88 -42.95
CA LEU H 2424 -53.12 -37.44 -43.28
C LEU H 2424 -53.08 -38.96 -43.33
N ARG H 2425 -51.95 -39.56 -43.70
CA ARG H 2425 -51.79 -41.00 -43.54
C ARG H 2425 -51.85 -41.39 -42.08
N SER H 2426 -51.33 -40.52 -41.20
CA SER H 2426 -51.17 -40.82 -39.78
C SER H 2426 -52.47 -40.92 -39.04
N LEU H 2427 -53.57 -40.43 -39.59
CA LEU H 2427 -54.83 -40.44 -38.88
C LEU H 2427 -55.88 -41.16 -39.70
N ILE H 2428 -56.70 -41.95 -39.02
CA ILE H 2428 -57.66 -42.90 -39.59
C ILE H 2428 -56.95 -43.83 -40.58
N PRO H 2429 -56.11 -44.76 -40.12
CA PRO H 2429 -55.22 -45.51 -41.03
C PRO H 2429 -55.94 -46.62 -41.79
N LEU H 2430 -56.79 -46.21 -42.73
CA LEU H 2430 -57.53 -47.08 -43.64
C LEU H 2430 -58.46 -48.07 -42.94
N GLY H 2431 -58.76 -47.86 -41.65
CA GLY H 2431 -59.82 -48.56 -40.97
C GLY H 2431 -61.18 -47.99 -41.26
N ASP H 2432 -61.17 -46.91 -42.04
CA ASP H 2432 -62.27 -46.31 -42.79
C ASP H 2432 -63.07 -47.36 -43.56
N LEU H 2433 -62.39 -48.39 -44.04
CA LEU H 2433 -63.04 -49.43 -44.84
C LEU H 2433 -64.09 -50.19 -44.04
N VAL H 2434 -63.94 -50.25 -42.71
CA VAL H 2434 -65.00 -50.77 -41.86
C VAL H 2434 -66.23 -49.89 -41.97
N GLY H 2435 -66.03 -48.57 -41.95
CA GLY H 2435 -67.13 -47.66 -42.21
C GLY H 2435 -67.62 -47.74 -43.64
N VAL H 2436 -66.76 -48.14 -44.57
CA VAL H 2436 -67.18 -48.28 -45.96
C VAL H 2436 -68.16 -49.42 -46.12
N ILE H 2437 -67.84 -50.58 -45.54
CA ILE H 2437 -68.72 -51.73 -45.73
C ILE H 2437 -69.92 -51.67 -44.77
N SER H 2438 -69.74 -51.10 -43.57
CA SER H 2438 -70.80 -51.15 -42.55
C SER H 2438 -71.97 -50.24 -42.86
N ILE H 2439 -71.75 -49.11 -43.52
CA ILE H 2439 -72.84 -48.19 -43.83
C ILE H 2439 -73.73 -48.76 -44.94
N ALA H 2440 -73.10 -49.30 -45.99
CA ALA H 2440 -73.71 -49.49 -47.31
C ALA H 2440 -74.90 -50.45 -47.37
N PHE H 2441 -75.23 -51.10 -46.25
CA PHE H 2441 -76.29 -52.08 -46.25
C PHE H 2441 -77.21 -51.97 -45.05
N GLN H 2442 -77.39 -50.79 -44.48
CA GLN H 2442 -78.29 -50.64 -43.34
C GLN H 2442 -79.64 -50.10 -43.78
N PHE H 2461 -78.40 -41.93 -42.25
CA PHE H 2461 -77.09 -42.50 -42.02
C PHE H 2461 -76.52 -43.21 -43.23
N CYS H 2462 -77.39 -43.88 -43.97
CA CYS H 2462 -76.94 -44.68 -45.10
C CYS H 2462 -76.44 -43.86 -46.29
N PRO H 2463 -77.14 -42.85 -46.84
CA PRO H 2463 -76.62 -42.27 -48.09
C PRO H 2463 -75.48 -41.30 -47.88
N ASP H 2464 -75.43 -40.63 -46.73
CA ASP H 2464 -74.61 -39.43 -46.59
C ASP H 2464 -73.16 -39.71 -46.16
N HIS H 2465 -72.96 -40.39 -45.03
CA HIS H 2465 -71.65 -40.47 -44.39
C HIS H 2465 -70.63 -41.19 -45.26
N LYS H 2466 -71.11 -42.16 -46.04
CA LYS H 2466 -70.26 -42.99 -46.84
C LYS H 2466 -69.57 -42.21 -47.95
N ALA H 2467 -70.24 -41.20 -48.50
CA ALA H 2467 -69.62 -40.39 -49.54
C ALA H 2467 -68.49 -39.53 -48.96
N ALA H 2468 -68.64 -39.07 -47.73
CA ALA H 2468 -67.56 -38.35 -47.06
C ALA H 2468 -66.38 -39.27 -46.80
N MET H 2469 -66.65 -40.52 -46.47
CA MET H 2469 -65.56 -41.48 -46.30
C MET H 2469 -64.87 -41.77 -47.63
N VAL H 2470 -65.64 -41.84 -48.71
CA VAL H 2470 -65.09 -42.02 -50.04
C VAL H 2470 -64.16 -40.87 -50.41
N LEU H 2471 -64.61 -39.64 -50.15
CA LEU H 2471 -63.80 -38.47 -50.47
C LEU H 2471 -62.55 -38.40 -49.62
N PHE H 2472 -62.60 -38.91 -48.39
CA PHE H 2472 -61.36 -39.02 -47.63
C PHE H 2472 -60.43 -40.04 -48.23
N LEU H 2473 -60.98 -41.15 -48.72
CA LEU H 2473 -60.12 -42.18 -49.30
C LEU H 2473 -59.62 -41.77 -50.67
N ASP H 2474 -60.43 -41.00 -51.41
CA ASP H 2474 -60.12 -40.70 -52.80
C ASP H 2474 -58.93 -39.77 -52.94
N ARG H 2475 -58.64 -38.98 -51.91
CA ARG H 2475 -57.55 -38.01 -51.98
C ARG H 2475 -56.27 -38.54 -51.37
N VAL H 2476 -56.33 -39.03 -50.13
CA VAL H 2476 -55.13 -39.45 -49.44
C VAL H 2476 -54.63 -40.78 -49.97
N TYR H 2477 -55.52 -41.74 -50.20
CA TYR H 2477 -55.10 -43.08 -50.59
C TYR H 2477 -55.34 -43.35 -52.07
N VAL H 2481 -52.50 -52.68 -56.38
CA VAL H 2481 -53.43 -51.57 -56.28
C VAL H 2481 -54.85 -52.05 -56.58
N GLN H 2482 -55.06 -52.58 -57.79
CA GLN H 2482 -56.40 -53.02 -58.17
C GLN H 2482 -56.84 -54.25 -57.39
N ASP H 2483 -55.91 -55.02 -56.83
CA ASP H 2483 -56.30 -56.08 -55.92
C ASP H 2483 -56.83 -55.50 -54.62
N PHE H 2484 -56.23 -54.43 -54.13
CA PHE H 2484 -56.75 -53.75 -52.97
C PHE H 2484 -58.04 -53.00 -53.30
N LEU H 2485 -58.19 -52.61 -54.57
CA LEU H 2485 -59.46 -52.07 -55.04
C LEU H 2485 -60.57 -53.10 -54.95
N LEU H 2486 -60.29 -54.32 -55.42
CA LEU H 2486 -61.30 -55.37 -55.39
C LEU H 2486 -61.48 -55.96 -54.00
N HIS H 2487 -60.52 -55.70 -53.10
CA HIS H 2487 -60.63 -56.10 -51.70
C HIS H 2487 -61.82 -55.45 -51.00
N LEU H 2488 -62.23 -54.26 -51.45
CA LEU H 2488 -63.16 -53.45 -50.69
C LEU H 2488 -64.57 -54.04 -50.67
N LEU H 2489 -64.92 -54.81 -51.69
CA LEU H 2489 -66.25 -55.38 -51.78
C LEU H 2489 -66.37 -56.62 -50.91
N GLY H 2492 -70.90 -52.81 -51.79
CA GLY H 2492 -71.66 -53.41 -52.88
C GLY H 2492 -72.94 -52.65 -53.19
N PHE H 2493 -73.29 -52.64 -54.47
CA PHE H 2493 -74.46 -51.90 -54.94
C PHE H 2493 -75.73 -52.73 -54.97
N LEU H 2494 -75.72 -53.93 -54.39
CA LEU H 2494 -76.85 -54.84 -54.47
C LEU H 2494 -78.03 -54.34 -53.66
N PRO H 2495 -77.80 -53.71 -52.51
CA PRO H 2495 -78.92 -53.14 -51.74
C PRO H 2495 -79.54 -51.94 -52.43
N ASP H 2496 -78.77 -51.26 -53.29
CA ASP H 2496 -79.34 -50.21 -54.11
C ASP H 2496 -80.31 -50.77 -55.14
N LEU H 2497 -79.92 -51.85 -55.81
CA LEU H 2497 -80.82 -52.48 -56.78
C LEU H 2497 -81.96 -53.22 -56.10
N ARG H 2498 -81.82 -53.56 -54.82
CA ARG H 2498 -82.82 -54.35 -54.11
C ARG H 2498 -84.07 -53.55 -53.78
N ALA H 2499 -84.04 -52.24 -53.91
CA ALA H 2499 -85.18 -51.38 -53.60
C ALA H 2499 -85.61 -50.57 -54.81
N ALA H 2500 -85.73 -51.24 -55.97
CA ALA H 2500 -86.03 -50.53 -57.21
C ALA H 2500 -87.45 -50.00 -57.27
N ALA H 2501 -88.37 -50.53 -56.47
CA ALA H 2501 -89.74 -50.01 -56.46
C ALA H 2501 -90.35 -49.86 -55.08
N SER H 2502 -89.73 -50.39 -54.01
CA SER H 2502 -90.33 -50.36 -52.69
C SER H 2502 -90.08 -49.06 -51.94
N LEU H 2503 -89.35 -48.11 -52.54
CA LEU H 2503 -89.04 -46.85 -51.88
C LEU H 2503 -88.93 -45.70 -52.87
N THR H 2511 -88.41 -44.04 -46.67
CA THR H 2511 -87.86 -44.10 -48.01
C THR H 2511 -86.66 -43.13 -48.16
N ASP H 2512 -85.83 -43.10 -47.11
CA ASP H 2512 -84.49 -42.51 -47.23
C ASP H 2512 -83.56 -43.38 -48.06
N MET H 2513 -83.98 -44.63 -48.36
CA MET H 2513 -83.31 -45.44 -49.36
C MET H 2513 -83.37 -44.79 -50.74
N ALA H 2514 -84.41 -44.00 -51.00
CA ALA H 2514 -84.54 -43.24 -52.24
C ALA H 2514 -83.71 -41.97 -52.27
N LEU H 2515 -82.72 -41.84 -51.38
CA LEU H 2515 -81.81 -40.71 -51.39
C LEU H 2515 -80.41 -41.09 -51.84
N ALA H 2516 -80.04 -42.36 -51.71
CA ALA H 2516 -78.79 -42.85 -52.23
C ALA H 2516 -78.87 -43.25 -53.70
N LEU H 2517 -79.99 -42.98 -54.38
CA LEU H 2517 -80.21 -43.57 -55.70
C LEU H 2517 -79.30 -42.94 -56.75
N ASN H 2518 -79.45 -41.64 -57.00
CA ASN H 2518 -78.52 -40.96 -57.90
C ASN H 2518 -77.27 -40.52 -57.18
N ARG H 2519 -77.26 -40.62 -55.84
CA ARG H 2519 -76.18 -40.08 -55.02
C ARG H 2519 -74.89 -40.86 -55.25
N TYR H 2520 -75.00 -42.15 -55.45
CA TYR H 2520 -73.84 -42.97 -55.71
C TYR H 2520 -73.68 -43.23 -57.19
N LEU H 2521 -74.47 -42.55 -58.02
CA LEU H 2521 -74.19 -42.47 -59.44
C LEU H 2521 -73.21 -41.35 -59.76
N CYS H 2522 -72.72 -40.66 -58.74
CA CYS H 2522 -71.59 -39.77 -58.86
C CYS H 2522 -70.54 -40.02 -57.79
N THR H 2523 -70.82 -40.86 -56.81
CA THR H 2523 -69.88 -41.19 -55.75
C THR H 2523 -69.13 -42.49 -56.02
N ALA H 2524 -69.79 -43.47 -56.61
CA ALA H 2524 -69.15 -44.71 -57.04
C ALA H 2524 -68.55 -44.58 -58.45
N VAL H 2525 -68.28 -43.37 -58.91
CA VAL H 2525 -67.64 -43.15 -60.19
C VAL H 2525 -66.18 -42.75 -60.01
N LEU H 2526 -65.86 -42.12 -58.88
CA LEU H 2526 -64.47 -41.96 -58.42
C LEU H 2526 -63.65 -43.25 -58.37
N PRO H 2527 -64.24 -44.45 -58.13
CA PRO H 2527 -63.43 -45.67 -58.31
C PRO H 2527 -63.25 -46.16 -59.75
N LEU H 2528 -63.46 -45.30 -60.76
CA LEU H 2528 -63.01 -45.67 -62.10
C LEU H 2528 -61.51 -45.88 -62.17
N LEU H 2529 -60.75 -45.17 -61.36
CA LEU H 2529 -59.31 -45.33 -61.37
C LEU H 2529 -58.82 -45.71 -59.98
N ALA H 2537 -64.87 -62.14 -58.40
CA ALA H 2537 -65.62 -61.08 -57.76
C ALA H 2537 -65.80 -59.87 -58.67
N GLY H 2538 -64.89 -59.66 -59.61
CA GLY H 2538 -65.09 -58.66 -60.63
C GLY H 2538 -66.28 -58.99 -61.53
N THR H 2539 -66.44 -60.27 -61.85
CA THR H 2539 -67.63 -60.69 -62.59
C THR H 2539 -68.88 -60.53 -61.74
N GLU H 2540 -68.77 -60.73 -60.42
CA GLU H 2540 -69.90 -60.49 -59.53
C GLU H 2540 -70.30 -59.01 -59.51
N HIS H 2541 -69.31 -58.13 -59.46
CA HIS H 2541 -69.60 -56.69 -59.50
C HIS H 2541 -70.12 -56.29 -60.87
N HIS H 2542 -69.67 -56.95 -61.93
CA HIS H 2542 -70.20 -56.67 -63.26
C HIS H 2542 -71.66 -57.11 -63.35
N ALA H 2543 -72.01 -58.21 -62.69
CA ALA H 2543 -73.39 -58.66 -62.63
C ALA H 2543 -74.25 -57.67 -61.85
N SER H 2544 -73.74 -57.17 -60.72
CA SER H 2544 -74.51 -56.20 -59.93
C SER H 2544 -74.67 -54.88 -60.67
N LEU H 2545 -73.64 -54.47 -61.42
CA LEU H 2545 -73.73 -53.25 -62.21
C LEU H 2545 -74.68 -53.42 -63.40
N ILE H 2546 -74.71 -54.60 -64.00
CA ILE H 2546 -75.69 -54.87 -65.05
C ILE H 2546 -77.09 -54.95 -64.46
N ASP H 2547 -77.20 -55.37 -63.21
CA ASP H 2547 -78.49 -55.37 -62.53
C ASP H 2547 -78.97 -53.96 -62.26
N SER H 2548 -78.05 -53.07 -61.89
CA SER H 2548 -78.40 -51.66 -61.75
C SER H 2548 -78.67 -51.01 -63.10
N LEU H 2549 -78.02 -51.50 -64.16
CA LEU H 2549 -78.25 -50.96 -65.50
C LEU H 2549 -79.61 -51.39 -66.03
N LEU H 2550 -79.99 -52.63 -65.77
CA LEU H 2550 -81.35 -53.06 -66.09
C LEU H 2550 -82.36 -52.39 -65.18
N HIS H 2551 -81.94 -52.04 -63.96
CA HIS H 2551 -82.77 -51.21 -63.09
C HIS H 2551 -82.89 -49.78 -63.61
N THR H 2552 -81.99 -49.37 -64.50
CA THR H 2552 -82.07 -48.07 -65.14
C THR H 2552 -82.25 -48.20 -66.66
N VAL H 2553 -82.82 -49.33 -67.10
CA VAL H 2553 -82.92 -49.61 -68.53
C VAL H 2553 -84.00 -48.78 -69.20
N LYS H 2558 -82.23 -39.83 -62.40
CA LYS H 2558 -81.77 -38.72 -63.23
C LYS H 2558 -81.11 -39.23 -64.49
N GLY H 2559 -81.47 -38.63 -65.62
CA GLY H 2559 -80.87 -39.02 -66.89
C GLY H 2559 -79.40 -38.68 -66.95
N CYS H 2560 -79.01 -37.59 -66.28
CA CYS H 2560 -77.60 -37.28 -66.15
C CYS H 2560 -76.89 -38.29 -65.27
N SER H 2561 -77.54 -38.70 -64.17
CA SER H 2561 -76.91 -39.67 -63.27
C SER H 2561 -76.91 -41.06 -63.89
N LEU H 2562 -77.95 -41.40 -64.65
CA LEU H 2562 -77.97 -42.66 -65.38
C LEU H 2562 -76.90 -42.69 -66.46
N THR H 2563 -76.70 -41.57 -67.17
CA THR H 2563 -75.65 -41.50 -68.18
C THR H 2563 -74.26 -41.52 -67.53
N LYS H 2564 -74.15 -40.99 -66.32
CA LYS H 2564 -72.89 -41.08 -65.57
C LYS H 2564 -72.58 -42.51 -65.20
N ALA H 2565 -73.60 -43.26 -64.74
CA ALA H 2565 -73.42 -44.68 -64.47
C ALA H 2565 -73.09 -45.45 -65.74
N GLN H 2566 -73.66 -45.03 -66.89
CA GLN H 2566 -73.37 -45.68 -68.16
C GLN H 2566 -71.93 -45.44 -68.59
N ARG H 2567 -71.44 -44.21 -68.45
CA ARG H 2567 -70.05 -43.92 -68.78
C ARG H 2567 -69.10 -44.63 -67.83
N ASP H 2568 -69.49 -44.76 -66.56
CA ASP H 2568 -68.68 -45.51 -65.61
C ASP H 2568 -68.60 -46.99 -65.98
N SER H 2569 -69.73 -47.57 -66.41
CA SER H 2569 -69.72 -48.97 -66.81
C SER H 2569 -68.94 -49.20 -68.10
N ILE H 2570 -69.01 -48.23 -69.03
CA ILE H 2570 -68.24 -48.34 -70.26
C ILE H 2570 -66.76 -48.25 -69.99
N GLU H 2571 -66.35 -47.38 -69.05
CA GLU H 2571 -64.95 -47.31 -68.68
C GLU H 2571 -64.51 -48.53 -67.89
N VAL H 2572 -65.42 -49.15 -67.13
CA VAL H 2572 -65.06 -50.36 -66.40
C VAL H 2572 -64.93 -51.55 -67.34
N CYS H 2573 -65.72 -51.58 -68.41
CA CYS H 2573 -65.71 -52.69 -69.34
C CYS H 2573 -64.70 -52.52 -70.47
N LEU H 2574 -64.22 -51.30 -70.70
CA LEU H 2574 -63.30 -51.06 -71.81
C LEU H 2574 -61.91 -51.62 -71.53
N LEU H 2575 -61.25 -51.11 -70.48
CA LEU H 2575 -59.86 -51.47 -70.19
C LEU H 2575 -59.74 -52.66 -69.24
N SER H 2576 -60.73 -53.56 -69.25
CA SER H 2576 -60.66 -54.76 -68.44
C SER H 2576 -60.99 -55.98 -69.29
N ARG H 2582 -58.47 -60.27 -69.12
CA ARG H 2582 -58.56 -60.13 -70.58
C ARG H 2582 -60.01 -59.97 -70.99
N PRO H 2583 -60.36 -60.47 -72.18
CA PRO H 2583 -61.75 -60.43 -72.63
C PRO H 2583 -62.61 -61.56 -72.11
N SER H 2584 -62.12 -62.32 -71.12
CA SER H 2584 -62.90 -63.42 -70.55
C SER H 2584 -64.11 -62.90 -69.78
N MET H 2585 -63.87 -62.01 -68.82
CA MET H 2585 -64.97 -61.41 -68.09
C MET H 2585 -65.79 -60.49 -68.99
N MET H 2586 -65.17 -59.93 -70.03
CA MET H 2586 -65.90 -59.17 -71.03
C MET H 2586 -66.90 -60.04 -71.77
N GLN H 2587 -66.52 -61.27 -72.09
CA GLN H 2587 -67.46 -62.20 -72.69
C GLN H 2587 -68.51 -62.68 -71.68
N HIS H 2588 -68.11 -62.78 -70.41
CA HIS H 2588 -69.07 -63.14 -69.37
C HIS H 2588 -70.14 -62.08 -69.20
N LEU H 2589 -69.77 -60.82 -69.35
CA LEU H 2589 -70.75 -59.73 -69.33
C LEU H 2589 -71.50 -59.63 -70.65
N LEU H 2590 -70.86 -59.97 -71.76
CA LEU H 2590 -71.53 -59.99 -73.06
C LEU H 2590 -72.57 -61.09 -73.14
N ARG H 2591 -72.42 -62.14 -72.33
CA ARG H 2591 -73.48 -63.13 -72.15
C ARG H 2591 -74.78 -62.47 -71.69
N ARG H 2592 -74.73 -61.76 -70.56
CA ARG H 2592 -75.93 -61.09 -70.05
C ARG H 2592 -76.37 -59.94 -70.96
N LEU H 2593 -75.41 -59.32 -71.65
CA LEU H 2593 -75.73 -58.27 -72.61
C LEU H 2593 -76.55 -58.83 -73.77
N VAL H 2594 -76.18 -60.02 -74.26
CA VAL H 2594 -77.00 -60.66 -75.29
C VAL H 2594 -78.29 -61.22 -74.69
N PHE H 2595 -78.28 -61.53 -73.39
CA PHE H 2595 -79.49 -62.01 -72.73
C PHE H 2595 -80.56 -60.93 -72.64
N ASP H 2596 -80.13 -59.67 -72.51
CA ASP H 2596 -81.08 -58.57 -72.44
C ASP H 2596 -81.23 -57.80 -73.75
N VAL H 2597 -80.30 -57.96 -74.68
CA VAL H 2597 -80.25 -57.21 -75.93
C VAL H 2597 -81.39 -57.59 -76.88
N PRO H 2598 -81.98 -58.78 -76.74
CA PRO H 2598 -83.00 -59.21 -77.71
C PRO H 2598 -84.28 -58.39 -77.69
N LEU H 2599 -84.51 -57.58 -76.66
CA LEU H 2599 -85.61 -56.63 -76.63
C LEU H 2599 -85.21 -55.25 -77.13
N LEU H 2600 -84.27 -55.19 -78.08
CA LEU H 2600 -83.83 -53.91 -78.62
C LEU H 2600 -84.89 -53.26 -79.49
N ASN H 2601 -85.82 -54.05 -80.01
CA ASN H 2601 -86.87 -53.52 -80.86
C ASN H 2601 -87.97 -52.86 -80.04
N LYS H 2605 -85.71 -48.14 -73.51
CA LYS H 2605 -85.10 -49.35 -74.06
C LYS H 2605 -83.86 -49.00 -74.86
N MET H 2606 -83.57 -47.71 -74.97
CA MET H 2606 -82.36 -47.21 -75.62
C MET H 2606 -81.13 -47.57 -74.79
N PRO H 2607 -81.29 -47.77 -73.47
CA PRO H 2607 -80.15 -48.22 -72.66
C PRO H 2607 -79.64 -49.60 -73.04
N LEU H 2608 -80.54 -50.47 -73.50
CA LEU H 2608 -80.10 -51.74 -74.08
C LEU H 2608 -79.29 -51.51 -75.35
N LYS H 2609 -79.64 -50.48 -76.13
CA LYS H 2609 -78.86 -50.16 -77.32
C LYS H 2609 -77.50 -49.58 -76.97
N LEU H 2610 -77.43 -48.83 -75.87
CA LEU H 2610 -76.13 -48.34 -75.40
C LEU H 2610 -75.25 -49.48 -74.90
N LEU H 2611 -75.85 -50.42 -74.15
CA LEU H 2611 -75.14 -51.62 -73.74
C LEU H 2611 -74.71 -52.47 -74.93
N THR H 2612 -75.51 -52.47 -75.99
CA THR H 2612 -75.14 -53.18 -77.21
C THR H 2612 -74.01 -52.47 -77.94
N ASN H 2613 -73.96 -51.14 -77.88
CA ASN H 2613 -72.82 -50.42 -78.44
C ASN H 2613 -71.54 -50.71 -77.66
N HIS H 2614 -71.67 -50.82 -76.34
CA HIS H 2614 -70.52 -51.20 -75.52
C HIS H 2614 -70.09 -52.64 -75.79
N TYR H 2615 -71.05 -53.54 -76.00
CA TYR H 2615 -70.70 -54.92 -76.35
C TYR H 2615 -70.12 -55.02 -77.75
N GLU H 2616 -70.53 -54.14 -78.66
CA GLU H 2616 -69.91 -54.09 -79.98
C GLU H 2616 -68.49 -53.57 -79.90
N ARG H 2617 -68.24 -52.61 -79.01
CA ARG H 2617 -66.88 -52.16 -78.76
C ARG H 2617 -66.04 -53.26 -78.08
N CYS H 2618 -66.68 -54.09 -77.26
CA CYS H 2618 -65.98 -55.21 -76.63
C CYS H 2618 -65.68 -56.31 -77.64
N TRP H 2619 -66.58 -56.51 -78.60
CA TRP H 2619 -66.30 -57.42 -79.72
C TRP H 2619 -65.19 -56.88 -80.59
N LYS H 2620 -65.14 -55.55 -80.75
CA LYS H 2620 -64.00 -54.89 -81.38
C LYS H 2620 -62.74 -55.00 -80.55
N TYR H 2621 -62.88 -55.25 -79.24
CA TYR H 2621 -61.74 -55.55 -78.37
C TYR H 2621 -61.48 -57.04 -78.27
N TYR H 2622 -62.42 -57.88 -78.67
CA TYR H 2622 -62.27 -59.33 -78.61
C TYR H 2622 -62.45 -59.96 -79.99
N CYS H 2623 -61.83 -59.38 -81.02
CA CYS H 2623 -61.97 -59.89 -82.38
C CYS H 2623 -60.87 -60.87 -82.75
N LEU H 2624 -59.62 -60.42 -82.75
CA LEU H 2624 -58.50 -61.27 -83.10
C LEU H 2624 -58.19 -62.29 -82.01
N PRO H 2625 -57.76 -61.84 -80.82
CA PRO H 2625 -57.33 -62.80 -79.80
C PRO H 2625 -58.50 -63.42 -79.04
N GLY H 2626 -59.55 -62.64 -78.80
CA GLY H 2626 -60.71 -63.15 -78.09
C GLY H 2626 -61.62 -63.96 -78.98
N GLY H 2627 -61.99 -63.38 -80.12
CA GLY H 2627 -62.80 -64.11 -81.08
C GLY H 2627 -61.95 -64.96 -81.99
N ALA H 2634 -67.50 -73.77 -76.84
CA ALA H 2634 -67.02 -72.60 -76.10
C ALA H 2634 -68.09 -71.52 -76.05
N SER H 2635 -67.67 -70.27 -76.16
CA SER H 2635 -68.58 -69.14 -76.24
C SER H 2635 -68.73 -68.62 -77.66
N GLU H 2636 -67.94 -69.12 -78.59
CA GLU H 2636 -68.11 -68.73 -79.99
C GLU H 2636 -69.40 -69.28 -80.56
N GLU H 2637 -69.88 -70.42 -80.04
CA GLU H 2637 -71.22 -70.88 -80.39
C GLU H 2637 -72.28 -69.98 -79.75
N GLU H 2638 -72.02 -69.52 -78.52
CA GLU H 2638 -72.86 -68.48 -77.93
C GLU H 2638 -72.74 -67.17 -78.72
N LEU H 2639 -71.58 -66.92 -79.32
CA LEU H 2639 -71.45 -65.76 -80.21
C LEU H 2639 -72.25 -65.96 -81.50
N HIS H 2640 -72.37 -67.20 -81.96
CA HIS H 2640 -73.17 -67.48 -83.15
C HIS H 2640 -74.65 -67.31 -82.86
N LEU H 2641 -75.10 -67.80 -81.70
CA LEU H 2641 -76.49 -67.58 -81.28
C LEU H 2641 -76.75 -66.10 -81.00
N SER H 2642 -75.75 -65.38 -80.50
CA SER H 2642 -75.91 -63.95 -80.26
C SER H 2642 -75.97 -63.16 -81.57
N ARG H 2643 -75.19 -63.58 -82.57
CA ARG H 2643 -75.27 -62.93 -83.87
C ARG H 2643 -76.58 -63.26 -84.58
N LYS H 2644 -77.12 -64.46 -84.35
CA LYS H 2644 -78.45 -64.79 -84.86
C LYS H 2644 -79.52 -63.95 -84.17
N LEU H 2645 -79.38 -63.72 -82.87
CA LEU H 2645 -80.32 -62.86 -82.16
C LEU H 2645 -80.19 -61.41 -82.59
N PHE H 2646 -78.98 -60.96 -82.94
CA PHE H 2646 -78.80 -59.60 -83.44
C PHE H 2646 -79.31 -59.47 -84.86
N TRP H 2647 -79.33 -60.56 -85.62
CA TRP H 2647 -79.98 -60.53 -86.93
C TRP H 2647 -81.49 -60.54 -86.78
N GLY H 2648 -82.00 -61.25 -85.78
CA GLY H 2648 -83.43 -61.41 -85.60
C GLY H 2648 -84.15 -60.25 -84.95
N ILE H 2649 -83.57 -59.69 -83.89
CA ILE H 2649 -84.22 -58.57 -83.20
C ILE H 2649 -84.10 -57.29 -84.01
N PHE H 2650 -82.99 -57.11 -84.72
CA PHE H 2650 -82.80 -55.96 -85.60
C PHE H 2650 -83.35 -56.20 -86.99
N ASP H 2651 -84.26 -57.15 -87.16
CA ASP H 2651 -84.98 -57.36 -88.40
C ASP H 2651 -86.28 -56.58 -88.46
N ALA H 2652 -86.36 -55.46 -87.74
CA ALA H 2652 -87.57 -54.64 -87.78
C ALA H 2652 -87.69 -53.89 -89.10
N LEU H 2653 -86.58 -53.34 -89.59
CA LEU H 2653 -86.58 -52.67 -90.89
C LEU H 2653 -85.21 -52.81 -91.55
N TYR H 2658 -82.05 -42.17 -85.64
CA TYR H 2658 -82.40 -42.42 -84.24
C TYR H 2658 -81.22 -43.01 -83.46
N GLU H 2659 -81.47 -43.35 -82.20
CA GLU H 2659 -80.46 -44.07 -81.42
C GLU H 2659 -80.33 -45.51 -81.90
N GLN H 2660 -81.39 -46.05 -82.49
CA GLN H 2660 -81.32 -47.35 -83.12
C GLN H 2660 -80.38 -47.32 -84.32
N GLU H 2661 -80.26 -46.17 -84.98
CA GLU H 2661 -79.26 -46.04 -86.05
C GLU H 2661 -77.84 -46.11 -85.49
N LEU H 2662 -77.62 -45.58 -84.28
CA LEU H 2662 -76.30 -45.69 -83.66
C LEU H 2662 -76.01 -47.12 -83.25
N PHE H 2663 -76.99 -47.83 -82.68
CA PHE H 2663 -76.78 -49.23 -82.33
C PHE H 2663 -76.63 -50.12 -83.57
N LYS H 2664 -77.28 -49.76 -84.68
CA LYS H 2664 -77.11 -50.52 -85.91
C LYS H 2664 -75.75 -50.23 -86.55
N LEU H 2665 -75.25 -49.01 -86.40
CA LEU H 2665 -73.88 -48.71 -86.82
C LEU H 2665 -72.87 -49.44 -85.95
N ALA H 2666 -73.22 -49.68 -84.68
CA ALA H 2666 -72.40 -50.56 -83.86
C ALA H 2666 -72.54 -52.01 -84.29
N LEU H 2667 -73.71 -52.39 -84.81
CA LEU H 2667 -74.01 -53.76 -85.23
C LEU H 2667 -73.23 -54.17 -86.46
N PRO H 2668 -72.90 -53.24 -87.36
CA PRO H 2668 -71.99 -53.60 -88.46
C PRO H 2668 -70.59 -53.89 -87.97
N CYS H 2669 -70.12 -53.14 -86.98
CA CYS H 2669 -68.87 -53.48 -86.30
C CYS H 2669 -68.99 -54.80 -85.55
N LEU H 2670 -70.19 -55.09 -85.02
CA LEU H 2670 -70.42 -56.37 -84.35
C LEU H 2670 -70.34 -57.53 -85.34
N SER H 2671 -70.89 -57.35 -86.54
CA SER H 2671 -70.82 -58.40 -87.55
C SER H 2671 -69.43 -58.56 -88.12
N ALA H 2672 -68.70 -57.45 -88.31
CA ALA H 2672 -67.32 -57.55 -88.77
C ALA H 2672 -66.41 -58.16 -87.71
N VAL H 2673 -66.69 -57.91 -86.43
CA VAL H 2673 -65.90 -58.55 -85.38
C VAL H 2673 -66.29 -60.00 -85.19
N ALA H 2674 -67.54 -60.35 -85.48
CA ALA H 2674 -67.93 -61.75 -85.45
C ALA H 2674 -67.36 -62.52 -86.62
N GLY H 2675 -67.13 -61.84 -87.75
CA GLY H 2675 -66.36 -62.41 -88.83
C GLY H 2675 -64.86 -62.44 -88.59
N ALA H 2676 -64.37 -61.52 -87.75
CA ALA H 2676 -62.99 -61.59 -87.28
C ALA H 2676 -62.84 -62.70 -86.25
N LEU H 2677 -63.92 -63.09 -85.60
CA LEU H 2677 -63.99 -64.31 -84.81
C LEU H 2677 -64.05 -65.50 -85.77
N PRO H 2678 -64.68 -65.33 -86.93
CA PRO H 2678 -64.79 -66.44 -87.89
C PRO H 2678 -63.65 -66.43 -88.88
N PRO H 2679 -62.58 -65.67 -88.61
CA PRO H 2679 -61.44 -65.51 -89.52
C PRO H 2679 -60.62 -66.79 -89.71
N ASN H 2701 -86.65 -56.82 -64.71
CA ASN H 2701 -87.24 -57.77 -63.78
C ASN H 2701 -87.30 -59.16 -64.40
N PHE H 2702 -86.20 -59.90 -64.30
CA PHE H 2702 -86.17 -61.24 -64.86
C PHE H 2702 -86.97 -62.20 -63.99
N ASN H 2703 -87.82 -62.99 -64.63
CA ASN H 2703 -88.74 -63.91 -63.97
C ASN H 2703 -88.56 -65.23 -64.70
N PRO H 2704 -88.25 -66.32 -63.99
CA PRO H 2704 -88.01 -67.59 -64.67
C PRO H 2704 -89.27 -68.16 -65.33
N GLN H 2705 -89.05 -69.09 -66.25
CA GLN H 2705 -90.08 -69.62 -67.14
C GLN H 2705 -90.31 -71.10 -66.83
N PRO H 2706 -91.27 -71.42 -65.97
CA PRO H 2706 -91.47 -72.82 -65.57
C PRO H 2706 -92.27 -73.61 -66.60
N VAL H 2707 -91.97 -74.91 -66.65
CA VAL H 2707 -92.73 -75.87 -67.42
C VAL H 2707 -93.41 -76.81 -66.42
N ASP H 2708 -94.50 -77.44 -66.85
CA ASP H 2708 -95.30 -78.26 -65.96
C ASP H 2708 -94.58 -79.57 -65.63
N THR H 2709 -94.65 -79.98 -64.37
CA THR H 2709 -93.75 -81.00 -63.83
C THR H 2709 -94.40 -82.35 -63.55
N SER H 2710 -95.73 -82.42 -63.44
CA SER H 2710 -96.41 -83.66 -63.08
C SER H 2710 -97.63 -83.90 -63.94
N ASN H 2711 -97.56 -83.54 -65.22
CA ASN H 2711 -98.68 -83.69 -66.12
C ASN H 2711 -98.42 -84.68 -67.26
N ILE H 2712 -97.20 -85.17 -67.41
CA ILE H 2712 -96.86 -86.15 -68.43
C ILE H 2712 -96.25 -87.38 -67.75
N THR H 2713 -96.81 -88.55 -68.03
CA THR H 2713 -96.63 -89.74 -67.22
C THR H 2713 -95.29 -90.41 -67.48
N ILE H 2714 -95.14 -91.60 -66.89
CA ILE H 2714 -93.90 -92.37 -66.92
C ILE H 2714 -94.19 -93.71 -67.59
N PRO H 2715 -93.38 -94.14 -68.57
CA PRO H 2715 -93.54 -95.50 -69.10
C PRO H 2715 -93.10 -96.54 -68.09
N GLU H 2716 -93.67 -97.74 -68.22
CA GLU H 2716 -93.37 -98.81 -67.27
C GLU H 2716 -92.00 -99.43 -67.47
N LYS H 2717 -91.39 -99.22 -68.64
CA LYS H 2717 -90.03 -99.69 -68.88
C LYS H 2717 -89.01 -98.95 -68.01
N LEU H 2718 -89.35 -97.73 -67.58
CA LEU H 2718 -88.60 -97.06 -66.53
C LEU H 2718 -89.21 -97.27 -65.14
N GLU H 2719 -90.43 -97.82 -65.04
CA GLU H 2719 -90.98 -98.15 -63.73
C GLU H 2719 -90.49 -99.49 -63.21
N TYR H 2720 -89.91 -100.34 -64.07
CA TYR H 2720 -89.08 -101.44 -63.59
C TYR H 2720 -87.61 -101.05 -63.43
N PHE H 2721 -87.31 -99.76 -63.49
CA PHE H 2721 -85.95 -99.22 -63.45
C PHE H 2721 -85.73 -98.28 -62.27
N ILE H 2722 -86.72 -97.44 -61.96
CA ILE H 2722 -86.66 -96.56 -60.78
C ILE H 2722 -86.67 -97.39 -59.50
N ASN H 2723 -87.30 -98.58 -59.52
CA ASN H 2723 -87.37 -99.46 -58.35
C ASN H 2723 -86.02 -100.03 -57.95
N LYS H 2724 -84.98 -99.92 -58.78
CA LYS H 2724 -83.61 -100.17 -58.37
C LYS H 2724 -82.74 -98.92 -58.42
N TYR H 2725 -83.11 -97.93 -59.21
CA TYR H 2725 -82.38 -96.66 -59.22
C TYR H 2725 -82.55 -95.91 -57.91
N ALA H 2726 -83.68 -96.13 -57.21
CA ALA H 2726 -83.86 -95.53 -55.89
C ALA H 2726 -82.94 -96.17 -54.87
N GLU H 2727 -82.75 -97.49 -54.95
CA GLU H 2727 -81.80 -98.17 -54.09
C GLU H 2727 -80.37 -97.73 -54.40
N HIS H 2728 -80.06 -97.50 -55.69
CA HIS H 2728 -78.71 -97.07 -56.06
C HIS H 2728 -78.47 -95.60 -55.67
N SER H 2729 -79.51 -94.77 -55.72
CA SER H 2729 -79.38 -93.40 -55.24
C SER H 2729 -79.23 -93.37 -53.73
N HIS H 2730 -79.89 -94.29 -53.03
CA HIS H 2730 -79.65 -94.41 -51.59
C HIS H 2730 -78.25 -94.94 -51.30
N ASP H 2731 -77.70 -95.79 -52.20
CA ASP H 2731 -76.32 -96.22 -52.10
C ASP H 2731 -75.36 -95.03 -52.17
N LYS H 2732 -75.56 -94.16 -53.16
CA LYS H 2732 -74.66 -93.02 -53.34
C LYS H 2732 -74.84 -91.97 -52.24
N TRP H 2733 -76.07 -91.73 -51.81
CA TRP H 2733 -76.34 -90.78 -50.74
C TRP H 2733 -75.82 -91.30 -49.40
N SER H 2734 -75.88 -92.62 -49.19
CA SER H 2734 -75.31 -93.20 -47.99
C SER H 2734 -73.79 -93.20 -48.00
N MET H 2735 -73.18 -93.35 -49.19
CA MET H 2735 -71.73 -93.17 -49.30
C MET H 2735 -71.32 -91.73 -49.01
N ASP H 2736 -72.14 -90.77 -49.47
CA ASP H 2736 -71.89 -89.37 -49.18
C ASP H 2736 -72.02 -89.06 -47.69
N LYS H 2737 -72.94 -89.74 -47.00
CA LYS H 2737 -73.03 -89.55 -45.56
C LYS H 2737 -71.91 -90.27 -44.82
N LEU H 2738 -71.54 -91.47 -45.26
CA LEU H 2738 -70.45 -92.20 -44.63
C LEU H 2738 -69.08 -91.65 -44.96
N ALA H 2739 -69.00 -90.69 -45.89
CA ALA H 2739 -67.80 -89.85 -46.01
C ALA H 2739 -67.50 -89.13 -44.69
N ASN H 2740 -68.53 -88.73 -43.95
CA ASN H 2740 -68.39 -88.33 -42.55
C ASN H 2740 -68.45 -89.53 -41.62
N GLY H 2741 -69.29 -90.52 -41.92
CA GLY H 2741 -69.40 -91.70 -41.09
C GLY H 2741 -70.53 -91.62 -40.08
N TRP H 2742 -71.74 -91.35 -40.56
CA TRP H 2742 -72.91 -91.30 -39.69
C TRP H 2742 -73.34 -92.71 -39.32
N ILE H 2743 -73.23 -93.04 -38.04
CA ILE H 2743 -73.55 -94.36 -37.51
C ILE H 2743 -74.92 -94.27 -36.85
N TYR H 2744 -75.87 -95.06 -37.33
CA TYR H 2744 -77.23 -94.99 -36.82
C TYR H 2744 -77.34 -95.62 -35.44
N GLY H 2745 -78.08 -94.96 -34.56
CA GLY H 2745 -78.32 -95.44 -33.21
C GLY H 2745 -79.73 -95.16 -32.74
N GLU H 2746 -79.95 -95.15 -31.43
CA GLU H 2746 -81.28 -94.87 -30.90
C GLU H 2746 -81.50 -93.38 -30.64
N ILE H 2747 -80.44 -92.66 -30.27
CA ILE H 2747 -80.52 -91.22 -30.06
C ILE H 2747 -79.99 -90.51 -31.29
N TYR H 2748 -80.87 -89.80 -32.00
CA TYR H 2748 -80.49 -89.06 -33.20
C TYR H 2748 -79.88 -87.73 -32.79
N SER H 2749 -78.56 -87.72 -32.61
CA SER H 2749 -77.83 -86.53 -32.21
C SER H 2749 -76.57 -86.41 -33.06
N ASP H 2750 -76.27 -85.19 -33.53
CA ASP H 2750 -75.18 -84.95 -34.45
C ASP H 2750 -73.88 -84.56 -33.76
N SER H 2751 -73.64 -85.02 -32.55
CA SER H 2751 -72.36 -84.80 -31.88
C SER H 2751 -71.43 -85.99 -32.00
N SER H 2752 -71.92 -87.20 -31.72
CA SER H 2752 -71.13 -88.42 -31.86
C SER H 2752 -71.35 -89.09 -33.21
N LYS H 2753 -71.63 -88.30 -34.25
CA LYS H 2753 -71.78 -88.74 -35.65
C LYS H 2753 -72.90 -89.77 -35.79
N VAL H 2754 -74.12 -89.35 -35.46
CA VAL H 2754 -75.31 -90.18 -35.55
C VAL H 2754 -76.38 -89.43 -36.33
N GLN H 2755 -76.79 -89.98 -37.48
CA GLN H 2755 -77.99 -89.54 -38.18
C GLN H 2755 -79.10 -90.56 -38.08
N PRO H 2756 -80.36 -90.12 -38.08
CA PRO H 2756 -81.48 -91.03 -38.33
C PRO H 2756 -81.77 -91.26 -39.81
N LEU H 2757 -80.84 -90.92 -40.71
CA LEU H 2757 -81.01 -91.09 -42.14
C LEU H 2757 -80.07 -92.10 -42.76
N MET H 2758 -79.34 -92.88 -41.95
CA MET H 2758 -78.52 -93.98 -42.46
C MET H 2758 -79.21 -95.32 -42.21
N LYS H 2759 -80.17 -95.64 -43.08
CA LYS H 2759 -80.91 -96.88 -42.95
C LYS H 2759 -81.09 -97.53 -44.31
N PRO H 2760 -81.05 -98.88 -44.36
CA PRO H 2760 -81.06 -99.60 -45.65
C PRO H 2760 -82.36 -99.53 -46.43
N TYR H 2761 -82.38 -100.24 -47.56
CA TYR H 2761 -83.51 -100.21 -48.49
C TYR H 2761 -84.72 -101.00 -47.99
N LYS H 2762 -84.51 -101.93 -47.04
CA LYS H 2762 -85.59 -102.77 -46.55
C LYS H 2762 -86.32 -102.17 -45.35
N LEU H 2763 -85.62 -101.43 -44.49
CA LEU H 2763 -86.25 -100.85 -43.31
C LEU H 2763 -87.15 -99.67 -43.65
N LEU H 2764 -86.98 -99.07 -44.82
CA LEU H 2764 -87.75 -97.89 -45.19
C LEU H 2764 -89.21 -98.26 -45.45
N SER H 2765 -90.12 -97.45 -44.93
CA SER H 2765 -91.54 -97.70 -45.08
C SER H 2765 -92.02 -97.13 -46.42
N GLU H 2766 -93.34 -97.04 -46.60
CA GLU H 2766 -93.90 -96.58 -47.87
C GLU H 2766 -93.90 -95.08 -48.01
N LYS H 2767 -93.50 -94.34 -46.97
CA LYS H 2767 -93.40 -92.89 -47.05
C LYS H 2767 -92.02 -92.34 -46.75
N GLU H 2768 -91.12 -93.13 -46.14
CA GLU H 2768 -89.77 -92.66 -45.91
C GLU H 2768 -88.95 -92.61 -47.20
N LYS H 2769 -89.21 -93.53 -48.14
CA LYS H 2769 -88.56 -93.44 -49.44
C LYS H 2769 -89.08 -92.25 -50.24
N GLU H 2770 -90.40 -92.01 -50.19
CA GLU H 2770 -91.05 -90.99 -51.02
C GLU H 2770 -90.59 -89.58 -50.69
N ILE H 2771 -90.03 -89.35 -49.50
CA ILE H 2771 -89.43 -88.06 -49.17
C ILE H 2771 -88.24 -87.78 -50.10
N TYR H 2772 -87.33 -88.74 -50.21
CA TYR H 2772 -86.21 -88.60 -51.12
C TYR H 2772 -86.48 -89.18 -52.51
N ARG H 2773 -87.57 -89.93 -52.69
CA ARG H 2773 -88.02 -90.24 -54.04
C ARG H 2773 -88.71 -89.06 -54.70
N TRP H 2774 -89.23 -88.12 -53.91
CA TRP H 2774 -90.10 -87.07 -54.45
C TRP H 2774 -89.40 -86.11 -55.42
N PRO H 2775 -88.24 -85.50 -55.13
CA PRO H 2775 -87.64 -84.62 -56.14
C PRO H 2775 -87.06 -85.38 -57.33
N ILE H 2776 -86.58 -86.60 -57.11
CA ILE H 2776 -86.01 -87.39 -58.20
C ILE H 2776 -87.11 -87.87 -59.14
N LYS H 2777 -88.24 -88.32 -58.58
CA LYS H 2777 -89.37 -88.73 -59.44
C LYS H 2777 -90.01 -87.55 -60.13
N GLU H 2778 -90.12 -86.40 -59.44
CA GLU H 2778 -90.74 -85.24 -60.07
C GLU H 2778 -89.75 -84.46 -60.94
N SER H 2779 -88.50 -84.91 -61.02
CA SER H 2779 -87.60 -84.53 -62.11
C SER H 2779 -87.58 -85.54 -63.25
N LEU H 2780 -87.79 -86.83 -62.95
CA LEU H 2780 -87.99 -87.83 -63.99
C LEU H 2780 -89.26 -87.55 -64.78
N LYS H 2781 -90.31 -87.05 -64.11
CA LYS H 2781 -91.52 -86.66 -64.81
C LYS H 2781 -91.33 -85.41 -65.67
N THR H 2782 -90.30 -84.61 -65.40
CA THR H 2782 -89.96 -83.49 -66.28
C THR H 2782 -89.09 -83.95 -67.44
N MET H 2783 -88.15 -84.87 -67.19
CA MET H 2783 -87.30 -85.35 -68.27
C MET H 2783 -88.07 -86.24 -69.24
N LEU H 2784 -89.13 -86.90 -68.77
CA LEU H 2784 -89.97 -87.71 -69.65
C LEU H 2784 -91.09 -86.90 -70.29
N ALA H 2785 -91.09 -85.58 -70.13
CA ALA H 2785 -92.21 -84.77 -70.59
C ALA H 2785 -92.05 -84.28 -72.02
N TRP H 2786 -90.87 -83.75 -72.37
CA TRP H 2786 -90.68 -83.04 -73.63
C TRP H 2786 -90.59 -83.95 -74.85
N GLY H 2787 -90.65 -85.25 -74.69
CA GLY H 2787 -90.57 -86.15 -75.82
C GLY H 2787 -89.21 -86.80 -75.97
N TRP H 2788 -88.66 -87.27 -74.86
CA TRP H 2788 -87.32 -87.86 -74.82
C TRP H 2788 -87.43 -89.37 -74.67
N ARG H 2789 -86.53 -90.10 -75.34
CA ARG H 2789 -86.63 -91.54 -75.48
C ARG H 2789 -85.42 -92.20 -74.84
N ILE H 2790 -85.67 -93.02 -73.82
CA ILE H 2790 -84.66 -93.87 -73.21
C ILE H 2790 -85.20 -95.30 -73.34
N GLU H 2791 -84.86 -95.97 -74.44
CA GLU H 2791 -85.44 -97.26 -74.78
C GLU H 2791 -84.45 -98.40 -74.53
N ARG H 2792 -84.81 -99.60 -74.97
CA ARG H 2792 -84.10 -100.81 -74.61
C ARG H 2792 -82.75 -100.92 -75.32
N THR H 2793 -81.72 -101.22 -74.54
CA THR H 2793 -80.40 -101.63 -75.03
C THR H 2793 -79.93 -102.75 -74.10
N ARG H 2794 -78.62 -103.01 -74.12
CA ARG H 2794 -78.00 -104.01 -73.27
C ARG H 2794 -78.10 -103.62 -71.79
N GLU H 2795 -77.90 -104.62 -70.92
CA GLU H 2795 -77.83 -104.39 -69.49
C GLU H 2795 -76.37 -104.36 -69.03
N GLY H 2796 -76.17 -104.13 -67.74
CA GLY H 2796 -74.84 -104.02 -67.17
C GLY H 2796 -74.85 -104.30 -65.68
N ASP H 2797 -74.10 -103.51 -64.93
CA ASP H 2797 -74.05 -103.64 -63.47
C ASP H 2797 -75.13 -102.80 -62.81
N ALA H 2818 -64.90 -98.96 -44.14
CA ALA H 2818 -66.35 -98.94 -44.05
C ALA H 2818 -66.79 -98.46 -42.67
N ALA H 2819 -68.09 -98.56 -42.39
CA ALA H 2819 -68.66 -98.08 -41.13
C ALA H 2819 -69.95 -98.84 -40.83
N HIS H 2820 -70.71 -98.33 -39.87
CA HIS H 2820 -71.96 -98.93 -39.41
C HIS H 2820 -73.15 -98.17 -39.99
N GLY H 2821 -74.27 -98.86 -40.14
CA GLY H 2821 -75.45 -98.26 -40.74
C GLY H 2821 -75.84 -98.96 -42.02
N TYR H 2822 -75.63 -98.30 -43.15
CA TYR H 2822 -75.88 -98.88 -44.46
C TYR H 2822 -74.61 -98.79 -45.30
N SER H 2823 -73.93 -99.93 -45.46
CA SER H 2823 -72.69 -100.04 -46.24
C SER H 2823 -73.04 -100.54 -47.64
N PRO H 2824 -73.05 -99.66 -48.64
CA PRO H 2824 -73.61 -100.03 -49.94
C PRO H 2824 -72.64 -100.79 -50.82
N ARG H 2825 -73.21 -101.47 -51.83
CA ARG H 2825 -72.45 -102.00 -52.96
C ARG H 2825 -72.48 -101.01 -54.12
N ALA H 2826 -72.10 -99.77 -53.85
CA ALA H 2826 -72.34 -98.67 -54.78
C ALA H 2826 -71.33 -98.65 -55.92
N ILE H 2827 -71.84 -98.49 -57.14
CA ILE H 2827 -70.99 -98.17 -58.27
C ILE H 2827 -70.48 -96.75 -58.09
N ASP H 2828 -69.22 -96.51 -58.46
CA ASP H 2828 -68.64 -95.17 -58.35
C ASP H 2828 -69.33 -94.28 -59.38
N MET H 2829 -70.24 -93.43 -58.90
CA MET H 2829 -71.05 -92.55 -59.73
C MET H 2829 -70.39 -91.21 -59.99
N SER H 2830 -69.06 -91.16 -59.98
CA SER H 2830 -68.33 -89.91 -59.99
C SER H 2830 -67.54 -89.65 -61.27
N ASN H 2831 -67.38 -90.65 -62.14
CA ASN H 2831 -66.50 -90.49 -63.29
C ASN H 2831 -67.13 -91.00 -64.58
N VAL H 2832 -68.39 -90.67 -64.84
CA VAL H 2832 -69.10 -91.10 -66.04
C VAL H 2832 -69.62 -89.86 -66.77
N THR H 2833 -69.34 -89.75 -68.07
CA THR H 2833 -69.58 -88.51 -68.80
C THR H 2833 -70.16 -88.82 -70.18
N LEU H 2834 -71.20 -88.07 -70.55
CA LEU H 2834 -71.89 -88.20 -71.83
C LEU H 2834 -71.22 -87.32 -72.88
N SER H 2835 -71.90 -87.09 -74.00
CA SER H 2835 -71.44 -86.31 -75.15
C SER H 2835 -72.17 -84.96 -75.23
N ARG H 2836 -71.97 -84.27 -76.36
CA ARG H 2836 -72.25 -82.83 -76.45
C ARG H 2836 -73.74 -82.51 -76.32
N ASP H 2837 -74.57 -83.03 -77.23
CA ASP H 2837 -76.00 -82.72 -77.17
C ASP H 2837 -76.69 -83.40 -75.98
N LEU H 2838 -76.10 -84.49 -75.48
CA LEU H 2838 -76.60 -85.14 -74.28
C LEU H 2838 -76.40 -84.25 -73.06
N HIS H 2839 -75.22 -83.63 -72.95
CA HIS H 2839 -75.03 -82.63 -71.92
C HIS H 2839 -75.77 -81.33 -72.22
N ALA H 2840 -76.16 -81.08 -73.48
CA ALA H 2840 -77.04 -79.95 -73.74
C ALA H 2840 -78.42 -80.20 -73.16
N MET H 2841 -78.92 -81.43 -73.29
CA MET H 2841 -80.15 -81.85 -72.61
C MET H 2841 -80.01 -81.75 -71.09
N ALA H 2842 -78.87 -82.19 -70.55
CA ALA H 2842 -78.63 -82.10 -69.12
C ALA H 2842 -78.52 -80.66 -68.63
N GLU H 2843 -77.97 -79.77 -69.46
CA GLU H 2843 -77.87 -78.36 -69.09
C GLU H 2843 -79.22 -77.66 -69.16
N MET H 2844 -80.05 -78.04 -70.14
CA MET H 2844 -81.42 -77.53 -70.19
C MET H 2844 -82.23 -78.00 -68.98
N MET H 2845 -82.03 -79.24 -68.55
CA MET H 2845 -82.73 -79.69 -67.35
C MET H 2845 -82.12 -79.12 -66.07
N ALA H 2846 -80.83 -78.76 -66.08
CA ALA H 2846 -80.26 -78.03 -64.94
C ALA H 2846 -80.83 -76.63 -64.85
N GLU H 2847 -81.07 -75.99 -66.00
CA GLU H 2847 -81.74 -74.69 -66.01
C GLU H 2847 -83.20 -74.83 -65.60
N ASN H 2848 -83.83 -75.97 -65.93
CA ASN H 2848 -85.18 -76.25 -65.44
C ASN H 2848 -85.21 -76.40 -63.93
N TYR H 2849 -84.23 -77.14 -63.37
CA TYR H 2849 -84.14 -77.31 -61.92
C TYR H 2849 -83.89 -75.97 -61.24
N HIS H 2850 -83.01 -75.15 -61.82
CA HIS H 2850 -82.70 -73.85 -61.25
C HIS H 2850 -83.88 -72.88 -61.36
N ASN H 2851 -84.66 -72.97 -62.43
CA ASN H 2851 -85.83 -72.10 -62.56
C ASN H 2851 -86.98 -72.55 -61.66
N ILE H 2852 -87.13 -73.86 -61.42
CA ILE H 2852 -88.09 -74.32 -60.43
C ILE H 2852 -87.65 -73.93 -59.03
N TRP H 2853 -86.35 -74.03 -58.74
CA TRP H 2853 -85.85 -73.65 -57.41
C TRP H 2853 -85.88 -72.14 -57.22
N ALA H 2854 -85.73 -71.37 -58.30
CA ALA H 2854 -85.85 -69.92 -58.23
C ALA H 2854 -87.31 -69.51 -58.09
N LYS H 2855 -88.22 -70.23 -58.74
CA LYS H 2855 -89.65 -70.01 -58.51
C LYS H 2855 -90.04 -70.37 -57.09
N LYS H 2856 -89.45 -71.44 -56.54
CA LYS H 2856 -89.69 -71.83 -55.16
C LYS H 2856 -89.16 -70.78 -54.20
N LYS H 2857 -87.97 -70.24 -54.46
CA LYS H 2857 -87.38 -69.24 -53.59
C LYS H 2857 -88.11 -67.89 -53.71
N LYS H 2858 -88.57 -67.53 -54.91
CA LYS H 2858 -89.26 -66.28 -55.15
C LYS H 2858 -90.74 -66.34 -54.83
N LEU H 2859 -91.30 -67.53 -54.61
CA LEU H 2859 -92.62 -67.66 -54.01
C LEU H 2859 -92.51 -68.09 -52.55
N GLU H 2860 -91.29 -68.30 -52.07
CA GLU H 2860 -90.96 -68.48 -50.68
C GLU H 2860 -90.67 -67.16 -49.98
N LEU H 2861 -90.09 -66.19 -50.69
CA LEU H 2861 -89.77 -64.89 -50.12
C LEU H 2861 -90.82 -63.82 -50.44
N GLU H 2862 -91.78 -64.12 -51.29
CA GLU H 2862 -92.93 -63.26 -51.51
C GLU H 2862 -94.15 -63.67 -50.67
N SER H 2863 -93.94 -64.41 -49.59
CA SER H 2863 -95.01 -64.82 -48.70
C SER H 2863 -94.99 -64.06 -47.37
N LYS H 2864 -94.18 -63.01 -47.25
CA LYS H 2864 -94.02 -62.27 -46.00
C LYS H 2864 -94.51 -60.83 -46.09
N GLY H 2865 -94.03 -60.06 -47.08
CA GLY H 2865 -94.38 -58.66 -47.19
C GLY H 2865 -93.19 -57.73 -47.11
N GLY H 2866 -92.02 -58.20 -47.55
CA GLY H 2866 -90.82 -57.38 -47.56
C GLY H 2866 -90.21 -57.23 -48.94
N GLY H 2867 -88.89 -57.33 -49.03
CA GLY H 2867 -88.19 -57.20 -50.29
C GLY H 2867 -87.88 -58.55 -50.93
N ASN H 2868 -86.61 -58.77 -51.26
CA ASN H 2868 -86.14 -60.04 -51.84
C ASN H 2868 -84.73 -60.30 -51.32
N HIS H 2869 -84.06 -61.26 -51.96
CA HIS H 2869 -82.67 -61.68 -51.82
C HIS H 2869 -81.91 -61.36 -53.11
N PRO H 2870 -80.69 -60.82 -53.05
CA PRO H 2870 -80.07 -60.23 -54.24
C PRO H 2870 -79.47 -61.21 -55.24
N LEU H 2871 -79.76 -62.51 -55.18
CA LEU H 2871 -79.24 -63.44 -56.18
C LEU H 2871 -80.19 -63.61 -57.37
N LEU H 2872 -81.21 -62.76 -57.50
CA LEU H 2872 -82.24 -62.94 -58.51
C LEU H 2872 -81.85 -62.19 -59.79
N VAL H 2873 -80.77 -62.67 -60.40
CA VAL H 2873 -80.10 -62.00 -61.52
C VAL H 2873 -80.33 -62.83 -62.78
N PRO H 2874 -79.96 -62.37 -63.99
CA PRO H 2874 -80.04 -63.25 -65.16
C PRO H 2874 -79.17 -64.50 -65.05
N TYR H 2875 -79.58 -65.53 -65.80
CA TYR H 2875 -79.06 -66.89 -65.64
C TYR H 2875 -77.59 -67.03 -66.03
N ASP H 2876 -77.07 -66.11 -66.84
CA ASP H 2876 -75.66 -66.08 -67.21
C ASP H 2876 -74.84 -65.11 -66.36
N THR H 2877 -75.28 -64.85 -65.13
CA THR H 2877 -74.56 -64.02 -64.15
C THR H 2877 -74.60 -64.65 -62.76
N LEU H 2878 -74.37 -65.95 -62.67
CA LEU H 2878 -74.49 -66.69 -61.41
C LEU H 2878 -73.25 -67.55 -61.16
N THR H 2879 -73.26 -68.24 -60.03
CA THR H 2879 -72.17 -69.11 -59.60
C THR H 2879 -72.43 -70.54 -60.10
N ALA H 2880 -71.65 -71.50 -59.59
CA ALA H 2880 -71.64 -72.86 -60.13
C ALA H 2880 -72.12 -73.93 -59.16
N LYS H 2881 -72.01 -73.70 -57.84
CA LYS H 2881 -72.33 -74.75 -56.87
C LYS H 2881 -73.82 -75.08 -56.85
N GLU H 2882 -74.68 -74.05 -56.92
CA GLU H 2882 -76.11 -74.27 -57.03
C GLU H 2882 -76.48 -74.93 -58.35
N LYS H 2883 -75.68 -74.70 -59.40
CA LYS H 2883 -75.84 -75.41 -60.65
C LYS H 2883 -75.14 -76.75 -60.66
N ALA H 2884 -74.10 -76.94 -59.83
CA ALA H 2884 -73.45 -78.24 -59.75
C ALA H 2884 -74.33 -79.26 -59.02
N LYS H 2885 -75.08 -78.82 -58.01
CA LYS H 2885 -76.02 -79.72 -57.33
C LYS H 2885 -77.14 -80.16 -58.28
N ASP H 2886 -77.67 -79.23 -59.07
CA ASP H 2886 -78.68 -79.57 -60.06
C ASP H 2886 -78.08 -80.41 -61.18
N ARG H 2887 -76.79 -80.20 -61.49
CA ARG H 2887 -76.09 -81.02 -62.47
C ARG H 2887 -75.97 -82.47 -62.00
N GLU H 2888 -75.62 -82.67 -60.73
CA GLU H 2888 -75.57 -84.02 -60.18
C GLU H 2888 -76.96 -84.67 -60.13
N LYS H 2889 -78.00 -83.90 -59.79
CA LYS H 2889 -79.35 -84.46 -59.77
C LYS H 2889 -79.83 -84.83 -61.17
N ALA H 2890 -79.50 -84.02 -62.17
CA ALA H 2890 -79.87 -84.33 -63.55
C ALA H 2890 -79.08 -85.51 -64.09
N GLN H 2891 -77.80 -85.62 -63.71
CA GLN H 2891 -76.90 -86.54 -64.38
C GLN H 2891 -76.63 -87.82 -63.61
N ASP H 2892 -77.13 -87.98 -62.38
CA ASP H 2892 -77.01 -89.29 -61.74
C ASP H 2892 -77.93 -90.31 -62.41
N ILE H 2893 -78.99 -89.85 -63.06
CA ILE H 2893 -79.76 -90.71 -63.95
C ILE H 2893 -78.91 -91.10 -65.15
N LEU H 2894 -78.24 -90.12 -65.75
CA LEU H 2894 -77.57 -90.28 -67.03
C LEU H 2894 -76.29 -91.11 -66.91
N LYS H 2895 -75.54 -90.92 -65.83
CA LYS H 2895 -74.38 -91.75 -65.56
C LYS H 2895 -74.77 -93.20 -65.35
N PHE H 2896 -75.90 -93.42 -64.65
CA PHE H 2896 -76.38 -94.77 -64.39
C PHE H 2896 -76.90 -95.42 -65.68
N LEU H 2897 -77.47 -94.62 -66.59
CA LEU H 2897 -77.87 -95.13 -67.90
C LEU H 2897 -76.66 -95.51 -68.74
N GLN H 2898 -75.60 -94.69 -68.71
CA GLN H 2898 -74.42 -94.99 -69.52
C GLN H 2898 -73.62 -96.15 -68.91
N ILE H 2899 -73.69 -96.34 -67.59
CA ILE H 2899 -73.08 -97.52 -66.97
C ILE H 2899 -73.85 -98.77 -67.36
N ASN H 2900 -75.18 -98.75 -67.22
CA ASN H 2900 -75.96 -99.93 -67.57
C ASN H 2900 -76.11 -100.15 -69.06
N GLY H 2901 -75.74 -99.17 -69.89
CA GLY H 2901 -75.82 -99.33 -71.33
C GLY H 2901 -76.99 -98.67 -72.01
N TYR H 2902 -77.80 -97.91 -71.28
CA TYR H 2902 -78.93 -97.20 -71.85
C TYR H 2902 -78.44 -95.88 -72.43
N ALA H 2903 -78.73 -95.63 -73.70
CA ALA H 2903 -78.25 -94.43 -74.37
C ALA H 2903 -79.27 -93.29 -74.25
N VAL H 2904 -78.78 -92.07 -74.43
CA VAL H 2904 -79.59 -90.87 -74.35
C VAL H 2904 -79.56 -90.20 -75.72
N SER H 2905 -80.74 -89.89 -76.26
CA SER H 2905 -80.84 -89.16 -77.51
C SER H 2905 -81.91 -88.07 -77.40
N ARG H 2906 -82.26 -87.50 -78.55
CA ARG H 2906 -83.20 -86.39 -78.58
C ARG H 2906 -84.66 -86.82 -78.58
N GLY H 2907 -84.98 -87.91 -79.29
CA GLY H 2907 -86.35 -88.41 -79.30
C GLY H 2907 -87.33 -87.55 -80.09
N TYR H 2982 -67.98 -68.50 -86.82
CA TYR H 2982 -68.41 -69.81 -87.31
C TYR H 2982 -68.68 -69.79 -88.81
N PHE H 2983 -69.42 -70.77 -89.29
CA PHE H 2983 -69.80 -70.84 -90.69
C PHE H 2983 -71.26 -70.48 -90.94
N LEU H 2984 -72.07 -70.37 -89.87
CA LEU H 2984 -73.49 -70.10 -90.04
C LEU H 2984 -73.74 -68.67 -90.52
N SER H 2985 -72.80 -67.75 -90.25
CA SER H 2985 -72.93 -66.38 -90.74
C SER H 2985 -72.82 -66.33 -92.26
N ALA H 2986 -71.80 -66.97 -92.82
CA ALA H 2986 -71.67 -67.04 -94.27
C ALA H 2986 -72.72 -67.95 -94.90
N ALA H 2987 -73.25 -68.92 -94.14
CA ALA H 2987 -74.34 -69.75 -94.66
C ALA H 2987 -75.63 -68.96 -94.78
N SER H 2988 -75.96 -68.15 -93.77
CA SER H 2988 -77.16 -67.32 -93.81
C SER H 2988 -76.94 -66.01 -94.56
N ARG H 2989 -75.70 -65.73 -94.98
CA ARG H 2989 -75.46 -64.57 -95.83
C ARG H 2989 -76.16 -64.67 -97.18
N PRO H 2990 -76.30 -65.86 -97.78
CA PRO H 2990 -77.18 -65.96 -98.95
C PRO H 2990 -78.64 -65.76 -98.60
N LEU H 2991 -79.08 -66.24 -97.44
CA LEU H 2991 -80.44 -66.02 -96.99
C LEU H 2991 -80.70 -64.55 -96.70
N CYS H 2992 -79.75 -63.89 -96.02
CA CYS H 2992 -79.86 -62.46 -95.78
C CYS H 2992 -79.78 -61.66 -97.09
N SER H 2993 -79.02 -62.15 -98.06
CA SER H 2993 -78.92 -61.45 -99.35
C SER H 2993 -80.21 -61.59 -100.14
N GLY H 2994 -80.81 -62.78 -100.13
CA GLY H 2994 -82.10 -62.95 -100.79
C GLY H 2994 -83.20 -62.16 -100.14
N GLY H 2995 -83.20 -62.09 -98.80
CA GLY H 2995 -84.15 -61.24 -98.11
C GLY H 2995 -83.93 -59.77 -98.38
N HIS H 2996 -82.67 -59.36 -98.53
CA HIS H 2996 -82.38 -57.96 -98.82
C HIS H 2996 -82.79 -57.59 -100.24
N ALA H 2997 -82.64 -58.52 -101.19
CA ALA H 2997 -83.10 -58.26 -102.55
C ALA H 2997 -84.63 -58.23 -102.62
N SER H 2998 -85.29 -59.15 -101.91
CA SER H 2998 -86.75 -59.16 -101.89
C SER H 2998 -87.32 -57.96 -101.16
N ASN H 2999 -86.58 -57.38 -100.21
CA ASN H 2999 -87.01 -56.14 -99.59
C ASN H 2999 -86.72 -54.93 -100.49
N LYS H 3000 -85.57 -54.93 -101.16
CA LYS H 3000 -85.17 -53.83 -102.02
C LYS H 3000 -85.89 -53.82 -103.36
N GLU H 3001 -86.69 -54.84 -103.65
CA GLU H 3001 -87.54 -54.78 -104.84
C GLU H 3001 -88.64 -53.72 -104.68
N LYS H 3002 -89.21 -53.59 -103.49
CA LYS H 3002 -90.36 -52.71 -103.26
C LYS H 3002 -90.18 -51.92 -101.96
N GLU H 3003 -89.02 -51.30 -101.78
CA GLU H 3003 -88.69 -50.59 -100.55
C GLU H 3003 -88.97 -49.09 -100.63
N MET H 3004 -90.03 -48.68 -101.33
CA MET H 3004 -90.29 -47.27 -101.60
C MET H 3004 -91.25 -46.65 -100.60
N VAL H 3005 -91.18 -47.05 -99.33
CA VAL H 3005 -92.04 -46.50 -98.29
C VAL H 3005 -91.28 -45.44 -97.48
N PHE H 3009 -89.92 -47.09 -94.62
CA PHE H 3009 -88.88 -46.73 -93.66
C PHE H 3009 -87.87 -47.86 -93.52
N CYS H 3010 -87.96 -48.83 -94.42
CA CYS H 3010 -87.03 -49.96 -94.42
C CYS H 3010 -85.79 -49.71 -95.26
N LYS H 3011 -85.58 -48.47 -95.72
CA LYS H 3011 -84.33 -48.11 -96.37
C LYS H 3011 -83.17 -48.06 -95.38
N LEU H 3012 -83.48 -47.90 -94.08
CA LEU H 3012 -82.49 -48.13 -93.05
C LEU H 3012 -82.03 -49.58 -93.04
N GLY H 3013 -82.93 -50.50 -93.39
CA GLY H 3013 -82.52 -51.87 -93.64
C GLY H 3013 -81.62 -52.02 -94.84
N VAL H 3014 -81.79 -51.16 -95.85
CA VAL H 3014 -80.90 -51.18 -97.01
C VAL H 3014 -79.51 -50.67 -96.64
N LEU H 3015 -79.46 -49.63 -95.80
CA LEU H 3015 -78.18 -49.17 -95.27
C LEU H 3015 -77.53 -50.21 -94.36
N VAL H 3016 -78.35 -50.95 -93.60
CA VAL H 3016 -77.84 -52.02 -92.77
C VAL H 3016 -77.31 -53.17 -93.61
N ARG H 3017 -77.95 -53.42 -94.76
CA ARG H 3017 -77.47 -54.47 -95.66
C ARG H 3017 -76.18 -54.06 -96.35
N HIS H 3018 -76.06 -52.78 -96.71
CA HIS H 3018 -74.79 -52.25 -97.23
C HIS H 3018 -73.68 -52.35 -96.20
N ARG H 3019 -74.02 -52.06 -94.93
CA ARG H 3019 -73.03 -52.16 -93.86
C ARG H 3019 -72.66 -53.61 -93.58
N ILE H 3020 -73.61 -54.54 -93.70
CA ILE H 3020 -73.32 -55.95 -93.49
C ILE H 3020 -72.48 -56.50 -94.63
N SER H 3021 -72.70 -56.00 -95.85
CA SER H 3021 -71.87 -56.42 -96.98
C SER H 3021 -70.46 -55.84 -96.87
N LEU H 3022 -70.33 -54.62 -96.36
CA LEU H 3022 -69.01 -54.07 -96.09
C LEU H 3022 -68.31 -54.79 -94.95
N PHE H 3023 -69.08 -55.27 -93.96
CA PHE H 3023 -68.49 -56.05 -92.88
C PHE H 3023 -68.04 -57.41 -93.37
N GLY H 3024 -68.82 -58.04 -94.27
CA GLY H 3024 -68.38 -59.27 -94.88
C GLY H 3024 -67.21 -59.05 -95.82
N ASN H 3025 -67.10 -57.87 -96.41
CA ASN H 3025 -65.90 -57.50 -97.15
C ASN H 3025 -64.70 -57.40 -96.23
N ASP H 3026 -64.92 -56.88 -95.02
CA ASP H 3026 -63.86 -56.88 -94.01
C ASP H 3026 -63.60 -58.28 -93.45
N ALA H 3027 -64.50 -59.24 -93.68
CA ALA H 3027 -64.36 -60.58 -93.14
C ALA H 3027 -64.45 -61.69 -94.18
N THR H 3028 -64.13 -61.41 -95.44
CA THR H 3028 -64.21 -62.43 -96.49
C THR H 3028 -63.00 -63.35 -96.46
N LEU H 3034 -67.16 -70.52 -103.39
CA LEU H 3034 -67.91 -69.27 -103.40
C LEU H 3034 -69.36 -69.49 -103.80
N HIS H 3035 -70.01 -70.47 -103.15
CA HIS H 3035 -71.43 -70.68 -103.39
C HIS H 3035 -72.25 -69.56 -102.78
N ILE H 3036 -72.08 -69.31 -101.48
CA ILE H 3036 -72.75 -68.19 -100.84
C ILE H 3036 -72.17 -66.86 -101.28
N LEU H 3037 -70.87 -66.82 -101.61
CA LEU H 3037 -70.26 -65.58 -102.08
C LEU H 3037 -70.70 -65.23 -103.50
N GLY H 3038 -70.74 -66.21 -104.39
CA GLY H 3038 -71.30 -65.98 -105.71
C GLY H 3038 -72.78 -65.67 -105.67
N GLN H 3039 -73.51 -66.30 -104.75
CA GLN H 3039 -74.91 -65.97 -104.54
C GLN H 3039 -75.09 -64.54 -104.02
N THR H 3040 -74.15 -64.07 -103.19
CA THR H 3040 -74.22 -62.70 -102.70
C THR H 3040 -73.88 -61.69 -103.80
N LEU H 3041 -72.95 -62.05 -104.69
CA LEU H 3041 -72.64 -61.18 -105.83
C LEU H 3041 -73.80 -61.12 -106.81
N ASP H 3042 -74.46 -62.26 -107.05
CA ASP H 3042 -75.64 -62.27 -107.90
C ASP H 3042 -76.80 -61.52 -107.26
N ALA H 3043 -76.94 -61.61 -105.94
CA ALA H 3043 -77.97 -60.84 -105.24
C ALA H 3043 -77.65 -59.36 -105.22
N ARG H 3044 -76.36 -58.99 -105.21
CA ARG H 3044 -75.98 -57.59 -105.34
C ARG H 3044 -76.34 -57.05 -106.72
N THR H 3045 -76.13 -57.87 -107.76
CA THR H 3045 -76.55 -57.48 -109.11
C THR H 3045 -78.08 -57.39 -109.22
N VAL H 3046 -78.78 -58.31 -108.56
CA VAL H 3046 -80.24 -58.33 -108.61
C VAL H 3046 -80.84 -57.16 -107.85
N MET H 3047 -80.21 -56.76 -106.73
CA MET H 3047 -80.68 -55.59 -106.00
C MET H 3047 -80.30 -54.29 -106.70
N LYS H 3048 -79.16 -54.28 -107.41
CA LYS H 3048 -78.80 -53.12 -108.22
C LYS H 3048 -79.74 -52.97 -109.42
N THR H 3049 -80.32 -54.08 -109.90
CA THR H 3049 -81.32 -54.00 -110.95
C THR H 3049 -82.73 -53.82 -110.42
N GLY H 3050 -83.03 -54.34 -109.23
CA GLY H 3050 -84.39 -54.25 -108.70
C GLY H 3050 -84.75 -52.88 -108.17
N LEU H 3051 -83.77 -52.15 -107.64
CA LEU H 3051 -83.95 -50.78 -107.18
C LEU H 3051 -83.39 -49.79 -108.19
N GLU H 3052 -83.35 -50.20 -109.46
CA GLU H 3052 -82.82 -49.34 -110.51
C GLU H 3052 -83.88 -48.39 -111.05
N SER H 3053 -85.15 -48.76 -110.94
CA SER H 3053 -86.22 -47.91 -111.45
C SER H 3053 -86.52 -46.74 -110.53
N VAL H 3054 -86.31 -46.91 -109.23
CA VAL H 3054 -86.60 -45.86 -108.25
C VAL H 3054 -85.31 -45.11 -107.90
N LYS H 3055 -84.27 -45.31 -108.70
CA LYS H 3055 -83.01 -44.61 -108.50
C LYS H 3055 -82.83 -43.51 -109.54
N PHE H 3061 -85.02 -45.01 -100.63
CA PHE H 3061 -85.71 -43.79 -100.19
C PHE H 3061 -84.81 -42.58 -100.42
N LEU H 3062 -84.32 -41.99 -99.34
CA LEU H 3062 -83.44 -40.83 -99.40
C LEU H 3062 -82.00 -41.15 -99.03
N ASP H 3063 -81.77 -41.80 -97.88
CA ASP H 3063 -80.43 -42.25 -97.52
C ASP H 3063 -79.98 -43.40 -98.41
N ASN H 3064 -80.92 -44.15 -98.97
CA ASN H 3064 -80.57 -45.19 -99.94
C ASN H 3064 -80.03 -44.59 -101.23
N ALA H 3065 -80.46 -43.38 -101.58
CA ALA H 3065 -80.01 -42.73 -102.81
C ALA H 3065 -78.53 -42.34 -102.74
N ALA H 3066 -78.00 -42.17 -101.54
CA ALA H 3066 -76.56 -41.98 -101.36
C ALA H 3066 -75.85 -43.27 -100.97
N GLU H 3067 -76.57 -44.21 -100.34
CA GLU H 3067 -75.97 -45.45 -99.87
C GLU H 3067 -75.84 -46.51 -100.96
N ASP H 3068 -76.55 -46.36 -102.08
CA ASP H 3068 -76.43 -47.31 -103.18
C ASP H 3068 -75.06 -47.23 -103.83
N LEU H 3069 -74.48 -46.04 -103.93
CA LEU H 3069 -73.13 -45.88 -104.45
C LEU H 3069 -72.11 -46.58 -103.55
N GLU H 3070 -72.26 -46.42 -102.22
CA GLU H 3070 -71.34 -47.05 -101.27
C GLU H 3070 -71.49 -48.56 -101.28
N LYS H 3071 -72.73 -49.06 -101.38
CA LYS H 3071 -72.96 -50.50 -101.42
C LYS H 3071 -72.39 -51.12 -102.70
N THR H 3072 -72.61 -50.46 -103.85
CA THR H 3072 -72.10 -51.01 -105.11
C THR H 3072 -70.58 -50.93 -105.17
N MET H 3073 -69.99 -49.87 -104.60
CA MET H 3073 -68.53 -49.76 -104.57
C MET H 3073 -67.91 -50.80 -103.64
N GLU H 3074 -68.55 -51.06 -102.49
CA GLU H 3074 -68.05 -52.08 -101.57
C GLU H 3074 -68.17 -53.47 -102.18
N ASN H 3075 -69.26 -53.74 -102.90
CA ASN H 3075 -69.40 -55.03 -103.57
C ASN H 3075 -68.42 -55.18 -104.72
N LEU H 3076 -68.10 -54.09 -105.43
CA LEU H 3076 -67.12 -54.15 -106.51
C LEU H 3076 -65.71 -54.37 -105.96
N LYS H 3077 -65.39 -53.76 -104.82
CA LYS H 3077 -64.08 -54.00 -104.21
C LYS H 3077 -64.00 -55.39 -103.60
N GLN H 3078 -65.11 -55.92 -103.07
CA GLN H 3078 -65.10 -57.24 -102.46
C GLN H 3078 -65.34 -58.36 -103.47
N GLY H 3079 -65.59 -58.02 -104.74
CA GLY H 3079 -65.81 -59.05 -105.74
C GLY H 3079 -64.58 -59.90 -106.00
N GLN H 3080 -63.39 -59.36 -105.78
CA GLN H 3080 -62.15 -60.11 -105.92
C GLN H 3080 -61.68 -60.71 -104.60
N PHE H 3081 -62.27 -60.30 -103.47
CA PHE H 3081 -61.91 -60.85 -102.18
C PHE H 3081 -62.63 -62.16 -101.87
N THR H 3082 -63.57 -62.56 -102.71
CA THR H 3082 -64.32 -63.80 -102.50
C THR H 3082 -63.56 -65.01 -103.05
N THR H 3098 -70.48 -68.20 -113.97
CA THR H 3098 -69.94 -66.86 -113.77
C THR H 3098 -69.75 -66.15 -115.12
N THR H 3099 -70.27 -66.75 -116.18
CA THR H 3099 -70.17 -66.20 -117.53
C THR H 3099 -71.49 -65.58 -118.00
N VAL H 3100 -72.48 -65.52 -117.12
CA VAL H 3100 -73.77 -64.92 -117.45
C VAL H 3100 -73.84 -63.46 -117.02
N ALA H 3101 -72.67 -62.82 -116.82
CA ALA H 3101 -72.62 -61.45 -116.35
C ALA H 3101 -73.07 -60.43 -117.39
N LEU H 3102 -73.33 -60.86 -118.64
CA LEU H 3102 -73.93 -59.97 -119.61
C LEU H 3102 -75.40 -59.67 -119.26
N LEU H 3103 -76.07 -60.59 -118.54
CA LEU H 3103 -77.44 -60.31 -118.10
C LEU H 3103 -77.46 -59.22 -117.03
N PRO H 3104 -76.69 -59.30 -115.95
CA PRO H 3104 -76.58 -58.16 -115.03
C PRO H 3104 -75.90 -56.94 -115.65
N MET H 3105 -75.10 -57.12 -116.70
CA MET H 3105 -74.51 -55.99 -117.40
C MET H 3105 -75.56 -55.22 -118.20
N LEU H 3106 -76.48 -55.92 -118.85
CA LEU H 3106 -77.60 -55.26 -119.49
C LEU H 3106 -78.56 -54.69 -118.46
N SER H 3107 -78.65 -55.32 -117.29
CA SER H 3107 -79.46 -54.77 -116.18
C SER H 3107 -78.89 -53.44 -115.69
N SER H 3108 -77.56 -53.38 -115.51
CA SER H 3108 -76.91 -52.12 -115.15
C SER H 3108 -76.92 -51.12 -116.31
N LEU H 3109 -76.99 -51.60 -117.56
CA LEU H 3109 -77.15 -50.70 -118.70
C LEU H 3109 -78.51 -50.02 -118.66
N PHE H 3110 -79.57 -50.78 -118.39
CA PHE H 3110 -80.89 -50.18 -118.19
C PHE H 3110 -80.94 -49.32 -116.94
N GLU H 3111 -80.16 -49.67 -115.92
CA GLU H 3111 -80.06 -48.85 -114.71
C GLU H 3111 -79.45 -47.50 -115.00
N HIS H 3112 -78.35 -47.48 -115.76
CA HIS H 3112 -77.72 -46.21 -116.14
C HIS H 3112 -78.57 -45.45 -117.15
N ILE H 3113 -79.38 -46.15 -117.94
CA ILE H 3113 -80.32 -45.48 -118.82
C ILE H 3113 -81.45 -44.84 -118.02
N GLY H 3114 -81.83 -45.45 -116.89
CA GLY H 3114 -82.79 -44.86 -115.97
C GLY H 3114 -82.21 -43.84 -115.01
N GLN H 3115 -80.88 -43.77 -114.93
CA GLN H 3115 -80.20 -42.78 -114.10
C GLN H 3115 -79.63 -41.62 -114.91
N HIS H 3116 -79.57 -41.75 -116.25
CA HIS H 3116 -79.04 -40.67 -117.08
C HIS H 3116 -79.99 -39.48 -117.12
N GLN H 3117 -81.21 -39.69 -117.62
CA GLN H 3117 -82.20 -38.62 -117.61
C GLN H 3117 -82.96 -38.54 -116.29
N PHE H 3118 -82.60 -39.35 -115.31
CA PHE H 3118 -83.22 -39.31 -114.00
C PHE H 3118 -82.23 -39.75 -112.92
N LEU H 3124 -77.64 -32.99 -108.62
CA LEU H 3124 -77.36 -32.75 -110.02
C LEU H 3124 -76.07 -33.45 -110.47
N GLU H 3125 -75.79 -34.58 -109.85
CA GLU H 3125 -74.58 -35.37 -110.12
C GLU H 3125 -74.92 -36.86 -110.24
N ASP H 3126 -76.01 -37.18 -110.92
CA ASP H 3126 -76.41 -38.57 -111.06
C ASP H 3126 -75.76 -39.23 -112.28
N VAL H 3127 -75.44 -38.43 -113.31
CA VAL H 3127 -74.79 -38.99 -114.50
C VAL H 3127 -73.36 -39.37 -114.18
N GLN H 3128 -72.67 -38.56 -113.36
CA GLN H 3128 -71.34 -38.93 -112.89
C GLN H 3128 -71.39 -40.12 -111.94
N VAL H 3129 -72.50 -40.28 -111.20
CA VAL H 3129 -72.66 -41.44 -110.34
C VAL H 3129 -72.84 -42.70 -111.17
N SER H 3130 -73.60 -42.62 -112.27
CA SER H 3130 -73.74 -43.75 -113.17
C SER H 3130 -72.42 -44.06 -113.89
N CYS H 3131 -71.65 -43.02 -114.23
CA CYS H 3131 -70.35 -43.24 -114.86
C CYS H 3131 -69.36 -43.89 -113.90
N TYR H 3132 -69.35 -43.47 -112.63
CA TYR H 3132 -68.48 -44.10 -111.64
C TYR H 3132 -68.96 -45.49 -111.27
N ARG H 3133 -70.27 -45.76 -111.34
CA ARG H 3133 -70.76 -47.11 -111.12
C ARG H 3133 -70.35 -48.05 -112.26
N ILE H 3134 -70.38 -47.53 -113.49
CA ILE H 3134 -69.86 -48.30 -114.63
C ILE H 3134 -68.35 -48.50 -114.50
N LEU H 3135 -67.66 -47.50 -113.94
CA LEU H 3135 -66.23 -47.64 -113.67
C LEU H 3135 -65.96 -48.71 -112.63
N THR H 3136 -66.77 -48.77 -111.58
CA THR H 3136 -66.62 -49.80 -110.55
C THR H 3136 -66.98 -51.17 -111.10
N SER H 3137 -67.96 -51.25 -112.00
CA SER H 3137 -68.34 -52.53 -112.60
C SER H 3137 -67.24 -53.06 -113.52
N LEU H 3138 -66.71 -52.20 -114.40
CA LEU H 3138 -65.64 -52.62 -115.29
C LEU H 3138 -64.34 -52.88 -114.54
N TYR H 3139 -64.11 -52.17 -113.42
CA TYR H 3139 -62.93 -52.44 -112.61
C TYR H 3139 -63.07 -53.73 -111.81
N ALA H 3140 -64.29 -54.07 -111.37
CA ALA H 3140 -64.50 -55.31 -110.66
C ALA H 3140 -64.43 -56.51 -111.61
N LEU H 3141 -64.90 -56.33 -112.85
CA LEU H 3141 -64.70 -57.36 -113.85
C LEU H 3141 -63.25 -57.44 -114.30
N GLY H 3142 -62.50 -56.35 -114.21
CA GLY H 3142 -61.09 -56.35 -114.56
C GLY H 3142 -60.16 -56.17 -113.39
N THR H 3143 -60.54 -56.72 -112.23
CA THR H 3143 -59.66 -56.65 -111.06
C THR H 3143 -58.59 -57.73 -111.11
N SER H 3144 -58.80 -58.79 -111.89
CA SER H 3144 -57.81 -59.85 -112.05
C SER H 3144 -57.91 -60.49 -113.44
N VAL H 3149 -69.53 -61.39 -125.26
CA VAL H 3149 -70.77 -60.65 -125.40
C VAL H 3149 -70.55 -59.18 -125.10
N GLU H 3150 -70.97 -58.31 -126.03
CA GLU H 3150 -70.69 -56.89 -125.97
C GLU H 3150 -71.97 -56.09 -126.14
N ARG H 3151 -73.02 -56.49 -125.41
CA ARG H 3151 -74.25 -55.71 -125.44
C ARG H 3151 -74.18 -54.50 -124.51
N GLN H 3152 -73.54 -54.66 -123.35
CA GLN H 3152 -73.45 -53.56 -122.40
C GLN H 3152 -72.52 -52.46 -122.89
N ARG H 3153 -71.46 -52.83 -123.60
CA ARG H 3153 -70.59 -51.82 -124.21
C ARG H 3153 -71.33 -51.03 -125.27
N SER H 3154 -72.18 -51.70 -126.04
CA SER H 3154 -72.99 -51.03 -127.05
C SER H 3154 -74.03 -50.11 -126.40
N ALA H 3155 -74.61 -50.54 -125.27
CA ALA H 3155 -75.61 -49.71 -124.59
C ALA H 3155 -74.98 -48.48 -123.94
N LEU H 3156 -73.82 -48.66 -123.30
CA LEU H 3156 -73.12 -47.53 -122.69
C LEU H 3156 -72.58 -46.56 -123.75
N GLY H 3157 -72.10 -47.09 -124.88
CA GLY H 3157 -71.70 -46.22 -125.97
C GLY H 3157 -72.87 -45.52 -126.63
N GLU H 3158 -74.04 -46.17 -126.65
CA GLU H 3158 -75.25 -45.56 -127.18
C GLU H 3158 -75.69 -44.39 -126.32
N CYS H 3159 -75.69 -44.58 -124.99
CA CYS H 3159 -76.02 -43.49 -124.08
C CYS H 3159 -74.96 -42.39 -124.10
N LEU H 3160 -73.69 -42.75 -124.32
CA LEU H 3160 -72.62 -41.77 -124.37
C LEU H 3160 -72.71 -40.90 -125.63
N ALA H 3161 -72.97 -41.51 -126.78
CA ALA H 3161 -73.15 -40.74 -128.00
C ALA H 3161 -74.51 -40.02 -128.03
N ALA H 3162 -75.49 -40.49 -127.26
CA ALA H 3162 -76.76 -39.80 -127.18
C ALA H 3162 -76.67 -38.56 -126.30
N PHE H 3163 -75.86 -38.64 -125.24
CA PHE H 3163 -75.76 -37.52 -124.31
C PHE H 3163 -74.38 -36.88 -124.37
N ALA H 3164 -73.87 -36.67 -125.59
CA ALA H 3164 -72.59 -36.03 -125.79
C ALA H 3164 -72.70 -34.55 -126.14
N GLY H 3165 -73.63 -34.18 -127.01
CA GLY H 3165 -73.78 -32.78 -127.35
C GLY H 3165 -74.56 -31.96 -126.35
N ALA H 3166 -75.39 -32.60 -125.53
CA ALA H 3166 -76.19 -31.90 -124.54
C ALA H 3166 -75.93 -32.46 -123.14
N ALA H 3170 -70.64 -33.68 -114.80
CA ALA H 3170 -71.05 -35.08 -114.95
C ALA H 3170 -70.68 -35.59 -116.35
N PHE H 3171 -70.29 -34.67 -117.23
CA PHE H 3171 -69.87 -35.03 -118.58
C PHE H 3171 -68.38 -35.32 -118.65
N LEU H 3172 -67.56 -34.42 -118.10
CA LEU H 3172 -66.11 -34.62 -118.10
C LEU H 3172 -65.70 -35.76 -117.17
N GLU H 3173 -66.42 -35.94 -116.06
CA GLU H 3173 -66.18 -37.09 -115.19
C GLU H 3173 -66.57 -38.38 -115.88
N THR H 3174 -67.60 -38.36 -116.73
CA THR H 3174 -67.94 -39.52 -117.54
C THR H 3174 -66.88 -39.78 -118.60
N HIS H 3175 -66.30 -38.72 -119.15
CA HIS H 3175 -65.25 -38.87 -120.17
C HIS H 3175 -63.98 -39.46 -119.58
N LEU H 3176 -63.59 -38.99 -118.40
CA LEU H 3176 -62.42 -39.55 -117.71
C LEU H 3176 -62.73 -40.86 -117.00
N ASP H 3177 -64.02 -41.22 -116.84
CA ASP H 3177 -64.37 -42.52 -116.29
C ASP H 3177 -64.41 -43.59 -117.36
N LYS H 3178 -64.81 -43.22 -118.58
CA LYS H 3178 -64.72 -44.17 -119.69
C LYS H 3178 -63.27 -44.43 -120.09
N HIS H 3179 -62.41 -43.43 -119.93
CA HIS H 3179 -60.98 -43.59 -120.17
C HIS H 3179 -60.25 -44.23 -118.99
N ASN H 3180 -60.93 -44.42 -117.86
CA ASN H 3180 -60.41 -45.16 -116.73
C ASN H 3180 -61.00 -46.55 -116.59
N ILE H 3181 -62.17 -46.81 -117.18
CA ILE H 3181 -62.77 -48.13 -117.17
C ILE H 3181 -62.57 -48.78 -118.53
N TYR H 3182 -61.62 -48.25 -119.31
CA TYR H 3182 -61.38 -48.81 -120.64
C TYR H 3182 -60.58 -50.11 -120.57
N SER H 3183 -59.83 -50.32 -119.49
CA SER H 3183 -58.96 -51.49 -119.36
C SER H 3183 -59.76 -52.78 -119.15
N SER H 3593 -53.05 -22.11 -65.16
CA SER H 3593 -53.79 -22.68 -64.04
C SER H 3593 -55.26 -22.83 -64.39
N LYS H 3594 -56.08 -23.17 -63.40
CA LYS H 3594 -57.44 -23.63 -63.65
C LYS H 3594 -58.40 -22.48 -63.96
N GLN H 3595 -58.59 -21.56 -63.01
CA GLN H 3595 -59.61 -20.54 -63.13
C GLN H 3595 -59.29 -19.51 -64.20
N ARG H 3596 -58.02 -19.41 -64.60
CA ARG H 3596 -57.66 -18.60 -65.76
C ARG H 3596 -58.28 -19.13 -67.03
N LYS H 3597 -58.49 -20.45 -67.12
CA LYS H 3597 -59.06 -21.01 -68.34
C LYS H 3597 -60.53 -20.65 -68.47
N ARG H 3598 -61.26 -20.71 -67.36
CA ARG H 3598 -62.63 -20.22 -67.38
C ARG H 3598 -62.67 -18.71 -67.52
N ALA H 3599 -61.61 -18.02 -67.10
CA ALA H 3599 -61.53 -16.58 -67.33
C ALA H 3599 -61.38 -16.28 -68.80
N VAL H 3600 -60.63 -17.10 -69.53
CA VAL H 3600 -60.53 -16.91 -70.98
C VAL H 3600 -61.85 -17.23 -71.66
N VAL H 3601 -62.55 -18.26 -71.17
CA VAL H 3601 -63.90 -18.55 -71.65
C VAL H 3601 -64.82 -17.35 -71.42
N ALA H 3602 -64.69 -16.71 -70.27
CA ALA H 3602 -65.48 -15.53 -69.97
C ALA H 3602 -65.09 -14.34 -70.84
N CYS H 3603 -63.81 -14.26 -71.22
CA CYS H 3603 -63.38 -13.22 -72.16
C CYS H 3603 -64.00 -13.44 -73.53
N PHE H 3604 -64.24 -14.69 -73.90
CA PHE H 3604 -65.05 -14.95 -75.09
C PHE H 3604 -66.54 -14.76 -74.85
N ARG H 3605 -66.98 -14.83 -73.60
CA ARG H 3605 -68.40 -14.78 -73.29
C ARG H 3605 -68.96 -13.37 -73.39
N MET H 3606 -68.13 -12.33 -73.23
CA MET H 3606 -68.65 -10.96 -73.26
C MET H 3606 -68.86 -10.45 -74.68
N ALA H 3607 -69.56 -11.23 -75.47
CA ALA H 3607 -70.11 -10.89 -76.78
C ALA H 3607 -71.19 -9.80 -76.79
N PRO H 3608 -71.99 -9.57 -75.69
CA PRO H 3608 -72.78 -8.33 -75.70
C PRO H 3608 -71.89 -7.11 -75.63
N LEU H 3609 -71.70 -6.49 -76.79
CA LEU H 3609 -70.82 -5.35 -76.88
C LEU H 3609 -71.58 -4.10 -76.50
N TYR H 3610 -72.59 -3.76 -77.30
CA TYR H 3610 -73.43 -2.58 -77.06
C TYR H 3610 -74.87 -2.88 -77.37
N ASN H 3611 -75.34 -4.05 -76.93
CA ASN H 3611 -76.76 -4.29 -76.83
C ASN H 3611 -77.30 -3.31 -75.79
N LEU H 3612 -76.88 -3.54 -74.52
CA LEU H 3612 -76.74 -2.60 -73.40
C LEU H 3612 -77.93 -1.68 -73.23
N PRO H 3613 -79.06 -2.20 -72.72
CA PRO H 3613 -80.40 -1.83 -73.22
C PRO H 3613 -80.67 -0.36 -73.48
N ARG H 3614 -80.66 0.47 -72.44
CA ARG H 3614 -80.55 1.90 -72.68
C ARG H 3614 -79.74 2.64 -71.62
N HIS H 3615 -79.66 2.13 -70.40
CA HIS H 3615 -79.18 2.90 -69.27
C HIS H 3615 -78.07 2.24 -68.50
N ARG H 3616 -77.88 0.93 -68.65
CA ARG H 3616 -76.71 0.26 -68.09
C ARG H 3616 -75.43 0.89 -68.63
N ALA H 3617 -75.43 1.22 -69.93
CA ALA H 3617 -74.30 1.88 -70.54
C ALA H 3617 -74.10 3.27 -69.95
N VAL H 3618 -75.20 3.99 -69.69
CA VAL H 3618 -75.09 5.34 -69.15
C VAL H 3618 -74.57 5.29 -67.72
N ASN H 3619 -75.02 4.30 -66.97
CA ASN H 3619 -74.55 4.08 -65.61
C ASN H 3619 -73.06 3.78 -65.58
N LEU H 3620 -72.62 2.89 -66.47
CA LEU H 3620 -71.20 2.54 -66.48
C LEU H 3620 -70.36 3.68 -67.01
N PHE H 3621 -70.92 4.51 -67.90
CA PHE H 3621 -70.24 5.72 -68.33
C PHE H 3621 -70.06 6.68 -67.18
N LEU H 3622 -71.07 6.78 -66.33
CA LEU H 3622 -70.96 7.62 -65.14
C LEU H 3622 -69.85 7.12 -64.23
N GLN H 3623 -69.77 5.80 -64.05
CA GLN H 3623 -68.70 5.19 -63.27
C GLN H 3623 -67.33 5.53 -63.82
N GLY H 3624 -67.13 5.31 -65.12
CA GLY H 3624 -65.84 5.54 -65.72
C GLY H 3624 -65.45 7.00 -65.76
N TYR H 3625 -66.43 7.89 -65.92
CA TYR H 3625 -66.14 9.31 -65.95
C TYR H 3625 -65.71 9.79 -64.58
N GLU H 3626 -66.45 9.41 -63.53
CA GLU H 3626 -66.07 9.73 -62.16
C GLU H 3626 -64.73 9.13 -61.80
N LYS H 3627 -64.41 7.96 -62.33
CA LYS H 3627 -63.16 7.30 -61.99
C LYS H 3627 -61.97 7.97 -62.65
N SER H 3628 -62.09 8.29 -63.93
CA SER H 3628 -60.91 8.65 -64.70
C SER H 3628 -60.74 10.15 -64.90
N TRP H 3629 -61.81 10.93 -64.90
CA TRP H 3629 -61.72 12.30 -65.35
C TRP H 3629 -61.60 13.34 -64.25
N ILE H 3630 -62.28 13.13 -63.14
CA ILE H 3630 -62.45 14.22 -62.18
C ILE H 3630 -61.19 14.45 -61.35
N GLU H 3631 -60.26 13.51 -61.37
CA GLU H 3631 -58.99 13.72 -60.70
C GLU H 3631 -58.16 14.75 -61.45
N THR H 3632 -58.29 16.00 -61.03
CA THR H 3632 -57.78 17.17 -61.73
C THR H 3632 -56.92 18.02 -60.80
N GLU H 3633 -56.61 19.23 -61.25
CA GLU H 3633 -55.83 20.19 -60.49
C GLU H 3633 -56.65 21.46 -60.31
N GLU H 3634 -56.98 21.75 -59.05
CA GLU H 3634 -57.50 23.03 -58.63
C GLU H 3634 -56.57 23.65 -57.59
N HIS H 3635 -55.48 22.95 -57.30
CA HIS H 3635 -54.82 23.01 -56.00
C HIS H 3635 -53.80 24.13 -55.91
N TYR H 3636 -54.02 25.22 -56.62
CA TYR H 3636 -53.32 26.46 -56.35
C TYR H 3636 -53.90 27.17 -55.14
N PHE H 3637 -55.12 26.82 -54.74
CA PHE H 3637 -55.91 27.63 -53.81
C PHE H 3637 -55.41 27.57 -52.38
N GLU H 3638 -54.44 26.72 -52.08
CA GLU H 3638 -53.94 26.59 -50.71
C GLU H 3638 -53.11 27.80 -50.31
N ASP H 3639 -52.25 28.28 -51.21
CA ASP H 3639 -51.50 29.51 -50.93
C ASP H 3639 -52.43 30.70 -50.78
N LYS H 3640 -53.42 30.80 -51.68
CA LYS H 3640 -54.42 31.86 -51.58
C LYS H 3640 -55.18 31.80 -50.28
N LEU H 3641 -55.53 30.59 -49.84
CA LEU H 3641 -56.33 30.43 -48.64
C LEU H 3641 -55.55 30.81 -47.41
N ILE H 3642 -54.34 30.26 -47.26
CA ILE H 3642 -53.61 30.52 -46.03
C ILE H 3642 -53.01 31.92 -46.03
N GLU H 3643 -52.88 32.56 -47.20
CA GLU H 3643 -52.77 34.01 -47.19
C GLU H 3643 -54.02 34.63 -46.63
N ASP H 3644 -55.17 34.18 -47.12
CA ASP H 3644 -56.40 34.91 -46.94
C ASP H 3644 -56.95 34.79 -45.53
N LEU H 3645 -56.52 33.78 -44.77
CA LEU H 3645 -56.96 33.70 -43.39
C LEU H 3645 -56.20 34.64 -42.49
N ALA H 3646 -54.93 34.88 -42.78
CA ALA H 3646 -54.12 35.72 -41.90
C ALA H 3646 -54.27 37.20 -42.28
N LYS H 3647 -55.51 37.67 -42.21
CA LYS H 3647 -55.85 39.05 -42.56
C LYS H 3647 -56.66 39.62 -41.40
N PRO H 3648 -55.99 40.14 -40.37
CA PRO H 3648 -56.71 40.65 -39.21
C PRO H 3648 -57.44 41.94 -39.53
N ARG H 3661 -58.70 41.01 -31.20
CA ARG H 3661 -58.88 40.30 -32.47
C ARG H 3661 -57.81 39.24 -32.64
N VAL H 3662 -58.25 38.02 -32.97
CA VAL H 3662 -57.37 36.88 -33.18
C VAL H 3662 -57.66 36.38 -34.59
N ASP H 3663 -56.66 35.77 -35.22
CA ASP H 3663 -56.79 35.30 -36.59
C ASP H 3663 -57.79 34.15 -36.69
N PRO H 3664 -58.52 34.07 -37.81
CA PRO H 3664 -59.39 32.91 -38.05
C PRO H 3664 -58.63 31.60 -38.09
N LEU H 3665 -57.45 31.64 -38.69
CA LEU H 3665 -56.54 30.52 -38.65
C LEU H 3665 -56.20 30.14 -37.21
N HIS H 3666 -56.03 31.13 -36.36
CA HIS H 3666 -55.69 30.83 -34.97
C HIS H 3666 -56.87 30.24 -34.23
N GLN H 3667 -58.09 30.68 -34.57
CA GLN H 3667 -59.29 30.02 -34.04
C GLN H 3667 -59.34 28.56 -34.46
N LEU H 3668 -59.00 28.27 -35.71
CA LEU H 3668 -59.07 26.91 -36.21
C LEU H 3668 -58.06 26.00 -35.52
N ILE H 3669 -56.81 26.48 -35.42
CA ILE H 3669 -55.77 25.72 -34.75
C ILE H 3669 -56.11 25.54 -33.28
N LEU H 3670 -56.67 26.57 -32.65
CA LEU H 3670 -57.03 26.46 -31.25
C LEU H 3670 -58.20 25.51 -31.05
N LEU H 3671 -59.10 25.45 -32.04
CA LEU H 3671 -60.19 24.47 -32.01
C LEU H 3671 -59.64 23.06 -31.98
N PHE H 3672 -58.70 22.77 -32.86
CA PHE H 3672 -58.19 21.40 -32.86
C PHE H 3672 -57.33 21.12 -31.65
N SER H 3673 -56.74 22.16 -31.08
CA SER H 3673 -55.97 21.97 -29.86
C SER H 3673 -56.87 21.60 -28.69
N ARG H 3674 -58.01 22.27 -28.58
CA ARG H 3674 -58.91 21.93 -27.48
C ARG H 3674 -59.58 20.58 -27.72
N THR H 3675 -59.85 20.26 -28.97
CA THR H 3675 -60.46 18.97 -29.26
C THR H 3675 -59.50 17.84 -28.97
N ALA H 3676 -58.22 18.05 -29.23
CA ALA H 3676 -57.22 17.06 -28.90
C ALA H 3676 -57.05 16.91 -27.40
N LEU H 3677 -57.29 17.97 -26.64
CA LEU H 3677 -57.11 17.87 -25.20
C LEU H 3677 -58.26 17.17 -24.50
N THR H 3678 -59.38 16.96 -25.17
CA THR H 3678 -60.45 16.14 -24.61
C THR H 3678 -59.98 14.70 -24.51
N GLU H 3679 -60.60 13.94 -23.62
CA GLU H 3679 -60.23 12.55 -23.39
C GLU H 3679 -61.28 11.66 -24.02
N LYS H 3680 -60.84 10.77 -24.88
CA LYS H 3680 -61.74 9.95 -25.66
C LYS H 3680 -61.43 8.47 -25.62
N CYS H 3681 -60.21 8.09 -25.27
CA CYS H 3681 -59.65 6.74 -25.21
C CYS H 3681 -59.49 6.10 -26.58
N LYS H 3682 -59.98 6.77 -27.63
CA LYS H 3682 -59.93 6.31 -29.00
C LYS H 3682 -60.29 7.49 -29.88
N LEU H 3683 -59.46 7.82 -30.86
CA LEU H 3683 -59.72 9.01 -31.64
C LEU H 3683 -60.81 8.78 -32.68
N GLU H 3684 -61.34 9.86 -33.18
CA GLU H 3684 -62.38 9.84 -34.19
C GLU H 3684 -61.71 9.91 -35.57
N GLU H 3685 -62.49 10.22 -36.60
CA GLU H 3685 -61.93 10.37 -37.93
C GLU H 3685 -61.86 11.81 -38.38
N ASP H 3686 -62.97 12.56 -38.30
CA ASP H 3686 -63.00 14.02 -38.31
C ASP H 3686 -62.46 14.60 -39.61
N PHE H 3687 -63.19 14.39 -40.70
CA PHE H 3687 -62.68 14.79 -42.01
C PHE H 3687 -62.51 16.28 -42.18
N LEU H 3688 -63.07 17.09 -41.27
CA LEU H 3688 -62.60 18.45 -41.07
C LEU H 3688 -61.08 18.50 -40.88
N TYR H 3689 -60.59 17.76 -39.88
CA TYR H 3689 -59.16 17.72 -39.58
C TYR H 3689 -58.39 17.13 -40.74
N MET H 3690 -58.93 16.08 -41.35
CA MET H 3690 -58.30 15.41 -42.47
C MET H 3690 -58.25 16.31 -43.69
N ALA H 3691 -59.12 17.29 -43.79
CA ALA H 3691 -59.02 18.24 -44.88
C ALA H 3691 -57.98 19.31 -44.57
N TYR H 3692 -58.08 19.91 -43.39
CA TYR H 3692 -57.24 21.07 -43.11
C TYR H 3692 -55.79 20.72 -42.83
N ALA H 3693 -55.50 19.49 -42.39
CA ALA H 3693 -54.12 19.08 -42.26
C ALA H 3693 -53.44 19.05 -43.63
N ASP H 3694 -54.13 18.52 -44.63
CA ASP H 3694 -53.57 18.52 -45.97
C ASP H 3694 -53.54 19.91 -46.57
N ILE H 3695 -54.54 20.74 -46.25
CA ILE H 3695 -54.59 22.09 -46.78
C ILE H 3695 -53.41 22.91 -46.26
N MET H 3696 -53.09 22.78 -44.98
CA MET H 3696 -51.90 23.43 -44.46
C MET H 3696 -50.63 22.80 -45.01
N ALA H 3697 -50.57 21.48 -45.07
CA ALA H 3697 -49.33 20.81 -45.44
C ALA H 3697 -49.01 20.92 -46.92
N LYS H 3698 -49.96 21.35 -47.75
CA LYS H 3698 -49.60 21.66 -49.12
C LYS H 3698 -49.10 23.08 -49.29
N SER H 3699 -48.94 23.84 -48.22
CA SER H 3699 -48.48 25.20 -48.32
C SER H 3699 -46.99 25.33 -48.04
N CYS H 3700 -46.20 24.33 -48.39
CA CYS H 3700 -44.75 24.40 -48.28
C CYS H 3700 -44.09 23.76 -49.49
N SER H 3714 -28.14 28.00 -59.11
CA SER H 3714 -28.00 29.35 -58.59
C SER H 3714 -27.98 29.39 -57.07
N PHE H 3715 -26.94 30.00 -56.52
CA PHE H 3715 -26.87 30.21 -55.08
C PHE H 3715 -27.92 31.21 -54.63
N GLU H 3716 -28.20 32.20 -55.48
CA GLU H 3716 -29.27 33.16 -55.22
C GLU H 3716 -30.62 32.48 -55.09
N GLU H 3717 -30.84 31.44 -55.90
CA GLU H 3717 -32.11 30.73 -55.83
C GLU H 3717 -32.22 29.94 -54.54
N LYS H 3718 -31.11 29.41 -54.03
CA LYS H 3718 -31.16 28.75 -52.73
C LYS H 3718 -31.37 29.74 -51.61
N GLU H 3719 -30.81 30.96 -51.76
CA GLU H 3719 -31.12 32.05 -50.84
C GLU H 3719 -32.61 32.37 -50.81
N MET H 3720 -33.24 32.38 -51.98
CA MET H 3720 -34.65 32.74 -52.06
C MET H 3720 -35.53 31.62 -51.53
N GLU H 3721 -35.22 30.39 -51.90
CA GLU H 3721 -36.04 29.26 -51.50
C GLU H 3721 -35.82 28.85 -50.06
N LYS H 3722 -34.74 29.27 -49.42
CA LYS H 3722 -34.69 29.16 -47.98
C LYS H 3722 -35.70 30.09 -47.33
N GLN H 3723 -35.75 31.33 -47.82
CA GLN H 3723 -36.49 32.36 -47.11
C GLN H 3723 -37.99 32.23 -47.32
N LYS H 3724 -38.43 31.84 -48.51
CA LYS H 3724 -39.86 31.64 -48.74
C LYS H 3724 -40.40 30.49 -47.91
N LEU H 3725 -39.63 29.40 -47.82
CA LEU H 3725 -40.02 28.28 -46.98
C LEU H 3725 -40.07 28.68 -45.51
N LEU H 3726 -39.08 29.46 -45.06
CA LEU H 3726 -39.04 29.80 -43.65
C LEU H 3726 -40.15 30.78 -43.30
N TYR H 3727 -40.52 31.65 -44.24
CA TYR H 3727 -41.66 32.51 -44.05
C TYR H 3727 -42.97 31.73 -44.00
N GLN H 3728 -43.08 30.70 -44.84
CA GLN H 3728 -44.30 29.91 -44.82
C GLN H 3728 -44.42 29.08 -43.54
N GLN H 3729 -43.30 28.66 -42.96
CA GLN H 3729 -43.39 28.04 -41.64
C GLN H 3729 -43.67 29.07 -40.56
N ALA H 3730 -43.21 30.30 -40.78
CA ALA H 3730 -43.48 31.38 -39.83
C ALA H 3730 -44.95 31.73 -39.80
N ARG H 3731 -45.63 31.52 -40.93
CA ARG H 3731 -47.08 31.74 -40.98
C ARG H 3731 -47.82 30.82 -40.03
N LEU H 3732 -47.27 29.64 -39.73
CA LEU H 3732 -47.92 28.68 -38.86
C LEU H 3732 -47.41 28.70 -37.42
N HIS H 3733 -46.10 28.56 -37.21
CA HIS H 3733 -45.67 28.30 -35.85
C HIS H 3733 -45.59 29.54 -34.98
N ASP H 3734 -46.16 30.66 -35.42
CA ASP H 3734 -46.56 31.69 -34.47
C ASP H 3734 -47.85 31.30 -33.77
N ARG H 3735 -48.67 30.48 -34.42
CA ARG H 3735 -50.05 30.26 -34.02
C ARG H 3735 -50.21 28.97 -33.24
N GLY H 3736 -49.17 28.57 -32.51
CA GLY H 3736 -49.21 27.36 -31.70
C GLY H 3736 -49.35 26.08 -32.51
N ALA H 3737 -48.98 26.16 -33.79
CA ALA H 3737 -49.26 25.11 -34.74
C ALA H 3737 -48.47 23.85 -34.48
N ALA H 3738 -47.34 23.95 -33.80
CA ALA H 3738 -46.59 22.75 -33.45
C ALA H 3738 -47.34 21.91 -32.45
N GLU H 3739 -48.01 22.55 -31.53
CA GLU H 3739 -48.55 21.84 -30.39
C GLU H 3739 -49.82 21.07 -30.71
N MET H 3740 -50.59 21.48 -31.73
CA MET H 3740 -51.72 20.65 -32.12
C MET H 3740 -51.25 19.33 -32.71
N VAL H 3741 -50.20 19.36 -33.53
CA VAL H 3741 -49.67 18.15 -34.11
C VAL H 3741 -49.04 17.29 -33.03
N LEU H 3742 -48.34 17.94 -32.12
CA LEU H 3742 -47.67 17.22 -31.04
C LEU H 3742 -48.66 16.57 -30.09
N GLN H 3743 -49.82 17.19 -29.88
CA GLN H 3743 -50.80 16.59 -29.00
C GLN H 3743 -51.57 15.48 -29.70
N THR H 3744 -52.00 15.72 -30.95
CA THR H 3744 -52.78 14.71 -31.67
C THR H 3744 -51.98 13.47 -31.95
N ILE H 3745 -50.65 13.55 -31.98
CA ILE H 3745 -49.86 12.33 -31.94
C ILE H 3745 -50.06 11.63 -30.60
N SER H 3746 -50.06 12.39 -29.51
CA SER H 3746 -50.16 11.79 -28.19
C SER H 3746 -51.54 11.26 -27.88
N ALA H 3747 -52.54 11.64 -28.67
CA ALA H 3747 -53.90 11.19 -28.39
C ALA H 3747 -54.07 9.71 -28.70
N SER H 3748 -53.89 9.33 -29.95
CA SER H 3748 -53.98 7.92 -30.31
C SER H 3748 -52.78 7.20 -29.74
N LYS H 3749 -53.02 6.14 -28.98
CA LYS H 3749 -51.94 5.57 -28.21
C LYS H 3749 -51.09 4.64 -29.05
N GLY H 3750 -51.69 3.79 -29.86
CA GLY H 3750 -50.91 2.99 -30.77
C GLY H 3750 -51.67 2.79 -32.04
N GLU H 3751 -52.79 3.48 -32.14
CA GLU H 3751 -53.66 3.29 -33.28
C GLU H 3751 -53.07 3.99 -34.48
N THR H 3752 -53.21 3.38 -35.63
CA THR H 3752 -52.47 3.76 -36.82
C THR H 3752 -53.41 4.30 -37.89
N GLY H 3753 -54.37 5.11 -37.49
CA GLY H 3753 -55.40 5.59 -38.39
C GLY H 3753 -54.87 6.59 -39.40
N PRO H 3754 -55.70 6.94 -40.39
CA PRO H 3754 -55.28 7.96 -41.37
C PRO H 3754 -55.14 9.33 -40.75
N MET H 3755 -55.83 9.56 -39.63
CA MET H 3755 -55.56 10.64 -38.69
C MET H 3755 -54.08 10.87 -38.47
N VAL H 3756 -53.39 9.83 -38.02
CA VAL H 3756 -51.98 9.94 -37.66
C VAL H 3756 -51.13 10.21 -38.89
N ALA H 3757 -51.54 9.69 -40.04
CA ALA H 3757 -50.81 9.99 -41.27
C ALA H 3757 -50.96 11.45 -41.67
N ALA H 3758 -52.15 12.02 -41.49
CA ALA H 3758 -52.32 13.43 -41.81
C ALA H 3758 -51.54 14.32 -40.85
N THR H 3759 -51.51 13.95 -39.57
CA THR H 3759 -50.71 14.69 -38.59
C THR H 3759 -49.23 14.63 -38.93
N LEU H 3760 -48.72 13.47 -39.33
CA LEU H 3760 -47.31 13.40 -39.62
C LEU H 3760 -46.96 14.11 -40.91
N LYS H 3761 -47.88 14.16 -41.87
CA LYS H 3761 -47.63 14.96 -43.06
C LYS H 3761 -47.52 16.43 -42.70
N LEU H 3762 -48.38 16.90 -41.80
CA LEU H 3762 -48.28 18.30 -41.41
C LEU H 3762 -47.05 18.55 -40.55
N GLY H 3763 -46.70 17.60 -39.68
CA GLY H 3763 -45.54 17.77 -38.83
C GLY H 3763 -44.25 17.74 -39.59
N ILE H 3764 -44.20 16.99 -40.68
CA ILE H 3764 -43.06 17.09 -41.57
C ILE H 3764 -43.05 18.44 -42.28
N ALA H 3765 -44.19 18.85 -42.83
CA ALA H 3765 -44.23 20.10 -43.57
C ALA H 3765 -44.02 21.33 -42.70
N ILE H 3766 -44.09 21.21 -41.38
CA ILE H 3766 -43.63 22.28 -40.51
C ILE H 3766 -42.13 22.21 -40.34
N LEU H 3767 -41.60 21.05 -39.97
CA LEU H 3767 -40.19 20.95 -39.67
C LEU H 3767 -39.33 20.63 -40.87
N ASN H 3768 -39.78 20.98 -42.08
CA ASN H 3768 -39.15 20.53 -43.32
C ASN H 3768 -37.72 21.02 -43.43
N GLY H 3769 -37.48 22.29 -43.19
CA GLY H 3769 -36.13 22.77 -43.23
C GLY H 3769 -35.35 22.52 -41.96
N GLY H 3770 -36.00 22.10 -40.89
CA GLY H 3770 -35.32 21.98 -39.63
C GLY H 3770 -35.25 23.30 -38.90
N ASN H 3771 -36.40 23.90 -38.66
CA ASN H 3771 -36.44 25.11 -37.87
C ASN H 3771 -36.04 24.82 -36.45
N SER H 3772 -35.03 25.56 -35.98
CA SER H 3772 -34.60 25.43 -34.60
C SER H 3772 -35.62 25.97 -33.63
N THR H 3773 -36.45 26.94 -34.06
CA THR H 3773 -37.42 27.50 -33.13
C THR H 3773 -38.54 26.50 -32.87
N VAL H 3774 -38.93 25.73 -33.89
CA VAL H 3774 -39.98 24.76 -33.68
C VAL H 3774 -39.47 23.59 -32.85
N GLN H 3775 -38.21 23.22 -33.04
CA GLN H 3775 -37.59 22.18 -32.22
C GLN H 3775 -37.52 22.61 -30.77
N GLN H 3776 -37.13 23.87 -30.54
CA GLN H 3776 -37.11 24.39 -29.19
C GLN H 3776 -38.52 24.56 -28.64
N LYS H 3777 -39.48 24.86 -29.51
CA LYS H 3777 -40.87 25.00 -29.13
C LYS H 3777 -41.39 23.69 -28.56
N MET H 3778 -41.13 22.61 -29.29
CA MET H 3778 -41.57 21.30 -28.83
C MET H 3778 -40.82 20.84 -27.60
N LEU H 3779 -39.54 21.21 -27.47
CA LEU H 3779 -38.84 20.81 -26.27
C LEU H 3779 -39.35 21.57 -25.05
N GLU H 3780 -39.69 22.85 -25.22
CA GLU H 3780 -40.28 23.60 -24.12
C GLU H 3780 -41.64 23.06 -23.75
N TYR H 3781 -42.39 22.61 -24.75
CA TYR H 3781 -43.68 22.01 -24.50
C TYR H 3781 -43.55 20.74 -23.67
N LEU H 3782 -42.72 19.81 -24.13
CA LEU H 3782 -42.61 18.55 -23.43
C LEU H 3782 -41.80 18.66 -22.15
N LYS H 3783 -41.13 19.77 -21.91
CA LYS H 3783 -40.56 19.92 -20.59
C LYS H 3783 -41.58 20.51 -19.63
N GLU H 3784 -42.41 21.44 -20.08
CA GLU H 3784 -43.39 22.00 -19.15
C GLU H 3784 -44.51 21.00 -18.88
N LYS H 3785 -45.30 20.71 -19.90
CA LYS H 3785 -46.48 19.88 -19.72
C LYS H 3785 -46.05 18.43 -19.86
N LYS H 3786 -45.43 17.94 -18.79
CA LYS H 3786 -44.67 16.71 -18.81
C LYS H 3786 -45.58 15.50 -19.09
N ASP H 3787 -45.29 14.81 -20.19
CA ASP H 3787 -46.14 13.74 -20.71
C ASP H 3787 -45.30 12.54 -21.07
N VAL H 3788 -45.68 11.37 -20.55
CA VAL H 3788 -45.08 10.14 -21.01
C VAL H 3788 -45.93 9.55 -22.14
N GLY H 3789 -47.19 9.97 -22.24
CA GLY H 3789 -48.10 9.41 -23.23
C GLY H 3789 -47.72 9.72 -24.65
N PHE H 3790 -46.97 10.78 -24.88
CA PHE H 3790 -46.43 11.03 -26.20
C PHE H 3790 -45.35 10.02 -26.55
N PHE H 3791 -44.41 9.78 -25.65
CA PHE H 3791 -43.36 8.81 -25.93
C PHE H 3791 -43.91 7.40 -25.90
N GLN H 3792 -44.89 7.16 -25.04
CA GLN H 3792 -45.58 5.88 -25.06
C GLN H 3792 -46.31 5.70 -26.38
N SER H 3793 -46.85 6.78 -26.92
CA SER H 3793 -47.50 6.74 -28.21
C SER H 3793 -46.50 6.46 -29.33
N LEU H 3794 -45.30 7.03 -29.23
CA LEU H 3794 -44.29 6.78 -30.24
C LEU H 3794 -43.82 5.34 -30.22
N ALA H 3795 -43.64 4.77 -29.03
CA ALA H 3795 -43.26 3.38 -28.92
C ALA H 3795 -44.36 2.47 -29.44
N GLY H 3796 -45.61 2.81 -29.16
CA GLY H 3796 -46.72 2.03 -29.66
C GLY H 3796 -46.85 2.12 -31.16
N LEU H 3797 -46.49 3.26 -31.73
CA LEU H 3797 -46.48 3.38 -33.18
C LEU H 3797 -45.39 2.52 -33.78
N MET H 3798 -44.14 2.72 -33.34
CA MET H 3798 -43.00 1.96 -33.85
C MET H 3798 -43.11 0.47 -33.65
N GLN H 3799 -43.95 0.02 -32.73
CA GLN H 3799 -44.09 -1.41 -32.50
C GLN H 3799 -44.60 -2.14 -33.74
N SER H 3800 -45.61 -1.60 -34.40
CA SER H 3800 -46.01 -2.34 -35.59
C SER H 3800 -45.42 -1.79 -36.87
N CYS H 3801 -46.00 -0.70 -37.33
CA CYS H 3801 -45.66 0.13 -38.51
C CYS H 3801 -45.63 -0.58 -39.86
N SER H 3802 -45.05 -1.79 -39.92
CA SER H 3802 -45.01 -2.79 -40.98
C SER H 3802 -43.94 -3.81 -40.62
N VAL H 3803 -43.83 -4.88 -41.40
CA VAL H 3803 -42.56 -5.52 -41.68
C VAL H 3803 -42.68 -5.61 -43.19
N LEU H 3804 -41.77 -6.29 -43.87
CA LEU H 3804 -42.02 -6.46 -45.30
C LEU H 3804 -43.14 -7.48 -45.53
N ASP H 3805 -42.80 -8.78 -45.40
CA ASP H 3805 -43.67 -9.89 -45.77
C ASP H 3805 -42.91 -11.19 -45.60
N LEU H 3806 -43.62 -12.32 -45.50
CA LEU H 3806 -43.13 -13.58 -46.02
C LEU H 3806 -44.09 -14.15 -47.05
N ASN H 3807 -45.36 -14.31 -46.69
CA ASN H 3807 -46.29 -15.15 -47.40
C ASN H 3807 -47.33 -14.40 -48.18
N ALA H 3808 -47.63 -13.16 -47.77
CA ALA H 3808 -48.63 -12.37 -48.48
C ALA H 3808 -48.19 -12.04 -49.88
N PHE H 3809 -46.88 -12.05 -50.16
CA PHE H 3809 -46.44 -11.97 -51.54
C PHE H 3809 -46.80 -13.23 -52.30
N GLU H 3810 -46.63 -14.39 -51.66
CA GLU H 3810 -46.91 -15.65 -52.32
C GLU H 3810 -48.39 -15.77 -52.65
N ARG H 3811 -49.22 -15.50 -51.65
CA ARG H 3811 -50.66 -15.47 -51.81
C ARG H 3811 -51.08 -14.39 -52.78
N GLN H 3812 -50.39 -13.24 -52.73
CA GLN H 3812 -50.70 -12.13 -53.60
C GLN H 3812 -50.41 -12.47 -55.05
N ASN H 3813 -49.30 -13.16 -55.28
CA ASN H 3813 -48.90 -13.53 -56.63
C ASN H 3813 -49.85 -14.58 -57.20
N LYS H 3814 -50.19 -15.57 -56.38
CA LYS H 3814 -51.06 -16.62 -56.91
C LYS H 3814 -52.47 -16.11 -57.11
N ALA H 3815 -52.93 -15.20 -56.24
CA ALA H 3815 -54.22 -14.56 -56.46
C ALA H 3815 -54.19 -13.66 -57.67
N GLU H 3816 -53.06 -13.02 -57.92
CA GLU H 3816 -52.89 -12.16 -59.09
C GLU H 3816 -52.98 -12.96 -60.37
N GLY H 3817 -52.29 -14.10 -60.41
CA GLY H 3817 -52.35 -14.97 -61.55
C GLY H 3817 -53.73 -15.56 -61.76
N LEU H 3818 -54.36 -16.03 -60.69
CA LEU H 3818 -55.61 -16.76 -60.83
C LEU H 3818 -56.78 -15.83 -61.13
N GLY H 3819 -56.92 -14.75 -60.36
CA GLY H 3819 -58.12 -13.93 -60.45
C GLY H 3819 -58.21 -13.16 -61.75
N MET H 3820 -57.11 -12.60 -62.20
CA MET H 3820 -57.07 -12.00 -63.51
C MET H 3820 -56.18 -12.85 -64.39
N LYS H 3829 -52.59 -4.15 -49.52
CA LYS H 3829 -51.88 -5.01 -50.45
C LYS H 3829 -50.82 -5.81 -49.69
N VAL H 3830 -49.57 -5.62 -50.06
CA VAL H 3830 -48.47 -6.25 -49.33
C VAL H 3830 -47.94 -5.26 -48.31
N LEU H 3831 -47.36 -4.16 -48.80
CA LEU H 3831 -46.94 -3.05 -47.96
C LEU H 3831 -47.98 -1.95 -48.12
N GLN H 3832 -49.13 -2.13 -47.46
CA GLN H 3832 -50.14 -1.08 -47.47
C GLN H 3832 -49.88 -0.04 -46.41
N ASP H 3833 -48.90 -0.27 -45.55
CA ASP H 3833 -48.58 0.62 -44.44
C ASP H 3833 -47.13 1.02 -44.53
N ASP H 3834 -46.73 1.51 -45.70
CA ASP H 3834 -45.33 1.80 -45.97
C ASP H 3834 -45.06 3.31 -45.94
N GLU H 3835 -45.87 4.07 -46.68
CA GLU H 3835 -45.68 5.50 -46.81
C GLU H 3835 -45.91 6.19 -45.49
N PHE H 3836 -46.76 5.61 -44.66
CA PHE H 3836 -46.87 6.03 -43.27
C PHE H 3836 -45.55 5.88 -42.53
N THR H 3837 -44.82 4.80 -42.77
CA THR H 3837 -43.55 4.63 -42.06
C THR H 3837 -42.46 5.54 -42.58
N CYS H 3838 -42.44 5.73 -43.90
CA CYS H 3838 -41.54 6.73 -44.47
C CYS H 3838 -41.88 8.13 -44.03
N ASP H 3839 -43.12 8.40 -43.65
CA ASP H 3839 -43.37 9.69 -43.05
C ASP H 3839 -42.99 9.71 -41.58
N LEU H 3840 -43.19 8.62 -40.86
CA LEU H 3840 -42.91 8.65 -39.43
C LEU H 3840 -41.42 8.78 -39.17
N PHE H 3841 -40.61 8.05 -39.91
CA PHE H 3841 -39.19 8.18 -39.64
C PHE H 3841 -38.60 9.46 -40.20
N ARG H 3842 -39.12 9.96 -41.33
CA ARG H 3842 -38.71 11.28 -41.79
C ARG H 3842 -39.09 12.36 -40.79
N PHE H 3843 -40.21 12.17 -40.10
CA PHE H 3843 -40.56 13.05 -39.00
C PHE H 3843 -39.55 12.97 -37.88
N LEU H 3844 -39.16 11.75 -37.49
CA LEU H 3844 -38.20 11.65 -36.40
C LEU H 3844 -36.82 12.16 -36.79
N GLN H 3845 -36.47 12.02 -38.06
CA GLN H 3845 -35.29 12.68 -38.60
C GLN H 3845 -35.41 14.17 -38.42
N LEU H 3846 -36.55 14.73 -38.73
CA LEU H 3846 -36.73 16.16 -38.70
C LEU H 3846 -37.03 16.70 -37.32
N LEU H 3847 -36.71 15.93 -36.28
CA LEU H 3847 -36.62 16.45 -34.92
C LEU H 3847 -35.20 16.59 -34.44
N CYS H 3848 -34.24 16.00 -35.14
CA CYS H 3848 -32.85 16.16 -34.78
C CYS H 3848 -32.01 16.72 -35.93
N GLU H 3849 -32.65 17.31 -36.93
CA GLU H 3849 -31.92 18.06 -37.94
C GLU H 3849 -31.30 19.29 -37.32
N GLY H 3850 -29.99 19.45 -37.48
CA GLY H 3850 -29.29 20.57 -36.90
C GLY H 3850 -28.70 20.31 -35.54
N HIS H 3851 -28.73 19.06 -35.08
CA HIS H 3851 -28.00 18.59 -33.91
C HIS H 3851 -28.45 19.29 -32.62
N ASN H 3852 -29.74 19.16 -32.33
CA ASN H 3852 -30.25 19.62 -31.05
C ASN H 3852 -29.82 18.60 -30.01
N SER H 3853 -28.63 18.83 -29.45
CA SER H 3853 -28.00 17.84 -28.59
C SER H 3853 -28.77 17.63 -27.30
N ASP H 3854 -29.47 18.66 -26.83
CA ASP H 3854 -30.43 18.48 -25.76
C ASP H 3854 -31.54 17.54 -26.19
N PHE H 3855 -32.03 17.71 -27.41
CA PHE H 3855 -33.18 16.94 -27.83
C PHE H 3855 -32.77 15.56 -28.30
N GLN H 3856 -31.53 15.42 -28.75
CA GLN H 3856 -31.01 14.10 -29.01
C GLN H 3856 -30.76 13.34 -27.73
N ASN H 3857 -30.32 14.02 -26.68
CA ASN H 3857 -30.19 13.31 -25.41
C ASN H 3857 -31.53 13.02 -24.79
N TYR H 3858 -32.54 13.83 -25.08
CA TYR H 3858 -33.81 13.72 -24.39
C TYR H 3858 -34.57 12.48 -24.84
N LEU H 3859 -34.38 12.09 -26.10
CA LEU H 3859 -35.02 10.88 -26.60
C LEU H 3859 -34.51 9.65 -25.89
N ARG H 3860 -33.24 9.64 -25.56
CA ARG H 3860 -32.64 8.46 -24.97
C ARG H 3860 -33.04 8.30 -23.52
N THR H 3861 -32.96 9.36 -22.73
CA THR H 3861 -33.01 9.17 -21.29
C THR H 3861 -34.20 9.79 -20.59
N GLN H 3862 -34.77 10.89 -21.10
CA GLN H 3862 -36.15 11.30 -20.82
C GLN H 3862 -36.37 11.58 -19.32
N THR H 3863 -35.71 12.65 -18.85
CA THR H 3863 -35.57 12.82 -17.41
C THR H 3863 -36.81 13.42 -16.77
N GLY H 3864 -37.31 14.52 -17.30
CA GLY H 3864 -38.33 15.31 -16.62
C GLY H 3864 -39.68 14.64 -16.51
N ASN H 3865 -39.93 13.60 -17.30
CA ASN H 3865 -41.14 12.81 -17.16
C ASN H 3865 -40.98 11.76 -16.07
N ASN H 3866 -41.89 10.80 -16.04
CA ASN H 3866 -41.95 9.85 -14.95
C ASN H 3866 -41.21 8.55 -15.26
N THR H 3867 -41.55 7.90 -16.37
CA THR H 3867 -40.96 6.64 -16.77
C THR H 3867 -40.32 6.81 -18.13
N THR H 3868 -39.09 6.32 -18.28
CA THR H 3868 -38.41 6.58 -19.52
C THR H 3868 -38.75 5.52 -20.56
N VAL H 3869 -38.63 5.91 -21.83
CA VAL H 3869 -38.81 5.01 -22.96
C VAL H 3869 -37.66 5.25 -23.91
N ASN H 3870 -36.66 4.39 -23.89
CA ASN H 3870 -35.48 4.62 -24.72
C ASN H 3870 -35.82 4.28 -26.16
N ILE H 3871 -36.22 5.31 -26.90
CA ILE H 3871 -36.79 5.16 -28.22
C ILE H 3871 -35.75 4.67 -29.23
N ILE H 3872 -34.47 4.85 -28.95
CA ILE H 3872 -33.48 4.54 -29.94
C ILE H 3872 -33.26 3.04 -30.03
N ILE H 3873 -33.39 2.33 -28.92
CA ILE H 3873 -33.32 0.88 -28.99
C ILE H 3873 -34.53 0.33 -29.72
N SER H 3874 -35.67 1.03 -29.60
CA SER H 3874 -36.85 0.61 -30.34
C SER H 3874 -36.66 0.78 -31.84
N THR H 3875 -36.06 1.89 -32.27
CA THR H 3875 -35.89 2.02 -33.72
C THR H 3875 -34.80 1.08 -34.23
N VAL H 3876 -33.83 0.72 -33.38
CA VAL H 3876 -32.91 -0.35 -33.73
C VAL H 3876 -33.67 -1.66 -33.94
N ASP H 3877 -34.65 -1.92 -33.09
CA ASP H 3877 -35.38 -3.18 -33.19
C ASP H 3877 -36.27 -3.20 -34.43
N TYR H 3878 -36.83 -2.05 -34.81
CA TYR H 3878 -37.59 -2.02 -36.05
C TYR H 3878 -36.70 -2.24 -37.25
N LEU H 3879 -35.50 -1.69 -37.22
CA LEU H 3879 -34.54 -1.92 -38.29
C LEU H 3879 -34.17 -3.38 -38.37
N LEU H 3880 -34.05 -4.04 -37.22
CA LEU H 3880 -33.70 -5.45 -37.18
C LEU H 3880 -34.80 -6.29 -37.80
N ARG H 3881 -36.06 -5.90 -37.55
CA ARG H 3881 -37.20 -6.55 -38.19
C ARG H 3881 -37.14 -6.43 -39.70
N VAL H 3882 -36.88 -5.22 -40.20
CA VAL H 3882 -36.89 -5.02 -41.65
C VAL H 3882 -35.72 -5.73 -42.29
N GLN H 3883 -34.58 -5.75 -41.60
CA GLN H 3883 -33.40 -6.52 -42.00
C GLN H 3883 -33.75 -7.99 -42.22
N GLU H 3884 -34.33 -8.60 -41.20
CA GLU H 3884 -34.67 -10.01 -41.27
C GLU H 3884 -35.64 -10.30 -42.40
N SER H 3885 -36.60 -9.40 -42.62
CA SER H 3885 -37.57 -9.73 -43.65
C SER H 3885 -37.01 -9.51 -45.05
N ILE H 3886 -36.07 -8.58 -45.21
CA ILE H 3886 -35.35 -8.48 -46.47
C ILE H 3886 -34.54 -9.73 -46.71
N SER H 3887 -33.91 -10.23 -45.65
CA SER H 3887 -33.13 -11.46 -45.75
C SER H 3887 -34.01 -12.65 -46.13
N ASP H 3888 -35.23 -12.69 -45.60
CA ASP H 3888 -36.12 -13.77 -45.98
C ASP H 3888 -36.67 -13.57 -47.39
N PHE H 3889 -36.72 -12.33 -47.88
CA PHE H 3889 -37.09 -12.18 -49.27
C PHE H 3889 -35.96 -12.62 -50.18
N TYR H 3890 -34.71 -12.52 -49.72
CA TYR H 3890 -33.59 -12.99 -50.50
C TYR H 3890 -33.69 -14.48 -50.79
N TRP H 3891 -33.98 -15.29 -49.77
CA TRP H 3891 -33.98 -16.74 -49.93
C TRP H 3891 -35.07 -17.20 -50.88
N TYR H 3892 -36.17 -16.47 -50.95
CA TYR H 3892 -37.24 -16.86 -51.87
C TYR H 3892 -36.83 -16.62 -53.30
N TYR H 3893 -36.02 -15.60 -53.56
CA TYR H 3893 -35.45 -15.44 -54.88
C TYR H 3893 -33.99 -15.84 -54.92
N SER H 3894 -33.56 -16.71 -54.01
CA SER H 3894 -32.17 -17.12 -54.04
C SER H 3894 -31.87 -18.11 -55.15
N GLY H 3895 -32.87 -18.65 -55.82
CA GLY H 3895 -32.58 -19.64 -56.83
C GLY H 3895 -33.16 -19.37 -58.21
N LYS H 3896 -34.24 -18.62 -58.30
CA LYS H 3896 -34.93 -18.50 -59.58
C LYS H 3896 -34.34 -17.40 -60.45
N ASP H 3897 -33.80 -16.36 -59.83
CA ASP H 3897 -32.77 -15.47 -60.36
C ASP H 3897 -33.23 -14.55 -61.49
N VAL H 3898 -34.46 -14.69 -61.96
CA VAL H 3898 -35.05 -13.74 -62.91
C VAL H 3898 -36.29 -13.19 -62.25
N ILE H 3899 -36.21 -11.98 -61.76
CA ILE H 3899 -37.18 -11.46 -60.81
C ILE H 3899 -38.30 -10.77 -61.55
N ASP H 3900 -39.54 -11.04 -61.12
CA ASP H 3900 -40.73 -10.49 -61.73
C ASP H 3900 -40.82 -8.99 -61.52
N GLU H 3901 -41.79 -8.40 -62.22
CA GLU H 3901 -42.12 -6.99 -62.01
C GLU H 3901 -42.62 -6.75 -60.60
N GLN H 3902 -43.40 -7.70 -60.06
CA GLN H 3902 -43.95 -7.51 -58.73
C GLN H 3902 -42.88 -7.60 -57.67
N GLY H 3903 -41.90 -8.47 -57.86
CA GLY H 3903 -40.81 -8.59 -56.91
C GLY H 3903 -39.96 -7.33 -56.86
N GLN H 3904 -39.64 -6.78 -58.04
CA GLN H 3904 -38.87 -5.54 -58.11
C GLN H 3904 -39.65 -4.38 -57.51
N ARG H 3905 -40.93 -4.28 -57.87
CA ARG H 3905 -41.77 -3.18 -57.43
C ARG H 3905 -41.97 -3.20 -55.92
N ASN H 3906 -42.11 -4.39 -55.35
CA ASN H 3906 -42.18 -4.50 -53.91
C ASN H 3906 -40.82 -4.25 -53.27
N PHE H 3907 -39.76 -4.65 -53.96
CA PHE H 3907 -38.49 -4.71 -53.29
C PHE H 3907 -37.86 -3.34 -53.16
N SER H 3908 -37.93 -2.53 -54.22
CA SER H 3908 -37.48 -1.14 -54.14
C SER H 3908 -38.31 -0.34 -53.14
N LYS H 3909 -39.59 -0.69 -53.04
CA LYS H 3909 -40.48 -0.08 -52.07
C LYS H 3909 -40.04 -0.39 -50.65
N ALA H 3910 -39.44 -1.55 -50.44
CA ALA H 3910 -38.81 -1.80 -49.14
C ALA H 3910 -37.48 -1.09 -48.99
N ILE H 3911 -36.75 -0.96 -50.11
CA ILE H 3911 -35.42 -0.35 -50.09
C ILE H 3911 -35.49 1.08 -49.61
N GLN H 3912 -36.51 1.82 -50.03
CA GLN H 3912 -36.64 3.20 -49.59
C GLN H 3912 -36.88 3.30 -48.09
N VAL H 3913 -37.61 2.34 -47.52
CA VAL H 3913 -37.86 2.38 -46.10
C VAL H 3913 -36.59 2.09 -45.33
N ALA H 3914 -35.78 1.16 -45.84
CA ALA H 3914 -34.53 0.87 -45.15
C ALA H 3914 -33.55 2.04 -45.27
N LYS H 3915 -33.58 2.72 -46.41
CA LYS H 3915 -32.83 3.95 -46.59
C LYS H 3915 -33.25 5.01 -45.59
N GLN H 3916 -34.55 5.11 -45.34
CA GLN H 3916 -35.04 6.14 -44.44
C GLN H 3916 -34.69 5.86 -43.00
N VAL H 3917 -34.77 4.60 -42.58
CA VAL H 3917 -34.42 4.30 -41.20
C VAL H 3917 -32.91 4.44 -40.99
N PHE H 3918 -32.10 4.21 -42.02
CA PHE H 3918 -30.70 4.51 -41.83
C PHE H 3918 -30.40 6.00 -41.82
N ASN H 3919 -31.18 6.81 -42.53
CA ASN H 3919 -31.00 8.26 -42.38
C ASN H 3919 -31.36 8.72 -40.99
N THR H 3920 -32.37 8.12 -40.38
CA THR H 3920 -32.66 8.46 -38.99
C THR H 3920 -31.56 7.98 -38.06
N LEU H 3921 -30.98 6.82 -38.34
CA LEU H 3921 -29.90 6.39 -37.47
C LEU H 3921 -28.64 7.19 -37.67
N THR H 3922 -28.44 7.79 -38.83
CA THR H 3922 -27.43 8.84 -38.92
C THR H 3922 -27.81 9.97 -38.00
N GLU H 3923 -28.91 10.64 -38.30
CA GLU H 3923 -29.12 11.94 -37.68
C GLU H 3923 -29.64 11.85 -36.25
N TYR H 3924 -29.68 10.65 -35.67
CA TYR H 3924 -29.64 10.54 -34.22
C TYR H 3924 -28.23 10.71 -33.71
N ILE H 3925 -27.27 10.02 -34.34
CA ILE H 3925 -25.94 9.88 -33.79
C ILE H 3925 -24.94 10.80 -34.47
N GLN H 3926 -25.39 11.62 -35.42
CA GLN H 3926 -24.45 12.33 -36.28
C GLN H 3926 -23.75 13.43 -35.53
N GLY H 3927 -24.46 14.12 -34.66
CA GLY H 3927 -23.82 14.91 -33.64
C GLY H 3927 -23.15 13.95 -32.68
N PRO H 3928 -21.95 14.27 -32.26
CA PRO H 3928 -21.18 13.32 -31.44
C PRO H 3928 -21.59 13.28 -29.99
N CYS H 3929 -22.89 13.27 -29.69
CA CYS H 3929 -23.38 13.14 -28.33
C CYS H 3929 -23.08 11.75 -27.83
N THR H 3930 -22.10 11.63 -26.95
CA THR H 3930 -21.41 10.36 -26.75
C THR H 3930 -22.29 9.32 -26.09
N GLY H 3931 -23.29 9.75 -25.31
CA GLY H 3931 -24.17 8.80 -24.67
C GLY H 3931 -25.05 8.07 -25.65
N ASN H 3932 -25.40 8.73 -26.75
CA ASN H 3932 -26.10 8.09 -27.83
C ASN H 3932 -25.25 6.99 -28.46
N GLN H 3933 -23.97 7.28 -28.65
CA GLN H 3933 -23.04 6.30 -29.19
C GLN H 3933 -22.88 5.11 -28.24
N GLN H 3934 -22.77 5.39 -26.94
CA GLN H 3934 -22.58 4.32 -25.97
C GLN H 3934 -23.82 3.45 -25.87
N SER H 3935 -24.99 4.06 -25.79
CA SER H 3935 -26.22 3.30 -25.63
C SER H 3935 -26.55 2.49 -26.85
N LEU H 3936 -26.27 3.01 -28.04
CA LEU H 3936 -26.55 2.20 -29.21
C LEU H 3936 -25.44 1.19 -29.47
N ALA H 3937 -24.27 1.39 -28.88
CA ALA H 3937 -23.15 0.50 -29.12
C ALA H 3937 -23.40 -0.89 -28.56
N HIS H 3938 -24.15 -0.99 -27.47
CA HIS H 3938 -24.40 -2.26 -26.82
C HIS H 3938 -25.75 -2.85 -27.19
N SER H 3939 -26.35 -2.38 -28.28
CA SER H 3939 -27.57 -2.97 -28.75
C SER H 3939 -27.25 -3.95 -29.87
N ARG H 3940 -28.30 -4.53 -30.44
CA ARG H 3940 -28.08 -5.55 -31.46
C ARG H 3940 -28.04 -4.95 -32.84
N LEU H 3941 -27.25 -3.89 -33.01
CA LEU H 3941 -27.12 -3.29 -34.33
C LEU H 3941 -26.22 -4.13 -35.22
N TRP H 3942 -25.15 -4.67 -34.61
CA TRP H 3942 -24.07 -5.29 -35.37
C TRP H 3942 -24.55 -6.50 -36.15
N ASP H 3943 -25.49 -7.23 -35.56
CA ASP H 3943 -26.06 -8.40 -36.22
C ASP H 3943 -26.90 -7.98 -37.41
N ALA H 3944 -27.63 -6.86 -37.28
CA ALA H 3944 -28.40 -6.34 -38.39
C ALA H 3944 -27.50 -5.91 -39.52
N VAL H 3945 -26.36 -5.31 -39.18
CA VAL H 3945 -25.40 -4.87 -40.19
C VAL H 3945 -24.80 -6.10 -40.90
N VAL H 3946 -24.50 -7.14 -40.13
CA VAL H 3946 -23.95 -8.38 -40.69
C VAL H 3946 -24.94 -9.00 -41.68
N GLY H 3947 -26.21 -9.04 -41.28
CA GLY H 3947 -27.23 -9.55 -42.18
C GLY H 3947 -27.39 -8.72 -43.42
N PHE H 3948 -27.26 -7.40 -43.31
CA PHE H 3948 -27.31 -6.57 -44.50
C PHE H 3948 -26.15 -6.84 -45.44
N LEU H 3949 -24.96 -7.05 -44.90
CA LEU H 3949 -23.82 -7.36 -45.75
C LEU H 3949 -24.00 -8.70 -46.45
N HIS H 3950 -24.60 -9.66 -45.74
CA HIS H 3950 -24.86 -10.96 -46.34
C HIS H 3950 -25.92 -10.87 -47.41
N VAL H 3951 -26.85 -9.93 -47.29
CA VAL H 3951 -27.70 -9.61 -48.42
C VAL H 3951 -26.86 -9.03 -49.54
N PHE H 3952 -25.96 -8.12 -49.16
CA PHE H 3952 -25.32 -7.21 -50.11
C PHE H 3952 -24.46 -7.93 -51.12
N ALA H 3953 -23.65 -8.87 -50.64
CA ALA H 3953 -22.68 -9.52 -51.51
C ALA H 3953 -23.37 -10.35 -52.58
N HIS H 3954 -24.15 -11.34 -52.16
CA HIS H 3954 -24.83 -12.22 -53.10
C HIS H 3954 -25.85 -11.47 -53.92
N MET H 3955 -26.41 -10.40 -53.36
CA MET H 3955 -27.44 -9.66 -54.05
C MET H 3955 -26.85 -8.87 -55.20
N GLN H 3956 -25.74 -8.17 -54.94
CA GLN H 3956 -25.03 -7.48 -56.00
C GLN H 3956 -24.45 -8.43 -57.02
N MET H 3957 -24.10 -9.65 -56.60
CA MET H 3957 -23.60 -10.63 -57.56
C MET H 3957 -24.69 -11.03 -58.54
N LYS H 3958 -25.79 -11.58 -58.03
CA LYS H 3958 -26.78 -12.11 -58.96
C LYS H 3958 -27.62 -11.03 -59.61
N LEU H 3959 -27.70 -9.85 -59.02
CA LEU H 3959 -28.43 -8.78 -59.69
C LEU H 3959 -27.66 -8.26 -60.88
N SER H 3960 -26.35 -8.12 -60.75
CA SER H 3960 -25.55 -7.48 -61.79
C SER H 3960 -25.22 -8.49 -62.90
N GLN H 3961 -26.27 -9.01 -63.51
CA GLN H 3961 -26.04 -9.99 -64.57
C GLN H 3961 -27.09 -9.86 -65.67
N ASP H 3962 -27.99 -8.89 -65.60
CA ASP H 3962 -29.04 -8.73 -66.59
C ASP H 3962 -29.01 -7.31 -67.14
N SER H 3963 -29.84 -7.08 -68.14
CA SER H 3963 -30.07 -5.72 -68.60
C SER H 3963 -31.26 -5.08 -67.89
N SER H 3964 -32.22 -5.88 -67.45
CA SER H 3964 -33.40 -5.31 -66.81
C SER H 3964 -33.16 -4.95 -65.35
N GLN H 3965 -32.14 -5.52 -64.73
CA GLN H 3965 -31.90 -5.32 -63.30
C GLN H 3965 -31.03 -4.10 -63.03
N ILE H 3966 -31.04 -3.11 -63.92
CA ILE H 3966 -30.21 -1.93 -63.72
C ILE H 3966 -30.79 -1.06 -62.62
N GLU H 3967 -32.11 -1.00 -62.54
CA GLU H 3967 -32.75 0.01 -61.71
C GLU H 3967 -32.71 -0.38 -60.25
N LEU H 3968 -33.03 -1.64 -59.97
CA LEU H 3968 -32.97 -2.11 -58.60
C LEU H 3968 -31.53 -2.14 -58.10
N LEU H 3969 -30.58 -2.32 -59.01
CA LEU H 3969 -29.18 -2.30 -58.62
C LEU H 3969 -28.73 -0.89 -58.28
N LYS H 3970 -29.20 0.10 -59.06
CA LYS H 3970 -29.06 1.50 -58.69
C LYS H 3970 -29.54 1.76 -57.28
N GLU H 3971 -30.75 1.27 -56.98
CA GLU H 3971 -31.33 1.54 -55.67
C GLU H 3971 -30.56 0.85 -54.56
N LEU H 3972 -30.05 -0.36 -54.83
CA LEU H 3972 -29.34 -1.05 -53.77
C LEU H 3972 -27.97 -0.44 -53.53
N MET H 3973 -27.33 0.06 -54.59
CA MET H 3973 -26.08 0.76 -54.37
C MET H 3973 -26.30 2.05 -53.61
N ASP H 3974 -27.44 2.69 -53.85
CA ASP H 3974 -27.80 3.90 -53.09
C ASP H 3974 -27.95 3.57 -51.61
N LEU H 3975 -28.65 2.47 -51.32
CA LEU H 3975 -28.82 2.05 -49.94
C LEU H 3975 -27.50 1.66 -49.31
N GLN H 3976 -26.63 1.03 -50.09
CA GLN H 3976 -25.29 0.70 -49.66
C GLN H 3976 -24.54 1.95 -49.22
N LYS H 3977 -24.69 3.01 -50.00
CA LYS H 3977 -24.00 4.26 -49.72
C LYS H 3977 -24.49 4.87 -48.42
N ASP H 3978 -25.81 4.93 -48.23
CA ASP H 3978 -26.29 5.55 -46.99
C ASP H 3978 -26.05 4.67 -45.77
N MET H 3979 -25.97 3.36 -45.97
CA MET H 3979 -25.67 2.45 -44.87
C MET H 3979 -24.23 2.62 -44.39
N VAL H 3980 -23.28 2.71 -45.32
CA VAL H 3980 -21.91 2.93 -44.86
C VAL H 3980 -21.73 4.35 -44.36
N VAL H 3981 -22.54 5.30 -44.85
CA VAL H 3981 -22.57 6.64 -44.27
C VAL H 3981 -22.94 6.56 -42.80
N MET H 3982 -23.95 5.76 -42.48
CA MET H 3982 -24.37 5.63 -41.09
C MET H 3982 -23.29 5.00 -40.24
N LEU H 3983 -22.67 3.92 -40.74
CA LEU H 3983 -21.72 3.20 -39.91
C LEU H 3983 -20.46 4.02 -39.68
N LEU H 3984 -20.00 4.68 -40.73
CA LEU H 3984 -18.83 5.54 -40.64
C LEU H 3984 -19.10 6.74 -39.77
N SER H 3985 -20.30 7.31 -39.87
CA SER H 3985 -20.64 8.46 -39.05
C SER H 3985 -20.79 8.06 -37.60
N MET H 3986 -21.15 6.81 -37.34
CA MET H 3986 -21.10 6.33 -35.97
C MET H 3986 -19.67 6.32 -35.47
N LEU H 3987 -18.78 5.68 -36.22
CA LEU H 3987 -17.40 5.59 -35.77
C LEU H 3987 -16.70 6.92 -36.03
N GLU H 3988 -16.81 7.82 -35.05
CA GLU H 3988 -15.97 9.01 -35.08
C GLU H 3988 -15.37 9.40 -33.74
N GLY H 3989 -15.91 8.97 -32.61
CA GLY H 3989 -15.37 9.38 -31.33
C GLY H 3989 -14.32 8.43 -30.82
N ASN H 3990 -13.49 7.92 -31.72
CA ASN H 3990 -12.48 6.94 -31.39
C ASN H 3990 -11.30 7.62 -30.72
N VAL H 3991 -10.40 6.82 -30.15
CA VAL H 3991 -9.16 7.43 -29.71
C VAL H 3991 -8.02 6.84 -30.51
N VAL H 3992 -7.60 5.63 -30.18
CA VAL H 3992 -6.77 4.83 -31.09
C VAL H 3992 -7.39 3.46 -31.16
N ASN H 3993 -7.32 2.76 -30.05
CA ASN H 3993 -7.93 1.45 -29.91
C ASN H 3993 -9.22 1.58 -29.12
N GLY H 3994 -10.15 2.31 -29.71
CA GLY H 3994 -11.42 2.56 -29.06
C GLY H 3994 -12.27 1.31 -28.99
N THR H 3995 -13.25 1.36 -28.08
CA THR H 3995 -14.16 0.23 -27.92
C THR H 3995 -15.00 0.03 -29.17
N ILE H 3996 -15.56 1.11 -29.69
CA ILE H 3996 -16.40 1.06 -30.88
C ILE H 3996 -15.61 0.60 -32.09
N GLY H 3997 -14.36 1.03 -32.18
CA GLY H 3997 -13.50 0.54 -33.25
C GLY H 3997 -13.23 -0.94 -33.12
N LYS H 3998 -13.10 -1.41 -31.88
CA LYS H 3998 -12.92 -2.84 -31.65
C LYS H 3998 -14.16 -3.62 -32.03
N GLN H 3999 -15.34 -3.04 -31.77
CA GLN H 3999 -16.59 -3.68 -32.17
C GLN H 3999 -16.69 -3.80 -33.68
N MET H 4000 -16.25 -2.76 -34.38
CA MET H 4000 -16.42 -2.79 -35.82
C MET H 4000 -15.36 -3.67 -36.48
N VAL H 4001 -14.18 -3.75 -35.87
CA VAL H 4001 -13.21 -4.77 -36.23
C VAL H 4001 -13.82 -6.15 -36.08
N ASP H 4002 -14.51 -6.37 -34.97
CA ASP H 4002 -15.04 -7.71 -34.67
C ASP H 4002 -16.16 -8.10 -35.62
N MET H 4003 -17.02 -7.15 -36.01
CA MET H 4003 -18.01 -7.50 -37.00
C MET H 4003 -17.43 -7.66 -38.39
N LEU H 4004 -16.29 -7.05 -38.68
CA LEU H 4004 -15.62 -7.40 -39.93
C LEU H 4004 -14.99 -8.77 -39.85
N VAL H 4005 -14.54 -9.17 -38.67
CA VAL H 4005 -13.96 -10.49 -38.48
C VAL H 4005 -15.01 -11.57 -38.69
N GLU H 4006 -16.16 -11.42 -38.05
CA GLU H 4006 -17.16 -12.47 -38.05
C GLU H 4006 -17.85 -12.65 -39.39
N SER H 4007 -17.74 -11.69 -40.30
CA SER H 4007 -18.34 -11.82 -41.61
C SER H 4007 -17.37 -11.33 -42.67
N SER H 4008 -16.15 -11.86 -42.64
CA SER H 4008 -15.13 -11.44 -43.60
C SER H 4008 -15.47 -11.85 -45.03
N ASN H 4009 -16.21 -12.96 -45.17
CA ASN H 4009 -16.34 -13.67 -46.44
C ASN H 4009 -17.05 -12.83 -47.48
N ASN H 4010 -18.28 -12.45 -47.20
CA ASN H 4010 -19.09 -11.67 -48.12
C ASN H 4010 -18.51 -10.29 -48.39
N VAL H 4011 -17.76 -9.73 -47.45
CA VAL H 4011 -17.16 -8.44 -47.72
C VAL H 4011 -15.99 -8.60 -48.70
N GLU H 4012 -15.36 -9.78 -48.70
CA GLU H 4012 -14.41 -10.05 -49.78
C GLU H 4012 -15.08 -10.06 -51.14
N MET H 4013 -16.31 -10.59 -51.20
CA MET H 4013 -17.06 -10.55 -52.46
C MET H 4013 -17.37 -9.13 -52.89
N ILE H 4014 -17.69 -8.26 -51.93
CA ILE H 4014 -18.05 -6.91 -52.39
C ILE H 4014 -16.82 -6.13 -52.80
N LEU H 4015 -15.65 -6.42 -52.20
CA LEU H 4015 -14.43 -5.75 -52.63
C LEU H 4015 -14.01 -6.21 -54.01
N LYS H 4016 -14.16 -7.51 -54.28
CA LYS H 4016 -13.87 -8.00 -55.61
C LYS H 4016 -14.87 -7.47 -56.63
N PHE H 4017 -16.12 -7.26 -56.21
CA PHE H 4017 -17.11 -6.67 -57.11
C PHE H 4017 -16.75 -5.25 -57.48
N PHE H 4018 -16.17 -4.51 -56.53
CA PHE H 4018 -15.65 -3.20 -56.87
C PHE H 4018 -14.46 -3.27 -57.81
N ASP H 4019 -13.60 -4.27 -57.59
CA ASP H 4019 -12.41 -4.42 -58.44
C ASP H 4019 -12.79 -4.68 -59.88
N MET H 4020 -13.78 -5.54 -60.10
CA MET H 4020 -14.10 -5.96 -61.46
C MET H 4020 -14.89 -4.93 -62.24
N PHE H 4021 -15.06 -3.72 -61.73
CA PHE H 4021 -15.58 -2.64 -62.54
C PHE H 4021 -14.81 -1.35 -62.32
N LEU H 4022 -13.80 -1.36 -61.45
CA LEU H 4022 -12.86 -0.26 -61.37
C LEU H 4022 -11.68 -0.50 -62.33
N LYS H 4023 -11.09 -1.69 -62.23
CA LYS H 4023 -10.04 -2.07 -63.15
C LYS H 4023 -10.57 -2.23 -64.57
N LEU H 4024 -11.88 -2.40 -64.74
CA LEU H 4024 -12.48 -2.39 -66.07
C LEU H 4024 -12.25 -1.06 -66.75
N LYS H 4025 -12.54 0.04 -66.05
CA LYS H 4025 -12.36 1.34 -66.67
C LYS H 4025 -10.89 1.66 -66.82
N ASP H 4026 -10.05 1.13 -65.93
CA ASP H 4026 -8.60 1.29 -66.11
C ASP H 4026 -8.12 0.63 -67.40
N LEU H 4027 -8.39 -0.67 -67.57
CA LEU H 4027 -7.91 -1.39 -68.74
C LEU H 4027 -8.66 -1.00 -70.00
N THR H 4028 -9.83 -0.40 -69.86
CA THR H 4028 -10.53 0.17 -71.00
C THR H 4028 -9.85 1.44 -71.47
N SER H 4029 -9.49 2.31 -70.53
CA SER H 4029 -9.05 3.67 -70.86
C SER H 4029 -7.70 3.70 -71.57
N SER H 4030 -6.88 2.66 -71.45
CA SER H 4030 -5.68 2.59 -72.24
C SER H 4030 -6.01 2.19 -73.68
N ASP H 4031 -5.24 2.74 -74.61
CA ASP H 4031 -5.41 2.46 -76.03
C ASP H 4031 -4.53 1.31 -76.50
N THR H 4032 -4.53 0.21 -75.74
CA THR H 4032 -3.92 -1.03 -76.18
C THR H 4032 -4.90 -1.94 -76.87
N PHE H 4033 -6.20 -1.76 -76.64
CA PHE H 4033 -7.24 -2.38 -77.44
C PHE H 4033 -8.33 -1.40 -77.84
N LYS H 4034 -8.50 -0.29 -77.11
CA LYS H 4034 -9.41 0.77 -77.50
C LYS H 4034 -8.90 1.51 -78.72
N GLU H 4035 -7.62 1.34 -79.04
CA GLU H 4035 -7.10 1.80 -80.31
C GLU H 4035 -7.12 0.70 -81.37
N TYR H 4036 -7.21 -0.56 -80.95
CA TYR H 4036 -7.19 -1.67 -81.89
C TYR H 4036 -8.46 -1.78 -82.72
N ASP H 4037 -9.60 -1.33 -82.21
CA ASP H 4037 -10.61 -1.13 -83.23
C ASP H 4037 -10.30 0.16 -83.98
N PRO H 4038 -10.49 0.17 -85.30
CA PRO H 4038 -10.21 1.38 -86.07
C PRO H 4038 -11.18 2.52 -85.76
N ASP H 4039 -12.40 2.19 -85.34
CA ASP H 4039 -13.45 3.17 -85.15
C ASP H 4039 -13.37 3.81 -83.76
N GLY H 4040 -13.50 2.98 -82.72
CA GLY H 4040 -13.59 3.52 -81.38
C GLY H 4040 -14.93 4.17 -81.05
N LYS H 4041 -16.01 3.65 -81.63
CA LYS H 4041 -17.32 4.27 -81.50
C LYS H 4041 -18.24 3.29 -80.78
N GLY H 4042 -17.75 2.74 -79.66
CA GLY H 4042 -18.52 1.76 -78.93
C GLY H 4042 -18.69 0.45 -79.64
N VAL H 4043 -17.78 0.11 -80.54
CA VAL H 4043 -17.88 -1.10 -81.33
C VAL H 4043 -16.64 -1.93 -81.03
N ILE H 4044 -16.79 -2.90 -80.15
CA ILE H 4044 -15.74 -3.86 -79.87
C ILE H 4044 -16.38 -5.23 -79.73
N SER H 4045 -16.00 -6.15 -80.61
CA SER H 4045 -16.66 -7.43 -80.70
C SER H 4045 -16.33 -8.29 -79.48
N LYS H 4046 -17.16 -9.32 -79.28
CA LYS H 4046 -17.07 -10.14 -78.09
C LYS H 4046 -15.81 -10.98 -78.09
N ARG H 4047 -15.38 -11.45 -79.25
CA ARG H 4047 -14.07 -12.05 -79.32
C ARG H 4047 -12.97 -11.00 -79.25
N ASP H 4048 -13.23 -9.80 -79.80
CA ASP H 4048 -12.28 -8.69 -79.67
C ASP H 4048 -12.15 -8.25 -78.23
N PHE H 4049 -13.27 -8.14 -77.54
CA PHE H 4049 -13.20 -7.79 -76.14
C PHE H 4049 -12.66 -8.93 -75.29
N HIS H 4050 -12.82 -10.17 -75.73
CA HIS H 4050 -12.24 -11.28 -74.98
C HIS H 4050 -10.73 -11.28 -75.09
N LYS H 4051 -10.21 -11.16 -76.31
CA LYS H 4051 -8.76 -11.07 -76.47
C LYS H 4051 -8.21 -9.77 -75.93
N ALA H 4052 -9.07 -8.76 -75.76
CA ALA H 4052 -8.68 -7.56 -75.05
C ALA H 4052 -8.49 -7.85 -73.58
N MET H 4053 -9.55 -8.29 -72.90
CA MET H 4053 -9.57 -8.28 -71.45
C MET H 4053 -8.73 -9.38 -70.84
N GLU H 4054 -8.43 -10.43 -71.60
CA GLU H 4054 -7.55 -11.45 -71.07
C GLU H 4054 -6.10 -11.01 -71.18
N SER H 4055 -5.77 -10.30 -72.24
CA SER H 4055 -4.42 -9.86 -72.50
C SER H 4055 -4.10 -8.52 -71.88
N HIS H 4056 -5.04 -7.91 -71.16
CA HIS H 4056 -4.65 -6.83 -70.25
C HIS H 4056 -3.96 -7.40 -69.01
N LYS H 4057 -4.27 -8.65 -68.67
CA LYS H 4057 -3.60 -9.46 -67.64
C LYS H 4057 -3.73 -8.81 -66.26
N HIS H 4058 -4.98 -8.69 -65.84
CA HIS H 4058 -5.32 -8.40 -64.47
C HIS H 4058 -6.47 -9.26 -63.99
N TYR H 4059 -6.91 -10.22 -64.80
CA TYR H 4059 -8.18 -10.88 -64.62
C TYR H 4059 -7.98 -12.38 -64.57
N THR H 4060 -8.50 -13.01 -63.53
CA THR H 4060 -8.68 -14.44 -63.59
C THR H 4060 -9.79 -14.74 -64.60
N GLN H 4061 -9.60 -15.83 -65.35
CA GLN H 4061 -10.45 -16.08 -66.50
C GLN H 4061 -11.88 -16.45 -66.12
N SER H 4062 -12.09 -16.93 -64.89
CA SER H 4062 -13.44 -17.04 -64.34
C SER H 4062 -14.11 -15.69 -64.29
N GLU H 4063 -13.36 -14.66 -63.94
CA GLU H 4063 -13.97 -13.34 -63.87
C GLU H 4063 -14.07 -12.68 -65.22
N THR H 4064 -13.25 -13.11 -66.19
CA THR H 4064 -13.53 -12.72 -67.56
C THR H 4064 -14.84 -13.32 -68.02
N GLU H 4065 -15.10 -14.57 -67.65
CA GLU H 4065 -16.38 -15.19 -67.93
C GLU H 4065 -17.51 -14.47 -67.21
N PHE H 4066 -17.24 -13.98 -66.00
CA PHE H 4066 -18.23 -13.21 -65.27
C PHE H 4066 -18.57 -11.91 -66.00
N LEU H 4067 -17.56 -11.21 -66.48
CA LEU H 4067 -17.81 -9.95 -67.18
C LEU H 4067 -18.47 -10.19 -68.53
N LEU H 4068 -18.05 -11.23 -69.24
CA LEU H 4068 -18.64 -11.52 -70.54
C LEU H 4068 -20.07 -12.03 -70.40
N SER H 4069 -20.35 -12.77 -69.33
CA SER H 4069 -21.71 -13.15 -69.01
C SER H 4069 -22.51 -11.95 -68.57
N CYS H 4070 -21.85 -10.92 -68.05
CA CYS H 4070 -22.56 -9.76 -67.58
C CYS H 4070 -22.88 -8.79 -68.71
N ALA H 4071 -21.96 -8.63 -69.67
CA ALA H 4071 -21.74 -7.33 -70.30
C ALA H 4071 -22.89 -6.72 -71.10
N GLU H 4072 -23.08 -7.11 -72.35
CA GLU H 4072 -24.28 -6.68 -73.05
C GLU H 4072 -24.91 -7.79 -73.89
N THR H 4073 -24.06 -8.56 -74.56
CA THR H 4073 -24.40 -9.38 -75.73
C THR H 4073 -25.18 -8.57 -76.76
N ASP H 4074 -24.55 -7.49 -77.24
CA ASP H 4074 -25.23 -6.44 -77.99
C ASP H 4074 -25.35 -6.80 -79.47
N GLU H 4075 -26.31 -7.68 -79.74
CA GLU H 4075 -27.01 -7.89 -81.00
C GLU H 4075 -26.19 -8.50 -82.13
N ASN H 4076 -24.87 -8.36 -82.12
CA ASN H 4076 -24.06 -9.22 -82.99
C ASN H 4076 -22.97 -9.89 -82.18
N GLU H 4077 -21.96 -9.10 -81.81
CA GLU H 4077 -21.04 -9.39 -80.72
C GLU H 4077 -20.56 -8.16 -79.98
N THR H 4078 -21.00 -6.95 -80.34
CA THR H 4078 -20.31 -5.74 -79.90
C THR H 4078 -20.72 -5.37 -78.49
N LEU H 4079 -20.23 -4.22 -78.01
CA LEU H 4079 -20.53 -3.63 -76.72
C LEU H 4079 -20.02 -2.21 -76.72
N ASP H 4080 -20.77 -1.29 -76.14
CA ASP H 4080 -20.34 0.10 -76.12
C ASP H 4080 -19.22 0.31 -75.11
N TYR H 4081 -18.46 1.39 -75.32
CA TYR H 4081 -17.57 1.88 -74.27
C TYR H 4081 -18.32 2.80 -73.33
N GLU H 4082 -18.99 3.80 -73.89
CA GLU H 4082 -19.66 4.82 -73.10
C GLU H 4082 -20.83 4.24 -72.32
N GLU H 4083 -21.61 3.38 -72.96
CA GLU H 4083 -22.83 2.89 -72.35
C GLU H 4083 -22.71 1.47 -71.87
N PHE H 4084 -21.48 1.01 -71.63
CA PHE H 4084 -21.28 -0.13 -70.75
C PHE H 4084 -20.52 0.24 -69.49
N VAL H 4085 -19.30 0.76 -69.60
CA VAL H 4085 -18.50 1.00 -68.40
C VAL H 4085 -18.70 2.42 -67.89
N LYS H 4086 -18.67 3.44 -68.75
CA LYS H 4086 -18.95 4.80 -68.28
C LYS H 4086 -20.39 4.98 -67.87
N ARG H 4087 -21.27 4.13 -68.41
CA ARG H 4087 -22.55 3.84 -67.79
C ARG H 4087 -22.35 3.39 -66.36
N PHE H 4088 -21.51 2.38 -66.16
CA PHE H 4088 -21.48 1.68 -64.90
C PHE H 4088 -20.46 2.24 -63.91
N HIS H 4089 -19.45 2.97 -64.38
CA HIS H 4089 -18.31 3.24 -63.51
C HIS H 4089 -18.60 4.31 -62.46
N GLU H 4090 -19.73 5.01 -62.56
CA GLU H 4090 -20.00 6.07 -61.59
C GLU H 4090 -20.37 5.53 -60.19
N PRO H 4091 -21.34 4.61 -60.02
CA PRO H 4091 -21.69 4.22 -58.65
C PRO H 4091 -20.61 3.41 -57.96
N ALA H 4092 -19.92 2.55 -58.71
CA ALA H 4092 -18.83 1.79 -58.12
C ALA H 4092 -17.70 2.70 -57.67
N LYS H 4093 -17.54 3.85 -58.30
CA LYS H 4093 -16.66 4.88 -57.76
C LYS H 4093 -17.23 5.47 -56.48
N ASP H 4094 -18.51 5.86 -56.51
CA ASP H 4094 -19.06 6.69 -55.44
C ASP H 4094 -19.16 5.94 -54.12
N ILE H 4095 -19.72 4.74 -54.15
CA ILE H 4095 -19.87 3.95 -52.92
C ILE H 4095 -18.50 3.47 -52.44
N GLY H 4096 -17.71 2.94 -53.37
CA GLY H 4096 -16.38 2.46 -53.08
C GLY H 4096 -15.47 3.50 -52.48
N PHE H 4097 -15.71 4.78 -52.79
CA PHE H 4097 -15.05 5.86 -52.07
C PHE H 4097 -15.30 5.77 -50.57
N ASN H 4098 -16.56 5.63 -50.19
CA ASN H 4098 -16.91 5.58 -48.78
C ASN H 4098 -16.37 4.32 -48.13
N VAL H 4099 -16.36 3.25 -48.89
CA VAL H 4099 -15.83 1.97 -48.39
C VAL H 4099 -14.35 2.11 -48.10
N ALA H 4100 -13.64 2.77 -49.03
CA ALA H 4100 -12.22 2.99 -48.86
C ALA H 4100 -11.95 3.92 -47.70
N VAL H 4101 -12.82 4.90 -47.49
CA VAL H 4101 -12.66 5.82 -46.36
C VAL H 4101 -12.83 5.07 -45.06
N LEU H 4102 -13.78 4.15 -45.00
CA LEU H 4102 -14.03 3.44 -43.75
C LEU H 4102 -12.91 2.48 -43.44
N LEU H 4103 -12.43 1.74 -44.44
CA LEU H 4103 -11.27 0.89 -44.23
C LEU H 4103 -10.04 1.71 -43.89
N THR H 4104 -9.90 2.86 -44.54
CA THR H 4104 -8.84 3.80 -44.23
C THR H 4104 -8.94 4.27 -42.80
N ASN H 4105 -10.16 4.55 -42.34
CA ASN H 4105 -10.34 5.11 -41.02
C ASN H 4105 -10.05 4.07 -39.95
N LEU H 4106 -10.42 2.82 -40.21
CA LEU H 4106 -10.10 1.74 -39.28
C LEU H 4106 -8.61 1.48 -39.25
N SER H 4107 -7.95 1.62 -40.41
CA SER H 4107 -6.51 1.40 -40.46
C SER H 4107 -5.77 2.48 -39.69
N GLU H 4108 -6.09 3.74 -39.99
CA GLU H 4108 -5.35 4.85 -39.41
C GLU H 4108 -5.62 4.96 -37.92
N HIS H 4109 -6.90 4.94 -37.53
CA HIS H 4109 -7.23 5.08 -36.13
C HIS H 4109 -6.78 3.88 -35.33
N MET H 4110 -6.95 2.68 -35.87
CA MET H 4110 -6.69 1.47 -35.10
C MET H 4110 -5.65 0.65 -35.86
N PRO H 4111 -4.36 0.92 -35.64
CA PRO H 4111 -3.32 0.12 -36.27
C PRO H 4111 -3.02 -1.12 -35.47
N ASN H 4112 -1.99 -1.87 -35.89
CA ASN H 4112 -1.34 -2.96 -35.18
C ASN H 4112 -2.20 -4.21 -35.03
N ASP H 4113 -3.36 -4.26 -35.69
CA ASP H 4113 -4.27 -5.38 -35.58
C ASP H 4113 -4.23 -6.21 -36.85
N THR H 4114 -3.90 -7.49 -36.68
CA THR H 4114 -3.52 -8.33 -37.81
C THR H 4114 -4.73 -8.71 -38.66
N ARG H 4115 -5.91 -8.73 -38.07
CA ARG H 4115 -7.09 -9.21 -38.79
C ARG H 4115 -7.54 -8.21 -39.83
N LEU H 4116 -7.74 -6.97 -39.39
CA LEU H 4116 -7.94 -5.85 -40.30
C LEU H 4116 -6.77 -5.71 -41.27
N GLN H 4117 -5.56 -6.02 -40.81
CA GLN H 4117 -4.38 -5.92 -41.66
C GLN H 4117 -4.46 -6.89 -42.82
N THR H 4118 -4.79 -8.15 -42.52
CA THR H 4118 -4.98 -9.17 -43.53
C THR H 4118 -6.10 -8.79 -44.48
N PHE H 4119 -7.18 -8.25 -43.92
CA PHE H 4119 -8.34 -7.90 -44.72
C PHE H 4119 -8.02 -6.76 -45.67
N LEU H 4120 -7.25 -5.80 -45.19
CA LEU H 4120 -6.84 -4.68 -46.03
C LEU H 4120 -5.86 -5.13 -47.10
N GLU H 4121 -5.05 -6.13 -46.78
CA GLU H 4121 -4.19 -6.73 -47.80
C GLU H 4121 -5.03 -7.44 -48.85
N LEU H 4122 -6.17 -7.99 -48.46
CA LEU H 4122 -7.12 -8.49 -49.44
C LEU H 4122 -7.99 -7.38 -50.02
N ALA H 4123 -7.84 -6.15 -49.53
CA ALA H 4123 -8.60 -5.01 -50.02
C ALA H 4123 -7.70 -3.96 -50.67
N GLU H 4124 -6.63 -4.39 -51.30
CA GLU H 4124 -5.58 -3.44 -51.66
C GLU H 4124 -5.91 -2.67 -52.93
N SER H 4125 -6.63 -3.29 -53.85
CA SER H 4125 -6.74 -2.73 -55.20
C SER H 4125 -7.65 -1.51 -55.26
N VAL H 4126 -8.48 -1.29 -54.25
CA VAL H 4126 -9.43 -0.18 -54.34
C VAL H 4126 -8.81 1.10 -53.81
N LEU H 4127 -8.07 0.99 -52.70
CA LEU H 4127 -7.41 2.16 -52.10
C LEU H 4127 -6.43 2.80 -53.07
N ASN H 4128 -5.74 1.97 -53.84
CA ASN H 4128 -4.74 2.45 -54.77
C ASN H 4128 -5.36 3.24 -55.90
N TYR H 4129 -6.63 2.97 -56.20
CA TYR H 4129 -7.36 3.86 -57.09
C TYR H 4129 -7.70 5.16 -56.38
N PHE H 4130 -8.18 5.07 -55.15
CA PHE H 4130 -8.79 6.21 -54.49
C PHE H 4130 -7.86 6.97 -53.57
N GLN H 4131 -6.60 6.53 -53.43
CA GLN H 4131 -5.64 7.31 -52.67
C GLN H 4131 -5.42 8.74 -53.21
N PRO H 4132 -5.45 9.03 -54.51
CA PRO H 4132 -5.43 10.45 -54.91
C PRO H 4132 -6.68 11.21 -54.56
N PHE H 4133 -7.78 10.55 -54.21
CA PHE H 4133 -9.06 11.24 -54.25
C PHE H 4133 -9.55 11.59 -52.86
N LEU H 4134 -9.04 10.94 -51.83
CA LEU H 4134 -9.42 11.26 -50.47
C LEU H 4134 -8.31 12.09 -49.87
N GLY H 4135 -8.67 13.01 -49.00
CA GLY H 4135 -7.71 13.83 -48.30
C GLY H 4135 -7.93 13.66 -46.82
N ARG H 4136 -6.95 14.03 -46.04
CA ARG H 4136 -7.06 13.85 -44.60
C ARG H 4136 -6.23 14.89 -43.88
N ILE H 4137 -6.89 15.67 -43.03
CA ILE H 4137 -6.32 16.83 -42.37
C ILE H 4137 -6.43 16.63 -40.87
N GLU H 4138 -6.00 17.64 -40.12
CA GLU H 4138 -6.11 17.60 -38.67
C GLU H 4138 -6.81 18.84 -38.15
N ILE H 4139 -7.65 18.65 -37.15
CA ILE H 4139 -8.32 19.72 -36.44
C ILE H 4139 -8.40 19.40 -34.96
N MET H 4140 -9.08 20.24 -34.20
CA MET H 4140 -9.53 19.93 -32.85
C MET H 4140 -11.02 20.21 -32.76
N GLY H 4141 -11.83 19.16 -32.79
CA GLY H 4141 -13.27 19.33 -32.89
C GLY H 4141 -13.99 19.39 -31.56
N SER H 4142 -13.69 20.44 -30.77
CA SER H 4142 -14.31 20.81 -29.49
C SER H 4142 -14.05 19.81 -28.36
N ALA H 4143 -13.39 18.71 -28.66
CA ALA H 4143 -13.13 17.68 -27.68
C ALA H 4143 -11.85 17.94 -26.91
N LYS H 4144 -11.19 19.07 -27.18
CA LYS H 4144 -9.90 19.45 -26.63
C LYS H 4144 -8.82 18.42 -26.88
N ARG H 4145 -8.91 17.68 -27.98
CA ARG H 4145 -7.83 16.85 -28.46
C ARG H 4145 -7.91 16.80 -29.99
N ILE H 4146 -7.04 16.01 -30.58
CA ILE H 4146 -6.83 16.02 -32.01
C ILE H 4146 -7.75 15.00 -32.64
N GLU H 4147 -8.58 15.46 -33.56
CA GLU H 4147 -9.41 14.56 -34.33
C GLU H 4147 -8.86 14.53 -35.74
N ARG H 4148 -9.33 13.58 -36.53
CA ARG H 4148 -8.90 13.50 -37.91
C ARG H 4148 -10.13 13.44 -38.81
N VAL H 4149 -10.09 14.15 -39.92
CA VAL H 4149 -11.18 14.23 -40.86
C VAL H 4149 -10.75 13.49 -42.11
N TYR H 4150 -11.70 12.92 -42.82
CA TYR H 4150 -11.49 12.46 -44.18
C TYR H 4150 -12.52 13.11 -45.07
N PHE H 4151 -12.20 13.26 -46.34
CA PHE H 4151 -13.11 13.96 -47.22
C PHE H 4151 -12.79 13.57 -48.65
N GLU H 4152 -13.40 14.26 -49.59
CA GLU H 4152 -13.34 13.92 -51.01
C GLU H 4152 -12.77 15.08 -51.79
N ILE H 4153 -11.90 14.77 -52.75
CA ILE H 4153 -11.33 15.76 -53.66
C ILE H 4153 -11.95 15.57 -55.03
N SER H 4154 -12.62 16.61 -55.52
CA SER H 4154 -13.14 16.58 -56.88
C SER H 4154 -11.98 16.61 -57.86
N GLU H 4155 -12.16 15.91 -58.98
CA GLU H 4155 -11.07 15.72 -59.93
C GLU H 4155 -10.71 17.02 -60.62
N SER H 4156 -11.72 17.68 -61.19
CA SER H 4156 -11.50 18.86 -62.02
C SER H 4156 -10.97 20.02 -61.19
N SER H 4157 -11.39 20.09 -59.93
CA SER H 4157 -10.90 21.12 -59.02
C SER H 4157 -9.40 21.00 -58.78
N ARG H 4158 -8.93 19.78 -58.50
CA ARG H 4158 -7.51 19.56 -58.25
C ARG H 4158 -6.69 19.77 -59.52
N THR H 4159 -7.11 19.11 -60.59
CA THR H 4159 -6.36 19.10 -61.84
C THR H 4159 -6.50 20.41 -62.63
N GLN H 4160 -7.30 21.36 -62.18
CA GLN H 4160 -7.20 22.70 -62.69
C GLN H 4160 -6.69 23.67 -61.63
N TRP H 4161 -6.58 23.24 -60.38
CA TRP H 4161 -5.83 24.01 -59.39
C TRP H 4161 -4.37 24.06 -59.74
N GLU H 4162 -3.75 22.89 -59.90
CA GLU H 4162 -2.30 22.83 -59.75
C GLU H 4162 -1.54 23.43 -60.93
N LYS H 4163 -2.15 23.57 -62.08
CA LYS H 4163 -1.30 24.07 -63.18
C LYS H 4163 -1.13 25.59 -63.32
N PRO H 4164 -2.17 26.39 -63.64
CA PRO H 4164 -1.92 27.59 -64.46
C PRO H 4164 -1.20 28.79 -63.83
N GLN H 4165 -1.78 29.40 -62.80
CA GLN H 4165 -1.46 30.76 -62.36
C GLN H 4165 -1.37 30.74 -60.85
N VAL H 4166 -2.05 29.72 -60.33
CA VAL H 4166 -2.28 29.60 -58.91
C VAL H 4166 -0.98 29.23 -58.21
N LYS H 4167 -0.05 28.64 -58.95
CA LYS H 4167 1.29 28.39 -58.43
C LYS H 4167 1.98 29.71 -58.11
N GLU H 4168 1.81 30.72 -58.97
CA GLU H 4168 2.44 32.00 -58.69
C GLU H 4168 1.70 32.75 -57.60
N SER H 4169 0.37 32.62 -57.53
CA SER H 4169 -0.37 33.20 -56.41
C SER H 4169 0.04 32.57 -55.10
N LYS H 4170 0.28 31.26 -55.12
CA LYS H 4170 0.79 30.52 -53.97
C LYS H 4170 2.14 31.05 -53.52
N ARG H 4171 3.05 31.27 -54.48
CA ARG H 4171 4.41 31.70 -54.11
C ARG H 4171 4.40 33.11 -53.56
N GLN H 4172 3.57 33.97 -54.13
CA GLN H 4172 3.34 35.30 -53.58
C GLN H 4172 2.86 35.23 -52.14
N PHE H 4173 1.89 34.35 -51.89
CA PHE H 4173 1.32 34.25 -50.54
C PHE H 4173 2.33 33.72 -49.54
N ILE H 4174 3.02 32.64 -49.90
CA ILE H 4174 4.00 32.03 -49.00
C ILE H 4174 5.10 33.00 -48.69
N PHE H 4175 5.54 33.75 -49.71
CA PHE H 4175 6.58 34.75 -49.55
C PHE H 4175 6.15 35.81 -48.54
N ASP H 4176 4.95 36.36 -48.74
CA ASP H 4176 4.48 37.45 -47.92
C ASP H 4176 4.25 37.01 -46.47
N VAL H 4177 3.85 35.77 -46.27
CA VAL H 4177 3.51 35.36 -44.91
C VAL H 4177 4.73 34.92 -44.15
N VAL H 4178 5.60 34.12 -44.76
CA VAL H 4178 6.78 33.65 -44.04
C VAL H 4178 7.77 34.78 -43.80
N ASN H 4179 7.78 35.80 -44.67
CA ASN H 4179 8.67 36.93 -44.45
C ASN H 4179 8.25 37.75 -43.24
N GLU H 4180 6.95 37.98 -43.07
CA GLU H 4180 6.48 38.87 -42.02
C GLU H 4180 5.03 38.56 -41.69
N GLY H 4181 4.65 38.90 -40.45
CA GLY H 4181 3.29 38.68 -39.99
C GLY H 4181 3.21 38.42 -38.50
N GLY H 4182 2.16 38.93 -37.85
CA GLY H 4182 1.93 38.63 -36.46
C GLY H 4182 1.55 37.17 -36.27
N GLU H 4183 1.96 36.62 -35.11
CA GLU H 4183 2.03 35.17 -34.92
C GLU H 4183 0.66 34.51 -34.92
N LYS H 4184 -0.37 35.25 -34.54
CA LYS H 4184 -1.71 34.70 -34.44
C LYS H 4184 -2.58 35.06 -35.63
N GLU H 4185 -2.30 36.19 -36.29
CA GLU H 4185 -3.07 36.59 -37.45
C GLU H 4185 -2.66 35.86 -38.73
N LYS H 4186 -1.65 34.98 -38.68
CA LYS H 4186 -1.20 34.31 -39.88
C LYS H 4186 -2.27 33.39 -40.44
N MET H 4187 -3.02 32.73 -39.56
CA MET H 4187 -3.99 31.75 -40.01
C MET H 4187 -5.18 32.45 -40.64
N GLU H 4188 -5.54 33.62 -40.14
CA GLU H 4188 -6.62 34.39 -40.77
C GLU H 4188 -6.20 34.90 -42.13
N LEU H 4189 -4.91 35.21 -42.29
CA LEU H 4189 -4.38 35.51 -43.61
C LEU H 4189 -4.45 34.29 -44.51
N PHE H 4190 -4.25 33.10 -43.93
CA PHE H 4190 -4.36 31.89 -44.72
C PHE H 4190 -5.78 31.66 -45.18
N VAL H 4191 -6.76 31.95 -44.32
CA VAL H 4191 -8.14 31.72 -44.71
C VAL H 4191 -8.57 32.77 -45.72
N ASN H 4192 -8.05 33.98 -45.61
CA ASN H 4192 -8.28 35.00 -46.63
C ASN H 4192 -7.71 34.56 -47.98
N PHE H 4193 -6.51 34.00 -47.95
CA PHE H 4193 -5.91 33.40 -49.14
C PHE H 4193 -6.74 32.25 -49.66
N CYS H 4194 -7.25 31.42 -48.77
CA CYS H 4194 -7.99 30.24 -49.19
C CYS H 4194 -9.29 30.65 -49.85
N GLU H 4195 -9.90 31.71 -49.33
CA GLU H 4195 -11.17 32.21 -49.85
C GLU H 4195 -11.00 32.75 -51.26
N ASP H 4196 -10.08 33.70 -51.43
CA ASP H 4196 -9.97 34.25 -52.77
C ASP H 4196 -9.26 33.32 -53.74
N THR H 4197 -8.52 32.33 -53.23
CA THR H 4197 -7.99 31.30 -54.11
C THR H 4197 -9.11 30.40 -54.62
N ILE H 4198 -10.13 30.14 -53.79
CA ILE H 4198 -11.31 29.42 -54.25
C ILE H 4198 -12.03 30.22 -55.32
N PHE H 4199 -12.18 31.53 -55.10
CA PHE H 4199 -12.81 32.36 -56.11
C PHE H 4199 -12.03 32.36 -57.42
N GLU H 4200 -10.71 32.51 -57.33
CA GLU H 4200 -9.85 32.42 -58.50
C GLU H 4200 -9.91 31.04 -59.14
N MET H 4201 -10.10 30.02 -58.33
CA MET H 4201 -10.15 28.67 -58.85
C MET H 4201 -11.40 28.46 -59.68
N GLN H 4202 -12.53 28.98 -59.20
CA GLN H 4202 -13.74 28.95 -60.00
C GLN H 4202 -13.60 29.80 -61.25
N LEU H 4203 -12.90 30.92 -61.13
CA LEU H 4203 -12.76 31.79 -62.29
C LEU H 4203 -11.86 31.16 -63.35
N ALA H 4204 -10.85 30.42 -62.91
CA ALA H 4204 -10.00 29.70 -63.86
C ALA H 4204 -10.74 28.52 -64.43
N ALA H 4205 -11.69 27.98 -63.69
CA ALA H 4205 -12.57 26.98 -64.28
C ALA H 4205 -13.47 27.60 -65.34
N GLN H 4206 -13.83 28.88 -65.16
CA GLN H 4206 -14.81 29.53 -66.00
C GLN H 4206 -14.29 29.75 -67.42
N ILE H 4207 -12.99 29.64 -67.64
CA ILE H 4207 -12.40 29.88 -68.95
C ILE H 4207 -12.77 28.78 -69.94
N ILE H 4486 -22.81 39.17 -79.22
CA ILE H 4486 -22.02 38.10 -79.82
C ILE H 4486 -21.24 37.36 -78.75
N ALA H 4487 -21.53 36.07 -78.59
CA ALA H 4487 -20.80 35.23 -77.65
C ALA H 4487 -19.48 34.74 -78.23
N TYR H 4488 -19.31 34.82 -79.54
CA TYR H 4488 -18.01 34.56 -80.16
C TYR H 4488 -16.98 35.59 -79.73
N GLN H 4489 -17.42 36.80 -79.42
CA GLN H 4489 -16.57 37.78 -78.76
C GLN H 4489 -16.05 37.25 -77.43
N GLN H 4490 -16.92 36.61 -76.65
CA GLN H 4490 -16.49 36.04 -75.39
C GLN H 4490 -15.59 34.85 -75.61
N LYS H 4491 -15.83 34.08 -76.68
CA LYS H 4491 -14.98 32.94 -77.00
C LYS H 4491 -13.58 33.41 -77.37
N LEU H 4492 -13.50 34.50 -78.13
CA LEU H 4492 -12.21 35.12 -78.42
C LEU H 4492 -11.60 35.71 -77.16
N LEU H 4493 -12.44 36.13 -76.21
CA LEU H 4493 -11.95 36.67 -74.95
C LEU H 4493 -11.34 35.56 -74.09
N ASN H 4494 -11.79 34.32 -74.26
CA ASN H 4494 -11.15 33.22 -73.55
C ASN H 4494 -9.75 32.96 -74.05
N TYR H 4495 -9.47 33.30 -75.31
CA TYR H 4495 -8.18 33.00 -75.92
C TYR H 4495 -7.06 33.86 -75.34
N PHE H 4496 -7.38 35.07 -74.93
CA PHE H 4496 -6.44 36.00 -74.29
C PHE H 4496 -5.89 35.47 -72.99
N ALA H 4497 -6.77 35.38 -71.99
CA ALA H 4497 -6.33 35.17 -70.62
C ALA H 4497 -5.86 33.76 -70.39
N ARG H 4498 -6.23 32.85 -71.28
CA ARG H 4498 -5.60 31.54 -71.31
C ARG H 4498 -4.13 31.64 -71.68
N ASN H 4499 -3.76 32.66 -72.45
CA ASN H 4499 -2.43 32.72 -73.04
C ASN H 4499 -1.74 34.05 -72.72
N PHE H 4500 -1.73 34.44 -71.44
CA PHE H 4500 -1.25 35.78 -71.11
C PHE H 4500 0.26 35.85 -71.05
N TYR H 4501 0.87 34.97 -70.25
CA TYR H 4501 2.28 35.10 -69.89
C TYR H 4501 3.18 34.91 -71.11
N ASN H 4502 2.81 33.98 -71.98
CA ASN H 4502 3.59 33.73 -73.18
C ASN H 4502 3.49 34.91 -74.13
N MET H 4503 2.33 35.56 -74.18
CA MET H 4503 2.15 36.78 -74.97
C MET H 4503 3.04 37.90 -74.46
N ARG H 4504 3.11 38.08 -73.15
CA ARG H 4504 3.97 39.12 -72.58
C ARG H 4504 5.45 38.85 -72.85
N MET H 4505 5.86 37.59 -72.73
CA MET H 4505 7.25 37.21 -73.00
C MET H 4505 7.58 37.41 -74.48
N LEU H 4506 6.62 37.14 -75.35
CA LEU H 4506 6.84 37.35 -76.78
C LEU H 4506 6.92 38.84 -77.11
N ALA H 4507 6.21 39.68 -76.36
CA ALA H 4507 6.34 41.12 -76.56
C ALA H 4507 7.73 41.60 -76.18
N LEU H 4508 8.29 41.03 -75.11
CA LEU H 4508 9.69 41.30 -74.78
C LEU H 4508 10.62 40.88 -75.91
N PHE H 4509 10.34 39.73 -76.52
CA PHE H 4509 11.15 39.25 -77.64
C PHE H 4509 11.10 40.21 -78.83
N VAL H 4510 9.92 40.75 -79.12
CA VAL H 4510 9.75 41.74 -80.19
C VAL H 4510 10.55 43.00 -79.88
N ALA H 4511 10.54 43.43 -78.62
CA ALA H 4511 11.28 44.65 -78.26
C ALA H 4511 12.79 44.46 -78.41
N PHE H 4512 13.28 43.26 -78.05
CA PHE H 4512 14.68 42.90 -78.33
C PHE H 4512 15.00 43.01 -79.81
N ALA H 4513 14.11 42.46 -80.65
CA ALA H 4513 14.37 42.47 -82.09
C ALA H 4513 14.38 43.88 -82.66
N ILE H 4514 13.48 44.74 -82.17
CA ILE H 4514 13.38 46.09 -82.73
C ILE H 4514 14.57 46.93 -82.31
N ASN H 4515 15.04 46.79 -81.07
CA ASN H 4515 16.20 47.59 -80.72
C ASN H 4515 17.51 47.01 -81.25
N PHE H 4516 17.52 45.71 -81.54
CA PHE H 4516 18.57 45.12 -82.36
C PHE H 4516 18.66 45.78 -83.73
N ILE H 4517 17.51 45.99 -84.38
CA ILE H 4517 17.49 46.70 -85.66
C ILE H 4517 17.93 48.14 -85.48
N LEU H 4518 17.44 48.79 -84.43
CA LEU H 4518 17.70 50.21 -84.21
C LEU H 4518 19.12 50.47 -83.73
N LEU H 4519 19.91 49.43 -83.52
CA LEU H 4519 21.34 49.59 -83.32
C LEU H 4519 22.01 50.31 -84.49
N PHE H 4520 21.50 50.11 -85.71
CA PHE H 4520 22.10 50.68 -86.92
C PHE H 4520 21.47 52.05 -87.21
N TYR H 4521 22.11 53.10 -86.71
CA TYR H 4521 21.79 54.46 -87.10
C TYR H 4521 23.04 55.25 -87.45
N LYS H 4522 22.78 56.38 -88.10
CA LYS H 4522 23.83 57.15 -88.75
C LYS H 4522 23.38 58.58 -88.99
N VAL H 4523 24.25 59.53 -88.69
CA VAL H 4523 23.97 60.93 -88.95
C VAL H 4523 24.13 61.20 -90.44
N SER H 4524 23.17 61.91 -91.02
CA SER H 4524 23.29 62.33 -92.40
C SER H 4524 22.54 63.64 -92.63
N VAL H 4558 19.41 64.33 -90.34
CA VAL H 4558 18.50 63.24 -90.70
C VAL H 4558 19.24 61.90 -90.53
N HIS H 4559 18.52 60.88 -90.09
CA HIS H 4559 19.09 59.58 -89.76
C HIS H 4559 18.60 58.54 -90.76
N TYR H 4560 19.47 57.60 -91.13
CA TYR H 4560 19.04 56.53 -92.01
C TYR H 4560 19.94 55.32 -91.83
N VAL H 4561 19.36 54.14 -92.09
CA VAL H 4561 19.94 52.83 -91.76
C VAL H 4561 20.52 52.21 -93.02
N LEU H 4562 21.73 51.65 -92.91
CA LEU H 4562 22.28 50.81 -93.97
C LEU H 4562 21.71 49.40 -93.83
N GLU H 4563 22.27 48.43 -94.55
CA GLU H 4563 21.81 47.06 -94.37
C GLU H 4563 22.98 46.08 -94.50
N GLU H 4564 23.37 45.49 -93.38
CA GLU H 4564 24.10 44.23 -93.37
C GLU H 4564 23.10 43.08 -93.18
N SER H 4565 22.05 43.09 -93.98
CA SER H 4565 20.89 42.23 -93.78
C SER H 4565 20.15 42.13 -95.09
N SER H 4566 18.89 41.67 -95.04
CA SER H 4566 18.03 41.66 -96.21
C SER H 4566 17.70 43.07 -96.66
N GLY H 4567 17.19 43.17 -97.89
CA GLY H 4567 16.91 44.47 -98.47
C GLY H 4567 15.76 45.21 -97.83
N TYR H 4568 14.84 44.50 -97.19
CA TYR H 4568 13.58 45.09 -96.71
C TYR H 4568 13.53 45.18 -95.20
N MET H 4569 14.66 45.56 -94.58
CA MET H 4569 14.69 45.65 -93.13
C MET H 4569 13.89 46.83 -92.60
N GLU H 4570 13.87 47.95 -93.33
CA GLU H 4570 13.06 49.10 -92.94
C GLU H 4570 11.56 48.84 -93.07
N PRO H 4571 11.06 48.16 -94.11
CA PRO H 4571 9.65 47.72 -94.03
C PRO H 4571 9.38 46.74 -92.91
N THR H 4572 10.33 45.89 -92.51
CA THR H 4572 10.07 45.03 -91.37
C THR H 4572 10.05 45.81 -90.06
N LEU H 4573 10.80 46.91 -89.98
CA LEU H 4573 10.66 47.79 -88.83
C LEU H 4573 9.28 48.40 -88.79
N ARG H 4574 8.80 48.84 -89.96
CA ARG H 4574 7.43 49.31 -90.09
C ARG H 4574 6.41 48.25 -89.73
N ILE H 4575 6.72 46.98 -90.01
CA ILE H 4575 5.85 45.89 -89.58
C ILE H 4575 5.86 45.77 -88.07
N LEU H 4576 7.05 45.64 -87.48
CA LEU H 4576 7.17 45.23 -86.11
C LEU H 4576 6.77 46.30 -85.12
N ALA H 4577 6.81 47.58 -85.51
CA ALA H 4577 6.27 48.62 -84.64
C ALA H 4577 4.77 48.43 -84.44
N ILE H 4578 4.03 48.27 -85.54
CA ILE H 4578 2.60 48.01 -85.48
C ILE H 4578 2.33 46.70 -84.77
N LEU H 4579 3.15 45.69 -85.05
CA LEU H 4579 2.99 44.37 -84.44
C LEU H 4579 3.15 44.45 -82.92
N HIS H 4580 4.13 45.21 -82.46
CA HIS H 4580 4.37 45.32 -81.03
C HIS H 4580 3.27 46.09 -80.34
N THR H 4581 2.77 47.14 -80.98
CA THR H 4581 1.67 47.90 -80.39
C THR H 4581 0.40 47.05 -80.34
N VAL H 4582 0.20 46.21 -81.35
CA VAL H 4582 -0.89 45.24 -81.34
C VAL H 4582 -0.75 44.29 -80.16
N ILE H 4583 0.45 43.81 -79.90
CA ILE H 4583 0.61 42.85 -78.80
C ILE H 4583 0.45 43.53 -77.44
N SER H 4584 0.81 44.80 -77.32
CA SER H 4584 0.60 45.51 -76.05
C SER H 4584 -0.88 45.74 -75.77
N PHE H 4585 -1.63 46.14 -76.80
CA PHE H 4585 -3.07 46.31 -76.64
C PHE H 4585 -3.76 44.96 -76.37
N PHE H 4586 -3.26 43.92 -77.03
CA PHE H 4586 -3.76 42.57 -76.86
C PHE H 4586 -3.60 42.12 -75.42
N CYS H 4587 -2.41 42.35 -74.85
CA CYS H 4587 -2.19 41.88 -73.50
C CYS H 4587 -2.87 42.76 -72.46
N ILE H 4588 -3.15 44.04 -72.74
CA ILE H 4588 -3.88 44.74 -71.70
C ILE H 4588 -5.35 44.33 -71.69
N ILE H 4589 -5.90 43.92 -72.84
CA ILE H 4589 -7.24 43.33 -72.83
C ILE H 4589 -7.24 42.02 -72.05
N GLY H 4590 -6.22 41.19 -72.27
CA GLY H 4590 -6.13 39.92 -71.55
C GLY H 4590 -5.98 40.10 -70.05
N TYR H 4591 -5.23 41.12 -69.64
CA TYR H 4591 -5.05 41.34 -68.21
C TYR H 4591 -6.29 41.94 -67.58
N TYR H 4592 -6.99 42.82 -68.32
CA TYR H 4592 -8.22 43.38 -67.80
C TYR H 4592 -9.28 42.33 -67.60
N CYS H 4593 -9.33 41.34 -68.47
CA CYS H 4593 -10.28 40.27 -68.25
C CYS H 4593 -9.66 39.05 -67.59
N LEU H 4594 -8.47 39.18 -67.00
CA LEU H 4594 -7.92 38.07 -66.22
C LEU H 4594 -7.90 38.34 -64.72
N LYS H 4595 -7.21 39.38 -64.27
CA LYS H 4595 -6.93 39.50 -62.85
C LYS H 4595 -7.69 40.62 -62.16
N VAL H 4596 -8.13 41.62 -62.92
CA VAL H 4596 -9.04 42.67 -62.48
C VAL H 4596 -10.28 42.12 -61.76
N PRO H 4597 -10.92 41.01 -62.17
CA PRO H 4597 -11.97 40.47 -61.31
C PRO H 4597 -11.49 40.00 -59.95
N LEU H 4598 -10.26 39.48 -59.85
CA LEU H 4598 -9.76 39.08 -58.54
C LEU H 4598 -9.50 40.29 -57.66
N VAL H 4599 -8.98 41.35 -58.24
CA VAL H 4599 -8.65 42.53 -57.43
C VAL H 4599 -9.93 43.22 -56.99
N ILE H 4600 -10.90 43.31 -57.89
CA ILE H 4600 -12.18 43.91 -57.53
C ILE H 4600 -12.90 43.02 -56.53
N PHE H 4601 -12.63 41.71 -56.56
CA PHE H 4601 -13.18 40.79 -55.57
C PHE H 4601 -12.61 41.06 -54.20
N LYS H 4602 -11.29 41.18 -54.10
CA LYS H 4602 -10.65 41.43 -52.81
C LYS H 4602 -11.08 42.76 -52.23
N ARG H 4603 -11.23 43.77 -53.10
CA ARG H 4603 -11.70 45.07 -52.65
C ARG H 4603 -13.14 45.01 -52.15
N GLU H 4604 -14.03 44.32 -52.90
CA GLU H 4604 -15.42 44.21 -52.47
C GLU H 4604 -15.55 43.44 -51.19
N LYS H 4605 -14.73 42.41 -51.01
CA LYS H 4605 -14.82 41.60 -49.80
C LYS H 4605 -14.37 42.40 -48.59
N GLU H 4606 -13.27 43.14 -48.74
CA GLU H 4606 -12.78 43.95 -47.63
C GLU H 4606 -13.79 45.02 -47.24
N VAL H 4607 -14.41 45.67 -48.23
CA VAL H 4607 -15.39 46.71 -47.94
C VAL H 4607 -16.66 46.11 -47.33
N ALA H 4608 -17.07 44.95 -47.82
CA ALA H 4608 -18.29 44.33 -47.31
C ALA H 4608 -18.11 43.83 -45.89
N ARG H 4609 -16.92 43.35 -45.55
CA ARG H 4609 -16.68 42.97 -44.17
C ARG H 4609 -16.61 44.19 -43.28
N LYS H 4610 -16.06 45.29 -43.79
CA LYS H 4610 -16.00 46.47 -42.96
C LYS H 4610 -17.33 47.21 -42.86
N LEU H 4611 -18.31 46.90 -43.70
CA LEU H 4611 -19.65 47.39 -43.42
C LEU H 4611 -20.31 46.60 -42.29
N GLU H 4612 -20.13 45.29 -42.31
CA GLU H 4612 -20.80 44.43 -41.33
C GLU H 4612 -20.16 44.53 -39.97
N PHE H 4613 -18.90 44.14 -39.88
CA PHE H 4613 -18.27 43.99 -38.58
C PHE H 4613 -17.81 45.29 -37.99
N ASP H 4614 -17.85 46.38 -38.76
CA ASP H 4614 -17.41 47.68 -38.27
C ASP H 4614 -18.46 48.76 -38.39
N GLY H 4615 -19.17 48.80 -39.51
CA GLY H 4615 -20.06 49.91 -39.78
C GLY H 4615 -19.31 51.23 -39.93
N LEU H 4616 -18.23 51.22 -40.70
CA LEU H 4616 -17.37 52.40 -40.75
C LEU H 4616 -18.00 53.56 -41.49
N TYR H 4617 -18.92 53.29 -42.41
CA TYR H 4617 -19.68 54.39 -42.97
C TYR H 4617 -20.91 54.70 -42.12
N ILE H 4618 -21.16 53.91 -41.09
CA ILE H 4618 -22.33 54.03 -40.27
C ILE H 4618 -21.99 54.57 -38.89
N THR H 4619 -20.89 54.09 -38.31
CA THR H 4619 -20.48 54.51 -36.98
C THR H 4619 -19.08 55.11 -36.95
N GLU H 4620 -18.10 54.46 -37.58
CA GLU H 4620 -16.70 54.72 -37.26
C GLU H 4620 -16.13 55.92 -37.99
N GLN H 4621 -16.63 56.20 -39.23
CA GLN H 4621 -16.31 57.40 -40.02
C GLN H 4621 -14.82 57.64 -40.24
N PRO H 4622 -14.19 56.92 -41.17
CA PRO H 4622 -12.75 57.13 -41.42
C PRO H 4622 -12.45 58.54 -41.89
N SER H 4623 -11.30 59.05 -41.46
CA SER H 4623 -10.99 60.45 -41.57
C SER H 4623 -10.62 60.82 -43.00
N GLU H 4624 -10.18 62.07 -43.18
CA GLU H 4624 -9.69 62.53 -44.48
C GLU H 4624 -8.35 61.89 -44.83
N ASP H 4625 -7.65 61.31 -43.86
CA ASP H 4625 -6.50 60.47 -44.13
C ASP H 4625 -6.94 59.20 -44.84
N ASP H 4626 -5.98 58.56 -45.54
CA ASP H 4626 -6.13 57.27 -46.21
C ASP H 4626 -7.25 57.32 -47.27
N ILE H 4627 -6.97 58.09 -48.31
CA ILE H 4627 -7.90 58.27 -49.43
C ILE H 4627 -8.13 56.95 -50.15
N LYS H 4628 -7.14 56.05 -50.14
CA LYS H 4628 -7.35 54.71 -50.66
C LYS H 4628 -8.37 53.92 -49.85
N GLY H 4629 -8.55 54.25 -48.57
CA GLY H 4629 -9.66 53.69 -47.81
C GLY H 4629 -10.90 54.54 -47.79
N GLN H 4630 -10.85 55.71 -48.42
CA GLN H 4630 -11.92 56.69 -48.40
C GLN H 4630 -12.56 56.83 -49.77
N TRP H 4631 -12.01 56.14 -50.76
CA TRP H 4631 -12.55 56.16 -52.11
C TRP H 4631 -13.94 55.53 -52.17
N ASP H 4632 -14.21 54.59 -51.28
CA ASP H 4632 -15.34 53.70 -51.43
C ASP H 4632 -16.61 54.24 -50.79
N ARG H 4633 -16.67 55.53 -50.51
CA ARG H 4633 -17.87 56.08 -49.88
C ARG H 4633 -19.00 56.21 -50.89
N LEU H 4634 -18.67 56.34 -52.18
CA LEU H 4634 -19.67 56.51 -53.21
C LEU H 4634 -19.94 55.21 -53.97
N VAL H 4635 -19.81 54.07 -53.29
CA VAL H 4635 -20.17 52.78 -53.86
C VAL H 4635 -21.10 52.00 -52.94
N ILE H 4636 -21.53 52.61 -51.84
CA ILE H 4636 -22.45 51.96 -50.91
C ILE H 4636 -23.80 51.71 -51.56
N ASN H 4637 -24.40 52.74 -52.12
CA ASN H 4637 -25.75 52.60 -52.64
C ASN H 4637 -25.76 52.03 -54.06
N THR H 4638 -24.60 51.66 -54.59
CA THR H 4638 -24.56 50.94 -55.85
C THR H 4638 -25.18 49.56 -55.70
N GLN H 4639 -25.92 49.17 -56.73
CA GLN H 4639 -26.77 47.99 -56.68
C GLN H 4639 -26.01 46.71 -56.94
N SER H 4640 -24.80 46.79 -57.48
CA SER H 4640 -23.99 45.61 -57.72
C SER H 4640 -22.74 45.61 -56.84
N PHE H 4641 -22.84 46.21 -55.66
CA PHE H 4641 -21.80 46.05 -54.66
C PHE H 4641 -21.52 44.58 -54.30
N PRO H 4642 -22.50 43.68 -54.27
CA PRO H 4642 -22.09 42.27 -54.34
C PRO H 4642 -22.05 41.73 -55.77
N ASN H 4643 -21.09 42.21 -56.56
CA ASN H 4643 -20.85 41.55 -57.83
C ASN H 4643 -20.11 40.26 -57.57
N ASN H 4644 -18.90 40.37 -57.03
CA ASN H 4644 -18.10 39.22 -56.66
C ASN H 4644 -18.00 39.23 -55.15
N TYR H 4645 -19.01 38.69 -54.48
CA TYR H 4645 -18.87 38.45 -53.05
C TYR H 4645 -19.61 37.20 -52.57
N TRP H 4646 -20.24 36.43 -53.48
CA TRP H 4646 -21.10 35.28 -53.22
C TRP H 4646 -22.18 35.53 -52.16
N ASP H 4647 -22.50 36.80 -51.86
CA ASP H 4647 -23.45 37.12 -50.80
C ASP H 4647 -24.15 38.40 -51.23
N LYS H 4648 -25.32 38.24 -51.84
CA LYS H 4648 -26.03 39.37 -52.38
C LYS H 4648 -27.02 39.95 -51.38
N PHE H 4649 -26.98 39.48 -50.15
CA PHE H 4649 -27.90 39.90 -49.10
C PHE H 4649 -27.16 40.56 -47.95
N VAL H 4650 -26.10 41.30 -48.28
CA VAL H 4650 -25.38 42.04 -47.26
C VAL H 4650 -26.21 43.22 -46.79
N LYS H 4651 -27.01 43.77 -47.70
CA LYS H 4651 -27.80 44.97 -47.53
C LYS H 4651 -28.73 44.85 -46.34
N ARG H 4652 -29.71 43.95 -46.47
CA ARG H 4652 -30.70 43.73 -45.42
C ARG H 4652 -30.08 43.15 -44.17
N LYS H 4653 -28.95 42.46 -44.31
CA LYS H 4653 -28.24 41.91 -43.15
C LYS H 4653 -27.74 43.01 -42.24
N VAL H 4654 -27.04 43.99 -42.81
CA VAL H 4654 -26.54 45.08 -41.96
C VAL H 4654 -27.67 46.03 -41.59
N MET H 4655 -28.72 46.12 -42.42
CA MET H 4655 -29.95 46.83 -42.05
C MET H 4655 -30.54 46.28 -40.77
N ASP H 4656 -30.79 44.99 -40.73
CA ASP H 4656 -31.43 44.38 -39.58
C ASP H 4656 -30.47 44.15 -38.43
N LYS H 4657 -29.18 44.29 -38.67
CA LYS H 4657 -28.24 44.23 -37.55
C LYS H 4657 -28.06 45.61 -36.92
N TYR H 4658 -28.31 46.67 -37.67
CA TYR H 4658 -28.02 48.00 -37.14
C TYR H 4658 -29.13 49.02 -37.29
N GLY H 4659 -29.97 48.94 -38.31
CA GLY H 4659 -30.93 49.99 -38.62
C GLY H 4659 -32.04 50.20 -37.62
N GLU H 4660 -32.08 49.34 -36.59
CA GLU H 4660 -32.85 49.62 -35.38
C GLU H 4660 -32.50 50.98 -34.81
N PHE H 4661 -31.20 51.24 -34.65
CA PHE H 4661 -30.72 52.36 -33.86
C PHE H 4661 -30.59 53.64 -34.67
N TYR H 4662 -29.92 53.57 -35.81
CA TYR H 4662 -29.59 54.76 -36.59
C TYR H 4662 -30.63 55.06 -37.65
N GLY H 4663 -31.88 54.69 -37.37
CA GLY H 4663 -32.97 54.94 -38.28
C GLY H 4663 -33.06 53.82 -39.29
N ARG H 4664 -34.23 53.18 -39.38
CA ARG H 4664 -34.43 52.19 -40.42
C ARG H 4664 -34.44 52.85 -41.78
N ASP H 4665 -35.07 54.02 -41.88
CA ASP H 4665 -35.27 54.67 -43.15
C ASP H 4665 -33.98 55.22 -43.71
N ARG H 4666 -33.16 55.86 -42.88
CA ARG H 4666 -31.95 56.49 -43.37
C ARG H 4666 -30.90 55.46 -43.77
N ILE H 4667 -30.72 54.43 -42.93
CA ILE H 4667 -29.75 53.38 -43.22
C ILE H 4667 -30.18 52.58 -44.45
N SER H 4668 -31.45 52.16 -44.48
CA SER H 4668 -31.92 51.35 -45.60
C SER H 4668 -31.98 52.16 -46.89
N GLU H 4669 -32.20 53.48 -46.80
CA GLU H 4669 -32.09 54.34 -47.97
C GLU H 4669 -30.65 54.45 -48.42
N LEU H 4670 -29.72 54.52 -47.46
CA LEU H 4670 -28.31 54.60 -47.78
C LEU H 4670 -27.83 53.33 -48.46
N LEU H 4671 -28.48 52.20 -48.18
CA LEU H 4671 -28.26 51.02 -48.99
C LEU H 4671 -29.26 50.93 -50.14
N GLY H 4672 -30.37 51.66 -50.08
CA GLY H 4672 -31.30 51.70 -51.19
C GLY H 4672 -32.76 51.45 -50.86
N SER H 4696 -29.70 50.13 -76.90
CA SER H 4696 -29.53 51.01 -75.75
C SER H 4696 -29.99 50.30 -74.47
N ALA H 4697 -30.60 49.13 -74.63
CA ALA H 4697 -31.11 48.39 -73.49
C ALA H 4697 -29.97 47.85 -72.62
N VAL H 4698 -28.90 47.38 -73.25
CA VAL H 4698 -27.71 46.96 -72.50
C VAL H 4698 -27.04 48.18 -71.90
N LEU H 4699 -27.09 49.32 -72.60
CA LEU H 4699 -26.67 50.57 -72.00
C LEU H 4699 -27.58 50.98 -70.85
N ASN H 4700 -28.85 50.59 -70.91
CA ASN H 4700 -29.80 50.87 -69.85
C ASN H 4700 -29.86 49.75 -68.82
N SER H 4701 -28.88 48.86 -68.79
CA SER H 4701 -28.87 47.78 -67.81
C SER H 4701 -27.49 47.56 -67.20
N ILE H 4702 -26.74 48.64 -66.98
CA ILE H 4702 -25.43 48.56 -66.35
C ILE H 4702 -25.34 49.64 -65.27
N ASP H 4703 -24.73 49.27 -64.14
CA ASP H 4703 -24.56 50.18 -63.03
C ASP H 4703 -23.40 51.13 -63.33
N VAL H 4704 -23.76 52.38 -63.63
CA VAL H 4704 -22.80 53.34 -64.16
C VAL H 4704 -21.86 53.82 -63.06
N LYS H 4705 -22.43 54.18 -61.92
CA LYS H 4705 -21.64 54.69 -60.80
C LYS H 4705 -20.71 53.61 -60.26
N TYR H 4706 -21.21 52.37 -60.19
CA TYR H 4706 -20.38 51.23 -59.84
C TYR H 4706 -19.26 51.04 -60.84
N GLN H 4707 -19.54 51.26 -62.13
CA GLN H 4707 -18.51 51.11 -63.14
C GLN H 4707 -17.44 52.18 -62.97
N MET H 4708 -17.86 53.39 -62.60
CA MET H 4708 -16.91 54.47 -62.31
C MET H 4708 -16.02 54.11 -61.13
N TRP H 4709 -16.65 53.59 -60.07
CA TRP H 4709 -15.90 53.14 -58.90
C TRP H 4709 -14.95 52.01 -59.27
N LYS H 4710 -15.39 51.13 -60.16
CA LYS H 4710 -14.59 50.00 -60.59
C LYS H 4710 -13.34 50.46 -61.30
N LEU H 4711 -13.48 51.43 -62.20
CA LEU H 4711 -12.30 52.02 -62.83
C LEU H 4711 -11.43 52.75 -61.82
N GLY H 4712 -12.04 53.37 -60.81
CA GLY H 4712 -11.26 54.04 -59.79
C GLY H 4712 -10.44 53.10 -58.96
N VAL H 4713 -10.89 51.86 -58.80
CA VAL H 4713 -10.06 50.87 -58.12
C VAL H 4713 -9.11 50.18 -59.09
N VAL H 4714 -9.47 50.11 -60.37
CA VAL H 4714 -8.56 49.59 -61.40
C VAL H 4714 -7.31 50.45 -61.50
N PHE H 4715 -7.50 51.77 -61.52
CA PHE H 4715 -6.40 52.66 -61.85
C PHE H 4715 -5.35 52.75 -60.75
N THR H 4716 -5.74 52.51 -59.50
CA THR H 4716 -4.77 52.61 -58.42
C THR H 4716 -3.81 51.43 -58.37
N ASP H 4717 -4.06 50.38 -59.15
CA ASP H 4717 -3.24 49.18 -59.07
C ASP H 4717 -1.87 49.41 -59.71
N ASN H 4718 -0.88 48.67 -59.20
CA ASN H 4718 0.48 48.80 -59.69
C ASN H 4718 0.64 48.17 -61.07
N SER H 4719 0.25 46.91 -61.21
CA SER H 4719 0.49 46.18 -62.44
C SER H 4719 -0.32 46.74 -63.60
N PHE H 4720 -1.53 47.22 -63.33
CA PHE H 4720 -2.33 47.83 -64.37
C PHE H 4720 -1.70 49.13 -64.85
N LEU H 4721 -1.20 49.92 -63.90
CA LEU H 4721 -0.51 51.15 -64.24
C LEU H 4721 0.73 50.86 -65.06
N TYR H 4722 1.42 49.77 -64.74
CA TYR H 4722 2.61 49.37 -65.48
C TYR H 4722 2.27 49.02 -66.92
N LEU H 4723 1.24 48.20 -67.10
CA LEU H 4723 0.91 47.78 -68.46
C LEU H 4723 0.32 48.92 -69.28
N ALA H 4724 -0.38 49.85 -68.63
CA ALA H 4724 -0.88 51.01 -69.37
C ALA H 4724 0.27 51.93 -69.80
N TRP H 4725 1.26 52.10 -68.91
CA TRP H 4725 2.48 52.81 -69.28
C TRP H 4725 3.18 52.16 -70.45
N TYR H 4726 3.25 50.83 -70.43
CA TYR H 4726 3.91 50.09 -71.49
C TYR H 4726 3.20 50.22 -72.83
N MET H 4727 1.86 50.24 -72.79
CA MET H 4727 1.09 50.46 -74.00
C MET H 4727 1.30 51.86 -74.55
N THR H 4728 1.29 52.86 -73.67
CA THR H 4728 1.49 54.23 -74.15
C THR H 4728 2.90 54.45 -74.67
N MET H 4729 3.88 53.73 -74.13
CA MET H 4729 5.22 53.85 -74.69
C MET H 4729 5.34 53.15 -76.03
N SER H 4730 4.61 52.05 -76.24
CA SER H 4730 4.62 51.47 -77.58
C SER H 4730 3.91 52.38 -78.58
N VAL H 4731 2.88 53.11 -78.13
CA VAL H 4731 2.20 54.08 -79.00
C VAL H 4731 3.13 55.24 -79.35
N LEU H 4732 3.79 55.80 -78.35
CA LEU H 4732 4.65 56.94 -78.61
C LEU H 4732 6.02 56.53 -79.12
N GLY H 4733 6.26 55.24 -79.32
CA GLY H 4733 7.36 54.82 -80.16
C GLY H 4733 6.87 54.54 -81.57
N HIS H 4734 5.59 54.20 -81.70
CA HIS H 4734 4.98 54.12 -83.02
C HIS H 4734 4.93 55.49 -83.68
N TYR H 4735 4.82 56.56 -82.89
CA TYR H 4735 4.96 57.89 -83.43
C TYR H 4735 6.41 58.22 -83.79
N ASN H 4736 7.27 58.25 -82.78
CA ASN H 4736 8.70 58.49 -82.94
C ASN H 4736 9.43 57.26 -82.41
N ASN H 4737 10.07 56.51 -83.29
CA ASN H 4737 10.76 55.31 -82.85
C ASN H 4737 12.13 55.58 -82.25
N PHE H 4738 12.49 56.83 -81.99
CA PHE H 4738 13.71 57.11 -81.25
C PHE H 4738 13.63 56.53 -79.84
N PHE H 4739 12.71 57.03 -79.03
CA PHE H 4739 12.52 56.45 -77.69
C PHE H 4739 11.44 55.38 -77.70
N PHE H 4740 11.54 54.47 -78.65
CA PHE H 4740 10.83 53.22 -78.53
C PHE H 4740 11.67 52.18 -77.79
N ALA H 4741 12.93 52.50 -77.51
CA ALA H 4741 13.83 51.61 -76.79
C ALA H 4741 13.56 51.55 -75.29
N ALA H 4742 12.56 52.25 -74.79
CA ALA H 4742 12.31 52.23 -73.36
C ALA H 4742 11.69 50.93 -72.87
N HIS H 4743 11.38 50.00 -73.76
CA HIS H 4743 10.83 48.72 -73.36
C HIS H 4743 11.87 47.71 -72.94
N LEU H 4744 13.11 48.15 -72.72
CA LEU H 4744 14.12 47.28 -72.15
C LEU H 4744 13.94 47.12 -70.65
N LEU H 4745 13.04 47.90 -70.04
CA LEU H 4745 12.80 47.84 -68.60
C LEU H 4745 12.20 46.51 -68.19
N ASP H 4746 11.54 45.80 -69.12
CA ASP H 4746 10.86 44.55 -68.79
C ASP H 4746 11.80 43.41 -68.45
N ILE H 4747 13.11 43.58 -68.68
CA ILE H 4747 14.03 42.54 -68.25
C ILE H 4747 14.10 42.50 -66.73
N ALA H 4748 13.97 43.66 -66.09
CA ALA H 4748 13.79 43.71 -64.65
C ALA H 4748 12.47 43.06 -64.27
N MET H 4749 11.36 43.66 -64.71
CA MET H 4749 10.02 43.18 -64.36
C MET H 4749 9.75 41.91 -65.14
N GLY H 4750 10.28 40.80 -64.66
CA GLY H 4750 10.06 39.58 -65.41
C GLY H 4750 11.17 38.55 -65.48
N PHE H 4751 12.30 38.77 -64.81
CA PHE H 4751 13.28 37.70 -64.73
C PHE H 4751 13.55 37.28 -63.29
N LYS H 4752 12.97 37.98 -62.32
CA LYS H 4752 12.74 37.52 -60.95
C LYS H 4752 14.00 37.38 -60.10
N THR H 4753 15.16 37.74 -60.61
CA THR H 4753 16.31 38.08 -59.78
C THR H 4753 16.76 39.51 -59.99
N LEU H 4754 16.66 40.00 -61.22
CA LEU H 4754 16.78 41.41 -61.47
C LEU H 4754 15.66 42.19 -60.81
N ARG H 4755 14.51 41.55 -60.59
CA ARG H 4755 13.44 42.16 -59.82
C ARG H 4755 13.89 42.42 -58.40
N THR H 4756 14.68 41.51 -57.83
CA THR H 4756 15.25 41.75 -56.51
C THR H 4756 16.30 42.84 -56.58
N ILE H 4757 17.01 42.92 -57.71
CA ILE H 4757 18.00 43.98 -57.89
C ILE H 4757 17.34 45.34 -57.91
N LEU H 4758 16.24 45.45 -58.62
CA LEU H 4758 15.54 46.72 -58.72
C LEU H 4758 14.67 47.02 -57.50
N SER H 4759 14.34 46.01 -56.70
CA SER H 4759 13.75 46.31 -55.40
C SER H 4759 14.82 46.81 -54.45
N SER H 4760 16.07 46.42 -54.70
CA SER H 4760 17.15 46.84 -53.81
C SER H 4760 17.60 48.27 -54.04
N VAL H 4761 17.01 48.99 -55.01
CA VAL H 4761 17.32 50.40 -55.15
C VAL H 4761 16.37 51.25 -54.32
N THR H 4762 15.26 50.70 -53.85
CA THR H 4762 14.26 51.47 -53.13
C THR H 4762 13.95 50.91 -51.76
N HIS H 4763 14.68 49.89 -51.31
CA HIS H 4763 14.49 49.34 -49.98
C HIS H 4763 14.85 50.38 -48.92
N ASN H 4764 16.05 50.93 -49.01
CA ASN H 4764 16.52 51.90 -48.04
C ASN H 4764 16.34 53.33 -48.54
N GLY H 4765 15.08 53.76 -48.69
CA GLY H 4765 14.83 55.04 -49.32
C GLY H 4765 15.21 56.22 -48.46
N LYS H 4766 14.66 56.29 -47.24
CA LYS H 4766 14.87 57.45 -46.39
C LYS H 4766 16.31 57.55 -45.91
N GLN H 4767 17.01 56.42 -45.81
CA GLN H 4767 18.42 56.47 -45.45
C GLN H 4767 19.23 57.05 -46.59
N LEU H 4768 18.98 56.59 -47.81
CA LEU H 4768 19.81 56.98 -48.93
C LEU H 4768 19.58 58.44 -49.30
N VAL H 4769 18.33 58.89 -49.23
CA VAL H 4769 18.02 60.28 -49.55
C VAL H 4769 18.63 61.22 -48.52
N LEU H 4770 18.56 60.85 -47.24
CA LEU H 4770 19.16 61.67 -46.21
C LEU H 4770 20.67 61.67 -46.31
N THR H 4771 21.28 60.56 -46.75
CA THR H 4771 22.74 60.54 -46.86
C THR H 4771 23.21 61.38 -48.04
N VAL H 4772 22.47 61.34 -49.15
CA VAL H 4772 22.83 62.16 -50.30
C VAL H 4772 22.64 63.63 -49.97
N GLY H 4773 21.60 63.97 -49.21
CA GLY H 4773 21.46 65.33 -48.72
C GLY H 4773 22.59 65.76 -47.82
N LEU H 4774 23.08 64.83 -46.99
CA LEU H 4774 24.23 65.11 -46.14
C LEU H 4774 25.48 65.39 -46.98
N LEU H 4775 25.65 64.65 -48.06
CA LEU H 4775 26.81 64.87 -48.93
C LEU H 4775 26.71 66.22 -49.61
N ALA H 4776 25.50 66.60 -50.01
CA ALA H 4776 25.30 67.92 -50.60
C ALA H 4776 25.61 69.02 -49.61
N VAL H 4777 25.30 68.82 -48.33
CA VAL H 4777 25.62 69.80 -47.32
C VAL H 4777 27.12 69.94 -47.14
N VAL H 4778 27.85 68.82 -47.15
CA VAL H 4778 29.31 68.89 -47.00
C VAL H 4778 29.94 69.59 -48.20
N VAL H 4779 29.45 69.29 -49.39
CA VAL H 4779 29.95 69.93 -50.61
C VAL H 4779 29.67 71.42 -50.59
N TYR H 4780 28.48 71.81 -50.13
CA TYR H 4780 28.11 73.22 -50.03
C TYR H 4780 28.98 73.95 -49.03
N LEU H 4781 29.32 73.30 -47.92
CA LEU H 4781 30.17 73.97 -46.94
C LEU H 4781 31.58 74.17 -47.47
N TYR H 4782 32.10 73.17 -48.18
CA TYR H 4782 33.40 73.39 -48.79
C TYR H 4782 33.33 74.41 -49.91
N THR H 4783 32.18 74.55 -50.56
CA THR H 4783 31.99 75.61 -51.53
C THR H 4783 32.06 76.97 -50.85
N VAL H 4784 31.53 77.07 -49.64
CA VAL H 4784 31.64 78.31 -48.87
C VAL H 4784 33.09 78.64 -48.57
N VAL H 4785 33.87 77.64 -48.17
CA VAL H 4785 35.27 77.89 -47.84
C VAL H 4785 36.05 78.28 -49.09
N ALA H 4786 35.86 77.52 -50.18
CA ALA H 4786 36.60 77.79 -51.41
C ALA H 4786 36.22 79.14 -52.02
N PHE H 4787 34.96 79.55 -51.86
CA PHE H 4787 34.55 80.89 -52.25
C PHE H 4787 35.25 81.94 -51.43
N ASN H 4788 35.28 81.77 -50.12
CA ASN H 4788 35.71 82.87 -49.29
C ASN H 4788 37.21 82.95 -49.14
N PHE H 4789 37.96 81.93 -49.58
CA PHE H 4789 39.40 81.99 -49.37
C PHE H 4789 40.28 81.53 -50.52
N PHE H 4790 39.76 80.90 -51.56
CA PHE H 4790 40.67 80.25 -52.50
C PHE H 4790 40.30 80.37 -53.97
N ARG H 4791 39.64 81.45 -54.37
CA ARG H 4791 39.17 81.51 -55.75
C ARG H 4791 40.25 81.88 -56.74
N LYS H 4792 41.49 82.10 -56.30
CA LYS H 4792 42.60 82.37 -57.19
C LYS H 4792 43.25 81.11 -57.74
N PHE H 4793 42.52 80.00 -57.74
CA PHE H 4793 43.03 78.74 -58.24
C PHE H 4793 42.14 78.16 -59.31
N TYR H 4794 41.33 78.98 -59.96
CA TYR H 4794 40.27 78.53 -60.84
C TYR H 4794 40.53 79.06 -62.24
N ASN H 4795 41.19 78.25 -63.07
CA ASN H 4795 41.38 78.56 -64.48
C ASN H 4795 41.27 77.26 -65.27
N LYS H 4796 40.12 77.08 -65.92
CA LYS H 4796 39.99 75.99 -66.88
C LYS H 4796 40.83 76.24 -68.12
N SER H 4797 41.09 77.51 -68.42
CA SER H 4797 41.78 77.90 -69.64
C SER H 4797 43.24 77.48 -69.57
N GLU H 4798 43.88 77.49 -70.74
CA GLU H 4798 45.29 77.16 -70.85
C GLU H 4798 46.09 78.44 -70.65
N ASP H 4799 46.91 78.46 -69.59
CA ASP H 4799 47.92 79.46 -69.26
C ASP H 4799 47.33 80.79 -68.80
N GLY H 4800 46.01 80.96 -68.89
CA GLY H 4800 45.35 82.14 -68.37
C GLY H 4800 45.43 83.39 -69.21
N ASP H 4801 46.42 83.51 -70.10
CA ASP H 4801 46.45 84.62 -71.03
C ASP H 4801 45.42 84.44 -72.13
N THR H 4802 45.18 83.19 -72.52
CA THR H 4802 43.96 82.80 -73.19
C THR H 4802 42.77 83.14 -72.29
N PRO H 4803 41.53 83.39 -72.86
CA PRO H 4803 40.50 84.11 -72.10
C PRO H 4803 39.98 83.36 -70.89
N ASP H 4804 40.72 83.56 -69.79
CA ASP H 4804 40.62 82.74 -68.59
C ASP H 4804 39.23 82.77 -67.95
N MET H 4805 38.80 81.61 -67.47
CA MET H 4805 37.51 81.42 -66.86
C MET H 4805 37.71 80.98 -65.42
N LYS H 4806 36.95 81.60 -64.51
CA LYS H 4806 37.02 81.20 -63.12
C LYS H 4806 35.75 80.49 -62.71
N CYS H 4807 35.72 80.05 -61.46
CA CYS H 4807 34.55 79.43 -60.88
C CYS H 4807 34.33 79.96 -59.48
N ASP H 4808 34.29 81.29 -59.36
CA ASP H 4808 34.14 81.94 -58.06
C ASP H 4808 32.71 82.06 -57.54
N ASP H 4809 31.76 82.30 -58.44
CA ASP H 4809 30.36 82.45 -58.05
C ASP H 4809 29.87 81.26 -57.21
N MET H 4810 29.12 81.57 -56.15
CA MET H 4810 28.59 80.55 -55.26
C MET H 4810 27.86 79.44 -55.99
N LEU H 4811 26.98 79.81 -56.92
CA LEU H 4811 26.22 78.84 -57.69
C LEU H 4811 27.10 78.08 -58.67
N THR H 4812 28.16 78.73 -59.15
CA THR H 4812 29.08 78.10 -60.09
C THR H 4812 30.05 77.13 -59.41
N CYS H 4813 30.75 77.61 -58.39
CA CYS H 4813 31.71 76.75 -57.70
C CYS H 4813 31.04 75.49 -57.18
N TYR H 4814 29.77 75.62 -56.78
CA TYR H 4814 29.00 74.50 -56.27
C TYR H 4814 28.79 73.45 -57.35
N MET H 4815 28.32 73.86 -58.53
CA MET H 4815 28.13 72.89 -59.59
C MET H 4815 29.46 72.39 -60.12
N PHE H 4816 30.53 73.17 -59.96
CA PHE H 4816 31.86 72.68 -60.29
C PHE H 4816 32.28 71.53 -59.40
N HIS H 4817 32.11 71.66 -58.09
CA HIS H 4817 32.52 70.57 -57.19
C HIS H 4817 31.62 69.37 -57.35
N MET H 4818 30.35 69.60 -57.69
CA MET H 4818 29.45 68.48 -57.97
C MET H 4818 29.90 67.69 -59.19
N TYR H 4819 30.01 68.35 -60.35
CA TYR H 4819 30.33 67.61 -61.55
C TYR H 4819 31.75 67.09 -61.54
N VAL H 4820 32.67 67.84 -60.97
CA VAL H 4820 34.07 67.51 -61.11
C VAL H 4820 34.56 66.78 -59.88
N GLY H 4821 34.37 67.39 -58.70
CA GLY H 4821 35.02 66.88 -57.51
C GLY H 4821 34.43 65.59 -56.97
N VAL H 4822 33.14 65.38 -57.18
CA VAL H 4822 32.47 64.19 -56.65
C VAL H 4822 32.94 62.94 -57.39
N ARG H 4823 32.80 62.94 -58.71
CA ARG H 4823 33.22 61.78 -59.48
C ARG H 4823 34.69 61.81 -59.82
N ALA H 4824 35.51 62.56 -59.07
CA ALA H 4824 36.91 62.74 -59.45
C ALA H 4824 37.73 61.48 -59.19
N GLY H 4825 37.76 61.02 -57.95
CA GLY H 4825 38.61 59.92 -57.55
C GLY H 4825 39.89 60.40 -56.91
N GLY H 4826 40.45 61.48 -57.40
CA GLY H 4826 41.61 62.07 -56.77
C GLY H 4826 41.21 63.17 -55.81
N GLY H 4827 39.96 63.18 -55.40
CA GLY H 4827 39.47 64.23 -54.52
C GLY H 4827 39.18 65.51 -55.26
N ILE H 4828 40.05 66.51 -55.08
CA ILE H 4828 40.00 67.71 -55.89
C ILE H 4828 41.35 68.10 -56.45
N GLY H 4829 42.46 67.59 -55.92
CA GLY H 4829 43.79 68.05 -56.24
C GLY H 4829 44.26 67.72 -57.65
N ASP H 4830 43.52 66.90 -58.38
CA ASP H 4830 43.83 66.73 -59.79
C ASP H 4830 43.39 67.95 -60.59
N GLU H 4831 42.10 68.24 -60.58
CA GLU H 4831 41.51 69.18 -61.53
C GLU H 4831 41.47 70.59 -60.97
N ILE H 4832 42.62 71.05 -60.48
CA ILE H 4832 42.71 72.34 -59.80
C ILE H 4832 44.18 72.72 -59.74
N GLU H 4833 44.45 74.00 -59.48
CA GLU H 4833 45.82 74.45 -59.32
C GLU H 4833 46.43 73.87 -58.05
N ASP H 4834 47.71 73.59 -58.10
CA ASP H 4834 48.40 73.12 -56.92
C ASP H 4834 49.32 74.19 -56.35
N PRO H 4835 49.51 74.22 -55.03
CA PRO H 4835 50.46 75.18 -54.46
C PRO H 4835 51.89 74.76 -54.71
N ALA H 4836 52.75 75.74 -54.94
CA ALA H 4836 54.15 75.52 -55.23
C ALA H 4836 55.00 76.52 -54.45
N GLY H 4837 54.61 76.81 -53.22
CA GLY H 4837 55.34 77.77 -52.41
C GLY H 4837 54.58 79.05 -52.16
N ASP H 4838 53.26 78.95 -52.04
CA ASP H 4838 52.39 80.09 -51.79
C ASP H 4838 52.39 80.39 -50.29
N GLU H 4839 51.69 81.45 -49.89
CA GLU H 4839 51.39 81.66 -48.47
C GLU H 4839 50.50 80.55 -47.93
N TYR H 4840 49.40 80.28 -48.63
CA TYR H 4840 48.35 79.41 -48.14
C TYR H 4840 48.55 77.96 -48.51
N GLU H 4841 49.82 77.53 -48.65
CA GLU H 4841 50.13 76.18 -49.11
C GLU H 4841 49.68 75.12 -48.12
N ILE H 4842 49.94 75.35 -46.84
CA ILE H 4842 49.63 74.35 -45.83
C ILE H 4842 48.13 74.24 -45.61
N TYR H 4843 47.45 75.39 -45.61
CA TYR H 4843 45.99 75.39 -45.54
C TYR H 4843 45.39 74.72 -46.77
N ARG H 4844 46.06 74.89 -47.91
CA ARG H 4844 45.61 74.25 -49.14
C ARG H 4844 45.68 72.74 -49.04
N ILE H 4845 46.79 72.22 -48.51
CA ILE H 4845 46.94 70.77 -48.44
C ILE H 4845 46.00 70.19 -47.39
N ILE H 4846 45.75 70.94 -46.32
CA ILE H 4846 44.74 70.51 -45.34
C ILE H 4846 43.37 70.46 -45.98
N PHE H 4847 43.02 71.46 -46.79
CA PHE H 4847 41.75 71.48 -47.49
C PHE H 4847 41.62 70.31 -48.45
N ASP H 4848 42.71 70.00 -49.14
CA ASP H 4848 42.73 68.90 -50.10
C ASP H 4848 42.54 67.55 -49.43
N ILE H 4849 43.28 67.30 -48.35
CA ILE H 4849 43.22 66.01 -47.66
C ILE H 4849 41.87 65.83 -46.98
N THR H 4850 41.33 66.89 -46.40
CA THR H 4850 40.02 66.75 -45.76
C THR H 4850 38.91 66.55 -46.77
N PHE H 4851 39.03 67.16 -47.95
CA PHE H 4851 38.06 66.87 -49.01
C PHE H 4851 38.15 65.42 -49.44
N PHE H 4852 39.39 64.92 -49.60
CA PHE H 4852 39.63 63.54 -50.01
C PHE H 4852 39.02 62.54 -49.04
N PHE H 4853 39.32 62.72 -47.76
CA PHE H 4853 38.76 61.85 -46.73
C PHE H 4853 37.26 61.98 -46.63
N PHE H 4854 36.76 63.16 -46.31
CA PHE H 4854 35.34 63.26 -46.03
C PHE H 4854 34.46 63.23 -47.28
N VAL H 4855 35.01 62.99 -48.47
CA VAL H 4855 34.10 62.65 -49.55
C VAL H 4855 34.43 61.29 -50.14
N ILE H 4856 35.63 61.14 -50.70
CA ILE H 4856 35.87 59.97 -51.54
C ILE H 4856 36.14 58.74 -50.69
N VAL H 4857 36.78 58.91 -49.53
CA VAL H 4857 37.06 57.77 -48.68
C VAL H 4857 35.78 57.28 -48.02
N ILE H 4858 35.04 58.19 -47.39
CA ILE H 4858 33.94 57.75 -46.54
C ILE H 4858 32.62 57.65 -47.30
N LEU H 4859 32.16 58.77 -47.89
CA LEU H 4859 30.75 58.87 -48.23
C LEU H 4859 30.37 58.03 -49.44
N LEU H 4860 31.26 57.90 -50.41
CA LEU H 4860 31.01 56.98 -51.51
C LEU H 4860 30.96 55.55 -51.02
N ALA H 4861 31.79 55.22 -50.04
CA ALA H 4861 31.73 53.89 -49.46
C ALA H 4861 30.44 53.72 -48.65
N ILE H 4862 29.90 54.80 -48.09
CA ILE H 4862 28.63 54.71 -47.37
C ILE H 4862 27.52 54.35 -48.32
N ILE H 4863 27.50 55.01 -49.49
CA ILE H 4863 26.44 54.74 -50.46
C ILE H 4863 26.57 53.32 -51.00
N GLN H 4864 27.79 52.91 -51.33
CA GLN H 4864 28.03 51.55 -51.80
C GLN H 4864 27.63 50.52 -50.76
N GLY H 4865 28.00 50.76 -49.50
CA GLY H 4865 27.68 49.81 -48.46
C GLY H 4865 26.20 49.74 -48.16
N LEU H 4866 25.50 50.85 -48.33
CA LEU H 4866 24.06 50.84 -48.13
C LEU H 4866 23.37 50.00 -49.20
N ILE H 4867 23.84 50.10 -50.45
CA ILE H 4867 23.21 49.31 -51.51
C ILE H 4867 23.55 47.82 -51.36
N ILE H 4868 24.80 47.51 -51.02
CA ILE H 4868 25.16 46.10 -50.89
C ILE H 4868 24.57 45.51 -49.61
N ASP H 4869 24.30 46.33 -48.61
CA ASP H 4869 23.56 45.88 -47.44
C ASP H 4869 22.13 45.53 -47.79
N ALA H 4870 21.51 46.34 -48.67
CA ALA H 4870 20.16 46.02 -49.12
C ALA H 4870 20.13 44.71 -49.90
N PHE H 4871 21.15 44.45 -50.72
CA PHE H 4871 21.22 43.17 -51.41
C PHE H 4871 21.41 41.99 -50.47
N GLY H 4872 22.29 42.14 -49.49
CA GLY H 4872 22.49 41.06 -48.53
C GLY H 4872 21.21 40.72 -47.79
N GLU H 4873 20.44 41.73 -47.37
CA GLU H 4873 19.22 41.46 -46.65
C GLU H 4873 18.15 40.86 -47.55
N LEU H 4874 18.08 41.30 -48.81
CA LEU H 4874 17.09 40.71 -49.71
C LEU H 4874 17.38 39.24 -50.01
N ARG H 4875 18.64 38.92 -50.29
CA ARG H 4875 18.96 37.52 -50.52
C ARG H 4875 18.82 36.69 -49.26
N ASP H 4876 19.03 37.30 -48.10
CA ASP H 4876 18.81 36.59 -46.84
C ASP H 4876 17.33 36.30 -46.63
N GLN H 4877 16.45 37.21 -47.04
CA GLN H 4877 15.03 36.95 -46.90
C GLN H 4877 14.56 35.86 -47.86
N GLN H 4878 15.10 35.86 -49.10
CA GLN H 4878 14.80 34.78 -50.04
C GLN H 4878 15.22 33.43 -49.48
N GLU H 4879 16.44 33.37 -48.94
CA GLU H 4879 16.95 32.13 -48.39
C GLU H 4879 16.21 31.73 -47.12
N GLN H 4880 15.71 32.68 -46.34
CA GLN H 4880 15.00 32.31 -45.13
C GLN H 4880 13.63 31.76 -45.44
N VAL H 4881 12.98 32.30 -46.49
CA VAL H 4881 11.75 31.71 -47.02
C VAL H 4881 12.00 30.27 -47.45
N LYS H 4882 13.04 30.07 -48.26
CA LYS H 4882 13.29 28.70 -48.72
C LYS H 4882 13.93 27.82 -47.66
N GLU H 4883 14.28 28.37 -46.50
CA GLU H 4883 14.70 27.53 -45.39
C GLU H 4883 13.50 27.07 -44.58
N ASP H 4884 12.73 28.00 -44.06
CA ASP H 4884 11.59 27.61 -43.24
C ASP H 4884 10.40 27.13 -44.04
N MET H 4885 10.53 27.04 -45.36
CA MET H 4885 9.68 26.15 -46.12
C MET H 4885 10.19 24.73 -46.16
N GLU H 4886 11.26 24.40 -45.45
CA GLU H 4886 11.74 23.02 -45.46
C GLU H 4886 12.15 22.46 -44.11
N THR H 4887 12.08 23.22 -43.03
CA THR H 4887 12.31 22.64 -41.71
C THR H 4887 11.14 22.83 -40.78
N LYS H 4888 10.02 23.32 -41.28
CA LYS H 4888 8.82 23.46 -40.48
C LYS H 4888 7.61 23.11 -41.31
N CYS H 4889 6.57 22.64 -40.64
CA CYS H 4889 5.26 22.75 -41.24
C CYS H 4889 4.80 24.20 -41.13
N PHE H 4890 4.03 24.62 -42.13
CA PHE H 4890 3.48 25.96 -42.08
C PHE H 4890 2.39 26.09 -41.03
N ILE H 4891 1.74 24.98 -40.67
CA ILE H 4891 0.55 25.01 -39.83
C ILE H 4891 0.85 24.56 -38.42
N CYS H 4892 1.26 23.31 -38.25
CA CYS H 4892 1.54 22.86 -36.89
C CYS H 4892 2.86 23.38 -36.39
N GLY H 4893 3.71 23.87 -37.29
CA GLY H 4893 4.85 24.70 -36.95
C GLY H 4893 5.89 24.06 -36.06
N ILE H 4894 6.02 22.74 -36.11
CA ILE H 4894 6.78 22.02 -35.11
C ILE H 4894 8.26 22.04 -35.44
N GLY H 4895 8.64 21.46 -36.56
CA GLY H 4895 10.04 21.28 -36.87
C GLY H 4895 10.23 20.13 -37.80
N ASN H 4896 11.47 19.97 -38.23
CA ASN H 4896 11.83 18.86 -39.11
C ASN H 4896 12.24 17.64 -38.32
N ASP H 4897 12.98 17.86 -37.24
CA ASP H 4897 13.66 16.79 -36.52
C ASP H 4897 12.67 15.84 -35.85
N TYR H 4898 11.55 16.36 -35.37
CA TYR H 4898 10.58 15.52 -34.69
C TYR H 4898 9.89 14.58 -35.66
N PHE H 4899 9.79 14.96 -36.92
CA PHE H 4899 9.22 14.11 -37.93
C PHE H 4899 10.27 13.33 -38.69
N ASP H 4900 11.40 13.06 -38.05
CA ASP H 4900 12.46 12.31 -38.66
C ASP H 4900 12.95 11.15 -37.82
N THR H 4901 12.35 10.93 -36.65
CA THR H 4901 12.55 9.66 -35.96
C THR H 4901 12.06 8.52 -36.82
N VAL H 4902 10.86 8.65 -37.35
CA VAL H 4902 10.44 7.82 -38.47
C VAL H 4902 11.19 8.28 -39.72
N PRO H 4903 11.78 7.37 -40.49
CA PRO H 4903 12.44 7.77 -41.73
C PRO H 4903 11.45 8.33 -42.74
N HIS H 4904 11.89 9.34 -43.49
CA HIS H 4904 11.16 9.97 -44.59
C HIS H 4904 9.88 10.66 -44.10
N GLY H 4905 9.82 10.93 -42.80
CA GLY H 4905 8.56 11.22 -42.13
C GLY H 4905 8.02 12.61 -42.37
N PHE H 4906 8.92 13.60 -42.38
CA PHE H 4906 8.50 14.99 -42.57
C PHE H 4906 7.92 15.19 -43.96
N GLU H 4907 8.45 14.49 -44.94
CA GLU H 4907 7.89 14.57 -46.28
C GLU H 4907 6.50 13.93 -46.32
N THR H 4908 6.32 12.84 -45.58
CA THR H 4908 4.97 12.32 -45.41
C THR H 4908 4.14 13.23 -44.52
N HIS H 4909 4.78 13.93 -43.58
CA HIS H 4909 4.04 14.88 -42.76
C HIS H 4909 3.60 16.10 -43.56
N THR H 4910 4.15 16.30 -44.76
CA THR H 4910 3.48 17.18 -45.70
C THR H 4910 3.36 16.53 -47.07
N LEU H 4911 2.90 15.29 -47.10
CA LEU H 4911 2.22 14.72 -48.24
C LEU H 4911 0.88 14.15 -47.87
N GLN H 4912 0.67 13.86 -46.60
CA GLN H 4912 -0.55 13.30 -46.08
C GLN H 4912 -1.17 14.18 -45.00
N GLU H 4913 -0.38 14.69 -44.07
CA GLU H 4913 -0.93 15.20 -42.83
C GLU H 4913 -1.56 16.58 -43.00
N HIS H 4914 -0.78 17.58 -43.39
CA HIS H 4914 -1.31 18.94 -43.47
C HIS H 4914 -1.48 19.43 -44.90
N ASN H 4915 -0.41 19.36 -45.71
CA ASN H 4915 -0.32 19.48 -47.17
C ASN H 4915 -1.28 20.49 -47.79
N LEU H 4916 -1.00 21.77 -47.50
CA LEU H 4916 -1.86 22.94 -47.46
C LEU H 4916 -2.96 23.03 -48.52
N ALA H 4917 -2.72 22.41 -49.67
CA ALA H 4917 -3.74 22.27 -50.70
C ALA H 4917 -5.01 21.58 -50.21
N ASN H 4918 -4.88 20.67 -49.25
CA ASN H 4918 -6.08 19.94 -48.85
C ASN H 4918 -7.01 20.77 -48.00
N TYR H 4919 -6.50 21.74 -47.23
CA TYR H 4919 -7.42 22.65 -46.54
C TYR H 4919 -8.20 23.49 -47.54
N LEU H 4920 -7.56 23.90 -48.62
CA LEU H 4920 -8.23 24.59 -49.72
C LEU H 4920 -9.32 23.72 -50.33
N PHE H 4921 -8.98 22.46 -50.60
CA PHE H 4921 -9.91 21.53 -51.21
C PHE H 4921 -11.09 21.24 -50.28
N PHE H 4922 -10.79 20.96 -49.02
CA PHE H 4922 -11.82 20.66 -48.03
C PHE H 4922 -12.72 21.85 -47.78
N LEU H 4923 -12.17 23.06 -47.88
CA LEU H 4923 -13.04 24.21 -47.72
C LEU H 4923 -13.97 24.35 -48.92
N MET H 4924 -13.46 24.03 -50.11
CA MET H 4924 -14.32 23.98 -51.29
C MET H 4924 -15.42 22.94 -51.13
N TYR H 4925 -15.05 21.79 -50.56
CA TYR H 4925 -15.98 20.71 -50.28
C TYR H 4925 -17.07 21.13 -49.32
N LEU H 4926 -16.72 21.92 -48.32
CA LEU H 4926 -17.73 22.40 -47.38
C LEU H 4926 -18.65 23.42 -48.02
N ILE H 4927 -18.10 24.29 -48.87
CA ILE H 4927 -18.94 25.28 -49.53
C ILE H 4927 -19.92 24.61 -50.46
N ASN H 4928 -19.47 23.60 -51.18
CA ASN H 4928 -20.25 23.10 -52.29
C ASN H 4928 -21.34 22.13 -51.86
N LYS H 4929 -21.16 21.42 -50.75
CA LYS H 4929 -22.23 20.57 -50.26
C LYS H 4929 -23.38 21.38 -49.69
N ASP H 4930 -24.51 20.71 -49.53
CA ASP H 4930 -25.65 21.30 -48.87
C ASP H 4930 -25.37 21.44 -47.38
N GLU H 4931 -26.23 22.21 -46.72
CA GLU H 4931 -26.04 22.42 -45.30
C GLU H 4931 -26.44 21.21 -44.49
N THR H 4932 -27.50 20.53 -44.93
CA THR H 4932 -28.22 19.58 -44.09
C THR H 4932 -27.51 18.26 -43.90
N GLU H 4933 -26.39 18.03 -44.58
CA GLU H 4933 -25.74 16.74 -44.51
C GLU H 4933 -24.35 16.83 -43.90
N HIS H 4934 -24.13 17.84 -43.08
CA HIS H 4934 -22.87 17.96 -42.39
C HIS H 4934 -22.82 16.96 -41.26
N THR H 4935 -21.64 16.44 -40.97
CA THR H 4935 -21.47 15.61 -39.79
C THR H 4935 -21.31 16.53 -38.59
N GLY H 4936 -20.89 15.96 -37.46
CA GLY H 4936 -20.60 16.78 -36.30
C GLY H 4936 -19.41 17.67 -36.53
N GLN H 4937 -18.34 17.12 -37.11
CA GLN H 4937 -17.14 17.89 -37.35
C GLN H 4937 -17.34 18.89 -38.46
N GLU H 4938 -18.11 18.51 -39.46
CA GLU H 4938 -18.32 19.40 -40.59
C GLU H 4938 -19.18 20.59 -40.20
N SER H 4939 -20.23 20.35 -39.43
CA SER H 4939 -21.01 21.45 -38.90
C SER H 4939 -20.21 22.25 -37.90
N TYR H 4940 -19.29 21.60 -37.18
CA TYR H 4940 -18.46 22.31 -36.20
C TYR H 4940 -17.52 23.28 -36.88
N VAL H 4941 -16.81 22.81 -37.89
CA VAL H 4941 -15.89 23.64 -38.64
C VAL H 4941 -16.63 24.74 -39.39
N TRP H 4942 -17.79 24.41 -39.96
CA TRP H 4942 -18.60 25.42 -40.62
C TRP H 4942 -19.06 26.47 -39.64
N LYS H 4943 -19.38 26.07 -38.42
CA LYS H 4943 -19.81 27.01 -37.41
C LYS H 4943 -18.66 27.91 -36.98
N MET H 4944 -17.48 27.35 -36.76
CA MET H 4944 -16.31 28.14 -36.38
C MET H 4944 -15.96 29.13 -37.47
N TYR H 4945 -16.05 28.69 -38.72
CA TYR H 4945 -15.75 29.56 -39.85
C TYR H 4945 -16.78 30.65 -40.02
N GLN H 4946 -18.05 30.36 -39.71
CA GLN H 4946 -18.99 31.47 -39.68
C GLN H 4946 -18.78 32.35 -38.47
N GLU H 4947 -18.13 31.84 -37.45
CA GLU H 4947 -17.85 32.61 -36.26
C GLU H 4947 -16.57 33.42 -36.37
N ARG H 4948 -15.63 32.98 -37.19
CA ARG H 4948 -14.31 33.60 -37.39
C ARG H 4948 -13.55 33.68 -36.07
N CYS H 4949 -13.21 32.52 -35.52
CA CYS H 4949 -12.52 32.50 -34.24
C CYS H 4949 -11.29 31.60 -34.16
N TRP H 4950 -11.15 30.61 -35.05
CA TRP H 4950 -9.87 30.03 -35.46
C TRP H 4950 -9.08 29.37 -34.34
N GLU H 4951 -9.69 28.35 -33.78
CA GLU H 4951 -8.99 27.57 -32.79
C GLU H 4951 -8.82 26.13 -33.23
N PHE H 4952 -9.51 25.71 -34.29
CA PHE H 4952 -9.40 24.36 -34.78
C PHE H 4952 -8.14 24.11 -35.59
N PHE H 4953 -7.44 25.13 -36.03
CA PHE H 4953 -6.13 24.91 -36.61
C PHE H 4953 -5.17 24.53 -35.50
N PRO H 4954 -4.40 23.45 -35.65
CA PRO H 4954 -3.57 22.98 -34.55
C PRO H 4954 -2.37 23.90 -34.36
N ALA H 4955 -2.16 24.35 -33.13
CA ALA H 4955 -1.06 25.25 -32.87
C ALA H 4955 0.27 24.50 -32.81
N GLY H 4956 0.40 23.58 -31.87
CA GLY H 4956 1.59 22.77 -31.74
C GLY H 4956 1.28 21.32 -31.46
N ASP H 4957 0.20 20.82 -32.05
CA ASP H 4957 -0.45 19.58 -31.64
C ASP H 4957 -0.75 18.70 -32.86
N CYS H 4958 0.29 18.26 -33.55
CA CYS H 4958 0.09 17.21 -34.53
C CYS H 4958 -0.37 15.91 -33.87
N PHE H 4959 -0.93 15.04 -34.70
CA PHE H 4959 -1.56 13.79 -34.24
C PHE H 4959 -0.56 12.87 -33.56
N ARG H 4960 0.65 12.75 -34.14
CA ARG H 4960 1.64 11.82 -33.62
C ARG H 4960 2.14 12.24 -32.25
N LYS H 4961 2.10 13.54 -31.95
CA LYS H 4961 2.46 14.04 -30.63
C LYS H 4961 1.48 13.58 -29.57
N GLN H 4962 0.22 13.39 -29.97
CA GLN H 4962 -0.81 13.06 -28.99
C GLN H 4962 -0.61 11.67 -28.41
N TYR H 4963 0.03 10.78 -29.15
CA TYR H 4963 0.03 9.37 -28.78
C TYR H 4963 1.46 8.88 -28.58
N GLU H 4964 1.56 7.64 -28.11
CA GLU H 4964 2.85 6.98 -27.97
C GLU H 4964 2.75 5.65 -28.68
N LEU I 5 -77.04 -10.99 -68.13
CA LEU I 5 -78.42 -11.05 -67.69
C LEU I 5 -79.20 -9.83 -68.17
N THR I 6 -80.43 -10.04 -68.61
CA THR I 6 -81.28 -8.97 -69.11
C THR I 6 -82.43 -8.71 -68.14
N GLU I 7 -82.99 -7.52 -68.26
CA GLU I 7 -83.80 -6.95 -67.19
C GLU I 7 -85.21 -7.51 -67.20
N GLU I 8 -85.87 -7.49 -68.36
CA GLU I 8 -87.25 -7.93 -68.42
C GLU I 8 -87.38 -9.43 -68.30
N GLN I 9 -86.32 -10.19 -68.57
CA GLN I 9 -86.34 -11.60 -68.23
C GLN I 9 -86.44 -11.80 -66.73
N ILE I 10 -85.67 -11.02 -65.96
CA ILE I 10 -85.74 -11.05 -64.51
C ILE I 10 -87.13 -10.62 -64.04
N ALA I 11 -87.69 -9.60 -64.70
CA ALA I 11 -89.03 -9.13 -64.37
C ALA I 11 -90.08 -10.20 -64.61
N GLU I 12 -89.99 -10.89 -65.75
CA GLU I 12 -90.93 -11.94 -66.08
C GLU I 12 -90.81 -13.13 -65.14
N PHE I 13 -89.58 -13.49 -64.76
CA PHE I 13 -89.37 -14.63 -63.86
C PHE I 13 -89.92 -14.33 -62.48
N LYS I 14 -89.68 -13.11 -62.01
CA LYS I 14 -90.24 -12.67 -60.72
C LYS I 14 -91.76 -12.65 -60.76
N GLU I 15 -92.34 -12.13 -61.84
CA GLU I 15 -93.79 -12.04 -61.95
C GLU I 15 -94.42 -13.41 -62.07
N ALA I 16 -93.77 -14.35 -62.73
CA ALA I 16 -94.32 -15.70 -62.83
C ALA I 16 -94.23 -16.44 -61.50
N PHE I 17 -93.10 -16.30 -60.80
CA PHE I 17 -92.95 -16.95 -59.51
C PHE I 17 -93.93 -16.41 -58.49
N SER I 18 -94.12 -15.09 -58.46
CA SER I 18 -95.08 -14.51 -57.54
C SER I 18 -96.51 -14.75 -58.00
N LEU I 19 -96.72 -14.90 -59.32
CA LEU I 19 -98.04 -15.19 -59.85
C LEU I 19 -98.51 -16.57 -59.41
N PHE I 20 -97.63 -17.55 -59.43
CA PHE I 20 -98.00 -18.86 -58.92
C PHE I 20 -97.66 -19.00 -57.43
N ASP I 21 -97.25 -17.92 -56.79
CA ASP I 21 -97.19 -17.87 -55.34
C ASP I 21 -98.50 -17.25 -54.86
N LYS I 22 -98.86 -17.55 -53.63
CA LYS I 22 -100.07 -17.01 -53.03
C LYS I 22 -99.78 -16.15 -51.80
N ASP I 23 -99.02 -16.68 -50.83
CA ASP I 23 -98.78 -15.94 -49.60
C ASP I 23 -97.70 -14.89 -49.78
N GLY I 24 -96.66 -15.18 -50.56
CA GLY I 24 -95.71 -14.17 -50.97
C GLY I 24 -94.39 -14.14 -50.24
N ASP I 25 -94.07 -15.17 -49.45
CA ASP I 25 -92.80 -15.24 -48.74
C ASP I 25 -91.85 -16.25 -49.35
N GLY I 26 -91.82 -16.36 -50.68
CA GLY I 26 -90.94 -17.31 -51.35
C GLY I 26 -91.30 -18.75 -51.13
N THR I 27 -92.59 -19.05 -50.97
CA THR I 27 -93.07 -20.38 -50.60
C THR I 27 -94.13 -20.81 -51.60
N ILE I 28 -93.70 -21.51 -52.64
CA ILE I 28 -94.63 -22.22 -53.52
C ILE I 28 -94.41 -23.71 -53.31
N THR I 29 -95.26 -24.54 -53.92
CA THR I 29 -95.14 -25.98 -53.78
C THR I 29 -94.07 -26.53 -54.75
N THR I 30 -93.68 -27.78 -54.53
CA THR I 30 -92.67 -28.40 -55.38
C THR I 30 -93.24 -28.79 -56.74
N LYS I 31 -94.48 -29.29 -56.75
CA LYS I 31 -95.09 -29.72 -58.01
C LYS I 31 -95.45 -28.55 -58.91
N ALA I 32 -95.55 -27.34 -58.37
CA ALA I 32 -95.83 -26.19 -59.22
C ALA I 32 -94.59 -25.69 -59.93
N LEU I 33 -93.44 -26.33 -59.72
CA LEU I 33 -92.24 -26.00 -60.47
C LEU I 33 -92.43 -26.30 -61.95
N GLY I 34 -93.01 -27.46 -62.26
CA GLY I 34 -93.30 -27.77 -63.65
C GLY I 34 -94.32 -26.83 -64.26
N THR I 35 -95.30 -26.41 -63.47
CA THR I 35 -96.31 -25.47 -63.95
C THR I 35 -95.71 -24.09 -64.20
N VAL I 36 -94.83 -23.63 -63.30
CA VAL I 36 -94.28 -22.30 -63.46
C VAL I 36 -93.22 -22.31 -64.56
N MET I 37 -92.56 -23.45 -64.79
CA MET I 37 -91.60 -23.52 -65.87
C MET I 37 -92.29 -23.61 -67.23
N ARG I 38 -93.39 -24.36 -67.31
CA ARG I 38 -94.13 -24.40 -68.56
C ARG I 38 -94.93 -23.13 -68.81
N SER I 39 -95.18 -22.33 -67.76
CA SER I 39 -95.66 -20.97 -68.00
C SER I 39 -94.54 -20.11 -68.54
N LEU I 40 -93.30 -20.41 -68.18
CA LEU I 40 -92.12 -19.74 -68.70
C LEU I 40 -91.58 -20.43 -69.95
N GLY I 41 -92.32 -21.38 -70.52
CA GLY I 41 -91.89 -22.07 -71.72
C GLY I 41 -90.88 -23.16 -71.51
N GLN I 42 -90.52 -23.48 -70.28
CA GLN I 42 -89.52 -24.50 -69.98
C GLN I 42 -90.22 -25.82 -69.71
N ASN I 43 -89.76 -26.88 -70.36
CA ASN I 43 -90.32 -28.22 -70.14
C ASN I 43 -89.22 -29.26 -70.31
N PRO I 44 -88.48 -29.55 -69.25
CA PRO I 44 -87.59 -30.71 -69.25
C PRO I 44 -88.37 -31.96 -68.88
N THR I 45 -87.64 -33.06 -68.72
CA THR I 45 -88.30 -34.31 -68.37
C THR I 45 -88.63 -34.35 -66.87
N GLU I 46 -89.21 -35.46 -66.44
CA GLU I 46 -89.67 -35.58 -65.07
C GLU I 46 -88.50 -35.75 -64.09
N ALA I 47 -87.52 -36.58 -64.45
CA ALA I 47 -86.37 -36.80 -63.58
C ALA I 47 -85.50 -35.56 -63.50
N GLU I 48 -85.47 -34.73 -64.55
CA GLU I 48 -84.71 -33.50 -64.50
C GLU I 48 -85.39 -32.47 -63.62
N LEU I 49 -86.73 -32.41 -63.67
CA LEU I 49 -87.50 -31.61 -62.71
C LEU I 49 -87.24 -32.07 -61.28
N GLN I 50 -87.17 -33.38 -61.07
CA GLN I 50 -86.91 -33.92 -59.74
C GLN I 50 -85.48 -33.60 -59.28
N ASP I 51 -84.52 -33.68 -60.19
CA ASP I 51 -83.14 -33.34 -59.87
C ASP I 51 -82.98 -31.86 -59.54
N MET I 52 -83.75 -31.00 -60.22
CA MET I 52 -83.68 -29.59 -59.91
C MET I 52 -84.42 -29.25 -58.62
N ILE I 53 -85.47 -30.00 -58.28
CA ILE I 53 -86.10 -29.84 -56.96
C ILE I 53 -85.14 -30.31 -55.86
N ASN I 54 -84.45 -31.43 -56.09
CA ASN I 54 -83.47 -31.92 -55.14
C ASN I 54 -82.21 -31.07 -55.11
N GLU I 55 -82.01 -30.23 -56.13
CA GLU I 55 -80.97 -29.21 -56.06
C GLU I 55 -81.35 -28.11 -55.08
N VAL I 56 -82.65 -27.84 -54.94
CA VAL I 56 -83.14 -26.83 -54.00
C VAL I 56 -83.21 -27.41 -52.59
N ASN I 61 -87.02 -29.20 -49.57
CA ASN I 61 -87.49 -28.28 -48.56
C ASN I 61 -89.00 -28.08 -48.60
N GLY I 62 -89.56 -28.16 -49.80
CA GLY I 62 -90.98 -27.95 -50.00
C GLY I 62 -91.35 -26.57 -50.50
N THR I 63 -90.55 -25.55 -50.19
CA THR I 63 -90.82 -24.18 -50.62
C THR I 63 -89.65 -23.73 -51.48
N ILE I 64 -89.90 -23.54 -52.77
CA ILE I 64 -88.86 -23.13 -53.70
C ILE I 64 -88.50 -21.67 -53.45
N ASP I 65 -87.23 -21.40 -53.21
CA ASP I 65 -86.81 -20.04 -52.91
C ASP I 65 -86.50 -19.30 -54.20
N PHE I 66 -86.36 -18.00 -54.09
CA PHE I 66 -86.27 -17.15 -55.26
C PHE I 66 -84.90 -17.11 -55.95
N PRO I 67 -83.73 -16.86 -55.26
CA PRO I 67 -82.50 -16.60 -56.03
C PRO I 67 -81.91 -17.81 -56.70
N ALA I 68 -81.96 -18.98 -56.05
CA ALA I 68 -81.46 -20.19 -56.66
C ALA I 68 -82.29 -20.62 -57.86
N PHE I 69 -83.59 -20.32 -57.83
CA PHE I 69 -84.41 -20.45 -59.02
C PHE I 69 -83.89 -19.59 -60.16
N LEU I 70 -83.51 -18.35 -59.85
CA LEU I 70 -82.91 -17.47 -60.83
C LEU I 70 -81.57 -18.01 -61.31
N THR I 71 -80.82 -18.68 -60.43
CA THR I 71 -79.51 -19.19 -60.79
C THR I 71 -79.61 -20.38 -61.73
N MET I 72 -80.54 -21.30 -61.45
CA MET I 72 -80.74 -22.45 -62.32
C MET I 72 -81.30 -22.01 -63.66
N MET I 73 -82.24 -21.05 -63.66
CA MET I 73 -82.75 -20.51 -64.90
C MET I 73 -81.65 -19.77 -65.67
N ALA I 74 -80.72 -19.15 -64.96
CA ALA I 74 -79.56 -18.54 -65.58
C ALA I 74 -78.66 -19.58 -66.22
N ARG I 75 -78.52 -20.76 -65.59
CA ARG I 75 -77.74 -21.83 -66.20
C ARG I 75 -78.37 -22.29 -67.51
N LYS I 76 -79.69 -22.54 -67.48
CA LYS I 76 -80.40 -23.03 -68.66
C LYS I 76 -80.41 -21.98 -69.78
N MET I 77 -80.42 -20.70 -69.43
CA MET I 77 -80.40 -19.66 -70.45
C MET I 77 -79.00 -19.47 -71.01
N LYS I 78 -77.99 -19.37 -70.14
CA LYS I 78 -76.62 -19.11 -70.57
C LYS I 78 -75.99 -20.31 -71.25
N ASP I 79 -76.62 -21.50 -71.18
CA ASP I 79 -76.20 -22.61 -72.03
C ASP I 79 -76.34 -22.25 -73.52
N THR I 80 -77.58 -21.97 -73.93
CA THR I 80 -77.85 -21.62 -75.34
C THR I 80 -77.20 -20.29 -75.69
N ASP I 81 -77.14 -19.37 -74.73
CA ASP I 81 -76.47 -18.11 -74.98
C ASP I 81 -74.97 -18.31 -75.18
N SER I 82 -74.36 -19.25 -74.47
CA SER I 82 -72.93 -19.53 -74.65
C SER I 82 -72.67 -20.16 -76.01
N GLU I 83 -73.59 -21.00 -76.48
CA GLU I 83 -73.44 -21.54 -77.84
C GLU I 83 -73.56 -20.44 -78.90
N GLU I 84 -74.55 -19.55 -78.76
CA GLU I 84 -74.68 -18.48 -79.74
C GLU I 84 -73.55 -17.45 -79.62
N GLU I 85 -72.99 -17.29 -78.43
CA GLU I 85 -71.88 -16.35 -78.27
C GLU I 85 -70.58 -16.92 -78.83
N ILE I 86 -70.36 -18.23 -78.70
CA ILE I 86 -69.19 -18.80 -79.33
C ILE I 86 -69.41 -18.89 -80.84
N ARG I 87 -70.66 -18.85 -81.29
CA ARG I 87 -70.92 -18.67 -82.70
C ARG I 87 -70.52 -17.27 -83.16
N GLU I 88 -71.09 -16.25 -82.52
CA GLU I 88 -70.92 -14.87 -82.97
C GLU I 88 -69.51 -14.36 -82.74
N ALA I 89 -68.79 -14.92 -81.76
CA ALA I 89 -67.44 -14.45 -81.46
C ALA I 89 -66.47 -14.84 -82.55
N PHE I 90 -66.69 -15.99 -83.19
CA PHE I 90 -65.88 -16.39 -84.32
C PHE I 90 -66.58 -16.17 -85.64
N ARG I 91 -67.77 -15.59 -85.63
CA ARG I 91 -68.27 -14.93 -86.82
C ARG I 91 -67.75 -13.51 -86.95
N VAL I 92 -67.02 -13.03 -85.95
CA VAL I 92 -66.27 -11.78 -86.10
C VAL I 92 -65.17 -11.98 -87.12
N PHE I 93 -64.36 -13.01 -86.91
CA PHE I 93 -63.35 -13.40 -87.87
C PHE I 93 -64.00 -14.41 -88.84
N ASP I 94 -63.24 -14.86 -89.83
CA ASP I 94 -63.49 -16.06 -90.62
C ASP I 94 -64.78 -15.98 -91.43
N LYS I 95 -64.86 -15.03 -92.35
CA LYS I 95 -66.09 -14.64 -93.04
C LYS I 95 -66.63 -15.70 -94.00
N ASP I 96 -65.90 -16.78 -94.24
CA ASP I 96 -66.31 -17.76 -95.25
C ASP I 96 -67.46 -18.64 -94.77
N GLY I 97 -67.38 -19.12 -93.52
CA GLY I 97 -68.41 -20.00 -93.00
C GLY I 97 -67.97 -21.43 -92.76
N ASN I 98 -66.73 -21.62 -92.29
CA ASN I 98 -66.25 -22.95 -91.96
C ASN I 98 -65.76 -23.09 -90.51
N GLY I 99 -65.68 -21.99 -89.76
CA GLY I 99 -65.26 -22.06 -88.37
C GLY I 99 -63.81 -22.41 -88.18
N TYR I 100 -62.97 -22.11 -89.16
CA TYR I 100 -61.60 -22.60 -89.20
C TYR I 100 -60.62 -21.45 -88.97
N ILE I 101 -59.69 -21.65 -88.05
CA ILE I 101 -58.86 -20.56 -87.54
C ILE I 101 -57.41 -20.86 -87.87
N SER I 102 -56.75 -19.92 -88.56
CA SER I 102 -55.33 -20.05 -88.85
C SER I 102 -54.52 -19.71 -87.60
N ALA I 103 -53.37 -20.39 -87.46
CA ALA I 103 -52.61 -20.30 -86.22
C ALA I 103 -51.88 -18.97 -86.08
N ALA I 104 -51.53 -18.32 -87.19
CA ALA I 104 -50.98 -16.96 -87.09
C ALA I 104 -52.05 -15.99 -86.60
N ALA I 105 -53.29 -16.16 -87.07
CA ALA I 105 -54.40 -15.42 -86.51
C ALA I 105 -54.69 -15.83 -85.08
N LEU I 106 -54.34 -17.06 -84.69
CA LEU I 106 -54.45 -17.43 -83.28
C LEU I 106 -53.43 -16.68 -82.43
N ARG I 107 -52.20 -16.53 -82.94
CA ARG I 107 -51.20 -15.69 -82.30
C ARG I 107 -51.66 -14.23 -82.23
N HIS I 108 -52.39 -13.77 -83.24
CA HIS I 108 -52.95 -12.42 -83.20
C HIS I 108 -54.04 -12.30 -82.14
N VAL I 109 -55.13 -13.07 -82.28
CA VAL I 109 -56.33 -12.82 -81.49
C VAL I 109 -56.32 -13.47 -80.12
N MET I 110 -55.35 -14.33 -79.84
CA MET I 110 -55.28 -14.93 -78.51
C MET I 110 -54.81 -13.92 -77.48
N THR I 111 -53.96 -12.97 -77.88
CA THR I 111 -53.57 -11.86 -77.02
C THR I 111 -54.61 -10.75 -77.04
N ASN I 112 -55.85 -11.11 -76.71
CA ASN I 112 -56.92 -10.13 -76.72
C ASN I 112 -57.16 -9.59 -75.32
N LEU I 113 -57.98 -8.54 -75.25
CA LEU I 113 -58.22 -7.85 -73.99
C LEU I 113 -59.05 -8.75 -73.07
N GLY I 114 -59.09 -8.36 -71.79
CA GLY I 114 -59.42 -9.34 -70.78
C GLY I 114 -58.16 -9.89 -70.15
N GLU I 115 -57.68 -11.03 -70.61
CA GLU I 115 -56.51 -11.64 -69.98
C GLU I 115 -55.23 -10.97 -70.42
N LYS I 116 -54.92 -11.05 -71.72
CA LYS I 116 -53.71 -10.58 -72.41
C LYS I 116 -52.38 -10.75 -71.66
N LEU I 117 -52.11 -11.94 -71.15
CA LEU I 117 -50.81 -12.23 -70.55
C LEU I 117 -49.79 -12.61 -71.61
N THR I 118 -48.67 -13.15 -71.15
CA THR I 118 -47.44 -13.22 -71.93
C THR I 118 -47.43 -14.33 -72.96
N ASP I 119 -46.26 -14.65 -73.51
CA ASP I 119 -46.11 -15.66 -74.54
C ASP I 119 -46.37 -17.08 -74.04
N GLU I 120 -46.44 -17.28 -72.72
CA GLU I 120 -46.74 -18.58 -72.13
C GLU I 120 -48.08 -19.11 -72.62
N GLU I 121 -49.09 -18.24 -72.63
CA GLU I 121 -50.44 -18.68 -72.96
C GLU I 121 -50.57 -18.96 -74.46
N VAL I 122 -49.93 -18.16 -75.30
CA VAL I 122 -50.07 -18.41 -76.74
C VAL I 122 -49.23 -19.61 -77.18
N ASP I 123 -48.10 -19.86 -76.49
CA ASP I 123 -47.38 -21.11 -76.72
C ASP I 123 -48.19 -22.29 -76.22
N GLU I 124 -48.94 -22.09 -75.12
CA GLU I 124 -49.81 -23.13 -74.59
C GLU I 124 -50.95 -23.45 -75.56
N MET I 125 -51.41 -22.48 -76.33
CA MET I 125 -52.42 -22.78 -77.33
C MET I 125 -51.79 -23.48 -78.53
N ILE I 126 -50.63 -22.98 -78.98
CA ILE I 126 -50.04 -23.46 -80.22
C ILE I 126 -49.44 -24.86 -80.08
N ARG I 127 -49.01 -25.26 -78.87
CA ARG I 127 -48.46 -26.60 -78.68
C ARG I 127 -49.50 -27.69 -78.92
N GLU I 128 -50.78 -27.38 -78.68
CA GLU I 128 -51.85 -28.34 -78.91
C GLU I 128 -53.08 -27.55 -79.32
N ALA I 129 -53.39 -27.65 -80.61
CA ALA I 129 -54.55 -27.02 -81.23
C ALA I 129 -55.14 -27.90 -82.33
N ASP I 130 -54.34 -28.88 -82.82
CA ASP I 130 -54.40 -29.49 -84.17
C ASP I 130 -54.29 -28.48 -85.33
N ILE I 131 -53.23 -28.55 -86.12
CA ILE I 131 -53.10 -27.55 -87.16
C ILE I 131 -52.89 -28.27 -88.48
N ASP I 132 -53.83 -28.12 -89.41
CA ASP I 132 -53.75 -28.82 -90.68
C ASP I 132 -52.67 -28.24 -91.60
N GLY I 135 -52.58 -22.31 -90.79
CA GLY I 135 -53.22 -23.61 -90.71
C GLY I 135 -54.58 -23.57 -90.03
N GLN I 136 -55.62 -23.96 -90.76
CA GLN I 136 -57.00 -23.72 -90.37
C GLN I 136 -57.45 -24.73 -89.31
N VAL I 137 -57.75 -24.24 -88.11
CA VAL I 137 -58.08 -25.08 -86.97
C VAL I 137 -59.56 -24.91 -86.64
N ASN I 138 -60.25 -26.03 -86.46
CA ASN I 138 -61.64 -25.98 -86.02
C ASN I 138 -61.70 -25.53 -84.57
N TYR I 139 -62.67 -24.65 -84.28
CA TYR I 139 -62.74 -23.99 -82.99
C TYR I 139 -63.28 -24.91 -81.90
N GLU I 140 -63.97 -25.98 -82.27
CA GLU I 140 -64.55 -26.84 -81.25
C GLU I 140 -63.48 -27.62 -80.50
N ALA I 141 -62.34 -27.88 -81.14
CA ALA I 141 -61.19 -28.42 -80.42
C ALA I 141 -60.68 -27.42 -79.38
N PHE I 142 -60.73 -26.13 -79.72
CA PHE I 142 -60.36 -25.10 -78.76
C PHE I 142 -61.34 -25.03 -77.60
N VAL I 143 -62.62 -25.24 -77.89
CA VAL I 143 -63.64 -25.24 -76.84
C VAL I 143 -63.46 -26.43 -75.92
N GLN I 144 -63.22 -27.61 -76.50
CA GLN I 144 -62.98 -28.80 -75.69
C GLN I 144 -61.68 -28.71 -74.91
N MET I 145 -60.70 -27.97 -75.44
CA MET I 145 -59.43 -27.79 -74.75
C MET I 145 -59.58 -26.90 -73.54
N MET I 146 -60.20 -25.73 -73.73
CA MET I 146 -60.21 -24.73 -72.67
C MET I 146 -61.17 -25.08 -71.55
N THR I 147 -62.31 -25.71 -71.88
CA THR I 147 -63.38 -25.97 -70.92
C THR I 147 -63.21 -27.30 -70.19
N ALA I 148 -61.98 -27.79 -70.06
CA ALA I 148 -61.60 -29.07 -69.44
C ALA I 148 -62.33 -30.26 -70.07
N GLY J 2 -28.82 74.48 106.65
CA GLY J 2 -27.96 73.40 106.21
C GLY J 2 -26.55 73.85 105.84
N VAL J 3 -26.44 75.04 105.27
CA VAL J 3 -25.16 75.56 104.81
C VAL J 3 -24.40 76.12 106.02
N GLU J 4 -23.08 75.98 106.00
CA GLU J 4 -22.22 76.35 107.12
C GLU J 4 -21.32 77.49 106.65
N ILE J 5 -21.85 78.70 106.72
CA ILE J 5 -21.21 79.85 106.10
C ILE J 5 -20.26 80.51 107.08
N GLU J 6 -18.98 80.42 106.78
CA GLU J 6 -17.95 81.20 107.44
C GLU J 6 -17.64 82.41 106.58
N THR J 7 -17.85 83.60 107.11
CA THR J 7 -17.45 84.81 106.42
C THR J 7 -15.93 84.87 106.36
N ILE J 8 -15.40 84.68 105.15
CA ILE J 8 -13.98 84.78 104.91
C ILE J 8 -13.58 86.24 105.10
N SER J 9 -14.10 87.11 104.23
CA SER J 9 -13.93 88.53 104.35
C SER J 9 -15.29 89.19 104.23
N PRO J 10 -15.68 90.05 105.15
CA PRO J 10 -16.99 90.68 105.07
C PRO J 10 -17.01 91.82 104.06
N GLY J 11 -18.22 92.24 103.74
CA GLY J 11 -18.43 93.47 103.02
C GLY J 11 -18.78 94.52 104.06
N ASP J 12 -20.07 94.80 104.22
CA ASP J 12 -20.54 95.50 105.40
C ASP J 12 -21.32 94.58 106.33
N GLY J 13 -21.64 93.36 105.91
CA GLY J 13 -22.30 92.39 106.76
C GLY J 13 -23.81 92.46 106.74
N ARG J 14 -24.36 93.67 106.62
CA ARG J 14 -25.78 93.89 106.80
C ARG J 14 -26.55 94.09 105.52
N THR J 15 -25.88 94.46 104.42
CA THR J 15 -26.61 94.76 103.18
C THR J 15 -26.75 93.46 102.37
N PHE J 16 -27.52 92.61 102.89
CA PHE J 16 -27.81 91.41 102.14
C PHE J 16 -28.94 91.68 101.15
N PRO J 17 -29.00 90.97 100.02
CA PRO J 17 -29.92 91.38 98.95
C PRO J 17 -31.40 91.12 99.22
N LYS J 18 -32.19 91.40 98.20
CA LYS J 18 -33.62 91.21 98.20
C LYS J 18 -33.98 90.47 96.91
N LYS J 19 -35.19 89.94 96.86
CA LYS J 19 -35.67 89.26 95.66
C LYS J 19 -35.84 90.24 94.51
N GLY J 20 -35.82 89.70 93.29
CA GLY J 20 -35.88 90.54 92.12
C GLY J 20 -34.59 91.26 91.81
N GLN J 21 -33.48 90.82 92.37
CA GLN J 21 -32.19 91.46 92.21
C GLN J 21 -31.19 90.47 91.62
N THR J 22 -30.43 90.92 90.64
CA THR J 22 -29.45 90.09 89.95
C THR J 22 -28.14 90.12 90.73
N CYS J 23 -27.64 88.94 91.11
CA CYS J 23 -26.57 88.81 92.07
C CYS J 23 -25.24 88.52 91.38
N VAL J 24 -24.24 89.35 91.65
CA VAL J 24 -22.96 89.33 90.94
C VAL J 24 -21.94 88.61 91.80
N VAL J 25 -21.45 87.47 91.32
CA VAL J 25 -20.54 86.64 92.10
C VAL J 25 -19.29 86.31 91.29
N HIS J 26 -18.23 85.94 92.02
CA HIS J 26 -17.04 85.28 91.46
C HIS J 26 -16.69 84.08 92.32
N TYR J 27 -17.32 82.96 92.05
CA TYR J 27 -17.14 81.76 92.86
C TYR J 27 -16.08 80.87 92.24
N THR J 28 -15.32 80.20 93.10
CA THR J 28 -14.36 79.19 92.68
C THR J 28 -14.55 77.93 93.53
N GLY J 29 -15.49 77.09 93.11
CA GLY J 29 -15.86 75.95 93.90
C GLY J 29 -14.98 74.74 93.61
N MET J 30 -14.65 74.00 94.66
CA MET J 30 -13.91 72.76 94.55
C MET J 30 -14.66 71.66 95.29
N LEU J 31 -14.08 70.48 95.32
CA LEU J 31 -14.72 69.38 96.02
C LEU J 31 -14.38 69.39 97.50
N GLN J 32 -14.91 68.39 98.19
CA GLN J 32 -14.45 68.04 99.52
C GLN J 32 -12.98 67.69 99.52
N ASN J 33 -12.52 66.98 98.50
CA ASN J 33 -11.16 66.49 98.42
C ASN J 33 -10.21 67.50 97.79
N GLY J 34 -10.58 68.77 97.76
CA GLY J 34 -9.73 69.80 97.19
C GLY J 34 -9.67 69.82 95.68
N LYS J 35 -10.41 68.94 95.00
CA LYS J 35 -10.39 68.91 93.55
C LYS J 35 -11.19 70.08 93.01
N LYS J 36 -10.52 71.01 92.35
CA LYS J 36 -11.19 72.15 91.76
C LYS J 36 -11.91 71.75 90.49
N PHE J 37 -13.15 72.21 90.33
CA PHE J 37 -13.93 71.82 89.17
C PHE J 37 -14.49 73.02 88.43
N ASP J 38 -14.84 74.08 89.15
CA ASP J 38 -15.42 75.26 88.53
C ASP J 38 -14.88 76.51 89.20
N SER J 39 -14.75 77.56 88.41
CA SER J 39 -14.24 78.83 88.92
C SER J 39 -14.74 79.94 88.00
N SER J 40 -15.76 80.66 88.45
CA SER J 40 -16.24 81.81 87.70
C SER J 40 -15.26 82.98 87.71
N ARG J 41 -14.30 82.96 88.64
CA ARG J 41 -13.10 83.80 88.50
C ARG J 41 -12.40 83.51 87.20
N ASP J 42 -12.29 82.24 86.85
CA ASP J 42 -11.21 81.79 85.98
C ASP J 42 -11.48 82.10 84.52
N ARG J 43 -12.72 82.26 84.12
CA ARG J 43 -13.01 82.70 82.77
C ARG J 43 -13.21 84.21 82.69
N ASN J 44 -12.89 84.93 83.77
CA ASN J 44 -12.96 86.39 83.86
C ASN J 44 -14.37 86.89 83.58
N LYS J 45 -15.30 86.40 84.36
CA LYS J 45 -16.69 86.69 84.05
C LYS J 45 -17.51 86.65 85.32
N PRO J 46 -18.11 87.77 85.71
CA PRO J 46 -19.01 87.77 86.87
C PRO J 46 -20.29 87.01 86.58
N PHE J 47 -20.42 85.83 87.18
CA PHE J 47 -21.64 85.06 87.04
C PHE J 47 -22.81 85.78 87.70
N LYS J 48 -23.97 85.73 87.07
CA LYS J 48 -25.13 86.46 87.53
C LYS J 48 -26.34 85.56 87.56
N PHE J 49 -27.23 85.81 88.51
CA PHE J 49 -28.42 84.97 88.70
C PHE J 49 -29.44 85.75 89.50
N ARG J 50 -30.65 85.19 89.58
CA ARG J 50 -31.78 85.87 90.19
C ARG J 50 -32.33 85.03 91.33
N ILE J 51 -32.34 85.62 92.53
CA ILE J 51 -33.06 85.03 93.65
C ILE J 51 -34.55 85.09 93.35
N GLY J 52 -35.24 83.97 93.60
CA GLY J 52 -36.66 83.86 93.31
C GLY J 52 -36.95 83.25 91.96
N LYS J 53 -36.11 83.53 90.96
CA LYS J 53 -36.16 82.75 89.73
C LYS J 53 -35.67 81.32 89.97
N GLN J 54 -34.76 81.15 90.92
CA GLN J 54 -34.34 79.86 91.49
C GLN J 54 -33.72 78.95 90.41
N GLU J 55 -32.59 79.42 89.90
CA GLU J 55 -31.79 78.63 88.97
C GLU J 55 -30.61 77.97 89.67
N VAL J 56 -29.89 78.72 90.50
CA VAL J 56 -28.75 78.20 91.22
C VAL J 56 -29.20 77.18 92.26
N ILE J 57 -28.25 76.39 92.79
CA ILE J 57 -28.62 75.37 93.76
C ILE J 57 -28.94 76.00 95.10
N LYS J 58 -29.54 75.20 95.97
CA LYS J 58 -30.33 75.73 97.07
C LYS J 58 -29.47 76.26 98.19
N GLY J 59 -28.34 75.61 98.48
CA GLY J 59 -27.44 76.13 99.50
C GLY J 59 -26.75 77.39 99.02
N PHE J 60 -26.43 77.43 97.73
CA PHE J 60 -25.95 78.65 97.10
C PHE J 60 -27.00 79.74 97.16
N GLU J 61 -28.28 79.36 97.09
CA GLU J 61 -29.37 80.32 97.23
C GLU J 61 -29.52 80.81 98.67
N GLU J 62 -29.28 79.94 99.65
CA GLU J 62 -29.31 80.39 101.04
C GLU J 62 -28.15 81.32 101.34
N GLY J 63 -26.99 81.07 100.73
CA GLY J 63 -25.90 82.01 100.81
C GLY J 63 -26.14 83.27 100.02
N ALA J 64 -27.04 83.22 99.03
CA ALA J 64 -27.34 84.40 98.22
C ALA J 64 -28.11 85.47 98.97
N ALA J 65 -28.77 85.12 100.06
CA ALA J 65 -29.47 86.09 100.89
C ALA J 65 -28.75 86.38 102.20
N GLN J 66 -27.57 85.81 102.39
CA GLN J 66 -26.86 85.96 103.66
C GLN J 66 -25.64 86.86 103.53
N MET J 67 -24.88 86.72 102.45
CA MET J 67 -23.72 87.57 102.24
C MET J 67 -24.14 88.99 101.90
N SER J 68 -23.19 89.91 102.01
CA SER J 68 -23.47 91.32 101.89
C SER J 68 -22.69 91.91 100.71
N LEU J 69 -22.74 93.23 100.61
CA LEU J 69 -22.13 93.99 99.51
C LEU J 69 -20.61 93.91 99.61
N GLY J 70 -20.01 93.02 98.84
CA GLY J 70 -18.58 92.81 98.89
C GLY J 70 -18.13 91.78 99.91
N GLN J 71 -18.95 90.80 100.22
CA GLN J 71 -18.62 89.83 101.25
C GLN J 71 -18.19 88.51 100.63
N ARG J 72 -17.10 87.95 101.12
CA ARG J 72 -16.58 86.68 100.67
C ARG J 72 -16.79 85.64 101.76
N ALA J 73 -17.30 84.48 101.38
CA ALA J 73 -17.66 83.48 102.38
C ALA J 73 -17.59 82.09 101.77
N LYS J 74 -17.45 81.09 102.63
CA LYS J 74 -17.36 79.70 102.24
C LYS J 74 -18.71 79.03 102.45
N LEU J 75 -19.31 78.58 101.36
CA LEU J 75 -20.65 78.01 101.39
C LEU J 75 -20.55 76.49 101.33
N THR J 76 -20.20 75.90 102.47
CA THR J 76 -20.13 74.46 102.57
C THR J 76 -21.53 73.87 102.58
N CYS J 77 -21.85 73.02 101.60
CA CYS J 77 -23.20 72.54 101.42
C CYS J 77 -23.26 71.02 101.55
N THR J 78 -24.44 70.55 101.84
CA THR J 78 -24.77 69.15 101.97
C THR J 78 -24.90 68.52 100.59
N PRO J 79 -24.40 67.30 100.38
CA PRO J 79 -24.65 66.61 99.11
C PRO J 79 -26.11 66.26 98.87
N ASP J 80 -26.97 66.36 99.88
CA ASP J 80 -28.41 66.36 99.61
C ASP J 80 -28.80 67.62 98.87
N VAL J 81 -28.21 68.75 99.25
CA VAL J 81 -28.54 70.04 98.65
C VAL J 81 -27.77 70.25 97.35
N ALA J 82 -26.82 69.36 97.05
CA ALA J 82 -26.09 69.35 95.79
C ALA J 82 -26.93 68.74 94.68
N TYR J 83 -26.28 68.34 93.59
CA TYR J 83 -26.96 67.69 92.47
C TYR J 83 -27.67 66.40 92.89
N GLY J 84 -27.20 65.75 93.94
CA GLY J 84 -27.99 64.71 94.56
C GLY J 84 -27.24 63.40 94.74
N ALA J 85 -28.00 62.34 95.03
CA ALA J 85 -27.40 61.03 95.18
C ALA J 85 -26.89 60.48 93.86
N THR J 86 -27.40 60.97 92.74
CA THR J 86 -26.81 60.68 91.45
C THR J 86 -25.64 61.60 91.17
N GLY J 87 -25.79 62.88 91.50
CA GLY J 87 -24.79 63.88 91.17
C GLY J 87 -24.96 64.37 89.75
N HIS J 88 -24.07 65.28 89.38
CA HIS J 88 -24.09 65.83 88.04
C HIS J 88 -23.63 64.77 87.05
N PRO J 89 -24.32 64.57 85.95
CA PRO J 89 -23.84 63.61 84.96
C PRO J 89 -22.64 64.12 84.19
N GLY J 90 -21.45 63.91 84.74
CA GLY J 90 -20.24 64.13 83.98
C GLY J 90 -19.15 64.80 84.77
N VAL J 91 -19.55 65.65 85.72
CA VAL J 91 -18.60 66.45 86.48
C VAL J 91 -18.58 66.03 87.93
N ILE J 92 -19.71 66.17 88.62
CA ILE J 92 -19.78 65.94 90.07
C ILE J 92 -20.06 64.46 90.29
N PRO J 93 -19.23 63.76 91.07
CA PRO J 93 -19.51 62.37 91.41
C PRO J 93 -20.73 62.26 92.30
N PRO J 94 -21.30 61.06 92.46
CA PRO J 94 -22.49 60.91 93.31
C PRO J 94 -22.21 61.22 94.78
N ASN J 95 -23.00 62.13 95.33
CA ASN J 95 -22.91 62.62 96.72
C ASN J 95 -21.51 63.13 97.04
N ALA J 96 -21.15 64.20 96.35
CA ALA J 96 -19.93 64.94 96.63
C ALA J 96 -20.29 66.15 97.47
N THR J 97 -19.66 66.25 98.65
CA THR J 97 -19.92 67.35 99.55
C THR J 97 -19.16 68.58 99.08
N LEU J 98 -19.90 69.64 98.80
CA LEU J 98 -19.35 70.77 98.07
C LEU J 98 -18.74 71.81 99.01
N ILE J 99 -17.63 72.39 98.58
CA ILE J 99 -16.93 73.44 99.32
C ILE J 99 -16.62 74.56 98.35
N PHE J 100 -17.12 75.75 98.63
CA PHE J 100 -17.10 76.84 97.67
C PHE J 100 -16.18 77.96 98.15
N ASP J 101 -16.13 79.04 97.35
CA ASP J 101 -15.50 80.29 97.75
C ASP J 101 -16.20 81.38 96.95
N VAL J 102 -17.22 81.99 97.55
CA VAL J 102 -18.16 82.83 96.83
C VAL J 102 -17.99 84.27 97.30
N GLU J 103 -17.96 85.21 96.36
CA GLU J 103 -17.78 86.61 96.66
C GLU J 103 -18.88 87.41 95.97
N LEU J 104 -19.89 87.81 96.73
CA LEU J 104 -21.01 88.58 96.18
C LEU J 104 -20.61 90.03 96.00
N LEU J 105 -20.92 90.59 94.83
CA LEU J 105 -20.35 91.88 94.45
C LEU J 105 -21.41 92.97 94.25
N ASN J 106 -22.39 92.77 93.37
CA ASN J 106 -23.31 93.86 93.03
C ASN J 106 -24.72 93.34 92.83
N LEU J 107 -25.65 94.29 92.78
CA LEU J 107 -27.07 94.02 92.69
C LEU J 107 -27.70 94.94 91.65
N GLU J 108 -28.91 94.59 91.23
CA GLU J 108 -29.67 95.44 90.32
C GLU J 108 -31.13 95.54 90.73
N GLN K 12 16.65 9.36 30.55
CA GLN K 12 17.89 8.68 30.16
C GLN K 12 18.97 8.96 31.18
N PHE K 13 19.31 10.23 31.32
CA PHE K 13 20.18 10.67 32.40
C PHE K 13 19.41 11.68 33.24
N LEU K 14 20.02 12.09 34.33
CA LEU K 14 19.36 12.95 35.30
C LEU K 14 19.86 14.36 35.08
N ARG K 15 19.15 15.12 34.28
CA ARG K 15 19.53 16.48 33.98
C ARG K 15 19.11 17.37 35.13
N THR K 16 19.78 18.52 35.25
CA THR K 16 19.47 19.51 36.28
C THR K 16 18.02 19.99 36.13
N ASP K 17 17.44 20.38 37.27
CA ASP K 17 16.19 21.12 37.35
C ASP K 17 15.00 20.26 36.93
N ASP K 18 15.08 18.97 37.23
CA ASP K 18 13.91 18.10 37.17
C ASP K 18 13.61 17.56 38.54
N GLU K 19 12.67 16.62 38.58
CA GLU K 19 12.01 16.23 39.81
C GLU K 19 12.14 14.74 40.02
N VAL K 20 12.82 14.37 41.10
CA VAL K 20 13.10 12.96 41.39
C VAL K 20 12.85 12.67 42.85
N VAL K 21 13.17 11.45 43.28
CA VAL K 21 12.96 10.98 44.63
C VAL K 21 14.23 10.29 45.12
N LEU K 22 14.15 9.73 46.31
CA LEU K 22 15.14 8.81 46.86
C LEU K 22 14.41 7.66 47.51
N GLN K 23 14.97 6.46 47.44
CA GLN K 23 14.17 5.30 47.77
C GLN K 23 15.06 4.15 48.22
N CYS K 24 14.49 3.29 49.07
CA CYS K 24 15.13 2.05 49.51
C CYS K 24 14.16 0.88 49.52
N THR K 25 14.62 -0.27 50.00
CA THR K 25 13.77 -1.40 50.35
C THR K 25 14.14 -1.84 51.75
N ALA K 26 13.15 -1.91 52.64
CA ALA K 26 13.40 -2.35 54.01
C ALA K 26 13.14 -3.85 54.10
N THR K 27 14.14 -4.58 54.59
CA THR K 27 14.09 -6.04 54.65
C THR K 27 14.15 -6.47 56.11
N ILE K 28 13.00 -6.83 56.67
CA ILE K 28 12.90 -7.40 58.01
C ILE K 28 12.00 -8.63 57.87
N HIS K 29 12.62 -9.82 57.84
CA HIS K 29 11.95 -11.12 57.73
C HIS K 29 11.09 -11.19 56.46
N LYS K 30 11.80 -11.17 55.33
CA LYS K 30 11.23 -11.28 53.98
C LYS K 30 10.26 -10.13 53.68
N GLU K 31 10.73 -8.91 53.93
CA GLU K 31 10.00 -7.72 53.52
C GLU K 31 10.69 -7.08 52.33
N GLN K 32 9.94 -6.81 51.28
CA GLN K 32 10.31 -5.80 50.32
C GLN K 32 9.57 -4.50 50.60
N GLN K 33 9.78 -4.01 51.82
CA GLN K 33 9.14 -2.78 52.26
C GLN K 33 9.82 -1.61 51.57
N LYS K 34 9.34 -1.25 50.38
CA LYS K 34 9.94 -0.17 49.60
C LYS K 34 9.54 1.17 50.18
N LEU K 35 10.37 1.68 51.06
CA LEU K 35 10.17 3.02 51.59
C LEU K 35 10.92 4.01 50.72
N CYS K 36 10.32 5.18 50.52
CA CYS K 36 10.97 6.28 49.84
C CYS K 36 11.18 7.41 50.85
N LEU K 37 11.64 8.55 50.36
CA LEU K 37 11.96 9.67 51.23
C LEU K 37 10.89 10.73 51.14
N ALA K 38 10.47 11.22 52.30
CA ALA K 38 9.54 12.34 52.39
C ALA K 38 9.96 13.23 53.54
N ALA K 39 9.49 14.47 53.48
CA ALA K 39 9.71 15.43 54.54
C ALA K 39 8.63 16.49 54.42
N GLU K 40 8.14 16.99 55.54
CA GLU K 40 7.08 17.96 55.48
C GLU K 40 7.60 19.39 55.53
N GLY K 41 8.57 19.66 56.40
CA GLY K 41 8.76 21.04 56.75
C GLY K 41 7.60 21.45 57.62
N PHE K 42 7.36 22.77 57.64
CA PHE K 42 6.12 23.37 58.14
C PHE K 42 5.86 23.00 59.60
N GLY K 43 6.75 23.48 60.46
CA GLY K 43 6.70 23.09 61.85
C GLY K 43 7.10 21.66 62.12
N ASN K 44 7.73 20.99 61.16
CA ASN K 44 8.21 19.62 61.34
C ASN K 44 9.45 19.49 60.47
N ARG K 45 10.61 19.76 61.06
CA ARG K 45 11.83 19.84 60.29
C ARG K 45 12.43 18.47 59.99
N LEU K 46 12.17 17.47 60.83
CA LEU K 46 12.83 16.20 60.66
C LEU K 46 12.17 15.39 59.56
N CYS K 47 12.99 14.80 58.71
CA CYS K 47 12.49 14.01 57.60
C CYS K 47 11.94 12.69 58.11
N PHE K 48 11.13 12.04 57.28
CA PHE K 48 10.47 10.81 57.71
C PHE K 48 10.27 9.92 56.50
N LEU K 49 9.43 8.91 56.66
CA LEU K 49 9.33 7.80 55.73
C LEU K 49 8.04 7.83 54.96
N GLU K 50 7.99 7.00 53.92
CA GLU K 50 6.78 6.78 53.14
C GLU K 50 6.96 5.46 52.40
N SER K 51 6.14 4.47 52.75
CA SER K 51 6.24 3.16 52.10
C SER K 51 5.58 3.22 50.72
N THR K 52 6.16 2.52 49.76
CA THR K 52 5.62 2.44 48.41
C THR K 52 5.38 1.00 47.98
N SER K 53 5.68 0.03 48.84
CA SER K 53 5.30 -1.35 48.57
C SER K 53 3.79 -1.53 48.59
N ASN K 54 3.10 -0.79 49.45
CA ASN K 54 1.67 -0.95 49.68
C ASN K 54 0.86 -0.05 48.75
N SER K 55 1.16 -0.12 47.46
CA SER K 55 0.66 0.86 46.51
C SER K 55 -0.81 0.66 46.24
N LYS K 56 -1.20 -0.55 45.82
CA LYS K 56 -2.60 -0.88 45.66
C LYS K 56 -3.33 -0.89 46.99
N ASN K 57 -2.62 -1.19 48.08
CA ASN K 57 -3.14 -1.05 49.43
C ASN K 57 -3.45 0.41 49.70
N VAL K 58 -2.42 1.25 49.73
CA VAL K 58 -2.57 2.67 50.06
C VAL K 58 -1.96 3.49 48.93
N PRO K 59 -2.71 4.37 48.31
CA PRO K 59 -2.12 5.38 47.45
C PRO K 59 -1.23 6.30 48.25
N PRO K 60 0.05 6.38 47.93
CA PRO K 60 0.99 7.13 48.77
C PRO K 60 0.85 8.63 48.56
N ASP K 61 1.01 9.36 49.65
CA ASP K 61 0.96 10.82 49.62
C ASP K 61 2.26 11.30 49.00
N LEU K 62 2.26 11.47 47.68
CA LEU K 62 3.49 11.63 46.92
C LEU K 62 3.85 13.09 46.69
N SER K 63 2.97 14.01 47.05
CA SER K 63 3.26 15.43 46.88
C SER K 63 4.36 15.91 47.81
N ILE K 64 4.49 15.28 48.98
CA ILE K 64 5.45 15.71 49.97
C ILE K 64 6.69 14.81 49.96
N CYS K 65 6.95 14.13 48.86
CA CYS K 65 8.10 13.24 48.73
C CYS K 65 9.12 13.72 47.73
N THR K 66 8.72 14.47 46.71
CA THR K 66 9.58 14.77 45.60
C THR K 66 10.60 15.85 45.98
N PHE K 67 11.56 16.06 45.08
CA PHE K 67 12.60 17.07 45.28
C PHE K 67 13.01 17.61 43.92
N VAL K 68 13.67 18.77 43.95
CA VAL K 68 14.13 19.45 42.75
C VAL K 68 15.61 19.77 42.91
N LEU K 69 16.41 19.40 41.92
CA LEU K 69 17.82 19.76 41.88
C LEU K 69 17.92 21.23 41.49
N GLU K 70 18.63 22.02 42.29
CA GLU K 70 18.91 23.39 41.87
C GLU K 70 20.21 23.50 41.12
N GLN K 71 21.25 22.81 41.58
CA GLN K 71 22.58 23.17 41.13
C GLN K 71 23.53 22.02 41.36
N SER K 72 24.27 21.65 40.32
CA SER K 72 25.35 20.69 40.41
C SER K 72 26.66 21.38 40.06
N LEU K 73 27.70 21.11 40.84
CA LEU K 73 29.02 21.63 40.55
C LEU K 73 30.03 20.57 40.94
N SER K 74 31.29 20.84 40.63
CA SER K 74 32.32 19.95 41.14
C SER K 74 32.71 20.38 42.55
N VAL K 75 33.55 19.56 43.18
CA VAL K 75 33.97 19.79 44.55
C VAL K 75 34.82 21.05 44.65
N ARG K 76 35.74 21.23 43.71
CA ARG K 76 36.51 22.46 43.66
C ARG K 76 35.63 23.64 43.28
N ALA K 77 34.60 23.40 42.46
CA ALA K 77 33.66 24.47 42.18
C ALA K 77 32.84 24.80 43.41
N LEU K 78 32.61 23.82 44.28
CA LEU K 78 31.98 24.11 45.56
C LEU K 78 32.91 24.94 46.44
N GLN K 79 34.22 24.71 46.36
CA GLN K 79 35.16 25.57 47.05
C GLN K 79 35.16 26.97 46.47
N GLU K 80 34.96 27.07 45.16
CA GLU K 80 34.88 28.35 44.48
C GLU K 80 33.67 29.14 44.96
N MET K 81 32.53 28.47 45.11
CA MET K 81 31.39 29.13 45.73
C MET K 81 31.69 29.48 47.18
N LEU K 82 32.42 28.63 47.88
CA LEU K 82 32.79 28.88 49.26
C LEU K 82 34.04 29.74 49.38
N ALA K 83 34.41 30.45 48.33
CA ALA K 83 35.29 31.60 48.51
C ALA K 83 34.66 32.61 49.44
N ASN K 84 33.36 32.85 49.31
CA ASN K 84 32.64 33.62 50.29
C ASN K 84 32.44 32.75 51.53
N GLY K 109 21.21 26.34 31.15
CA GLY K 109 22.38 25.75 31.77
C GLY K 109 22.08 24.42 32.42
N HIS K 110 21.19 23.64 31.79
CA HIS K 110 20.77 22.35 32.31
C HIS K 110 21.89 21.33 32.10
N ARG K 111 22.90 21.39 32.95
CA ARG K 111 23.97 20.44 32.83
C ARG K 111 23.55 19.11 33.44
N THR K 112 24.31 18.07 33.13
CA THR K 112 24.03 16.73 33.60
C THR K 112 25.05 16.34 34.65
N LEU K 113 24.56 15.87 35.79
CA LEU K 113 25.41 15.53 36.91
C LEU K 113 26.21 14.26 36.65
N LEU K 114 27.34 14.17 37.34
CA LEU K 114 28.28 13.07 37.22
C LEU K 114 28.63 12.60 38.62
N TYR K 115 29.10 11.36 38.74
CA TYR K 115 29.53 10.85 40.03
C TYR K 115 30.75 11.58 40.56
N GLY K 116 30.55 12.45 41.53
CA GLY K 116 31.63 13.26 42.03
C GLY K 116 31.26 14.72 41.98
N HIS K 117 29.97 14.98 41.77
CA HIS K 117 29.46 16.33 41.86
C HIS K 117 28.83 16.57 43.23
N ALA K 118 28.77 17.85 43.60
CA ALA K 118 28.04 18.29 44.77
C ALA K 118 26.74 18.92 44.31
N ILE K 119 25.64 18.56 44.95
CA ILE K 119 24.32 18.97 44.49
C ILE K 119 23.57 19.66 45.61
N LEU K 120 22.48 20.33 45.23
CA LEU K 120 21.45 20.78 46.13
C LEU K 120 20.22 19.89 46.01
N LEU K 121 19.35 19.98 47.01
CA LEU K 121 18.07 19.28 47.02
C LEU K 121 17.06 20.17 47.74
N ARG K 122 16.33 20.96 46.98
CA ARG K 122 15.22 21.66 47.60
C ARG K 122 14.02 20.73 47.68
N HIS K 123 13.22 20.90 48.72
CA HIS K 123 11.95 20.20 48.76
C HIS K 123 11.02 20.84 47.77
N SER K 124 10.49 20.03 46.86
CA SER K 124 9.74 20.55 45.72
C SER K 124 8.45 21.22 46.14
N TYR K 125 7.89 20.82 47.28
CA TYR K 125 6.70 21.47 47.78
C TYR K 125 7.01 22.69 48.64
N SER K 126 7.72 22.48 49.75
CA SER K 126 7.80 23.49 50.79
C SER K 126 8.76 24.61 50.44
N GLY K 127 9.66 24.39 49.50
CA GLY K 127 10.66 25.39 49.20
C GLY K 127 11.87 25.38 50.10
N MET K 128 11.85 24.58 51.16
CA MET K 128 13.01 24.47 52.01
C MET K 128 14.04 23.57 51.37
N TYR K 129 15.31 23.81 51.68
CA TYR K 129 16.40 23.02 51.15
C TYR K 129 16.77 21.93 52.14
N LEU K 130 17.09 20.76 51.61
CA LEU K 130 17.40 19.61 52.45
C LEU K 130 18.85 19.65 52.90
N CYS K 131 19.08 19.46 54.18
CA CYS K 131 20.40 19.68 54.75
C CYS K 131 20.70 18.58 55.75
N CYS K 132 21.75 18.80 56.53
CA CYS K 132 22.17 17.88 57.58
C CYS K 132 22.23 18.62 58.91
N LEU K 133 21.31 18.30 59.81
CA LEU K 133 21.32 18.95 61.11
C LEU K 133 22.47 18.46 61.97
N SER K 134 22.83 19.29 62.95
CA SER K 134 23.88 18.97 63.90
C SER K 134 23.33 18.45 65.22
N THR K 135 22.21 17.74 65.17
CA THR K 135 21.59 17.13 66.34
C THR K 135 21.39 15.65 66.10
N SER K 136 21.01 14.94 67.15
CA SER K 136 20.90 13.49 67.12
C SER K 136 19.63 13.06 67.81
N ARG K 137 19.30 11.77 67.65
CA ARG K 137 18.18 11.15 68.36
C ARG K 137 18.57 9.77 68.88
N LYS K 142 24.38 7.09 69.91
CA LYS K 142 25.58 7.14 69.09
C LYS K 142 25.84 8.55 68.60
N LEU K 143 26.45 8.66 67.42
CA LEU K 143 26.73 9.95 66.78
C LEU K 143 26.17 9.98 65.37
N ALA K 144 24.92 9.57 65.21
CA ALA K 144 24.24 9.66 63.93
C ALA K 144 23.48 10.98 63.88
N PHE K 145 23.85 11.84 62.93
CA PHE K 145 23.26 13.17 62.84
C PHE K 145 21.94 13.16 62.11
N ASP K 146 21.03 14.04 62.56
CA ASP K 146 19.69 14.11 62.06
C ASP K 146 19.65 14.86 60.74
N VAL K 147 18.59 14.64 59.99
CA VAL K 147 18.41 15.20 58.65
C VAL K 147 17.21 16.11 58.66
N GLY K 148 17.42 17.39 58.36
CA GLY K 148 16.37 18.37 58.44
C GLY K 148 16.28 19.21 57.18
N LEU K 149 15.24 20.03 57.13
CA LEU K 149 15.09 21.06 56.12
C LEU K 149 15.51 22.40 56.68
N GLN K 150 15.94 23.30 55.79
CA GLN K 150 16.33 24.63 56.23
C GLN K 150 16.11 25.61 55.08
N GLU K 151 16.54 26.85 55.31
CA GLU K 151 16.26 27.95 54.40
C GLU K 151 17.49 28.40 53.63
N ASP K 152 18.56 28.74 54.32
CA ASP K 152 19.67 29.43 53.69
C ASP K 152 20.59 28.45 52.99
N THR K 153 20.90 28.74 51.73
CA THR K 153 21.77 27.89 50.94
C THR K 153 23.24 28.05 51.27
N THR K 154 23.59 28.96 52.18
CA THR K 154 24.97 29.09 52.59
C THR K 154 25.38 27.92 53.46
N GLY K 155 26.68 27.68 53.53
CA GLY K 155 27.21 26.64 54.37
C GLY K 155 27.07 25.26 53.77
N GLU K 156 27.90 24.34 54.26
CA GLU K 156 28.01 23.01 53.70
C GLU K 156 26.91 22.07 54.14
N ALA K 157 25.89 22.57 54.82
CA ALA K 157 24.80 21.70 55.25
C ALA K 157 23.95 21.27 54.07
N CYS K 158 23.71 22.18 53.13
CA CYS K 158 22.78 21.93 52.04
C CYS K 158 23.34 21.02 50.95
N TRP K 159 24.59 20.60 51.05
CA TRP K 159 25.29 20.05 49.90
C TRP K 159 25.64 18.59 50.11
N TRP K 160 25.60 17.84 49.01
CA TRP K 160 25.73 16.40 49.04
C TRP K 160 26.57 15.95 47.85
N THR K 161 27.62 15.19 48.12
CA THR K 161 28.33 14.53 47.03
C THR K 161 27.61 13.25 46.65
N ILE K 162 27.99 12.73 45.49
CA ILE K 162 27.43 11.48 44.98
C ILE K 162 28.59 10.50 44.81
N HIS K 163 28.34 9.25 45.15
CA HIS K 163 29.35 8.24 44.98
C HIS K 163 28.75 7.01 44.31
N PRO K 164 29.51 6.33 43.46
CA PRO K 164 28.95 5.20 42.71
C PRO K 164 28.79 3.97 43.57
N ALA K 165 27.63 3.34 43.46
CA ALA K 165 27.45 2.01 44.03
C ALA K 165 27.70 0.92 43.00
N SER K 166 28.84 1.02 42.31
CA SER K 166 29.20 0.07 41.27
C SER K 166 30.72 -0.04 41.21
N LYS K 167 31.20 -1.28 41.14
CA LYS K 167 32.57 -1.46 40.70
C LYS K 167 32.72 -1.19 39.22
N GLN K 168 31.65 -1.33 38.44
CA GLN K 168 31.68 -1.12 37.00
C GLN K 168 31.64 0.36 36.67
N ARG K 169 30.55 1.01 37.02
CA ARG K 169 30.39 2.43 36.77
C ARG K 169 31.07 3.19 37.89
N SER K 170 31.85 4.19 37.52
CA SER K 170 32.77 4.81 38.46
C SER K 170 32.75 6.32 38.22
N GLU K 171 33.78 6.98 38.74
CA GLU K 171 33.85 8.43 38.78
C GLU K 171 33.89 9.03 37.38
N GLY K 172 33.37 10.25 37.26
CA GLY K 172 33.49 11.02 36.04
C GLY K 172 32.40 10.79 35.03
N GLU K 173 31.83 9.60 34.98
CA GLU K 173 30.81 9.32 33.98
C GLU K 173 29.42 9.68 34.52
N LYS K 174 28.42 9.52 33.66
CA LYS K 174 27.10 10.05 33.93
C LYS K 174 26.37 9.20 34.95
N VAL K 175 25.19 9.67 35.33
CA VAL K 175 24.30 8.91 36.18
C VAL K 175 23.05 8.63 35.38
N ARG K 176 22.87 7.37 35.01
CA ARG K 176 21.70 6.96 34.25
C ARG K 176 20.48 6.96 35.16
N VAL K 177 19.31 6.82 34.53
CA VAL K 177 18.08 6.70 35.29
C VAL K 177 18.09 5.40 36.07
N GLY K 178 17.82 5.50 37.37
CA GLY K 178 17.72 4.33 38.19
C GLY K 178 19.03 3.77 38.69
N ASP K 179 20.09 4.56 38.69
CA ASP K 179 21.34 4.07 39.22
C ASP K 179 21.33 4.13 40.74
N ASP K 180 21.79 3.04 41.36
CA ASP K 180 21.95 2.97 42.80
C ASP K 180 23.14 3.84 43.20
N LEU K 181 22.97 4.66 44.23
CA LEU K 181 24.01 5.61 44.57
C LEU K 181 24.02 5.90 46.05
N ILE K 182 25.15 6.42 46.49
CA ILE K 182 25.38 6.77 47.89
C ILE K 182 25.53 8.27 47.96
N LEU K 183 24.97 8.88 48.99
CA LEU K 183 25.04 10.32 49.18
C LEU K 183 25.79 10.64 50.45
N VAL K 184 26.76 11.54 50.34
CA VAL K 184 27.63 11.92 51.45
C VAL K 184 27.54 13.41 51.62
N SER K 185 27.31 13.86 52.86
CA SER K 185 27.29 15.29 53.13
C SER K 185 28.68 15.89 52.99
N VAL K 186 28.69 17.20 52.79
CA VAL K 186 29.95 17.91 52.72
C VAL K 186 30.44 18.24 54.11
N SER K 187 29.57 18.77 54.96
CA SER K 187 30.00 19.16 56.30
C SER K 187 30.18 17.95 57.20
N SER K 188 29.11 17.21 57.45
CA SER K 188 29.15 16.13 58.42
C SER K 188 29.89 14.92 57.88
N GLU K 189 29.99 14.80 56.56
CA GLU K 189 30.73 13.75 55.87
C GLU K 189 30.20 12.37 56.26
N ARG K 190 28.89 12.24 56.35
CA ARG K 190 28.25 11.02 56.76
C ARG K 190 27.36 10.51 55.64
N TYR K 191 27.10 9.21 55.67
CA TYR K 191 26.28 8.62 54.63
C TYR K 191 24.82 8.87 54.93
N LEU K 192 23.99 8.76 53.90
CA LEU K 192 22.56 9.05 54.05
C LEU K 192 21.90 7.78 54.55
N HIS K 193 22.07 7.53 55.83
CA HIS K 193 21.87 6.21 56.39
C HIS K 193 20.41 5.93 56.71
N LEU K 194 19.99 4.70 56.45
CA LEU K 194 18.68 4.21 56.85
C LEU K 194 18.84 3.35 58.09
N SER K 195 18.37 3.85 59.22
CA SER K 195 18.50 3.16 60.49
C SER K 195 17.23 2.39 60.82
N TYR K 196 17.21 1.77 61.99
CA TYR K 196 16.14 0.87 62.39
C TYR K 196 15.44 1.33 63.67
N LEU K 201 12.63 2.66 62.58
CA LEU K 201 13.24 2.97 61.29
C LEU K 201 13.56 4.44 61.15
N HIS K 202 14.81 4.80 61.43
CA HIS K 202 15.22 6.17 61.32
C HIS K 202 15.90 6.44 59.98
N VAL K 203 15.96 7.72 59.64
CA VAL K 203 16.74 8.22 58.52
C VAL K 203 17.64 9.31 59.06
N ASP K 204 18.94 9.14 58.90
CA ASP K 204 19.88 10.00 59.58
C ASP K 204 21.22 9.93 58.89
N ALA K 205 22.09 10.88 59.22
CA ALA K 205 23.42 10.93 58.67
C ALA K 205 24.36 10.16 59.58
N ALA K 206 24.97 9.10 59.06
CA ALA K 206 25.79 8.22 59.88
C ALA K 206 27.00 7.75 59.09
N PHE K 207 27.89 7.06 59.78
CA PHE K 207 29.13 6.56 59.22
C PHE K 207 28.97 5.25 58.47
N GLN K 208 27.77 4.70 58.42
CA GLN K 208 27.53 3.45 57.72
C GLN K 208 26.80 3.74 56.42
N GLN K 209 27.23 3.09 55.36
CA GLN K 209 26.69 3.33 54.04
C GLN K 209 25.27 2.80 53.93
N THR K 210 24.53 3.36 53.00
CA THR K 210 23.17 2.90 52.72
C THR K 210 22.88 3.21 51.26
N LEU K 211 22.45 2.19 50.51
CA LEU K 211 22.12 2.37 49.11
C LEU K 211 20.91 3.28 48.96
N TRP K 212 20.88 4.02 47.86
CA TRP K 212 19.77 4.91 47.55
C TRP K 212 19.55 4.93 46.05
N SER K 213 18.35 4.56 45.64
CA SER K 213 17.97 4.62 44.24
C SER K 213 17.26 5.93 43.96
N VAL K 214 17.30 6.34 42.69
CA VAL K 214 16.68 7.59 42.24
C VAL K 214 15.74 7.26 41.10
N ALA K 215 14.49 7.70 41.20
CA ALA K 215 13.56 7.52 40.11
C ALA K 215 13.02 8.88 39.66
N PRO K 216 12.76 9.06 38.37
CA PRO K 216 12.23 10.33 37.89
C PRO K 216 10.74 10.45 38.16
N ILE K 217 10.30 11.70 38.29
CA ILE K 217 8.89 12.02 38.54
C ILE K 217 8.32 12.88 37.41
N SER K 218 9.01 13.95 37.06
CA SER K 218 8.47 14.88 36.08
C SER K 218 9.62 15.69 35.49
N SER K 219 9.29 16.51 34.50
CA SER K 219 10.26 17.39 33.88
C SER K 219 9.54 18.59 33.27
N ALA K 224 3.99 21.03 29.03
CA ALA K 224 3.93 22.35 28.42
C ALA K 224 2.79 23.16 29.01
N GLN K 225 2.69 24.43 28.62
CA GLN K 225 1.77 25.34 29.28
C GLN K 225 0.34 25.09 28.81
N GLY K 226 -0.61 25.40 29.71
CA GLY K 226 -2.01 25.26 29.40
C GLY K 226 -2.47 23.84 29.24
N TYR K 227 -1.73 22.88 29.74
CA TYR K 227 -1.91 21.48 29.42
C TYR K 227 -1.93 20.66 30.70
N LEU K 228 -2.82 19.67 30.73
CA LEU K 228 -2.97 18.82 31.90
C LEU K 228 -1.72 18.00 32.17
N ILE K 229 -1.13 18.20 33.34
CA ILE K 229 0.13 17.60 33.74
C ILE K 229 -0.06 17.01 35.12
N GLY K 230 0.29 15.73 35.28
CA GLY K 230 -0.14 14.96 36.45
C GLY K 230 0.46 15.42 37.74
N GLY K 231 -0.10 14.91 38.84
CA GLY K 231 0.27 15.34 40.16
C GLY K 231 -0.26 16.70 40.56
N ASP K 232 -1.24 17.23 39.85
CA ASP K 232 -1.68 18.60 40.00
C ASP K 232 -2.99 18.67 40.77
N VAL K 233 -3.19 19.81 41.45
CA VAL K 233 -4.41 20.13 42.16
C VAL K 233 -5.20 21.13 41.32
N LEU K 234 -6.47 20.84 41.09
CA LEU K 234 -7.28 21.75 40.29
C LEU K 234 -8.75 21.65 40.66
N ARG K 235 -9.52 22.56 40.04
CA ARG K 235 -10.97 22.63 40.19
C ARG K 235 -11.65 21.80 39.12
N LEU K 236 -12.83 21.29 39.45
CA LEU K 236 -13.60 20.48 38.51
C LEU K 236 -14.92 21.19 38.23
N LEU K 237 -14.93 22.01 37.19
CA LEU K 237 -16.09 22.82 36.85
C LEU K 237 -17.23 21.96 36.33
N HIS K 238 -18.40 22.58 36.22
CA HIS K 238 -19.58 21.92 35.67
C HIS K 238 -20.23 22.70 34.53
N GLY K 239 -20.23 24.02 34.60
CA GLY K 239 -20.84 24.83 33.56
C GLY K 239 -20.95 26.29 33.95
N GLU K 243 -20.47 26.71 37.47
CA GLU K 243 -20.68 25.70 38.50
C GLU K 243 -19.45 24.79 38.60
N CYS K 244 -19.16 24.32 39.80
CA CYS K 244 -18.02 23.47 40.07
C CYS K 244 -18.41 22.36 41.04
N LEU K 245 -17.64 21.28 41.01
CA LEU K 245 -17.80 20.20 41.98
C LEU K 245 -17.45 20.69 43.37
N THR K 246 -18.22 20.24 44.36
CA THR K 246 -17.99 20.68 45.71
C THR K 246 -18.14 19.51 46.69
N VAL K 247 -17.73 19.78 47.92
CA VAL K 247 -18.02 19.00 49.12
C VAL K 247 -18.50 19.96 50.18
N PRO K 248 -19.57 19.59 50.91
CA PRO K 248 -20.21 20.54 51.84
C PRO K 248 -19.29 21.13 52.89
N SER K 249 -19.77 22.19 53.51
CA SER K 249 -18.92 23.21 54.13
C SER K 249 -18.37 22.82 55.49
N GLY K 250 -17.90 23.83 56.23
CA GLY K 250 -17.40 23.57 57.57
C GLY K 250 -18.51 23.08 58.48
N GLU K 251 -18.10 22.33 59.51
CA GLU K 251 -18.96 21.84 60.59
C GLU K 251 -20.07 20.91 60.07
N HIS K 252 -19.63 19.81 59.45
CA HIS K 252 -20.54 18.73 59.11
C HIS K 252 -20.02 17.41 59.63
N GLU K 255 -21.55 14.42 59.31
CA GLU K 255 -21.05 13.66 58.18
C GLU K 255 -19.57 13.45 58.30
N GLN K 256 -18.92 14.43 58.93
CA GLN K 256 -17.49 14.69 58.79
C GLN K 256 -17.09 14.77 57.32
N ARG K 257 -17.91 15.47 56.54
CA ARG K 257 -17.67 15.81 55.13
C ARG K 257 -17.44 14.57 54.27
N ARG K 258 -18.45 13.70 54.21
CA ARG K 258 -18.31 12.48 53.43
C ARG K 258 -19.29 12.41 52.28
N THR K 259 -20.20 13.36 52.18
CA THR K 259 -21.13 13.41 51.07
C THR K 259 -20.57 14.27 49.96
N VAL K 260 -21.12 14.08 48.76
CA VAL K 260 -20.65 14.74 47.56
C VAL K 260 -21.80 15.58 47.02
N HIS K 261 -21.49 16.79 46.56
CA HIS K 261 -22.50 17.68 46.02
C HIS K 261 -21.96 18.42 44.82
N TYR K 262 -22.86 19.16 44.18
CA TYR K 262 -22.51 20.17 43.20
C TYR K 262 -22.95 21.51 43.74
N GLU K 263 -22.30 22.57 43.25
CA GLU K 263 -22.70 23.90 43.67
C GLU K 263 -22.22 24.90 42.64
N GLY K 264 -23.12 25.77 42.23
CA GLY K 264 -22.72 26.92 41.45
C GLY K 264 -22.39 28.10 42.33
N GLY K 265 -21.92 29.16 41.72
CA GLY K 265 -21.59 30.34 42.47
C GLY K 265 -20.26 30.21 43.19
N ALA K 266 -19.99 31.22 44.02
CA ALA K 266 -18.68 31.37 44.65
C ALA K 266 -18.54 30.36 45.78
N VAL K 267 -18.27 29.12 45.37
CA VAL K 267 -17.62 28.14 46.24
C VAL K 267 -16.55 27.55 45.33
N SER K 268 -16.64 27.90 44.04
CA SER K 268 -15.74 27.37 43.03
C SER K 268 -14.33 27.88 43.22
N VAL K 269 -14.18 29.20 43.34
CA VAL K 269 -12.90 29.84 43.58
C VAL K 269 -12.34 29.43 44.93
N HIS K 270 -13.21 29.04 45.84
CA HIS K 270 -12.90 28.84 47.25
C HIS K 270 -12.18 27.52 47.47
N ALA K 271 -12.03 27.17 48.75
CA ALA K 271 -11.04 26.17 49.15
C ALA K 271 -11.49 24.75 48.81
N ARG K 272 -12.67 24.38 49.29
CA ARG K 272 -13.12 23.00 49.21
C ARG K 272 -13.68 22.62 47.85
N SER K 273 -13.47 23.42 46.82
CA SER K 273 -13.67 22.96 45.44
C SER K 273 -12.36 22.53 44.79
N LEU K 274 -11.57 21.69 45.45
CA LEU K 274 -10.23 21.37 44.95
C LEU K 274 -9.93 19.90 45.12
N TRP K 275 -9.23 19.35 44.12
CA TRP K 275 -9.02 17.91 43.98
C TRP K 275 -7.61 17.67 43.46
N ARG K 276 -6.92 16.71 44.07
CA ARG K 276 -5.59 16.34 43.64
C ARG K 276 -5.63 15.05 42.82
N LEU K 277 -4.95 15.08 41.68
CA LEU K 277 -4.87 13.94 40.79
C LEU K 277 -3.80 12.98 41.29
N GLU K 278 -4.04 11.68 41.15
CA GLU K 278 -3.05 10.65 41.35
C GLU K 278 -3.20 9.61 40.26
N THR K 279 -2.09 8.99 39.86
CA THR K 279 -2.17 7.86 38.94
C THR K 279 -1.60 6.64 39.62
N LEU K 280 -1.43 5.57 38.85
CA LEU K 280 -0.93 4.33 39.41
C LEU K 280 0.58 4.38 39.62
N ARG K 281 1.30 4.87 38.61
CA ARG K 281 2.74 4.67 38.56
C ARG K 281 3.47 5.54 39.58
N VAL K 282 4.45 4.94 40.25
CA VAL K 282 5.34 5.71 41.11
C VAL K 282 6.21 6.62 40.26
N ALA K 283 6.98 6.04 39.35
CA ALA K 283 7.79 6.83 38.45
C ALA K 283 6.93 7.47 37.38
N TRP K 284 7.36 8.66 36.94
CA TRP K 284 6.66 9.50 35.97
C TRP K 284 5.22 9.79 36.37
N SER K 285 5.01 9.98 37.67
CA SER K 285 3.72 10.42 38.15
C SER K 285 3.44 11.86 37.75
N GLY K 286 4.48 12.66 37.52
CA GLY K 286 4.28 14.05 37.18
C GLY K 286 4.32 14.29 35.69
N SER K 287 4.08 13.25 34.90
CA SER K 287 4.13 13.36 33.46
C SER K 287 2.86 14.05 32.94
N HIS K 288 2.67 14.04 31.63
CA HIS K 288 1.45 14.63 31.09
C HIS K 288 0.25 13.71 31.31
N ILE K 289 -0.90 14.18 30.86
CA ILE K 289 -2.19 13.57 31.17
C ILE K 289 -2.90 13.24 29.87
N ARG K 290 -3.17 11.96 29.66
CA ARG K 290 -3.68 11.48 28.38
C ARG K 290 -4.95 10.67 28.60
N TRP K 291 -5.70 10.49 27.53
CA TRP K 291 -6.99 9.83 27.62
C TRP K 291 -6.83 8.34 27.88
N GLY K 292 -7.68 7.81 28.75
CA GLY K 292 -7.71 6.40 29.03
C GLY K 292 -6.78 5.94 30.13
N GLN K 293 -5.77 6.72 30.48
CA GLN K 293 -4.97 6.28 31.62
C GLN K 293 -5.74 6.53 32.91
N PRO K 294 -5.55 5.69 33.92
CA PRO K 294 -6.36 5.80 35.13
C PRO K 294 -5.96 6.99 36.00
N PHE K 295 -6.89 7.37 36.88
CA PHE K 295 -6.67 8.48 37.79
C PHE K 295 -7.34 8.21 39.11
N ARG K 296 -6.64 8.53 40.19
CA ARG K 296 -7.23 8.62 41.51
C ARG K 296 -7.48 10.08 41.84
N LEU K 297 -8.40 10.29 42.79
CA LEU K 297 -8.85 11.62 43.14
C LEU K 297 -8.79 11.79 44.64
N ARG K 298 -8.05 12.79 45.10
CA ARG K 298 -8.00 13.13 46.51
C ARG K 298 -8.51 14.55 46.68
N HIS K 299 -9.51 14.72 47.53
CA HIS K 299 -9.92 16.07 47.88
C HIS K 299 -8.92 16.68 48.82
N VAL K 300 -8.65 17.97 48.61
CA VAL K 300 -7.45 18.57 49.15
C VAL K 300 -7.69 19.09 50.55
N THR K 301 -8.80 19.80 50.75
CA THR K 301 -9.06 20.42 52.05
C THR K 301 -9.40 19.41 53.14
N THR K 302 -9.69 18.16 52.77
CA THR K 302 -9.86 17.10 53.76
C THR K 302 -8.72 16.11 53.75
N GLY K 303 -8.39 15.58 52.58
CA GLY K 303 -7.45 14.49 52.51
C GLY K 303 -8.17 13.17 52.48
N LYS K 304 -9.22 13.08 51.69
CA LYS K 304 -9.96 11.85 51.49
C LYS K 304 -10.02 11.52 50.01
N TYR K 305 -10.35 10.27 49.72
CA TYR K 305 -10.43 9.77 48.36
C TYR K 305 -11.87 9.49 47.98
N LEU K 306 -12.25 9.93 46.79
CA LEU K 306 -13.60 9.72 46.27
C LEU K 306 -13.72 8.27 45.84
N SER K 307 -14.16 7.42 46.77
CA SER K 307 -14.26 5.98 46.53
C SER K 307 -15.68 5.64 46.09
N LEU K 308 -15.81 5.02 44.92
CA LEU K 308 -17.11 4.56 44.45
C LEU K 308 -17.48 3.28 45.18
N MET K 309 -18.27 3.44 46.24
CA MET K 309 -18.93 2.31 46.87
C MET K 309 -20.38 2.33 46.39
N GLU K 310 -20.58 1.91 45.13
CA GLU K 310 -21.91 1.88 44.51
C GLU K 310 -22.83 0.85 45.13
N ASP K 311 -22.31 -0.04 45.97
CA ASP K 311 -23.14 -0.78 46.92
C ASP K 311 -23.95 0.16 47.80
N LYS K 312 -23.37 1.31 48.18
CA LYS K 312 -24.15 2.38 48.78
C LYS K 312 -24.19 3.63 47.90
N SER K 313 -23.04 4.28 47.64
CA SER K 313 -22.99 5.55 46.90
C SER K 313 -21.53 5.94 46.68
N LEU K 314 -21.34 6.93 45.83
CA LEU K 314 -20.03 7.52 45.56
C LEU K 314 -19.61 8.30 46.80
N LEU K 315 -18.74 7.69 47.62
CA LEU K 315 -18.38 8.26 48.91
C LEU K 315 -16.93 8.72 48.96
N LEU K 316 -16.56 9.27 50.11
CA LEU K 316 -15.27 9.88 50.36
C LEU K 316 -14.59 9.14 51.50
N MET K 317 -13.59 8.34 51.17
CA MET K 317 -12.92 7.53 52.19
C MET K 317 -11.44 7.87 52.26
N ASP K 318 -10.75 7.24 53.20
CA ASP K 318 -9.42 7.66 53.61
C ASP K 318 -8.34 6.92 52.82
N LYS K 319 -7.09 7.13 53.23
CA LYS K 319 -5.96 6.58 52.49
C LYS K 319 -5.88 5.07 52.66
N GLU K 320 -6.04 4.59 53.89
CA GLU K 320 -5.87 3.17 54.18
C GLU K 320 -6.99 2.34 53.59
N LYS K 321 -8.17 2.94 53.45
CA LYS K 321 -9.33 2.21 52.96
C LYS K 321 -9.41 2.23 51.44
N ALA K 322 -8.88 3.27 50.80
CA ALA K 322 -9.00 3.39 49.35
C ALA K 322 -8.08 2.41 48.66
N ASP K 323 -8.61 1.75 47.64
CA ASP K 323 -7.87 0.82 46.80
C ASP K 323 -7.96 1.30 45.36
N VAL K 324 -7.50 0.45 44.43
CA VAL K 324 -7.52 0.82 43.03
C VAL K 324 -8.95 0.85 42.50
N LYS K 325 -9.62 -0.29 42.53
CA LYS K 325 -10.96 -0.42 41.94
C LYS K 325 -12.01 0.37 42.69
N SER K 326 -11.73 0.78 43.92
CA SER K 326 -12.70 1.57 44.67
C SER K 326 -12.81 2.98 44.15
N THR K 327 -11.74 3.52 43.54
CA THR K 327 -11.76 4.93 43.21
C THR K 327 -11.20 5.33 41.85
N ALA K 328 -10.54 4.44 41.11
CA ALA K 328 -9.79 4.85 39.93
C ALA K 328 -10.70 5.20 38.76
N PHE K 329 -10.47 6.37 38.18
CA PHE K 329 -11.27 6.92 37.09
C PHE K 329 -10.39 7.23 35.89
N THR K 330 -11.01 7.36 34.73
CA THR K 330 -10.34 7.87 33.54
C THR K 330 -11.14 9.06 33.00
N PHE K 331 -10.64 9.62 31.91
CA PHE K 331 -11.32 10.73 31.25
C PHE K 331 -11.36 10.45 29.76
N ARG K 332 -12.51 10.69 29.15
CA ARG K 332 -12.65 10.56 27.71
C ARG K 332 -13.32 11.80 27.16
N SER K 333 -13.21 11.94 25.83
CA SER K 333 -13.78 13.09 25.14
C SER K 333 -15.30 13.12 25.23
N SER K 334 -15.93 11.96 25.20
CA SER K 334 -17.39 11.89 25.18
C SER K 334 -17.87 10.81 26.12
N LYS K 335 -19.12 10.42 25.97
CA LYS K 335 -19.73 9.37 26.78
C LYS K 335 -19.47 7.99 26.18
N GLU K 336 -18.51 7.89 25.26
CA GLU K 336 -18.17 6.68 24.54
C GLU K 336 -17.18 5.82 25.31
N LYS K 337 -16.97 4.60 24.81
CA LYS K 337 -16.18 3.60 25.53
C LYS K 337 -15.26 2.81 24.62
N LEU K 338 -15.14 3.20 23.35
CA LEU K 338 -14.28 2.49 22.41
C LEU K 338 -12.84 2.99 22.49
N ARG K 343 -0.39 6.75 26.47
CA ARG K 343 -1.21 5.77 27.17
C ARG K 343 -0.75 5.60 28.61
N LYS K 344 -0.11 4.47 28.88
CA LYS K 344 0.30 4.08 30.22
C LYS K 344 1.79 3.83 30.35
N GLU K 345 2.42 3.27 29.33
CA GLU K 345 3.83 2.93 29.37
C GLU K 345 4.58 3.87 28.43
N VAL K 346 4.89 5.07 28.92
CA VAL K 346 5.80 5.98 28.25
C VAL K 346 6.84 6.42 29.27
N ASP K 347 7.88 7.06 28.77
CA ASP K 347 8.86 7.69 29.64
C ASP K 347 8.97 9.15 29.24
N GLY K 348 9.74 9.90 30.03
CA GLY K 348 9.71 11.34 29.94
C GLY K 348 8.42 11.87 30.55
N MET K 349 8.23 13.17 30.39
CA MET K 349 6.99 13.76 30.89
C MET K 349 5.81 13.54 29.97
N GLY K 350 5.99 12.82 28.85
CA GLY K 350 4.89 12.44 27.99
C GLY K 350 4.47 13.53 27.03
N THR K 351 3.39 13.23 26.31
CA THR K 351 2.79 14.18 25.38
C THR K 351 1.55 14.77 26.00
N SER K 352 1.42 16.09 25.93
CA SER K 352 0.28 16.80 26.47
C SER K 352 -0.93 16.50 25.60
N GLU K 353 -1.87 15.74 26.13
CA GLU K 353 -3.07 15.43 25.36
C GLU K 353 -4.15 16.47 25.57
N ILE K 354 -4.38 16.87 26.81
CA ILE K 354 -5.59 17.57 27.19
C ILE K 354 -5.22 18.96 27.70
N LYS K 355 -6.04 19.95 27.34
CA LYS K 355 -5.87 21.30 27.85
C LYS K 355 -6.57 21.46 29.19
N TYR K 356 -6.55 22.67 29.72
CA TYR K 356 -7.36 23.01 30.88
C TYR K 356 -8.69 23.62 30.47
N GLY K 357 -8.64 24.74 29.75
CA GLY K 357 -9.84 25.47 29.42
C GLY K 357 -10.67 24.81 28.33
N ASP K 358 -10.01 24.25 27.32
CA ASP K 358 -10.71 23.84 26.10
C ASP K 358 -10.67 22.32 26.01
N SER K 359 -11.61 21.69 26.72
CA SER K 359 -11.91 20.26 26.71
C SER K 359 -13.14 20.06 27.58
N VAL K 360 -13.93 19.07 27.23
CA VAL K 360 -15.07 18.64 28.03
C VAL K 360 -14.85 17.17 28.30
N CYS K 361 -14.37 16.84 29.50
CA CYS K 361 -14.06 15.47 29.83
C CYS K 361 -15.22 14.82 30.55
N PHE K 362 -15.21 13.48 30.55
CA PHE K 362 -16.28 12.67 31.12
C PHE K 362 -15.67 11.52 31.90
N ILE K 363 -16.18 11.29 33.09
CA ILE K 363 -15.58 10.32 34.00
C ILE K 363 -16.17 8.94 33.74
N GLN K 364 -15.30 7.98 33.43
CA GLN K 364 -15.71 6.60 33.21
C GLN K 364 -14.92 5.72 34.16
N HIS K 365 -15.62 5.12 35.13
CA HIS K 365 -14.93 4.34 36.14
C HIS K 365 -14.48 3.00 35.57
N ILE K 366 -13.35 2.52 36.07
CA ILE K 366 -12.76 1.28 35.61
C ILE K 366 -13.56 0.07 36.09
N GLY K 367 -13.83 0.01 37.40
CA GLY K 367 -14.37 -1.21 37.99
C GLY K 367 -15.81 -1.50 37.63
N THR K 368 -16.63 -0.47 37.47
CA THR K 368 -18.05 -0.66 37.21
C THR K 368 -18.52 -0.06 35.89
N GLY K 369 -17.68 0.68 35.18
CA GLY K 369 -18.10 1.30 33.94
C GLY K 369 -19.06 2.46 34.11
N LEU K 370 -19.27 2.92 35.33
CA LEU K 370 -20.26 3.94 35.57
C LEU K 370 -19.75 5.31 35.13
N TRP K 371 -20.71 6.17 34.79
CA TRP K 371 -20.46 7.55 34.42
C TRP K 371 -21.03 8.43 35.50
N LEU K 372 -20.36 9.53 35.79
CA LEU K 372 -20.86 10.45 36.81
C LEU K 372 -22.06 11.21 36.27
N THR K 373 -23.10 11.32 37.10
CA THR K 373 -24.27 12.09 36.72
C THR K 373 -24.72 12.94 37.89
N TYR K 374 -25.68 13.80 37.62
CA TYR K 374 -26.30 14.62 38.64
C TYR K 374 -27.64 14.04 39.06
N GLN K 375 -28.34 14.79 39.89
CA GLN K 375 -29.76 14.59 40.13
C GLN K 375 -30.47 15.90 39.80
N SER K 376 -31.62 15.81 39.15
CA SER K 376 -32.29 16.99 38.61
C SER K 376 -32.89 17.88 39.69
N SER K 386 -28.93 28.50 45.15
CA SER K 386 -29.85 27.51 45.67
C SER K 386 -29.73 26.20 44.89
N ILE K 387 -28.53 25.63 44.86
CA ILE K 387 -28.26 24.37 44.19
C ILE K 387 -27.51 23.48 45.16
N GLN K 388 -28.05 22.29 45.41
CA GLN K 388 -27.38 21.22 46.12
C GLN K 388 -27.52 19.94 45.31
N ARG K 389 -27.17 20.05 44.04
CA ARG K 389 -27.40 19.03 43.02
C ARG K 389 -26.57 17.79 43.32
N LYS K 390 -27.23 16.74 43.82
CA LYS K 390 -26.51 15.64 44.44
C LYS K 390 -25.88 14.73 43.41
N ALA K 391 -24.62 14.37 43.64
CA ALA K 391 -23.85 13.61 42.68
C ALA K 391 -23.96 12.11 42.95
N ILE K 392 -24.33 11.36 41.91
CA ILE K 392 -24.36 9.90 41.93
C ILE K 392 -23.77 9.40 40.61
N MET K 393 -23.31 8.16 40.61
CA MET K 393 -22.85 7.56 39.37
C MET K 393 -24.02 6.94 38.64
N HIS K 394 -23.83 6.69 37.35
CA HIS K 394 -24.92 6.14 36.54
C HIS K 394 -24.29 5.40 35.36
N HIS K 395 -25.07 4.49 34.78
CA HIS K 395 -24.58 3.78 33.61
C HIS K 395 -24.59 4.66 32.37
N GLU K 396 -25.49 5.62 32.29
CA GLU K 396 -25.54 6.51 31.14
C GLU K 396 -25.25 7.96 31.53
N GLY K 397 -26.03 8.51 32.45
CA GLY K 397 -25.99 9.94 32.70
C GLY K 397 -26.88 10.70 31.73
N HIS K 398 -26.80 12.02 31.84
CA HIS K 398 -27.61 12.90 31.02
C HIS K 398 -26.74 13.63 30.00
N MET K 399 -27.36 14.58 29.29
CA MET K 399 -26.59 15.48 28.44
C MET K 399 -25.74 16.43 29.26
N ASP K 400 -26.16 16.76 30.48
CA ASP K 400 -25.53 17.78 31.31
C ASP K 400 -24.53 17.19 32.29
N ASP K 401 -23.78 16.17 31.88
CA ASP K 401 -22.62 15.72 32.65
C ASP K 401 -21.31 16.20 32.05
N GLY K 402 -21.32 17.36 31.39
CA GLY K 402 -20.16 17.95 30.77
C GLY K 402 -19.28 18.70 31.75
N LEU K 403 -18.46 17.96 32.48
CA LEU K 403 -17.61 18.51 33.52
C LEU K 403 -16.43 19.24 32.88
N ASN K 404 -16.32 20.54 33.13
CA ASN K 404 -15.24 21.34 32.57
C ASN K 404 -14.08 21.42 33.57
N LEU K 405 -12.93 21.89 33.09
CA LEU K 405 -11.68 21.87 33.83
C LEU K 405 -11.12 23.27 34.01
N SER K 406 -10.51 23.50 35.18
CA SER K 406 -9.82 24.75 35.46
C SER K 406 -8.79 24.50 36.56
N ARG K 407 -7.59 25.03 36.36
CA ARG K 407 -6.49 24.74 37.25
C ARG K 407 -6.38 25.73 38.40
N SER K 408 -5.77 25.28 39.48
CA SER K 408 -5.57 26.10 40.67
C SER K 408 -4.34 26.99 40.48
N GLN K 409 -3.94 27.64 41.56
CA GLN K 409 -2.69 28.37 41.61
C GLN K 409 -1.80 27.82 42.72
N HIS K 410 -0.57 28.30 42.72
CA HIS K 410 0.46 27.69 43.56
C HIS K 410 0.24 28.01 45.01
N GLU K 411 0.00 29.28 45.32
CA GLU K 411 -0.24 29.66 46.70
C GLU K 411 -1.56 29.11 47.20
N GLU K 412 -2.52 28.90 46.31
CA GLU K 412 -3.79 28.30 46.70
C GLU K 412 -3.60 26.86 47.14
N SER K 413 -2.82 26.09 46.36
CA SER K 413 -2.46 24.73 46.75
C SER K 413 -1.67 24.73 48.04
N ARG K 414 -0.79 25.71 48.19
CA ARG K 414 0.02 25.86 49.40
C ARG K 414 -0.87 26.05 50.62
N THR K 415 -1.80 27.00 50.56
CA THR K 415 -2.70 27.26 51.67
C THR K 415 -3.61 26.09 51.96
N ALA K 416 -4.03 25.37 50.91
CA ALA K 416 -4.92 24.24 51.14
C ALA K 416 -4.19 23.11 51.86
N ARG K 417 -2.95 22.84 51.46
CA ARG K 417 -2.17 21.85 52.19
C ARG K 417 -1.88 22.30 53.61
N VAL K 418 -1.72 23.60 53.80
CA VAL K 418 -1.59 24.16 55.14
C VAL K 418 -2.86 23.94 55.96
N ILE K 419 -4.03 24.06 55.32
CA ILE K 419 -5.31 23.83 55.98
C ILE K 419 -5.40 22.40 56.48
N ARG K 420 -5.05 21.45 55.63
CA ARG K 420 -5.15 20.05 56.04
C ARG K 420 -4.18 19.72 57.15
N SER K 421 -2.93 20.21 57.06
CA SER K 421 -1.96 20.00 58.12
C SER K 421 -2.41 20.65 59.44
N THR K 422 -3.05 21.81 59.33
CA THR K 422 -3.42 22.56 60.52
C THR K 422 -4.55 21.90 61.28
N VAL K 423 -5.61 21.53 60.55
CA VAL K 423 -6.73 20.81 61.15
C VAL K 423 -6.25 19.49 61.72
N PHE K 424 -5.38 18.80 60.99
CA PHE K 424 -4.91 17.50 61.41
C PHE K 424 -4.03 17.58 62.66
N LEU K 425 -3.40 18.73 62.88
CA LEU K 425 -2.70 18.92 64.15
C LEU K 425 -3.65 19.27 65.27
N PHE K 426 -4.54 20.24 65.03
CA PHE K 426 -5.32 20.78 66.14
C PHE K 426 -6.38 19.82 66.64
N ASN K 427 -6.85 18.90 65.80
CA ASN K 427 -7.77 17.92 66.34
C ASN K 427 -7.06 16.91 67.23
N ARG K 428 -5.81 16.58 66.90
CA ARG K 428 -4.97 15.81 67.82
C ARG K 428 -4.80 16.54 69.14
N PHE K 429 -4.56 17.85 69.05
CA PHE K 429 -4.35 18.66 70.26
C PHE K 429 -5.61 18.71 71.12
N ILE K 430 -6.77 18.90 70.49
CA ILE K 430 -8.04 18.94 71.21
C ILE K 430 -8.34 17.59 71.85
N ARG K 431 -8.10 16.49 71.13
CA ARG K 431 -8.34 15.17 71.70
C ARG K 431 -7.38 14.87 72.85
N GLY K 432 -6.15 15.37 72.78
CA GLY K 432 -5.26 15.22 73.91
C GLY K 432 -5.73 15.99 75.12
N LEU K 433 -6.29 17.18 74.90
CA LEU K 433 -6.85 17.93 76.03
C LEU K 433 -8.10 17.27 76.59
N ASP K 434 -8.90 16.64 75.73
CA ASP K 434 -10.06 15.91 76.21
C ASP K 434 -9.64 14.66 76.99
N ALA K 435 -8.49 14.08 76.65
CA ALA K 435 -7.98 12.97 77.44
C ALA K 435 -7.49 13.43 78.81
N LEU K 436 -6.64 14.46 78.83
CA LEU K 436 -6.06 14.90 80.10
C LEU K 436 -6.93 15.88 80.87
N SER K 437 -8.15 16.13 80.42
CA SER K 437 -9.05 16.96 81.22
C SER K 437 -9.87 16.13 82.20
N LYS K 438 -10.64 15.17 81.69
CA LYS K 438 -11.63 14.49 82.52
C LYS K 438 -11.00 13.47 83.45
N LYS K 439 -10.11 12.63 82.93
CA LYS K 439 -9.45 11.59 83.71
C LYS K 439 -7.95 11.73 83.63
N ALA K 440 -7.28 11.31 84.70
CA ALA K 440 -5.84 11.48 84.82
C ALA K 440 -5.15 10.16 84.49
N LYS K 441 -5.08 9.87 83.18
CA LYS K 441 -4.32 8.77 82.59
C LYS K 441 -4.69 7.39 83.12
N THR K 444 2.10 6.59 79.49
CA THR K 444 1.16 7.66 79.77
C THR K 444 0.32 8.01 78.55
N VAL K 445 -0.75 8.76 78.77
CA VAL K 445 -1.60 9.26 77.70
C VAL K 445 -1.01 10.57 77.21
N ASP K 446 -0.73 10.64 75.91
CA ASP K 446 0.17 11.65 75.36
C ASP K 446 -0.58 12.69 74.53
N LEU K 447 0.12 13.79 74.27
CA LEU K 447 -0.49 15.01 73.75
C LEU K 447 0.56 15.75 72.95
N PRO K 448 0.21 16.34 71.80
CA PRO K 448 1.22 17.05 71.01
C PRO K 448 1.50 18.44 71.58
N ILE K 449 2.77 18.74 71.80
CA ILE K 449 3.13 20.02 72.42
C ILE K 449 4.09 20.83 71.56
N GLU K 450 5.29 20.30 71.34
CA GLU K 450 6.36 21.13 70.79
C GLU K 450 6.21 21.29 69.28
N SER K 451 5.69 20.27 68.62
CA SER K 451 5.33 20.41 67.22
C SER K 451 4.21 21.43 67.05
N VAL K 452 3.32 21.50 68.03
CA VAL K 452 2.21 22.45 67.97
C VAL K 452 2.73 23.87 68.11
N SER K 453 3.61 24.10 69.09
CA SER K 453 4.18 25.42 69.28
C SER K 453 5.05 25.82 68.10
N LEU K 454 5.73 24.86 67.49
CA LEU K 454 6.57 25.14 66.34
C LEU K 454 5.72 25.52 65.14
N SER K 455 4.66 24.73 64.88
CA SER K 455 3.71 25.05 63.82
C SER K 455 3.00 26.36 64.08
N LEU K 456 2.81 26.69 65.34
CA LEU K 456 2.10 27.91 65.69
C LEU K 456 2.96 29.13 65.41
N GLN K 457 4.24 29.06 65.76
CA GLN K 457 5.16 30.13 65.37
C GLN K 457 5.29 30.24 63.86
N ASP K 458 5.21 29.10 63.18
CA ASP K 458 5.24 29.10 61.72
C ASP K 458 4.04 29.86 61.15
N LEU K 459 2.85 29.61 61.69
CA LEU K 459 1.69 30.30 61.18
C LEU K 459 1.62 31.75 61.62
N ILE K 460 2.27 32.10 62.72
CA ILE K 460 2.46 33.51 63.06
C ILE K 460 3.29 34.18 61.98
N GLY K 461 4.39 33.53 61.59
CA GLY K 461 5.21 34.09 60.53
C GLY K 461 4.53 34.09 59.19
N TYR K 462 3.57 33.19 58.98
CA TYR K 462 2.97 33.03 57.67
C TYR K 462 2.00 34.14 57.32
N PHE K 463 1.33 34.71 58.32
CA PHE K 463 0.45 35.85 58.12
C PHE K 463 1.12 37.16 58.47
N HIS K 464 2.41 37.25 58.28
CA HIS K 464 3.10 38.45 58.65
C HIS K 464 2.76 39.57 57.68
N PRO K 465 2.32 40.73 58.18
CA PRO K 465 2.02 41.85 57.31
C PRO K 465 3.27 42.37 56.67
N PRO K 466 3.22 42.77 55.41
CA PRO K 466 4.44 43.22 54.72
C PRO K 466 4.93 44.55 55.28
N ASP K 467 6.20 44.82 55.00
CA ASP K 467 6.96 45.78 55.79
C ASP K 467 6.70 47.22 55.40
N GLU K 468 7.56 48.12 55.87
CA GLU K 468 7.59 49.49 55.41
C GLU K 468 8.61 49.74 54.32
N HIS K 469 9.47 48.77 54.05
CA HIS K 469 10.46 48.86 53.00
C HIS K 469 10.13 47.79 51.96
N LEU K 470 9.22 48.14 51.07
CA LEU K 470 8.95 47.33 49.89
C LEU K 470 8.43 48.28 48.83
N GLU K 471 8.57 47.88 47.58
CA GLU K 471 7.95 48.63 46.50
C GLU K 471 6.44 48.63 46.67
N HIS K 472 5.83 49.78 46.39
CA HIS K 472 4.41 49.98 46.64
C HIS K 472 3.56 49.01 45.84
N GLU K 473 3.98 48.74 44.61
CA GLU K 473 3.34 47.71 43.80
C GLU K 473 3.53 46.34 44.42
N ASP K 474 4.74 46.03 44.87
CA ASP K 474 4.99 44.72 45.47
C ASP K 474 4.37 44.63 46.85
N LYS K 475 4.29 45.76 47.56
CA LYS K 475 3.57 45.81 48.82
C LYS K 475 2.12 45.42 48.60
N GLN K 476 1.50 45.95 47.56
CA GLN K 476 0.10 45.63 47.35
C GLN K 476 -0.10 44.26 46.75
N ASN K 477 0.89 43.73 46.02
CA ASN K 477 0.83 42.33 45.60
C ASN K 477 0.81 41.40 46.80
N ARG K 478 1.76 41.61 47.71
CA ARG K 478 1.86 40.75 48.88
C ARG K 478 0.67 40.95 49.80
N LEU K 479 0.13 42.16 49.83
CA LEU K 479 -1.05 42.42 50.64
C LEU K 479 -2.27 41.72 50.07
N ARG K 480 -2.39 41.71 48.75
CA ARG K 480 -3.45 40.97 48.08
C ARG K 480 -3.36 39.49 48.40
N ALA K 481 -2.15 38.93 48.35
CA ALA K 481 -1.94 37.54 48.68
C ALA K 481 -2.30 37.28 50.15
N LEU K 482 -2.01 38.24 51.02
CA LEU K 482 -2.32 38.10 52.43
C LEU K 482 -3.82 38.05 52.66
N LYS K 483 -4.57 38.95 52.01
CA LYS K 483 -6.02 38.94 52.19
C LYS K 483 -6.65 37.70 51.59
N ASN K 484 -6.06 37.18 50.52
CA ASN K 484 -6.59 35.96 49.94
C ASN K 484 -6.38 34.79 50.87
N ARG K 485 -5.23 34.74 51.54
CA ARG K 485 -4.98 33.72 52.55
C ARG K 485 -5.93 33.83 53.72
N GLN K 486 -6.16 35.06 54.20
CA GLN K 486 -7.06 35.28 55.33
C GLN K 486 -8.46 34.82 54.99
N ASN K 487 -8.92 35.12 53.78
CA ASN K 487 -10.27 34.76 53.40
C ASN K 487 -10.41 33.25 53.25
N LEU K 488 -9.38 32.59 52.70
CA LEU K 488 -9.43 31.14 52.59
C LEU K 488 -9.33 30.44 53.93
N PHE K 489 -8.76 31.07 54.95
CA PHE K 489 -8.90 30.43 56.24
C PHE K 489 -10.22 30.77 56.91
N GLN K 490 -10.79 31.92 56.57
CA GLN K 490 -12.07 32.33 57.15
C GLN K 490 -13.17 31.37 56.77
N GLU K 491 -13.28 31.07 55.49
CA GLU K 491 -14.39 30.24 55.01
C GLU K 491 -14.33 28.83 55.57
N GLU K 492 -13.14 28.30 55.80
CA GLU K 492 -13.06 26.98 56.36
C GLU K 492 -13.25 26.95 57.87
N GLY K 493 -13.31 28.12 58.52
CA GLY K 493 -13.70 28.16 59.91
C GLY K 493 -12.62 27.76 60.89
N MET K 494 -11.37 28.13 60.61
CA MET K 494 -10.29 27.84 61.55
C MET K 494 -10.41 28.65 62.83
N ILE K 495 -11.11 29.78 62.77
CA ILE K 495 -11.13 30.74 63.86
C ILE K 495 -11.86 30.15 65.04
N ASN K 496 -13.00 29.53 64.79
CA ASN K 496 -13.77 28.93 65.85
C ASN K 496 -13.05 27.72 66.43
N LEU K 497 -12.30 27.02 65.58
CA LEU K 497 -11.44 25.94 66.04
C LEU K 497 -10.38 26.44 67.02
N VAL K 498 -9.73 27.55 66.68
CA VAL K 498 -8.75 28.16 67.58
C VAL K 498 -9.42 28.67 68.84
N LEU K 499 -10.63 29.17 68.72
CA LEU K 499 -11.35 29.72 69.86
C LEU K 499 -11.71 28.63 70.86
N GLU K 500 -12.17 27.48 70.36
CA GLU K 500 -12.46 26.38 71.26
C GLU K 500 -11.20 25.74 71.78
N CYS K 501 -10.10 25.84 71.03
CA CYS K 501 -8.80 25.45 71.56
C CYS K 501 -8.42 26.30 72.77
N ILE K 502 -8.72 27.60 72.69
CA ILE K 502 -8.50 28.48 73.84
C ILE K 502 -9.40 28.05 75.00
N ASP K 503 -10.66 27.77 74.69
CA ASP K 503 -11.63 27.34 75.71
C ASP K 503 -11.16 26.10 76.47
N ARG K 504 -10.69 25.09 75.74
CA ARG K 504 -10.14 23.92 76.40
C ARG K 504 -8.83 24.21 77.10
N LEU K 505 -8.06 25.17 76.61
CA LEU K 505 -6.81 25.48 77.28
C LEU K 505 -7.01 26.32 78.52
N HIS K 506 -7.97 27.21 78.52
CA HIS K 506 -7.96 28.31 79.49
C HIS K 506 -8.61 27.85 80.79
N VAL K 507 -7.94 26.92 81.46
CA VAL K 507 -8.55 26.22 82.58
C VAL K 507 -7.80 26.49 83.86
N TYR K 508 -6.55 26.03 83.94
CA TYR K 508 -5.85 26.04 85.22
C TYR K 508 -4.75 27.09 85.20
N SER K 509 -3.96 27.09 86.26
CA SER K 509 -2.97 28.16 86.44
C SER K 509 -1.61 27.57 86.78
N SER K 510 -1.18 26.58 86.00
CA SER K 510 0.11 25.89 86.13
C SER K 510 0.32 25.26 87.51
N VAL K 517 -3.54 18.23 85.99
CA VAL K 517 -4.18 18.17 84.67
C VAL K 517 -3.29 17.36 83.74
N ALA K 518 -2.03 17.71 83.71
CA ALA K 518 -1.04 17.02 82.92
C ALA K 518 0.28 17.02 83.67
N GLY K 519 1.23 16.27 83.15
CA GLY K 519 2.58 16.38 83.65
C GLY K 519 3.12 17.72 83.24
N ARG K 520 3.19 18.64 84.20
CA ARG K 520 3.41 20.05 83.91
C ARG K 520 4.85 20.37 83.50
N GLU K 521 5.72 19.37 83.47
CA GLU K 521 6.94 19.49 82.68
C GLU K 521 6.60 19.66 81.20
N ALA K 522 5.66 18.87 80.71
CA ALA K 522 5.22 19.00 79.33
C ALA K 522 4.35 20.23 79.11
N GLY K 523 3.52 20.58 80.08
CA GLY K 523 2.66 21.73 79.95
C GLY K 523 3.28 22.98 80.55
N GLU K 524 4.61 23.02 80.56
CA GLU K 524 5.29 24.16 81.15
C GLU K 524 5.16 25.41 80.28
N SER K 525 5.07 25.22 78.96
CA SER K 525 5.03 26.32 78.00
C SER K 525 3.63 26.88 77.79
N TRP K 526 2.75 26.65 78.76
CA TRP K 526 1.33 27.00 78.67
C TRP K 526 1.11 28.48 78.40
N LYS K 527 1.85 29.33 79.11
CA LYS K 527 1.80 30.77 78.91
C LYS K 527 2.18 31.15 77.49
N SER K 528 3.25 30.53 76.98
CA SER K 528 3.72 30.84 75.63
C SER K 528 2.72 30.37 74.59
N ILE K 529 2.12 29.20 74.80
CA ILE K 529 1.19 28.64 73.83
C ILE K 529 -0.05 29.52 73.74
N LEU K 530 -0.58 29.96 74.89
CA LEU K 530 -1.73 30.85 74.84
C LEU K 530 -1.38 32.21 74.27
N ASN K 531 -0.17 32.70 74.54
CA ASN K 531 0.22 33.99 74.02
C ASN K 531 0.33 33.95 72.51
N SER K 532 0.90 32.87 71.98
CA SER K 532 0.99 32.72 70.54
C SER K 532 -0.37 32.49 69.91
N LEU K 533 -1.29 31.83 70.62
CA LEU K 533 -2.62 31.67 70.06
C LEU K 533 -3.37 32.98 69.98
N TYR K 534 -3.22 33.83 70.99
CA TYR K 534 -3.81 35.17 70.90
C TYR K 534 -3.16 35.99 69.80
N GLU K 535 -1.87 35.80 69.58
CA GLU K 535 -1.21 36.58 68.54
C GLU K 535 -1.64 36.09 67.15
N LEU K 536 -1.84 34.78 67.00
CA LEU K 536 -2.37 34.25 65.75
C LEU K 536 -3.79 34.73 65.52
N LEU K 537 -4.59 34.80 66.58
CA LEU K 537 -5.95 35.28 66.45
C LEU K 537 -5.96 36.74 66.07
N ALA K 538 -4.98 37.50 66.53
CA ALA K 538 -4.81 38.85 66.05
C ALA K 538 -4.40 38.89 64.59
N ALA K 539 -3.70 37.86 64.11
CA ALA K 539 -3.27 37.89 62.72
C ALA K 539 -4.43 37.67 61.75
N LEU K 540 -5.38 36.81 62.09
CA LEU K 540 -6.37 36.40 61.10
C LEU K 540 -7.49 37.39 60.89
N ILE K 541 -7.37 38.63 61.35
CA ILE K 541 -8.48 39.56 61.25
C ILE K 541 -8.09 40.86 60.55
N ARG K 542 -6.89 41.37 60.87
CA ARG K 542 -6.55 42.80 60.74
C ARG K 542 -6.78 43.45 59.39
N GLY K 543 -6.98 42.68 58.34
CA GLY K 543 -7.23 43.30 57.06
C GLY K 543 -8.70 43.29 56.68
N ASN K 544 -9.36 42.17 56.93
CA ASN K 544 -10.68 41.96 56.36
C ASN K 544 -11.77 42.56 57.22
N ARG K 545 -12.51 43.47 56.62
CA ARG K 545 -13.74 43.97 57.21
C ARG K 545 -14.76 42.87 57.39
N LYS K 546 -14.92 42.02 56.38
CA LYS K 546 -15.99 41.04 56.39
C LYS K 546 -15.73 39.94 57.39
N ASN K 547 -14.47 39.54 57.56
CA ASN K 547 -14.18 38.47 58.50
C ASN K 547 -14.34 38.94 59.94
N CYS K 548 -13.95 40.18 60.23
CA CYS K 548 -14.10 40.64 61.60
C CYS K 548 -15.55 40.98 61.92
N ALA K 549 -16.28 41.50 60.96
CA ALA K 549 -17.71 41.73 61.18
C ALA K 549 -18.47 40.42 61.35
N GLN K 550 -18.06 39.37 60.63
CA GLN K 550 -18.60 38.06 60.88
C GLN K 550 -18.19 37.55 62.26
N PHE K 551 -16.95 37.77 62.65
CA PHE K 551 -16.44 37.31 63.92
C PHE K 551 -17.14 37.97 65.09
N SER K 552 -17.65 39.19 64.88
CA SER K 552 -18.15 40.07 65.93
C SER K 552 -19.23 39.53 66.85
N GLY K 553 -19.83 38.39 66.50
CA GLY K 553 -20.79 37.77 67.39
C GLY K 553 -20.16 37.28 68.69
N SER K 554 -18.92 36.80 68.63
CA SER K 554 -18.29 36.21 69.80
C SER K 554 -17.57 37.24 70.67
N LEU K 555 -17.98 38.50 70.57
CA LEU K 555 -17.36 39.57 71.35
C LEU K 555 -17.59 39.39 72.84
N ASP K 556 -18.74 38.81 73.20
CA ASP K 556 -19.14 38.68 74.59
C ASP K 556 -18.22 37.74 75.35
N TRP K 557 -17.81 36.64 74.72
CA TRP K 557 -16.88 35.70 75.34
C TRP K 557 -15.54 36.37 75.61
N LEU K 558 -15.11 37.24 74.69
CA LEU K 558 -13.84 37.93 74.83
C LEU K 558 -13.88 38.93 75.97
N ILE K 559 -14.97 39.69 76.08
CA ILE K 559 -15.06 40.63 77.18
C ILE K 559 -15.26 39.90 78.50
N SER K 560 -15.84 38.70 78.45
CA SER K 560 -15.88 37.85 79.63
C SER K 560 -14.48 37.44 80.05
N ARG K 561 -13.64 37.08 79.09
CA ARG K 561 -12.30 36.63 79.40
C ARG K 561 -11.30 37.76 79.51
N LEU K 562 -11.77 39.00 79.41
CA LEU K 562 -10.90 40.17 79.52
C LEU K 562 -10.17 40.24 80.86
N GLU K 563 -10.76 39.71 81.92
CA GLU K 563 -10.23 39.89 83.27
C GLU K 563 -9.52 38.65 83.78
N ARG K 564 -8.78 37.96 82.91
CA ARG K 564 -8.07 36.79 83.39
C ARG K 564 -6.79 37.17 84.12
N LEU K 565 -6.31 38.41 83.93
CA LEU K 565 -5.10 38.98 84.52
C LEU K 565 -3.82 38.27 84.07
N GLU K 566 -3.91 37.34 83.12
CA GLU K 566 -2.77 36.51 82.81
C GLU K 566 -2.35 36.73 81.36
N ALA K 567 -3.31 36.66 80.44
CA ALA K 567 -3.02 36.80 79.03
C ALA K 567 -3.85 37.88 78.38
N SER K 568 -4.30 38.87 79.15
CA SER K 568 -5.36 39.77 78.69
C SER K 568 -4.90 40.74 77.62
N SER K 569 -3.59 40.94 77.50
CA SER K 569 -3.07 41.86 76.49
C SER K 569 -3.32 41.34 75.09
N GLY K 570 -3.26 40.02 74.92
CA GLY K 570 -3.57 39.44 73.63
C GLY K 570 -5.03 39.64 73.23
N ILE K 571 -5.94 39.43 74.19
CA ILE K 571 -7.37 39.67 73.94
C ILE K 571 -7.60 41.13 73.64
N LEU K 572 -6.88 42.01 74.33
CA LEU K 572 -7.06 43.44 74.11
C LEU K 572 -6.57 43.85 72.72
N GLU K 573 -5.48 43.26 72.26
CA GLU K 573 -4.99 43.57 70.92
C GLU K 573 -5.94 43.06 69.85
N VAL K 574 -6.46 41.84 70.04
CA VAL K 574 -7.42 41.27 69.11
C VAL K 574 -8.67 42.12 69.05
N LEU K 575 -9.18 42.52 70.21
CA LEU K 575 -10.36 43.34 70.29
C LEU K 575 -10.15 44.70 69.65
N HIS K 576 -8.95 45.25 69.79
CA HIS K 576 -8.68 46.54 69.18
C HIS K 576 -8.68 46.44 67.66
N CYS K 577 -7.98 45.43 67.13
CA CYS K 577 -7.91 45.28 65.68
C CYS K 577 -9.25 44.89 65.09
N VAL K 578 -10.12 44.24 65.86
CA VAL K 578 -11.48 44.00 65.40
C VAL K 578 -12.26 45.30 65.35
N LEU K 579 -12.23 46.04 66.47
CA LEU K 579 -13.07 47.23 66.57
C LEU K 579 -12.60 48.38 65.70
N VAL K 580 -11.43 48.30 65.09
CA VAL K 580 -11.07 49.32 64.12
C VAL K 580 -11.92 49.20 62.86
N GLU K 581 -11.98 48.01 62.28
CA GLU K 581 -12.39 47.88 60.89
C GLU K 581 -13.82 47.42 60.69
N SER K 582 -14.66 47.41 61.73
CA SER K 582 -16.06 47.11 61.44
C SER K 582 -16.99 47.87 62.35
N PRO K 583 -17.77 48.82 61.82
CA PRO K 583 -18.78 49.48 62.63
C PRO K 583 -19.98 48.60 62.95
N GLU K 584 -20.07 47.43 62.33
CA GLU K 584 -21.05 46.45 62.75
C GLU K 584 -20.77 45.99 64.18
N ALA K 585 -19.50 45.86 64.54
CA ALA K 585 -19.15 45.44 65.90
C ALA K 585 -19.41 46.54 66.90
N LEU K 586 -19.23 47.79 66.49
CA LEU K 586 -19.40 48.92 67.41
C LEU K 586 -20.84 49.08 67.82
N ASN K 587 -21.77 48.74 66.94
CA ASN K 587 -23.17 48.82 67.29
C ASN K 587 -23.59 47.69 68.21
N ILE K 588 -22.78 46.64 68.31
CA ILE K 588 -23.14 45.51 69.15
C ILE K 588 -22.85 45.81 70.62
N ILE K 589 -21.71 46.45 70.89
CA ILE K 589 -21.17 46.47 72.25
C ILE K 589 -22.00 47.40 73.14
N LYS K 590 -21.99 47.09 74.44
CA LYS K 590 -22.98 47.63 75.37
C LYS K 590 -22.29 48.09 76.64
N GLU K 591 -23.11 48.38 77.65
CA GLU K 591 -22.70 49.19 78.79
C GLU K 591 -21.74 48.46 79.71
N GLY K 592 -22.15 47.28 80.18
CA GLY K 592 -21.33 46.51 81.10
C GLY K 592 -20.01 46.07 80.53
N HIS K 593 -19.93 45.90 79.21
CA HIS K 593 -18.65 45.67 78.56
C HIS K 593 -17.71 46.83 78.78
N ILE K 594 -18.21 48.05 78.59
CA ILE K 594 -17.39 49.24 78.74
C ILE K 594 -17.01 49.43 80.19
N LYS K 595 -17.94 49.15 81.09
CA LYS K 595 -17.65 49.21 82.52
C LYS K 595 -16.59 48.19 82.89
N SER K 596 -16.61 47.02 82.24
CA SER K 596 -15.58 46.01 82.47
C SER K 596 -14.23 46.46 81.95
N ILE K 597 -14.21 47.17 80.82
CA ILE K 597 -12.95 47.66 80.26
C ILE K 597 -12.35 48.72 81.18
N ILE K 598 -13.18 49.63 81.67
CA ILE K 598 -12.73 50.62 82.64
C ILE K 598 -12.29 49.94 83.93
N SER K 599 -12.93 48.83 84.28
CA SER K 599 -12.53 48.05 85.44
C SER K 599 -11.16 47.43 85.23
N LEU K 600 -10.88 46.94 84.03
CA LEU K 600 -9.58 46.34 83.76
C LEU K 600 -8.49 47.39 83.80
N LEU K 601 -8.82 48.60 83.36
CA LEU K 601 -7.93 49.74 83.57
C LEU K 601 -7.74 50.00 85.05
N ASP K 602 -8.80 49.82 85.84
CA ASP K 602 -8.73 50.01 87.28
C ASP K 602 -8.02 48.87 87.99
N LYS K 603 -7.67 47.80 87.28
CA LYS K 603 -6.85 46.76 87.86
C LYS K 603 -5.40 46.85 87.42
N HIS K 604 -5.16 47.00 86.13
CA HIS K 604 -3.81 46.85 85.60
C HIS K 604 -3.11 48.18 85.35
N GLY K 605 -3.08 49.04 86.36
CA GLY K 605 -2.26 50.23 86.27
C GLY K 605 -2.80 51.25 85.29
N ARG K 606 -1.93 51.70 84.38
CA ARG K 606 -2.25 52.72 83.40
C ARG K 606 -1.78 52.21 82.04
N ASN K 607 -2.66 51.56 81.30
CA ASN K 607 -2.32 51.07 79.97
C ASN K 607 -2.77 52.04 78.91
N HIS K 608 -1.83 52.48 78.09
CA HIS K 608 -2.15 53.34 76.95
C HIS K 608 -2.96 52.59 75.91
N LYS K 609 -2.84 51.26 75.88
CA LYS K 609 -3.59 50.46 74.91
C LYS K 609 -5.09 50.56 75.18
N VAL K 610 -5.48 50.61 76.44
CA VAL K 610 -6.88 50.70 76.85
C VAL K 610 -7.48 51.99 76.34
N LEU K 611 -6.72 53.07 76.40
CA LEU K 611 -7.20 54.35 75.91
C LEU K 611 -7.34 54.36 74.41
N ASP K 612 -6.48 53.61 73.72
CA ASP K 612 -6.66 53.44 72.28
C ASP K 612 -7.93 52.68 71.99
N VAL K 613 -8.27 51.70 72.84
CA VAL K 613 -9.49 50.93 72.66
C VAL K 613 -10.71 51.83 72.84
N LEU K 614 -10.68 52.67 73.87
CA LEU K 614 -11.82 53.55 74.12
C LEU K 614 -11.94 54.62 73.05
N CYS K 615 -10.82 55.08 72.53
CA CYS K 615 -10.85 56.03 71.42
C CYS K 615 -11.41 55.39 70.16
N SER K 616 -11.06 54.13 69.92
CA SER K 616 -11.59 53.44 68.75
C SER K 616 -13.07 53.19 68.89
N LEU K 617 -13.51 52.86 70.10
CA LEU K 617 -14.92 52.65 70.36
C LEU K 617 -15.70 53.95 70.29
N CYS K 618 -15.03 55.08 70.48
CA CYS K 618 -15.71 56.36 70.43
C CYS K 618 -16.12 56.73 69.01
N VAL K 619 -15.23 56.53 68.04
CA VAL K 619 -15.39 57.09 66.70
C VAL K 619 -15.28 55.96 65.68
N CYS K 620 -16.24 55.93 64.74
CA CYS K 620 -16.22 54.97 63.65
C CYS K 620 -15.25 55.38 62.56
N HIS K 621 -15.40 54.79 61.38
CA HIS K 621 -14.55 55.12 60.25
C HIS K 621 -14.64 56.59 59.88
N GLY K 622 -15.83 57.17 59.95
CA GLY K 622 -15.91 58.60 59.78
C GLY K 622 -16.84 59.28 60.78
N VAL K 623 -17.65 58.51 61.49
CA VAL K 623 -18.72 59.08 62.28
C VAL K 623 -18.54 58.68 63.73
N ALA K 624 -19.44 59.17 64.56
CA ALA K 624 -19.38 58.93 65.99
C ALA K 624 -20.71 58.37 66.48
N VAL K 625 -20.65 57.77 67.66
CA VAL K 625 -21.81 57.24 68.35
C VAL K 625 -21.97 57.98 69.67
N ARG K 626 -23.14 58.56 69.88
CA ARG K 626 -23.29 59.48 71.00
C ARG K 626 -23.39 58.75 72.32
N SER K 627 -24.16 57.66 72.34
CA SER K 627 -24.50 57.00 73.60
C SER K 627 -23.28 56.41 74.26
N ASN K 628 -22.34 55.91 73.46
CA ASN K 628 -21.11 55.38 74.03
C ASN K 628 -20.26 56.49 74.63
N GLN K 629 -20.34 57.68 74.05
CA GLN K 629 -19.57 58.79 74.61
C GLN K 629 -20.17 59.27 75.92
N HIS K 630 -21.50 59.34 75.99
CA HIS K 630 -22.13 59.69 77.26
C HIS K 630 -21.82 58.65 78.32
N LEU K 631 -21.77 57.39 77.91
CA LEU K 631 -21.48 56.30 78.83
C LEU K 631 -20.05 56.38 79.34
N ILE K 632 -19.11 56.78 78.48
CA ILE K 632 -17.73 56.99 78.89
C ILE K 632 -17.65 58.12 79.90
N CYS K 633 -18.16 59.29 79.53
CA CYS K 633 -17.91 60.43 80.38
C CYS K 633 -18.84 60.51 81.57
N ASP K 634 -19.71 59.54 81.76
CA ASP K 634 -20.27 59.36 83.09
C ASP K 634 -19.61 58.25 83.86
N ASN K 635 -19.12 57.20 83.19
CA ASN K 635 -18.68 56.03 83.92
C ASN K 635 -17.18 56.02 84.21
N LEU K 636 -16.41 56.90 83.58
CA LEU K 636 -14.98 56.93 83.87
C LEU K 636 -14.53 58.26 84.44
N LEU K 637 -14.82 59.33 83.76
CA LEU K 637 -14.27 60.65 84.07
C LEU K 637 -14.70 61.30 85.39
N PRO K 638 -15.97 61.24 85.86
CA PRO K 638 -16.29 61.94 87.11
C PRO K 638 -15.62 61.37 88.36
N GLY K 639 -15.10 60.14 88.32
CA GLY K 639 -14.36 59.62 89.45
C GLY K 639 -13.06 60.36 89.71
N ARG K 640 -12.39 60.79 88.62
CA ARG K 640 -11.17 61.60 88.65
C ARG K 640 -10.03 60.90 89.39
N ASP K 641 -9.90 59.61 89.18
CA ASP K 641 -8.94 58.84 89.95
C ASP K 641 -7.98 58.04 89.08
N LEU K 642 -8.42 57.56 87.93
CA LEU K 642 -7.57 56.67 87.16
C LEU K 642 -6.65 57.45 86.24
N LEU K 643 -7.13 58.55 85.70
CA LEU K 643 -6.33 59.42 84.88
C LEU K 643 -5.59 60.44 85.75
N LEU K 644 -5.03 61.44 85.10
CA LEU K 644 -4.20 62.42 85.78
C LEU K 644 -4.88 63.77 85.76
N GLN K 645 -5.21 64.27 86.94
CA GLN K 645 -5.95 65.52 87.07
C GLN K 645 -4.96 66.64 87.33
N THR K 646 -5.21 67.79 86.74
CA THR K 646 -4.22 68.85 86.63
C THR K 646 -4.87 70.22 86.81
N ARG K 647 -4.05 71.20 87.15
CA ARG K 647 -4.46 72.60 87.32
C ARG K 647 -3.20 73.47 87.34
N LEU K 648 -3.35 74.74 87.73
CA LEU K 648 -2.22 75.65 87.80
C LEU K 648 -2.13 76.27 89.19
N VAL K 649 -0.89 76.48 89.64
CA VAL K 649 -0.57 76.98 90.97
C VAL K 649 0.48 78.07 90.79
N ASN K 650 0.41 79.14 91.58
CA ASN K 650 1.44 80.17 91.58
C ASN K 650 2.72 79.63 92.26
N HIS K 651 3.86 80.20 91.89
CA HIS K 651 5.14 79.81 92.49
C HIS K 651 5.21 80.19 93.96
N VAL K 652 5.30 79.18 94.81
CA VAL K 652 5.43 79.37 96.25
C VAL K 652 6.88 79.66 96.59
N SER K 653 7.12 80.68 97.44
CA SER K 653 8.47 81.03 97.85
C SER K 653 8.43 81.53 99.28
N SER K 654 9.59 81.44 99.94
CA SER K 654 9.74 81.86 101.33
C SER K 654 11.12 82.45 101.53
N MET K 655 11.25 83.24 102.59
CA MET K 655 12.49 83.95 102.89
C MET K 655 12.75 83.95 104.38
N ARG K 656 14.01 83.63 104.76
CA ARG K 656 14.39 83.54 106.16
C ARG K 656 15.50 84.52 106.50
N PRO K 657 15.42 85.19 107.67
CA PRO K 657 16.34 86.29 107.98
C PRO K 657 17.62 85.90 108.72
N ASN K 658 18.37 84.95 108.15
CA ASN K 658 19.80 84.72 108.39
C ASN K 658 20.14 84.27 109.81
N ILE K 659 19.15 84.00 110.67
CA ILE K 659 19.42 83.78 112.08
C ILE K 659 19.05 82.35 112.43
N PHE K 660 20.03 81.59 112.90
CA PHE K 660 19.78 80.29 113.49
C PHE K 660 19.41 80.46 114.95
N LEU K 661 18.49 79.63 115.43
CA LEU K 661 18.06 79.68 116.83
C LEU K 661 17.93 78.26 117.36
N GLY K 662 18.75 77.92 118.35
CA GLY K 662 18.70 76.61 118.98
C GLY K 662 17.51 76.42 119.89
N LYS K 671 17.45 81.28 125.68
CA LYS K 671 16.30 81.98 126.21
C LYS K 671 15.15 82.02 125.20
N LYS K 672 14.18 82.89 125.48
CA LYS K 672 13.02 83.05 124.61
C LYS K 672 13.43 83.69 123.28
N TRP K 673 12.53 83.62 122.31
CA TRP K 673 12.76 84.32 121.05
C TRP K 673 11.44 84.91 120.58
N TYR K 674 11.54 86.01 119.83
CA TYR K 674 10.34 86.78 119.53
C TYR K 674 10.64 87.76 118.40
N TYR K 675 9.73 87.86 117.43
CA TYR K 675 9.80 88.88 116.41
C TYR K 675 8.38 89.30 116.03
N GLU K 676 8.30 90.32 115.19
CA GLU K 676 7.03 90.93 114.82
C GLU K 676 7.03 91.24 113.33
N LEU K 677 5.84 91.34 112.77
CA LEU K 677 5.66 91.55 111.34
C LEU K 677 4.48 92.48 111.09
N MET K 678 4.71 93.54 110.33
CA MET K 678 3.67 94.51 110.01
C MET K 678 3.32 94.39 108.54
N VAL K 679 2.05 94.20 108.25
CA VAL K 679 1.61 94.05 106.88
C VAL K 679 1.42 95.42 106.26
N ASP K 680 1.83 95.55 105.00
CA ASP K 680 1.78 96.83 104.30
C ASP K 680 0.99 96.74 103.00
N HIS K 681 1.10 95.63 102.28
CA HIS K 681 0.27 95.37 101.11
C HIS K 681 -0.02 93.89 101.00
N THR K 682 -1.27 93.57 100.67
CA THR K 682 -1.71 92.20 100.47
C THR K 682 -2.02 91.94 99.00
N GLU K 683 -2.99 92.68 98.44
CA GLU K 683 -3.30 92.79 97.01
C GLU K 683 -3.59 91.41 96.42
N PRO K 684 -4.69 90.77 96.83
CA PRO K 684 -4.73 89.30 96.83
C PRO K 684 -4.99 88.67 95.48
N PHE K 685 -5.49 89.38 94.49
CA PHE K 685 -5.87 88.73 93.23
C PHE K 685 -5.53 89.61 92.03
N VAL K 686 -4.32 89.47 91.51
CA VAL K 686 -4.17 89.50 90.07
C VAL K 686 -3.52 88.16 89.79
N THR K 687 -4.36 87.12 89.76
CA THR K 687 -4.13 85.70 89.58
C THR K 687 -5.53 85.11 89.75
N ALA K 688 -5.77 83.94 89.15
CA ALA K 688 -6.99 83.19 89.44
C ALA K 688 -6.70 82.13 90.49
N GLU K 689 -6.34 82.60 91.69
CA GLU K 689 -5.82 81.74 92.73
C GLU K 689 -5.82 82.47 94.06
N ALA K 690 -6.35 81.83 95.09
CA ALA K 690 -6.28 82.35 96.45
C ALA K 690 -4.83 82.28 96.93
N THR K 691 -4.18 83.44 97.01
CA THR K 691 -2.76 83.47 97.34
C THR K 691 -2.53 83.18 98.82
N HIS K 692 -1.33 82.71 99.14
CA HIS K 692 -1.06 82.19 100.47
C HIS K 692 -0.21 83.17 101.26
N LEU K 693 -0.39 83.14 102.59
CA LEU K 693 0.33 84.00 103.53
C LEU K 693 0.71 83.14 104.73
N ARG K 694 1.88 82.53 104.67
CA ARG K 694 2.32 81.60 105.70
C ARG K 694 3.39 82.24 106.57
N VAL K 695 3.11 82.34 107.86
CA VAL K 695 4.00 82.94 108.85
C VAL K 695 4.28 81.90 109.93
N GLY K 696 5.55 81.60 110.16
CA GLY K 696 5.84 80.65 111.23
C GLY K 696 7.27 80.22 111.47
N TRP K 697 7.41 78.98 111.93
CA TRP K 697 8.67 78.43 112.41
C TRP K 697 8.93 77.07 111.78
N ALA K 698 10.19 76.79 111.47
CA ALA K 698 10.58 75.51 110.89
C ALA K 698 11.96 75.12 111.41
N SER K 699 12.30 73.85 111.17
CA SER K 699 13.54 73.27 111.67
C SER K 699 14.62 73.35 110.62
N THR K 700 15.87 73.30 111.08
CA THR K 700 17.04 73.41 110.20
C THR K 700 17.46 72.07 109.63
N GLU K 701 17.61 71.07 110.48
CA GLU K 701 18.06 69.77 110.02
C GLU K 701 16.93 69.05 109.31
N GLY K 702 17.28 68.28 108.27
CA GLY K 702 16.31 67.86 107.28
C GLY K 702 16.09 69.04 106.35
N TYR K 703 14.83 69.37 106.07
CA TYR K 703 14.42 70.69 105.57
C TYR K 703 15.07 71.03 104.22
N SER K 704 14.55 70.38 103.19
CA SER K 704 14.86 70.72 101.80
C SER K 704 13.65 71.37 101.13
N PRO K 705 13.47 72.70 101.27
CA PRO K 705 12.27 73.37 100.69
C PRO K 705 12.47 73.90 99.27
N TYR K 706 12.52 72.99 98.31
CA TYR K 706 12.69 73.46 96.95
C TYR K 706 11.36 73.99 96.43
N PRO K 707 11.38 75.00 95.53
CA PRO K 707 10.12 75.67 95.15
C PRO K 707 9.22 74.75 94.37
N GLY K 708 8.16 74.29 95.02
CA GLY K 708 7.41 73.16 94.52
C GLY K 708 8.02 71.82 94.93
N GLY K 709 9.33 71.78 95.14
CA GLY K 709 10.04 70.56 95.45
C GLY K 709 10.35 70.39 96.93
N GLY K 710 9.39 70.80 97.76
CA GLY K 710 9.44 70.48 99.16
C GLY K 710 8.52 69.31 99.44
N GLU K 711 7.32 69.59 99.92
CA GLU K 711 6.27 68.59 100.05
C GLU K 711 5.48 68.55 98.74
N GLU K 712 4.29 67.94 98.74
CA GLU K 712 3.43 67.98 97.56
C GLU K 712 3.01 69.41 97.26
N TRP K 713 3.07 69.79 95.98
CA TRP K 713 2.56 71.02 95.37
C TRP K 713 3.32 72.28 95.78
N GLY K 714 4.27 72.19 96.72
CA GLY K 714 4.94 73.37 97.22
C GLY K 714 4.11 74.11 98.23
N GLY K 715 4.70 74.47 99.36
CA GLY K 715 3.95 75.22 100.35
C GLY K 715 4.70 75.36 101.64
N ASN K 716 3.94 75.63 102.70
CA ASN K 716 4.46 75.90 104.03
C ASN K 716 3.39 75.54 105.03
N GLY K 717 3.82 74.97 106.15
CA GLY K 717 2.89 74.20 106.95
C GLY K 717 2.53 72.88 106.32
N VAL K 718 3.37 72.38 105.43
CA VAL K 718 3.11 71.13 104.75
C VAL K 718 4.06 70.01 105.16
N GLY K 719 5.16 70.33 105.84
CA GLY K 719 6.05 69.33 106.38
C GLY K 719 6.05 69.40 107.90
N ASP K 720 6.52 68.31 108.52
CA ASP K 720 6.67 68.28 109.97
C ASP K 720 7.84 69.13 110.45
N ASP K 721 8.74 69.53 109.56
CA ASP K 721 9.58 70.68 109.83
C ASP K 721 8.75 71.93 109.98
N LEU K 722 7.74 72.11 109.14
CA LEU K 722 7.08 73.39 108.92
C LEU K 722 5.94 73.59 109.91
N PHE K 723 5.87 74.78 110.49
CA PHE K 723 4.75 75.16 111.36
C PHE K 723 4.43 76.62 111.06
N SER K 724 3.40 76.85 110.26
CA SER K 724 3.15 78.17 109.69
C SER K 724 1.70 78.57 109.95
N TYR K 725 1.39 79.82 109.59
CA TYR K 725 0.12 80.40 110.01
C TYR K 725 -0.19 81.63 109.18
N GLY K 726 -1.47 81.98 109.12
CA GLY K 726 -1.93 83.16 108.42
C GLY K 726 -2.95 82.84 107.37
N PHE K 727 -4.15 83.42 107.48
CA PHE K 727 -5.23 83.15 106.55
C PHE K 727 -6.24 84.29 106.66
N ASP K 728 -7.11 84.38 105.67
CA ASP K 728 -8.23 85.30 105.77
C ASP K 728 -9.21 84.61 106.72
N GLY K 729 -9.13 84.92 108.02
CA GLY K 729 -9.55 83.91 108.97
C GLY K 729 -8.41 82.99 109.35
N LEU K 730 -7.50 83.51 110.18
CA LEU K 730 -6.06 83.30 110.19
C LEU K 730 -5.46 81.90 110.32
N HIS K 731 -6.29 80.86 110.36
CA HIS K 731 -5.93 79.53 110.88
C HIS K 731 -4.81 78.86 110.07
N LEU K 732 -4.27 77.77 110.62
CA LEU K 732 -2.91 77.30 110.37
C LEU K 732 -2.82 76.25 109.26
N TRP K 733 -1.58 75.80 109.05
CA TRP K 733 -1.25 74.53 108.42
C TRP K 733 -0.03 73.98 109.13
N SER K 734 -0.01 72.66 109.33
CA SER K 734 1.18 71.98 109.88
C SER K 734 1.16 70.55 109.36
N GLY K 735 1.91 70.30 108.28
CA GLY K 735 1.82 69.02 107.61
C GLY K 735 0.69 68.93 106.63
N CYS K 736 0.32 70.07 106.03
CA CYS K 736 -0.84 70.24 105.16
C CYS K 736 -2.11 69.83 105.90
N ILE K 737 -2.15 70.17 107.17
CA ILE K 737 -3.31 69.97 108.01
C ILE K 737 -4.02 71.32 108.05
N ALA K 738 -5.12 71.44 107.32
CA ALA K 738 -5.90 72.66 107.29
C ALA K 738 -7.03 72.50 108.30
N ARG K 739 -6.88 73.16 109.46
CA ARG K 739 -7.91 73.19 110.49
C ARG K 739 -8.21 74.63 110.83
N THR K 740 -9.49 74.89 111.11
CA THR K 740 -10.05 76.23 111.02
C THR K 740 -10.44 76.78 112.38
N VAL K 741 -9.55 76.65 113.37
CA VAL K 741 -9.80 77.19 114.69
C VAL K 741 -9.85 78.71 114.62
N SER K 742 -10.89 79.28 115.24
CA SER K 742 -11.27 80.67 115.02
C SER K 742 -10.39 81.61 115.85
N SER K 743 -10.75 82.88 115.79
CA SER K 743 -10.13 83.95 116.57
C SER K 743 -11.25 84.75 117.18
N PRO K 744 -10.95 85.65 118.13
CA PRO K 744 -11.95 86.67 118.48
C PRO K 744 -11.89 87.89 117.56
N ASN K 745 -11.63 87.68 116.27
CA ASN K 745 -11.69 88.72 115.26
C ASN K 745 -12.40 88.32 113.98
N GLN K 746 -12.27 87.06 113.54
CA GLN K 746 -12.60 86.59 112.19
C GLN K 746 -12.02 87.51 111.12
N HIS K 747 -10.75 87.84 111.28
CA HIS K 747 -10.12 88.91 110.53
C HIS K 747 -9.42 88.35 109.29
N LEU K 748 -9.17 89.25 108.35
CA LEU K 748 -8.46 89.00 107.11
C LEU K 748 -6.96 88.94 107.38
N LEU K 749 -6.17 89.01 106.32
CA LEU K 749 -4.91 89.73 106.39
C LEU K 749 -5.14 90.98 105.55
N ARG K 750 -5.31 92.11 106.22
CA ARG K 750 -5.39 93.37 105.52
C ARG K 750 -4.02 94.04 105.60
N THR K 751 -3.90 95.17 104.92
CA THR K 751 -2.61 95.79 104.65
C THR K 751 -2.07 96.61 105.81
N ASP K 752 -2.55 96.39 107.03
CA ASP K 752 -2.20 97.21 108.20
C ASP K 752 -1.95 96.34 109.42
N ASP K 753 -1.80 95.04 109.23
CA ASP K 753 -1.95 94.09 110.32
C ASP K 753 -0.61 93.81 110.99
N VAL K 754 -0.66 93.56 112.30
CA VAL K 754 0.52 93.39 113.13
C VAL K 754 0.49 91.99 113.73
N ILE K 755 1.58 91.25 113.54
CA ILE K 755 1.61 89.80 113.72
C ILE K 755 2.68 89.44 114.75
N SER K 756 2.27 88.84 115.84
CA SER K 756 3.20 88.39 116.87
C SER K 756 3.68 86.98 116.58
N CYS K 757 4.94 86.71 116.92
CA CYS K 757 5.54 85.40 116.78
C CYS K 757 6.46 85.16 117.98
N CYS K 758 6.04 84.30 118.89
CA CYS K 758 6.74 84.11 120.16
C CYS K 758 7.12 82.64 120.35
N LEU K 759 8.26 82.42 120.98
CA LEU K 759 8.77 81.09 121.27
C LEU K 759 9.80 81.18 122.40
N ASP K 760 9.64 80.32 123.40
CA ASP K 760 10.53 80.30 124.55
C ASP K 760 11.50 79.14 124.43
N LEU K 761 12.62 79.24 125.15
CA LEU K 761 13.55 78.13 125.24
C LEU K 761 12.92 76.98 126.02
N SER K 762 12.84 75.82 125.38
CA SER K 762 12.36 74.56 125.95
C SER K 762 10.92 74.62 126.42
N ALA K 763 10.15 75.60 125.97
CA ALA K 763 8.71 75.59 126.17
C ALA K 763 8.09 75.22 124.83
N PRO K 764 7.59 73.99 124.66
CA PRO K 764 7.07 73.58 123.35
C PRO K 764 5.74 74.26 123.02
N SER K 765 5.81 75.54 122.67
CA SER K 765 4.62 76.34 122.42
C SER K 765 5.00 77.51 121.53
N ILE K 766 4.28 77.67 120.42
CA ILE K 766 4.51 78.75 119.49
C ILE K 766 3.32 79.70 119.56
N SER K 767 3.59 80.94 119.93
CA SER K 767 2.54 81.89 120.31
C SER K 767 2.41 82.95 119.24
N PHE K 768 1.22 83.03 118.64
CA PHE K 768 0.92 83.96 117.57
C PHE K 768 -0.24 84.86 118.00
N ARG K 769 0.06 86.14 118.22
CA ARG K 769 -0.95 87.12 118.54
C ARG K 769 -1.09 88.10 117.38
N ILE K 770 -2.21 88.81 117.35
CA ILE K 770 -2.46 89.86 116.37
C ILE K 770 -2.83 91.13 117.10
N ASN K 771 -2.04 92.19 116.87
CA ASN K 771 -2.24 93.53 117.43
C ASN K 771 -2.18 93.51 118.95
N GLY K 772 -1.52 92.51 119.52
CA GLY K 772 -1.58 92.21 120.93
C GLY K 772 -2.61 91.19 121.32
N GLN K 773 -3.66 91.01 120.51
CA GLN K 773 -4.76 90.12 120.91
C GLN K 773 -4.33 88.67 120.69
N PRO K 774 -4.52 87.81 121.68
CA PRO K 774 -4.29 86.37 121.47
C PRO K 774 -5.26 85.79 120.45
N VAL K 775 -4.74 84.94 119.59
CA VAL K 775 -5.48 84.42 118.44
C VAL K 775 -5.66 82.93 118.73
N GLN K 776 -5.81 82.63 120.02
CA GLN K 776 -6.14 81.30 120.53
C GLN K 776 -5.06 80.29 120.15
N GLY K 777 -3.87 80.48 120.74
CA GLY K 777 -2.68 79.68 120.49
C GLY K 777 -2.88 78.19 120.53
N MET K 778 -2.16 77.47 119.68
CA MET K 778 -2.53 76.09 119.37
C MET K 778 -1.34 75.14 119.42
N PHE K 779 -0.16 75.68 119.18
CA PHE K 779 1.01 74.87 118.88
C PHE K 779 1.60 74.29 120.15
N GLU K 780 1.75 72.96 120.19
CA GLU K 780 2.28 72.27 121.36
C GLU K 780 3.10 71.05 120.97
N ASN K 781 4.08 70.73 121.83
CA ASN K 781 4.69 69.40 121.97
C ASN K 781 5.36 68.92 120.68
N PHE K 782 6.42 69.63 120.32
CA PHE K 782 7.10 69.36 119.07
C PHE K 782 8.38 68.59 119.32
N ASN K 783 9.03 68.22 118.22
CA ASN K 783 10.29 67.47 118.28
C ASN K 783 11.42 68.47 118.27
N ILE K 784 11.97 68.76 119.45
CA ILE K 784 13.10 69.68 119.55
C ILE K 784 14.32 68.91 119.06
N ASP K 785 14.66 69.10 117.79
CA ASP K 785 15.77 68.38 117.19
C ASP K 785 16.27 69.23 116.04
N GLY K 786 17.43 69.85 116.21
CA GLY K 786 17.89 70.85 115.29
C GLY K 786 17.34 72.22 115.62
N LEU K 787 17.90 73.22 114.96
CA LEU K 787 17.64 74.60 115.34
C LEU K 787 16.35 75.09 114.68
N PHE K 788 15.98 76.34 114.95
CA PHE K 788 14.74 76.89 114.40
C PHE K 788 14.99 78.32 113.94
N PHE K 789 14.00 78.88 113.26
CA PHE K 789 14.17 80.14 112.53
C PHE K 789 12.81 80.63 112.04
N PRO K 790 12.66 81.94 111.85
CA PRO K 790 11.55 82.46 111.07
C PRO K 790 11.71 82.18 109.58
N VAL K 791 10.56 82.01 108.91
CA VAL K 791 10.48 81.28 107.65
C VAL K 791 9.83 82.12 106.54
N VAL K 792 9.03 83.10 106.94
CA VAL K 792 7.72 83.47 106.36
C VAL K 792 7.58 83.36 104.85
N SER K 793 6.52 82.66 104.41
CA SER K 793 6.20 82.38 103.02
C SER K 793 5.17 83.37 102.48
N PHE K 794 5.14 83.49 101.16
CA PHE K 794 4.34 84.49 100.47
C PHE K 794 4.37 84.17 98.98
N SER K 795 3.23 84.35 98.29
CA SER K 795 3.25 84.43 96.82
C SER K 795 2.05 85.25 96.34
N ALA K 796 2.25 86.57 96.20
CA ALA K 796 1.31 87.51 95.57
C ALA K 796 1.95 88.88 95.39
N GLY K 797 1.11 89.89 95.14
CA GLY K 797 1.51 91.28 95.23
C GLY K 797 1.70 91.73 96.66
N ILE K 798 2.77 91.27 97.30
CA ILE K 798 2.95 91.35 98.74
C ILE K 798 4.15 92.23 99.05
N LYS K 799 3.94 93.21 99.94
CA LYS K 799 5.06 93.83 100.62
C LYS K 799 4.68 94.09 102.07
N VAL K 800 5.55 93.67 102.99
CA VAL K 800 5.35 93.78 104.44
C VAL K 800 6.67 94.22 105.06
N ARG K 801 6.70 94.30 106.39
CA ARG K 801 7.91 94.61 107.13
C ARG K 801 8.26 93.47 108.08
N PHE K 802 9.56 93.19 108.22
CA PHE K 802 10.06 92.61 109.46
C PHE K 802 10.05 93.67 110.55
N LEU K 803 10.16 93.21 111.80
CA LEU K 803 10.43 94.09 112.94
C LEU K 803 11.55 93.47 113.75
N LEU K 804 12.79 93.86 113.42
CA LEU K 804 13.95 93.42 114.19
C LEU K 804 14.80 94.61 114.62
N GLY K 805 14.94 95.60 113.75
CA GLY K 805 15.79 96.73 114.07
C GLY K 805 17.27 96.45 113.89
N GLU K 810 14.50 99.74 114.86
CA GLU K 810 13.39 99.81 113.92
C GLU K 810 12.24 98.90 114.31
N PHE K 811 12.14 98.56 115.60
CA PHE K 811 10.92 97.96 116.11
C PHE K 811 9.78 98.97 116.05
N LYS K 812 8.55 98.46 115.94
CA LYS K 812 7.38 99.31 115.87
C LYS K 812 6.45 99.09 117.06
N PHE K 813 6.00 97.86 117.27
CA PHE K 813 5.01 97.57 118.30
C PHE K 813 5.08 96.10 118.66
N LEU K 814 5.25 95.83 119.94
CA LEU K 814 5.49 94.46 120.39
C LEU K 814 5.26 94.31 121.89
N PRO K 815 4.40 93.36 122.29
CA PRO K 815 4.47 92.81 123.64
C PRO K 815 5.71 91.95 123.79
N PRO K 816 6.12 91.60 125.00
CA PRO K 816 7.38 90.85 125.15
C PRO K 816 7.18 89.35 125.31
N PRO K 817 5.96 88.81 125.12
CA PRO K 817 5.38 87.86 126.09
C PRO K 817 6.30 86.73 126.51
N GLY K 818 6.34 86.50 127.83
CA GLY K 818 7.59 86.01 128.38
C GLY K 818 8.58 87.14 128.27
N TYR K 819 9.86 86.81 128.08
CA TYR K 819 10.84 87.81 127.66
C TYR K 819 12.04 87.14 127.03
N ALA K 820 12.17 87.29 125.69
CA ALA K 820 13.37 87.66 124.95
C ALA K 820 13.00 87.79 123.48
N PRO K 821 13.52 88.80 122.77
CA PRO K 821 13.23 88.92 121.34
C PRO K 821 14.27 88.16 120.52
N CYS K 822 13.93 87.94 119.25
CA CYS K 822 14.85 87.26 118.34
C CYS K 822 16.07 88.10 118.02
N TYR K 823 15.93 89.43 118.03
CA TYR K 823 16.98 90.37 117.63
C TYR K 823 18.22 90.30 118.52
N GLU K 824 18.10 89.75 119.72
CA GLU K 824 19.24 89.56 120.59
C GLU K 824 20.04 88.29 120.29
N ALA K 825 19.89 87.69 119.12
CA ALA K 825 20.68 86.54 118.73
C ALA K 825 21.90 86.94 117.91
N VAL K 826 22.11 88.24 117.72
CA VAL K 826 23.11 88.76 116.80
C VAL K 826 24.25 89.33 117.66
N LEU K 827 24.45 88.72 118.84
CA LEU K 827 25.36 89.26 119.85
C LEU K 827 26.84 89.25 119.44
N PRO K 828 27.53 88.07 119.19
CA PRO K 828 29.00 88.10 119.13
C PRO K 828 29.57 88.84 117.93
N LYS K 829 29.23 88.37 116.73
CA LYS K 829 29.82 88.90 115.50
C LYS K 829 28.82 89.06 114.37
N GLU K 830 27.64 88.47 114.48
CA GLU K 830 26.75 88.18 113.35
C GLU K 830 26.17 89.47 112.75
N LYS K 831 25.53 89.32 111.61
CA LYS K 831 24.93 90.43 110.89
C LYS K 831 23.41 90.24 110.81
N LEU K 832 22.74 91.13 110.09
CA LEU K 832 21.29 91.10 109.99
C LEU K 832 20.92 91.16 108.51
N LYS K 833 20.88 89.99 107.87
CA LYS K 833 20.44 89.88 106.49
C LYS K 833 19.19 89.02 106.42
N VAL K 834 18.62 88.89 105.22
CA VAL K 834 17.52 87.97 104.96
C VAL K 834 17.84 87.20 103.69
N GLU K 835 17.83 85.88 103.78
CA GLU K 835 18.03 85.03 102.62
C GLU K 835 16.72 84.34 102.24
N HIS K 836 16.74 83.65 101.10
CA HIS K 836 15.51 83.18 100.50
C HIS K 836 15.31 81.68 100.64
N SER K 837 15.63 81.12 101.81
CA SER K 837 15.29 79.74 102.20
C SER K 837 15.96 78.71 101.30
N ARG K 838 17.28 78.61 101.47
CA ARG K 838 18.17 77.51 101.16
C ARG K 838 18.52 77.38 99.67
N GLU K 839 17.82 78.08 98.77
CA GLU K 839 18.35 78.67 97.54
C GLU K 839 19.41 77.92 96.73
N TYR K 840 19.06 76.77 96.16
CA TYR K 840 19.99 76.12 95.24
C TYR K 840 20.23 76.94 93.98
N LYS K 841 19.33 77.87 93.66
CA LYS K 841 19.54 78.88 92.66
C LYS K 841 19.94 80.20 93.33
N GLN K 842 20.33 81.16 92.50
CA GLN K 842 20.16 82.59 92.74
C GLN K 842 20.14 83.23 91.36
N GLU K 843 19.07 83.95 91.04
CA GLU K 843 18.71 84.17 89.63
C GLU K 843 19.71 85.07 88.89
N ARG K 844 20.19 84.57 87.75
CA ARG K 844 21.27 85.22 87.01
C ARG K 844 21.14 84.85 85.54
N THR K 845 21.48 85.83 84.67
CA THR K 845 21.57 85.59 83.24
C THR K 845 22.62 84.54 82.91
N TYR K 846 23.77 84.60 83.60
CA TYR K 846 24.87 83.71 83.26
C TYR K 846 24.64 82.31 83.80
N THR K 847 24.60 82.19 85.12
CA THR K 847 24.41 80.89 85.77
C THR K 847 23.93 81.14 87.19
N ARG K 848 22.77 80.61 87.52
CA ARG K 848 22.38 80.47 88.91
C ARG K 848 23.35 79.46 89.52
N ASP K 849 24.26 79.94 90.36
CA ASP K 849 25.54 79.29 90.61
C ASP K 849 25.38 77.98 91.36
N LEU K 850 26.50 77.27 91.46
CA LEU K 850 26.55 75.95 92.07
C LEU K 850 26.80 76.06 93.57
N LEU K 851 26.34 75.05 94.30
CA LEU K 851 26.33 75.10 95.75
C LEU K 851 26.42 73.68 96.32
N GLY K 852 27.55 73.37 96.96
CA GLY K 852 27.64 72.17 97.77
C GLY K 852 26.72 72.34 98.96
N PRO K 853 26.03 71.26 99.37
CA PRO K 853 24.87 71.42 100.25
C PRO K 853 25.09 71.95 101.66
N THR K 854 25.75 71.21 102.56
CA THR K 854 25.66 71.55 103.99
C THR K 854 26.85 71.00 104.77
N VAL K 855 27.14 71.68 105.88
CA VAL K 855 27.66 71.08 107.10
C VAL K 855 26.74 71.58 108.21
N SER K 856 25.69 70.81 108.50
CA SER K 856 24.67 71.26 109.46
C SER K 856 23.92 70.10 110.09
N ALA K 861 21.33 76.27 121.14
CA ALA K 861 22.65 75.69 121.00
C ALA K 861 23.72 76.58 121.61
N PHE K 862 23.39 77.22 122.74
CA PHE K 862 24.31 78.12 123.42
C PHE K 862 25.03 77.44 124.58
N THR K 863 25.08 76.11 124.59
CA THR K 863 25.77 75.38 125.64
C THR K 863 27.05 74.78 125.08
N PRO K 864 28.23 75.38 125.30
CA PRO K 864 29.47 74.71 124.93
C PRO K 864 29.91 73.77 126.04
N ILE K 865 30.68 72.74 125.64
CA ILE K 865 31.05 71.66 126.55
C ILE K 865 32.54 71.76 126.82
N PRO K 866 32.96 71.94 128.08
CA PRO K 866 34.39 71.96 128.40
C PRO K 866 34.91 70.57 128.72
N VAL K 867 36.24 70.43 128.63
CA VAL K 867 36.88 69.16 128.96
C VAL K 867 36.87 68.98 130.48
N ASP K 868 36.96 67.72 130.91
CA ASP K 868 36.87 67.41 132.33
C ASP K 868 38.15 67.77 133.07
N THR K 869 38.02 67.96 134.39
CA THR K 869 39.11 68.39 135.26
C THR K 869 39.44 67.39 136.35
N SER K 870 38.45 66.95 137.11
CA SER K 870 38.67 66.45 138.47
C SER K 870 38.95 64.96 138.55
N GLN K 871 38.58 64.16 137.56
CA GLN K 871 38.82 62.72 137.61
C GLN K 871 40.13 62.36 136.90
N ILE K 872 41.22 62.90 137.43
CA ILE K 872 42.56 62.71 136.85
C ILE K 872 43.50 62.36 137.99
N VAL K 873 44.26 61.27 137.80
CA VAL K 873 45.16 60.76 138.83
C VAL K 873 46.43 61.62 138.85
N LEU K 874 46.80 62.11 140.07
CA LEU K 874 48.00 62.92 140.27
C LEU K 874 48.99 62.23 141.19
N PRO K 875 50.28 62.28 140.88
CA PRO K 875 51.30 61.73 141.79
C PRO K 875 51.50 62.63 143.00
N PRO K 876 51.92 62.07 144.14
CA PRO K 876 52.10 62.90 145.35
C PRO K 876 53.32 63.80 145.29
N HIS K 877 54.37 63.38 144.56
CA HIS K 877 55.46 64.29 144.25
C HIS K 877 54.95 65.47 143.44
N LEU K 878 54.12 65.20 142.44
CA LEU K 878 53.46 66.28 141.72
C LEU K 878 52.42 66.99 142.57
N GLU K 879 51.92 66.38 143.65
CA GLU K 879 51.08 67.14 144.58
C GLU K 879 51.89 68.14 145.39
N ARG K 880 53.10 67.79 145.80
CA ARG K 880 53.94 68.73 146.54
C ARG K 880 54.47 69.83 145.63
N ILE K 881 54.94 69.44 144.43
CA ILE K 881 55.21 70.38 143.36
C ILE K 881 53.99 71.23 143.02
N ARG K 882 52.79 70.64 143.11
CA ARG K 882 51.57 71.38 142.82
C ARG K 882 51.27 72.41 143.88
N GLU K 883 51.55 72.09 145.15
CA GLU K 883 51.31 73.06 146.20
C GLU K 883 52.36 74.17 146.19
N LYS K 884 53.60 73.83 145.86
CA LYS K 884 54.64 74.86 145.72
C LYS K 884 54.38 75.74 144.50
N LEU K 885 53.96 75.13 143.39
CA LEU K 885 53.61 75.88 142.20
C LEU K 885 52.34 76.70 142.41
N ALA K 886 51.44 76.23 143.27
CA ALA K 886 50.26 77.00 143.61
C ALA K 886 50.59 78.16 144.53
N GLU K 887 51.60 77.99 145.39
CA GLU K 887 52.14 79.11 146.14
C GLU K 887 52.75 80.15 145.19
N ASN K 888 53.50 79.67 144.19
CA ASN K 888 54.06 80.56 143.19
C ASN K 888 52.97 81.22 142.35
N ILE K 889 51.88 80.51 142.09
CA ILE K 889 50.78 81.07 141.31
C ILE K 889 50.01 82.12 142.11
N HIS K 890 49.84 81.88 143.42
CA HIS K 890 49.15 82.87 144.23
C HIS K 890 50.01 84.10 144.48
N GLU K 891 51.33 83.94 144.62
CA GLU K 891 52.14 85.14 144.75
C GLU K 891 52.27 85.88 143.43
N LEU K 892 52.20 85.18 142.30
CA LEU K 892 52.15 85.93 141.04
C LEU K 892 50.79 86.56 140.82
N TRP K 893 49.73 86.01 141.40
CA TRP K 893 48.44 86.69 141.36
C TRP K 893 48.46 87.95 142.24
N VAL K 894 49.11 87.87 143.39
CA VAL K 894 49.31 89.05 144.24
C VAL K 894 50.19 90.08 143.53
N MET K 895 51.24 89.62 142.83
CA MET K 895 52.10 90.49 142.05
C MET K 895 51.34 91.12 140.88
N ASN K 896 50.39 90.38 140.29
CA ASN K 896 49.56 90.92 139.23
C ASN K 896 48.63 92.01 139.77
N LYS K 897 48.07 91.78 140.96
CA LYS K 897 47.21 92.79 141.55
C LYS K 897 48.00 94.01 142.03
N ILE K 898 49.27 93.82 142.41
CA ILE K 898 50.13 94.95 142.72
C ILE K 898 50.45 95.72 141.44
N GLU K 899 50.66 95.00 140.33
CA GLU K 899 50.76 95.67 139.03
C GLU K 899 49.43 96.24 138.57
N LEU K 900 48.31 95.76 139.12
CA LEU K 900 47.03 96.42 138.93
C LEU K 900 46.84 97.62 139.85
N GLY K 901 47.77 97.87 140.76
CA GLY K 901 47.66 99.01 141.65
C GLY K 901 46.64 98.79 142.75
N TRP K 902 46.62 97.59 143.33
CA TRP K 902 45.84 97.30 144.52
C TRP K 902 46.68 97.61 145.76
N GLN K 903 45.99 98.07 146.80
CA GLN K 903 46.61 98.36 148.08
C GLN K 903 45.95 97.47 149.11
N TYR K 904 46.74 96.91 150.02
CA TYR K 904 46.21 95.89 150.91
C TYR K 904 45.32 96.49 151.99
N GLY K 905 44.19 95.84 152.23
CA GLY K 905 43.30 96.18 153.31
C GLY K 905 42.54 94.95 153.76
N PRO K 906 41.57 95.14 154.65
CA PRO K 906 40.73 94.02 155.06
C PRO K 906 39.50 93.86 154.18
N VAL K 907 39.11 94.94 153.50
CA VAL K 907 37.83 94.99 152.79
C VAL K 907 38.02 94.53 151.36
N ARG K 908 37.02 93.83 150.83
CA ARG K 908 37.04 93.34 149.45
C ARG K 908 36.32 94.36 148.57
N ASP K 909 36.97 95.49 148.36
CA ASP K 909 36.46 96.54 147.49
C ASP K 909 36.88 96.29 146.05
N ASP K 910 36.34 97.10 145.15
CA ASP K 910 36.70 97.06 143.74
C ASP K 910 37.21 98.38 143.20
N ASN K 911 36.73 99.51 143.72
CA ASN K 911 37.19 100.83 143.29
C ASN K 911 38.01 101.55 144.34
N LYS K 912 37.93 101.16 145.61
CA LYS K 912 38.68 101.78 146.68
C LYS K 912 40.11 101.26 146.78
N ARG K 913 40.50 100.36 145.87
CA ARG K 913 41.83 99.73 145.81
C ARG K 913 42.18 99.05 147.13
N GLN K 914 41.24 98.25 147.63
CA GLN K 914 41.46 97.41 148.81
C GLN K 914 41.09 95.97 148.48
N HIS K 915 42.01 95.06 148.73
CA HIS K 915 41.80 93.64 148.53
C HIS K 915 42.35 92.87 149.71
N PRO K 916 41.59 91.90 150.23
CA PRO K 916 41.98 91.25 151.49
C PRO K 916 42.92 90.06 151.37
N CYS K 917 43.25 89.61 150.17
CA CYS K 917 44.04 88.40 150.01
C CYS K 917 45.29 88.69 149.17
N LEU K 918 45.97 89.77 149.53
CA LEU K 918 47.31 90.05 149.02
C LEU K 918 48.38 89.47 149.93
N VAL K 919 47.99 88.84 151.03
CA VAL K 919 48.87 88.07 151.89
C VAL K 919 48.94 86.68 151.27
N GLU K 920 49.87 85.84 151.72
CA GLU K 920 50.38 84.67 151.01
C GLU K 920 49.38 83.56 150.71
N PHE K 921 49.89 82.56 149.99
CA PHE K 921 49.20 81.30 149.75
C PHE K 921 48.91 80.55 151.04
N SER K 922 49.75 80.71 152.05
CA SER K 922 49.61 80.02 153.32
C SER K 922 48.73 80.76 154.32
N LYS K 923 48.73 82.09 154.28
CA LYS K 923 47.97 82.88 155.25
C LYS K 923 46.57 83.22 154.79
N LEU K 924 46.05 82.53 153.77
CA LEU K 924 44.64 82.53 153.43
C LEU K 924 44.12 81.11 153.48
N PRO K 925 42.97 80.86 154.12
CA PRO K 925 42.48 79.47 154.24
C PRO K 925 41.88 78.96 152.94
N GLU K 926 41.28 77.76 152.98
CA GLU K 926 40.77 77.13 151.76
C GLU K 926 39.35 77.57 151.44
N GLN K 927 39.13 78.89 151.46
CA GLN K 927 37.92 79.52 150.95
C GLN K 927 38.21 80.71 150.06
N GLU K 928 39.34 81.39 150.27
CA GLU K 928 39.78 82.51 149.44
C GLU K 928 41.09 82.25 148.73
N ARG K 929 41.95 81.38 149.27
CA ARG K 929 43.09 80.86 148.53
C ARG K 929 42.71 79.68 147.65
N ASN K 930 41.51 79.12 147.84
CA ASN K 930 41.04 78.01 147.02
C ASN K 930 40.79 78.42 145.57
N TYR K 931 40.57 79.72 145.31
CA TYR K 931 40.47 80.21 143.94
C TYR K 931 41.79 80.12 143.19
N ASN K 932 42.92 80.06 143.91
CA ASN K 932 44.20 79.77 143.29
C ASN K 932 44.67 78.34 143.53
N LEU K 933 44.34 77.78 144.71
CA LEU K 933 44.63 76.39 145.02
C LEU K 933 44.01 75.44 144.01
N GLN K 934 42.68 75.49 143.88
CA GLN K 934 41.97 74.63 142.94
C GLN K 934 42.31 74.97 141.50
N MET K 935 42.64 76.24 141.22
CA MET K 935 43.05 76.63 139.86
C MET K 935 44.31 75.91 139.45
N SER K 936 45.35 75.98 140.29
CA SER K 936 46.61 75.30 139.96
C SER K 936 46.47 73.78 140.03
N LEU K 937 45.65 73.25 140.96
CA LEU K 937 45.48 71.81 141.07
C LEU K 937 44.76 71.22 139.87
N GLU K 938 43.67 71.85 139.44
CA GLU K 938 42.98 71.35 138.26
C GLU K 938 43.75 71.68 136.98
N THR K 939 44.60 72.73 137.02
CA THR K 939 45.48 72.98 135.89
C THR K 939 46.51 71.88 135.74
N LEU K 940 47.06 71.38 136.85
CA LEU K 940 47.98 70.26 136.77
C LEU K 940 47.28 68.91 136.60
N LYS K 941 46.00 68.81 136.89
CA LYS K 941 45.25 67.63 136.47
C LYS K 941 45.08 67.64 134.96
N THR K 942 44.62 68.76 134.40
CA THR K 942 44.50 68.91 132.95
C THR K 942 45.85 68.84 132.24
N LEU K 943 46.94 69.12 132.95
CA LEU K 943 48.28 68.87 132.42
C LEU K 943 48.55 67.38 132.23
N LEU K 944 47.86 66.52 132.97
CA LEU K 944 48.14 65.08 132.92
C LEU K 944 47.31 64.33 131.90
N ALA K 945 46.22 64.90 131.41
CA ALA K 945 45.33 64.21 130.48
C ALA K 945 45.16 64.89 129.13
N LEU K 946 45.76 66.07 128.92
CA LEU K 946 45.67 66.75 127.64
C LEU K 946 46.88 66.49 126.75
N GLY K 947 47.48 65.30 126.85
CA GLY K 947 48.50 64.88 125.91
C GLY K 947 49.84 65.57 126.01
N CYS K 948 50.07 66.37 127.05
CA CYS K 948 51.36 67.02 127.25
C CYS K 948 52.03 66.38 128.47
N HIS K 949 53.03 65.55 128.19
CA HIS K 949 53.68 64.72 129.21
C HIS K 949 54.55 65.59 130.10
N VAL K 950 53.98 66.07 131.20
CA VAL K 950 54.72 66.91 132.15
C VAL K 950 55.31 65.95 133.19
N GLY K 951 56.46 65.37 132.84
CA GLY K 951 57.15 64.53 133.78
C GLY K 951 57.95 65.34 134.78
N ILE K 952 58.34 64.69 135.87
CA ILE K 952 59.13 65.35 136.91
C ILE K 952 60.55 65.54 136.39
N SER K 953 60.86 66.75 135.93
CA SER K 953 62.15 67.04 135.34
C SER K 953 63.05 67.88 136.23
N ASP K 954 62.49 68.79 137.04
CA ASP K 954 63.29 69.63 137.90
C ASP K 954 62.55 69.85 139.21
N GLU K 955 63.26 70.41 140.19
CA GLU K 955 62.69 70.69 141.49
C GLU K 955 61.77 71.91 141.42
N HIS K 956 60.83 71.99 142.35
CA HIS K 956 59.87 73.08 142.34
C HIS K 956 60.52 74.39 142.80
N ALA K 957 60.14 75.48 142.16
CA ALA K 957 60.61 76.82 142.53
C ALA K 957 59.80 77.39 143.68
N TYR K 970 61.56 97.05 140.52
CA TYR K 970 60.42 96.44 141.21
C TYR K 970 59.45 97.55 141.59
N GLN K 971 58.18 97.20 141.80
CA GLN K 971 57.15 98.19 142.04
C GLN K 971 56.97 98.49 143.52
N LEU K 972 55.86 99.17 143.83
CA LEU K 972 55.58 99.67 145.17
C LEU K 972 54.49 98.82 145.80
N THR K 973 54.84 98.03 146.80
CA THR K 973 53.92 97.14 147.48
C THR K 973 53.43 97.79 148.78
N SER K 974 52.38 97.21 149.35
CA SER K 974 51.72 97.77 150.53
C SER K 974 51.36 96.67 151.53
N GLY K 975 52.30 95.78 151.79
CA GLY K 975 52.05 94.75 152.79
C GLY K 975 52.69 93.42 152.46
N TYR K 976 52.89 93.15 151.18
CA TYR K 976 53.51 91.91 150.74
C TYR K 976 54.18 92.14 149.39
N LYS K 977 55.45 91.75 149.28
CA LYS K 977 56.28 91.97 148.10
C LYS K 977 56.71 90.64 147.52
N PRO K 978 55.95 90.07 146.57
CA PRO K 978 56.32 88.78 145.99
C PRO K 978 57.41 88.91 144.93
N ALA K 979 58.59 88.33 145.22
CA ALA K 979 59.62 88.06 144.22
C ALA K 979 60.48 86.90 144.67
N PRO K 980 59.94 85.65 144.63
CA PRO K 980 60.72 84.50 145.13
C PRO K 980 61.89 84.08 144.25
N MET K 981 61.64 83.81 142.96
CA MET K 981 62.64 83.26 142.06
C MET K 981 62.39 83.83 140.66
N ASP K 982 63.23 83.41 139.71
CA ASP K 982 63.01 83.71 138.31
C ASP K 982 62.25 82.55 137.66
N LEU K 983 61.03 82.84 137.23
CA LEU K 983 60.12 81.82 136.76
C LEU K 983 59.84 81.89 135.26
N SER K 984 59.99 83.06 134.65
CA SER K 984 59.76 83.24 133.23
C SER K 984 61.01 83.02 132.39
N PHE K 985 61.92 82.16 132.86
CA PHE K 985 63.14 81.87 132.11
C PHE K 985 62.83 81.06 130.86
N ILE K 986 62.21 79.91 131.02
CA ILE K 986 61.94 79.00 129.90
C ILE K 986 60.76 79.54 129.10
N LYS K 987 60.96 79.64 127.78
CA LYS K 987 59.92 80.13 126.89
C LYS K 987 58.74 79.16 126.85
N LEU K 988 57.53 79.72 126.83
CA LEU K 988 56.32 78.92 126.85
C LEU K 988 56.02 78.39 125.46
N THR K 989 55.62 77.12 125.38
CA THR K 989 55.40 76.49 124.10
C THR K 989 54.10 76.99 123.46
N PRO K 990 53.90 76.71 122.17
CA PRO K 990 52.60 77.02 121.56
C PRO K 990 51.50 76.11 122.07
N SER K 991 51.82 74.86 122.40
CA SER K 991 50.87 73.99 123.08
C SER K 991 50.59 74.47 124.49
N GLN K 992 51.54 75.18 125.10
CA GLN K 992 51.28 75.81 126.39
C GLN K 992 50.29 76.95 126.26
N GLU K 993 50.37 77.73 125.17
CA GLU K 993 49.36 78.75 124.91
C GLU K 993 48.01 78.11 124.59
N ALA K 994 48.05 76.97 123.89
CA ALA K 994 46.83 76.23 123.60
C ALA K 994 46.17 75.73 124.89
N MET K 995 46.96 75.22 125.82
CA MET K 995 46.40 74.78 127.09
C MET K 995 46.04 75.94 128.00
N VAL K 996 46.65 77.12 127.82
CA VAL K 996 46.19 78.31 128.51
C VAL K 996 44.80 78.71 128.00
N ASP K 997 44.60 78.58 126.69
CA ASP K 997 43.27 78.76 126.12
C ASP K 997 42.31 77.69 126.63
N LYS K 998 42.80 76.47 126.84
CA LYS K 998 41.99 75.42 127.45
C LYS K 998 41.58 75.76 128.88
N LEU K 999 42.51 76.36 129.63
CA LEU K 999 42.22 76.77 131.01
C LEU K 999 41.15 77.84 131.04
N ALA K 1000 41.32 78.90 130.23
CA ALA K 1000 40.31 79.95 130.17
C ALA K 1000 38.98 79.42 129.63
N GLU K 1001 39.07 78.49 128.67
CA GLU K 1001 37.91 77.82 128.10
C GLU K 1001 37.11 77.09 129.16
N ASN K 1002 37.76 76.15 129.83
CA ASN K 1002 37.09 75.28 130.78
C ASN K 1002 36.63 76.06 132.00
N ALA K 1003 37.40 77.07 132.42
CA ALA K 1003 37.00 77.89 133.56
C ALA K 1003 35.76 78.72 133.22
N HIS K 1004 35.77 79.40 132.07
CA HIS K 1004 34.63 80.21 131.67
C HIS K 1004 33.40 79.36 131.37
N ASN K 1005 33.62 78.13 130.89
CA ASN K 1005 32.50 77.27 130.55
C ASN K 1005 31.87 76.64 131.79
N VAL K 1006 32.67 76.23 132.77
CA VAL K 1006 32.08 75.74 134.01
C VAL K 1006 31.46 76.90 134.79
N TRP K 1007 32.03 78.11 134.64
CA TRP K 1007 31.42 79.32 135.18
C TRP K 1007 30.01 79.54 134.64
N ALA K 1008 29.88 79.66 133.32
CA ALA K 1008 28.56 79.83 132.72
C ALA K 1008 27.67 78.59 132.85
N ARG K 1009 28.29 77.42 133.07
CA ARG K 1009 27.57 76.20 133.40
C ARG K 1009 26.91 76.30 134.77
N ASP K 1010 27.49 77.10 135.67
CA ASP K 1010 26.83 77.44 136.91
C ASP K 1010 26.29 78.87 136.94
N ARG K 1011 26.49 79.63 135.86
CA ARG K 1011 25.95 80.98 135.74
C ARG K 1011 25.10 81.05 134.49
N ILE K 1012 24.15 80.11 134.41
CA ILE K 1012 23.41 79.81 133.19
C ILE K 1012 22.60 81.02 132.73
N ARG K 1013 22.09 81.81 133.67
CA ARG K 1013 21.30 82.99 133.33
C ARG K 1013 22.14 84.10 132.71
N GLN K 1014 23.45 84.11 132.94
CA GLN K 1014 24.27 85.22 132.51
C GLN K 1014 24.56 85.13 131.03
N ARG K 1027 21.00 87.59 135.43
CA ARG K 1027 19.73 87.27 134.77
C ARG K 1027 19.69 87.89 133.38
N ARG K 1028 19.52 87.00 132.38
CA ARG K 1028 19.50 87.25 130.93
C ARG K 1028 20.53 88.27 130.48
N ASN K 1029 21.74 88.16 131.02
CA ASN K 1029 22.79 89.15 130.82
C ASN K 1029 23.35 89.06 129.40
N PRO K 1030 24.17 90.02 128.98
CA PRO K 1030 24.98 89.84 127.76
C PRO K 1030 26.17 88.90 127.93
N ARG K 1031 26.26 88.17 129.04
CA ARG K 1031 27.29 87.16 129.26
C ARG K 1031 26.89 85.80 128.74
N LEU K 1032 25.87 85.71 127.88
CA LEU K 1032 25.42 84.46 127.29
C LEU K 1032 26.37 83.99 126.20
N VAL K 1033 27.63 83.75 126.56
CA VAL K 1033 28.69 83.63 125.56
C VAL K 1033 29.40 82.29 125.67
N PRO K 1034 29.47 81.50 124.61
CA PRO K 1034 30.44 80.42 124.54
C PRO K 1034 31.85 81.00 124.43
N TYR K 1035 32.82 80.16 124.80
CA TYR K 1035 34.21 80.61 124.79
C TYR K 1035 34.75 80.70 123.37
N ALA K 1036 34.48 79.67 122.55
CA ALA K 1036 35.04 79.60 121.22
C ALA K 1036 34.42 80.62 120.26
N LEU K 1037 33.24 81.14 120.58
CA LEU K 1037 32.58 82.08 119.69
C LEU K 1037 33.20 83.47 119.74
N LEU K 1038 33.97 83.79 120.78
CA LEU K 1038 34.46 85.14 120.98
C LEU K 1038 35.97 85.23 120.78
N ASP K 1039 36.42 86.45 120.50
CA ASP K 1039 37.82 86.77 120.27
C ASP K 1039 38.54 87.04 121.59
N ASP K 1040 39.70 87.71 121.53
CA ASP K 1040 40.55 87.93 122.69
C ASP K 1040 40.13 89.12 123.53
N ARG K 1041 38.85 89.51 123.51
CA ARG K 1041 38.37 90.48 124.49
C ARG K 1041 38.16 89.83 125.85
N THR K 1042 37.39 88.74 125.89
CA THR K 1042 37.15 87.99 127.11
C THR K 1042 38.17 86.88 127.32
N LYS K 1043 39.39 87.04 126.79
CA LYS K 1043 40.46 86.06 126.94
C LYS K 1043 41.76 86.69 127.40
N LYS K 1044 41.71 87.89 127.99
CA LYS K 1044 42.93 88.63 128.29
C LYS K 1044 43.57 88.19 129.60
N SER K 1045 42.88 88.42 130.72
CA SER K 1045 43.50 88.28 132.03
C SER K 1045 43.68 86.81 132.39
N ASN K 1046 42.74 85.96 131.96
CA ASN K 1046 42.85 84.52 132.23
C ASN K 1046 44.03 83.92 131.48
N LYS K 1047 44.24 84.29 130.22
CA LYS K 1047 45.39 83.78 129.48
C LYS K 1047 46.70 84.37 129.98
N ASP K 1048 46.71 85.62 130.43
CA ASP K 1048 47.94 86.18 130.97
C ASP K 1048 48.33 85.51 132.29
N SER K 1049 47.35 85.28 133.17
CA SER K 1049 47.63 84.58 134.42
C SER K 1049 47.92 83.09 134.19
N LEU K 1050 47.37 82.49 133.14
CA LEU K 1050 47.71 81.11 132.82
C LEU K 1050 49.11 81.02 132.21
N ARG K 1051 49.55 82.04 131.48
CA ARG K 1051 50.94 82.10 131.04
C ARG K 1051 51.89 82.29 132.20
N GLU K 1052 51.48 83.07 133.21
CA GLU K 1052 52.31 83.12 134.43
C GLU K 1052 52.24 81.81 135.21
N ALA K 1053 51.15 81.06 135.11
CA ALA K 1053 51.10 79.73 135.72
C ALA K 1053 52.03 78.76 134.99
N VAL K 1054 52.12 78.90 133.67
CA VAL K 1054 53.10 78.13 132.91
C VAL K 1054 54.52 78.58 133.26
N ARG K 1055 54.68 79.84 133.64
CA ARG K 1055 55.96 80.31 134.17
C ARG K 1055 56.27 79.67 135.53
N THR K 1056 55.23 79.48 136.36
CA THR K 1056 55.44 78.78 137.63
C THR K 1056 55.85 77.33 137.38
N LEU K 1057 55.28 76.70 136.35
CA LEU K 1057 55.67 75.34 135.99
C LEU K 1057 57.09 75.29 135.44
N LEU K 1058 57.47 76.27 134.62
CA LEU K 1058 58.80 76.27 134.03
C LEU K 1058 59.88 76.63 135.05
N GLY K 1059 59.53 77.45 136.05
CA GLY K 1059 60.44 77.64 137.17
C GLY K 1059 60.52 76.42 138.06
N TYR K 1060 59.41 75.68 138.17
CA TYR K 1060 59.44 74.37 138.80
C TYR K 1060 59.97 73.28 137.87
N GLY K 1061 60.21 73.61 136.61
CA GLY K 1061 60.79 72.67 135.67
C GLY K 1061 59.75 71.79 135.02
N TYR K 1062 58.71 72.41 134.46
CA TYR K 1062 57.62 71.68 133.83
C TYR K 1062 57.16 72.44 132.59
N ASN K 1063 57.16 71.76 131.46
CA ASN K 1063 56.73 72.35 130.20
C ASN K 1063 55.75 71.39 129.53
N LEU K 1064 54.93 71.94 128.64
CA LEU K 1064 53.84 71.21 128.00
C LEU K 1064 54.09 71.23 126.49
N GLU K 1065 54.67 70.16 125.99
CA GLU K 1065 54.99 70.03 124.57
C GLU K 1065 54.55 68.66 124.07
N ALA K 1066 54.50 68.54 122.74
CA ALA K 1066 54.14 67.28 122.09
C ALA K 1066 54.75 67.20 120.69
N ARG K 1084 24.85 65.48 100.81
CA ARG K 1084 26.24 65.16 100.52
C ARG K 1084 26.73 65.83 99.24
N PHE K 1085 26.26 65.34 98.08
CA PHE K 1085 26.69 65.84 96.78
C PHE K 1085 25.48 66.31 95.98
N ARG K 1086 25.71 67.30 95.11
CA ARG K 1086 24.72 67.72 94.11
C ARG K 1086 25.37 67.58 92.74
N ILE K 1087 24.96 66.57 91.99
CA ILE K 1087 25.47 66.36 90.65
C ILE K 1087 24.54 67.07 89.67
N PHE K 1088 25.11 67.97 88.89
CA PHE K 1088 24.33 68.80 87.98
C PHE K 1088 24.55 68.31 86.55
N ARG K 1089 23.52 67.69 85.98
CA ARG K 1089 23.57 67.25 84.60
C ARG K 1089 22.64 68.08 83.74
N ALA K 1090 23.03 68.22 82.48
CA ALA K 1090 22.30 69.07 81.55
C ALA K 1090 21.06 68.37 81.01
N GLU K 1091 20.49 68.92 79.93
CA GLU K 1091 19.15 68.59 79.50
C GLU K 1091 19.19 67.54 78.39
N LYS K 1092 18.48 66.44 78.61
CA LYS K 1092 18.59 65.28 77.72
C LYS K 1092 17.92 65.49 76.38
N THR K 1093 17.06 66.50 76.26
CA THR K 1093 16.60 66.90 74.94
C THR K 1093 17.74 67.46 74.12
N TYR K 1094 18.68 68.14 74.78
CA TYR K 1094 19.85 68.69 74.13
C TYR K 1094 21.01 67.72 74.11
N ALA K 1095 20.74 66.42 74.12
CA ALA K 1095 21.80 65.41 74.18
C ALA K 1095 22.56 65.42 72.87
N VAL K 1096 23.66 66.17 72.83
CA VAL K 1096 24.38 66.35 71.59
C VAL K 1096 25.15 65.08 71.24
N LYS K 1097 25.25 64.82 69.95
CA LYS K 1097 25.86 63.59 69.48
C LYS K 1097 26.78 63.82 68.29
N ALA K 1098 26.78 65.00 67.70
CA ALA K 1098 27.60 65.26 66.53
C ALA K 1098 28.31 66.60 66.69
N GLY K 1099 29.50 66.70 66.11
CA GLY K 1099 30.17 67.97 65.95
C GLY K 1099 31.34 68.10 66.90
N ARG K 1100 32.01 69.25 66.82
CA ARG K 1100 33.16 69.56 67.64
C ARG K 1100 32.75 70.69 68.58
N TRP K 1101 32.85 70.44 69.87
CA TRP K 1101 32.13 71.25 70.85
C TRP K 1101 33.06 71.73 71.94
N TYR K 1102 32.61 72.77 72.65
CA TYR K 1102 33.25 73.20 73.88
C TYR K 1102 32.26 74.00 74.71
N PHE K 1103 32.32 73.81 76.01
CA PHE K 1103 31.83 74.75 77.00
C PHE K 1103 32.94 74.96 78.01
N GLU K 1104 32.99 76.13 78.63
CA GLU K 1104 33.97 76.36 79.67
C GLU K 1104 33.32 76.06 81.02
N PHE K 1105 34.16 75.71 82.00
CA PHE K 1105 33.69 75.55 83.36
C PHE K 1105 34.49 76.45 84.28
N GLU K 1106 33.82 77.42 84.89
CA GLU K 1106 34.43 78.26 85.92
C GLU K 1106 34.18 77.63 87.27
N ALA K 1107 35.20 77.01 87.84
CA ALA K 1107 35.15 76.64 89.23
C ALA K 1107 35.50 77.84 90.09
N VAL K 1108 35.00 77.86 91.32
CA VAL K 1108 35.16 79.00 92.21
C VAL K 1108 35.97 78.63 93.45
N THR K 1109 35.56 77.60 94.17
CA THR K 1109 36.21 77.18 95.41
C THR K 1109 36.80 75.79 95.25
N ALA K 1110 37.94 75.57 95.89
CA ALA K 1110 38.66 74.31 95.75
C ALA K 1110 37.92 73.16 96.44
N GLY K 1111 38.13 71.96 95.93
CA GLY K 1111 37.51 70.78 96.47
C GLY K 1111 37.01 69.88 95.36
N ASP K 1112 35.98 69.11 95.68
CA ASP K 1112 35.48 68.02 94.84
C ASP K 1112 34.77 68.60 93.63
N MET K 1113 35.46 68.67 92.50
CA MET K 1113 34.93 69.29 91.29
C MET K 1113 35.11 68.30 90.14
N ARG K 1114 34.16 67.38 90.00
CA ARG K 1114 34.23 66.36 88.96
C ARG K 1114 33.44 66.85 87.75
N VAL K 1115 34.15 67.31 86.73
CA VAL K 1115 33.55 68.02 85.61
C VAL K 1115 33.84 67.25 84.33
N GLY K 1116 32.82 67.05 83.51
CA GLY K 1116 33.01 66.43 82.22
C GLY K 1116 31.73 66.01 81.51
N TRP K 1117 31.70 64.78 81.03
CA TRP K 1117 30.70 64.33 80.08
C TRP K 1117 30.10 63.01 80.50
N SER K 1118 28.98 62.66 79.86
CA SER K 1118 28.21 61.52 80.30
C SER K 1118 27.23 61.09 79.22
N ARG K 1119 27.23 59.79 78.96
CA ARG K 1119 26.06 59.16 78.37
C ARG K 1119 24.87 59.31 79.32
N PRO K 1120 23.65 59.44 78.79
CA PRO K 1120 22.52 59.89 79.63
C PRO K 1120 22.09 58.91 80.71
N GLY K 1121 22.60 57.69 80.72
CA GLY K 1121 22.18 56.74 81.72
C GLY K 1121 22.84 56.88 83.08
N CYS K 1122 23.46 58.03 83.36
CA CYS K 1122 24.17 58.25 84.62
C CYS K 1122 23.19 58.33 85.77
N GLN K 1123 23.21 57.32 86.61
CA GLN K 1123 22.48 57.36 87.86
C GLN K 1123 23.11 58.40 88.77
N PRO K 1124 22.32 59.25 89.42
CA PRO K 1124 22.89 60.17 90.41
C PRO K 1124 23.27 59.48 91.71
N ASP K 1125 22.89 58.20 91.87
CA ASP K 1125 23.05 57.49 93.13
C ASP K 1125 24.51 57.35 93.54
N GLN K 1126 25.31 56.72 92.69
CA GLN K 1126 26.72 56.60 92.98
C GLN K 1126 27.42 57.93 92.73
N GLU K 1127 28.68 58.01 93.15
CA GLU K 1127 29.46 59.20 92.85
C GLU K 1127 29.93 59.15 91.40
N LEU K 1128 30.35 60.30 90.90
CA LEU K 1128 30.61 60.46 89.48
C LEU K 1128 31.86 59.71 89.06
N GLY K 1129 31.84 59.23 87.82
CA GLY K 1129 33.06 58.91 87.10
C GLY K 1129 33.70 57.59 87.45
N SER K 1130 33.35 56.99 88.58
CA SER K 1130 33.88 55.68 88.95
C SER K 1130 33.04 54.58 88.32
N ASP K 1131 32.88 54.65 87.00
CA ASP K 1131 31.98 53.80 86.24
C ASP K 1131 32.31 53.98 84.77
N GLU K 1132 31.49 53.38 83.93
CA GLU K 1132 31.61 53.47 82.48
C GLU K 1132 30.66 54.50 81.88
N ARG K 1133 29.81 55.11 82.69
CA ARG K 1133 28.74 55.94 82.18
C ARG K 1133 29.11 57.41 82.08
N ALA K 1134 30.09 57.85 82.85
CA ALA K 1134 30.62 59.20 82.73
C ALA K 1134 32.06 59.14 82.24
N PHE K 1135 32.48 60.22 81.58
CA PHE K 1135 33.84 60.35 81.11
C PHE K 1135 34.27 61.77 81.42
N ALA K 1136 34.99 61.94 82.52
CA ALA K 1136 35.17 63.25 83.11
C ALA K 1136 36.54 63.33 83.78
N PHE K 1137 36.71 64.38 84.57
CA PHE K 1137 37.98 64.70 85.19
C PHE K 1137 37.76 65.57 86.41
N ASP K 1138 38.42 65.19 87.50
CA ASP K 1138 38.43 65.97 88.73
C ASP K 1138 39.73 66.76 88.72
N GLY K 1139 39.61 68.08 88.56
CA GLY K 1139 40.80 68.92 88.49
C GLY K 1139 41.58 68.90 89.79
N PHE K 1140 40.87 68.81 90.91
CA PHE K 1140 41.49 68.58 92.20
C PHE K 1140 42.21 67.23 92.18
N LYS K 1141 43.42 67.21 92.76
CA LYS K 1141 44.32 66.05 92.77
C LYS K 1141 44.74 65.54 91.40
N ALA K 1142 44.47 66.32 90.34
CA ALA K 1142 44.98 66.11 88.98
C ALA K 1142 44.65 64.72 88.42
N GLN K 1143 43.42 64.27 88.66
CA GLN K 1143 43.10 62.88 88.35
C GLN K 1143 41.72 62.76 87.72
N ARG K 1144 41.62 61.88 86.73
CA ARG K 1144 40.38 61.71 85.97
C ARG K 1144 39.71 60.39 86.33
N TRP K 1145 38.62 60.11 85.63
CA TRP K 1145 37.64 59.13 86.10
C TRP K 1145 37.06 58.35 84.93
N HIS K 1146 37.35 57.05 84.89
CA HIS K 1146 36.63 56.08 84.08
C HIS K 1146 36.82 54.74 84.74
N GLN K 1147 35.73 54.23 85.35
CA GLN K 1147 35.71 52.94 86.05
C GLN K 1147 36.76 52.87 87.16
N GLY K 1148 37.08 54.01 87.75
CA GLY K 1148 38.23 54.15 88.63
C GLY K 1148 38.95 55.45 88.31
N ASN K 1149 40.27 55.43 88.51
CA ASN K 1149 41.06 56.65 88.43
C ASN K 1149 42.25 56.50 87.50
N GLU K 1150 42.67 57.65 86.99
CA GLU K 1150 43.96 57.84 86.36
C GLU K 1150 44.31 59.31 86.57
N HIS K 1151 45.57 59.59 86.87
CA HIS K 1151 45.98 60.98 86.97
C HIS K 1151 45.95 61.67 85.61
N TYR K 1152 45.88 63.00 85.67
CA TYR K 1152 45.76 63.82 84.47
C TYR K 1152 46.09 65.27 84.77
N GLY K 1153 47.12 65.81 84.13
CA GLY K 1153 47.30 67.26 84.14
C GLY K 1153 47.75 67.80 85.48
N ARG K 1154 47.02 68.79 85.98
CA ARG K 1154 47.43 69.58 87.13
C ARG K 1154 46.28 69.72 88.11
N SER K 1155 46.58 70.30 89.26
CA SER K 1155 45.58 70.85 90.15
C SER K 1155 45.32 72.29 89.70
N TRP K 1156 44.66 73.09 90.54
CA TRP K 1156 44.06 74.30 90.03
C TRP K 1156 43.85 75.32 91.15
N GLN K 1157 44.15 76.58 90.84
CA GLN K 1157 43.82 77.67 91.74
C GLN K 1157 42.31 77.89 91.79
N ALA K 1158 41.78 78.09 92.99
CA ALA K 1158 40.34 78.26 93.19
C ALA K 1158 39.86 79.55 92.54
N GLY K 1159 39.18 79.40 91.40
CA GLY K 1159 38.70 80.54 90.65
C GLY K 1159 38.99 80.44 89.16
N ASP K 1160 39.41 79.27 88.70
CA ASP K 1160 39.90 79.12 87.34
C ASP K 1160 38.82 78.63 86.38
N VAL K 1161 39.22 78.50 85.12
CA VAL K 1161 38.36 78.07 84.03
C VAL K 1161 39.01 76.85 83.39
N VAL K 1162 38.33 75.70 83.48
CA VAL K 1162 38.89 74.45 82.98
C VAL K 1162 38.30 74.11 81.62
N GLY K 1163 36.99 73.83 81.58
CA GLY K 1163 36.32 73.49 80.34
C GLY K 1163 36.68 72.16 79.71
N CYS K 1164 35.84 71.68 78.80
CA CYS K 1164 36.05 70.38 78.15
C CYS K 1164 35.64 70.48 76.70
N MET K 1165 36.61 70.39 75.79
CA MET K 1165 36.28 70.18 74.38
C MET K 1165 35.85 68.75 74.15
N VAL K 1166 35.05 68.55 73.10
CA VAL K 1166 34.59 67.23 72.69
C VAL K 1166 34.66 67.13 71.17
N ASP K 1167 35.28 66.08 70.67
CA ASP K 1167 35.15 65.68 69.28
C ASP K 1167 34.10 64.58 69.22
N MET K 1168 33.15 64.72 68.30
CA MET K 1168 32.25 63.61 68.01
C MET K 1168 32.66 62.87 66.76
N THR K 1169 33.26 63.60 65.81
CA THR K 1169 33.76 62.99 64.59
C THR K 1169 34.86 61.99 64.90
N GLU K 1170 35.76 62.38 65.79
CA GLU K 1170 36.77 61.49 66.31
C GLU K 1170 36.40 61.16 67.76
N HIS K 1171 36.78 59.96 68.20
CA HIS K 1171 36.55 59.55 69.59
C HIS K 1171 37.67 60.09 70.47
N THR K 1172 37.69 61.42 70.60
CA THR K 1172 38.65 62.13 71.44
C THR K 1172 37.92 63.23 72.20
N MET K 1173 38.55 63.68 73.28
CA MET K 1173 37.92 64.65 74.16
C MET K 1173 39.03 65.38 74.93
N MET K 1174 39.34 66.60 74.49
CA MET K 1174 40.46 67.36 75.01
C MET K 1174 40.01 68.34 76.08
N PHE K 1175 40.89 68.57 77.06
CA PHE K 1175 40.60 69.38 78.23
C PHE K 1175 41.58 70.55 78.29
N THR K 1176 41.13 71.66 78.85
CA THR K 1176 41.93 72.88 78.91
C THR K 1176 42.07 73.37 80.34
N LEU K 1177 42.85 74.44 80.51
CA LEU K 1177 42.90 75.18 81.77
C LEU K 1177 43.37 76.60 81.43
N ASN K 1178 42.41 77.53 81.35
CA ASN K 1178 42.67 78.96 81.13
C ASN K 1178 43.48 79.23 79.85
N GLY K 1179 43.32 78.38 78.84
CA GLY K 1179 44.14 78.43 77.65
C GLY K 1179 45.21 77.36 77.60
N GLU K 1180 45.69 76.91 78.76
CA GLU K 1180 46.67 75.84 78.82
C GLU K 1180 45.94 74.52 78.62
N ILE K 1181 46.19 73.87 77.49
CA ILE K 1181 45.56 72.60 77.19
C ILE K 1181 46.23 71.53 78.03
N LEU K 1182 45.44 70.81 78.82
CA LEU K 1182 46.00 69.93 79.82
C LEU K 1182 46.58 68.67 79.21
N LEU K 1183 47.67 68.20 79.80
CA LEU K 1183 48.35 67.00 79.33
C LEU K 1183 47.90 65.77 80.11
N ASP K 1184 48.20 64.60 79.54
CA ASP K 1184 48.01 63.33 80.23
C ASP K 1184 49.12 63.12 81.25
N ASP K 1185 49.18 61.92 81.80
CA ASP K 1185 50.37 61.49 82.49
C ASP K 1185 51.48 61.20 81.48
N SER K 1186 51.12 60.69 80.31
CA SER K 1186 52.09 60.39 79.28
C SER K 1186 52.31 61.55 78.33
N GLY K 1187 51.91 62.76 78.71
CA GLY K 1187 52.23 63.94 77.93
C GLY K 1187 51.48 64.07 76.63
N SER K 1188 50.29 63.49 76.52
CA SER K 1188 49.41 63.72 75.40
C SER K 1188 48.18 64.46 75.90
N GLU K 1189 47.36 64.92 74.97
CA GLU K 1189 46.18 65.70 75.32
C GLU K 1189 44.88 65.00 74.96
N LEU K 1190 44.95 63.72 74.59
CA LEU K 1190 43.77 62.92 74.27
C LEU K 1190 43.58 61.94 75.41
N ALA K 1191 42.87 62.37 76.46
CA ALA K 1191 42.72 61.55 77.65
C ALA K 1191 41.81 60.37 77.39
N PHE K 1192 40.56 60.64 77.03
CA PHE K 1192 39.60 59.61 76.71
C PHE K 1192 39.65 59.33 75.22
N LYS K 1193 39.63 58.05 74.86
CA LYS K 1193 39.90 57.65 73.48
C LYS K 1193 39.19 56.33 73.19
N ASP K 1194 38.70 56.20 71.95
CA ASP K 1194 37.87 55.12 71.42
C ASP K 1194 36.51 55.00 72.11
N PHE K 1195 36.12 55.99 72.89
CA PHE K 1195 34.79 55.96 73.49
C PHE K 1195 33.76 56.21 72.41
N ASP K 1196 32.76 55.33 72.36
CA ASP K 1196 31.85 55.30 71.22
C ASP K 1196 30.88 56.48 71.27
N VAL K 1197 30.64 57.04 70.09
CA VAL K 1197 29.54 57.98 69.92
C VAL K 1197 28.29 57.11 69.93
N GLY K 1198 27.66 57.01 71.08
CA GLY K 1198 26.50 56.16 71.22
C GLY K 1198 25.25 57.01 71.39
N ASP K 1199 24.82 57.15 72.64
CA ASP K 1199 23.58 57.83 72.95
C ASP K 1199 23.80 59.29 73.30
N GLY K 1200 24.83 59.90 72.74
CA GLY K 1200 25.13 61.28 73.01
C GLY K 1200 25.83 61.49 74.34
N PHE K 1201 26.30 62.71 74.53
CA PHE K 1201 27.08 63.03 75.72
C PHE K 1201 26.61 64.36 76.30
N ILE K 1202 26.60 64.43 77.63
CA ILE K 1202 25.92 65.48 78.37
C ILE K 1202 26.90 66.14 79.34
N PRO K 1203 26.97 67.47 79.39
CA PRO K 1203 27.91 68.12 80.32
C PRO K 1203 27.42 67.98 81.76
N VAL K 1204 28.27 67.39 82.60
CA VAL K 1204 27.89 67.01 83.96
C VAL K 1204 28.94 67.53 84.94
N CYS K 1205 28.49 68.08 86.07
CA CYS K 1205 29.38 68.50 87.15
C CYS K 1205 28.92 67.92 88.47
N SER K 1206 29.85 67.32 89.21
CA SER K 1206 29.60 66.86 90.57
C SER K 1206 30.32 67.78 91.55
N LEU K 1207 29.57 68.35 92.48
CA LEU K 1207 30.18 69.17 93.50
C LEU K 1207 30.59 68.31 94.68
N GLY K 1208 31.02 68.97 95.74
CA GLY K 1208 31.32 68.30 96.99
C GLY K 1208 30.45 68.77 98.13
N VAL K 1209 31.09 69.24 99.19
CA VAL K 1209 30.40 69.62 100.42
C VAL K 1209 30.21 71.13 100.50
N ALA K 1210 31.25 71.90 100.23
CA ALA K 1210 31.16 73.35 100.25
C ALA K 1210 31.84 73.93 99.02
N GLN K 1211 31.50 73.38 97.86
CA GLN K 1211 32.19 73.67 96.63
C GLN K 1211 31.27 74.41 95.66
N VAL K 1212 31.82 75.41 94.98
CA VAL K 1212 31.07 76.30 94.11
C VAL K 1212 31.71 76.28 92.72
N GLY K 1213 30.88 76.11 91.69
CA GLY K 1213 31.32 76.19 90.30
C GLY K 1213 30.38 77.01 89.43
N ARG K 1214 30.69 77.11 88.14
CA ARG K 1214 29.88 77.90 87.21
C ARG K 1214 30.11 77.41 85.79
N MET K 1215 29.04 77.28 85.03
CA MET K 1215 29.04 76.78 83.66
C MET K 1215 28.48 77.84 82.72
N ASN K 1216 28.85 77.76 81.45
CA ASN K 1216 28.23 78.60 80.43
C ASN K 1216 28.04 77.82 79.14
N PHE K 1217 26.84 77.94 78.57
CA PHE K 1217 26.38 77.16 77.42
C PHE K 1217 25.85 78.10 76.34
N GLY K 1218 26.72 78.55 75.44
CA GLY K 1218 26.27 79.33 74.32
C GLY K 1218 25.74 80.70 74.68
N LYS K 1219 25.20 81.37 73.64
CA LYS K 1219 24.53 82.68 73.66
C LYS K 1219 25.46 83.83 74.03
N ASP K 1220 26.70 83.53 74.38
CA ASP K 1220 27.55 84.39 75.16
C ASP K 1220 28.97 84.31 74.62
N VAL K 1221 29.11 84.19 73.30
CA VAL K 1221 30.30 83.65 72.67
C VAL K 1221 31.47 84.62 72.78
N SER K 1222 31.22 85.91 72.56
CA SER K 1222 32.27 86.91 72.80
C SER K 1222 32.59 87.05 74.27
N THR K 1223 31.66 86.71 75.16
CA THR K 1223 31.86 86.78 76.59
C THR K 1223 32.30 85.44 77.18
N LEU K 1224 33.01 84.64 76.40
CA LEU K 1224 33.67 83.45 76.90
C LEU K 1224 35.11 83.78 77.22
N LYS K 1225 35.64 83.15 78.26
CA LYS K 1225 36.93 83.58 78.79
C LYS K 1225 38.09 83.06 77.94
N TYR K 1226 38.07 81.78 77.59
CA TYR K 1226 39.19 81.19 76.87
C TYR K 1226 38.78 80.31 75.70
N PHE K 1227 37.47 80.20 75.41
CA PHE K 1227 37.07 79.68 74.11
C PHE K 1227 37.45 80.66 73.01
N THR K 1228 37.53 81.94 73.33
CA THR K 1228 38.00 82.95 72.39
C THR K 1228 39.43 82.67 71.95
N ILE K 1229 40.26 82.13 72.83
CA ILE K 1229 41.64 81.84 72.49
C ILE K 1229 41.76 80.40 72.03
N CYS K 1230 41.47 79.45 72.91
CA CYS K 1230 41.52 78.05 72.58
C CYS K 1230 40.09 77.58 72.31
N GLY K 1231 39.78 77.25 71.05
CA GLY K 1231 38.38 77.27 70.67
C GLY K 1231 38.03 77.76 69.28
N LEU K 1232 37.42 78.97 69.21
CA LEU K 1232 37.05 79.65 67.96
C LEU K 1232 38.05 79.48 66.82
N GLN K 1233 39.33 79.60 67.14
CA GLN K 1233 40.41 79.46 66.19
C GLN K 1233 40.61 78.02 65.72
N GLU K 1234 39.99 77.06 66.41
CA GLU K 1234 40.35 75.65 66.28
C GLU K 1234 39.25 74.79 65.67
N GLY K 1235 38.03 75.31 65.57
CA GLY K 1235 36.96 74.56 64.94
C GLY K 1235 36.00 73.93 65.92
N TYR K 1236 35.59 74.70 66.93
CA TYR K 1236 34.69 74.23 67.97
C TYR K 1236 33.58 75.25 68.15
N GLU K 1237 32.53 74.85 68.87
CA GLU K 1237 31.37 75.71 69.06
C GLU K 1237 30.78 75.49 70.44
N PRO K 1238 30.15 76.51 71.02
CA PRO K 1238 29.33 76.31 72.21
C PRO K 1238 27.99 75.70 71.82
N PHE K 1239 27.18 75.41 72.86
CA PHE K 1239 25.88 74.81 72.62
C PHE K 1239 24.92 75.76 71.95
N ALA K 1240 24.64 76.89 72.58
CA ALA K 1240 23.42 77.65 72.29
C ALA K 1240 23.66 78.76 71.29
N VAL K 1241 24.48 78.46 70.28
CA VAL K 1241 24.74 79.42 69.21
C VAL K 1241 23.45 79.71 68.43
N ASN K 1242 22.66 78.67 68.18
CA ASN K 1242 21.46 78.85 67.36
C ASN K 1242 20.23 79.15 68.18
N THR K 1243 20.19 78.70 69.44
CA THR K 1243 18.92 78.69 70.15
C THR K 1243 18.59 80.06 70.71
N ASN K 1244 17.34 80.22 71.12
CA ASN K 1244 16.85 81.39 71.84
C ASN K 1244 16.16 80.93 73.11
N ARG K 1245 16.73 79.93 73.76
CA ARG K 1245 16.20 79.42 75.00
C ARG K 1245 17.30 79.40 76.03
N ASP K 1246 16.90 79.43 77.29
CA ASP K 1246 17.81 79.17 78.39
C ASP K 1246 17.70 77.71 78.75
N ILE K 1247 18.78 76.98 78.54
CA ILE K 1247 18.77 75.52 78.67
C ILE K 1247 18.65 75.18 80.14
N THR K 1248 17.56 74.52 80.51
CA THR K 1248 17.40 74.07 81.88
C THR K 1248 18.27 72.85 82.13
N MET K 1249 18.42 72.50 83.40
CA MET K 1249 19.20 71.33 83.78
C MET K 1249 18.47 70.56 84.85
N TRP K 1250 18.95 69.35 85.10
CA TRP K 1250 18.43 68.52 86.16
C TRP K 1250 19.49 68.28 87.22
N LEU K 1251 19.08 68.36 88.47
CA LEU K 1251 19.92 67.97 89.60
C LEU K 1251 19.15 66.96 90.44
N SER K 1252 19.88 66.10 91.13
CA SER K 1252 19.27 65.18 92.05
C SER K 1252 18.87 65.91 93.33
N LYS K 1253 17.63 65.70 93.76
CA LYS K 1253 17.20 66.36 94.98
C LYS K 1253 17.78 65.68 96.20
N ARG K 1254 17.82 66.43 97.30
CA ARG K 1254 18.18 65.85 98.57
C ARG K 1254 17.11 64.89 99.05
N LEU K 1255 15.85 65.19 98.77
CA LEU K 1255 14.72 64.48 99.35
C LEU K 1255 14.62 63.07 98.80
N PRO K 1256 14.69 62.03 99.63
CA PRO K 1256 14.48 60.68 99.14
C PRO K 1256 13.01 60.47 98.84
N GLN K 1257 12.76 59.73 97.78
CA GLN K 1257 11.39 59.43 97.36
C GLN K 1257 11.29 57.93 97.18
N PHE K 1258 10.05 57.44 97.13
CA PHE K 1258 9.87 56.05 96.78
C PHE K 1258 9.82 55.91 95.28
N LEU K 1259 9.72 54.66 94.84
CA LEU K 1259 9.93 54.24 93.46
C LEU K 1259 9.60 52.76 93.45
N GLN K 1260 9.32 52.22 92.27
CA GLN K 1260 9.07 50.78 92.15
C GLN K 1260 10.31 49.96 92.45
N VAL K 1261 10.17 48.64 92.41
CA VAL K 1261 11.36 47.81 92.53
C VAL K 1261 11.64 47.18 91.18
N PRO K 1262 12.60 47.69 90.42
CA PRO K 1262 13.06 46.96 89.25
C PRO K 1262 13.83 45.73 89.67
N SER K 1263 13.95 44.79 88.74
CA SER K 1263 14.65 43.54 89.03
C SER K 1263 16.15 43.75 89.15
N SER K 1264 16.67 44.86 88.63
CA SER K 1264 18.11 45.12 88.63
C SER K 1264 18.55 45.84 89.91
N HIS K 1265 18.20 45.25 91.04
CA HIS K 1265 18.77 45.66 92.31
C HIS K 1265 20.08 44.89 92.50
N GLU K 1266 20.82 45.22 93.55
CA GLU K 1266 21.91 44.40 94.06
C GLU K 1266 21.38 43.00 94.34
N HIS K 1267 20.52 42.87 95.36
CA HIS K 1267 19.58 41.76 95.46
C HIS K 1267 18.41 42.17 96.36
N ILE K 1268 17.32 42.60 95.73
CA ILE K 1268 16.00 42.64 96.36
C ILE K 1268 15.02 42.07 95.35
N GLU K 1269 14.37 40.98 95.70
CA GLU K 1269 13.37 40.35 94.84
C GLU K 1269 12.13 40.06 95.66
N VAL K 1270 11.11 40.87 95.48
CA VAL K 1270 9.79 40.53 95.97
C VAL K 1270 9.16 39.54 95.01
N THR K 1271 8.29 38.70 95.52
CA THR K 1271 7.46 37.85 94.68
C THR K 1271 6.00 38.26 94.86
N ARG K 1272 5.13 37.67 94.05
CA ARG K 1272 3.71 38.02 94.08
C ARG K 1272 2.95 36.72 93.82
N ILE K 1273 2.64 35.99 94.90
CA ILE K 1273 2.14 34.63 94.78
C ILE K 1273 0.90 34.46 95.65
N ASP K 1274 -0.13 33.84 95.09
CA ASP K 1274 -1.24 33.34 95.89
C ASP K 1274 -1.80 32.06 95.29
N VAL K 1285 -1.83 33.67 102.21
CA VAL K 1285 -2.82 34.45 101.47
C VAL K 1285 -2.17 35.69 100.87
N THR K 1286 -2.08 35.71 99.54
CA THR K 1286 -1.62 36.84 98.72
C THR K 1286 -0.22 37.30 99.13
N GLN K 1287 0.72 36.41 98.88
CA GLN K 1287 2.04 36.47 99.48
C GLN K 1287 2.99 37.38 98.72
N LYS K 1288 3.84 38.08 99.46
CA LYS K 1288 5.00 38.78 98.91
C LYS K 1288 6.20 38.50 99.80
N SER K 1289 7.06 37.59 99.34
CA SER K 1289 8.29 37.27 100.05
C SER K 1289 9.38 38.25 99.63
N PHE K 1290 10.63 37.99 100.04
CA PHE K 1290 11.75 38.87 99.73
C PHE K 1290 13.01 38.04 99.56
N GLY K 1291 14.14 38.75 99.56
CA GLY K 1291 15.45 38.15 99.55
C GLY K 1291 16.49 39.25 99.65
N SER K 1292 17.46 39.08 100.54
CA SER K 1292 18.51 40.09 100.75
C SER K 1292 19.87 39.43 100.87
N GLN K 1293 20.18 38.52 99.95
CA GLN K 1293 21.51 37.93 99.88
C GLN K 1293 22.49 38.92 99.26
N ASN K 1294 23.07 39.79 100.09
CA ASN K 1294 23.94 40.85 99.62
C ASN K 1294 25.20 40.84 100.49
N SER K 1295 26.02 41.88 100.30
CA SER K 1295 27.18 42.13 101.14
C SER K 1295 27.04 43.39 101.96
N SER K 1296 26.35 44.41 101.43
CA SER K 1296 25.96 45.60 102.20
C SER K 1296 24.46 45.53 102.45
N THR K 1297 24.08 45.21 103.68
CA THR K 1297 22.76 44.70 104.03
C THR K 1297 22.12 45.51 105.16
N ASP K 1298 22.04 46.84 105.03
CA ASP K 1298 21.67 47.59 106.22
C ASP K 1298 20.17 47.69 106.50
N ILE K 1299 19.44 48.53 105.76
CA ILE K 1299 18.06 48.91 106.08
C ILE K 1299 17.34 49.32 104.80
N MET K 1300 16.19 48.72 104.51
CA MET K 1300 15.33 49.16 103.43
C MET K 1300 13.94 49.42 103.99
N PHE K 1301 13.18 50.29 103.32
CA PHE K 1301 11.78 50.49 103.65
C PHE K 1301 10.93 49.87 102.55
N TYR K 1302 9.66 49.59 102.86
CA TYR K 1302 8.76 49.01 101.87
C TYR K 1302 7.40 49.67 101.97
N ARG K 1303 7.06 50.48 100.98
CA ARG K 1303 5.71 51.00 100.84
C ARG K 1303 4.93 50.06 99.92
N LEU K 1304 3.89 49.44 100.46
CA LEU K 1304 2.90 48.91 99.56
C LEU K 1304 2.19 50.10 98.92
N SER K 1305 1.78 49.92 97.66
CA SER K 1305 1.62 51.05 96.74
C SER K 1305 0.52 52.05 97.08
N MET K 1306 -0.71 51.63 97.07
CA MET K 1306 -1.67 52.73 97.03
C MET K 1306 -2.22 53.02 98.43
N PRO K 1307 -2.61 54.27 98.69
CA PRO K 1307 -3.10 54.61 100.04
C PRO K 1307 -4.58 54.35 100.24
N ILE K 1308 -5.04 54.64 101.45
CA ILE K 1308 -6.43 54.45 101.86
C ILE K 1308 -6.92 55.75 102.47
N GLU K 1309 -8.13 56.16 102.12
CA GLU K 1309 -8.74 57.40 102.59
C GLU K 1309 -9.30 57.22 104.00
N CYS K 1310 -10.11 58.19 104.43
CA CYS K 1310 -10.81 58.10 105.70
C CYS K 1310 -12.31 58.28 105.50
N THR K 1425 -11.68 48.98 107.67
CA THR K 1425 -12.60 48.05 108.31
C THR K 1425 -11.90 46.70 108.43
N TYR K 1426 -11.03 46.40 107.48
CA TYR K 1426 -10.26 45.17 107.49
C TYR K 1426 -8.84 45.39 107.98
N TYR K 1427 -8.16 44.27 108.25
CA TYR K 1427 -6.81 44.26 108.78
C TYR K 1427 -5.82 43.90 107.67
N TYR K 1428 -4.56 43.72 108.06
CA TYR K 1428 -3.48 43.49 107.11
C TYR K 1428 -2.36 42.70 107.79
N SER K 1429 -2.17 41.45 107.38
CA SER K 1429 -1.33 40.52 108.09
C SER K 1429 0.04 40.38 107.45
N VAL K 1430 1.06 40.29 108.30
CA VAL K 1430 2.47 40.18 107.91
C VAL K 1430 3.06 39.01 108.67
N ARG K 1431 3.87 38.20 108.00
CA ARG K 1431 4.65 37.16 108.66
C ARG K 1431 6.14 37.42 108.52
N ILE K 1432 6.85 37.38 109.65
CA ILE K 1432 8.28 37.63 109.71
C ILE K 1432 8.95 36.30 110.04
N PHE K 1433 9.88 35.88 109.20
CA PHE K 1433 10.50 34.59 109.38
C PHE K 1433 11.61 34.59 110.45
N PRO K 1434 12.52 35.61 110.52
CA PRO K 1434 13.40 35.52 111.67
C PRO K 1434 12.91 36.30 112.90
N ASN K 1440 13.27 44.85 116.80
CA ASN K 1440 14.43 44.75 115.91
C ASN K 1440 14.16 45.35 114.53
N VAL K 1441 12.89 45.33 114.13
CA VAL K 1441 12.47 45.83 112.82
C VAL K 1441 11.21 46.66 113.01
N TRP K 1442 11.27 47.93 112.63
CA TRP K 1442 10.11 48.79 112.79
C TRP K 1442 9.01 48.43 111.79
N VAL K 1443 7.77 48.71 112.19
CA VAL K 1443 6.60 48.62 111.32
C VAL K 1443 5.75 49.86 111.53
N GLY K 1444 5.41 50.56 110.45
CA GLY K 1444 4.55 51.71 110.55
C GLY K 1444 3.43 51.69 109.52
N TRP K 1445 2.69 52.79 109.41
CA TRP K 1445 1.62 52.95 108.43
C TRP K 1445 1.74 54.40 107.95
N ILE K 1446 2.34 54.58 106.79
CA ILE K 1446 2.91 55.85 106.42
C ILE K 1446 1.83 56.84 105.99
N THR K 1447 1.84 58.01 106.62
CA THR K 1447 1.16 59.16 106.04
C THR K 1447 2.01 59.66 104.88
N SER K 1448 1.36 59.81 103.71
CA SER K 1448 2.02 59.84 102.40
C SER K 1448 3.01 60.99 102.21
N ASP K 1449 3.08 61.94 103.12
CA ASP K 1449 4.08 63.01 103.06
C ASP K 1449 5.32 62.65 103.87
N PHE K 1450 5.94 61.53 103.49
CA PHE K 1450 7.06 60.98 104.24
C PHE K 1450 8.34 61.23 103.47
N HIS K 1451 9.23 62.03 104.06
CA HIS K 1451 10.56 62.25 103.52
C HIS K 1451 11.57 62.27 104.66
N GLN K 1452 11.40 61.36 105.60
CA GLN K 1452 12.21 61.30 106.80
C GLN K 1452 13.08 60.06 106.70
N TYR K 1453 14.31 60.24 106.22
CA TYR K 1453 15.22 59.10 106.02
C TYR K 1453 16.44 59.25 106.92
N ASP K 1454 16.38 58.57 108.07
CA ASP K 1454 17.49 58.44 109.01
C ASP K 1454 17.33 57.12 109.75
N THR K 1455 18.43 56.64 110.32
CA THR K 1455 18.38 55.42 111.14
C THR K 1455 18.15 55.76 112.61
N ALA K 1456 17.09 56.50 112.89
CA ALA K 1456 16.74 56.92 114.24
C ALA K 1456 15.29 56.59 114.52
N PHE K 1457 14.74 57.14 115.61
CA PHE K 1457 13.31 56.93 115.89
C PHE K 1457 12.72 58.21 116.46
N ASP K 1458 12.09 59.00 115.60
CA ASP K 1458 11.39 60.24 115.93
C ASP K 1458 10.25 60.42 114.93
N LEU K 1459 9.73 61.64 114.84
CA LEU K 1459 8.83 62.00 113.76
C LEU K 1459 9.53 62.92 112.78
N VAL K 1465 4.31 65.37 117.46
CA VAL K 1465 3.78 66.56 116.80
C VAL K 1465 2.30 66.68 117.11
N THR K 1466 1.95 67.61 117.99
CA THR K 1466 0.58 67.76 118.44
C THR K 1466 0.03 69.10 118.00
N VAL K 1467 -1.24 69.13 117.67
CA VAL K 1467 -1.99 70.36 117.51
C VAL K 1467 -3.04 70.37 118.62
N THR K 1468 -3.33 71.55 119.16
CA THR K 1468 -4.40 71.72 120.14
C THR K 1468 -5.44 72.66 119.57
N LEU K 1469 -6.70 72.44 119.96
CA LEU K 1469 -7.81 73.26 119.47
C LEU K 1469 -7.88 74.58 120.24
N GLY K 1470 -8.99 75.27 120.10
CA GLY K 1470 -9.30 76.42 120.92
C GLY K 1470 -10.79 76.55 121.09
N ASP K 1471 -11.25 76.63 122.35
CA ASP K 1471 -12.67 76.83 122.67
C ASP K 1471 -12.96 78.29 122.96
N GLU K 1472 -12.29 79.19 122.22
CA GLU K 1472 -12.11 80.64 122.40
C GLU K 1472 -11.27 80.99 123.61
N LYS K 1473 -10.88 79.97 124.38
CA LYS K 1473 -9.90 80.07 125.44
C LYS K 1473 -8.93 78.89 125.36
N GLY K 1474 -9.21 77.93 124.49
CA GLY K 1474 -8.52 76.65 124.57
C GLY K 1474 -9.12 75.85 125.70
N LYS K 1475 -8.23 75.28 126.52
CA LYS K 1475 -8.48 74.84 127.89
C LYS K 1475 -9.34 73.58 128.02
N VAL K 1476 -9.95 73.10 126.93
CA VAL K 1476 -10.28 71.68 126.86
C VAL K 1476 -9.61 71.13 125.61
N HIS K 1477 -10.19 71.46 124.44
CA HIS K 1477 -9.55 71.91 123.20
C HIS K 1477 -8.10 71.50 122.95
N GLU K 1478 -7.71 70.26 123.22
CA GLU K 1478 -6.29 69.95 123.08
C GLU K 1478 -5.97 68.72 122.23
N SER K 1479 -6.63 67.60 122.51
CA SER K 1479 -6.18 66.31 121.98
C SER K 1479 -6.70 66.15 120.57
N ILE K 1480 -5.81 66.29 119.58
CA ILE K 1480 -6.26 66.14 118.21
C ILE K 1480 -5.54 64.99 117.52
N LYS K 1481 -4.23 65.13 117.33
CA LYS K 1481 -3.53 64.19 116.47
C LYS K 1481 -2.04 64.23 116.73
N ARG K 1482 -1.37 63.11 116.42
CA ARG K 1482 0.08 63.00 116.54
C ARG K 1482 0.72 62.25 115.36
N SER K 1483 0.07 62.19 114.20
CA SER K 1483 0.62 61.43 113.09
C SER K 1483 1.74 62.20 112.40
N ASN K 1484 2.51 61.47 111.59
CA ASN K 1484 3.64 62.06 110.88
C ASN K 1484 4.01 61.23 109.65
N TYR K 1486 5.48 57.64 110.82
CA TYR K 1486 4.07 57.95 110.95
C TYR K 1486 3.41 57.11 112.03
N MET K 1487 3.51 55.79 111.91
CA MET K 1487 2.97 54.88 112.91
C MET K 1487 4.08 53.99 113.44
N VAL K 1488 3.83 53.36 114.59
CA VAL K 1488 4.90 52.77 115.40
C VAL K 1488 4.58 51.32 115.72
N CYS K 1489 5.45 50.40 115.27
CA CYS K 1489 5.59 49.07 115.83
C CYS K 1489 7.07 48.70 115.78
N ALA K 1490 7.41 47.57 116.38
CA ALA K 1490 8.77 47.04 116.34
C ALA K 1490 8.77 45.53 116.50
N ASN K 1501 9.71 33.82 118.38
CA ASN K 1501 10.62 32.71 118.22
C ASN K 1501 10.45 32.05 116.86
N ASN K 1502 9.24 32.13 116.31
CA ASN K 1502 8.98 31.65 114.95
C ASN K 1502 8.49 32.76 114.03
N ASN K 1503 7.43 33.46 114.42
CA ASN K 1503 6.80 34.46 113.56
C ASN K 1503 6.26 35.60 114.41
N GLY K 1504 6.70 36.81 114.14
CA GLY K 1504 6.09 37.99 114.72
C GLY K 1504 5.00 38.52 113.82
N LEU K 1505 3.75 38.18 114.13
CA LEU K 1505 2.65 38.39 113.21
C LEU K 1505 1.94 39.71 113.54
N GLU K 1506 2.67 40.80 113.31
CA GLU K 1506 2.13 42.13 113.57
C GLU K 1506 1.12 42.49 112.50
N ILE K 1507 -0.13 42.71 112.90
CA ILE K 1507 -1.23 42.93 111.97
C ILE K 1507 -1.87 44.27 112.29
N GLY K 1508 -1.67 45.24 111.41
CA GLY K 1508 -2.15 46.60 111.62
C GLY K 1508 -3.58 46.82 111.21
N CYS K 1509 -4.53 46.43 112.06
CA CYS K 1509 -5.94 46.50 111.70
C CYS K 1509 -6.42 47.96 111.60
N VAL K 1510 -7.36 48.17 110.68
CA VAL K 1510 -7.75 49.50 110.20
C VAL K 1510 -9.23 49.69 110.45
N VAL K 1511 -9.59 50.87 110.98
CA VAL K 1511 -10.98 51.33 111.17
C VAL K 1511 -11.82 50.41 112.02
N GLY K 1516 -12.74 56.82 111.24
CA GLY K 1516 -11.65 55.86 111.05
C GLY K 1516 -10.75 55.75 112.27
N LEU K 1517 -10.24 54.55 112.52
CA LEU K 1517 -9.45 54.27 113.71
C LEU K 1517 -8.32 53.31 113.35
N LEU K 1518 -7.48 53.01 114.32
CA LEU K 1518 -6.41 52.03 114.16
C LEU K 1518 -6.26 51.19 115.43
N THR K 1519 -6.17 49.88 115.24
CA THR K 1519 -5.82 48.93 116.29
C THR K 1519 -4.67 48.07 115.82
N PHE K 1520 -3.51 48.20 116.44
CA PHE K 1520 -2.35 47.39 116.15
C PHE K 1520 -2.47 46.08 116.89
N THR K 1521 -2.47 44.98 116.15
CA THR K 1521 -2.50 43.65 116.74
C THR K 1521 -1.22 42.92 116.36
N ALA K 1522 -0.84 41.96 117.19
CA ALA K 1522 0.42 41.24 116.98
C ALA K 1522 0.29 39.82 117.52
N ASN K 1523 0.31 38.85 116.60
CA ASN K 1523 0.22 37.42 116.90
C ASN K 1523 -1.05 37.09 117.69
N GLY K 1524 -2.13 37.79 117.36
CA GLY K 1524 -3.37 37.62 118.11
C GLY K 1524 -3.48 38.56 119.28
N LYS K 1525 -2.35 38.90 119.90
CA LYS K 1525 -2.36 39.84 121.01
C LYS K 1525 -2.50 41.26 120.50
N ASP K 1526 -2.64 42.19 121.43
CA ASP K 1526 -2.85 43.60 121.08
C ASP K 1526 -1.73 44.42 121.69
N LEU K 1527 -0.61 44.52 120.98
CA LEU K 1527 0.40 45.48 121.36
C LEU K 1527 -0.12 46.89 121.13
N SER K 1528 -0.01 47.72 122.15
CA SER K 1528 -0.75 48.98 122.19
C SER K 1528 -0.10 50.07 121.35
N THR K 1529 -0.53 51.32 121.58
CA THR K 1529 -0.09 52.53 120.89
C THR K 1529 -0.38 52.44 119.39
N TYR K 1530 -1.67 52.39 119.09
CA TYR K 1530 -2.18 52.55 117.73
C TYR K 1530 -3.01 53.81 117.68
N TYR K 1531 -2.50 54.83 116.98
CA TYR K 1531 -3.13 56.14 116.99
C TYR K 1531 -4.42 56.14 116.19
N GLN K 1532 -5.54 56.01 116.91
CA GLN K 1532 -6.87 56.02 116.30
C GLN K 1532 -7.40 57.45 116.22
N VAL K 1533 -6.59 58.32 115.60
CA VAL K 1533 -6.94 59.72 115.45
C VAL K 1533 -6.48 60.26 114.10
N GLU K 1534 -7.43 60.40 113.16
CA GLU K 1534 -7.21 61.07 111.88
C GLU K 1534 -8.56 61.47 111.31
N PRO K 1535 -8.78 62.75 111.01
CA PRO K 1535 -10.08 63.15 110.45
C PRO K 1535 -10.35 62.67 109.02
N SER K 1536 -9.53 63.06 108.05
CA SER K 1536 -9.83 62.81 106.64
C SER K 1536 -8.56 62.50 105.85
N THR K 1537 -7.68 61.69 106.39
CA THR K 1537 -6.31 61.62 105.90
C THR K 1537 -6.16 60.52 104.85
N LYS K 1538 -4.90 60.24 104.49
CA LYS K 1538 -4.52 59.14 103.61
C LYS K 1538 -3.32 58.41 104.19
N LEU K 1539 -3.34 57.09 104.09
CA LEU K 1539 -2.40 56.24 104.82
C LEU K 1539 -1.80 55.19 103.90
N PHE K 1540 -0.48 55.19 103.78
CA PHE K 1540 0.19 54.10 103.07
C PHE K 1540 0.23 52.85 103.94
N PRO K 1541 -0.11 51.69 103.40
CA PRO K 1541 0.28 50.43 104.04
C PRO K 1541 1.78 50.25 103.95
N ALA K 1542 2.42 50.14 105.11
CA ALA K 1542 3.87 50.24 105.20
C ALA K 1542 4.42 49.12 106.05
N VAL K 1543 5.59 48.62 105.69
CA VAL K 1543 6.43 47.76 106.53
C VAL K 1543 7.87 48.20 106.28
N PHE K 1544 8.62 48.40 107.35
CA PHE K 1544 10.04 48.72 107.18
C PHE K 1544 10.85 47.46 107.37
N ALA K 1545 12.17 47.56 107.19
CA ALA K 1545 13.00 46.39 107.35
C ALA K 1545 14.44 46.73 107.70
N GLN K 1546 15.05 45.83 108.46
CA GLN K 1546 16.47 45.65 108.55
C GLN K 1546 16.78 44.26 108.02
N ALA K 1547 17.95 44.07 107.45
CA ALA K 1547 18.31 42.73 106.97
C ALA K 1547 18.84 41.93 108.14
N THR K 1548 17.94 41.40 108.95
CA THR K 1548 18.32 40.51 110.04
C THR K 1548 18.68 39.13 109.50
N SER K 1549 17.81 38.55 108.70
CA SER K 1549 18.09 37.34 107.95
C SER K 1549 17.64 37.55 106.52
N PRO K 1550 18.24 36.85 105.56
CA PRO K 1550 17.66 36.82 104.22
C PRO K 1550 16.33 36.10 104.22
N ASN K 1551 15.51 36.40 103.22
CA ASN K 1551 14.18 35.82 102.97
C ASN K 1551 13.24 36.09 104.16
N VAL K 1552 12.93 37.38 104.34
CA VAL K 1552 12.36 37.82 105.61
C VAL K 1552 10.83 37.74 105.63
N PHE K 1553 10.13 38.49 104.77
CA PHE K 1553 8.70 38.72 105.02
C PHE K 1553 7.82 37.79 104.21
N GLN K 1554 6.55 37.81 104.56
CA GLN K 1554 5.43 37.52 103.68
C GLN K 1554 4.33 38.51 104.00
N PHE K 1555 3.65 38.99 102.97
CA PHE K 1555 2.62 39.98 103.16
C PHE K 1555 1.26 39.43 102.77
N GLU K 1556 0.24 40.24 102.97
CA GLU K 1556 -1.03 40.05 102.33
C GLU K 1556 -1.13 40.95 101.10
N ALA K 1568 -13.29 37.56 110.48
CA ALA K 1568 -11.93 37.98 110.15
C ALA K 1568 -11.73 37.99 108.63
N GLY K 1569 -12.56 38.74 107.93
CA GLY K 1569 -12.43 38.89 106.50
C GLY K 1569 -11.22 39.69 106.11
N LEU K 1570 -10.96 39.76 104.81
CA LEU K 1570 -9.70 40.33 104.36
C LEU K 1570 -9.90 41.59 103.54
N PHE K 1571 -8.78 42.10 103.02
CA PHE K 1571 -8.47 43.52 102.95
C PHE K 1571 -8.78 44.21 101.63
N LYS K 1572 -8.71 43.48 100.51
CA LYS K 1572 -8.60 44.11 99.18
C LYS K 1572 -9.83 44.95 98.83
N SER K 1573 -11.00 44.55 99.31
CA SER K 1573 -12.24 45.23 98.96
C SER K 1573 -12.27 46.64 99.51
N GLU K 1574 -11.74 46.85 100.70
CA GLU K 1574 -11.78 48.12 101.40
C GLU K 1574 -10.65 49.06 100.93
N HIS K 1575 -10.14 48.84 99.72
CA HIS K 1575 -9.04 49.60 99.14
C HIS K 1575 -9.33 50.02 97.71
N LYS K 1576 -10.07 49.19 96.98
CA LYS K 1576 -10.38 49.44 95.58
C LYS K 1576 -11.69 50.20 95.47
N ASN K 1577 -12.22 50.29 94.25
CA ASN K 1577 -13.59 50.72 94.08
C ASN K 1577 -14.62 49.61 94.33
N PRO K 1578 -14.49 48.34 93.77
CA PRO K 1578 -15.53 47.35 94.09
C PRO K 1578 -15.47 46.86 95.53
N VAL K 1579 -16.57 47.04 96.26
CA VAL K 1579 -16.58 46.73 97.68
C VAL K 1579 -17.63 45.73 98.16
N PRO K 1580 -18.03 44.67 97.41
CA PRO K 1580 -18.28 43.41 98.11
C PRO K 1580 -17.00 42.65 98.42
N GLN K 1581 -16.41 42.06 97.37
CA GLN K 1581 -15.05 41.56 97.19
C GLN K 1581 -14.34 41.05 98.45
N CYS K 1582 -15.05 40.26 99.25
CA CYS K 1582 -14.54 39.85 100.56
C CYS K 1582 -13.35 38.89 100.47
N PRO K 1583 -13.25 37.97 99.52
CA PRO K 1583 -11.94 37.35 99.26
C PRO K 1583 -10.98 38.37 98.68
N PRO K 1584 -9.75 38.42 99.20
CA PRO K 1584 -8.77 39.37 98.65
C PRO K 1584 -8.23 38.87 97.33
N ARG K 1585 -7.57 39.79 96.61
CA ARG K 1585 -6.95 39.43 95.33
C ARG K 1585 -5.80 40.37 95.05
N LEU K 1586 -4.65 39.79 94.68
CA LEU K 1586 -3.52 40.59 94.24
C LEU K 1586 -3.81 41.27 92.92
N HIS K 1587 -3.07 42.34 92.65
CA HIS K 1587 -3.19 43.04 91.39
C HIS K 1587 -1.82 43.51 90.96
N VAL K 1588 -1.71 43.74 89.65
CA VAL K 1588 -0.49 44.31 89.08
C VAL K 1588 -0.28 45.72 89.62
N GLN K 1589 -1.37 46.41 89.92
CA GLN K 1589 -1.31 47.78 90.40
C GLN K 1589 -0.77 47.87 91.82
N PHE K 1590 -0.79 46.78 92.58
CA PHE K 1590 -0.05 46.75 93.82
C PHE K 1590 1.44 46.69 93.54
N LEU K 1591 2.21 47.49 94.27
CA LEU K 1591 3.64 47.57 94.14
C LEU K 1591 4.27 47.52 95.52
N SER K 1592 5.59 47.58 95.56
CA SER K 1592 6.37 47.33 96.75
C SER K 1592 7.40 48.42 96.96
N HIS K 1593 6.92 49.67 96.95
CA HIS K 1593 7.77 50.84 96.78
C HIS K 1593 8.78 51.00 97.91
N VAL K 1594 9.99 51.36 97.53
CA VAL K 1594 11.11 51.51 98.45
C VAL K 1594 11.60 52.94 98.34
N LEU K 1595 11.81 53.57 99.50
CA LEU K 1595 12.36 54.91 99.56
C LEU K 1595 13.79 54.89 99.06
N TRP K 1596 13.99 55.24 97.81
CA TRP K 1596 15.36 55.28 97.31
C TRP K 1596 15.94 56.66 97.44
N SER K 1597 17.20 56.78 97.00
CA SER K 1597 18.00 57.94 97.36
C SER K 1597 17.59 59.16 96.55
N ARG K 1598 17.74 59.11 95.23
CA ARG K 1598 17.67 60.34 94.47
C ARG K 1598 17.36 60.07 93.01
N MET K 1599 16.78 61.09 92.38
CA MET K 1599 16.37 61.15 90.99
C MET K 1599 16.56 62.58 90.54
N PRO K 1600 16.84 62.83 89.26
CA PRO K 1600 17.10 64.20 88.81
C PRO K 1600 15.84 65.04 88.81
N ASN K 1601 16.01 66.35 89.00
CA ASN K 1601 14.88 67.26 89.15
C ASN K 1601 15.20 68.64 88.59
N GLN K 1602 14.16 69.32 88.11
CA GLN K 1602 14.29 70.31 87.06
C GLN K 1602 14.81 71.65 87.61
N PHE K 1603 15.37 72.45 86.69
CA PHE K 1603 16.07 73.68 87.05
C PHE K 1603 15.14 74.76 87.57
N LEU K 1604 13.87 74.74 87.17
CA LEU K 1604 12.90 75.82 87.41
C LEU K 1604 13.41 77.15 86.82
N LYS K 1605 13.43 77.15 85.48
CA LYS K 1605 14.07 78.13 84.61
C LYS K 1605 13.88 79.60 84.97
N VAL K 1606 12.68 79.99 85.40
CA VAL K 1606 12.42 81.32 85.94
C VAL K 1606 11.68 81.13 87.26
N ASP K 1607 12.10 81.84 88.31
CA ASP K 1607 11.48 81.65 89.61
C ASP K 1607 10.64 82.83 90.07
N VAL K 1608 11.23 83.99 90.38
CA VAL K 1608 10.55 85.06 91.09
C VAL K 1608 11.20 86.41 90.77
N SER K 1609 10.40 87.40 90.39
CA SER K 1609 10.84 88.80 90.44
C SER K 1609 10.76 89.27 91.88
N ARG K 1610 11.87 89.75 92.43
CA ARG K 1610 12.09 89.74 93.86
C ARG K 1610 12.71 91.03 94.37
N ILE K 1611 12.11 91.60 95.42
CA ILE K 1611 12.63 92.79 96.09
C ILE K 1611 12.71 92.51 97.59
N SER K 1612 13.91 92.68 98.16
CA SER K 1612 14.14 92.55 99.59
C SER K 1612 14.96 93.74 100.06
N GLU K 1613 14.43 94.50 101.02
CA GLU K 1613 15.07 95.77 101.38
C GLU K 1613 15.35 95.87 102.87
N ARG K 1614 15.76 97.06 103.33
CA ARG K 1614 16.37 97.20 104.65
C ARG K 1614 15.61 98.11 105.59
N GLN K 1615 15.31 99.34 105.18
CA GLN K 1615 14.76 100.34 106.10
C GLN K 1615 13.34 99.96 106.47
N GLY K 1616 13.21 99.22 107.57
CA GLY K 1616 12.01 98.53 107.91
C GLY K 1616 11.93 97.11 107.39
N TRP K 1617 12.90 96.69 106.57
CA TRP K 1617 12.99 95.36 105.96
C TRP K 1617 11.73 95.05 105.14
N LEU K 1618 11.58 95.85 104.09
CA LEU K 1618 10.48 95.74 103.14
C LEU K 1618 10.84 94.70 102.09
N VAL K 1619 10.52 93.44 102.40
CA VAL K 1619 10.45 92.42 101.37
C VAL K 1619 9.28 92.77 100.46
N GLN K 1620 9.44 92.52 99.15
CA GLN K 1620 8.41 92.92 98.21
C GLN K 1620 8.44 92.02 96.98
N CYS K 1621 7.27 91.53 96.58
CA CYS K 1621 7.07 90.90 95.28
C CYS K 1621 5.69 91.27 94.78
N LEU K 1622 5.57 91.43 93.46
CA LEU K 1622 4.30 91.91 92.91
C LEU K 1622 3.75 91.05 91.78
N GLU K 1623 4.61 90.48 90.94
CA GLU K 1623 4.05 89.83 89.75
C GLU K 1623 3.88 88.33 89.98
N PRO K 1624 2.88 87.71 89.36
CA PRO K 1624 2.71 86.27 89.50
C PRO K 1624 3.45 85.48 88.43
N LEU K 1625 3.86 84.28 88.82
CA LEU K 1625 4.45 83.29 87.91
C LEU K 1625 3.93 81.92 88.30
N GLN K 1626 3.20 81.27 87.42
CA GLN K 1626 2.45 80.09 87.79
C GLN K 1626 3.12 78.80 87.37
N PHE K 1627 2.77 77.72 88.07
CA PHE K 1627 3.20 76.38 87.71
C PHE K 1627 2.44 75.88 86.50
N MET K 1628 2.66 74.61 86.21
CA MET K 1628 1.89 73.85 85.23
C MET K 1628 1.82 72.46 85.85
N SER K 1629 0.79 72.23 86.66
CA SER K 1629 0.85 71.23 87.71
C SER K 1629 -0.14 70.12 87.46
N LEU K 1630 0.28 68.89 87.66
CA LEU K 1630 -0.67 67.81 87.82
C LEU K 1630 -0.38 67.12 89.14
N HIS K 1631 -1.19 66.12 89.46
CA HIS K 1631 -0.83 65.23 90.55
C HIS K 1631 -1.34 63.85 90.17
N ILE K 1632 -0.50 62.86 90.32
CA ILE K 1632 -1.00 61.50 90.16
C ILE K 1632 -1.78 61.13 91.40
N PRO K 1633 -3.04 60.79 91.28
CA PRO K 1633 -3.89 60.77 92.47
C PRO K 1633 -3.84 59.46 93.22
N GLU K 1634 -3.59 58.35 92.53
CA GLU K 1634 -3.70 57.06 93.19
C GLU K 1634 -2.46 56.67 93.96
N GLU K 1635 -1.37 57.40 93.82
CA GLU K 1635 -0.16 57.20 94.61
C GLU K 1635 0.38 58.55 95.05
N ASN K 1636 -0.54 59.35 95.61
CA ASN K 1636 -0.54 60.82 95.67
C ASN K 1636 0.82 61.47 95.84
N ARG K 1637 1.11 62.42 94.95
CA ARG K 1637 2.24 63.33 94.90
C ARG K 1637 2.00 64.27 93.73
N SER K 1638 2.63 65.42 93.77
CA SER K 1638 2.45 66.45 92.75
C SER K 1638 3.68 66.51 91.86
N VAL K 1639 3.44 66.57 90.55
CA VAL K 1639 4.46 66.73 89.53
C VAL K 1639 4.07 67.94 88.70
N ASP K 1640 5.05 68.69 88.21
CA ASP K 1640 4.78 69.69 87.21
C ASP K 1640 5.13 69.18 85.83
N ILE K 1641 4.44 69.72 84.82
CA ILE K 1641 4.42 69.13 83.48
C ILE K 1641 5.80 69.19 82.83
N LEU K 1642 6.51 70.29 83.04
CA LEU K 1642 7.79 70.46 82.37
C LEU K 1642 8.88 69.54 82.91
N GLU K 1643 8.61 68.79 83.98
CA GLU K 1643 9.53 67.80 84.51
C GLU K 1643 9.16 66.41 84.03
N LEU K 1644 8.01 66.27 83.38
CA LEU K 1644 7.57 65.01 82.85
C LEU K 1644 8.26 64.65 81.55
N THR K 1645 9.08 65.56 81.00
CA THR K 1645 9.68 65.47 79.67
C THR K 1645 10.67 64.35 79.52
N GLU K 1646 10.88 63.50 80.51
CA GLU K 1646 11.65 62.29 80.33
C GLU K 1646 11.04 61.08 81.01
N GLN K 1647 9.96 61.22 81.76
CA GLN K 1647 9.27 60.07 82.34
C GLN K 1647 8.38 59.51 81.25
N GLU K 1648 8.97 58.66 80.41
CA GLU K 1648 8.44 58.40 79.09
C GLU K 1648 7.18 57.55 79.11
N GLU K 1649 7.07 56.62 80.06
CA GLU K 1649 5.82 55.88 80.23
C GLU K 1649 4.69 56.83 80.59
N LEU K 1650 4.96 57.72 81.54
CA LEU K 1650 3.95 58.67 81.98
C LEU K 1650 3.62 59.66 80.89
N LEU K 1651 4.65 60.06 80.13
CA LEU K 1651 4.48 60.92 78.96
C LEU K 1651 3.53 60.30 77.94
N LYS K 1652 3.80 59.06 77.56
CA LYS K 1652 3.01 58.39 76.54
C LYS K 1652 1.57 58.18 77.00
N PHE K 1653 1.40 57.81 78.27
CA PHE K 1653 0.06 57.59 78.78
C PHE K 1653 -0.73 58.89 78.82
N HIS K 1654 -0.09 59.98 79.24
CA HIS K 1654 -0.86 61.21 79.32
C HIS K 1654 -1.12 61.79 77.94
N TYR K 1655 -0.25 61.51 76.98
CA TYR K 1655 -0.53 61.85 75.60
C TYR K 1655 -1.78 61.13 75.10
N HIS K 1656 -1.91 59.85 75.45
CA HIS K 1656 -3.12 59.16 75.05
C HIS K 1656 -4.33 59.64 75.82
N THR K 1657 -4.16 60.16 77.03
CA THR K 1657 -5.30 60.76 77.70
C THR K 1657 -5.79 62.00 76.98
N LEU K 1658 -4.86 62.83 76.51
CA LEU K 1658 -5.28 63.99 75.73
C LEU K 1658 -5.89 63.58 74.41
N ARG K 1659 -5.37 62.51 73.80
CA ARG K 1659 -5.97 61.98 72.59
C ARG K 1659 -7.41 61.53 72.85
N LEU K 1660 -7.66 60.92 74.00
CA LEU K 1660 -9.02 60.47 74.29
C LEU K 1660 -9.95 61.64 74.59
N TYR K 1661 -9.48 62.64 75.33
CA TYR K 1661 -10.30 63.82 75.60
C TYR K 1661 -10.65 64.54 74.31
N SER K 1662 -9.71 64.60 73.38
CA SER K 1662 -10.01 65.16 72.07
C SER K 1662 -10.97 64.28 71.31
N ALA K 1663 -10.86 62.97 71.48
CA ALA K 1663 -11.62 62.04 70.68
C ALA K 1663 -13.08 62.00 71.10
N VAL K 1664 -13.36 62.23 72.39
CA VAL K 1664 -14.73 62.09 72.88
C VAL K 1664 -15.62 63.17 72.28
N CYS K 1665 -15.28 64.43 72.49
CA CYS K 1665 -16.12 65.50 71.99
C CYS K 1665 -15.84 65.72 70.51
N ALA K 1666 -16.30 64.78 69.70
CA ALA K 1666 -16.24 64.88 68.25
C ALA K 1666 -17.64 65.21 67.74
N LEU K 1667 -17.73 66.32 67.01
CA LEU K 1667 -18.93 66.74 66.26
C LEU K 1667 -20.12 66.96 67.20
N GLY K 1668 -19.98 68.01 68.00
CA GLY K 1668 -21.13 68.67 68.57
C GLY K 1668 -21.69 68.12 69.86
N ASN K 1669 -20.94 67.33 70.62
CA ASN K 1669 -21.41 66.91 71.93
C ASN K 1669 -21.11 68.02 72.93
N HIS K 1670 -21.99 69.00 72.95
CA HIS K 1670 -21.79 70.12 73.84
C HIS K 1670 -22.06 69.72 75.28
N ARG K 1671 -22.94 68.73 75.45
CA ARG K 1671 -23.21 68.13 76.75
C ARG K 1671 -21.96 67.52 77.38
N VAL K 1672 -21.03 67.06 76.57
CA VAL K 1672 -19.82 66.45 77.09
C VAL K 1672 -18.74 67.53 77.08
N ALA K 1673 -18.90 68.50 76.19
CA ALA K 1673 -17.90 69.56 76.08
C ALA K 1673 -17.89 70.47 77.30
N HIS K 1674 -19.06 70.70 77.91
CA HIS K 1674 -19.06 71.47 79.14
C HIS K 1674 -18.37 70.71 80.28
N ALA K 1675 -18.53 69.39 80.30
CA ALA K 1675 -17.87 68.58 81.31
C ALA K 1675 -16.36 68.61 81.14
N LEU K 1676 -15.90 68.59 79.89
CA LEU K 1676 -14.48 68.74 79.69
C LEU K 1676 -14.01 70.14 80.02
N CYS K 1677 -14.84 71.16 79.79
CA CYS K 1677 -14.49 72.52 80.21
C CYS K 1677 -14.32 72.62 81.70
N SER K 1678 -15.06 71.81 82.46
CA SER K 1678 -14.74 71.65 83.86
C SER K 1678 -13.38 70.98 84.05
N HIS K 1679 -13.10 69.94 83.29
CA HIS K 1679 -11.87 69.19 83.53
C HIS K 1679 -10.66 69.89 82.94
N VAL K 1680 -10.82 70.61 81.84
CA VAL K 1680 -9.65 71.05 81.09
C VAL K 1680 -9.04 72.32 81.66
N ASP K 1681 -9.76 73.06 82.50
CA ASP K 1681 -9.26 74.25 83.20
C ASP K 1681 -8.80 75.31 82.20
N GLU K 1682 -9.78 75.99 81.60
CA GLU K 1682 -9.69 76.95 80.49
C GLU K 1682 -8.42 77.81 80.35
N PRO K 1683 -7.83 78.42 81.40
CA PRO K 1683 -6.59 79.14 81.15
C PRO K 1683 -5.38 78.26 81.04
N GLN K 1684 -5.48 76.99 81.43
CA GLN K 1684 -4.33 76.10 81.34
C GLN K 1684 -3.97 75.84 79.89
N LEU K 1685 -4.98 75.83 79.03
CA LEU K 1685 -4.73 75.71 77.61
C LEU K 1685 -4.07 76.96 77.08
N LEU K 1686 -4.50 78.12 77.58
CA LEU K 1686 -3.87 79.38 77.21
C LEU K 1686 -2.44 79.45 77.67
N TYR K 1687 -2.14 78.78 78.78
CA TYR K 1687 -0.78 78.74 79.26
C TYR K 1687 0.04 77.74 78.44
N ALA K 1688 -0.59 76.64 78.03
CA ALA K 1688 0.07 75.65 77.18
C ALA K 1688 0.20 76.11 75.74
N ILE K 1689 -0.45 77.23 75.38
CA ILE K 1689 -0.11 77.91 74.13
C ILE K 1689 1.36 78.27 74.11
N GLU K 1690 1.82 78.90 75.18
CA GLU K 1690 3.04 79.68 75.16
C GLU K 1690 4.20 79.03 75.87
N ASN K 1691 4.00 77.86 76.48
CA ASN K 1691 5.06 77.22 77.22
C ASN K 1691 6.07 76.67 76.23
N LYS K 1692 7.16 77.39 76.06
CA LYS K 1692 8.14 77.09 75.05
C LYS K 1692 9.14 76.04 75.50
N TYR K 1693 8.77 75.22 76.48
CA TYR K 1693 9.61 74.15 76.96
C TYR K 1693 8.85 72.85 77.18
N MET K 1694 7.56 72.80 76.85
CA MET K 1694 6.84 71.54 76.89
C MET K 1694 7.29 70.66 75.73
N PRO K 1695 7.08 69.34 75.82
CA PRO K 1695 7.32 68.50 74.64
C PRO K 1695 6.31 68.80 73.55
N GLY K 1696 6.71 68.49 72.32
CA GLY K 1696 5.83 68.74 71.20
C GLY K 1696 4.61 67.85 71.17
N LEU K 1697 4.69 66.69 71.81
CA LEU K 1697 3.55 65.78 71.89
C LEU K 1697 2.39 66.45 72.62
N LEU K 1698 2.65 66.89 73.84
CA LEU K 1698 1.62 67.54 74.62
C LEU K 1698 1.25 68.90 74.05
N ARG K 1699 2.19 69.52 73.34
CA ARG K 1699 1.90 70.75 72.61
C ARG K 1699 0.78 70.54 71.61
N ALA K 1700 0.94 69.52 70.75
CA ALA K 1700 -0.08 69.20 69.77
C ALA K 1700 -1.36 68.74 70.43
N GLY K 1701 -1.24 68.01 71.54
CA GLY K 1701 -2.41 67.55 72.25
C GLY K 1701 -3.27 68.68 72.79
N TYR K 1702 -2.63 69.69 73.40
CA TYR K 1702 -3.42 70.76 73.95
C TYR K 1702 -3.97 71.68 72.87
N TYR K 1703 -3.25 71.85 71.74
CA TYR K 1703 -3.87 72.69 70.72
C TYR K 1703 -5.05 71.97 70.07
N ASP K 1704 -4.96 70.65 69.97
CA ASP K 1704 -6.08 69.89 69.45
C ASP K 1704 -7.26 69.90 70.41
N LEU K 1705 -7.01 69.86 71.71
CA LEU K 1705 -8.12 69.99 72.66
C LEU K 1705 -8.78 71.35 72.57
N LEU K 1706 -7.99 72.41 72.39
CA LEU K 1706 -8.58 73.74 72.24
C LEU K 1706 -9.50 73.81 71.05
N ILE K 1707 -9.05 73.29 69.90
CA ILE K 1707 -9.86 73.33 68.69
C ILE K 1707 -11.08 72.44 68.84
N ASP K 1708 -10.91 71.27 69.45
CA ASP K 1708 -12.01 70.31 69.51
C ASP K 1708 -13.08 70.73 70.49
N ILE K 1709 -12.71 71.39 71.59
CA ILE K 1709 -13.74 71.84 72.50
C ILE K 1709 -14.40 73.10 71.96
N HIS K 1710 -13.61 74.12 71.66
CA HIS K 1710 -14.25 75.41 71.53
C HIS K 1710 -14.48 75.83 70.10
N LEU K 1711 -13.98 75.09 69.12
CA LEU K 1711 -13.96 75.68 67.79
C LEU K 1711 -14.62 74.83 66.72
N SER K 1712 -14.68 73.50 66.94
CA SER K 1712 -14.89 72.57 65.84
C SER K 1712 -16.27 72.68 65.22
N SER K 1713 -17.29 72.97 66.03
CA SER K 1713 -18.67 72.94 65.55
C SER K 1713 -18.92 74.05 64.55
N TYR K 1714 -18.59 75.28 64.91
CA TYR K 1714 -18.81 76.39 64.00
C TYR K 1714 -17.83 76.38 62.85
N ALA K 1715 -16.66 75.78 63.06
CA ALA K 1715 -15.73 75.57 61.96
C ALA K 1715 -16.34 74.69 60.89
N THR K 1716 -16.91 73.56 61.30
CA THR K 1716 -17.63 72.71 60.36
C THR K 1716 -18.85 73.41 59.79
N ALA K 1717 -19.51 74.23 60.59
CA ALA K 1717 -20.70 74.93 60.12
C ALA K 1717 -20.38 75.91 59.01
N ARG K 1718 -19.20 76.52 59.03
CA ARG K 1718 -18.89 77.33 57.88
C ARG K 1718 -18.20 76.54 56.79
N LEU K 1719 -17.61 75.39 57.14
CA LEU K 1719 -17.09 74.49 56.11
C LEU K 1719 -18.19 73.95 55.22
N MET K 1720 -19.40 73.80 55.75
CA MET K 1720 -20.47 73.34 54.88
C MET K 1720 -20.97 74.48 54.00
N MET K 1721 -20.99 75.70 54.52
CA MET K 1721 -21.56 76.82 53.80
C MET K 1721 -20.52 77.63 53.07
N ASN K 1722 -19.32 77.08 52.89
CA ASN K 1722 -18.36 77.70 51.98
C ASN K 1722 -18.88 77.82 50.55
N ASN K 1723 -19.81 76.97 50.15
CA ASN K 1723 -20.15 76.82 48.75
C ASN K 1723 -21.63 77.05 48.53
N GLU K 1724 -22.17 78.14 49.06
CA GLU K 1724 -23.59 78.34 48.79
C GLU K 1724 -23.91 79.69 48.17
N PHE K 1725 -23.18 80.73 48.53
CA PHE K 1725 -23.07 81.99 47.78
C PHE K 1725 -24.38 82.74 47.68
N ILE K 1726 -25.33 82.54 48.58
CA ILE K 1726 -26.55 83.32 48.53
C ILE K 1726 -26.30 84.69 49.13
N VAL K 1727 -27.05 85.68 48.65
CA VAL K 1727 -26.72 87.06 48.95
C VAL K 1727 -27.99 87.92 48.87
N PRO K 1728 -28.20 88.84 49.81
CA PRO K 1728 -29.32 89.78 49.67
C PRO K 1728 -29.09 90.81 48.59
N MET K 1729 -30.01 91.76 48.49
CA MET K 1729 -30.05 92.62 47.31
C MET K 1729 -30.11 94.09 47.67
N THR K 1730 -29.65 94.47 48.86
CA THR K 1730 -29.72 95.87 49.28
C THR K 1730 -28.65 96.69 48.57
N GLU K 1731 -28.63 97.99 48.86
CA GLU K 1731 -27.60 98.84 48.30
C GLU K 1731 -26.25 98.59 48.95
N GLU K 1732 -26.27 98.06 50.17
CA GLU K 1732 -25.07 97.54 50.80
C GLU K 1732 -24.45 96.43 49.96
N THR K 1733 -25.29 95.54 49.43
CA THR K 1733 -24.81 94.56 48.48
C THR K 1733 -24.42 95.22 47.16
N LYS K 1734 -25.15 96.27 46.77
CA LYS K 1734 -24.85 96.99 45.54
C LYS K 1734 -23.62 97.88 45.69
N SER K 1735 -23.16 98.11 46.91
CA SER K 1735 -22.01 98.96 47.17
C SER K 1735 -20.68 98.35 46.76
N ILE K 1736 -20.67 97.13 46.23
CA ILE K 1736 -19.44 96.41 45.92
C ILE K 1736 -19.01 96.75 44.50
N THR K 1737 -17.70 96.95 44.32
CA THR K 1737 -17.17 97.52 43.09
C THR K 1737 -16.11 96.69 42.40
N LEU K 1738 -15.84 95.46 42.88
CA LEU K 1738 -15.01 94.44 42.23
C LEU K 1738 -13.52 94.75 42.21
N PHE K 1739 -13.11 95.97 42.52
CA PHE K 1739 -11.76 96.32 42.10
C PHE K 1739 -11.28 97.49 42.94
N PRO K 1740 -9.97 97.59 43.20
CA PRO K 1740 -9.43 98.71 44.00
C PRO K 1740 -9.23 100.01 43.24
N ASP K 1741 -10.35 100.65 42.87
CA ASP K 1741 -10.40 102.04 42.41
C ASP K 1741 -9.61 102.27 41.11
N GLU K 1742 -9.96 101.48 40.09
CA GLU K 1742 -9.39 101.58 38.74
C GLU K 1742 -7.87 101.42 38.73
N ASN K 1743 -7.38 100.52 39.58
CA ASN K 1743 -5.96 100.20 39.64
C ASN K 1743 -5.55 99.23 38.55
N LYS K 1744 -4.39 98.62 38.71
CA LYS K 1744 -3.98 97.55 37.81
C LYS K 1744 -3.60 96.28 38.56
N LYS K 1745 -4.10 96.11 39.79
CA LYS K 1745 -3.71 95.00 40.64
C LYS K 1745 -4.97 94.32 41.18
N HIS K 1746 -4.77 93.26 41.97
CA HIS K 1746 -5.88 92.58 42.59
C HIS K 1746 -6.30 93.28 43.88
N GLY K 1747 -7.20 92.64 44.62
CA GLY K 1747 -7.81 93.26 45.77
C GLY K 1747 -7.11 93.07 47.09
N LEU K 1748 -6.08 92.20 47.16
CA LEU K 1748 -5.41 91.76 48.38
C LEU K 1748 -6.49 91.22 49.32
N PRO K 1749 -6.92 89.96 49.12
CA PRO K 1749 -8.31 89.55 49.36
C PRO K 1749 -8.87 89.64 50.78
N GLY K 1750 -8.12 90.19 51.72
CA GLY K 1750 -8.70 90.54 52.99
C GLY K 1750 -9.50 91.83 52.93
N ILE K 1751 -10.66 91.78 52.27
CA ILE K 1751 -11.56 92.91 52.16
C ILE K 1751 -12.82 92.58 52.95
N GLY K 1752 -13.18 93.46 53.87
CA GLY K 1752 -14.34 93.20 54.69
C GLY K 1752 -15.63 93.79 54.16
N LEU K 1753 -16.01 93.47 52.92
CA LEU K 1753 -17.35 93.86 52.46
C LEU K 1753 -18.39 92.86 52.94
N SER K 1754 -18.29 91.62 52.44
CA SER K 1754 -18.94 90.42 52.96
C SER K 1754 -20.46 90.58 53.12
N THR K 1755 -21.12 90.79 51.99
CA THR K 1755 -22.56 90.95 52.03
C THR K 1755 -23.29 89.62 51.96
N SER K 1756 -22.57 88.50 51.90
CA SER K 1756 -23.21 87.20 51.84
C SER K 1756 -23.81 86.82 53.18
N LEU K 1757 -24.41 85.64 53.23
CA LEU K 1757 -25.14 85.27 54.44
C LEU K 1757 -24.21 84.79 55.53
N ARG K 1758 -23.51 83.67 55.30
CA ARG K 1758 -22.45 83.12 56.14
C ARG K 1758 -22.90 82.92 57.58
N PRO K 1759 -23.58 81.80 57.88
CA PRO K 1759 -24.31 81.65 59.14
C PRO K 1759 -23.43 81.78 60.37
N ARG K 1760 -24.06 82.16 61.48
CA ARG K 1760 -23.35 82.65 62.65
C ARG K 1760 -23.69 81.82 63.88
N MET K 1761 -22.88 82.02 64.92
CA MET K 1761 -22.86 81.16 66.08
C MET K 1761 -23.40 81.84 67.33
N GLN K 1762 -23.55 81.03 68.36
CA GLN K 1762 -23.90 81.43 69.70
C GLN K 1762 -22.94 80.73 70.65
N PHE K 1763 -23.05 81.00 71.94
CA PHE K 1763 -22.18 80.36 72.92
C PHE K 1763 -22.90 80.20 74.24
N SER K 1764 -22.61 79.10 74.93
CA SER K 1764 -23.14 78.85 76.26
C SER K 1764 -22.09 79.16 77.31
N SER K 1765 -22.56 79.51 78.49
CA SER K 1765 -21.67 79.72 79.61
C SER K 1765 -21.58 78.45 80.45
N PRO K 1766 -20.41 77.92 80.69
CA PRO K 1766 -20.28 76.63 81.37
C PRO K 1766 -20.30 76.75 82.90
N SER K 1767 -21.24 77.50 83.43
CA SER K 1767 -21.44 77.56 84.87
C SER K 1767 -22.17 76.30 85.31
N PHE K 1768 -21.95 75.89 86.55
CA PHE K 1768 -22.57 74.68 87.05
C PHE K 1768 -23.70 75.02 88.01
N VAL K 1769 -24.85 75.28 87.40
CA VAL K 1769 -26.13 75.51 88.05
C VAL K 1769 -27.13 74.61 87.33
N SER K 1770 -28.42 74.75 87.65
CA SER K 1770 -29.46 73.92 87.04
C SER K 1770 -29.60 74.18 85.55
N ILE K 1771 -30.28 73.25 84.87
CA ILE K 1771 -30.23 73.18 83.42
C ILE K 1771 -31.06 74.30 82.81
N ASN K 1772 -30.51 74.96 81.79
CA ASN K 1772 -31.26 75.86 80.93
C ASN K 1772 -31.13 75.43 79.48
N ASN K 1773 -31.22 74.11 79.24
CA ASN K 1773 -30.78 73.44 78.00
C ASN K 1773 -29.34 73.80 77.65
N GLU K 1774 -28.50 74.00 78.68
CA GLU K 1774 -27.14 74.46 78.47
C GLU K 1774 -26.25 73.35 77.95
N CYS K 1775 -26.51 72.12 78.37
CA CYS K 1775 -25.80 70.99 77.81
C CYS K 1775 -26.16 70.80 76.35
N TYR K 1776 -27.41 71.07 75.99
CA TYR K 1776 -27.87 71.01 74.62
C TYR K 1776 -27.83 72.37 73.94
N GLN K 1777 -27.07 73.32 74.47
CA GLN K 1777 -27.01 74.66 73.92
C GLN K 1777 -26.11 74.70 72.70
N TYR K 1778 -25.74 75.91 72.29
CA TYR K 1778 -24.90 76.10 71.12
C TYR K 1778 -23.55 75.43 71.26
N SER K 1779 -22.72 75.91 72.18
CA SER K 1779 -21.37 75.41 72.41
C SER K 1779 -20.80 76.09 73.64
N PRO K 1780 -19.79 75.50 74.27
CA PRO K 1780 -19.07 76.23 75.32
C PRO K 1780 -18.29 77.39 74.74
N GLU K 1781 -18.11 78.41 75.57
CA GLU K 1781 -17.57 79.66 75.11
C GLU K 1781 -16.08 79.75 75.40
N PHE K 1782 -15.44 80.78 74.86
CA PHE K 1782 -14.00 80.94 74.94
C PHE K 1782 -13.66 82.37 74.54
N PRO K 1783 -12.54 82.92 75.00
CA PRO K 1783 -12.11 84.24 74.52
C PRO K 1783 -11.66 84.22 73.07
N LEU K 1784 -11.72 85.39 72.44
CA LEU K 1784 -11.47 85.49 71.01
C LEU K 1784 -10.28 86.39 70.69
N ASP K 1785 -10.28 87.64 71.16
CA ASP K 1785 -9.23 88.57 70.75
C ASP K 1785 -7.93 88.27 71.47
N ILE K 1786 -8.01 87.65 72.64
CA ILE K 1786 -6.81 87.16 73.32
C ILE K 1786 -6.12 86.13 72.45
N LEU K 1787 -6.89 85.16 71.95
CA LEU K 1787 -6.38 84.18 71.00
C LEU K 1787 -5.85 84.84 69.75
N LYS K 1788 -6.56 85.85 69.25
CA LYS K 1788 -6.20 86.49 68.00
C LYS K 1788 -4.83 87.16 68.10
N ALA K 1789 -4.68 88.05 69.09
CA ALA K 1789 -3.42 88.76 69.24
C ALA K 1789 -2.28 87.84 69.64
N LYS K 1790 -2.56 86.85 70.50
CA LYS K 1790 -1.44 86.03 70.92
C LYS K 1790 -1.02 85.05 69.85
N THR K 1791 -1.95 84.58 69.01
CA THR K 1791 -1.53 83.73 67.90
C THR K 1791 -0.83 84.53 66.82
N ILE K 1792 -1.16 85.81 66.65
CA ILE K 1792 -0.39 86.64 65.73
C ILE K 1792 1.03 86.81 66.25
N GLN K 1793 1.17 87.00 67.56
CA GLN K 1793 2.50 87.11 68.15
C GLN K 1793 3.26 85.80 68.04
N MET K 1794 2.57 84.68 68.23
CA MET K 1794 3.17 83.36 68.02
C MET K 1794 3.65 83.18 66.59
N LEU K 1795 2.86 83.66 65.64
CA LEU K 1795 3.23 83.55 64.23
C LEU K 1795 4.46 84.35 63.89
N THR K 1796 4.45 85.64 64.25
CA THR K 1796 5.60 86.51 63.94
C THR K 1796 6.84 86.04 64.67
N GLU K 1797 6.66 85.54 65.90
CA GLU K 1797 7.72 84.92 66.67
C GLU K 1797 8.31 83.72 65.96
N ALA K 1798 7.44 82.77 65.57
CA ALA K 1798 7.91 81.53 64.97
C ALA K 1798 8.53 81.76 63.61
N VAL K 1799 8.05 82.76 62.88
CA VAL K 1799 8.69 83.12 61.62
C VAL K 1799 10.07 83.71 61.88
N GLN K 1800 10.15 84.78 62.67
CA GLN K 1800 11.40 85.50 62.83
C GLN K 1800 12.39 84.81 63.75
N GLU K 1801 12.05 83.63 64.26
CA GLU K 1801 13.01 82.77 64.95
C GLU K 1801 13.35 81.50 64.18
N GLY K 1802 12.35 80.79 63.67
CA GLY K 1802 12.60 79.54 62.98
C GLY K 1802 13.23 79.71 61.61
N SER K 1803 13.05 80.87 60.98
CA SER K 1803 13.68 81.13 59.69
C SER K 1803 15.19 81.26 59.83
N LEU K 1804 15.67 81.65 61.01
CA LEU K 1804 17.10 81.71 61.29
C LEU K 1804 17.70 80.33 61.52
N HIS K 1805 16.88 79.27 61.46
CA HIS K 1805 17.29 77.88 61.64
C HIS K 1805 17.92 77.67 63.02
N ALA K 1806 17.07 77.82 64.03
CA ALA K 1806 17.47 77.42 65.36
C ALA K 1806 17.55 75.91 65.44
N ARG K 1807 18.55 75.41 66.17
CA ARG K 1807 18.67 73.99 66.45
C ARG K 1807 17.84 73.57 67.65
N ASP K 1808 17.12 74.51 68.25
CA ASP K 1808 16.27 74.32 69.41
C ASP K 1808 14.91 73.67 69.17
N PRO K 1809 14.18 74.02 68.10
CA PRO K 1809 12.79 74.50 68.25
C PRO K 1809 11.87 73.59 69.04
N VAL K 1810 10.86 74.24 69.65
CA VAL K 1810 10.18 73.91 70.90
C VAL K 1810 9.91 72.42 71.09
N GLY K 1811 9.36 71.77 70.09
CA GLY K 1811 9.08 70.37 70.22
C GLY K 1811 10.11 69.50 69.52
N GLY K 1812 11.36 69.94 69.52
CA GLY K 1812 12.38 69.17 68.83
C GLY K 1812 12.30 69.41 67.34
N THR K 1813 11.29 68.83 66.71
CA THR K 1813 11.04 69.11 65.31
C THR K 1813 10.46 70.51 65.16
N THR K 1814 10.69 71.10 63.98
CA THR K 1814 9.90 72.24 63.58
C THR K 1814 8.46 71.84 63.29
N GLU K 1815 8.24 70.56 63.00
CA GLU K 1815 6.89 70.02 62.87
C GLU K 1815 6.09 70.27 64.12
N PHE K 1816 6.63 69.87 65.27
CA PHE K 1816 5.98 70.18 66.53
C PHE K 1816 6.02 71.66 66.86
N LEU K 1817 6.83 72.44 66.17
CA LEU K 1817 6.74 73.89 66.35
C LEU K 1817 5.56 74.46 65.59
N PHE K 1818 5.47 74.16 64.30
CA PHE K 1818 4.56 74.89 63.44
C PHE K 1818 3.20 74.26 63.29
N VAL K 1819 3.16 72.92 63.23
CA VAL K 1819 1.96 72.22 62.78
C VAL K 1819 0.71 72.51 63.61
N PRO K 1820 0.74 72.43 64.95
CA PRO K 1820 -0.50 72.76 65.67
C PRO K 1820 -0.77 74.26 65.68
N LEU K 1821 0.26 75.08 65.57
CA LEU K 1821 0.07 76.52 65.52
C LEU K 1821 -0.60 76.94 64.22
N ILE K 1822 -0.11 76.43 63.10
CA ILE K 1822 -0.71 76.73 61.81
C ILE K 1822 -2.11 76.15 61.74
N LYS K 1823 -2.31 74.96 62.31
CA LYS K 1823 -3.63 74.34 62.35
C LYS K 1823 -4.62 75.20 63.10
N LEU K 1824 -4.20 75.76 64.24
CA LEU K 1824 -5.06 76.62 65.03
C LEU K 1824 -5.38 77.89 64.27
N PHE K 1825 -4.36 78.48 63.64
CA PHE K 1825 -4.60 79.71 62.89
C PHE K 1825 -5.52 79.47 61.71
N TYR K 1826 -5.42 78.29 61.11
CA TYR K 1826 -6.28 77.94 59.99
C TYR K 1826 -7.72 77.81 60.41
N THR K 1827 -7.96 77.11 61.53
CA THR K 1827 -9.33 77.00 62.03
C THR K 1827 -9.87 78.33 62.49
N LEU K 1828 -9.02 79.17 63.04
CA LEU K 1828 -9.52 80.42 63.58
C LEU K 1828 -9.72 81.45 62.48
N LEU K 1829 -9.04 81.29 61.35
CA LEU K 1829 -9.23 82.18 60.21
C LEU K 1829 -10.62 82.01 59.62
N ILE K 1830 -11.09 80.76 59.55
CA ILE K 1830 -12.35 80.47 58.90
C ILE K 1830 -13.52 81.03 59.68
N MET K 1831 -13.38 81.20 60.98
CA MET K 1831 -14.47 81.60 61.84
C MET K 1831 -14.75 83.10 61.84
N GLY K 1832 -14.31 83.85 60.82
CA GLY K 1832 -14.68 85.25 60.68
C GLY K 1832 -13.85 86.20 61.48
N ILE K 1833 -12.99 85.70 62.35
CA ILE K 1833 -12.07 86.49 63.15
C ILE K 1833 -10.86 86.77 62.27
N PHE K 1834 -9.91 87.58 62.76
CA PHE K 1834 -8.82 88.20 62.00
C PHE K 1834 -9.38 89.12 60.94
N HIS K 1835 -9.92 90.26 61.36
CA HIS K 1835 -10.41 91.26 60.43
C HIS K 1835 -9.25 92.00 59.78
N ASN K 1836 -9.59 93.08 59.05
CA ASN K 1836 -8.70 93.65 58.04
C ASN K 1836 -7.43 94.23 58.66
N GLU K 1837 -7.53 94.70 59.89
CA GLU K 1837 -6.41 95.33 60.58
C GLU K 1837 -5.27 94.35 60.78
N ASP K 1838 -5.59 93.10 61.08
CA ASP K 1838 -4.59 92.07 61.23
C ASP K 1838 -4.45 91.21 60.00
N LEU K 1839 -5.44 91.23 59.11
CA LEU K 1839 -5.26 90.66 57.78
C LEU K 1839 -4.12 91.31 57.05
N LYS K 1840 -4.02 92.64 57.16
CA LYS K 1840 -2.89 93.34 56.57
C LYS K 1840 -1.58 92.91 57.21
N HIS K 1841 -1.60 92.62 58.50
CA HIS K 1841 -0.36 92.24 59.19
C HIS K 1841 0.08 90.85 58.78
N ILE K 1842 -0.85 89.91 58.75
CA ILE K 1842 -0.53 88.53 58.39
C ILE K 1842 -0.15 88.44 56.91
N LEU K 1843 -0.79 89.23 56.06
CA LEU K 1843 -0.38 89.22 54.67
C LEU K 1843 0.89 90.02 54.43
N GLN K 1844 1.28 90.90 55.35
CA GLN K 1844 2.66 91.38 55.27
C GLN K 1844 3.62 90.27 55.66
N LEU K 1845 3.21 89.45 56.64
CA LEU K 1845 4.05 88.35 57.10
C LEU K 1845 4.26 87.29 56.03
N ILE K 1846 3.26 87.04 55.19
CA ILE K 1846 3.30 85.93 54.25
C ILE K 1846 3.46 86.39 52.81
N GLU K 1847 2.84 87.52 52.45
CA GLU K 1847 2.81 87.98 51.07
C GLU K 1847 4.12 88.50 50.50
N PRO K 1848 5.01 89.16 51.28
CA PRO K 1848 5.36 90.56 50.98
C PRO K 1848 5.37 90.93 49.51
N SER K 1849 4.47 91.84 49.16
CA SER K 1849 4.05 92.06 47.80
C SER K 1849 3.17 93.30 47.74
N GLY K 1893 9.89 86.43 53.95
CA GLY K 1893 8.48 86.09 54.03
C GLY K 1893 8.26 84.71 54.60
N LEU K 1894 6.98 84.33 54.74
CA LEU K 1894 6.65 83.04 55.33
C LEU K 1894 6.98 81.89 54.38
N LEU K 1895 6.40 81.93 53.18
CA LEU K 1895 6.29 80.74 52.36
C LEU K 1895 7.62 80.31 51.76
N GLN K 1896 8.62 81.18 51.77
CA GLN K 1896 9.90 80.92 51.13
C GLN K 1896 10.89 80.27 52.08
N MET K 1897 10.42 79.71 53.19
CA MET K 1897 11.27 79.00 54.13
C MET K 1897 11.58 77.60 53.59
N LYS K 1898 12.21 76.78 54.42
CA LYS K 1898 12.38 75.36 54.11
C LYS K 1898 11.65 74.57 55.16
N LEU K 1899 10.88 73.59 54.73
CA LEU K 1899 9.80 73.03 55.52
C LEU K 1899 9.84 71.52 55.51
N PRO K 1900 9.23 70.88 56.49
CA PRO K 1900 8.87 69.48 56.36
C PRO K 1900 7.55 69.32 55.62
N GLU K 1901 7.03 68.11 55.58
CA GLU K 1901 5.85 67.82 54.76
C GLU K 1901 4.53 68.36 55.33
N PRO K 1902 4.07 68.00 56.55
CA PRO K 1902 2.70 68.39 56.93
C PRO K 1902 2.55 69.87 57.20
N VAL K 1903 3.67 70.56 57.42
CA VAL K 1903 3.65 72.01 57.52
C VAL K 1903 3.14 72.63 56.23
N LYS K 1904 3.73 72.23 55.11
CA LYS K 1904 3.25 72.77 53.85
C LYS K 1904 1.92 72.18 53.43
N LEU K 1905 1.54 71.02 53.98
CA LEU K 1905 0.16 70.56 53.81
C LEU K 1905 -0.84 71.54 54.42
N GLN K 1906 -0.57 71.98 55.64
CA GLN K 1906 -1.41 72.99 56.29
C GLN K 1906 -1.39 74.30 55.53
N MET K 1907 -0.20 74.67 55.05
CA MET K 1907 -0.04 75.90 54.28
C MET K 1907 -0.84 75.84 52.98
N CYS K 1908 -0.91 74.66 52.39
CA CYS K 1908 -1.72 74.42 51.20
C CYS K 1908 -3.19 74.66 51.49
N LEU K 1909 -3.67 74.17 52.65
CA LEU K 1909 -5.07 74.41 52.99
C LEU K 1909 -5.36 75.88 53.22
N LEU K 1910 -4.42 76.58 53.85
CA LEU K 1910 -4.52 78.03 54.05
C LEU K 1910 -4.67 78.76 52.71
N LEU K 1911 -3.81 78.39 51.77
CA LEU K 1911 -3.79 79.06 50.48
C LEU K 1911 -5.07 78.77 49.69
N GLN K 1912 -5.60 77.56 49.86
CA GLN K 1912 -6.83 77.21 49.17
C GLN K 1912 -8.01 77.98 49.72
N TYR K 1913 -8.02 78.20 51.03
CA TYR K 1913 -9.06 79.06 51.60
C TYR K 1913 -8.95 80.49 51.11
N LEU K 1914 -7.74 80.97 50.88
CA LEU K 1914 -7.61 82.31 50.30
C LEU K 1914 -8.18 82.37 48.89
N CYS K 1915 -7.97 81.32 48.11
CA CYS K 1915 -8.58 81.24 46.78
C CYS K 1915 -10.10 81.26 46.86
N ASP K 1916 -10.65 80.59 47.87
CA ASP K 1916 -12.10 80.58 48.00
C ASP K 1916 -12.63 81.94 48.43
N CYS K 1917 -11.86 82.68 49.24
CA CYS K 1917 -12.26 84.04 49.58
C CYS K 1917 -12.25 84.95 48.35
N GLN K 1918 -11.29 84.73 47.46
CA GLN K 1918 -11.28 85.43 46.18
C GLN K 1918 -12.55 85.17 45.39
N VAL K 1919 -13.00 83.91 45.38
CA VAL K 1919 -14.22 83.55 44.68
C VAL K 1919 -15.45 84.22 45.30
N ARG K 1920 -15.51 84.25 46.64
CA ARG K 1920 -16.62 84.88 47.34
C ARG K 1920 -16.74 86.36 47.00
N HIS K 1921 -15.60 87.06 47.02
CA HIS K 1921 -15.57 88.46 46.64
C HIS K 1921 -16.00 88.67 45.20
N ARG K 1922 -15.55 87.77 44.32
CA ARG K 1922 -15.86 87.88 42.90
C ARG K 1922 -17.36 87.78 42.64
N ILE K 1923 -18.01 86.82 43.28
CA ILE K 1923 -19.43 86.63 43.00
C ILE K 1923 -20.28 87.70 43.66
N GLU K 1924 -19.89 88.18 44.85
CA GLU K 1924 -20.58 89.32 45.44
C GLU K 1924 -20.49 90.55 44.54
N ALA K 1925 -19.35 90.72 43.89
CA ALA K 1925 -19.18 91.83 42.96
C ALA K 1925 -20.05 91.67 41.72
N ILE K 1926 -20.19 90.45 41.21
CA ILE K 1926 -20.95 90.33 39.97
C ILE K 1926 -22.45 90.46 40.24
N VAL K 1927 -22.90 90.13 41.44
CA VAL K 1927 -24.28 90.42 41.79
C VAL K 1927 -24.48 91.93 41.96
N ALA K 1928 -23.46 92.61 42.50
CA ALA K 1928 -23.51 94.07 42.59
C ALA K 1928 -23.57 94.72 41.22
N PHE K 1929 -22.94 94.12 40.22
CA PHE K 1929 -23.06 94.64 38.86
C PHE K 1929 -24.44 94.39 38.28
N SER K 1930 -24.94 93.18 38.46
CA SER K 1930 -26.20 92.80 37.82
C SER K 1930 -27.37 93.59 38.39
N ASP K 1931 -27.29 94.03 39.66
CA ASP K 1931 -28.34 94.86 40.22
C ASP K 1931 -28.47 96.18 39.48
N ASP K 1932 -27.35 96.75 39.05
CA ASP K 1932 -27.40 97.93 38.19
C ASP K 1932 -27.87 97.56 36.79
N PHE K 1933 -27.46 96.40 36.29
CA PHE K 1933 -27.62 96.14 34.87
C PHE K 1933 -29.05 95.75 34.52
N VAL K 1934 -29.73 95.03 35.42
CA VAL K 1934 -30.98 94.36 35.04
C VAL K 1934 -32.12 95.37 34.90
N ALA K 1935 -32.17 96.39 35.77
CA ALA K 1935 -33.23 97.39 35.72
C ALA K 1935 -33.23 98.17 34.40
N LYS K 1936 -32.04 98.35 33.83
CA LYS K 1936 -31.93 98.94 32.50
C LYS K 1936 -32.63 98.09 31.46
N LEU K 1937 -32.45 96.77 31.52
CA LEU K 1937 -33.09 95.87 30.57
C LEU K 1937 -34.60 95.84 30.79
N GLN K 1938 -35.02 95.91 32.05
CA GLN K 1938 -36.44 95.93 32.40
C GLN K 1938 -37.12 97.15 31.79
N ASP K 1939 -36.58 98.33 32.08
CA ASP K 1939 -37.09 99.58 31.53
C ASP K 1939 -36.99 99.59 30.00
N ASN K 1940 -35.94 98.98 29.46
CA ASN K 1940 -35.74 98.94 28.01
C ASN K 1940 -36.85 98.17 27.34
N GLN K 1941 -37.12 96.94 27.76
CA GLN K 1941 -38.11 96.18 27.00
C GLN K 1941 -39.54 96.56 27.33
N ARG K 1942 -39.82 97.07 28.53
CA ARG K 1942 -41.14 97.63 28.75
C ARG K 1942 -41.35 98.91 27.92
N PHE K 1943 -40.30 99.71 27.81
CA PHE K 1943 -40.32 100.90 26.97
C PHE K 1943 -40.47 100.54 25.50
N ARG K 1944 -39.83 99.45 25.06
CA ARG K 1944 -39.94 99.01 23.68
C ARG K 1944 -41.34 98.48 23.38
N TYR K 1945 -41.95 97.80 24.36
CA TYR K 1945 -43.33 97.38 24.21
C TYR K 1945 -44.25 98.58 24.05
N ASN K 1946 -44.03 99.62 24.85
CA ASN K 1946 -44.92 100.76 24.74
C ASN K 1946 -44.63 101.58 23.49
N GLU K 1947 -43.40 101.49 22.98
CA GLU K 1947 -43.08 102.04 21.66
C GLU K 1947 -43.90 101.37 20.57
N VAL K 1948 -43.87 100.03 20.53
CA VAL K 1948 -44.56 99.30 19.48
C VAL K 1948 -46.07 99.45 19.64
N MET K 1949 -46.55 99.50 20.89
CA MET K 1949 -47.96 99.75 21.15
C MET K 1949 -48.40 101.13 20.70
N GLN K 1950 -47.57 102.15 20.96
CA GLN K 1950 -47.94 103.53 20.69
C GLN K 1950 -48.10 103.80 19.20
N ALA K 1951 -47.31 103.14 18.36
CA ALA K 1951 -47.34 103.39 16.93
C ALA K 1951 -48.64 102.88 16.30
N LEU K 1952 -49.03 103.51 15.20
CA LEU K 1952 -50.26 103.15 14.50
C LEU K 1952 -50.02 102.42 13.18
N ASN K 1953 -48.77 102.16 12.83
CA ASN K 1953 -48.47 101.45 11.58
C ASN K 1953 -48.70 99.96 11.74
N GLU K 1986 -48.95 91.76 10.66
CA GLU K 1986 -48.05 92.19 9.60
C GLU K 1986 -46.60 92.13 10.05
N CYS K 1987 -45.87 93.22 9.84
CA CYS K 1987 -44.48 93.39 10.25
C CYS K 1987 -44.25 93.72 11.73
N PRO K 1988 -45.11 94.44 12.45
CA PRO K 1988 -44.98 94.46 13.92
C PRO K 1988 -45.37 93.16 14.60
N CYS K 1989 -45.97 92.24 13.87
CA CYS K 1989 -46.33 90.95 14.44
C CYS K 1989 -45.12 90.06 14.78
N PRO K 1990 -43.99 90.07 14.05
CA PRO K 1990 -42.78 89.45 14.63
C PRO K 1990 -42.28 90.10 15.90
N GLU K 1991 -42.54 91.40 16.11
CA GLU K 1991 -42.18 91.99 17.39
C GLU K 1991 -43.10 91.48 18.49
N GLU K 1992 -44.39 91.30 18.16
CA GLU K 1992 -45.32 90.65 19.07
C GLU K 1992 -44.91 89.21 19.38
N ILE K 1993 -44.34 88.54 18.38
CA ILE K 1993 -43.80 87.19 18.55
C ILE K 1993 -42.60 87.20 19.49
N ARG K 1994 -41.69 88.15 19.29
CA ARG K 1994 -40.50 88.27 20.12
C ARG K 1994 -40.83 88.63 21.57
N ASP K 1995 -41.95 89.30 21.78
CA ASP K 1995 -42.35 89.63 23.14
C ASP K 1995 -43.17 88.51 23.77
N GLN K 1996 -43.18 87.31 23.19
CA GLN K 1996 -44.04 86.23 23.67
C GLN K 1996 -43.24 84.91 23.74
N LEU K 1997 -42.13 84.94 24.46
CA LEU K 1997 -41.43 83.71 24.78
C LEU K 1997 -42.23 82.89 25.80
N LEU K 1998 -41.72 81.69 26.08
CA LEU K 1998 -42.42 80.76 26.96
C LEU K 1998 -42.46 81.27 28.39
N ASP K 1999 -41.36 81.85 28.84
CA ASP K 1999 -41.33 82.55 30.11
C ASP K 1999 -40.27 83.64 29.97
N PHE K 2000 -39.83 84.18 31.10
CA PHE K 2000 -38.73 85.12 31.09
C PHE K 2000 -37.40 84.48 30.76
N HIS K 2001 -37.33 83.14 30.79
CA HIS K 2001 -36.09 82.42 30.51
C HIS K 2001 -35.62 82.66 29.08
N GLU K 2002 -36.50 82.36 28.11
CA GLU K 2002 -36.13 82.57 26.72
C GLU K 2002 -36.09 84.06 26.38
N ASP K 2003 -36.84 84.88 27.13
CA ASP K 2003 -36.73 86.32 27.02
C ASP K 2003 -35.31 86.79 27.29
N LEU K 2004 -34.77 86.44 28.44
CA LEU K 2004 -33.40 86.82 28.78
C LEU K 2004 -32.39 86.06 27.95
N MET K 2005 -32.74 84.89 27.42
CA MET K 2005 -31.84 84.17 26.53
C MET K 2005 -31.65 84.93 25.23
N THR K 2006 -32.74 85.44 24.65
CA THR K 2006 -32.63 86.30 23.48
C THR K 2006 -31.94 87.60 23.82
N HIS K 2007 -32.24 88.17 25.00
CA HIS K 2007 -31.67 89.45 25.39
C HIS K 2007 -30.18 89.37 25.61
N CYS K 2008 -29.67 88.23 26.07
CA CYS K 2008 -28.25 88.06 26.29
C CYS K 2008 -27.52 87.55 25.06
N GLY K 2009 -28.13 86.64 24.29
CA GLY K 2009 -27.50 86.19 23.06
C GLY K 2009 -27.50 87.22 21.97
N ILE K 2010 -28.31 88.26 22.10
CA ILE K 2010 -28.27 89.35 21.13
C ILE K 2010 -27.03 90.20 21.31
N GLU K 2011 -26.44 90.21 22.50
CA GLU K 2011 -25.21 90.94 22.72
C GLU K 2011 -23.98 90.12 22.34
N LEU K 2012 -24.17 88.90 21.87
CA LEU K 2012 -23.05 88.01 21.59
C LEU K 2012 -22.36 88.37 20.30
N ASP K 2013 -23.10 88.41 19.20
CA ASP K 2013 -22.52 88.67 17.90
C ASP K 2013 -22.17 90.13 17.73
N LEU K 2024 -28.64 97.79 20.52
CA LEU K 2024 -28.66 98.36 21.86
C LEU K 2024 -27.27 98.72 22.32
N THR K 2025 -27.11 99.95 22.81
CA THR K 2025 -25.81 100.42 23.26
C THR K 2025 -25.46 99.91 24.64
N ILE K 2026 -26.44 99.36 25.36
CA ILE K 2026 -26.23 98.84 26.71
C ILE K 2026 -25.35 97.61 26.67
N ARG K 2027 -25.33 96.91 25.54
CA ARG K 2027 -24.56 95.69 25.36
C ARG K 2027 -23.06 95.93 25.48
N GLY K 2028 -22.63 97.16 25.19
CA GLY K 2028 -21.24 97.53 25.40
C GLY K 2028 -20.80 97.48 26.85
N ARG K 2029 -21.73 97.63 27.79
CA ARG K 2029 -21.34 97.55 29.20
C ARG K 2029 -21.00 96.13 29.59
N LEU K 2030 -21.75 95.15 29.10
CA LEU K 2030 -21.35 93.76 29.28
C LEU K 2030 -20.08 93.43 28.54
N LEU K 2031 -19.92 94.01 27.34
CA LEU K 2031 -18.68 93.85 26.58
C LEU K 2031 -17.48 94.35 27.36
N SER K 2032 -17.67 95.40 28.14
CA SER K 2032 -16.64 95.83 29.08
C SER K 2032 -16.49 94.85 30.24
N LEU K 2033 -17.61 94.48 30.86
CA LEU K 2033 -17.58 93.83 32.17
C LEU K 2033 -17.06 92.41 32.08
N VAL K 2034 -17.23 91.72 30.95
CA VAL K 2034 -16.68 90.37 30.82
C VAL K 2034 -15.16 90.41 30.88
N GLU K 2035 -14.55 91.39 30.24
CA GLU K 2035 -13.13 91.59 30.39
C GLU K 2035 -12.76 92.23 31.71
N LYS K 2036 -13.70 92.89 32.39
CA LYS K 2036 -13.40 93.37 33.73
C LYS K 2036 -13.22 92.20 34.69
N VAL K 2037 -13.92 91.10 34.44
CA VAL K 2037 -13.97 89.96 35.35
C VAL K 2037 -13.15 88.89 34.63
N THR K 2038 -12.08 89.32 33.98
CA THR K 2038 -10.97 88.39 33.81
C THR K 2038 -10.57 87.87 35.17
N TYR K 2039 -10.12 88.77 36.04
CA TYR K 2039 -9.66 88.37 37.37
C TYR K 2039 -10.06 89.40 38.41
N THR K 2058 -1.00 89.45 42.16
CA THR K 2058 -0.52 88.33 41.35
C THR K 2058 -0.31 87.10 42.21
N LEU K 2059 -1.29 86.82 43.09
CA LEU K 2059 -1.18 85.68 43.97
C LEU K 2059 -1.24 84.39 43.20
N GLN K 2060 -2.05 84.37 42.13
CA GLN K 2060 -2.15 83.22 41.23
C GLN K 2060 -0.79 82.82 40.67
N GLN K 2061 0.00 83.81 40.28
CA GLN K 2061 1.25 83.50 39.63
C GLN K 2061 2.32 83.07 40.63
N LEU K 2062 2.27 83.57 41.87
CA LEU K 2062 3.21 83.07 42.87
C LEU K 2062 2.85 81.66 43.29
N ILE K 2063 1.56 81.33 43.35
CA ILE K 2063 1.15 79.94 43.56
C ILE K 2063 1.69 79.06 42.45
N SER K 2064 1.49 79.50 41.21
CA SER K 2064 1.95 78.76 40.05
C SER K 2064 3.45 78.57 40.04
N GLU K 2065 4.19 79.50 40.64
CA GLU K 2065 5.60 79.27 40.89
C GLU K 2065 5.79 78.19 41.95
N THR K 2066 5.29 78.46 43.16
CA THR K 2066 5.81 77.77 44.34
C THR K 2066 5.32 76.35 44.44
N MET K 2067 4.15 76.03 43.89
CA MET K 2067 3.73 74.64 43.86
C MET K 2067 4.65 73.82 42.98
N VAL K 2068 5.01 74.38 41.82
CA VAL K 2068 5.95 73.72 40.91
C VAL K 2068 7.31 73.61 41.56
N ARG K 2069 7.71 74.65 42.28
CA ARG K 2069 9.02 74.66 42.93
C ARG K 2069 9.09 73.60 44.03
N TRP K 2070 8.02 73.48 44.81
CA TRP K 2070 7.95 72.43 45.83
C TRP K 2070 7.98 71.06 45.21
N ALA K 2071 7.36 70.92 44.04
CA ALA K 2071 7.42 69.63 43.38
C ALA K 2071 8.81 69.34 42.83
N GLN K 2072 9.53 70.39 42.43
CA GLN K 2072 10.86 70.20 41.86
C GLN K 2072 11.88 69.83 42.92
N GLU K 2073 12.09 70.73 43.87
CA GLU K 2073 13.28 70.66 44.72
C GLU K 2073 13.20 69.58 45.78
N SER K 2074 12.02 69.06 46.05
CA SER K 2074 11.76 68.41 47.32
C SER K 2074 10.91 67.16 47.16
N VAL K 2075 11.36 66.23 46.29
CA VAL K 2075 10.62 65.07 45.76
C VAL K 2075 9.77 64.33 46.78
N ILE K 2076 8.47 64.22 46.51
CA ILE K 2076 7.45 64.25 47.54
C ILE K 2076 6.86 62.85 47.70
N GLU K 2077 6.80 62.38 48.93
CA GLU K 2077 5.97 61.25 49.33
C GLU K 2077 4.62 61.80 49.79
N ASP K 2078 3.83 61.02 50.55
CA ASP K 2078 2.56 61.42 51.15
C ASP K 2078 1.56 61.82 50.08
N PRO K 2079 0.97 60.87 49.35
CA PRO K 2079 0.17 61.21 48.17
C PRO K 2079 -1.03 62.11 48.43
N GLU K 2080 -1.46 62.24 49.69
CA GLU K 2080 -2.42 63.28 50.05
C GLU K 2080 -1.85 64.67 49.79
N LEU K 2081 -0.58 64.87 50.09
CA LEU K 2081 0.03 66.16 49.80
C LEU K 2081 0.15 66.38 48.31
N VAL K 2082 0.35 65.31 47.55
CA VAL K 2082 0.46 65.43 46.10
C VAL K 2082 -0.87 65.82 45.50
N ARG K 2083 -1.94 65.21 46.00
CA ARG K 2083 -3.29 65.55 45.58
C ARG K 2083 -3.62 67.00 45.92
N ALA K 2084 -3.31 67.41 47.15
CA ALA K 2084 -3.59 68.78 47.55
C ALA K 2084 -2.73 69.78 46.81
N MET K 2085 -1.56 69.35 46.37
CA MET K 2085 -0.73 70.17 45.50
C MET K 2085 -1.43 70.43 44.17
N PHE K 2086 -1.74 69.36 43.46
CA PHE K 2086 -2.18 69.57 42.09
C PHE K 2086 -3.61 70.05 41.99
N VAL K 2087 -4.41 69.90 43.05
CA VAL K 2087 -5.75 70.48 43.02
C VAL K 2087 -5.67 71.99 42.97
N LEU K 2088 -4.84 72.59 43.83
CA LEU K 2088 -4.66 74.03 43.77
C LEU K 2088 -3.96 74.45 42.48
N LEU K 2089 -3.06 73.61 41.99
CA LEU K 2089 -2.34 73.96 40.76
C LEU K 2089 -3.28 74.05 39.57
N HIS K 2090 -4.12 73.03 39.39
CA HIS K 2090 -5.17 73.07 38.38
C HIS K 2090 -6.17 74.19 38.63
N ARG K 2091 -6.50 74.45 39.90
CA ARG K 2091 -7.54 75.43 40.21
C ARG K 2091 -7.09 76.84 39.89
N GLN K 2092 -5.79 77.12 39.99
CA GLN K 2092 -5.31 78.44 39.63
C GLN K 2092 -5.47 78.74 38.15
N TYR K 2093 -5.52 77.72 37.30
CA TYR K 2093 -5.78 77.95 35.90
C TYR K 2093 -7.24 77.80 35.55
N ASP K 2094 -7.97 77.00 36.31
CA ASP K 2094 -9.39 76.79 36.05
C ASP K 2094 -10.22 77.75 36.90
N GLY K 2095 -9.88 79.04 36.85
CA GLY K 2095 -10.71 80.03 37.51
C GLY K 2095 -12.01 80.23 36.78
N ILE K 2096 -11.97 80.14 35.45
CA ILE K 2096 -13.18 80.17 34.63
C ILE K 2096 -14.05 78.97 34.96
N GLY K 2097 -13.46 77.78 34.99
CA GLY K 2097 -14.25 76.59 35.26
C GLY K 2097 -14.72 76.47 36.69
N GLY K 2098 -13.93 76.97 37.63
CA GLY K 2098 -14.41 77.05 39.01
C GLY K 2098 -15.56 78.03 39.15
N LEU K 2099 -15.51 79.11 38.38
CA LEU K 2099 -16.61 80.06 38.32
C LEU K 2099 -17.86 79.40 37.70
N VAL K 2100 -17.64 78.54 36.70
CA VAL K 2100 -18.71 77.73 36.13
C VAL K 2100 -19.30 76.81 37.18
N ARG K 2101 -18.45 76.23 38.01
CA ARG K 2101 -18.93 75.38 39.09
C ARG K 2101 -19.68 76.19 40.14
N ALA K 2102 -19.33 77.46 40.28
CA ALA K 2102 -19.85 78.27 41.37
C ALA K 2102 -21.21 78.87 41.07
N LEU K 2103 -21.39 79.49 39.91
CA LEU K 2103 -22.58 80.31 39.67
C LEU K 2103 -23.93 79.60 39.66
N PRO K 2104 -24.06 78.31 39.34
CA PRO K 2104 -25.33 77.64 39.64
C PRO K 2104 -25.48 77.20 41.08
N LYS K 2105 -25.04 78.04 42.01
CA LYS K 2105 -25.45 77.97 43.41
C LYS K 2105 -25.78 79.33 44.00
N THR K 2106 -25.30 80.43 43.43
CA THR K 2106 -25.60 81.72 44.00
C THR K 2106 -27.02 82.14 43.68
N TYR K 2107 -27.51 83.12 44.45
CA TYR K 2107 -28.94 83.32 44.53
C TYR K 2107 -29.20 84.66 45.22
N THR K 2108 -30.23 85.37 44.77
CA THR K 2108 -30.58 86.66 45.34
C THR K 2108 -31.88 86.57 46.12
N ILE K 2109 -31.92 87.31 47.22
CA ILE K 2109 -33.01 87.26 48.19
C ILE K 2109 -33.35 88.68 48.58
N ASN K 2110 -34.64 89.00 48.64
CA ASN K 2110 -35.07 90.31 49.09
C ASN K 2110 -34.74 90.53 50.57
N GLY K 2111 -34.63 91.80 50.94
CA GLY K 2111 -34.24 92.18 52.28
C GLY K 2111 -35.27 91.93 53.36
N VAL K 2112 -36.47 91.51 52.98
CA VAL K 2112 -37.50 91.24 53.97
C VAL K 2112 -37.30 89.88 54.60
N SER K 2113 -37.00 88.88 53.77
CA SER K 2113 -37.04 87.49 54.17
C SER K 2113 -35.72 87.01 54.76
N VAL K 2114 -34.88 87.93 55.25
CA VAL K 2114 -33.50 87.62 55.64
C VAL K 2114 -33.46 86.66 56.82
N GLU K 2115 -34.29 86.92 57.82
CA GLU K 2115 -34.21 86.14 59.04
C GLU K 2115 -34.72 84.72 58.83
N ASP K 2116 -35.74 84.55 57.98
CA ASP K 2116 -36.22 83.21 57.69
C ASP K 2116 -35.18 82.41 56.92
N THR K 2117 -34.46 83.07 56.02
CA THR K 2117 -33.36 82.40 55.32
C THR K 2117 -32.28 81.97 56.29
N ILE K 2118 -31.95 82.85 57.24
CA ILE K 2118 -30.92 82.52 58.22
C ILE K 2118 -31.37 81.37 59.11
N ASN K 2119 -32.63 81.40 59.53
CA ASN K 2119 -33.14 80.39 60.45
C ASN K 2119 -33.26 79.04 59.75
N LEU K 2120 -33.78 79.04 58.52
CA LEU K 2120 -33.89 77.82 57.73
C LEU K 2120 -32.52 77.25 57.43
N LEU K 2121 -31.56 78.11 57.10
CA LEU K 2121 -30.23 77.63 56.78
C LEU K 2121 -29.54 77.10 58.02
N ALA K 2122 -29.83 77.67 59.19
CA ALA K 2122 -29.26 77.15 60.43
C ALA K 2122 -29.81 75.78 60.76
N SER K 2123 -31.12 75.60 60.58
CA SER K 2123 -31.71 74.28 60.81
C SER K 2123 -31.20 73.27 59.79
N LEU K 2124 -30.95 73.73 58.57
CA LEU K 2124 -30.46 72.83 57.55
C LEU K 2124 -29.02 72.43 57.83
N GLY K 2125 -28.22 73.35 58.35
CA GLY K 2125 -26.89 73.00 58.78
C GLY K 2125 -26.90 72.06 59.96
N GLN K 2126 -27.92 72.21 60.82
CA GLN K 2126 -28.08 71.30 61.95
C GLN K 2126 -28.35 69.87 61.48
N ILE K 2127 -29.28 69.71 60.54
CA ILE K 2127 -29.57 68.36 60.09
C ILE K 2127 -28.43 67.82 59.23
N ARG K 2128 -27.71 68.69 58.53
CA ARG K 2128 -26.55 68.21 57.78
C ARG K 2128 -25.43 67.82 58.73
N SER K 2129 -25.38 68.43 59.90
CA SER K 2129 -24.45 67.94 60.91
C SER K 2129 -24.91 66.61 61.49
N LEU K 2130 -26.22 66.44 61.64
CA LEU K 2130 -26.75 65.21 62.22
C LEU K 2130 -26.66 64.04 61.25
N LEU K 2131 -26.40 64.33 59.97
CA LEU K 2131 -26.09 63.31 58.96
C LEU K 2131 -25.03 62.29 59.38
N SER K 2132 -24.12 62.65 60.28
CA SER K 2132 -22.95 61.83 60.55
C SER K 2132 -22.99 61.22 61.93
N VAL K 2133 -24.15 60.73 62.35
CA VAL K 2133 -24.25 59.94 63.58
C VAL K 2133 -25.01 58.64 63.33
N GLU K 2138 -32.91 58.79 69.92
CA GLU K 2138 -32.57 60.14 70.37
C GLU K 2138 -32.36 61.04 69.18
N GLU K 2139 -31.54 60.55 68.26
CA GLU K 2139 -31.14 61.30 67.08
C GLU K 2139 -32.33 61.61 66.19
N GLU K 2140 -33.30 60.71 66.15
CA GLU K 2140 -34.44 60.85 65.27
C GLU K 2140 -35.37 61.94 65.74
N LYS K 2141 -35.40 62.20 67.04
CA LYS K 2141 -36.25 63.27 67.54
C LYS K 2141 -35.67 64.63 67.16
N LEU K 2142 -34.34 64.74 67.17
CA LEU K 2142 -33.68 65.93 66.65
C LEU K 2142 -33.95 66.09 65.17
N MET K 2143 -33.93 64.98 64.43
CA MET K 2143 -34.21 65.00 63.00
C MET K 2143 -35.63 65.51 62.72
N ILE K 2144 -36.60 64.99 63.47
CA ILE K 2144 -38.00 65.33 63.25
C ILE K 2144 -38.27 66.77 63.64
N ARG K 2145 -37.62 67.25 64.71
CA ARG K 2145 -37.69 68.67 65.06
C ARG K 2145 -37.15 69.54 63.95
N GLY K 2146 -36.01 69.14 63.38
CA GLY K 2146 -35.44 69.91 62.29
C GLY K 2146 -36.32 69.94 61.06
N LEU K 2147 -36.92 68.80 60.73
CA LEU K 2147 -37.82 68.73 59.59
C LEU K 2147 -39.05 69.60 59.80
N GLY K 2148 -39.62 69.55 60.99
CA GLY K 2148 -40.78 70.36 61.30
C GLY K 2148 -40.47 71.84 61.30
N ASP K 2149 -39.25 72.21 61.65
CA ASP K 2149 -38.84 73.60 61.47
C ASP K 2149 -38.75 73.95 59.99
N ILE K 2150 -38.26 73.03 59.17
CA ILE K 2150 -38.13 73.29 57.74
C ILE K 2150 -39.50 73.46 57.08
N MET K 2151 -40.49 72.73 57.59
CA MET K 2151 -41.84 72.74 57.02
C MET K 2151 -42.55 74.09 57.14
N ASN K 2152 -42.02 75.05 57.87
CA ASN K 2152 -42.78 76.23 58.26
C ASN K 2152 -42.06 77.51 57.86
N ASN K 2153 -41.66 77.62 56.61
CA ASN K 2153 -40.89 78.78 56.19
C ASN K 2153 -41.47 79.38 54.92
N LYS K 2154 -41.48 80.71 54.87
CA LYS K 2154 -41.94 81.43 53.70
C LYS K 2154 -41.04 81.16 52.51
N VAL K 2155 -39.72 81.27 52.75
CA VAL K 2155 -38.72 81.22 51.69
C VAL K 2155 -38.68 79.85 51.06
N PHE K 2156 -39.04 78.83 51.82
CA PHE K 2156 -39.24 77.49 51.30
C PHE K 2156 -40.27 77.45 50.18
N TYR K 2157 -41.23 78.37 50.21
CA TYR K 2157 -42.16 78.51 49.12
C TYR K 2157 -41.89 79.73 48.27
N GLN K 2158 -41.32 80.78 48.84
CA GLN K 2158 -41.03 81.96 48.04
C GLN K 2158 -39.84 81.74 47.12
N HIS K 2159 -38.96 80.80 47.44
CA HIS K 2159 -37.83 80.49 46.58
C HIS K 2159 -37.66 78.98 46.46
N PRO K 2160 -38.53 78.31 45.70
CA PRO K 2160 -38.41 76.86 45.57
C PRO K 2160 -37.26 76.42 44.70
N ASN K 2161 -36.64 77.34 43.95
CA ASN K 2161 -35.39 77.01 43.29
C ASN K 2161 -34.29 76.78 44.28
N LEU K 2162 -34.34 77.49 45.41
CA LEU K 2162 -33.22 77.48 46.33
C LEU K 2162 -33.09 76.15 47.03
N MET K 2163 -34.19 75.44 47.24
CA MET K 2163 -34.11 74.17 47.95
C MET K 2163 -33.37 73.13 47.14
N ARG K 2164 -33.73 72.97 45.87
CA ARG K 2164 -32.96 72.04 45.04
C ARG K 2164 -31.60 72.62 44.69
N ALA K 2165 -31.42 73.94 44.82
CA ALA K 2165 -30.09 74.50 44.67
C ALA K 2165 -29.20 74.08 45.84
N LEU K 2166 -29.77 73.93 47.03
CA LEU K 2166 -28.99 73.44 48.15
C LEU K 2166 -28.68 71.96 48.02
N GLY K 2167 -29.44 71.22 47.23
CA GLY K 2167 -29.27 69.79 47.19
C GLY K 2167 -29.74 69.09 48.43
N MET K 2168 -30.59 69.74 49.21
CA MET K 2168 -30.97 69.25 50.52
C MET K 2168 -31.86 68.02 50.42
N HIS K 2169 -32.56 67.87 49.30
CA HIS K 2169 -33.31 66.65 49.06
C HIS K 2169 -32.40 65.44 48.98
N GLU K 2170 -31.21 65.61 48.39
CA GLU K 2170 -30.27 64.51 48.33
C GLU K 2170 -29.72 64.17 49.70
N THR K 2171 -29.58 65.19 50.56
CA THR K 2171 -29.18 64.97 51.94
C THR K 2171 -30.23 64.16 52.69
N VAL K 2172 -31.50 64.54 52.52
CA VAL K 2172 -32.61 63.83 53.16
C VAL K 2172 -32.63 62.39 52.72
N MET K 2173 -32.47 62.17 51.42
CA MET K 2173 -32.50 60.83 50.89
C MET K 2173 -31.31 60.02 51.37
N GLU K 2174 -30.17 60.66 51.56
CA GLU K 2174 -29.01 59.94 52.08
C GLU K 2174 -29.24 59.53 53.52
N VAL K 2175 -29.92 60.38 54.31
CA VAL K 2175 -30.29 60.02 55.67
C VAL K 2175 -31.19 58.80 55.66
N MET K 2176 -32.15 58.78 54.74
CA MET K 2176 -33.07 57.65 54.62
C MET K 2176 -32.34 56.37 54.21
N VAL K 2177 -31.36 56.50 53.32
CA VAL K 2177 -30.50 55.37 52.97
C VAL K 2177 -29.77 54.86 54.19
N ASN K 2178 -29.27 55.79 55.01
CA ASN K 2178 -28.51 55.44 56.19
C ASN K 2178 -29.39 54.72 57.22
N VAL K 2179 -30.69 55.02 57.24
CA VAL K 2179 -31.57 54.34 58.17
C VAL K 2179 -31.78 52.89 57.76
N LEU K 2180 -32.16 52.66 56.51
CA LEU K 2180 -32.52 51.33 56.09
C LEU K 2180 -31.28 50.47 55.89
N GLY K 2181 -31.50 49.17 55.79
CA GLY K 2181 -30.43 48.22 55.57
C GLY K 2181 -30.30 47.86 54.11
N PRO K 2191 -38.84 52.10 62.08
CA PRO K 2191 -38.99 53.32 62.86
C PRO K 2191 -39.77 54.42 62.11
N LYS K 2192 -40.25 55.42 62.84
CA LYS K 2192 -41.04 56.49 62.25
C LYS K 2192 -40.20 57.55 61.57
N MET K 2193 -38.87 57.41 61.64
CA MET K 2193 -37.96 58.34 60.97
C MET K 2193 -38.16 58.32 59.46
N VAL K 2194 -38.27 57.11 58.91
CA VAL K 2194 -38.55 56.94 57.49
C VAL K 2194 -39.91 57.52 57.15
N ALA K 2195 -40.86 57.37 58.07
CA ALA K 2195 -42.20 57.89 57.86
C ALA K 2195 -42.21 59.40 57.84
N ASN K 2196 -41.25 60.04 58.51
CA ASN K 2196 -41.19 61.48 58.35
C ASN K 2196 -40.43 61.87 57.09
N CYS K 2197 -39.40 61.09 56.72
CA CYS K 2197 -38.58 61.47 55.57
C CYS K 2197 -39.34 61.34 54.25
N CYS K 2198 -40.06 60.23 54.09
CA CYS K 2198 -40.93 60.07 52.92
C CYS K 2198 -41.99 61.15 52.88
N ARG K 2199 -42.49 61.54 54.06
CA ARG K 2199 -43.48 62.60 54.12
C ARG K 2199 -42.90 63.92 53.67
N PHE K 2200 -41.66 64.19 54.05
CA PHE K 2200 -41.04 65.44 53.62
C PHE K 2200 -40.77 65.43 52.13
N LEU K 2201 -40.35 64.30 51.58
CA LEU K 2201 -40.07 64.29 50.14
C LEU K 2201 -41.34 64.38 49.32
N CYS K 2202 -42.41 63.70 49.74
CA CYS K 2202 -43.68 63.82 49.03
C CYS K 2202 -44.25 65.22 49.18
N TYR K 2203 -44.01 65.83 50.33
CA TYR K 2203 -44.38 67.21 50.54
C TYR K 2203 -43.58 68.12 49.65
N PHE K 2204 -42.38 67.68 49.29
CA PHE K 2204 -41.43 68.49 48.56
C PHE K 2204 -41.60 68.38 47.06
N CYS K 2205 -42.08 67.23 46.58
CA CYS K 2205 -42.10 66.94 45.15
C CYS K 2205 -43.00 67.86 44.36
N ARG K 2206 -44.06 68.38 44.95
CA ARG K 2206 -45.10 69.03 44.18
C ARG K 2206 -44.96 70.54 44.12
N ILE K 2207 -43.91 71.10 44.71
CA ILE K 2207 -43.88 72.54 44.90
C ILE K 2207 -43.53 73.28 43.62
N SER K 2208 -43.00 72.58 42.63
CA SER K 2208 -42.87 73.12 41.28
C SER K 2208 -42.97 71.94 40.33
N ARG K 2209 -42.55 72.17 39.10
CA ARG K 2209 -42.52 71.05 38.16
C ARG K 2209 -41.12 70.46 38.08
N GLN K 2210 -40.11 71.29 37.84
CA GLN K 2210 -38.76 70.80 37.63
C GLN K 2210 -38.11 70.27 38.88
N ASN K 2211 -38.70 70.51 40.04
CA ASN K 2211 -38.32 69.79 41.25
C ASN K 2211 -38.52 68.30 41.06
N GLN K 2212 -39.60 67.91 40.39
CA GLN K 2212 -39.97 66.52 40.27
C GLN K 2212 -39.02 65.76 39.38
N LYS K 2213 -38.31 66.44 38.48
CA LYS K 2213 -37.25 65.80 37.70
C LYS K 2213 -36.13 65.33 38.61
N ALA K 2214 -35.68 66.23 39.49
CA ALA K 2214 -34.58 65.91 40.39
C ALA K 2214 -35.01 64.83 41.37
N MET K 2215 -36.27 64.85 41.78
CA MET K 2215 -36.76 63.74 42.58
C MET K 2215 -36.86 62.46 41.76
N PHE K 2216 -37.11 62.58 40.46
CA PHE K 2216 -37.28 61.43 39.62
C PHE K 2216 -35.96 60.74 39.32
N ASP K 2217 -34.88 61.46 39.46
CA ASP K 2217 -33.59 60.84 39.19
C ASP K 2217 -33.14 59.82 40.25
N HIS K 2218 -33.98 59.36 41.17
CA HIS K 2218 -33.58 58.38 42.17
C HIS K 2218 -34.52 57.19 42.21
N LEU K 2219 -35.40 57.07 41.21
CA LEU K 2219 -36.46 56.08 41.28
C LEU K 2219 -35.94 54.68 41.09
N SER K 2220 -34.76 54.54 40.48
CA SER K 2220 -34.10 53.25 40.40
C SER K 2220 -33.83 52.69 41.79
N TYR K 2221 -33.27 53.52 42.67
CA TYR K 2221 -33.09 53.12 44.05
C TYR K 2221 -34.43 53.05 44.78
N LEU K 2222 -35.32 53.97 44.48
CA LEU K 2222 -36.42 54.24 45.39
C LEU K 2222 -37.46 53.13 45.39
N LEU K 2223 -37.57 52.39 44.29
CA LEU K 2223 -38.50 51.28 44.26
C LEU K 2223 -38.00 50.09 45.03
N GLU K 2224 -36.69 50.02 45.29
CA GLU K 2224 -36.09 48.80 45.81
C GLU K 2224 -36.46 48.53 47.26
N ASN K 2225 -37.03 49.52 47.94
CA ASN K 2225 -37.36 49.40 49.35
C ASN K 2225 -38.86 49.40 49.56
N SER K 2226 -39.58 48.75 48.65
CA SER K 2226 -41.03 48.81 48.63
C SER K 2226 -41.66 48.07 49.80
N SER K 2227 -40.96 47.08 50.36
CA SER K 2227 -41.55 46.25 51.40
C SER K 2227 -41.67 46.96 52.74
N VAL K 2228 -41.17 48.18 52.86
CA VAL K 2228 -41.41 48.96 54.08
C VAL K 2228 -42.86 49.39 54.14
N GLY K 2229 -43.42 49.83 53.01
CA GLY K 2229 -44.83 50.17 52.93
C GLY K 2229 -45.71 48.96 53.14
N LEU K 2230 -46.35 48.90 54.30
CA LEU K 2230 -47.08 47.72 54.71
C LEU K 2230 -48.36 48.20 55.40
N ALA K 2231 -49.00 47.29 56.14
CA ALA K 2231 -50.25 47.59 56.81
C ALA K 2231 -50.04 48.57 57.95
N SER K 2232 -50.39 49.83 57.68
CA SER K 2232 -50.32 50.89 58.66
C SER K 2232 -51.23 51.98 58.13
N PRO K 2233 -52.02 52.62 58.97
CA PRO K 2233 -52.73 53.82 58.52
C PRO K 2233 -51.81 54.98 58.22
N ALA K 2234 -50.60 54.97 58.81
CA ALA K 2234 -49.53 55.86 58.39
C ALA K 2234 -48.79 55.24 57.19
N MET K 2235 -49.49 55.20 56.06
CA MET K 2235 -48.91 54.71 54.82
C MET K 2235 -49.01 55.72 53.69
N ARG K 2236 -50.13 56.42 53.60
CA ARG K 2236 -50.27 57.49 52.62
C ARG K 2236 -49.34 58.63 53.02
N GLY K 2237 -48.44 59.00 52.11
CA GLY K 2237 -47.42 59.96 52.47
C GLY K 2237 -46.35 59.39 53.37
N SER K 2238 -46.16 58.08 53.36
CA SER K 2238 -45.18 57.45 54.23
C SER K 2238 -44.32 56.41 53.53
N THR K 2239 -44.75 55.86 52.46
CA THR K 2239 -43.94 54.84 51.84
C THR K 2239 -42.89 55.49 50.94
N PRO K 2240 -41.73 54.87 50.77
CA PRO K 2240 -40.85 55.26 49.66
C PRO K 2240 -41.50 55.02 48.31
N LEU K 2241 -42.33 53.99 48.24
CA LEU K 2241 -43.18 53.78 47.07
C LEU K 2241 -44.09 54.98 46.86
N ASP K 2242 -44.54 55.60 47.94
CA ASP K 2242 -45.34 56.80 47.79
C ASP K 2242 -44.51 57.98 47.34
N VAL K 2243 -43.20 57.95 47.61
CA VAL K 2243 -42.34 59.00 47.08
C VAL K 2243 -42.18 58.84 45.59
N ALA K 2244 -42.06 57.59 45.13
CA ALA K 2244 -42.02 57.34 43.70
C ALA K 2244 -43.33 57.72 43.03
N ALA K 2245 -44.45 57.49 43.71
CA ALA K 2245 -45.73 57.91 43.18
C ALA K 2245 -45.87 59.42 43.16
N ALA K 2246 -45.20 60.10 44.09
CA ALA K 2246 -45.17 61.55 44.02
C ALA K 2246 -44.31 62.05 42.88
N SER K 2247 -43.45 61.20 42.34
CA SER K 2247 -42.52 61.58 41.31
C SER K 2247 -43.09 61.49 39.91
N VAL K 2248 -44.39 61.30 39.75
CA VAL K 2248 -44.94 61.03 38.43
C VAL K 2248 -46.03 62.01 38.05
N MET K 2249 -47.03 62.15 38.93
CA MET K 2249 -48.42 62.55 38.67
C MET K 2249 -48.64 63.63 37.62
N ASP K 2250 -47.85 64.69 37.68
CA ASP K 2250 -48.05 65.81 36.78
C ASP K 2250 -47.50 65.53 35.40
N ASN K 2251 -46.23 65.14 35.33
CA ASN K 2251 -45.49 65.22 34.07
C ASN K 2251 -45.91 64.12 33.12
N ASN K 2252 -46.44 64.54 31.98
CA ASN K 2252 -46.56 63.62 30.87
C ASN K 2252 -45.20 63.26 30.33
N GLU K 2253 -44.26 64.21 30.37
CA GLU K 2253 -42.92 63.98 29.87
C GLU K 2253 -42.19 62.93 30.69
N LEU K 2254 -42.22 63.07 32.00
CA LEU K 2254 -41.47 62.15 32.82
C LEU K 2254 -42.16 60.80 32.90
N ALA K 2255 -43.48 60.78 32.72
CA ALA K 2255 -44.18 59.50 32.63
C ALA K 2255 -43.72 58.73 31.42
N LEU K 2256 -43.39 59.43 30.34
CA LEU K 2256 -42.73 58.79 29.22
C LEU K 2256 -41.31 58.41 29.57
N ALA K 2257 -40.63 59.26 30.34
CA ALA K 2257 -39.19 59.16 30.48
C ALA K 2257 -38.73 57.94 31.25
N LEU K 2258 -39.61 57.34 32.06
CA LEU K 2258 -39.19 56.14 32.75
C LEU K 2258 -39.17 54.96 31.79
N ARG K 2259 -38.57 53.87 32.24
CA ARG K 2259 -38.30 52.75 31.36
C ARG K 2259 -38.82 51.47 31.98
N GLU K 2260 -38.73 50.40 31.21
CA GLU K 2260 -39.29 49.13 31.63
C GLU K 2260 -38.65 48.37 32.81
N PRO K 2261 -37.35 48.47 33.17
CA PRO K 2261 -36.87 47.63 34.27
C PRO K 2261 -37.41 48.03 35.62
N ASP K 2262 -37.83 49.29 35.75
CA ASP K 2262 -38.55 49.75 36.93
C ASP K 2262 -39.85 48.97 37.08
N LEU K 2263 -40.59 48.86 35.99
CA LEU K 2263 -41.84 48.12 36.02
C LEU K 2263 -41.59 46.63 36.18
N GLU K 2264 -40.42 46.15 35.74
CA GLU K 2264 -40.03 44.78 36.01
C GLU K 2264 -39.86 44.54 37.51
N LYS K 2265 -39.21 45.48 38.19
CA LYS K 2265 -39.09 45.43 39.64
C LYS K 2265 -40.46 45.44 40.30
N VAL K 2266 -41.37 46.26 39.77
CA VAL K 2266 -42.70 46.38 40.35
C VAL K 2266 -43.46 45.08 40.22
N VAL K 2267 -43.42 44.46 39.04
CA VAL K 2267 -44.21 43.24 38.88
C VAL K 2267 -43.55 42.05 39.54
N ARG K 2268 -42.23 42.09 39.76
CA ARG K 2268 -41.63 41.07 40.60
C ARG K 2268 -42.07 41.22 42.04
N TYR K 2269 -42.18 42.46 42.51
CA TYR K 2269 -42.69 42.69 43.86
C TYR K 2269 -44.18 42.40 43.96
N LEU K 2270 -44.89 42.45 42.85
CA LEU K 2270 -46.32 42.22 42.85
C LEU K 2270 -46.66 40.74 42.68
N ALA K 2271 -45.78 39.97 42.04
CA ALA K 2271 -46.01 38.55 41.86
C ALA K 2271 -45.97 37.79 43.19
N GLY K 2272 -45.26 38.33 44.18
CA GLY K 2272 -45.27 37.72 45.51
C GLY K 2272 -46.60 37.83 46.21
N CYS K 2273 -47.45 38.78 45.82
CA CYS K 2273 -48.79 38.90 46.38
C CYS K 2273 -49.70 37.83 45.75
N GLY K 2274 -49.53 36.60 46.23
CA GLY K 2274 -50.39 35.51 45.80
C GLY K 2274 -51.25 35.00 46.94
N LEU K 2275 -51.75 35.91 47.76
CA LEU K 2275 -52.49 35.54 48.96
C LEU K 2275 -53.84 36.24 49.01
N PRO K 2293 -53.02 39.59 49.40
CA PRO K 2293 -52.68 40.44 50.55
C PRO K 2293 -53.32 41.80 50.48
N VAL K 2294 -53.05 42.61 51.49
CA VAL K 2294 -53.42 44.02 51.44
C VAL K 2294 -52.39 44.81 50.64
N GLU K 2295 -51.14 44.37 50.62
CA GLU K 2295 -50.06 45.19 50.09
C GLU K 2295 -50.07 45.30 48.57
N GLY K 2296 -50.85 44.49 47.88
CA GLY K 2296 -50.89 44.58 46.43
C GLY K 2296 -51.57 45.84 45.93
N GLU K 2297 -52.55 46.35 46.68
CA GLU K 2297 -53.32 47.51 46.24
C GLU K 2297 -52.48 48.77 46.18
N ARG K 2298 -51.38 48.82 46.93
CA ARG K 2298 -50.51 49.97 46.86
C ARG K 2298 -49.65 49.94 45.60
N TYR K 2299 -49.17 48.75 45.23
CA TYR K 2299 -48.50 48.58 43.94
C TYR K 2299 -49.43 48.94 42.80
N LEU K 2300 -50.69 48.53 42.88
CA LEU K 2300 -51.61 48.84 41.79
C LEU K 2300 -51.96 50.31 41.75
N ASP K 2301 -51.98 50.98 42.92
CA ASP K 2301 -52.14 52.43 42.93
C ASP K 2301 -50.97 53.11 42.23
N PHE K 2302 -49.76 52.65 42.50
CA PHE K 2302 -48.59 53.22 41.83
C PHE K 2302 -48.63 52.99 40.33
N LEU K 2303 -49.06 51.81 39.89
CA LEU K 2303 -49.12 51.57 38.45
C LEU K 2303 -50.22 52.39 37.79
N ARG K 2304 -51.31 52.63 38.52
CA ARG K 2304 -52.36 53.51 38.03
C ARG K 2304 -51.85 54.92 37.85
N PHE K 2305 -50.95 55.35 38.72
CA PHE K 2305 -50.24 56.57 38.43
C PHE K 2305 -49.25 56.41 37.29
N ALA K 2306 -48.81 55.19 37.02
CA ALA K 2306 -47.77 55.01 36.01
C ALA K 2306 -48.30 54.89 34.59
N VAL K 2307 -49.62 54.84 34.39
CA VAL K 2307 -50.13 54.66 33.03
C VAL K 2307 -50.95 55.81 32.47
N PHE K 2308 -51.59 56.63 33.30
CA PHE K 2308 -52.73 57.41 32.84
C PHE K 2308 -52.44 58.91 32.73
N CYS K 2309 -52.11 59.55 33.84
CA CYS K 2309 -51.22 60.70 33.94
C CYS K 2309 -51.70 62.06 33.45
N ASN K 2310 -52.80 62.17 32.73
CA ASN K 2310 -53.35 63.50 32.45
C ASN K 2310 -54.85 63.57 32.40
N GLY K 2311 -55.56 62.50 32.65
CA GLY K 2311 -56.90 62.36 32.18
C GLY K 2311 -57.01 61.58 30.89
N GLU K 2312 -55.91 61.46 30.16
CA GLU K 2312 -55.87 60.60 28.98
C GLU K 2312 -54.59 59.78 29.02
N SER K 2313 -54.75 58.47 28.94
CA SER K 2313 -53.65 57.54 29.19
C SER K 2313 -52.62 57.58 28.08
N VAL K 2314 -51.41 57.17 28.42
CA VAL K 2314 -50.43 56.82 27.41
C VAL K 2314 -50.69 55.37 26.98
N GLU K 2315 -50.01 54.98 25.92
CA GLU K 2315 -50.06 53.59 25.50
C GLU K 2315 -48.73 52.88 25.69
N GLU K 2316 -47.65 53.63 25.85
CA GLU K 2316 -46.33 53.04 25.80
C GLU K 2316 -46.00 52.31 27.09
N ASN K 2317 -46.34 52.93 28.22
CA ASN K 2317 -46.30 52.19 29.47
C ASN K 2317 -47.36 51.11 29.48
N ALA K 2318 -48.50 51.40 28.85
CA ALA K 2318 -49.69 50.57 29.00
C ALA K 2318 -49.50 49.21 28.36
N ASN K 2319 -48.85 49.17 27.20
CA ASN K 2319 -48.57 47.92 26.53
C ASN K 2319 -47.70 47.01 27.39
N VAL K 2320 -46.69 47.60 28.03
CA VAL K 2320 -45.76 46.79 28.81
C VAL K 2320 -46.41 46.31 30.08
N VAL K 2321 -47.24 47.17 30.69
CA VAL K 2321 -47.95 46.81 31.91
C VAL K 2321 -48.91 45.65 31.66
N VAL K 2322 -49.71 45.77 30.60
CA VAL K 2322 -50.69 44.73 30.29
C VAL K 2322 -49.99 43.45 29.86
N ARG K 2323 -48.86 43.55 29.18
CA ARG K 2323 -48.09 42.37 28.80
C ARG K 2323 -47.55 41.63 30.02
N LEU K 2324 -46.99 42.38 30.96
CA LEU K 2324 -46.49 41.74 32.16
C LEU K 2324 -47.60 41.27 33.09
N LEU K 2325 -48.80 41.79 32.93
CA LEU K 2325 -49.90 41.22 33.72
C LEU K 2325 -50.50 40.00 33.06
N ILE K 2326 -50.39 39.89 31.73
CA ILE K 2326 -50.75 38.64 31.07
C ILE K 2326 -49.69 37.58 31.29
N ARG K 2327 -48.50 37.97 31.77
CA ARG K 2327 -47.65 36.96 32.38
C ARG K 2327 -48.31 36.32 33.60
N ARG K 2328 -48.58 37.08 34.67
CA ARG K 2328 -49.33 36.53 35.81
C ARG K 2328 -50.22 37.60 36.44
N PRO K 2329 -51.56 37.55 36.25
CA PRO K 2329 -52.43 38.51 36.93
C PRO K 2329 -52.41 38.30 38.43
N GLU K 2330 -52.82 37.10 38.83
CA GLU K 2330 -52.48 36.48 40.11
C GLU K 2330 -52.81 37.28 41.36
N GLY K 2343 -62.19 30.54 39.56
CA GLY K 2343 -63.08 31.60 39.12
C GLY K 2343 -62.87 32.92 39.85
N LEU K 2344 -62.24 33.87 39.17
CA LEU K 2344 -61.86 35.13 39.78
C LEU K 2344 -62.98 36.17 39.77
N LEU K 2345 -63.95 36.05 38.87
CA LEU K 2345 -65.10 36.95 38.89
C LEU K 2345 -66.01 36.63 40.05
N ALA K 2346 -66.29 35.35 40.28
CA ALA K 2346 -67.14 34.93 41.37
C ALA K 2346 -66.44 35.02 42.71
N ALA K 2347 -65.10 35.11 42.72
CA ALA K 2347 -64.36 35.21 43.96
C ALA K 2347 -64.64 36.52 44.68
N MET K 2348 -64.70 37.63 43.92
CA MET K 2348 -65.17 38.90 44.49
C MET K 2348 -66.62 38.78 44.92
N GLU K 2349 -67.42 38.12 44.10
CA GLU K 2349 -68.83 37.97 44.38
C GLU K 2349 -69.11 36.83 45.35
N GLU K 2350 -68.06 36.21 45.87
CA GLU K 2350 -68.17 35.27 46.98
C GLU K 2350 -68.19 36.01 48.32
N ALA K 2351 -67.10 36.69 48.64
CA ALA K 2351 -66.78 37.04 50.02
C ALA K 2351 -67.04 38.52 50.33
N ILE K 2352 -68.14 39.08 49.85
CA ILE K 2352 -68.49 40.44 50.25
C ILE K 2352 -68.77 40.51 51.74
N LYS K 2353 -69.57 39.58 52.24
CA LYS K 2353 -70.13 39.68 53.57
C LYS K 2353 -69.21 39.16 54.66
N ILE K 2354 -67.99 38.77 54.33
CA ILE K 2354 -67.03 38.39 55.36
C ILE K 2354 -66.34 39.64 55.87
N GLY K 2386 -60.94 43.92 56.52
CA GLY K 2386 -61.70 42.98 55.71
C GLY K 2386 -62.13 43.51 54.35
N ASN K 2387 -61.65 44.70 54.02
CA ASN K 2387 -61.92 45.35 52.73
C ASN K 2387 -60.83 45.02 51.71
N ALA K 2388 -59.97 44.06 52.02
CA ALA K 2388 -58.69 43.92 51.35
C ALA K 2388 -58.84 43.42 49.92
N ILE K 2389 -59.41 42.22 49.77
CA ILE K 2389 -59.61 41.62 48.44
C ILE K 2389 -60.59 42.44 47.62
N MET K 2390 -61.53 43.10 48.29
CA MET K 2390 -62.52 43.96 47.66
C MET K 2390 -61.84 45.12 46.94
N THR K 2391 -61.09 45.92 47.69
CA THR K 2391 -60.37 47.02 47.06
C THR K 2391 -59.22 46.54 46.21
N PHE K 2392 -58.71 45.33 46.43
CA PHE K 2392 -57.68 44.76 45.57
C PHE K 2392 -58.18 44.57 44.15
N TYR K 2393 -59.29 43.86 44.00
CA TYR K 2393 -59.82 43.68 42.67
C TYR K 2393 -60.43 44.96 42.11
N ALA K 2394 -60.82 45.90 42.98
CA ALA K 2394 -61.13 47.25 42.49
C ALA K 2394 -59.92 47.90 41.84
N ALA K 2395 -58.76 47.78 42.47
CA ALA K 2395 -57.57 48.41 41.91
C ALA K 2395 -57.11 47.70 40.65
N LEU K 2396 -57.23 46.37 40.63
CA LEU K 2396 -56.83 45.61 39.45
C LEU K 2396 -57.74 45.92 38.28
N ILE K 2397 -59.02 46.19 38.55
CA ILE K 2397 -59.89 46.56 37.45
C ILE K 2397 -59.76 48.03 37.11
N ASP K 2398 -59.20 48.84 38.03
CA ASP K 2398 -58.97 50.23 37.68
C ASP K 2398 -57.76 50.36 36.79
N LEU K 2399 -56.75 49.51 37.01
CA LEU K 2399 -55.52 49.58 36.23
C LEU K 2399 -55.76 49.20 34.78
N LEU K 2400 -56.44 48.07 34.55
CA LEU K 2400 -56.66 47.58 33.20
C LEU K 2400 -57.58 48.48 32.42
N GLY K 2401 -58.40 49.29 33.08
CA GLY K 2401 -59.24 50.24 32.40
C GLY K 2401 -58.51 51.43 31.82
N ARG K 2402 -57.19 51.50 31.98
CA ARG K 2402 -56.43 52.66 31.51
C ARG K 2402 -55.58 52.28 30.29
N CYS K 2403 -56.13 51.46 29.41
CA CYS K 2403 -55.41 51.11 28.19
C CYS K 2403 -56.39 51.12 27.03
N ALA K 2404 -55.83 51.08 25.82
CA ALA K 2404 -56.54 51.09 24.54
C ALA K 2404 -57.51 52.25 24.40
N PRO K 2405 -57.04 53.47 24.13
CA PRO K 2405 -57.98 54.59 23.93
C PRO K 2405 -58.70 54.51 22.61
N GLU K 2406 -59.48 55.53 22.26
CA GLU K 2406 -60.24 55.49 21.02
C GLU K 2406 -59.63 56.30 19.88
N MET K 2407 -58.86 57.35 20.19
CA MET K 2407 -58.37 58.25 19.15
C MET K 2407 -57.37 57.56 18.24
N HIS K 2408 -56.64 56.58 18.76
CA HIS K 2408 -55.80 55.74 17.93
C HIS K 2408 -56.45 54.40 17.63
N LEU K 2409 -57.68 54.16 18.07
CA LEU K 2409 -58.38 52.93 17.73
C LEU K 2409 -59.67 53.18 16.98
N ILE K 2410 -60.58 53.96 17.54
CA ILE K 2410 -61.89 54.13 16.92
C ILE K 2410 -61.78 55.00 15.67
N HIS K 2411 -60.80 55.90 15.66
CA HIS K 2411 -60.54 56.67 14.45
C HIS K 2411 -59.92 55.81 13.38
N ALA K 2412 -59.02 54.90 13.75
CA ALA K 2412 -58.33 54.08 12.77
C ALA K 2412 -57.77 52.86 13.49
N ALA K 2413 -57.84 51.72 12.83
CA ALA K 2413 -57.25 50.49 13.33
C ALA K 2413 -55.74 50.64 13.33
N LYS K 2414 -55.13 50.61 14.52
CA LYS K 2414 -53.69 50.75 14.66
C LYS K 2414 -52.99 49.42 14.92
N GLY K 2415 -53.62 48.30 14.61
CA GLY K 2415 -52.92 47.05 14.67
C GLY K 2415 -52.91 46.43 16.05
N GLU K 2416 -51.82 46.63 16.79
CA GLU K 2416 -51.67 46.01 18.09
C GLU K 2416 -52.62 46.57 19.13
N ALA K 2417 -53.15 47.78 18.92
CA ALA K 2417 -54.16 48.32 19.82
C ALA K 2417 -55.39 47.43 19.83
N ILE K 2418 -55.73 46.88 18.67
CA ILE K 2418 -56.82 45.91 18.58
C ILE K 2418 -56.48 44.68 19.38
N ARG K 2419 -55.23 44.24 19.36
CA ARG K 2419 -54.98 42.95 19.99
C ARG K 2419 -54.87 43.09 21.51
N ILE K 2420 -54.36 44.22 22.00
CA ILE K 2420 -54.44 44.49 23.44
C ILE K 2420 -55.89 44.66 23.88
N ARG K 2421 -56.70 45.34 23.07
CA ARG K 2421 -58.11 45.50 23.40
C ARG K 2421 -58.85 44.17 23.35
N SER K 2422 -58.38 43.23 22.53
CA SER K 2422 -58.97 41.90 22.50
C SER K 2422 -58.57 41.10 23.73
N ILE K 2423 -57.33 41.27 24.18
CA ILE K 2423 -56.89 40.70 25.46
C ILE K 2423 -57.73 41.25 26.60
N LEU K 2424 -58.12 42.51 26.51
CA LEU K 2424 -59.00 43.09 27.51
C LEU K 2424 -60.42 42.56 27.39
N ARG K 2425 -60.86 42.22 26.18
CA ARG K 2425 -62.12 41.48 26.04
C ARG K 2425 -62.02 40.12 26.71
N SER K 2426 -60.83 39.51 26.64
CA SER K 2426 -60.64 38.13 27.09
C SER K 2426 -60.76 37.96 28.59
N LEU K 2427 -60.70 39.03 29.37
CA LEU K 2427 -60.73 38.91 30.81
C LEU K 2427 -61.87 39.74 31.36
N ILE K 2428 -62.55 39.19 32.36
CA ILE K 2428 -63.81 39.69 32.93
C ILE K 2428 -64.84 39.91 31.83
N PRO K 2429 -65.39 38.85 31.22
CA PRO K 2429 -66.19 39.02 29.99
C PRO K 2429 -67.61 39.50 30.26
N LEU K 2430 -67.69 40.78 30.66
CA LEU K 2430 -68.94 41.52 30.89
C LEU K 2430 -69.81 40.91 31.98
N GLY K 2431 -69.28 40.01 32.81
CA GLY K 2431 -69.92 39.58 34.03
C GLY K 2431 -69.76 40.57 35.15
N ASP K 2432 -68.99 41.62 34.85
CA ASP K 2432 -68.89 42.89 35.55
C ASP K 2432 -70.27 43.46 35.90
N LEU K 2433 -71.26 43.23 35.03
CA LEU K 2433 -72.59 43.76 35.22
C LEU K 2433 -73.25 43.21 36.47
N VAL K 2434 -72.85 42.01 36.90
CA VAL K 2434 -73.29 41.50 38.20
C VAL K 2434 -72.74 42.40 39.32
N GLY K 2435 -71.48 42.79 39.20
CA GLY K 2435 -70.94 43.77 40.11
C GLY K 2435 -71.56 45.13 39.95
N VAL K 2436 -72.06 45.44 38.75
CA VAL K 2436 -72.70 46.74 38.53
C VAL K 2436 -74.02 46.82 39.29
N ILE K 2437 -74.84 45.78 39.20
CA ILE K 2437 -76.13 45.84 39.86
C ILE K 2437 -76.02 45.51 41.35
N SER K 2438 -75.08 44.65 41.74
CA SER K 2438 -75.02 44.17 43.11
C SER K 2438 -74.51 45.22 44.09
N ILE K 2439 -73.62 46.12 43.66
CA ILE K 2439 -73.09 47.14 44.55
C ILE K 2439 -74.14 48.20 44.85
N ALA K 2440 -74.85 48.65 43.81
CA ALA K 2440 -75.56 49.92 43.78
C ALA K 2440 -76.70 50.07 44.78
N PHE K 2441 -77.01 49.02 45.52
CA PHE K 2441 -78.15 49.06 46.43
C PHE K 2441 -77.85 48.44 47.78
N GLN K 2442 -76.60 48.46 48.26
CA GLN K 2442 -76.29 47.90 49.56
C GLN K 2442 -76.20 48.99 50.62
N PHE K 2461 -67.88 50.25 50.55
CA PHE K 2461 -68.06 49.34 49.43
C PHE K 2461 -69.01 49.89 48.37
N CYS K 2462 -70.04 50.60 48.81
CA CYS K 2462 -71.05 51.09 47.88
C CYS K 2462 -70.56 52.20 46.94
N PRO K 2463 -69.93 53.30 47.39
CA PRO K 2463 -69.70 54.37 46.41
C PRO K 2463 -68.49 54.12 45.52
N ASP K 2464 -67.49 53.38 45.99
CA ASP K 2464 -66.18 53.38 45.38
C ASP K 2464 -66.02 52.38 44.25
N HIS K 2465 -66.24 51.09 44.52
CA HIS K 2465 -65.85 50.02 43.60
C HIS K 2465 -66.60 50.10 42.28
N LYS K 2466 -67.83 50.58 42.34
CA LYS K 2466 -68.70 50.61 41.17
C LYS K 2466 -68.19 51.57 40.11
N ALA K 2467 -67.56 52.68 40.54
CA ALA K 2467 -67.00 53.61 39.57
C ALA K 2467 -65.81 53.02 38.84
N ALA K 2468 -65.01 52.20 39.53
CA ALA K 2468 -63.92 51.50 38.87
C ALA K 2468 -64.46 50.48 37.87
N MET K 2469 -65.56 49.82 38.20
CA MET K 2469 -66.19 48.92 37.25
C MET K 2469 -66.73 49.66 36.04
N VAL K 2470 -67.30 50.86 36.27
CA VAL K 2470 -67.78 51.71 35.19
C VAL K 2470 -66.64 52.08 34.26
N LEU K 2471 -65.51 52.50 34.82
CA LEU K 2471 -64.36 52.89 34.01
C LEU K 2471 -63.77 51.71 33.26
N PHE K 2472 -63.88 50.50 33.80
CA PHE K 2472 -63.48 49.34 33.01
C PHE K 2472 -64.44 49.12 31.86
N LEU K 2473 -65.73 49.33 32.09
CA LEU K 2473 -66.70 49.12 31.02
C LEU K 2473 -66.65 50.24 30.00
N ASP K 2474 -66.33 51.45 30.45
CA ASP K 2474 -66.43 52.62 29.59
C ASP K 2474 -65.37 52.62 28.49
N ARG K 2475 -64.26 51.94 28.70
CA ARG K 2475 -63.16 51.94 27.75
C ARG K 2475 -63.21 50.73 26.83
N VAL K 2476 -63.28 49.53 27.40
CA VAL K 2476 -63.21 48.32 26.59
C VAL K 2476 -64.52 48.10 25.85
N TYR K 2477 -65.66 48.27 26.51
CA TYR K 2477 -66.93 47.95 25.90
C TYR K 2477 -67.71 49.19 25.47
N VAL K 2481 -77.15 48.29 20.61
CA VAL K 2481 -76.27 48.97 21.55
C VAL K 2481 -77.10 49.58 22.67
N GLN K 2482 -78.01 50.49 22.32
CA GLN K 2482 -78.82 51.16 23.33
C GLN K 2482 -79.80 50.22 24.02
N ASP K 2483 -80.15 49.11 23.37
CA ASP K 2483 -80.92 48.10 24.06
C ASP K 2483 -80.08 47.41 25.14
N PHE K 2484 -78.81 47.16 24.84
CA PHE K 2484 -77.91 46.63 25.86
C PHE K 2484 -77.57 47.68 26.90
N LEU K 2485 -77.65 48.96 26.52
CA LEU K 2485 -77.55 50.05 27.48
C LEU K 2485 -78.71 50.01 28.47
N LEU K 2486 -79.93 49.86 27.97
CA LEU K 2486 -81.09 49.83 28.84
C LEU K 2486 -81.23 48.49 29.57
N HIS K 2487 -80.52 47.46 29.09
CA HIS K 2487 -80.46 46.18 29.79
C HIS K 2487 -79.89 46.29 31.20
N LEU K 2488 -79.00 47.26 31.42
CA LEU K 2488 -78.19 47.28 32.63
C LEU K 2488 -79.00 47.59 33.87
N LEU K 2489 -80.12 48.29 33.71
CA LEU K 2489 -80.95 48.67 34.85
C LEU K 2489 -81.85 47.52 35.27
N GLY K 2492 -79.50 51.41 39.16
CA GLY K 2492 -80.54 52.40 39.36
C GLY K 2492 -80.20 53.44 40.41
N PHE K 2493 -80.66 54.66 40.18
CA PHE K 2493 -80.36 55.78 41.06
C PHE K 2493 -81.39 55.99 42.15
N LEU K 2494 -82.31 55.04 42.34
CA LEU K 2494 -83.42 55.20 43.28
C LEU K 2494 -82.92 55.15 44.72
N PRO K 2495 -81.94 54.32 45.03
CA PRO K 2495 -81.39 54.33 46.40
C PRO K 2495 -80.61 55.59 46.71
N ASP K 2496 -80.11 56.27 45.69
CA ASP K 2496 -79.50 57.58 45.90
C ASP K 2496 -80.54 58.60 46.31
N LEU K 2497 -81.68 58.62 45.61
CA LEU K 2497 -82.74 59.55 45.98
C LEU K 2497 -83.44 59.15 47.27
N ARG K 2498 -83.33 57.87 47.67
CA ARG K 2498 -84.04 57.38 48.84
C ARG K 2498 -83.45 57.87 50.15
N ALA K 2499 -82.25 58.45 50.13
CA ALA K 2499 -81.59 58.94 51.32
C ALA K 2499 -81.31 60.44 51.23
N ALA K 2500 -82.31 61.21 50.82
CA ALA K 2500 -82.12 62.63 50.58
C ALA K 2500 -81.92 63.43 51.87
N ALA K 2501 -82.35 62.92 53.02
CA ALA K 2501 -82.13 63.62 54.28
C ALA K 2501 -81.68 62.73 55.43
N SER K 2502 -81.71 61.41 55.29
CA SER K 2502 -81.39 60.53 56.42
C SER K 2502 -79.89 60.28 56.56
N LEU K 2503 -79.06 60.86 55.70
CA LEU K 2503 -77.62 60.65 55.76
C LEU K 2503 -76.85 61.88 55.30
N THR K 2511 -73.24 57.04 57.58
CA THR K 2511 -73.60 57.94 56.48
C THR K 2511 -72.52 57.97 55.40
N ASP K 2512 -71.98 56.78 55.10
CA ASP K 2512 -71.22 56.59 53.87
C ASP K 2512 -72.11 56.61 52.63
N MET K 2513 -73.42 56.56 52.82
CA MET K 2513 -74.37 56.84 51.75
C MET K 2513 -74.22 58.27 51.24
N ALA K 2514 -73.76 59.19 52.10
CA ALA K 2514 -73.49 60.57 51.73
C ALA K 2514 -72.16 60.74 51.02
N LEU K 2515 -71.55 59.67 50.53
CA LEU K 2515 -70.32 59.74 49.75
C LEU K 2515 -70.53 59.44 48.28
N ALA K 2516 -71.60 58.73 47.94
CA ALA K 2516 -71.96 58.50 46.55
C ALA K 2516 -72.82 59.62 45.97
N LEU K 2517 -73.00 60.72 46.71
CA LEU K 2517 -74.01 61.71 46.32
C LEU K 2517 -73.59 62.49 45.08
N ASN K 2518 -72.49 63.24 45.16
CA ASN K 2518 -71.96 63.89 43.97
C ASN K 2518 -71.06 62.96 43.17
N ARG K 2519 -70.73 61.81 43.74
CA ARG K 2519 -69.77 60.89 43.14
C ARG K 2519 -70.29 60.29 41.85
N TYR K 2520 -71.59 60.03 41.79
CA TYR K 2520 -72.20 59.50 40.59
C TYR K 2520 -72.88 60.59 39.80
N LEU K 2521 -72.66 61.85 40.19
CA LEU K 2521 -72.98 62.98 39.34
C LEU K 2521 -71.86 63.29 38.36
N CYS K 2522 -70.78 62.50 38.40
CA CYS K 2522 -69.77 62.50 37.36
C CYS K 2522 -69.44 61.09 36.87
N THR K 2523 -69.98 60.05 37.51
CA THR K 2523 -69.76 58.67 37.11
C THR K 2523 -70.90 58.14 36.24
N ALA K 2524 -72.14 58.52 36.53
CA ALA K 2524 -73.29 58.20 35.71
C ALA K 2524 -73.50 59.19 34.58
N VAL K 2525 -72.47 59.92 34.19
CA VAL K 2525 -72.53 60.85 33.08
C VAL K 2525 -71.81 60.28 31.86
N LEU K 2526 -70.81 59.45 32.08
CA LEU K 2526 -70.24 58.58 31.04
C LEU K 2526 -71.26 57.73 30.26
N PRO K 2527 -72.42 57.31 30.83
CA PRO K 2527 -73.44 56.71 29.95
C PRO K 2527 -74.31 57.68 29.17
N LEU K 2528 -73.88 58.93 28.95
CA LEU K 2528 -74.56 59.76 27.96
C LEU K 2528 -74.48 59.16 26.57
N LEU K 2529 -73.41 58.45 26.26
CA LEU K 2529 -73.26 57.84 24.95
C LEU K 2529 -73.07 56.34 25.09
N ALA K 2537 -89.04 51.23 30.44
CA ALA K 2537 -87.99 51.37 31.45
C ALA K 2537 -87.19 52.65 31.27
N GLY K 2538 -87.12 53.18 30.04
CA GLY K 2538 -86.55 54.49 29.86
C GLY K 2538 -87.37 55.58 30.51
N THR K 2539 -88.69 55.45 30.47
CA THR K 2539 -89.55 56.37 31.20
C THR K 2539 -89.40 56.19 32.71
N GLU K 2540 -89.14 54.96 33.16
CA GLU K 2540 -88.87 54.73 34.58
C GLU K 2540 -87.57 55.41 35.01
N HIS K 2541 -86.53 55.31 34.18
CA HIS K 2541 -85.28 55.99 34.49
C HIS K 2541 -85.43 57.49 34.39
N HIS K 2542 -86.29 57.98 33.50
CA HIS K 2542 -86.57 59.42 33.42
C HIS K 2542 -87.28 59.89 34.67
N ALA K 2543 -88.17 59.05 35.21
CA ALA K 2543 -88.84 59.36 36.47
C ALA K 2543 -87.85 59.40 37.63
N SER K 2544 -86.93 58.43 37.68
CA SER K 2544 -85.93 58.42 38.75
C SER K 2544 -84.96 59.60 38.63
N LEU K 2545 -84.63 59.99 37.40
CA LEU K 2545 -83.76 61.15 37.21
C LEU K 2545 -84.48 62.44 37.55
N ILE K 2546 -85.78 62.53 37.26
CA ILE K 2546 -86.55 63.70 37.68
C ILE K 2546 -86.73 63.71 39.19
N ASP K 2547 -86.74 62.53 39.81
CA ASP K 2547 -86.79 62.46 41.27
C ASP K 2547 -85.47 62.93 41.89
N SER K 2548 -84.35 62.60 41.25
CA SER K 2548 -83.07 63.14 41.70
C SER K 2548 -82.96 64.63 41.40
N LEU K 2549 -83.61 65.09 40.33
CA LEU K 2549 -83.58 66.51 39.99
C LEU K 2549 -84.40 67.32 40.96
N LEU K 2550 -85.56 66.80 41.36
CA LEU K 2550 -86.34 67.42 42.43
C LEU K 2550 -85.63 67.29 43.77
N HIS K 2551 -84.83 66.23 43.93
CA HIS K 2551 -83.95 66.11 45.09
C HIS K 2551 -82.82 67.13 45.03
N THR K 2552 -82.53 67.70 43.87
CA THR K 2552 -81.55 68.75 43.72
C THR K 2552 -82.19 70.04 43.23
N VAL K 2553 -83.48 70.23 43.50
CA VAL K 2553 -84.22 71.36 42.96
C VAL K 2553 -83.87 72.66 43.69
N LYS K 2558 -73.06 69.54 45.43
CA LYS K 2558 -72.21 70.48 44.73
C LYS K 2558 -72.95 71.10 43.57
N GLY K 2559 -72.83 72.42 43.43
CA GLY K 2559 -73.47 73.12 42.32
C GLY K 2559 -72.88 72.73 40.99
N CYS K 2560 -71.58 72.43 40.97
CA CYS K 2560 -70.97 71.89 39.77
C CYS K 2560 -71.49 70.49 39.46
N SER K 2561 -71.64 69.66 40.50
CA SER K 2561 -72.13 68.30 40.27
C SER K 2561 -73.62 68.30 39.94
N LEU K 2562 -74.38 69.22 40.54
CA LEU K 2562 -75.78 69.37 40.18
C LEU K 2562 -75.94 69.88 38.74
N THR K 2563 -75.09 70.82 38.32
CA THR K 2563 -75.12 71.28 36.94
C THR K 2563 -74.67 70.20 35.98
N LYS K 2564 -73.77 69.33 36.42
CA LYS K 2564 -73.36 68.19 35.59
C LYS K 2564 -74.52 67.22 35.41
N ALA K 2565 -75.26 66.94 36.49
CA ALA K 2565 -76.46 66.12 36.38
C ALA K 2565 -77.52 66.78 35.49
N GLN K 2566 -77.60 68.11 35.53
CA GLN K 2566 -78.55 68.85 34.70
C GLN K 2566 -78.18 68.74 33.22
N ARG K 2567 -76.90 68.89 32.90
CA ARG K 2567 -76.46 68.76 31.52
C ARG K 2567 -76.62 67.33 31.03
N ASP K 2568 -76.42 66.35 31.92
CA ASP K 2568 -76.65 64.95 31.57
C ASP K 2568 -78.12 64.69 31.27
N SER K 2569 -79.02 65.27 32.06
CA SER K 2569 -80.45 65.09 31.83
C SER K 2569 -80.90 65.79 30.56
N ILE K 2570 -80.32 66.96 30.26
CA ILE K 2570 -80.66 67.68 29.05
C ILE K 2570 -80.19 66.90 27.82
N GLU K 2571 -79.01 66.28 27.91
CA GLU K 2571 -78.54 65.46 26.81
C GLU K 2571 -79.34 64.17 26.68
N VAL K 2572 -79.86 63.64 27.80
CA VAL K 2572 -80.68 62.44 27.74
C VAL K 2572 -82.04 62.75 27.15
N CYS K 2573 -82.57 63.94 27.41
CA CYS K 2573 -83.90 64.31 26.95
C CYS K 2573 -83.89 64.95 25.56
N LEU K 2574 -82.74 65.41 25.08
CA LEU K 2574 -82.67 66.08 23.79
C LEU K 2574 -82.84 65.09 22.63
N LEU K 2575 -81.91 64.15 22.51
CA LEU K 2575 -81.86 63.23 21.37
C LEU K 2575 -82.64 61.95 21.61
N SER K 2576 -83.67 62.00 22.45
CA SER K 2576 -84.52 60.84 22.68
C SER K 2576 -85.99 61.24 22.56
N ARG K 2582 -89.41 58.55 20.15
CA ARG K 2582 -89.76 59.85 19.61
C ARG K 2582 -90.02 60.82 20.75
N PRO K 2583 -90.93 61.78 20.53
CA PRO K 2583 -91.32 62.71 21.60
C PRO K 2583 -92.39 62.17 22.54
N SER K 2584 -92.67 60.87 22.50
CA SER K 2584 -93.67 60.27 23.38
C SER K 2584 -93.19 60.29 24.82
N MET K 2585 -92.01 59.71 25.07
CA MET K 2585 -91.43 59.74 26.41
C MET K 2585 -91.03 61.15 26.80
N MET K 2586 -90.73 62.00 25.81
CA MET K 2586 -90.47 63.41 26.10
C MET K 2586 -91.71 64.09 26.63
N GLN K 2587 -92.88 63.75 26.08
CA GLN K 2587 -94.12 64.29 26.63
C GLN K 2587 -94.45 63.66 27.98
N HIS K 2588 -94.07 62.40 28.18
CA HIS K 2588 -94.27 61.74 29.46
C HIS K 2588 -93.44 62.40 30.56
N LEU K 2589 -92.23 62.86 30.21
CA LEU K 2589 -91.43 63.62 31.16
C LEU K 2589 -91.91 65.06 31.28
N LEU K 2590 -92.45 65.64 30.20
CA LEU K 2590 -93.00 66.98 30.25
C LEU K 2590 -94.26 67.04 31.10
N ARG K 2591 -94.95 65.90 31.27
CA ARG K 2591 -96.01 65.79 32.25
C ARG K 2591 -95.52 66.15 33.65
N ARG K 2592 -94.49 65.44 34.14
CA ARG K 2592 -93.94 65.72 35.46
C ARG K 2592 -93.25 67.08 35.51
N LEU K 2593 -92.70 67.53 34.38
CA LEU K 2593 -92.11 68.85 34.31
C LEU K 2593 -93.15 69.94 34.51
N VAL K 2594 -94.34 69.78 33.93
CA VAL K 2594 -95.43 70.72 34.19
C VAL K 2594 -96.01 70.49 35.58
N PHE K 2595 -95.88 69.29 36.12
CA PHE K 2595 -96.36 69.01 37.47
C PHE K 2595 -95.53 69.73 38.52
N ASP K 2596 -94.25 69.93 38.26
CA ASP K 2596 -93.39 70.64 39.20
C ASP K 2596 -93.13 72.09 38.80
N VAL K 2597 -93.38 72.47 37.56
CA VAL K 2597 -93.07 73.79 37.01
C VAL K 2597 -93.95 74.88 37.61
N PRO K 2598 -95.13 74.55 38.15
CA PRO K 2598 -96.04 75.60 38.63
C PRO K 2598 -95.53 76.38 39.84
N LEU K 2599 -94.49 75.89 40.52
CA LEU K 2599 -93.82 76.65 41.57
C LEU K 2599 -92.62 77.42 41.05
N LEU K 2600 -92.68 77.90 39.80
CA LEU K 2600 -91.56 78.66 39.24
C LEU K 2600 -91.46 80.03 39.86
N ASN K 2601 -92.55 80.55 40.43
CA ASN K 2601 -92.53 81.87 41.03
C ASN K 2601 -91.88 81.84 42.41
N LYS K 2605 -84.98 77.19 43.42
CA LYS K 2605 -86.15 76.97 42.57
C LYS K 2605 -85.84 77.30 41.11
N MET K 2606 -84.62 77.77 40.86
CA MET K 2606 -84.12 78.03 39.52
C MET K 2606 -83.94 76.73 38.76
N PRO K 2607 -83.75 75.60 39.45
CA PRO K 2607 -83.68 74.31 38.75
C PRO K 2607 -84.97 73.92 38.07
N LEU K 2608 -86.12 74.33 38.63
CA LEU K 2608 -87.38 74.19 37.93
C LEU K 2608 -87.41 75.04 36.66
N LYS K 2609 -86.77 76.21 36.70
CA LYS K 2609 -86.70 77.04 35.49
C LYS K 2609 -85.77 76.43 34.45
N LEU K 2610 -84.71 75.75 34.89
CA LEU K 2610 -83.85 75.04 33.95
C LEU K 2610 -84.57 73.86 33.32
N LEU K 2611 -85.34 73.11 34.14
CA LEU K 2611 -86.17 72.04 33.61
C LEU K 2611 -87.25 72.56 32.68
N THR K 2612 -87.75 73.77 32.94
CA THR K 2612 -88.71 74.39 32.04
C THR K 2612 -88.07 74.84 30.74
N ASN K 2613 -86.81 75.27 30.79
CA ASN K 2613 -86.09 75.58 29.56
C ASN K 2613 -85.85 74.32 28.73
N HIS K 2614 -85.56 73.21 29.41
CA HIS K 2614 -85.42 71.93 28.71
C HIS K 2614 -86.75 71.46 28.12
N TYR K 2615 -87.86 71.68 28.85
CA TYR K 2615 -89.18 71.33 28.34
C TYR K 2615 -89.60 72.25 27.20
N GLU K 2616 -89.14 73.51 27.21
CA GLU K 2616 -89.39 74.41 26.09
C GLU K 2616 -88.61 73.98 24.87
N ARG K 2617 -87.38 73.50 25.08
CA ARG K 2617 -86.61 72.91 23.98
C ARG K 2617 -87.25 71.62 23.47
N CYS K 2618 -87.88 70.86 24.36
CA CYS K 2618 -88.58 69.65 23.94
C CYS K 2618 -89.87 69.99 23.17
N TRP K 2619 -90.54 71.06 23.57
CA TRP K 2619 -91.68 71.55 22.80
C TRP K 2619 -91.23 72.07 21.44
N LYS K 2620 -90.03 72.68 21.40
CA LYS K 2620 -89.41 73.03 20.13
C LYS K 2620 -88.98 71.79 19.35
N TYR K 2621 -88.83 70.65 20.02
CA TYR K 2621 -88.61 69.37 19.36
C TYR K 2621 -89.90 68.62 19.09
N TYR K 2622 -91.00 69.01 19.73
CA TYR K 2622 -92.29 68.37 19.53
C TYR K 2622 -93.35 69.37 19.08
N CYS K 2623 -93.01 70.21 18.11
CA CYS K 2623 -93.94 71.23 17.63
C CYS K 2623 -94.75 70.76 16.43
N LEU K 2624 -94.07 70.45 15.33
CA LEU K 2624 -94.76 70.01 14.12
C LEU K 2624 -95.29 68.58 14.26
N PRO K 2625 -94.42 67.59 14.41
CA PRO K 2625 -94.91 66.20 14.42
C PRO K 2625 -95.47 65.78 15.76
N GLY K 2626 -94.88 66.25 16.85
CA GLY K 2626 -95.36 65.91 18.17
C GLY K 2626 -96.57 66.71 18.58
N GLY K 2627 -96.48 68.03 18.45
CA GLY K 2627 -97.61 68.89 18.74
C GLY K 2627 -98.52 69.02 17.54
N ALA K 2634 -106.17 63.53 24.34
CA ALA K 2634 -104.76 63.15 24.28
C ALA K 2634 -103.96 63.92 25.31
N SER K 2635 -102.74 64.30 24.94
CA SER K 2635 -101.90 65.14 25.79
C SER K 2635 -101.89 66.59 25.34
N GLU K 2636 -102.51 66.90 24.20
CA GLU K 2636 -102.62 68.29 23.77
C GLU K 2636 -103.57 69.06 24.66
N GLU K 2637 -104.55 68.38 25.27
CA GLU K 2637 -105.35 69.02 26.30
C GLU K 2637 -104.53 69.22 27.57
N GLU K 2638 -103.65 68.26 27.88
CA GLU K 2638 -102.68 68.48 28.95
C GLU K 2638 -101.70 69.56 28.57
N LEU K 2639 -101.42 69.72 27.28
CA LEU K 2639 -100.61 70.86 26.82
C LEU K 2639 -101.35 72.17 26.99
N HIS K 2640 -102.67 72.16 26.82
CA HIS K 2640 -103.46 73.38 27.03
C HIS K 2640 -103.51 73.75 28.51
N LEU K 2641 -103.70 72.76 29.38
CA LEU K 2641 -103.62 73.01 30.82
C LEU K 2641 -102.22 73.43 31.25
N SER K 2642 -101.19 72.89 30.60
CA SER K 2642 -99.82 73.28 30.91
C SER K 2642 -99.53 74.70 30.44
N ARG K 2643 -100.07 75.10 29.30
CA ARG K 2643 -99.89 76.48 28.84
C ARG K 2643 -100.69 77.44 29.70
N LYS K 2644 -101.83 77.01 30.22
CA LYS K 2644 -102.56 77.83 31.19
C LYS K 2644 -101.79 77.97 32.49
N LEU K 2645 -101.13 76.90 32.93
CA LEU K 2645 -100.30 76.99 34.13
C LEU K 2645 -99.06 77.85 33.90
N PHE K 2646 -98.52 77.83 32.68
CA PHE K 2646 -97.38 78.69 32.36
C PHE K 2646 -97.80 80.14 32.21
N TRP K 2647 -99.06 80.38 31.86
CA TRP K 2647 -99.57 81.75 31.88
C TRP K 2647 -99.84 82.21 33.31
N GLY K 2648 -100.28 81.29 34.17
CA GLY K 2648 -100.65 81.63 35.53
C GLY K 2648 -99.51 81.79 36.51
N ILE K 2649 -98.54 80.86 36.47
CA ILE K 2649 -97.42 80.95 37.40
C ILE K 2649 -96.47 82.06 37.00
N PHE K 2650 -96.31 82.31 35.70
CA PHE K 2650 -95.48 83.40 35.21
C PHE K 2650 -96.24 84.72 35.10
N ASP K 2651 -97.37 84.84 35.81
CA ASP K 2651 -98.10 86.09 35.90
C ASP K 2651 -97.65 86.93 37.09
N ALA K 2652 -96.40 86.77 37.53
CA ALA K 2652 -95.90 87.57 38.64
C ALA K 2652 -95.64 89.01 38.21
N LEU K 2653 -95.07 89.20 37.02
CA LEU K 2653 -94.85 90.54 36.50
C LEU K 2653 -94.92 90.53 34.98
N TYR K 2658 -82.56 88.26 35.18
CA TYR K 2658 -82.41 87.12 36.09
C TYR K 2658 -82.48 85.80 35.33
N GLU K 2659 -82.43 84.68 36.08
CA GLU K 2659 -82.66 83.39 35.47
C GLU K 2659 -84.12 83.19 35.07
N GLN K 2660 -85.01 83.90 35.76
CA GLN K 2660 -86.41 83.94 35.36
C GLN K 2660 -86.58 84.60 34.00
N GLU K 2661 -85.70 85.54 33.64
CA GLU K 2661 -85.71 86.09 32.30
C GLU K 2661 -85.32 85.06 31.26
N LEU K 2662 -84.40 84.15 31.61
CA LEU K 2662 -84.04 83.08 30.69
C LEU K 2662 -85.18 82.08 30.52
N PHE K 2663 -85.85 81.73 31.63
CA PHE K 2663 -87.00 80.82 31.51
C PHE K 2663 -88.18 81.48 30.81
N LYS K 2664 -88.34 82.81 30.94
CA LYS K 2664 -89.38 83.50 30.20
C LYS K 2664 -89.06 83.63 28.73
N LEU K 2665 -87.77 83.77 28.39
CA LEU K 2665 -87.36 83.71 26.99
C LEU K 2665 -87.56 82.30 26.42
N ALA K 2666 -87.45 81.28 27.26
CA ALA K 2666 -87.84 79.95 26.84
C ALA K 2666 -89.35 79.83 26.70
N LEU K 2667 -90.10 80.57 27.52
CA LEU K 2667 -91.56 80.53 27.56
C LEU K 2667 -92.18 81.13 26.30
N PRO K 2668 -91.53 82.11 25.65
CA PRO K 2668 -92.04 82.55 24.35
C PRO K 2668 -91.87 81.49 23.28
N CYS K 2669 -90.77 80.74 23.32
CA CYS K 2669 -90.62 79.57 22.47
C CYS K 2669 -91.63 78.49 22.84
N LEU K 2670 -91.97 78.39 24.13
CA LEU K 2670 -92.99 77.45 24.56
C LEU K 2670 -94.36 77.82 24.01
N SER K 2671 -94.68 79.11 24.00
CA SER K 2671 -95.97 79.56 23.47
C SER K 2671 -96.02 79.45 21.94
N ALA K 2672 -94.91 79.74 21.26
CA ALA K 2672 -94.86 79.56 19.81
C ALA K 2672 -94.90 78.09 19.43
N VAL K 2673 -94.33 77.20 20.24
CA VAL K 2673 -94.42 75.77 19.95
C VAL K 2673 -95.80 75.23 20.31
N ALA K 2674 -96.47 75.82 21.30
CA ALA K 2674 -97.84 75.43 21.61
C ALA K 2674 -98.81 75.93 20.54
N GLY K 2675 -98.47 77.03 19.89
CA GLY K 2675 -99.21 77.44 18.69
C GLY K 2675 -98.84 76.66 17.45
N ALA K 2676 -97.63 76.11 17.40
CA ALA K 2676 -97.28 75.15 16.37
C ALA K 2676 -97.95 73.80 16.60
N LEU K 2677 -98.32 73.53 17.84
CA LEU K 2677 -99.21 72.43 18.20
C LEU K 2677 -100.63 72.82 17.78
N PRO K 2678 -100.97 74.10 17.86
CA PRO K 2678 -102.32 74.55 17.50
C PRO K 2678 -102.40 74.95 16.04
N PRO K 2679 -101.39 74.59 15.22
CA PRO K 2679 -101.31 74.99 13.81
C PRO K 2679 -102.40 74.36 12.94
N ASN K 2701 -90.43 66.90 47.62
CA ASN K 2701 -91.15 65.98 48.51
C ASN K 2701 -92.65 66.01 48.23
N PHE K 2702 -93.08 65.23 47.24
CA PHE K 2702 -94.50 65.20 46.91
C PHE K 2702 -95.27 64.40 47.96
N ASN K 2703 -96.37 64.99 48.41
CA ASN K 2703 -97.19 64.45 49.48
C ASN K 2703 -98.62 64.49 48.95
N PRO K 2704 -99.34 63.38 48.91
CA PRO K 2704 -100.70 63.39 48.35
C PRO K 2704 -101.67 64.21 49.18
N GLN K 2705 -102.79 64.56 48.53
CA GLN K 2705 -103.77 65.52 49.07
C GLN K 2705 -105.08 64.79 49.34
N PRO K 2706 -105.30 64.31 50.55
CA PRO K 2706 -106.53 63.53 50.83
C PRO K 2706 -107.73 64.41 51.07
N VAL K 2707 -108.90 63.86 50.72
CA VAL K 2707 -110.19 64.45 51.03
C VAL K 2707 -110.86 63.52 52.04
N ASP K 2708 -111.81 64.07 52.80
CA ASP K 2708 -112.44 63.31 53.86
C ASP K 2708 -113.41 62.28 53.28
N THR K 2709 -113.42 61.08 53.87
CA THR K 2709 -114.01 59.92 53.24
C THR K 2709 -115.29 59.41 53.89
N SER K 2710 -115.60 59.81 55.13
CA SER K 2710 -116.76 59.29 55.84
C SER K 2710 -117.51 60.40 56.56
N ASN K 2711 -117.56 61.60 55.96
CA ASN K 2711 -118.21 62.74 56.59
C ASN K 2711 -119.44 63.24 55.82
N ILE K 2712 -119.70 62.71 54.62
CA ILE K 2712 -120.87 63.08 53.83
C ILE K 2712 -121.66 61.82 53.52
N THR K 2713 -122.95 61.83 53.84
CA THR K 2713 -123.77 60.64 53.98
C THR K 2713 -124.20 60.09 52.62
N ILE K 2714 -125.09 59.10 52.67
CA ILE K 2714 -125.56 58.36 51.51
C ILE K 2714 -127.07 58.54 51.42
N PRO K 2715 -127.62 58.90 50.25
CA PRO K 2715 -129.08 58.91 50.11
C PRO K 2715 -129.64 57.50 50.08
N GLU K 2716 -130.91 57.38 50.49
CA GLU K 2716 -131.53 56.07 50.59
C GLU K 2716 -131.90 55.48 49.23
N LYS K 2717 -131.95 56.32 48.18
CA LYS K 2717 -132.20 55.81 46.83
C LYS K 2717 -131.03 54.97 46.33
N LEU K 2718 -129.83 55.18 46.87
CA LEU K 2718 -128.73 54.26 46.68
C LEU K 2718 -128.61 53.24 47.82
N GLU K 2719 -129.33 53.42 48.93
CA GLU K 2719 -129.33 52.41 49.97
C GLU K 2719 -130.32 51.27 49.69
N TYR K 2720 -131.25 51.47 48.76
CA TYR K 2720 -131.96 50.34 48.18
C TYR K 2720 -131.26 49.78 46.94
N PHE K 2721 -130.01 50.19 46.68
CA PHE K 2721 -129.23 49.84 45.51
C PHE K 2721 -127.94 49.11 45.87
N ILE K 2722 -127.26 49.53 46.94
CA ILE K 2722 -126.06 48.84 47.43
C ILE K 2722 -126.43 47.45 47.95
N ASN K 2723 -127.67 47.27 48.45
CA ASN K 2723 -128.12 45.97 48.97
C ASN K 2723 -128.26 44.90 47.89
N LYS K 2724 -128.21 45.26 46.61
CA LYS K 2724 -128.04 44.30 45.53
C LYS K 2724 -126.72 44.45 44.79
N TYR K 2725 -126.11 45.65 44.83
CA TYR K 2725 -124.80 45.84 44.23
C TYR K 2725 -123.73 45.07 44.99
N ALA K 2726 -123.93 44.83 46.29
CA ALA K 2726 -123.00 44.01 47.05
C ALA K 2726 -123.09 42.55 46.63
N GLU K 2727 -124.30 42.06 46.36
CA GLU K 2727 -124.47 40.71 45.84
C GLU K 2727 -123.86 40.59 44.43
N HIS K 2728 -124.00 41.65 43.62
CA HIS K 2728 -123.44 41.61 42.27
C HIS K 2728 -121.92 41.73 42.28
N SER K 2729 -121.37 42.48 43.23
CA SER K 2729 -119.93 42.54 43.40
C SER K 2729 -119.38 41.21 43.91
N HIS K 2730 -120.15 40.53 44.75
CA HIS K 2730 -119.77 39.18 45.15
C HIS K 2730 -119.89 38.20 44.00
N ASP K 2731 -120.84 38.43 43.08
CA ASP K 2731 -120.94 37.65 41.84
C ASP K 2731 -119.67 37.78 41.01
N LYS K 2732 -119.22 39.03 40.80
CA LYS K 2732 -118.03 39.25 39.96
C LYS K 2732 -116.75 38.78 40.65
N TRP K 2733 -116.64 38.98 41.97
CA TRP K 2733 -115.47 38.52 42.71
C TRP K 2733 -115.42 37.00 42.78
N SER K 2734 -116.59 36.36 42.86
CA SER K 2734 -116.64 34.90 42.85
C SER K 2734 -116.35 34.34 41.47
N MET K 2735 -116.72 35.05 40.40
CA MET K 2735 -116.32 34.65 39.06
C MET K 2735 -114.80 34.80 38.88
N ASP K 2736 -114.22 35.85 39.47
CA ASP K 2736 -112.77 36.02 39.43
C ASP K 2736 -112.05 34.94 40.21
N LYS K 2737 -112.64 34.44 41.30
CA LYS K 2737 -112.02 33.33 42.02
C LYS K 2737 -112.23 32.01 41.28
N LEU K 2738 -113.42 31.79 40.70
CA LEU K 2738 -113.68 30.57 39.95
C LEU K 2738 -112.99 30.54 38.60
N ALA K 2739 -112.37 31.65 38.18
CA ALA K 2739 -111.40 31.59 37.09
C ALA K 2739 -110.25 30.64 37.41
N ASN K 2740 -109.86 30.56 38.69
CA ASN K 2740 -109.02 29.47 39.18
C ASN K 2740 -109.85 28.25 39.57
N GLY K 2741 -111.02 28.46 40.15
CA GLY K 2741 -111.89 27.37 40.56
C GLY K 2741 -111.72 26.98 42.01
N TRP K 2742 -111.86 27.95 42.91
CA TRP K 2742 -111.77 27.67 44.33
C TRP K 2742 -113.05 27.01 44.81
N ILE K 2743 -112.93 25.76 45.24
CA ILE K 2743 -114.04 24.94 45.71
C ILE K 2743 -114.03 24.95 47.23
N TYR K 2744 -115.10 25.43 47.85
CA TYR K 2744 -115.15 25.55 49.30
C TYR K 2744 -115.32 24.18 49.94
N GLY K 2745 -114.58 23.96 51.03
CA GLY K 2745 -114.64 22.73 51.80
C GLY K 2745 -114.52 22.99 53.29
N GLU K 2746 -114.14 21.96 54.06
CA GLU K 2746 -113.97 22.11 55.49
C GLU K 2746 -112.56 22.54 55.86
N ILE K 2747 -111.56 22.09 55.11
CA ILE K 2747 -110.18 22.48 55.35
C ILE K 2747 -109.79 23.58 54.37
N TYR K 2748 -109.54 24.78 54.88
CA TYR K 2748 -109.16 25.93 54.07
C TYR K 2748 -107.67 25.84 53.76
N SER K 2749 -107.35 25.19 52.65
CA SER K 2749 -105.96 25.02 52.22
C SER K 2749 -105.87 25.29 50.72
N ASP K 2750 -104.83 26.02 50.32
CA ASP K 2750 -104.68 26.48 48.94
C ASP K 2750 -103.84 25.54 48.08
N SER K 2751 -103.83 24.24 48.37
CA SER K 2751 -103.16 23.27 47.52
C SER K 2751 -104.12 22.57 46.56
N SER K 2752 -105.26 22.08 47.07
CA SER K 2752 -106.27 21.44 46.24
C SER K 2752 -107.36 22.42 45.81
N LYS K 2753 -107.01 23.69 45.66
CA LYS K 2753 -107.90 24.77 45.18
C LYS K 2753 -109.12 24.93 46.08
N VAL K 2754 -108.86 25.28 47.34
CA VAL K 2754 -109.91 25.52 48.33
C VAL K 2754 -109.67 26.85 49.00
N GLN K 2755 -110.63 27.78 48.86
CA GLN K 2755 -110.67 29.01 49.65
C GLN K 2755 -111.81 28.96 50.66
N PRO K 2756 -111.66 29.61 51.81
CA PRO K 2756 -112.80 29.93 52.66
C PRO K 2756 -113.54 31.19 52.28
N LEU K 2757 -113.31 31.72 51.07
CA LEU K 2757 -113.96 32.94 50.60
C LEU K 2757 -114.91 32.73 49.43
N MET K 2758 -115.24 31.47 49.10
CA MET K 2758 -116.26 31.17 48.08
C MET K 2758 -117.54 30.74 48.75
N LYS K 2759 -118.30 31.72 49.22
CA LYS K 2759 -119.57 31.44 49.88
C LYS K 2759 -120.65 32.40 49.43
N PRO K 2760 -121.91 31.93 49.31
CA PRO K 2760 -122.97 32.77 48.74
C PRO K 2760 -123.42 33.96 49.58
N TYR K 2761 -124.44 34.66 49.08
CA TYR K 2761 -124.93 35.88 49.70
C TYR K 2761 -125.75 35.62 50.96
N LYS K 2762 -126.26 34.41 51.13
CA LYS K 2762 -127.10 34.10 52.28
C LYS K 2762 -126.33 33.57 53.48
N LEU K 2763 -125.23 32.85 53.26
CA LEU K 2763 -124.44 32.32 54.36
C LEU K 2763 -123.63 33.38 55.08
N LEU K 2764 -123.41 34.53 54.45
CA LEU K 2764 -122.59 35.58 55.04
C LEU K 2764 -123.31 36.22 56.23
N SER K 2765 -122.57 36.43 57.31
CA SER K 2765 -123.13 37.02 58.53
C SER K 2765 -123.13 38.53 58.40
N GLU K 2766 -123.35 39.22 59.53
CA GLU K 2766 -123.45 40.68 59.50
C GLU K 2766 -122.08 41.36 59.51
N LYS K 2767 -121.00 40.60 59.62
CA LYS K 2767 -119.66 41.18 59.58
C LYS K 2767 -118.78 40.59 58.48
N GLU K 2768 -119.15 39.44 57.91
CA GLU K 2768 -118.37 38.89 56.81
C GLU K 2768 -118.57 39.69 55.52
N LYS K 2769 -119.76 40.23 55.30
CA LYS K 2769 -119.97 41.13 54.17
C LYS K 2769 -119.22 42.44 54.34
N GLU K 2770 -119.23 42.99 55.57
CA GLU K 2770 -118.69 44.32 55.84
C GLU K 2770 -117.19 44.40 55.65
N ILE K 2771 -116.49 43.25 55.65
CA ILE K 2771 -115.07 43.23 55.31
C ILE K 2771 -114.86 43.67 53.87
N TYR K 2772 -115.60 43.06 52.94
CA TYR K 2772 -115.54 43.45 51.54
C TYR K 2772 -116.57 44.51 51.16
N ARG K 2773 -117.53 44.79 52.04
CA ARG K 2773 -118.34 46.00 51.84
C ARG K 2773 -117.59 47.26 52.24
N TRP K 2774 -116.57 47.14 53.09
CA TRP K 2774 -115.95 48.33 53.70
C TRP K 2774 -115.22 49.24 52.69
N PRO K 2775 -114.32 48.76 51.80
CA PRO K 2775 -113.72 49.72 50.87
C PRO K 2775 -114.67 50.21 49.81
N ILE K 2776 -115.65 49.39 49.40
CA ILE K 2776 -116.61 49.79 48.39
C ILE K 2776 -117.57 50.84 48.95
N LYS K 2777 -118.04 50.65 50.19
CA LYS K 2777 -118.92 51.64 50.81
C LYS K 2777 -118.15 52.91 51.15
N GLU K 2778 -116.91 52.80 51.61
CA GLU K 2778 -116.15 53.99 51.94
C GLU K 2778 -115.51 54.64 50.71
N SER K 2779 -115.71 54.06 49.53
CA SER K 2779 -115.51 54.78 48.28
C SER K 2779 -116.80 55.36 47.72
N LEU K 2780 -117.95 54.71 47.97
CA LEU K 2780 -119.24 55.31 47.66
C LEU K 2780 -119.48 56.57 48.48
N LYS K 2781 -119.02 56.58 49.73
CA LYS K 2781 -119.12 57.78 50.56
C LYS K 2781 -118.20 58.89 50.06
N THR K 2782 -117.16 58.56 49.29
CA THR K 2782 -116.34 59.60 48.66
C THR K 2782 -116.95 60.08 47.35
N MET K 2783 -117.53 59.17 46.58
CA MET K 2783 -118.16 59.57 45.31
C MET K 2783 -119.45 60.35 45.55
N LEU K 2784 -120.13 60.12 46.67
CA LEU K 2784 -121.30 60.90 47.02
C LEU K 2784 -120.99 62.17 47.80
N ALA K 2785 -119.71 62.51 47.93
CA ALA K 2785 -119.33 63.63 48.79
C ALA K 2785 -119.30 64.96 48.03
N TRP K 2786 -118.68 65.00 46.85
CA TRP K 2786 -118.37 66.26 46.17
C TRP K 2786 -119.59 66.92 45.52
N GLY K 2787 -120.77 66.32 45.59
CA GLY K 2787 -121.95 66.92 44.99
C GLY K 2787 -122.32 66.28 43.67
N TRP K 2788 -122.29 64.96 43.62
CA TRP K 2788 -122.56 64.20 42.41
C TRP K 2788 -123.93 63.55 42.50
N ARG K 2789 -124.63 63.51 41.36
CA ARG K 2789 -126.04 63.13 41.32
C ARG K 2789 -126.22 61.88 40.48
N ILE K 2790 -126.69 60.80 41.09
CA ILE K 2790 -127.10 59.58 40.41
C ILE K 2790 -128.57 59.37 40.77
N GLU K 2791 -129.47 59.92 39.96
CA GLU K 2791 -130.90 59.96 40.28
C GLU K 2791 -131.66 58.93 39.45
N ARG K 2792 -133.00 59.01 39.52
CA ARG K 2792 -133.87 57.97 38.97
C ARG K 2792 -133.93 58.02 37.45
N THR K 2793 -133.74 56.86 36.83
CA THR K 2793 -134.03 56.61 35.42
C THR K 2793 -134.66 55.22 35.34
N ARG K 2794 -134.65 54.65 34.15
CA ARG K 2794 -135.19 53.31 33.89
C ARG K 2794 -134.37 52.24 34.64
N GLU K 2795 -134.99 51.08 34.78
CA GLU K 2795 -134.31 49.92 35.35
C GLU K 2795 -133.84 48.98 34.24
N GLY K 2796 -133.19 47.90 34.61
CA GLY K 2796 -132.63 46.95 33.67
C GLY K 2796 -132.43 45.59 34.30
N ASP K 2797 -131.30 44.95 33.98
CA ASP K 2797 -130.96 43.65 34.56
C ASP K 2797 -130.18 43.82 35.86
N ALA K 2818 -118.68 25.53 34.84
CA ALA K 2818 -118.93 26.01 36.19
C ALA K 2818 -118.13 25.19 37.21
N ALA K 2819 -118.40 25.42 38.49
CA ALA K 2819 -117.66 24.76 39.56
C ALA K 2819 -118.54 24.71 40.81
N HIS K 2820 -117.91 24.38 41.95
CA HIS K 2820 -118.57 24.24 43.24
C HIS K 2820 -118.29 25.48 44.09
N GLY K 2821 -119.20 25.77 45.01
CA GLY K 2821 -119.06 26.96 45.83
C GLY K 2821 -120.20 27.93 45.62
N TYR K 2822 -119.90 29.05 44.96
CA TYR K 2822 -120.90 30.04 44.60
C TYR K 2822 -120.83 30.29 43.11
N SER K 2823 -121.80 29.75 42.37
CA SER K 2823 -121.91 29.89 40.92
C SER K 2823 -122.88 31.02 40.61
N PRO K 2824 -122.39 32.20 40.21
CA PRO K 2824 -123.25 33.38 40.16
C PRO K 2824 -124.04 33.48 38.86
N ARG K 2825 -125.10 34.28 38.92
CA ARG K 2825 -125.79 34.75 37.71
C ARG K 2825 -125.25 36.12 37.28
N ALA K 2826 -123.93 36.20 37.12
CA ALA K 2826 -123.27 37.49 37.00
C ALA K 2826 -123.40 38.06 35.60
N ILE K 2827 -123.74 39.35 35.53
CA ILE K 2827 -123.64 40.10 34.29
C ILE K 2827 -122.16 40.30 33.98
N ASP K 2828 -121.80 40.21 32.70
CA ASP K 2828 -120.41 40.39 32.29
C ASP K 2828 -120.03 41.85 32.50
N MET K 2829 -119.29 42.11 33.58
CA MET K 2829 -118.90 43.45 33.99
C MET K 2829 -117.60 43.92 33.34
N SER K 2830 -117.28 43.41 32.15
CA SER K 2830 -115.97 43.60 31.55
C SER K 2830 -115.99 44.47 30.31
N ASN K 2831 -117.16 44.79 29.74
CA ASN K 2831 -117.19 45.49 28.46
C ASN K 2831 -118.21 46.63 28.44
N VAL K 2832 -118.23 47.46 29.49
CA VAL K 2832 -119.16 48.58 29.60
C VAL K 2832 -118.33 49.85 29.81
N THR K 2833 -118.60 50.89 29.01
CA THR K 2833 -117.73 52.06 28.97
C THR K 2833 -118.55 53.34 28.88
N LEU K 2834 -118.18 54.33 29.69
CA LEU K 2834 -118.86 55.61 29.76
C LEU K 2834 -118.24 56.58 28.74
N SER K 2835 -118.51 57.88 28.89
CA SER K 2835 -118.06 58.95 28.01
C SER K 2835 -116.98 59.80 28.70
N ARG K 2836 -116.65 60.93 28.07
CA ARG K 2836 -115.41 61.66 28.36
C ARG K 2836 -115.36 62.24 29.76
N ASP K 2837 -116.30 63.13 30.11
CA ASP K 2837 -116.28 63.74 31.44
C ASP K 2837 -116.66 62.75 32.53
N LEU K 2838 -117.40 61.70 32.16
CA LEU K 2838 -117.73 60.63 33.10
C LEU K 2838 -116.47 59.85 33.49
N HIS K 2839 -115.63 59.53 32.50
CA HIS K 2839 -114.33 58.96 32.82
C HIS K 2839 -113.37 59.99 33.41
N ALA K 2840 -113.62 61.28 33.24
CA ALA K 2840 -112.84 62.27 33.98
C ALA K 2840 -113.16 62.22 35.46
N MET K 2841 -114.44 62.05 35.79
CA MET K 2841 -114.85 61.80 37.16
C MET K 2841 -114.25 60.51 37.71
N ALA K 2842 -114.26 59.45 36.88
CA ALA K 2842 -113.68 58.17 37.29
C ALA K 2842 -112.17 58.24 37.46
N GLU K 2843 -111.49 59.07 36.65
CA GLU K 2843 -110.05 59.24 36.78
C GLU K 2843 -109.70 60.08 38.01
N MET K 2844 -110.52 61.09 38.32
CA MET K 2844 -110.34 61.84 39.57
C MET K 2844 -110.55 60.95 40.79
N MET K 2845 -111.53 60.06 40.74
CA MET K 2845 -111.70 59.13 41.86
C MET K 2845 -110.65 58.04 41.90
N ALA K 2846 -110.06 57.68 40.74
CA ALA K 2846 -108.92 56.77 40.75
C ALA K 2846 -107.69 57.43 41.36
N GLU K 2847 -107.51 58.74 41.11
CA GLU K 2847 -106.45 59.47 41.78
C GLU K 2847 -106.74 59.65 43.27
N ASN K 2848 -108.03 59.74 43.64
CA ASN K 2848 -108.40 59.75 45.06
C ASN K 2848 -108.07 58.41 45.72
N TYR K 2849 -108.39 57.30 45.05
CA TYR K 2849 -108.06 55.97 45.57
C TYR K 2849 -106.54 55.80 45.71
N HIS K 2850 -105.79 56.25 44.70
CA HIS K 2850 -104.34 56.14 44.73
C HIS K 2850 -103.73 57.04 45.80
N ASN K 2851 -104.31 58.22 46.03
CA ASN K 2851 -103.77 59.09 47.07
C ASN K 2851 -104.12 58.61 48.47
N ILE K 2852 -105.30 57.98 48.64
CA ILE K 2852 -105.61 57.34 49.92
C ILE K 2852 -104.72 56.12 50.15
N TRP K 2853 -104.45 55.34 49.10
CA TRP K 2853 -103.59 54.17 49.23
C TRP K 2853 -102.13 54.59 49.42
N ALA K 2854 -101.73 55.73 48.84
CA ALA K 2854 -100.38 56.24 49.07
C ALA K 2854 -100.25 56.84 50.46
N LYS K 2855 -101.31 57.48 50.97
CA LYS K 2855 -101.31 57.91 52.37
C LYS K 2855 -101.28 56.72 53.31
N LYS K 2856 -101.98 55.63 52.95
CA LYS K 2856 -101.95 54.42 53.74
C LYS K 2856 -100.57 53.79 53.74
N LYS K 2857 -99.92 53.75 52.58
CA LYS K 2857 -98.58 53.16 52.48
C LYS K 2857 -97.52 54.04 53.13
N LYS K 2858 -97.66 55.37 53.04
CA LYS K 2858 -96.71 56.30 53.63
C LYS K 2858 -96.97 56.58 55.11
N LEU K 2859 -98.11 56.17 55.64
CA LEU K 2859 -98.30 56.10 57.08
C LEU K 2859 -98.22 54.67 57.59
N GLU K 2860 -98.02 53.72 56.68
CA GLU K 2860 -97.67 52.34 56.98
C GLU K 2860 -96.17 52.13 57.09
N LEU K 2861 -95.39 52.88 56.30
CA LEU K 2861 -93.94 52.76 56.32
C LEU K 2861 -93.26 53.82 57.17
N GLU K 2862 -94.00 54.81 57.67
CA GLU K 2862 -93.49 55.75 58.66
C GLU K 2862 -93.86 55.35 60.09
N SER K 2863 -94.16 54.09 60.33
CA SER K 2863 -94.46 53.58 61.66
C SER K 2863 -93.35 52.74 62.25
N LYS K 2864 -92.17 52.72 61.61
CA LYS K 2864 -91.06 51.88 62.05
C LYS K 2864 -89.85 52.67 62.53
N GLY K 2865 -89.35 53.60 61.70
CA GLY K 2865 -88.16 54.35 62.03
C GLY K 2865 -87.03 54.19 61.04
N GLY K 2866 -87.37 53.93 59.77
CA GLY K 2866 -86.38 53.78 58.72
C GLY K 2866 -86.55 54.77 57.58
N GLY K 2867 -86.40 54.29 56.35
CA GLY K 2867 -86.55 55.14 55.18
C GLY K 2867 -87.92 55.07 54.56
N ASN K 2868 -88.00 54.78 53.27
CA ASN K 2868 -89.25 54.62 52.55
C ASN K 2868 -89.06 53.54 51.48
N HIS K 2869 -90.01 53.46 50.55
CA HIS K 2869 -90.08 52.66 49.35
C HIS K 2869 -90.03 53.57 48.12
N PRO K 2870 -89.28 53.25 47.07
CA PRO K 2870 -88.98 54.24 46.02
C PRO K 2870 -90.08 54.50 45.01
N LEU K 2871 -91.33 54.08 45.23
CA LEU K 2871 -92.41 54.39 44.30
C LEU K 2871 -93.13 55.68 44.63
N LEU K 2872 -92.59 56.50 45.53
CA LEU K 2872 -93.28 57.69 46.02
C LEU K 2872 -92.91 58.89 45.15
N VAL K 2873 -93.34 58.82 43.89
CA VAL K 2873 -92.94 59.75 42.84
C VAL K 2873 -94.15 60.61 42.47
N PRO K 2874 -94.02 61.66 41.64
CA PRO K 2874 -95.23 62.36 41.15
C PRO K 2874 -96.17 61.46 40.37
N TYR K 2875 -97.45 61.86 40.36
CA TYR K 2875 -98.57 61.03 39.90
C TYR K 2875 -98.51 60.74 38.40
N ASP K 2876 -97.81 61.56 37.63
CA ASP K 2876 -97.63 61.36 36.20
C ASP K 2876 -96.30 60.68 35.86
N THR K 2877 -95.74 59.90 36.80
CA THR K 2877 -94.53 59.11 36.62
C THR K 2877 -94.68 57.71 37.22
N LEU K 2878 -95.81 57.07 37.00
CA LEU K 2878 -96.12 55.78 37.60
C LEU K 2878 -96.60 54.78 36.54
N THR K 2879 -96.88 53.55 37.01
CA THR K 2879 -97.34 52.46 36.17
C THR K 2879 -98.86 52.44 36.12
N ALA K 2880 -99.44 51.37 35.59
CA ALA K 2880 -100.87 51.32 35.30
C ALA K 2880 -101.66 50.29 36.09
N LYS K 2881 -101.01 49.22 36.58
CA LYS K 2881 -101.74 48.12 37.23
C LYS K 2881 -102.33 48.55 38.56
N GLU K 2882 -101.57 49.32 39.35
CA GLU K 2882 -102.09 49.89 40.58
C GLU K 2882 -103.20 50.90 40.31
N LYS K 2883 -103.15 51.57 39.16
CA LYS K 2883 -104.24 52.43 38.74
C LYS K 2883 -105.35 51.66 38.03
N ALA K 2884 -105.05 50.50 37.43
CA ALA K 2884 -106.12 49.69 36.83
C ALA K 2884 -107.00 49.04 37.88
N LYS K 2885 -106.42 48.63 39.02
CA LYS K 2885 -107.23 48.09 40.11
C LYS K 2885 -108.16 49.14 40.69
N ASP K 2886 -107.64 50.36 40.88
CA ASP K 2886 -108.47 51.47 41.35
C ASP K 2886 -109.50 51.88 40.28
N ARG K 2887 -109.14 51.72 39.00
CA ARG K 2887 -110.07 51.98 37.91
C ARG K 2887 -111.24 51.00 37.94
N GLU K 2888 -110.96 49.71 38.15
CA GLU K 2888 -112.03 48.72 38.28
C GLU K 2888 -112.88 48.97 39.52
N LYS K 2889 -112.27 49.38 40.65
CA LYS K 2889 -113.07 49.66 41.85
C LYS K 2889 -113.94 50.90 41.67
N ALA K 2890 -113.44 51.93 40.96
CA ALA K 2890 -114.23 53.10 40.69
C ALA K 2890 -115.34 52.83 39.70
N GLN K 2891 -115.08 51.98 38.71
CA GLN K 2891 -115.96 51.86 37.56
C GLN K 2891 -116.84 50.62 37.58
N ASP K 2892 -116.71 49.72 38.56
CA ASP K 2892 -117.70 48.65 38.67
C ASP K 2892 -119.04 49.18 39.15
N ILE K 2893 -119.03 50.31 39.85
CA ILE K 2893 -120.26 51.05 40.12
C ILE K 2893 -120.84 51.59 38.83
N LEU K 2894 -119.98 52.20 38.00
CA LEU K 2894 -120.40 52.97 36.84
C LEU K 2894 -120.88 52.07 35.71
N LYS K 2895 -120.21 50.94 35.49
CA LYS K 2895 -120.66 49.94 34.52
C LYS K 2895 -122.01 49.38 34.91
N PHE K 2896 -122.22 49.15 36.20
CA PHE K 2896 -123.49 48.62 36.69
C PHE K 2896 -124.60 49.66 36.58
N LEU K 2897 -124.26 50.94 36.73
CA LEU K 2897 -125.22 52.03 36.50
C LEU K 2897 -125.60 52.12 35.03
N GLN K 2898 -124.62 52.00 34.13
CA GLN K 2898 -124.92 52.11 32.70
C GLN K 2898 -125.64 50.87 32.19
N ILE K 2899 -125.42 49.71 32.80
CA ILE K 2899 -126.19 48.52 32.48
C ILE K 2899 -127.64 48.67 32.94
N ASN K 2900 -127.83 49.07 34.19
CA ASN K 2900 -129.19 49.23 34.71
C ASN K 2900 -129.90 50.46 34.18
N GLY K 2901 -129.19 51.39 33.55
CA GLY K 2901 -129.80 52.57 32.99
C GLY K 2901 -129.64 53.84 33.78
N TYR K 2902 -128.86 53.83 34.86
CA TYR K 2902 -128.61 55.01 35.67
C TYR K 2902 -127.46 55.79 35.05
N ALA K 2903 -127.70 57.07 34.76
CA ALA K 2903 -126.70 57.91 34.11
C ALA K 2903 -125.82 58.60 35.13
N VAL K 2904 -124.64 59.01 34.67
CA VAL K 2904 -123.65 59.71 35.49
C VAL K 2904 -123.47 61.11 34.91
N SER K 2905 -123.57 62.14 35.74
CA SER K 2905 -123.32 63.51 35.33
C SER K 2905 -122.50 64.22 36.40
N ARG K 2906 -122.38 65.54 36.26
CA ARG K 2906 -121.55 66.34 37.15
C ARG K 2906 -122.25 66.74 38.44
N GLY K 2907 -123.54 67.06 38.38
CA GLY K 2907 -124.29 67.41 39.57
C GLY K 2907 -123.94 68.76 40.17
N TYR K 2982 -104.55 74.10 20.73
CA TYR K 2982 -106.00 74.19 20.84
C TYR K 2982 -106.49 75.58 20.45
N PHE K 2983 -107.72 75.91 20.87
CA PHE K 2983 -108.29 77.21 20.59
C PHE K 2983 -108.32 78.11 21.83
N LEU K 2984 -108.05 77.55 23.01
CA LEU K 2984 -108.13 78.34 24.24
C LEU K 2984 -107.02 79.38 24.33
N SER K 2985 -105.89 79.13 23.65
CA SER K 2985 -104.80 80.10 23.61
C SER K 2985 -105.21 81.37 22.87
N ALA K 2986 -105.78 81.21 21.67
CA ALA K 2986 -106.27 82.36 20.92
C ALA K 2986 -107.52 82.95 21.56
N ALA K 2987 -108.30 82.16 22.32
CA ALA K 2987 -109.44 82.71 23.03
C ALA K 2987 -109.00 83.60 24.18
N SER K 2988 -108.01 83.17 24.97
CA SER K 2988 -107.47 83.97 26.06
C SER K 2988 -106.47 85.01 25.60
N ARG K 2989 -106.08 84.99 24.33
CA ARG K 2989 -105.22 86.06 23.79
C ARG K 2989 -105.89 87.42 23.83
N PRO K 2990 -107.21 87.54 23.65
CA PRO K 2990 -107.85 88.84 23.93
C PRO K 2990 -107.85 89.17 25.41
N LEU K 2991 -108.00 88.17 26.28
CA LEU K 2991 -107.93 88.40 27.72
C LEU K 2991 -106.53 88.80 28.14
N CYS K 2992 -105.52 88.11 27.62
CA CYS K 2992 -104.14 88.48 27.88
C CYS K 2992 -103.80 89.85 27.29
N SER K 2993 -104.39 90.20 26.15
CA SER K 2993 -104.14 91.50 25.54
C SER K 2993 -104.78 92.63 26.36
N GLY K 2994 -105.99 92.41 26.86
CA GLY K 2994 -106.62 93.40 27.72
C GLY K 2994 -105.90 93.57 29.04
N GLY K 2995 -105.42 92.45 29.61
CA GLY K 2995 -104.60 92.54 30.80
C GLY K 2995 -103.28 93.24 30.55
N HIS K 2996 -102.69 93.04 29.38
CA HIS K 2996 -101.42 93.69 29.06
C HIS K 2996 -101.62 95.18 28.83
N ALA K 2997 -102.75 95.58 28.25
CA ALA K 2997 -103.02 97.01 28.09
C ALA K 2997 -103.33 97.66 29.44
N SER K 2998 -104.08 96.97 30.30
CA SER K 2998 -104.39 97.51 31.62
C SER K 2998 -103.15 97.56 32.52
N ASN K 2999 -102.17 96.70 32.28
CA ASN K 2999 -100.91 96.79 32.98
C ASN K 2999 -100.02 97.88 32.40
N LYS K 3000 -99.99 98.00 31.07
CA LYS K 3000 -99.15 98.99 30.39
C LYS K 3000 -99.73 100.40 30.47
N GLU K 3001 -100.91 100.59 31.02
CA GLU K 3001 -101.40 101.94 31.28
C GLU K 3001 -100.60 102.62 32.38
N LYS K 3002 -100.22 101.87 33.42
CA LYS K 3002 -99.55 102.44 34.59
C LYS K 3002 -98.37 101.57 35.05
N GLU K 3003 -97.51 101.20 34.10
CA GLU K 3003 -96.39 100.30 34.36
C GLU K 3003 -95.08 101.03 34.65
N MET K 3004 -95.14 102.17 35.32
CA MET K 3004 -93.96 103.04 35.51
C MET K 3004 -93.27 102.78 36.84
N VAL K 3005 -93.22 101.53 37.29
CA VAL K 3005 -92.55 101.19 38.55
C VAL K 3005 -91.17 100.61 38.27
N PHE K 3009 -91.52 97.05 38.19
CA PHE K 3009 -90.67 95.99 37.67
C PHE K 3009 -91.47 95.05 36.76
N CYS K 3010 -92.69 95.48 36.42
CA CYS K 3010 -93.55 94.72 35.53
C CYS K 3010 -93.33 95.05 34.06
N LYS K 3011 -92.29 95.81 33.74
CA LYS K 3011 -91.91 96.00 32.34
C LYS K 3011 -91.31 94.74 31.73
N LEU K 3012 -90.82 93.83 32.56
CA LEU K 3012 -90.50 92.48 32.10
C LEU K 3012 -91.77 91.77 31.63
N GLY K 3013 -92.91 92.07 32.24
CA GLY K 3013 -94.17 91.61 31.70
C GLY K 3013 -94.51 92.23 30.36
N VAL K 3014 -94.06 93.47 30.12
CA VAL K 3014 -94.27 94.10 28.82
C VAL K 3014 -93.39 93.45 27.76
N LEU K 3015 -92.16 93.09 28.12
CA LEU K 3015 -91.31 92.33 27.21
C LEU K 3015 -91.85 90.93 26.98
N VAL K 3016 -92.47 90.32 28.00
CA VAL K 3016 -93.09 89.01 27.85
C VAL K 3016 -94.32 89.12 26.95
N ARG K 3017 -95.05 90.23 27.02
CA ARG K 3017 -96.20 90.43 26.16
C ARG K 3017 -95.79 90.67 24.71
N HIS K 3018 -94.69 91.40 24.51
CA HIS K 3018 -94.12 91.55 23.18
C HIS K 3018 -93.65 90.22 22.62
N ARG K 3019 -93.06 89.38 23.46
CA ARG K 3019 -92.62 88.05 23.04
C ARG K 3019 -93.80 87.13 22.75
N ILE K 3020 -94.89 87.26 23.52
CA ILE K 3020 -96.07 86.44 23.28
C ILE K 3020 -96.77 86.88 22.00
N SER K 3021 -96.74 88.19 21.71
CA SER K 3021 -97.32 88.67 20.45
C SER K 3021 -96.47 88.25 19.25
N LEU K 3022 -95.14 88.22 19.42
CA LEU K 3022 -94.28 87.70 18.35
C LEU K 3022 -94.46 86.19 18.19
N PHE K 3023 -94.73 85.47 19.27
CA PHE K 3023 -95.00 84.04 19.18
C PHE K 3023 -96.34 83.77 18.49
N GLY K 3024 -97.35 84.60 18.79
CA GLY K 3024 -98.60 84.50 18.06
C GLY K 3024 -98.47 84.92 16.61
N ASN K 3025 -97.53 85.83 16.32
CA ASN K 3025 -97.19 86.12 14.94
C ASN K 3025 -96.56 84.91 14.26
N ASP K 3026 -95.74 84.18 14.99
CA ASP K 3026 -95.21 82.92 14.49
C ASP K 3026 -96.27 81.83 14.42
N ALA K 3027 -97.42 82.01 15.08
CA ALA K 3027 -98.46 80.98 15.13
C ALA K 3027 -99.85 81.50 14.71
N THR K 3028 -99.92 82.55 13.90
CA THR K 3028 -101.21 83.08 13.46
C THR K 3028 -101.81 82.26 12.34
N LEU K 3034 -111.48 87.07 12.77
CA LEU K 3034 -110.47 87.81 13.51
C LEU K 3034 -111.10 88.63 14.64
N HIS K 3035 -111.93 87.98 15.45
CA HIS K 3035 -112.49 88.64 16.63
C HIS K 3035 -111.41 88.86 17.68
N ILE K 3036 -110.74 87.78 18.08
CA ILE K 3036 -109.63 87.90 19.02
C ILE K 3036 -108.42 88.55 18.36
N LEU K 3037 -108.23 88.35 17.05
CA LEU K 3037 -107.10 88.96 16.36
C LEU K 3037 -107.31 90.47 16.18
N GLY K 3038 -108.52 90.88 15.77
CA GLY K 3038 -108.82 92.29 15.73
C GLY K 3038 -108.83 92.94 17.09
N GLN K 3039 -109.26 92.20 18.12
CA GLN K 3039 -109.17 92.69 19.49
C GLN K 3039 -107.72 92.85 19.93
N THR K 3040 -106.84 91.96 19.48
CA THR K 3040 -105.41 92.07 19.81
C THR K 3040 -104.77 93.25 19.07
N LEU K 3041 -105.20 93.52 17.83
CA LEU K 3041 -104.68 94.68 17.12
C LEU K 3041 -105.16 95.98 17.75
N ASP K 3042 -106.43 96.01 18.18
CA ASP K 3042 -106.96 97.18 18.87
C ASP K 3042 -106.28 97.37 20.23
N ALA K 3043 -105.98 96.27 20.93
CA ALA K 3043 -105.25 96.35 22.18
C ALA K 3043 -103.79 96.76 21.98
N ARG K 3044 -103.20 96.41 20.84
CA ARG K 3044 -101.86 96.89 20.51
C ARG K 3044 -101.88 98.39 20.27
N THR K 3045 -102.91 98.89 19.59
CA THR K 3045 -103.07 100.32 19.41
C THR K 3045 -103.32 101.03 20.74
N VAL K 3046 -104.10 100.41 21.63
CA VAL K 3046 -104.43 101.02 22.91
C VAL K 3046 -103.22 101.03 23.84
N MET K 3047 -102.38 100.00 23.76
CA MET K 3047 -101.16 99.98 24.56
C MET K 3047 -100.10 100.91 23.98
N LYS K 3048 -100.08 101.08 22.65
CA LYS K 3048 -99.19 102.06 22.04
C LYS K 3048 -99.62 103.48 22.36
N THR K 3049 -100.92 103.70 22.62
CA THR K 3049 -101.38 105.00 23.08
C THR K 3049 -101.32 105.17 24.60
N GLY K 3050 -101.49 104.07 25.35
CA GLY K 3050 -101.50 104.18 26.80
C GLY K 3050 -100.14 104.38 27.42
N LEU K 3051 -99.11 103.83 26.80
CA LEU K 3051 -97.73 104.02 27.23
C LEU K 3051 -97.02 105.03 26.34
N GLU K 3052 -97.79 105.94 25.74
CA GLU K 3052 -97.21 106.93 24.84
C GLU K 3052 -96.72 108.15 25.61
N SER K 3053 -97.28 108.42 26.79
CA SER K 3053 -96.86 109.56 27.57
C SER K 3053 -95.55 109.34 28.30
N VAL K 3054 -95.24 108.09 28.65
CA VAL K 3054 -94.02 107.77 29.39
C VAL K 3054 -92.96 107.26 28.42
N LYS K 3055 -93.18 107.47 27.13
CA LYS K 3055 -92.23 107.06 26.10
C LYS K 3055 -91.51 108.28 25.54
N PHE K 3061 -90.51 101.02 31.29
CA PHE K 3061 -89.38 101.37 32.14
C PHE K 3061 -88.15 101.67 31.31
N LEU K 3062 -87.16 100.78 31.35
CA LEU K 3062 -85.93 100.92 30.58
C LEU K 3062 -85.82 99.95 29.43
N ASP K 3063 -86.02 98.65 29.69
CA ASP K 3063 -86.05 97.67 28.61
C ASP K 3063 -87.31 97.80 27.76
N ASN K 3064 -88.38 98.38 28.33
CA ASN K 3064 -89.58 98.67 27.56
C ASN K 3064 -89.33 99.78 26.54
N ALA K 3065 -88.40 100.69 26.84
CA ALA K 3065 -88.09 101.80 25.93
C ALA K 3065 -87.41 101.31 24.65
N ALA K 3066 -86.76 100.15 24.69
CA ALA K 3066 -86.24 99.52 23.48
C ALA K 3066 -87.18 98.45 22.95
N GLU K 3067 -87.98 97.83 23.82
CA GLU K 3067 -88.88 96.75 23.43
C GLU K 3067 -90.17 97.23 22.79
N ASP K 3068 -90.52 98.52 22.96
CA ASP K 3068 -91.73 99.03 22.33
C ASP K 3068 -91.60 99.10 20.81
N LEU K 3069 -90.40 99.39 20.32
CA LEU K 3069 -90.16 99.37 18.87
C LEU K 3069 -90.31 97.96 18.32
N GLU K 3070 -89.78 96.96 19.01
CA GLU K 3070 -89.88 95.58 18.58
C GLU K 3070 -91.32 95.07 18.64
N LYS K 3071 -92.05 95.44 19.68
CA LYS K 3071 -93.45 95.04 19.80
C LYS K 3071 -94.31 95.67 18.71
N THR K 3072 -94.12 96.97 18.45
CA THR K 3072 -94.90 97.64 17.42
C THR K 3072 -94.55 97.13 16.03
N MET K 3073 -93.27 96.81 15.79
CA MET K 3073 -92.87 96.28 14.50
C MET K 3073 -93.41 94.87 14.29
N GLU K 3074 -93.43 94.04 15.35
CA GLU K 3074 -93.99 92.70 15.24
C GLU K 3074 -95.49 92.74 15.02
N ASN K 3075 -96.18 93.68 15.68
CA ASN K 3075 -97.62 93.81 15.45
C ASN K 3075 -97.93 94.35 14.06
N LEU K 3076 -97.07 95.23 13.54
CA LEU K 3076 -97.27 95.74 12.18
C LEU K 3076 -97.03 94.67 11.14
N LYS K 3077 -96.04 93.80 11.36
CA LYS K 3077 -95.81 92.70 10.43
C LYS K 3077 -96.89 91.63 10.55
N GLN K 3078 -97.43 91.41 11.75
CA GLN K 3078 -98.46 90.40 11.95
C GLN K 3078 -99.86 90.94 11.69
N GLY K 3079 -100.00 92.22 11.37
CA GLY K 3079 -101.32 92.77 11.09
C GLY K 3079 -101.95 92.21 9.83
N GLN K 3080 -101.14 91.77 8.88
CA GLN K 3080 -101.63 91.13 7.67
C GLN K 3080 -101.67 89.62 7.78
N PHE K 3081 -101.06 89.05 8.81
CA PHE K 3081 -101.09 87.60 9.02
C PHE K 3081 -102.34 87.13 9.74
N THR K 3082 -103.18 88.05 10.21
CA THR K 3082 -104.40 87.71 10.92
C THR K 3082 -105.54 87.43 9.94
N THR K 3098 -113.34 98.13 11.34
CA THR K 3098 -111.93 98.27 10.99
C THR K 3098 -111.65 99.58 10.28
N THR K 3099 -112.65 100.46 10.26
CA THR K 3099 -112.54 101.78 9.62
C THR K 3099 -112.38 102.90 10.64
N VAL K 3100 -112.23 102.57 11.91
CA VAL K 3100 -112.06 103.56 12.96
C VAL K 3100 -110.57 103.76 13.28
N ALA K 3101 -109.69 103.39 12.35
CA ALA K 3101 -108.25 103.48 12.56
C ALA K 3101 -107.74 104.91 12.57
N LEU K 3102 -108.57 105.89 12.24
CA LEU K 3102 -108.18 107.29 12.42
C LEU K 3102 -108.09 107.66 13.90
N LEU K 3103 -108.84 106.98 14.78
CA LEU K 3103 -108.71 107.22 16.21
C LEU K 3103 -107.37 106.74 16.75
N PRO K 3104 -106.95 105.49 16.50
CA PRO K 3104 -105.57 105.10 16.86
C PRO K 3104 -104.50 105.80 16.03
N MET K 3105 -104.85 106.33 14.85
CA MET K 3105 -103.90 107.11 14.07
C MET K 3105 -103.64 108.47 14.71
N LEU K 3106 -104.69 109.12 15.23
CA LEU K 3106 -104.50 110.34 16.01
C LEU K 3106 -103.84 110.05 17.34
N SER K 3107 -104.07 108.85 17.89
CA SER K 3107 -103.38 108.44 19.11
C SER K 3107 -101.87 108.29 18.87
N SER K 3108 -101.48 107.65 17.77
CA SER K 3108 -100.08 107.57 17.40
C SER K 3108 -99.51 108.92 16.95
N LEU K 3109 -100.37 109.82 16.45
CA LEU K 3109 -99.93 111.19 16.15
C LEU K 3109 -99.56 111.94 17.43
N PHE K 3110 -100.40 111.83 18.46
CA PHE K 3110 -100.04 112.39 19.76
C PHE K 3110 -98.85 111.67 20.39
N GLU K 3111 -98.70 110.36 20.10
CA GLU K 3111 -97.54 109.62 20.58
C GLU K 3111 -96.25 110.13 19.96
N HIS K 3112 -96.25 110.36 18.64
CA HIS K 3112 -95.07 110.90 17.98
C HIS K 3112 -94.85 112.36 18.35
N ILE K 3113 -95.92 113.08 18.71
CA ILE K 3113 -95.76 114.45 19.21
C ILE K 3113 -95.14 114.43 20.59
N GLY K 3114 -95.42 113.40 21.39
CA GLY K 3114 -94.78 113.21 22.68
C GLY K 3114 -93.42 112.56 22.62
N GLN K 3115 -93.05 112.00 21.46
CA GLN K 3115 -91.74 111.40 21.25
C GLN K 3115 -90.81 112.29 20.44
N HIS K 3116 -91.33 113.36 19.81
CA HIS K 3116 -90.49 114.26 19.03
C HIS K 3116 -89.60 115.11 19.91
N GLN K 3117 -90.18 115.91 20.81
CA GLN K 3117 -89.40 116.68 21.76
C GLN K 3117 -89.05 115.89 23.00
N PHE K 3118 -89.43 114.61 23.07
CA PHE K 3118 -89.09 113.76 24.20
C PHE K 3118 -88.96 112.31 23.74
N LEU K 3124 -80.41 109.41 21.77
CA LEU K 3124 -80.59 110.58 20.93
C LEU K 3124 -81.11 110.21 19.54
N GLU K 3125 -81.92 109.15 19.49
CA GLU K 3125 -82.49 108.64 18.25
C GLU K 3125 -83.96 108.30 18.44
N ASP K 3126 -84.70 109.18 19.12
CA ASP K 3126 -86.13 108.94 19.34
C ASP K 3126 -86.98 109.48 18.20
N VAL K 3127 -86.51 110.52 17.51
CA VAL K 3127 -87.27 111.07 16.39
C VAL K 3127 -87.24 110.11 15.20
N GLN K 3128 -86.09 109.45 14.98
CA GLN K 3128 -86.02 108.41 13.96
C GLN K 3128 -86.83 107.19 14.37
N VAL K 3129 -86.96 106.92 15.66
CA VAL K 3129 -87.81 105.83 16.13
C VAL K 3129 -89.28 106.13 15.88
N SER K 3130 -89.69 107.38 16.09
CA SER K 3130 -91.06 107.78 15.77
C SER K 3130 -91.31 107.76 14.27
N CYS K 3131 -90.30 108.14 13.47
CA CYS K 3131 -90.45 108.09 12.03
C CYS K 3131 -90.54 106.66 11.51
N TYR K 3132 -89.75 105.74 12.07
CA TYR K 3132 -89.85 104.35 11.68
C TYR K 3132 -91.11 103.69 12.21
N ARG K 3133 -91.65 104.15 13.34
CA ARG K 3133 -92.94 103.65 13.81
C ARG K 3133 -94.08 104.12 12.91
N ILE K 3134 -94.00 105.37 12.43
CA ILE K 3134 -94.96 105.84 11.44
C ILE K 3134 -94.80 105.09 10.13
N LEU K 3135 -93.57 104.70 9.78
CA LEU K 3135 -93.32 103.88 8.61
C LEU K 3135 -93.94 102.50 8.75
N THR K 3136 -93.81 101.90 9.94
CA THR K 3136 -94.42 100.60 10.20
C THR K 3136 -95.94 100.68 10.21
N SER K 3137 -96.49 101.80 10.71
CA SER K 3137 -97.94 101.97 10.73
C SER K 3137 -98.51 102.14 9.33
N LEU K 3138 -97.87 102.99 8.51
CA LEU K 3138 -98.34 103.17 7.14
C LEU K 3138 -98.07 101.94 6.27
N TYR K 3139 -97.03 101.17 6.59
CA TYR K 3139 -96.78 99.93 5.87
C TYR K 3139 -97.75 98.83 6.27
N ALA K 3140 -98.17 98.81 7.54
CA ALA K 3140 -99.15 97.82 7.98
C ALA K 3140 -100.53 98.16 7.46
N LEU K 3141 -100.85 99.45 7.35
CA LEU K 3141 -102.09 99.85 6.69
C LEU K 3141 -102.02 99.62 5.18
N GLY K 3142 -100.82 99.67 4.60
CA GLY K 3142 -100.66 99.44 3.17
C GLY K 3142 -99.93 98.15 2.86
N THR K 3143 -100.16 97.11 3.66
CA THR K 3143 -99.56 95.81 3.38
C THR K 3143 -100.35 95.04 2.33
N SER K 3144 -101.62 95.39 2.14
CA SER K 3144 -102.46 94.75 1.14
C SER K 3144 -103.51 95.73 0.60
N VAL K 3149 -110.39 109.85 5.95
CA VAL K 3149 -110.01 110.72 7.05
C VAL K 3149 -108.50 110.93 7.04
N GLU K 3150 -108.08 112.19 7.06
CA GLU K 3150 -106.68 112.56 6.90
C GLU K 3150 -106.24 113.50 8.03
N ARG K 3151 -106.60 113.14 9.27
CA ARG K 3151 -106.13 113.92 10.41
C ARG K 3151 -104.70 113.55 10.80
N GLN K 3152 -104.35 112.27 10.70
CA GLN K 3152 -103.02 111.84 11.09
C GLN K 3152 -101.97 112.30 10.09
N ARG K 3153 -102.32 112.36 8.80
CA ARG K 3153 -101.41 112.91 7.81
C ARG K 3153 -101.15 114.39 8.06
N SER K 3154 -102.19 115.12 8.46
CA SER K 3154 -102.04 116.53 8.81
C SER K 3154 -101.19 116.71 10.06
N ALA K 3155 -101.35 115.82 11.05
CA ALA K 3155 -100.57 115.94 12.28
C ALA K 3155 -99.10 115.61 12.05
N LEU K 3156 -98.83 114.56 11.26
CA LEU K 3156 -97.44 114.20 10.95
C LEU K 3156 -96.78 115.24 10.06
N GLY K 3157 -97.53 115.81 9.11
CA GLY K 3157 -96.99 116.91 8.32
C GLY K 3157 -96.78 118.18 9.13
N GLU K 3158 -97.63 118.40 10.15
CA GLU K 3158 -97.45 119.54 11.03
C GLU K 3158 -96.19 119.41 11.87
N CYS K 3159 -95.96 118.21 12.42
CA CYS K 3159 -94.71 117.98 13.16
C CYS K 3159 -93.50 118.00 12.24
N LEU K 3160 -93.65 117.56 10.99
CA LEU K 3160 -92.53 117.56 10.05
C LEU K 3160 -92.14 118.97 9.64
N ALA K 3161 -93.13 119.82 9.34
CA ALA K 3161 -92.83 121.22 9.03
C ALA K 3161 -92.45 122.03 10.26
N ALA K 3162 -92.84 121.57 11.46
CA ALA K 3162 -92.42 122.26 12.67
C ALA K 3162 -90.98 121.93 13.03
N PHE K 3163 -90.56 120.70 12.76
CA PHE K 3163 -89.20 120.28 13.12
C PHE K 3163 -88.35 120.04 11.88
N ALA K 3164 -88.45 120.95 10.90
CA ALA K 3164 -87.65 120.87 9.70
C ALA K 3164 -86.41 121.75 9.71
N GLY K 3165 -86.53 122.99 10.20
CA GLY K 3165 -85.37 123.87 10.25
C GLY K 3165 -84.45 123.61 11.41
N ALA K 3166 -84.96 123.00 12.48
CA ALA K 3166 -84.15 122.73 13.68
C ALA K 3166 -84.18 121.23 14.01
N ALA K 3170 -81.62 111.70 12.77
CA ALA K 3170 -83.05 111.47 12.99
C ALA K 3170 -83.88 112.33 12.05
N PHE K 3171 -83.23 113.24 11.36
CA PHE K 3171 -83.90 114.10 10.39
C PHE K 3171 -83.90 113.48 8.99
N LEU K 3172 -82.72 113.03 8.53
CA LEU K 3172 -82.62 112.40 7.22
C LEU K 3172 -83.31 111.04 7.20
N GLU K 3173 -83.26 110.31 8.31
CA GLU K 3173 -84.01 109.06 8.42
C GLU K 3173 -85.51 109.32 8.40
N THR K 3174 -85.96 110.44 8.98
CA THR K 3174 -87.37 110.81 8.87
C THR K 3174 -87.73 111.21 7.45
N HIS K 3175 -86.79 111.85 6.73
CA HIS K 3175 -87.05 112.25 5.35
C HIS K 3175 -87.15 111.05 4.43
N LEU K 3176 -86.27 110.07 4.60
CA LEU K 3176 -86.34 108.85 3.82
C LEU K 3176 -87.39 107.87 4.35
N ASP K 3177 -87.93 108.10 5.55
CA ASP K 3177 -89.03 107.27 6.05
C ASP K 3177 -90.38 107.80 5.58
N LYS K 3178 -90.50 109.12 5.42
CA LYS K 3178 -91.70 109.67 4.83
C LYS K 3178 -91.79 109.36 3.34
N HIS K 3179 -90.63 109.27 2.67
CA HIS K 3179 -90.57 108.87 1.27
C HIS K 3179 -90.65 107.36 1.09
N ASN K 3180 -90.60 106.59 2.19
CA ASN K 3180 -90.83 105.16 2.16
C ASN K 3180 -92.19 104.75 2.68
N ILE K 3181 -92.85 105.61 3.47
CA ILE K 3181 -94.20 105.33 3.96
C ILE K 3181 -95.19 106.17 3.17
N TYR K 3182 -94.76 106.66 2.00
CA TYR K 3182 -95.64 107.48 1.18
C TYR K 3182 -96.67 106.63 0.43
N SER K 3183 -96.37 105.35 0.21
CA SER K 3183 -97.24 104.47 -0.57
C SER K 3183 -98.52 104.13 0.18
N SER K 3593 -51.68 67.25 18.78
CA SER K 3593 -52.01 66.38 19.90
C SER K 3593 -52.55 67.19 21.07
N LYS K 3594 -52.72 66.54 22.22
CA LYS K 3594 -53.49 67.10 23.33
C LYS K 3594 -52.71 68.15 24.11
N GLN K 3595 -51.61 67.76 24.73
CA GLN K 3595 -50.90 68.65 25.65
C GLN K 3595 -50.22 69.81 24.95
N ARG K 3596 -50.00 69.69 23.63
CA ARG K 3596 -49.54 70.82 22.85
C ARG K 3596 -50.55 71.95 22.84
N LYS K 3597 -51.83 71.63 22.93
CA LYS K 3597 -52.86 72.65 22.89
C LYS K 3597 -52.87 73.47 24.18
N ARG K 3598 -52.72 72.79 25.31
CA ARG K 3598 -52.55 73.51 26.56
C ARG K 3598 -51.19 74.21 26.60
N ALA K 3599 -50.21 73.70 25.87
CA ALA K 3599 -48.94 74.39 25.76
C ALA K 3599 -49.09 75.70 25.01
N VAL K 3600 -49.94 75.73 23.99
CA VAL K 3600 -50.20 76.97 23.27
C VAL K 3600 -50.97 77.94 24.15
N VAL K 3601 -51.91 77.41 24.96
CA VAL K 3601 -52.59 78.23 25.95
C VAL K 3601 -51.60 78.83 26.94
N ALA K 3602 -50.60 78.04 27.35
CA ALA K 3602 -49.58 78.54 28.25
C ALA K 3602 -48.67 79.56 27.56
N CYS K 3603 -48.46 79.43 26.25
CA CYS K 3603 -47.72 80.44 25.51
C CYS K 3603 -48.48 81.75 25.47
N PHE K 3604 -49.80 81.70 25.48
CA PHE K 3604 -50.58 82.91 25.68
C PHE K 3604 -50.62 83.35 27.13
N ARG K 3605 -50.38 82.44 28.06
CA ARG K 3605 -50.51 82.73 29.48
C ARG K 3605 -49.35 83.57 30.01
N MET K 3606 -48.18 83.50 29.39
CA MET K 3606 -47.02 84.22 29.90
C MET K 3606 -47.03 85.69 29.50
N ALA K 3607 -48.15 86.35 29.76
CA ALA K 3607 -48.35 87.80 29.71
C ALA K 3607 -47.57 88.61 30.73
N PRO K 3608 -47.15 88.08 31.93
CA PRO K 3608 -46.17 88.85 32.71
C PRO K 3608 -44.84 88.90 31.98
N LEU K 3609 -44.59 90.04 31.36
CA LEU K 3609 -43.39 90.20 30.57
C LEU K 3609 -42.26 90.63 31.47
N TYR K 3610 -42.39 91.82 32.06
CA TYR K 3610 -41.39 92.38 32.97
C TYR K 3610 -42.07 93.08 34.13
N ASN K 3611 -43.09 92.46 34.69
CA ASN K 3611 -43.57 92.83 36.01
C ASN K 3611 -42.45 92.51 36.98
N LEU K 3612 -42.17 91.21 37.13
CA LEU K 3612 -40.93 90.55 37.54
C LEU K 3612 -40.24 91.19 38.72
N PRO K 3613 -40.79 91.01 39.95
CA PRO K 3613 -40.88 92.09 40.95
C PRO K 3613 -39.65 92.95 41.14
N ARG K 3614 -38.55 92.38 41.62
CA ARG K 3614 -37.28 93.07 41.49
C ARG K 3614 -36.10 92.14 41.26
N HIS K 3615 -36.17 90.89 41.68
CA HIS K 3615 -35.01 90.03 41.77
C HIS K 3615 -35.15 88.70 41.07
N ARG K 3616 -36.37 88.27 40.77
CA ARG K 3616 -36.58 87.11 39.92
C ARG K 3616 -35.92 87.31 38.56
N ALA K 3617 -36.03 88.52 38.03
CA ALA K 3617 -35.37 88.84 36.78
C ALA K 3617 -33.86 88.80 36.92
N VAL K 3618 -33.33 89.26 38.05
CA VAL K 3618 -31.89 89.26 38.25
C VAL K 3618 -31.38 87.83 38.39
N ASN K 3619 -32.15 87.00 39.08
CA ASN K 3619 -31.82 85.59 39.23
C ASN K 3619 -31.80 84.88 37.88
N LEU K 3620 -32.81 85.13 37.06
CA LEU K 3620 -32.86 84.48 35.75
C LEU K 3620 -31.79 85.02 34.83
N PHE K 3621 -31.43 86.29 34.99
CA PHE K 3621 -30.30 86.85 34.25
C PHE K 3621 -29.01 86.16 34.62
N LEU K 3622 -28.85 85.86 35.91
CA LEU K 3622 -27.68 85.14 36.36
C LEU K 3622 -27.63 83.75 35.73
N GLN K 3623 -28.79 83.08 35.67
CA GLN K 3623 -28.89 81.78 35.02
C GLN K 3623 -28.47 81.85 33.55
N GLY K 3624 -29.06 82.79 32.80
CA GLY K 3624 -28.77 82.89 31.39
C GLY K 3624 -27.35 83.31 31.10
N TYR K 3625 -26.78 84.15 31.95
CA TYR K 3625 -25.40 84.59 31.75
C TYR K 3625 -24.42 83.45 31.97
N GLU K 3626 -24.60 82.71 33.07
CA GLU K 3626 -23.81 81.51 33.32
C GLU K 3626 -23.98 80.47 32.24
N LYS K 3627 -25.17 80.37 31.68
CA LYS K 3627 -25.42 79.35 30.67
C LYS K 3627 -24.78 79.71 29.34
N SER K 3628 -24.90 80.95 28.91
CA SER K 3628 -24.56 81.29 27.54
C SER K 3628 -23.22 81.95 27.37
N TRP K 3629 -22.71 82.64 28.38
CA TRP K 3629 -21.55 83.50 28.15
C TRP K 3629 -20.23 82.91 28.58
N ILE K 3630 -20.19 82.15 29.66
CA ILE K 3630 -18.92 81.81 30.27
C ILE K 3630 -18.20 80.71 29.50
N GLU K 3631 -18.88 80.03 28.60
CA GLU K 3631 -18.22 79.04 27.76
C GLU K 3631 -17.33 79.74 26.75
N THR K 3632 -16.06 79.90 27.10
CA THR K 3632 -15.11 80.73 26.40
C THR K 3632 -13.86 79.93 26.06
N GLU K 3633 -12.82 80.65 25.64
CA GLU K 3633 -11.52 80.07 25.31
C GLU K 3633 -10.45 80.68 26.18
N GLU K 3634 -9.86 79.86 27.04
CA GLU K 3634 -8.64 80.18 27.76
C GLU K 3634 -7.55 79.17 27.38
N HIS K 3635 -7.88 78.23 26.50
CA HIS K 3635 -7.28 76.91 26.46
C HIS K 3635 -6.02 76.85 25.63
N TYR K 3636 -5.28 77.96 25.59
CA TYR K 3636 -3.91 77.91 25.12
C TYR K 3636 -2.97 77.38 26.20
N PHE K 3637 -3.41 77.38 27.47
CA PHE K 3637 -2.54 77.19 28.61
C PHE K 3637 -2.03 75.77 28.77
N GLU K 3638 -2.54 74.82 27.98
CA GLU K 3638 -2.11 73.44 28.11
C GLU K 3638 -0.70 73.23 27.60
N ASP K 3639 -0.38 73.83 26.45
CA ASP K 3639 1.00 73.76 25.95
C ASP K 3639 1.96 74.44 26.92
N LYS K 3640 1.58 75.60 27.44
CA LYS K 3640 2.39 76.30 28.41
C LYS K 3640 2.59 75.47 29.67
N LEU K 3641 1.54 74.78 30.11
CA LEU K 3641 1.61 74.02 31.34
C LEU K 3641 2.51 72.81 31.18
N ILE K 3642 2.30 72.03 30.13
CA ILE K 3642 3.06 70.80 30.01
C ILE K 3642 4.48 71.09 29.54
N GLU K 3643 4.73 72.27 28.96
CA GLU K 3643 6.11 72.75 28.92
C GLU K 3643 6.61 72.99 30.33
N ASP K 3644 5.80 73.68 31.14
CA ASP K 3644 6.29 74.27 32.36
C ASP K 3644 6.52 73.25 33.45
N LEU K 3645 5.90 72.06 33.34
CA LEU K 3645 6.18 71.03 34.32
C LEU K 3645 7.48 70.33 34.06
N ALA K 3646 7.88 70.17 32.81
CA ALA K 3646 9.09 69.43 32.50
C ALA K 3646 10.32 70.35 32.54
N LYS K 3647 10.53 70.95 33.70
CA LYS K 3647 11.63 71.89 33.94
C LYS K 3647 12.35 71.42 35.19
N PRO K 3648 13.30 70.49 35.05
CA PRO K 3648 14.01 69.97 36.23
C PRO K 3648 14.96 71.01 36.81
N ARG K 3661 16.47 64.11 41.48
CA ARG K 3661 15.37 64.97 41.06
C ARG K 3661 14.55 64.32 39.97
N VAL K 3662 13.24 64.32 40.17
CA VAL K 3662 12.28 63.74 39.24
C VAL K 3662 11.31 64.86 38.87
N ASP K 3663 10.75 64.79 37.66
CA ASP K 3663 9.85 65.82 37.17
C ASP K 3663 8.55 65.87 37.97
N PRO K 3664 7.97 67.05 38.15
CA PRO K 3664 6.64 67.15 38.77
C PRO K 3664 5.57 66.41 38.01
N LEU K 3665 5.65 66.48 36.69
CA LEU K 3665 4.81 65.68 35.83
C LEU K 3665 4.98 64.20 36.12
N HIS K 3666 6.21 63.77 36.38
CA HIS K 3666 6.43 62.36 36.66
C HIS K 3666 5.88 61.97 38.01
N GLN K 3667 5.94 62.89 38.99
CA GLN K 3667 5.25 62.65 40.26
C GLN K 3667 3.76 62.49 40.05
N LEU K 3668 3.17 63.31 39.19
CA LEU K 3668 1.72 63.25 38.99
C LEU K 3668 1.31 61.94 38.33
N ILE K 3669 2.03 61.56 37.28
CA ILE K 3669 1.76 60.31 36.58
C ILE K 3669 1.98 59.13 37.51
N LEU K 3670 3.02 59.19 38.33
CA LEU K 3670 3.29 58.10 39.25
C LEU K 3670 2.24 58.04 40.35
N LEU K 3671 1.68 59.20 40.74
CA LEU K 3671 0.58 59.23 41.68
C LEU K 3671 -0.61 58.46 41.14
N PHE K 3672 -0.99 58.74 39.89
CA PHE K 3672 -2.15 58.04 39.37
C PHE K 3672 -1.84 56.58 39.11
N SER K 3673 -0.58 56.25 38.86
CA SER K 3673 -0.23 54.85 38.68
C SER K 3673 -0.38 54.08 39.98
N ARG K 3674 0.05 54.67 41.09
CA ARG K 3674 -0.10 53.95 42.35
C ARG K 3674 -1.55 53.92 42.80
N THR K 3675 -2.31 54.97 42.49
CA THR K 3675 -3.72 54.97 42.85
C THR K 3675 -4.48 53.93 42.06
N ALA K 3676 -4.11 53.74 40.80
CA ALA K 3676 -4.72 52.70 39.98
C ALA K 3676 -4.36 51.31 40.48
N LEU K 3677 -3.19 51.16 41.07
CA LEU K 3677 -2.79 49.84 41.52
C LEU K 3677 -3.43 49.42 42.83
N THR K 3678 -4.07 50.34 43.53
CA THR K 3678 -4.86 49.97 44.70
C THR K 3678 -6.09 49.17 44.25
N GLU K 3679 -6.62 48.38 45.16
CA GLU K 3679 -7.77 47.53 44.86
C GLU K 3679 -9.00 48.15 45.49
N LYS K 3680 -10.02 48.36 44.68
CA LYS K 3680 -11.20 49.08 45.12
C LYS K 3680 -12.49 48.36 44.80
N CYS K 3681 -12.49 47.44 43.82
CA CYS K 3681 -13.61 46.68 43.27
C CYS K 3681 -14.61 47.56 42.51
N LYS K 3682 -14.42 48.87 42.54
CA LYS K 3682 -15.28 49.85 41.88
C LYS K 3682 -14.52 51.17 41.88
N LEU K 3683 -14.37 51.80 40.72
CA LEU K 3683 -13.56 53.00 40.69
C LEU K 3683 -14.32 54.20 41.21
N GLU K 3684 -13.57 55.23 41.53
CA GLU K 3684 -14.13 56.48 42.02
C GLU K 3684 -14.35 57.42 40.84
N GLU K 3685 -14.55 58.70 41.10
CA GLU K 3685 -14.73 59.67 40.05
C GLU K 3685 -13.51 60.56 39.84
N ASP K 3686 -13.02 61.19 40.92
CA ASP K 3686 -11.68 61.76 41.02
C ASP K 3686 -11.43 62.86 39.99
N PHE K 3687 -12.12 63.99 40.18
CA PHE K 3687 -12.07 65.04 39.17
C PHE K 3687 -10.70 65.69 39.02
N LEU K 3688 -9.78 65.43 39.95
CA LEU K 3688 -8.35 65.58 39.67
C LEU K 3688 -7.94 64.86 38.39
N TYR K 3689 -8.22 63.55 38.34
CA TYR K 3689 -7.88 62.74 37.19
C TYR K 3689 -8.64 63.19 35.96
N MET K 3690 -9.90 63.53 36.15
CA MET K 3690 -10.75 63.98 35.06
C MET K 3690 -10.31 65.33 34.52
N ALA K 3691 -9.60 66.11 35.32
CA ALA K 3691 -9.04 67.35 34.79
C ALA K 3691 -7.74 67.08 34.05
N TYR K 3692 -6.83 66.34 34.68
CA TYR K 3692 -5.51 66.22 34.09
C TYR K 3692 -5.45 65.30 32.89
N ALA K 3693 -6.39 64.36 32.77
CA ALA K 3693 -6.46 63.56 31.55
C ALA K 3693 -6.78 64.44 30.35
N ASP K 3694 -7.72 65.37 30.52
CA ASP K 3694 -8.04 66.28 29.43
C ASP K 3694 -6.93 67.30 29.22
N ILE K 3695 -6.26 67.72 30.30
CA ILE K 3695 -5.17 68.68 30.17
C ILE K 3695 -4.03 68.10 29.37
N MET K 3696 -3.68 66.85 29.63
CA MET K 3696 -2.66 66.20 28.81
C MET K 3696 -3.17 65.94 27.40
N ALA K 3697 -4.41 65.47 27.25
CA ALA K 3697 -4.90 65.07 25.95
C ALA K 3697 -5.20 66.24 25.03
N LYS K 3698 -5.26 67.45 25.54
CA LYS K 3698 -5.34 68.59 24.65
C LYS K 3698 -3.97 69.07 24.19
N SER K 3699 -2.89 68.38 24.55
CA SER K 3699 -1.56 68.81 24.14
C SER K 3699 -1.05 68.04 22.93
N CYS K 3700 -1.95 67.66 22.02
CA CYS K 3700 -1.54 67.04 20.77
C CYS K 3700 -2.40 67.57 19.63
N SER K 3714 1.68 71.17 1.31
CA SER K 3714 3.13 71.18 1.47
C SER K 3714 3.65 69.90 2.11
N PHE K 3715 4.59 69.26 1.43
CA PHE K 3715 5.25 68.09 2.00
C PHE K 3715 6.12 68.49 3.18
N GLU K 3716 6.71 69.68 3.13
CA GLU K 3716 7.48 70.22 4.24
C GLU K 3716 6.61 70.38 5.48
N GLU K 3717 5.35 70.76 5.29
CA GLU K 3717 4.46 70.92 6.43
C GLU K 3717 4.10 69.59 7.05
N LYS K 3718 4.01 68.52 6.24
CA LYS K 3718 3.78 67.21 6.82
C LYS K 3718 5.03 66.70 7.53
N GLU K 3719 6.21 67.08 7.02
CA GLU K 3719 7.46 66.81 7.74
C GLU K 3719 7.46 67.47 9.11
N MET K 3720 6.98 68.71 9.18
CA MET K 3720 7.01 69.45 10.43
C MET K 3720 5.96 68.93 11.41
N GLU K 3721 4.77 68.66 10.91
CA GLU K 3721 3.67 68.23 11.76
C GLU K 3721 3.79 66.78 12.17
N LYS K 3722 4.59 65.98 11.49
CA LYS K 3722 4.97 64.69 12.05
C LYS K 3722 5.83 64.88 13.28
N GLN K 3723 6.81 65.77 13.19
CA GLN K 3723 7.85 65.84 14.20
C GLN K 3723 7.37 66.53 15.47
N LYS K 3724 6.54 67.56 15.32
CA LYS K 3724 5.99 68.23 16.50
C LYS K 3724 5.09 67.31 17.29
N LEU K 3725 4.25 66.55 16.59
CA LEU K 3725 3.41 65.56 17.25
C LEU K 3725 4.23 64.48 17.94
N LEU K 3726 5.29 64.01 17.28
CA LEU K 3726 6.06 62.93 17.86
C LEU K 3726 6.86 63.43 19.07
N TYR K 3727 7.29 64.69 19.04
CA TYR K 3727 7.93 65.28 20.20
C TYR K 3727 6.96 65.45 21.35
N GLN K 3728 5.72 65.82 21.04
CA GLN K 3728 4.74 65.97 22.11
C GLN K 3728 4.36 64.64 22.73
N GLN K 3729 4.37 63.56 21.95
CA GLN K 3729 4.20 62.24 22.56
C GLN K 3729 5.43 61.84 23.33
N ALA K 3730 6.60 62.30 22.89
CA ALA K 3730 7.84 61.99 23.59
C ALA K 3730 7.88 62.66 24.94
N ARG K 3731 7.21 63.79 25.06
CA ARG K 3731 7.09 64.48 26.34
C ARG K 3731 6.40 63.61 27.39
N LEU K 3732 5.51 62.71 26.96
CA LEU K 3732 4.76 61.87 27.87
C LEU K 3732 5.34 60.48 28.03
N HIS K 3733 5.53 59.74 26.94
CA HIS K 3733 5.81 58.31 27.12
C HIS K 3733 7.25 58.02 27.49
N ASP K 3734 8.04 59.02 27.86
CA ASP K 3734 9.21 58.75 28.68
C ASP K 3734 8.81 58.51 30.13
N ARG K 3735 7.68 59.07 30.54
CA ARG K 3735 7.33 59.18 31.95
C ARG K 3735 6.34 58.10 32.37
N GLY K 3736 6.41 56.94 31.73
CA GLY K 3736 5.54 55.83 32.06
C GLY K 3736 4.08 56.09 31.76
N ALA K 3737 3.82 57.06 30.89
CA ALA K 3737 2.48 57.59 30.69
C ALA K 3737 1.55 56.59 30.03
N ALA K 3738 2.09 55.61 29.31
CA ALA K 3738 1.24 54.60 28.72
C ALA K 3738 0.62 53.72 29.78
N GLU K 3739 1.38 53.43 30.83
CA GLU K 3739 0.96 52.41 31.76
C GLU K 3739 -0.10 52.89 32.73
N MET K 3740 -0.19 54.19 33.01
CA MET K 3740 -1.31 54.66 33.82
C MET K 3740 -2.63 54.49 33.08
N VAL K 3741 -2.65 54.78 31.79
CA VAL K 3741 -3.86 54.62 31.00
C VAL K 3741 -4.19 53.15 30.86
N LEU K 3742 -3.16 52.35 30.64
CA LEU K 3742 -3.34 50.93 30.46
C LEU K 3742 -3.84 50.24 31.73
N GLN K 3743 -3.43 50.75 32.89
CA GLN K 3743 -3.92 50.16 34.14
C GLN K 3743 -5.32 50.64 34.47
N THR K 3744 -5.57 51.94 34.34
CA THR K 3744 -6.88 52.47 34.68
C THR K 3744 -7.98 51.95 33.78
N ILE K 3745 -7.64 51.50 32.57
CA ILE K 3745 -8.60 50.70 31.82
C ILE K 3745 -8.87 49.39 32.55
N SER K 3746 -7.82 48.74 33.04
CA SER K 3746 -7.98 47.44 33.67
C SER K 3746 -8.66 47.52 35.03
N ALA K 3747 -8.75 48.70 35.61
CA ALA K 3747 -9.34 48.82 36.93
C ALA K 3747 -10.84 48.60 36.89
N SER K 3748 -11.57 49.46 36.17
CA SER K 3748 -13.00 49.27 36.01
C SER K 3748 -13.26 48.05 35.15
N LYS K 3749 -14.04 47.12 35.66
CA LYS K 3749 -14.12 45.83 34.98
C LYS K 3749 -15.07 45.88 33.80
N GLY K 3750 -16.23 46.48 33.97
CA GLY K 3750 -17.11 46.65 32.82
C GLY K 3750 -17.85 47.94 32.95
N GLU K 3751 -17.46 48.71 33.95
CA GLU K 3751 -18.17 49.94 34.24
C GLU K 3751 -17.77 50.99 33.22
N THR K 3752 -18.74 51.80 32.83
CA THR K 3752 -18.62 52.66 31.68
C THR K 3752 -18.64 54.12 32.08
N GLY K 3753 -17.96 54.46 33.17
CA GLY K 3753 -18.00 55.79 33.72
C GLY K 3753 -17.29 56.81 32.86
N PRO K 3754 -17.44 58.09 33.20
CA PRO K 3754 -16.71 59.13 32.46
C PRO K 3754 -15.23 59.06 32.66
N MET K 3755 -14.79 58.47 33.77
CA MET K 3755 -13.44 57.97 33.99
C MET K 3755 -12.85 57.30 32.76
N VAL K 3756 -13.55 56.27 32.27
CA VAL K 3756 -13.04 55.46 31.16
C VAL K 3756 -13.02 56.28 29.88
N ALA K 3757 -13.95 57.22 29.72
CA ALA K 3757 -13.92 58.09 28.56
C ALA K 3757 -12.72 59.03 28.59
N ALA K 3758 -12.37 59.54 29.77
CA ALA K 3758 -11.19 60.41 29.86
C ALA K 3758 -9.91 59.63 29.60
N THR K 3759 -9.85 58.38 30.11
CA THR K 3759 -8.69 57.53 29.85
C THR K 3759 -8.55 57.23 28.36
N LEU K 3760 -9.66 56.95 27.68
CA LEU K 3760 -9.53 56.61 26.27
C LEU K 3760 -9.22 57.83 25.43
N LYS K 3761 -9.66 59.03 25.86
CA LYS K 3761 -9.22 60.23 25.15
C LYS K 3761 -7.73 60.42 25.29
N LEU K 3762 -7.18 60.18 26.47
CA LEU K 3762 -5.74 60.32 26.62
C LEU K 3762 -5.00 59.21 25.88
N GLY K 3763 -5.53 58.00 25.90
CA GLY K 3763 -4.86 56.89 25.24
C GLY K 3763 -4.88 57.03 23.74
N ILE K 3764 -5.91 57.65 23.19
CA ILE K 3764 -5.87 58.01 21.77
C ILE K 3764 -4.85 59.10 21.53
N ALA K 3765 -4.86 60.15 22.35
CA ALA K 3765 -3.94 61.27 22.12
C ALA K 3765 -2.48 60.90 22.36
N ILE K 3766 -2.21 59.76 22.99
CA ILE K 3766 -0.85 59.26 23.00
C ILE K 3766 -0.55 58.51 21.72
N LEU K 3767 -1.41 57.57 21.34
CA LEU K 3767 -1.12 56.73 20.19
C LEU K 3767 -1.62 57.29 18.88
N ASN K 3768 -1.77 58.63 18.79
CA ASN K 3768 -2.46 59.26 17.66
C ASN K 3768 -1.75 58.98 16.35
N GLY K 3769 -0.44 59.16 16.31
CA GLY K 3769 0.25 58.85 15.09
C GLY K 3769 0.59 57.40 14.91
N GLY K 3770 0.39 56.59 15.95
CA GLY K 3770 0.82 55.20 15.87
C GLY K 3770 2.29 55.06 16.17
N ASN K 3771 2.69 55.52 17.34
CA ASN K 3771 4.06 55.32 17.78
C ASN K 3771 4.32 53.84 18.01
N SER K 3772 5.34 53.33 17.34
CA SER K 3772 5.75 51.96 17.54
C SER K 3772 6.36 51.73 18.91
N THR K 3773 6.96 52.76 19.51
CA THR K 3773 7.57 52.57 20.81
C THR K 3773 6.50 52.41 21.89
N VAL K 3774 5.40 53.12 21.77
CA VAL K 3774 4.34 52.99 22.76
C VAL K 3774 3.63 51.66 22.60
N GLN K 3775 3.48 51.21 21.36
CA GLN K 3775 2.89 49.89 21.11
C GLN K 3775 3.77 48.80 21.68
N GLN K 3776 5.08 48.92 21.50
CA GLN K 3776 6.01 47.96 22.08
C GLN K 3776 6.05 48.09 23.60
N LYS K 3777 5.86 49.31 24.10
CA LYS K 3777 5.84 49.57 25.53
C LYS K 3777 4.69 48.81 26.18
N MET K 3778 3.51 48.91 25.58
CA MET K 3778 2.35 48.22 26.10
C MET K 3778 2.47 46.73 25.94
N LEU K 3779 3.10 46.26 24.87
CA LEU K 3779 3.25 44.82 24.73
C LEU K 3779 4.24 44.28 25.75
N GLU K 3780 5.31 45.02 26.04
CA GLU K 3780 6.24 44.60 27.08
C GLU K 3780 5.57 44.60 28.44
N TYR K 3781 4.69 45.57 28.66
CA TYR K 3781 3.96 45.63 29.91
C TYR K 3781 3.07 44.41 30.08
N LEU K 3782 2.23 44.14 29.10
CA LEU K 3782 1.30 43.03 29.24
C LEU K 3782 1.97 41.68 29.07
N LYS K 3783 3.20 41.62 28.61
CA LYS K 3783 3.89 40.35 28.67
C LYS K 3783 4.53 40.13 30.03
N GLU K 3784 5.08 41.19 30.64
CA GLU K 3784 5.69 40.98 31.95
C GLU K 3784 4.63 40.81 33.02
N LYS K 3785 3.89 41.88 33.29
CA LYS K 3785 2.93 41.87 34.38
C LYS K 3785 1.64 41.29 33.86
N LYS K 3786 1.65 39.96 33.74
CA LYS K 3786 0.64 39.24 33.00
C LYS K 3786 -0.75 39.36 33.64
N ASP K 3787 -1.69 39.93 32.87
CA ASP K 3787 -3.00 40.30 33.37
C ASP K 3787 -4.07 39.84 32.39
N VAL K 3788 -5.05 39.11 32.91
CA VAL K 3788 -6.23 38.82 32.10
C VAL K 3788 -7.30 39.87 32.36
N GLY K 3789 -7.20 40.60 33.47
CA GLY K 3789 -8.21 41.57 33.84
C GLY K 3789 -8.30 42.75 32.90
N PHE K 3790 -7.23 43.04 32.17
CA PHE K 3790 -7.31 44.05 31.13
C PHE K 3790 -8.15 43.56 29.96
N PHE K 3791 -7.89 42.34 29.49
CA PHE K 3791 -8.67 41.82 28.38
C PHE K 3791 -10.08 41.48 28.81
N GLN K 3792 -10.23 41.04 30.06
CA GLN K 3792 -11.55 40.85 30.62
C GLN K 3792 -12.29 42.18 30.69
N SER K 3793 -11.56 43.25 31.00
CA SER K 3793 -12.15 44.57 31.03
C SER K 3793 -12.55 45.03 29.64
N LEU K 3794 -11.75 44.70 28.63
CA LEU K 3794 -12.10 45.07 27.27
C LEU K 3794 -13.34 44.34 26.78
N ALA K 3795 -13.44 43.05 27.11
CA ALA K 3795 -14.64 42.31 26.74
C ALA K 3795 -15.86 42.83 27.46
N GLY K 3796 -15.70 43.19 28.74
CA GLY K 3796 -16.81 43.75 29.48
C GLY K 3796 -17.23 45.10 28.95
N LEU K 3797 -16.28 45.88 28.45
CA LEU K 3797 -16.62 47.14 27.81
C LEU K 3797 -17.40 46.90 26.53
N MET K 3798 -16.82 46.12 25.61
CA MET K 3798 -17.45 45.85 24.32
C MET K 3798 -18.80 45.16 24.43
N GLN K 3799 -19.09 44.53 25.57
CA GLN K 3799 -20.38 43.87 25.72
C GLN K 3799 -21.54 44.84 25.61
N SER K 3800 -21.46 45.99 26.27
CA SER K 3800 -22.60 46.88 26.09
C SER K 3800 -22.36 47.93 25.02
N CYS K 3801 -21.62 48.96 25.39
CA CYS K 3801 -21.16 50.12 24.63
C CYS K 3801 -22.23 50.99 23.99
N SER K 3802 -23.26 50.36 23.38
CA SER K 3802 -24.52 50.89 22.85
C SER K 3802 -25.14 49.79 21.99
N VAL K 3803 -26.34 50.02 21.51
CA VAL K 3803 -26.77 49.51 20.20
C VAL K 3803 -27.36 50.81 19.66
N LEU K 3804 -28.03 50.80 18.51
CA LEU K 3804 -28.69 52.02 18.12
C LEU K 3804 -29.93 52.27 18.97
N ASP K 3805 -31.02 51.56 18.67
CA ASP K 3805 -32.35 51.79 19.24
C ASP K 3805 -33.36 50.87 18.56
N LEU K 3806 -34.50 50.64 19.20
CA LEU K 3806 -35.74 50.42 18.47
C LEU K 3806 -36.79 51.45 18.86
N ASN K 3807 -37.07 51.56 20.15
CA ASN K 3807 -38.27 52.22 20.64
C ASN K 3807 -38.01 53.56 21.30
N ALA K 3808 -36.81 53.79 21.80
CA ALA K 3808 -36.50 55.06 22.43
C ALA K 3808 -36.54 56.21 21.44
N PHE K 3809 -36.37 55.93 20.15
CA PHE K 3809 -36.65 56.96 19.17
C PHE K 3809 -38.13 57.27 19.10
N GLU K 3810 -38.97 56.24 19.16
CA GLU K 3810 -40.41 56.44 19.08
C GLU K 3810 -40.91 57.24 20.27
N ARG K 3811 -40.51 56.80 21.46
CA ARG K 3811 -40.83 57.51 22.69
C ARG K 3811 -40.21 58.89 22.70
N GLN K 3812 -39.00 59.01 22.15
CA GLN K 3812 -38.30 60.28 22.12
C GLN K 3812 -39.03 61.26 21.21
N ASN K 3813 -39.51 60.79 20.07
CA ASN K 3813 -40.20 61.64 19.12
C ASN K 3813 -41.54 62.09 19.67
N LYS K 3814 -42.27 61.16 20.29
CA LYS K 3814 -43.58 61.54 20.79
C LYS K 3814 -43.46 62.45 22.01
N ALA K 3815 -42.44 62.23 22.83
CA ALA K 3815 -42.16 63.14 23.94
C ALA K 3815 -41.71 64.49 23.43
N GLU K 3816 -40.97 64.50 22.33
CA GLU K 3816 -40.50 65.75 21.73
C GLU K 3816 -41.68 66.56 21.21
N GLY K 3817 -42.60 65.90 20.52
CA GLY K 3817 -43.78 66.60 20.04
C GLY K 3817 -44.67 67.07 21.17
N LEU K 3818 -44.89 66.23 22.18
CA LEU K 3818 -45.86 66.56 23.21
C LEU K 3818 -45.33 67.61 24.18
N GLY K 3819 -44.11 67.41 24.69
CA GLY K 3819 -43.62 68.25 25.77
C GLY K 3819 -43.33 69.67 25.33
N MET K 3820 -42.74 69.83 24.17
CA MET K 3820 -42.59 71.15 23.59
C MET K 3820 -43.48 71.24 22.37
N LYS K 3829 -30.00 60.52 25.95
CA LYS K 3829 -30.95 60.70 24.86
C LYS K 3829 -31.24 59.36 24.21
N VAL K 3830 -30.91 59.25 22.92
CA VAL K 3830 -31.05 57.99 22.21
C VAL K 3830 -29.71 57.29 22.22
N LEU K 3831 -28.73 57.90 21.54
CA LEU K 3831 -27.35 57.43 21.58
C LEU K 3831 -26.58 58.37 22.49
N GLN K 3832 -26.78 58.19 23.79
CA GLN K 3832 -26.02 58.97 24.76
C GLN K 3832 -24.65 58.36 25.04
N ASP K 3833 -24.39 57.17 24.50
CA ASP K 3833 -23.16 56.45 24.74
C ASP K 3833 -22.52 56.11 23.41
N ASP K 3834 -22.36 57.12 22.57
CA ASP K 3834 -21.89 56.93 21.21
C ASP K 3834 -20.44 57.36 21.05
N GLU K 3835 -20.13 58.58 21.50
CA GLU K 3835 -18.81 59.15 21.33
C GLU K 3835 -17.79 58.38 22.14
N PHE K 3836 -18.24 57.78 23.24
CA PHE K 3836 -17.44 56.81 23.96
C PHE K 3836 -17.07 55.61 23.08
N THR K 3837 -18.00 55.14 22.27
CA THR K 3837 -17.68 53.98 21.43
C THR K 3837 -16.79 54.36 20.26
N CYS K 3838 -17.02 55.53 19.68
CA CYS K 3838 -16.11 56.03 18.67
C CYS K 3838 -14.72 56.31 19.23
N ASP K 3839 -14.60 56.57 20.52
CA ASP K 3839 -13.27 56.63 21.07
C ASP K 3839 -12.71 55.26 21.36
N LEU K 3840 -13.53 54.31 21.80
CA LEU K 3840 -13.00 53.00 22.15
C LEU K 3840 -12.49 52.26 20.93
N PHE K 3841 -13.25 52.31 19.84
CA PHE K 3841 -12.76 51.58 18.69
C PHE K 3841 -11.63 52.32 17.98
N ARG K 3842 -11.63 53.65 17.99
CA ARG K 3842 -10.47 54.36 17.48
C ARG K 3842 -9.23 54.07 18.31
N PHE K 3843 -9.41 53.84 19.61
CA PHE K 3843 -8.32 53.37 20.44
C PHE K 3843 -7.83 52.00 20.00
N LEU K 3844 -8.76 51.07 19.76
CA LEU K 3844 -8.31 49.75 19.36
C LEU K 3844 -7.70 49.73 17.97
N GLN K 3845 -8.15 50.63 17.10
CA GLN K 3845 -7.48 50.88 15.84
C GLN K 3845 -6.05 51.33 16.08
N LEU K 3846 -5.87 52.24 17.02
CA LEU K 3846 -4.56 52.81 17.26
C LEU K 3846 -3.69 51.96 18.16
N LEU K 3847 -4.00 50.67 18.27
CA LEU K 3847 -3.09 49.68 18.80
C LEU K 3847 -2.52 48.77 17.73
N CYS K 3848 -3.10 48.78 16.54
CA CYS K 3848 -2.54 48.00 15.45
C CYS K 3848 -2.24 48.86 14.23
N GLU K 3849 -2.12 50.17 14.40
CA GLU K 3849 -1.61 51.02 13.34
C GLU K 3849 -0.14 50.72 13.11
N GLY K 3850 0.21 50.41 11.87
CA GLY K 3850 1.57 50.07 11.54
C GLY K 3850 1.89 48.59 11.58
N HIS K 3851 0.87 47.75 11.75
CA HIS K 3851 0.95 46.30 11.56
C HIS K 3851 1.90 45.65 12.55
N ASN K 3852 1.62 45.85 13.83
CA ASN K 3852 2.35 45.14 14.87
C ASN K 3852 1.83 43.71 14.87
N SER K 3853 2.45 42.86 14.06
CA SER K 3853 1.93 41.53 13.81
C SER K 3853 1.99 40.65 15.05
N ASP K 3854 2.96 40.91 15.92
CA ASP K 3854 2.93 40.31 17.25
C ASP K 3854 1.70 40.75 18.03
N PHE K 3855 1.37 42.03 17.95
CA PHE K 3855 0.30 42.54 18.77
C PHE K 3855 -1.04 42.27 18.13
N GLN K 3856 -1.06 42.11 16.81
CA GLN K 3856 -2.28 41.66 16.16
C GLN K 3856 -2.53 40.20 16.46
N ASN K 3857 -1.48 39.39 16.55
CA ASN K 3857 -1.69 38.00 16.93
C ASN K 3857 -2.04 37.87 18.40
N TYR K 3858 -1.58 38.81 19.22
CA TYR K 3858 -1.73 38.68 20.66
C TYR K 3858 -3.16 38.88 21.09
N LEU K 3859 -3.89 39.74 20.37
CA LEU K 3859 -5.30 39.96 20.67
C LEU K 3859 -6.11 38.70 20.46
N ARG K 3860 -5.76 37.93 19.45
CA ARG K 3860 -6.55 36.77 19.09
C ARG K 3860 -6.33 35.63 20.08
N THR K 3861 -5.08 35.33 20.40
CA THR K 3861 -4.80 34.06 21.05
C THR K 3861 -4.24 34.16 22.45
N GLN K 3862 -3.50 35.22 22.81
CA GLN K 3862 -3.31 35.66 24.20
C GLN K 3862 -2.61 34.58 25.04
N THR K 3863 -1.35 34.33 24.70
CA THR K 3863 -0.71 33.11 25.20
C THR K 3863 -0.20 33.26 26.62
N GLY K 3864 0.55 34.32 26.89
CA GLY K 3864 1.31 34.42 28.14
C GLY K 3864 0.45 34.60 29.39
N ASN K 3865 -0.81 34.98 29.22
CA ASN K 3865 -1.75 35.03 30.33
C ASN K 3865 -2.34 33.67 30.60
N ASN K 3866 -3.42 33.63 31.39
CA ASN K 3866 -3.95 32.37 31.87
C ASN K 3866 -5.11 31.87 31.01
N THR K 3867 -6.12 32.71 30.81
CA THR K 3867 -7.31 32.35 30.05
C THR K 3867 -7.46 33.32 28.89
N THR K 3868 -7.70 32.79 27.70
CA THR K 3868 -7.73 33.68 26.56
C THR K 3868 -9.11 34.30 26.38
N VAL K 3869 -9.13 35.46 25.73
CA VAL K 3869 -10.36 36.15 25.37
C VAL K 3869 -10.19 36.61 23.93
N ASN K 3870 -10.78 35.89 22.99
CA ASN K 3870 -10.60 36.21 21.58
C ASN K 3870 -11.44 37.45 21.27
N ILE K 3871 -10.79 38.60 21.36
CA ILE K 3871 -11.47 39.88 21.29
C ILE K 3871 -12.03 40.16 19.90
N ILE K 3872 -11.53 39.50 18.88
CA ILE K 3872 -11.93 39.84 17.53
C ILE K 3872 -13.31 39.28 17.23
N ILE K 3873 -13.64 38.12 17.79
CA ILE K 3873 -14.99 37.62 17.62
C ILE K 3873 -15.97 38.50 18.39
N SER K 3874 -15.52 39.10 19.49
CA SER K 3874 -16.37 40.02 20.23
C SER K 3874 -16.65 41.28 19.42
N THR K 3875 -15.64 41.82 18.73
CA THR K 3875 -15.94 43.02 17.97
C THR K 3875 -16.76 42.70 16.73
N VAL K 3876 -16.63 41.48 16.20
CA VAL K 3876 -17.55 41.02 15.16
C VAL K 3876 -18.98 41.00 15.70
N ASP K 3877 -19.15 40.56 16.93
CA ASP K 3877 -20.49 40.47 17.49
C ASP K 3877 -21.08 41.84 17.76
N TYR K 3878 -20.25 42.80 18.15
CA TYR K 3878 -20.76 44.16 18.32
C TYR K 3878 -21.18 44.75 16.98
N LEU K 3879 -20.40 44.46 15.93
CA LEU K 3879 -20.77 44.91 14.60
C LEU K 3879 -22.08 44.30 14.16
N LEU K 3880 -22.29 43.04 14.51
CA LEU K 3880 -23.53 42.35 14.15
C LEU K 3880 -24.72 42.98 14.85
N ARG K 3881 -24.53 43.40 16.09
CA ARG K 3881 -25.57 44.13 16.81
C ARG K 3881 -25.92 45.43 16.12
N VAL K 3882 -24.90 46.20 15.73
CA VAL K 3882 -25.18 47.51 15.14
C VAL K 3882 -25.80 47.34 13.75
N GLN K 3883 -25.37 46.31 13.02
CA GLN K 3883 -25.99 45.91 11.76
C GLN K 3883 -27.47 45.69 11.90
N GLU K 3884 -27.85 44.83 12.84
CA GLU K 3884 -29.25 44.48 13.05
C GLU K 3884 -30.05 45.70 13.44
N SER K 3885 -29.48 46.59 14.25
CA SER K 3885 -30.32 47.72 14.65
C SER K 3885 -30.43 48.76 13.56
N ILE K 3886 -29.43 48.88 12.69
CA ILE K 3886 -29.60 49.72 11.51
C ILE K 3886 -30.68 49.14 10.61
N SER K 3887 -30.68 47.82 10.47
CA SER K 3887 -31.70 47.15 9.66
C SER K 3887 -33.09 47.36 10.25
N ASP K 3888 -33.21 47.38 11.57
CA ASP K 3888 -34.50 47.64 12.16
C ASP K 3888 -34.88 49.11 12.04
N PHE K 3889 -33.90 50.00 11.95
CA PHE K 3889 -34.25 51.39 11.69
C PHE K 3889 -34.73 51.56 10.26
N TYR K 3890 -34.24 50.72 9.35
CA TYR K 3890 -34.71 50.77 7.96
C TYR K 3890 -36.20 50.50 7.86
N TRP K 3891 -36.68 49.45 8.52
CA TRP K 3891 -38.08 49.06 8.39
C TRP K 3891 -39.03 50.10 8.93
N TYR K 3892 -38.60 50.85 9.93
CA TYR K 3892 -39.45 51.89 10.49
C TYR K 3892 -39.61 53.05 9.52
N TYR K 3893 -38.58 53.33 8.73
CA TYR K 3893 -38.73 54.28 7.65
C TYR K 3893 -38.83 53.62 6.30
N SER K 3894 -39.26 52.36 6.27
CA SER K 3894 -39.37 51.70 4.98
C SER K 3894 -40.57 52.16 4.17
N GLY K 3895 -41.50 52.90 4.76
CA GLY K 3895 -42.68 53.28 4.02
C GLY K 3895 -42.98 54.76 3.96
N LYS K 3896 -42.53 55.53 4.93
CA LYS K 3896 -42.94 56.93 5.02
C LYS K 3896 -42.10 57.84 4.16
N ASP K 3897 -40.82 57.49 3.99
CA ASP K 3897 -39.96 57.88 2.87
C ASP K 3897 -39.56 59.36 2.86
N VAL K 3898 -40.08 60.19 3.75
CA VAL K 3898 -39.61 61.55 3.91
C VAL K 3898 -39.15 61.67 5.35
N ILE K 3899 -37.86 61.68 5.54
CA ILE K 3899 -37.26 61.43 6.85
C ILE K 3899 -37.07 62.75 7.58
N ASP K 3900 -37.44 62.76 8.87
CA ASP K 3900 -37.36 63.94 9.70
C ASP K 3900 -35.92 64.36 9.95
N GLU K 3901 -35.78 65.54 10.54
CA GLU K 3901 -34.48 66.01 10.99
C GLU K 3901 -33.91 65.09 12.07
N GLN K 3902 -34.77 64.59 12.95
CA GLN K 3902 -34.30 63.75 14.04
C GLN K 3902 -33.83 62.40 13.53
N GLY K 3903 -34.51 61.86 12.51
CA GLY K 3903 -34.09 60.60 11.94
C GLY K 3903 -32.74 60.69 11.25
N GLN K 3904 -32.53 61.77 10.48
CA GLN K 3904 -31.25 62.00 9.83
C GLN K 3904 -30.15 62.22 10.84
N ARG K 3905 -30.42 63.06 11.84
CA ARG K 3905 -29.43 63.42 12.84
C ARG K 3905 -29.01 62.20 13.66
N ASN K 3906 -29.96 61.33 13.98
CA ASN K 3906 -29.62 60.10 14.67
C ASN K 3906 -28.92 59.13 13.72
N PHE K 3907 -29.30 59.16 12.44
CA PHE K 3907 -28.88 58.07 11.58
C PHE K 3907 -27.44 58.25 11.14
N SER K 3908 -27.05 59.47 10.78
CA SER K 3908 -25.64 59.73 10.48
C SER K 3908 -24.76 59.50 11.70
N LYS K 3909 -25.30 59.79 12.88
CA LYS K 3909 -24.61 59.53 14.13
C LYS K 3909 -24.36 58.05 14.32
N ALA K 3910 -25.24 57.20 13.80
CA ALA K 3910 -24.94 55.77 13.79
C ALA K 3910 -23.97 55.40 12.68
N ILE K 3911 -24.06 56.12 11.56
CA ILE K 3911 -23.22 55.83 10.39
C ILE K 3911 -21.75 55.97 10.73
N GLN K 3912 -21.41 56.99 11.52
CA GLN K 3912 -20.01 57.18 11.89
C GLN K 3912 -19.50 56.04 12.75
N VAL K 3913 -20.33 55.49 13.60
CA VAL K 3913 -19.92 54.39 14.45
C VAL K 3913 -19.68 53.14 13.62
N ALA K 3914 -20.54 52.91 12.62
CA ALA K 3914 -20.34 51.74 11.77
C ALA K 3914 -19.10 51.90 10.90
N LYS K 3915 -18.85 53.13 10.46
CA LYS K 3915 -17.61 53.45 9.77
C LYS K 3915 -16.40 53.16 10.63
N GLN K 3916 -16.48 53.49 11.92
CA GLN K 3916 -15.34 53.31 12.79
C GLN K 3916 -15.07 51.83 13.08
N VAL K 3917 -16.13 51.05 13.27
CA VAL K 3917 -15.89 49.65 13.54
C VAL K 3917 -15.40 48.93 12.28
N PHE K 3918 -15.78 49.41 11.09
CA PHE K 3918 -15.15 48.82 9.92
C PHE K 3918 -13.72 49.25 9.72
N ASN K 3919 -13.33 50.46 10.16
CA ASN K 3919 -11.92 50.79 10.12
C ASN K 3919 -11.11 49.92 11.09
N THR K 3920 -11.69 49.57 12.22
CA THR K 3920 -11.00 48.63 13.10
C THR K 3920 -10.92 47.25 12.49
N LEU K 3921 -11.95 46.84 11.78
CA LEU K 3921 -11.87 45.52 11.17
C LEU K 3921 -10.94 45.51 9.97
N THR K 3922 -10.71 46.65 9.32
CA THR K 3922 -9.57 46.71 8.44
C THR K 3922 -8.31 46.49 9.22
N GLU K 3923 -8.00 47.42 10.12
CA GLU K 3923 -6.64 47.46 10.64
C GLU K 3923 -6.38 46.42 11.71
N TYR K 3924 -7.31 45.50 11.95
CA TYR K 3924 -6.94 44.21 12.53
C TYR K 3924 -6.35 43.30 11.47
N ILE K 3925 -7.00 43.22 10.32
CA ILE K 3925 -6.68 42.18 9.34
C ILE K 3925 -5.85 42.71 8.19
N GLN K 3926 -5.48 44.00 8.23
CA GLN K 3926 -4.91 44.64 7.05
C GLN K 3926 -3.50 44.13 6.79
N GLY K 3927 -2.73 43.93 7.84
CA GLY K 3927 -1.55 43.11 7.74
C GLY K 3927 -2.00 41.69 7.50
N PRO K 3928 -1.32 40.99 6.61
CA PRO K 3928 -1.81 39.65 6.23
C PRO K 3928 -1.45 38.56 7.23
N CYS K 3929 -1.64 38.82 8.51
CA CYS K 3929 -1.41 37.79 9.53
C CYS K 3929 -2.51 36.74 9.41
N THR K 3930 -2.13 35.57 8.90
CA THR K 3930 -3.11 34.68 8.30
C THR K 3930 -4.04 34.07 9.34
N GLY K 3931 -3.60 33.95 10.58
CA GLY K 3931 -4.46 33.39 11.61
C GLY K 3931 -5.62 34.29 11.95
N ASN K 3932 -5.41 35.60 11.83
CA ASN K 3932 -6.50 36.55 11.96
C ASN K 3932 -7.55 36.34 10.88
N GLN K 3933 -7.09 36.12 9.64
CA GLN K 3933 -7.97 35.85 8.53
C GLN K 3933 -8.74 34.56 8.73
N GLN K 3934 -8.06 33.52 9.21
CA GLN K 3934 -8.69 32.22 9.41
C GLN K 3934 -9.72 32.28 10.52
N SER K 3935 -9.37 32.90 11.64
CA SER K 3935 -10.26 32.95 12.79
C SER K 3935 -11.47 33.81 12.52
N LEU K 3936 -11.30 34.90 11.78
CA LEU K 3936 -12.48 35.69 11.49
C LEU K 3936 -13.28 35.12 10.34
N ALA K 3937 -12.67 34.24 9.54
CA ALA K 3937 -13.35 33.69 8.38
C ALA K 3937 -14.52 32.79 8.78
N HIS K 3938 -14.42 32.12 9.92
CA HIS K 3938 -15.43 31.20 10.37
C HIS K 3938 -16.37 31.81 11.39
N SER K 3939 -16.39 33.13 11.49
CA SER K 3939 -17.34 33.78 12.37
C SER K 3939 -18.54 34.25 11.55
N ARG K 3940 -19.46 34.92 12.21
CA ARG K 3940 -20.69 35.32 11.54
C ARG K 3940 -20.56 36.70 10.93
N LEU K 3941 -19.47 36.93 10.20
CA LEU K 3941 -19.30 38.21 9.54
C LEU K 3941 -20.19 38.30 8.31
N TRP K 3942 -20.29 37.18 7.58
CA TRP K 3942 -20.88 37.18 6.25
C TRP K 3942 -22.34 37.57 6.30
N ASP K 3943 -23.02 37.17 7.37
CA ASP K 3943 -24.42 37.52 7.53
C ASP K 3943 -24.58 39.00 7.81
N ALA K 3944 -23.65 39.58 8.57
CA ALA K 3944 -23.67 41.01 8.81
C ALA K 3944 -23.46 41.78 7.52
N VAL K 3945 -22.56 41.28 6.68
CA VAL K 3945 -22.29 41.92 5.40
C VAL K 3945 -23.52 41.84 4.50
N VAL K 3946 -24.19 40.69 4.50
CA VAL K 3946 -25.41 40.49 3.72
C VAL K 3946 -26.48 41.47 4.16
N GLY K 3947 -26.66 41.61 5.46
CA GLY K 3947 -27.61 42.57 5.98
C GLY K 3947 -27.28 44.00 5.63
N PHE K 3948 -25.98 44.33 5.61
CA PHE K 3948 -25.60 45.68 5.19
C PHE K 3948 -25.92 45.92 3.73
N LEU K 3949 -25.71 44.93 2.88
CA LEU K 3949 -26.03 45.09 1.46
C LEU K 3949 -27.54 45.26 1.27
N HIS K 3950 -28.32 44.54 2.07
CA HIS K 3950 -29.76 44.65 1.98
C HIS K 3950 -30.24 46.01 2.48
N VAL K 3951 -29.50 46.60 3.42
CA VAL K 3951 -29.74 48.01 3.71
C VAL K 3951 -29.39 48.85 2.50
N PHE K 3952 -28.24 48.53 1.88
CA PHE K 3952 -27.56 49.42 0.96
C PHE K 3952 -28.39 49.67 -0.28
N ALA K 3953 -28.94 48.60 -0.85
CA ALA K 3953 -29.63 48.73 -2.14
C ALA K 3953 -30.87 49.60 -2.02
N HIS K 3954 -31.81 49.18 -1.18
CA HIS K 3954 -33.06 49.89 -1.01
C HIS K 3954 -32.83 51.27 -0.40
N MET K 3955 -31.78 51.40 0.39
CA MET K 3955 -31.52 52.65 1.06
C MET K 3955 -31.03 53.69 0.06
N GLN K 3956 -30.08 53.31 -0.79
CA GLN K 3956 -29.62 54.19 -1.84
C GLN K 3956 -30.72 54.47 -2.86
N MET K 3957 -31.64 53.53 -3.05
CA MET K 3957 -32.75 53.79 -3.97
C MET K 3957 -33.65 54.89 -3.42
N LYS K 3958 -34.21 54.68 -2.24
CA LYS K 3958 -35.20 55.63 -1.77
C LYS K 3958 -34.58 56.91 -1.24
N LEU K 3959 -33.31 56.89 -0.85
CA LEU K 3959 -32.67 58.13 -0.44
C LEU K 3959 -32.41 59.04 -1.62
N SER K 3960 -31.98 58.47 -2.73
CA SER K 3960 -31.56 59.28 -3.87
C SER K 3960 -32.77 59.72 -4.69
N GLN K 3961 -33.67 60.44 -4.04
CA GLN K 3961 -34.86 60.89 -4.73
C GLN K 3961 -35.30 62.27 -4.26
N ASP K 3962 -34.55 62.92 -3.38
CA ASP K 3962 -34.93 64.22 -2.85
C ASP K 3962 -33.78 65.19 -3.04
N SER K 3963 -34.05 66.45 -2.71
CA SER K 3963 -32.98 67.43 -2.63
C SER K 3963 -32.40 67.52 -1.23
N SER K 3964 -33.19 67.22 -0.20
CA SER K 3964 -32.70 67.34 1.16
C SER K 3964 -31.86 66.17 1.58
N GLN K 3965 -31.98 65.02 0.91
CA GLN K 3965 -31.30 63.80 1.31
C GLN K 3965 -29.91 63.69 0.70
N ILE K 3966 -29.28 64.81 0.38
CA ILE K 3966 -27.96 64.76 -0.23
C ILE K 3966 -26.91 64.37 0.81
N GLU K 3967 -27.09 64.82 2.03
CA GLU K 3967 -26.03 64.76 3.02
C GLU K 3967 -25.91 63.36 3.60
N LEU K 3968 -27.05 62.77 3.93
CA LEU K 3968 -27.05 61.42 4.44
C LEU K 3968 -26.63 60.44 3.37
N LEU K 3969 -26.91 60.77 2.10
CA LEU K 3969 -26.48 59.91 1.01
C LEU K 3969 -24.98 59.98 0.82
N LYS K 3970 -24.40 61.19 0.96
CA LYS K 3970 -22.94 61.34 1.06
C LYS K 3970 -22.36 60.42 2.12
N GLU K 3971 -22.95 60.45 3.30
CA GLU K 3971 -22.42 59.67 4.41
C GLU K 3971 -22.56 58.18 4.15
N LEU K 3972 -23.64 57.76 3.53
CA LEU K 3972 -23.81 56.33 3.31
C LEU K 3972 -22.91 55.84 2.20
N MET K 3973 -22.64 56.66 1.19
CA MET K 3973 -21.67 56.26 0.18
C MET K 3973 -20.27 56.19 0.78
N ASP K 3974 -19.99 57.06 1.74
CA ASP K 3974 -18.71 57.00 2.44
C ASP K 3974 -18.57 55.69 3.20
N LEU K 3975 -19.64 55.30 3.89
CA LEU K 3975 -19.63 54.05 4.63
C LEU K 3975 -19.53 52.87 3.69
N GLN K 3976 -20.19 52.96 2.54
CA GLN K 3976 -20.09 51.96 1.49
C GLN K 3976 -18.65 51.76 1.07
N LYS K 3977 -17.93 52.88 0.91
CA LYS K 3977 -16.55 52.83 0.47
C LYS K 3977 -15.67 52.15 1.51
N ASP K 3978 -15.81 52.51 2.78
CA ASP K 3978 -14.95 51.88 3.78
C ASP K 3978 -15.33 50.43 4.05
N MET K 3979 -16.60 50.08 3.82
CA MET K 3979 -17.03 48.70 3.98
C MET K 3979 -16.43 47.80 2.90
N VAL K 3980 -16.44 48.25 1.64
CA VAL K 3980 -15.83 47.42 0.62
C VAL K 3980 -14.31 47.47 0.74
N VAL K 3981 -13.75 48.54 1.31
CA VAL K 3981 -12.32 48.56 1.64
C VAL K 3981 -12.01 47.43 2.61
N MET K 3982 -12.85 47.24 3.62
CA MET K 3982 -12.62 46.18 4.59
C MET K 3982 -12.73 44.82 3.94
N LEU K 3983 -13.75 44.61 3.13
CA LEU K 3983 -13.97 43.27 2.59
C LEU K 3983 -12.89 42.90 1.60
N LEU K 3984 -12.51 43.85 0.76
CA LEU K 3984 -11.46 43.65 -0.23
C LEU K 3984 -10.12 43.45 0.46
N SER K 3985 -9.87 44.21 1.52
CA SER K 3985 -8.61 44.07 2.23
C SER K 3985 -8.54 42.76 2.98
N MET K 3986 -9.69 42.21 3.35
CA MET K 3986 -9.71 40.86 3.87
C MET K 3986 -9.27 39.88 2.80
N LEU K 3987 -9.92 39.94 1.65
CA LEU K 3987 -9.59 38.99 0.58
C LEU K 3987 -8.29 39.44 -0.09
N GLU K 3988 -7.17 38.99 0.47
CA GLU K 3988 -5.91 39.13 -0.24
C GLU K 3988 -5.00 37.91 -0.19
N GLY K 3989 -5.16 37.02 0.76
CA GLY K 3989 -4.26 35.87 0.84
C GLY K 3989 -4.78 34.68 0.07
N ASN K 3990 -5.36 34.93 -1.08
CA ASN K 3990 -5.97 33.91 -1.92
C ASN K 3990 -4.88 33.14 -2.66
N VAL K 3991 -5.27 32.01 -3.24
CA VAL K 3991 -4.31 31.39 -4.15
C VAL K 3991 -4.89 31.41 -5.56
N VAL K 3992 -5.84 30.53 -5.85
CA VAL K 3992 -6.68 30.68 -7.02
C VAL K 3992 -8.11 30.47 -6.55
N ASN K 3993 -8.39 29.24 -6.18
CA ASN K 3993 -9.69 28.87 -5.64
C ASN K 3993 -9.57 28.74 -4.12
N GLY K 3994 -9.27 29.88 -3.50
CA GLY K 3994 -9.07 29.90 -2.06
C GLY K 3994 -10.38 29.71 -1.32
N THR K 3995 -10.25 29.34 -0.05
CA THR K 3995 -11.42 29.13 0.79
C THR K 3995 -12.18 30.43 0.99
N ILE K 3996 -11.45 31.49 1.33
CA ILE K 3996 -12.05 32.80 1.58
C ILE K 3996 -12.70 33.35 0.32
N GLY K 3997 -12.07 33.10 -0.83
CA GLY K 3997 -12.69 33.49 -2.09
C GLY K 3997 -13.97 32.73 -2.35
N LYS K 3998 -14.00 31.47 -1.95
CA LYS K 3998 -15.20 30.66 -2.09
C LYS K 3998 -16.30 31.17 -1.17
N GLN K 3999 -15.92 31.62 0.04
CA GLN K 3999 -16.89 32.21 0.96
C GLN K 3999 -17.49 33.47 0.39
N MET K 4000 -16.66 34.29 -0.24
CA MET K 4000 -17.18 35.56 -0.72
C MET K 4000 -17.99 35.38 -2.00
N VAL K 4001 -17.63 34.39 -2.81
CA VAL K 4001 -18.51 33.94 -3.89
C VAL K 4001 -19.86 33.52 -3.33
N ASP K 4002 -19.85 32.77 -2.24
CA ASP K 4002 -21.10 32.23 -1.70
C ASP K 4002 -21.99 33.32 -1.11
N MET K 4003 -21.40 34.32 -0.46
CA MET K 4003 -22.24 35.42 -0.01
C MET K 4003 -22.71 36.31 -1.15
N LEU K 4004 -22.00 36.34 -2.28
CA LEU K 4004 -22.59 37.02 -3.42
C LEU K 4004 -23.72 36.20 -4.03
N VAL K 4005 -23.62 34.88 -3.94
CA VAL K 4005 -24.67 34.00 -4.46
C VAL K 4005 -25.95 34.19 -3.65
N GLU K 4006 -25.83 34.14 -2.32
CA GLU K 4006 -27.02 34.14 -1.46
C GLU K 4006 -27.74 35.48 -1.43
N SER K 4007 -27.12 36.55 -1.87
CA SER K 4007 -27.77 37.85 -1.90
C SER K 4007 -27.45 38.54 -3.22
N SER K 4008 -27.70 37.86 -4.33
CA SER K 4008 -27.40 38.44 -5.64
C SER K 4008 -28.31 39.62 -5.96
N ASN K 4009 -29.53 39.61 -5.41
CA ASN K 4009 -30.60 40.47 -5.87
C ASN K 4009 -30.30 41.94 -5.64
N ASN K 4010 -30.10 42.31 -4.38
CA ASN K 4010 -29.84 43.69 -4.02
C ASN K 4010 -28.53 44.22 -4.59
N VAL K 4011 -27.56 43.34 -4.84
CA VAL K 4011 -26.33 43.81 -5.43
C VAL K 4011 -26.55 44.13 -6.91
N GLU K 4012 -27.52 43.46 -7.54
CA GLU K 4012 -27.92 43.90 -8.88
C GLU K 4012 -28.50 45.31 -8.85
N MET K 4013 -29.26 45.64 -7.81
CA MET K 4013 -29.77 47.00 -7.66
C MET K 4013 -28.64 48.00 -7.50
N ILE K 4014 -27.60 47.65 -6.76
CA ILE K 4014 -26.57 48.67 -6.56
C ILE K 4014 -25.72 48.84 -7.82
N LEU K 4015 -25.57 47.78 -8.62
CA LEU K 4015 -24.83 47.92 -9.88
C LEU K 4015 -25.62 48.75 -10.88
N LYS K 4016 -26.93 48.56 -10.91
CA LYS K 4016 -27.76 49.39 -11.77
C LYS K 4016 -27.79 50.83 -11.29
N PHE K 4017 -27.71 51.03 -9.97
CA PHE K 4017 -27.65 52.39 -9.43
C PHE K 4017 -26.37 53.08 -9.85
N PHE K 4018 -25.27 52.35 -9.92
CA PHE K 4018 -24.05 52.91 -10.47
C PHE K 4018 -24.18 53.22 -11.95
N ASP K 4019 -24.86 52.35 -12.69
CA ASP K 4019 -25.04 52.55 -14.13
C ASP K 4019 -25.81 53.82 -14.42
N MET K 4020 -26.88 54.06 -13.66
CA MET K 4020 -27.75 55.18 -13.97
C MET K 4020 -27.20 56.52 -13.56
N PHE K 4021 -25.96 56.60 -13.12
CA PHE K 4021 -25.32 57.88 -12.96
C PHE K 4021 -23.90 57.87 -13.49
N LEU K 4022 -23.43 56.76 -14.03
CA LEU K 4022 -22.20 56.74 -14.80
C LEU K 4022 -22.48 57.01 -16.27
N LYS K 4023 -23.44 56.26 -16.82
CA LYS K 4023 -23.88 56.49 -18.18
C LYS K 4023 -24.58 57.84 -18.33
N LEU K 4024 -25.04 58.42 -17.21
CA LEU K 4024 -25.58 59.78 -17.25
C LEU K 4024 -24.52 60.76 -17.69
N LYS K 4025 -23.34 60.69 -17.08
CA LYS K 4025 -22.28 61.62 -17.43
C LYS K 4025 -21.74 61.32 -18.82
N ASP K 4026 -21.79 60.03 -19.22
CA ASP K 4026 -21.41 59.69 -20.59
C ASP K 4026 -22.33 60.35 -21.62
N LEU K 4027 -23.64 60.12 -21.50
CA LEU K 4027 -24.59 60.66 -22.47
C LEU K 4027 -24.78 62.16 -22.32
N THR K 4028 -24.40 62.71 -21.17
CA THR K 4028 -24.37 64.14 -21.00
C THR K 4028 -23.21 64.76 -21.76
N SER K 4029 -22.03 64.14 -21.64
CA SER K 4029 -20.80 64.76 -22.12
C SER K 4029 -20.72 64.85 -23.63
N SER K 4030 -21.48 64.05 -24.37
CA SER K 4030 -21.56 64.24 -25.80
C SER K 4030 -22.44 65.44 -26.13
N ASP K 4031 -22.08 66.13 -27.21
CA ASP K 4031 -22.83 67.29 -27.67
C ASP K 4031 -23.86 66.92 -28.73
N THR K 4032 -24.64 65.88 -28.44
CA THR K 4032 -25.80 65.55 -29.25
C THR K 4032 -27.07 66.18 -28.71
N PHE K 4033 -27.08 66.55 -27.42
CA PHE K 4033 -28.12 67.41 -26.86
C PHE K 4033 -27.56 68.52 -26.00
N LYS K 4034 -26.34 68.37 -25.48
CA LYS K 4034 -25.64 69.44 -24.77
C LYS K 4034 -25.25 70.56 -25.74
N GLU K 4035 -25.25 70.28 -27.03
CA GLU K 4035 -25.12 71.32 -28.03
C GLU K 4035 -26.47 71.81 -28.51
N TYR K 4036 -27.54 71.02 -28.31
CA TYR K 4036 -28.86 71.41 -28.78
C TYR K 4036 -29.47 72.55 -27.99
N ASP K 4037 -29.12 72.72 -26.73
CA ASP K 4037 -29.45 74.04 -26.24
C ASP K 4037 -28.44 75.04 -26.79
N PRO K 4038 -28.89 76.23 -27.18
CA PRO K 4038 -27.94 77.22 -27.70
C PRO K 4038 -27.00 77.76 -26.66
N ASP K 4039 -27.41 77.74 -25.39
CA ASP K 4039 -26.64 78.35 -24.31
C ASP K 4039 -25.61 77.37 -23.76
N GLY K 4040 -26.06 76.25 -23.22
CA GLY K 4040 -25.15 75.35 -22.54
C GLY K 4040 -24.73 75.83 -21.18
N LYS K 4041 -25.60 76.53 -20.47
CA LYS K 4041 -25.24 77.15 -19.20
C LYS K 4041 -26.11 76.53 -18.11
N GLY K 4042 -26.17 75.21 -18.09
CA GLY K 4042 -26.99 74.50 -17.13
C GLY K 4042 -28.48 74.70 -17.35
N VAL K 4043 -28.90 74.98 -18.57
CA VAL K 4043 -30.29 75.24 -18.88
C VAL K 4043 -30.70 74.21 -19.91
N ILE K 4044 -31.37 73.15 -19.44
CA ILE K 4044 -31.95 72.15 -20.32
C ILE K 4044 -33.30 71.77 -19.75
N SER K 4045 -34.36 72.03 -20.51
CA SER K 4045 -35.72 71.88 -20.01
C SER K 4045 -36.07 70.41 -19.82
N LYS K 4046 -37.12 70.19 -19.04
CA LYS K 4046 -37.49 68.83 -18.65
C LYS K 4046 -38.01 68.03 -19.82
N ARG K 4047 -38.73 68.69 -20.73
CA ARG K 4047 -39.04 68.01 -21.98
C ARG K 4047 -37.82 67.93 -22.88
N ASP K 4048 -36.93 68.94 -22.83
CA ASP K 4048 -35.69 68.87 -23.58
C ASP K 4048 -34.80 67.76 -23.05
N PHE K 4049 -34.70 67.65 -21.74
CA PHE K 4049 -33.91 66.56 -21.18
C PHE K 4049 -34.59 65.23 -21.36
N HIS K 4050 -35.92 65.20 -21.47
CA HIS K 4050 -36.59 63.93 -21.71
C HIS K 4050 -36.33 63.44 -23.12
N LYS K 4051 -36.49 64.31 -24.12
CA LYS K 4051 -36.18 63.92 -25.48
C LYS K 4051 -34.68 63.76 -25.69
N ALA K 4052 -33.87 64.32 -24.80
CA ALA K 4052 -32.45 64.01 -24.77
C ALA K 4052 -32.22 62.57 -24.34
N MET K 4053 -32.63 62.25 -23.11
CA MET K 4053 -32.17 61.04 -22.46
C MET K 4053 -32.82 59.79 -23.01
N GLU K 4054 -33.98 59.92 -23.66
CA GLU K 4054 -34.58 58.75 -24.27
C GLU K 4054 -33.91 58.46 -25.60
N SER K 4055 -33.53 59.50 -26.32
CA SER K 4055 -32.93 59.35 -27.64
C SER K 4055 -31.43 59.20 -27.60
N HIS K 4056 -30.83 59.18 -26.41
CA HIS K 4056 -29.47 58.66 -26.32
C HIS K 4056 -29.46 57.15 -26.44
N LYS K 4057 -30.57 56.50 -26.07
CA LYS K 4057 -30.87 55.08 -26.27
C LYS K 4057 -29.84 54.20 -25.53
N HIS K 4058 -29.86 54.38 -24.21
CA HIS K 4058 -29.21 53.45 -23.30
C HIS K 4058 -30.10 53.17 -22.10
N TYR K 4059 -31.32 53.66 -22.10
CA TYR K 4059 -32.15 53.76 -20.91
C TYR K 4059 -33.49 53.08 -21.14
N THR K 4060 -33.83 52.16 -20.26
CA THR K 4060 -35.22 51.76 -20.18
C THR K 4060 -36.03 52.92 -19.64
N GLN K 4061 -37.25 53.08 -20.18
CA GLN K 4061 -38.02 54.29 -19.92
C GLN K 4061 -38.51 54.37 -18.48
N SER K 4062 -38.61 53.24 -17.78
CA SER K 4062 -38.82 53.25 -16.35
C SER K 4062 -37.67 53.97 -15.64
N GLU K 4063 -36.46 53.77 -16.12
CA GLU K 4063 -35.34 54.42 -15.48
C GLU K 4063 -35.18 55.85 -15.95
N THR K 4064 -35.71 56.20 -17.12
CA THR K 4064 -35.85 57.62 -17.44
C THR K 4064 -36.81 58.28 -16.48
N GLU K 4065 -37.91 57.60 -16.15
CA GLU K 4065 -38.83 58.11 -15.14
C GLU K 4065 -38.15 58.20 -13.78
N PHE K 4066 -37.25 57.26 -13.48
CA PHE K 4066 -36.51 57.31 -12.24
C PHE K 4066 -35.61 58.53 -12.17
N LEU K 4067 -34.90 58.81 -13.27
CA LEU K 4067 -34.01 59.96 -13.27
C LEU K 4067 -34.78 61.27 -13.27
N LEU K 4068 -35.90 61.32 -14.01
CA LEU K 4068 -36.70 62.55 -14.05
C LEU K 4068 -37.40 62.78 -12.73
N SER K 4069 -37.81 61.71 -12.06
CA SER K 4069 -38.33 61.82 -10.71
C SER K 4069 -37.24 62.21 -9.73
N CYS K 4070 -36.00 61.89 -10.06
CA CYS K 4070 -34.90 62.19 -9.16
C CYS K 4070 -34.42 63.63 -9.32
N ALA K 4071 -34.40 64.14 -10.55
CA ALA K 4071 -33.34 65.07 -10.96
C ALA K 4071 -33.27 66.42 -10.23
N GLU K 4072 -34.06 67.41 -10.61
CA GLU K 4072 -34.12 68.63 -9.81
C GLU K 4072 -35.53 69.16 -9.67
N THR K 4073 -36.30 69.11 -10.76
CA THR K 4073 -37.50 69.92 -10.99
C THR K 4073 -37.23 71.41 -10.68
N ASP K 4074 -36.26 71.96 -11.41
CA ASP K 4074 -35.65 73.25 -11.06
C ASP K 4074 -36.48 74.41 -11.61
N GLU K 4075 -37.57 74.68 -10.91
CA GLU K 4075 -38.30 75.95 -10.83
C GLU K 4075 -39.07 76.36 -12.08
N ASN K 4076 -38.67 75.89 -13.26
CA ASN K 4076 -39.57 76.00 -14.40
C ASN K 4076 -39.72 74.64 -15.07
N GLU K 4077 -38.66 74.24 -15.78
CA GLU K 4077 -38.41 72.85 -16.16
C GLU K 4077 -36.93 72.51 -16.22
N THR K 4078 -36.02 73.42 -15.92
CA THR K 4078 -34.63 73.24 -16.30
C THR K 4078 -33.92 72.34 -15.30
N LEU K 4079 -32.61 72.17 -15.49
CA LEU K 4079 -31.70 71.42 -14.62
C LEU K 4079 -30.28 71.75 -15.03
N ASP K 4080 -29.40 71.89 -14.04
CA ASP K 4080 -28.01 72.21 -14.36
C ASP K 4080 -27.27 71.01 -14.93
N TYR K 4081 -26.20 71.29 -15.65
CA TYR K 4081 -25.23 70.26 -15.99
C TYR K 4081 -24.23 70.09 -14.85
N GLU K 4082 -23.62 71.19 -14.44
CA GLU K 4082 -22.55 71.15 -13.45
C GLU K 4082 -23.08 70.73 -12.08
N GLU K 4083 -24.23 71.25 -11.70
CA GLU K 4083 -24.73 71.02 -10.36
C GLU K 4083 -25.88 70.03 -10.34
N PHE K 4084 -25.98 69.19 -11.36
CA PHE K 4084 -26.72 67.94 -11.22
C PHE K 4084 -25.82 66.72 -11.34
N VAL K 4085 -25.14 66.55 -12.47
CA VAL K 4085 -24.38 65.32 -12.65
C VAL K 4085 -22.94 65.48 -12.19
N LYS K 4086 -22.25 66.58 -12.54
CA LYS K 4086 -20.90 66.80 -12.04
C LYS K 4086 -20.90 67.06 -10.54
N ARG K 4087 -22.02 67.56 -10.02
CA ARG K 4087 -22.35 67.41 -8.62
C ARG K 4087 -22.28 65.94 -8.20
N PHE K 4088 -22.99 65.10 -8.92
CA PHE K 4088 -23.24 63.75 -8.44
C PHE K 4088 -22.21 62.73 -8.91
N HIS K 4089 -21.47 63.01 -9.99
CA HIS K 4089 -20.71 61.94 -10.62
C HIS K 4089 -19.45 61.55 -9.86
N GLU K 4090 -19.06 62.33 -8.86
CA GLU K 4090 -17.82 62.01 -8.13
C GLU K 4090 -17.95 60.78 -7.23
N PRO K 4091 -18.95 60.66 -6.32
CA PRO K 4091 -18.93 59.48 -5.45
C PRO K 4091 -19.27 58.19 -6.16
N ALA K 4092 -20.16 58.24 -7.14
CA ALA K 4092 -20.46 57.04 -7.91
C ALA K 4092 -19.26 56.56 -8.70
N LYS K 4093 -18.35 57.47 -9.05
CA LYS K 4093 -17.06 57.05 -9.57
C LYS K 4093 -16.21 56.40 -8.47
N ASP K 4094 -16.12 57.06 -7.31
CA ASP K 4094 -15.12 56.67 -6.32
C ASP K 4094 -15.41 55.32 -5.70
N ILE K 4095 -16.64 55.11 -5.26
CA ILE K 4095 -17.02 53.83 -4.64
C ILE K 4095 -17.05 52.74 -5.68
N GLY K 4096 -17.66 53.03 -6.82
CA GLY K 4096 -17.76 52.09 -7.92
C GLY K 4096 -16.42 51.63 -8.44
N PHE K 4097 -15.38 52.45 -8.29
CA PHE K 4097 -14.02 51.99 -8.52
C PHE K 4097 -13.69 50.78 -7.66
N ASN K 4098 -13.94 50.89 -6.36
CA ASN K 4098 -13.60 49.81 -5.45
C ASN K 4098 -14.45 48.58 -5.72
N VAL K 4099 -15.71 48.83 -6.11
CA VAL K 4099 -16.61 47.73 -6.42
C VAL K 4099 -16.10 46.97 -7.64
N ALA K 4100 -15.65 47.72 -8.64
CA ALA K 4100 -15.10 47.11 -9.83
C ALA K 4100 -13.81 46.38 -9.53
N VAL K 4101 -13.01 46.91 -8.61
CA VAL K 4101 -11.78 46.23 -8.22
C VAL K 4101 -12.09 44.90 -7.56
N LEU K 4102 -13.11 44.88 -6.71
CA LEU K 4102 -13.43 43.66 -5.98
C LEU K 4102 -14.00 42.60 -6.91
N LEU K 4103 -14.90 42.99 -7.80
CA LEU K 4103 -15.39 42.05 -8.80
C LEU K 4103 -14.28 41.60 -9.72
N THR K 4104 -13.39 42.53 -10.07
CA THR K 4104 -12.22 42.20 -10.86
C THR K 4104 -11.34 41.21 -10.12
N ASN K 4105 -11.18 41.40 -8.81
CA ASN K 4105 -10.28 40.54 -8.06
C ASN K 4105 -10.85 39.14 -7.92
N LEU K 4106 -12.16 39.05 -7.74
CA LEU K 4106 -12.81 37.74 -7.69
C LEU K 4106 -12.74 37.04 -9.03
N SER K 4107 -12.86 37.82 -10.12
CA SER K 4107 -12.77 37.23 -11.44
C SER K 4107 -11.39 36.70 -11.73
N GLU K 4108 -10.37 37.53 -11.51
CA GLU K 4108 -9.01 37.18 -11.87
C GLU K 4108 -8.49 36.06 -10.99
N HIS K 4109 -8.65 36.22 -9.67
CA HIS K 4109 -8.14 35.20 -8.77
C HIS K 4109 -8.92 33.92 -8.87
N MET K 4110 -10.24 33.99 -9.02
CA MET K 4110 -11.06 32.80 -8.98
C MET K 4110 -11.84 32.73 -10.28
N PRO K 4111 -11.26 32.16 -11.34
CA PRO K 4111 -12.01 31.99 -12.59
C PRO K 4111 -12.84 30.73 -12.57
N ASN K 4112 -13.46 30.42 -13.71
CA ASN K 4112 -14.13 29.16 -14.05
C ASN K 4112 -15.41 28.92 -13.27
N ASP K 4113 -15.89 29.89 -12.52
CA ASP K 4113 -17.08 29.72 -11.70
C ASP K 4113 -18.24 30.48 -12.32
N THR K 4114 -19.31 29.75 -12.60
CA THR K 4114 -20.37 30.24 -13.46
C THR K 4114 -21.23 31.27 -12.77
N ARG K 4115 -21.30 31.23 -11.44
CA ARG K 4115 -22.22 32.11 -10.71
C ARG K 4115 -21.70 33.53 -10.72
N LEU K 4116 -20.46 33.71 -10.28
CA LEU K 4116 -19.74 34.96 -10.45
C LEU K 4116 -19.68 35.39 -11.90
N GLN K 4117 -19.59 34.42 -12.81
CA GLN K 4117 -19.52 34.72 -14.23
C GLN K 4117 -20.81 35.37 -14.70
N THR K 4118 -21.94 34.77 -14.33
CA THR K 4118 -23.25 35.33 -14.65
C THR K 4118 -23.41 36.70 -14.02
N PHE K 4119 -22.96 36.84 -12.79
CA PHE K 4119 -23.12 38.09 -12.07
C PHE K 4119 -22.30 39.19 -12.71
N LEU K 4120 -21.09 38.85 -13.16
CA LEU K 4120 -20.25 39.82 -13.83
C LEU K 4120 -20.81 40.18 -15.19
N GLU K 4121 -21.47 39.23 -15.84
CA GLU K 4121 -22.18 39.54 -17.07
C GLU K 4121 -23.33 40.50 -16.82
N LEU K 4122 -23.95 40.39 -15.63
CA LEU K 4122 -24.92 41.40 -15.22
C LEU K 4122 -24.24 42.63 -14.64
N ALA K 4123 -22.92 42.61 -14.50
CA ALA K 4123 -22.16 43.75 -13.99
C ALA K 4123 -21.22 44.34 -15.02
N GLU K 4124 -21.61 44.30 -16.28
CA GLU K 4124 -20.62 44.56 -17.32
C GLU K 4124 -20.37 46.04 -17.53
N SER K 4125 -21.39 46.87 -17.32
CA SER K 4125 -21.32 48.26 -17.76
C SER K 4125 -20.39 49.11 -16.92
N VAL K 4126 -20.02 48.66 -15.72
CA VAL K 4126 -19.21 49.50 -14.86
C VAL K 4126 -17.73 49.29 -15.13
N LEU K 4127 -17.33 48.03 -15.33
CA LEU K 4127 -15.94 47.71 -15.60
C LEU K 4127 -15.46 48.39 -16.87
N ASN K 4128 -16.34 48.47 -17.87
CA ASN K 4128 -15.98 49.04 -19.15
C ASN K 4128 -15.72 50.54 -19.02
N TYR K 4129 -16.31 51.17 -18.02
CA TYR K 4129 -15.92 52.53 -17.72
C TYR K 4129 -14.57 52.56 -17.03
N PHE K 4130 -14.36 51.66 -16.08
CA PHE K 4130 -13.21 51.76 -15.20
C PHE K 4130 -12.02 50.90 -15.61
N GLN K 4131 -12.14 50.14 -16.69
CA GLN K 4131 -10.98 49.43 -17.20
C GLN K 4131 -9.79 50.31 -17.57
N PRO K 4132 -9.94 51.55 -18.07
CA PRO K 4132 -8.75 52.40 -18.20
C PRO K 4132 -8.18 52.87 -16.89
N PHE K 4133 -8.90 52.75 -15.78
CA PHE K 4133 -8.52 53.52 -14.61
C PHE K 4133 -7.85 52.67 -13.55
N LEU K 4134 -8.03 51.36 -13.59
CA LEU K 4134 -7.39 50.47 -12.65
C LEU K 4134 -6.20 49.84 -13.37
N GLY K 4135 -5.15 49.59 -12.61
CA GLY K 4135 -3.97 48.94 -13.15
C GLY K 4135 -3.71 47.71 -12.31
N ARG K 4136 -2.91 46.79 -12.85
CA ARG K 4136 -2.65 45.56 -12.14
C ARG K 4136 -1.29 45.02 -12.52
N ILE K 4137 -0.43 44.84 -11.52
CA ILE K 4137 0.97 44.50 -11.70
C ILE K 4137 1.24 43.19 -10.98
N GLU K 4138 2.49 42.77 -10.99
CA GLU K 4138 2.89 41.57 -10.27
C GLU K 4138 4.06 41.86 -9.36
N ILE K 4139 4.03 41.27 -8.17
CA ILE K 4139 5.13 41.32 -7.21
C ILE K 4139 5.27 39.98 -6.52
N MET K 4140 6.17 39.91 -5.54
CA MET K 4140 6.21 38.82 -4.57
C MET K 4140 6.20 39.43 -3.18
N GLY K 4141 5.05 39.37 -2.51
CA GLY K 4141 4.90 40.06 -1.24
C GLY K 4141 5.23 39.24 -0.02
N SER K 4142 6.50 38.85 0.10
CA SER K 4142 7.13 38.14 1.22
C SER K 4142 6.61 36.72 1.42
N ALA K 4143 5.63 36.31 0.64
CA ALA K 4143 5.04 35.00 0.79
C ALA K 4143 5.78 33.95 -0.01
N LYS K 4144 6.87 34.34 -0.68
CA LYS K 4144 7.66 33.52 -1.59
C LYS K 4144 6.83 32.94 -2.73
N ARG K 4145 5.79 33.63 -3.15
CA ARG K 4145 5.08 33.32 -4.37
C ARG K 4145 4.53 34.61 -4.95
N ILE K 4146 3.78 34.49 -6.03
CA ILE K 4146 3.39 35.64 -6.84
C ILE K 4146 2.06 36.14 -6.32
N GLU K 4147 2.02 37.41 -5.94
CA GLU K 4147 0.78 38.04 -5.57
C GLU K 4147 0.42 39.01 -6.68
N ARG K 4148 -0.80 39.51 -6.64
CA ARG K 4148 -1.23 40.48 -7.62
C ARG K 4148 -1.81 41.69 -6.90
N VAL K 4149 -1.49 42.87 -7.39
CA VAL K 4149 -1.94 44.12 -6.80
C VAL K 4149 -2.93 44.74 -7.76
N TYR K 4150 -3.88 45.49 -7.23
CA TYR K 4150 -4.70 46.39 -8.04
C TYR K 4150 -4.57 47.77 -7.44
N PHE K 4151 -4.77 48.78 -8.28
CA PHE K 4151 -4.59 50.14 -7.80
C PHE K 4151 -5.34 51.08 -8.73
N GLU K 4152 -5.11 52.37 -8.54
CA GLU K 4152 -5.86 53.41 -9.22
C GLU K 4152 -4.92 54.29 -10.02
N ILE K 4153 -5.33 54.65 -11.24
CA ILE K 4153 -4.59 55.57 -12.08
C ILE K 4153 -5.33 56.90 -12.12
N SER K 4154 -4.66 57.96 -11.68
CA SER K 4154 -5.22 59.30 -11.79
C SER K 4154 -5.27 59.69 -13.26
N GLU K 4155 -6.31 60.45 -13.62
CA GLU K 4155 -6.57 60.76 -15.02
C GLU K 4155 -5.50 61.69 -15.58
N SER K 4156 -5.27 62.80 -14.89
CA SER K 4156 -4.39 63.85 -15.38
C SER K 4156 -2.96 63.38 -15.45
N SER K 4157 -2.57 62.49 -14.53
CA SER K 4157 -1.23 61.93 -14.53
C SER K 4157 -0.97 61.11 -15.78
N ARG K 4158 -1.92 60.24 -16.13
CA ARG K 4158 -1.76 59.40 -17.33
C ARG K 4158 -1.81 60.24 -18.60
N THR K 4159 -2.84 61.06 -18.72
CA THR K 4159 -3.08 61.83 -19.93
C THR K 4159 -2.16 63.03 -20.08
N GLN K 4160 -1.29 63.30 -19.11
CA GLN K 4160 -0.19 64.20 -19.37
C GLN K 4160 1.16 63.47 -19.32
N TRP K 4161 1.17 62.20 -18.90
CA TRP K 4161 2.34 61.37 -19.12
C TRP K 4161 2.57 61.11 -20.59
N GLU K 4162 1.55 60.59 -21.27
CA GLU K 4162 1.84 59.88 -22.51
C GLU K 4162 2.18 60.80 -23.68
N LYS K 4163 1.81 62.07 -23.61
CA LYS K 4163 2.11 62.86 -24.82
C LYS K 4163 3.51 63.47 -24.98
N PRO K 4164 3.94 64.44 -24.13
CA PRO K 4164 4.85 65.48 -24.65
C PRO K 4164 6.31 65.13 -24.98
N GLN K 4165 7.08 64.69 -23.99
CA GLN K 4165 8.54 64.71 -24.02
C GLN K 4165 9.01 63.38 -23.45
N VAL K 4166 8.10 62.82 -22.66
CA VAL K 4166 8.39 61.67 -21.84
C VAL K 4166 8.53 60.45 -22.73
N LYS K 4167 7.92 60.50 -23.92
CA LYS K 4167 8.14 59.46 -24.92
C LYS K 4167 9.59 59.41 -25.34
N GLU K 4168 10.23 60.57 -25.51
CA GLU K 4168 11.62 60.58 -25.89
C GLU K 4168 12.53 60.20 -24.72
N SER K 4169 12.15 60.61 -23.51
CA SER K 4169 12.90 60.17 -22.33
C SER K 4169 12.82 58.65 -22.16
N LYS K 4170 11.64 58.10 -22.44
CA LYS K 4170 11.42 56.66 -22.46
C LYS K 4170 12.32 55.97 -23.46
N ARG K 4171 12.40 56.50 -24.68
CA ARG K 4171 13.18 55.83 -25.71
C ARG K 4171 14.66 55.89 -25.41
N GLN K 4172 15.12 57.02 -24.86
CA GLN K 4172 16.48 57.12 -24.35
C GLN K 4172 16.78 56.06 -23.31
N PHE K 4173 15.85 55.90 -22.36
CA PHE K 4173 16.07 54.95 -21.28
C PHE K 4173 16.09 53.51 -21.78
N ILE K 4174 15.12 53.14 -22.61
CA ILE K 4174 15.02 51.79 -23.13
C ILE K 4174 16.25 51.46 -23.96
N PHE K 4175 16.70 52.43 -24.74
CA PHE K 4175 17.90 52.26 -25.57
C PHE K 4175 19.11 51.97 -24.70
N ASP K 4176 19.31 52.80 -23.67
CA ASP K 4176 20.50 52.69 -22.84
C ASP K 4176 20.50 51.39 -22.04
N VAL K 4177 19.32 50.92 -21.65
CA VAL K 4177 19.31 49.76 -20.78
C VAL K 4177 19.39 48.46 -21.58
N VAL K 4178 18.63 48.35 -22.66
CA VAL K 4178 18.64 47.13 -23.44
C VAL K 4178 19.98 46.97 -24.17
N ASN K 4179 20.65 48.07 -24.50
CA ASN K 4179 21.95 47.95 -25.16
C ASN K 4179 23.01 47.41 -24.22
N GLU K 4180 23.01 47.85 -22.96
CA GLU K 4180 24.07 47.47 -22.05
C GLU K 4180 23.61 47.63 -20.61
N GLY K 4181 24.23 46.86 -19.72
CA GLY K 4181 23.91 46.90 -18.31
C GLY K 4181 24.12 45.57 -17.61
N GLY K 4182 24.57 45.61 -16.36
CA GLY K 4182 24.70 44.41 -15.56
C GLY K 4182 23.32 43.85 -15.22
N GLU K 4183 23.27 42.52 -15.11
CA GLU K 4183 22.00 41.79 -15.16
C GLU K 4183 21.12 42.07 -13.96
N LYS K 4184 21.71 42.42 -12.83
CA LYS K 4184 20.96 42.65 -11.60
C LYS K 4184 20.75 44.12 -11.32
N GLU K 4185 21.64 44.99 -11.80
CA GLU K 4185 21.49 46.42 -11.58
C GLU K 4185 20.50 47.07 -12.54
N LYS K 4186 19.90 46.31 -13.46
CA LYS K 4186 18.98 46.91 -14.43
C LYS K 4186 17.74 47.45 -13.74
N MET K 4187 17.26 46.75 -12.72
CA MET K 4187 16.02 47.14 -12.07
C MET K 4187 16.22 48.40 -11.24
N GLU K 4188 17.41 48.54 -10.64
CA GLU K 4188 17.69 49.76 -9.92
C GLU K 4188 17.82 50.94 -10.86
N LEU K 4189 18.32 50.71 -12.06
CA LEU K 4189 18.29 51.73 -13.09
C LEU K 4189 16.86 52.06 -13.48
N PHE K 4190 15.97 51.05 -13.48
CA PHE K 4190 14.58 51.32 -13.77
C PHE K 4190 13.94 52.17 -12.68
N VAL K 4191 14.28 51.92 -11.43
CA VAL K 4191 13.68 52.69 -10.36
C VAL K 4191 14.24 54.11 -10.36
N ASN K 4192 15.51 54.26 -10.73
CA ASN K 4192 16.08 55.59 -10.90
C ASN K 4192 15.36 56.35 -12.01
N PHE K 4193 15.08 55.65 -13.12
CA PHE K 4193 14.27 56.22 -14.19
C PHE K 4193 12.87 56.55 -13.72
N CYS K 4194 12.28 55.68 -12.92
CA CYS K 4194 10.92 55.88 -12.48
C CYS K 4194 10.83 57.08 -11.58
N GLU K 4195 11.85 57.28 -10.75
CA GLU K 4195 11.89 58.38 -9.82
C GLU K 4195 11.99 59.71 -10.55
N ASP K 4196 12.99 59.85 -11.41
CA ASP K 4196 13.11 61.16 -12.05
C ASP K 4196 12.08 61.35 -13.16
N THR K 4197 11.47 60.28 -13.66
CA THR K 4197 10.34 60.43 -14.55
C THR K 4197 9.13 60.95 -13.81
N ILE K 4198 8.95 60.54 -12.55
CA ILE K 4198 7.89 61.13 -11.72
C ILE K 4198 8.15 62.61 -11.47
N PHE K 4199 9.40 62.96 -11.20
CA PHE K 4199 9.73 64.37 -11.02
C PHE K 4199 9.47 65.17 -12.28
N GLU K 4200 9.90 64.64 -13.43
CA GLU K 4200 9.62 65.27 -14.71
C GLU K 4200 8.14 65.33 -14.99
N MET K 4201 7.39 64.33 -14.53
CA MET K 4201 5.97 64.29 -14.77
C MET K 4201 5.26 65.40 -14.01
N GLN K 4202 5.69 65.63 -12.76
CA GLN K 4202 5.15 66.75 -12.01
C GLN K 4202 5.57 68.06 -12.64
N LEU K 4203 6.79 68.12 -13.16
CA LEU K 4203 7.26 69.36 -13.74
C LEU K 4203 6.52 69.67 -15.04
N ALA K 4204 6.17 68.64 -15.81
CA ALA K 4204 5.39 68.86 -17.00
C ALA K 4204 3.95 69.19 -16.65
N ALA K 4205 3.49 68.72 -15.49
CA ALA K 4205 2.21 69.20 -14.99
C ALA K 4205 2.28 70.65 -14.61
N GLN K 4206 3.43 71.11 -14.16
CA GLN K 4206 3.57 72.45 -13.60
C GLN K 4206 3.44 73.54 -14.66
N ILE K 4207 3.53 73.18 -15.94
CA ILE K 4207 3.46 74.15 -17.03
C ILE K 4207 2.05 74.73 -17.16
N ILE K 4486 6.74 90.27 -11.61
CA ILE K 4486 5.73 90.08 -12.63
C ILE K 4486 5.53 88.60 -12.90
N ALA K 4487 4.33 88.10 -12.63
CA ALA K 4487 3.99 86.71 -12.94
C ALA K 4487 3.61 86.51 -14.39
N TYR K 4488 3.31 87.60 -15.11
CA TYR K 4488 3.13 87.53 -16.56
C TYR K 4488 4.42 87.14 -17.26
N GLN K 4489 5.57 87.50 -16.66
CA GLN K 4489 6.84 86.98 -17.10
C GLN K 4489 6.87 85.46 -17.03
N GLN K 4490 6.36 84.89 -15.93
CA GLN K 4490 6.32 83.45 -15.81
C GLN K 4490 5.32 82.84 -16.78
N LYS K 4491 4.22 83.56 -17.04
CA LYS K 4491 3.24 83.08 -18.00
C LYS K 4491 3.82 83.04 -19.40
N LEU K 4492 4.61 84.05 -19.75
CA LEU K 4492 5.36 84.03 -21.00
C LEU K 4492 6.43 82.95 -20.98
N LEU K 4493 6.95 82.63 -19.80
CA LEU K 4493 7.94 81.57 -19.68
C LEU K 4493 7.32 80.21 -19.92
N ASN K 4494 6.02 80.05 -19.64
CA ASN K 4494 5.34 78.80 -19.96
C ASN K 4494 5.23 78.59 -21.46
N TYR K 4495 5.20 79.67 -22.24
CA TYR K 4495 4.99 79.59 -23.67
C TYR K 4495 6.18 78.98 -24.40
N PHE K 4496 7.39 79.20 -23.87
CA PHE K 4496 8.62 78.65 -24.40
C PHE K 4496 8.66 77.14 -24.36
N ALA K 4497 8.71 76.60 -23.15
CA ALA K 4497 9.05 75.20 -22.97
C ALA K 4497 7.90 74.30 -23.35
N ARG K 4498 6.70 74.86 -23.45
CA ARG K 4498 5.60 74.16 -24.08
C ARG K 4498 5.87 73.95 -25.57
N ASN K 4499 6.65 74.84 -26.19
CA ASN K 4499 6.79 74.84 -27.63
C ASN K 4499 8.26 74.79 -28.05
N PHE K 4500 9.03 73.86 -27.49
CA PHE K 4500 10.46 73.89 -27.72
C PHE K 4500 10.86 73.28 -29.05
N TYR K 4501 10.42 72.05 -29.29
CA TYR K 4501 10.94 71.25 -30.41
C TYR K 4501 10.55 71.87 -31.75
N ASN K 4502 9.34 72.40 -31.84
CA ASN K 4502 8.89 73.02 -33.07
C ASN K 4502 9.66 74.30 -33.34
N MET K 4503 10.01 75.03 -32.28
CA MET K 4503 10.86 76.21 -32.40
C MET K 4503 12.25 75.87 -32.93
N ARG K 4504 12.84 74.79 -32.42
CA ARG K 4504 14.15 74.36 -32.90
C ARG K 4504 14.10 73.94 -34.36
N MET K 4505 13.06 73.19 -34.74
CA MET K 4505 12.90 72.76 -36.12
C MET K 4505 12.68 73.95 -37.06
N LEU K 4506 11.96 74.96 -36.58
CA LEU K 4506 11.75 76.16 -37.38
C LEU K 4506 13.03 76.97 -37.53
N ALA K 4507 13.91 76.92 -36.52
CA ALA K 4507 15.21 77.57 -36.65
C ALA K 4507 16.07 76.89 -37.71
N LEU K 4508 15.98 75.56 -37.79
CA LEU K 4508 16.62 74.84 -38.91
C LEU K 4508 16.05 75.28 -40.25
N PHE K 4509 14.73 75.50 -40.31
CA PHE K 4509 14.10 75.95 -41.55
C PHE K 4509 14.60 77.32 -41.97
N VAL K 4510 14.78 78.23 -40.99
CA VAL K 4510 15.33 79.56 -41.27
C VAL K 4510 16.76 79.47 -41.79
N ALA K 4511 17.56 78.55 -41.22
CA ALA K 4511 18.94 78.42 -41.67
C ALA K 4511 19.02 77.89 -43.10
N PHE K 4512 18.12 76.95 -43.45
CA PHE K 4512 17.99 76.54 -44.85
C PHE K 4512 17.67 77.70 -45.77
N ALA K 4513 16.72 78.55 -45.35
CA ALA K 4513 16.32 79.66 -46.21
C ALA K 4513 17.46 80.67 -46.39
N ILE K 4514 18.23 80.92 -45.32
CA ILE K 4514 19.28 81.92 -45.41
C ILE K 4514 20.44 81.42 -46.27
N ASN K 4515 20.79 80.15 -46.16
CA ASN K 4515 21.88 79.70 -47.03
C ASN K 4515 21.42 79.45 -48.46
N PHE K 4516 20.12 79.20 -48.65
CA PHE K 4516 19.53 79.27 -49.98
C PHE K 4516 19.73 80.64 -50.62
N ILE K 4517 19.49 81.71 -49.85
CA ILE K 4517 19.73 83.06 -50.36
C ILE K 4517 21.22 83.28 -50.60
N LEU K 4518 22.05 82.81 -49.69
CA LEU K 4518 23.49 83.05 -49.75
C LEU K 4518 24.18 82.20 -50.81
N LEU K 4519 23.43 81.33 -51.48
CA LEU K 4519 23.93 80.67 -52.69
C LEU K 4519 24.35 81.68 -53.75
N PHE K 4520 23.68 82.83 -53.83
CA PHE K 4520 23.96 83.83 -54.85
C PHE K 4520 25.01 84.82 -54.35
N TYR K 4521 26.27 84.54 -54.67
CA TYR K 4521 27.34 85.50 -54.48
C TYR K 4521 28.21 85.62 -55.71
N LYS K 4522 29.01 86.69 -55.71
CA LYS K 4522 29.73 87.11 -56.90
C LYS K 4522 30.89 88.02 -56.54
N VAL K 4523 32.03 87.79 -57.14
CA VAL K 4523 33.20 88.63 -56.93
C VAL K 4523 33.01 89.93 -57.71
N SER K 4524 33.28 91.05 -57.05
CA SER K 4524 33.26 92.35 -57.74
C SER K 4524 34.26 93.29 -57.09
N VAL K 4558 35.00 92.81 -53.25
CA VAL K 4558 33.70 93.06 -52.64
C VAL K 4558 32.65 92.15 -53.30
N HIS K 4559 31.70 91.67 -52.51
CA HIS K 4559 30.72 90.69 -52.94
C HIS K 4559 29.34 91.33 -52.98
N TYR K 4560 28.53 90.98 -53.97
CA TYR K 4560 27.15 91.49 -54.01
C TYR K 4560 26.27 90.53 -54.81
N VAL K 4561 24.99 90.54 -54.46
CA VAL K 4561 24.00 89.57 -54.89
C VAL K 4561 23.13 90.16 -55.99
N LEU K 4562 22.88 89.41 -57.05
CA LEU K 4562 21.88 89.79 -58.05
C LEU K 4562 20.50 89.36 -57.54
N GLU K 4563 19.49 89.39 -58.40
CA GLU K 4563 18.19 88.89 -57.98
C GLU K 4563 17.46 88.21 -59.13
N GLU K 4564 17.35 86.88 -59.03
CA GLU K 4564 16.33 86.12 -59.74
C GLU K 4564 15.13 85.92 -58.82
N SER K 4565 14.67 87.01 -58.22
CA SER K 4565 13.71 86.96 -57.12
C SER K 4565 13.05 88.33 -57.02
N SER K 4566 12.39 88.58 -55.89
CA SER K 4566 11.84 89.90 -55.62
C SER K 4566 12.95 90.94 -55.45
N GLY K 4567 12.55 92.21 -55.50
CA GLY K 4567 13.50 93.30 -55.44
C GLY K 4567 14.17 93.46 -54.09
N TYR K 4568 13.53 93.00 -53.02
CA TYR K 4568 13.97 93.31 -51.67
C TYR K 4568 14.54 92.08 -50.96
N MET K 4569 15.30 91.27 -51.68
CA MET K 4569 15.84 90.06 -51.09
C MET K 4569 16.96 90.36 -50.08
N GLU K 4570 17.75 91.40 -50.33
CA GLU K 4570 18.78 91.80 -49.38
C GLU K 4570 18.21 92.39 -48.08
N PRO K 4571 17.14 93.22 -48.11
CA PRO K 4571 16.48 93.53 -46.83
C PRO K 4571 15.87 92.31 -46.15
N THR K 4572 15.40 91.30 -46.89
CA THR K 4572 14.91 90.11 -46.19
C THR K 4572 16.04 89.31 -45.57
N LEU K 4573 17.24 89.35 -46.17
CA LEU K 4573 18.39 88.75 -45.51
C LEU K 4573 18.69 89.49 -44.22
N ARG K 4574 18.63 90.82 -44.26
CA ARG K 4574 18.76 91.63 -43.05
C ARG K 4574 17.68 91.32 -42.04
N ILE K 4575 16.47 90.97 -42.50
CA ILE K 4575 15.42 90.54 -41.59
C ILE K 4575 15.80 89.21 -40.94
N LEU K 4576 16.10 88.22 -41.78
CA LEU K 4576 16.18 86.85 -41.31
C LEU K 4576 17.41 86.57 -40.47
N ALA K 4577 18.47 87.36 -40.62
CA ALA K 4577 19.60 87.21 -39.70
C ALA K 4577 19.20 87.54 -38.27
N ILE K 4578 18.54 88.70 -38.10
CA ILE K 4578 18.04 89.10 -36.78
C ILE K 4578 17.00 88.11 -36.30
N LEU K 4579 16.13 87.67 -37.21
CA LEU K 4579 15.08 86.72 -36.87
C LEU K 4579 15.65 85.41 -36.35
N HIS K 4580 16.71 84.92 -37.00
CA HIS K 4580 17.30 83.66 -36.61
C HIS K 4580 18.02 83.78 -35.27
N THR K 4581 18.70 84.91 -35.04
CA THR K 4581 19.36 85.11 -33.77
C THR K 4581 18.35 85.25 -32.64
N VAL K 4582 17.19 85.85 -32.94
CA VAL K 4582 16.08 85.91 -32.00
C VAL K 4582 15.61 84.51 -31.65
N ILE K 4583 15.48 83.64 -32.65
CA ILE K 4583 14.97 82.30 -32.38
C ILE K 4583 15.99 81.47 -31.60
N SER K 4584 17.29 81.70 -31.82
CA SER K 4584 18.29 80.96 -31.06
C SER K 4584 18.30 81.39 -29.58
N PHE K 4585 18.21 82.69 -29.33
CA PHE K 4585 18.12 83.16 -27.95
C PHE K 4585 16.83 82.70 -27.29
N PHE K 4586 15.75 82.68 -28.07
CA PHE K 4586 14.44 82.24 -27.61
C PHE K 4586 14.53 80.78 -27.15
N CYS K 4587 15.14 79.94 -27.97
CA CYS K 4587 15.19 78.53 -27.61
C CYS K 4587 16.20 78.24 -26.51
N ILE K 4588 17.24 79.06 -26.33
CA ILE K 4588 18.08 78.71 -25.17
C ILE K 4588 17.40 79.12 -23.87
N ILE K 4589 16.55 80.15 -23.89
CA ILE K 4589 15.73 80.44 -22.70
C ILE K 4589 14.76 79.30 -22.42
N GLY K 4590 14.12 78.78 -23.49
CA GLY K 4590 13.20 77.67 -23.32
C GLY K 4590 13.87 76.41 -22.80
N TYR K 4591 15.09 76.14 -23.25
CA TYR K 4591 15.79 74.95 -22.78
C TYR K 4591 16.29 75.12 -21.37
N TYR K 4592 16.73 76.34 -21.01
CA TYR K 4592 17.18 76.58 -19.65
C TYR K 4592 16.05 76.43 -18.65
N CYS K 4593 14.84 76.82 -19.04
CA CYS K 4593 13.73 76.60 -18.14
C CYS K 4593 12.93 75.35 -18.49
N LEU K 4594 13.48 74.44 -19.28
CA LEU K 4594 12.80 73.17 -19.49
C LEU K 4594 13.53 71.98 -18.86
N LYS K 4595 14.78 71.73 -19.24
CA LYS K 4595 15.40 70.46 -18.87
C LYS K 4595 16.50 70.59 -17.84
N VAL K 4596 17.10 71.76 -17.73
CA VAL K 4596 18.03 72.13 -16.66
C VAL K 4596 17.51 71.79 -15.26
N PRO K 4597 16.21 71.98 -14.91
CA PRO K 4597 15.77 71.45 -13.61
C PRO K 4597 15.87 69.93 -13.50
N LEU K 4598 15.65 69.19 -14.59
CA LEU K 4598 15.80 67.75 -14.50
C LEU K 4598 17.25 67.35 -14.30
N VAL K 4599 18.17 68.03 -14.96
CA VAL K 4599 19.57 67.66 -14.85
C VAL K 4599 20.10 68.02 -13.48
N ILE K 4600 19.70 69.20 -12.98
CA ILE K 4600 20.12 69.60 -11.65
C ILE K 4600 19.48 68.71 -10.60
N PHE K 4601 18.30 68.14 -10.92
CA PHE K 4601 17.66 67.18 -10.06
C PHE K 4601 18.45 65.90 -9.96
N LYS K 4602 18.85 65.35 -11.11
CA LYS K 4602 19.62 64.12 -11.11
C LYS K 4602 20.95 64.28 -10.41
N ARG K 4603 21.57 65.45 -10.60
CA ARG K 4603 22.84 65.72 -9.93
C ARG K 4603 22.65 65.83 -8.41
N GLU K 4604 21.60 66.54 -7.97
CA GLU K 4604 21.36 66.69 -6.54
C GLU K 4604 21.02 65.36 -5.90
N LYS K 4605 20.27 64.51 -6.62
CA LYS K 4605 19.90 63.22 -6.06
C LYS K 4605 21.11 62.33 -5.90
N GLU K 4606 21.97 62.30 -6.92
CA GLU K 4606 23.17 61.49 -6.84
C GLU K 4606 24.08 61.93 -5.71
N VAL K 4607 24.25 63.25 -5.56
CA VAL K 4607 25.11 63.76 -4.49
C VAL K 4607 24.49 63.50 -3.12
N ALA K 4608 23.18 63.66 -3.01
CA ALA K 4608 22.51 63.46 -1.72
C ALA K 4608 22.55 62.00 -1.30
N ARG K 4609 22.44 61.08 -2.26
CA ARG K 4609 22.57 59.69 -1.89
C ARG K 4609 24.00 59.36 -1.51
N LYS K 4610 24.96 59.99 -2.17
CA LYS K 4610 26.34 59.70 -1.81
C LYS K 4610 26.79 60.40 -0.54
N LEU K 4611 26.04 61.37 -0.04
CA LEU K 4611 26.32 61.83 1.32
C LEU K 4611 25.81 60.83 2.35
N GLU K 4612 24.63 60.29 2.13
CA GLU K 4612 24.01 59.42 3.11
C GLU K 4612 24.66 58.05 3.12
N PHE K 4613 24.58 57.34 2.01
CA PHE K 4613 24.96 55.94 2.00
C PHE K 4613 26.46 55.75 1.88
N ASP K 4614 27.21 56.82 1.66
CA ASP K 4614 28.65 56.71 1.52
C ASP K 4614 29.41 57.62 2.47
N GLY K 4615 28.95 58.86 2.64
CA GLY K 4615 29.73 59.84 3.38
C GLY K 4615 31.04 60.17 2.70
N LEU K 4616 31.02 60.40 1.39
CA LEU K 4616 32.26 60.55 0.64
C LEU K 4616 32.98 61.84 0.95
N TYR K 4617 32.26 62.87 1.37
CA TYR K 4617 32.95 64.05 1.88
C TYR K 4617 33.25 63.92 3.36
N ILE K 4618 32.80 62.85 3.99
CA ILE K 4618 32.95 62.65 5.42
C ILE K 4618 33.95 61.55 5.71
N THR K 4619 33.91 60.46 4.95
CA THR K 4619 34.80 59.33 5.17
C THR K 4619 35.64 58.99 3.95
N GLU K 4620 35.03 58.91 2.77
CA GLU K 4620 35.65 58.20 1.66
C GLU K 4620 36.64 59.06 0.89
N GLN K 4621 36.43 60.39 0.81
CA GLN K 4621 37.34 61.38 0.25
C GLN K 4621 37.79 61.08 -1.17
N PRO K 4622 36.97 61.36 -2.18
CA PRO K 4622 37.35 61.10 -3.57
C PRO K 4622 38.58 61.90 -3.98
N SER K 4623 39.41 61.28 -4.81
CA SER K 4623 40.74 61.79 -5.07
C SER K 4623 40.70 62.98 -6.01
N GLU K 4624 41.89 63.44 -6.41
CA GLU K 4624 42.02 64.51 -7.40
C GLU K 4624 41.57 64.07 -8.79
N ASP K 4625 41.49 62.76 -9.04
CA ASP K 4625 40.86 62.23 -10.22
C ASP K 4625 39.36 62.53 -10.19
N ASP K 4626 38.74 62.52 -11.38
CA ASP K 4626 37.30 62.67 -11.60
C ASP K 4626 36.78 64.00 -11.05
N ILE K 4627 37.24 65.07 -11.71
CA ILE K 4627 36.86 66.43 -11.34
C ILE K 4627 35.36 66.65 -11.51
N LYS K 4628 34.73 65.92 -12.44
CA LYS K 4628 33.27 65.94 -12.54
C LYS K 4628 32.59 65.35 -11.31
N GLY K 4629 33.27 64.47 -10.57
CA GLY K 4629 32.78 64.04 -9.27
C GLY K 4629 33.32 64.82 -8.10
N GLN K 4630 34.22 65.76 -8.37
CA GLN K 4630 34.92 66.53 -7.35
C GLN K 4630 34.49 67.98 -7.35
N TRP K 4631 33.64 68.36 -8.31
CA TRP K 4631 33.13 69.71 -8.39
C TRP K 4631 32.24 70.06 -7.21
N ASP K 4632 31.59 69.07 -6.63
CA ASP K 4632 30.49 69.29 -5.71
C ASP K 4632 30.94 69.44 -4.26
N ARG K 4633 32.23 69.70 -4.03
CA ARG K 4633 32.68 69.83 -2.64
C ARG K 4633 32.27 71.17 -2.06
N LEU K 4634 32.04 72.17 -2.91
CA LEU K 4634 31.67 73.50 -2.44
C LEU K 4634 30.18 73.76 -2.58
N VAL K 4635 29.36 72.72 -2.46
CA VAL K 4635 27.91 72.85 -2.44
C VAL K 4635 27.29 72.14 -1.24
N ILE K 4636 28.12 71.61 -0.35
CA ILE K 4636 27.63 70.92 0.84
C ILE K 4636 26.92 71.90 1.77
N ASN K 4637 27.59 72.99 2.12
CA ASN K 4637 27.02 73.90 3.10
C ASN K 4637 26.04 74.88 2.48
N THR K 4638 25.77 74.75 1.19
CA THR K 4638 24.71 75.54 0.57
C THR K 4638 23.34 75.14 1.13
N GLN K 4639 22.52 76.15 1.35
CA GLN K 4639 21.27 75.99 2.07
C GLN K 4639 20.14 75.45 1.21
N SER K 4640 20.29 75.47 -0.11
CA SER K 4640 19.28 74.92 -0.99
C SER K 4640 19.80 73.71 -1.74
N PHE K 4641 20.72 72.97 -1.11
CA PHE K 4641 21.09 71.66 -1.63
C PHE K 4641 19.90 70.71 -1.80
N PRO K 4642 18.87 70.72 -0.95
CA PRO K 4642 17.62 70.09 -1.42
C PRO K 4642 16.69 71.09 -2.10
N ASN K 4643 17.08 71.57 -3.27
CA ASN K 4643 16.11 72.32 -4.07
C ASN K 4643 15.14 71.32 -4.69
N ASN K 4644 15.66 70.46 -5.54
CA ASN K 4644 14.86 69.41 -6.15
C ASN K 4644 15.37 68.09 -5.60
N TYR K 4645 14.89 67.71 -4.43
CA TYR K 4645 15.15 66.36 -3.95
C TYR K 4645 13.98 65.78 -3.15
N TRP K 4646 12.87 66.50 -3.00
CA TRP K 4646 11.69 66.19 -2.15
C TRP K 4646 12.06 65.80 -0.72
N ASP K 4647 13.25 66.14 -0.24
CA ASP K 4647 13.70 65.71 1.08
C ASP K 4647 14.62 66.83 1.59
N LYS K 4648 14.04 67.72 2.37
CA LYS K 4648 14.78 68.88 2.83
C LYS K 4648 15.44 68.63 4.18
N PHE K 4649 15.39 67.39 4.66
CA PHE K 4649 15.93 67.02 5.96
C PHE K 4649 17.05 66.01 5.82
N VAL K 4650 17.84 66.16 4.76
CA VAL K 4650 19.00 65.28 4.58
C VAL K 4650 20.07 65.65 5.59
N LYS K 4651 20.13 66.93 5.94
CA LYS K 4651 21.15 67.53 6.79
C LYS K 4651 21.22 66.84 8.14
N ARG K 4652 20.16 66.98 8.92
CA ARG K 4652 20.09 66.40 10.25
C ARG K 4652 20.06 64.88 10.20
N LYS K 4653 19.61 64.31 9.08
CA LYS K 4653 19.60 62.86 8.92
C LYS K 4653 21.03 62.30 8.90
N VAL K 4654 21.89 62.88 8.09
CA VAL K 4654 23.25 62.38 8.05
C VAL K 4654 24.03 62.85 9.28
N MET K 4655 23.65 63.99 9.87
CA MET K 4655 24.18 64.40 11.17
C MET K 4655 23.95 63.35 12.23
N ASP K 4656 22.72 62.93 12.41
CA ASP K 4656 22.38 61.98 13.45
C ASP K 4656 22.73 60.56 13.07
N LYS K 4657 23.04 60.31 11.79
CA LYS K 4657 23.52 58.99 11.44
C LYS K 4657 25.03 58.89 11.60
N TYR K 4658 25.74 60.01 11.56
CA TYR K 4658 27.20 59.95 11.59
C TYR K 4658 27.88 60.88 12.58
N GLY K 4659 27.30 62.03 12.89
CA GLY K 4659 28.00 63.05 13.67
C GLY K 4659 28.28 62.70 15.12
N GLU K 4660 27.81 61.54 15.56
CA GLU K 4660 28.29 60.91 16.79
C GLU K 4660 29.80 60.79 16.77
N PHE K 4661 30.36 60.27 15.69
CA PHE K 4661 31.74 59.83 15.65
C PHE K 4661 32.69 60.93 15.24
N TYR K 4662 32.41 61.62 14.13
CA TYR K 4662 33.33 62.59 13.57
C TYR K 4662 33.06 64.00 14.07
N GLY K 4663 32.55 64.11 15.30
CA GLY K 4663 32.28 65.39 15.89
C GLY K 4663 30.91 65.86 15.49
N ARG K 4664 30.06 66.14 16.48
CA ARG K 4664 28.76 66.74 16.16
C ARG K 4664 28.95 68.14 15.61
N ASP K 4665 29.88 68.89 16.20
CA ASP K 4665 30.03 70.30 15.86
C ASP K 4665 30.62 70.47 14.47
N ARG K 4666 31.66 69.69 14.14
CA ARG K 4666 32.33 69.88 12.85
C ARG K 4666 31.44 69.44 11.70
N ILE K 4667 30.79 68.28 11.85
CA ILE K 4667 29.92 67.76 10.80
C ILE K 4667 28.71 68.65 10.62
N SER K 4668 28.05 69.01 11.73
CA SER K 4668 26.86 69.84 11.64
C SER K 4668 27.18 71.26 11.18
N GLU K 4669 28.39 71.76 11.48
CA GLU K 4669 28.83 73.03 10.91
C GLU K 4669 29.09 72.89 9.42
N LEU K 4670 29.64 71.75 9.00
CA LEU K 4670 29.90 71.51 7.59
C LEU K 4670 28.60 71.43 6.81
N LEU K 4671 27.51 71.02 7.46
CA LEU K 4671 26.20 71.19 6.85
C LEU K 4671 25.55 72.51 7.26
N GLY K 4672 26.04 73.14 8.32
CA GLY K 4672 25.53 74.47 8.69
C GLY K 4672 25.11 74.65 10.14
N SER K 4696 16.28 95.02 -3.89
CA SER K 4696 17.48 94.31 -3.49
C SER K 4696 17.14 93.14 -2.57
N ALA K 4697 15.87 93.07 -2.14
CA ALA K 4697 15.46 92.02 -1.22
C ALA K 4697 15.45 90.66 -1.89
N VAL K 4698 15.02 90.60 -3.16
CA VAL K 4698 15.11 89.36 -3.92
C VAL K 4698 16.58 89.04 -4.23
N LEU K 4699 17.40 90.07 -4.42
CA LEU K 4699 18.85 89.88 -4.48
C LEU K 4699 19.39 89.40 -3.15
N ASN K 4700 18.76 89.80 -2.04
CA ASN K 4700 19.17 89.37 -0.72
C ASN K 4700 18.44 88.10 -0.26
N SER K 4701 17.81 87.37 -1.19
CA SER K 4701 17.12 86.14 -0.82
C SER K 4701 17.39 85.02 -1.81
N ILE K 4702 18.61 84.95 -2.36
CA ILE K 4702 19.01 83.88 -3.26
C ILE K 4702 20.36 83.33 -2.84
N ASP K 4703 20.49 82.00 -2.92
CA ASP K 4703 21.74 81.33 -2.54
C ASP K 4703 22.74 81.49 -3.67
N VAL K 4704 23.73 82.34 -3.42
CA VAL K 4704 24.65 82.78 -4.47
C VAL K 4704 25.62 81.67 -4.82
N LYS K 4705 26.22 81.06 -3.79
CA LYS K 4705 27.19 79.99 -4.01
C LYS K 4705 26.56 78.78 -4.67
N TYR K 4706 25.32 78.46 -4.24
CA TYR K 4706 24.55 77.42 -4.89
C TYR K 4706 24.27 77.77 -6.35
N GLN K 4707 24.01 79.05 -6.63
CA GLN K 4707 23.77 79.45 -8.00
C GLN K 4707 25.02 79.30 -8.86
N MET K 4708 26.17 79.59 -8.26
CA MET K 4708 27.46 79.38 -8.93
C MET K 4708 27.67 77.91 -9.23
N TRP K 4709 27.40 77.06 -8.25
CA TRP K 4709 27.51 75.62 -8.46
C TRP K 4709 26.53 75.14 -9.51
N LYS K 4710 25.35 75.74 -9.54
CA LYS K 4710 24.31 75.37 -10.50
C LYS K 4710 24.77 75.66 -11.91
N LEU K 4711 25.36 76.84 -12.12
CA LEU K 4711 25.95 77.15 -13.43
C LEU K 4711 27.12 76.24 -13.75
N GLY K 4712 27.88 75.83 -12.73
CA GLY K 4712 28.98 74.93 -12.96
C GLY K 4712 28.54 73.55 -13.40
N VAL K 4713 27.35 73.13 -12.98
CA VAL K 4713 26.81 71.87 -13.48
C VAL K 4713 26.05 72.07 -14.79
N VAL K 4714 25.52 73.26 -15.02
CA VAL K 4714 24.89 73.59 -16.30
C VAL K 4714 25.90 73.52 -17.43
N PHE K 4715 27.09 74.09 -17.21
CA PHE K 4715 28.02 74.28 -18.30
C PHE K 4715 28.66 72.99 -18.77
N THR K 4716 28.76 71.99 -17.90
CA THR K 4716 29.39 70.74 -18.30
C THR K 4716 28.51 69.89 -19.20
N ASP K 4717 27.23 70.26 -19.36
CA ASP K 4717 26.31 69.43 -20.12
C ASP K 4717 26.58 69.54 -21.61
N ASN K 4718 26.26 68.46 -22.32
CA ASN K 4718 26.50 68.39 -23.76
C ASN K 4718 25.52 69.27 -24.52
N SER K 4719 24.22 69.06 -24.30
CA SER K 4719 23.21 69.75 -25.08
C SER K 4719 23.19 71.25 -24.81
N PHE K 4720 23.48 71.66 -23.58
CA PHE K 4720 23.56 73.08 -23.28
C PHE K 4720 24.74 73.71 -23.99
N LEU K 4721 25.88 73.01 -24.00
CA LEU K 4721 27.04 73.49 -24.71
C LEU K 4721 26.76 73.61 -26.20
N TYR K 4722 25.99 72.67 -26.72
CA TYR K 4722 25.62 72.69 -28.13
C TYR K 4722 24.78 73.90 -28.47
N LEU K 4723 23.75 74.16 -27.65
CA LEU K 4723 22.87 75.27 -27.95
C LEU K 4723 23.55 76.61 -27.73
N ALA K 4724 24.48 76.68 -26.77
CA ALA K 4724 25.23 77.92 -26.59
C ALA K 4724 26.17 78.18 -27.76
N TRP K 4725 26.80 77.11 -28.26
CA TRP K 4725 27.60 77.22 -29.48
C TRP K 4725 26.75 77.70 -30.66
N TYR K 4726 25.54 77.18 -30.77
CA TYR K 4726 24.64 77.53 -31.86
C TYR K 4726 24.22 78.99 -31.78
N MET K 4727 23.97 79.47 -30.57
CA MET K 4727 23.64 80.88 -30.37
C MET K 4727 24.81 81.78 -30.74
N THR K 4728 26.02 81.42 -30.29
CA THR K 4728 27.17 82.25 -30.62
C THR K 4728 27.49 82.22 -32.11
N MET K 4729 27.20 81.13 -32.80
CA MET K 4729 27.40 81.14 -34.24
C MET K 4729 26.35 81.96 -34.95
N SER K 4730 25.11 82.01 -34.44
CA SER K 4730 24.15 82.93 -35.04
C SER K 4730 24.54 84.38 -34.79
N VAL K 4731 25.15 84.68 -33.64
CA VAL K 4731 25.64 86.02 -33.36
C VAL K 4731 26.79 86.40 -34.28
N LEU K 4732 27.75 85.50 -34.43
CA LEU K 4732 28.90 85.82 -35.26
C LEU K 4732 28.64 85.57 -36.74
N GLY K 4733 27.43 85.16 -37.10
CA GLY K 4733 26.98 85.31 -38.46
C GLY K 4733 26.18 86.58 -38.65
N HIS K 4734 25.58 87.06 -37.56
CA HIS K 4734 24.97 88.37 -37.58
C HIS K 4734 26.01 89.46 -37.77
N TYR K 4735 27.22 89.23 -37.27
CA TYR K 4735 28.33 90.13 -37.56
C TYR K 4735 28.80 90.00 -39.01
N ASN K 4736 29.32 88.82 -39.35
CA ASN K 4736 29.78 88.49 -40.70
C ASN K 4736 28.96 87.31 -41.18
N ASN K 4737 28.11 87.54 -42.18
CA ASN K 4737 27.28 86.46 -42.66
C ASN K 4737 27.98 85.53 -43.63
N PHE K 4738 29.30 85.63 -43.78
CA PHE K 4738 30.04 84.64 -44.55
C PHE K 4738 29.93 83.27 -43.90
N PHE K 4739 30.47 83.10 -42.70
CA PHE K 4739 30.31 81.85 -41.98
C PHE K 4739 29.09 81.86 -41.06
N PHE K 4740 27.98 82.29 -41.60
CA PHE K 4740 26.70 82.00 -40.98
C PHE K 4740 26.14 80.67 -41.46
N ALA K 4741 26.78 80.06 -42.46
CA ALA K 4741 26.37 78.78 -43.00
C ALA K 4741 26.74 77.60 -42.13
N ALA K 4742 27.35 77.82 -40.97
CA ALA K 4742 27.73 76.68 -40.13
C ALA K 4742 26.55 76.03 -39.42
N HIS K 4743 25.35 76.55 -39.57
CA HIS K 4743 24.16 75.96 -38.96
C HIS K 4743 23.59 74.82 -39.78
N LEU K 4744 24.31 74.33 -40.78
CA LEU K 4744 23.87 73.14 -41.48
C LEU K 4744 24.17 71.87 -40.68
N LEU K 4745 24.90 71.99 -39.58
CA LEU K 4745 25.24 70.85 -38.75
C LEU K 4745 24.02 70.25 -38.08
N ASP K 4746 22.95 71.01 -37.92
CA ASP K 4746 21.75 70.53 -37.24
C ASP K 4746 21.00 69.46 -37.99
N ILE K 4747 21.33 69.21 -39.26
CA ILE K 4747 20.69 68.11 -39.96
C ILE K 4747 21.14 66.80 -39.36
N ALA K 4748 22.39 66.73 -38.92
CA ALA K 4748 22.87 65.60 -38.13
C ALA K 4748 22.12 65.54 -36.80
N MET K 4749 22.31 66.56 -35.97
CA MET K 4749 21.72 66.59 -34.63
C MET K 4749 20.24 66.90 -34.78
N GLY K 4750 19.46 65.88 -35.12
CA GLY K 4750 18.05 66.14 -35.30
C GLY K 4750 17.30 65.39 -36.37
N PHE K 4751 17.93 64.48 -37.09
CA PHE K 4751 17.17 63.64 -38.00
C PHE K 4751 17.28 62.15 -37.64
N LYS K 4752 18.12 61.81 -36.67
CA LYS K 4752 18.08 60.57 -35.89
C LYS K 4752 18.48 59.31 -36.66
N THR K 4753 18.89 59.44 -37.92
CA THR K 4753 19.69 58.42 -38.58
C THR K 4753 21.04 58.95 -39.01
N LEU K 4754 21.09 60.21 -39.42
CA LEU K 4754 22.34 60.92 -39.58
C LEU K 4754 23.04 61.07 -38.24
N ARG K 4755 22.28 61.09 -37.13
CA ARG K 4755 22.89 61.07 -35.81
C ARG K 4755 23.67 59.79 -35.60
N THR K 4756 23.16 58.67 -36.11
CA THR K 4756 23.92 57.43 -36.05
C THR K 4756 25.12 57.48 -36.97
N ILE K 4757 24.98 58.20 -38.09
CA ILE K 4757 26.09 58.36 -39.02
C ILE K 4757 27.23 59.14 -38.36
N LEU K 4758 26.88 60.20 -37.67
CA LEU K 4758 27.88 61.03 -37.01
C LEU K 4758 28.37 60.44 -35.70
N SER K 4759 27.62 59.52 -35.10
CA SER K 4759 28.20 58.76 -34.01
C SER K 4759 29.17 57.72 -34.54
N SER K 4760 28.99 57.30 -35.78
CA SER K 4760 29.87 56.30 -36.35
C SER K 4760 31.22 56.86 -36.79
N VAL K 4761 31.45 58.17 -36.64
CA VAL K 4761 32.78 58.69 -36.91
C VAL K 4761 33.65 58.66 -35.66
N THR K 4762 33.06 58.49 -34.48
CA THR K 4762 33.79 58.55 -33.24
C THR K 4762 33.65 57.29 -32.40
N HIS K 4763 32.99 56.26 -32.91
CA HIS K 4763 32.87 55.01 -32.19
C HIS K 4763 34.24 54.35 -32.02
N ASN K 4764 34.95 54.18 -33.11
CA ASN K 4764 36.27 53.54 -33.06
C ASN K 4764 37.40 54.56 -33.04
N GLY K 4765 37.49 55.33 -31.96
CA GLY K 4765 38.43 56.43 -31.94
C GLY K 4765 39.88 55.99 -31.86
N LYS K 4766 40.21 55.19 -30.84
CA LYS K 4766 41.60 54.84 -30.60
C LYS K 4766 42.13 53.92 -31.69
N GLN K 4767 41.26 53.14 -32.33
CA GLN K 4767 41.70 52.32 -33.44
C GLN K 4767 42.04 53.17 -34.65
N LEU K 4768 41.18 54.14 -34.96
CA LEU K 4768 41.35 54.92 -36.17
C LEU K 4768 42.54 55.86 -36.05
N VAL K 4769 42.73 56.45 -34.87
CA VAL K 4769 43.86 57.35 -34.67
C VAL K 4769 45.17 56.58 -34.74
N LEU K 4770 45.21 55.40 -34.13
CA LEU K 4770 46.43 54.59 -34.19
C LEU K 4770 46.69 54.11 -35.61
N THR K 4771 45.65 53.83 -36.40
CA THR K 4771 45.88 53.36 -37.75
C THR K 4771 46.40 54.49 -38.65
N VAL K 4772 45.85 55.69 -38.47
CA VAL K 4772 46.32 56.83 -39.23
C VAL K 4772 47.76 57.17 -38.85
N GLY K 4773 48.10 57.05 -37.57
CA GLY K 4773 49.48 57.21 -37.17
C GLY K 4773 50.40 56.16 -37.78
N LEU K 4774 49.89 54.93 -37.92
CA LEU K 4774 50.66 53.87 -38.58
C LEU K 4774 50.90 54.21 -40.04
N LEU K 4775 49.89 54.78 -40.71
CA LEU K 4775 50.05 55.16 -42.10
C LEU K 4775 51.07 56.27 -42.24
N ALA K 4776 51.07 57.21 -41.30
CA ALA K 4776 52.06 58.27 -41.32
C ALA K 4776 53.47 57.73 -41.12
N VAL K 4777 53.60 56.69 -40.31
CA VAL K 4777 54.91 56.09 -40.11
C VAL K 4777 55.40 55.40 -41.39
N VAL K 4778 54.50 54.71 -42.10
CA VAL K 4778 54.90 54.06 -43.34
C VAL K 4778 55.30 55.09 -44.40
N VAL K 4779 54.55 56.19 -44.48
CA VAL K 4779 54.85 57.24 -45.43
C VAL K 4779 56.18 57.90 -45.09
N TYR K 4780 56.44 58.10 -43.80
CA TYR K 4780 57.71 58.68 -43.36
C TYR K 4780 58.89 57.78 -43.69
N LEU K 4781 58.71 56.47 -43.55
CA LEU K 4781 59.81 55.55 -43.85
C LEU K 4781 60.10 55.53 -45.35
N TYR K 4782 59.05 55.57 -46.16
CA TYR K 4782 59.33 55.67 -47.59
C TYR K 4782 59.90 57.02 -47.96
N THR K 4783 59.59 58.06 -47.18
CA THR K 4783 60.23 59.35 -47.38
C THR K 4783 61.72 59.26 -47.11
N VAL K 4784 62.10 58.47 -46.09
CA VAL K 4784 63.50 58.24 -45.79
C VAL K 4784 64.20 57.55 -46.96
N VAL K 4785 63.56 56.53 -47.53
CA VAL K 4785 64.17 55.81 -48.66
C VAL K 4785 64.29 56.71 -49.88
N ALA K 4786 63.21 57.42 -50.21
CA ALA K 4786 63.21 58.30 -51.38
C ALA K 4786 64.20 59.44 -51.24
N PHE K 4787 64.38 59.95 -50.02
CA PHE K 4787 65.41 60.93 -49.75
C PHE K 4787 66.79 60.36 -49.99
N ASN K 4788 67.05 59.18 -49.45
CA ASN K 4788 68.42 58.71 -49.43
C ASN K 4788 68.83 58.05 -50.73
N PHE K 4789 67.90 57.76 -51.63
CA PHE K 4789 68.32 57.04 -52.83
C PHE K 4789 67.71 57.51 -54.15
N PHE K 4790 66.67 58.35 -54.16
CA PHE K 4790 65.97 58.55 -55.41
C PHE K 4790 65.55 59.98 -55.70
N ARG K 4791 66.28 60.99 -55.22
CA ARG K 4791 65.80 62.35 -55.40
C ARG K 4791 66.05 62.91 -56.78
N LYS K 4792 66.64 62.14 -57.69
CA LYS K 4792 66.84 62.58 -59.06
C LYS K 4792 65.63 62.32 -59.94
N PHE K 4793 64.45 62.18 -59.34
CA PHE K 4793 63.22 61.95 -60.08
C PHE K 4793 62.16 62.98 -59.77
N TYR K 4794 62.57 64.14 -59.27
CA TYR K 4794 61.65 65.13 -58.71
C TYR K 4794 61.75 66.41 -59.53
N ASN K 4795 60.87 66.56 -60.51
CA ASN K 4795 60.75 67.80 -61.27
C ASN K 4795 59.28 68.02 -61.58
N LYS K 4796 58.67 68.95 -60.83
CA LYS K 4796 57.34 69.41 -61.18
C LYS K 4796 57.35 70.22 -62.46
N SER K 4797 58.48 70.85 -62.75
CA SER K 4797 58.60 71.75 -63.89
C SER K 4797 58.50 70.98 -65.20
N GLU K 4798 58.29 71.73 -66.27
CA GLU K 4798 58.23 71.17 -67.60
C GLU K 4798 59.63 71.16 -68.19
N ASP K 4799 60.14 69.97 -68.46
CA ASP K 4799 61.38 69.66 -69.19
C ASP K 4799 62.65 70.00 -68.39
N GLY K 4800 62.51 70.64 -67.23
CA GLY K 4800 63.64 70.88 -66.36
C GLY K 4800 64.55 72.03 -66.73
N ASP K 4801 64.57 72.45 -68.00
CA ASP K 4801 65.32 73.64 -68.37
C ASP K 4801 64.59 74.90 -67.92
N THR K 4802 63.26 74.86 -67.94
CA THR K 4802 62.44 75.74 -67.15
C THR K 4802 62.82 75.56 -65.67
N PRO K 4803 62.62 76.61 -64.79
CA PRO K 4803 63.32 76.64 -63.49
C PRO K 4803 62.89 75.54 -62.54
N ASP K 4804 63.58 74.40 -62.72
CA ASP K 4804 63.19 73.11 -62.16
C ASP K 4804 63.14 73.11 -60.63
N MET K 4805 62.12 72.44 -60.10
CA MET K 4805 61.88 72.35 -58.67
C MET K 4805 61.98 70.90 -58.25
N LYS K 4806 62.67 70.64 -57.15
CA LYS K 4806 62.76 69.29 -56.64
C LYS K 4806 61.98 69.17 -55.35
N CYS K 4807 61.95 67.96 -54.81
CA CYS K 4807 61.33 67.69 -53.53
C CYS K 4807 62.23 66.78 -52.71
N ASP K 4808 63.48 67.19 -52.56
CA ASP K 4808 64.48 66.40 -51.83
C ASP K 4808 64.47 66.55 -50.31
N ASP K 4809 64.21 67.77 -49.82
CA ASP K 4809 64.20 68.02 -48.39
C ASP K 4809 63.26 67.07 -47.64
N MET K 4810 63.73 66.56 -46.51
CA MET K 4810 62.96 65.63 -45.69
C MET K 4810 61.54 66.12 -45.40
N LEU K 4811 61.43 67.38 -44.98
CA LEU K 4811 60.14 67.97 -44.68
C LEU K 4811 59.29 68.17 -45.93
N THR K 4812 59.95 68.41 -47.06
CA THR K 4812 59.26 68.63 -48.32
C THR K 4812 58.77 67.32 -48.95
N CYS K 4813 59.67 66.36 -49.12
CA CYS K 4813 59.29 65.09 -49.73
C CYS K 4813 58.14 64.45 -48.96
N TYR K 4814 58.15 64.64 -47.64
CA TYR K 4814 57.12 64.10 -46.77
C TYR K 4814 55.76 64.69 -47.11
N MET K 4815 55.66 66.02 -47.17
CA MET K 4815 54.39 66.63 -47.50
C MET K 4815 54.02 66.40 -48.95
N PHE K 4816 55.02 66.13 -49.81
CA PHE K 4816 54.72 65.72 -51.17
C PHE K 4816 54.01 64.38 -51.22
N HIS K 4817 54.53 63.38 -50.50
CA HIS K 4817 53.89 62.06 -50.53
C HIS K 4817 52.53 62.10 -49.85
N MET K 4818 52.39 62.96 -48.85
CA MET K 4818 51.09 63.14 -48.21
C MET K 4818 50.05 63.69 -49.18
N TYR K 4819 50.32 64.88 -49.74
CA TYR K 4819 49.32 65.51 -50.58
C TYR K 4819 49.12 64.74 -51.88
N VAL K 4820 50.19 64.18 -52.43
CA VAL K 4820 50.11 63.65 -53.76
C VAL K 4820 49.92 62.14 -53.71
N GLY K 4821 50.81 61.46 -53.00
CA GLY K 4821 50.86 60.01 -53.10
C GLY K 4821 49.71 59.30 -52.40
N VAL K 4822 49.19 59.90 -51.33
CA VAL K 4822 48.12 59.26 -50.56
C VAL K 4822 46.83 59.24 -51.36
N ARG K 4823 46.37 60.41 -51.80
CA ARG K 4823 45.14 60.47 -52.57
C ARG K 4823 45.35 60.20 -54.05
N ALA K 4824 46.45 59.53 -54.43
CA ALA K 4824 46.77 59.39 -55.84
C ALA K 4824 45.86 58.39 -56.53
N GLY K 4825 45.83 57.16 -56.05
CA GLY K 4825 45.10 56.08 -56.69
C GLY K 4825 46.01 55.22 -57.54
N GLY K 4826 46.96 55.84 -58.22
CA GLY K 4826 47.94 55.07 -58.96
C GLY K 4826 49.19 54.81 -58.14
N GLY K 4827 49.07 54.96 -56.82
CA GLY K 4827 50.22 54.78 -55.96
C GLY K 4827 51.12 56.00 -55.96
N ILE K 4828 52.27 55.89 -56.62
CA ILE K 4828 53.13 57.04 -56.86
C ILE K 4828 53.58 57.14 -58.30
N GLY K 4829 53.49 56.08 -59.09
CA GLY K 4829 54.08 56.01 -60.42
C GLY K 4829 53.44 56.89 -61.45
N ASP K 4830 52.29 57.48 -61.15
CA ASP K 4830 51.75 58.50 -62.03
C ASP K 4830 52.55 59.79 -61.92
N GLU K 4831 52.56 60.40 -60.73
CA GLU K 4831 53.01 61.77 -60.57
C GLU K 4831 54.50 61.84 -60.22
N ILE K 4832 55.30 61.15 -61.04
CA ILE K 4832 56.73 61.02 -60.76
C ILE K 4832 57.40 60.55 -62.04
N GLU K 4833 58.71 60.70 -62.12
CA GLU K 4833 59.46 60.20 -63.26
C GLU K 4833 59.44 58.69 -63.29
N ASP K 4834 59.43 58.13 -64.49
CA ASP K 4834 59.49 56.69 -64.63
C ASP K 4834 60.86 56.25 -65.16
N PRO K 4835 61.33 55.08 -64.76
CA PRO K 4835 62.60 54.59 -65.31
C PRO K 4835 62.41 54.10 -66.74
N ALA K 4836 63.42 54.32 -67.57
CA ALA K 4836 63.41 53.94 -68.97
C ALA K 4836 64.75 53.33 -69.35
N GLY K 4837 65.34 52.54 -68.46
CA GLY K 4837 66.63 51.94 -68.72
C GLY K 4837 67.74 52.49 -67.86
N ASP K 4838 67.42 52.86 -66.62
CA ASP K 4838 68.38 53.40 -65.68
C ASP K 4838 69.14 52.25 -65.01
N GLU K 4839 70.11 52.57 -64.16
CA GLU K 4839 70.68 51.56 -63.29
C GLU K 4839 69.65 51.04 -62.30
N TYR K 4840 68.95 51.95 -61.62
CA TYR K 4840 68.09 51.62 -60.50
C TYR K 4840 66.67 51.31 -60.92
N GLU K 4841 66.49 50.79 -62.13
CA GLU K 4841 65.15 50.55 -62.68
C GLU K 4841 64.40 49.50 -61.89
N ILE K 4842 65.07 48.40 -61.56
CA ILE K 4842 64.39 47.29 -60.91
C ILE K 4842 64.05 47.65 -59.47
N TYR K 4843 64.99 48.32 -58.79
CA TYR K 4843 64.73 48.84 -57.44
C TYR K 4843 63.60 49.86 -57.47
N ARG K 4844 63.52 50.63 -58.55
CA ARG K 4844 62.45 51.60 -58.70
C ARG K 4844 61.10 50.92 -58.80
N ILE K 4845 61.00 49.86 -59.60
CA ILE K 4845 59.71 49.21 -59.77
C ILE K 4845 59.32 48.48 -58.50
N ILE K 4846 60.30 47.94 -57.77
CA ILE K 4846 60.01 47.34 -56.46
C ILE K 4846 59.48 48.39 -55.50
N PHE K 4847 60.09 49.57 -55.50
CA PHE K 4847 59.64 50.66 -54.64
C PHE K 4847 58.22 51.09 -54.99
N ASP K 4848 57.93 51.14 -56.29
CA ASP K 4848 56.61 51.54 -56.78
C ASP K 4848 55.53 50.54 -56.38
N ILE K 4849 55.79 49.24 -56.59
CA ILE K 4849 54.80 48.21 -56.30
C ILE K 4849 54.57 48.09 -54.81
N THR K 4850 55.63 48.19 -54.02
CA THR K 4850 55.44 48.10 -52.57
C THR K 4850 54.72 49.30 -52.02
N PHE K 4851 54.93 50.50 -52.60
CA PHE K 4851 54.13 51.64 -52.20
C PHE K 4851 52.67 51.44 -52.54
N PHE K 4852 52.40 50.91 -53.74
CA PHE K 4852 51.04 50.67 -54.19
C PHE K 4852 50.31 49.70 -53.27
N PHE K 4853 50.93 48.56 -52.99
CA PHE K 4853 50.34 47.58 -52.09
C PHE K 4853 50.20 48.13 -50.67
N PHE K 4854 51.30 48.48 -50.04
CA PHE K 4854 51.18 48.83 -48.63
C PHE K 4854 50.60 50.21 -48.38
N VAL K 4855 50.10 50.93 -49.39
CA VAL K 4855 49.27 52.06 -49.05
C VAL K 4855 47.88 51.93 -49.67
N ILE K 4856 47.81 51.88 -51.00
CA ILE K 4856 46.51 52.06 -51.64
C ILE K 4856 45.68 50.79 -51.57
N VAL K 4857 46.33 49.63 -51.64
CA VAL K 4857 45.60 48.38 -51.58
C VAL K 4857 45.11 48.13 -50.16
N ILE K 4858 45.99 48.21 -49.19
CA ILE K 4858 45.64 47.76 -47.85
C ILE K 4858 45.05 48.87 -46.99
N LEU K 4859 45.81 49.95 -46.78
CA LEU K 4859 45.51 50.84 -45.65
C LEU K 4859 44.26 51.68 -45.86
N LEU K 4860 44.02 52.11 -47.10
CA LEU K 4860 42.77 52.80 -47.38
C LEU K 4860 41.58 51.88 -47.19
N ALA K 4861 41.75 50.60 -47.54
CA ALA K 4861 40.70 49.64 -47.29
C ALA K 4861 40.53 49.39 -45.80
N ILE K 4862 41.61 49.51 -45.02
CA ILE K 4862 41.50 49.36 -43.57
C ILE K 4862 40.64 50.47 -42.99
N ILE K 4863 40.88 51.71 -43.43
CA ILE K 4863 40.12 52.83 -42.91
C ILE K 4863 38.65 52.72 -43.32
N GLN K 4864 38.41 52.36 -44.60
CA GLN K 4864 37.05 52.17 -45.08
C GLN K 4864 36.33 51.07 -44.31
N GLY K 4865 37.03 49.95 -44.11
CA GLY K 4865 36.42 48.83 -43.41
C GLY K 4865 36.16 49.12 -41.96
N LEU K 4866 36.99 49.95 -41.34
CA LEU K 4866 36.76 50.33 -39.95
C LEU K 4866 35.50 51.19 -39.84
N ILE K 4867 35.29 52.10 -40.78
CA ILE K 4867 34.09 52.94 -40.72
C ILE K 4867 32.83 52.14 -41.02
N ILE K 4868 32.89 51.26 -42.02
CA ILE K 4868 31.71 50.49 -42.36
C ILE K 4868 31.43 49.41 -41.31
N ASP K 4869 32.47 48.97 -40.59
CA ASP K 4869 32.27 48.09 -39.45
C ASP K 4869 31.55 48.82 -38.33
N ALA K 4870 31.89 50.09 -38.10
CA ALA K 4870 31.19 50.88 -37.09
C ALA K 4870 29.72 51.07 -37.46
N PHE K 4871 29.43 51.27 -38.75
CA PHE K 4871 28.03 51.35 -39.17
C PHE K 4871 27.27 50.05 -38.99
N GLY K 4872 27.90 48.93 -39.36
CA GLY K 4872 27.25 47.64 -39.17
C GLY K 4872 26.90 47.39 -37.72
N GLU K 4873 27.83 47.70 -36.81
CA GLU K 4873 27.56 47.45 -35.39
C GLU K 4873 26.51 48.41 -34.84
N LEU K 4874 26.49 49.66 -35.31
CA LEU K 4874 25.47 50.58 -34.83
C LEU K 4874 24.07 50.18 -35.29
N ARG K 4875 23.93 49.81 -36.56
CA ARG K 4875 22.62 49.37 -37.03
C ARG K 4875 22.22 48.05 -36.39
N ASP K 4876 23.20 47.20 -36.05
CA ASP K 4876 22.89 45.97 -35.35
C ASP K 4876 22.40 46.25 -33.93
N GLN K 4877 22.95 47.27 -33.27
CA GLN K 4877 22.45 47.61 -31.94
C GLN K 4877 21.04 48.19 -31.99
N GLN K 4878 20.76 49.03 -33.01
CA GLN K 4878 19.40 49.54 -33.19
C GLN K 4878 18.42 48.40 -33.39
N GLU K 4879 18.78 47.46 -34.26
CA GLU K 4879 17.90 46.34 -34.54
C GLU K 4879 17.78 45.40 -33.37
N GLN K 4880 18.82 45.29 -32.53
CA GLN K 4880 18.71 44.39 -31.38
C GLN K 4880 17.82 44.99 -30.30
N VAL K 4881 17.87 46.32 -30.14
CA VAL K 4881 16.91 47.01 -29.29
C VAL K 4881 15.49 46.75 -29.77
N LYS K 4882 15.25 46.96 -31.06
CA LYS K 4882 13.89 46.75 -31.55
C LYS K 4882 13.52 45.28 -31.72
N GLU K 4883 14.47 44.37 -31.51
CA GLU K 4883 14.13 42.95 -31.46
C GLU K 4883 13.71 42.56 -30.05
N ASP K 4884 14.59 42.77 -29.07
CA ASP K 4884 14.27 42.36 -27.72
C ASP K 4884 13.33 43.33 -27.02
N MET K 4885 12.85 44.36 -27.70
CA MET K 4885 11.61 44.99 -27.30
C MET K 4885 10.39 44.30 -27.84
N GLU K 4886 10.52 43.16 -28.52
CA GLU K 4886 9.33 42.47 -29.02
C GLU K 4886 9.32 40.97 -28.84
N THR K 4887 10.35 40.37 -28.28
CA THR K 4887 10.29 38.95 -27.95
C THR K 4887 10.52 38.67 -26.48
N LYS K 4888 10.59 39.71 -25.67
CA LYS K 4888 10.74 39.55 -24.23
C LYS K 4888 9.90 40.59 -23.51
N CYS K 4889 9.47 40.24 -22.31
CA CYS K 4889 9.12 41.30 -21.38
C CYS K 4889 10.40 41.92 -20.84
N PHE K 4890 10.33 43.22 -20.56
CA PHE K 4890 11.49 43.88 -19.98
C PHE K 4890 11.71 43.45 -18.54
N ILE K 4891 10.67 42.99 -17.85
CA ILE K 4891 10.73 42.75 -16.42
C ILE K 4891 10.82 41.26 -16.11
N CYS K 4892 9.79 40.50 -16.46
CA CYS K 4892 9.85 39.09 -16.15
C CYS K 4892 10.75 38.34 -17.11
N GLY K 4893 11.10 38.96 -18.24
CA GLY K 4893 12.21 38.54 -19.08
C GLY K 4893 12.11 37.15 -19.66
N ILE K 4894 10.89 36.67 -19.86
CA ILE K 4894 10.68 35.26 -20.15
C ILE K 4894 10.89 34.97 -21.63
N GLY K 4895 10.07 35.57 -22.47
CA GLY K 4895 10.10 35.22 -23.87
C GLY K 4895 8.76 35.51 -24.52
N ASN K 4896 8.74 35.33 -25.83
CA ASN K 4896 7.51 35.53 -26.57
C ASN K 4896 6.70 34.25 -26.66
N ASP K 4897 7.41 33.14 -26.87
CA ASP K 4897 6.77 31.87 -27.21
C ASP K 4897 5.89 31.33 -26.08
N TYR K 4898 6.32 31.54 -24.84
CA TYR K 4898 5.56 31.04 -23.71
C TYR K 4898 4.24 31.77 -23.55
N PHE K 4899 4.18 33.02 -23.99
CA PHE K 4899 2.94 33.77 -23.95
C PHE K 4899 2.19 33.72 -25.25
N ASP K 4900 2.37 32.65 -26.00
CA ASP K 4900 1.69 32.48 -27.27
C ASP K 4900 0.99 31.15 -27.40
N THR K 4901 1.03 30.30 -26.37
CA THR K 4901 0.11 29.18 -26.30
C THR K 4901 -1.32 29.68 -26.30
N VAL K 4902 -1.60 30.62 -25.43
CA VAL K 4902 -2.82 31.44 -25.57
C VAL K 4902 -2.63 32.37 -26.76
N PRO K 4903 -3.60 32.46 -27.68
CA PRO K 4903 -3.49 33.40 -28.79
C PRO K 4903 -3.50 34.84 -28.29
N HIS K 4904 -2.69 35.68 -28.96
CA HIS K 4904 -2.61 37.13 -28.75
C HIS K 4904 -2.07 37.46 -27.36
N GLY K 4905 -1.43 36.48 -26.73
CA GLY K 4905 -1.20 36.51 -25.30
C GLY K 4905 -0.08 37.43 -24.84
N PHE K 4906 1.01 37.46 -25.60
CA PHE K 4906 2.14 38.31 -25.24
C PHE K 4906 1.78 39.77 -25.30
N GLU K 4907 0.92 40.14 -26.25
CA GLU K 4907 0.48 41.52 -26.30
C GLU K 4907 -0.42 41.85 -25.11
N THR K 4908 -1.22 40.88 -24.67
CA THR K 4908 -1.92 41.06 -23.41
C THR K 4908 -0.97 40.96 -22.23
N HIS K 4909 0.11 40.19 -22.38
CA HIS K 4909 1.10 40.13 -21.31
C HIS K 4909 1.89 41.43 -21.20
N THR K 4910 1.82 42.30 -22.20
CA THR K 4910 2.20 43.68 -21.96
C THR K 4910 1.13 44.65 -22.46
N LEU K 4911 -0.11 44.39 -22.12
CA LEU K 4911 -1.15 45.40 -22.04
C LEU K 4911 -1.82 45.39 -20.69
N GLN K 4912 -1.73 44.29 -19.98
CA GLN K 4912 -2.32 44.10 -18.67
C GLN K 4912 -1.31 43.77 -17.61
N GLU K 4913 -0.37 42.87 -17.90
CA GLU K 4913 0.39 42.21 -16.84
C GLU K 4913 1.48 43.11 -16.28
N HIS K 4914 2.45 43.50 -17.10
CA HIS K 4914 3.57 44.29 -16.59
C HIS K 4914 3.55 45.74 -17.03
N ASN K 4915 3.44 45.99 -18.35
CA ASN K 4915 3.10 47.24 -19.05
C ASN K 4915 3.66 48.51 -18.40
N LEU K 4916 4.98 48.63 -18.47
CA LEU K 4916 5.91 49.36 -17.62
C LEU K 4916 5.44 50.71 -17.09
N ALA K 4917 4.54 51.36 -17.82
CA ALA K 4917 3.90 52.58 -17.35
C ALA K 4917 3.16 52.39 -16.03
N ASN K 4918 2.64 51.19 -15.77
CA ASN K 4918 1.85 51.03 -14.56
C ASN K 4918 2.71 50.98 -13.31
N TYR K 4919 3.95 50.51 -13.39
CA TYR K 4919 4.83 50.60 -12.24
C TYR K 4919 5.13 52.05 -11.91
N LEU K 4920 5.30 52.88 -12.95
CA LEU K 4920 5.46 54.32 -12.77
C LEU K 4920 4.24 54.93 -12.09
N PHE K 4921 3.06 54.56 -12.58
CA PHE K 4921 1.82 55.09 -12.04
C PHE K 4921 1.60 54.65 -10.60
N PHE K 4922 1.81 53.36 -10.34
CA PHE K 4922 1.64 52.81 -9.01
C PHE K 4922 2.63 53.39 -8.03
N LEU K 4923 3.83 53.72 -8.49
CA LEU K 4923 4.78 54.33 -7.59
C LEU K 4923 4.35 55.75 -7.27
N MET K 4924 3.77 56.46 -8.26
CA MET K 4924 3.18 57.76 -7.99
C MET K 4924 2.05 57.66 -6.98
N TYR K 4925 1.24 56.61 -7.11
CA TYR K 4925 0.13 56.33 -6.22
C TYR K 4925 0.62 56.10 -4.79
N LEU K 4926 1.73 55.40 -4.63
CA LEU K 4926 2.27 55.18 -3.30
C LEU K 4926 2.82 56.45 -2.71
N ILE K 4927 3.47 57.28 -3.52
CA ILE K 4927 4.02 58.52 -3.00
C ILE K 4927 2.92 59.44 -2.55
N ASN K 4928 1.83 59.50 -3.31
CA ASN K 4928 0.87 60.56 -3.10
C ASN K 4928 -0.12 60.25 -1.98
N LYS K 4929 -0.39 58.98 -1.71
CA LYS K 4929 -1.23 58.65 -0.57
C LYS K 4929 -0.53 58.92 0.74
N ASP K 4930 -1.33 58.96 1.80
CA ASP K 4930 -0.80 59.07 3.14
C ASP K 4930 -0.15 57.75 3.55
N GLU K 4931 0.60 57.80 4.64
CA GLU K 4931 1.29 56.60 5.08
C GLU K 4931 0.34 55.64 5.74
N THR K 4932 -0.64 56.16 6.47
CA THR K 4932 -1.40 55.38 7.43
C THR K 4932 -2.42 54.45 6.81
N GLU K 4933 -2.63 54.50 5.50
CA GLU K 4933 -3.68 53.71 4.88
C GLU K 4933 -3.12 52.71 3.90
N HIS K 4934 -1.88 52.30 4.09
CA HIS K 4934 -1.30 51.28 3.25
C HIS K 4934 -1.86 49.93 3.66
N THR K 4935 -2.01 49.05 2.68
CA THR K 4935 -2.37 47.67 3.01
C THR K 4935 -1.11 46.93 3.42
N GLY K 4936 -1.21 45.61 3.50
CA GLY K 4936 -0.02 44.82 3.78
C GLY K 4936 0.98 44.89 2.64
N GLN K 4937 0.50 44.77 1.41
CA GLN K 4937 1.38 44.79 0.26
C GLN K 4937 1.91 46.18 0.01
N GLU K 4938 1.09 47.19 0.26
CA GLU K 4938 1.51 48.55 0.00
C GLU K 4938 2.56 48.98 1.00
N SER K 4939 2.37 48.65 2.27
CA SER K 4939 3.41 48.91 3.25
C SER K 4939 4.64 48.06 2.98
N TYR K 4940 4.44 46.85 2.45
CA TYR K 4940 5.57 45.97 2.15
C TYR K 4940 6.44 46.55 1.06
N VAL K 4941 5.83 46.95 -0.04
CA VAL K 4941 6.56 47.55 -1.15
C VAL K 4941 7.18 48.86 -0.76
N TRP K 4942 6.46 49.67 0.03
CA TRP K 4942 7.04 50.91 0.52
C TRP K 4942 8.23 50.65 1.42
N LYS K 4943 8.17 49.58 2.20
CA LYS K 4943 9.29 49.24 3.07
C LYS K 4943 10.49 48.77 2.27
N MET K 4944 10.26 47.92 1.26
CA MET K 4944 11.35 47.46 0.41
C MET K 4944 11.99 48.61 -0.32
N TYR K 4945 11.17 49.54 -0.81
CA TYR K 4945 11.68 50.70 -1.52
C TYR K 4945 12.44 51.64 -0.60
N GLN K 4946 12.02 51.76 0.65
CA GLN K 4946 12.86 52.51 1.57
C GLN K 4946 14.10 51.74 1.95
N GLU K 4947 14.08 50.42 1.77
CA GLU K 4947 15.23 49.60 2.07
C GLU K 4947 16.21 49.50 0.91
N ARG K 4948 15.72 49.67 -0.32
CA ARG K 4948 16.49 49.58 -1.56
C ARG K 4948 17.14 48.19 -1.67
N CYS K 4949 16.30 47.16 -1.81
CA CYS K 4949 16.83 45.80 -1.88
C CYS K 4949 16.26 44.94 -2.99
N TRP K 4950 15.10 45.26 -3.54
CA TRP K 4950 14.68 44.92 -4.91
C TRP K 4950 14.58 43.42 -5.16
N GLU K 4951 13.70 42.79 -4.44
CA GLU K 4951 13.43 41.40 -4.67
C GLU K 4951 11.98 41.18 -5.08
N PHE K 4952 11.13 42.18 -4.94
CA PHE K 4952 9.73 42.05 -5.32
C PHE K 4952 9.49 42.16 -6.81
N PHE K 4953 10.44 42.65 -7.57
CA PHE K 4953 10.31 42.55 -9.01
C PHE K 4953 10.50 41.10 -9.43
N PRO K 4954 9.61 40.53 -10.23
CA PRO K 4954 9.69 39.10 -10.54
C PRO K 4954 10.84 38.83 -11.49
N ALA K 4955 11.68 37.87 -11.13
CA ALA K 4955 12.83 37.56 -11.96
C ALA K 4955 12.42 36.74 -13.17
N GLY K 4956 11.88 35.54 -12.93
CA GLY K 4956 11.41 34.68 -13.99
C GLY K 4956 10.09 34.02 -13.66
N ASP K 4957 9.23 34.76 -12.97
CA ASP K 4957 8.07 34.19 -12.25
C ASP K 4957 6.81 35.01 -12.55
N CYS K 4958 6.40 35.03 -13.81
CA CYS K 4958 5.07 35.56 -14.10
C CYS K 4958 3.99 34.68 -13.47
N PHE K 4959 2.80 35.28 -13.36
CA PHE K 4959 1.67 34.67 -12.66
C PHE K 4959 1.23 33.36 -13.31
N ARG K 4960 1.18 33.35 -14.64
CA ARG K 4960 0.68 32.18 -15.37
C ARG K 4960 1.60 30.99 -15.20
N LYS K 4961 2.89 31.24 -14.97
CA LYS K 4961 3.83 30.17 -14.71
C LYS K 4961 3.55 29.48 -13.39
N GLN K 4962 3.01 30.22 -12.44
CA GLN K 4962 2.81 29.67 -11.10
C GLN K 4962 1.74 28.58 -11.10
N TYR K 4963 0.80 28.64 -12.04
CA TYR K 4963 -0.39 27.80 -11.94
C TYR K 4963 -0.50 26.91 -13.17
N GLU K 4964 -1.47 26.01 -13.13
CA GLU K 4964 -1.78 25.15 -14.25
C GLU K 4964 -3.27 25.29 -14.55
N LEU L 5 -47.10 83.09 39.67
CA LEU L 5 -47.29 83.23 41.11
C LEU L 5 -46.46 84.38 41.66
N THR L 6 -47.05 85.15 42.57
CA THR L 6 -46.38 86.29 43.17
C THR L 6 -46.07 86.01 44.63
N GLU L 7 -45.10 86.77 45.14
CA GLU L 7 -44.40 86.39 46.36
C GLU L 7 -45.21 86.73 47.61
N GLU L 8 -45.68 87.96 47.70
CA GLU L 8 -46.39 88.39 48.89
C GLU L 8 -47.77 87.77 49.00
N GLN L 9 -48.34 87.31 47.89
CA GLN L 9 -49.56 86.51 47.98
C GLN L 9 -49.29 85.20 48.71
N ILE L 10 -48.16 84.56 48.38
CA ILE L 10 -47.75 83.34 49.08
C ILE L 10 -47.47 83.63 50.54
N ALA L 11 -46.85 84.79 50.82
CA ALA L 11 -46.57 85.20 52.18
C ALA L 11 -47.86 85.40 52.97
N GLU L 12 -48.83 86.07 52.37
CA GLU L 12 -50.10 86.34 53.03
C GLU L 12 -50.88 85.04 53.26
N PHE L 13 -50.85 84.12 52.30
CA PHE L 13 -51.58 82.87 52.44
C PHE L 13 -50.99 82.02 53.56
N LYS L 14 -49.65 81.98 53.61
CA LYS L 14 -48.94 81.28 54.67
C LYS L 14 -49.25 81.89 56.03
N GLU L 15 -49.22 83.22 56.10
CA GLU L 15 -49.46 83.89 57.37
C GLU L 15 -50.90 83.74 57.84
N ALA L 16 -51.85 83.68 56.91
CA ALA L 16 -53.24 83.50 57.30
C ALA L 16 -53.49 82.06 57.77
N PHE L 17 -52.91 81.08 57.05
CA PHE L 17 -53.08 79.68 57.43
C PHE L 17 -52.45 79.41 58.79
N SER L 18 -51.26 79.95 59.03
CA SER L 18 -50.62 79.75 60.33
C SER L 18 -51.27 80.60 61.40
N LEU L 19 -51.87 81.73 61.02
CA LEU L 19 -52.57 82.58 61.97
C LEU L 19 -53.80 81.87 62.52
N PHE L 20 -54.54 81.19 61.66
CA PHE L 20 -55.66 80.41 62.15
C PHE L 20 -55.26 78.98 62.48
N ASP L 21 -53.97 78.68 62.42
CA ASP L 21 -53.45 77.46 63.00
C ASP L 21 -52.99 77.77 64.42
N LYS L 22 -52.95 76.75 65.27
CA LYS L 22 -52.49 76.91 66.65
C LYS L 22 -51.25 76.08 66.95
N ASP L 23 -51.30 74.78 66.66
CA ASP L 23 -50.18 73.92 67.00
C ASP L 23 -49.03 74.05 66.00
N GLY L 24 -49.34 74.21 64.71
CA GLY L 24 -48.34 74.56 63.74
C GLY L 24 -47.83 73.44 62.84
N ASP L 25 -48.47 72.27 62.86
CA ASP L 25 -48.06 71.16 62.02
C ASP L 25 -49.00 70.93 60.84
N GLY L 26 -49.52 72.00 60.24
CA GLY L 26 -50.42 71.88 59.11
C GLY L 26 -51.77 71.30 59.47
N THR L 27 -52.26 71.56 60.69
CA THR L 27 -53.47 70.93 61.20
C THR L 27 -54.40 72.02 61.72
N ILE L 28 -55.29 72.48 60.85
CA ILE L 28 -56.41 73.31 61.27
C ILE L 28 -57.68 72.50 61.10
N THR L 29 -58.82 73.03 61.56
CA THR L 29 -60.09 72.33 61.44
C THR L 29 -60.68 72.55 60.04
N THR L 30 -61.70 71.74 59.71
CA THR L 30 -62.34 71.85 58.40
C THR L 30 -63.24 73.06 58.32
N LYS L 31 -63.95 73.37 59.40
CA LYS L 31 -64.87 74.50 59.39
C LYS L 31 -64.15 75.84 59.38
N ALA L 32 -62.87 75.87 59.76
CA ALA L 32 -62.13 77.12 59.72
C ALA L 32 -61.64 77.44 58.32
N LEU L 33 -61.94 76.57 57.34
CA LEU L 33 -61.62 76.88 55.95
C LEU L 33 -62.41 78.10 55.47
N GLY L 34 -63.70 78.15 55.80
CA GLY L 34 -64.50 79.31 55.46
C GLY L 34 -64.01 80.58 56.16
N THR L 35 -63.56 80.43 57.40
CA THR L 35 -63.05 81.57 58.15
C THR L 35 -61.74 82.07 57.57
N VAL L 36 -60.84 81.14 57.19
CA VAL L 36 -59.55 81.56 56.67
C VAL L 36 -59.69 82.07 55.25
N MET L 37 -60.70 81.60 54.51
CA MET L 37 -60.91 82.12 53.17
C MET L 37 -61.56 83.49 53.21
N ARG L 38 -62.51 83.71 54.12
CA ARG L 38 -63.08 85.03 54.26
C ARG L 38 -62.14 86.02 54.93
N SER L 39 -61.12 85.53 55.65
CA SER L 39 -60.03 86.42 56.04
C SER L 39 -59.17 86.77 54.84
N LEU L 40 -59.09 85.87 53.87
CA LEU L 40 -58.40 86.11 52.61
C LEU L 40 -59.33 86.70 51.55
N GLY L 41 -60.53 87.12 51.93
CA GLY L 41 -61.47 87.72 51.00
C GLY L 41 -62.22 86.75 50.11
N GLN L 42 -62.06 85.45 50.31
CA GLN L 42 -62.71 84.44 49.49
C GLN L 42 -63.98 83.99 50.18
N ASN L 43 -65.08 83.95 49.43
CA ASN L 43 -66.36 83.50 49.96
C ASN L 43 -67.17 82.83 48.85
N PRO L 44 -66.95 81.54 48.63
CA PRO L 44 -67.85 80.78 47.75
C PRO L 44 -69.05 80.29 48.56
N THR L 45 -69.87 79.47 47.92
CA THR L 45 -71.05 78.96 48.61
C THR L 45 -70.66 77.82 49.55
N GLU L 46 -71.69 77.26 50.20
CA GLU L 46 -71.45 76.23 51.21
C GLU L 46 -71.07 74.90 50.57
N ALA L 47 -71.76 74.52 49.49
CA ALA L 47 -71.46 73.26 48.81
C ALA L 47 -70.11 73.31 48.10
N GLU L 48 -69.68 74.49 47.68
CA GLU L 48 -68.35 74.62 47.07
C GLU L 48 -67.25 74.52 48.12
N LEU L 49 -67.49 75.10 49.31
CA LEU L 49 -66.60 74.87 50.45
C LEU L 49 -66.52 73.39 50.81
N GLN L 50 -67.66 72.70 50.77
CA GLN L 50 -67.68 71.27 51.08
C GLN L 50 -66.96 70.46 50.01
N ASP L 51 -67.12 70.84 48.74
CA ASP L 51 -66.42 70.15 47.65
C ASP L 51 -64.93 70.37 47.73
N MET L 52 -64.50 71.55 48.16
CA MET L 52 -63.06 71.79 48.30
C MET L 52 -62.50 71.10 49.54
N ILE L 53 -63.29 70.94 50.61
CA ILE L 53 -62.85 70.12 51.74
C ILE L 53 -62.75 68.66 51.32
N ASN L 54 -63.72 68.17 50.55
CA ASN L 54 -63.70 66.81 50.05
C ASN L 54 -62.63 66.61 48.98
N GLU L 55 -62.15 67.71 48.39
CA GLU L 55 -60.97 67.65 47.53
C GLU L 55 -59.72 67.35 48.35
N VAL L 56 -59.68 67.83 49.59
CA VAL L 56 -58.55 67.60 50.48
C VAL L 56 -58.65 66.23 51.13
N ASN L 61 -60.12 64.46 55.77
CA ASN L 61 -59.03 64.13 56.68
C ASN L 61 -59.17 64.82 58.04
N GLY L 62 -59.73 66.03 58.01
CA GLY L 62 -59.87 66.81 59.22
C GLY L 62 -58.83 67.88 59.41
N THR L 63 -57.62 67.70 58.88
CA THR L 63 -56.54 68.67 58.99
C THR L 63 -56.16 69.12 57.59
N ILE L 64 -56.45 70.38 57.27
CA ILE L 64 -56.16 70.91 55.95
C ILE L 64 -54.66 71.11 55.81
N ASP L 65 -54.07 70.52 54.78
CA ASP L 65 -52.62 70.62 54.59
C ASP L 65 -52.28 71.86 53.78
N PHE L 66 -51.01 72.18 53.77
CA PHE L 66 -50.58 73.47 53.23
C PHE L 66 -50.49 73.53 51.70
N PRO L 67 -49.80 72.60 50.96
CA PRO L 67 -49.56 72.87 49.53
C PRO L 67 -50.79 72.76 48.64
N ALA L 68 -51.66 71.80 48.92
CA ALA L 68 -52.89 71.67 48.14
C ALA L 68 -53.83 72.85 48.35
N PHE L 69 -53.80 73.43 49.55
CA PHE L 69 -54.46 74.71 49.79
C PHE L 69 -53.92 75.78 48.86
N LEU L 70 -52.60 75.84 48.71
CA LEU L 70 -51.97 76.76 47.78
C LEU L 70 -52.36 76.45 46.35
N THR L 71 -52.56 75.18 46.03
CA THR L 71 -52.87 74.78 44.65
C THR L 71 -54.30 75.18 44.29
N MET L 72 -55.24 74.95 45.20
CA MET L 72 -56.63 75.35 44.97
C MET L 72 -56.76 76.86 44.91
N MET L 73 -56.06 77.57 45.80
CA MET L 73 -56.04 79.03 45.75
C MET L 73 -55.38 79.53 44.47
N ALA L 74 -54.39 78.79 43.96
CA ALA L 74 -53.80 79.10 42.68
C ALA L 74 -54.79 78.91 41.54
N ARG L 75 -55.64 77.89 41.62
CA ARG L 75 -56.69 77.70 40.61
C ARG L 75 -57.65 78.89 40.60
N LYS L 76 -58.13 79.27 41.79
CA LYS L 76 -59.09 80.36 41.90
C LYS L 76 -58.49 81.70 41.48
N MET L 77 -57.19 81.88 41.70
CA MET L 77 -56.54 83.12 41.29
C MET L 77 -56.27 83.13 39.79
N LYS L 78 -55.69 82.04 39.27
CA LYS L 78 -55.32 81.99 37.86
C LYS L 78 -56.52 81.87 36.94
N ASP L 79 -57.72 81.61 37.47
CA ASP L 79 -58.94 81.77 36.68
C ASP L 79 -59.10 83.21 36.19
N THR L 80 -59.22 84.15 37.14
CA THR L 80 -59.38 85.56 36.79
C THR L 80 -58.14 86.11 36.12
N ASP L 81 -56.98 85.61 36.53
CA ASP L 81 -55.75 86.02 35.87
C ASP L 81 -55.70 85.56 34.43
N SER L 82 -56.23 84.36 34.13
CA SER L 82 -56.26 83.87 32.76
C SER L 82 -57.21 84.69 31.90
N GLU L 83 -58.33 85.12 32.49
CA GLU L 83 -59.23 86.02 31.75
C GLU L 83 -58.57 87.37 31.45
N GLU L 84 -57.91 87.95 32.45
CA GLU L 84 -57.24 89.24 32.20
C GLU L 84 -56.03 89.08 31.28
N GLU L 85 -55.38 87.92 31.29
CA GLU L 85 -54.24 87.70 30.40
C GLU L 85 -54.69 87.47 28.97
N ILE L 86 -55.81 86.78 28.76
CA ILE L 86 -56.31 86.66 27.39
C ILE L 86 -56.92 87.99 26.94
N ARG L 87 -57.27 88.86 27.90
CA ARG L 87 -57.60 90.24 27.53
C ARG L 87 -56.37 90.98 27.04
N GLU L 88 -55.34 91.04 27.88
CA GLU L 88 -54.17 91.86 27.58
C GLU L 88 -53.33 91.32 26.44
N ALA L 89 -53.40 90.00 26.19
CA ALA L 89 -52.60 89.41 25.12
C ALA L 89 -53.12 89.81 23.75
N PHE L 90 -54.42 90.00 23.63
CA PHE L 90 -55.00 90.50 22.39
C PHE L 90 -55.34 91.97 22.46
N ARG L 91 -55.04 92.62 23.57
CA ARG L 91 -54.91 94.08 23.55
C ARG L 91 -53.53 94.52 23.08
N VAL L 92 -52.61 93.56 22.89
CA VAL L 92 -51.35 93.87 22.21
C VAL L 92 -51.63 94.23 20.75
N PHE L 93 -52.37 93.37 20.06
CA PHE L 93 -52.85 93.64 18.73
C PHE L 93 -54.20 94.34 18.86
N ASP L 94 -54.78 94.73 17.71
CA ASP L 94 -56.20 95.03 17.54
C ASP L 94 -56.64 96.25 18.37
N LYS L 95 -56.06 97.41 18.08
CA LYS L 95 -56.16 98.61 18.91
C LYS L 95 -57.56 99.23 18.95
N ASP L 96 -58.50 98.77 18.12
CA ASP L 96 -59.81 99.41 18.02
C ASP L 96 -60.69 99.11 19.21
N GLY L 97 -60.74 97.85 19.66
CA GLY L 97 -61.60 97.47 20.77
C GLY L 97 -62.76 96.57 20.41
N ASN L 98 -62.54 95.64 19.49
CA ASN L 98 -63.56 94.67 19.13
C ASN L 98 -63.15 93.22 19.32
N GLY L 99 -61.88 92.95 19.61
CA GLY L 99 -61.41 91.59 19.83
C GLY L 99 -61.38 90.73 18.58
N TYR L 100 -61.25 91.35 17.41
CA TYR L 100 -61.44 90.68 16.14
C TYR L 100 -60.11 90.55 15.41
N ILE L 101 -59.81 89.34 14.95
CA ILE L 101 -58.48 88.99 14.48
C ILE L 101 -58.57 88.60 13.01
N SER L 102 -57.79 89.28 12.17
CA SER L 102 -57.71 88.93 10.76
C SER L 102 -56.85 87.69 10.58
N ALA L 103 -57.20 86.88 9.58
CA ALA L 103 -56.57 85.58 9.41
C ALA L 103 -55.14 85.66 8.89
N ALA L 104 -54.82 86.71 8.12
CA ALA L 104 -53.42 86.92 7.74
C ALA L 104 -52.58 87.28 8.97
N ALA L 105 -53.15 88.09 9.86
CA ALA L 105 -52.49 88.31 11.15
C ALA L 105 -52.48 87.06 12.01
N LEU L 106 -53.42 86.14 11.80
CA LEU L 106 -53.35 84.85 12.49
C LEU L 106 -52.18 84.03 11.97
N ARG L 107 -51.96 84.04 10.65
CA ARG L 107 -50.77 83.43 10.07
C ARG L 107 -49.49 84.08 10.57
N HIS L 108 -49.53 85.39 10.81
CA HIS L 108 -48.38 86.07 11.41
C HIS L 108 -48.15 85.64 12.86
N VAL L 109 -49.12 85.88 13.73
CA VAL L 109 -48.87 85.78 15.17
C VAL L 109 -49.06 84.37 15.72
N MET L 110 -49.56 83.44 14.92
CA MET L 110 -49.68 82.07 15.41
C MET L 110 -48.33 81.38 15.46
N THR L 111 -47.41 81.76 14.58
CA THR L 111 -46.03 81.28 14.65
C THR L 111 -45.21 82.12 15.63
N ASN L 112 -45.69 82.18 16.87
CA ASN L 112 -45.00 82.96 17.88
C ASN L 112 -44.10 82.06 18.72
N LEU L 113 -43.26 82.71 19.54
CA LEU L 113 -42.29 82.00 20.34
C LEU L 113 -42.98 81.20 21.44
N GLY L 114 -42.24 80.28 22.03
CA GLY L 114 -42.88 79.19 22.73
C GLY L 114 -42.93 77.97 21.83
N GLU L 115 -44.05 77.76 21.14
CA GLU L 115 -44.17 76.54 20.34
C GLU L 115 -43.44 76.67 19.01
N LYS L 116 -43.87 77.62 18.18
CA LYS L 116 -43.41 77.91 16.81
C LYS L 116 -43.07 76.72 15.94
N LEU L 117 -43.96 75.73 15.85
CA LEU L 117 -43.76 74.63 14.92
C LEU L 117 -44.26 74.99 13.53
N THR L 118 -44.39 73.97 12.68
CA THR L 118 -44.46 74.12 11.24
C THR L 118 -45.82 74.58 10.73
N ASP L 119 -46.05 74.47 9.42
CA ASP L 119 -47.29 74.92 8.80
C ASP L 119 -48.49 74.07 9.18
N GLU L 120 -48.27 72.90 9.81
CA GLU L 120 -49.36 72.04 10.26
C GLU L 120 -50.26 72.77 11.24
N GLU L 121 -49.66 73.48 12.19
CA GLU L 121 -50.45 74.12 13.24
C GLU L 121 -51.21 75.34 12.70
N VAL L 122 -50.61 76.10 11.80
CA VAL L 122 -51.31 77.27 11.29
C VAL L 122 -52.39 76.88 10.29
N ASP L 123 -52.19 75.77 9.56
CA ASP L 123 -53.27 75.23 8.76
C ASP L 123 -54.38 74.69 9.65
N GLU L 124 -53.99 74.11 10.80
CA GLU L 124 -54.96 73.61 11.77
C GLU L 124 -55.80 74.74 12.35
N MET L 125 -55.22 75.94 12.50
CA MET L 125 -56.03 77.06 12.96
C MET L 125 -56.92 77.57 11.83
N ILE L 126 -56.37 77.71 10.62
CA ILE L 126 -57.10 78.35 9.54
C ILE L 126 -58.23 77.47 8.98
N ARG L 127 -58.12 76.13 9.10
CA ARG L 127 -59.20 75.26 8.62
C ARG L 127 -60.50 75.46 9.40
N GLU L 128 -60.39 75.86 10.67
CA GLU L 128 -61.57 76.11 11.49
C GLU L 128 -61.21 77.23 12.47
N ALA L 129 -61.78 78.40 12.19
CA ALA L 129 -61.61 79.60 12.99
C ALA L 129 -62.90 80.44 13.01
N ASP L 130 -63.79 80.18 12.04
CA ASP L 130 -64.79 81.13 11.48
C ASP L 130 -64.21 82.44 10.94
N ILE L 131 -64.32 82.67 9.64
CA ILE L 131 -63.68 83.88 9.12
C ILE L 131 -64.73 84.64 8.33
N ASP L 132 -65.07 85.84 8.79
CA ASP L 132 -66.12 86.62 8.12
C ASP L 132 -65.65 87.21 6.80
N GLY L 135 -59.87 88.68 7.35
CA GLY L 135 -61.18 88.38 7.90
C GLY L 135 -61.20 88.33 9.41
N GLN L 136 -62.00 89.21 10.01
CA GLN L 136 -61.93 89.49 11.43
C GLN L 136 -62.62 88.41 12.25
N VAL L 137 -61.85 87.69 13.07
CA VAL L 137 -62.34 86.54 13.80
C VAL L 137 -62.37 86.88 15.29
N ASN L 138 -63.49 86.59 15.94
CA ASN L 138 -63.59 86.76 17.38
C ASN L 138 -62.71 85.73 18.09
N TYR L 139 -62.00 86.18 19.11
CA TYR L 139 -61.00 85.35 19.78
C TYR L 139 -61.61 84.29 20.68
N GLU L 140 -62.86 84.47 21.09
CA GLU L 140 -63.45 83.52 22.02
C GLU L 140 -63.72 82.19 21.35
N ALA L 141 -63.94 82.20 20.02
CA ALA L 141 -63.98 80.94 19.26
C ALA L 141 -62.62 80.25 19.31
N PHE L 142 -61.54 81.02 19.26
CA PHE L 142 -60.21 80.46 19.38
C PHE L 142 -59.98 79.87 20.77
N VAL L 143 -60.51 80.53 21.81
CA VAL L 143 -60.39 80.05 23.17
C VAL L 143 -61.17 78.75 23.35
N GLN L 144 -62.39 78.71 22.83
CA GLN L 144 -63.19 77.49 22.89
C GLN L 144 -62.60 76.37 22.06
N MET L 145 -61.89 76.71 20.98
CA MET L 145 -61.26 75.71 20.14
C MET L 145 -60.07 75.07 20.85
N MET L 146 -59.16 75.90 21.37
CA MET L 146 -57.91 75.38 21.90
C MET L 146 -58.08 74.68 23.23
N THR L 147 -58.99 75.16 24.08
CA THR L 147 -59.15 74.65 25.44
C THR L 147 -60.12 73.49 25.54
N ALA L 148 -60.28 72.72 24.45
CA ALA L 148 -61.20 71.58 24.31
C ALA L 148 -62.65 71.95 24.65
ZN ZN M . 33.80 26.60 -11.93
CA CA N . 49.68 13.16 9.10
N1 CFF O . 58.97 22.61 -5.57
C2 CFF O . 58.92 23.78 -6.23
C10 CFF O . 59.97 22.40 -4.54
C6 CFF O . 58.11 21.67 -5.84
N3 CFF O . 58.00 23.97 -7.18
O11 CFF O . 59.71 24.63 -5.99
C12 CFF O . 57.94 25.23 -7.89
C4 CFF O . 57.11 23.02 -7.47
C5 CFF O . 57.15 21.88 -6.81
N9 CFF O . 56.11 22.99 -8.34
O13 CFF O . 58.16 20.65 -5.25
N7 CFF O . 56.17 21.12 -7.29
C8 CFF O . 55.53 21.80 -8.23
C14 CFF O . 55.59 19.80 -7.07
PG ATP P . 43.49 41.11 -15.96
O1G ATP P . 42.83 40.52 -17.18
O2G ATP P . 44.64 42.04 -16.30
O3G ATP P . 43.82 40.11 -14.89
PB ATP P . 41.49 41.72 -14.03
O1B ATP P . 40.23 42.54 -14.08
O2B ATP P . 42.40 41.83 -12.84
O3B ATP P . 42.37 42.08 -15.34
PA ATP P . 40.23 39.67 -15.45
O1A ATP P . 40.01 40.82 -16.40
O2A ATP P . 40.80 38.38 -15.96
O3A ATP P . 41.09 40.17 -14.21
O5' ATP P . 38.82 39.33 -14.80
C5' ATP P . 38.38 38.00 -14.96
C4' ATP P . 36.89 38.12 -15.20
O4' ATP P . 36.40 36.90 -15.72
C3' ATP P . 36.19 38.40 -13.90
O3' ATP P . 35.43 39.59 -14.03
C2' ATP P . 35.24 37.25 -13.70
O2' ATP P . 33.93 37.81 -13.57
C1' ATP P . 35.26 36.47 -14.99
N9 ATP P . 35.41 35.02 -14.80
C8 ATP P . 34.51 34.08 -15.11
N7 ATP P . 34.98 32.85 -14.83
C5 ATP P . 36.21 33.01 -14.34
C6 ATP P . 37.25 32.11 -13.84
N6 ATP P . 37.03 30.79 -13.81
N1 ATP P . 38.40 32.65 -13.39
C2 ATP P . 38.60 33.97 -13.42
N3 ATP P . 37.70 34.85 -13.86
C4 ATP P . 36.50 34.43 -14.32
ZN ZN Q . 27.66 7.00 -34.34
CA CA R . 25.01 -21.86 -40.26
N1 CFF S . 30.99 -9.51 -54.49
C2 CFF S . 31.86 -8.49 -54.67
C10 CFF S . 31.32 -10.84 -54.96
C6 CFF S . 29.86 -9.30 -53.87
N3 CFF S . 31.55 -7.27 -54.24
O11 CFF S . 32.87 -8.70 -55.23
C12 CFF S . 32.49 -6.17 -54.44
C4 CFF S . 30.40 -7.04 -53.61
C5 CFF S . 29.56 -8.03 -53.42
N9 CFF S . 29.89 -5.93 -53.08
O13 CFF S . 29.11 -10.20 -53.71
N7 CFF S . 28.50 -7.53 -52.77
C8 CFF S . 28.71 -6.24 -52.56
C14 CFF S . 27.24 -7.98 -52.22
PG ATP T . 41.78 12.07 -44.12
O1G ATP T . 40.70 13.14 -44.06
O2G ATP T . 42.76 12.27 -45.25
O3G ATP T . 41.25 10.67 -43.99
PB ATP T . 42.55 11.44 -41.45
O1B ATP T . 43.04 12.26 -40.29
O2B ATP T . 43.21 10.12 -41.76
O3B ATP T . 42.65 12.33 -42.79
PA ATP T . 39.95 12.36 -41.03
O1A ATP T . 40.67 13.67 -41.18
O2A ATP T . 38.71 12.09 -41.82
O3A ATP T . 40.98 11.16 -41.24
O5' ATP T . 39.55 12.22 -39.49
C5' ATP T . 38.19 12.04 -39.22
C4' ATP T . 37.93 12.85 -37.98
O4' ATP T . 36.53 13.01 -37.82
C3' ATP T . 38.45 12.12 -36.77
O3' ATP T . 39.37 12.97 -36.10
C2' ATP T . 37.26 11.90 -35.88
O2' ATP T . 37.56 12.49 -34.63
C1' ATP T . 36.14 12.69 -36.50
N9 ATP T . 34.88 11.93 -36.63
C8 ATP T . 33.73 12.20 -35.98
N7 ATP T . 32.77 11.31 -36.34
C5 ATP T . 33.31 10.49 -37.24
C6 ATP T . 32.86 9.34 -38.01
N6 ATP T . 31.60 8.91 -37.86
N1 ATP T . 33.72 8.72 -38.83
C2 ATP T . 34.98 9.15 -38.96
N3 ATP T . 35.47 10.19 -38.28
C4 ATP T . 34.70 10.89 -37.43
ZN ZN U . 1.14 21.03 -39.36
CA CA V . -28.02 16.36 -40.89
N1 CFF W . -19.88 30.67 -51.81
C2 CFF W . -18.83 30.88 -52.62
C10 CFF W . -21.19 30.46 -52.37
C6 CFF W . -19.71 30.67 -50.51
N3 CFF W . -17.60 31.08 -52.11
O11 CFF W . -18.98 30.89 -53.78
C12 CFF W . -16.47 31.30 -52.98
C4 CFF W . -17.43 31.07 -50.79
C5 CFF W . -18.45 30.87 -49.99
N9 CFF W . -16.33 31.24 -50.04
O13 CFF W . -20.65 30.48 -49.81
N7 CFF W . -18.00 30.90 -48.73
C8 CFF W . -16.69 31.13 -48.77
C14 CFF W . -18.49 30.76 -47.38
PG ATP X . 5.57 25.77 -56.06
O1G ATP X . 6.35 26.53 -55.02
O2G ATP X . 5.60 26.42 -57.42
O3G ATP X . 4.21 25.35 -55.60
PB ATP X . 5.98 22.98 -55.64
O1B ATP X . 7.21 22.12 -55.54
O2B ATP X . 4.79 22.50 -56.42
O3B ATP X . 6.41 24.41 -56.26
PA ATP X . 6.45 23.96 -53.06
O1A ATP X . 7.77 24.30 -53.72
O2A ATP X . 5.71 25.01 -52.29
O3A ATP X . 5.47 23.31 -54.14
O5' ATP X . 6.73 22.77 -52.06
C5' ATP X . 6.37 22.99 -50.71
C4' ATP X . 7.47 22.35 -49.90
O4' ATP X . 7.39 22.81 -48.57
C3' ATP X . 7.28 20.85 -49.90
O3' ATP X . 8.47 20.24 -50.39
C2' ATP X . 7.12 20.47 -48.46
O2' ATP X . 8.12 19.51 -48.16
C1' ATP X . 7.42 21.72 -47.67
N9 ATP X . 6.43 22.02 -46.63
C8 ATP X . 6.66 22.02 -45.30
N7 ATP X . 5.54 22.37 -44.62
C5 ATP X . 4.59 22.61 -45.53
C6 ATP X . 3.19 23.01 -45.51
N6 ATP X . 2.59 23.21 -44.33
N1 ATP X . 2.53 23.15 -46.67
C2 ATP X . 3.14 22.93 -47.85
N3 ATP X . 4.42 22.55 -47.95
C4 ATP X . 5.18 22.39 -46.85
ZN ZN Y . 7.31 40.65 -16.94
CA CA Z . -3.34 51.40 8.48
N1 CFF AA . 8.12 62.81 -2.88
C2 CFF AA . 8.26 63.17 -4.17
C10 CFF AA . 7.47 63.72 -1.94
C6 CFF AA . 8.56 61.66 -2.47
N3 CFF AA . 8.85 62.34 -5.04
O11 CFF AA . 7.87 64.22 -4.53
C12 CFF AA . 9.00 62.73 -6.42
C4 CFF AA . 9.29 61.15 -4.63
C5 CFF AA . 9.15 60.80 -3.36
N9 CFF AA . 9.91 60.17 -5.28
O13 CFF AA . 8.41 61.35 -1.34
N7 CFF AA . 9.68 59.58 -3.24
C8 CFF AA . 10.13 59.19 -4.42
C14 CFF AA . 9.88 58.57 -2.22
PG ATP BA . 7.31 54.83 -27.88
O1G ATP BA . 8.49 53.93 -28.11
O2G ATP BA . 7.49 56.21 -28.45
O3G ATP BA . 6.79 54.81 -26.47
PB ATP BA . 4.94 53.28 -28.20
O1B ATP BA . 4.41 52.41 -29.31
O2B ATP BA . 4.00 54.22 -27.50
O3B ATP BA . 6.15 54.17 -28.79
PA ATP BA . 6.75 51.29 -27.48
O1A ATP BA . 7.12 51.46 -28.92
O2A ATP BA . 7.82 51.31 -26.42
O3A ATP BA . 5.61 52.34 -27.10
O5' ATP BA . 6.02 49.89 -27.36
C5' ATP BA . 6.58 48.97 -26.45
C4' ATP BA . 6.45 47.63 -27.11
O4' ATP BA . 7.29 46.70 -26.45
C3' ATP BA . 5.03 47.15 -27.00
O3' ATP BA . 4.54 46.88 -28.32
C2' ATP BA . 5.10 45.84 -26.26
O2' ATP BA . 4.50 44.85 -27.09
C1' ATP BA . 6.57 45.51 -26.14
N9 ATP BA . 6.98 45.13 -24.79
C8 ATP BA . 7.44 43.93 -24.41
N7 ATP BA . 7.75 43.91 -23.10
C5 ATP BA . 7.51 45.14 -22.64
C6 ATP BA . 7.59 45.81 -21.33
N6 ATP BA . 8.03 45.11 -20.28
N1 ATP BA . 7.22 47.09 -21.23
C2 ATP BA . 6.78 47.76 -22.30
N3 ATP BA . 6.66 47.22 -23.52
C4 ATP BA . 6.99 45.94 -23.74
#